data_2Q4Z
#
_entry.id   2Q4Z
#
_cell.length_a   92.581
_cell.length_b   135.778
_cell.length_c   54.033
_cell.angle_alpha   90.000
_cell.angle_beta   101.490
_cell.angle_gamma   90.000
#
_symmetry.space_group_name_H-M   'C 1 2 1'
#
loop_
_entity.id
_entity.type
_entity.pdbx_description
1 polymer Aspartoacylase
2 non-polymer 'ZINC ION'
3 non-polymer 'SULFATE ION'
4 water water
#
_entity_poly.entity_id   1
_entity_poly.type   'polypeptide(L)'
_entity_poly.pdbx_seq_one_letter_code
;STSCVAEEPIKKIAIFGGTHGNELTGVFLVTHWLKNGAEVHRAGLEVKPFITNPRAVEKCTRYIDCDLNRVFDLENLSKE
(MSE)SEDLPYEVRRAQEINHLFGPKNSDDAYDVVFDLHNTTSN(MSE)GCTLILGDSGNDFLIQ(MSE)FHYIKTC
(MSE)APLPCSVYLIEHPSLKYATTRSIAKYPVGIEVGPQPHGVLRADILDQ(MSE)RR(MSE)LKHALDFIQRFNEGKE
FPPCAIDVYKI(MSE)EKVDYPRNESGDVAAVIHPNLQDQDWKPLHPGDPVFVSLDGKVIPLGGDCTVYPVFVNEAAYYE
KKEAFAKTTKLTLNAKSIRSTLH
;
_entity_poly.pdbx_strand_id   A,B
#
loop_
_chem_comp.id
_chem_comp.type
_chem_comp.name
_chem_comp.formula
SO4 non-polymer 'SULFATE ION' 'O4 S -2'
ZN non-polymer 'ZINC ION' 'Zn 2'
#
# COMPACT_ATOMS: atom_id res chain seq x y z
N CYS A 4 -31.26 22.24 -26.83
CA CYS A 4 -31.07 21.24 -25.75
C CYS A 4 -30.74 19.85 -26.32
N VAL A 5 -29.77 19.18 -25.71
CA VAL A 5 -29.35 17.86 -26.14
C VAL A 5 -30.29 16.78 -25.61
N ALA A 6 -30.98 16.08 -26.52
CA ALA A 6 -31.90 15.02 -26.16
C ALA A 6 -31.10 13.79 -25.72
N GLU A 7 -31.79 12.79 -25.19
CA GLU A 7 -31.11 11.58 -24.75
C GLU A 7 -32.07 10.42 -24.44
N GLU A 8 -31.59 9.19 -24.67
CA GLU A 8 -32.36 7.98 -24.42
C GLU A 8 -32.31 7.65 -22.93
N PRO A 9 -33.46 7.27 -22.33
CA PRO A 9 -33.46 6.93 -20.90
C PRO A 9 -32.55 5.76 -20.56
N ILE A 10 -31.48 6.06 -19.81
CA ILE A 10 -30.51 5.07 -19.38
C ILE A 10 -31.26 4.03 -18.53
N LYS A 11 -30.92 2.76 -18.69
CA LYS A 11 -31.57 1.72 -17.90
C LYS A 11 -30.54 0.74 -17.30
N LYS A 12 -29.83 0.02 -18.17
CA LYS A 12 -28.87 -0.98 -17.75
C LYS A 12 -27.57 -0.36 -17.26
N ILE A 13 -27.34 -0.50 -15.96
CA ILE A 13 -26.16 0.06 -15.34
C ILE A 13 -25.44 -1.03 -14.55
N ALA A 14 -24.12 -1.12 -14.67
CA ALA A 14 -23.35 -2.09 -13.91
C ALA A 14 -22.40 -1.33 -12.99
N ILE A 15 -22.00 -1.97 -11.90
CA ILE A 15 -21.02 -1.41 -10.96
C ILE A 15 -19.95 -2.49 -10.86
N PHE A 16 -18.78 -2.20 -11.44
CA PHE A 16 -17.67 -3.14 -11.45
C PHE A 16 -16.66 -2.87 -10.35
N GLY A 17 -16.48 -3.85 -9.45
CA GLY A 17 -15.50 -3.71 -8.40
C GLY A 17 -14.53 -4.87 -8.54
N GLY A 18 -13.26 -4.64 -8.24
CA GLY A 18 -12.27 -5.71 -8.33
C GLY A 18 -11.65 -6.02 -9.70
N THR A 19 -11.42 -4.99 -10.52
CA THR A 19 -10.78 -5.22 -11.82
C THR A 19 -9.38 -5.69 -11.43
N HIS A 20 -8.72 -4.89 -10.59
CA HIS A 20 -7.41 -5.27 -10.05
C HIS A 20 -7.84 -5.81 -8.71
N GLY A 21 -7.40 -7.03 -8.39
CA GLY A 21 -7.83 -7.74 -7.21
C GLY A 21 -7.52 -7.21 -5.83
N ASN A 22 -6.55 -6.30 -5.72
CA ASN A 22 -6.17 -5.73 -4.44
C ASN A 22 -6.65 -4.29 -4.20
N GLU A 23 -7.52 -3.77 -5.07
CA GLU A 23 -8.05 -2.43 -4.82
C GLU A 23 -9.28 -2.75 -3.98
N LEU A 24 -9.09 -2.70 -2.66
CA LEU A 24 -10.12 -3.15 -1.74
C LEU A 24 -11.49 -2.48 -1.65
N THR A 25 -11.56 -1.16 -1.79
CA THR A 25 -12.85 -0.49 -1.64
C THR A 25 -13.94 -1.07 -2.55
N GLY A 26 -13.63 -1.16 -3.84
CA GLY A 26 -14.62 -1.71 -4.76
C GLY A 26 -14.92 -3.15 -4.39
N VAL A 27 -13.90 -3.96 -4.16
CA VAL A 27 -14.13 -5.35 -3.80
C VAL A 27 -15.17 -5.44 -2.69
N PHE A 28 -15.08 -4.52 -1.73
CA PHE A 28 -15.98 -4.50 -0.57
C PHE A 28 -17.37 -3.91 -0.83
N LEU A 29 -17.42 -2.72 -1.43
CA LEU A 29 -18.73 -2.11 -1.69
C LEU A 29 -19.61 -2.94 -2.61
N VAL A 30 -19.02 -3.48 -3.68
CA VAL A 30 -19.82 -4.28 -4.60
C VAL A 30 -20.28 -5.58 -3.94
N THR A 31 -19.47 -6.11 -3.02
CA THR A 31 -19.83 -7.34 -2.32
C THR A 31 -20.98 -7.02 -1.37
N HIS A 32 -20.93 -5.82 -0.81
CA HIS A 32 -21.98 -5.37 0.10
C HIS A 32 -23.25 -4.98 -0.70
N TRP A 33 -23.06 -4.38 -1.87
CA TRP A 33 -24.20 -3.97 -2.71
C TRP A 33 -24.87 -5.11 -3.47
N LEU A 34 -24.22 -6.28 -3.48
CA LEU A 34 -24.83 -7.43 -4.14
C LEU A 34 -25.88 -8.05 -3.23
N LYS A 35 -25.70 -7.88 -1.91
CA LYS A 35 -26.64 -8.41 -0.93
C LYS A 35 -27.51 -7.29 -0.37
N ASN A 36 -26.89 -6.14 -0.18
CA ASN A 36 -27.54 -4.94 0.34
C ASN A 36 -27.55 -4.01 -0.87
N GLY A 37 -28.63 -4.03 -1.63
CA GLY A 37 -28.68 -3.21 -2.83
C GLY A 37 -29.33 -1.85 -2.71
N ALA A 38 -30.10 -1.64 -1.64
CA ALA A 38 -30.81 -0.37 -1.42
C ALA A 38 -30.01 0.89 -1.72
N GLU A 39 -28.82 1.03 -1.16
CA GLU A 39 -28.04 2.23 -1.42
C GLU A 39 -28.03 2.53 -2.92
N VAL A 40 -27.70 1.54 -3.74
CA VAL A 40 -27.60 1.73 -5.20
C VAL A 40 -28.90 1.49 -5.97
N HIS A 41 -29.98 1.22 -5.24
CA HIS A 41 -31.29 1.02 -5.85
C HIS A 41 -31.91 2.35 -6.24
N ARG A 42 -32.24 2.50 -7.53
CA ARG A 42 -32.95 3.69 -8.01
C ARG A 42 -34.16 3.14 -8.76
N ALA A 43 -35.34 3.34 -8.20
CA ALA A 43 -36.56 2.84 -8.83
C ALA A 43 -36.47 3.00 -10.35
N GLY A 44 -36.63 1.89 -11.08
CA GLY A 44 -36.58 1.91 -12.54
C GLY A 44 -35.32 1.30 -13.13
N LEU A 45 -34.20 1.44 -12.44
CA LEU A 45 -32.94 0.88 -12.92
C LEU A 45 -32.80 -0.60 -12.54
N GLU A 46 -31.92 -1.29 -13.25
CA GLU A 46 -31.65 -2.69 -12.97
C GLU A 46 -30.23 -2.73 -12.40
N VAL A 47 -29.78 -1.57 -11.89
CA VAL A 47 -28.43 -1.41 -11.31
C VAL A 47 -27.83 -2.73 -10.83
N LYS A 48 -26.79 -3.19 -11.52
CA LYS A 48 -26.16 -4.45 -11.15
C LYS A 48 -24.71 -4.31 -10.74
N PRO A 49 -24.40 -4.64 -9.47
CA PRO A 49 -23.02 -4.58 -8.95
C PRO A 49 -22.37 -5.88 -9.47
N PHE A 50 -21.07 -5.87 -9.76
CA PHE A 50 -20.41 -7.06 -10.28
C PHE A 50 -18.91 -7.07 -9.97
N ILE A 51 -18.36 -8.22 -9.59
CA ILE A 51 -16.91 -8.34 -9.30
C ILE A 51 -16.21 -8.84 -10.56
N THR A 52 -15.36 -8.01 -11.17
CA THR A 52 -14.73 -8.40 -12.43
C THR A 52 -13.62 -9.45 -12.40
N ASN A 53 -12.70 -9.39 -11.44
CA ASN A 53 -11.63 -10.39 -11.41
C ASN A 53 -11.67 -11.15 -10.09
N PRO A 54 -12.64 -12.07 -9.91
CA PRO A 54 -12.74 -12.82 -8.65
C PRO A 54 -11.53 -13.68 -8.27
N ARG A 55 -10.84 -14.25 -9.25
CA ARG A 55 -9.67 -15.08 -8.94
C ARG A 55 -8.55 -14.20 -8.38
N ALA A 56 -8.35 -13.02 -8.95
CA ALA A 56 -7.32 -12.09 -8.43
C ALA A 56 -7.76 -11.56 -7.06
N VAL A 57 -9.07 -11.38 -6.87
CA VAL A 57 -9.60 -10.89 -5.59
C VAL A 57 -9.35 -11.96 -4.51
N GLU A 58 -9.52 -13.23 -4.86
CA GLU A 58 -9.31 -14.30 -3.88
C GLU A 58 -7.85 -14.39 -3.45
N LYS A 59 -6.94 -13.91 -4.29
CA LYS A 59 -5.50 -13.93 -3.96
C LYS A 59 -5.02 -12.54 -3.50
N CYS A 60 -5.95 -11.58 -3.49
CA CYS A 60 -5.65 -10.18 -3.15
C CYS A 60 -4.40 -9.77 -3.91
N THR A 61 -4.50 -9.89 -5.24
CA THR A 61 -3.41 -9.55 -6.14
C THR A 61 -3.97 -8.73 -7.31
N ARG A 62 -3.16 -7.85 -7.88
CA ARG A 62 -3.66 -7.01 -8.97
C ARG A 62 -4.27 -7.85 -10.10
N TYR A 63 -3.47 -8.79 -10.61
CA TYR A 63 -3.92 -9.65 -11.71
C TYR A 63 -3.20 -11.01 -11.68
N ILE A 64 -3.82 -12.02 -12.27
CA ILE A 64 -3.22 -13.35 -12.32
C ILE A 64 -2.10 -13.34 -13.37
N ASP A 65 -2.48 -13.16 -14.64
CA ASP A 65 -1.52 -13.16 -15.76
C ASP A 65 -1.17 -11.77 -16.28
N CYS A 66 -2.17 -11.05 -16.80
CA CYS A 66 -1.92 -9.69 -17.28
C CYS A 66 -3.04 -8.76 -16.78
N ASP A 67 -2.84 -7.46 -16.95
CA ASP A 67 -3.80 -6.45 -16.49
C ASP A 67 -5.19 -6.62 -17.13
N LEU A 68 -6.21 -6.93 -16.33
CA LEU A 68 -7.57 -7.13 -16.86
C LEU A 68 -8.12 -5.83 -17.46
N ASN A 69 -7.69 -4.69 -16.90
CA ASN A 69 -8.17 -3.38 -17.36
C ASN A 69 -7.50 -2.87 -18.63
N ARG A 70 -6.67 -3.72 -19.27
CA ARG A 70 -5.99 -3.33 -20.50
C ARG A 70 -6.20 -4.34 -21.64
N VAL A 71 -7.18 -5.23 -21.51
CA VAL A 71 -7.39 -6.25 -22.54
C VAL A 71 -8.78 -6.28 -23.12
N PHE A 72 -9.46 -5.14 -23.12
CA PHE A 72 -10.80 -5.10 -23.68
C PHE A 72 -10.83 -4.52 -25.09
N ASP A 73 -9.68 -4.53 -25.76
CA ASP A 73 -9.63 -4.08 -27.17
C ASP A 73 -10.29 -5.16 -28.05
N LEU A 74 -10.74 -4.77 -29.25
CA LEU A 74 -11.40 -5.69 -30.16
C LEU A 74 -10.62 -6.97 -30.44
N GLU A 75 -9.32 -6.85 -30.63
CA GLU A 75 -8.50 -8.01 -30.96
C GLU A 75 -8.62 -9.06 -29.85
N ASN A 76 -8.63 -8.61 -28.60
CA ASN A 76 -8.73 -9.51 -27.47
C ASN A 76 -10.12 -10.07 -27.21
N LEU A 77 -11.15 -9.25 -27.43
CA LEU A 77 -12.53 -9.72 -27.23
C LEU A 77 -12.94 -10.82 -28.21
N SER A 78 -12.47 -10.76 -29.45
CA SER A 78 -12.81 -11.79 -30.43
C SER A 78 -11.67 -12.80 -30.64
N LYS A 79 -10.63 -12.72 -29.82
CA LYS A 79 -9.47 -13.60 -29.93
C LYS A 79 -9.79 -15.06 -29.62
N GLU A 80 -9.22 -15.99 -30.40
CA GLU A 80 -9.48 -17.39 -30.12
C GLU A 80 -8.58 -17.79 -28.94
N MSE A 81 -9.04 -18.72 -28.13
CA MSE A 81 -8.25 -19.17 -26.98
C MSE A 81 -7.00 -19.94 -27.42
O MSE A 81 -7.03 -20.66 -28.41
CB MSE A 81 -9.12 -20.04 -26.07
CG MSE A 81 -10.25 -19.29 -25.38
SE MSE A 81 -9.55 -17.99 -24.10
CE MSE A 81 -9.85 -16.37 -25.16
N SER A 82 -5.91 -19.79 -26.67
CA SER A 82 -4.68 -20.52 -26.94
C SER A 82 -4.04 -20.87 -25.58
N GLU A 83 -3.26 -21.94 -25.54
CA GLU A 83 -2.65 -22.41 -24.30
C GLU A 83 -1.87 -21.39 -23.48
N ASP A 84 -1.14 -20.51 -24.18
CA ASP A 84 -0.31 -19.53 -23.50
C ASP A 84 -0.97 -18.16 -23.39
N LEU A 85 -2.25 -18.10 -23.74
CA LEU A 85 -2.96 -16.81 -23.69
C LEU A 85 -3.27 -16.46 -22.25
N PRO A 86 -3.04 -15.19 -21.84
CA PRO A 86 -3.33 -14.78 -20.46
C PRO A 86 -4.79 -15.04 -20.03
N TYR A 87 -4.96 -15.52 -18.80
CA TYR A 87 -6.29 -15.76 -18.23
C TYR A 87 -7.19 -14.54 -18.39
N GLU A 88 -6.69 -13.37 -18.04
CA GLU A 88 -7.52 -12.16 -18.11
C GLU A 88 -8.16 -11.92 -19.48
N VAL A 89 -7.55 -12.44 -20.56
CA VAL A 89 -8.15 -12.26 -21.89
C VAL A 89 -9.42 -13.11 -21.97
N ARG A 90 -9.38 -14.31 -21.39
CA ARG A 90 -10.55 -15.18 -21.35
C ARG A 90 -11.62 -14.54 -20.44
N ARG A 91 -11.21 -13.99 -19.29
CA ARG A 91 -12.18 -13.37 -18.38
C ARG A 91 -12.83 -12.14 -19.00
N ALA A 92 -12.11 -11.46 -19.88
CA ALA A 92 -12.64 -10.27 -20.52
C ALA A 92 -13.77 -10.62 -21.49
N GLN A 93 -13.67 -11.79 -22.14
CA GLN A 93 -14.71 -12.21 -23.08
C GLN A 93 -15.99 -12.55 -22.30
N GLU A 94 -15.82 -13.14 -21.12
CA GLU A 94 -16.95 -13.49 -20.27
C GLU A 94 -17.66 -12.21 -19.77
N ILE A 95 -16.89 -11.23 -19.29
CA ILE A 95 -17.45 -9.98 -18.80
C ILE A 95 -18.27 -9.37 -19.94
N ASN A 96 -17.68 -9.36 -21.13
CA ASN A 96 -18.39 -8.83 -22.30
C ASN A 96 -19.62 -9.69 -22.65
N HIS A 97 -19.48 -11.01 -22.61
CA HIS A 97 -20.61 -11.88 -22.96
C HIS A 97 -21.81 -11.62 -22.05
N LEU A 98 -21.53 -11.02 -20.89
CA LEU A 98 -22.57 -10.69 -19.92
C LEU A 98 -23.02 -9.21 -19.89
N PHE A 99 -22.11 -8.29 -20.19
CA PHE A 99 -22.44 -6.85 -20.10
C PHE A 99 -22.43 -6.00 -21.39
N GLY A 100 -22.10 -6.64 -22.51
CA GLY A 100 -22.07 -5.97 -23.80
C GLY A 100 -23.15 -6.54 -24.71
N PRO A 101 -22.84 -6.89 -25.98
CA PRO A 101 -21.54 -6.81 -26.64
C PRO A 101 -20.99 -5.39 -26.76
N LYS A 102 -19.71 -5.26 -26.44
CA LYS A 102 -19.04 -3.99 -26.57
C LYS A 102 -19.21 -3.46 -28.01
N ASN A 103 -19.67 -2.21 -28.11
CA ASN A 103 -19.91 -1.53 -29.39
C ASN A 103 -21.22 -1.95 -30.07
N SER A 104 -22.18 -2.43 -29.29
CA SER A 104 -23.47 -2.84 -29.85
C SER A 104 -24.66 -2.24 -29.14
N ASP A 105 -25.81 -2.21 -29.81
CA ASP A 105 -27.02 -1.68 -29.19
C ASP A 105 -27.33 -2.37 -27.87
N ASP A 106 -26.89 -3.63 -27.75
CA ASP A 106 -27.14 -4.41 -26.54
C ASP A 106 -26.17 -4.12 -25.41
N ALA A 107 -25.25 -3.18 -25.60
CA ALA A 107 -24.28 -2.87 -24.54
C ALA A 107 -24.89 -2.22 -23.31
N TYR A 108 -24.45 -2.66 -22.13
CA TYR A 108 -24.95 -2.08 -20.89
C TYR A 108 -24.87 -0.55 -21.03
N ASP A 109 -25.86 0.16 -20.50
CA ASP A 109 -25.87 1.62 -20.61
C ASP A 109 -24.80 2.32 -19.81
N VAL A 110 -24.75 2.06 -18.50
CA VAL A 110 -23.74 2.68 -17.65
C VAL A 110 -23.06 1.64 -16.80
N VAL A 111 -21.74 1.56 -16.93
CA VAL A 111 -20.97 0.65 -16.11
C VAL A 111 -19.97 1.50 -15.35
N PHE A 112 -20.00 1.40 -14.03
CA PHE A 112 -19.00 2.12 -13.21
C PHE A 112 -17.92 1.10 -12.89
N ASP A 113 -16.66 1.49 -12.98
CA ASP A 113 -15.54 0.58 -12.69
C ASP A 113 -14.77 1.28 -11.57
N LEU A 114 -14.79 0.64 -10.40
CA LEU A 114 -14.20 1.16 -9.18
C LEU A 114 -12.72 0.85 -9.03
N HIS A 115 -11.95 1.86 -8.66
CA HIS A 115 -10.50 1.72 -8.49
C HIS A 115 -9.93 2.55 -7.33
N ASN A 116 -8.86 2.04 -6.72
CA ASN A 116 -8.14 2.74 -5.65
C ASN A 116 -6.74 3.04 -6.18
N THR A 117 -6.11 4.08 -5.63
CA THR A 117 -4.75 4.41 -6.03
C THR A 117 -3.95 4.70 -4.78
N THR A 118 -2.73 4.17 -4.71
CA THR A 118 -1.88 4.43 -3.55
C THR A 118 -1.43 5.91 -3.62
N SER A 119 -1.75 6.60 -4.72
CA SER A 119 -1.40 8.02 -4.90
C SER A 119 -2.43 8.88 -4.14
N ASN A 120 -2.02 10.09 -3.71
CA ASN A 120 -2.91 11.00 -2.96
C ASN A 120 -3.60 12.07 -3.82
N MSE A 121 -4.41 11.60 -4.76
CA MSE A 121 -5.12 12.45 -5.71
C MSE A 121 -6.59 12.69 -5.32
O MSE A 121 -7.36 13.27 -6.10
CB MSE A 121 -5.04 11.78 -7.08
CG MSE A 121 -3.71 11.06 -7.32
SE MSE A 121 -3.69 9.89 -8.86
CE MSE A 121 -3.84 11.22 -10.23
N GLY A 122 -6.99 12.27 -4.12
CA GLY A 122 -8.36 12.46 -3.71
C GLY A 122 -9.35 11.77 -4.64
N CYS A 123 -10.60 12.19 -4.60
CA CYS A 123 -11.64 11.60 -5.44
C CYS A 123 -11.37 12.01 -6.89
N THR A 124 -11.44 11.03 -7.80
CA THR A 124 -11.18 11.30 -9.20
C THR A 124 -12.16 10.58 -10.13
N LEU A 125 -12.77 11.34 -11.06
CA LEU A 125 -13.70 10.77 -12.03
C LEU A 125 -12.90 10.73 -13.34
N ILE A 126 -13.00 9.60 -14.06
CA ILE A 126 -12.27 9.41 -15.31
C ILE A 126 -13.24 9.59 -16.48
N LEU A 127 -12.93 10.51 -17.38
CA LEU A 127 -13.78 10.81 -18.52
C LEU A 127 -13.11 10.34 -19.80
N GLY A 128 -13.84 9.55 -20.60
CA GLY A 128 -13.26 9.05 -21.84
C GLY A 128 -13.70 9.77 -23.09
N ASP A 129 -14.74 10.60 -22.99
CA ASP A 129 -15.26 11.34 -24.15
C ASP A 129 -15.37 12.82 -23.81
N SER A 130 -14.41 13.60 -24.32
CA SER A 130 -14.38 15.02 -24.07
C SER A 130 -15.56 15.80 -24.67
N GLY A 131 -16.42 15.10 -25.41
CA GLY A 131 -17.56 15.77 -26.00
C GLY A 131 -18.89 15.21 -25.55
N ASN A 132 -18.85 14.28 -24.60
CA ASN A 132 -20.07 13.63 -24.09
C ASN A 132 -20.80 14.51 -23.07
N ASP A 133 -21.83 15.20 -23.52
CA ASP A 133 -22.60 16.08 -22.65
C ASP A 133 -23.24 15.33 -21.50
N PHE A 134 -23.68 14.09 -21.75
CA PHE A 134 -24.33 13.33 -20.69
C PHE A 134 -23.37 13.10 -19.52
N LEU A 135 -22.15 12.64 -19.80
CA LEU A 135 -21.18 12.39 -18.75
C LEU A 135 -20.67 13.68 -18.13
N ILE A 136 -20.50 14.72 -18.94
CA ILE A 136 -20.04 15.98 -18.38
C ILE A 136 -21.06 16.47 -17.35
N GLN A 137 -22.34 16.24 -17.63
CA GLN A 137 -23.40 16.65 -16.72
C GLN A 137 -23.33 15.81 -15.44
N MSE A 138 -23.23 14.50 -15.61
CA MSE A 138 -23.16 13.62 -14.45
C MSE A 138 -22.00 14.02 -13.54
O MSE A 138 -22.15 14.07 -12.32
CB MSE A 138 -22.95 12.16 -14.87
CG MSE A 138 -22.89 11.20 -13.68
SE MSE A 138 -22.29 9.42 -14.19
CE MSE A 138 -23.79 8.90 -15.33
N PHE A 139 -20.85 14.30 -14.14
CA PHE A 139 -19.67 14.67 -13.35
C PHE A 139 -19.86 16.00 -12.63
N HIS A 140 -20.53 16.95 -13.28
CA HIS A 140 -20.80 18.24 -12.65
C HIS A 140 -21.72 17.98 -11.46
N TYR A 141 -22.72 17.12 -11.67
CA TYR A 141 -23.68 16.81 -10.61
C TYR A 141 -22.96 16.24 -9.38
N ILE A 142 -22.13 15.23 -9.62
CA ILE A 142 -21.38 14.59 -8.55
C ILE A 142 -20.46 15.60 -7.83
N LYS A 143 -19.72 16.40 -8.59
CA LYS A 143 -18.81 17.40 -7.99
C LYS A 143 -19.55 18.34 -7.04
N THR A 144 -20.73 18.78 -7.45
CA THR A 144 -21.56 19.69 -6.66
C THR A 144 -22.03 19.02 -5.37
N CYS A 145 -22.44 17.77 -5.49
CA CYS A 145 -22.92 17.03 -4.34
C CYS A 145 -21.82 16.70 -3.34
N MSE A 146 -20.58 16.62 -3.82
CA MSE A 146 -19.44 16.29 -2.95
C MSE A 146 -18.75 17.52 -2.35
O MSE A 146 -18.05 17.38 -1.35
CB MSE A 146 -18.40 15.47 -3.72
CG MSE A 146 -18.89 14.12 -4.24
SE MSE A 146 -19.35 12.86 -2.84
CE MSE A 146 -17.57 12.39 -2.16
N ALA A 147 -18.92 18.68 -2.97
CA ALA A 147 -18.29 19.90 -2.46
C ALA A 147 -18.60 20.08 -0.97
N PRO A 148 -17.64 20.61 -0.20
CA PRO A 148 -16.29 21.07 -0.54
C PRO A 148 -15.21 20.00 -0.71
N LEU A 149 -15.57 18.72 -0.75
CA LEU A 149 -14.53 17.72 -0.95
C LEU A 149 -14.02 17.86 -2.38
N PRO A 150 -12.71 17.72 -2.58
CA PRO A 150 -12.22 17.84 -3.96
C PRO A 150 -12.66 16.63 -4.77
N CYS A 151 -12.93 16.87 -6.05
CA CYS A 151 -13.39 15.83 -6.95
C CYS A 151 -12.93 16.30 -8.34
N SER A 152 -11.69 15.94 -8.68
CA SER A 152 -11.07 16.34 -9.94
C SER A 152 -11.45 15.39 -11.06
N VAL A 153 -11.18 15.83 -12.27
CA VAL A 153 -11.50 15.05 -13.46
C VAL A 153 -10.29 14.76 -14.33
N TYR A 154 -10.03 13.48 -14.54
CA TYR A 154 -8.93 13.03 -15.38
C TYR A 154 -9.57 12.64 -16.72
N LEU A 155 -9.27 13.40 -17.75
CA LEU A 155 -9.82 13.16 -19.08
C LEU A 155 -8.78 12.42 -19.94
N ILE A 156 -9.22 11.39 -20.65
CA ILE A 156 -8.31 10.63 -21.52
C ILE A 156 -8.66 10.88 -22.99
N GLU A 157 -7.70 11.38 -23.77
CA GLU A 157 -7.93 11.64 -25.19
C GLU A 157 -7.31 10.57 -26.09
N HIS A 158 -6.08 10.14 -25.80
CA HIS A 158 -5.43 9.11 -26.61
C HIS A 158 -6.28 7.83 -26.60
N PRO A 159 -6.56 7.24 -27.78
CA PRO A 159 -7.36 6.02 -27.85
C PRO A 159 -6.70 4.83 -27.16
N SER A 160 -5.39 4.74 -27.30
CA SER A 160 -4.61 3.66 -26.71
C SER A 160 -4.92 3.36 -25.26
N LEU A 161 -4.69 4.34 -24.38
CA LEU A 161 -4.90 4.14 -22.95
C LEU A 161 -6.35 4.21 -22.50
N LYS A 162 -7.27 3.94 -23.42
CA LYS A 162 -8.67 3.96 -23.03
C LYS A 162 -9.58 2.95 -23.73
N TYR A 163 -9.23 2.58 -24.95
CA TYR A 163 -10.08 1.65 -25.69
C TYR A 163 -10.00 0.19 -25.21
N ALA A 164 -8.96 -0.16 -24.44
CA ALA A 164 -8.82 -1.52 -23.96
C ALA A 164 -9.21 -1.64 -22.49
N THR A 165 -9.91 -0.63 -21.96
CA THR A 165 -10.33 -0.64 -20.55
C THR A 165 -11.61 -1.44 -20.29
N THR A 166 -11.70 -1.99 -19.08
CA THR A 166 -12.85 -2.80 -18.68
C THR A 166 -14.17 -2.03 -18.79
N ARG A 167 -14.15 -0.73 -18.47
CA ARG A 167 -15.36 0.07 -18.53
C ARG A 167 -15.81 0.38 -19.95
N SER A 168 -14.91 0.19 -20.91
CA SER A 168 -15.22 0.50 -22.30
C SER A 168 -16.28 -0.37 -22.95
N ILE A 169 -16.73 -1.42 -22.27
CA ILE A 169 -17.79 -2.25 -22.85
C ILE A 169 -19.18 -1.61 -22.88
N ALA A 170 -19.51 -0.79 -21.87
CA ALA A 170 -20.83 -0.16 -21.80
C ALA A 170 -21.09 0.96 -22.82
N LYS A 171 -22.32 1.46 -22.84
CA LYS A 171 -22.66 2.57 -23.71
C LYS A 171 -21.99 3.80 -23.08
N TYR A 172 -22.12 3.96 -21.76
CA TYR A 172 -21.51 5.08 -21.05
C TYR A 172 -20.50 4.59 -20.01
N PRO A 173 -19.21 4.63 -20.33
CA PRO A 173 -18.21 4.16 -19.36
C PRO A 173 -17.88 5.23 -18.32
N VAL A 174 -17.71 4.81 -17.07
CA VAL A 174 -17.34 5.72 -15.98
C VAL A 174 -16.30 5.06 -15.08
N GLY A 175 -15.16 5.72 -14.93
CA GLY A 175 -14.11 5.21 -14.04
C GLY A 175 -14.16 5.98 -12.72
N ILE A 176 -14.27 5.26 -11.61
CA ILE A 176 -14.28 5.89 -10.30
C ILE A 176 -12.96 5.51 -9.62
N GLU A 177 -12.22 6.53 -9.22
CA GLU A 177 -10.91 6.34 -8.61
C GLU A 177 -10.85 7.07 -7.27
N VAL A 178 -10.39 6.38 -6.21
CA VAL A 178 -10.26 7.02 -4.90
C VAL A 178 -8.94 6.63 -4.23
N GLY A 179 -8.15 7.65 -3.89
CA GLY A 179 -6.89 7.42 -3.22
C GLY A 179 -6.72 8.52 -2.19
N PRO A 180 -5.68 8.47 -1.36
CA PRO A 180 -4.65 7.44 -1.32
C PRO A 180 -5.02 6.27 -0.41
N GLN A 181 -4.81 5.05 -0.89
CA GLN A 181 -5.08 3.87 -0.07
C GLN A 181 -4.12 2.72 -0.41
N PRO A 182 -3.26 2.32 0.54
CA PRO A 182 -2.35 1.21 0.20
C PRO A 182 -3.16 0.01 -0.25
N HIS A 183 -2.71 -0.66 -1.30
CA HIS A 183 -3.42 -1.84 -1.76
C HIS A 183 -3.44 -2.87 -0.63
N GLY A 184 -4.33 -3.84 -0.71
CA GLY A 184 -4.43 -4.86 0.33
C GLY A 184 -4.92 -4.29 1.66
N VAL A 185 -5.46 -3.08 1.64
CA VAL A 185 -5.97 -2.43 2.85
C VAL A 185 -7.36 -1.83 2.61
N LEU A 186 -8.19 -1.82 3.66
CA LEU A 186 -9.53 -1.22 3.61
C LEU A 186 -9.63 -0.07 4.62
N ARG A 187 -9.61 1.19 4.16
CA ARG A 187 -9.75 2.34 5.07
C ARG A 187 -11.24 2.70 5.09
N ALA A 188 -11.74 3.08 6.26
CA ALA A 188 -13.15 3.45 6.40
C ALA A 188 -13.48 4.77 5.67
N ASP A 189 -12.59 5.75 5.75
CA ASP A 189 -12.87 7.04 5.10
C ASP A 189 -12.95 6.90 3.59
N ILE A 190 -12.08 6.06 3.03
CA ILE A 190 -12.07 5.85 1.58
C ILE A 190 -13.37 5.14 1.15
N LEU A 191 -13.80 4.15 1.94
CA LEU A 191 -15.03 3.43 1.62
C LEU A 191 -16.22 4.39 1.61
N ASP A 192 -16.26 5.27 2.61
CA ASP A 192 -17.35 6.22 2.69
C ASP A 192 -17.34 7.16 1.50
N GLN A 193 -16.14 7.60 1.09
CA GLN A 193 -16.06 8.53 -0.03
C GLN A 193 -16.58 7.94 -1.34
N MSE A 194 -15.93 6.90 -1.84
CA MSE A 194 -16.37 6.29 -3.10
C MSE A 194 -17.88 6.01 -3.12
O MSE A 194 -18.54 6.23 -4.13
CB MSE A 194 -15.61 4.99 -3.38
CG MSE A 194 -16.02 4.32 -4.72
SE MSE A 194 -14.51 3.79 -5.85
CE MSE A 194 -14.25 2.03 -5.13
N ARG A 195 -18.42 5.53 -2.00
CA ARG A 195 -19.84 5.21 -1.97
C ARG A 195 -20.70 6.47 -2.15
N ARG A 196 -20.22 7.61 -1.64
CA ARG A 196 -20.98 8.87 -1.80
C ARG A 196 -20.96 9.31 -3.26
N MSE A 197 -19.78 9.37 -3.86
CA MSE A 197 -19.71 9.77 -5.27
C MSE A 197 -20.71 8.94 -6.07
O MSE A 197 -21.40 9.46 -6.95
CB MSE A 197 -18.30 9.55 -5.83
CG MSE A 197 -17.23 10.39 -5.13
SE MSE A 197 -15.48 9.89 -5.79
CE MSE A 197 -15.62 10.89 -7.44
N LEU A 198 -20.79 7.64 -5.76
CA LEU A 198 -21.70 6.74 -6.47
C LEU A 198 -23.15 7.04 -6.17
N LYS A 199 -23.48 7.20 -4.90
CA LYS A 199 -24.86 7.51 -4.55
C LYS A 199 -25.34 8.66 -5.44
N HIS A 200 -24.51 9.68 -5.60
CA HIS A 200 -24.91 10.82 -6.42
C HIS A 200 -24.92 10.51 -7.92
N ALA A 201 -24.04 9.61 -8.37
CA ALA A 201 -24.03 9.24 -9.77
C ALA A 201 -25.34 8.51 -10.10
N LEU A 202 -25.81 7.69 -9.16
CA LEU A 202 -27.06 6.97 -9.40
C LEU A 202 -28.28 7.88 -9.30
N ASP A 203 -28.25 8.83 -8.36
CA ASP A 203 -29.36 9.76 -8.22
C ASP A 203 -29.49 10.57 -9.52
N PHE A 204 -28.36 10.98 -10.08
CA PHE A 204 -28.37 11.75 -11.34
C PHE A 204 -29.05 10.95 -12.43
N ILE A 205 -28.73 9.66 -12.51
CA ILE A 205 -29.32 8.83 -13.53
C ILE A 205 -30.83 8.66 -13.35
N GLN A 206 -31.29 8.45 -12.13
CA GLN A 206 -32.74 8.28 -11.94
C GLN A 206 -33.44 9.59 -12.29
N ARG A 207 -32.95 10.70 -11.76
CA ARG A 207 -33.57 12.00 -12.04
C ARG A 207 -33.56 12.25 -13.53
N PHE A 208 -32.40 12.09 -14.16
CA PHE A 208 -32.27 12.32 -15.61
C PHE A 208 -33.36 11.57 -16.35
N ASN A 209 -33.59 10.32 -15.97
CA ASN A 209 -34.61 9.52 -16.62
C ASN A 209 -35.99 10.10 -16.38
N GLU A 210 -36.23 10.55 -15.15
CA GLU A 210 -37.52 11.13 -14.78
C GLU A 210 -37.77 12.47 -15.46
N GLY A 211 -37.03 12.72 -16.54
CA GLY A 211 -37.21 13.94 -17.31
C GLY A 211 -36.57 15.22 -16.83
N LYS A 212 -35.90 15.17 -15.67
CA LYS A 212 -35.26 16.36 -15.13
C LYS A 212 -34.38 16.99 -16.22
N GLU A 213 -34.75 18.17 -16.69
CA GLU A 213 -33.96 18.84 -17.70
C GLU A 213 -32.80 19.53 -16.99
N PHE A 214 -31.57 19.24 -17.45
CA PHE A 214 -30.37 19.82 -16.86
C PHE A 214 -29.85 20.97 -17.72
N PRO A 215 -29.68 22.16 -17.13
CA PRO A 215 -29.19 23.29 -17.93
C PRO A 215 -27.73 23.08 -18.31
N PRO A 216 -27.20 23.95 -19.19
CA PRO A 216 -25.80 23.83 -19.60
C PRO A 216 -24.88 24.03 -18.40
N CYS A 217 -23.68 23.44 -18.44
CA CYS A 217 -22.72 23.58 -17.35
C CYS A 217 -21.30 23.48 -17.86
N ALA A 218 -20.34 23.59 -16.93
CA ALA A 218 -18.91 23.49 -17.27
C ALA A 218 -18.14 22.91 -16.08
N ILE A 219 -17.02 22.24 -16.35
CA ILE A 219 -16.21 21.65 -15.29
C ILE A 219 -14.74 21.79 -15.64
N ASP A 220 -13.88 21.71 -14.62
CA ASP A 220 -12.44 21.74 -14.81
C ASP A 220 -12.05 20.28 -15.11
N VAL A 221 -11.03 20.07 -15.94
CA VAL A 221 -10.57 18.74 -16.28
C VAL A 221 -9.05 18.77 -16.51
N TYR A 222 -8.40 17.62 -16.29
CA TYR A 222 -6.96 17.49 -16.45
C TYR A 222 -6.73 16.37 -17.43
N LYS A 223 -6.34 16.77 -18.63
CA LYS A 223 -6.10 15.86 -19.75
C LYS A 223 -4.68 15.34 -19.73
N ILE A 224 -4.54 14.03 -19.83
CA ILE A 224 -3.21 13.45 -19.78
C ILE A 224 -2.36 13.87 -20.97
N MSE A 225 -1.12 14.27 -20.70
CA MSE A 225 -0.17 14.69 -21.73
C MSE A 225 0.79 13.55 -22.00
O MSE A 225 0.77 12.93 -23.07
CB MSE A 225 0.66 15.88 -21.29
CG MSE A 225 -0.04 17.22 -21.21
SE MSE A 225 1.06 18.48 -20.19
CE MSE A 225 2.38 18.91 -21.50
N GLU A 226 1.63 13.27 -21.00
CA GLU A 226 2.63 12.21 -21.10
C GLU A 226 3.11 11.70 -19.75
N LYS A 227 3.52 10.45 -19.73
CA LYS A 227 4.03 9.80 -18.52
C LYS A 227 5.49 10.17 -18.29
N VAL A 228 5.89 10.18 -17.02
CA VAL A 228 7.27 10.48 -16.66
C VAL A 228 7.76 9.29 -15.86
N ASP A 229 8.76 8.58 -16.38
CA ASP A 229 9.29 7.43 -15.66
C ASP A 229 10.37 7.84 -14.67
N TYR A 230 10.61 6.99 -13.69
CA TYR A 230 11.66 7.22 -12.72
C TYR A 230 13.00 7.10 -13.47
N PRO A 231 14.03 7.85 -13.04
CA PRO A 231 15.33 7.73 -13.70
C PRO A 231 15.70 6.27 -13.39
N ARG A 232 16.35 5.58 -14.31
CA ARG A 232 16.69 4.17 -14.07
C ARG A 232 18.08 3.85 -14.57
N ASN A 233 19.00 3.60 -13.63
CA ASN A 233 20.38 3.25 -13.97
C ASN A 233 20.39 2.13 -15.02
N GLU A 234 21.51 2.01 -15.72
CA GLU A 234 21.72 1.02 -16.77
C GLU A 234 21.03 -0.31 -16.48
N SER A 235 21.35 -0.89 -15.33
CA SER A 235 20.80 -2.17 -14.93
C SER A 235 19.27 -2.17 -14.82
N GLY A 236 18.66 -1.06 -15.22
CA GLY A 236 17.21 -0.97 -15.19
C GLY A 236 16.56 -0.78 -13.84
N ASP A 237 17.37 -0.52 -12.81
CA ASP A 237 16.84 -0.30 -11.47
C ASP A 237 16.57 1.19 -11.27
N VAL A 238 15.71 1.49 -10.31
CA VAL A 238 15.32 2.86 -9.98
C VAL A 238 16.48 3.69 -9.40
N ALA A 239 16.89 4.71 -10.14
CA ALA A 239 18.00 5.57 -9.72
C ALA A 239 17.60 6.70 -8.76
N ALA A 240 16.36 7.17 -8.84
CA ALA A 240 15.90 8.21 -7.93
C ALA A 240 14.44 7.96 -7.56
N VAL A 241 13.98 8.62 -6.49
CA VAL A 241 12.60 8.44 -6.04
C VAL A 241 11.85 9.76 -6.06
N ILE A 242 10.53 9.70 -5.91
CA ILE A 242 9.71 10.92 -5.90
C ILE A 242 10.21 11.86 -4.80
N HIS A 243 10.44 13.11 -5.15
CA HIS A 243 10.91 14.12 -4.20
C HIS A 243 9.85 14.38 -3.13
N PRO A 244 10.25 14.59 -1.88
CA PRO A 244 9.25 14.84 -0.84
C PRO A 244 8.29 15.98 -1.11
N ASN A 245 8.73 16.95 -1.93
CA ASN A 245 7.88 18.09 -2.27
C ASN A 245 6.86 17.75 -3.37
N LEU A 246 7.12 16.65 -4.10
CA LEU A 246 6.20 16.22 -5.15
C LEU A 246 5.34 15.06 -4.59
N GLN A 247 5.94 14.26 -3.72
CA GLN A 247 5.22 13.15 -3.08
C GLN A 247 3.91 13.66 -2.46
N ASP A 248 2.83 12.93 -2.70
CA ASP A 248 1.48 13.23 -2.18
C ASP A 248 0.95 14.57 -2.67
N GLN A 249 1.57 15.15 -3.68
CA GLN A 249 1.08 16.44 -4.16
C GLN A 249 0.51 16.33 -5.57
N ASP A 250 -0.47 15.46 -5.72
CA ASP A 250 -1.14 15.29 -7.00
C ASP A 250 -2.01 16.51 -7.28
N TRP A 251 -2.22 16.78 -8.57
CA TRP A 251 -3.01 17.91 -9.08
C TRP A 251 -2.38 19.25 -8.77
N LYS A 252 -1.37 19.26 -7.90
CA LYS A 252 -0.73 20.51 -7.51
C LYS A 252 0.29 20.93 -8.58
N PRO A 253 -0.06 21.95 -9.39
CA PRO A 253 0.72 22.51 -10.49
C PRO A 253 2.20 22.61 -10.21
N LEU A 254 3.00 22.07 -11.13
CA LEU A 254 4.45 22.12 -11.00
C LEU A 254 4.95 23.28 -11.83
N HIS A 255 6.19 23.67 -11.58
CA HIS A 255 6.78 24.74 -12.35
C HIS A 255 8.17 24.29 -12.74
N PRO A 256 8.71 24.81 -13.86
CA PRO A 256 10.04 24.47 -14.39
C PRO A 256 11.20 24.48 -13.39
N GLY A 257 10.90 24.63 -12.11
CA GLY A 257 11.95 24.62 -11.12
C GLY A 257 11.77 23.57 -10.02
N ASP A 258 10.54 23.35 -9.58
CA ASP A 258 10.21 22.37 -8.53
C ASP A 258 10.89 21.04 -8.83
N PRO A 259 11.68 20.53 -7.88
CA PRO A 259 12.39 19.25 -8.03
C PRO A 259 11.46 18.07 -8.25
N VAL A 260 11.82 17.21 -9.21
CA VAL A 260 11.02 16.03 -9.52
C VAL A 260 11.52 14.84 -8.74
N PHE A 261 12.70 14.33 -9.07
CA PHE A 261 13.23 13.17 -8.34
C PHE A 261 14.34 13.54 -7.37
N VAL A 262 14.71 12.57 -6.54
CA VAL A 262 15.82 12.72 -5.62
C VAL A 262 16.49 11.37 -5.48
N SER A 263 17.81 11.34 -5.61
CA SER A 263 18.49 10.06 -5.47
C SER A 263 18.88 9.94 -4.00
N LEU A 264 19.52 8.82 -3.65
CA LEU A 264 19.92 8.63 -2.25
C LEU A 264 21.13 9.47 -1.88
N ASP A 265 21.89 9.94 -2.88
CA ASP A 265 23.06 10.75 -2.56
C ASP A 265 22.66 12.21 -2.42
N GLY A 266 21.37 12.47 -2.62
CA GLY A 266 20.87 13.83 -2.52
C GLY A 266 20.72 14.60 -3.83
N LYS A 267 20.96 13.95 -4.97
CA LYS A 267 20.82 14.62 -6.28
C LYS A 267 19.40 15.13 -6.46
N VAL A 268 19.25 16.18 -7.27
CA VAL A 268 17.94 16.75 -7.57
C VAL A 268 17.73 16.72 -9.08
N ILE A 269 16.50 16.42 -9.49
CA ILE A 269 16.17 16.39 -10.91
C ILE A 269 14.83 17.10 -11.12
N PRO A 270 14.80 18.44 -11.01
CA PRO A 270 13.58 19.21 -11.19
C PRO A 270 12.98 19.02 -12.57
N LEU A 271 11.73 19.45 -12.72
CA LEU A 271 11.02 19.36 -13.99
C LEU A 271 11.74 20.16 -15.07
N GLY A 272 11.97 21.44 -14.80
CA GLY A 272 12.60 22.28 -15.79
C GLY A 272 11.69 22.38 -16.99
N GLY A 273 11.94 21.54 -17.99
CA GLY A 273 11.12 21.52 -19.19
C GLY A 273 10.88 22.85 -19.90
N ASP A 274 9.62 23.18 -20.11
CA ASP A 274 9.28 24.41 -20.80
C ASP A 274 7.88 24.93 -20.48
N CYS A 275 7.34 24.54 -19.32
CA CYS A 275 6.00 24.99 -18.96
C CYS A 275 5.49 24.45 -17.64
N THR A 276 4.22 24.73 -17.37
CA THR A 276 3.54 24.26 -16.17
C THR A 276 2.86 22.94 -16.50
N VAL A 277 2.72 22.09 -15.48
CA VAL A 277 2.07 20.80 -15.63
C VAL A 277 1.33 20.44 -14.35
N TYR A 278 0.46 19.45 -14.44
CA TYR A 278 -0.30 18.98 -13.29
C TYR A 278 -0.02 17.50 -13.17
N PRO A 279 0.95 17.13 -12.30
CA PRO A 279 1.37 15.74 -12.06
C PRO A 279 0.33 14.84 -11.40
N VAL A 280 -0.08 13.81 -12.15
CA VAL A 280 -1.07 12.84 -11.65
C VAL A 280 -0.42 11.46 -11.47
N PHE A 281 -1.06 10.65 -10.63
CA PHE A 281 -0.59 9.30 -10.28
C PHE A 281 0.84 9.39 -9.80
N VAL A 282 1.10 10.42 -9.00
CA VAL A 282 2.42 10.61 -8.42
C VAL A 282 2.64 9.44 -7.48
N ASN A 283 3.63 8.61 -7.81
CA ASN A 283 3.98 7.49 -6.96
C ASN A 283 2.82 6.51 -6.68
N GLU A 284 2.23 5.97 -7.74
CA GLU A 284 1.15 4.98 -7.63
C GLU A 284 1.87 3.64 -7.42
N ALA A 285 1.21 2.64 -6.83
CA ALA A 285 1.86 1.35 -6.58
C ALA A 285 1.82 0.37 -7.77
N ALA A 286 0.75 0.43 -8.53
CA ALA A 286 0.61 -0.47 -9.66
C ALA A 286 1.00 0.22 -10.95
N TYR A 287 2.06 1.02 -10.88
CA TYR A 287 2.57 1.79 -12.02
C TYR A 287 4.07 1.72 -12.29
N TYR A 288 4.90 1.51 -11.26
CA TYR A 288 6.34 1.41 -11.48
C TYR A 288 6.63 0.50 -12.69
N GLU A 289 5.81 -0.55 -12.85
CA GLU A 289 6.01 -1.46 -13.97
C GLU A 289 5.79 -0.68 -15.25
N LYS A 290 4.63 -0.04 -15.36
CA LYS A 290 4.29 0.75 -16.54
C LYS A 290 5.34 1.83 -16.80
N LYS A 291 6.31 1.98 -15.89
CA LYS A 291 7.35 2.99 -16.03
C LYS A 291 6.80 4.42 -15.97
N GLU A 292 5.87 4.63 -15.03
CA GLU A 292 5.24 5.93 -14.83
C GLU A 292 5.37 6.34 -13.36
N ALA A 293 6.35 7.19 -13.05
CA ALA A 293 6.51 7.68 -11.68
C ALA A 293 5.30 8.59 -11.39
N PHE A 294 4.78 9.21 -12.45
CA PHE A 294 3.60 10.06 -12.41
C PHE A 294 3.33 10.45 -13.85
N ALA A 295 2.11 10.84 -14.17
CA ALA A 295 1.80 11.26 -15.53
C ALA A 295 1.46 12.76 -15.54
N LYS A 296 2.03 13.49 -16.50
CA LYS A 296 1.76 14.92 -16.62
C LYS A 296 0.48 15.14 -17.42
N THR A 297 -0.35 16.08 -16.97
CA THR A 297 -1.60 16.43 -17.67
C THR A 297 -1.64 17.93 -18.01
N THR A 298 -2.69 18.34 -18.73
CA THR A 298 -2.90 19.74 -19.09
C THR A 298 -4.28 20.09 -18.51
N LYS A 299 -4.45 21.34 -18.10
CA LYS A 299 -5.72 21.75 -17.49
C LYS A 299 -6.63 22.47 -18.45
N LEU A 300 -7.92 22.13 -18.42
CA LEU A 300 -8.89 22.81 -19.28
C LEU A 300 -10.31 22.60 -18.79
N THR A 301 -11.23 23.42 -19.31
CA THR A 301 -12.63 23.33 -18.91
C THR A 301 -13.51 22.85 -20.06
N LEU A 302 -14.45 21.97 -19.72
CA LEU A 302 -15.39 21.44 -20.71
C LEU A 302 -16.77 21.99 -20.42
N ASN A 303 -17.44 22.50 -21.46
CA ASN A 303 -18.78 23.05 -21.30
C ASN A 303 -19.80 22.06 -21.89
N ALA A 304 -20.84 21.75 -21.14
CA ALA A 304 -21.88 20.85 -21.64
C ALA A 304 -23.14 21.66 -21.92
N LYS A 305 -23.88 21.28 -22.97
CA LYS A 305 -25.12 21.95 -23.30
C LYS A 305 -26.16 21.39 -22.34
N SER A 306 -27.38 21.93 -22.41
CA SER A 306 -28.45 21.44 -21.57
C SER A 306 -28.82 20.03 -22.07
N ILE A 307 -29.36 19.21 -21.20
CA ILE A 307 -29.76 17.85 -21.60
C ILE A 307 -31.03 17.41 -20.91
N ARG A 308 -31.73 16.46 -21.51
CA ARG A 308 -32.97 15.94 -20.96
C ARG A 308 -33.30 14.61 -21.66
N SER A 309 -34.03 13.75 -20.97
CA SER A 309 -34.39 12.47 -21.56
C SER A 309 -35.48 12.70 -22.58
N THR A 310 -35.55 11.81 -23.56
CA THR A 310 -36.58 11.90 -24.59
C THR A 310 -37.79 11.05 -24.19
N CYS B 4 26.59 -3.66 36.81
CA CYS B 4 27.34 -3.22 35.60
C CYS B 4 27.67 -4.39 34.66
N VAL B 5 27.14 -4.35 33.45
CA VAL B 5 27.39 -5.40 32.46
C VAL B 5 28.67 -5.08 31.70
N ALA B 6 29.29 -6.12 31.16
CA ALA B 6 30.52 -5.97 30.39
C ALA B 6 30.51 -6.98 29.26
N GLU B 7 30.36 -6.50 28.04
CA GLU B 7 30.32 -7.33 26.84
C GLU B 7 31.53 -7.08 25.94
N GLU B 8 31.89 -8.07 25.14
CA GLU B 8 33.03 -7.94 24.22
C GLU B 8 32.61 -7.10 23.02
N PRO B 9 33.59 -6.50 22.32
CA PRO B 9 33.35 -5.67 21.14
C PRO B 9 32.55 -6.40 20.06
N ILE B 10 31.58 -5.70 19.45
CA ILE B 10 30.78 -6.30 18.40
C ILE B 10 31.65 -6.30 17.15
N LYS B 11 31.69 -7.41 16.41
CA LYS B 11 32.53 -7.46 15.22
C LYS B 11 31.80 -7.61 13.91
N LYS B 12 30.86 -8.55 13.86
CA LYS B 12 30.10 -8.87 12.66
C LYS B 12 28.70 -8.27 12.68
N ILE B 13 28.37 -7.53 11.61
CA ILE B 13 27.09 -6.85 11.48
C ILE B 13 26.44 -7.13 10.13
N ALA B 14 25.23 -7.68 10.13
CA ALA B 14 24.55 -7.92 8.86
C ALA B 14 23.30 -7.06 8.82
N ILE B 15 23.10 -6.32 7.72
CA ILE B 15 21.89 -5.50 7.57
C ILE B 15 21.09 -6.21 6.48
N PHE B 16 19.93 -6.73 6.85
CA PHE B 16 19.08 -7.46 5.92
C PHE B 16 17.97 -6.58 5.34
N GLY B 17 17.78 -6.67 4.03
CA GLY B 17 16.73 -5.95 3.36
C GLY B 17 16.03 -6.91 2.40
N GLY B 18 14.74 -6.72 2.18
CA GLY B 18 14.04 -7.60 1.26
C GLY B 18 13.55 -8.94 1.77
N THR B 19 13.44 -9.12 3.09
CA THR B 19 12.92 -10.38 3.65
C THR B 19 11.49 -10.54 3.09
N HIS B 20 10.84 -9.40 2.87
CA HIS B 20 9.51 -9.34 2.24
C HIS B 20 9.84 -8.38 1.10
N GLY B 21 9.87 -8.92 -0.12
CA GLY B 21 10.28 -8.17 -1.29
C GLY B 21 9.49 -6.96 -1.71
N ASN B 22 8.31 -6.79 -1.14
CA ASN B 22 7.46 -5.66 -1.49
C ASN B 22 7.50 -4.52 -0.48
N GLU B 23 8.43 -4.60 0.49
CA GLU B 23 8.59 -3.54 1.49
C GLU B 23 9.88 -2.85 1.02
N LEU B 24 9.69 -1.98 0.03
CA LEU B 24 10.75 -1.32 -0.71
C LEU B 24 11.91 -0.64 -0.02
N THR B 25 11.63 0.12 1.04
CA THR B 25 12.72 0.83 1.72
C THR B 25 13.91 -0.07 1.99
N GLY B 26 13.71 -1.13 2.77
CA GLY B 26 14.82 -2.04 3.07
C GLY B 26 15.54 -2.46 1.80
N VAL B 27 14.78 -2.74 0.74
CA VAL B 27 15.38 -3.14 -0.53
C VAL B 27 16.27 -2.03 -1.05
N PHE B 28 15.70 -0.84 -1.19
CA PHE B 28 16.45 0.28 -1.76
C PHE B 28 17.81 0.55 -1.12
N LEU B 29 17.84 0.57 0.20
CA LEU B 29 19.08 0.85 0.93
C LEU B 29 20.14 -0.23 0.74
N VAL B 30 19.75 -1.49 0.89
CA VAL B 30 20.70 -2.59 0.72
C VAL B 30 21.24 -2.61 -0.70
N THR B 31 20.39 -2.25 -1.67
CA THR B 31 20.84 -2.21 -3.05
C THR B 31 21.95 -1.17 -3.11
N HIS B 32 21.63 0.02 -2.66
CA HIS B 32 22.56 1.14 -2.63
C HIS B 32 23.87 0.85 -1.87
N TRP B 33 23.75 0.49 -0.59
CA TRP B 33 24.92 0.22 0.24
C TRP B 33 25.84 -0.85 -0.33
N LEU B 34 25.26 -1.95 -0.82
CA LEU B 34 26.08 -2.98 -1.42
C LEU B 34 26.94 -2.30 -2.49
N LYS B 35 26.28 -1.48 -3.31
CA LYS B 35 26.95 -0.74 -4.39
C LYS B 35 28.06 0.15 -3.86
N ASN B 36 27.69 1.03 -2.92
CA ASN B 36 28.61 1.96 -2.29
C ASN B 36 28.34 1.84 -0.78
N GLY B 37 29.31 1.30 -0.05
CA GLY B 37 29.11 1.09 1.37
C GLY B 37 29.67 2.13 2.32
N ALA B 38 29.85 3.36 1.88
CA ALA B 38 30.41 4.37 2.78
C ALA B 38 29.45 4.79 3.88
N GLU B 39 28.15 4.85 3.58
CA GLU B 39 27.18 5.27 4.58
C GLU B 39 27.14 4.34 5.78
N VAL B 40 27.29 3.03 5.54
CA VAL B 40 27.26 2.10 6.66
C VAL B 40 28.65 1.60 7.07
N HIS B 41 29.66 2.34 6.62
CA HIS B 41 31.01 1.98 7.03
C HIS B 41 31.28 2.55 8.43
N ARG B 42 31.90 1.75 9.29
CA ARG B 42 32.33 2.15 10.62
C ARG B 42 33.66 1.40 10.85
N ALA B 43 34.67 2.09 11.38
CA ALA B 43 35.95 1.44 11.63
C ALA B 43 35.77 0.27 12.57
N GLY B 44 36.48 -0.83 12.28
CA GLY B 44 36.41 -2.00 13.13
C GLY B 44 35.30 -2.97 12.77
N LEU B 45 34.18 -2.44 12.31
CA LEU B 45 33.05 -3.28 11.94
C LEU B 45 33.17 -3.82 10.53
N GLU B 46 32.47 -4.91 10.28
CA GLU B 46 32.41 -5.54 8.96
C GLU B 46 30.91 -5.51 8.65
N VAL B 47 30.35 -4.31 8.61
CA VAL B 47 28.93 -4.15 8.36
C VAL B 47 28.57 -4.72 6.99
N LYS B 48 27.79 -5.80 7.00
CA LYS B 48 27.40 -6.48 5.77
C LYS B 48 25.93 -6.37 5.36
N PRO B 49 25.63 -5.58 4.31
CA PRO B 49 24.25 -5.43 3.81
C PRO B 49 24.02 -6.69 2.97
N PHE B 50 22.80 -7.23 2.98
CA PHE B 50 22.51 -8.44 2.22
C PHE B 50 21.00 -8.57 1.97
N ILE B 51 20.61 -9.06 0.79
CA ILE B 51 19.18 -9.25 0.46
C ILE B 51 18.75 -10.67 0.76
N THR B 52 17.59 -10.81 1.41
CA THR B 52 17.12 -12.11 1.83
C THR B 52 16.01 -12.76 1.02
N ASN B 53 15.63 -12.13 -0.07
CA ASN B 53 14.63 -12.72 -0.93
C ASN B 53 14.63 -12.06 -2.32
N PRO B 54 15.71 -12.27 -3.09
CA PRO B 54 15.80 -11.69 -4.43
C PRO B 54 14.57 -12.00 -5.25
N ARG B 55 14.17 -13.27 -5.25
CA ARG B 55 12.98 -13.69 -6.00
C ARG B 55 11.74 -12.87 -5.61
N ALA B 56 11.48 -12.69 -4.31
CA ALA B 56 10.32 -11.90 -3.90
C ALA B 56 10.51 -10.43 -4.30
N VAL B 57 11.73 -9.91 -4.10
CA VAL B 57 12.02 -8.53 -4.48
C VAL B 57 11.96 -8.38 -6.01
N GLU B 58 12.65 -9.26 -6.72
CA GLU B 58 12.66 -9.20 -8.17
C GLU B 58 11.26 -9.11 -8.77
N LYS B 59 10.25 -9.69 -8.11
CA LYS B 59 8.87 -9.61 -8.60
C LYS B 59 8.02 -8.68 -7.72
N CYS B 60 8.67 -7.95 -6.81
CA CYS B 60 8.01 -7.04 -5.88
C CYS B 60 6.76 -7.68 -5.29
N THR B 61 6.99 -8.74 -4.54
CA THR B 61 5.94 -9.49 -3.89
C THR B 61 6.42 -9.78 -2.46
N ARG B 62 5.48 -10.04 -1.55
CA ARG B 62 5.84 -10.31 -0.16
C ARG B 62 6.65 -11.61 0.04
N TYR B 63 6.12 -12.73 -0.44
CA TYR B 63 6.80 -14.02 -0.32
C TYR B 63 6.45 -14.96 -1.49
N ILE B 64 7.10 -16.13 -1.53
CA ILE B 64 6.88 -17.11 -2.59
C ILE B 64 5.95 -18.22 -2.16
N ASP B 65 6.33 -18.98 -1.14
CA ASP B 65 5.50 -20.07 -0.64
C ASP B 65 4.97 -19.75 0.76
N CYS B 66 5.85 -19.26 1.62
CA CYS B 66 5.41 -18.91 2.97
C CYS B 66 6.27 -17.77 3.52
N ASP B 67 5.72 -17.08 4.51
CA ASP B 67 6.40 -15.94 5.14
C ASP B 67 7.81 -16.34 5.53
N LEU B 68 8.81 -15.59 5.03
CA LEU B 68 10.20 -15.89 5.35
C LEU B 68 10.53 -15.52 6.79
N ASN B 69 9.65 -14.78 7.44
CA ASN B 69 9.88 -14.38 8.82
C ASN B 69 9.16 -15.27 9.86
N ARG B 70 8.77 -16.47 9.43
CA ARG B 70 8.08 -17.40 10.33
C ARG B 70 8.72 -18.79 10.34
N VAL B 71 9.78 -18.99 9.57
CA VAL B 71 10.41 -20.30 9.50
C VAL B 71 11.81 -20.44 10.11
N PHE B 72 12.20 -19.51 10.97
CA PHE B 72 13.53 -19.63 11.56
C PHE B 72 13.59 -20.37 12.87
N ASP B 73 12.60 -21.22 13.08
CA ASP B 73 12.55 -22.04 14.27
C ASP B 73 13.36 -23.28 13.92
N LEU B 74 14.30 -23.64 14.79
CA LEU B 74 15.16 -24.79 14.60
C LEU B 74 14.42 -25.93 13.92
N GLU B 75 13.14 -26.05 14.25
CA GLU B 75 12.28 -27.08 13.68
C GLU B 75 12.39 -27.16 12.15
N ASN B 76 12.28 -26.02 11.48
CA ASN B 76 12.35 -25.97 10.02
C ASN B 76 13.77 -25.84 9.52
N LEU B 77 14.66 -25.36 10.39
CA LEU B 77 16.07 -25.20 10.03
C LEU B 77 16.80 -26.53 9.95
N SER B 78 16.34 -27.51 10.70
CA SER B 78 16.98 -28.82 10.70
C SER B 78 16.18 -29.83 9.87
N LYS B 79 15.37 -29.31 8.94
CA LYS B 79 14.55 -30.15 8.07
C LYS B 79 15.40 -30.69 6.91
N GLU B 80 15.19 -31.96 6.57
CA GLU B 80 15.94 -32.57 5.48
C GLU B 80 15.54 -31.99 4.13
N MSE B 81 16.52 -31.79 3.26
CA MSE B 81 16.28 -31.21 1.96
C MSE B 81 15.52 -32.14 1.00
O MSE B 81 15.74 -33.35 0.99
CB MSE B 81 17.60 -30.80 1.33
CG MSE B 81 18.57 -30.11 2.29
SE MSE B 81 19.38 -31.34 3.57
CE MSE B 81 20.89 -31.89 2.51
N SER B 82 14.65 -31.55 0.20
CA SER B 82 13.86 -32.30 -0.78
C SER B 82 13.48 -31.40 -1.96
N GLU B 83 12.44 -31.81 -2.69
CA GLU B 83 11.96 -31.08 -3.86
C GLU B 83 10.66 -30.32 -3.57
N ASP B 84 9.86 -30.88 -2.67
CA ASP B 84 8.59 -30.29 -2.26
C ASP B 84 8.86 -29.15 -1.28
N LEU B 85 10.14 -28.98 -0.93
CA LEU B 85 10.56 -27.96 0.02
C LEU B 85 10.24 -26.50 -0.38
N PRO B 86 9.61 -25.75 0.53
CA PRO B 86 9.24 -24.35 0.27
C PRO B 86 10.47 -23.52 -0.11
N TYR B 87 10.32 -22.61 -1.07
CA TYR B 87 11.45 -21.78 -1.47
C TYR B 87 12.03 -21.07 -0.24
N GLU B 88 11.17 -20.36 0.47
CA GLU B 88 11.63 -19.62 1.65
C GLU B 88 12.46 -20.53 2.54
N VAL B 89 12.09 -21.81 2.65
CA VAL B 89 12.85 -22.74 3.48
C VAL B 89 14.23 -22.97 2.84
N ARG B 90 14.24 -23.21 1.53
CA ARG B 90 15.51 -23.42 0.83
C ARG B 90 16.40 -22.19 1.02
N ARG B 91 15.77 -21.06 1.30
CA ARG B 91 16.52 -19.82 1.50
C ARG B 91 16.84 -19.60 3.00
N ALA B 92 15.92 -19.96 3.89
CA ALA B 92 16.19 -19.79 5.31
C ALA B 92 17.34 -20.68 5.78
N GLN B 93 17.40 -21.91 5.26
CA GLN B 93 18.47 -22.81 5.69
C GLN B 93 19.81 -22.24 5.27
N GLU B 94 19.83 -21.57 4.12
CA GLU B 94 21.06 -20.98 3.62
C GLU B 94 21.44 -19.77 4.49
N ILE B 95 20.42 -19.05 4.95
CA ILE B 95 20.65 -17.87 5.78
C ILE B 95 21.16 -18.29 7.15
N ASN B 96 20.52 -19.31 7.72
CA ASN B 96 20.95 -19.78 9.02
C ASN B 96 22.36 -20.33 8.95
N HIS B 97 22.81 -20.66 7.74
CA HIS B 97 24.16 -21.18 7.55
C HIS B 97 25.14 -20.04 7.35
N LEU B 98 24.77 -19.04 6.57
CA LEU B 98 25.68 -17.92 6.34
C LEU B 98 25.80 -16.98 7.53
N PHE B 99 24.68 -16.73 8.22
CA PHE B 99 24.69 -15.80 9.32
C PHE B 99 24.40 -16.37 10.69
N GLY B 100 24.48 -17.69 10.81
CA GLY B 100 24.25 -18.33 12.09
C GLY B 100 25.38 -19.28 12.43
N PRO B 101 25.08 -20.53 12.84
CA PRO B 101 23.76 -21.11 13.02
C PRO B 101 23.01 -20.47 14.19
N LYS B 102 21.68 -20.57 14.17
CA LYS B 102 20.87 -19.98 15.23
C LYS B 102 21.34 -20.46 16.60
N ASN B 103 21.63 -19.49 17.47
CA ASN B 103 22.13 -19.75 18.82
C ASN B 103 23.39 -20.59 18.77
N SER B 104 24.50 -19.91 18.47
CA SER B 104 25.82 -20.52 18.37
C SER B 104 26.86 -19.43 18.50
N ASP B 105 28.05 -19.81 18.99
CA ASP B 105 29.14 -18.85 19.12
C ASP B 105 29.58 -18.37 17.73
N ASP B 106 29.17 -19.08 16.69
CA ASP B 106 29.51 -18.68 15.33
C ASP B 106 28.48 -17.67 14.81
N ALA B 107 27.30 -17.67 15.42
CA ALA B 107 26.20 -16.78 15.02
C ALA B 107 26.68 -15.35 14.80
N TYR B 108 26.09 -14.67 13.81
CA TYR B 108 26.48 -13.29 13.58
C TYR B 108 26.16 -12.51 14.85
N ASP B 109 26.94 -11.47 15.10
CA ASP B 109 26.77 -10.67 16.28
C ASP B 109 25.50 -9.81 16.27
N VAL B 110 25.24 -9.14 15.16
CA VAL B 110 24.05 -8.29 15.07
C VAL B 110 23.42 -8.39 13.70
N VAL B 111 22.11 -8.47 13.67
CA VAL B 111 21.35 -8.50 12.43
C VAL B 111 20.24 -7.45 12.57
N PHE B 112 20.26 -6.45 11.68
CA PHE B 112 19.23 -5.40 11.64
C PHE B 112 18.37 -5.85 10.45
N ASP B 113 17.16 -6.33 10.70
CA ASP B 113 16.27 -6.77 9.61
C ASP B 113 15.29 -5.63 9.37
N LEU B 114 15.31 -5.09 8.16
CA LEU B 114 14.51 -3.94 7.78
C LEU B 114 13.14 -4.28 7.19
N HIS B 115 12.10 -3.69 7.77
CA HIS B 115 10.72 -3.90 7.34
C HIS B 115 9.99 -2.58 7.14
N ASN B 116 8.83 -2.65 6.50
CA ASN B 116 7.97 -1.49 6.27
C ASN B 116 6.54 -1.87 6.64
N THR B 117 5.77 -0.88 7.07
CA THR B 117 4.36 -1.14 7.39
C THR B 117 3.48 -0.07 6.77
N THR B 118 2.25 -0.46 6.41
CA THR B 118 1.26 0.44 5.86
C THR B 118 0.51 1.18 7.00
N SER B 119 0.77 0.81 8.25
CA SER B 119 0.11 1.44 9.41
C SER B 119 0.84 2.72 9.85
N ASN B 120 0.13 3.67 10.46
CA ASN B 120 0.73 4.94 10.92
C ASN B 120 1.50 4.71 12.22
N MSE B 121 2.66 4.06 12.11
CA MSE B 121 3.43 3.74 13.31
C MSE B 121 4.62 4.65 13.56
O MSE B 121 5.05 4.82 14.71
CB MSE B 121 3.91 2.27 13.26
CG MSE B 121 2.75 1.26 13.23
SE MSE B 121 3.23 -0.64 13.18
CE MSE B 121 4.04 -0.86 14.94
N GLY B 122 5.15 5.26 12.49
CA GLY B 122 6.32 6.11 12.65
C GLY B 122 7.57 5.27 12.86
N CYS B 123 8.66 5.91 13.30
CA CYS B 123 9.93 5.26 13.57
C CYS B 123 9.71 4.22 14.69
N THR B 124 9.99 2.95 14.41
CA THR B 124 9.76 1.89 15.41
C THR B 124 10.92 0.89 15.48
N LEU B 125 11.27 0.49 16.70
CA LEU B 125 12.33 -0.47 16.99
C LEU B 125 11.73 -1.72 17.64
N ILE B 126 12.30 -2.89 17.35
CA ILE B 126 11.80 -4.15 17.92
C ILE B 126 12.86 -4.86 18.74
N LEU B 127 12.49 -5.18 19.98
CA LEU B 127 13.36 -5.82 20.95
C LEU B 127 12.84 -7.23 21.23
N GLY B 128 13.69 -8.24 21.09
CA GLY B 128 13.24 -9.59 21.33
C GLY B 128 13.69 -10.13 22.69
N ASP B 129 13.95 -9.25 23.65
CA ASP B 129 14.39 -9.67 24.98
C ASP B 129 14.51 -8.49 25.94
N SER B 130 13.58 -8.40 26.89
CA SER B 130 13.58 -7.30 27.85
C SER B 130 14.82 -7.38 28.74
N GLY B 131 15.45 -8.54 28.75
CA GLY B 131 16.65 -8.70 29.56
C GLY B 131 17.94 -8.39 28.81
N ASN B 132 17.84 -7.83 27.61
CA ASN B 132 19.06 -7.54 26.84
C ASN B 132 19.52 -6.12 27.13
N ASP B 133 20.46 -5.96 28.05
CA ASP B 133 20.93 -4.62 28.40
C ASP B 133 21.64 -3.92 27.25
N PHE B 134 22.35 -4.67 26.42
CA PHE B 134 23.08 -4.06 25.29
C PHE B 134 22.08 -3.40 24.33
N LEU B 135 20.99 -4.11 24.03
CA LEU B 135 19.97 -3.57 23.12
C LEU B 135 19.13 -2.47 23.73
N ILE B 136 18.93 -2.50 25.04
CA ILE B 136 18.15 -1.42 25.66
C ILE B 136 18.97 -0.13 25.57
N GLN B 137 20.27 -0.26 25.79
CA GLN B 137 21.17 0.90 25.69
C GLN B 137 21.23 1.42 24.23
N MSE B 138 21.30 0.52 23.26
CA MSE B 138 21.33 0.95 21.86
C MSE B 138 20.02 1.70 21.55
O MSE B 138 20.01 2.75 20.87
CB MSE B 138 21.41 -0.26 20.91
CG MSE B 138 21.40 0.13 19.42
SE MSE B 138 21.25 -1.38 18.23
CE MSE B 138 22.91 -2.26 18.71
N PHE B 139 18.91 1.14 21.99
CA PHE B 139 17.60 1.76 21.72
C PHE B 139 17.48 3.11 22.41
N HIS B 140 17.89 3.18 23.68
CA HIS B 140 17.83 4.46 24.39
C HIS B 140 18.70 5.48 23.62
N TYR B 141 19.89 5.04 23.21
CA TYR B 141 20.80 5.91 22.44
C TYR B 141 20.13 6.42 21.15
N ILE B 142 19.40 5.55 20.47
CA ILE B 142 18.75 5.95 19.22
C ILE B 142 17.64 6.97 19.46
N LYS B 143 16.78 6.67 20.42
CA LYS B 143 15.67 7.57 20.76
C LYS B 143 16.20 8.96 21.14
N THR B 144 17.23 8.97 21.98
CA THR B 144 17.84 10.19 22.45
C THR B 144 18.45 11.00 21.32
N CYS B 145 19.13 10.31 20.41
CA CYS B 145 19.77 11.02 19.30
C CYS B 145 18.80 11.53 18.27
N MSE B 146 17.70 10.81 18.08
CA MSE B 146 16.71 11.20 17.11
C MSE B 146 15.70 12.22 17.64
O MSE B 146 14.95 12.79 16.85
CB MSE B 146 15.96 9.97 16.59
CG MSE B 146 16.85 9.05 15.81
SE MSE B 146 15.86 7.71 14.87
CE MSE B 146 15.05 8.83 13.50
N ALA B 147 15.70 12.43 18.95
CA ALA B 147 14.78 13.38 19.56
C ALA B 147 14.84 14.72 18.80
N PRO B 148 13.69 15.42 18.65
CA PRO B 148 12.37 15.01 19.15
C PRO B 148 11.59 14.06 18.21
N LEU B 149 12.22 13.60 17.14
CA LEU B 149 11.53 12.66 16.25
C LEU B 149 11.37 11.33 17.00
N PRO B 150 10.14 10.92 17.30
CA PRO B 150 9.83 9.66 18.02
C PRO B 150 10.40 8.41 17.35
N CYS B 151 10.77 7.42 18.16
CA CYS B 151 11.32 6.14 17.67
C CYS B 151 10.86 5.07 18.66
N SER B 152 9.57 4.72 18.57
CA SER B 152 8.89 3.77 19.45
C SER B 152 9.50 2.40 19.58
N VAL B 153 9.36 1.81 20.77
CA VAL B 153 9.90 0.47 21.00
C VAL B 153 8.79 -0.55 21.26
N TYR B 154 8.72 -1.55 20.37
CA TYR B 154 7.74 -2.61 20.48
C TYR B 154 8.44 -3.83 21.09
N LEU B 155 8.00 -4.21 22.29
CA LEU B 155 8.56 -5.35 23.03
C LEU B 155 7.68 -6.55 22.76
N ILE B 156 8.25 -7.55 22.08
CA ILE B 156 7.54 -8.79 21.72
C ILE B 156 8.44 -9.89 22.25
N GLU B 157 8.17 -10.35 23.47
CA GLU B 157 9.05 -11.32 24.08
C GLU B 157 8.55 -12.70 24.53
N HIS B 158 7.52 -12.71 25.37
CA HIS B 158 6.98 -13.96 25.92
C HIS B 158 7.24 -15.20 25.07
N PRO B 159 8.30 -15.97 25.40
CA PRO B 159 8.75 -17.20 24.73
C PRO B 159 7.69 -18.15 24.18
N SER B 160 6.42 -17.91 24.50
CA SER B 160 5.34 -18.76 24.00
C SER B 160 4.95 -18.31 22.60
N LEU B 161 5.57 -17.23 22.13
CA LEU B 161 5.27 -16.68 20.81
C LEU B 161 6.48 -15.98 20.18
N LYS B 162 7.64 -16.10 20.81
CA LYS B 162 8.85 -15.49 20.30
C LYS B 162 9.92 -16.53 20.03
N TYR B 163 10.02 -17.01 18.79
CA TYR B 163 11.04 -18.00 18.47
C TYR B 163 11.15 -18.36 16.99
N ALA B 164 10.91 -17.40 16.11
CA ALA B 164 11.03 -17.69 14.68
C ALA B 164 11.08 -16.43 13.82
N THR B 165 12.30 -16.02 13.46
CA THR B 165 12.54 -14.86 12.60
C THR B 165 13.94 -14.90 12.00
N THR B 166 14.07 -14.23 10.86
CA THR B 166 15.32 -14.13 10.13
C THR B 166 16.44 -13.53 10.98
N ARG B 167 16.09 -12.57 11.83
CA ARG B 167 17.07 -11.90 12.66
C ARG B 167 17.30 -12.60 14.00
N SER B 168 16.50 -13.62 14.29
CA SER B 168 16.61 -14.35 15.57
C SER B 168 17.83 -15.26 15.69
N ILE B 169 18.64 -15.30 14.64
CA ILE B 169 19.87 -16.09 14.70
C ILE B 169 20.98 -15.17 15.23
N ALA B 170 20.74 -13.87 15.16
CA ALA B 170 21.72 -12.89 15.61
C ALA B 170 22.03 -13.00 17.10
N LYS B 171 23.31 -12.89 17.44
CA LYS B 171 23.65 -12.89 18.84
C LYS B 171 22.96 -11.63 19.37
N TYR B 172 22.72 -10.67 18.48
CA TYR B 172 22.06 -9.42 18.82
C TYR B 172 21.12 -8.99 17.70
N PRO B 173 19.91 -9.57 17.66
CA PRO B 173 18.91 -9.24 16.64
C PRO B 173 18.28 -7.87 16.92
N VAL B 174 17.81 -7.21 15.86
CA VAL B 174 17.14 -5.92 15.98
C VAL B 174 16.17 -5.75 14.84
N GLY B 175 14.93 -5.44 15.14
CA GLY B 175 13.97 -5.22 14.07
C GLY B 175 13.84 -3.72 13.89
N ILE B 176 13.96 -3.25 12.64
CA ILE B 176 13.81 -1.81 12.36
C ILE B 176 12.65 -1.60 11.38
N GLU B 177 11.47 -1.43 11.96
CA GLU B 177 10.24 -1.24 11.20
C GLU B 177 10.21 0.20 10.72
N VAL B 178 9.54 0.45 9.60
CA VAL B 178 9.43 1.83 9.13
C VAL B 178 8.19 1.92 8.25
N GLY B 179 7.25 2.74 8.70
CA GLY B 179 6.02 2.98 7.97
C GLY B 179 5.43 4.23 8.57
N PRO B 180 4.24 4.62 8.12
CA PRO B 180 3.44 3.94 7.09
C PRO B 180 3.91 4.15 5.65
N GLN B 181 3.80 3.09 4.85
CA GLN B 181 4.18 3.13 3.43
C GLN B 181 3.49 2.01 2.65
N PRO B 182 2.69 2.37 1.62
CA PRO B 182 2.03 1.31 0.85
C PRO B 182 3.11 0.31 0.38
N HIS B 183 2.85 -1.00 0.46
CA HIS B 183 3.87 -1.91 -0.02
C HIS B 183 4.03 -1.68 -1.52
N GLY B 184 5.25 -1.83 -2.02
CA GLY B 184 5.51 -1.61 -3.44
C GLY B 184 5.66 -0.14 -3.79
N VAL B 185 5.87 0.70 -2.78
CA VAL B 185 6.04 2.16 -2.97
C VAL B 185 7.30 2.67 -2.23
N LEU B 186 8.01 3.62 -2.86
CA LEU B 186 9.17 4.24 -2.21
C LEU B 186 8.88 5.72 -1.89
N ARG B 187 8.87 6.06 -0.60
CA ARG B 187 8.66 7.43 -0.13
C ARG B 187 10.02 7.91 0.37
N ALA B 188 10.53 9.00 -0.20
CA ALA B 188 11.83 9.52 0.20
C ALA B 188 11.94 9.79 1.70
N ASP B 189 10.84 10.24 2.29
CA ASP B 189 10.83 10.52 3.72
C ASP B 189 11.07 9.28 4.56
N ILE B 190 10.45 8.15 4.18
CA ILE B 190 10.61 6.90 4.92
C ILE B 190 12.04 6.37 4.74
N LEU B 191 12.57 6.52 3.53
CA LEU B 191 13.95 6.09 3.26
C LEU B 191 14.93 6.86 4.16
N ASP B 192 14.71 8.18 4.28
CA ASP B 192 15.60 8.99 5.10
C ASP B 192 15.52 8.61 6.57
N GLN B 193 14.32 8.23 7.03
CA GLN B 193 14.15 7.86 8.43
C GLN B 193 14.82 6.50 8.71
N MSE B 194 14.57 5.52 7.84
CA MSE B 194 15.19 4.20 8.04
C MSE B 194 16.73 4.36 8.08
O MSE B 194 17.41 3.70 8.86
CB MSE B 194 14.79 3.22 6.92
CG MSE B 194 15.23 1.77 7.22
SE MSE B 194 14.79 0.41 5.92
CE MSE B 194 12.99 -0.09 6.46
N ARG B 195 17.25 5.26 7.25
CA ARG B 195 18.69 5.50 7.19
C ARG B 195 19.20 6.17 8.47
N ARG B 196 18.42 7.10 9.01
CA ARG B 196 18.86 7.79 10.24
C ARG B 196 18.84 6.83 11.41
N MSE B 197 17.89 5.90 11.43
CA MSE B 197 17.83 4.94 12.53
C MSE B 197 19.07 4.07 12.47
O MSE B 197 19.71 3.78 13.50
CB MSE B 197 16.58 4.05 12.40
CG MSE B 197 15.27 4.81 12.58
SE MSE B 197 13.68 3.74 12.35
CE MSE B 197 12.64 4.83 11.11
N LEU B 198 19.42 3.65 11.27
CA LEU B 198 20.60 2.79 11.10
C LEU B 198 21.88 3.59 11.33
N LYS B 199 21.84 4.87 11.04
CA LYS B 199 23.02 5.70 11.24
C LYS B 199 23.35 5.78 12.72
N HIS B 200 22.32 6.01 13.54
CA HIS B 200 22.55 6.11 15.00
C HIS B 200 22.85 4.76 15.64
N ALA B 201 22.37 3.66 15.04
CA ALA B 201 22.64 2.33 15.61
C ALA B 201 24.07 1.90 15.32
N LEU B 202 24.47 1.93 14.04
CA LEU B 202 25.84 1.53 13.70
C LEU B 202 26.87 2.39 14.44
N ASP B 203 26.55 3.66 14.66
CA ASP B 203 27.44 4.56 15.39
C ASP B 203 27.54 4.06 16.84
N PHE B 204 26.40 3.64 17.39
CA PHE B 204 26.37 3.12 18.75
C PHE B 204 27.36 1.97 18.90
N ILE B 205 27.35 1.05 17.94
CA ILE B 205 28.25 -0.08 18.01
C ILE B 205 29.74 0.35 18.01
N GLN B 206 30.08 1.30 17.15
CA GLN B 206 31.47 1.73 17.12
C GLN B 206 31.82 2.46 18.41
N ARG B 207 30.88 3.21 18.97
CA ARG B 207 31.14 3.93 20.23
C ARG B 207 31.25 2.97 21.40
N PHE B 208 30.27 2.07 21.54
CA PHE B 208 30.29 1.08 22.62
C PHE B 208 31.67 0.44 22.61
N ASN B 209 32.27 0.35 21.42
CA ASN B 209 33.61 -0.23 21.30
C ASN B 209 34.64 0.76 21.83
N GLU B 210 34.66 1.95 21.24
CA GLU B 210 35.63 2.98 21.63
C GLU B 210 35.72 3.29 23.13
N GLY B 211 34.86 2.63 23.91
CA GLY B 211 34.91 2.84 25.35
C GLY B 211 34.07 3.97 25.88
N LYS B 212 33.13 4.49 25.10
CA LYS B 212 32.31 5.57 25.63
C LYS B 212 31.27 4.91 26.52
N GLU B 213 31.74 4.12 27.47
CA GLU B 213 30.90 3.42 28.43
C GLU B 213 29.60 4.20 28.66
N PHE B 214 28.48 3.49 28.66
CA PHE B 214 27.19 4.14 28.82
C PHE B 214 26.61 4.06 30.22
N PRO B 215 26.02 5.17 30.69
CA PRO B 215 25.42 5.24 32.03
C PRO B 215 24.16 4.37 32.11
N PRO B 216 23.71 4.04 33.33
CA PRO B 216 22.50 3.21 33.51
C PRO B 216 21.25 3.98 33.02
N CYS B 217 20.28 3.28 32.43
CA CYS B 217 19.05 3.93 31.98
C CYS B 217 17.98 2.99 31.45
N ALA B 218 16.75 3.46 31.50
CA ALA B 218 15.62 2.68 31.01
C ALA B 218 14.94 3.32 29.79
N ILE B 219 14.03 2.57 29.20
CA ILE B 219 13.26 3.05 28.04
C ILE B 219 11.82 2.67 28.19
N ASP B 220 10.97 3.47 27.55
CA ASP B 220 9.54 3.22 27.53
C ASP B 220 9.35 2.27 26.36
N VAL B 221 8.60 1.18 26.58
CA VAL B 221 8.34 0.22 25.51
C VAL B 221 6.88 -0.18 25.52
N TYR B 222 6.49 -0.82 24.41
CA TYR B 222 5.13 -1.30 24.21
C TYR B 222 5.27 -2.83 24.16
N LYS B 223 4.65 -3.51 25.14
CA LYS B 223 4.72 -4.97 25.23
C LYS B 223 3.51 -5.66 24.66
N ILE B 224 3.74 -6.58 23.72
CA ILE B 224 2.64 -7.29 23.08
C ILE B 224 1.78 -8.03 24.09
N MSE B 225 0.47 -7.87 23.97
CA MSE B 225 -0.46 -8.57 24.86
C MSE B 225 -1.08 -9.68 24.00
O MSE B 225 -0.87 -10.85 24.26
CB MSE B 225 -1.57 -7.65 25.38
CG MSE B 225 -1.18 -6.61 26.43
SE MSE B 225 -2.63 -5.34 26.80
CE MSE B 225 -3.36 -6.22 28.35
N GLU B 226 -1.85 -9.27 22.97
CA GLU B 226 -2.50 -10.22 22.07
C GLU B 226 -3.01 -9.54 20.80
N LYS B 227 -3.14 -10.32 19.73
CA LYS B 227 -3.62 -9.85 18.42
C LYS B 227 -5.15 -9.86 18.39
N VAL B 228 -5.75 -8.86 17.76
CA VAL B 228 -7.20 -8.78 17.64
C VAL B 228 -7.56 -8.96 16.17
N ASP B 229 -8.31 -10.02 15.87
CA ASP B 229 -8.67 -10.26 14.49
C ASP B 229 -9.81 -9.36 14.05
N TYR B 230 -10.21 -9.51 12.79
CA TYR B 230 -11.32 -8.76 12.24
C TYR B 230 -12.57 -9.59 12.47
N PRO B 231 -13.67 -8.98 12.91
CA PRO B 231 -14.85 -9.83 13.07
C PRO B 231 -15.11 -10.27 11.63
N ARG B 232 -15.42 -11.53 11.42
CA ARG B 232 -15.64 -12.01 10.06
C ARG B 232 -16.95 -12.75 9.96
N ASN B 233 -17.57 -12.70 8.78
CA ASN B 233 -18.84 -13.38 8.57
C ASN B 233 -18.65 -14.88 8.60
N GLU B 234 -19.72 -15.62 8.86
CA GLU B 234 -19.66 -17.07 8.92
C GLU B 234 -18.83 -17.53 7.73
N SER B 235 -18.90 -16.75 6.65
CA SER B 235 -18.16 -17.03 5.42
C SER B 235 -16.67 -17.13 5.67
N GLY B 236 -16.02 -15.97 5.78
CA GLY B 236 -14.59 -15.92 5.99
C GLY B 236 -14.05 -14.50 5.81
N ASP B 237 -14.76 -13.71 5.01
CA ASP B 237 -14.37 -12.32 4.77
C ASP B 237 -14.84 -11.44 5.93
N VAL B 238 -14.15 -10.32 6.15
CA VAL B 238 -14.50 -9.41 7.24
C VAL B 238 -15.91 -8.81 7.06
N ALA B 239 -16.48 -8.29 8.13
CA ALA B 239 -17.82 -7.68 8.11
C ALA B 239 -17.83 -6.25 8.65
N ALA B 240 -16.67 -5.61 8.70
CA ALA B 240 -16.56 -4.24 9.21
C ALA B 240 -15.16 -3.67 8.93
N VAL B 241 -15.04 -2.34 9.01
CA VAL B 241 -13.77 -1.68 8.73
C VAL B 241 -13.28 -0.76 9.86
N ILE B 242 -11.96 -0.76 10.05
CA ILE B 242 -11.33 0.06 11.08
C ILE B 242 -11.99 1.42 11.17
N HIS B 243 -12.47 1.75 12.37
CA HIS B 243 -13.16 3.00 12.61
C HIS B 243 -12.26 4.19 12.30
N PRO B 244 -12.81 5.24 11.67
CA PRO B 244 -12.02 6.43 11.32
C PRO B 244 -11.19 7.00 12.45
N ASN B 245 -11.79 7.10 13.64
CA ASN B 245 -11.11 7.65 14.81
C ASN B 245 -9.91 6.78 15.21
N LEU B 246 -9.97 5.48 14.94
CA LEU B 246 -8.85 4.60 15.27
C LEU B 246 -7.84 4.63 14.11
N GLN B 247 -8.35 4.69 12.89
CA GLN B 247 -7.45 4.74 11.72
C GLN B 247 -6.27 5.69 11.93
N ASP B 248 -5.06 5.17 11.70
CA ASP B 248 -3.81 5.92 11.82
C ASP B 248 -3.42 6.30 13.27
N GLN B 249 -4.13 5.75 14.27
CA GLN B 249 -3.84 6.13 15.66
C GLN B 249 -3.01 5.12 16.47
N ASP B 250 -1.99 4.55 15.82
CA ASP B 250 -1.09 3.61 16.49
C ASP B 250 -0.41 4.31 17.67
N TRP B 251 -0.31 3.58 18.78
CA TRP B 251 0.34 4.02 20.03
C TRP B 251 -0.53 4.80 21.01
N LYS B 252 -1.61 5.42 20.55
CA LYS B 252 -2.47 6.22 21.43
C LYS B 252 -3.44 5.36 22.24
N PRO B 253 -3.44 5.52 23.58
CA PRO B 253 -4.32 4.75 24.47
C PRO B 253 -5.76 4.66 23.99
N LEU B 254 -6.34 3.46 24.12
CA LEU B 254 -7.73 3.20 23.75
C LEU B 254 -8.50 2.86 25.02
N HIS B 255 -9.74 3.31 25.11
CA HIS B 255 -10.57 3.05 26.27
C HIS B 255 -11.75 2.14 25.89
N PRO B 256 -12.17 1.26 26.81
CA PRO B 256 -13.27 0.32 26.60
C PRO B 256 -14.42 0.82 25.69
N GLY B 257 -14.81 2.08 25.86
CA GLY B 257 -15.92 2.60 25.05
C GLY B 257 -15.54 3.30 23.75
N ASP B 258 -14.25 3.31 23.40
CA ASP B 258 -13.83 3.98 22.16
C ASP B 258 -14.13 3.08 20.97
N PRO B 259 -14.55 3.70 19.85
CA PRO B 259 -14.88 2.97 18.62
C PRO B 259 -13.65 2.39 17.93
N VAL B 260 -13.70 1.09 17.60
CA VAL B 260 -12.58 0.42 16.96
C VAL B 260 -12.90 -0.10 15.55
N PHE B 261 -14.08 -0.68 15.36
CA PHE B 261 -14.50 -1.18 14.02
C PHE B 261 -15.86 -0.55 13.70
N VAL B 262 -16.22 -0.59 12.41
CA VAL B 262 -17.51 -0.08 11.96
C VAL B 262 -17.92 -0.86 10.72
N SER B 263 -19.19 -1.27 10.64
CA SER B 263 -19.67 -2.00 9.48
C SER B 263 -20.16 -1.05 8.40
N LEU B 264 -20.40 -1.58 7.21
CA LEU B 264 -20.90 -0.71 6.15
C LEU B 264 -22.30 -0.23 6.48
N ASP B 265 -22.96 -0.94 7.40
CA ASP B 265 -24.31 -0.56 7.79
C ASP B 265 -24.17 0.63 8.73
N GLY B 266 -22.96 0.83 9.24
CA GLY B 266 -22.68 1.93 10.13
C GLY B 266 -22.69 1.61 11.63
N LYS B 267 -22.82 0.34 12.01
CA LYS B 267 -22.82 -0.04 13.43
C LYS B 267 -21.39 0.21 13.93
N VAL B 268 -21.23 0.64 15.18
CA VAL B 268 -19.90 0.89 15.73
C VAL B 268 -19.61 -0.08 16.85
N ILE B 269 -18.47 -0.77 16.74
CA ILE B 269 -18.07 -1.76 17.74
C ILE B 269 -16.96 -1.15 18.59
N PRO B 270 -17.25 -0.89 19.87
CA PRO B 270 -16.23 -0.31 20.76
C PRO B 270 -15.22 -1.30 21.28
N LEU B 271 -14.11 -0.78 21.82
CA LEU B 271 -13.04 -1.61 22.35
C LEU B 271 -13.50 -2.68 23.33
N GLY B 272 -14.31 -2.30 24.31
CA GLY B 272 -14.76 -3.28 25.29
C GLY B 272 -13.72 -3.48 26.38
N GLY B 273 -13.79 -4.63 27.07
CA GLY B 273 -12.83 -4.90 28.13
C GLY B 273 -12.88 -3.91 29.27
N ASP B 274 -11.93 -4.01 30.19
CA ASP B 274 -11.89 -3.11 31.34
C ASP B 274 -10.58 -2.34 31.47
N CYS B 275 -9.74 -2.42 30.44
CA CYS B 275 -8.47 -1.72 30.52
C CYS B 275 -8.16 -0.90 29.28
N THR B 276 -7.42 0.18 29.49
CA THR B 276 -7.00 1.05 28.38
C THR B 276 -5.74 0.41 27.80
N VAL B 277 -5.73 0.14 26.50
CA VAL B 277 -4.56 -0.47 25.84
C VAL B 277 -3.98 0.47 24.77
N TYR B 278 -2.87 0.06 24.18
CA TYR B 278 -2.22 0.84 23.14
C TYR B 278 -2.27 -0.01 21.89
N PRO B 279 -2.81 0.55 20.80
CA PRO B 279 -2.92 -0.21 19.56
C PRO B 279 -1.73 -0.02 18.64
N VAL B 280 -1.22 -1.13 18.11
CA VAL B 280 -0.12 -1.06 17.16
C VAL B 280 -0.48 -1.90 15.93
N PHE B 281 0.28 -1.70 14.85
CA PHE B 281 0.06 -2.38 13.58
C PHE B 281 -1.41 -2.31 13.17
N VAL B 282 -2.02 -1.15 13.39
CA VAL B 282 -3.42 -0.93 13.03
C VAL B 282 -3.62 -0.99 11.52
N ASN B 283 -4.51 -1.88 11.09
CA ASN B 283 -4.81 -1.97 9.65
C ASN B 283 -3.58 -2.18 8.76
N GLU B 284 -2.78 -3.21 9.05
CA GLU B 284 -1.60 -3.54 8.23
C GLU B 284 -2.05 -4.53 7.16
N ALA B 285 -1.76 -4.21 5.91
CA ALA B 285 -2.17 -5.06 4.78
C ALA B 285 -1.78 -6.54 4.88
N ALA B 286 -0.52 -6.80 5.24
CA ALA B 286 -0.02 -8.16 5.33
C ALA B 286 -0.71 -9.00 6.40
N TYR B 287 -1.34 -8.33 7.36
CA TYR B 287 -1.97 -9.02 8.46
C TYR B 287 -3.45 -9.37 8.28
N TYR B 288 -4.03 -9.05 7.13
CA TYR B 288 -5.44 -9.43 6.92
C TYR B 288 -5.52 -10.98 6.96
N GLU B 289 -4.49 -11.63 6.46
CA GLU B 289 -4.53 -13.09 6.44
C GLU B 289 -4.04 -13.70 7.75
N LYS B 290 -3.19 -12.99 8.49
CA LYS B 290 -2.69 -13.49 9.77
C LYS B 290 -3.76 -13.33 10.84
N LYS B 291 -4.82 -12.61 10.49
CA LYS B 291 -5.94 -12.35 11.38
C LYS B 291 -5.54 -11.40 12.50
N GLU B 292 -5.10 -10.20 12.12
CA GLU B 292 -4.71 -9.19 13.09
C GLU B 292 -5.10 -7.78 12.60
N ALA B 293 -6.25 -7.28 13.05
CA ALA B 293 -6.71 -5.95 12.69
C ALA B 293 -5.72 -4.96 13.34
N PHE B 294 -5.23 -5.34 14.52
CA PHE B 294 -4.23 -4.59 15.27
C PHE B 294 -3.75 -5.47 16.44
N ALA B 295 -2.65 -5.07 17.08
CA ALA B 295 -2.13 -5.84 18.21
C ALA B 295 -2.28 -5.03 19.48
N LYS B 296 -2.75 -5.67 20.55
CA LYS B 296 -2.88 -4.97 21.83
C LYS B 296 -1.58 -5.11 22.60
N THR B 297 -1.05 -3.99 23.09
CA THR B 297 0.18 -4.02 23.85
C THR B 297 -0.01 -3.22 25.13
N THR B 298 0.86 -3.47 26.10
CA THR B 298 0.88 -2.75 27.36
C THR B 298 2.11 -1.86 27.40
N LYS B 299 1.96 -0.68 27.99
CA LYS B 299 3.05 0.29 28.08
C LYS B 299 3.75 0.22 29.44
N LEU B 300 5.07 0.04 29.43
CA LEU B 300 5.84 -0.05 30.68
C LEU B 300 7.28 0.43 30.51
N THR B 301 8.06 0.34 31.58
CA THR B 301 9.46 0.78 31.51
C THR B 301 10.44 -0.40 31.58
N LEU B 302 11.57 -0.27 30.91
CA LEU B 302 12.59 -1.33 30.97
C LEU B 302 13.93 -0.75 31.36
N ASN B 303 14.43 -1.06 32.55
CA ASN B 303 15.73 -0.52 32.94
C ASN B 303 16.88 -1.32 32.33
N ALA B 304 18.04 -0.67 32.21
CA ALA B 304 19.23 -1.32 31.69
C ALA B 304 20.44 -0.93 32.53
N LYS B 305 21.16 -1.94 32.98
CA LYS B 305 22.37 -1.69 33.77
C LYS B 305 23.35 -0.90 32.90
N SER B 306 24.22 -0.12 33.53
CA SER B 306 25.24 0.62 32.81
C SER B 306 26.02 -0.45 32.04
N ILE B 307 26.57 -0.12 30.86
CA ILE B 307 27.35 -1.09 30.10
C ILE B 307 28.62 -0.46 29.54
N ARG B 308 29.53 -1.33 29.08
CA ARG B 308 30.79 -0.91 28.46
C ARG B 308 31.35 -2.13 27.76
N SER B 309 32.44 -1.93 27.02
CA SER B 309 33.08 -3.03 26.31
C SER B 309 34.22 -3.53 27.20
N THR B 310 34.56 -4.81 27.07
CA THR B 310 35.66 -5.39 27.85
C THR B 310 36.98 -4.73 27.46
ZN ZN C . -6.36 1.24 -11.23
S SO4 D . -12.16 -1.56 -29.67
O1 SO4 D . -12.64 -0.65 -28.62
O2 SO4 D . -13.10 -2.67 -29.86
O3 SO4 D . -12.04 -0.81 -30.95
O4 SO4 D . -10.83 -2.09 -29.31
S SO4 E . -23.51 13.36 0.95
O1 SO4 E . -23.08 14.31 2.01
O2 SO4 E . -24.79 13.80 0.40
O3 SO4 E . -22.48 13.32 -0.11
O4 SO4 E . -23.65 12.02 1.55
S SO4 F . 1.11 -9.28 -4.78
O1 SO4 F . 1.14 -7.95 -5.41
O2 SO4 F . -0.05 -10.06 -5.27
O3 SO4 F . 2.34 -10.02 -5.13
O4 SO4 F . 1.00 -9.12 -3.32
ZN ZN G . 6.87 -7.52 6.67
S SO4 H . 5.78 -10.37 10.62
O1 SO4 H . 4.55 -10.72 11.34
O2 SO4 H . 6.17 -11.48 9.73
O3 SO4 H . 5.58 -9.14 9.82
O4 SO4 H . 6.86 -10.13 11.61
S SO4 I . 20.77 13.60 13.06
O1 SO4 I . 19.57 13.17 13.79
O2 SO4 I . 20.87 12.86 11.79
O3 SO4 I . 20.70 15.05 12.77
O4 SO4 I . 21.98 13.34 13.86
N CYS A 4 -30.04 22.39 -26.51
CA CYS A 4 -30.24 21.25 -25.58
C CYS A 4 -29.94 19.93 -26.26
N VAL A 5 -28.85 19.29 -25.84
CA VAL A 5 -28.44 18.01 -26.40
C VAL A 5 -29.49 16.93 -26.20
N ALA A 6 -29.75 16.16 -27.26
CA ALA A 6 -30.72 15.07 -27.22
C ALA A 6 -30.03 13.81 -26.68
N GLU A 7 -30.66 13.18 -25.69
CA GLU A 7 -30.09 11.98 -25.08
C GLU A 7 -31.11 10.89 -24.78
N GLU A 8 -30.73 9.64 -25.08
CA GLU A 8 -31.60 8.49 -24.84
C GLU A 8 -31.60 8.14 -23.34
N PRO A 9 -32.75 7.70 -22.81
CA PRO A 9 -32.76 7.35 -21.38
C PRO A 9 -31.87 6.16 -21.05
N ILE A 10 -31.34 6.13 -19.83
CA ILE A 10 -30.48 5.06 -19.37
C ILE A 10 -31.38 3.90 -18.93
N LYS A 11 -30.93 2.68 -19.16
CA LYS A 11 -31.73 1.53 -18.77
C LYS A 11 -31.00 0.52 -17.87
N LYS A 12 -29.76 0.20 -18.22
CA LYS A 12 -28.99 -0.79 -17.47
C LYS A 12 -27.66 -0.20 -17.02
N ILE A 13 -27.42 -0.27 -15.72
CA ILE A 13 -26.23 0.26 -15.10
C ILE A 13 -25.36 -0.88 -14.61
N ALA A 14 -24.04 -0.69 -14.67
CA ALA A 14 -23.10 -1.68 -14.20
C ALA A 14 -22.12 -0.99 -13.26
N ILE A 15 -21.96 -1.51 -12.04
CA ILE A 15 -20.97 -0.96 -11.11
C ILE A 15 -19.98 -2.11 -10.93
N PHE A 16 -18.75 -1.93 -11.40
CA PHE A 16 -17.75 -2.99 -11.26
C PHE A 16 -16.79 -2.75 -10.09
N GLY A 17 -16.27 -3.84 -9.54
CA GLY A 17 -15.32 -3.77 -8.44
C GLY A 17 -14.40 -4.95 -8.59
N GLY A 18 -13.16 -4.83 -8.14
CA GLY A 18 -12.23 -5.95 -8.24
C GLY A 18 -11.61 -6.17 -9.62
N THR A 19 -11.62 -5.14 -10.48
CA THR A 19 -10.98 -5.25 -11.78
C THR A 19 -9.51 -5.51 -11.46
N HIS A 20 -9.11 -5.00 -10.29
CA HIS A 20 -7.78 -5.23 -9.69
C HIS A 20 -8.14 -5.83 -8.33
N GLY A 21 -7.74 -7.09 -8.14
CA GLY A 21 -8.12 -7.85 -6.97
C GLY A 21 -7.65 -7.40 -5.61
N ASN A 22 -6.68 -6.49 -5.59
CA ASN A 22 -6.10 -5.97 -4.36
C ASN A 22 -6.51 -4.52 -4.08
N GLU A 23 -7.50 -4.02 -4.81
CA GLU A 23 -7.99 -2.65 -4.57
C GLU A 23 -9.35 -2.94 -3.93
N LEU A 24 -9.26 -3.33 -2.66
CA LEU A 24 -10.38 -3.79 -1.85
C LEU A 24 -11.67 -3.01 -1.68
N THR A 25 -11.62 -1.68 -1.74
CA THR A 25 -12.85 -0.92 -1.51
C THR A 25 -13.99 -1.34 -2.43
N GLY A 26 -13.71 -1.43 -3.73
CA GLY A 26 -14.75 -1.81 -4.67
C GLY A 26 -15.17 -3.27 -4.51
N VAL A 27 -14.27 -4.10 -4.00
CA VAL A 27 -14.57 -5.51 -3.79
C VAL A 27 -15.51 -5.61 -2.61
N PHE A 28 -15.02 -5.17 -1.45
CA PHE A 28 -15.79 -5.19 -0.20
C PHE A 28 -17.21 -4.69 -0.43
N LEU A 29 -17.37 -3.58 -1.15
CA LEU A 29 -18.72 -3.05 -1.39
C LEU A 29 -19.54 -3.90 -2.36
N VAL A 30 -19.01 -4.10 -3.56
CA VAL A 30 -19.76 -4.88 -4.52
C VAL A 30 -20.11 -6.24 -3.92
N THR A 31 -19.17 -6.86 -3.21
CA THR A 31 -19.45 -8.13 -2.57
C THR A 31 -20.63 -7.97 -1.62
N HIS A 32 -20.70 -6.83 -0.93
CA HIS A 32 -21.79 -6.55 -0.01
C HIS A 32 -23.09 -6.34 -0.80
N TRP A 33 -23.04 -5.48 -1.81
CA TRP A 33 -24.24 -5.17 -2.61
C TRP A 33 -24.82 -6.38 -3.32
N LEU A 34 -24.00 -7.41 -3.49
CA LEU A 34 -24.50 -8.62 -4.12
C LEU A 34 -25.42 -9.35 -3.15
N LYS A 35 -25.15 -9.18 -1.85
CA LYS A 35 -25.92 -9.82 -0.80
C LYS A 35 -27.14 -8.99 -0.39
N ASN A 36 -26.93 -7.70 -0.18
CA ASN A 36 -28.00 -6.78 0.21
C ASN A 36 -27.80 -5.60 -0.69
N GLY A 37 -28.76 -5.28 -1.57
CA GLY A 37 -28.54 -4.17 -2.48
C GLY A 37 -29.43 -2.94 -2.41
N ALA A 38 -30.09 -2.72 -1.27
CA ALA A 38 -30.98 -1.57 -1.14
C ALA A 38 -30.26 -0.25 -1.44
N GLU A 39 -28.99 -0.17 -1.08
CA GLU A 39 -28.23 1.06 -1.29
C GLU A 39 -28.09 1.47 -2.76
N VAL A 40 -27.97 0.49 -3.66
CA VAL A 40 -27.82 0.84 -5.08
C VAL A 40 -29.10 0.66 -5.87
N HIS A 41 -30.21 0.57 -5.14
CA HIS A 41 -31.51 0.47 -5.79
C HIS A 41 -31.96 1.88 -6.16
N ARG A 42 -32.64 2.00 -7.30
CA ARG A 42 -33.19 3.28 -7.74
C ARG A 42 -34.40 2.99 -8.62
N ALA A 43 -35.42 3.84 -8.54
CA ALA A 43 -36.62 3.66 -9.36
C ALA A 43 -36.28 3.89 -10.84
N GLY A 44 -36.85 3.07 -11.71
CA GLY A 44 -36.61 3.16 -13.15
C GLY A 44 -35.27 2.65 -13.65
N LEU A 45 -34.36 2.31 -12.76
CA LEU A 45 -33.04 1.86 -13.17
C LEU A 45 -32.73 0.43 -12.82
N GLU A 46 -32.00 -0.25 -13.70
CA GLU A 46 -31.58 -1.61 -13.44
C GLU A 46 -30.08 -1.48 -13.13
N VAL A 47 -29.73 -1.70 -11.86
CA VAL A 47 -28.34 -1.58 -11.40
C VAL A 47 -27.78 -2.94 -10.99
N LYS A 48 -26.69 -3.35 -11.64
CA LYS A 48 -26.07 -4.64 -11.35
C LYS A 48 -24.65 -4.54 -10.87
N PRO A 49 -24.41 -4.77 -9.57
CA PRO A 49 -23.05 -4.72 -9.00
C PRO A 49 -22.36 -6.00 -9.51
N PHE A 50 -21.06 -5.96 -9.81
CA PHE A 50 -20.37 -7.15 -10.32
C PHE A 50 -18.87 -7.09 -10.02
N ILE A 51 -18.26 -8.24 -9.68
CA ILE A 51 -16.82 -8.30 -9.39
C ILE A 51 -16.10 -8.77 -10.66
N THR A 52 -15.42 -7.86 -11.35
CA THR A 52 -14.76 -8.20 -12.60
C THR A 52 -13.70 -9.31 -12.56
N ASN A 53 -12.77 -9.25 -11.60
CA ASN A 53 -11.73 -10.27 -11.55
C ASN A 53 -11.79 -11.02 -10.22
N PRO A 54 -12.89 -11.72 -9.92
CA PRO A 54 -12.97 -12.44 -8.64
C PRO A 54 -11.83 -13.42 -8.34
N ARG A 55 -11.25 -14.00 -9.39
CA ARG A 55 -10.13 -14.94 -9.20
C ARG A 55 -8.88 -14.22 -8.69
N ALA A 56 -8.68 -12.97 -9.12
CA ALA A 56 -7.54 -12.18 -8.65
C ALA A 56 -7.89 -11.61 -7.25
N VAL A 57 -9.18 -11.45 -6.97
CA VAL A 57 -9.62 -10.95 -5.66
C VAL A 57 -9.35 -12.00 -4.57
N GLU A 58 -9.58 -13.27 -4.89
CA GLU A 58 -9.37 -14.32 -3.89
C GLU A 58 -7.91 -14.40 -3.43
N LYS A 59 -7.00 -13.91 -4.27
CA LYS A 59 -5.56 -13.90 -3.92
C LYS A 59 -5.10 -12.51 -3.45
N CYS A 60 -6.02 -11.55 -3.47
CA CYS A 60 -5.73 -10.16 -3.12
C CYS A 60 -4.49 -9.74 -3.87
N THR A 61 -4.60 -9.81 -5.20
CA THR A 61 -3.51 -9.46 -6.10
C THR A 61 -4.09 -8.62 -7.25
N ARG A 62 -3.25 -7.85 -7.93
CA ARG A 62 -3.77 -7.01 -9.01
C ARG A 62 -4.34 -7.84 -10.16
N TYR A 63 -3.55 -8.79 -10.65
CA TYR A 63 -3.96 -9.65 -11.75
C TYR A 63 -3.24 -11.01 -11.69
N ILE A 64 -3.85 -12.02 -12.29
CA ILE A 64 -3.26 -13.36 -12.32
C ILE A 64 -2.14 -13.35 -13.38
N ASP A 65 -2.50 -13.16 -14.64
CA ASP A 65 -1.54 -13.15 -15.75
C ASP A 65 -1.18 -11.77 -16.27
N CYS A 66 -2.19 -11.03 -16.78
CA CYS A 66 -1.93 -9.68 -17.25
C CYS A 66 -3.04 -8.76 -16.75
N ASP A 67 -2.82 -7.45 -16.87
CA ASP A 67 -3.77 -6.44 -16.40
C ASP A 67 -5.16 -6.61 -17.05
N LEU A 68 -6.18 -6.97 -16.27
CA LEU A 68 -7.53 -7.15 -16.82
C LEU A 68 -8.08 -5.85 -17.41
N ASN A 69 -7.64 -4.73 -16.86
CA ASN A 69 -8.12 -3.42 -17.31
C ASN A 69 -7.44 -2.90 -18.58
N ARG A 70 -6.68 -3.76 -19.26
CA ARG A 70 -6.00 -3.37 -20.51
C ARG A 70 -6.22 -4.36 -21.64
N VAL A 71 -7.23 -5.24 -21.52
CA VAL A 71 -7.45 -6.24 -22.55
C VAL A 71 -8.86 -6.30 -23.13
N PHE A 72 -9.54 -5.16 -23.13
CA PHE A 72 -10.88 -5.11 -23.69
C PHE A 72 -10.92 -4.50 -25.09
N ASP A 73 -9.78 -4.56 -25.78
CA ASP A 73 -9.72 -4.08 -27.18
C ASP A 73 -10.38 -5.15 -28.06
N LEU A 74 -10.77 -4.75 -29.27
CA LEU A 74 -11.43 -5.65 -30.20
C LEU A 74 -10.67 -6.95 -30.47
N GLU A 75 -9.36 -6.86 -30.66
CA GLU A 75 -8.57 -8.04 -30.96
C GLU A 75 -8.67 -9.09 -29.86
N ASN A 76 -8.67 -8.63 -28.61
CA ASN A 76 -8.75 -9.53 -27.47
C ASN A 76 -10.15 -10.09 -27.21
N LEU A 77 -11.18 -9.26 -27.42
CA LEU A 77 -12.55 -9.74 -27.22
C LEU A 77 -12.97 -10.83 -28.19
N SER A 78 -12.49 -10.77 -29.44
CA SER A 78 -12.84 -11.80 -30.42
C SER A 78 -11.69 -12.82 -30.64
N LYS A 79 -10.65 -12.73 -29.82
CA LYS A 79 -9.49 -13.61 -29.93
C LYS A 79 -9.81 -15.07 -29.61
N GLU A 80 -9.24 -16.00 -30.39
CA GLU A 80 -9.51 -17.41 -30.10
C GLU A 80 -8.60 -17.80 -28.93
N MSE A 81 -9.06 -18.73 -28.10
CA MSE A 81 -8.25 -19.16 -26.96
C MSE A 81 -7.01 -19.93 -27.41
O MSE A 81 -7.03 -20.61 -28.43
CB MSE A 81 -9.12 -20.05 -26.05
CG MSE A 81 -10.25 -19.31 -25.35
SE MSE A 81 -9.56 -18.00 -24.10
CE MSE A 81 -9.86 -16.39 -25.17
N SER A 82 -5.92 -19.81 -26.65
CA SER A 82 -4.68 -20.52 -26.93
C SER A 82 -4.04 -20.88 -25.57
N GLU A 83 -3.27 -21.96 -25.55
CA GLU A 83 -2.67 -22.44 -24.32
C GLU A 83 -1.91 -21.43 -23.46
N ASP A 84 -1.15 -20.56 -24.13
CA ASP A 84 -0.34 -19.59 -23.42
C ASP A 84 -0.98 -18.20 -23.34
N LEU A 85 -2.25 -18.13 -23.70
CA LEU A 85 -2.95 -16.84 -23.67
C LEU A 85 -3.26 -16.45 -22.23
N PRO A 86 -3.07 -15.17 -21.87
CA PRO A 86 -3.38 -14.74 -20.49
C PRO A 86 -4.82 -15.02 -20.06
N TYR A 87 -4.99 -15.52 -18.82
CA TYR A 87 -6.30 -15.77 -18.25
C TYR A 87 -7.21 -14.55 -18.41
N GLU A 88 -6.70 -13.37 -18.06
CA GLU A 88 -7.54 -12.16 -18.13
C GLU A 88 -8.17 -11.94 -19.51
N VAL A 89 -7.56 -12.44 -20.58
CA VAL A 89 -8.17 -12.27 -21.91
C VAL A 89 -9.44 -13.10 -21.96
N ARG A 90 -9.39 -14.33 -21.43
CA ARG A 90 -10.58 -15.16 -21.38
C ARG A 90 -11.61 -14.48 -20.44
N ARG A 91 -11.17 -14.05 -19.27
CA ARG A 91 -12.09 -13.41 -18.32
C ARG A 91 -12.75 -12.17 -18.94
N ALA A 92 -12.00 -11.45 -19.76
CA ALA A 92 -12.56 -10.26 -20.39
C ALA A 92 -13.72 -10.72 -21.27
N GLN A 93 -13.52 -11.82 -21.98
CA GLN A 93 -14.57 -12.34 -22.85
C GLN A 93 -15.79 -12.75 -22.04
N GLU A 94 -15.58 -13.39 -20.90
CA GLU A 94 -16.74 -13.78 -20.08
C GLU A 94 -17.53 -12.55 -19.62
N ILE A 95 -16.85 -11.42 -19.38
CA ILE A 95 -17.52 -10.20 -18.94
C ILE A 95 -18.18 -9.51 -20.14
N ASN A 96 -17.48 -9.46 -21.27
CA ASN A 96 -18.06 -8.86 -22.46
C ASN A 96 -19.35 -9.59 -22.87
N HIS A 97 -19.45 -10.87 -22.53
CA HIS A 97 -20.63 -11.65 -22.89
C HIS A 97 -21.82 -11.33 -21.98
N LEU A 98 -21.53 -11.13 -20.69
CA LEU A 98 -22.57 -10.83 -19.73
C LEU A 98 -23.06 -9.37 -19.74
N PHE A 99 -22.15 -8.45 -20.03
CA PHE A 99 -22.50 -7.02 -20.01
C PHE A 99 -22.50 -6.32 -21.36
N GLY A 100 -21.83 -6.90 -22.35
CA GLY A 100 -21.81 -6.32 -23.69
C GLY A 100 -22.91 -7.01 -24.48
N PRO A 101 -22.69 -7.31 -25.77
CA PRO A 101 -21.48 -7.05 -26.55
C PRO A 101 -21.08 -5.58 -26.64
N LYS A 102 -19.79 -5.32 -26.42
CA LYS A 102 -19.22 -3.99 -26.55
C LYS A 102 -19.49 -3.48 -27.97
N ASN A 103 -19.85 -2.21 -28.08
CA ASN A 103 -20.15 -1.57 -29.36
C ASN A 103 -21.50 -1.97 -29.95
N SER A 104 -22.32 -2.68 -29.18
CA SER A 104 -23.63 -3.11 -29.67
C SER A 104 -24.78 -2.41 -28.96
N ASP A 105 -25.95 -2.36 -29.59
CA ASP A 105 -27.09 -1.74 -28.95
C ASP A 105 -27.51 -2.44 -27.67
N ASP A 106 -27.07 -3.70 -27.51
CA ASP A 106 -27.39 -4.49 -26.33
C ASP A 106 -26.49 -4.20 -25.14
N ALA A 107 -25.34 -3.59 -25.40
CA ALA A 107 -24.39 -3.29 -24.34
C ALA A 107 -25.02 -2.51 -23.18
N TYR A 108 -24.56 -2.80 -21.96
CA TYR A 108 -25.07 -2.08 -20.80
C TYR A 108 -24.93 -0.58 -21.05
N ASP A 109 -25.89 0.21 -20.57
CA ASP A 109 -25.85 1.66 -20.78
C ASP A 109 -24.74 2.35 -20.00
N VAL A 110 -24.56 1.93 -18.75
CA VAL A 110 -23.53 2.53 -17.92
C VAL A 110 -22.74 1.45 -17.23
N VAL A 111 -21.46 1.71 -17.04
CA VAL A 111 -20.57 0.82 -16.32
C VAL A 111 -19.67 1.70 -15.48
N PHE A 112 -19.83 1.62 -14.16
CA PHE A 112 -18.97 2.37 -13.23
C PHE A 112 -17.90 1.36 -12.82
N ASP A 113 -16.64 1.62 -13.16
CA ASP A 113 -15.56 0.70 -12.79
C ASP A 113 -14.79 1.35 -11.64
N LEU A 114 -14.75 0.65 -10.51
CA LEU A 114 -14.16 1.14 -9.29
C LEU A 114 -12.68 0.78 -9.11
N HIS A 115 -11.90 1.79 -8.69
CA HIS A 115 -10.47 1.62 -8.48
C HIS A 115 -9.95 2.38 -7.26
N ASN A 116 -8.75 1.97 -6.81
CA ASN A 116 -8.05 2.61 -5.70
C ASN A 116 -6.63 2.90 -6.16
N THR A 117 -6.02 3.97 -5.65
CA THR A 117 -4.66 4.29 -6.01
C THR A 117 -3.88 4.59 -4.74
N THR A 118 -2.59 4.26 -4.74
CA THR A 118 -1.77 4.58 -3.58
C THR A 118 -1.34 6.06 -3.66
N SER A 119 -1.74 6.74 -4.74
CA SER A 119 -1.44 8.16 -4.93
C SER A 119 -2.48 9.02 -4.20
N ASN A 120 -2.09 10.21 -3.74
CA ASN A 120 -3.01 11.12 -3.02
C ASN A 120 -3.96 11.80 -4.00
N MSE A 121 -4.76 10.98 -4.68
CA MSE A 121 -5.71 11.47 -5.70
C MSE A 121 -7.04 11.99 -5.19
O MSE A 121 -7.67 12.84 -5.85
CB MSE A 121 -5.97 10.35 -6.72
CG MSE A 121 -4.77 9.95 -7.55
SE MSE A 121 -4.35 11.25 -8.90
CE MSE A 121 -5.51 10.59 -10.33
N GLY A 122 -7.45 11.50 -4.03
CA GLY A 122 -8.73 11.93 -3.48
C GLY A 122 -9.85 11.41 -4.36
N CYS A 123 -11.02 12.01 -4.27
CA CYS A 123 -12.17 11.62 -5.09
C CYS A 123 -11.90 11.97 -6.54
N THR A 124 -11.85 10.96 -7.42
CA THR A 124 -11.55 11.19 -8.84
C THR A 124 -12.46 10.41 -9.81
N LEU A 125 -12.91 11.09 -10.86
CA LEU A 125 -13.77 10.52 -11.91
C LEU A 125 -12.92 10.48 -13.19
N ILE A 126 -13.14 9.47 -14.02
CA ILE A 126 -12.39 9.32 -15.28
C ILE A 126 -13.36 9.49 -16.45
N LEU A 127 -13.05 10.43 -17.34
CA LEU A 127 -13.89 10.74 -18.49
C LEU A 127 -13.16 10.35 -19.77
N GLY A 128 -13.80 9.55 -20.61
CA GLY A 128 -13.17 9.13 -21.85
C GLY A 128 -13.76 9.71 -23.12
N ASP A 129 -14.37 10.89 -23.01
CA ASP A 129 -14.98 11.55 -24.17
C ASP A 129 -15.36 12.98 -23.82
N SER A 130 -14.51 13.93 -24.21
CA SER A 130 -14.74 15.33 -23.94
C SER A 130 -16.04 15.86 -24.55
N GLY A 131 -16.50 15.19 -25.61
CA GLY A 131 -17.72 15.63 -26.27
C GLY A 131 -18.97 14.92 -25.76
N ASN A 132 -18.89 14.34 -24.56
CA ASN A 132 -20.02 13.60 -24.00
C ASN A 132 -20.80 14.46 -23.00
N ASP A 133 -21.70 15.29 -23.51
CA ASP A 133 -22.52 16.17 -22.68
C ASP A 133 -23.17 15.40 -21.54
N PHE A 134 -23.61 14.17 -21.81
CA PHE A 134 -24.27 13.40 -20.76
C PHE A 134 -23.33 13.14 -19.58
N LEU A 135 -22.15 12.58 -19.86
CA LEU A 135 -21.20 12.29 -18.78
C LEU A 135 -20.72 13.55 -18.11
N ILE A 136 -20.64 14.64 -18.87
CA ILE A 136 -20.21 15.91 -18.28
C ILE A 136 -21.27 16.35 -17.25
N GLN A 137 -22.54 16.25 -17.63
CA GLN A 137 -23.60 16.64 -16.70
C GLN A 137 -23.49 15.80 -15.43
N MSE A 138 -23.29 14.50 -15.60
CA MSE A 138 -23.17 13.62 -14.45
C MSE A 138 -22.01 14.04 -13.55
O MSE A 138 -22.15 14.12 -12.33
CB MSE A 138 -22.94 12.18 -14.87
CG MSE A 138 -22.85 11.21 -13.69
SE MSE A 138 -22.26 9.42 -14.20
CE MSE A 138 -23.76 8.91 -15.34
N PHE A 139 -20.85 14.30 -14.15
CA PHE A 139 -19.67 14.67 -13.37
C PHE A 139 -19.87 15.99 -12.63
N HIS A 140 -20.54 16.95 -13.27
CA HIS A 140 -20.81 18.23 -12.62
C HIS A 140 -21.73 17.98 -11.44
N TYR A 141 -22.72 17.12 -11.64
CA TYR A 141 -23.69 16.79 -10.58
C TYR A 141 -22.99 16.19 -9.37
N ILE A 142 -22.17 15.16 -9.61
CA ILE A 142 -21.44 14.50 -8.54
C ILE A 142 -20.58 15.51 -7.77
N LYS A 143 -19.88 16.39 -8.49
CA LYS A 143 -19.04 17.40 -7.83
C LYS A 143 -19.84 18.31 -6.90
N THR A 144 -21.03 18.71 -7.37
CA THR A 144 -21.92 19.57 -6.60
C THR A 144 -22.48 18.85 -5.37
N CYS A 145 -22.31 17.54 -5.36
CA CYS A 145 -22.80 16.71 -4.26
C CYS A 145 -21.72 16.34 -3.25
N MSE A 146 -20.47 16.26 -3.71
CA MSE A 146 -19.34 15.89 -2.86
C MSE A 146 -18.71 17.07 -2.12
O MSE A 146 -17.80 16.87 -1.31
CB MSE A 146 -18.24 15.20 -3.68
CG MSE A 146 -18.65 13.91 -4.40
SE MSE A 146 -19.20 12.48 -3.22
CE MSE A 146 -17.52 12.12 -2.27
N ALA A 147 -19.16 18.29 -2.41
CA ALA A 147 -18.60 19.46 -1.73
C ALA A 147 -18.67 19.22 -0.22
N PRO A 148 -17.68 19.73 0.53
CA PRO A 148 -16.56 20.53 0.02
C PRO A 148 -15.35 19.71 -0.43
N LEU A 149 -15.50 18.40 -0.57
CA LEU A 149 -14.36 17.61 -1.03
C LEU A 149 -14.05 18.06 -2.44
N PRO A 150 -12.78 18.42 -2.70
CA PRO A 150 -12.43 18.87 -4.05
C PRO A 150 -12.37 17.67 -4.98
N CYS A 151 -13.49 17.40 -5.65
CA CYS A 151 -13.60 16.27 -6.58
C CYS A 151 -12.90 16.57 -7.91
N SER A 152 -12.20 15.59 -8.44
CA SER A 152 -11.43 15.81 -9.65
C SER A 152 -11.74 14.90 -10.83
N VAL A 153 -11.62 15.47 -12.03
CA VAL A 153 -11.87 14.74 -13.27
C VAL A 153 -10.60 14.66 -14.11
N TYR A 154 -10.19 13.44 -14.42
CA TYR A 154 -8.99 13.17 -15.22
C TYR A 154 -9.44 12.72 -16.61
N LEU A 155 -9.09 13.48 -17.65
CA LEU A 155 -9.47 13.13 -19.01
C LEU A 155 -8.39 12.30 -19.66
N ILE A 156 -8.78 11.13 -20.16
CA ILE A 156 -7.84 10.25 -20.83
C ILE A 156 -8.48 9.89 -22.17
N GLU A 157 -8.09 10.60 -23.23
CA GLU A 157 -8.62 10.36 -24.56
C GLU A 157 -7.70 9.51 -25.43
N HIS A 158 -6.39 9.57 -25.16
CA HIS A 158 -5.40 8.80 -25.93
C HIS A 158 -6.01 7.48 -26.44
N PRO A 159 -6.03 7.26 -27.76
CA PRO A 159 -6.59 6.04 -28.36
C PRO A 159 -5.82 4.80 -27.95
N SER A 160 -5.27 4.82 -26.74
CA SER A 160 -4.50 3.69 -26.23
C SER A 160 -4.77 3.42 -24.77
N LEU A 161 -5.16 4.45 -24.03
CA LEU A 161 -5.42 4.29 -22.60
C LEU A 161 -6.90 4.23 -22.25
N LYS A 162 -7.76 4.02 -23.25
CA LYS A 162 -9.17 3.94 -22.95
C LYS A 162 -9.95 2.94 -23.79
N TYR A 163 -9.32 2.41 -24.83
CA TYR A 163 -10.00 1.45 -25.69
C TYR A 163 -9.98 0.01 -25.16
N ALA A 164 -8.88 -0.39 -24.52
CA ALA A 164 -8.78 -1.75 -24.00
C ALA A 164 -9.21 -1.81 -22.55
N THR A 165 -9.35 -0.65 -21.90
CA THR A 165 -9.78 -0.58 -20.50
C THR A 165 -11.09 -1.30 -20.31
N THR A 166 -11.26 -1.90 -19.14
CA THR A 166 -12.45 -2.70 -18.82
C THR A 166 -13.80 -2.01 -18.88
N ARG A 167 -13.85 -0.71 -18.64
CA ARG A 167 -15.09 0.04 -18.66
C ARG A 167 -15.57 0.37 -20.08
N SER A 168 -14.68 0.24 -21.07
CA SER A 168 -15.06 0.58 -22.44
C SER A 168 -16.16 -0.28 -23.07
N ILE A 169 -16.71 -1.22 -22.31
CA ILE A 169 -17.81 -2.04 -22.80
C ILE A 169 -19.15 -1.28 -22.82
N ALA A 170 -19.29 -0.25 -21.97
CA ALA A 170 -20.52 0.53 -21.89
C ALA A 170 -20.60 1.65 -22.93
N LYS A 171 -21.81 2.14 -23.15
CA LYS A 171 -22.03 3.27 -24.04
C LYS A 171 -21.48 4.50 -23.31
N TYR A 172 -21.58 4.48 -21.98
CA TYR A 172 -21.08 5.58 -21.14
C TYR A 172 -20.22 5.05 -19.99
N PRO A 173 -18.95 4.73 -20.28
CA PRO A 173 -18.02 4.20 -19.27
C PRO A 173 -17.72 5.28 -18.23
N VAL A 174 -17.67 4.90 -16.94
CA VAL A 174 -17.38 5.87 -15.88
C VAL A 174 -16.40 5.34 -14.82
N GLY A 175 -15.10 5.48 -15.07
CA GLY A 175 -14.14 5.03 -14.07
C GLY A 175 -14.23 5.84 -12.77
N ILE A 176 -14.26 5.16 -11.63
CA ILE A 176 -14.28 5.83 -10.33
C ILE A 176 -12.97 5.46 -9.63
N GLU A 177 -12.23 6.48 -9.22
CA GLU A 177 -10.94 6.30 -8.59
C GLU A 177 -10.91 6.98 -7.23
N VAL A 178 -10.40 6.29 -6.19
CA VAL A 178 -10.30 6.90 -4.86
C VAL A 178 -9.02 6.46 -4.13
N GLY A 179 -8.23 7.45 -3.73
CA GLY A 179 -7.01 7.18 -3.00
C GLY A 179 -6.83 8.33 -2.03
N PRO A 180 -5.75 8.36 -1.26
CA PRO A 180 -4.67 7.39 -1.24
C PRO A 180 -5.00 6.17 -0.37
N GLN A 181 -4.72 4.99 -0.87
CA GLN A 181 -4.97 3.77 -0.09
C GLN A 181 -4.01 2.63 -0.46
N PRO A 182 -3.21 2.15 0.50
CA PRO A 182 -2.29 1.05 0.16
C PRO A 182 -3.11 -0.09 -0.41
N HIS A 183 -2.53 -0.89 -1.28
CA HIS A 183 -3.26 -2.02 -1.83
C HIS A 183 -3.45 -3.07 -0.73
N GLY A 184 -4.63 -3.69 -0.71
CA GLY A 184 -4.92 -4.68 0.32
C GLY A 184 -5.37 -4.04 1.63
N VAL A 185 -5.61 -2.73 1.62
CA VAL A 185 -6.08 -2.03 2.84
C VAL A 185 -7.48 -1.44 2.62
N LEU A 186 -8.34 -1.59 3.62
CA LEU A 186 -9.69 -1.04 3.60
C LEU A 186 -9.80 0.10 4.62
N ARG A 187 -9.63 1.35 4.17
CA ARG A 187 -9.78 2.49 5.08
C ARG A 187 -11.27 2.85 5.10
N ALA A 188 -11.80 3.10 6.29
CA ALA A 188 -13.20 3.45 6.43
C ALA A 188 -13.53 4.77 5.71
N ASP A 189 -12.61 5.74 5.77
CA ASP A 189 -12.89 7.03 5.12
C ASP A 189 -12.96 6.88 3.60
N ILE A 190 -12.14 5.99 3.06
CA ILE A 190 -12.14 5.77 1.61
C ILE A 190 -13.44 5.05 1.21
N LEU A 191 -13.86 4.07 2.00
CA LEU A 191 -15.10 3.35 1.71
C LEU A 191 -16.28 4.31 1.69
N ASP A 192 -16.27 5.26 2.61
CA ASP A 192 -17.37 6.22 2.68
C ASP A 192 -17.38 7.16 1.49
N GLN A 193 -16.20 7.66 1.09
CA GLN A 193 -16.15 8.58 -0.03
C GLN A 193 -16.67 7.92 -1.30
N MSE A 194 -16.19 6.72 -1.59
CA MSE A 194 -16.62 6.04 -2.80
C MSE A 194 -18.11 5.70 -2.82
O MSE A 194 -18.78 5.86 -3.84
CB MSE A 194 -15.80 4.76 -3.03
CG MSE A 194 -16.12 4.07 -4.37
SE MSE A 194 -15.00 2.54 -4.65
CE MSE A 194 -15.85 1.41 -3.36
N ARG A 195 -18.64 5.21 -1.70
CA ARG A 195 -20.06 4.85 -1.72
C ARG A 195 -20.89 6.12 -1.95
N ARG A 196 -20.44 7.26 -1.42
CA ARG A 196 -21.16 8.53 -1.62
C ARG A 196 -21.10 8.96 -3.09
N MSE A 197 -19.94 8.85 -3.73
CA MSE A 197 -19.85 9.26 -5.12
C MSE A 197 -20.85 8.44 -5.93
O MSE A 197 -21.56 8.97 -6.77
CB MSE A 197 -18.43 9.04 -5.66
CG MSE A 197 -17.39 9.93 -5.01
SE MSE A 197 -15.63 9.41 -5.57
CE MSE A 197 -15.67 10.40 -7.26
N LEU A 198 -20.90 7.13 -5.66
CA LEU A 198 -21.82 6.28 -6.39
C LEU A 198 -23.26 6.63 -6.04
N LYS A 199 -23.52 6.91 -4.76
CA LYS A 199 -24.87 7.25 -4.37
C LYS A 199 -25.39 8.39 -5.24
N HIS A 200 -24.54 9.38 -5.48
CA HIS A 200 -24.98 10.51 -6.30
C HIS A 200 -25.09 10.19 -7.79
N ALA A 201 -24.15 9.39 -8.32
CA ALA A 201 -24.21 9.04 -9.73
C ALA A 201 -25.51 8.27 -10.04
N LEU A 202 -25.92 7.40 -9.12
CA LEU A 202 -27.15 6.66 -9.34
C LEU A 202 -28.38 7.57 -9.29
N ASP A 203 -28.35 8.54 -8.36
CA ASP A 203 -29.45 9.50 -8.25
C ASP A 203 -29.51 10.39 -9.50
N PHE A 204 -28.35 10.71 -10.06
CA PHE A 204 -28.30 11.55 -11.27
C PHE A 204 -29.03 10.87 -12.41
N ILE A 205 -28.70 9.59 -12.62
CA ILE A 205 -29.32 8.84 -13.68
C ILE A 205 -30.82 8.66 -13.48
N GLN A 206 -31.26 8.56 -12.23
CA GLN A 206 -32.70 8.40 -12.01
C GLN A 206 -33.41 9.73 -12.30
N ARG A 207 -32.86 10.83 -11.78
CA ARG A 207 -33.50 12.14 -12.02
C ARG A 207 -33.47 12.45 -13.50
N PHE A 208 -32.29 12.39 -14.10
CA PHE A 208 -32.11 12.67 -15.53
C PHE A 208 -33.32 12.22 -16.33
N ASN A 209 -33.51 10.90 -16.43
CA ASN A 209 -34.63 10.35 -17.18
C ASN A 209 -35.94 10.96 -16.68
N GLU A 210 -36.12 11.02 -15.36
CA GLU A 210 -37.33 11.59 -14.79
C GLU A 210 -37.67 12.95 -15.39
N GLY A 211 -36.82 13.45 -16.28
CA GLY A 211 -37.09 14.70 -16.94
C GLY A 211 -36.51 15.95 -16.29
N LYS A 212 -35.62 15.76 -15.34
CA LYS A 212 -35.01 16.88 -14.64
C LYS A 212 -34.04 17.58 -15.60
N GLU A 213 -34.56 18.17 -16.69
CA GLU A 213 -33.69 18.83 -17.65
C GLU A 213 -32.60 19.59 -16.90
N PHE A 214 -31.35 19.21 -17.17
CA PHE A 214 -30.21 19.85 -16.52
C PHE A 214 -29.75 21.06 -17.31
N PRO A 215 -29.47 22.18 -16.63
CA PRO A 215 -29.03 23.41 -17.30
C PRO A 215 -27.58 23.37 -17.75
N PRO A 216 -27.19 24.30 -18.62
CA PRO A 216 -25.81 24.36 -19.11
C PRO A 216 -24.84 24.28 -17.92
N CYS A 217 -23.74 23.57 -18.09
CA CYS A 217 -22.75 23.46 -17.04
C CYS A 217 -21.37 23.32 -17.65
N ALA A 218 -20.34 23.51 -16.81
CA ALA A 218 -18.96 23.39 -17.28
C ALA A 218 -18.08 22.93 -16.13
N ILE A 219 -17.10 22.07 -16.43
CA ILE A 219 -16.19 21.58 -15.41
C ILE A 219 -14.78 21.68 -15.94
N ASP A 220 -13.82 21.76 -15.03
CA ASP A 220 -12.42 21.78 -15.43
C ASP A 220 -11.97 20.32 -15.41
N VAL A 221 -11.06 19.95 -16.32
CA VAL A 221 -10.54 18.60 -16.40
C VAL A 221 -9.04 18.65 -16.65
N TYR A 222 -8.37 17.54 -16.39
CA TYR A 222 -6.92 17.42 -16.57
C TYR A 222 -6.70 16.27 -17.50
N LYS A 223 -6.17 16.58 -18.68
CA LYS A 223 -5.92 15.61 -19.75
C LYS A 223 -4.45 15.30 -19.79
N ILE A 224 -4.12 14.04 -19.99
CA ILE A 224 -2.72 13.65 -19.99
C ILE A 224 -1.87 14.23 -21.12
N MSE A 225 -0.68 14.69 -20.75
CA MSE A 225 0.27 15.27 -21.69
C MSE A 225 1.32 14.20 -21.95
O MSE A 225 1.71 13.96 -23.09
CB MSE A 225 0.96 16.51 -21.12
CG MSE A 225 0.10 17.77 -21.01
SE MSE A 225 0.99 19.22 -20.02
CE MSE A 225 2.39 19.65 -21.26
N GLU A 226 1.80 13.57 -20.87
CA GLU A 226 2.82 12.53 -21.01
C GLU A 226 3.28 11.96 -19.68
N LYS A 227 3.62 10.68 -19.69
CA LYS A 227 4.10 9.99 -18.50
C LYS A 227 5.56 10.38 -18.25
N VAL A 228 6.00 10.18 -17.01
CA VAL A 228 7.38 10.46 -16.66
C VAL A 228 7.87 9.25 -15.88
N ASP A 229 8.93 8.61 -16.37
CA ASP A 229 9.47 7.44 -15.67
C ASP A 229 10.49 7.85 -14.62
N TYR A 230 10.67 7.00 -13.62
CA TYR A 230 11.66 7.22 -12.59
C TYR A 230 13.02 7.13 -13.31
N PRO A 231 14.03 7.89 -12.84
CA PRO A 231 15.37 7.81 -13.47
C PRO A 231 15.80 6.36 -13.18
N ARG A 232 16.58 5.74 -14.06
CA ARG A 232 17.00 4.36 -13.82
C ARG A 232 18.48 4.12 -14.04
N ASN A 233 19.00 3.09 -13.38
CA ASN A 233 20.41 2.76 -13.51
C ASN A 233 20.58 1.95 -14.79
N GLU A 234 21.79 2.01 -15.36
CA GLU A 234 22.11 1.29 -16.60
C GLU A 234 21.46 -0.08 -16.59
N SER A 235 21.60 -0.77 -15.46
CA SER A 235 21.02 -2.09 -15.29
C SER A 235 19.53 -2.03 -15.56
N GLY A 236 18.85 -1.09 -14.92
CA GLY A 236 17.42 -0.96 -15.12
C GLY A 236 16.59 -0.68 -13.88
N ASP A 237 17.21 -0.70 -12.72
CA ASP A 237 16.51 -0.43 -11.46
C ASP A 237 16.35 1.07 -11.25
N VAL A 238 15.44 1.44 -10.36
CA VAL A 238 15.17 2.84 -10.05
C VAL A 238 16.42 3.53 -9.48
N ALA A 239 16.79 4.67 -10.06
CA ALA A 239 17.97 5.41 -9.62
C ALA A 239 17.62 6.65 -8.77
N ALA A 240 16.34 7.00 -8.75
CA ALA A 240 15.88 8.13 -7.96
C ALA A 240 14.43 7.92 -7.58
N VAL A 241 14.00 8.53 -6.48
CA VAL A 241 12.63 8.39 -6.02
C VAL A 241 11.89 9.72 -6.06
N ILE A 242 10.57 9.67 -5.90
CA ILE A 242 9.77 10.90 -5.90
C ILE A 242 10.26 11.85 -4.79
N HIS A 243 10.48 13.11 -5.16
CA HIS A 243 10.95 14.12 -4.21
C HIS A 243 9.87 14.38 -3.16
N PRO A 244 10.26 14.60 -1.90
CA PRO A 244 9.24 14.85 -0.87
C PRO A 244 8.29 16.01 -1.15
N ASN A 245 8.73 16.97 -1.96
CA ASN A 245 7.89 18.12 -2.30
C ASN A 245 6.86 17.77 -3.39
N LEU A 246 7.08 16.67 -4.11
CA LEU A 246 6.15 16.24 -5.15
C LEU A 246 5.28 15.11 -4.57
N GLN A 247 5.85 14.34 -3.66
CA GLN A 247 5.10 13.25 -3.01
C GLN A 247 3.79 13.79 -2.41
N ASP A 248 2.70 13.06 -2.67
CA ASP A 248 1.35 13.38 -2.18
C ASP A 248 0.80 14.70 -2.70
N GLN A 249 1.41 15.25 -3.74
CA GLN A 249 0.91 16.52 -4.25
C GLN A 249 0.32 16.40 -5.65
N ASP A 250 -0.59 15.44 -5.80
CA ASP A 250 -1.27 15.23 -7.07
C ASP A 250 -2.21 16.41 -7.32
N TRP A 251 -2.42 16.70 -8.61
CA TRP A 251 -3.29 17.77 -9.13
C TRP A 251 -2.78 19.18 -8.93
N LYS A 252 -1.75 19.36 -8.11
CA LYS A 252 -1.26 20.73 -7.83
C LYS A 252 -0.16 21.18 -8.78
N PRO A 253 -0.17 22.48 -9.14
CA PRO A 253 0.79 23.10 -10.04
C PRO A 253 2.21 22.60 -9.88
N LEU A 254 2.92 22.55 -11.00
CA LEU A 254 4.30 22.09 -11.06
C LEU A 254 4.93 22.75 -12.29
N HIS A 255 5.89 23.66 -12.06
CA HIS A 255 6.57 24.36 -13.15
C HIS A 255 7.98 23.77 -13.34
N PRO A 256 8.59 23.97 -14.53
CA PRO A 256 9.93 23.47 -14.88
C PRO A 256 11.00 23.36 -13.80
N GLY A 257 11.14 24.36 -12.95
CA GLY A 257 12.18 24.29 -11.92
C GLY A 257 11.81 23.54 -10.65
N ASP A 258 10.54 23.19 -10.49
CA ASP A 258 10.08 22.48 -9.28
C ASP A 258 10.72 21.10 -9.12
N PRO A 259 10.97 20.69 -7.88
CA PRO A 259 11.57 19.36 -7.67
C PRO A 259 10.60 18.22 -7.91
N VAL A 260 11.08 17.18 -8.60
CA VAL A 260 10.26 16.00 -8.91
C VAL A 260 10.89 14.73 -8.35
N PHE A 261 12.22 14.66 -8.38
CA PHE A 261 12.93 13.50 -7.84
C PHE A 261 14.10 13.90 -6.95
N VAL A 262 14.50 12.99 -6.08
CA VAL A 262 15.65 13.21 -5.21
C VAL A 262 16.42 11.90 -5.16
N SER A 263 17.75 11.98 -5.15
CA SER A 263 18.56 10.77 -5.10
C SER A 263 18.98 10.50 -3.65
N LEU A 264 19.53 9.32 -3.38
CA LEU A 264 19.95 8.99 -2.01
C LEU A 264 21.01 9.95 -1.49
N ASP A 265 21.66 10.66 -2.40
CA ASP A 265 22.69 11.62 -2.02
C ASP A 265 22.08 12.98 -1.71
N GLY A 266 20.78 13.12 -1.91
CA GLY A 266 20.14 14.39 -1.64
C GLY A 266 20.11 15.35 -2.81
N LYS A 267 20.64 14.94 -3.95
CA LYS A 267 20.63 15.79 -5.15
C LYS A 267 19.19 15.81 -5.67
N VAL A 268 18.75 16.96 -6.18
CA VAL A 268 17.38 17.11 -6.68
C VAL A 268 17.31 17.08 -8.21
N ILE A 269 16.17 16.65 -8.74
CA ILE A 269 15.92 16.61 -10.17
C ILE A 269 14.60 17.31 -10.45
N PRO A 270 14.64 18.50 -11.08
CA PRO A 270 13.43 19.26 -11.40
C PRO A 270 12.70 18.71 -12.63
N LEU A 271 11.46 19.14 -12.81
CA LEU A 271 10.63 18.69 -13.93
C LEU A 271 11.32 18.82 -15.28
N GLY A 272 11.78 20.03 -15.59
CA GLY A 272 12.42 20.28 -16.87
C GLY A 272 11.41 20.86 -17.83
N GLY A 273 11.60 20.63 -19.12
CA GLY A 273 10.66 21.14 -20.12
C GLY A 273 10.37 22.63 -20.00
N ASP A 274 9.26 23.08 -20.55
CA ASP A 274 8.92 24.49 -20.48
C ASP A 274 7.41 24.77 -20.43
N CYS A 275 6.75 24.20 -19.43
CA CYS A 275 5.33 24.43 -19.26
C CYS A 275 4.80 23.99 -17.91
N THR A 276 3.63 24.51 -17.55
CA THR A 276 2.99 24.17 -16.29
C THR A 276 2.24 22.86 -16.48
N VAL A 277 2.35 21.96 -15.52
CA VAL A 277 1.64 20.69 -15.60
C VAL A 277 1.10 20.36 -14.21
N TYR A 278 0.01 19.60 -14.16
CA TYR A 278 -0.60 19.20 -12.90
C TYR A 278 -0.39 17.70 -12.82
N PRO A 279 0.61 17.25 -12.03
CA PRO A 279 0.91 15.83 -11.91
C PRO A 279 -0.22 15.02 -11.31
N VAL A 280 -0.42 13.82 -11.85
CA VAL A 280 -1.42 12.88 -11.34
C VAL A 280 -0.76 11.52 -11.15
N PHE A 281 -1.42 10.67 -10.36
CA PHE A 281 -0.91 9.34 -10.03
C PHE A 281 0.56 9.37 -9.66
N VAL A 282 0.88 10.18 -8.66
CA VAL A 282 2.24 10.31 -8.16
C VAL A 282 2.55 9.12 -7.24
N ASN A 283 3.55 8.33 -7.64
CA ASN A 283 4.00 7.17 -6.88
C ASN A 283 2.93 6.08 -6.67
N GLU A 284 2.26 5.69 -7.76
CA GLU A 284 1.26 4.65 -7.71
C GLU A 284 2.04 3.32 -7.78
N ALA A 285 1.90 2.47 -6.77
CA ALA A 285 2.65 1.20 -6.74
C ALA A 285 2.60 0.38 -8.05
N ALA A 286 1.40 0.15 -8.57
CA ALA A 286 1.23 -0.67 -9.77
C ALA A 286 1.93 -0.08 -10.98
N TYR A 287 2.25 1.21 -10.93
CA TYR A 287 2.88 1.88 -12.06
C TYR A 287 4.40 1.83 -12.14
N TYR A 288 5.06 1.23 -11.16
CA TYR A 288 6.50 1.11 -11.25
C TYR A 288 6.85 0.24 -12.49
N GLU A 289 6.17 -0.88 -12.65
CA GLU A 289 6.45 -1.77 -13.77
C GLU A 289 5.94 -1.21 -15.10
N LYS A 290 5.17 -0.13 -15.03
CA LYS A 290 4.66 0.52 -16.23
C LYS A 290 5.54 1.70 -16.63
N LYS A 291 6.58 1.95 -15.82
CA LYS A 291 7.51 3.04 -16.06
C LYS A 291 6.87 4.44 -15.97
N GLU A 292 5.96 4.59 -15.02
CA GLU A 292 5.27 5.85 -14.81
C GLU A 292 5.38 6.28 -13.34
N ALA A 293 6.28 7.22 -13.05
CA ALA A 293 6.44 7.74 -11.69
C ALA A 293 5.21 8.63 -11.42
N PHE A 294 4.73 9.26 -12.49
CA PHE A 294 3.52 10.10 -12.46
C PHE A 294 3.21 10.44 -13.90
N ALA A 295 1.99 10.87 -14.17
CA ALA A 295 1.62 11.26 -15.53
C ALA A 295 1.31 12.75 -15.55
N LYS A 296 2.00 13.50 -16.41
CA LYS A 296 1.76 14.93 -16.52
C LYS A 296 0.50 15.16 -17.36
N THR A 297 -0.38 16.05 -16.90
CA THR A 297 -1.62 16.38 -17.61
C THR A 297 -1.69 17.87 -18.00
N THR A 298 -2.79 18.25 -18.64
CA THR A 298 -3.03 19.65 -19.05
C THR A 298 -4.35 20.04 -18.41
N LYS A 299 -4.52 21.30 -18.08
CA LYS A 299 -5.78 21.73 -17.45
C LYS A 299 -6.63 22.52 -18.42
N LEU A 300 -7.86 22.08 -18.62
CA LEU A 300 -8.77 22.81 -19.51
C LEU A 300 -10.20 22.72 -18.99
N THR A 301 -11.08 23.53 -19.59
CA THR A 301 -12.47 23.55 -19.17
C THR A 301 -13.38 23.02 -20.26
N LEU A 302 -14.25 22.08 -19.91
CA LEU A 302 -15.20 21.53 -20.87
C LEU A 302 -16.57 22.14 -20.56
N ASN A 303 -17.28 22.51 -21.61
CA ASN A 303 -18.62 23.08 -21.42
C ASN A 303 -19.65 22.12 -21.99
N ALA A 304 -20.72 21.89 -21.24
CA ALA A 304 -21.79 21.02 -21.70
C ALA A 304 -23.07 21.84 -21.87
N LYS A 305 -23.81 21.58 -22.94
CA LYS A 305 -25.07 22.27 -23.17
C LYS A 305 -26.05 21.59 -22.23
N SER A 306 -27.23 22.18 -22.04
CA SER A 306 -28.24 21.55 -21.20
C SER A 306 -28.56 20.20 -21.85
N ILE A 307 -29.13 19.28 -21.07
CA ILE A 307 -29.48 17.97 -21.59
C ILE A 307 -30.88 17.57 -21.17
N ARG A 308 -31.47 16.63 -21.92
CA ARG A 308 -32.82 16.18 -21.67
C ARG A 308 -33.04 14.78 -22.23
N SER A 309 -33.66 13.89 -21.46
CA SER A 309 -33.94 12.56 -21.96
C SER A 309 -34.67 12.72 -23.29
N THR A 310 -34.61 11.71 -24.15
CA THR A 310 -35.28 11.78 -25.45
C THR A 310 -36.22 10.61 -25.71
N CYS B 4 28.28 -3.28 36.25
CA CYS B 4 28.40 -2.96 34.81
C CYS B 4 28.61 -4.16 33.89
N VAL B 5 27.61 -4.46 33.07
CA VAL B 5 27.69 -5.57 32.14
C VAL B 5 28.83 -5.31 31.16
N ALA B 6 29.89 -6.09 31.26
CA ALA B 6 31.02 -5.94 30.34
C ALA B 6 30.89 -7.05 29.30
N GLU B 7 30.58 -6.67 28.06
CA GLU B 7 30.43 -7.61 26.96
C GLU B 7 31.53 -7.34 25.94
N GLU B 8 31.89 -8.37 25.18
CA GLU B 8 32.92 -8.22 24.16
C GLU B 8 32.42 -7.28 23.08
N PRO B 9 33.34 -6.55 22.42
CA PRO B 9 32.93 -5.63 21.35
C PRO B 9 32.22 -6.40 20.24
N ILE B 10 31.43 -5.70 19.45
CA ILE B 10 30.72 -6.33 18.34
C ILE B 10 31.66 -6.40 17.15
N LYS B 11 31.71 -7.53 16.48
CA LYS B 11 32.62 -7.65 15.35
C LYS B 11 31.94 -7.87 14.02
N LYS B 12 30.75 -8.48 14.05
CA LYS B 12 30.04 -8.80 12.82
C LYS B 12 28.60 -8.31 12.84
N ILE B 13 28.30 -7.40 11.92
CA ILE B 13 26.98 -6.77 11.79
C ILE B 13 26.33 -7.20 10.48
N ALA B 14 25.02 -7.45 10.51
CA ALA B 14 24.31 -7.80 9.29
C ALA B 14 23.12 -6.87 9.07
N ILE B 15 22.97 -6.35 7.85
CA ILE B 15 21.81 -5.51 7.54
C ILE B 15 21.07 -6.25 6.43
N PHE B 16 19.91 -6.77 6.78
CA PHE B 16 19.08 -7.55 5.86
C PHE B 16 17.98 -6.66 5.26
N GLY B 17 17.79 -6.77 3.94
CA GLY B 17 16.76 -6.04 3.26
C GLY B 17 15.96 -7.01 2.38
N GLY B 18 14.66 -6.82 2.29
CA GLY B 18 13.86 -7.71 1.47
C GLY B 18 13.37 -9.00 2.07
N THR B 19 13.34 -9.11 3.40
CA THR B 19 12.85 -10.34 4.03
C THR B 19 11.41 -10.52 3.53
N HIS B 20 10.75 -9.39 3.23
CA HIS B 20 9.42 -9.41 2.61
C HIS B 20 9.69 -8.59 1.34
N GLY B 21 9.54 -9.24 0.19
CA GLY B 21 9.88 -8.65 -1.10
C GLY B 21 9.27 -7.35 -1.59
N ASN B 22 8.13 -6.98 -1.03
CA ASN B 22 7.45 -5.77 -1.46
C ASN B 22 7.52 -4.59 -0.48
N GLU B 23 8.45 -4.66 0.50
CA GLU B 23 8.61 -3.58 1.46
C GLU B 23 9.89 -2.86 0.99
N LEU B 24 9.65 -1.95 0.03
CA LEU B 24 10.69 -1.25 -0.72
C LEU B 24 11.88 -0.64 -0.03
N THR B 25 11.65 0.19 0.97
CA THR B 25 12.77 0.85 1.65
C THR B 25 13.95 -0.08 1.90
N GLY B 26 13.72 -1.15 2.65
CA GLY B 26 14.81 -2.08 2.96
C GLY B 26 15.57 -2.57 1.72
N VAL B 27 14.86 -3.12 0.73
CA VAL B 27 15.51 -3.61 -0.49
C VAL B 27 16.30 -2.53 -1.20
N PHE B 28 15.71 -1.33 -1.29
CA PHE B 28 16.36 -0.23 -2.01
C PHE B 28 17.69 0.16 -1.36
N LEU B 29 17.66 0.33 -0.04
CA LEU B 29 18.87 0.72 0.71
C LEU B 29 19.93 -0.36 0.66
N VAL B 30 19.53 -1.59 0.95
CA VAL B 30 20.48 -2.70 0.93
C VAL B 30 21.11 -2.84 -0.45
N THR B 31 20.28 -2.84 -1.50
CA THR B 31 20.81 -2.96 -2.86
C THR B 31 21.80 -1.84 -3.13
N HIS B 32 21.51 -0.67 -2.60
CA HIS B 32 22.37 0.49 -2.77
C HIS B 32 23.68 0.35 -1.97
N TRP B 33 23.57 -0.10 -0.73
CA TRP B 33 24.74 -0.25 0.13
C TRP B 33 25.63 -1.41 -0.32
N LEU B 34 25.15 -2.20 -1.28
CA LEU B 34 25.93 -3.29 -1.84
C LEU B 34 26.70 -2.74 -3.04
N LYS B 35 26.47 -1.46 -3.33
CA LYS B 35 27.13 -0.79 -4.45
C LYS B 35 27.94 0.39 -3.93
N ASN B 36 27.43 1.00 -2.87
CA ASN B 36 28.04 2.17 -2.26
C ASN B 36 27.93 2.08 -0.75
N GLY B 37 28.93 1.51 -0.10
CA GLY B 37 28.86 1.33 1.34
C GLY B 37 29.51 2.32 2.27
N ALA B 38 29.85 3.51 1.81
CA ALA B 38 30.48 4.47 2.70
C ALA B 38 29.58 4.82 3.89
N GLU B 39 28.29 4.98 3.65
CA GLU B 39 27.34 5.32 4.68
C GLU B 39 27.32 4.31 5.83
N VAL B 40 27.33 3.02 5.50
CA VAL B 40 27.31 2.02 6.57
C VAL B 40 28.69 1.49 6.89
N HIS B 41 29.71 2.19 6.42
CA HIS B 41 31.07 1.77 6.76
C HIS B 41 31.25 2.09 8.24
N ARG B 42 31.91 1.21 8.99
CA ARG B 42 32.20 1.48 10.40
C ARG B 42 33.54 0.81 10.78
N ALA B 43 34.58 1.63 10.98
CA ALA B 43 35.90 1.11 11.32
C ALA B 43 35.85 -0.02 12.32
N GLY B 44 36.52 -1.13 12.00
CA GLY B 44 36.55 -2.26 12.91
C GLY B 44 35.34 -3.17 12.82
N LEU B 45 34.32 -2.73 12.08
CA LEU B 45 33.10 -3.53 11.94
C LEU B 45 32.99 -4.24 10.59
N GLU B 46 32.58 -5.50 10.63
CA GLU B 46 32.38 -6.24 9.39
C GLU B 46 30.88 -6.16 9.11
N VAL B 47 30.46 -5.14 8.35
CA VAL B 47 29.04 -4.92 8.02
C VAL B 47 28.68 -5.54 6.68
N LYS B 48 27.71 -6.45 6.68
CA LYS B 48 27.34 -7.11 5.43
C LYS B 48 25.87 -6.92 5.02
N PRO B 49 25.61 -6.00 4.06
CA PRO B 49 24.22 -5.80 3.63
C PRO B 49 23.88 -7.09 2.88
N PHE B 50 22.67 -7.61 3.07
CA PHE B 50 22.29 -8.86 2.42
C PHE B 50 20.79 -8.91 2.11
N ILE B 51 20.42 -9.37 0.91
CA ILE B 51 19.00 -9.49 0.56
C ILE B 51 18.52 -10.89 0.89
N THR B 52 17.64 -10.98 1.87
CA THR B 52 17.15 -12.24 2.37
C THR B 52 16.21 -13.03 1.48
N ASN B 53 15.25 -12.38 0.83
CA ASN B 53 14.32 -13.09 -0.05
C ASN B 53 14.41 -12.51 -1.46
N PRO B 54 15.48 -12.84 -2.19
CA PRO B 54 15.72 -12.36 -3.56
C PRO B 54 14.62 -12.66 -4.56
N ARG B 55 14.10 -13.88 -4.55
CA ARG B 55 13.04 -14.22 -5.51
C ARG B 55 11.80 -13.35 -5.29
N ALA B 56 11.41 -13.14 -4.04
CA ALA B 56 10.23 -12.31 -3.76
C ALA B 56 10.52 -10.87 -4.16
N VAL B 57 11.76 -10.43 -3.95
CA VAL B 57 12.11 -9.06 -4.32
C VAL B 57 11.98 -8.87 -5.84
N GLU B 58 12.40 -9.89 -6.60
CA GLU B 58 12.34 -9.76 -8.05
C GLU B 58 10.89 -9.65 -8.52
N LYS B 59 9.97 -10.29 -7.80
CA LYS B 59 8.54 -10.26 -8.16
C LYS B 59 7.75 -9.20 -7.40
N CYS B 60 8.44 -8.45 -6.55
CA CYS B 60 7.84 -7.41 -5.70
C CYS B 60 6.61 -7.94 -4.96
N THR B 61 6.84 -9.00 -4.20
CA THR B 61 5.81 -9.67 -3.43
C THR B 61 6.40 -10.09 -2.07
N ARG B 62 5.57 -10.18 -1.04
CA ARG B 62 6.04 -10.57 0.28
C ARG B 62 6.88 -11.86 0.28
N TYR B 63 6.46 -12.86 -0.50
CA TYR B 63 7.19 -14.12 -0.59
C TYR B 63 6.78 -14.91 -1.86
N ILE B 64 7.58 -15.90 -2.23
CA ILE B 64 7.32 -16.73 -3.41
C ILE B 64 6.48 -17.94 -3.01
N ASP B 65 7.02 -18.76 -2.12
CA ASP B 65 6.33 -19.97 -1.66
C ASP B 65 5.74 -19.76 -0.27
N CYS B 66 6.60 -19.40 0.68
CA CYS B 66 6.17 -19.16 2.05
C CYS B 66 6.93 -17.96 2.65
N ASP B 67 6.38 -17.39 3.74
CA ASP B 67 6.97 -16.25 4.43
C ASP B 67 8.40 -16.59 4.84
N LEU B 68 9.39 -15.86 4.32
CA LEU B 68 10.78 -16.14 4.67
C LEU B 68 11.06 -15.87 6.16
N ASN B 69 10.31 -14.93 6.74
CA ASN B 69 10.43 -14.53 8.13
C ASN B 69 9.69 -15.46 9.08
N ARG B 70 9.20 -16.60 8.58
CA ARG B 70 8.48 -17.52 9.44
C ARG B 70 8.95 -18.97 9.27
N VAL B 71 10.24 -19.15 9.05
CA VAL B 71 10.78 -20.49 8.88
C VAL B 71 12.17 -20.69 9.47
N PHE B 72 12.52 -19.88 10.46
CA PHE B 72 13.84 -20.00 11.09
C PHE B 72 13.78 -20.80 12.39
N ASP B 73 12.75 -21.61 12.52
CA ASP B 73 12.58 -22.47 13.70
C ASP B 73 13.52 -23.65 13.50
N LEU B 74 13.80 -24.39 14.59
CA LEU B 74 14.68 -25.54 14.50
C LEU B 74 14.17 -26.57 13.51
N GLU B 75 12.91 -26.96 13.66
CA GLU B 75 12.31 -27.92 12.75
C GLU B 75 12.63 -27.54 11.30
N ASN B 76 12.20 -26.35 10.87
CA ASN B 76 12.46 -25.93 9.50
C ASN B 76 13.94 -25.83 9.15
N LEU B 77 14.75 -25.32 10.07
CA LEU B 77 16.19 -25.17 9.84
C LEU B 77 16.94 -26.50 9.80
N SER B 78 16.44 -27.49 10.52
CA SER B 78 17.11 -28.78 10.56
C SER B 78 16.42 -29.78 9.64
N LYS B 79 15.40 -29.31 8.92
CA LYS B 79 14.64 -30.13 8.00
C LYS B 79 15.53 -30.67 6.87
N GLU B 80 15.39 -31.97 6.59
CA GLU B 80 16.20 -32.62 5.55
C GLU B 80 15.99 -31.97 4.19
N MSE B 81 17.10 -31.58 3.56
CA MSE B 81 17.06 -30.93 2.26
C MSE B 81 16.39 -31.83 1.21
O MSE B 81 17.07 -32.55 0.49
CB MSE B 81 18.48 -30.57 1.82
CG MSE B 81 18.54 -29.69 0.58
SE MSE B 81 17.56 -28.05 0.78
CE MSE B 81 18.64 -27.20 2.13
N SER B 82 15.07 -31.79 1.15
CA SER B 82 14.33 -32.60 0.19
C SER B 82 13.89 -31.80 -1.03
N GLU B 83 13.18 -32.45 -1.93
CA GLU B 83 12.71 -31.80 -3.15
C GLU B 83 11.36 -31.12 -2.89
N ASP B 84 10.75 -31.46 -1.76
CA ASP B 84 9.46 -30.86 -1.40
C ASP B 84 9.68 -29.55 -0.66
N LEU B 85 10.94 -29.24 -0.36
CA LEU B 85 11.29 -28.01 0.37
C LEU B 85 11.05 -26.71 -0.38
N PRO B 86 10.11 -25.88 0.12
CA PRO B 86 9.79 -24.59 -0.50
C PRO B 86 11.00 -23.64 -0.56
N TYR B 87 11.03 -22.78 -1.57
CA TYR B 87 12.12 -21.83 -1.74
C TYR B 87 12.62 -21.19 -0.43
N GLU B 88 11.72 -20.53 0.29
CA GLU B 88 12.11 -19.84 1.51
C GLU B 88 12.45 -20.78 2.67
N VAL B 89 11.93 -22.01 2.63
CA VAL B 89 12.28 -22.96 3.69
C VAL B 89 13.77 -23.19 3.54
N ARG B 90 14.19 -23.48 2.31
CA ARG B 90 15.61 -23.71 2.05
C ARG B 90 16.37 -22.39 2.18
N ARG B 91 15.67 -21.27 2.03
CA ARG B 91 16.34 -19.98 2.14
C ARG B 91 16.73 -19.74 3.58
N ALA B 92 15.83 -20.08 4.50
CA ALA B 92 16.12 -19.90 5.92
C ALA B 92 17.33 -20.73 6.36
N GLN B 93 17.50 -21.92 5.78
CA GLN B 93 18.65 -22.75 6.15
C GLN B 93 19.91 -22.16 5.56
N GLU B 94 19.80 -21.60 4.35
CA GLU B 94 20.93 -20.97 3.69
C GLU B 94 21.41 -19.76 4.49
N ILE B 95 20.47 -18.99 5.04
CA ILE B 95 20.81 -17.80 5.81
C ILE B 95 21.37 -18.20 7.16
N ASN B 96 20.85 -19.29 7.73
CA ASN B 96 21.32 -19.75 9.02
C ASN B 96 22.76 -20.21 8.92
N HIS B 97 23.17 -20.62 7.72
CA HIS B 97 24.53 -21.08 7.51
C HIS B 97 25.47 -19.90 7.19
N LEU B 98 25.01 -18.97 6.36
CA LEU B 98 25.84 -17.84 5.98
C LEU B 98 26.00 -16.78 7.08
N PHE B 99 25.04 -16.73 7.99
CA PHE B 99 25.05 -15.71 9.03
C PHE B 99 24.94 -16.23 10.44
N GLY B 100 24.65 -17.53 10.57
CA GLY B 100 24.54 -18.14 11.88
C GLY B 100 25.80 -18.91 12.18
N PRO B 101 25.68 -20.12 12.76
CA PRO B 101 24.46 -20.83 13.17
C PRO B 101 23.71 -20.25 14.38
N LYS B 102 22.39 -20.20 14.26
CA LYS B 102 21.51 -19.71 15.32
C LYS B 102 21.88 -20.45 16.61
N ASN B 103 21.95 -19.72 17.72
CA ASN B 103 22.30 -20.27 19.03
C ASN B 103 23.81 -20.57 19.17
N SER B 104 24.51 -20.61 18.04
CA SER B 104 25.95 -20.85 18.06
C SER B 104 26.70 -19.59 18.46
N ASP B 105 27.83 -19.79 19.14
CA ASP B 105 28.66 -18.69 19.57
C ASP B 105 29.39 -18.05 18.41
N ASP B 106 29.22 -18.60 17.21
CA ASP B 106 29.86 -18.05 16.03
C ASP B 106 28.85 -17.34 15.11
N ALA B 107 27.68 -17.04 15.65
CA ALA B 107 26.65 -16.36 14.87
C ALA B 107 26.95 -14.87 14.83
N TYR B 108 26.25 -14.14 13.95
CA TYR B 108 26.46 -12.70 13.88
C TYR B 108 26.03 -12.06 15.20
N ASP B 109 26.79 -11.07 15.66
CA ASP B 109 26.47 -10.39 16.91
C ASP B 109 25.17 -9.59 16.80
N VAL B 110 25.02 -8.88 15.69
CA VAL B 110 23.83 -8.06 15.47
C VAL B 110 23.32 -8.24 14.05
N VAL B 111 22.01 -8.41 13.92
CA VAL B 111 21.39 -8.50 12.59
C VAL B 111 20.24 -7.47 12.57
N PHE B 112 20.34 -6.48 11.68
CA PHE B 112 19.29 -5.48 11.51
C PHE B 112 18.44 -6.03 10.37
N ASP B 113 17.18 -6.33 10.65
CA ASP B 113 16.26 -6.84 9.62
C ASP B 113 15.29 -5.71 9.34
N LEU B 114 15.34 -5.20 8.12
CA LEU B 114 14.54 -4.04 7.70
C LEU B 114 13.08 -4.37 7.37
N HIS B 115 12.17 -3.49 7.76
CA HIS B 115 10.75 -3.68 7.51
C HIS B 115 9.93 -2.41 7.36
N ASN B 116 8.87 -2.49 6.55
CA ASN B 116 7.94 -1.37 6.34
C ASN B 116 6.54 -1.82 6.72
N THR B 117 5.69 -0.86 7.07
CA THR B 117 4.30 -1.17 7.40
C THR B 117 3.36 -0.11 6.82
N THR B 118 2.15 -0.53 6.49
CA THR B 118 1.12 0.38 5.99
C THR B 118 0.43 1.06 7.20
N SER B 119 0.79 0.66 8.43
CA SER B 119 0.20 1.26 9.64
C SER B 119 0.95 2.56 9.97
N ASN B 120 0.26 3.53 10.59
CA ASN B 120 0.87 4.82 10.92
C ASN B 120 1.76 4.70 12.16
N MSE B 121 2.87 3.98 12.02
CA MSE B 121 3.76 3.76 13.16
C MSE B 121 4.94 4.70 13.33
O MSE B 121 5.27 5.12 14.45
CB MSE B 121 4.28 2.31 13.10
CG MSE B 121 3.20 1.26 13.27
SE MSE B 121 2.66 1.05 15.12
CE MSE B 121 4.10 -0.15 15.67
N GLY B 122 5.59 5.02 12.22
CA GLY B 122 6.78 5.85 12.29
C GLY B 122 7.97 4.94 12.57
N CYS B 123 9.11 5.52 12.93
CA CYS B 123 10.32 4.74 13.26
C CYS B 123 10.01 3.84 14.45
N THR B 124 10.18 2.53 14.27
CA THR B 124 9.87 1.57 15.33
C THR B 124 10.97 0.52 15.47
N LEU B 125 11.48 0.33 16.69
CA LEU B 125 12.50 -0.68 16.95
C LEU B 125 11.82 -1.84 17.67
N ILE B 126 11.90 -3.02 17.06
CA ILE B 126 11.30 -4.21 17.65
C ILE B 126 12.29 -4.84 18.62
N LEU B 127 11.88 -4.96 19.88
CA LEU B 127 12.73 -5.54 20.92
C LEU B 127 12.15 -6.90 21.30
N GLY B 128 12.99 -7.94 21.37
CA GLY B 128 12.50 -9.27 21.75
C GLY B 128 12.39 -9.49 23.25
N ASP B 129 13.45 -9.19 23.99
CA ASP B 129 13.51 -9.38 25.46
C ASP B 129 13.23 -8.07 26.23
N SER B 130 13.32 -8.12 27.55
CA SER B 130 13.07 -6.95 28.38
C SER B 130 14.21 -6.67 29.37
N GLY B 131 15.07 -7.67 29.56
CA GLY B 131 16.20 -7.50 30.46
C GLY B 131 17.49 -7.31 29.68
N ASN B 132 17.41 -7.16 28.36
CA ASN B 132 18.60 -7.02 27.55
C ASN B 132 19.28 -5.65 27.69
N ASP B 133 20.18 -5.52 28.67
CA ASP B 133 20.87 -4.26 28.91
C ASP B 133 21.41 -3.66 27.61
N PHE B 134 22.10 -4.48 26.81
CA PHE B 134 22.69 -3.98 25.56
C PHE B 134 21.66 -3.39 24.60
N LEU B 135 20.52 -4.06 24.46
CA LEU B 135 19.48 -3.57 23.55
C LEU B 135 18.77 -2.33 24.06
N ILE B 136 18.68 -2.19 25.38
CA ILE B 136 18.02 -1.00 25.94
C ILE B 136 18.90 0.21 25.67
N GLN B 137 20.21 0.06 25.92
CA GLN B 137 21.16 1.13 25.66
C GLN B 137 21.37 1.39 24.15
N MSE B 138 21.34 0.32 23.33
CA MSE B 138 21.49 0.51 21.87
C MSE B 138 20.27 1.27 21.36
O MSE B 138 20.38 2.22 20.57
CB MSE B 138 21.55 -0.82 21.11
CG MSE B 138 21.95 -0.61 19.63
SE MSE B 138 20.82 -1.52 18.33
CE MSE B 138 22.01 -2.96 17.81
N PHE B 139 19.09 0.81 21.76
CA PHE B 139 17.91 1.52 21.27
C PHE B 139 17.93 2.90 21.89
N HIS B 140 18.15 2.98 23.20
CA HIS B 140 18.21 4.26 23.94
C HIS B 140 19.08 5.27 23.21
N TYR B 141 20.20 4.80 22.68
CA TYR B 141 21.11 5.65 21.93
C TYR B 141 20.41 6.21 20.68
N ILE B 142 19.83 5.32 19.90
CA ILE B 142 19.11 5.69 18.69
C ILE B 142 18.01 6.69 19.07
N LYS B 143 17.26 6.38 20.12
CA LYS B 143 16.23 7.32 20.57
C LYS B 143 16.89 8.68 20.83
N THR B 144 17.85 8.70 21.74
CA THR B 144 18.55 9.95 22.07
C THR B 144 18.95 10.76 20.85
N CYS B 145 19.46 10.09 19.83
CA CYS B 145 19.91 10.83 18.65
C CYS B 145 18.79 11.31 17.73
N MSE B 146 17.55 10.97 18.08
CA MSE B 146 16.41 11.40 17.27
C MSE B 146 15.45 12.36 17.96
O MSE B 146 14.53 12.88 17.31
CB MSE B 146 15.66 10.16 16.77
CG MSE B 146 16.53 9.32 15.86
SE MSE B 146 15.66 7.80 15.11
CE MSE B 146 14.58 8.68 13.76
N ALA B 147 15.64 12.59 19.24
CA ALA B 147 14.79 13.50 20.00
C ALA B 147 14.68 14.83 19.25
N PRO B 148 13.47 15.44 19.22
CA PRO B 148 12.24 14.94 19.86
C PRO B 148 11.38 14.05 18.96
N LEU B 149 11.92 13.67 17.81
CA LEU B 149 11.22 12.81 16.86
C LEU B 149 10.89 11.46 17.50
N PRO B 150 9.71 10.91 17.19
CA PRO B 150 9.33 9.61 17.78
C PRO B 150 10.14 8.41 17.28
N CYS B 151 10.30 7.44 18.16
CA CYS B 151 10.98 6.19 17.86
C CYS B 151 10.56 5.25 19.00
N SER B 152 9.39 4.64 18.85
CA SER B 152 8.82 3.80 19.87
C SER B 152 9.36 2.40 19.79
N VAL B 153 9.46 1.74 20.94
CA VAL B 153 9.98 0.38 21.01
C VAL B 153 8.86 -0.63 21.28
N TYR B 154 8.68 -1.55 20.35
CA TYR B 154 7.67 -2.59 20.46
C TYR B 154 8.35 -3.81 21.11
N LEU B 155 7.77 -4.29 22.20
CA LEU B 155 8.32 -5.45 22.92
C LEU B 155 7.48 -6.68 22.57
N ILE B 156 8.08 -7.59 21.80
CA ILE B 156 7.45 -8.82 21.36
C ILE B 156 8.29 -9.88 22.06
N GLU B 157 7.88 -10.26 23.27
CA GLU B 157 8.68 -11.19 24.06
C GLU B 157 8.28 -12.66 24.20
N HIS B 158 7.04 -12.95 24.58
CA HIS B 158 6.66 -14.36 24.76
C HIS B 158 6.77 -15.23 23.50
N PRO B 159 7.56 -16.32 23.58
CA PRO B 159 7.80 -17.26 22.48
C PRO B 159 6.55 -17.67 21.70
N SER B 160 5.38 -17.50 22.32
CA SER B 160 4.10 -17.84 21.71
C SER B 160 3.88 -17.10 20.40
N LEU B 161 4.57 -15.97 20.23
CA LEU B 161 4.46 -15.17 19.02
C LEU B 161 5.84 -14.68 18.60
N LYS B 162 6.87 -15.38 19.04
CA LYS B 162 8.24 -15.00 18.71
C LYS B 162 9.22 -16.16 18.87
N TYR B 163 9.79 -16.61 17.77
CA TYR B 163 10.75 -17.69 17.84
C TYR B 163 11.44 -17.98 16.52
N ALA B 164 10.73 -17.82 15.41
CA ALA B 164 11.31 -18.12 14.12
C ALA B 164 11.49 -16.95 13.17
N THR B 165 11.99 -15.81 13.65
CA THR B 165 12.17 -14.69 12.74
C THR B 165 13.53 -14.73 12.05
N THR B 166 13.59 -14.12 10.88
CA THR B 166 14.80 -14.05 10.08
C THR B 166 15.97 -13.49 10.91
N ARG B 167 15.67 -12.53 11.78
CA ARG B 167 16.72 -11.90 12.59
C ARG B 167 17.13 -12.71 13.81
N SER B 168 16.28 -13.64 14.23
CA SER B 168 16.56 -14.45 15.43
C SER B 168 17.85 -15.27 15.34
N ILE B 169 18.48 -15.27 14.17
CA ILE B 169 19.75 -16.00 14.01
C ILE B 169 20.91 -15.33 14.75
N ALA B 170 20.82 -14.01 14.95
CA ALA B 170 21.89 -13.28 15.61
C ALA B 170 21.88 -13.34 17.13
N LYS B 171 23.03 -12.96 17.71
CA LYS B 171 23.16 -12.88 19.16
C LYS B 171 22.26 -11.74 19.64
N TYR B 172 22.25 -10.64 18.88
CA TYR B 172 21.42 -9.47 19.23
C TYR B 172 20.54 -9.12 18.03
N PRO B 173 19.27 -9.57 18.05
CA PRO B 173 18.33 -9.30 16.95
C PRO B 173 17.84 -7.85 17.05
N VAL B 174 17.65 -7.21 15.89
CA VAL B 174 17.19 -5.81 15.87
C VAL B 174 16.14 -5.53 14.81
N GLY B 175 14.89 -5.91 15.06
CA GLY B 175 13.87 -5.63 14.07
C GLY B 175 13.66 -4.12 13.92
N ILE B 176 13.73 -3.62 12.68
CA ILE B 176 13.52 -2.19 12.40
C ILE B 176 12.19 -2.04 11.66
N GLU B 177 11.52 -0.91 11.84
CA GLU B 177 10.21 -0.76 11.23
C GLU B 177 9.84 0.69 10.98
N VAL B 178 9.43 1.02 9.75
CA VAL B 178 9.07 2.40 9.47
C VAL B 178 7.80 2.42 8.61
N GLY B 179 6.78 3.12 9.11
CA GLY B 179 5.52 3.25 8.39
C GLY B 179 5.00 4.65 8.68
N PRO B 180 3.91 5.07 8.01
CA PRO B 180 3.16 4.30 7.01
C PRO B 180 3.68 4.44 5.57
N GLN B 181 3.73 3.30 4.86
CA GLN B 181 4.16 3.27 3.46
C GLN B 181 3.46 2.12 2.72
N PRO B 182 2.73 2.43 1.63
CA PRO B 182 2.05 1.37 0.87
C PRO B 182 3.11 0.36 0.38
N HIS B 183 2.85 -0.93 0.46
CA HIS B 183 3.85 -1.86 -0.04
C HIS B 183 3.95 -1.70 -1.56
N GLY B 184 5.18 -1.56 -2.05
CA GLY B 184 5.40 -1.39 -3.47
C GLY B 184 5.66 0.06 -3.84
N VAL B 185 5.77 0.93 -2.83
CA VAL B 185 6.02 2.37 -3.02
C VAL B 185 7.30 2.80 -2.29
N LEU B 186 8.11 3.65 -2.92
CA LEU B 186 9.32 4.19 -2.26
C LEU B 186 9.07 5.66 -1.92
N ARG B 187 8.87 5.97 -0.63
CA ARG B 187 8.65 7.35 -0.16
C ARG B 187 9.98 7.87 0.36
N ALA B 188 10.37 9.06 -0.07
CA ALA B 188 11.64 9.66 0.36
C ALA B 188 11.73 9.79 1.87
N ASP B 189 10.67 10.31 2.49
CA ASP B 189 10.74 10.49 3.94
C ASP B 189 10.94 9.19 4.71
N ILE B 190 10.46 8.07 4.17
CA ILE B 190 10.62 6.80 4.87
C ILE B 190 12.08 6.33 4.66
N LEU B 191 12.60 6.51 3.45
CA LEU B 191 14.00 6.14 3.19
C LEU B 191 14.93 6.97 4.11
N ASP B 192 14.61 8.27 4.24
CA ASP B 192 15.39 9.16 5.08
C ASP B 192 15.24 8.75 6.56
N GLN B 193 14.01 8.54 7.02
CA GLN B 193 13.78 8.15 8.42
C GLN B 193 14.52 6.87 8.81
N MSE B 194 14.42 5.85 7.98
CA MSE B 194 15.10 4.61 8.34
C MSE B 194 16.61 4.80 8.41
O MSE B 194 17.25 4.43 9.40
CB MSE B 194 14.75 3.50 7.32
CG MSE B 194 15.03 2.13 7.85
SE MSE B 194 14.30 0.82 6.69
CE MSE B 194 12.41 1.14 7.04
N ARG B 195 17.21 5.40 7.36
CA ARG B 195 18.66 5.65 7.36
C ARG B 195 19.08 6.46 8.58
N ARG B 196 18.15 7.19 9.19
CA ARG B 196 18.52 7.98 10.38
C ARG B 196 18.56 7.14 11.65
N MSE B 197 17.42 6.54 12.00
CA MSE B 197 17.35 5.71 13.18
C MSE B 197 18.50 4.70 13.08
O MSE B 197 19.11 4.31 14.11
CB MSE B 197 16.01 4.96 13.19
CG MSE B 197 16.00 3.71 12.33
SE MSE B 197 14.24 3.04 11.99
CE MSE B 197 13.77 2.43 13.80
N LEU B 198 18.81 4.29 11.86
CA LEU B 198 19.86 3.32 11.63
C LEU B 198 21.26 3.83 11.89
N LYS B 199 21.68 4.81 11.09
CA LYS B 199 23.02 5.41 11.20
C LYS B 199 23.49 5.46 12.62
N HIS B 200 22.56 5.73 13.54
CA HIS B 200 22.90 5.82 14.96
C HIS B 200 23.20 4.49 15.63
N ALA B 201 22.52 3.41 15.22
CA ALA B 201 22.82 2.11 15.82
C ALA B 201 24.24 1.71 15.44
N LEU B 202 24.56 1.78 14.14
CA LEU B 202 25.91 1.39 13.73
C LEU B 202 26.97 2.24 14.43
N ASP B 203 26.67 3.51 14.66
CA ASP B 203 27.61 4.39 15.35
C ASP B 203 27.67 3.94 16.81
N PHE B 204 26.52 3.50 17.33
CA PHE B 204 26.46 3.01 18.70
C PHE B 204 27.42 1.84 18.87
N ILE B 205 27.39 0.93 17.90
CA ILE B 205 28.27 -0.23 17.97
C ILE B 205 29.75 0.20 17.89
N GLN B 206 30.06 1.11 16.97
CA GLN B 206 31.44 1.57 16.88
C GLN B 206 31.89 2.12 18.22
N ARG B 207 31.16 3.10 18.75
CA ARG B 207 31.52 3.71 20.05
C ARG B 207 31.62 2.64 21.13
N PHE B 208 30.66 1.70 21.14
CA PHE B 208 30.71 0.61 22.11
C PHE B 208 32.05 -0.11 21.92
N ASN B 209 32.49 -0.19 20.68
CA ASN B 209 33.77 -0.85 20.41
C ASN B 209 34.97 0.06 20.71
N GLU B 210 34.71 1.35 20.95
CA GLU B 210 35.82 2.24 21.23
C GLU B 210 36.07 2.47 22.71
N GLY B 211 35.04 2.79 23.47
CA GLY B 211 35.27 3.00 24.89
C GLY B 211 34.27 3.84 25.64
N LYS B 212 33.19 4.27 24.98
CA LYS B 212 32.20 5.08 25.68
C LYS B 212 31.66 4.26 26.86
N GLU B 213 31.34 4.93 27.95
CA GLU B 213 30.81 4.20 29.10
C GLU B 213 29.34 4.56 29.25
N PHE B 214 28.49 3.54 29.15
CA PHE B 214 27.05 3.74 29.25
C PHE B 214 26.47 3.41 30.62
N PRO B 215 26.04 4.43 31.36
CA PRO B 215 25.46 4.25 32.69
C PRO B 215 24.06 3.66 32.54
N PRO B 216 23.51 3.10 33.62
CA PRO B 216 22.16 2.50 33.58
C PRO B 216 21.12 3.51 33.10
N CYS B 217 19.96 3.02 32.69
CA CYS B 217 18.89 3.89 32.21
C CYS B 217 17.58 3.14 32.02
N ALA B 218 16.58 3.88 31.57
CA ALA B 218 15.24 3.37 31.31
C ALA B 218 14.75 3.83 29.94
N ILE B 219 13.74 3.13 29.42
CA ILE B 219 13.11 3.47 28.14
C ILE B 219 11.69 2.99 28.20
N ASP B 220 10.78 3.76 27.60
CA ASP B 220 9.38 3.37 27.55
C ASP B 220 9.29 2.33 26.44
N VAL B 221 8.43 1.33 26.64
CA VAL B 221 8.23 0.28 25.64
C VAL B 221 6.77 -0.16 25.62
N TYR B 222 6.38 -0.80 24.53
CA TYR B 222 5.03 -1.33 24.34
C TYR B 222 5.15 -2.83 24.11
N LYS B 223 4.64 -3.63 25.06
CA LYS B 223 4.72 -5.09 24.99
C LYS B 223 3.45 -5.72 24.47
N ILE B 224 3.53 -6.42 23.33
CA ILE B 224 2.34 -7.02 22.76
C ILE B 224 1.71 -8.05 23.66
N MSE B 225 0.44 -7.81 24.01
CA MSE B 225 -0.29 -8.73 24.86
C MSE B 225 -0.81 -9.83 23.94
O MSE B 225 -0.45 -10.99 24.12
CB MSE B 225 -1.46 -8.02 25.55
CG MSE B 225 -1.08 -6.84 26.41
SE MSE B 225 -2.59 -5.66 26.63
CE MSE B 225 -3.26 -6.42 28.26
N GLU B 226 -1.62 -9.44 22.96
CA GLU B 226 -2.20 -10.38 21.98
C GLU B 226 -2.76 -9.64 20.77
N LYS B 227 -3.07 -10.39 19.72
CA LYS B 227 -3.63 -9.86 18.45
C LYS B 227 -5.15 -9.89 18.48
N VAL B 228 -5.78 -9.01 17.71
CA VAL B 228 -7.24 -8.98 17.63
C VAL B 228 -7.62 -9.04 16.15
N ASP B 229 -8.64 -9.82 15.84
CA ASP B 229 -9.05 -9.93 14.43
C ASP B 229 -10.27 -9.07 14.17
N TYR B 230 -10.51 -8.83 12.88
CA TYR B 230 -11.67 -8.09 12.42
C TYR B 230 -12.90 -8.95 12.71
N PRO B 231 -14.05 -8.31 12.98
CA PRO B 231 -15.29 -9.05 13.23
C PRO B 231 -15.51 -9.81 11.92
N ARG B 232 -16.13 -10.98 11.97
CA ARG B 232 -16.35 -11.73 10.74
C ARG B 232 -17.78 -12.22 10.54
N ASN B 233 -18.23 -12.24 9.29
CA ASN B 233 -19.57 -12.71 8.95
C ASN B 233 -19.59 -14.22 9.18
N GLU B 234 -20.57 -14.92 8.61
CA GLU B 234 -20.66 -16.37 8.79
C GLU B 234 -19.43 -17.13 8.35
N SER B 235 -19.24 -17.20 7.04
CA SER B 235 -18.14 -17.90 6.42
C SER B 235 -16.79 -17.55 7.04
N GLY B 236 -16.20 -16.45 6.59
CA GLY B 236 -14.92 -16.02 7.10
C GLY B 236 -14.44 -14.70 6.51
N ASP B 237 -15.30 -14.02 5.76
CA ASP B 237 -14.92 -12.74 5.16
C ASP B 237 -15.03 -11.64 6.20
N VAL B 238 -14.24 -10.58 6.03
CA VAL B 238 -14.23 -9.45 6.96
C VAL B 238 -15.63 -8.81 7.09
N ALA B 239 -16.22 -8.95 8.27
CA ALA B 239 -17.55 -8.39 8.54
C ALA B 239 -17.49 -6.95 9.03
N ALA B 240 -16.30 -6.49 9.41
CA ALA B 240 -16.11 -5.14 9.92
C ALA B 240 -14.68 -4.67 9.63
N VAL B 241 -14.51 -3.36 9.46
CA VAL B 241 -13.19 -2.78 9.17
C VAL B 241 -12.77 -1.80 10.26
N ILE B 242 -11.54 -1.31 10.17
CA ILE B 242 -11.04 -0.35 11.16
C ILE B 242 -11.87 0.94 11.17
N HIS B 243 -12.34 1.33 12.36
CA HIS B 243 -13.17 2.53 12.54
C HIS B 243 -12.28 3.76 12.34
N PRO B 244 -12.79 4.80 11.65
CA PRO B 244 -11.98 5.99 11.42
C PRO B 244 -11.41 6.68 12.66
N ASN B 245 -11.88 6.30 13.85
CA ASN B 245 -11.38 6.90 15.09
C ASN B 245 -10.12 6.13 15.58
N LEU B 246 -9.90 4.92 15.04
CA LEU B 246 -8.72 4.12 15.40
C LEU B 246 -7.68 4.16 14.26
N GLN B 247 -8.17 4.31 13.03
CA GLN B 247 -7.28 4.37 11.86
C GLN B 247 -6.18 5.43 12.05
N ASP B 248 -4.95 5.06 11.74
CA ASP B 248 -3.77 5.93 11.85
C ASP B 248 -3.48 6.41 13.28
N GLN B 249 -4.22 5.88 14.26
CA GLN B 249 -4.03 6.30 15.66
C GLN B 249 -3.19 5.32 16.49
N ASP B 250 -2.24 4.66 15.83
CA ASP B 250 -1.36 3.75 16.52
C ASP B 250 -0.72 4.50 17.69
N TRP B 251 -0.42 3.77 18.75
CA TRP B 251 0.23 4.24 19.98
C TRP B 251 -0.65 5.00 20.98
N LYS B 252 -1.74 5.60 20.53
CA LYS B 252 -2.59 6.38 21.45
C LYS B 252 -3.56 5.50 22.24
N PRO B 253 -3.61 5.68 23.58
CA PRO B 253 -4.48 4.90 24.44
C PRO B 253 -5.90 4.77 23.93
N LEU B 254 -6.43 3.54 24.01
CA LEU B 254 -7.80 3.25 23.58
C LEU B 254 -8.56 2.84 24.83
N HIS B 255 -9.78 3.37 24.97
CA HIS B 255 -10.61 3.06 26.14
C HIS B 255 -11.79 2.16 25.79
N PRO B 256 -12.16 1.26 26.72
CA PRO B 256 -13.28 0.31 26.52
C PRO B 256 -14.44 0.77 25.62
N GLY B 257 -14.88 2.00 25.80
CA GLY B 257 -16.00 2.49 24.99
C GLY B 257 -15.60 3.25 23.72
N ASP B 258 -14.32 3.24 23.38
CA ASP B 258 -13.84 3.94 22.19
C ASP B 258 -14.17 3.12 20.95
N PRO B 259 -14.56 3.79 19.86
CA PRO B 259 -14.91 3.13 18.60
C PRO B 259 -13.70 2.53 17.91
N VAL B 260 -13.74 1.22 17.62
CA VAL B 260 -12.62 0.55 16.98
C VAL B 260 -12.91 0.00 15.59
N PHE B 261 -14.11 -0.55 15.39
CA PHE B 261 -14.53 -1.07 14.07
C PHE B 261 -15.88 -0.46 13.72
N VAL B 262 -16.25 -0.54 12.44
CA VAL B 262 -17.55 -0.05 11.98
C VAL B 262 -17.95 -0.83 10.75
N SER B 263 -19.24 -1.15 10.62
CA SER B 263 -19.72 -1.90 9.46
C SER B 263 -20.18 -0.94 8.38
N LEU B 264 -20.55 -1.49 7.24
CA LEU B 264 -21.05 -0.67 6.15
C LEU B 264 -22.43 -0.15 6.55
N ASP B 265 -23.21 -0.99 7.21
CA ASP B 265 -24.55 -0.61 7.64
C ASP B 265 -24.43 0.28 8.87
N GLY B 266 -23.20 0.71 9.16
CA GLY B 266 -22.93 1.60 10.28
C GLY B 266 -22.85 1.07 11.71
N LYS B 267 -22.85 -0.24 11.92
CA LYS B 267 -22.76 -0.80 13.28
C LYS B 267 -21.38 -0.47 13.84
N VAL B 268 -21.33 0.32 14.92
CA VAL B 268 -20.06 0.71 15.53
C VAL B 268 -19.73 -0.19 16.69
N ILE B 269 -18.59 -0.88 16.62
CA ILE B 269 -18.16 -1.79 17.67
C ILE B 269 -17.09 -1.09 18.51
N PRO B 270 -17.32 -0.97 19.83
CA PRO B 270 -16.35 -0.32 20.70
C PRO B 270 -15.26 -1.26 21.20
N LEU B 271 -14.22 -0.70 21.79
CA LEU B 271 -13.11 -1.50 22.30
C LEU B 271 -13.52 -2.64 23.21
N GLY B 272 -14.23 -2.32 24.29
CA GLY B 272 -14.65 -3.36 25.22
C GLY B 272 -13.67 -3.63 26.37
N GLY B 273 -14.21 -4.06 27.51
CA GLY B 273 -13.34 -4.36 28.64
C GLY B 273 -13.35 -3.34 29.78
N ASP B 274 -12.17 -3.04 30.30
CA ASP B 274 -12.01 -2.09 31.40
C ASP B 274 -10.57 -1.65 31.63
N CYS B 275 -9.67 -1.97 30.70
CA CYS B 275 -8.29 -1.58 30.87
C CYS B 275 -7.81 -0.70 29.72
N THR B 276 -6.63 -0.11 29.86
CA THR B 276 -6.11 0.75 28.80
C THR B 276 -5.24 -0.13 27.89
N VAL B 277 -5.33 0.10 26.59
CA VAL B 277 -4.58 -0.65 25.60
C VAL B 277 -3.94 0.33 24.63
N TYR B 278 -2.82 -0.08 24.05
CA TYR B 278 -2.11 0.76 23.11
C TYR B 278 -1.95 -0.11 21.87
N PRO B 279 -2.80 0.13 20.84
CA PRO B 279 -2.72 -0.67 19.62
C PRO B 279 -1.50 -0.37 18.78
N VAL B 280 -0.99 -1.41 18.13
CA VAL B 280 0.13 -1.25 17.20
C VAL B 280 -0.24 -2.07 15.95
N PHE B 281 0.21 -1.57 14.80
CA PHE B 281 -0.05 -2.18 13.50
C PHE B 281 -1.52 -2.11 13.14
N VAL B 282 -2.09 -0.93 13.36
CA VAL B 282 -3.50 -0.70 13.02
C VAL B 282 -3.63 -0.73 11.51
N ASN B 283 -4.32 -1.76 11.02
CA ASN B 283 -4.55 -1.92 9.58
C ASN B 283 -3.32 -2.16 8.70
N GLU B 284 -2.54 -3.18 9.03
CA GLU B 284 -1.37 -3.56 8.23
C GLU B 284 -1.88 -4.56 7.18
N ALA B 285 -1.73 -4.21 5.91
CA ALA B 285 -2.20 -5.05 4.81
C ALA B 285 -1.80 -6.53 4.89
N ALA B 286 -0.54 -6.78 5.26
CA ALA B 286 -0.02 -8.15 5.35
C ALA B 286 -0.68 -8.99 6.43
N TYR B 287 -1.31 -8.32 7.39
CA TYR B 287 -1.92 -9.03 8.51
C TYR B 287 -3.39 -9.39 8.34
N TYR B 288 -4.01 -9.05 7.22
CA TYR B 288 -5.41 -9.43 7.04
C TYR B 288 -5.48 -10.97 7.11
N GLU B 289 -4.44 -11.64 6.60
CA GLU B 289 -4.46 -13.09 6.63
C GLU B 289 -4.08 -13.65 8.00
N LYS B 290 -3.21 -12.95 8.73
CA LYS B 290 -2.82 -13.39 10.07
C LYS B 290 -3.94 -13.11 11.07
N LYS B 291 -5.07 -12.65 10.54
CA LYS B 291 -6.25 -12.36 11.34
C LYS B 291 -6.01 -11.31 12.42
N GLU B 292 -5.31 -10.23 12.05
CA GLU B 292 -5.05 -9.14 12.97
C GLU B 292 -5.44 -7.81 12.35
N ALA B 293 -6.30 -7.05 13.05
CA ALA B 293 -6.73 -5.73 12.60
C ALA B 293 -5.81 -4.74 13.33
N PHE B 294 -5.28 -5.17 14.47
CA PHE B 294 -4.30 -4.41 15.28
C PHE B 294 -3.83 -5.30 16.44
N ALA B 295 -2.69 -4.93 17.06
CA ALA B 295 -2.15 -5.70 18.18
C ALA B 295 -2.38 -4.94 19.48
N LYS B 296 -2.70 -5.68 20.55
CA LYS B 296 -2.90 -5.10 21.88
C LYS B 296 -1.64 -5.30 22.72
N THR B 297 -1.03 -4.21 23.16
CA THR B 297 0.16 -4.31 23.99
C THR B 297 0.02 -3.38 25.18
N THR B 298 0.90 -3.57 26.16
CA THR B 298 0.97 -2.75 27.36
C THR B 298 2.25 -1.90 27.32
N LYS B 299 2.19 -0.73 27.96
CA LYS B 299 3.32 0.21 27.98
C LYS B 299 4.02 0.25 29.34
N LEU B 300 5.24 -0.29 29.42
CA LEU B 300 5.98 -0.27 30.68
C LEU B 300 7.34 0.40 30.53
N THR B 301 8.11 0.40 31.60
CA THR B 301 9.44 1.01 31.58
C THR B 301 10.48 -0.10 31.73
N LEU B 302 11.55 -0.03 30.94
CA LEU B 302 12.60 -1.05 31.06
C LEU B 302 13.92 -0.44 31.44
N ASN B 303 14.60 -1.05 32.41
CA ASN B 303 15.91 -0.58 32.85
C ASN B 303 17.04 -1.44 32.29
N ALA B 304 18.19 -0.82 32.07
CA ALA B 304 19.37 -1.52 31.59
C ALA B 304 20.48 -1.27 32.59
N LYS B 305 21.45 -2.18 32.61
CA LYS B 305 22.58 -2.05 33.51
C LYS B 305 23.63 -1.12 32.89
N SER B 306 24.86 -1.28 33.36
CA SER B 306 25.98 -0.47 32.89
C SER B 306 26.75 -1.25 31.82
N ILE B 307 26.90 -0.70 30.62
CA ILE B 307 27.67 -1.42 29.61
C ILE B 307 28.90 -0.61 29.17
N ARG B 308 29.93 -1.36 28.77
CA ARG B 308 31.18 -0.80 28.26
C ARG B 308 31.80 -1.95 27.49
N SER B 309 32.96 -1.70 26.90
CA SER B 309 33.68 -2.72 26.17
C SER B 309 34.76 -3.28 27.08
N THR B 310 35.65 -4.10 26.52
CA THR B 310 36.72 -4.71 27.31
C THR B 310 38.17 -4.52 26.80
ZN ZN C . -6.53 1.93 -9.85
S SO4 D . -11.74 -0.97 -29.46
O1 SO4 D . -12.41 -0.05 -28.51
O2 SO4 D . -12.05 -2.37 -29.10
O3 SO4 D . -12.24 -0.71 -30.83
O4 SO4 D . -10.29 -0.78 -29.41
S SO4 E . -23.52 13.34 0.97
O1 SO4 E . -23.10 14.29 2.02
O2 SO4 E . -24.81 13.78 0.40
O3 SO4 E . -22.49 13.31 -0.10
O4 SO4 E . -23.67 11.99 1.54
S SO4 F . 1.05 -9.08 -4.71
O1 SO4 F . 1.12 -7.77 -5.37
O2 SO4 F . -0.19 -9.77 -5.06
O3 SO4 F . 2.19 -9.90 -5.13
O4 SO4 F . 1.08 -8.86 -3.24
ZN ZN G . 7.61 -6.93 7.17
S SO4 H . 5.79 -10.37 10.62
O1 SO4 H . 4.56 -10.72 11.35
O2 SO4 H . 6.17 -11.49 9.72
O3 SO4 H . 5.58 -9.15 9.83
O4 SO4 H . 6.87 -10.14 11.60
S SO4 I . 20.11 12.69 12.00
O1 SO4 I . 19.54 13.83 11.25
O2 SO4 I . 19.22 12.35 13.13
O3 SO4 I . 20.19 11.53 11.09
O4 SO4 I . 21.45 13.04 12.51
N CYS A 4 -29.87 22.00 -26.66
CA CYS A 4 -30.23 20.98 -25.64
C CYS A 4 -30.22 19.57 -26.21
N VAL A 5 -29.38 18.72 -25.64
CA VAL A 5 -29.26 17.34 -26.09
C VAL A 5 -30.34 16.46 -25.45
N ALA A 6 -31.20 15.89 -26.29
CA ALA A 6 -32.29 15.02 -25.82
C ALA A 6 -31.95 13.58 -26.16
N GLU A 7 -32.31 12.67 -25.26
CA GLU A 7 -32.04 11.24 -25.46
C GLU A 7 -32.96 10.36 -24.63
N GLU A 8 -33.03 9.07 -24.97
CA GLU A 8 -33.86 8.12 -24.26
C GLU A 8 -33.25 7.80 -22.88
N PRO A 9 -34.07 7.32 -21.93
CA PRO A 9 -33.61 6.98 -20.58
C PRO A 9 -32.61 5.82 -20.48
N ILE A 10 -31.77 5.89 -19.43
CA ILE A 10 -30.72 4.90 -19.15
C ILE A 10 -31.21 3.77 -18.25
N LYS A 11 -31.31 2.57 -18.78
CA LYS A 11 -31.75 1.44 -17.96
C LYS A 11 -30.56 0.60 -17.47
N LYS A 12 -29.76 0.13 -18.42
CA LYS A 12 -28.63 -0.74 -18.11
C LYS A 12 -27.44 0.00 -17.51
N ILE A 13 -27.14 -0.34 -16.26
CA ILE A 13 -26.05 0.27 -15.53
C ILE A 13 -25.36 -0.83 -14.74
N ALA A 14 -24.03 -0.86 -14.78
CA ALA A 14 -23.27 -1.85 -14.02
C ALA A 14 -22.30 -1.11 -13.12
N ILE A 15 -21.96 -1.72 -11.99
CA ILE A 15 -20.97 -1.18 -11.06
C ILE A 15 -19.98 -2.32 -10.90
N PHE A 16 -18.75 -2.13 -11.37
CA PHE A 16 -17.73 -3.17 -11.26
C PHE A 16 -16.82 -2.96 -10.05
N GLY A 17 -16.35 -4.07 -9.47
CA GLY A 17 -15.45 -4.02 -8.35
C GLY A 17 -14.45 -5.17 -8.51
N GLY A 18 -13.22 -4.98 -8.06
CA GLY A 18 -12.22 -6.04 -8.17
C GLY A 18 -11.61 -6.22 -9.57
N THR A 19 -11.69 -5.20 -10.43
CA THR A 19 -11.07 -5.28 -11.75
C THR A 19 -9.58 -5.52 -11.48
N HIS A 20 -9.10 -4.96 -10.36
CA HIS A 20 -7.74 -5.20 -9.87
C HIS A 20 -7.99 -5.90 -8.54
N GLY A 21 -7.46 -7.12 -8.42
CA GLY A 21 -7.72 -7.95 -7.26
C GLY A 21 -7.20 -7.49 -5.92
N ASN A 22 -6.23 -6.58 -5.91
CA ASN A 22 -5.66 -6.11 -4.66
C ASN A 22 -6.24 -4.77 -4.27
N GLU A 23 -7.31 -4.35 -4.93
CA GLU A 23 -7.95 -3.07 -4.60
C GLU A 23 -9.26 -3.37 -3.87
N LEU A 24 -9.18 -3.47 -2.55
CA LEU A 24 -10.32 -3.88 -1.75
C LEU A 24 -11.58 -3.04 -1.61
N THR A 25 -11.50 -1.72 -1.78
CA THR A 25 -12.69 -0.92 -1.58
C THR A 25 -13.81 -1.31 -2.55
N GLY A 26 -13.54 -1.25 -3.85
CA GLY A 26 -14.56 -1.60 -4.83
C GLY A 26 -15.12 -2.97 -4.53
N VAL A 27 -14.25 -3.88 -4.11
CA VAL A 27 -14.66 -5.24 -3.78
C VAL A 27 -15.63 -5.22 -2.61
N PHE A 28 -15.25 -4.46 -1.57
CA PHE A 28 -16.06 -4.37 -0.36
C PHE A 28 -17.49 -3.92 -0.70
N LEU A 29 -17.61 -2.84 -1.47
CA LEU A 29 -18.95 -2.35 -1.83
C LEU A 29 -19.75 -3.35 -2.67
N VAL A 30 -19.19 -3.79 -3.80
CA VAL A 30 -19.90 -4.73 -4.66
C VAL A 30 -20.30 -5.98 -3.87
N THR A 31 -19.36 -6.55 -3.13
CA THR A 31 -19.66 -7.74 -2.33
C THR A 31 -20.87 -7.46 -1.42
N HIS A 32 -20.77 -6.40 -0.63
CA HIS A 32 -21.85 -6.01 0.27
C HIS A 32 -23.20 -5.81 -0.46
N TRP A 33 -23.12 -5.25 -1.67
CA TRP A 33 -24.33 -4.97 -2.45
C TRP A 33 -24.91 -6.21 -3.08
N LEU A 34 -24.08 -7.22 -3.33
CA LEU A 34 -24.60 -8.46 -3.86
C LEU A 34 -25.39 -9.10 -2.74
N LYS A 35 -24.98 -8.84 -1.50
CA LYS A 35 -25.66 -9.39 -0.33
C LYS A 35 -27.03 -8.75 -0.15
N ASN A 36 -27.01 -7.44 0.08
CA ASN A 36 -28.21 -6.67 0.31
C ASN A 36 -28.04 -5.49 -0.64
N GLY A 37 -28.83 -5.42 -1.71
CA GLY A 37 -28.65 -4.35 -2.68
C GLY A 37 -29.50 -3.09 -2.58
N ALA A 38 -30.15 -2.90 -1.42
CA ALA A 38 -31.01 -1.73 -1.26
C ALA A 38 -30.29 -0.41 -1.55
N GLU A 39 -29.03 -0.31 -1.17
CA GLU A 39 -28.27 0.92 -1.36
C GLU A 39 -28.10 1.38 -2.81
N VAL A 40 -27.97 0.45 -3.77
CA VAL A 40 -27.77 0.87 -5.17
C VAL A 40 -29.06 0.87 -5.96
N HIS A 41 -30.14 0.47 -5.33
CA HIS A 41 -31.44 0.45 -6.00
C HIS A 41 -31.96 1.86 -6.25
N ARG A 42 -32.35 2.14 -7.49
CA ARG A 42 -32.95 3.43 -7.84
C ARG A 42 -34.25 3.11 -8.57
N ALA A 43 -35.17 4.07 -8.59
CA ALA A 43 -36.43 3.89 -9.29
C ALA A 43 -36.19 3.32 -10.69
N GLY A 44 -36.62 2.08 -10.91
CA GLY A 44 -36.48 1.41 -12.20
C GLY A 44 -35.07 1.26 -12.75
N LEU A 45 -34.18 2.18 -12.39
CA LEU A 45 -32.82 2.10 -12.89
C LEU A 45 -32.30 0.70 -12.71
N GLU A 46 -32.00 0.02 -13.81
CA GLU A 46 -31.49 -1.34 -13.73
C GLU A 46 -29.97 -1.26 -13.51
N VAL A 47 -29.58 -1.01 -12.27
CA VAL A 47 -28.16 -0.92 -11.87
C VAL A 47 -27.69 -2.29 -11.40
N LYS A 48 -26.56 -2.76 -11.90
CA LYS A 48 -26.08 -4.07 -11.46
C LYS A 48 -24.63 -4.08 -10.99
N PRO A 49 -24.41 -4.27 -9.68
CA PRO A 49 -23.03 -4.30 -9.19
C PRO A 49 -22.45 -5.58 -9.76
N PHE A 50 -21.12 -5.76 -9.73
CA PHE A 50 -20.55 -6.97 -10.27
C PHE A 50 -19.04 -6.99 -10.05
N ILE A 51 -18.52 -8.06 -9.45
CA ILE A 51 -17.07 -8.17 -9.25
C ILE A 51 -16.53 -8.58 -10.61
N THR A 52 -15.32 -8.17 -10.97
CA THR A 52 -14.81 -8.51 -12.31
C THR A 52 -13.66 -9.53 -12.34
N ASN A 53 -12.72 -9.46 -11.41
CA ASN A 53 -11.62 -10.42 -11.42
C ASN A 53 -11.64 -11.18 -10.10
N PRO A 54 -12.57 -12.13 -9.94
CA PRO A 54 -12.65 -12.91 -8.69
C PRO A 54 -11.43 -13.76 -8.34
N ARG A 55 -10.75 -14.29 -9.33
CA ARG A 55 -9.56 -15.11 -9.05
C ARG A 55 -8.45 -14.24 -8.46
N ALA A 56 -8.25 -13.05 -9.02
CA ALA A 56 -7.22 -12.13 -8.48
C ALA A 56 -7.64 -11.66 -7.08
N VAL A 57 -8.95 -11.42 -6.89
CA VAL A 57 -9.47 -10.99 -5.58
C VAL A 57 -9.19 -12.08 -4.54
N GLU A 58 -9.44 -13.34 -4.91
CA GLU A 58 -9.21 -14.43 -3.95
C GLU A 58 -7.74 -14.53 -3.55
N LYS A 59 -6.84 -14.14 -4.45
CA LYS A 59 -5.39 -14.17 -4.17
C LYS A 59 -4.90 -12.78 -3.69
N CYS A 60 -5.82 -11.83 -3.63
CA CYS A 60 -5.51 -10.44 -3.27
C CYS A 60 -4.28 -10.02 -4.04
N THR A 61 -4.44 -9.96 -5.36
CA THR A 61 -3.37 -9.58 -6.29
C THR A 61 -3.96 -8.72 -7.40
N ARG A 62 -3.15 -7.93 -8.08
CA ARG A 62 -3.69 -7.06 -9.13
C ARG A 62 -4.28 -7.84 -10.29
N TYR A 63 -3.53 -8.85 -10.75
CA TYR A 63 -3.96 -9.70 -11.86
C TYR A 63 -3.26 -11.05 -11.81
N ILE A 64 -3.86 -12.05 -12.44
CA ILE A 64 -3.26 -13.38 -12.46
C ILE A 64 -2.13 -13.38 -13.50
N ASP A 65 -2.46 -13.17 -14.77
CA ASP A 65 -1.48 -13.17 -15.86
C ASP A 65 -1.17 -11.78 -16.41
N CYS A 66 -2.21 -11.04 -16.82
CA CYS A 66 -1.99 -9.67 -17.30
C CYS A 66 -3.09 -8.74 -16.78
N ASP A 67 -2.88 -7.44 -16.94
CA ASP A 67 -3.83 -6.43 -16.45
C ASP A 67 -5.22 -6.59 -17.10
N LEU A 68 -6.25 -6.92 -16.30
CA LEU A 68 -7.60 -7.09 -16.85
C LEU A 68 -8.14 -5.79 -17.45
N ASN A 69 -7.70 -4.65 -16.91
CA ASN A 69 -8.17 -3.34 -17.37
C ASN A 69 -7.47 -2.85 -18.64
N ARG A 70 -6.67 -3.71 -19.28
CA ARG A 70 -5.97 -3.34 -20.51
C ARG A 70 -6.19 -4.34 -21.64
N VAL A 71 -7.18 -5.23 -21.51
CA VAL A 71 -7.40 -6.25 -22.53
C VAL A 71 -8.78 -6.25 -23.13
N PHE A 72 -9.45 -5.09 -23.10
CA PHE A 72 -10.78 -5.01 -23.67
C PHE A 72 -10.81 -4.39 -25.06
N ASP A 73 -9.69 -4.51 -25.77
CA ASP A 73 -9.62 -4.03 -27.16
C ASP A 73 -10.25 -5.11 -28.06
N LEU A 74 -10.70 -4.72 -29.24
CA LEU A 74 -11.34 -5.64 -30.17
C LEU A 74 -10.55 -6.92 -30.45
N GLU A 75 -9.25 -6.78 -30.67
CA GLU A 75 -8.43 -7.94 -30.98
C GLU A 75 -8.55 -8.98 -29.88
N ASN A 76 -8.42 -8.55 -28.63
CA ASN A 76 -8.50 -9.48 -27.51
C ASN A 76 -9.92 -10.04 -27.30
N LEU A 77 -10.93 -9.19 -27.48
CA LEU A 77 -12.30 -9.69 -27.31
C LEU A 77 -12.67 -10.68 -28.42
N SER A 78 -11.92 -10.69 -29.52
CA SER A 78 -12.22 -11.65 -30.58
C SER A 78 -11.11 -12.72 -30.72
N LYS A 79 -10.19 -12.73 -29.78
CA LYS A 79 -9.07 -13.68 -29.83
C LYS A 79 -9.45 -15.12 -29.48
N GLU A 80 -9.03 -16.08 -30.31
CA GLU A 80 -9.34 -17.48 -30.00
C GLU A 80 -8.50 -17.88 -28.80
N MSE A 81 -9.00 -18.79 -27.97
CA MSE A 81 -8.22 -19.23 -26.81
C MSE A 81 -6.96 -19.94 -27.29
O MSE A 81 -6.95 -20.54 -28.35
CB MSE A 81 -9.07 -20.19 -25.95
CG MSE A 81 -10.22 -19.53 -25.24
SE MSE A 81 -9.62 -18.06 -24.14
CE MSE A 81 -10.09 -16.61 -25.36
N SER A 82 -5.90 -19.84 -26.50
CA SER A 82 -4.63 -20.50 -26.81
C SER A 82 -4.02 -20.93 -25.46
N GLU A 83 -3.34 -22.06 -25.46
CA GLU A 83 -2.77 -22.62 -24.25
C GLU A 83 -2.15 -21.63 -23.26
N ASP A 84 -1.22 -20.81 -23.75
CA ASP A 84 -0.50 -19.89 -22.87
C ASP A 84 -1.04 -18.45 -22.87
N LEU A 85 -2.31 -18.30 -23.24
CA LEU A 85 -2.96 -17.00 -23.28
C LEU A 85 -3.21 -16.46 -21.88
N PRO A 86 -3.12 -15.13 -21.71
CA PRO A 86 -3.38 -14.61 -20.35
C PRO A 86 -4.80 -14.93 -19.85
N TYR A 87 -4.92 -15.30 -18.59
CA TYR A 87 -6.21 -15.59 -17.99
C TYR A 87 -7.16 -14.39 -18.16
N GLU A 88 -6.61 -13.18 -18.00
CA GLU A 88 -7.47 -12.00 -18.10
C GLU A 88 -8.14 -11.83 -19.48
N VAL A 89 -7.53 -12.37 -20.54
CA VAL A 89 -8.14 -12.25 -21.87
C VAL A 89 -9.41 -13.10 -21.95
N ARG A 90 -9.36 -14.29 -21.36
CA ARG A 90 -10.54 -15.17 -21.33
C ARG A 90 -11.63 -14.52 -20.44
N ARG A 91 -11.23 -13.96 -19.30
CA ARG A 91 -12.22 -13.33 -18.39
C ARG A 91 -12.86 -12.10 -19.04
N ALA A 92 -12.12 -11.42 -19.91
CA ALA A 92 -12.63 -10.22 -20.56
C ALA A 92 -13.75 -10.58 -21.54
N GLN A 93 -13.67 -11.77 -22.14
CA GLN A 93 -14.72 -12.19 -23.09
C GLN A 93 -15.98 -12.53 -22.31
N GLU A 94 -15.81 -13.14 -21.13
CA GLU A 94 -16.94 -13.48 -20.28
C GLU A 94 -17.66 -12.21 -19.78
N ILE A 95 -16.88 -11.23 -19.32
CA ILE A 95 -17.46 -9.97 -18.84
C ILE A 95 -18.24 -9.35 -19.98
N ASN A 96 -17.64 -9.34 -21.17
CA ASN A 96 -18.32 -8.79 -22.35
C ASN A 96 -19.59 -9.60 -22.69
N HIS A 97 -19.50 -10.93 -22.67
CA HIS A 97 -20.65 -11.78 -23.00
C HIS A 97 -21.87 -11.39 -22.15
N LEU A 98 -21.61 -10.70 -21.03
CA LEU A 98 -22.66 -10.26 -20.12
C LEU A 98 -23.03 -8.76 -20.24
N PHE A 99 -22.05 -7.89 -20.11
CA PHE A 99 -22.31 -6.45 -20.13
C PHE A 99 -22.26 -5.75 -21.48
N GLY A 100 -21.80 -6.50 -22.48
CA GLY A 100 -21.75 -6.00 -23.83
C GLY A 100 -22.87 -6.69 -24.60
N PRO A 101 -22.65 -7.07 -25.87
CA PRO A 101 -21.41 -6.89 -26.63
C PRO A 101 -20.99 -5.44 -26.77
N LYS A 102 -19.73 -5.16 -26.44
CA LYS A 102 -19.19 -3.81 -26.62
C LYS A 102 -19.41 -3.46 -28.09
N ASN A 103 -19.51 -2.16 -28.38
CA ASN A 103 -19.73 -1.67 -29.74
C ASN A 103 -21.18 -1.75 -30.20
N SER A 104 -21.92 -2.79 -29.82
CA SER A 104 -23.32 -2.89 -30.27
C SER A 104 -24.26 -2.07 -29.41
N ASP A 105 -25.39 -1.68 -29.97
CA ASP A 105 -26.38 -0.91 -29.23
C ASP A 105 -27.01 -1.70 -28.10
N ASP A 106 -26.65 -2.97 -27.99
CA ASP A 106 -27.18 -3.85 -26.94
C ASP A 106 -26.36 -3.85 -25.67
N ALA A 107 -25.11 -3.42 -25.74
CA ALA A 107 -24.25 -3.40 -24.57
C ALA A 107 -24.74 -2.44 -23.48
N TYR A 108 -24.15 -2.51 -22.30
CA TYR A 108 -24.55 -1.63 -21.21
C TYR A 108 -24.40 -0.13 -21.43
N ASP A 109 -25.38 0.62 -20.93
CA ASP A 109 -25.39 2.09 -21.06
C ASP A 109 -24.34 2.81 -20.26
N VAL A 110 -24.11 2.33 -19.04
CA VAL A 110 -23.14 2.96 -18.16
C VAL A 110 -22.51 1.89 -17.29
N VAL A 111 -21.20 1.96 -17.15
CA VAL A 111 -20.49 1.03 -16.28
C VAL A 111 -19.70 1.86 -15.27
N PHE A 112 -19.77 1.48 -14.00
CA PHE A 112 -19.01 2.13 -12.93
C PHE A 112 -17.94 1.13 -12.48
N ASP A 113 -16.70 1.31 -12.93
CA ASP A 113 -15.61 0.41 -12.54
C ASP A 113 -14.82 1.19 -11.50
N LEU A 114 -14.88 0.70 -10.27
CA LEU A 114 -14.26 1.32 -9.11
C LEU A 114 -12.78 0.98 -8.95
N HIS A 115 -11.99 1.98 -8.58
CA HIS A 115 -10.55 1.80 -8.40
C HIS A 115 -9.95 2.65 -7.27
N ASN A 116 -8.88 2.13 -6.66
CA ASN A 116 -8.16 2.85 -5.61
C ASN A 116 -6.75 3.07 -6.16
N THR A 117 -6.05 4.05 -5.59
CA THR A 117 -4.68 4.32 -6.00
C THR A 117 -3.89 4.63 -4.74
N THR A 118 -2.61 4.29 -4.74
CA THR A 118 -1.77 4.62 -3.59
C THR A 118 -1.34 6.10 -3.68
N SER A 119 -1.76 6.79 -4.75
CA SER A 119 -1.46 8.20 -4.95
C SER A 119 -2.49 9.07 -4.21
N ASN A 120 -2.08 10.26 -3.75
CA ASN A 120 -3.00 11.17 -3.04
C ASN A 120 -3.93 11.88 -4.03
N MSE A 121 -4.74 11.07 -4.71
CA MSE A 121 -5.66 11.58 -5.75
C MSE A 121 -7.00 12.06 -5.23
O MSE A 121 -7.68 12.87 -5.89
CB MSE A 121 -5.91 10.49 -6.80
CG MSE A 121 -4.70 10.15 -7.64
SE MSE A 121 -4.32 11.53 -8.94
CE MSE A 121 -5.64 11.05 -10.28
N GLY A 122 -7.38 11.59 -4.05
CA GLY A 122 -8.66 11.97 -3.49
C GLY A 122 -9.76 11.44 -4.38
N CYS A 123 -10.93 12.07 -4.35
CA CYS A 123 -12.06 11.66 -5.18
C CYS A 123 -11.79 12.02 -6.64
N THR A 124 -11.74 11.01 -7.50
CA THR A 124 -11.45 11.22 -8.91
C THR A 124 -12.38 10.42 -9.85
N LEU A 125 -12.90 11.09 -10.88
CA LEU A 125 -13.78 10.48 -11.87
C LEU A 125 -12.95 10.40 -13.16
N ILE A 126 -13.21 9.40 -13.99
CA ILE A 126 -12.48 9.22 -15.25
C ILE A 126 -13.47 9.38 -16.41
N LEU A 127 -13.18 10.34 -17.30
CA LEU A 127 -14.01 10.67 -18.44
C LEU A 127 -13.31 10.22 -19.72
N GLY A 128 -14.00 9.48 -20.58
CA GLY A 128 -13.38 9.00 -21.79
C GLY A 128 -13.87 9.66 -23.06
N ASP A 129 -14.74 10.67 -22.92
CA ASP A 129 -15.27 11.38 -24.09
C ASP A 129 -15.57 12.83 -23.73
N SER A 130 -14.68 13.71 -24.20
CA SER A 130 -14.80 15.13 -23.95
C SER A 130 -16.06 15.72 -24.59
N GLY A 131 -16.62 15.01 -25.57
CA GLY A 131 -17.81 15.50 -26.23
C GLY A 131 -19.08 14.81 -25.78
N ASN A 132 -19.05 14.23 -24.58
CA ASN A 132 -20.20 13.51 -24.04
C ASN A 132 -20.95 14.37 -23.02
N ASP A 133 -21.90 15.18 -23.50
CA ASP A 133 -22.68 16.05 -22.63
C ASP A 133 -23.30 15.29 -21.47
N PHE A 134 -23.73 14.05 -21.71
CA PHE A 134 -24.35 13.29 -20.63
C PHE A 134 -23.39 13.12 -19.46
N LEU A 135 -22.14 12.78 -19.74
CA LEU A 135 -21.16 12.58 -18.67
C LEU A 135 -20.53 13.87 -18.18
N ILE A 136 -20.23 14.78 -19.09
CA ILE A 136 -19.63 16.02 -18.64
C ILE A 136 -20.56 16.62 -17.61
N GLN A 137 -21.86 16.44 -17.83
CA GLN A 137 -22.88 16.93 -16.91
C GLN A 137 -23.00 15.96 -15.73
N MSE A 138 -22.89 14.66 -16.00
CA MSE A 138 -22.98 13.71 -14.89
C MSE A 138 -21.96 14.10 -13.83
O MSE A 138 -22.29 14.17 -12.65
CB MSE A 138 -22.68 12.28 -15.33
CG MSE A 138 -22.71 11.32 -14.12
SE MSE A 138 -22.08 9.49 -14.45
CE MSE A 138 -23.49 8.90 -15.66
N PHE A 139 -20.73 14.37 -14.27
CA PHE A 139 -19.67 14.71 -13.33
C PHE A 139 -19.84 16.07 -12.67
N HIS A 140 -20.42 17.02 -13.40
CA HIS A 140 -20.66 18.35 -12.85
C HIS A 140 -21.54 18.18 -11.63
N TYR A 141 -22.56 17.32 -11.71
CA TYR A 141 -23.48 17.09 -10.58
C TYR A 141 -22.77 16.53 -9.36
N ILE A 142 -22.16 15.36 -9.53
CA ILE A 142 -21.44 14.71 -8.44
C ILE A 142 -20.47 15.67 -7.74
N LYS A 143 -19.67 16.40 -8.52
CA LYS A 143 -18.69 17.34 -7.95
C LYS A 143 -19.31 18.34 -6.97
N THR A 144 -20.46 18.90 -7.35
CA THR A 144 -21.16 19.88 -6.50
C THR A 144 -21.69 19.21 -5.24
N CYS A 145 -21.97 17.91 -5.34
CA CYS A 145 -22.52 17.17 -4.22
C CYS A 145 -21.47 16.70 -3.23
N MSE A 146 -20.27 16.44 -3.74
CA MSE A 146 -19.17 15.97 -2.90
C MSE A 146 -18.49 17.12 -2.16
O MSE A 146 -17.72 16.88 -1.23
CB MSE A 146 -18.12 15.24 -3.75
CG MSE A 146 -18.60 13.97 -4.45
SE MSE A 146 -19.14 12.54 -3.27
CE MSE A 146 -17.47 12.23 -2.30
N ALA A 147 -18.77 18.36 -2.57
CA ALA A 147 -18.16 19.52 -1.92
C ALA A 147 -18.46 19.44 -0.41
N PRO A 148 -17.57 19.98 0.42
CA PRO A 148 -16.31 20.64 0.02
C PRO A 148 -15.18 19.73 -0.42
N LEU A 149 -15.43 18.43 -0.57
CA LEU A 149 -14.34 17.59 -1.02
C LEU A 149 -14.02 18.04 -2.44
N PRO A 150 -12.76 18.42 -2.69
CA PRO A 150 -12.41 18.88 -4.04
C PRO A 150 -12.36 17.68 -4.96
N CYS A 151 -13.47 17.42 -5.64
CA CYS A 151 -13.61 16.29 -6.57
C CYS A 151 -12.91 16.58 -7.90
N SER A 152 -12.19 15.59 -8.43
CA SER A 152 -11.43 15.81 -9.65
C SER A 152 -11.78 14.89 -10.80
N VAL A 153 -11.69 15.46 -12.02
CA VAL A 153 -11.99 14.73 -13.24
C VAL A 153 -10.74 14.62 -14.11
N TYR A 154 -10.33 13.38 -14.40
CA TYR A 154 -9.15 13.09 -15.21
C TYR A 154 -9.61 12.82 -16.65
N LEU A 155 -8.96 13.44 -17.63
CA LEU A 155 -9.34 13.24 -19.03
C LEU A 155 -8.31 12.38 -19.73
N ILE A 156 -8.72 11.18 -20.14
CA ILE A 156 -7.83 10.29 -20.85
C ILE A 156 -8.49 9.98 -22.19
N GLU A 157 -8.14 10.78 -23.21
CA GLU A 157 -8.71 10.62 -24.55
C GLU A 157 -7.91 9.65 -25.43
N HIS A 158 -6.58 9.68 -25.32
CA HIS A 158 -5.72 8.79 -26.12
C HIS A 158 -6.41 7.45 -26.34
N PRO A 159 -6.70 7.11 -27.62
CA PRO A 159 -7.37 5.84 -27.92
C PRO A 159 -6.74 4.67 -27.16
N SER A 160 -5.41 4.57 -27.25
CA SER A 160 -4.68 3.49 -26.59
C SER A 160 -4.88 3.46 -25.08
N LEU A 161 -5.13 4.62 -24.48
CA LEU A 161 -5.29 4.70 -23.03
C LEU A 161 -6.72 4.45 -22.55
N LYS A 162 -7.66 4.24 -23.47
CA LYS A 162 -9.01 3.98 -23.03
C LYS A 162 -9.77 2.90 -23.76
N TYR A 163 -9.28 2.51 -24.94
CA TYR A 163 -9.99 1.50 -25.73
C TYR A 163 -9.93 0.06 -25.17
N ALA A 164 -8.84 -0.29 -24.49
CA ALA A 164 -8.71 -1.65 -23.97
C ALA A 164 -9.15 -1.74 -22.51
N THR A 165 -9.56 -0.61 -21.93
CA THR A 165 -10.01 -0.59 -20.52
C THR A 165 -11.29 -1.39 -20.31
N THR A 166 -11.44 -1.93 -19.10
CA THR A 166 -12.58 -2.76 -18.75
C THR A 166 -13.92 -2.05 -18.84
N ARG A 167 -13.95 -0.75 -18.60
CA ARG A 167 -15.17 0.03 -18.63
C ARG A 167 -15.61 0.39 -20.06
N SER A 168 -14.71 0.20 -21.03
CA SER A 168 -15.04 0.56 -22.41
C SER A 168 -16.16 -0.28 -23.06
N ILE A 169 -16.72 -1.22 -22.32
CA ILE A 169 -17.83 -2.02 -22.83
C ILE A 169 -19.16 -1.25 -22.81
N ALA A 170 -19.25 -0.19 -22.01
CA ALA A 170 -20.48 0.61 -21.92
C ALA A 170 -20.56 1.71 -22.97
N LYS A 171 -21.78 2.20 -23.19
CA LYS A 171 -21.99 3.32 -24.10
C LYS A 171 -21.37 4.55 -23.41
N TYR A 172 -21.56 4.64 -22.10
CA TYR A 172 -21.02 5.73 -21.27
C TYR A 172 -20.05 5.12 -20.24
N PRO A 173 -18.73 5.14 -20.52
CA PRO A 173 -17.76 4.58 -19.58
C PRO A 173 -17.61 5.51 -18.39
N VAL A 174 -17.54 4.93 -17.20
CA VAL A 174 -17.33 5.70 -15.98
C VAL A 174 -16.33 5.00 -15.08
N GLY A 175 -15.20 5.67 -14.84
CA GLY A 175 -14.20 5.12 -13.95
C GLY A 175 -14.24 5.90 -12.64
N ILE A 176 -14.34 5.20 -11.51
CA ILE A 176 -14.34 5.85 -10.21
C ILE A 176 -12.99 5.50 -9.58
N GLU A 177 -12.28 6.55 -9.17
CA GLU A 177 -10.95 6.38 -8.59
C GLU A 177 -10.82 7.17 -7.30
N VAL A 178 -10.41 6.50 -6.22
CA VAL A 178 -10.23 7.17 -4.93
C VAL A 178 -8.90 6.76 -4.31
N GLY A 179 -8.09 7.75 -3.94
CA GLY A 179 -6.82 7.48 -3.30
C GLY A 179 -6.57 8.58 -2.28
N PRO A 180 -5.53 8.47 -1.45
CA PRO A 180 -4.56 7.38 -1.38
C PRO A 180 -4.95 6.24 -0.44
N GLN A 181 -4.68 5.01 -0.87
CA GLN A 181 -4.98 3.84 -0.05
C GLN A 181 -4.05 2.67 -0.41
N PRO A 182 -3.27 2.15 0.57
CA PRO A 182 -2.38 1.04 0.25
C PRO A 182 -3.21 -0.11 -0.32
N HIS A 183 -2.65 -0.87 -1.25
CA HIS A 183 -3.40 -2.00 -1.81
C HIS A 183 -3.51 -3.11 -0.76
N GLY A 184 -4.71 -3.64 -0.61
CA GLY A 184 -4.94 -4.69 0.39
C GLY A 184 -5.41 -4.12 1.73
N VAL A 185 -5.78 -2.85 1.75
CA VAL A 185 -6.28 -2.19 2.98
C VAL A 185 -7.56 -1.41 2.67
N LEU A 186 -8.48 -1.41 3.64
CA LEU A 186 -9.72 -0.65 3.54
C LEU A 186 -9.62 0.52 4.52
N ARG A 187 -10.09 1.68 4.09
CA ARG A 187 -10.09 2.88 4.93
C ARG A 187 -11.50 3.46 4.97
N ALA A 188 -11.79 4.21 6.03
CA ALA A 188 -13.10 4.81 6.17
C ALA A 188 -13.30 6.13 5.41
N ASP A 189 -12.21 6.84 5.14
CA ASP A 189 -12.30 8.10 4.42
C ASP A 189 -12.37 7.88 2.91
N ILE A 190 -11.70 6.83 2.44
CA ILE A 190 -11.64 6.44 1.03
C ILE A 190 -12.96 5.75 0.63
N LEU A 191 -13.52 5.05 1.62
CA LEU A 191 -14.76 4.29 1.50
C LEU A 191 -15.96 5.21 1.35
N ASP A 192 -16.14 6.10 2.31
CA ASP A 192 -17.25 7.03 2.27
C ASP A 192 -17.22 7.91 1.02
N GLN A 193 -16.04 8.40 0.66
CA GLN A 193 -15.91 9.25 -0.52
C GLN A 193 -16.50 8.53 -1.71
N MSE A 194 -16.20 7.24 -1.82
CA MSE A 194 -16.67 6.44 -2.94
C MSE A 194 -18.18 6.11 -2.95
O MSE A 194 -18.84 6.30 -3.98
CB MSE A 194 -15.91 5.13 -3.02
CG MSE A 194 -16.48 4.19 -4.06
SE MSE A 194 -15.00 3.43 -4.95
CE MSE A 194 -14.82 1.80 -3.98
N ARG A 195 -18.69 5.59 -1.85
CA ARG A 195 -20.11 5.22 -1.84
C ARG A 195 -20.94 6.49 -2.07
N ARG A 196 -20.44 7.63 -1.62
CA ARG A 196 -21.14 8.90 -1.82
C ARG A 196 -21.03 9.31 -3.30
N MSE A 197 -19.84 9.20 -3.88
CA MSE A 197 -19.70 9.58 -5.29
C MSE A 197 -20.71 8.75 -6.09
O MSE A 197 -21.41 9.28 -6.96
CB MSE A 197 -18.28 9.30 -5.80
CG MSE A 197 -17.23 10.22 -5.18
SE MSE A 197 -15.45 9.77 -5.82
CE MSE A 197 -15.60 10.79 -7.46
N LEU A 198 -20.80 7.45 -5.80
CA LEU A 198 -21.72 6.58 -6.52
C LEU A 198 -23.16 6.99 -6.25
N LYS A 199 -23.47 7.26 -4.98
CA LYS A 199 -24.82 7.68 -4.64
C LYS A 199 -25.24 8.85 -5.54
N HIS A 200 -24.37 9.86 -5.66
CA HIS A 200 -24.71 11.01 -6.47
C HIS A 200 -24.71 10.74 -7.98
N ALA A 201 -23.91 9.78 -8.43
CA ALA A 201 -23.91 9.44 -9.85
C ALA A 201 -25.28 8.84 -10.20
N LEU A 202 -25.71 7.87 -9.38
CA LEU A 202 -26.99 7.22 -9.64
C LEU A 202 -28.13 8.23 -9.47
N ASP A 203 -27.99 9.16 -8.52
CA ASP A 203 -29.01 10.17 -8.32
C ASP A 203 -29.12 10.99 -9.62
N PHE A 204 -27.97 11.40 -10.15
CA PHE A 204 -27.97 12.18 -11.38
C PHE A 204 -28.65 11.44 -12.51
N ILE A 205 -28.44 10.13 -12.58
CA ILE A 205 -29.04 9.35 -13.65
C ILE A 205 -30.56 9.26 -13.51
N GLN A 206 -31.04 8.94 -12.31
CA GLN A 206 -32.49 8.86 -12.12
C GLN A 206 -33.19 10.18 -12.43
N ARG A 207 -32.58 11.30 -12.05
CA ARG A 207 -33.22 12.58 -12.31
C ARG A 207 -33.30 12.80 -13.82
N PHE A 208 -32.22 12.46 -14.52
CA PHE A 208 -32.18 12.61 -15.97
C PHE A 208 -33.29 11.78 -16.63
N ASN A 209 -33.50 10.57 -16.13
CA ASN A 209 -34.54 9.72 -16.68
C ASN A 209 -35.94 10.28 -16.43
N GLU A 210 -36.24 10.60 -15.17
CA GLU A 210 -37.54 11.14 -14.80
C GLU A 210 -37.91 12.39 -15.58
N GLY A 211 -36.92 13.21 -15.92
CA GLY A 211 -37.23 14.40 -16.70
C GLY A 211 -36.59 15.72 -16.30
N LYS A 212 -35.58 15.69 -15.45
CA LYS A 212 -34.93 16.92 -15.00
C LYS A 212 -34.15 17.60 -16.13
N GLU A 213 -34.29 18.94 -16.22
CA GLU A 213 -33.59 19.71 -17.23
C GLU A 213 -32.25 20.17 -16.69
N PHE A 214 -31.20 20.02 -17.51
CA PHE A 214 -29.85 20.42 -17.13
C PHE A 214 -29.30 21.49 -18.07
N PRO A 215 -29.08 22.71 -17.55
CA PRO A 215 -28.56 23.82 -18.36
C PRO A 215 -27.08 23.70 -18.71
N PRO A 216 -26.66 24.28 -19.85
CA PRO A 216 -25.26 24.21 -20.29
C PRO A 216 -24.33 24.58 -19.14
N CYS A 217 -23.48 23.64 -18.72
CA CYS A 217 -22.56 23.85 -17.61
C CYS A 217 -21.09 23.76 -18.01
N ALA A 218 -20.21 23.98 -17.03
CA ALA A 218 -18.76 23.92 -17.24
C ALA A 218 -18.08 23.14 -16.10
N ILE A 219 -16.97 22.50 -16.42
CA ILE A 219 -16.21 21.75 -15.42
C ILE A 219 -14.75 21.83 -15.79
N ASP A 220 -13.86 21.73 -14.80
CA ASP A 220 -12.43 21.72 -15.05
C ASP A 220 -12.02 20.25 -15.19
N VAL A 221 -11.05 19.98 -16.07
CA VAL A 221 -10.53 18.63 -16.29
C VAL A 221 -9.03 18.71 -16.51
N TYR A 222 -8.33 17.60 -16.28
CA TYR A 222 -6.88 17.54 -16.43
C TYR A 222 -6.56 16.57 -17.53
N LYS A 223 -5.90 17.09 -18.56
CA LYS A 223 -5.52 16.34 -19.75
C LYS A 223 -4.06 15.92 -19.75
N ILE A 224 -3.85 14.62 -19.93
CA ILE A 224 -2.52 14.06 -19.89
C ILE A 224 -1.69 14.27 -21.15
N MSE A 225 -0.42 14.61 -20.94
CA MSE A 225 0.54 14.82 -22.02
C MSE A 225 1.25 13.49 -22.23
O MSE A 225 1.26 12.95 -23.34
CB MSE A 225 1.58 15.88 -21.64
CG MSE A 225 1.05 17.28 -21.42
SE MSE A 225 2.45 18.50 -20.76
CE MSE A 225 3.11 19.13 -22.47
N GLU A 226 1.84 12.98 -21.16
CA GLU A 226 2.55 11.70 -21.21
C GLU A 226 2.90 11.19 -19.80
N LYS A 227 3.56 10.03 -19.77
CA LYS A 227 4.00 9.39 -18.54
C LYS A 227 5.48 9.61 -18.36
N VAL A 228 5.89 10.11 -17.19
CA VAL A 228 7.30 10.33 -16.91
C VAL A 228 7.79 9.10 -16.16
N ASP A 229 8.99 8.63 -16.49
CA ASP A 229 9.52 7.47 -15.79
C ASP A 229 10.56 7.91 -14.75
N TYR A 230 10.89 6.98 -13.86
CA TYR A 230 11.91 7.23 -12.87
C TYR A 230 13.27 7.22 -13.57
N PRO A 231 14.26 7.91 -13.00
CA PRO A 231 15.62 7.94 -13.56
C PRO A 231 16.07 6.48 -13.40
N ARG A 232 17.05 6.03 -14.18
CA ARG A 232 17.48 4.63 -14.09
C ARG A 232 18.98 4.36 -13.96
N ASN A 233 19.31 3.18 -13.44
CA ASN A 233 20.70 2.79 -13.28
C ASN A 233 21.10 1.87 -14.45
N GLU A 234 20.85 0.57 -14.30
CA GLU A 234 21.20 -0.39 -15.35
C GLU A 234 20.31 -1.63 -15.36
N SER A 235 20.15 -2.24 -14.20
CA SER A 235 19.33 -3.44 -14.07
C SER A 235 17.85 -3.15 -14.32
N GLY A 236 17.52 -1.87 -14.53
CA GLY A 236 16.15 -1.51 -14.76
C GLY A 236 15.45 -1.03 -13.49
N ASP A 237 16.13 -1.13 -12.34
CA ASP A 237 15.52 -0.67 -11.10
C ASP A 237 15.67 0.85 -10.98
N VAL A 238 14.79 1.50 -10.23
CA VAL A 238 14.86 2.94 -10.12
C VAL A 238 16.20 3.44 -9.58
N ALA A 239 16.61 4.65 -9.99
CA ALA A 239 17.87 5.24 -9.55
C ALA A 239 17.60 6.39 -8.57
N ALA A 240 16.46 7.05 -8.71
CA ALA A 240 16.07 8.14 -7.83
C ALA A 240 14.57 8.04 -7.59
N VAL A 241 14.15 8.35 -6.36
CA VAL A 241 12.74 8.26 -6.00
C VAL A 241 12.06 9.61 -6.08
N ILE A 242 10.74 9.64 -5.84
CA ILE A 242 9.98 10.88 -5.88
C ILE A 242 10.40 11.83 -4.75
N HIS A 243 10.64 13.09 -5.11
CA HIS A 243 11.05 14.12 -4.14
C HIS A 243 9.88 14.43 -3.21
N PRO A 244 10.18 14.78 -1.94
CA PRO A 244 9.09 15.09 -1.00
C PRO A 244 8.20 16.25 -1.40
N ASN A 245 8.73 17.20 -2.16
CA ASN A 245 7.91 18.34 -2.58
C ASN A 245 6.81 17.91 -3.57
N LEU A 246 6.98 16.75 -4.20
CA LEU A 246 5.99 16.24 -5.15
C LEU A 246 5.12 15.17 -4.49
N GLN A 247 5.77 14.27 -3.75
CA GLN A 247 5.04 13.20 -3.05
C GLN A 247 3.75 13.73 -2.41
N ASP A 248 2.64 13.06 -2.73
CA ASP A 248 1.29 13.39 -2.20
C ASP A 248 0.74 14.72 -2.71
N GLN A 249 1.38 15.29 -3.73
CA GLN A 249 0.90 16.57 -4.22
C GLN A 249 0.28 16.47 -5.61
N ASP A 250 -0.51 15.42 -5.82
CA ASP A 250 -1.20 15.23 -7.09
C ASP A 250 -2.10 16.44 -7.33
N TRP A 251 -2.32 16.73 -8.61
CA TRP A 251 -3.18 17.82 -9.11
C TRP A 251 -2.60 19.22 -8.97
N LYS A 252 -1.61 19.40 -8.10
CA LYS A 252 -1.07 20.74 -7.86
C LYS A 252 -0.04 21.12 -8.91
N PRO A 253 -0.23 22.30 -9.55
CA PRO A 253 0.65 22.82 -10.59
C PRO A 253 2.10 22.65 -10.23
N LEU A 254 2.87 22.10 -11.16
CA LEU A 254 4.29 21.85 -10.99
C LEU A 254 4.99 22.74 -12.03
N HIS A 255 5.95 23.54 -11.57
CA HIS A 255 6.67 24.46 -12.44
C HIS A 255 8.09 23.97 -12.75
N PRO A 256 8.63 24.28 -13.94
CA PRO A 256 9.98 23.87 -14.38
C PRO A 256 11.08 23.78 -13.31
N GLY A 257 11.09 24.67 -12.33
CA GLY A 257 12.13 24.59 -11.32
C GLY A 257 11.79 23.82 -10.06
N ASP A 258 10.58 23.25 -9.99
CA ASP A 258 10.14 22.48 -8.82
C ASP A 258 10.76 21.09 -8.82
N PRO A 259 11.27 20.65 -7.66
CA PRO A 259 11.88 19.31 -7.63
C PRO A 259 10.86 18.18 -7.81
N VAL A 260 11.25 17.15 -8.57
CA VAL A 260 10.36 16.00 -8.84
C VAL A 260 11.03 14.68 -8.43
N PHE A 261 12.32 14.52 -8.73
CA PHE A 261 13.02 13.29 -8.32
C PHE A 261 14.20 13.59 -7.39
N VAL A 262 14.41 12.73 -6.40
CA VAL A 262 15.59 12.91 -5.53
C VAL A 262 16.26 11.56 -5.33
N SER A 263 17.59 11.52 -5.50
CA SER A 263 18.28 10.26 -5.31
C SER A 263 18.95 10.15 -3.94
N LEU A 264 19.41 8.96 -3.58
CA LEU A 264 20.02 8.77 -2.26
C LEU A 264 21.29 9.59 -2.08
N ASP A 265 21.97 9.86 -3.20
CA ASP A 265 23.21 10.63 -3.15
C ASP A 265 22.87 12.09 -2.87
N GLY A 266 21.57 12.39 -2.94
CA GLY A 266 21.11 13.74 -2.68
C GLY A 266 20.80 14.61 -3.89
N LYS A 267 21.00 14.08 -5.10
CA LYS A 267 20.72 14.84 -6.33
C LYS A 267 19.25 15.31 -6.31
N VAL A 268 18.94 16.39 -7.03
CA VAL A 268 17.57 16.89 -7.09
C VAL A 268 17.11 17.23 -8.50
N ILE A 269 16.66 16.22 -9.25
CA ILE A 269 16.18 16.43 -10.60
C ILE A 269 14.90 17.28 -10.53
N PRO A 270 14.89 18.42 -11.24
CA PRO A 270 13.71 19.28 -11.21
C PRO A 270 12.66 18.91 -12.28
N LEU A 271 11.51 19.58 -12.25
CA LEU A 271 10.48 19.28 -13.22
C LEU A 271 10.98 19.38 -14.66
N GLY A 272 11.78 20.41 -14.93
CA GLY A 272 12.30 20.58 -16.28
C GLY A 272 11.22 20.78 -17.32
N GLY A 273 11.45 20.29 -18.53
CA GLY A 273 10.48 20.42 -19.60
C GLY A 273 10.40 21.85 -20.07
N ASP A 274 9.19 22.34 -20.35
CA ASP A 274 9.06 23.70 -20.81
C ASP A 274 7.99 24.51 -20.10
N CYS A 275 6.83 23.90 -19.84
CA CYS A 275 5.76 24.65 -19.18
C CYS A 275 5.31 24.02 -17.88
N THR A 276 4.21 24.55 -17.36
CA THR A 276 3.64 24.06 -16.11
C THR A 276 2.77 22.85 -16.43
N VAL A 277 2.66 21.92 -15.48
CA VAL A 277 1.83 20.74 -15.66
C VAL A 277 1.17 20.39 -14.35
N TYR A 278 0.21 19.47 -14.40
CA TYR A 278 -0.50 19.03 -13.21
C TYR A 278 -0.20 17.55 -13.10
N PRO A 279 0.54 17.14 -12.06
CA PRO A 279 0.88 15.72 -11.91
C PRO A 279 -0.23 14.90 -11.33
N VAL A 280 -0.45 13.71 -11.91
CA VAL A 280 -1.46 12.78 -11.40
C VAL A 280 -0.79 11.42 -11.20
N PHE A 281 -1.39 10.59 -10.36
CA PHE A 281 -0.88 9.27 -10.03
C PHE A 281 0.60 9.33 -9.66
N VAL A 282 0.89 10.14 -8.66
CA VAL A 282 2.25 10.32 -8.18
C VAL A 282 2.63 9.15 -7.25
N ASN A 283 3.58 8.34 -7.71
CA ASN A 283 4.07 7.19 -6.94
C ASN A 283 3.05 6.06 -6.75
N GLU A 284 2.17 5.88 -7.73
CA GLU A 284 1.17 4.81 -7.68
C GLU A 284 1.94 3.48 -7.77
N ALA A 285 1.76 2.61 -6.77
CA ALA A 285 2.51 1.34 -6.75
C ALA A 285 2.39 0.44 -8.00
N ALA A 286 1.19 0.34 -8.58
CA ALA A 286 1.00 -0.54 -9.73
C ALA A 286 1.73 -0.07 -10.98
N TYR A 287 2.27 1.15 -10.94
CA TYR A 287 2.95 1.71 -12.10
C TYR A 287 4.48 1.68 -12.14
N TYR A 288 5.13 1.21 -11.07
CA TYR A 288 6.58 1.12 -11.11
C TYR A 288 7.03 0.32 -12.36
N GLU A 289 6.43 -0.84 -12.57
CA GLU A 289 6.81 -1.67 -13.70
C GLU A 289 6.09 -1.27 -14.99
N LYS A 290 5.38 -0.14 -14.94
CA LYS A 290 4.70 0.40 -16.11
C LYS A 290 5.46 1.64 -16.56
N LYS A 291 6.60 1.90 -15.91
CA LYS A 291 7.47 3.04 -16.21
C LYS A 291 6.80 4.41 -16.05
N GLU A 292 5.97 4.53 -15.01
CA GLU A 292 5.27 5.76 -14.74
C GLU A 292 5.43 6.14 -13.27
N ALA A 293 6.36 7.06 -12.99
CA ALA A 293 6.56 7.55 -11.62
C ALA A 293 5.41 8.55 -11.39
N PHE A 294 4.87 9.09 -12.49
CA PHE A 294 3.75 10.01 -12.49
C PHE A 294 3.46 10.45 -13.94
N ALA A 295 2.54 11.39 -14.10
CA ALA A 295 2.16 11.87 -15.43
C ALA A 295 1.94 13.40 -15.44
N LYS A 296 2.74 14.09 -16.25
CA LYS A 296 2.65 15.54 -16.36
C LYS A 296 1.51 15.84 -17.33
N THR A 297 0.46 16.47 -16.82
CA THR A 297 -0.72 16.79 -17.61
C THR A 297 -0.95 18.31 -17.71
N THR A 298 -1.88 18.69 -18.58
CA THR A 298 -2.24 20.09 -18.78
C THR A 298 -3.73 20.23 -18.49
N LYS A 299 -4.10 21.36 -17.88
CA LYS A 299 -5.50 21.60 -17.50
C LYS A 299 -6.27 22.42 -18.53
N LEU A 300 -7.58 22.23 -18.56
CA LEU A 300 -8.42 22.97 -19.50
C LEU A 300 -9.89 22.81 -19.15
N THR A 301 -10.66 23.89 -19.27
CA THR A 301 -12.09 23.85 -18.96
C THR A 301 -12.89 23.16 -20.06
N LEU A 302 -13.96 22.47 -19.67
CA LEU A 302 -14.84 21.82 -20.62
C LEU A 302 -16.25 22.37 -20.47
N ASN A 303 -16.93 22.57 -21.60
CA ASN A 303 -18.29 23.07 -21.57
C ASN A 303 -19.19 22.07 -22.30
N ALA A 304 -20.36 21.83 -21.72
CA ALA A 304 -21.34 20.92 -22.31
C ALA A 304 -22.62 21.69 -22.57
N LYS A 305 -23.36 21.27 -23.58
CA LYS A 305 -24.63 21.91 -23.91
C LYS A 305 -25.66 21.42 -22.91
N SER A 306 -26.82 22.06 -22.90
CA SER A 306 -27.89 21.64 -22.00
C SER A 306 -28.32 20.24 -22.44
N ILE A 307 -28.99 19.51 -21.55
CA ILE A 307 -29.46 18.17 -21.87
C ILE A 307 -30.74 17.84 -21.11
N ARG A 308 -31.47 16.85 -21.61
CA ARG A 308 -32.72 16.41 -20.98
C ARG A 308 -33.27 15.22 -21.75
N SER A 309 -33.87 14.27 -21.02
CA SER A 309 -34.42 13.09 -21.67
C SER A 309 -35.89 13.27 -22.03
N THR A 310 -36.69 12.24 -21.78
CA THR A 310 -38.12 12.28 -22.08
C THR A 310 -38.95 11.69 -20.95
N CYS B 4 28.38 -1.72 36.32
CA CYS B 4 28.63 -1.48 34.86
C CYS B 4 29.03 -2.79 34.18
N VAL B 5 28.03 -3.53 33.71
CA VAL B 5 28.27 -4.79 33.03
C VAL B 5 29.04 -4.57 31.75
N ALA B 6 29.94 -5.50 31.44
CA ALA B 6 30.75 -5.44 30.22
C ALA B 6 30.48 -6.68 29.35
N GLU B 7 30.57 -6.51 28.04
CA GLU B 7 30.34 -7.60 27.10
C GLU B 7 31.40 -7.61 26.00
N GLU B 8 31.56 -8.75 25.35
CA GLU B 8 32.53 -8.88 24.28
C GLU B 8 32.26 -7.89 23.16
N PRO B 9 33.28 -7.57 22.36
CA PRO B 9 33.19 -6.65 21.22
C PRO B 9 32.20 -7.08 20.15
N ILE B 10 31.73 -6.12 19.37
CA ILE B 10 30.79 -6.41 18.29
C ILE B 10 31.61 -6.31 17.01
N LYS B 11 31.68 -7.37 16.23
CA LYS B 11 32.46 -7.34 15.00
C LYS B 11 31.63 -7.53 13.75
N LYS B 12 30.95 -8.67 13.68
CA LYS B 12 30.11 -9.06 12.55
C LYS B 12 28.73 -8.41 12.58
N ILE B 13 28.39 -7.65 11.54
CA ILE B 13 27.11 -6.94 11.44
C ILE B 13 26.47 -7.11 10.06
N ALA B 14 25.29 -7.71 10.00
CA ALA B 14 24.60 -7.85 8.72
C ALA B 14 23.36 -6.97 8.76
N ILE B 15 23.01 -6.37 7.61
CA ILE B 15 21.80 -5.56 7.52
C ILE B 15 20.91 -6.26 6.50
N PHE B 16 19.79 -6.79 6.99
CA PHE B 16 18.86 -7.54 6.17
C PHE B 16 17.76 -6.64 5.60
N GLY B 17 17.66 -6.64 4.27
CA GLY B 17 16.63 -5.88 3.59
C GLY B 17 16.00 -6.82 2.56
N GLY B 18 14.69 -6.74 2.38
CA GLY B 18 14.06 -7.62 1.41
C GLY B 18 13.52 -8.94 1.91
N THR B 19 13.44 -9.13 3.22
CA THR B 19 12.90 -10.37 3.76
C THR B 19 11.47 -10.48 3.21
N HIS B 20 10.69 -9.40 3.29
CA HIS B 20 9.37 -9.41 2.66
C HIS B 20 9.65 -8.67 1.34
N GLY B 21 9.45 -9.35 0.22
CA GLY B 21 9.79 -8.81 -1.09
C GLY B 21 9.15 -7.54 -1.58
N ASN B 22 8.00 -7.20 -1.01
CA ASN B 22 7.32 -5.99 -1.45
C ASN B 22 7.55 -4.82 -0.49
N GLU B 23 8.50 -4.98 0.44
CA GLU B 23 8.83 -3.91 1.38
C GLU B 23 10.14 -3.28 0.87
N LEU B 24 9.95 -2.32 -0.03
CA LEU B 24 11.02 -1.67 -0.77
C LEU B 24 12.08 -0.82 -0.07
N THR B 25 11.75 -0.13 1.02
CA THR B 25 12.77 0.72 1.65
C THR B 25 14.04 -0.07 1.94
N GLY B 26 13.90 -1.21 2.61
CA GLY B 26 15.07 -2.02 2.92
C GLY B 26 15.73 -2.62 1.67
N VAL B 27 14.94 -2.97 0.66
CA VAL B 27 15.53 -3.53 -0.57
C VAL B 27 16.28 -2.45 -1.32
N PHE B 28 15.79 -1.21 -1.24
CA PHE B 28 16.43 -0.12 -1.99
C PHE B 28 17.72 0.34 -1.31
N LEU B 29 17.67 0.50 0.01
CA LEU B 29 18.85 0.94 0.78
C LEU B 29 19.97 -0.09 0.75
N VAL B 30 19.61 -1.36 0.95
CA VAL B 30 20.62 -2.41 0.93
C VAL B 30 21.28 -2.52 -0.44
N THR B 31 20.49 -2.37 -1.51
CA THR B 31 21.03 -2.42 -2.85
C THR B 31 21.98 -1.24 -3.01
N HIS B 32 21.59 -0.11 -2.42
CA HIS B 32 22.41 1.10 -2.48
C HIS B 32 23.73 0.95 -1.72
N TRP B 33 23.64 0.55 -0.45
CA TRP B 33 24.81 0.39 0.40
C TRP B 33 25.81 -0.60 -0.16
N LEU B 34 25.30 -1.69 -0.71
CA LEU B 34 26.18 -2.69 -1.29
C LEU B 34 27.07 -2.01 -2.34
N LYS B 35 26.57 -0.93 -2.94
CA LYS B 35 27.32 -0.19 -3.97
C LYS B 35 28.11 0.99 -3.38
N ASN B 36 27.47 1.72 -2.48
CA ASN B 36 28.10 2.88 -1.86
C ASN B 36 28.13 2.60 -0.36
N GLY B 37 29.24 2.07 0.15
CA GLY B 37 29.32 1.75 1.57
C GLY B 37 29.39 2.86 2.59
N ALA B 38 30.02 3.97 2.22
CA ALA B 38 30.23 5.13 3.10
C ALA B 38 29.23 5.40 4.21
N GLU B 39 27.96 5.58 3.88
CA GLU B 39 26.98 5.84 4.93
C GLU B 39 27.07 4.82 6.06
N VAL B 40 27.22 3.53 5.74
CA VAL B 40 27.28 2.54 6.80
C VAL B 40 28.68 2.20 7.28
N HIS B 41 29.70 2.81 6.69
CA HIS B 41 31.05 2.53 7.17
C HIS B 41 31.29 3.10 8.59
N ARG B 42 32.00 2.34 9.42
CA ARG B 42 32.41 2.71 10.77
C ARG B 42 33.69 1.91 11.04
N ALA B 43 34.67 2.56 11.67
CA ALA B 43 35.92 1.87 11.98
C ALA B 43 35.65 0.71 12.93
N GLY B 44 36.35 -0.40 12.72
CA GLY B 44 36.18 -1.55 13.57
C GLY B 44 35.22 -2.57 12.95
N LEU B 45 34.00 -2.12 12.66
CA LEU B 45 32.98 -3.00 12.09
C LEU B 45 33.18 -3.31 10.62
N GLU B 46 32.52 -4.38 10.18
CA GLU B 46 32.55 -4.81 8.79
C GLU B 46 31.09 -4.94 8.34
N VAL B 47 30.32 -3.86 8.48
CA VAL B 47 28.92 -3.89 8.10
C VAL B 47 28.69 -4.69 6.84
N LYS B 48 27.82 -5.68 6.93
CA LYS B 48 27.49 -6.54 5.80
C LYS B 48 26.03 -6.46 5.36
N PRO B 49 25.71 -5.55 4.40
CA PRO B 49 24.33 -5.43 3.93
C PRO B 49 24.06 -6.76 3.21
N PHE B 50 22.83 -6.99 2.80
CA PHE B 50 22.48 -8.23 2.11
C PHE B 50 20.98 -8.23 1.79
N ILE B 51 20.61 -8.54 0.55
CA ILE B 51 19.21 -8.61 0.16
C ILE B 51 18.77 -9.98 0.65
N THR B 52 17.77 -10.04 1.54
CA THR B 52 17.35 -11.33 2.09
C THR B 52 16.46 -12.25 1.25
N ASN B 53 15.58 -11.70 0.42
CA ASN B 53 14.73 -12.55 -0.40
C ASN B 53 14.67 -12.09 -1.86
N PRO B 54 15.70 -12.42 -2.66
CA PRO B 54 15.72 -11.99 -4.06
C PRO B 54 14.49 -12.45 -4.85
N ARG B 55 14.11 -13.72 -4.73
CA ARG B 55 12.95 -14.20 -5.48
C ARG B 55 11.74 -13.35 -5.11
N ALA B 56 11.64 -12.94 -3.85
CA ALA B 56 10.52 -12.11 -3.44
C ALA B 56 10.76 -10.70 -3.99
N VAL B 57 12.02 -10.27 -3.96
CA VAL B 57 12.34 -8.94 -4.47
C VAL B 57 12.07 -8.88 -5.99
N GLU B 58 12.16 -10.01 -6.66
CA GLU B 58 11.93 -10.01 -8.09
C GLU B 58 10.44 -10.03 -8.41
N LYS B 59 9.64 -10.58 -7.51
CA LYS B 59 8.19 -10.64 -7.75
C LYS B 59 7.44 -9.51 -7.05
N CYS B 60 8.18 -8.73 -6.24
CA CYS B 60 7.65 -7.63 -5.46
C CYS B 60 6.40 -8.08 -4.71
N THR B 61 6.54 -9.21 -4.04
CA THR B 61 5.47 -9.81 -3.26
C THR B 61 6.05 -10.08 -1.87
N ARG B 62 5.20 -10.36 -0.89
CA ARG B 62 5.69 -10.61 0.47
C ARG B 62 6.51 -11.91 0.56
N TYR B 63 6.24 -12.85 -0.36
CA TYR B 63 6.96 -14.12 -0.41
C TYR B 63 6.53 -14.89 -1.68
N ILE B 64 7.42 -15.75 -2.18
CA ILE B 64 7.14 -16.56 -3.37
C ILE B 64 6.24 -17.71 -2.95
N ASP B 65 6.75 -18.53 -2.02
CA ASP B 65 6.00 -19.67 -1.51
C ASP B 65 5.40 -19.39 -0.15
N CYS B 66 6.25 -19.17 0.86
CA CYS B 66 5.75 -18.86 2.18
C CYS B 66 6.61 -17.77 2.84
N ASP B 67 6.01 -17.05 3.79
CA ASP B 67 6.65 -15.96 4.53
C ASP B 67 8.09 -16.36 4.88
N LEU B 68 9.07 -15.83 4.15
CA LEU B 68 10.48 -16.16 4.44
C LEU B 68 10.79 -15.88 5.91
N ASN B 69 9.99 -15.00 6.51
CA ASN B 69 10.15 -14.58 7.89
C ASN B 69 9.54 -15.58 8.88
N ARG B 70 9.24 -16.80 8.42
CA ARG B 70 8.67 -17.78 9.32
C ARG B 70 9.27 -19.16 9.06
N VAL B 71 10.53 -19.20 8.62
CA VAL B 71 11.14 -20.51 8.33
C VAL B 71 12.47 -20.82 9.02
N PHE B 72 12.83 -20.02 10.03
CA PHE B 72 14.08 -20.23 10.77
C PHE B 72 13.84 -21.02 12.05
N ASP B 73 13.66 -22.33 11.92
CA ASP B 73 13.42 -23.22 13.07
C ASP B 73 14.07 -24.58 12.82
N LEU B 74 13.96 -25.47 13.81
CA LEU B 74 14.53 -26.79 13.67
C LEU B 74 13.76 -27.62 12.64
N GLU B 75 12.43 -27.66 12.79
CA GLU B 75 11.57 -28.41 11.88
C GLU B 75 11.56 -27.83 10.47
N ASN B 76 12.09 -26.63 10.29
CA ASN B 76 12.14 -26.01 8.96
C ASN B 76 13.53 -25.90 8.37
N LEU B 77 14.52 -25.60 9.20
CA LEU B 77 15.90 -25.46 8.71
C LEU B 77 16.47 -26.85 8.49
N SER B 78 15.57 -27.82 8.33
CA SER B 78 15.95 -29.21 8.10
C SER B 78 14.94 -29.90 7.17
N LYS B 79 14.88 -29.41 5.94
CA LYS B 79 13.96 -29.96 4.95
C LYS B 79 14.71 -30.20 3.64
N GLU B 80 15.09 -31.46 3.41
CA GLU B 80 15.80 -31.81 2.18
C GLU B 80 15.07 -31.13 1.04
N MSE B 81 15.81 -30.60 0.08
CA MSE B 81 15.23 -29.89 -1.06
C MSE B 81 14.67 -30.82 -2.15
O MSE B 81 15.17 -30.81 -3.27
CB MSE B 81 16.27 -28.96 -1.67
CG MSE B 81 15.76 -28.07 -2.79
SE MSE B 81 17.17 -27.03 -3.56
CE MSE B 81 17.79 -28.29 -4.89
N SER B 82 13.65 -31.60 -1.81
CA SER B 82 13.05 -32.53 -2.76
C SER B 82 12.81 -31.90 -4.14
N GLU B 83 11.66 -31.26 -4.31
CA GLU B 83 11.33 -30.61 -5.58
C GLU B 83 10.31 -29.53 -5.29
N ASP B 84 9.35 -29.87 -4.43
CA ASP B 84 8.30 -28.93 -4.05
C ASP B 84 8.71 -28.22 -2.78
N LEU B 85 10.01 -28.25 -2.49
CA LEU B 85 10.53 -27.59 -1.31
C LEU B 85 10.29 -26.09 -1.41
N PRO B 86 9.51 -25.53 -0.48
CA PRO B 86 9.24 -24.08 -0.54
C PRO B 86 10.53 -23.29 -0.73
N TYR B 87 10.54 -22.42 -1.74
CA TYR B 87 11.72 -21.62 -2.02
C TYR B 87 12.34 -20.97 -0.79
N GLU B 88 11.49 -20.33 0.01
CA GLU B 88 11.98 -19.65 1.21
C GLU B 88 12.72 -20.60 2.14
N VAL B 89 12.41 -21.89 2.05
CA VAL B 89 13.06 -22.89 2.91
C VAL B 89 14.53 -23.01 2.56
N ARG B 90 14.80 -23.44 1.32
CA ARG B 90 16.18 -23.56 0.87
C ARG B 90 16.81 -22.17 0.96
N ARG B 91 15.98 -21.14 0.94
CA ARG B 91 16.52 -19.79 1.02
C ARG B 91 17.07 -19.52 2.43
N ALA B 92 16.30 -19.80 3.47
CA ALA B 92 16.76 -19.60 4.85
C ALA B 92 18.00 -20.48 5.08
N GLN B 93 18.04 -21.62 4.40
CA GLN B 93 19.17 -22.51 4.55
C GLN B 93 20.43 -21.81 4.03
N GLU B 94 20.33 -21.06 2.93
CA GLU B 94 21.53 -20.38 2.44
C GLU B 94 21.82 -19.19 3.33
N ILE B 95 20.78 -18.73 4.02
CA ILE B 95 20.88 -17.62 4.95
C ILE B 95 21.52 -18.13 6.23
N ASN B 96 20.97 -19.21 6.79
CA ASN B 96 21.50 -19.78 8.02
C ASN B 96 22.98 -20.11 7.94
N HIS B 97 23.42 -20.63 6.80
CA HIS B 97 24.83 -20.96 6.65
C HIS B 97 25.72 -19.72 6.73
N LEU B 98 25.37 -18.68 5.99
CA LEU B 98 26.17 -17.46 5.99
C LEU B 98 26.27 -16.83 7.38
N PHE B 99 25.46 -15.79 7.61
CA PHE B 99 25.47 -15.07 8.86
C PHE B 99 25.05 -15.95 10.02
N GLY B 100 25.28 -17.26 9.87
CA GLY B 100 24.96 -18.21 10.91
C GLY B 100 25.89 -19.40 10.86
N PRO B 101 25.38 -20.62 11.10
CA PRO B 101 23.99 -20.95 11.44
C PRO B 101 23.58 -20.52 12.83
N LYS B 102 22.27 -20.54 13.06
CA LYS B 102 21.67 -20.16 14.33
C LYS B 102 22.16 -21.04 15.48
N ASN B 103 22.22 -20.47 16.69
CA ASN B 103 22.65 -21.19 17.89
C ASN B 103 24.17 -21.36 18.04
N SER B 104 24.91 -21.21 16.96
CA SER B 104 26.37 -21.36 17.02
C SER B 104 26.97 -20.09 17.62
N ASP B 105 28.26 -20.14 17.99
CA ASP B 105 28.91 -18.98 18.60
C ASP B 105 29.68 -18.05 17.66
N ASP B 106 29.92 -18.48 16.44
CA ASP B 106 30.64 -17.63 15.49
C ASP B 106 29.65 -16.92 14.58
N ALA B 107 28.37 -17.03 14.90
CA ALA B 107 27.31 -16.38 14.13
C ALA B 107 27.58 -14.88 14.16
N TYR B 108 26.89 -14.12 13.32
CA TYR B 108 27.10 -12.68 13.32
C TYR B 108 26.72 -12.12 14.68
N ASP B 109 27.26 -10.95 15.02
CA ASP B 109 26.96 -10.38 16.31
C ASP B 109 25.61 -9.65 16.33
N VAL B 110 25.37 -8.83 15.32
CA VAL B 110 24.12 -8.07 15.23
C VAL B 110 23.54 -8.17 13.83
N VAL B 111 22.23 -8.40 13.76
CA VAL B 111 21.57 -8.43 12.47
C VAL B 111 20.47 -7.37 12.54
N PHE B 112 20.40 -6.53 11.51
CA PHE B 112 19.38 -5.49 11.39
C PHE B 112 18.48 -6.03 10.28
N ASP B 113 17.21 -6.28 10.61
CA ASP B 113 16.26 -6.77 9.61
C ASP B 113 15.32 -5.59 9.35
N LEU B 114 15.35 -5.10 8.12
CA LEU B 114 14.59 -3.92 7.73
C LEU B 114 13.27 -4.24 7.03
N HIS B 115 12.17 -4.08 7.76
CA HIS B 115 10.82 -4.33 7.26
C HIS B 115 10.13 -3.03 6.89
N ASN B 116 8.91 -3.16 6.40
CA ASN B 116 8.07 -2.02 6.04
C ASN B 116 6.62 -2.44 6.36
N THR B 117 5.79 -1.48 6.76
CA THR B 117 4.39 -1.78 7.10
C THR B 117 3.53 -0.67 6.51
N THR B 118 2.23 -0.91 6.39
CA THR B 118 1.31 0.10 5.90
C THR B 118 0.69 0.89 7.08
N SER B 119 0.87 0.41 8.31
CA SER B 119 0.30 1.11 9.49
C SER B 119 1.04 2.44 9.78
N ASN B 120 0.39 3.35 10.52
CA ASN B 120 1.00 4.66 10.84
C ASN B 120 1.85 4.56 12.10
N MSE B 121 2.84 3.67 12.05
CA MSE B 121 3.68 3.41 13.20
C MSE B 121 4.87 4.29 13.46
O MSE B 121 5.47 4.20 14.54
CB MSE B 121 4.19 1.96 13.14
CG MSE B 121 3.08 0.91 13.23
SE MSE B 121 2.64 0.53 15.06
CE MSE B 121 4.09 -0.71 15.42
N GLY B 122 5.22 5.15 12.51
CA GLY B 122 6.39 5.98 12.71
C GLY B 122 7.62 5.08 12.86
N CYS B 123 8.74 5.68 13.26
CA CYS B 123 9.98 4.92 13.48
C CYS B 123 9.79 3.96 14.63
N THR B 124 9.94 2.66 14.37
CA THR B 124 9.75 1.67 15.43
C THR B 124 10.92 0.70 15.49
N LEU B 125 11.36 0.40 16.71
CA LEU B 125 12.44 -0.55 16.98
C LEU B 125 11.76 -1.74 17.65
N ILE B 126 12.12 -2.94 17.25
CA ILE B 126 11.50 -4.14 17.82
C ILE B 126 12.43 -4.84 18.79
N LEU B 127 12.00 -4.90 20.06
CA LEU B 127 12.80 -5.53 21.10
C LEU B 127 12.25 -6.94 21.33
N GLY B 128 13.11 -7.89 21.69
CA GLY B 128 12.64 -9.26 21.93
C GLY B 128 12.91 -9.77 23.35
N ASP B 129 13.70 -9.03 24.12
CA ASP B 129 14.04 -9.44 25.48
C ASP B 129 14.05 -8.26 26.45
N SER B 130 13.10 -8.25 27.39
CA SER B 130 12.98 -7.16 28.34
C SER B 130 14.17 -6.96 29.29
N GLY B 131 15.02 -7.98 29.38
CA GLY B 131 16.20 -7.88 30.24
C GLY B 131 17.49 -7.63 29.48
N ASN B 132 17.40 -7.34 28.18
CA ASN B 132 18.61 -7.14 27.38
C ASN B 132 19.23 -5.75 27.58
N ASP B 133 20.08 -5.60 28.62
CA ASP B 133 20.72 -4.31 28.89
C ASP B 133 21.37 -3.74 27.63
N PHE B 134 22.03 -4.59 26.83
CA PHE B 134 22.69 -4.08 25.64
C PHE B 134 21.69 -3.48 24.66
N LEU B 135 20.77 -4.30 24.16
CA LEU B 135 19.77 -3.79 23.23
C LEU B 135 19.01 -2.59 23.79
N ILE B 136 18.76 -2.57 25.10
CA ILE B 136 18.05 -1.43 25.70
C ILE B 136 18.94 -0.19 25.56
N GLN B 137 20.22 -0.35 25.89
CA GLN B 137 21.17 0.77 25.76
C GLN B 137 21.12 1.35 24.35
N MSE B 138 21.21 0.49 23.34
CA MSE B 138 21.16 0.95 21.96
C MSE B 138 19.85 1.72 21.68
O MSE B 138 19.86 2.80 21.06
CB MSE B 138 21.21 -0.24 20.99
CG MSE B 138 21.13 0.18 19.51
SE MSE B 138 20.86 -1.36 18.38
CE MSE B 138 22.55 -2.27 18.76
N PHE B 139 18.74 1.15 22.09
CA PHE B 139 17.45 1.80 21.83
C PHE B 139 17.35 3.14 22.55
N HIS B 140 17.90 3.22 23.74
CA HIS B 140 17.89 4.50 24.47
C HIS B 140 18.75 5.50 23.69
N TYR B 141 19.90 5.03 23.21
CA TYR B 141 20.80 5.89 22.42
C TYR B 141 20.10 6.43 21.16
N ILE B 142 19.54 5.53 20.35
CA ILE B 142 18.87 5.96 19.12
C ILE B 142 17.78 6.97 19.45
N LYS B 143 17.02 6.71 20.50
CA LYS B 143 15.96 7.64 20.92
C LYS B 143 16.59 8.96 21.37
N THR B 144 17.79 8.89 21.91
CA THR B 144 18.46 10.11 22.35
C THR B 144 18.87 10.91 21.12
N CYS B 145 19.38 10.21 20.12
CA CYS B 145 19.86 10.91 18.92
C CYS B 145 18.77 11.44 18.01
N MSE B 146 17.55 10.91 18.14
CA MSE B 146 16.45 11.35 17.29
C MSE B 146 15.47 12.32 17.94
O MSE B 146 14.57 12.85 17.27
CB MSE B 146 15.69 10.14 16.74
CG MSE B 146 16.59 9.28 15.87
SE MSE B 146 15.73 7.80 15.02
CE MSE B 146 14.79 8.75 13.62
N ALA B 147 15.63 12.55 19.24
CA ALA B 147 14.74 13.46 19.96
C ALA B 147 14.66 14.81 19.22
N PRO B 148 13.48 15.44 19.20
CA PRO B 148 12.24 14.94 19.80
C PRO B 148 11.38 14.07 18.86
N LEU B 149 11.96 13.68 17.72
CA LEU B 149 11.28 12.84 16.75
C LEU B 149 10.89 11.51 17.40
N PRO B 150 9.70 10.98 17.07
CA PRO B 150 9.28 9.71 17.65
C PRO B 150 10.09 8.49 17.22
N CYS B 151 10.24 7.55 18.15
CA CYS B 151 10.94 6.28 17.91
C CYS B 151 10.50 5.34 19.03
N SER B 152 9.41 4.62 18.78
CA SER B 152 8.82 3.71 19.76
C SER B 152 9.42 2.35 19.73
N VAL B 153 9.42 1.69 20.90
CA VAL B 153 9.97 0.34 21.00
C VAL B 153 8.87 -0.67 21.26
N TYR B 154 8.75 -1.63 20.34
CA TYR B 154 7.74 -2.68 20.45
C TYR B 154 8.44 -3.96 20.95
N LEU B 155 8.06 -4.40 22.15
CA LEU B 155 8.64 -5.60 22.77
C LEU B 155 7.78 -6.82 22.45
N ILE B 156 8.29 -7.67 21.56
CA ILE B 156 7.63 -8.91 21.15
C ILE B 156 8.43 -9.97 21.88
N GLU B 157 7.93 -10.41 23.04
CA GLU B 157 8.67 -11.36 23.86
C GLU B 157 8.34 -12.87 23.81
N HIS B 158 7.07 -13.24 23.76
CA HIS B 158 6.69 -14.66 23.71
C HIS B 158 7.40 -15.46 22.60
N PRO B 159 7.75 -16.74 22.87
CA PRO B 159 8.43 -17.58 21.88
C PRO B 159 7.63 -17.83 20.61
N SER B 160 6.41 -17.29 20.56
CA SER B 160 5.54 -17.45 19.40
C SER B 160 6.05 -16.71 18.16
N LEU B 161 6.39 -15.44 18.33
CA LEU B 161 6.89 -14.61 17.22
C LEU B 161 8.34 -14.20 17.45
N LYS B 162 9.15 -15.12 17.97
CA LYS B 162 10.55 -14.82 18.25
C LYS B 162 11.45 -16.04 18.02
N TYR B 163 11.03 -16.94 17.13
CA TYR B 163 11.85 -18.12 16.87
C TYR B 163 12.10 -18.47 15.40
N ALA B 164 11.11 -18.23 14.54
CA ALA B 164 11.27 -18.56 13.12
C ALA B 164 11.50 -17.32 12.26
N THR B 165 12.13 -16.30 12.83
CA THR B 165 12.42 -15.06 12.13
C THR B 165 13.85 -15.01 11.58
N THR B 166 14.18 -13.95 10.85
CA THR B 166 15.53 -13.83 10.30
C THR B 166 16.56 -13.42 11.34
N ARG B 167 16.36 -12.23 11.88
CA ARG B 167 17.24 -11.63 12.88
C ARG B 167 17.46 -12.47 14.14
N SER B 168 16.93 -13.68 14.18
CA SER B 168 17.08 -14.52 15.37
C SER B 168 18.38 -15.31 15.35
N ILE B 169 18.98 -15.46 14.16
CA ILE B 169 20.26 -16.17 14.09
C ILE B 169 21.40 -15.28 14.59
N ALA B 170 21.06 -14.13 15.18
CA ALA B 170 22.07 -13.20 15.69
C ALA B 170 22.12 -13.15 17.21
N LYS B 171 23.29 -12.77 17.74
CA LYS B 171 23.44 -12.63 19.18
C LYS B 171 22.51 -11.49 19.66
N TYR B 172 22.45 -10.41 18.89
CA TYR B 172 21.59 -9.26 19.25
C TYR B 172 20.64 -8.97 18.08
N PRO B 173 19.42 -9.52 18.13
CA PRO B 173 18.43 -9.29 17.07
C PRO B 173 17.90 -7.86 17.13
N VAL B 174 17.83 -7.21 15.97
CA VAL B 174 17.32 -5.84 15.91
C VAL B 174 16.32 -5.69 14.78
N GLY B 175 15.03 -5.65 15.09
CA GLY B 175 14.10 -5.45 14.00
C GLY B 175 14.06 -3.94 13.75
N ILE B 176 13.98 -3.54 12.48
CA ILE B 176 13.89 -2.12 12.09
C ILE B 176 12.52 -1.97 11.41
N GLU B 177 11.79 -0.90 11.74
CA GLU B 177 10.44 -0.77 11.20
C GLU B 177 9.99 0.68 11.00
N VAL B 178 9.41 0.98 9.84
CA VAL B 178 8.95 2.36 9.62
C VAL B 178 7.67 2.34 8.79
N GLY B 179 6.67 3.10 9.25
CA GLY B 179 5.41 3.21 8.55
C GLY B 179 4.92 4.64 8.75
N PRO B 180 3.90 5.08 8.02
CA PRO B 180 3.15 4.32 7.02
C PRO B 180 3.67 4.43 5.57
N GLN B 181 3.70 3.30 4.87
CA GLN B 181 4.12 3.25 3.46
C GLN B 181 3.43 2.10 2.73
N PRO B 182 2.71 2.40 1.63
CA PRO B 182 2.04 1.33 0.88
C PRO B 182 3.11 0.33 0.40
N HIS B 183 2.86 -0.98 0.48
CA HIS B 183 3.88 -1.89 -0.01
C HIS B 183 4.04 -1.65 -1.52
N GLY B 184 5.28 -1.78 -2.00
CA GLY B 184 5.54 -1.56 -3.41
C GLY B 184 5.71 -0.09 -3.77
N VAL B 185 5.85 0.75 -2.75
CA VAL B 185 6.02 2.20 -2.93
C VAL B 185 7.28 2.72 -2.21
N LEU B 186 7.99 3.67 -2.83
CA LEU B 186 9.16 4.30 -2.20
C LEU B 186 8.86 5.79 -1.95
N ARG B 187 8.80 6.20 -0.68
CA ARG B 187 8.57 7.61 -0.34
C ARG B 187 9.91 8.21 0.05
N ALA B 188 9.96 9.54 0.06
CA ALA B 188 11.18 10.24 0.43
C ALA B 188 11.21 10.41 1.94
N ASP B 189 10.05 10.61 2.55
CA ASP B 189 10.10 10.78 4.01
C ASP B 189 10.34 9.47 4.76
N ILE B 190 9.78 8.35 4.27
CA ILE B 190 9.99 7.06 4.95
C ILE B 190 11.49 6.76 4.96
N LEU B 191 12.12 6.89 3.80
CA LEU B 191 13.55 6.65 3.64
C LEU B 191 14.35 7.55 4.59
N ASP B 192 13.95 8.82 4.67
CA ASP B 192 14.61 9.80 5.56
C ASP B 192 14.63 9.31 7.00
N GLN B 193 13.80 8.31 7.31
CA GLN B 193 13.76 7.78 8.68
C GLN B 193 14.66 6.55 8.87
N MSE B 194 14.51 5.56 7.98
CA MSE B 194 15.31 4.34 8.11
C MSE B 194 16.82 4.66 8.07
O MSE B 194 17.60 4.13 8.87
CB MSE B 194 14.95 3.34 7.00
CG MSE B 194 15.36 1.92 7.36
SE MSE B 194 14.57 0.59 6.24
CE MSE B 194 12.83 0.41 7.05
N ARG B 195 17.23 5.53 7.16
CA ARG B 195 18.64 5.88 7.07
C ARG B 195 19.09 6.50 8.39
N ARG B 196 18.21 7.29 9.00
CA ARG B 196 18.61 7.92 10.26
C ARG B 196 18.75 6.91 11.38
N MSE B 197 17.76 6.04 11.54
CA MSE B 197 17.81 5.05 12.60
C MSE B 197 19.06 4.19 12.49
O MSE B 197 19.75 3.91 13.49
CB MSE B 197 16.56 4.15 12.56
CG MSE B 197 15.27 4.94 12.53
SE MSE B 197 13.66 3.90 12.59
CE MSE B 197 14.15 2.54 11.36
N LEU B 198 19.36 3.74 11.27
CA LEU B 198 20.54 2.89 11.10
C LEU B 198 21.80 3.69 11.41
N LYS B 199 21.78 4.98 11.11
CA LYS B 199 22.95 5.81 11.37
C LYS B 199 23.23 5.90 12.86
N HIS B 200 22.19 6.10 13.65
CA HIS B 200 22.37 6.19 15.10
C HIS B 200 22.71 4.83 15.73
N ALA B 201 22.12 3.75 15.20
CA ALA B 201 22.40 2.41 15.74
C ALA B 201 23.88 2.08 15.51
N LEU B 202 24.38 2.40 14.32
CA LEU B 202 25.80 2.15 14.01
C LEU B 202 26.70 3.07 14.83
N ASP B 203 26.22 4.29 15.08
CA ASP B 203 26.97 5.23 15.92
C ASP B 203 27.10 4.70 17.35
N PHE B 204 26.06 4.03 17.83
CA PHE B 204 26.07 3.48 19.19
C PHE B 204 27.05 2.32 19.35
N ILE B 205 27.01 1.37 18.43
CA ILE B 205 27.91 0.23 18.52
C ILE B 205 29.38 0.66 18.58
N GLN B 206 29.69 1.75 17.88
CA GLN B 206 31.06 2.28 17.86
C GLN B 206 31.33 2.97 19.19
N ARG B 207 30.45 3.88 19.59
CA ARG B 207 30.65 4.57 20.86
C ARG B 207 30.89 3.53 21.95
N PHE B 208 30.16 2.43 21.89
CA PHE B 208 30.30 1.33 22.85
C PHE B 208 31.67 0.68 22.75
N ASN B 209 32.21 0.60 21.53
CA ASN B 209 33.52 0.00 21.32
C ASN B 209 34.62 0.96 21.75
N GLU B 210 34.39 2.25 21.51
CA GLU B 210 35.36 3.28 21.85
C GLU B 210 35.61 3.51 23.33
N GLY B 211 34.78 2.91 24.19
CA GLY B 211 34.98 3.07 25.62
C GLY B 211 33.89 3.83 26.36
N LYS B 212 32.92 4.38 25.61
CA LYS B 212 31.84 5.13 26.24
C LYS B 212 31.25 4.31 27.40
N GLU B 213 31.34 4.85 28.61
CA GLU B 213 30.80 4.13 29.76
C GLU B 213 29.36 4.56 29.96
N PHE B 214 28.53 4.09 29.04
CA PHE B 214 27.10 4.35 28.98
C PHE B 214 26.44 4.40 30.33
N PRO B 215 26.15 5.62 30.82
CA PRO B 215 25.50 5.76 32.12
C PRO B 215 24.19 4.99 32.11
N PRO B 216 23.74 4.52 33.28
CA PRO B 216 22.48 3.77 33.31
C PRO B 216 21.36 4.55 32.60
N CYS B 217 20.35 3.85 32.12
CA CYS B 217 19.22 4.52 31.45
C CYS B 217 18.02 3.59 31.46
N ALA B 218 16.89 4.10 30.97
CA ALA B 218 15.66 3.31 30.92
C ALA B 218 14.82 3.84 29.79
N ILE B 219 13.91 3.01 29.29
CA ILE B 219 13.00 3.42 28.21
C ILE B 219 11.68 2.73 28.37
N ASP B 220 10.69 3.26 27.65
CA ASP B 220 9.36 2.68 27.67
C ASP B 220 9.31 1.73 26.51
N VAL B 221 8.54 0.66 26.68
CA VAL B 221 8.32 -0.31 25.61
C VAL B 221 6.87 -0.71 25.71
N TYR B 222 6.20 -0.73 24.56
CA TYR B 222 4.80 -1.16 24.50
C TYR B 222 4.92 -2.66 24.22
N LYS B 223 4.50 -3.48 25.19
CA LYS B 223 4.60 -4.94 25.08
C LYS B 223 3.33 -5.62 24.61
N ILE B 224 3.49 -6.62 23.75
CA ILE B 224 2.35 -7.35 23.21
C ILE B 224 1.47 -7.92 24.30
N MSE B 225 0.16 -7.80 24.12
CA MSE B 225 -0.80 -8.33 25.10
C MSE B 225 -1.79 -9.26 24.42
O MSE B 225 -2.18 -10.28 24.99
CB MSE B 225 -1.55 -7.17 25.82
CG MSE B 225 -2.74 -7.59 26.69
SE MSE B 225 -3.94 -6.11 27.21
CE MSE B 225 -2.94 -5.44 28.71
N GLU B 226 -2.22 -8.93 23.18
CA GLU B 226 -3.16 -9.78 22.44
C GLU B 226 -3.67 -9.17 21.15
N LYS B 227 -3.75 -9.99 20.11
CA LYS B 227 -4.23 -9.56 18.79
C LYS B 227 -5.74 -9.34 18.82
N VAL B 228 -6.22 -8.45 17.95
CA VAL B 228 -7.65 -8.19 17.81
C VAL B 228 -7.98 -8.38 16.34
N ASP B 229 -8.90 -9.30 16.05
CA ASP B 229 -9.25 -9.54 14.65
C ASP B 229 -10.45 -8.71 14.20
N TYR B 230 -10.62 -8.65 12.88
CA TYR B 230 -11.75 -7.96 12.25
C TYR B 230 -13.02 -8.75 12.48
N PRO B 231 -14.17 -8.06 12.65
CA PRO B 231 -15.41 -8.81 12.84
C PRO B 231 -15.54 -9.54 11.51
N ARG B 232 -16.05 -10.76 11.51
CA ARG B 232 -16.17 -11.51 10.25
C ARG B 232 -17.53 -12.17 10.05
N ASN B 233 -17.85 -12.48 8.80
CA ASN B 233 -19.13 -13.12 8.48
C ASN B 233 -18.99 -14.63 8.49
N GLU B 234 -20.10 -15.34 8.27
CA GLU B 234 -20.10 -16.81 8.26
C GLU B 234 -19.00 -17.37 7.37
N SER B 235 -18.95 -16.90 6.13
CA SER B 235 -17.96 -17.36 5.18
C SER B 235 -16.54 -17.00 5.60
N GLY B 236 -16.45 -16.16 6.63
CA GLY B 236 -15.16 -15.76 7.14
C GLY B 236 -14.70 -14.42 6.59
N ASP B 237 -15.50 -13.80 5.72
CA ASP B 237 -15.16 -12.52 5.15
C ASP B 237 -15.27 -11.41 6.19
N VAL B 238 -14.59 -10.29 5.95
CA VAL B 238 -14.60 -9.14 6.85
C VAL B 238 -15.98 -8.45 6.86
N ALA B 239 -16.57 -8.32 8.04
CA ALA B 239 -17.89 -7.71 8.20
C ALA B 239 -17.87 -6.26 8.70
N ALA B 240 -16.67 -5.73 8.93
CA ALA B 240 -16.53 -4.36 9.41
C ALA B 240 -15.06 -3.96 9.28
N VAL B 241 -14.80 -2.66 9.17
CA VAL B 241 -13.41 -2.19 9.02
C VAL B 241 -12.98 -1.34 10.21
N ILE B 242 -11.69 -1.04 10.27
CA ILE B 242 -11.13 -0.23 11.34
C ILE B 242 -11.85 1.12 11.35
N HIS B 243 -12.21 1.59 12.54
CA HIS B 243 -12.95 2.85 12.71
C HIS B 243 -12.08 4.04 12.30
N PRO B 244 -12.69 5.08 11.71
CA PRO B 244 -11.90 6.23 11.30
C PRO B 244 -11.04 6.81 12.42
N ASN B 245 -11.50 6.63 13.66
CA ASN B 245 -10.78 7.16 14.81
C ASN B 245 -9.59 6.29 15.25
N LEU B 246 -9.68 4.98 15.03
CA LEU B 246 -8.58 4.08 15.40
C LEU B 246 -7.54 4.04 14.26
N GLN B 247 -8.02 4.18 13.03
CA GLN B 247 -7.16 4.16 11.85
C GLN B 247 -6.04 5.22 11.98
N ASP B 248 -4.79 4.80 11.82
CA ASP B 248 -3.61 5.68 11.89
C ASP B 248 -3.24 6.10 13.32
N GLN B 249 -3.92 5.55 14.33
CA GLN B 249 -3.63 5.96 15.71
C GLN B 249 -2.80 4.97 16.56
N ASP B 250 -1.81 4.36 15.92
CA ASP B 250 -0.91 3.40 16.56
C ASP B 250 -0.17 4.00 17.77
N TRP B 251 -0.18 3.28 18.88
CA TRP B 251 0.50 3.64 20.14
C TRP B 251 -0.34 4.49 21.09
N LYS B 252 -1.40 5.14 20.58
CA LYS B 252 -2.24 6.00 21.42
C LYS B 252 -3.22 5.20 22.28
N PRO B 253 -3.26 5.47 23.61
CA PRO B 253 -4.17 4.73 24.50
C PRO B 253 -5.57 4.54 23.93
N LEU B 254 -6.12 3.35 24.17
CA LEU B 254 -7.44 2.96 23.71
C LEU B 254 -8.10 2.25 24.90
N HIS B 255 -9.31 2.68 25.26
CA HIS B 255 -10.09 2.12 26.36
C HIS B 255 -11.16 1.14 25.87
N PRO B 256 -11.54 0.14 26.68
CA PRO B 256 -12.54 -0.90 26.36
C PRO B 256 -13.78 -0.43 25.60
N GLY B 257 -14.25 0.79 25.91
CA GLY B 257 -15.43 1.33 25.25
C GLY B 257 -15.11 2.26 24.08
N ASP B 258 -13.86 2.26 23.62
CA ASP B 258 -13.52 3.12 22.50
C ASP B 258 -13.91 2.43 21.18
N PRO B 259 -14.22 3.23 20.14
CA PRO B 259 -14.61 2.61 18.87
C PRO B 259 -13.41 1.99 18.18
N VAL B 260 -13.59 0.75 17.73
CA VAL B 260 -12.54 0.00 17.05
C VAL B 260 -12.93 -0.38 15.60
N PHE B 261 -14.23 -0.60 15.35
CA PHE B 261 -14.68 -0.93 13.99
C PHE B 261 -15.98 -0.19 13.64
N VAL B 262 -16.15 0.10 12.35
CA VAL B 262 -17.38 0.74 11.87
C VAL B 262 -17.93 -0.18 10.78
N SER B 263 -19.26 -0.29 10.73
CA SER B 263 -19.88 -1.15 9.72
C SER B 263 -20.51 -0.27 8.65
N LEU B 264 -20.76 -0.86 7.48
CA LEU B 264 -21.37 -0.16 6.37
C LEU B 264 -22.73 0.42 6.72
N ASP B 265 -23.49 -0.33 7.52
CA ASP B 265 -24.82 0.12 7.92
C ASP B 265 -24.63 1.25 8.93
N GLY B 266 -23.38 1.61 9.17
CA GLY B 266 -23.11 2.65 10.16
C GLY B 266 -23.52 2.11 11.51
N LYS B 267 -22.55 1.55 12.21
CA LYS B 267 -22.73 0.97 13.53
C LYS B 267 -21.30 0.87 14.07
N VAL B 268 -21.10 1.27 15.33
CA VAL B 268 -19.77 1.23 15.95
C VAL B 268 -19.58 -0.10 16.65
N ILE B 269 -18.31 -0.44 16.89
CA ILE B 269 -17.96 -1.68 17.56
C ILE B 269 -16.79 -1.31 18.49
N PRO B 270 -16.99 -1.47 19.81
CA PRO B 270 -15.90 -1.12 20.72
C PRO B 270 -14.85 -2.21 20.90
N LEU B 271 -13.77 -1.87 21.60
CA LEU B 271 -12.67 -2.80 21.87
C LEU B 271 -13.14 -4.00 22.68
N GLY B 272 -13.67 -3.72 23.87
CA GLY B 272 -14.13 -4.77 24.74
C GLY B 272 -13.09 -5.04 25.80
N GLY B 273 -13.51 -5.36 27.01
CA GLY B 273 -12.55 -5.61 28.08
C GLY B 273 -12.60 -4.59 29.21
N ASP B 274 -11.56 -4.57 30.05
CA ASP B 274 -11.51 -3.63 31.18
C ASP B 274 -10.14 -2.97 31.35
N CYS B 275 -9.25 -3.19 30.39
CA CYS B 275 -7.91 -2.62 30.49
C CYS B 275 -7.55 -1.79 29.27
N THR B 276 -6.91 -0.66 29.52
CA THR B 276 -6.47 0.26 28.47
C THR B 276 -5.29 -0.40 27.74
N VAL B 277 -5.28 -0.30 26.42
CA VAL B 277 -4.22 -0.87 25.61
C VAL B 277 -3.77 0.18 24.61
N TYR B 278 -2.57 0.00 24.06
CA TYR B 278 -2.06 0.91 23.06
C TYR B 278 -2.13 0.08 21.81
N PRO B 279 -2.80 0.58 20.77
CA PRO B 279 -2.93 -0.17 19.52
C PRO B 279 -1.78 0.06 18.56
N VAL B 280 -1.13 -1.02 18.13
CA VAL B 280 -0.06 -0.88 17.16
C VAL B 280 -0.49 -1.69 15.93
N PHE B 281 0.18 -1.44 14.82
CA PHE B 281 -0.11 -2.11 13.55
C PHE B 281 -1.60 -2.04 13.28
N VAL B 282 -2.12 -0.82 13.33
CA VAL B 282 -3.53 -0.57 13.04
C VAL B 282 -3.67 -0.62 11.52
N ASN B 283 -4.28 -1.69 11.04
CA ASN B 283 -4.51 -1.87 9.59
C ASN B 283 -3.28 -2.10 8.71
N GLU B 284 -2.53 -3.16 9.01
CA GLU B 284 -1.36 -3.53 8.19
C GLU B 284 -1.90 -4.51 7.14
N ALA B 285 -1.67 -4.19 5.87
CA ALA B 285 -2.16 -5.01 4.77
C ALA B 285 -1.85 -6.52 4.88
N ALA B 286 -0.62 -6.83 5.31
CA ALA B 286 -0.21 -8.22 5.41
C ALA B 286 -0.96 -9.00 6.49
N TYR B 287 -1.31 -8.32 7.56
CA TYR B 287 -1.97 -8.98 8.68
C TYR B 287 -3.44 -9.31 8.50
N TYR B 288 -3.99 -9.06 7.31
CA TYR B 288 -5.39 -9.43 7.10
C TYR B 288 -5.49 -10.97 7.15
N GLU B 289 -4.53 -11.64 6.51
CA GLU B 289 -4.58 -13.10 6.50
C GLU B 289 -4.17 -13.71 7.85
N LYS B 290 -3.36 -12.98 8.62
CA LYS B 290 -2.94 -13.46 9.94
C LYS B 290 -4.00 -13.15 11.00
N LYS B 291 -5.13 -12.60 10.54
CA LYS B 291 -6.24 -12.25 11.41
C LYS B 291 -5.85 -11.30 12.54
N GLU B 292 -5.12 -10.23 12.18
CA GLU B 292 -4.70 -9.24 13.15
C GLU B 292 -5.04 -7.81 12.68
N ALA B 293 -6.24 -7.33 13.03
CA ALA B 293 -6.63 -5.97 12.69
C ALA B 293 -5.60 -5.05 13.38
N PHE B 294 -5.21 -5.43 14.58
CA PHE B 294 -4.17 -4.75 15.37
C PHE B 294 -3.76 -5.65 16.55
N ALA B 295 -2.88 -5.15 17.43
CA ALA B 295 -2.46 -5.95 18.57
C ALA B 295 -2.32 -5.13 19.84
N LYS B 296 -3.33 -5.21 20.72
CA LYS B 296 -3.28 -4.46 21.96
C LYS B 296 -1.89 -4.62 22.56
N THR B 297 -1.38 -3.53 23.15
CA THR B 297 -0.09 -3.59 23.81
C THR B 297 -0.21 -2.93 25.17
N THR B 298 0.71 -3.30 26.05
CA THR B 298 0.79 -2.74 27.39
C THR B 298 2.13 -1.99 27.47
N LYS B 299 2.12 -0.78 28.01
CA LYS B 299 3.33 0.02 28.10
C LYS B 299 3.98 -0.11 29.48
N LEU B 300 5.30 -0.28 29.48
CA LEU B 300 6.03 -0.38 30.75
C LEU B 300 7.40 0.23 30.55
N THR B 301 7.96 0.79 31.62
CA THR B 301 9.28 1.39 31.55
C THR B 301 10.27 0.29 31.91
N LEU B 302 11.24 0.05 31.05
CA LEU B 302 12.26 -0.96 31.33
C LEU B 302 13.46 -0.19 31.83
N ASN B 303 14.42 -0.89 32.43
CA ASN B 303 15.64 -0.26 32.92
C ASN B 303 16.86 -1.06 32.47
N ALA B 304 18.00 -0.38 32.30
CA ALA B 304 19.24 -1.08 31.93
C ALA B 304 20.43 -0.58 32.75
N LYS B 305 21.26 -1.52 33.20
CA LYS B 305 22.46 -1.17 33.96
C LYS B 305 23.43 -0.47 33.01
N SER B 306 24.36 0.30 33.55
CA SER B 306 25.36 0.96 32.71
C SER B 306 26.09 -0.16 31.95
N ILE B 307 26.72 0.15 30.82
CA ILE B 307 27.45 -0.87 30.07
C ILE B 307 28.75 -0.33 29.46
N ARG B 308 29.61 -1.27 29.03
CA ARG B 308 30.88 -0.95 28.37
C ARG B 308 31.36 -2.24 27.72
N SER B 309 32.36 -2.14 26.83
CA SER B 309 32.90 -3.33 26.18
C SER B 309 34.10 -3.76 27.02
N THR B 310 34.54 -4.99 26.84
CA THR B 310 35.69 -5.50 27.59
C THR B 310 36.93 -4.68 27.29
ZN ZN C . -7.11 0.21 -10.29
S SO4 D . -11.84 -1.06 -29.44
O1 SO4 D . -12.31 0.05 -28.58
O2 SO4 D . -12.55 -2.31 -29.08
O3 SO4 D . -12.11 -0.75 -30.85
O4 SO4 D . -10.39 -1.27 -29.24
S SO4 E . -23.64 12.98 1.13
O1 SO4 E . -23.62 14.17 2.00
O2 SO4 E . -25.01 12.78 0.62
O3 SO4 E . -22.69 13.17 0.02
O4 SO4 E . -23.23 11.79 1.90
S SO4 F . 1.04 -9.70 -4.68
O1 SO4 F . 1.16 -8.50 -3.83
O2 SO4 F . -0.21 -9.62 -5.44
O3 SO4 F . 2.18 -9.77 -5.62
O4 SO4 F . 1.03 -10.90 -3.83
ZN ZN G . 9.86 -6.44 5.95
S SO4 H . 4.85 -12.98 11.98
O1 SO4 H . 5.09 -13.12 10.52
O2 SO4 H . 4.32 -11.64 12.27
O3 SO4 H . 3.88 -14.00 12.41
O4 SO4 H . 6.12 -13.16 12.71
S SO4 I . 21.05 13.55 12.73
O1 SO4 I . 21.05 15.00 12.42
O2 SO4 I . 20.45 13.35 14.07
O3 SO4 I . 20.27 12.83 11.72
O4 SO4 I . 22.43 13.05 12.74
N CYS A 4 -31.86 23.13 -26.44
CA CYS A 4 -31.50 22.01 -25.54
C CYS A 4 -31.31 20.72 -26.34
N VAL A 5 -30.51 19.80 -25.80
CA VAL A 5 -30.24 18.54 -26.48
C VAL A 5 -30.93 17.33 -25.85
N ALA A 6 -31.78 16.68 -26.65
CA ALA A 6 -32.50 15.50 -26.20
C ALA A 6 -31.57 14.29 -26.29
N GLU A 7 -31.41 13.59 -25.18
CA GLU A 7 -30.54 12.42 -25.13
C GLU A 7 -31.33 11.14 -24.85
N GLU A 8 -30.73 10.00 -25.20
CA GLU A 8 -31.38 8.71 -25.00
C GLU A 8 -31.35 8.31 -23.52
N PRO A 9 -32.50 7.87 -22.97
CA PRO A 9 -32.51 7.48 -21.56
C PRO A 9 -31.63 6.26 -21.22
N ILE A 10 -31.26 6.14 -19.96
CA ILE A 10 -30.42 5.05 -19.47
C ILE A 10 -31.29 3.88 -19.04
N LYS A 11 -30.78 2.66 -19.17
CA LYS A 11 -31.55 1.50 -18.76
C LYS A 11 -30.77 0.59 -17.80
N LYS A 12 -29.78 -0.13 -18.33
CA LYS A 12 -28.97 -1.08 -17.54
C LYS A 12 -27.68 -0.43 -17.07
N ILE A 13 -27.48 -0.40 -15.76
CA ILE A 13 -26.31 0.21 -15.13
C ILE A 13 -25.31 -0.84 -14.68
N ALA A 14 -24.02 -0.50 -14.72
CA ALA A 14 -22.96 -1.39 -14.29
C ALA A 14 -22.00 -0.69 -13.33
N ILE A 15 -21.88 -1.22 -12.12
CA ILE A 15 -20.92 -0.69 -11.15
C ILE A 15 -19.94 -1.83 -10.93
N PHE A 16 -18.74 -1.74 -11.49
CA PHE A 16 -17.75 -2.82 -11.31
C PHE A 16 -16.80 -2.58 -10.12
N GLY A 17 -16.22 -3.67 -9.63
CA GLY A 17 -15.27 -3.59 -8.53
C GLY A 17 -14.37 -4.80 -8.68
N GLY A 18 -13.16 -4.76 -8.12
CA GLY A 18 -12.27 -5.90 -8.23
C GLY A 18 -11.66 -6.12 -9.61
N THR A 19 -11.68 -5.10 -10.46
CA THR A 19 -11.06 -5.22 -11.78
C THR A 19 -9.57 -5.48 -11.52
N HIS A 20 -9.08 -4.95 -10.40
CA HIS A 20 -7.71 -5.21 -9.94
C HIS A 20 -7.87 -5.99 -8.64
N GLY A 21 -7.24 -7.17 -8.60
CA GLY A 21 -7.39 -8.08 -7.48
C GLY A 21 -6.89 -7.63 -6.13
N ASN A 22 -5.86 -6.78 -6.07
CA ASN A 22 -5.37 -6.35 -4.77
C ASN A 22 -6.11 -5.10 -4.35
N GLU A 23 -7.28 -4.86 -4.96
CA GLU A 23 -8.03 -3.66 -4.62
C GLU A 23 -9.40 -3.89 -3.92
N LEU A 24 -9.33 -4.01 -2.59
CA LEU A 24 -10.47 -4.31 -1.73
C LEU A 24 -11.79 -3.52 -1.70
N THR A 25 -11.74 -2.20 -1.50
CA THR A 25 -12.97 -1.38 -1.40
C THR A 25 -14.04 -1.74 -2.42
N GLY A 26 -13.66 -1.70 -3.70
CA GLY A 26 -14.63 -2.03 -4.73
C GLY A 26 -15.14 -3.44 -4.50
N VAL A 27 -14.24 -4.30 -4.04
CA VAL A 27 -14.60 -5.68 -3.76
C VAL A 27 -15.52 -5.73 -2.56
N PHE A 28 -15.28 -4.84 -1.60
CA PHE A 28 -16.07 -4.79 -0.36
C PHE A 28 -17.47 -4.23 -0.64
N LEU A 29 -17.53 -3.09 -1.34
CA LEU A 29 -18.82 -2.51 -1.65
C LEU A 29 -19.68 -3.39 -2.56
N VAL A 30 -19.06 -3.95 -3.60
CA VAL A 30 -19.82 -4.81 -4.50
C VAL A 30 -20.29 -6.05 -3.76
N THR A 31 -19.39 -6.68 -3.00
CA THR A 31 -19.77 -7.88 -2.25
C THR A 31 -20.92 -7.54 -1.28
N HIS A 32 -20.88 -6.35 -0.70
CA HIS A 32 -21.93 -5.91 0.22
C HIS A 32 -23.25 -5.64 -0.53
N TRP A 33 -23.15 -4.95 -1.66
CA TRP A 33 -24.34 -4.61 -2.44
C TRP A 33 -24.98 -5.81 -3.10
N LEU A 34 -24.18 -6.83 -3.40
CA LEU A 34 -24.75 -8.04 -3.97
C LEU A 34 -25.61 -8.70 -2.90
N LYS A 35 -25.28 -8.44 -1.64
CA LYS A 35 -26.03 -8.99 -0.51
C LYS A 35 -27.20 -8.10 -0.10
N ASN A 36 -26.94 -6.80 -0.08
CA ASN A 36 -27.89 -5.77 0.32
C ASN A 36 -27.93 -4.71 -0.77
N GLY A 37 -28.71 -4.95 -1.82
CA GLY A 37 -28.76 -4.00 -2.93
C GLY A 37 -29.48 -2.68 -2.74
N ALA A 38 -30.23 -2.55 -1.65
CA ALA A 38 -30.99 -1.33 -1.39
C ALA A 38 -30.18 -0.04 -1.52
N GLU A 39 -28.95 -0.04 -1.02
CA GLU A 39 -28.13 1.15 -1.10
C GLU A 39 -28.02 1.64 -2.55
N VAL A 40 -27.86 0.70 -3.48
CA VAL A 40 -27.71 1.06 -4.89
C VAL A 40 -28.94 0.79 -5.75
N HIS A 41 -30.06 1.33 -5.30
CA HIS A 41 -31.33 1.24 -6.02
C HIS A 41 -31.81 2.65 -6.28
N ARG A 42 -32.42 2.83 -7.44
CA ARG A 42 -33.02 4.09 -7.85
C ARG A 42 -34.30 3.64 -8.52
N ALA A 43 -35.44 3.97 -7.92
CA ALA A 43 -36.72 3.56 -8.48
C ALA A 43 -36.64 3.79 -9.97
N GLY A 44 -37.01 2.79 -10.76
CA GLY A 44 -36.98 2.92 -12.20
C GLY A 44 -35.75 2.43 -12.97
N LEU A 45 -34.61 2.26 -12.29
CA LEU A 45 -33.36 1.84 -12.96
C LEU A 45 -32.97 0.40 -12.69
N GLU A 46 -32.10 -0.14 -13.54
CA GLU A 46 -31.60 -1.50 -13.37
C GLU A 46 -30.11 -1.31 -13.00
N VAL A 47 -29.77 -1.61 -11.75
CA VAL A 47 -28.38 -1.45 -11.29
C VAL A 47 -27.80 -2.80 -10.86
N LYS A 48 -26.76 -3.23 -11.57
CA LYS A 48 -26.12 -4.51 -11.29
C LYS A 48 -24.68 -4.41 -10.85
N PRO A 49 -24.41 -4.67 -9.55
CA PRO A 49 -23.04 -4.63 -9.02
C PRO A 49 -22.38 -5.93 -9.50
N PHE A 50 -21.07 -5.93 -9.75
CA PHE A 50 -20.41 -7.14 -10.25
C PHE A 50 -18.91 -7.16 -9.93
N ILE A 51 -18.37 -8.31 -9.53
CA ILE A 51 -16.93 -8.43 -9.23
C ILE A 51 -16.24 -8.91 -10.51
N THR A 52 -15.37 -8.09 -11.09
CA THR A 52 -14.75 -8.46 -12.36
C THR A 52 -13.62 -9.49 -12.37
N ASN A 53 -12.70 -9.44 -11.41
CA ASN A 53 -11.61 -10.42 -11.41
C ASN A 53 -11.61 -11.20 -10.10
N PRO A 54 -12.58 -12.12 -9.92
CA PRO A 54 -12.64 -12.91 -8.68
C PRO A 54 -11.42 -13.78 -8.37
N ARG A 55 -10.75 -14.28 -9.41
CA ARG A 55 -9.56 -15.11 -9.15
C ARG A 55 -8.44 -14.26 -8.57
N ALA A 56 -8.23 -13.07 -9.13
CA ALA A 56 -7.18 -12.17 -8.59
C ALA A 56 -7.57 -11.75 -7.16
N VAL A 57 -8.86 -11.52 -6.94
CA VAL A 57 -9.38 -11.14 -5.62
C VAL A 57 -9.03 -12.26 -4.61
N GLU A 58 -9.25 -13.51 -5.00
CA GLU A 58 -8.94 -14.63 -4.09
C GLU A 58 -7.45 -14.73 -3.74
N LYS A 59 -6.61 -14.12 -4.56
CA LYS A 59 -5.16 -14.13 -4.32
C LYS A 59 -4.61 -12.78 -3.84
N CYS A 60 -5.52 -11.80 -3.69
CA CYS A 60 -5.13 -10.43 -3.30
C CYS A 60 -4.00 -10.02 -4.20
N THR A 61 -4.25 -10.15 -5.50
CA THR A 61 -3.27 -9.80 -6.54
C THR A 61 -3.95 -8.92 -7.59
N ARG A 62 -3.28 -7.85 -8.01
CA ARG A 62 -3.89 -6.96 -8.99
C ARG A 62 -4.41 -7.74 -10.19
N TYR A 63 -3.78 -8.89 -10.46
CA TYR A 63 -4.17 -9.73 -11.58
C TYR A 63 -3.61 -11.16 -11.49
N ILE A 64 -4.22 -12.07 -12.23
CA ILE A 64 -3.80 -13.47 -12.26
C ILE A 64 -2.62 -13.57 -13.21
N ASP A 65 -2.84 -13.24 -14.48
CA ASP A 65 -1.81 -13.32 -15.52
C ASP A 65 -1.55 -12.01 -16.24
N CYS A 66 -2.60 -11.20 -16.39
CA CYS A 66 -2.46 -9.91 -17.06
C CYS A 66 -3.46 -8.87 -16.59
N ASP A 67 -3.33 -7.63 -17.07
CA ASP A 67 -4.19 -6.52 -16.65
C ASP A 67 -5.59 -6.57 -17.29
N LEU A 68 -6.61 -6.83 -16.48
CA LEU A 68 -8.00 -6.91 -16.98
C LEU A 68 -8.45 -5.54 -17.50
N ASN A 69 -7.64 -4.50 -17.26
CA ASN A 69 -7.98 -3.15 -17.69
C ASN A 69 -7.23 -2.79 -18.97
N ARG A 70 -6.59 -3.78 -19.58
CA ARG A 70 -5.83 -3.60 -20.82
C ARG A 70 -6.13 -4.67 -21.87
N VAL A 71 -7.24 -5.40 -21.74
CA VAL A 71 -7.53 -6.48 -22.68
C VAL A 71 -8.97 -6.53 -23.20
N PHE A 72 -9.64 -5.37 -23.19
CA PHE A 72 -11.00 -5.30 -23.71
C PHE A 72 -11.03 -4.70 -25.12
N ASP A 73 -9.87 -4.50 -25.73
CA ASP A 73 -9.85 -3.98 -27.11
C ASP A 73 -10.62 -4.99 -27.98
N LEU A 74 -11.10 -4.52 -29.12
CA LEU A 74 -11.88 -5.37 -30.02
C LEU A 74 -11.22 -6.67 -30.43
N GLU A 75 -9.91 -6.65 -30.61
CA GLU A 75 -9.20 -7.85 -31.03
C GLU A 75 -9.31 -8.93 -29.96
N ASN A 76 -8.86 -8.61 -28.74
CA ASN A 76 -8.89 -9.57 -27.64
C ASN A 76 -10.29 -10.07 -27.27
N LEU A 77 -11.32 -9.28 -27.54
CA LEU A 77 -12.70 -9.68 -27.23
C LEU A 77 -13.35 -10.53 -28.32
N SER A 78 -12.59 -10.86 -29.36
CA SER A 78 -13.11 -11.69 -30.43
C SER A 78 -12.10 -12.74 -30.90
N LYS A 79 -10.96 -12.84 -30.22
CA LYS A 79 -9.91 -13.81 -30.61
C LYS A 79 -10.21 -15.20 -30.07
N GLU A 80 -9.77 -16.22 -30.79
CA GLU A 80 -9.99 -17.59 -30.33
C GLU A 80 -8.93 -17.90 -29.30
N MSE A 81 -9.22 -18.84 -28.40
CA MSE A 81 -8.28 -19.24 -27.35
C MSE A 81 -7.01 -19.93 -27.87
O MSE A 81 -7.01 -20.46 -28.97
CB MSE A 81 -8.97 -20.19 -26.36
CG MSE A 81 -10.13 -19.60 -25.61
SE MSE A 81 -9.60 -18.16 -24.42
CE MSE A 81 -10.16 -16.69 -25.55
N SER A 82 -5.94 -19.91 -27.06
CA SER A 82 -4.67 -20.58 -27.38
C SER A 82 -3.96 -20.96 -26.07
N GLU A 83 -3.13 -22.01 -26.11
CA GLU A 83 -2.45 -22.46 -24.89
C GLU A 83 -1.80 -21.32 -24.11
N ASP A 84 -1.23 -20.37 -24.83
CA ASP A 84 -0.51 -19.25 -24.20
C ASP A 84 -1.27 -17.93 -24.04
N LEU A 85 -2.48 -18.00 -23.51
CA LEU A 85 -3.26 -16.78 -23.34
C LEU A 85 -3.45 -16.46 -21.87
N PRO A 86 -3.03 -15.27 -21.42
CA PRO A 86 -3.23 -14.97 -20.00
C PRO A 86 -4.71 -15.16 -19.63
N TYR A 87 -4.96 -15.48 -18.35
CA TYR A 87 -6.31 -15.67 -17.86
C TYR A 87 -7.22 -14.46 -18.14
N GLU A 88 -6.70 -13.26 -17.92
CA GLU A 88 -7.54 -12.07 -18.10
C GLU A 88 -8.13 -11.90 -19.50
N VAL A 89 -7.47 -12.43 -20.54
CA VAL A 89 -8.02 -12.30 -21.90
C VAL A 89 -9.30 -13.14 -21.98
N ARG A 90 -9.27 -14.33 -21.36
CA ARG A 90 -10.45 -15.19 -21.33
C ARG A 90 -11.47 -14.61 -20.32
N ARG A 91 -10.99 -13.99 -19.24
CA ARG A 91 -11.94 -13.44 -18.27
C ARG A 91 -12.60 -12.19 -18.88
N ALA A 92 -11.83 -11.46 -19.70
CA ALA A 92 -12.39 -10.26 -20.33
C ALA A 92 -13.54 -10.65 -21.25
N GLN A 93 -13.40 -11.77 -21.96
CA GLN A 93 -14.45 -12.21 -22.86
C GLN A 93 -15.74 -12.62 -22.14
N GLU A 94 -15.64 -13.17 -20.95
CA GLU A 94 -16.84 -13.57 -20.20
C GLU A 94 -17.73 -12.37 -19.82
N ILE A 95 -17.12 -11.23 -19.53
CA ILE A 95 -17.84 -10.01 -19.14
C ILE A 95 -18.36 -9.32 -20.39
N ASN A 96 -17.49 -9.17 -21.38
CA ASN A 96 -17.92 -8.54 -22.63
C ASN A 96 -19.22 -9.17 -23.13
N HIS A 97 -19.39 -10.47 -22.89
CA HIS A 97 -20.58 -11.21 -23.31
C HIS A 97 -21.73 -10.92 -22.34
N LEU A 98 -21.43 -10.91 -21.04
CA LEU A 98 -22.45 -10.66 -20.02
C LEU A 98 -22.99 -9.22 -20.06
N PHE A 99 -22.09 -8.26 -19.92
CA PHE A 99 -22.47 -6.84 -19.86
C PHE A 99 -22.33 -6.06 -21.16
N GLY A 100 -21.88 -6.76 -22.20
CA GLY A 100 -21.75 -6.18 -23.52
C GLY A 100 -22.57 -7.06 -24.46
N PRO A 101 -21.99 -7.49 -25.59
CA PRO A 101 -20.62 -7.20 -25.99
C PRO A 101 -20.44 -5.73 -26.37
N LYS A 102 -19.21 -5.26 -26.31
CA LYS A 102 -18.89 -3.89 -26.70
C LYS A 102 -19.33 -3.74 -28.15
N ASN A 103 -19.79 -2.55 -28.50
CA ASN A 103 -20.23 -2.24 -29.86
C ASN A 103 -21.70 -2.50 -30.14
N SER A 104 -22.31 -3.45 -29.44
CA SER A 104 -23.71 -3.76 -29.65
C SER A 104 -24.57 -2.70 -28.98
N ASP A 105 -25.87 -2.74 -29.24
CA ASP A 105 -26.81 -1.78 -28.66
C ASP A 105 -27.55 -2.36 -27.47
N ASP A 106 -27.27 -3.61 -27.15
CA ASP A 106 -27.91 -4.27 -26.02
C ASP A 106 -26.99 -4.25 -24.80
N ALA A 107 -25.79 -3.71 -24.98
CA ALA A 107 -24.84 -3.62 -23.87
C ALA A 107 -25.33 -2.58 -22.87
N TYR A 108 -24.92 -2.73 -21.61
CA TYR A 108 -25.32 -1.77 -20.58
C TYR A 108 -24.94 -0.37 -21.02
N ASP A 109 -25.76 0.60 -20.64
CA ASP A 109 -25.50 2.01 -20.99
C ASP A 109 -24.50 2.68 -20.10
N VAL A 110 -24.25 2.10 -18.92
CA VAL A 110 -23.30 2.71 -18.01
C VAL A 110 -22.45 1.68 -17.32
N VAL A 111 -21.15 1.95 -17.26
CA VAL A 111 -20.24 1.08 -16.52
C VAL A 111 -19.37 2.01 -15.68
N PHE A 112 -19.60 1.96 -14.38
CA PHE A 112 -18.82 2.72 -13.41
C PHE A 112 -17.90 1.68 -12.80
N ASP A 113 -16.63 1.62 -13.20
CA ASP A 113 -15.73 0.63 -12.61
C ASP A 113 -15.06 1.26 -11.39
N LEU A 114 -14.90 0.48 -10.33
CA LEU A 114 -14.37 1.01 -9.08
C LEU A 114 -12.88 0.71 -8.84
N HIS A 115 -12.08 1.77 -8.77
CA HIS A 115 -10.63 1.66 -8.56
C HIS A 115 -10.14 2.53 -7.40
N ASN A 116 -9.00 2.16 -6.84
CA ASN A 116 -8.36 2.91 -5.76
C ASN A 116 -6.89 3.01 -6.18
N THR A 117 -6.15 3.95 -5.59
CA THR A 117 -4.72 4.08 -5.90
C THR A 117 -3.98 4.38 -4.62
N THR A 118 -2.69 4.06 -4.60
CA THR A 118 -1.88 4.36 -3.44
C THR A 118 -1.56 5.87 -3.47
N SER A 119 -1.67 6.48 -4.66
CA SER A 119 -1.41 7.92 -4.84
C SER A 119 -2.48 8.77 -4.14
N ASN A 120 -2.09 9.95 -3.63
CA ASN A 120 -3.00 10.88 -2.91
C ASN A 120 -3.85 11.75 -3.86
N MSE A 121 -4.79 11.10 -4.55
CA MSE A 121 -5.63 11.79 -5.54
C MSE A 121 -7.04 12.13 -5.07
O MSE A 121 -7.79 12.81 -5.78
CB MSE A 121 -5.72 10.95 -6.81
CG MSE A 121 -4.40 10.87 -7.55
SE MSE A 121 -4.44 9.64 -9.03
CE MSE A 121 -5.97 10.34 -9.98
N GLY A 122 -7.38 11.67 -3.87
CA GLY A 122 -8.72 11.92 -3.34
C GLY A 122 -9.76 11.38 -4.29
N CYS A 123 -10.95 11.97 -4.25
CA CYS A 123 -12.04 11.55 -5.13
C CYS A 123 -11.67 11.87 -6.58
N THR A 124 -11.83 10.89 -7.47
CA THR A 124 -11.46 11.08 -8.88
C THR A 124 -12.46 10.45 -9.87
N LEU A 125 -12.76 11.19 -10.94
CA LEU A 125 -13.66 10.75 -12.01
C LEU A 125 -12.84 10.74 -13.30
N ILE A 126 -13.04 9.70 -14.11
CA ILE A 126 -12.31 9.56 -15.38
C ILE A 126 -13.33 9.56 -16.53
N LEU A 127 -13.16 10.54 -17.42
CA LEU A 127 -14.04 10.73 -18.57
C LEU A 127 -13.33 10.31 -19.85
N GLY A 128 -14.00 9.49 -20.65
CA GLY A 128 -13.39 9.02 -21.88
C GLY A 128 -14.01 9.65 -23.12
N ASP A 129 -14.55 10.86 -22.99
CA ASP A 129 -15.16 11.55 -24.12
C ASP A 129 -15.54 12.97 -23.73
N SER A 130 -14.69 13.92 -24.15
CA SER A 130 -14.92 15.32 -23.83
C SER A 130 -16.16 15.84 -24.54
N GLY A 131 -16.57 15.17 -25.61
CA GLY A 131 -17.73 15.59 -26.37
C GLY A 131 -19.04 14.93 -25.93
N ASN A 132 -19.07 14.39 -24.72
CA ASN A 132 -20.27 13.72 -24.25
C ASN A 132 -20.98 14.54 -23.16
N ASP A 133 -21.90 15.40 -23.61
CA ASP A 133 -22.66 16.27 -22.70
C ASP A 133 -23.14 15.47 -21.50
N PHE A 134 -23.71 14.29 -21.75
CA PHE A 134 -24.23 13.48 -20.67
C PHE A 134 -23.20 13.25 -19.56
N LEU A 135 -21.96 12.95 -19.95
CA LEU A 135 -20.91 12.70 -18.97
C LEU A 135 -20.39 13.98 -18.35
N ILE A 136 -20.32 15.06 -19.13
CA ILE A 136 -19.84 16.30 -18.53
C ILE A 136 -20.86 16.75 -17.49
N GLN A 137 -22.14 16.66 -17.85
CA GLN A 137 -23.21 17.06 -16.94
C GLN A 137 -23.09 16.27 -15.63
N MSE A 138 -22.85 14.97 -15.76
CA MSE A 138 -22.72 14.16 -14.54
C MSE A 138 -21.50 14.59 -13.74
O MSE A 138 -21.62 14.92 -12.56
CB MSE A 138 -22.59 12.66 -14.89
CG MSE A 138 -22.50 11.78 -13.63
SE MSE A 138 -22.00 9.97 -14.02
CE MSE A 138 -23.61 9.47 -15.02
N PHE A 139 -20.32 14.60 -14.36
CA PHE A 139 -19.10 14.98 -13.63
C PHE A 139 -19.27 16.36 -13.01
N HIS A 140 -19.85 17.28 -13.78
CA HIS A 140 -20.13 18.62 -13.27
C HIS A 140 -21.00 18.52 -12.01
N TYR A 141 -22.13 17.82 -12.14
CA TYR A 141 -23.09 17.63 -11.05
C TYR A 141 -22.38 17.06 -9.82
N ILE A 142 -21.43 16.17 -10.09
CA ILE A 142 -20.67 15.51 -9.05
C ILE A 142 -19.66 16.44 -8.38
N LYS A 143 -19.06 17.32 -9.15
CA LYS A 143 -18.09 18.24 -8.58
C LYS A 143 -18.79 19.25 -7.70
N THR A 144 -20.07 19.51 -8.00
CA THR A 144 -20.89 20.45 -7.23
C THR A 144 -21.41 19.75 -5.99
N CYS A 145 -21.89 18.53 -6.18
CA CYS A 145 -22.44 17.75 -5.09
C CYS A 145 -21.42 17.07 -4.19
N MSE A 146 -20.14 17.37 -4.34
CA MSE A 146 -19.11 16.75 -3.49
C MSE A 146 -18.49 17.76 -2.51
O MSE A 146 -18.16 17.40 -1.39
CB MSE A 146 -17.97 16.14 -4.33
CG MSE A 146 -18.34 14.90 -5.12
SE MSE A 146 -18.53 13.31 -4.06
CE MSE A 146 -16.86 13.42 -3.11
N ALA A 147 -18.34 19.01 -2.96
CA ALA A 147 -17.77 20.08 -2.15
C ALA A 147 -18.17 19.96 -0.68
N PRO A 148 -17.26 20.28 0.25
CA PRO A 148 -15.90 20.75 -0.02
C PRO A 148 -14.88 19.69 -0.43
N LEU A 149 -15.27 18.42 -0.41
CA LEU A 149 -14.30 17.43 -0.85
C LEU A 149 -14.21 17.55 -2.35
N PRO A 150 -13.02 17.82 -2.88
CA PRO A 150 -12.94 17.92 -4.34
C PRO A 150 -13.20 16.55 -4.95
N CYS A 151 -13.64 16.54 -6.20
CA CYS A 151 -13.90 15.31 -6.92
C CYS A 151 -13.34 15.57 -8.31
N SER A 152 -12.04 15.34 -8.45
CA SER A 152 -11.30 15.59 -9.67
C SER A 152 -11.71 14.73 -10.84
N VAL A 153 -11.65 15.33 -12.03
CA VAL A 153 -12.02 14.66 -13.27
C VAL A 153 -10.83 14.60 -14.21
N TYR A 154 -10.31 13.40 -14.44
CA TYR A 154 -9.17 13.20 -15.35
C TYR A 154 -9.74 12.95 -16.77
N LEU A 155 -8.99 13.28 -17.81
CA LEU A 155 -9.50 13.06 -19.16
C LEU A 155 -8.52 12.29 -20.03
N ILE A 156 -9.03 11.31 -20.77
CA ILE A 156 -8.19 10.53 -21.69
C ILE A 156 -8.74 10.77 -23.10
N GLU A 157 -8.25 11.80 -23.78
CA GLU A 157 -8.74 12.10 -25.12
C GLU A 157 -8.40 11.00 -26.14
N HIS A 158 -7.15 10.55 -26.15
CA HIS A 158 -6.71 9.50 -27.08
C HIS A 158 -7.27 8.12 -26.74
N PRO A 159 -7.87 7.43 -27.73
CA PRO A 159 -8.45 6.10 -27.54
C PRO A 159 -7.41 5.10 -27.06
N SER A 160 -6.14 5.43 -27.30
CA SER A 160 -5.03 4.57 -26.90
C SER A 160 -5.08 4.13 -25.44
N LEU A 161 -5.48 5.05 -24.56
CA LEU A 161 -5.55 4.77 -23.13
C LEU A 161 -6.95 4.50 -22.61
N LYS A 162 -7.90 4.20 -23.49
CA LYS A 162 -9.24 3.94 -23.00
C LYS A 162 -10.00 2.79 -23.64
N TYR A 163 -9.76 2.58 -24.92
CA TYR A 163 -10.44 1.52 -25.67
C TYR A 163 -10.24 0.11 -25.09
N ALA A 164 -9.10 -0.11 -24.42
CA ALA A 164 -8.83 -1.43 -23.86
C ALA A 164 -9.23 -1.55 -22.39
N THR A 165 -9.94 -0.56 -21.86
CA THR A 165 -10.39 -0.59 -20.45
C THR A 165 -11.61 -1.47 -20.22
N THR A 166 -11.72 -1.98 -19.00
CA THR A 166 -12.82 -2.85 -18.62
C THR A 166 -14.15 -2.07 -18.74
N ARG A 167 -14.11 -0.78 -18.48
CA ARG A 167 -15.32 0.04 -18.54
C ARG A 167 -15.76 0.36 -19.97
N SER A 168 -14.80 0.39 -20.89
CA SER A 168 -15.09 0.74 -22.29
C SER A 168 -16.14 -0.12 -23.00
N ILE A 169 -16.66 -1.13 -22.32
CA ILE A 169 -17.71 -1.95 -22.90
C ILE A 169 -19.08 -1.24 -22.85
N ALA A 170 -19.17 -0.14 -22.10
CA ALA A 170 -20.42 0.62 -21.98
C ALA A 170 -20.56 1.74 -23.00
N LYS A 171 -21.75 2.32 -23.06
CA LYS A 171 -22.03 3.45 -23.93
C LYS A 171 -21.65 4.70 -23.11
N TYR A 172 -21.66 4.55 -21.78
CA TYR A 172 -21.28 5.65 -20.89
C TYR A 172 -20.32 5.12 -19.82
N PRO A 173 -19.10 4.80 -20.21
CA PRO A 173 -18.08 4.28 -19.29
C PRO A 173 -17.41 5.37 -18.44
N VAL A 174 -17.55 5.27 -17.12
CA VAL A 174 -16.93 6.23 -16.22
C VAL A 174 -16.03 5.52 -15.22
N GLY A 175 -14.84 6.10 -15.04
CA GLY A 175 -13.87 5.57 -14.07
C GLY A 175 -13.98 6.38 -12.79
N ILE A 176 -13.96 5.68 -11.65
CA ILE A 176 -14.02 6.34 -10.36
C ILE A 176 -12.95 5.71 -9.47
N GLU A 177 -11.77 6.33 -9.45
CA GLU A 177 -10.65 5.83 -8.64
C GLU A 177 -10.46 6.72 -7.40
N VAL A 178 -10.20 6.11 -6.24
CA VAL A 178 -9.98 6.91 -5.01
C VAL A 178 -8.72 6.47 -4.27
N GLY A 179 -7.88 7.46 -3.93
CA GLY A 179 -6.66 7.19 -3.20
C GLY A 179 -6.36 8.41 -2.34
N PRO A 180 -5.25 8.42 -1.59
CA PRO A 180 -4.25 7.36 -1.47
C PRO A 180 -4.75 6.22 -0.60
N GLN A 181 -4.40 5.01 -1.00
CA GLN A 181 -4.79 3.84 -0.24
C GLN A 181 -3.87 2.66 -0.54
N PRO A 182 -3.15 2.15 0.49
CA PRO A 182 -2.27 1.02 0.21
C PRO A 182 -3.17 -0.12 -0.27
N HIS A 183 -2.74 -0.84 -1.30
CA HIS A 183 -3.55 -1.95 -1.77
C HIS A 183 -3.56 -3.04 -0.70
N GLY A 184 -4.64 -3.81 -0.64
CA GLY A 184 -4.76 -4.87 0.35
C GLY A 184 -5.33 -4.40 1.69
N VAL A 185 -5.77 -3.14 1.76
CA VAL A 185 -6.36 -2.59 2.99
C VAL A 185 -7.59 -1.74 2.68
N LEU A 186 -8.50 -1.64 3.65
CA LEU A 186 -9.70 -0.82 3.55
C LEU A 186 -9.54 0.37 4.51
N ARG A 187 -10.06 1.53 4.12
CA ARG A 187 -10.03 2.74 4.94
C ARG A 187 -11.44 3.33 5.00
N ALA A 188 -11.78 3.99 6.11
CA ALA A 188 -13.10 4.58 6.25
C ALA A 188 -13.32 5.90 5.50
N ASP A 189 -12.28 6.70 5.33
CA ASP A 189 -12.42 7.95 4.62
C ASP A 189 -12.57 7.68 3.12
N ILE A 190 -11.78 6.73 2.64
CA ILE A 190 -11.79 6.32 1.23
C ILE A 190 -13.15 5.66 0.92
N LEU A 191 -13.60 4.78 1.82
CA LEU A 191 -14.88 4.06 1.68
C LEU A 191 -16.02 5.04 1.52
N ASP A 192 -16.16 5.91 2.52
CA ASP A 192 -17.26 6.87 2.46
C ASP A 192 -17.14 7.70 1.19
N GLN A 193 -15.92 7.98 0.77
CA GLN A 193 -15.77 8.78 -0.44
C GLN A 193 -16.33 8.05 -1.66
N MSE A 194 -16.00 6.76 -1.79
CA MSE A 194 -16.50 5.99 -2.93
C MSE A 194 -18.04 5.83 -2.85
O MSE A 194 -18.71 5.59 -3.86
CB MSE A 194 -15.83 4.60 -3.00
CG MSE A 194 -16.15 3.82 -4.28
SE MSE A 194 -14.86 2.42 -4.70
CE MSE A 194 -15.90 0.84 -4.34
N ARG A 195 -18.60 5.95 -1.65
CA ARG A 195 -20.05 5.80 -1.54
C ARG A 195 -20.76 7.10 -1.93
N ARG A 196 -20.25 8.23 -1.46
CA ARG A 196 -20.85 9.52 -1.79
C ARG A 196 -20.80 9.78 -3.30
N MSE A 197 -19.61 9.90 -3.86
CA MSE A 197 -19.49 10.14 -5.31
C MSE A 197 -20.58 9.39 -6.09
O MSE A 197 -21.35 9.99 -6.83
CB MSE A 197 -18.12 9.72 -5.82
CG MSE A 197 -16.96 10.50 -5.23
SE MSE A 197 -15.25 9.76 -5.84
CE MSE A 197 -15.49 10.23 -7.71
N LEU A 198 -20.62 8.06 -5.92
CA LEU A 198 -21.59 7.23 -6.63
C LEU A 198 -23.02 7.63 -6.35
N LYS A 199 -23.30 8.05 -5.12
CA LYS A 199 -24.65 8.44 -4.76
C LYS A 199 -25.14 9.61 -5.61
N HIS A 200 -24.24 10.52 -5.95
CA HIS A 200 -24.62 11.68 -6.72
C HIS A 200 -24.83 11.34 -8.20
N ALA A 201 -23.88 10.64 -8.82
CA ALA A 201 -24.01 10.27 -10.23
C ALA A 201 -25.33 9.54 -10.45
N LEU A 202 -25.56 8.51 -9.63
CA LEU A 202 -26.78 7.72 -9.75
C LEU A 202 -28.00 8.65 -9.69
N ASP A 203 -28.02 9.55 -8.71
CA ASP A 203 -29.15 10.47 -8.62
C ASP A 203 -29.24 11.30 -9.90
N PHE A 204 -28.08 11.60 -10.48
CA PHE A 204 -28.07 12.36 -11.72
C PHE A 204 -28.83 11.58 -12.79
N ILE A 205 -28.39 10.35 -13.05
CA ILE A 205 -29.05 9.53 -14.06
C ILE A 205 -30.56 9.45 -13.78
N GLN A 206 -30.95 9.34 -12.50
CA GLN A 206 -32.37 9.28 -12.18
C GLN A 206 -33.10 10.57 -12.54
N ARG A 207 -32.55 11.70 -12.15
CA ARG A 207 -33.20 12.97 -12.46
C ARG A 207 -33.29 13.09 -13.98
N PHE A 208 -32.48 12.30 -14.68
CA PHE A 208 -32.48 12.29 -16.13
C PHE A 208 -33.66 11.46 -16.63
N ASN A 209 -33.68 10.20 -16.22
CA ASN A 209 -34.75 9.29 -16.64
C ASN A 209 -36.15 9.71 -16.20
N GLU A 210 -36.25 10.48 -15.11
CA GLU A 210 -37.55 10.94 -14.63
C GLU A 210 -38.03 12.13 -15.42
N GLY A 211 -37.11 13.03 -15.78
CA GLY A 211 -37.52 14.19 -16.56
C GLY A 211 -36.85 15.53 -16.31
N LYS A 212 -35.80 15.57 -15.49
CA LYS A 212 -35.15 16.85 -15.23
C LYS A 212 -34.31 17.34 -16.41
N GLU A 213 -34.43 18.64 -16.72
CA GLU A 213 -33.66 19.23 -17.80
C GLU A 213 -32.48 19.99 -17.19
N PHE A 214 -31.30 19.36 -17.23
CA PHE A 214 -30.09 19.97 -16.67
C PHE A 214 -29.59 21.10 -17.55
N PRO A 215 -29.35 22.28 -16.96
CA PRO A 215 -28.88 23.47 -17.69
C PRO A 215 -27.42 23.32 -18.15
N PRO A 216 -26.93 24.27 -18.96
CA PRO A 216 -25.54 24.20 -19.44
C PRO A 216 -24.55 24.35 -18.27
N CYS A 217 -23.33 23.83 -18.44
CA CYS A 217 -22.29 23.90 -17.42
C CYS A 217 -20.87 23.78 -17.98
N ALA A 218 -19.87 23.96 -17.12
CA ALA A 218 -18.45 23.89 -17.52
C ALA A 218 -17.56 23.27 -16.43
N ILE A 219 -16.50 22.57 -16.85
CA ILE A 219 -15.59 21.94 -15.90
C ILE A 219 -14.17 21.90 -16.46
N ASP A 220 -13.20 22.07 -15.58
CA ASP A 220 -11.80 22.02 -15.96
C ASP A 220 -11.29 20.59 -15.74
N VAL A 221 -10.85 19.94 -16.81
CA VAL A 221 -10.33 18.57 -16.69
C VAL A 221 -8.83 18.60 -16.90
N TYR A 222 -8.16 17.55 -16.41
CA TYR A 222 -6.72 17.41 -16.53
C TYR A 222 -6.45 16.42 -17.64
N LYS A 223 -5.66 16.86 -18.61
CA LYS A 223 -5.31 16.10 -19.81
C LYS A 223 -3.84 15.75 -19.88
N ILE A 224 -3.55 14.50 -20.26
CA ILE A 224 -2.18 14.01 -20.34
C ILE A 224 -1.24 14.64 -21.36
N MSE A 225 -0.09 15.08 -20.83
CA MSE A 225 0.96 15.66 -21.63
C MSE A 225 1.81 14.44 -21.94
O MSE A 225 2.13 14.16 -23.10
CB MSE A 225 1.82 16.64 -20.82
CG MSE A 225 1.08 17.78 -20.12
SE MSE A 225 2.30 18.78 -18.98
CE MSE A 225 3.17 19.83 -20.36
N GLU A 226 2.16 13.71 -20.89
CA GLU A 226 2.99 12.53 -21.04
C GLU A 226 3.34 11.89 -19.69
N LYS A 227 3.67 10.61 -19.73
CA LYS A 227 4.07 9.87 -18.53
C LYS A 227 5.55 10.11 -18.32
N VAL A 228 5.97 10.13 -17.05
CA VAL A 228 7.38 10.30 -16.74
C VAL A 228 7.79 9.06 -15.96
N ASP A 229 8.72 8.28 -16.50
CA ASP A 229 9.19 7.09 -15.81
C ASP A 229 10.51 7.39 -15.12
N TYR A 230 10.61 6.96 -13.86
CA TYR A 230 11.81 7.16 -13.05
C TYR A 230 13.10 7.09 -13.87
N PRO A 231 14.06 8.00 -13.62
CA PRO A 231 15.29 7.89 -14.40
C PRO A 231 15.89 6.58 -13.86
N ARG A 232 16.56 5.80 -14.70
CA ARG A 232 17.08 4.52 -14.22
C ARG A 232 18.59 4.36 -14.41
N ASN A 233 19.18 3.49 -13.60
CA ASN A 233 20.61 3.22 -13.69
C ASN A 233 20.89 2.25 -14.82
N GLU A 234 22.17 1.96 -15.05
CA GLU A 234 22.59 1.06 -16.11
C GLU A 234 21.81 -0.23 -16.19
N SER A 235 21.84 -1.00 -15.11
CA SER A 235 21.12 -2.27 -15.06
C SER A 235 19.62 -2.09 -15.20
N GLY A 236 19.19 -0.87 -15.53
CA GLY A 236 17.78 -0.60 -15.72
C GLY A 236 17.02 -0.36 -14.42
N ASP A 237 17.73 -0.47 -13.31
CA ASP A 237 17.12 -0.27 -12.01
C ASP A 237 16.85 1.21 -11.75
N VAL A 238 15.90 1.46 -10.87
CA VAL A 238 15.48 2.81 -10.47
C VAL A 238 16.62 3.50 -9.72
N ALA A 239 16.87 4.77 -10.04
CA ALA A 239 17.95 5.52 -9.40
C ALA A 239 17.48 6.44 -8.25
N ALA A 240 16.55 7.36 -8.53
CA ALA A 240 16.06 8.27 -7.48
C ALA A 240 14.63 7.90 -7.13
N VAL A 241 13.95 8.81 -6.42
CA VAL A 241 12.56 8.59 -6.04
C VAL A 241 11.75 9.89 -6.08
N ILE A 242 10.43 9.76 -5.92
CA ILE A 242 9.56 10.95 -5.92
C ILE A 242 10.05 11.91 -4.83
N HIS A 243 10.19 13.19 -5.18
CA HIS A 243 10.65 14.20 -4.23
C HIS A 243 9.63 14.36 -3.10
N PRO A 244 10.11 14.53 -1.86
CA PRO A 244 9.15 14.68 -0.75
C PRO A 244 8.13 15.81 -0.88
N ASN A 245 8.44 16.79 -1.72
CA ASN A 245 7.53 17.93 -1.96
C ASN A 245 6.42 17.62 -2.98
N LEU A 246 6.70 16.70 -3.90
CA LEU A 246 5.70 16.33 -4.90
C LEU A 246 4.80 15.27 -4.25
N GLN A 247 5.40 14.50 -3.36
CA GLN A 247 4.70 13.43 -2.65
C GLN A 247 3.36 13.85 -2.05
N ASP A 248 2.31 13.16 -2.48
CA ASP A 248 0.94 13.41 -2.02
C ASP A 248 0.38 14.69 -2.62
N GLN A 249 1.17 15.32 -3.48
CA GLN A 249 0.76 16.57 -4.09
C GLN A 249 0.28 16.39 -5.52
N ASP A 250 -0.58 15.42 -5.72
CA ASP A 250 -1.16 15.18 -7.04
C ASP A 250 -1.96 16.42 -7.43
N TRP A 251 -2.33 16.48 -8.71
CA TRP A 251 -3.12 17.56 -9.30
C TRP A 251 -2.38 18.88 -9.35
N LYS A 252 -2.49 19.65 -8.27
CA LYS A 252 -1.87 20.97 -8.11
C LYS A 252 -0.72 21.27 -9.04
N PRO A 253 -0.54 22.56 -9.38
CA PRO A 253 0.50 23.06 -10.28
C PRO A 253 1.91 22.64 -9.84
N LEU A 254 2.70 22.20 -10.80
CA LEU A 254 4.08 21.78 -10.55
C LEU A 254 4.86 22.46 -11.67
N HIS A 255 5.81 23.34 -11.31
CA HIS A 255 6.56 24.12 -12.31
C HIS A 255 7.86 23.53 -12.89
N PRO A 256 8.26 23.98 -14.11
CA PRO A 256 9.47 23.50 -14.77
C PRO A 256 10.73 23.36 -13.92
N GLY A 257 11.05 24.39 -13.14
CA GLY A 257 12.23 24.31 -12.29
C GLY A 257 12.07 23.55 -10.99
N ASP A 258 10.85 23.10 -10.68
CA ASP A 258 10.60 22.39 -9.43
C ASP A 258 11.13 20.95 -9.38
N PRO A 259 11.79 20.59 -8.26
CA PRO A 259 12.37 19.25 -8.04
C PRO A 259 11.28 18.19 -8.01
N VAL A 260 11.45 17.14 -8.82
CA VAL A 260 10.45 16.07 -8.90
C VAL A 260 11.08 14.73 -8.50
N PHE A 261 12.35 14.53 -8.85
CA PHE A 261 13.04 13.28 -8.45
C PHE A 261 14.22 13.61 -7.56
N VAL A 262 14.36 12.89 -6.44
CA VAL A 262 15.53 13.10 -5.59
C VAL A 262 16.16 11.77 -5.26
N SER A 263 17.44 11.60 -5.59
CA SER A 263 18.12 10.32 -5.31
C SER A 263 18.72 10.22 -3.90
N LEU A 264 19.35 9.08 -3.60
CA LEU A 264 19.94 8.88 -2.27
C LEU A 264 21.23 9.67 -2.08
N ASP A 265 21.96 9.85 -3.17
CA ASP A 265 23.21 10.59 -3.12
C ASP A 265 22.85 12.04 -2.84
N GLY A 266 21.55 12.32 -2.86
CA GLY A 266 21.07 13.66 -2.61
C GLY A 266 20.84 14.49 -3.86
N LYS A 267 21.09 13.91 -5.04
CA LYS A 267 20.89 14.63 -6.32
C LYS A 267 19.44 15.05 -6.49
N VAL A 268 19.22 16.18 -7.16
CA VAL A 268 17.87 16.68 -7.41
C VAL A 268 17.63 16.73 -8.91
N ILE A 269 16.48 16.20 -9.35
CA ILE A 269 16.13 16.23 -10.76
C ILE A 269 14.78 16.95 -10.86
N PRO A 270 14.77 18.16 -11.45
CA PRO A 270 13.55 18.97 -11.61
C PRO A 270 12.59 18.50 -12.71
N LEU A 271 11.49 19.21 -12.85
CA LEU A 271 10.50 18.84 -13.86
C LEU A 271 11.05 18.97 -15.27
N GLY A 272 11.60 20.15 -15.58
CA GLY A 272 12.13 20.39 -16.90
C GLY A 272 11.06 21.02 -17.77
N GLY A 273 11.48 21.67 -18.86
CA GLY A 273 10.53 22.30 -19.76
C GLY A 273 10.38 23.80 -19.55
N ASP A 274 9.21 24.34 -19.88
CA ASP A 274 8.98 25.78 -19.72
C ASP A 274 7.52 26.13 -19.44
N CYS A 275 6.79 25.23 -18.79
CA CYS A 275 5.39 25.53 -18.51
C CYS A 275 4.90 24.83 -17.27
N THR A 276 3.72 25.23 -16.80
CA THR A 276 3.14 24.63 -15.61
C THR A 276 2.51 23.28 -15.93
N VAL A 277 2.63 22.35 -14.99
CA VAL A 277 2.10 21.00 -15.14
C VAL A 277 1.14 20.61 -14.02
N TYR A 278 0.51 19.44 -14.15
CA TYR A 278 -0.44 18.95 -13.15
C TYR A 278 -0.28 17.44 -13.05
N PRO A 279 0.80 17.00 -12.37
CA PRO A 279 1.16 15.60 -12.16
C PRO A 279 0.22 14.76 -11.31
N VAL A 280 -0.33 13.72 -11.93
CA VAL A 280 -1.23 12.80 -11.24
C VAL A 280 -0.59 11.42 -11.21
N PHE A 281 -1.15 10.55 -10.38
CA PHE A 281 -0.64 9.19 -10.17
C PHE A 281 0.78 9.28 -9.67
N VAL A 282 1.03 10.26 -8.81
CA VAL A 282 2.33 10.43 -8.23
C VAL A 282 2.52 9.25 -7.28
N ASN A 283 3.48 8.39 -7.60
CA ASN A 283 3.80 7.23 -6.78
C ASN A 283 2.68 6.17 -6.61
N GLU A 284 2.35 5.49 -7.70
CA GLU A 284 1.35 4.42 -7.68
C GLU A 284 2.15 3.12 -7.70
N ALA A 285 1.95 2.25 -6.71
CA ALA A 285 2.70 0.99 -6.66
C ALA A 285 2.66 0.20 -7.98
N ALA A 286 1.47 0.01 -8.52
CA ALA A 286 1.28 -0.75 -9.75
C ALA A 286 1.91 -0.13 -10.98
N TYR A 287 2.30 1.14 -10.90
CA TYR A 287 2.89 1.83 -12.04
C TYR A 287 4.41 1.80 -12.15
N TYR A 288 5.09 1.25 -11.16
CA TYR A 288 6.54 1.15 -11.29
C TYR A 288 6.88 0.32 -12.54
N GLU A 289 6.18 -0.79 -12.74
CA GLU A 289 6.44 -1.64 -13.89
C GLU A 289 5.91 -1.01 -15.17
N LYS A 290 4.84 -0.23 -15.05
CA LYS A 290 4.25 0.46 -16.20
C LYS A 290 5.09 1.69 -16.57
N LYS A 291 6.26 1.81 -15.93
CA LYS A 291 7.19 2.91 -16.18
C LYS A 291 6.52 4.30 -16.08
N GLU A 292 5.86 4.53 -14.96
CA GLU A 292 5.21 5.80 -14.73
C GLU A 292 5.36 6.20 -13.26
N ALA A 293 6.30 7.11 -12.98
CA ALA A 293 6.50 7.61 -11.62
C ALA A 293 5.34 8.58 -11.38
N PHE A 294 4.79 9.11 -12.47
CA PHE A 294 3.63 10.01 -12.47
C PHE A 294 3.33 10.39 -13.92
N ALA A 295 2.23 11.10 -14.13
CA ALA A 295 1.85 11.54 -15.47
C ALA A 295 1.61 13.05 -15.50
N LYS A 296 2.34 13.74 -16.37
CA LYS A 296 2.19 15.19 -16.51
C LYS A 296 0.93 15.49 -17.32
N THR A 297 0.14 16.44 -16.82
CA THR A 297 -1.12 16.83 -17.47
C THR A 297 -1.31 18.35 -17.51
N THR A 298 -2.16 18.81 -18.43
CA THR A 298 -2.50 20.23 -18.56
C THR A 298 -4.01 20.32 -18.29
N LYS A 299 -4.45 21.41 -17.66
CA LYS A 299 -5.86 21.56 -17.30
C LYS A 299 -6.63 22.40 -18.31
N LEU A 300 -7.84 21.96 -18.65
CA LEU A 300 -8.66 22.69 -19.60
C LEU A 300 -10.12 22.70 -19.15
N THR A 301 -10.90 23.59 -19.76
CA THR A 301 -12.32 23.74 -19.44
C THR A 301 -13.18 23.07 -20.52
N LEU A 302 -14.21 22.35 -20.07
CA LEU A 302 -15.13 21.70 -21.01
C LEU A 302 -16.54 22.18 -20.69
N ASN A 303 -17.33 22.46 -21.72
CA ASN A 303 -18.71 22.89 -21.51
C ASN A 303 -19.64 21.77 -21.96
N ALA A 304 -20.84 21.74 -21.38
CA ALA A 304 -21.84 20.75 -21.73
C ALA A 304 -23.12 21.50 -22.07
N LYS A 305 -23.82 21.07 -23.12
CA LYS A 305 -25.08 21.71 -23.49
C LYS A 305 -26.11 21.27 -22.46
N SER A 306 -27.22 22.00 -22.39
CA SER A 306 -28.30 21.64 -21.47
C SER A 306 -28.94 20.36 -22.03
N ILE A 307 -28.83 19.26 -21.28
CA ILE A 307 -29.38 17.99 -21.72
C ILE A 307 -30.78 17.71 -21.17
N ARG A 308 -31.45 16.74 -21.77
CA ARG A 308 -32.80 16.35 -21.35
C ARG A 308 -33.17 15.04 -22.05
N SER A 309 -33.68 14.08 -21.29
CA SER A 309 -34.07 12.80 -21.88
C SER A 309 -35.07 13.03 -23.02
N THR A 310 -35.02 12.15 -24.02
CA THR A 310 -35.93 12.24 -25.17
C THR A 310 -37.36 11.79 -24.80
N CYS B 4 26.09 -2.84 36.53
CA CYS B 4 26.60 -2.70 35.12
C CYS B 4 26.60 -4.02 34.33
N VAL B 5 27.33 -4.03 33.22
CA VAL B 5 27.46 -5.22 32.36
C VAL B 5 28.75 -5.02 31.60
N ALA B 6 29.37 -6.13 31.19
CA ALA B 6 30.62 -6.08 30.44
C ALA B 6 30.55 -7.11 29.32
N GLU B 7 30.58 -6.63 28.08
CA GLU B 7 30.53 -7.48 26.89
C GLU B 7 31.66 -7.16 25.91
N GLU B 8 32.07 -8.15 25.13
CA GLU B 8 33.15 -7.97 24.17
C GLU B 8 32.72 -7.13 22.96
N PRO B 9 33.68 -6.62 22.20
CA PRO B 9 33.44 -5.81 21.00
C PRO B 9 32.45 -6.52 20.08
N ILE B 10 31.76 -5.74 19.26
CA ILE B 10 30.79 -6.30 18.32
C ILE B 10 31.52 -6.68 17.02
N LYS B 11 31.39 -7.93 16.61
CA LYS B 11 32.05 -8.35 15.39
C LYS B 11 31.08 -8.44 14.21
N LYS B 12 30.68 -9.65 13.85
CA LYS B 12 29.77 -9.85 12.73
C LYS B 12 28.45 -9.06 12.82
N ILE B 13 28.21 -8.21 11.82
CA ILE B 13 27.01 -7.37 11.73
C ILE B 13 26.46 -7.36 10.31
N ALA B 14 25.18 -7.68 10.14
CA ALA B 14 24.58 -7.63 8.81
C ALA B 14 23.38 -6.70 8.82
N ILE B 15 22.97 -6.27 7.63
CA ILE B 15 21.78 -5.42 7.48
C ILE B 15 20.93 -6.16 6.45
N PHE B 16 19.84 -6.75 6.94
CA PHE B 16 18.93 -7.54 6.11
C PHE B 16 17.84 -6.65 5.51
N GLY B 17 17.68 -6.76 4.19
CA GLY B 17 16.65 -6.02 3.50
C GLY B 17 15.93 -6.96 2.55
N GLY B 18 14.68 -6.67 2.23
CA GLY B 18 13.93 -7.51 1.32
C GLY B 18 13.49 -8.86 1.84
N THR B 19 13.32 -9.00 3.16
CA THR B 19 12.83 -10.27 3.72
C THR B 19 11.45 -10.50 3.12
N HIS B 20 10.71 -9.39 2.94
CA HIS B 20 9.39 -9.42 2.28
C HIS B 20 9.63 -8.42 1.16
N GLY B 21 10.01 -8.95 0.00
CA GLY B 21 10.36 -8.18 -1.18
C GLY B 21 9.43 -7.06 -1.55
N ASN B 22 8.23 -7.09 -0.97
CA ASN B 22 7.26 -6.05 -1.27
C ASN B 22 7.44 -4.88 -0.31
N GLU B 23 8.47 -4.96 0.55
CA GLU B 23 8.78 -3.88 1.48
C GLU B 23 10.05 -3.23 0.91
N LEU B 24 9.81 -2.19 0.11
CA LEU B 24 10.88 -1.54 -0.66
C LEU B 24 11.96 -0.75 0.05
N THR B 25 11.63 -0.05 1.14
CA THR B 25 12.64 0.75 1.83
C THR B 25 13.90 -0.08 2.08
N GLY B 26 13.74 -1.21 2.77
CA GLY B 26 14.89 -2.06 3.06
C GLY B 26 15.60 -2.49 1.78
N VAL B 27 14.84 -2.87 0.76
CA VAL B 27 15.45 -3.28 -0.51
C VAL B 27 16.30 -2.16 -1.07
N PHE B 28 15.71 -0.97 -1.16
CA PHE B 28 16.44 0.17 -1.75
C PHE B 28 17.80 0.45 -1.12
N LEU B 29 17.84 0.52 0.19
CA LEU B 29 19.07 0.82 0.92
C LEU B 29 20.14 -0.26 0.73
N VAL B 30 19.76 -1.52 0.87
CA VAL B 30 20.72 -2.61 0.70
C VAL B 30 21.20 -2.61 -0.74
N THR B 31 20.39 -2.09 -1.65
CA THR B 31 20.80 -2.01 -3.03
C THR B 31 21.85 -0.92 -3.06
N HIS B 32 21.50 0.23 -2.50
CA HIS B 32 22.40 1.38 -2.43
C HIS B 32 23.70 1.14 -1.66
N TRP B 33 23.57 0.73 -0.40
CA TRP B 33 24.72 0.49 0.47
C TRP B 33 25.73 -0.48 -0.10
N LEU B 34 25.24 -1.54 -0.72
CA LEU B 34 26.12 -2.51 -1.32
C LEU B 34 26.94 -1.83 -2.41
N LYS B 35 26.37 -0.80 -3.04
CA LYS B 35 27.07 -0.07 -4.10
C LYS B 35 27.97 1.03 -3.52
N ASN B 36 27.47 1.72 -2.51
CA ASN B 36 28.20 2.81 -1.87
C ASN B 36 28.19 2.55 -0.36
N GLY B 37 29.28 2.00 0.16
CA GLY B 37 29.33 1.68 1.58
C GLY B 37 29.39 2.80 2.62
N ALA B 38 30.06 3.89 2.27
CA ALA B 38 30.26 5.05 3.13
C ALA B 38 29.24 5.35 4.24
N GLU B 39 27.97 5.45 3.90
CA GLU B 39 27.00 5.73 4.93
C GLU B 39 27.06 4.72 6.08
N VAL B 40 27.24 3.43 5.78
CA VAL B 40 27.28 2.43 6.84
C VAL B 40 28.69 2.15 7.36
N HIS B 41 29.69 2.76 6.77
CA HIS B 41 31.04 2.53 7.27
C HIS B 41 31.23 3.12 8.68
N ARG B 42 31.85 2.36 9.58
CA ARG B 42 32.17 2.78 10.93
C ARG B 42 33.55 2.21 11.26
N ALA B 43 34.36 3.01 11.95
CA ALA B 43 35.69 2.57 12.34
C ALA B 43 35.60 1.32 13.21
N GLY B 44 36.34 0.29 12.81
CA GLY B 44 36.38 -0.96 13.56
C GLY B 44 35.18 -1.88 13.50
N LEU B 45 34.48 -1.92 12.38
CA LEU B 45 33.30 -2.78 12.25
C LEU B 45 33.19 -3.46 10.89
N GLU B 46 32.65 -4.68 10.88
CA GLU B 46 32.43 -5.44 9.65
C GLU B 46 30.91 -5.41 9.42
N VAL B 47 30.48 -4.77 8.34
CA VAL B 47 29.05 -4.65 8.03
C VAL B 47 28.74 -5.22 6.64
N LYS B 48 27.82 -6.18 6.60
CA LYS B 48 27.44 -6.82 5.33
C LYS B 48 25.97 -6.69 5.01
N PRO B 49 25.65 -5.96 3.92
CA PRO B 49 24.24 -5.79 3.51
C PRO B 49 23.88 -7.12 2.84
N PHE B 50 22.64 -7.59 2.99
CA PHE B 50 22.24 -8.86 2.41
C PHE B 50 20.76 -8.88 2.06
N ILE B 51 20.41 -9.27 0.82
CA ILE B 51 19.01 -9.36 0.42
C ILE B 51 18.54 -10.78 0.68
N THR B 52 17.76 -10.93 1.74
CA THR B 52 17.30 -12.22 2.20
C THR B 52 16.36 -12.99 1.30
N ASN B 53 15.40 -12.33 0.65
CA ASN B 53 14.48 -13.05 -0.23
C ASN B 53 14.57 -12.41 -1.63
N PRO B 54 15.67 -12.69 -2.35
CA PRO B 54 15.85 -12.13 -3.69
C PRO B 54 14.77 -12.47 -4.70
N ARG B 55 14.28 -13.70 -4.72
CA ARG B 55 13.23 -14.06 -5.68
C ARG B 55 11.99 -13.17 -5.54
N ALA B 56 11.48 -13.03 -4.32
CA ALA B 56 10.29 -12.19 -4.11
C ALA B 56 10.57 -10.73 -4.44
N VAL B 57 11.77 -10.26 -4.14
CA VAL B 57 12.12 -8.88 -4.46
C VAL B 57 12.06 -8.71 -5.99
N GLU B 58 12.53 -9.71 -6.71
CA GLU B 58 12.53 -9.63 -8.17
C GLU B 58 11.11 -9.41 -8.68
N LYS B 59 10.13 -10.09 -8.07
CA LYS B 59 8.73 -9.92 -8.50
C LYS B 59 8.00 -8.87 -7.66
N CYS B 60 8.74 -8.17 -6.80
CA CYS B 60 8.22 -7.14 -5.91
C CYS B 60 6.99 -7.57 -5.14
N THR B 61 6.99 -8.83 -4.72
CA THR B 61 5.92 -9.41 -3.93
C THR B 61 6.49 -9.67 -2.52
N ARG B 62 5.67 -10.23 -1.63
CA ARG B 62 6.10 -10.50 -0.25
C ARG B 62 7.00 -11.73 -0.11
N TYR B 63 6.70 -12.81 -0.84
CA TYR B 63 7.51 -14.03 -0.82
C TYR B 63 7.17 -15.00 -1.97
N ILE B 64 7.80 -16.17 -1.98
CA ILE B 64 7.56 -17.15 -3.03
C ILE B 64 6.66 -18.28 -2.55
N ASP B 65 7.20 -19.18 -1.73
CA ASP B 65 6.40 -20.30 -1.23
C ASP B 65 5.76 -19.99 0.12
N CYS B 66 6.56 -19.51 1.07
CA CYS B 66 6.04 -19.17 2.39
C CYS B 66 6.78 -17.95 2.96
N ASP B 67 6.32 -17.45 4.10
CA ASP B 67 6.89 -16.28 4.76
C ASP B 67 8.34 -16.58 5.22
N LEU B 68 9.32 -15.93 4.60
CA LEU B 68 10.72 -16.17 4.96
C LEU B 68 11.04 -15.83 6.43
N ASN B 69 10.31 -14.86 6.98
CA ASN B 69 10.47 -14.40 8.36
C ASN B 69 9.67 -15.25 9.36
N ARG B 70 9.02 -16.30 8.86
CA ARG B 70 8.23 -17.16 9.72
C ARG B 70 8.56 -18.64 9.54
N VAL B 71 9.80 -18.91 9.13
CA VAL B 71 10.22 -20.28 8.93
C VAL B 71 11.67 -20.56 9.29
N PHE B 72 12.18 -19.83 10.28
CA PHE B 72 13.56 -20.02 10.72
C PHE B 72 13.66 -20.96 11.93
N ASP B 73 12.61 -21.73 12.18
CA ASP B 73 12.62 -22.68 13.30
C ASP B 73 13.80 -23.64 13.11
N LEU B 74 14.29 -24.22 14.20
CA LEU B 74 15.42 -25.15 14.10
C LEU B 74 15.08 -26.33 13.18
N GLU B 75 13.82 -26.76 13.17
CA GLU B 75 13.38 -27.86 12.32
C GLU B 75 13.63 -27.56 10.84
N ASN B 76 13.15 -26.40 10.37
CA ASN B 76 13.34 -26.03 8.98
C ASN B 76 14.82 -25.89 8.59
N LEU B 77 15.60 -25.24 9.43
CA LEU B 77 17.03 -25.04 9.16
C LEU B 77 17.84 -26.34 9.19
N SER B 78 17.47 -27.24 10.09
CA SER B 78 18.18 -28.51 10.21
C SER B 78 17.47 -29.59 9.41
N LYS B 79 16.60 -29.14 8.50
CA LYS B 79 15.83 -30.05 7.66
C LYS B 79 16.61 -30.58 6.47
N GLU B 80 16.47 -31.89 6.22
CA GLU B 80 17.15 -32.53 5.10
C GLU B 80 16.67 -31.95 3.77
N MSE B 81 17.62 -31.52 2.95
CA MSE B 81 17.34 -30.92 1.66
C MSE B 81 16.57 -31.84 0.71
O MSE B 81 16.63 -33.06 0.83
CB MSE B 81 18.65 -30.48 1.00
CG MSE B 81 18.52 -29.93 -0.41
SE MSE B 81 17.46 -28.33 -0.47
CE MSE B 81 18.86 -27.01 -0.32
N SER B 82 15.86 -31.23 -0.24
CA SER B 82 15.09 -31.97 -1.24
C SER B 82 14.31 -31.01 -2.12
N GLU B 83 13.57 -31.56 -3.09
CA GLU B 83 12.77 -30.78 -4.01
C GLU B 83 11.47 -30.36 -3.33
N ASP B 84 11.09 -31.10 -2.30
CA ASP B 84 9.87 -30.80 -1.56
C ASP B 84 10.05 -29.55 -0.70
N LEU B 85 11.29 -29.26 -0.30
CA LEU B 85 11.57 -28.09 0.53
C LEU B 85 11.22 -26.78 -0.19
N PRO B 86 10.48 -25.88 0.49
CA PRO B 86 10.10 -24.60 -0.13
C PRO B 86 11.30 -23.66 -0.35
N TYR B 87 11.19 -22.80 -1.34
CA TYR B 87 12.24 -21.84 -1.63
C TYR B 87 12.73 -21.17 -0.34
N GLU B 88 11.80 -20.55 0.38
CA GLU B 88 12.14 -19.84 1.62
C GLU B 88 12.76 -20.74 2.69
N VAL B 89 12.29 -21.99 2.81
CA VAL B 89 12.89 -22.87 3.82
C VAL B 89 14.34 -23.15 3.42
N ARG B 90 14.57 -23.34 2.13
CA ARG B 90 15.91 -23.59 1.61
C ARG B 90 16.73 -22.30 1.73
N ARG B 91 16.09 -21.16 1.48
CA ARG B 91 16.77 -19.88 1.58
C ARG B 91 17.21 -19.58 3.02
N ALA B 92 16.35 -19.92 3.99
CA ALA B 92 16.71 -19.69 5.39
C ALA B 92 17.94 -20.52 5.76
N GLN B 93 18.05 -21.72 5.21
CA GLN B 93 19.21 -22.56 5.53
C GLN B 93 20.48 -21.84 5.10
N GLU B 94 20.46 -21.28 3.89
CA GLU B 94 21.62 -20.55 3.38
C GLU B 94 21.96 -19.37 4.30
N ILE B 95 20.95 -18.60 4.70
CA ILE B 95 21.18 -17.47 5.58
C ILE B 95 21.73 -17.94 6.93
N ASN B 96 21.21 -19.07 7.39
CA ASN B 96 21.63 -19.63 8.67
C ASN B 96 23.09 -20.04 8.60
N HIS B 97 23.50 -20.58 7.46
CA HIS B 97 24.89 -21.00 7.27
C HIS B 97 25.82 -19.79 7.11
N LEU B 98 25.30 -18.72 6.50
CA LEU B 98 26.10 -17.52 6.29
C LEU B 98 26.10 -16.59 7.51
N PHE B 99 24.99 -16.55 8.23
CA PHE B 99 24.86 -15.64 9.36
C PHE B 99 24.61 -16.26 10.71
N GLY B 100 24.43 -17.58 10.75
CA GLY B 100 24.19 -18.25 12.01
C GLY B 100 25.46 -18.97 12.47
N PRO B 101 25.34 -20.19 13.02
CA PRO B 101 24.13 -20.98 13.26
C PRO B 101 23.17 -20.36 14.28
N LYS B 102 21.87 -20.40 13.97
CA LYS B 102 20.86 -19.85 14.87
C LYS B 102 21.09 -20.44 16.26
N ASN B 103 21.39 -19.56 17.21
CA ASN B 103 21.65 -19.93 18.60
C ASN B 103 22.96 -20.69 18.71
N SER B 104 24.07 -19.96 18.71
CA SER B 104 25.41 -20.55 18.81
C SER B 104 26.53 -19.49 18.90
N ASP B 105 27.66 -19.89 19.48
CA ASP B 105 28.82 -19.01 19.63
C ASP B 105 29.24 -18.45 18.27
N ASP B 106 28.91 -19.19 17.20
CA ASP B 106 29.26 -18.77 15.85
C ASP B 106 28.21 -17.82 15.25
N ALA B 107 27.00 -17.85 15.78
CA ALA B 107 25.90 -16.99 15.29
C ALA B 107 26.33 -15.54 15.12
N TYR B 108 25.61 -14.79 14.28
CA TYR B 108 25.93 -13.38 14.09
C TYR B 108 25.62 -12.62 15.37
N ASP B 109 26.45 -11.63 15.66
CA ASP B 109 26.29 -10.82 16.85
C ASP B 109 25.01 -10.00 16.78
N VAL B 110 24.78 -9.34 15.65
CA VAL B 110 23.56 -8.54 15.49
C VAL B 110 23.06 -8.63 14.07
N VAL B 111 21.75 -8.50 13.93
CA VAL B 111 21.10 -8.48 12.61
C VAL B 111 20.05 -7.36 12.65
N PHE B 112 20.19 -6.38 11.76
CA PHE B 112 19.23 -5.28 11.63
C PHE B 112 18.39 -5.70 10.43
N ASP B 113 17.23 -6.32 10.67
CA ASP B 113 16.35 -6.75 9.57
C ASP B 113 15.36 -5.63 9.31
N LEU B 114 15.43 -5.07 8.10
CA LEU B 114 14.62 -3.93 7.71
C LEU B 114 13.24 -4.28 7.17
N HIS B 115 12.21 -3.69 7.78
CA HIS B 115 10.83 -3.94 7.42
C HIS B 115 10.06 -2.65 7.11
N ASN B 116 8.95 -2.81 6.42
CA ASN B 116 8.04 -1.69 6.11
C ASN B 116 6.61 -2.17 6.43
N THR B 117 5.77 -1.24 6.86
CA THR B 117 4.37 -1.57 7.21
C THR B 117 3.45 -0.48 6.69
N THR B 118 2.20 -0.84 6.39
CA THR B 118 1.21 0.14 5.97
C THR B 118 0.61 0.83 7.22
N SER B 119 0.92 0.30 8.41
CA SER B 119 0.40 0.92 9.65
C SER B 119 1.11 2.25 9.91
N ASN B 120 0.45 3.16 10.62
CA ASN B 120 1.03 4.48 10.88
C ASN B 120 2.00 4.48 12.06
N MSE B 121 2.94 3.54 12.04
CA MSE B 121 3.89 3.37 13.12
C MSE B 121 4.87 4.49 13.41
O MSE B 121 5.22 4.74 14.58
CB MSE B 121 4.72 2.08 12.91
CG MSE B 121 3.92 0.80 13.10
SE MSE B 121 3.38 0.44 14.92
CE MSE B 121 4.38 -1.18 15.20
N GLY B 122 5.31 5.17 12.35
CA GLY B 122 6.33 6.20 12.54
C GLY B 122 7.62 5.39 12.64
N CYS B 123 8.62 5.92 13.35
CA CYS B 123 9.91 5.24 13.56
C CYS B 123 9.73 4.24 14.70
N THR B 124 10.04 2.98 14.45
CA THR B 124 9.85 1.95 15.50
C THR B 124 10.95 0.89 15.51
N LEU B 125 11.38 0.53 16.71
CA LEU B 125 12.41 -0.50 16.93
C LEU B 125 11.72 -1.68 17.62
N ILE B 126 12.12 -2.90 17.27
CA ILE B 126 11.52 -4.09 17.85
C ILE B 126 12.49 -4.80 18.77
N LEU B 127 12.09 -4.94 20.03
CA LEU B 127 12.93 -5.57 21.04
C LEU B 127 12.57 -7.06 21.15
N GLY B 128 13.34 -7.82 21.91
CA GLY B 128 13.02 -9.24 22.07
C GLY B 128 13.09 -9.74 23.50
N ASP B 129 13.73 -8.98 24.38
CA ASP B 129 13.87 -9.40 25.77
C ASP B 129 13.92 -8.21 26.74
N SER B 130 12.93 -8.13 27.60
CA SER B 130 12.84 -7.02 28.55
C SER B 130 14.08 -6.85 29.45
N GLY B 131 14.87 -7.91 29.59
CA GLY B 131 16.06 -7.83 30.42
C GLY B 131 17.35 -7.59 29.64
N ASN B 132 17.24 -7.26 28.35
CA ASN B 132 18.43 -7.06 27.55
C ASN B 132 19.07 -5.68 27.72
N ASP B 133 19.88 -5.52 28.77
CA ASP B 133 20.56 -4.25 29.03
C ASP B 133 21.20 -3.71 27.77
N PHE B 134 21.82 -4.58 26.97
CA PHE B 134 22.50 -4.13 25.75
C PHE B 134 21.53 -3.43 24.79
N LEU B 135 20.58 -4.19 24.25
CA LEU B 135 19.63 -3.60 23.31
C LEU B 135 18.81 -2.46 23.91
N ILE B 136 18.51 -2.54 25.20
CA ILE B 136 17.75 -1.44 25.80
C ILE B 136 18.63 -0.18 25.73
N GLN B 137 19.96 -0.32 25.87
CA GLN B 137 20.83 0.85 25.76
C GLN B 137 21.06 1.22 24.25
N MSE B 138 21.06 0.21 23.36
CA MSE B 138 21.23 0.53 21.94
C MSE B 138 20.07 1.41 21.49
O MSE B 138 20.25 2.47 20.87
CB MSE B 138 21.21 -0.73 21.03
CG MSE B 138 21.50 -0.34 19.55
SE MSE B 138 21.09 -1.65 18.15
CE MSE B 138 22.69 -2.75 18.30
N PHE B 139 18.87 0.95 21.78
CA PHE B 139 17.71 1.72 21.36
C PHE B 139 17.64 3.05 22.10
N HIS B 140 18.04 3.07 23.37
CA HIS B 140 18.05 4.32 24.13
C HIS B 140 18.89 5.35 23.38
N TYR B 141 20.06 4.92 22.93
CA TYR B 141 20.96 5.79 22.17
C TYR B 141 20.29 6.32 20.87
N ILE B 142 19.73 5.41 20.09
CA ILE B 142 19.06 5.80 18.84
C ILE B 142 17.93 6.76 19.16
N LYS B 143 17.10 6.39 20.13
CA LYS B 143 15.99 7.26 20.53
C LYS B 143 16.45 8.67 20.85
N THR B 144 17.36 8.76 21.82
CA THR B 144 17.88 10.05 22.28
C THR B 144 18.50 10.88 21.18
N CYS B 145 19.23 10.23 20.27
CA CYS B 145 19.89 10.97 19.20
C CYS B 145 18.97 11.48 18.11
N MSE B 146 17.96 10.68 17.76
CA MSE B 146 17.05 11.08 16.70
C MSE B 146 16.05 12.13 17.17
O MSE B 146 15.43 12.80 16.35
CB MSE B 146 16.29 9.86 16.17
CG MSE B 146 17.14 8.98 15.27
SE MSE B 146 16.18 7.46 14.51
CE MSE B 146 14.94 8.43 13.36
N ALA B 147 15.90 12.28 18.49
CA ALA B 147 14.96 13.26 19.06
C ALA B 147 15.15 14.64 18.41
N PRO B 148 14.07 15.44 18.31
CA PRO B 148 12.73 15.11 18.77
C PRO B 148 11.86 14.36 17.77
N LEU B 149 12.49 13.57 16.90
CA LEU B 149 11.75 12.77 15.91
C LEU B 149 11.15 11.58 16.65
N PRO B 150 9.83 11.35 16.50
CA PRO B 150 9.15 10.25 17.18
C PRO B 150 9.65 8.84 16.88
N CYS B 151 10.46 8.30 17.80
CA CYS B 151 11.01 6.95 17.65
C CYS B 151 10.42 6.10 18.77
N SER B 152 9.79 4.98 18.39
CA SER B 152 9.09 4.14 19.35
C SER B 152 9.61 2.74 19.59
N VAL B 153 9.18 2.12 20.71
CA VAL B 153 9.62 0.77 21.01
C VAL B 153 8.49 -0.21 21.28
N TYR B 154 8.48 -1.30 20.50
CA TYR B 154 7.47 -2.35 20.62
C TYR B 154 8.18 -3.62 21.09
N LEU B 155 7.76 -4.16 22.24
CA LEU B 155 8.35 -5.38 22.80
C LEU B 155 7.48 -6.57 22.43
N ILE B 156 8.11 -7.59 21.84
CA ILE B 156 7.44 -8.82 21.42
C ILE B 156 8.33 -9.93 21.93
N GLU B 157 8.02 -10.42 23.13
CA GLU B 157 8.86 -11.43 23.77
C GLU B 157 8.42 -12.89 23.82
N HIS B 158 7.11 -13.15 23.91
CA HIS B 158 6.61 -14.53 23.98
C HIS B 158 7.29 -15.50 23.00
N PRO B 159 7.55 -16.75 23.44
CA PRO B 159 8.20 -17.78 22.62
C PRO B 159 7.50 -18.10 21.30
N SER B 160 6.18 -18.22 21.34
CA SER B 160 5.41 -18.53 20.15
C SER B 160 5.48 -17.37 19.17
N LEU B 161 6.03 -16.25 19.63
CA LEU B 161 6.16 -15.06 18.80
C LEU B 161 7.60 -14.90 18.30
N LYS B 162 8.56 -15.04 19.22
CA LYS B 162 9.97 -14.92 18.89
C LYS B 162 10.64 -16.28 18.81
N TYR B 163 10.59 -16.92 17.65
CA TYR B 163 11.23 -18.22 17.50
C TYR B 163 11.49 -18.65 16.07
N ALA B 164 10.99 -17.90 15.08
CA ALA B 164 11.22 -18.29 13.71
C ALA B 164 11.46 -17.10 12.77
N THR B 165 11.86 -15.96 13.32
CA THR B 165 12.10 -14.79 12.50
C THR B 165 13.43 -14.81 11.75
N THR B 166 13.50 -14.03 10.68
CA THR B 166 14.72 -13.96 9.89
C THR B 166 15.89 -13.41 10.71
N ARG B 167 15.59 -12.52 11.65
CA ARG B 167 16.66 -11.93 12.45
C ARG B 167 17.16 -12.81 13.58
N SER B 168 16.24 -13.51 14.22
CA SER B 168 16.55 -14.41 15.35
C SER B 168 17.92 -15.08 15.26
N ILE B 169 18.40 -15.34 14.05
CA ILE B 169 19.72 -15.96 13.87
C ILE B 169 20.77 -15.27 14.74
N ALA B 170 20.64 -13.95 14.90
CA ALA B 170 21.61 -13.19 15.68
C ALA B 170 21.50 -13.42 17.19
N LYS B 171 22.57 -13.05 17.88
CA LYS B 171 22.63 -13.14 19.33
C LYS B 171 21.83 -11.94 19.83
N TYR B 172 21.83 -10.86 19.05
CA TYR B 172 21.08 -9.63 19.39
C TYR B 172 20.26 -9.21 18.18
N PRO B 173 19.32 -10.04 17.73
CA PRO B 173 18.52 -9.65 16.56
C PRO B 173 17.75 -8.36 16.83
N VAL B 174 17.82 -7.43 15.88
CA VAL B 174 17.10 -6.16 16.02
C VAL B 174 16.18 -5.96 14.84
N GLY B 175 15.02 -5.38 15.10
CA GLY B 175 14.12 -5.11 14.01
C GLY B 175 14.02 -3.61 13.82
N ILE B 176 14.03 -3.16 12.56
CA ILE B 176 13.90 -1.74 12.23
C ILE B 176 12.66 -1.63 11.34
N GLU B 177 11.63 -0.96 11.85
CA GLU B 177 10.35 -0.85 11.18
C GLU B 177 9.97 0.58 10.91
N VAL B 178 9.50 0.88 9.70
CA VAL B 178 9.12 2.25 9.40
C VAL B 178 7.88 2.26 8.52
N GLY B 179 6.90 3.05 8.94
CA GLY B 179 5.66 3.21 8.20
C GLY B 179 5.10 4.55 8.60
N PRO B 180 3.97 4.97 8.03
CA PRO B 180 3.18 4.23 7.02
C PRO B 180 3.70 4.37 5.58
N GLN B 181 3.73 3.25 4.86
CA GLN B 181 4.14 3.23 3.44
C GLN B 181 3.45 2.08 2.70
N PRO B 182 2.71 2.39 1.63
CA PRO B 182 2.04 1.33 0.86
C PRO B 182 3.11 0.33 0.39
N HIS B 183 2.87 -0.98 0.46
CA HIS B 183 3.88 -1.89 -0.02
C HIS B 183 4.04 -1.65 -1.52
N GLY B 184 5.27 -1.78 -2.01
CA GLY B 184 5.54 -1.55 -3.42
C GLY B 184 5.68 -0.08 -3.78
N VAL B 185 5.89 0.77 -2.78
CA VAL B 185 6.04 2.22 -2.96
C VAL B 185 7.28 2.76 -2.25
N LEU B 186 8.00 3.70 -2.87
CA LEU B 186 9.14 4.33 -2.23
C LEU B 186 8.83 5.81 -1.91
N ARG B 187 8.85 6.17 -0.62
CA ARG B 187 8.62 7.55 -0.16
C ARG B 187 9.96 8.06 0.34
N ALA B 188 10.27 9.31 -0.01
CA ALA B 188 11.55 9.90 0.43
C ALA B 188 11.59 10.08 1.93
N ASP B 189 10.45 10.41 2.54
CA ASP B 189 10.49 10.61 3.97
C ASP B 189 10.72 9.32 4.76
N ILE B 190 10.22 8.19 4.26
CA ILE B 190 10.40 6.91 4.97
C ILE B 190 11.85 6.43 4.80
N LEU B 191 12.39 6.57 3.60
CA LEU B 191 13.78 6.17 3.34
C LEU B 191 14.70 6.92 4.31
N ASP B 192 14.58 8.25 4.33
CA ASP B 192 15.41 9.08 5.22
C ASP B 192 15.18 8.72 6.69
N GLN B 193 13.92 8.52 7.08
CA GLN B 193 13.64 8.17 8.47
C GLN B 193 14.38 6.91 8.93
N MSE B 194 14.32 5.80 8.17
CA MSE B 194 15.03 4.59 8.61
C MSE B 194 16.54 4.79 8.37
O MSE B 194 17.37 4.21 9.07
CB MSE B 194 14.47 3.33 7.89
CG MSE B 194 14.81 1.96 8.56
SE MSE B 194 13.53 0.44 8.22
CE MSE B 194 12.41 1.22 6.88
N ARG B 195 16.93 5.66 7.43
CA ARG B 195 18.37 5.89 7.22
C ARG B 195 18.96 6.42 8.50
N ARG B 196 18.26 7.35 9.12
CA ARG B 196 18.78 7.92 10.36
C ARG B 196 18.75 6.93 11.51
N MSE B 197 17.96 5.87 11.41
CA MSE B 197 17.92 4.88 12.50
C MSE B 197 19.23 4.09 12.55
O MSE B 197 19.82 3.90 13.63
CB MSE B 197 16.73 3.92 12.32
CG MSE B 197 15.41 4.56 12.74
SE MSE B 197 13.78 3.62 12.29
CE MSE B 197 13.37 2.81 14.02
N LEU B 198 19.68 3.60 11.40
CA LEU B 198 20.91 2.82 11.34
C LEU B 198 22.11 3.70 11.72
N LYS B 199 22.08 4.95 11.27
CA LYS B 199 23.17 5.86 11.56
C LYS B 199 23.39 5.94 13.06
N HIS B 200 22.31 5.91 13.83
CA HIS B 200 22.42 5.97 15.29
C HIS B 200 22.47 4.58 15.91
N ALA B 201 22.29 3.54 15.09
CA ALA B 201 22.35 2.17 15.61
C ALA B 201 23.79 1.63 15.60
N LEU B 202 24.53 1.92 14.53
CA LEU B 202 25.93 1.46 14.41
C LEU B 202 26.81 2.35 15.29
N ASP B 203 26.53 3.66 15.23
CA ASP B 203 27.22 4.66 16.05
C ASP B 203 27.32 4.21 17.50
N PHE B 204 26.17 3.91 18.09
CA PHE B 204 26.11 3.44 19.47
C PHE B 204 27.08 2.26 19.64
N ILE B 205 27.13 1.41 18.62
CA ILE B 205 28.02 0.25 18.66
C ILE B 205 29.49 0.67 18.58
N GLN B 206 29.77 1.67 17.76
CA GLN B 206 31.16 2.15 17.63
C GLN B 206 31.59 2.81 18.92
N ARG B 207 30.79 3.77 19.39
CA ARG B 207 31.13 4.44 20.63
C ARG B 207 31.37 3.38 21.68
N PHE B 208 30.60 2.29 21.61
CA PHE B 208 30.75 1.16 22.54
C PHE B 208 32.08 0.44 22.29
N ASN B 209 32.24 -0.15 21.10
CA ASN B 209 33.49 -0.86 20.78
C ASN B 209 34.74 -0.04 21.09
N GLU B 210 34.63 1.28 20.98
CA GLU B 210 35.79 2.13 21.23
C GLU B 210 36.02 2.42 22.70
N GLY B 211 35.02 2.14 23.54
CA GLY B 211 35.22 2.37 24.95
C GLY B 211 34.27 3.32 25.65
N LYS B 212 33.23 3.79 24.97
CA LYS B 212 32.29 4.68 25.64
C LYS B 212 31.67 3.92 26.81
N GLU B 213 31.59 4.57 27.96
CA GLU B 213 31.01 3.93 29.12
C GLU B 213 29.60 4.47 29.31
N PHE B 214 28.62 3.62 28.99
CA PHE B 214 27.21 3.98 29.08
C PHE B 214 26.67 3.80 30.48
N PRO B 215 26.06 4.84 31.05
CA PRO B 215 25.49 4.79 32.39
C PRO B 215 24.18 4.02 32.35
N PRO B 216 23.54 3.81 33.51
CA PRO B 216 22.27 3.08 33.55
C PRO B 216 21.22 3.95 32.82
N CYS B 217 20.21 3.31 32.21
CA CYS B 217 19.16 4.06 31.50
C CYS B 217 17.82 3.34 31.60
N ALA B 218 16.78 3.96 31.05
CA ALA B 218 15.44 3.38 31.06
C ALA B 218 14.66 3.85 29.84
N ILE B 219 14.02 2.92 29.13
CA ILE B 219 13.22 3.27 27.95
C ILE B 219 11.79 2.82 28.14
N ASP B 220 10.87 3.56 27.56
CA ASP B 220 9.46 3.19 27.59
C ASP B 220 9.29 2.25 26.41
N VAL B 221 8.52 1.18 26.61
CA VAL B 221 8.27 0.20 25.53
C VAL B 221 6.81 -0.19 25.52
N TYR B 222 6.42 -0.88 24.44
CA TYR B 222 5.05 -1.37 24.26
C TYR B 222 5.09 -2.88 24.10
N LYS B 223 4.55 -3.59 25.10
CA LYS B 223 4.54 -5.05 25.13
C LYS B 223 3.32 -5.65 24.47
N ILE B 224 3.52 -6.51 23.48
CA ILE B 224 2.38 -7.10 22.80
C ILE B 224 1.66 -8.08 23.70
N MSE B 225 0.39 -7.79 23.99
CA MSE B 225 -0.39 -8.67 24.84
C MSE B 225 -0.92 -9.79 23.95
O MSE B 225 -0.50 -10.94 24.10
CB MSE B 225 -1.54 -7.91 25.50
CG MSE B 225 -1.13 -6.79 26.44
SE MSE B 225 -2.59 -5.56 26.80
CE MSE B 225 -3.28 -6.45 28.36
N GLU B 226 -1.85 -9.46 23.04
CA GLU B 226 -2.44 -10.43 22.12
C GLU B 226 -2.78 -9.75 20.79
N LYS B 227 -3.78 -10.28 20.09
CA LYS B 227 -4.20 -9.74 18.79
C LYS B 227 -5.70 -9.49 18.81
N VAL B 228 -6.16 -8.61 17.93
CA VAL B 228 -7.60 -8.32 17.81
C VAL B 228 -7.99 -8.56 16.37
N ASP B 229 -9.19 -9.10 16.15
CA ASP B 229 -9.60 -9.34 14.77
C ASP B 229 -10.77 -8.45 14.33
N TYR B 230 -10.96 -8.38 13.03
CA TYR B 230 -12.05 -7.64 12.41
C TYR B 230 -13.36 -8.34 12.72
N PRO B 231 -14.48 -7.63 12.59
CA PRO B 231 -15.73 -8.37 12.88
C PRO B 231 -15.88 -9.16 11.58
N ARG B 232 -16.17 -10.46 11.68
CA ARG B 232 -16.33 -11.29 10.47
C ARG B 232 -17.67 -12.04 10.38
N ASN B 233 -18.03 -12.41 9.16
CA ASN B 233 -19.26 -13.15 8.92
C ASN B 233 -19.03 -14.64 9.16
N GLU B 234 -20.09 -15.37 9.46
CA GLU B 234 -19.98 -16.80 9.71
C GLU B 234 -19.53 -17.54 8.45
N SER B 235 -18.92 -16.82 7.51
CA SER B 235 -18.44 -17.40 6.26
C SER B 235 -16.93 -17.24 6.07
N GLY B 236 -16.39 -16.13 6.56
CA GLY B 236 -14.96 -15.89 6.44
C GLY B 236 -14.51 -14.50 6.02
N ASP B 237 -15.39 -13.74 5.39
CA ASP B 237 -15.05 -12.39 4.94
C ASP B 237 -15.24 -11.38 6.07
N VAL B 238 -14.59 -10.22 5.93
CA VAL B 238 -14.67 -9.14 6.92
C VAL B 238 -16.04 -8.45 6.91
N ALA B 239 -16.59 -8.17 8.10
CA ALA B 239 -17.90 -7.53 8.23
C ALA B 239 -17.86 -6.11 8.80
N ALA B 240 -16.67 -5.61 9.11
CA ALA B 240 -16.52 -4.27 9.66
C ALA B 240 -15.04 -3.87 9.69
N VAL B 241 -14.71 -2.74 9.07
CA VAL B 241 -13.31 -2.30 9.00
C VAL B 241 -12.91 -1.48 10.20
N ILE B 242 -11.61 -1.25 10.34
CA ILE B 242 -11.11 -0.44 11.45
C ILE B 242 -11.84 0.89 11.41
N HIS B 243 -12.24 1.38 12.58
CA HIS B 243 -12.98 2.62 12.72
C HIS B 243 -12.12 3.82 12.32
N PRO B 244 -12.72 4.88 11.74
CA PRO B 244 -11.92 6.04 11.33
C PRO B 244 -11.17 6.76 12.44
N ASN B 245 -11.77 6.83 13.64
CA ASN B 245 -11.12 7.51 14.76
C ASN B 245 -9.92 6.67 15.22
N LEU B 246 -9.95 5.37 14.94
CA LEU B 246 -8.85 4.49 15.31
C LEU B 246 -7.84 4.52 14.15
N GLN B 247 -8.35 4.67 12.93
CA GLN B 247 -7.46 4.73 11.76
C GLN B 247 -6.30 5.71 11.98
N ASP B 248 -5.09 5.25 11.69
CA ASP B 248 -3.85 6.01 11.81
C ASP B 248 -3.47 6.40 13.26
N GLN B 249 -4.17 5.85 14.26
CA GLN B 249 -3.88 6.20 15.66
C GLN B 249 -3.07 5.18 16.46
N ASP B 250 -2.06 4.59 15.82
CA ASP B 250 -1.19 3.64 16.49
C ASP B 250 -0.52 4.33 17.68
N TRP B 251 -0.23 3.52 18.71
CA TRP B 251 0.45 3.92 19.96
C TRP B 251 -0.42 4.62 21.00
N LYS B 252 -1.47 5.34 20.57
CA LYS B 252 -2.31 6.06 21.53
C LYS B 252 -3.19 5.12 22.34
N PRO B 253 -3.25 5.32 23.67
CA PRO B 253 -4.09 4.46 24.53
C PRO B 253 -5.49 4.28 23.96
N LEU B 254 -6.08 3.11 24.22
CA LEU B 254 -7.43 2.80 23.79
C LEU B 254 -8.25 2.64 25.07
N HIS B 255 -9.39 3.31 25.14
CA HIS B 255 -10.24 3.24 26.32
C HIS B 255 -11.37 2.22 26.13
N PRO B 256 -11.87 1.65 27.22
CA PRO B 256 -12.95 0.65 27.20
C PRO B 256 -14.28 1.11 26.59
N GLY B 257 -14.29 2.29 25.97
CA GLY B 257 -15.52 2.75 25.33
C GLY B 257 -15.38 3.27 23.91
N ASP B 258 -14.19 3.77 23.56
CA ASP B 258 -13.91 4.33 22.23
C ASP B 258 -14.27 3.44 21.06
N PRO B 259 -14.52 4.06 19.91
CA PRO B 259 -14.89 3.37 18.66
C PRO B 259 -13.69 2.69 17.98
N VAL B 260 -13.83 1.39 17.71
CA VAL B 260 -12.75 0.64 17.10
C VAL B 260 -13.05 0.14 15.70
N PHE B 261 -14.32 -0.10 15.39
CA PHE B 261 -14.72 -0.56 14.04
C PHE B 261 -16.00 0.18 13.63
N VAL B 262 -16.23 0.25 12.31
CA VAL B 262 -17.44 0.87 11.75
C VAL B 262 -17.98 -0.03 10.64
N SER B 263 -19.24 -0.43 10.76
CA SER B 263 -19.86 -1.29 9.75
C SER B 263 -20.44 -0.39 8.65
N LEU B 264 -20.72 -0.99 7.50
CA LEU B 264 -21.28 -0.26 6.39
C LEU B 264 -22.61 0.40 6.75
N ASP B 265 -23.36 -0.25 7.62
CA ASP B 265 -24.64 0.29 8.05
C ASP B 265 -24.29 1.42 9.01
N GLY B 266 -23.00 1.49 9.35
CA GLY B 266 -22.52 2.50 10.25
C GLY B 266 -22.52 2.09 11.72
N LYS B 267 -22.82 0.84 12.05
CA LYS B 267 -22.83 0.41 13.46
C LYS B 267 -21.38 0.47 13.98
N VAL B 268 -21.19 1.04 15.17
CA VAL B 268 -19.85 1.17 15.76
C VAL B 268 -19.63 0.08 16.79
N ILE B 269 -18.44 -0.51 16.79
CA ILE B 269 -18.10 -1.56 17.73
C ILE B 269 -16.97 -1.03 18.60
N PRO B 270 -17.28 -0.66 19.85
CA PRO B 270 -16.26 -0.13 20.75
C PRO B 270 -15.27 -1.17 21.25
N LEU B 271 -14.22 -0.68 21.92
CA LEU B 271 -13.19 -1.54 22.47
C LEU B 271 -13.69 -2.58 23.44
N GLY B 272 -14.26 -2.17 24.56
CA GLY B 272 -14.74 -3.14 25.54
C GLY B 272 -13.60 -3.74 26.36
N GLY B 273 -13.89 -4.75 27.17
CA GLY B 273 -12.83 -5.38 27.95
C GLY B 273 -12.72 -5.04 29.43
N ASP B 274 -11.54 -4.59 29.86
CA ASP B 274 -11.31 -4.25 31.25
C ASP B 274 -10.23 -3.16 31.46
N CYS B 275 -9.43 -2.88 30.45
CA CYS B 275 -8.41 -1.86 30.62
C CYS B 275 -7.99 -1.13 29.33
N THR B 276 -7.31 -0.02 29.53
CA THR B 276 -6.79 0.79 28.42
C THR B 276 -5.61 0.01 27.83
N VAL B 277 -5.51 -0.08 26.50
CA VAL B 277 -4.40 -0.79 25.87
C VAL B 277 -3.57 0.13 24.97
N TYR B 278 -2.74 -0.47 24.14
CA TYR B 278 -1.92 0.29 23.22
C TYR B 278 -1.92 -0.51 21.93
N PRO B 279 -2.57 0.03 20.87
CA PRO B 279 -2.64 -0.68 19.60
C PRO B 279 -1.43 -0.45 18.73
N VAL B 280 -0.91 -1.51 18.13
CA VAL B 280 0.19 -1.37 17.18
C VAL B 280 -0.20 -2.16 15.94
N PHE B 281 0.25 -1.66 14.79
CA PHE B 281 -0.03 -2.23 13.48
C PHE B 281 -1.51 -2.14 13.13
N VAL B 282 -2.08 -0.98 13.41
CA VAL B 282 -3.49 -0.72 13.11
C VAL B 282 -3.75 -0.78 11.62
N ASN B 283 -4.60 -1.69 11.18
CA ASN B 283 -4.95 -1.75 9.75
C ASN B 283 -3.77 -1.92 8.79
N GLU B 284 -3.02 -3.03 8.92
CA GLU B 284 -1.90 -3.33 8.01
C GLU B 284 -2.42 -4.21 6.88
N ALA B 285 -1.72 -4.19 5.76
CA ALA B 285 -2.11 -4.98 4.60
C ALA B 285 -1.96 -6.50 4.77
N ALA B 286 -0.87 -6.92 5.41
CA ALA B 286 -0.62 -8.35 5.60
C ALA B 286 -1.43 -8.95 6.74
N TYR B 287 -1.46 -8.25 7.86
CA TYR B 287 -2.13 -8.78 9.03
C TYR B 287 -3.61 -9.08 8.90
N TYR B 288 -4.18 -8.94 7.71
CA TYR B 288 -5.58 -9.26 7.51
C TYR B 288 -5.78 -10.80 7.56
N GLU B 289 -5.23 -11.50 6.57
CA GLU B 289 -5.37 -12.95 6.50
C GLU B 289 -4.65 -13.64 7.65
N LYS B 290 -4.24 -12.84 8.63
CA LYS B 290 -3.55 -13.33 9.82
C LYS B 290 -4.42 -13.02 11.05
N LYS B 291 -5.70 -12.75 10.77
CA LYS B 291 -6.67 -12.47 11.81
C LYS B 291 -6.18 -11.39 12.76
N GLU B 292 -5.42 -10.44 12.21
CA GLU B 292 -4.87 -9.35 12.97
C GLU B 292 -5.12 -7.97 12.34
N ALA B 293 -6.17 -7.29 12.80
CA ALA B 293 -6.49 -5.94 12.31
C ALA B 293 -5.50 -5.01 13.03
N PHE B 294 -5.30 -5.22 14.33
CA PHE B 294 -4.31 -4.47 15.13
C PHE B 294 -3.87 -5.34 16.33
N ALA B 295 -2.74 -5.01 16.95
CA ALA B 295 -2.29 -5.78 18.11
C ALA B 295 -2.43 -4.95 19.38
N LYS B 296 -2.81 -5.60 20.47
CA LYS B 296 -2.93 -4.92 21.77
C LYS B 296 -1.60 -5.02 22.53
N THR B 297 -1.18 -3.89 23.11
CA THR B 297 0.06 -3.88 23.87
C THR B 297 -0.12 -3.08 25.15
N THR B 298 0.74 -3.36 26.13
CA THR B 298 0.75 -2.64 27.39
C THR B 298 2.06 -1.84 27.46
N LYS B 299 1.99 -0.63 27.99
CA LYS B 299 3.17 0.22 28.09
C LYS B 299 3.88 -0.02 29.41
N LEU B 300 5.18 -0.32 29.34
CA LEU B 300 5.96 -0.57 30.54
C LEU B 300 7.35 0.01 30.37
N THR B 301 8.04 0.26 31.47
CA THR B 301 9.37 0.83 31.41
C THR B 301 10.45 -0.22 31.68
N LEU B 302 11.53 -0.19 30.89
CA LEU B 302 12.63 -1.14 31.10
C LEU B 302 13.87 -0.40 31.52
N ASN B 303 14.68 -1.01 32.39
CA ASN B 303 15.92 -0.39 32.86
C ASN B 303 17.16 -1.13 32.37
N ALA B 304 18.23 -0.38 32.09
CA ALA B 304 19.47 -1.01 31.66
C ALA B 304 20.61 -0.54 32.56
N LYS B 305 21.47 -1.47 32.93
CA LYS B 305 22.62 -1.13 33.75
C LYS B 305 23.63 -0.42 32.86
N SER B 306 24.73 0.01 33.46
CA SER B 306 25.79 0.64 32.70
C SER B 306 26.31 -0.50 31.81
N ILE B 307 26.92 -0.16 30.67
CA ILE B 307 27.48 -1.18 29.79
C ILE B 307 28.78 -0.69 29.13
N ARG B 308 29.71 -1.62 28.93
CA ARG B 308 30.98 -1.29 28.28
C ARG B 308 31.50 -2.57 27.61
N SER B 309 32.42 -2.39 26.68
CA SER B 309 33.03 -3.51 25.97
C SER B 309 34.18 -3.97 26.85
N THR B 310 34.16 -5.25 27.22
CA THR B 310 35.21 -5.81 28.07
C THR B 310 36.54 -5.40 27.47
ZN ZN C . -7.30 0.10 -10.19
S SO4 D . -11.61 -0.69 -29.66
O1 SO4 D . -10.92 0.61 -29.71
O2 SO4 D . -12.57 -0.71 -28.53
O3 SO4 D . -12.34 -0.90 -30.93
O4 SO4 D . -10.62 -1.77 -29.47
S SO4 E . -23.57 13.62 0.91
O1 SO4 E . -23.35 14.91 1.59
O2 SO4 E . -24.97 13.56 0.43
O3 SO4 E . -22.64 13.48 -0.23
O4 SO4 E . -23.32 12.52 1.87
S SO4 F . 1.05 -9.28 -4.83
O1 SO4 F . 1.08 -7.87 -5.26
O2 SO4 F . -0.12 -9.97 -5.41
O3 SO4 F . 2.27 -9.96 -5.27
O4 SO4 F . 0.94 -9.33 -3.36
ZN ZN G . 8.23 -7.53 6.67
S SO4 H . 5.59 -11.51 9.81
O1 SO4 H . 4.31 -12.20 9.58
O2 SO4 H . 6.68 -12.28 9.18
O3 SO4 H . 5.54 -10.15 9.24
O4 SO4 H . 5.83 -11.40 11.26
S SO4 I . 21.17 13.67 12.82
O1 SO4 I . 20.55 13.39 14.13
O2 SO4 I . 20.44 12.96 11.76
O3 SO4 I . 21.14 15.13 12.56
O4 SO4 I . 22.56 13.20 12.84
N CYS A 4 -30.77 22.17 -26.81
CA CYS A 4 -30.77 21.11 -25.76
C CYS A 4 -30.43 19.75 -26.36
N VAL A 5 -29.38 19.11 -25.83
CA VAL A 5 -28.95 17.81 -26.31
C VAL A 5 -29.93 16.71 -25.90
N ALA A 6 -30.38 15.94 -26.88
CA ALA A 6 -31.32 14.85 -26.66
C ALA A 6 -30.56 13.63 -26.13
N GLU A 7 -31.27 12.74 -25.45
CA GLU A 7 -30.64 11.54 -24.90
C GLU A 7 -31.65 10.43 -24.56
N GLU A 8 -31.26 9.20 -24.84
CA GLU A 8 -32.10 8.03 -24.56
C GLU A 8 -32.03 7.71 -23.07
N PRO A 9 -33.11 7.12 -22.51
CA PRO A 9 -33.08 6.80 -21.08
C PRO A 9 -32.12 5.65 -20.77
N ILE A 10 -31.61 5.65 -19.55
CA ILE A 10 -30.67 4.64 -19.07
C ILE A 10 -31.47 3.54 -18.35
N LYS A 11 -31.27 2.29 -18.72
CA LYS A 11 -31.99 1.21 -18.05
C LYS A 11 -31.10 0.16 -17.38
N LYS A 12 -29.92 -0.07 -17.94
CA LYS A 12 -29.01 -1.10 -17.39
C LYS A 12 -27.70 -0.53 -16.87
N ILE A 13 -27.42 -0.79 -15.60
CA ILE A 13 -26.23 -0.30 -14.92
C ILE A 13 -25.52 -1.40 -14.11
N ALA A 14 -24.20 -1.47 -14.20
CA ALA A 14 -23.45 -2.46 -13.43
C ALA A 14 -22.66 -1.78 -12.29
N ILE A 15 -22.11 -2.60 -11.41
CA ILE A 15 -21.28 -2.06 -10.34
C ILE A 15 -20.11 -3.02 -10.20
N PHE A 16 -19.16 -2.81 -11.10
CA PHE A 16 -17.92 -3.56 -11.25
C PHE A 16 -16.99 -3.39 -10.05
N GLY A 17 -16.58 -4.51 -9.45
CA GLY A 17 -15.67 -4.46 -8.32
C GLY A 17 -14.56 -5.49 -8.50
N GLY A 18 -13.37 -5.19 -7.97
CA GLY A 18 -12.25 -6.09 -8.08
C GLY A 18 -11.66 -6.27 -9.49
N THR A 19 -11.75 -5.25 -10.35
CA THR A 19 -11.14 -5.36 -11.67
C THR A 19 -9.65 -5.57 -11.40
N HIS A 20 -9.17 -4.92 -10.34
CA HIS A 20 -7.79 -5.13 -9.85
C HIS A 20 -8.05 -5.82 -8.51
N GLY A 21 -7.54 -7.05 -8.38
CA GLY A 21 -7.81 -7.89 -7.23
C GLY A 21 -7.34 -7.39 -5.88
N ASN A 22 -6.35 -6.51 -5.88
CA ASN A 22 -5.80 -6.00 -4.63
C ASN A 22 -6.31 -4.60 -4.32
N GLU A 23 -7.22 -4.09 -5.14
CA GLU A 23 -7.80 -2.76 -4.89
C GLU A 23 -9.11 -2.98 -4.13
N LEU A 24 -9.15 -2.61 -2.85
CA LEU A 24 -10.33 -2.97 -2.05
C LEU A 24 -11.61 -2.13 -1.96
N THR A 25 -11.60 -0.88 -2.37
CA THR A 25 -12.82 -0.12 -2.24
C THR A 25 -13.93 -0.67 -3.13
N GLY A 26 -13.64 -0.86 -4.40
CA GLY A 26 -14.64 -1.40 -5.30
C GLY A 26 -15.05 -2.79 -4.85
N VAL A 27 -14.09 -3.56 -4.33
CA VAL A 27 -14.35 -4.92 -3.87
C VAL A 27 -15.36 -5.02 -2.73
N PHE A 28 -15.06 -4.37 -1.62
CA PHE A 28 -15.92 -4.43 -0.44
C PHE A 28 -17.34 -3.91 -0.72
N LEU A 29 -17.43 -2.79 -1.42
CA LEU A 29 -18.76 -2.24 -1.71
C LEU A 29 -19.61 -3.17 -2.59
N VAL A 30 -19.04 -3.65 -3.69
CA VAL A 30 -19.82 -4.52 -4.57
C VAL A 30 -20.29 -5.76 -3.80
N THR A 31 -19.40 -6.35 -3.01
CA THR A 31 -19.75 -7.53 -2.23
C THR A 31 -20.92 -7.23 -1.30
N HIS A 32 -20.86 -6.08 -0.65
CA HIS A 32 -21.92 -5.63 0.25
C HIS A 32 -23.24 -5.37 -0.50
N TRP A 33 -23.15 -4.67 -1.63
CA TRP A 33 -24.34 -4.35 -2.40
C TRP A 33 -25.02 -5.56 -2.99
N LEU A 34 -24.24 -6.62 -3.24
CA LEU A 34 -24.84 -7.86 -3.74
C LEU A 34 -25.65 -8.47 -2.61
N LYS A 35 -25.14 -8.37 -1.38
CA LYS A 35 -25.86 -8.92 -0.23
C LYS A 35 -27.05 -8.06 0.18
N ASN A 36 -26.91 -6.75 0.00
CA ASN A 36 -27.91 -5.77 0.39
C ASN A 36 -27.93 -4.70 -0.70
N GLY A 37 -28.84 -4.82 -1.66
CA GLY A 37 -28.84 -3.87 -2.76
C GLY A 37 -29.50 -2.50 -2.61
N ALA A 38 -30.12 -2.23 -1.46
CA ALA A 38 -30.81 -0.95 -1.27
C ALA A 38 -30.01 0.33 -1.51
N GLU A 39 -28.74 0.36 -1.10
CA GLU A 39 -27.98 1.59 -1.31
C GLU A 39 -27.96 2.01 -2.78
N VAL A 40 -27.85 1.04 -3.68
CA VAL A 40 -27.78 1.35 -5.10
C VAL A 40 -29.07 1.11 -5.86
N HIS A 41 -30.17 0.96 -5.12
CA HIS A 41 -31.48 0.78 -5.74
C HIS A 41 -32.01 2.12 -6.22
N ARG A 42 -32.36 2.21 -7.50
CA ARG A 42 -33.00 3.40 -8.06
C ARG A 42 -34.16 2.83 -8.87
N ALA A 43 -35.38 3.05 -8.40
CA ALA A 43 -36.54 2.52 -9.12
C ALA A 43 -36.46 2.90 -10.60
N GLY A 44 -36.71 1.92 -11.48
CA GLY A 44 -36.67 2.16 -12.92
C GLY A 44 -35.34 1.83 -13.58
N LEU A 45 -34.33 1.57 -12.75
CA LEU A 45 -32.98 1.24 -13.23
C LEU A 45 -32.63 -0.19 -12.86
N GLU A 46 -32.00 -0.91 -13.80
CA GLU A 46 -31.57 -2.27 -13.50
C GLU A 46 -30.12 -2.05 -13.06
N VAL A 47 -29.81 -2.36 -11.81
CA VAL A 47 -28.46 -2.15 -11.28
C VAL A 47 -27.87 -3.46 -10.76
N LYS A 48 -26.80 -3.92 -11.42
CA LYS A 48 -26.16 -5.17 -11.03
C LYS A 48 -24.71 -5.02 -10.62
N PRO A 49 -24.36 -5.45 -9.38
CA PRO A 49 -22.99 -5.38 -8.88
C PRO A 49 -22.29 -6.60 -9.50
N PHE A 50 -20.97 -6.56 -9.67
CA PHE A 50 -20.27 -7.69 -10.28
C PHE A 50 -18.78 -7.67 -9.99
N ILE A 51 -18.23 -8.81 -9.54
CA ILE A 51 -16.80 -8.93 -9.30
C ILE A 51 -16.17 -9.42 -10.61
N THR A 52 -15.44 -8.54 -11.27
CA THR A 52 -14.85 -8.82 -12.57
C THR A 52 -13.62 -9.73 -12.55
N ASN A 53 -12.70 -9.51 -11.61
CA ASN A 53 -11.50 -10.34 -11.52
C ASN A 53 -11.53 -10.97 -10.13
N PRO A 54 -12.36 -12.02 -9.94
CA PRO A 54 -12.50 -12.74 -8.66
C PRO A 54 -11.32 -13.64 -8.25
N ARG A 55 -10.67 -14.25 -9.23
CA ARG A 55 -9.52 -15.10 -8.93
C ARG A 55 -8.40 -14.24 -8.37
N ALA A 56 -8.27 -13.02 -8.90
CA ALA A 56 -7.24 -12.09 -8.40
C ALA A 56 -7.71 -11.55 -7.02
N VAL A 57 -9.01 -11.37 -6.84
CA VAL A 57 -9.56 -10.89 -5.57
C VAL A 57 -9.30 -11.97 -4.50
N GLU A 58 -9.49 -13.25 -4.86
CA GLU A 58 -9.28 -14.32 -3.89
C GLU A 58 -7.81 -14.41 -3.45
N LYS A 59 -6.91 -13.92 -4.30
CA LYS A 59 -5.47 -13.94 -3.99
C LYS A 59 -4.98 -12.55 -3.54
N CYS A 60 -5.90 -11.59 -3.52
CA CYS A 60 -5.60 -10.20 -3.18
C CYS A 60 -4.37 -9.77 -3.95
N THR A 61 -4.49 -9.83 -5.28
CA THR A 61 -3.41 -9.46 -6.19
C THR A 61 -4.00 -8.64 -7.33
N ARG A 62 -3.17 -7.92 -8.06
CA ARG A 62 -3.71 -7.08 -9.14
C ARG A 62 -4.25 -7.89 -10.31
N TYR A 63 -3.46 -8.87 -10.76
CA TYR A 63 -3.86 -9.74 -11.87
C TYR A 63 -3.08 -11.06 -11.76
N ILE A 64 -3.41 -12.00 -12.64
CA ILE A 64 -2.75 -13.31 -12.63
C ILE A 64 -1.85 -13.47 -13.87
N ASP A 65 -2.47 -13.32 -15.04
CA ASP A 65 -1.79 -13.46 -16.33
C ASP A 65 -1.41 -12.08 -16.88
N CYS A 66 -2.40 -11.18 -16.92
CA CYS A 66 -2.16 -9.79 -17.36
C CYS A 66 -3.21 -8.87 -16.76
N ASP A 67 -3.05 -7.55 -16.93
CA ASP A 67 -3.99 -6.58 -16.36
C ASP A 67 -5.34 -6.63 -17.08
N LEU A 68 -6.41 -6.93 -16.34
CA LEU A 68 -7.76 -7.01 -16.93
C LEU A 68 -8.12 -5.69 -17.63
N ASN A 69 -7.60 -4.58 -17.10
CA ASN A 69 -7.89 -3.26 -17.66
C ASN A 69 -7.11 -2.91 -18.94
N ARG A 70 -6.51 -3.91 -19.57
CA ARG A 70 -5.77 -3.68 -20.81
C ARG A 70 -6.03 -4.75 -21.86
N VAL A 71 -7.14 -5.48 -21.72
CA VAL A 71 -7.47 -6.56 -22.64
C VAL A 71 -8.86 -6.44 -23.21
N PHE A 72 -9.41 -5.23 -23.14
CA PHE A 72 -10.74 -5.02 -23.68
C PHE A 72 -10.73 -4.36 -25.06
N ASP A 73 -9.64 -4.57 -25.78
CA ASP A 73 -9.55 -4.06 -27.17
C ASP A 73 -10.22 -5.11 -28.07
N LEU A 74 -10.65 -4.71 -29.25
CA LEU A 74 -11.33 -5.60 -30.18
C LEU A 74 -10.57 -6.90 -30.46
N GLU A 75 -9.27 -6.80 -30.68
CA GLU A 75 -8.47 -7.98 -30.99
C GLU A 75 -8.58 -9.03 -29.89
N ASN A 76 -8.43 -8.59 -28.63
CA ASN A 76 -8.51 -9.51 -27.51
C ASN A 76 -9.93 -10.06 -27.29
N LEU A 77 -10.94 -9.21 -27.47
CA LEU A 77 -12.31 -9.69 -27.29
C LEU A 77 -12.69 -10.71 -28.38
N SER A 78 -11.99 -10.69 -29.52
CA SER A 78 -12.30 -11.67 -30.56
C SER A 78 -11.19 -12.73 -30.72
N LYS A 79 -10.24 -12.73 -29.77
CA LYS A 79 -9.12 -13.67 -29.83
C LYS A 79 -9.48 -15.11 -29.51
N GLU A 80 -8.98 -16.05 -30.31
CA GLU A 80 -9.27 -17.46 -30.05
C GLU A 80 -8.44 -17.84 -28.82
N MSE A 81 -8.95 -18.77 -28.02
CA MSE A 81 -8.19 -19.21 -26.84
C MSE A 81 -6.94 -19.96 -27.30
O MSE A 81 -6.97 -20.64 -28.32
CB MSE A 81 -9.05 -20.13 -25.97
CG MSE A 81 -10.22 -19.41 -25.29
SE MSE A 81 -9.59 -18.02 -24.13
CE MSE A 81 -9.96 -16.49 -25.27
N SER A 82 -5.84 -19.82 -26.56
CA SER A 82 -4.61 -20.53 -26.86
C SER A 82 -4.01 -20.95 -25.52
N GLU A 83 -3.30 -22.08 -25.52
CA GLU A 83 -2.74 -22.61 -24.29
C GLU A 83 -2.11 -21.61 -23.32
N ASP A 84 -1.23 -20.76 -23.83
CA ASP A 84 -0.51 -19.82 -22.98
C ASP A 84 -1.05 -18.39 -23.02
N LEU A 85 -2.29 -18.24 -23.45
CA LEU A 85 -2.94 -16.94 -23.53
C LEU A 85 -3.21 -16.39 -22.14
N PRO A 86 -3.38 -15.07 -21.99
CA PRO A 86 -3.65 -14.57 -20.64
C PRO A 86 -5.05 -14.92 -20.10
N TYR A 87 -5.09 -15.37 -18.84
CA TYR A 87 -6.36 -15.69 -18.19
C TYR A 87 -7.29 -14.49 -18.31
N GLU A 88 -6.76 -13.30 -18.09
CA GLU A 88 -7.62 -12.11 -18.15
C GLU A 88 -8.21 -11.89 -19.53
N VAL A 89 -7.56 -12.41 -20.59
CA VAL A 89 -8.13 -12.25 -21.93
C VAL A 89 -9.40 -13.12 -22.00
N ARG A 90 -9.34 -14.30 -21.37
CA ARG A 90 -10.50 -15.17 -21.33
C ARG A 90 -11.55 -14.52 -20.39
N ARG A 91 -11.09 -13.91 -19.29
CA ARG A 91 -12.05 -13.28 -18.37
C ARG A 91 -12.69 -12.06 -19.04
N ALA A 92 -11.90 -11.33 -19.82
CA ALA A 92 -12.43 -10.13 -20.48
C ALA A 92 -13.58 -10.58 -21.38
N GLN A 93 -13.45 -11.77 -21.98
CA GLN A 93 -14.50 -12.28 -22.84
C GLN A 93 -15.73 -12.69 -22.05
N GLU A 94 -15.52 -13.36 -20.91
CA GLU A 94 -16.68 -13.75 -20.10
C GLU A 94 -17.45 -12.50 -19.64
N ILE A 95 -16.74 -11.38 -19.44
CA ILE A 95 -17.36 -10.13 -19.00
C ILE A 95 -18.05 -9.46 -20.19
N ASN A 96 -17.40 -9.49 -21.35
CA ASN A 96 -17.99 -8.89 -22.54
C ASN A 96 -19.33 -9.52 -22.90
N HIS A 97 -19.53 -10.78 -22.52
CA HIS A 97 -20.77 -11.50 -22.82
C HIS A 97 -21.91 -11.06 -21.87
N LEU A 98 -21.60 -10.95 -20.58
CA LEU A 98 -22.63 -10.54 -19.61
C LEU A 98 -23.07 -9.08 -19.68
N PHE A 99 -22.16 -8.18 -20.06
CA PHE A 99 -22.50 -6.75 -20.06
C PHE A 99 -22.47 -6.07 -21.42
N GLY A 100 -21.94 -6.78 -22.41
CA GLY A 100 -21.90 -6.27 -23.77
C GLY A 100 -22.96 -7.05 -24.52
N PRO A 101 -22.77 -7.33 -25.82
CA PRO A 101 -21.63 -6.98 -26.67
C PRO A 101 -21.23 -5.51 -26.71
N LYS A 102 -19.95 -5.26 -26.45
CA LYS A 102 -19.37 -3.92 -26.51
C LYS A 102 -19.69 -3.37 -27.91
N ASN A 103 -19.92 -2.06 -28.00
CA ASN A 103 -20.25 -1.41 -29.28
C ASN A 103 -21.67 -1.66 -29.73
N SER A 104 -22.21 -2.84 -29.43
CA SER A 104 -23.57 -3.16 -29.87
C SER A 104 -24.60 -2.31 -29.14
N ASP A 105 -25.80 -2.23 -29.69
CA ASP A 105 -26.85 -1.44 -29.05
C ASP A 105 -27.35 -2.14 -27.80
N ASP A 106 -27.00 -3.42 -27.63
CA ASP A 106 -27.42 -4.19 -26.47
C ASP A 106 -26.50 -4.01 -25.28
N ALA A 107 -25.32 -3.44 -25.51
CA ALA A 107 -24.37 -3.24 -24.41
C ALA A 107 -24.93 -2.35 -23.29
N TYR A 108 -24.39 -2.50 -22.08
CA TYR A 108 -24.84 -1.70 -20.97
C TYR A 108 -24.68 -0.20 -21.20
N ASP A 109 -25.65 0.57 -20.72
CA ASP A 109 -25.64 2.03 -20.88
C ASP A 109 -24.52 2.70 -20.11
N VAL A 110 -24.18 2.15 -18.96
CA VAL A 110 -23.12 2.71 -18.12
C VAL A 110 -22.57 1.61 -17.24
N VAL A 111 -21.28 1.70 -16.96
CA VAL A 111 -20.61 0.76 -16.08
C VAL A 111 -19.99 1.61 -14.97
N PHE A 112 -19.76 1.04 -13.79
CA PHE A 112 -19.10 1.75 -12.66
C PHE A 112 -17.96 0.84 -12.13
N ASP A 113 -16.78 0.91 -12.76
CA ASP A 113 -15.61 0.08 -12.38
C ASP A 113 -14.78 0.87 -11.36
N LEU A 114 -15.06 0.67 -10.08
CA LEU A 114 -14.37 1.39 -8.98
C LEU A 114 -12.95 0.87 -8.78
N HIS A 115 -11.98 1.79 -8.72
CA HIS A 115 -10.55 1.47 -8.54
C HIS A 115 -9.96 2.01 -7.23
N ASN A 116 -8.76 1.53 -6.89
CA ASN A 116 -7.99 1.95 -5.70
C ASN A 116 -6.53 2.25 -6.06
N THR A 117 -5.94 3.28 -5.44
CA THR A 117 -4.55 3.62 -5.74
C THR A 117 -3.82 4.14 -4.52
N THR A 118 -2.50 4.16 -4.61
CA THR A 118 -1.68 4.66 -3.51
C THR A 118 -1.32 6.16 -3.64
N SER A 119 -1.81 6.84 -4.68
CA SER A 119 -1.53 8.26 -4.86
C SER A 119 -2.51 9.15 -4.07
N ASN A 120 -2.03 10.31 -3.61
CA ASN A 120 -2.83 11.28 -2.85
C ASN A 120 -3.89 11.91 -3.76
N MSE A 121 -4.58 11.05 -4.50
CA MSE A 121 -5.58 11.44 -5.49
C MSE A 121 -6.72 12.31 -5.05
O MSE A 121 -6.86 13.47 -5.50
CB MSE A 121 -6.15 10.18 -6.16
CG MSE A 121 -5.11 9.24 -6.62
SE MSE A 121 -3.99 10.18 -7.84
CE MSE A 121 -5.19 10.18 -9.39
N GLY A 122 -7.55 11.77 -4.17
CA GLY A 122 -8.73 12.48 -3.71
C GLY A 122 -9.89 11.87 -4.48
N CYS A 123 -11.02 12.55 -4.49
CA CYS A 123 -12.20 12.07 -5.20
C CYS A 123 -11.96 12.26 -6.69
N THR A 124 -12.15 11.19 -7.45
CA THR A 124 -11.83 11.26 -8.88
C THR A 124 -12.74 10.49 -9.84
N LEU A 125 -12.98 11.12 -10.99
CA LEU A 125 -13.80 10.56 -12.06
C LEU A 125 -12.89 10.58 -13.30
N ILE A 126 -12.95 9.51 -14.10
CA ILE A 126 -12.13 9.41 -15.30
C ILE A 126 -12.94 9.76 -16.53
N LEU A 127 -12.41 10.62 -17.38
CA LEU A 127 -13.19 11.00 -18.56
C LEU A 127 -12.40 10.74 -19.84
N GLY A 128 -13.05 10.07 -20.79
CA GLY A 128 -12.39 9.76 -22.05
C GLY A 128 -13.18 10.18 -23.29
N ASP A 129 -13.77 11.38 -23.26
CA ASP A 129 -14.56 11.90 -24.37
C ASP A 129 -14.91 13.37 -24.08
N SER A 130 -14.00 14.28 -24.36
CA SER A 130 -14.22 15.71 -24.08
C SER A 130 -15.54 16.28 -24.61
N GLY A 131 -16.09 15.67 -25.66
CA GLY A 131 -17.35 16.15 -26.19
C GLY A 131 -18.52 15.44 -25.52
N ASN A 132 -18.24 14.76 -24.40
CA ASN A 132 -19.26 14.01 -23.70
C ASN A 132 -20.14 14.89 -22.83
N ASP A 133 -21.35 15.18 -23.32
CA ASP A 133 -22.27 16.03 -22.59
C ASP A 133 -23.06 15.30 -21.51
N PHE A 134 -23.48 14.07 -21.77
CA PHE A 134 -24.23 13.35 -20.75
C PHE A 134 -23.34 13.04 -19.53
N LEU A 135 -22.16 12.47 -19.78
CA LEU A 135 -21.24 12.13 -18.69
C LEU A 135 -20.75 13.30 -17.89
N ILE A 136 -20.64 14.46 -18.53
CA ILE A 136 -20.20 15.68 -17.85
C ILE A 136 -21.33 16.19 -16.94
N GLN A 137 -22.56 16.10 -17.42
CA GLN A 137 -23.68 16.58 -16.60
C GLN A 137 -23.62 15.80 -15.30
N MSE A 138 -23.43 14.48 -15.43
CA MSE A 138 -23.37 13.63 -14.26
C MSE A 138 -22.17 13.94 -13.38
O MSE A 138 -22.26 13.90 -12.16
CB MSE A 138 -23.31 12.16 -14.68
CG MSE A 138 -23.74 11.22 -13.57
SE MSE A 138 -23.77 9.39 -14.09
CE MSE A 138 -25.05 9.43 -15.53
N PHE A 139 -21.03 14.24 -14.01
CA PHE A 139 -19.83 14.54 -13.23
C PHE A 139 -20.00 15.87 -12.49
N HIS A 140 -20.59 16.86 -13.17
CA HIS A 140 -20.83 18.16 -12.54
C HIS A 140 -21.78 17.93 -11.37
N TYR A 141 -22.76 17.07 -11.58
CA TYR A 141 -23.75 16.77 -10.52
C TYR A 141 -23.06 16.16 -9.31
N ILE A 142 -22.20 15.17 -9.56
CA ILE A 142 -21.50 14.53 -8.47
C ILE A 142 -20.57 15.52 -7.76
N LYS A 143 -19.83 16.32 -8.52
CA LYS A 143 -18.91 17.31 -7.92
C LYS A 143 -19.63 18.31 -7.03
N THR A 144 -20.82 18.72 -7.47
CA THR A 144 -21.63 19.69 -6.72
C THR A 144 -22.25 19.07 -5.47
N CYS A 145 -22.82 17.88 -5.61
CA CYS A 145 -23.43 17.22 -4.46
C CYS A 145 -22.39 16.84 -3.41
N MSE A 146 -21.12 16.87 -3.80
CA MSE A 146 -20.05 16.52 -2.85
C MSE A 146 -19.15 17.68 -2.46
O MSE A 146 -18.20 17.50 -1.69
CB MSE A 146 -19.20 15.39 -3.44
CG MSE A 146 -19.70 14.02 -3.14
SE MSE A 146 -19.24 13.53 -1.34
CE MSE A 146 -17.67 12.42 -1.64
N ALA A 147 -19.43 18.87 -2.98
CA ALA A 147 -18.63 20.05 -2.64
C ALA A 147 -18.81 20.31 -1.14
N PRO A 148 -17.84 21.01 -0.52
CA PRO A 148 -16.62 21.58 -1.06
C PRO A 148 -15.41 20.65 -1.16
N LEU A 149 -15.58 19.36 -0.90
CA LEU A 149 -14.46 18.41 -1.01
C LEU A 149 -13.97 18.32 -2.45
N PRO A 150 -12.68 17.98 -2.64
CA PRO A 150 -12.14 17.86 -3.99
C PRO A 150 -12.71 16.68 -4.77
N CYS A 151 -13.06 16.96 -6.02
CA CYS A 151 -13.60 15.98 -6.95
C CYS A 151 -13.07 16.45 -8.30
N SER A 152 -11.88 15.98 -8.64
CA SER A 152 -11.19 16.35 -9.87
C SER A 152 -11.54 15.39 -10.99
N VAL A 153 -11.17 15.78 -12.20
CA VAL A 153 -11.44 14.96 -13.38
C VAL A 153 -10.18 14.77 -14.21
N TYR A 154 -9.91 13.52 -14.55
CA TYR A 154 -8.74 13.16 -15.35
C TYR A 154 -9.21 12.70 -16.72
N LEU A 155 -9.09 13.54 -17.73
CA LEU A 155 -9.51 13.18 -19.07
C LEU A 155 -8.44 12.34 -19.73
N ILE A 156 -8.81 11.13 -20.16
CA ILE A 156 -7.87 10.25 -20.83
C ILE A 156 -8.52 9.89 -22.16
N GLU A 157 -8.15 10.63 -23.21
CA GLU A 157 -8.71 10.40 -24.55
C GLU A 157 -7.84 9.51 -25.42
N HIS A 158 -6.53 9.49 -25.18
CA HIS A 158 -5.61 8.65 -25.97
C HIS A 158 -6.30 7.33 -26.33
N PRO A 159 -6.37 7.01 -27.64
CA PRO A 159 -7.02 5.77 -28.06
C PRO A 159 -6.59 4.55 -27.27
N SER A 160 -5.32 4.20 -27.41
CA SER A 160 -4.77 3.03 -26.73
C SER A 160 -4.82 3.10 -25.22
N LEU A 161 -5.30 4.21 -24.66
CA LEU A 161 -5.35 4.33 -23.21
C LEU A 161 -6.76 4.22 -22.65
N LYS A 162 -7.76 4.09 -23.53
CA LYS A 162 -9.12 3.96 -23.03
C LYS A 162 -9.97 2.84 -23.62
N TYR A 163 -9.83 2.63 -24.93
CA TYR A 163 -10.63 1.59 -25.60
C TYR A 163 -10.28 0.19 -25.08
N ALA A 164 -9.16 0.07 -24.36
CA ALA A 164 -8.75 -1.22 -23.82
C ALA A 164 -9.18 -1.43 -22.38
N THR A 165 -9.97 -0.52 -21.82
CA THR A 165 -10.43 -0.65 -20.43
C THR A 165 -11.68 -1.48 -20.23
N THR A 166 -11.83 -2.00 -19.03
CA THR A 166 -12.98 -2.83 -18.67
C THR A 166 -14.30 -2.04 -18.82
N ARG A 167 -14.29 -0.77 -18.45
CA ARG A 167 -15.51 0.02 -18.54
C ARG A 167 -15.84 0.36 -19.98
N SER A 168 -14.97 -0.02 -20.91
CA SER A 168 -15.19 0.30 -22.32
C SER A 168 -16.35 -0.46 -22.97
N ILE A 169 -16.85 -1.48 -22.29
CA ILE A 169 -17.99 -2.21 -22.85
C ILE A 169 -19.30 -1.42 -22.80
N ALA A 170 -19.36 -0.38 -21.96
CA ALA A 170 -20.58 0.45 -21.86
C ALA A 170 -20.67 1.53 -22.91
N LYS A 171 -21.89 1.97 -23.19
CA LYS A 171 -22.08 3.07 -24.12
C LYS A 171 -21.41 4.29 -23.47
N TYR A 172 -21.61 4.44 -22.15
CA TYR A 172 -21.03 5.53 -21.35
C TYR A 172 -20.17 4.91 -20.22
N PRO A 173 -18.85 5.02 -20.33
CA PRO A 173 -17.96 4.45 -19.30
C PRO A 173 -17.88 5.39 -18.11
N VAL A 174 -17.73 4.82 -16.91
CA VAL A 174 -17.59 5.66 -15.72
C VAL A 174 -16.53 5.15 -14.75
N GLY A 175 -15.26 5.29 -15.10
CA GLY A 175 -14.21 4.85 -14.20
C GLY A 175 -14.08 5.79 -13.00
N ILE A 176 -14.04 5.23 -11.80
CA ILE A 176 -13.88 6.06 -10.62
C ILE A 176 -12.57 5.68 -9.93
N GLU A 177 -11.86 6.69 -9.45
CA GLU A 177 -10.59 6.49 -8.80
C GLU A 177 -10.57 7.20 -7.45
N VAL A 178 -10.17 6.49 -6.38
CA VAL A 178 -10.10 7.11 -5.05
C VAL A 178 -8.83 6.65 -4.32
N GLY A 179 -8.01 7.63 -3.94
CA GLY A 179 -6.80 7.34 -3.21
C GLY A 179 -6.53 8.50 -2.27
N PRO A 180 -5.47 8.45 -1.46
CA PRO A 180 -4.50 7.37 -1.37
C PRO A 180 -4.92 6.24 -0.43
N GLN A 181 -4.68 5.01 -0.86
CA GLN A 181 -4.99 3.84 -0.05
C GLN A 181 -4.05 2.68 -0.41
N PRO A 182 -3.25 2.18 0.57
CA PRO A 182 -2.35 1.07 0.24
C PRO A 182 -3.19 -0.07 -0.32
N HIS A 183 -2.63 -0.84 -1.25
CA HIS A 183 -3.38 -1.97 -1.79
C HIS A 183 -3.50 -3.05 -0.71
N GLY A 184 -4.62 -3.74 -0.68
CA GLY A 184 -4.85 -4.77 0.32
C GLY A 184 -5.31 -4.21 1.66
N VAL A 185 -5.62 -2.90 1.70
CA VAL A 185 -6.11 -2.24 2.92
C VAL A 185 -7.48 -1.61 2.68
N LEU A 186 -8.36 -1.69 3.68
CA LEU A 186 -9.68 -1.07 3.64
C LEU A 186 -9.73 0.08 4.63
N ARG A 187 -9.68 1.32 4.16
CA ARG A 187 -9.77 2.49 5.05
C ARG A 187 -11.24 2.92 5.07
N ALA A 188 -11.76 3.26 6.25
CA ALA A 188 -13.13 3.70 6.38
C ALA A 188 -13.43 4.97 5.57
N ASP A 189 -12.60 6.01 5.74
CA ASP A 189 -12.87 7.25 5.01
C ASP A 189 -12.94 7.02 3.51
N ILE A 190 -12.08 6.15 3.00
CA ILE A 190 -12.08 5.87 1.55
C ILE A 190 -13.39 5.16 1.18
N LEU A 191 -13.81 4.19 1.99
CA LEU A 191 -15.07 3.48 1.73
C LEU A 191 -16.20 4.49 1.67
N ASP A 192 -16.22 5.37 2.68
CA ASP A 192 -17.28 6.38 2.74
C ASP A 192 -17.34 7.21 1.48
N GLN A 193 -16.19 7.75 1.07
CA GLN A 193 -16.16 8.59 -0.12
C GLN A 193 -16.68 7.83 -1.34
N MSE A 194 -16.25 6.59 -1.49
CA MSE A 194 -16.69 5.81 -2.66
C MSE A 194 -18.19 5.56 -2.64
O MSE A 194 -18.88 5.86 -3.62
CB MSE A 194 -15.95 4.47 -2.74
CG MSE A 194 -16.17 3.76 -4.08
SE MSE A 194 -15.27 4.64 -5.58
CE MSE A 194 -13.66 3.56 -5.64
N ARG A 195 -18.72 5.01 -1.56
CA ARG A 195 -20.15 4.74 -1.53
C ARG A 195 -20.97 6.05 -1.62
N ARG A 196 -20.36 7.17 -1.26
CA ARG A 196 -21.05 8.46 -1.36
C ARG A 196 -21.24 8.85 -2.82
N MSE A 197 -20.16 9.27 -3.51
CA MSE A 197 -20.28 9.67 -4.92
C MSE A 197 -21.13 8.75 -5.78
O MSE A 197 -21.89 9.23 -6.62
CB MSE A 197 -18.91 9.79 -5.57
CG MSE A 197 -18.22 11.10 -5.33
SE MSE A 197 -16.62 11.17 -6.30
CE MSE A 197 -17.18 11.99 -7.94
N LEU A 198 -20.98 7.43 -5.61
CA LEU A 198 -21.79 6.52 -6.43
C LEU A 198 -23.24 6.80 -6.14
N LYS A 199 -23.54 7.04 -4.87
CA LYS A 199 -24.92 7.34 -4.49
C LYS A 199 -25.43 8.49 -5.37
N HIS A 200 -24.59 9.50 -5.57
CA HIS A 200 -25.02 10.63 -6.38
C HIS A 200 -25.13 10.33 -7.88
N ALA A 201 -24.34 9.38 -8.37
CA ALA A 201 -24.40 9.01 -9.79
C ALA A 201 -25.66 8.19 -10.06
N LEU A 202 -25.96 7.25 -9.17
CA LEU A 202 -27.16 6.44 -9.33
C LEU A 202 -28.39 7.33 -9.24
N ASP A 203 -28.36 8.27 -8.29
CA ASP A 203 -29.43 9.24 -8.09
C ASP A 203 -29.57 10.12 -9.32
N PHE A 204 -28.44 10.51 -9.90
CA PHE A 204 -28.44 11.35 -11.10
C PHE A 204 -29.25 10.63 -12.16
N ILE A 205 -28.74 9.46 -12.56
CA ILE A 205 -29.41 8.66 -13.58
C ILE A 205 -30.92 8.61 -13.39
N GLN A 206 -31.38 8.41 -12.16
CA GLN A 206 -32.82 8.34 -11.96
C GLN A 206 -33.43 9.71 -12.22
N ARG A 207 -32.76 10.77 -11.75
CA ARG A 207 -33.27 12.12 -11.97
C ARG A 207 -33.44 12.35 -13.46
N PHE A 208 -32.37 12.11 -14.21
CA PHE A 208 -32.38 12.29 -15.67
C PHE A 208 -33.56 11.57 -16.31
N ASN A 209 -33.61 10.26 -16.09
CA ASN A 209 -34.68 9.45 -16.65
C ASN A 209 -36.05 10.06 -16.37
N GLU A 210 -36.24 10.54 -15.14
CA GLU A 210 -37.52 11.13 -14.74
C GLU A 210 -37.76 12.48 -15.40
N GLY A 211 -36.99 12.75 -16.46
CA GLY A 211 -37.16 13.98 -17.21
C GLY A 211 -36.59 15.27 -16.66
N LYS A 212 -35.80 15.18 -15.59
CA LYS A 212 -35.21 16.38 -15.01
C LYS A 212 -34.44 17.13 -16.10
N GLU A 213 -34.70 18.43 -16.20
CA GLU A 213 -34.03 19.28 -17.17
C GLU A 213 -32.74 19.78 -16.55
N PHE A 214 -31.60 19.45 -17.18
CA PHE A 214 -30.30 19.88 -16.67
C PHE A 214 -29.81 21.04 -17.50
N PRO A 215 -29.71 22.24 -16.91
CA PRO A 215 -29.23 23.39 -17.67
C PRO A 215 -27.78 23.21 -18.11
N PRO A 216 -27.32 24.03 -19.04
CA PRO A 216 -25.93 23.91 -19.50
C PRO A 216 -25.03 24.02 -18.27
N CYS A 217 -24.03 23.15 -18.19
CA CYS A 217 -23.11 23.19 -17.06
C CYS A 217 -21.66 23.34 -17.49
N ALA A 218 -20.78 23.59 -16.52
CA ALA A 218 -19.36 23.74 -16.78
C ALA A 218 -18.55 22.96 -15.74
N ILE A 219 -17.45 22.36 -16.19
CA ILE A 219 -16.57 21.60 -15.30
C ILE A 219 -15.16 21.87 -15.77
N ASP A 220 -14.19 21.53 -14.93
CA ASP A 220 -12.78 21.65 -15.27
C ASP A 220 -12.25 20.22 -15.23
N VAL A 221 -11.37 19.86 -16.17
CA VAL A 221 -10.78 18.51 -16.18
C VAL A 221 -9.30 18.60 -16.46
N TYR A 222 -8.60 17.49 -16.25
CA TYR A 222 -7.16 17.41 -16.46
C TYR A 222 -6.98 16.29 -17.43
N LYS A 223 -6.56 16.66 -18.64
CA LYS A 223 -6.37 15.72 -19.74
C LYS A 223 -4.94 15.24 -19.75
N ILE A 224 -4.78 13.93 -19.77
CA ILE A 224 -3.44 13.34 -19.76
C ILE A 224 -2.58 13.72 -20.95
N MSE A 225 -1.34 14.09 -20.69
CA MSE A 225 -0.39 14.45 -21.74
C MSE A 225 0.50 13.25 -22.00
O MSE A 225 0.41 12.63 -23.05
CB MSE A 225 0.46 15.64 -21.29
CG MSE A 225 1.37 16.18 -22.38
SE MSE A 225 2.87 17.20 -21.70
CE MSE A 225 4.31 16.26 -22.58
N GLU A 226 1.37 12.94 -21.03
CA GLU A 226 2.29 11.80 -21.13
C GLU A 226 2.72 11.32 -19.75
N LYS A 227 3.35 10.14 -19.73
CA LYS A 227 3.86 9.54 -18.49
C LYS A 227 5.32 9.94 -18.30
N VAL A 228 5.82 9.72 -17.08
CA VAL A 228 7.21 10.03 -16.74
C VAL A 228 7.78 8.81 -16.00
N ASP A 229 8.89 8.24 -16.50
CA ASP A 229 9.50 7.10 -15.83
C ASP A 229 10.47 7.58 -14.76
N TYR A 230 11.08 6.61 -14.09
CA TYR A 230 12.07 6.86 -13.06
C TYR A 230 13.49 6.83 -13.63
N PRO A 231 14.30 7.88 -13.36
CA PRO A 231 15.67 7.81 -13.89
C PRO A 231 16.15 6.46 -13.31
N ARG A 232 16.27 5.46 -14.16
CA ARG A 232 16.66 4.11 -13.73
C ARG A 232 18.08 3.76 -14.08
N ASN A 233 18.65 2.81 -13.34
CA ASN A 233 20.01 2.37 -13.60
C ASN A 233 20.03 1.44 -14.81
N GLU A 234 21.23 1.16 -15.30
CA GLU A 234 21.38 0.30 -16.46
C GLU A 234 20.54 -0.97 -16.29
N SER A 235 20.60 -1.55 -15.09
CA SER A 235 19.86 -2.77 -14.78
C SER A 235 18.34 -2.56 -14.75
N GLY A 236 17.90 -1.33 -15.06
CA GLY A 236 16.48 -1.06 -15.07
C GLY A 236 15.83 -0.85 -13.71
N ASP A 237 16.64 -0.77 -12.65
CA ASP A 237 16.09 -0.54 -11.32
C ASP A 237 16.04 0.96 -11.05
N VAL A 238 15.06 1.39 -10.26
CA VAL A 238 14.93 2.80 -9.94
C VAL A 238 16.24 3.34 -9.39
N ALA A 239 16.65 4.53 -9.82
CA ALA A 239 17.92 5.12 -9.35
C ALA A 239 17.65 6.45 -8.64
N ALA A 240 16.37 6.79 -8.51
CA ALA A 240 15.94 8.00 -7.87
C ALA A 240 14.46 7.87 -7.58
N VAL A 241 14.03 8.35 -6.42
CA VAL A 241 12.62 8.24 -6.04
C VAL A 241 11.94 9.60 -6.09
N ILE A 242 10.63 9.61 -5.90
CA ILE A 242 9.86 10.87 -5.92
C ILE A 242 10.34 11.81 -4.80
N HIS A 243 10.56 13.07 -5.15
CA HIS A 243 11.02 14.08 -4.19
C HIS A 243 9.90 14.36 -3.18
N PRO A 244 10.27 14.64 -1.92
CA PRO A 244 9.23 14.92 -0.92
C PRO A 244 8.30 16.07 -1.23
N ASN A 245 8.77 17.03 -2.03
CA ASN A 245 7.94 18.18 -2.40
C ASN A 245 6.90 17.79 -3.46
N LEU A 246 7.13 16.68 -4.16
CA LEU A 246 6.20 16.21 -5.19
C LEU A 246 5.36 15.06 -4.60
N GLN A 247 5.98 14.22 -3.78
CA GLN A 247 5.26 13.13 -3.12
C GLN A 247 3.97 13.67 -2.49
N ASP A 248 2.87 12.95 -2.72
CA ASP A 248 1.53 13.30 -2.19
C ASP A 248 1.05 14.65 -2.68
N GLN A 249 1.53 15.11 -3.84
CA GLN A 249 1.05 16.41 -4.31
C GLN A 249 0.45 16.31 -5.72
N ASP A 250 -0.63 15.56 -5.81
CA ASP A 250 -1.33 15.40 -7.09
C ASP A 250 -2.22 16.64 -7.26
N TRP A 251 -2.48 16.99 -8.50
CA TRP A 251 -3.30 18.14 -8.90
C TRP A 251 -2.78 19.44 -8.31
N LYS A 252 -1.52 19.41 -7.88
CA LYS A 252 -0.90 20.60 -7.28
C LYS A 252 0.12 21.19 -8.23
N PRO A 253 -0.20 22.34 -8.85
CA PRO A 253 0.65 23.05 -9.81
C PRO A 253 2.13 22.75 -9.71
N LEU A 254 2.71 22.32 -10.83
CA LEU A 254 4.12 21.97 -10.90
C LEU A 254 4.78 22.77 -12.02
N HIS A 255 5.80 23.56 -11.66
CA HIS A 255 6.51 24.40 -12.62
C HIS A 255 7.93 23.93 -12.95
N PRO A 256 8.49 24.35 -14.11
CA PRO A 256 9.85 23.99 -14.55
C PRO A 256 10.98 24.13 -13.54
N GLY A 257 10.64 24.49 -12.30
CA GLY A 257 11.65 24.61 -11.26
C GLY A 257 11.50 23.57 -10.16
N ASP A 258 10.29 23.41 -9.63
CA ASP A 258 9.99 22.45 -8.56
C ASP A 258 10.69 21.11 -8.85
N PRO A 259 11.41 20.56 -7.86
CA PRO A 259 12.11 19.28 -8.05
C PRO A 259 11.16 18.15 -8.44
N VAL A 260 11.72 17.04 -8.93
CA VAL A 260 10.91 15.89 -9.35
C VAL A 260 11.37 14.66 -8.58
N PHE A 261 12.58 14.22 -8.86
CA PHE A 261 13.11 13.03 -8.17
C PHE A 261 14.21 13.40 -7.22
N VAL A 262 14.57 12.45 -6.36
CA VAL A 262 15.69 12.63 -5.45
C VAL A 262 16.44 11.31 -5.39
N SER A 263 17.76 11.40 -5.51
CA SER A 263 18.55 10.18 -5.43
C SER A 263 18.96 9.99 -3.97
N LEU A 264 19.52 8.84 -3.64
CA LEU A 264 19.93 8.60 -2.26
C LEU A 264 21.13 9.43 -1.86
N ASP A 265 21.84 9.99 -2.83
CA ASP A 265 23.01 10.81 -2.50
C ASP A 265 22.60 12.26 -2.34
N GLY A 266 21.32 12.54 -2.60
CA GLY A 266 20.83 13.90 -2.48
C GLY A 266 20.68 14.68 -3.78
N LYS A 267 20.98 14.06 -4.92
CA LYS A 267 20.83 14.74 -6.23
C LYS A 267 19.36 15.00 -6.52
N VAL A 268 19.02 16.27 -6.77
CA VAL A 268 17.63 16.63 -7.07
C VAL A 268 17.43 16.86 -8.57
N ILE A 269 16.50 16.12 -9.18
CA ILE A 269 16.19 16.28 -10.59
C ILE A 269 14.86 17.03 -10.67
N PRO A 270 14.89 18.28 -11.17
CA PRO A 270 13.68 19.10 -11.28
C PRO A 270 12.88 18.83 -12.56
N LEU A 271 11.67 19.40 -12.63
CA LEU A 271 10.80 19.22 -13.79
C LEU A 271 11.49 19.53 -15.10
N GLY A 272 11.96 20.76 -15.25
CA GLY A 272 12.59 21.13 -16.51
C GLY A 272 11.50 21.61 -17.47
N GLY A 273 11.86 21.84 -18.72
CA GLY A 273 10.89 22.32 -19.70
C GLY A 273 10.41 23.72 -19.38
N ASP A 274 9.39 24.19 -20.08
CA ASP A 274 8.87 25.53 -19.82
C ASP A 274 7.35 25.58 -19.76
N CYS A 275 6.74 24.44 -19.41
CA CYS A 275 5.29 24.38 -19.34
C CYS A 275 4.80 23.96 -17.96
N THR A 276 3.64 24.50 -17.58
CA THR A 276 3.02 24.18 -16.30
C THR A 276 2.25 22.88 -16.50
N VAL A 277 2.30 22.00 -15.51
CA VAL A 277 1.57 20.73 -15.59
C VAL A 277 1.08 20.37 -14.19
N TYR A 278 -0.05 19.67 -14.11
CA TYR A 278 -0.60 19.25 -12.83
C TYR A 278 -0.36 17.75 -12.79
N PRO A 279 0.57 17.30 -11.94
CA PRO A 279 0.88 15.87 -11.86
C PRO A 279 -0.25 15.04 -11.31
N VAL A 280 -0.37 13.82 -11.83
CA VAL A 280 -1.38 12.85 -11.37
C VAL A 280 -0.72 11.48 -11.19
N PHE A 281 -1.35 10.64 -10.39
CA PHE A 281 -0.85 9.31 -10.06
C PHE A 281 0.61 9.34 -9.66
N VAL A 282 0.90 10.19 -8.69
CA VAL A 282 2.25 10.33 -8.16
C VAL A 282 2.57 9.14 -7.24
N ASN A 283 3.52 8.32 -7.66
CA ASN A 283 3.96 7.16 -6.89
C ASN A 283 2.89 6.07 -6.67
N GLU A 284 2.20 5.68 -7.75
CA GLU A 284 1.21 4.61 -7.68
C GLU A 284 2.01 3.30 -7.70
N ALA A 285 1.80 2.42 -6.72
CA ALA A 285 2.56 1.18 -6.69
C ALA A 285 2.44 0.30 -7.95
N ALA A 286 1.24 0.20 -8.51
CA ALA A 286 1.02 -0.65 -9.67
C ALA A 286 1.73 -0.17 -10.93
N TYR A 287 2.24 1.06 -10.90
CA TYR A 287 2.92 1.62 -12.07
C TYR A 287 4.45 1.55 -12.07
N TYR A 288 5.02 1.00 -11.01
CA TYR A 288 6.47 0.85 -10.99
C TYR A 288 6.90 -0.01 -12.18
N GLU A 289 6.05 -0.93 -12.63
CA GLU A 289 6.40 -1.78 -13.77
C GLU A 289 6.03 -1.11 -15.09
N LYS A 290 4.94 -0.34 -15.10
CA LYS A 290 4.53 0.34 -16.32
C LYS A 290 5.45 1.53 -16.60
N LYS A 291 6.55 1.62 -15.84
CA LYS A 291 7.54 2.68 -16.00
C LYS A 291 6.92 4.09 -15.88
N GLU A 292 6.13 4.27 -14.83
CA GLU A 292 5.47 5.53 -14.61
C GLU A 292 5.63 5.95 -13.13
N ALA A 293 6.39 7.02 -12.91
CA ALA A 293 6.57 7.58 -11.57
C ALA A 293 5.38 8.52 -11.34
N PHE A 294 4.87 9.11 -12.42
CA PHE A 294 3.69 9.99 -12.40
C PHE A 294 3.37 10.40 -13.83
N ALA A 295 2.20 10.99 -14.04
CA ALA A 295 1.80 11.45 -15.37
C ALA A 295 1.64 12.97 -15.36
N LYS A 296 1.88 13.58 -16.52
CA LYS A 296 1.72 15.03 -16.67
C LYS A 296 0.38 15.32 -17.33
N THR A 297 -0.37 16.27 -16.77
CA THR A 297 -1.66 16.68 -17.34
C THR A 297 -1.73 18.21 -17.50
N THR A 298 -2.60 18.66 -18.39
CA THR A 298 -2.81 20.09 -18.63
C THR A 298 -4.27 20.34 -18.23
N LYS A 299 -4.55 21.50 -17.68
CA LYS A 299 -5.91 21.80 -17.22
C LYS A 299 -6.73 22.48 -18.30
N LEU A 300 -7.99 22.10 -18.40
CA LEU A 300 -8.88 22.70 -19.39
C LEU A 300 -10.30 22.74 -18.87
N THR A 301 -11.16 23.47 -19.58
CA THR A 301 -12.56 23.60 -19.21
C THR A 301 -13.46 22.99 -20.29
N LEU A 302 -14.38 22.13 -19.89
CA LEU A 302 -15.31 21.53 -20.83
C LEU A 302 -16.71 22.04 -20.53
N ASN A 303 -17.45 22.42 -21.58
CA ASN A 303 -18.81 22.89 -21.41
C ASN A 303 -19.78 21.82 -21.91
N ALA A 304 -20.94 21.73 -21.29
CA ALA A 304 -21.97 20.78 -21.70
C ALA A 304 -23.25 21.56 -21.97
N LYS A 305 -24.03 21.13 -22.95
CA LYS A 305 -25.29 21.77 -23.28
C LYS A 305 -26.32 21.16 -22.33
N SER A 306 -27.55 21.68 -22.35
CA SER A 306 -28.60 21.13 -21.52
C SER A 306 -28.93 19.74 -22.08
N ILE A 307 -29.47 18.85 -21.25
CA ILE A 307 -29.81 17.51 -21.73
C ILE A 307 -31.20 17.09 -21.28
N ARG A 308 -31.87 16.28 -22.10
CA ARG A 308 -33.21 15.80 -21.81
C ARG A 308 -33.32 14.28 -21.99
N SER A 309 -34.23 13.66 -21.26
CA SER A 309 -34.44 12.22 -21.38
C SER A 309 -35.54 11.96 -22.39
N THR A 310 -35.18 11.39 -23.53
CA THR A 310 -36.14 11.08 -24.58
C THR A 310 -37.39 10.43 -24.01
N CYS B 4 28.01 -2.14 36.57
CA CYS B 4 28.27 -1.96 35.10
C CYS B 4 28.47 -3.33 34.45
N VAL B 5 27.68 -3.62 33.41
CA VAL B 5 27.74 -4.89 32.69
C VAL B 5 28.58 -4.80 31.43
N ALA B 6 29.80 -5.33 31.47
CA ALA B 6 30.68 -5.32 30.31
C ALA B 6 30.36 -6.52 29.41
N GLU B 7 30.62 -6.37 28.12
CA GLU B 7 30.38 -7.43 27.14
C GLU B 7 31.44 -7.35 26.04
N GLU B 8 31.65 -8.48 25.35
CA GLU B 8 32.61 -8.52 24.28
C GLU B 8 32.28 -7.55 23.15
N PRO B 9 33.31 -7.09 22.42
CA PRO B 9 33.22 -6.16 21.29
C PRO B 9 32.32 -6.71 20.18
N ILE B 10 31.84 -5.82 19.32
CA ILE B 10 30.97 -6.21 18.21
C ILE B 10 31.83 -6.29 16.95
N LYS B 11 31.79 -7.43 16.26
CA LYS B 11 32.60 -7.57 15.08
C LYS B 11 31.81 -7.69 13.78
N LYS B 12 30.97 -8.71 13.71
CA LYS B 12 30.15 -9.02 12.53
C LYS B 12 28.68 -8.62 12.67
N ILE B 13 28.22 -7.76 11.76
CA ILE B 13 26.83 -7.30 11.77
C ILE B 13 26.31 -7.29 10.34
N ALA B 14 25.06 -7.71 10.14
CA ALA B 14 24.48 -7.68 8.80
C ALA B 14 23.32 -6.70 8.80
N ILE B 15 22.89 -6.31 7.60
CA ILE B 15 21.73 -5.43 7.45
C ILE B 15 20.81 -6.15 6.48
N PHE B 16 19.75 -6.75 7.03
CA PHE B 16 18.80 -7.53 6.25
C PHE B 16 17.69 -6.67 5.65
N GLY B 17 17.62 -6.65 4.32
CA GLY B 17 16.59 -5.93 3.62
C GLY B 17 15.94 -6.86 2.60
N GLY B 18 14.65 -6.68 2.35
CA GLY B 18 13.99 -7.52 1.37
C GLY B 18 13.54 -8.89 1.84
N THR B 19 13.39 -9.07 3.16
CA THR B 19 12.91 -10.36 3.69
C THR B 19 11.49 -10.56 3.14
N HIS B 20 10.81 -9.43 2.89
CA HIS B 20 9.48 -9.42 2.27
C HIS B 20 9.79 -8.49 1.09
N GLY B 21 9.84 -9.09 -0.10
CA GLY B 21 10.22 -8.38 -1.30
C GLY B 21 9.39 -7.17 -1.66
N ASN B 22 8.20 -7.07 -1.08
CA ASN B 22 7.33 -5.96 -1.37
C ASN B 22 7.50 -4.79 -0.40
N GLU B 23 8.49 -4.91 0.51
CA GLU B 23 8.80 -3.84 1.46
C GLU B 23 10.12 -3.23 0.94
N LEU B 24 9.95 -2.30 -0.01
CA LEU B 24 11.04 -1.69 -0.75
C LEU B 24 12.08 -0.82 -0.05
N THR B 25 11.74 -0.16 1.05
CA THR B 25 12.74 0.69 1.71
C THR B 25 14.03 -0.08 1.98
N GLY B 26 13.90 -1.21 2.68
CA GLY B 26 15.08 -2.00 2.98
C GLY B 26 15.73 -2.56 1.71
N VAL B 27 14.92 -2.82 0.68
CA VAL B 27 15.47 -3.33 -0.58
C VAL B 27 16.32 -2.23 -1.21
N PHE B 28 15.78 -1.02 -1.22
CA PHE B 28 16.48 0.10 -1.86
C PHE B 28 17.80 0.46 -1.19
N LEU B 29 17.79 0.54 0.14
CA LEU B 29 19.00 0.89 0.90
C LEU B 29 20.08 -0.18 0.76
N VAL B 30 19.71 -1.44 0.97
CA VAL B 30 20.68 -2.52 0.86
C VAL B 30 21.29 -2.56 -0.53
N THR B 31 20.46 -2.39 -1.57
CA THR B 31 20.96 -2.40 -2.94
C THR B 31 21.98 -1.27 -3.05
N HIS B 32 21.59 -0.10 -2.55
CA HIS B 32 22.46 1.07 -2.58
C HIS B 32 23.78 0.86 -1.82
N TRP B 33 23.69 0.45 -0.56
CA TRP B 33 24.87 0.25 0.27
C TRP B 33 25.82 -0.79 -0.30
N LEU B 34 25.27 -1.86 -0.86
CA LEU B 34 26.12 -2.87 -1.46
C LEU B 34 27.00 -2.16 -2.50
N LYS B 35 26.39 -1.23 -3.23
CA LYS B 35 27.10 -0.46 -4.28
C LYS B 35 27.91 0.70 -3.74
N ASN B 36 27.39 1.36 -2.70
CA ASN B 36 28.02 2.51 -2.08
C ASN B 36 28.03 2.28 -0.57
N GLY B 37 28.99 1.48 -0.10
CA GLY B 37 29.04 1.15 1.31
C GLY B 37 29.47 2.21 2.32
N ALA B 38 29.91 3.38 1.85
CA ALA B 38 30.37 4.40 2.78
C ALA B 38 29.39 4.81 3.88
N GLU B 39 28.10 4.84 3.57
CA GLU B 39 27.13 5.26 4.58
C GLU B 39 27.10 4.30 5.77
N VAL B 40 27.29 3.01 5.53
CA VAL B 40 27.26 2.05 6.64
C VAL B 40 28.63 1.52 7.03
N HIS B 41 29.66 2.21 6.56
CA HIS B 41 31.01 1.80 6.95
C HIS B 41 31.24 2.29 8.38
N ARG B 42 31.91 1.47 9.20
CA ARG B 42 32.30 1.86 10.56
C ARG B 42 33.63 1.14 10.85
N ALA B 43 34.66 1.90 11.22
CA ALA B 43 35.96 1.28 11.51
C ALA B 43 35.81 0.18 12.55
N GLY B 44 36.49 -0.94 12.33
CA GLY B 44 36.45 -2.04 13.26
C GLY B 44 35.29 -2.99 13.04
N LEU B 45 34.25 -2.51 12.37
CA LEU B 45 33.07 -3.33 12.11
C LEU B 45 33.12 -4.05 10.77
N GLU B 46 32.54 -5.24 10.75
CA GLU B 46 32.45 -6.06 9.53
C GLU B 46 30.95 -6.04 9.24
N VAL B 47 30.50 -5.07 8.44
CA VAL B 47 29.09 -4.89 8.08
C VAL B 47 28.75 -5.49 6.72
N LYS B 48 27.74 -6.36 6.69
CA LYS B 48 27.36 -7.01 5.44
C LYS B 48 25.91 -6.77 5.01
N PRO B 49 25.68 -5.83 4.08
CA PRO B 49 24.32 -5.54 3.58
C PRO B 49 23.92 -6.78 2.77
N PHE B 50 22.82 -7.41 3.15
CA PHE B 50 22.36 -8.61 2.46
C PHE B 50 20.88 -8.53 2.06
N ILE B 51 20.56 -8.94 0.83
CA ILE B 51 19.17 -8.94 0.36
C ILE B 51 18.67 -10.37 0.59
N THR B 52 17.81 -10.52 1.59
CA THR B 52 17.34 -11.84 1.93
C THR B 52 16.51 -12.57 0.91
N ASN B 53 15.48 -11.93 0.37
CA ASN B 53 14.65 -12.61 -0.63
C ASN B 53 14.91 -12.02 -2.02
N PRO B 54 16.11 -12.23 -2.57
CA PRO B 54 16.39 -11.68 -3.90
C PRO B 54 15.45 -12.14 -5.00
N ARG B 55 14.62 -13.15 -4.71
CA ARG B 55 13.68 -13.64 -5.71
C ARG B 55 12.35 -12.92 -5.65
N ALA B 56 11.78 -12.78 -4.44
CA ALA B 56 10.50 -12.08 -4.32
C ALA B 56 10.68 -10.60 -4.63
N VAL B 57 11.90 -10.10 -4.45
CA VAL B 57 12.19 -8.69 -4.75
C VAL B 57 11.83 -8.37 -6.21
N GLU B 58 12.41 -9.08 -7.16
CA GLU B 58 12.10 -8.82 -8.55
C GLU B 58 10.60 -8.90 -8.84
N LYS B 59 9.91 -9.90 -8.29
CA LYS B 59 8.46 -10.04 -8.50
C LYS B 59 7.64 -9.12 -7.58
N CYS B 60 8.33 -8.32 -6.76
CA CYS B 60 7.71 -7.42 -5.78
C CYS B 60 6.54 -8.12 -5.09
N THR B 61 6.89 -9.03 -4.19
CA THR B 61 5.91 -9.82 -3.43
C THR B 61 6.46 -10.18 -2.05
N ARG B 62 5.56 -10.29 -1.07
CA ARG B 62 5.98 -10.61 0.30
C ARG B 62 6.74 -11.95 0.41
N TYR B 63 6.18 -13.02 -0.14
CA TYR B 63 6.84 -14.33 -0.10
C TYR B 63 6.48 -15.24 -1.28
N ILE B 64 7.11 -16.42 -1.33
CA ILE B 64 6.88 -17.36 -2.41
C ILE B 64 5.92 -18.46 -1.99
N ASP B 65 6.22 -19.14 -0.90
CA ASP B 65 5.36 -20.21 -0.42
C ASP B 65 5.04 -20.03 1.07
N CYS B 66 6.07 -19.75 1.86
CA CYS B 66 5.89 -19.52 3.29
C CYS B 66 6.59 -18.21 3.69
N ASP B 67 6.07 -17.55 4.72
CA ASP B 67 6.62 -16.30 5.22
C ASP B 67 8.06 -16.53 5.68
N LEU B 68 9.02 -15.88 5.02
CA LEU B 68 10.44 -16.07 5.38
C LEU B 68 10.72 -15.68 6.84
N ASN B 69 9.93 -14.76 7.37
CA ASN B 69 10.09 -14.30 8.75
C ASN B 69 9.36 -15.20 9.77
N ARG B 70 8.84 -16.32 9.29
CA ARG B 70 8.13 -17.25 10.18
C ARG B 70 8.57 -18.69 9.98
N VAL B 71 9.74 -18.89 9.40
CA VAL B 71 10.21 -20.25 9.18
C VAL B 71 11.65 -20.49 9.58
N PHE B 72 12.10 -19.78 10.62
CA PHE B 72 13.47 -19.96 11.09
C PHE B 72 13.61 -20.88 12.28
N ASP B 73 12.47 -21.33 12.81
CA ASP B 73 12.49 -22.24 13.95
C ASP B 73 13.45 -23.38 13.64
N LEU B 74 14.17 -23.85 14.66
CA LEU B 74 15.15 -24.92 14.49
C LEU B 74 14.60 -26.09 13.68
N GLU B 75 13.33 -26.42 13.89
CA GLU B 75 12.69 -27.51 13.16
C GLU B 75 12.83 -27.34 11.64
N ASN B 76 12.55 -26.13 11.13
CA ASN B 76 12.68 -25.88 9.68
C ASN B 76 14.11 -25.81 9.19
N LEU B 77 15.02 -25.26 9.99
CA LEU B 77 16.42 -25.11 9.59
C LEU B 77 17.25 -26.40 9.60
N SER B 78 16.58 -27.55 9.54
CA SER B 78 17.33 -28.80 9.54
C SER B 78 16.68 -29.85 8.65
N LYS B 79 16.16 -29.41 7.51
CA LYS B 79 15.53 -30.33 6.56
C LYS B 79 16.34 -30.45 5.27
N GLU B 80 16.32 -31.64 4.68
CA GLU B 80 17.06 -31.88 3.45
C GLU B 80 16.29 -31.46 2.21
N MSE B 81 17.03 -31.02 1.22
CA MSE B 81 16.48 -30.56 -0.05
C MSE B 81 15.56 -31.62 -0.66
O MSE B 81 15.71 -32.81 -0.40
CB MSE B 81 17.62 -30.24 -1.02
CG MSE B 81 17.19 -29.60 -2.33
SE MSE B 81 16.30 -27.92 -2.07
CE MSE B 81 17.84 -26.76 -1.99
N SER B 82 14.59 -31.16 -1.46
CA SER B 82 13.64 -32.06 -2.12
C SER B 82 12.81 -31.27 -3.13
N GLU B 83 11.73 -31.86 -3.62
CA GLU B 83 10.87 -31.18 -4.59
C GLU B 83 9.50 -30.93 -3.99
N ASP B 84 9.50 -30.59 -2.71
CA ASP B 84 8.29 -30.29 -1.96
C ASP B 84 8.67 -29.23 -0.93
N LEU B 85 9.94 -28.83 -0.95
CA LEU B 85 10.46 -27.84 -0.01
C LEU B 85 10.25 -26.40 -0.50
N PRO B 86 9.50 -25.60 0.27
CA PRO B 86 9.22 -24.20 -0.10
C PRO B 86 10.48 -23.40 -0.42
N TYR B 87 10.38 -22.51 -1.41
CA TYR B 87 11.55 -21.69 -1.78
C TYR B 87 12.15 -20.98 -0.57
N GLU B 88 11.30 -20.32 0.20
CA GLU B 88 11.78 -19.59 1.37
C GLU B 88 12.64 -20.48 2.24
N VAL B 89 12.26 -21.76 2.38
CA VAL B 89 13.03 -22.69 3.21
C VAL B 89 14.43 -22.89 2.65
N ARG B 90 14.52 -23.15 1.34
CA ARG B 90 15.83 -23.32 0.71
C ARG B 90 16.70 -22.12 1.08
N ARG B 91 16.16 -20.91 0.88
CA ARG B 91 16.90 -19.70 1.19
C ARG B 91 17.10 -19.58 2.70
N ALA B 92 16.07 -19.93 3.47
CA ALA B 92 16.16 -19.87 4.92
C ALA B 92 17.38 -20.65 5.44
N GLN B 93 17.58 -21.86 4.93
CA GLN B 93 18.73 -22.64 5.41
C GLN B 93 20.05 -22.13 4.85
N GLU B 94 20.02 -21.47 3.71
CA GLU B 94 21.25 -20.93 3.15
C GLU B 94 21.59 -19.61 3.79
N ILE B 95 20.60 -19.01 4.44
CA ILE B 95 20.78 -17.75 5.13
C ILE B 95 21.48 -18.07 6.45
N ASN B 96 20.96 -19.04 7.19
CA ASN B 96 21.56 -19.41 8.46
C ASN B 96 22.96 -19.95 8.23
N HIS B 97 23.21 -20.40 7.01
CA HIS B 97 24.51 -20.95 6.65
C HIS B 97 25.55 -19.85 6.39
N LEU B 98 25.10 -18.66 6.00
CA LEU B 98 26.03 -17.58 5.69
C LEU B 98 26.26 -16.55 6.80
N PHE B 99 25.30 -16.45 7.73
CA PHE B 99 25.39 -15.47 8.79
C PHE B 99 25.27 -16.08 10.17
N GLY B 100 25.14 -17.42 10.20
CA GLY B 100 24.98 -18.13 11.46
C GLY B 100 26.20 -18.96 11.81
N PRO B 101 26.00 -20.18 12.35
CA PRO B 101 24.73 -20.85 12.66
C PRO B 101 24.01 -20.29 13.88
N LYS B 102 22.68 -20.30 13.81
CA LYS B 102 21.81 -19.85 14.89
C LYS B 102 22.12 -20.64 16.16
N ASN B 103 22.28 -19.93 17.29
CA ASN B 103 22.59 -20.52 18.61
C ASN B 103 24.09 -20.70 18.89
N SER B 104 24.92 -20.66 17.86
CA SER B 104 26.36 -20.80 18.05
C SER B 104 27.00 -19.46 18.39
N ASP B 105 28.13 -19.52 19.08
CA ASP B 105 28.84 -18.31 19.47
C ASP B 105 29.60 -17.67 18.31
N ASP B 106 29.53 -18.28 17.13
CA ASP B 106 30.22 -17.72 15.97
C ASP B 106 29.23 -17.02 15.02
N ALA B 107 27.94 -17.11 15.32
CA ALA B 107 26.92 -16.48 14.48
C ALA B 107 27.22 -14.99 14.42
N TYR B 108 26.61 -14.28 13.49
CA TYR B 108 26.85 -12.84 13.42
C TYR B 108 26.40 -12.22 14.73
N ASP B 109 27.11 -11.18 15.17
CA ASP B 109 26.80 -10.54 16.43
C ASP B 109 25.36 -10.03 16.45
N VAL B 110 25.09 -8.95 15.71
CA VAL B 110 23.76 -8.37 15.65
C VAL B 110 23.29 -8.31 14.22
N VAL B 111 21.99 -8.51 14.02
CA VAL B 111 21.42 -8.39 12.67
C VAL B 111 20.38 -7.26 12.78
N PHE B 112 20.29 -6.43 11.73
CA PHE B 112 19.31 -5.34 11.64
C PHE B 112 18.43 -5.72 10.46
N ASP B 113 17.21 -6.21 10.72
CA ASP B 113 16.29 -6.60 9.64
C ASP B 113 15.32 -5.44 9.45
N LEU B 114 15.32 -4.89 8.24
CA LEU B 114 14.51 -3.73 7.90
C LEU B 114 13.11 -4.11 7.43
N HIS B 115 12.12 -3.37 7.93
CA HIS B 115 10.74 -3.64 7.62
C HIS B 115 9.88 -2.38 7.42
N ASN B 116 8.88 -2.52 6.55
CA ASN B 116 7.91 -1.45 6.27
C ASN B 116 6.53 -2.01 6.62
N THR B 117 5.64 -1.15 7.07
CA THR B 117 4.28 -1.57 7.42
C THR B 117 3.29 -0.49 6.96
N THR B 118 2.14 -0.90 6.44
CA THR B 118 1.15 0.10 6.03
C THR B 118 0.51 0.81 7.25
N SER B 119 0.88 0.39 8.47
CA SER B 119 0.33 1.05 9.67
C SER B 119 1.04 2.39 9.95
N ASN B 120 0.35 3.33 10.61
CA ASN B 120 0.92 4.65 10.88
C ASN B 120 1.80 4.67 12.12
N MSE B 121 2.83 3.82 12.11
CA MSE B 121 3.71 3.66 13.26
C MSE B 121 4.86 4.66 13.39
O MSE B 121 5.23 5.06 14.51
CB MSE B 121 4.29 2.25 13.26
CG MSE B 121 3.23 1.14 13.25
SE MSE B 121 2.72 0.59 15.03
CE MSE B 121 4.07 -0.79 15.27
N GLY B 122 5.42 5.07 12.26
CA GLY B 122 6.57 5.95 12.31
C GLY B 122 7.78 5.07 12.60
N CYS B 123 8.88 5.67 13.04
CA CYS B 123 10.11 4.92 13.38
C CYS B 123 9.84 4.01 14.57
N THR B 124 10.00 2.70 14.38
CA THR B 124 9.75 1.74 15.46
C THR B 124 10.86 0.70 15.56
N LEU B 125 11.37 0.47 16.77
CA LEU B 125 12.40 -0.52 17.02
C LEU B 125 11.72 -1.72 17.69
N ILE B 126 12.10 -2.92 17.28
CA ILE B 126 11.49 -4.13 17.82
C ILE B 126 12.46 -4.84 18.75
N LEU B 127 12.05 -4.97 20.00
CA LEU B 127 12.88 -5.60 21.03
C LEU B 127 12.30 -6.99 21.33
N GLY B 128 13.14 -8.03 21.36
CA GLY B 128 12.64 -9.37 21.66
C GLY B 128 12.88 -9.82 23.10
N ASP B 129 13.92 -9.29 23.73
CA ASP B 129 14.28 -9.67 25.11
C ASP B 129 14.33 -8.46 26.03
N SER B 130 13.45 -8.43 27.02
CA SER B 130 13.38 -7.31 27.95
C SER B 130 14.57 -7.29 28.91
N GLY B 131 15.36 -8.36 28.90
CA GLY B 131 16.52 -8.40 29.78
C GLY B 131 17.83 -8.16 29.04
N ASN B 132 17.77 -7.70 27.79
CA ASN B 132 19.00 -7.49 27.03
C ASN B 132 19.53 -6.08 27.24
N ASP B 133 20.50 -5.94 28.14
CA ASP B 133 21.07 -4.62 28.43
C ASP B 133 21.70 -3.94 27.21
N PHE B 134 22.40 -4.71 26.38
CA PHE B 134 23.06 -4.12 25.21
C PHE B 134 22.04 -3.48 24.28
N LEU B 135 20.99 -4.22 23.95
CA LEU B 135 19.94 -3.70 23.08
C LEU B 135 19.10 -2.60 23.70
N ILE B 136 18.75 -2.75 24.98
CA ILE B 136 17.95 -1.71 25.63
C ILE B 136 18.81 -0.43 25.61
N GLN B 137 20.13 -0.60 25.67
CA GLN B 137 21.05 0.54 25.62
C GLN B 137 21.16 1.12 24.19
N MSE B 138 21.22 0.25 23.20
CA MSE B 138 21.31 0.70 21.80
C MSE B 138 20.06 1.52 21.47
O MSE B 138 20.11 2.57 20.80
CB MSE B 138 21.37 -0.51 20.83
CG MSE B 138 21.49 -0.07 19.35
SE MSE B 138 21.42 -1.51 18.04
CE MSE B 138 23.20 -2.23 18.33
N PHE B 139 18.90 1.02 21.91
CA PHE B 139 17.65 1.72 21.61
C PHE B 139 17.57 3.07 22.31
N HIS B 140 17.95 3.13 23.58
CA HIS B 140 17.94 4.40 24.31
C HIS B 140 18.79 5.42 23.55
N TYR B 141 19.98 5.00 23.14
CA TYR B 141 20.89 5.88 22.38
C TYR B 141 20.22 6.39 21.09
N ILE B 142 19.36 5.58 20.50
CA ILE B 142 18.70 6.00 19.25
C ILE B 142 17.59 7.01 19.50
N LYS B 143 16.72 6.71 20.45
CA LYS B 143 15.63 7.61 20.78
C LYS B 143 16.15 9.00 21.17
N THR B 144 17.17 9.01 22.01
CA THR B 144 17.78 10.23 22.49
C THR B 144 18.45 11.02 21.36
N CYS B 145 19.19 10.31 20.52
CA CYS B 145 19.88 11.00 19.42
C CYS B 145 18.96 11.35 18.29
N MSE B 146 17.83 10.65 18.21
CA MSE B 146 16.87 10.88 17.17
C MSE B 146 16.03 12.12 17.49
O MSE B 146 15.71 12.90 16.61
CB MSE B 146 15.95 9.66 17.00
CG MSE B 146 15.22 9.61 15.69
SE MSE B 146 16.45 9.65 14.23
CE MSE B 146 16.44 7.78 13.71
N ALA B 147 15.69 12.26 18.78
CA ALA B 147 14.87 13.37 19.28
C ALA B 147 15.01 14.67 18.47
N PRO B 148 13.93 15.47 18.39
CA PRO B 148 12.62 15.22 19.00
C PRO B 148 11.64 14.50 18.06
N LEU B 149 12.13 13.42 17.44
CA LEU B 149 11.34 12.58 16.54
C LEU B 149 11.00 11.32 17.32
N PRO B 150 9.81 10.74 17.08
CA PRO B 150 9.47 9.53 17.84
C PRO B 150 10.23 8.29 17.41
N CYS B 151 10.53 7.44 18.39
CA CYS B 151 11.20 6.16 18.16
C CYS B 151 10.59 5.21 19.18
N SER B 152 9.54 4.55 18.72
CA SER B 152 8.74 3.67 19.53
C SER B 152 9.25 2.26 19.66
N VAL B 153 9.33 1.79 20.90
CA VAL B 153 9.81 0.44 21.16
C VAL B 153 8.68 -0.55 21.41
N TYR B 154 8.54 -1.49 20.48
CA TYR B 154 7.53 -2.54 20.55
C TYR B 154 8.27 -3.74 21.14
N LEU B 155 7.78 -4.25 22.27
CA LEU B 155 8.39 -5.41 22.94
C LEU B 155 7.56 -6.64 22.61
N ILE B 156 8.13 -7.55 21.83
CA ILE B 156 7.47 -8.80 21.43
C ILE B 156 8.36 -9.87 22.03
N GLU B 157 8.03 -10.27 23.26
CA GLU B 157 8.87 -11.22 23.98
C GLU B 157 8.48 -12.69 24.09
N HIS B 158 7.22 -12.99 24.40
CA HIS B 158 6.81 -14.39 24.55
C HIS B 158 7.17 -15.29 23.37
N PRO B 159 7.84 -16.44 23.64
CA PRO B 159 8.24 -17.39 22.60
C PRO B 159 7.12 -17.73 21.63
N SER B 160 5.88 -17.46 22.03
CA SER B 160 4.72 -17.73 21.19
C SER B 160 4.85 -17.03 19.83
N LEU B 161 5.82 -16.12 19.74
CA LEU B 161 6.08 -15.38 18.51
C LEU B 161 7.34 -14.53 18.65
N LYS B 162 8.49 -15.11 18.29
CA LYS B 162 9.77 -14.42 18.40
C LYS B 162 10.96 -15.27 17.96
N TYR B 163 10.99 -16.53 18.41
CA TYR B 163 12.09 -17.42 18.10
C TYR B 163 12.05 -17.97 16.67
N ALA B 164 11.29 -17.33 15.80
CA ALA B 164 11.22 -17.80 14.42
C ALA B 164 11.46 -16.74 13.35
N THR B 165 11.90 -15.55 13.74
CA THR B 165 12.14 -14.52 12.72
C THR B 165 13.48 -14.68 12.02
N THR B 166 13.57 -14.09 10.83
CA THR B 166 14.79 -14.13 10.03
C THR B 166 15.99 -13.55 10.79
N ARG B 167 15.73 -12.63 11.70
CA ARG B 167 16.81 -11.99 12.44
C ARG B 167 17.24 -12.74 13.69
N SER B 168 16.41 -13.67 14.15
CA SER B 168 16.70 -14.43 15.38
C SER B 168 17.98 -15.26 15.31
N ILE B 169 18.66 -15.22 14.17
CA ILE B 169 19.92 -15.96 14.00
C ILE B 169 21.12 -15.29 14.71
N ALA B 170 21.21 -13.96 14.60
CA ALA B 170 22.33 -13.23 15.21
C ALA B 170 22.42 -13.48 16.70
N LYS B 171 23.48 -12.96 17.31
CA LYS B 171 23.59 -13.07 18.74
C LYS B 171 22.43 -12.19 19.22
N TYR B 172 22.40 -10.93 18.76
CA TYR B 172 21.34 -10.00 19.12
C TYR B 172 20.52 -9.61 17.89
N PRO B 173 19.22 -9.89 17.92
CA PRO B 173 18.32 -9.58 16.81
C PRO B 173 17.74 -8.17 16.97
N VAL B 174 17.75 -7.39 15.90
CA VAL B 174 17.19 -6.04 15.94
C VAL B 174 16.25 -5.85 14.77
N GLY B 175 15.10 -5.23 15.04
CA GLY B 175 14.18 -4.97 13.97
C GLY B 175 14.00 -3.47 13.85
N ILE B 176 14.09 -2.97 12.61
CA ILE B 176 13.91 -1.55 12.31
C ILE B 176 12.71 -1.48 11.37
N GLU B 177 11.55 -1.14 11.93
CA GLU B 177 10.28 -1.12 11.23
C GLU B 177 9.75 0.30 11.04
N VAL B 178 9.33 0.64 9.84
CA VAL B 178 8.83 2.01 9.62
C VAL B 178 7.73 2.01 8.58
N GLY B 179 6.75 2.89 8.79
CA GLY B 179 5.63 3.05 7.86
C GLY B 179 5.08 4.46 7.96
N PRO B 180 3.87 4.73 7.49
CA PRO B 180 2.90 3.82 6.84
C PRO B 180 3.42 3.38 5.48
N GLN B 181 3.19 4.25 4.50
CA GLN B 181 3.59 3.96 3.14
C GLN B 181 2.95 2.68 2.65
N PRO B 182 2.37 2.73 1.45
CA PRO B 182 1.75 1.52 0.91
C PRO B 182 2.94 0.64 0.62
N HIS B 183 2.73 -0.66 0.40
CA HIS B 183 3.87 -1.49 0.06
C HIS B 183 4.10 -1.35 -1.46
N GLY B 184 5.26 -1.82 -1.93
CA GLY B 184 5.56 -1.72 -3.35
C GLY B 184 5.87 -0.30 -3.78
N VAL B 185 5.88 0.62 -2.81
CA VAL B 185 6.17 2.04 -3.08
C VAL B 185 7.38 2.51 -2.28
N LEU B 186 8.12 3.46 -2.84
CA LEU B 186 9.27 4.05 -2.16
C LEU B 186 8.99 5.54 -1.92
N ARG B 187 8.78 5.92 -0.65
CA ARG B 187 8.56 7.34 -0.29
C ARG B 187 9.89 7.92 0.13
N ALA B 188 10.06 9.21 -0.10
CA ALA B 188 11.29 9.87 0.28
C ALA B 188 11.45 9.86 1.79
N ASP B 189 10.48 10.44 2.49
CA ASP B 189 10.61 10.49 3.95
C ASP B 189 10.79 9.15 4.64
N ILE B 190 10.06 8.12 4.22
CA ILE B 190 10.21 6.81 4.90
C ILE B 190 11.68 6.41 4.83
N LEU B 191 12.26 6.50 3.64
CA LEU B 191 13.68 6.17 3.45
C LEU B 191 14.53 6.95 4.45
N ASP B 192 14.31 8.26 4.53
CA ASP B 192 15.08 9.10 5.46
C ASP B 192 15.07 8.60 6.91
N GLN B 193 13.90 8.18 7.38
CA GLN B 193 13.80 7.71 8.76
C GLN B 193 14.67 6.48 8.96
N MSE B 194 14.55 5.52 8.05
CA MSE B 194 15.35 4.31 8.17
C MSE B 194 16.85 4.67 8.10
O MSE B 194 17.67 4.11 8.83
CB MSE B 194 14.99 3.32 7.04
CG MSE B 194 15.37 1.88 7.40
SE MSE B 194 14.58 0.60 6.24
CE MSE B 194 12.84 0.38 7.04
N ARG B 195 17.21 5.62 7.24
CA ARG B 195 18.61 6.02 7.15
C ARG B 195 19.07 6.54 8.49
N ARG B 196 18.25 7.39 9.11
CA ARG B 196 18.64 7.97 10.39
C ARG B 196 18.71 6.93 11.50
N MSE B 197 17.78 5.97 11.51
CA MSE B 197 17.82 4.94 12.55
C MSE B 197 19.12 4.14 12.45
O MSE B 197 19.83 3.97 13.46
CB MSE B 197 16.63 3.98 12.39
CG MSE B 197 15.32 4.60 12.82
SE MSE B 197 13.73 3.64 12.30
CE MSE B 197 13.30 2.77 14.00
N LEU B 198 19.44 3.67 11.26
CA LEU B 198 20.64 2.88 11.10
C LEU B 198 21.89 3.70 11.42
N LYS B 199 21.82 5.01 11.17
CA LYS B 199 22.98 5.85 11.48
C LYS B 199 23.29 5.83 12.96
N HIS B 200 22.28 6.18 13.76
CA HIS B 200 22.46 6.20 15.22
C HIS B 200 22.78 4.81 15.77
N ALA B 201 22.09 3.78 15.26
CA ALA B 201 22.35 2.42 15.72
C ALA B 201 23.80 2.05 15.43
N LEU B 202 24.35 2.58 14.34
CA LEU B 202 25.75 2.33 13.99
C LEU B 202 26.72 3.15 14.82
N ASP B 203 26.40 4.43 15.05
CA ASP B 203 27.27 5.23 15.90
C ASP B 203 27.29 4.56 17.28
N PHE B 204 26.25 3.78 17.59
CA PHE B 204 26.22 3.09 18.87
C PHE B 204 27.27 1.99 18.95
N ILE B 205 27.18 1.02 18.05
CA ILE B 205 28.14 -0.08 18.07
C ILE B 205 29.57 0.44 17.90
N GLN B 206 29.75 1.42 17.03
CA GLN B 206 31.07 1.99 16.80
C GLN B 206 31.64 2.43 18.14
N ARG B 207 30.94 3.34 18.83
CA ARG B 207 31.42 3.85 20.13
C ARG B 207 31.56 2.72 21.16
N PHE B 208 30.62 1.77 21.15
CA PHE B 208 30.68 0.65 22.08
C PHE B 208 32.02 -0.07 21.91
N ASN B 209 32.43 -0.26 20.65
CA ASN B 209 33.70 -0.94 20.41
C ASN B 209 34.92 -0.10 20.80
N GLU B 210 34.75 1.22 20.82
CA GLU B 210 35.88 2.09 21.18
C GLU B 210 35.98 2.23 22.68
N GLY B 211 35.07 1.57 23.40
CA GLY B 211 35.12 1.62 24.84
C GLY B 211 34.28 2.69 25.51
N LYS B 212 33.32 3.25 24.79
CA LYS B 212 32.45 4.26 25.40
C LYS B 212 31.74 3.57 26.57
N GLU B 213 31.84 4.17 27.73
CA GLU B 213 31.20 3.61 28.92
C GLU B 213 29.81 4.23 29.03
N PHE B 214 28.79 3.39 28.89
CA PHE B 214 27.39 3.83 28.95
C PHE B 214 26.82 3.71 30.34
N PRO B 215 26.24 4.80 30.87
CA PRO B 215 25.64 4.81 32.20
C PRO B 215 24.35 4.02 32.16
N PRO B 216 23.74 3.76 33.33
CA PRO B 216 22.47 3.00 33.33
C PRO B 216 21.40 3.91 32.70
N CYS B 217 20.22 3.36 32.39
CA CYS B 217 19.13 4.16 31.81
C CYS B 217 17.82 3.38 31.79
N ALA B 218 16.81 3.97 31.16
CA ALA B 218 15.50 3.34 31.05
C ALA B 218 14.83 3.84 29.77
N ILE B 219 13.89 3.07 29.24
CA ILE B 219 13.14 3.43 28.03
C ILE B 219 11.74 2.91 28.14
N ASP B 220 10.75 3.69 27.70
CA ASP B 220 9.37 3.22 27.72
C ASP B 220 9.29 2.18 26.61
N VAL B 221 8.51 1.12 26.82
CA VAL B 221 8.33 0.07 25.81
C VAL B 221 6.86 -0.30 25.70
N TYR B 222 6.46 -0.81 24.53
CA TYR B 222 5.09 -1.25 24.29
C TYR B 222 5.10 -2.77 24.12
N LYS B 223 4.60 -3.47 25.15
CA LYS B 223 4.56 -4.93 25.15
C LYS B 223 3.25 -5.48 24.64
N ILE B 224 3.33 -6.34 23.63
CA ILE B 224 2.14 -6.92 23.04
C ILE B 224 1.38 -7.74 24.05
N MSE B 225 0.05 -7.67 23.97
CA MSE B 225 -0.79 -8.43 24.89
C MSE B 225 -1.44 -9.52 24.04
O MSE B 225 -1.38 -10.69 24.40
CB MSE B 225 -1.88 -7.55 25.51
CG MSE B 225 -2.83 -8.28 26.47
SE MSE B 225 -4.64 -7.55 26.58
CE MSE B 225 -4.30 -5.98 27.67
N GLU B 226 -2.05 -9.14 22.92
CA GLU B 226 -2.71 -10.10 22.05
C GLU B 226 -3.21 -9.46 20.76
N LYS B 227 -3.24 -10.25 19.69
CA LYS B 227 -3.71 -9.81 18.38
C LYS B 227 -5.24 -9.79 18.39
N VAL B 228 -5.83 -8.78 17.74
CA VAL B 228 -7.28 -8.69 17.65
C VAL B 228 -7.67 -8.82 16.18
N ASP B 229 -8.55 -9.77 15.89
CA ASP B 229 -8.95 -9.97 14.51
C ASP B 229 -10.17 -9.13 14.16
N TYR B 230 -10.38 -8.95 12.86
CA TYR B 230 -11.52 -8.24 12.34
C TYR B 230 -12.79 -9.07 12.58
N PRO B 231 -13.94 -8.40 12.79
CA PRO B 231 -15.20 -9.11 13.00
C PRO B 231 -15.39 -9.79 11.64
N ARG B 232 -15.90 -11.01 11.62
CA ARG B 232 -16.09 -11.69 10.34
C ARG B 232 -17.50 -12.23 10.14
N ASN B 233 -17.96 -12.26 8.90
CA ASN B 233 -19.30 -12.77 8.56
C ASN B 233 -19.29 -14.29 8.66
N GLU B 234 -20.36 -14.94 8.20
CA GLU B 234 -20.43 -16.40 8.28
C GLU B 234 -19.26 -17.09 7.59
N SER B 235 -19.12 -16.84 6.29
CA SER B 235 -18.06 -17.43 5.48
C SER B 235 -16.67 -17.04 5.95
N GLY B 236 -16.61 -16.19 6.98
CA GLY B 236 -15.33 -15.77 7.51
C GLY B 236 -14.90 -14.43 6.95
N ASP B 237 -15.57 -13.99 5.89
CA ASP B 237 -15.22 -12.72 5.26
C ASP B 237 -15.32 -11.59 6.28
N VAL B 238 -14.51 -10.55 6.07
CA VAL B 238 -14.47 -9.39 6.96
C VAL B 238 -15.84 -8.70 7.03
N ALA B 239 -16.41 -8.65 8.23
CA ALA B 239 -17.73 -8.03 8.44
C ALA B 239 -17.69 -6.54 8.75
N ALA B 240 -16.53 -6.03 9.16
CA ALA B 240 -16.39 -4.62 9.48
C ALA B 240 -14.92 -4.21 9.29
N VAL B 241 -14.66 -2.90 9.20
CA VAL B 241 -13.27 -2.44 9.01
C VAL B 241 -12.79 -1.62 10.19
N ILE B 242 -11.63 -0.98 10.04
CA ILE B 242 -11.08 -0.16 11.12
C ILE B 242 -11.88 1.14 11.20
N HIS B 243 -12.39 1.44 12.37
CA HIS B 243 -13.20 2.64 12.60
C HIS B 243 -12.30 3.87 12.37
N PRO B 244 -12.82 4.90 11.70
CA PRO B 244 -12.01 6.09 11.44
C PRO B 244 -11.43 6.77 12.69
N ASN B 245 -11.91 6.39 13.86
CA ASN B 245 -11.40 6.98 15.10
C ASN B 245 -10.14 6.21 15.58
N LEU B 246 -9.94 5.00 15.04
CA LEU B 246 -8.76 4.19 15.38
C LEU B 246 -7.75 4.26 14.22
N GLN B 247 -8.27 4.44 13.00
CA GLN B 247 -7.39 4.53 11.83
C GLN B 247 -6.31 5.59 12.08
N ASP B 248 -5.07 5.24 11.75
CA ASP B 248 -3.89 6.10 11.92
C ASP B 248 -3.72 6.57 13.37
N GLN B 249 -4.13 5.75 14.35
CA GLN B 249 -3.98 6.15 15.74
C GLN B 249 -3.12 5.17 16.55
N ASP B 250 -2.15 4.56 15.88
CA ASP B 250 -1.22 3.64 16.52
C ASP B 250 -0.57 4.37 17.70
N TRP B 251 -0.28 3.60 18.75
CA TRP B 251 0.38 4.04 19.99
C TRP B 251 -0.49 4.82 20.97
N LYS B 252 -1.61 5.40 20.49
CA LYS B 252 -2.46 6.21 21.38
C LYS B 252 -3.37 5.37 22.29
N PRO B 253 -3.72 5.92 23.48
CA PRO B 253 -4.57 5.13 24.38
C PRO B 253 -5.94 4.82 23.82
N LEU B 254 -6.37 3.57 24.02
CA LEU B 254 -7.68 3.10 23.56
C LEU B 254 -8.33 2.45 24.79
N HIS B 255 -9.51 2.93 25.16
CA HIS B 255 -10.24 2.41 26.32
C HIS B 255 -11.38 1.46 25.88
N PRO B 256 -11.87 0.59 26.80
CA PRO B 256 -12.95 -0.36 26.52
C PRO B 256 -14.16 0.08 25.66
N GLY B 257 -14.65 1.30 25.89
CA GLY B 257 -15.79 1.77 25.13
C GLY B 257 -15.49 2.47 23.81
N ASP B 258 -14.20 2.75 23.57
CA ASP B 258 -13.80 3.43 22.34
C ASP B 258 -14.06 2.51 21.15
N PRO B 259 -14.70 3.04 20.10
CA PRO B 259 -14.98 2.24 18.91
C PRO B 259 -13.70 1.87 18.16
N VAL B 260 -13.67 0.65 17.63
CA VAL B 260 -12.49 0.16 16.89
C VAL B 260 -12.83 -0.34 15.48
N PHE B 261 -13.99 -1.00 15.32
CA PHE B 261 -14.41 -1.48 13.99
C PHE B 261 -15.73 -0.81 13.63
N VAL B 262 -16.10 -0.92 12.34
CA VAL B 262 -17.36 -0.37 11.85
C VAL B 262 -17.78 -1.16 10.61
N SER B 263 -19.07 -1.45 10.49
CA SER B 263 -19.57 -2.18 9.34
C SER B 263 -20.11 -1.22 8.29
N LEU B 264 -20.37 -1.72 7.09
CA LEU B 264 -20.91 -0.85 6.07
C LEU B 264 -22.37 -0.53 6.41
N ASP B 265 -22.93 -1.31 7.34
CA ASP B 265 -24.31 -1.09 7.74
C ASP B 265 -24.37 -0.10 8.89
N GLY B 266 -23.19 0.27 9.40
CA GLY B 266 -23.12 1.23 10.48
C GLY B 266 -22.87 0.73 11.88
N LYS B 267 -22.92 -0.59 12.09
CA LYS B 267 -22.69 -1.14 13.42
C LYS B 267 -21.27 -0.81 13.86
N VAL B 268 -21.15 -0.20 15.04
CA VAL B 268 -19.83 0.15 15.59
C VAL B 268 -19.51 -0.88 16.67
N ILE B 269 -18.27 -1.37 16.67
CA ILE B 269 -17.85 -2.37 17.66
C ILE B 269 -16.74 -1.78 18.52
N PRO B 270 -17.02 -1.57 19.82
CA PRO B 270 -16.00 -1.00 20.69
C PRO B 270 -14.90 -1.99 21.09
N LEU B 271 -13.83 -1.47 21.68
CA LEU B 271 -12.69 -2.28 22.11
C LEU B 271 -13.13 -3.45 22.98
N GLY B 272 -13.92 -3.17 24.01
CA GLY B 272 -14.34 -4.22 24.93
C GLY B 272 -13.27 -4.48 25.97
N GLY B 273 -13.30 -5.63 26.62
CA GLY B 273 -12.28 -5.93 27.62
C GLY B 273 -12.35 -5.02 28.84
N ASP B 274 -11.35 -5.08 29.73
CA ASP B 274 -11.39 -4.24 30.92
C ASP B 274 -10.13 -3.44 31.27
N CYS B 275 -9.59 -2.71 30.30
CA CYS B 275 -8.40 -1.90 30.58
C CYS B 275 -7.98 -1.04 29.39
N THR B 276 -7.16 -0.04 29.66
CA THR B 276 -6.63 0.84 28.62
C THR B 276 -5.54 0.07 27.88
N VAL B 277 -5.47 0.21 26.56
CA VAL B 277 -4.45 -0.46 25.76
C VAL B 277 -3.94 0.50 24.70
N TYR B 278 -2.80 0.17 24.10
CA TYR B 278 -2.20 1.01 23.07
C TYR B 278 -2.05 0.12 21.86
N PRO B 279 -2.89 0.33 20.83
CA PRO B 279 -2.83 -0.49 19.62
C PRO B 279 -1.59 -0.22 18.78
N VAL B 280 -1.09 -1.29 18.15
CA VAL B 280 0.02 -1.15 17.23
C VAL B 280 -0.38 -1.94 15.99
N PHE B 281 0.21 -1.56 14.85
CA PHE B 281 -0.07 -2.18 13.57
C PHE B 281 -1.57 -2.10 13.27
N VAL B 282 -2.08 -0.87 13.33
CA VAL B 282 -3.48 -0.63 13.04
C VAL B 282 -3.65 -0.66 11.53
N ASN B 283 -4.30 -1.71 11.05
CA ASN B 283 -4.55 -1.86 9.59
C ASN B 283 -3.33 -2.11 8.69
N GLU B 284 -2.55 -3.13 9.02
CA GLU B 284 -1.40 -3.52 8.19
C GLU B 284 -1.94 -4.49 7.14
N ALA B 285 -1.70 -4.18 5.87
CA ALA B 285 -2.19 -4.99 4.76
C ALA B 285 -1.88 -6.49 4.86
N ALA B 286 -0.66 -6.82 5.27
CA ALA B 286 -0.25 -8.22 5.37
C ALA B 286 -1.00 -8.99 6.42
N TYR B 287 -1.36 -8.31 7.51
CA TYR B 287 -2.02 -8.97 8.61
C TYR B 287 -3.49 -9.30 8.43
N TYR B 288 -4.05 -9.02 7.24
CA TYR B 288 -5.44 -9.37 7.00
C TYR B 288 -5.54 -10.92 7.02
N GLU B 289 -4.66 -11.58 6.28
CA GLU B 289 -4.71 -13.03 6.22
C GLU B 289 -4.23 -13.70 7.50
N LYS B 290 -3.41 -13.00 8.29
CA LYS B 290 -2.91 -13.55 9.56
C LYS B 290 -3.92 -13.34 10.67
N LYS B 291 -4.99 -12.62 10.35
CA LYS B 291 -6.05 -12.33 11.31
C LYS B 291 -5.52 -11.46 12.44
N GLU B 292 -5.15 -10.23 12.11
CA GLU B 292 -4.66 -9.28 13.09
C GLU B 292 -4.99 -7.84 12.66
N ALA B 293 -6.21 -7.39 12.95
CA ALA B 293 -6.62 -6.02 12.61
C ALA B 293 -5.61 -5.08 13.29
N PHE B 294 -5.17 -5.47 14.49
CA PHE B 294 -4.16 -4.74 15.27
C PHE B 294 -3.71 -5.65 16.42
N ALA B 295 -2.74 -5.18 17.22
CA ALA B 295 -2.29 -5.96 18.36
C ALA B 295 -2.29 -5.07 19.57
N LYS B 296 -3.04 -5.43 20.60
CA LYS B 296 -3.06 -4.63 21.81
C LYS B 296 -1.69 -4.73 22.49
N THR B 297 -1.28 -3.65 23.13
CA THR B 297 -0.01 -3.66 23.85
C THR B 297 -0.20 -3.00 25.21
N THR B 298 0.79 -3.23 26.08
CA THR B 298 0.82 -2.67 27.41
C THR B 298 2.09 -1.82 27.50
N LYS B 299 1.94 -0.59 28.00
CA LYS B 299 3.08 0.33 28.10
C LYS B 299 3.76 0.24 29.46
N LEU B 300 5.07 -0.03 29.45
CA LEU B 300 5.82 -0.13 30.69
C LEU B 300 7.25 0.37 30.48
N THR B 301 7.95 0.64 31.57
CA THR B 301 9.32 1.15 31.47
C THR B 301 10.36 0.06 31.72
N LEU B 302 11.42 0.06 30.92
CA LEU B 302 12.48 -0.93 31.11
C LEU B 302 13.78 -0.23 31.46
N ASN B 303 14.39 -0.60 32.58
CA ASN B 303 15.66 -0.01 32.97
C ASN B 303 16.78 -0.90 32.47
N ALA B 304 17.96 -0.31 32.27
CA ALA B 304 19.13 -1.10 31.83
C ALA B 304 20.36 -0.74 32.66
N LYS B 305 21.11 -1.75 33.06
CA LYS B 305 22.33 -1.53 33.83
C LYS B 305 23.34 -0.75 32.98
N SER B 306 24.25 -0.04 33.64
CA SER B 306 25.31 0.67 32.95
C SER B 306 26.02 -0.40 32.11
N ILE B 307 26.61 -0.01 30.97
CA ILE B 307 27.31 -0.97 30.13
C ILE B 307 28.62 -0.39 29.55
N ARG B 308 29.50 -1.30 29.12
CA ARG B 308 30.77 -0.92 28.49
C ARG B 308 31.31 -2.16 27.78
N SER B 309 32.39 -2.00 27.02
CA SER B 309 33.00 -3.12 26.32
C SER B 309 34.17 -3.61 27.18
N THR B 310 34.37 -4.92 27.22
CA THR B 310 35.48 -5.49 27.98
C THR B 310 36.78 -4.88 27.51
ZN ZN C . -5.94 2.25 -8.78
S SO4 D . -12.77 -1.47 -29.67
O1 SO4 D . -13.67 -0.46 -29.05
O2 SO4 D . -13.55 -2.67 -30.05
O3 SO4 D . -12.16 -0.88 -30.88
O4 SO4 D . -11.72 -1.85 -28.73
S SO4 E . -23.54 13.34 0.97
O1 SO4 E . -23.11 14.26 2.04
O2 SO4 E . -24.81 13.82 0.40
O3 SO4 E . -22.50 13.30 -0.09
O4 SO4 E . -23.73 11.99 1.53
S SO4 F . 1.15 -9.41 -4.79
O1 SO4 F . 1.25 -8.13 -5.52
O2 SO4 F . 0.02 -10.19 -5.30
O3 SO4 F . 2.39 -10.18 -4.98
O4 SO4 F . 0.93 -9.14 -3.35
ZN ZN G . 9.12 -7.59 6.33
S SO4 H . 5.72 -10.81 10.01
O1 SO4 H . 4.33 -11.28 10.09
O2 SO4 H . 6.54 -11.81 9.31
O3 SO4 H . 5.76 -9.52 9.28
O4 SO4 H . 6.24 -10.60 11.37
S SO4 I . 19.83 13.19 12.90
O1 SO4 I . 19.17 14.32 13.55
O2 SO4 I . 19.09 11.95 13.23
O3 SO4 I . 19.82 13.39 11.44
O4 SO4 I . 21.23 13.10 13.38
N CYS A 4 -30.92 22.18 -26.98
CA CYS A 4 -30.83 21.18 -25.87
C CYS A 4 -30.56 19.78 -26.42
N VAL A 5 -29.51 19.14 -25.89
CA VAL A 5 -29.13 17.81 -26.33
C VAL A 5 -30.08 16.74 -25.81
N ALA A 6 -30.67 15.97 -26.74
CA ALA A 6 -31.60 14.90 -26.38
C ALA A 6 -30.82 13.71 -25.86
N GLU A 7 -31.51 12.72 -25.30
CA GLU A 7 -30.85 11.54 -24.77
C GLU A 7 -31.82 10.38 -24.45
N GLU A 8 -31.38 9.17 -24.75
CA GLU A 8 -32.18 7.98 -24.50
C GLU A 8 -32.10 7.63 -23.01
N PRO A 9 -33.17 7.03 -22.46
CA PRO A 9 -33.15 6.68 -21.03
C PRO A 9 -32.15 5.56 -20.73
N ILE A 10 -31.72 5.51 -19.47
CA ILE A 10 -30.78 4.51 -18.98
C ILE A 10 -31.50 3.43 -18.20
N LYS A 11 -31.28 2.16 -18.54
CA LYS A 11 -31.94 1.08 -17.81
C LYS A 11 -30.96 0.11 -17.12
N LYS A 12 -30.00 -0.41 -17.87
CA LYS A 12 -29.03 -1.38 -17.36
C LYS A 12 -27.80 -0.69 -16.76
N ILE A 13 -27.54 -0.98 -15.48
CA ILE A 13 -26.44 -0.38 -14.73
C ILE A 13 -25.56 -1.40 -14.00
N ALA A 14 -24.31 -1.55 -14.47
CA ALA A 14 -23.40 -2.47 -13.82
C ALA A 14 -22.45 -1.72 -12.88
N ILE A 15 -22.16 -2.33 -11.73
CA ILE A 15 -21.19 -1.79 -10.76
C ILE A 15 -20.12 -2.87 -10.67
N PHE A 16 -18.98 -2.58 -11.32
CA PHE A 16 -17.83 -3.46 -11.40
C PHE A 16 -16.81 -3.21 -10.29
N GLY A 17 -16.72 -4.13 -9.33
CA GLY A 17 -15.74 -4.00 -8.27
C GLY A 17 -14.73 -5.11 -8.42
N GLY A 18 -13.47 -4.83 -8.09
CA GLY A 18 -12.43 -5.85 -8.18
C GLY A 18 -11.83 -6.09 -9.57
N THR A 19 -11.79 -5.06 -10.42
CA THR A 19 -11.16 -5.23 -11.73
C THR A 19 -9.70 -5.57 -11.38
N HIS A 20 -9.22 -4.93 -10.32
CA HIS A 20 -7.88 -5.23 -9.75
C HIS A 20 -8.24 -5.71 -8.35
N GLY A 21 -7.94 -6.98 -8.10
CA GLY A 21 -8.31 -7.65 -6.87
C GLY A 21 -7.76 -7.19 -5.54
N ASN A 22 -6.84 -6.22 -5.56
CA ASN A 22 -6.21 -5.70 -4.36
C ASN A 22 -6.61 -4.24 -3.99
N GLU A 23 -7.49 -3.63 -4.78
CA GLU A 23 -7.97 -2.27 -4.46
C GLU A 23 -9.30 -2.65 -3.82
N LEU A 24 -9.22 -2.96 -2.53
CA LEU A 24 -10.36 -3.50 -1.79
C LEU A 24 -11.65 -2.72 -1.63
N THR A 25 -11.66 -1.43 -1.90
CA THR A 25 -12.89 -0.68 -1.70
C THR A 25 -14.01 -1.19 -2.60
N GLY A 26 -13.76 -1.22 -3.91
CA GLY A 26 -14.78 -1.68 -4.83
C GLY A 26 -15.16 -3.14 -4.61
N VAL A 27 -14.24 -3.91 -4.05
CA VAL A 27 -14.51 -5.33 -3.78
C VAL A 27 -15.48 -5.45 -2.63
N PHE A 28 -15.02 -5.03 -1.45
CA PHE A 28 -15.83 -5.10 -0.23
C PHE A 28 -17.27 -4.63 -0.48
N LEU A 29 -17.44 -3.52 -1.19
CA LEU A 29 -18.81 -3.02 -1.47
C LEU A 29 -19.58 -4.01 -2.34
N VAL A 30 -19.14 -4.15 -3.58
CA VAL A 30 -19.82 -5.04 -4.49
C VAL A 30 -20.01 -6.39 -3.79
N THR A 31 -19.03 -6.81 -3.00
CA THR A 31 -19.18 -8.07 -2.28
C THR A 31 -20.49 -8.00 -1.49
N HIS A 32 -20.69 -6.89 -0.76
CA HIS A 32 -21.89 -6.69 0.03
C HIS A 32 -23.15 -6.48 -0.84
N TRP A 33 -23.04 -5.61 -1.85
CA TRP A 33 -24.20 -5.31 -2.70
C TRP A 33 -24.75 -6.50 -3.43
N LEU A 34 -23.91 -7.51 -3.66
CA LEU A 34 -24.39 -8.72 -4.33
C LEU A 34 -25.38 -9.48 -3.47
N LYS A 35 -25.22 -9.36 -2.15
CA LYS A 35 -26.08 -10.05 -1.19
C LYS A 35 -27.27 -9.20 -0.75
N ASN A 36 -27.04 -7.91 -0.57
CA ASN A 36 -28.11 -7.00 -0.16
C ASN A 36 -27.81 -5.68 -0.84
N GLY A 37 -28.66 -5.27 -1.78
CA GLY A 37 -28.36 -4.03 -2.50
C GLY A 37 -29.33 -2.87 -2.48
N ALA A 38 -30.07 -2.70 -1.38
CA ALA A 38 -31.02 -1.61 -1.31
C ALA A 38 -30.32 -0.27 -1.54
N GLU A 39 -29.05 -0.19 -1.12
CA GLU A 39 -28.30 1.05 -1.27
C GLU A 39 -28.12 1.51 -2.72
N VAL A 40 -28.01 0.58 -3.66
CA VAL A 40 -27.80 0.97 -5.06
C VAL A 40 -29.05 0.80 -5.90
N HIS A 41 -30.13 0.36 -5.26
CA HIS A 41 -31.40 0.21 -5.96
C HIS A 41 -31.89 1.59 -6.36
N ARG A 42 -32.48 1.69 -7.56
CA ARG A 42 -33.04 2.94 -8.04
C ARG A 42 -34.21 2.57 -8.95
N ALA A 43 -35.32 3.27 -8.78
CA ALA A 43 -36.51 3.02 -9.59
C ALA A 43 -36.23 3.11 -11.08
N GLY A 44 -36.77 2.15 -11.84
CA GLY A 44 -36.58 2.16 -13.29
C GLY A 44 -35.23 1.63 -13.75
N LEU A 45 -34.38 1.25 -12.80
CA LEU A 45 -33.05 0.70 -13.10
C LEU A 45 -32.86 -0.72 -12.58
N GLU A 46 -31.96 -1.46 -13.27
CA GLU A 46 -31.60 -2.82 -12.90
C GLU A 46 -30.11 -2.77 -12.59
N VAL A 47 -29.77 -2.14 -11.47
CA VAL A 47 -28.36 -2.01 -11.09
C VAL A 47 -27.77 -3.39 -10.83
N LYS A 48 -26.71 -3.71 -11.58
CA LYS A 48 -26.06 -5.01 -11.48
C LYS A 48 -24.64 -4.95 -10.95
N PRO A 49 -24.46 -5.11 -9.62
CA PRO A 49 -23.08 -5.08 -9.06
C PRO A 49 -22.40 -6.34 -9.63
N PHE A 50 -21.07 -6.33 -9.76
CA PHE A 50 -20.38 -7.49 -10.32
C PHE A 50 -18.88 -7.41 -10.04
N ILE A 51 -18.27 -8.53 -9.66
CA ILE A 51 -16.83 -8.60 -9.41
C ILE A 51 -16.18 -9.11 -10.70
N THR A 52 -15.57 -8.21 -11.45
CA THR A 52 -14.95 -8.53 -12.73
C THR A 52 -13.77 -9.48 -12.63
N ASN A 53 -12.88 -9.23 -11.68
CA ASN A 53 -11.70 -10.06 -11.51
C ASN A 53 -11.78 -10.77 -10.15
N PRO A 54 -12.75 -11.69 -9.97
CA PRO A 54 -12.85 -12.38 -8.67
C PRO A 54 -11.74 -13.40 -8.41
N ARG A 55 -11.18 -13.98 -9.47
CA ARG A 55 -10.08 -14.93 -9.31
C ARG A 55 -8.84 -14.18 -8.81
N ALA A 56 -8.72 -12.90 -9.18
CA ALA A 56 -7.62 -12.06 -8.70
C ALA A 56 -7.98 -11.55 -7.29
N VAL A 57 -9.28 -11.40 -7.03
CA VAL A 57 -9.73 -10.92 -5.71
C VAL A 57 -9.42 -11.94 -4.63
N GLU A 58 -9.48 -13.23 -4.96
CA GLU A 58 -9.20 -14.26 -3.96
C GLU A 58 -7.81 -14.03 -3.39
N LYS A 59 -6.80 -14.02 -4.26
CA LYS A 59 -5.40 -13.83 -3.84
C LYS A 59 -5.14 -12.42 -3.29
N CYS A 60 -6.17 -11.57 -3.33
CA CYS A 60 -6.07 -10.17 -2.89
C CYS A 60 -4.95 -9.53 -3.70
N THR A 61 -4.93 -9.84 -5.00
CA THR A 61 -3.91 -9.33 -5.91
C THR A 61 -4.53 -8.55 -7.07
N ARG A 62 -3.69 -7.82 -7.80
CA ARG A 62 -4.19 -7.00 -8.90
C ARG A 62 -4.66 -7.79 -10.12
N TYR A 63 -3.99 -8.90 -10.42
CA TYR A 63 -4.34 -9.71 -11.59
C TYR A 63 -3.81 -11.17 -11.53
N ILE A 64 -4.21 -11.99 -12.51
CA ILE A 64 -3.77 -13.38 -12.58
C ILE A 64 -2.57 -13.46 -13.53
N ASP A 65 -2.78 -13.15 -14.81
CA ASP A 65 -1.72 -13.21 -15.83
C ASP A 65 -1.44 -11.87 -16.51
N CYS A 66 -2.45 -11.00 -16.52
CA CYS A 66 -2.27 -9.67 -17.11
C CYS A 66 -3.29 -8.73 -16.48
N ASP A 67 -3.19 -7.44 -16.79
CA ASP A 67 -4.12 -6.44 -16.23
C ASP A 67 -5.45 -6.52 -16.99
N LEU A 68 -6.53 -6.85 -16.28
CA LEU A 68 -7.84 -6.96 -16.95
C LEU A 68 -8.18 -5.66 -17.69
N ASN A 69 -7.83 -4.53 -17.08
CA ASN A 69 -8.11 -3.20 -17.62
C ASN A 69 -7.41 -2.85 -18.95
N ARG A 70 -6.65 -3.80 -19.50
CA ARG A 70 -5.95 -3.56 -20.77
C ARG A 70 -6.26 -4.63 -21.84
N VAL A 71 -7.41 -5.29 -21.75
CA VAL A 71 -7.74 -6.36 -22.70
C VAL A 71 -9.19 -6.39 -23.22
N PHE A 72 -9.85 -5.22 -23.26
CA PHE A 72 -11.21 -5.15 -23.79
C PHE A 72 -11.29 -4.51 -25.20
N ASP A 73 -10.14 -4.31 -25.82
CA ASP A 73 -10.11 -3.78 -27.19
C ASP A 73 -10.32 -5.00 -28.11
N LEU A 74 -11.07 -4.82 -29.20
CA LEU A 74 -11.38 -5.88 -30.15
C LEU A 74 -10.34 -6.97 -30.33
N GLU A 75 -9.08 -6.55 -30.43
CA GLU A 75 -7.98 -7.49 -30.62
C GLU A 75 -8.10 -8.62 -29.61
N ASN A 76 -8.27 -8.29 -28.34
CA ASN A 76 -8.38 -9.38 -27.38
C ASN A 76 -9.78 -9.97 -27.23
N LEU A 77 -10.82 -9.16 -27.46
CA LEU A 77 -12.16 -9.71 -27.35
C LEU A 77 -12.48 -10.71 -28.48
N SER A 78 -11.76 -10.65 -29.59
CA SER A 78 -12.03 -11.61 -30.69
C SER A 78 -10.95 -12.70 -30.84
N LYS A 79 -10.27 -13.03 -29.75
CA LYS A 79 -9.18 -14.03 -29.81
C LYS A 79 -9.57 -15.46 -29.41
N GLU A 80 -9.13 -16.48 -30.17
CA GLU A 80 -9.47 -17.86 -29.78
C GLU A 80 -8.50 -18.18 -28.63
N MSE A 81 -8.84 -19.16 -27.80
CA MSE A 81 -7.98 -19.51 -26.67
C MSE A 81 -6.63 -20.05 -27.14
O MSE A 81 -6.46 -20.42 -28.31
CB MSE A 81 -8.64 -20.58 -25.80
CG MSE A 81 -9.94 -20.16 -25.14
SE MSE A 81 -9.80 -18.65 -23.95
CE MSE A 81 -10.73 -17.35 -25.11
N SER A 82 -5.67 -20.09 -26.21
CA SER A 82 -4.31 -20.58 -26.43
C SER A 82 -3.94 -21.11 -25.03
N GLU A 83 -3.21 -22.22 -24.96
CA GLU A 83 -2.88 -22.81 -23.66
C GLU A 83 -2.07 -21.92 -22.73
N ASP A 84 -1.52 -20.84 -23.25
CA ASP A 84 -0.70 -19.96 -22.42
C ASP A 84 -1.21 -18.53 -22.42
N LEU A 85 -2.38 -18.34 -22.99
CA LEU A 85 -3.02 -17.03 -23.08
C LEU A 85 -3.35 -16.45 -21.72
N PRO A 86 -3.33 -15.11 -21.60
CA PRO A 86 -3.65 -14.53 -20.29
C PRO A 86 -5.10 -14.85 -19.88
N TYR A 87 -5.29 -15.20 -18.61
CA TYR A 87 -6.59 -15.49 -18.06
C TYR A 87 -7.58 -14.36 -18.38
N GLU A 88 -7.13 -13.13 -18.20
CA GLU A 88 -7.96 -11.92 -18.40
C GLU A 88 -8.73 -11.82 -19.73
N VAL A 89 -8.05 -12.12 -20.84
CA VAL A 89 -8.76 -12.09 -22.12
C VAL A 89 -9.98 -13.03 -21.98
N ARG A 90 -9.70 -14.26 -21.51
CA ARG A 90 -10.78 -15.23 -21.30
C ARG A 90 -11.79 -14.57 -20.34
N ARG A 91 -11.32 -14.09 -19.19
CA ARG A 91 -12.22 -13.47 -18.22
C ARG A 91 -12.92 -12.25 -18.82
N ALA A 92 -12.25 -11.53 -19.71
CA ALA A 92 -12.86 -10.36 -20.32
C ALA A 92 -14.00 -10.84 -21.20
N GLN A 93 -13.73 -11.88 -22.00
CA GLN A 93 -14.77 -12.42 -22.86
C GLN A 93 -15.93 -12.82 -21.99
N GLU A 94 -15.65 -13.48 -20.87
CA GLU A 94 -16.74 -13.85 -19.99
C GLU A 94 -17.51 -12.61 -19.49
N ILE A 95 -16.80 -11.50 -19.26
CA ILE A 95 -17.44 -10.25 -18.80
C ILE A 95 -18.27 -9.63 -19.92
N ASN A 96 -17.68 -9.48 -21.10
CA ASN A 96 -18.43 -8.90 -22.22
C ASN A 96 -19.66 -9.75 -22.58
N HIS A 97 -19.54 -11.08 -22.50
CA HIS A 97 -20.68 -11.94 -22.86
C HIS A 97 -21.88 -11.60 -21.97
N LEU A 98 -21.60 -10.94 -20.84
CA LEU A 98 -22.63 -10.57 -19.89
C LEU A 98 -23.02 -9.07 -19.88
N PHE A 99 -22.08 -8.18 -20.22
CA PHE A 99 -22.35 -6.73 -20.17
C PHE A 99 -22.28 -5.92 -21.46
N GLY A 100 -21.87 -6.56 -22.55
CA GLY A 100 -21.78 -5.88 -23.84
C GLY A 100 -22.83 -6.33 -24.85
N PRO A 101 -22.42 -6.69 -26.09
CA PRO A 101 -21.04 -6.67 -26.58
C PRO A 101 -20.52 -5.26 -26.79
N LYS A 102 -19.26 -5.05 -26.47
CA LYS A 102 -18.65 -3.76 -26.69
C LYS A 102 -18.78 -3.35 -28.17
N ASN A 103 -19.13 -2.09 -28.38
CA ASN A 103 -19.30 -1.49 -29.72
C ASN A 103 -20.65 -1.84 -30.37
N SER A 104 -21.62 -2.26 -29.56
CA SER A 104 -22.94 -2.62 -30.10
C SER A 104 -24.09 -1.94 -29.38
N ASP A 105 -25.14 -1.56 -30.10
CA ASP A 105 -26.30 -0.91 -29.49
C ASP A 105 -26.85 -1.70 -28.30
N ASP A 106 -26.42 -2.95 -28.21
CA ASP A 106 -26.84 -3.86 -27.16
C ASP A 106 -25.99 -3.77 -25.89
N ALA A 107 -24.91 -3.01 -25.95
CA ALA A 107 -23.96 -2.85 -24.83
C ALA A 107 -24.42 -2.06 -23.61
N TYR A 108 -24.34 -2.69 -22.43
CA TYR A 108 -24.75 -2.03 -21.18
C TYR A 108 -24.73 -0.51 -21.20
N ASP A 109 -25.77 0.10 -20.62
CA ASP A 109 -25.89 1.56 -20.59
C ASP A 109 -24.83 2.25 -19.75
N VAL A 110 -24.84 2.00 -18.44
CA VAL A 110 -23.86 2.59 -17.54
C VAL A 110 -23.20 1.56 -16.65
N VAL A 111 -21.89 1.43 -16.82
CA VAL A 111 -21.09 0.53 -16.03
C VAL A 111 -20.13 1.45 -15.28
N PHE A 112 -20.01 1.28 -13.97
CA PHE A 112 -19.05 2.05 -13.19
C PHE A 112 -17.90 1.09 -12.89
N ASP A 113 -16.66 1.55 -13.01
CA ASP A 113 -15.51 0.67 -12.73
C ASP A 113 -14.82 1.29 -11.53
N LEU A 114 -14.76 0.52 -10.45
CA LEU A 114 -14.22 0.99 -9.18
C LEU A 114 -12.78 0.56 -8.92
N HIS A 115 -11.92 1.55 -8.64
CA HIS A 115 -10.50 1.30 -8.36
C HIS A 115 -10.01 2.17 -7.19
N ASN A 116 -8.81 1.88 -6.72
CA ASN A 116 -8.14 2.65 -5.68
C ASN A 116 -6.74 2.97 -6.18
N THR A 117 -6.08 3.95 -5.57
CA THR A 117 -4.72 4.29 -5.95
C THR A 117 -3.93 4.61 -4.69
N THR A 118 -2.64 4.32 -4.71
CA THR A 118 -1.79 4.65 -3.57
C THR A 118 -1.36 6.13 -3.67
N SER A 119 -1.77 6.80 -4.75
CA SER A 119 -1.45 8.21 -4.96
C SER A 119 -2.48 9.08 -4.22
N ASN A 120 -2.08 10.27 -3.76
CA ASN A 120 -2.99 11.18 -3.05
C ASN A 120 -3.86 11.97 -4.03
N MSE A 121 -4.70 11.22 -4.76
CA MSE A 121 -5.57 11.80 -5.78
C MSE A 121 -6.94 12.21 -5.28
O MSE A 121 -7.67 12.95 -5.96
CB MSE A 121 -5.76 10.79 -6.91
CG MSE A 121 -4.51 10.52 -7.73
SE MSE A 121 -4.21 11.90 -9.06
CE MSE A 121 -5.55 11.30 -10.36
N GLY A 122 -7.29 11.76 -4.07
CA GLY A 122 -8.60 12.09 -3.53
C GLY A 122 -9.65 11.49 -4.44
N CYS A 123 -10.85 12.05 -4.41
CA CYS A 123 -11.95 11.55 -5.25
C CYS A 123 -11.69 11.95 -6.69
N THR A 124 -11.67 10.95 -7.57
CA THR A 124 -11.38 11.20 -8.99
C THR A 124 -12.38 10.49 -9.93
N LEU A 125 -12.81 11.20 -10.96
CA LEU A 125 -13.73 10.68 -11.97
C LEU A 125 -12.92 10.68 -13.28
N ILE A 126 -13.09 9.64 -14.09
CA ILE A 126 -12.36 9.52 -15.36
C ILE A 126 -13.36 9.54 -16.52
N LEU A 127 -13.17 10.51 -17.41
CA LEU A 127 -14.03 10.72 -18.56
C LEU A 127 -13.29 10.30 -19.82
N GLY A 128 -13.92 9.44 -20.62
CA GLY A 128 -13.28 8.96 -21.84
C GLY A 128 -13.80 9.61 -23.11
N ASP A 129 -14.62 10.65 -22.98
CA ASP A 129 -15.18 11.35 -24.14
C ASP A 129 -15.46 12.80 -23.80
N SER A 130 -14.56 13.68 -24.24
CA SER A 130 -14.68 15.10 -23.99
C SER A 130 -15.94 15.69 -24.63
N GLY A 131 -16.57 14.94 -25.52
CA GLY A 131 -17.77 15.44 -26.18
C GLY A 131 -19.07 14.78 -25.74
N ASN A 132 -19.05 14.14 -24.57
CA ASN A 132 -20.24 13.45 -24.07
C ASN A 132 -20.98 14.32 -23.04
N ASP A 133 -21.87 15.17 -23.53
CA ASP A 133 -22.64 16.06 -22.67
C ASP A 133 -23.26 15.31 -21.49
N PHE A 134 -23.71 14.09 -21.73
CA PHE A 134 -24.33 13.32 -20.66
C PHE A 134 -23.37 13.14 -19.48
N LEU A 135 -22.11 12.83 -19.77
CA LEU A 135 -21.13 12.63 -18.70
C LEU A 135 -20.47 13.91 -18.24
N ILE A 136 -20.20 14.83 -19.15
CA ILE A 136 -19.57 16.06 -18.70
C ILE A 136 -20.47 16.68 -17.67
N GLN A 137 -21.78 16.60 -17.91
CA GLN A 137 -22.76 17.12 -16.97
C GLN A 137 -22.88 16.11 -15.83
N MSE A 138 -22.73 14.83 -16.14
CA MSE A 138 -22.82 13.83 -15.08
C MSE A 138 -21.83 14.20 -13.97
O MSE A 138 -22.20 14.27 -12.80
CB MSE A 138 -22.48 12.42 -15.56
CG MSE A 138 -22.48 11.41 -14.40
SE MSE A 138 -21.89 9.56 -14.78
CE MSE A 138 -23.44 8.99 -15.82
N PHE A 139 -20.58 14.43 -14.36
CA PHE A 139 -19.53 14.75 -13.40
C PHE A 139 -19.67 16.13 -12.76
N HIS A 140 -20.08 17.11 -13.56
CA HIS A 140 -20.29 18.45 -13.04
C HIS A 140 -21.23 18.34 -11.83
N TYR A 141 -22.25 17.49 -11.94
CA TYR A 141 -23.23 17.30 -10.85
C TYR A 141 -22.64 16.70 -9.59
N ILE A 142 -21.91 15.59 -9.74
CA ILE A 142 -21.30 14.91 -8.61
C ILE A 142 -20.35 15.85 -7.86
N LYS A 143 -19.54 16.61 -8.59
CA LYS A 143 -18.59 17.54 -7.95
C LYS A 143 -19.33 18.39 -6.92
N THR A 144 -20.50 18.88 -7.31
CA THR A 144 -21.33 19.72 -6.47
C THR A 144 -21.81 19.01 -5.22
N CYS A 145 -22.25 17.77 -5.38
CA CYS A 145 -22.74 16.98 -4.26
C CYS A 145 -21.64 16.71 -3.25
N MSE A 146 -20.43 16.50 -3.73
CA MSE A 146 -19.30 16.19 -2.87
C MSE A 146 -18.59 17.42 -2.28
O MSE A 146 -17.84 17.30 -1.31
CB MSE A 146 -18.25 15.36 -3.62
CG MSE A 146 -18.77 14.04 -4.20
SE MSE A 146 -19.37 12.77 -2.86
CE MSE A 146 -17.65 12.18 -2.12
N ALA A 147 -18.82 18.61 -2.86
CA ALA A 147 -18.18 19.83 -2.36
C ALA A 147 -18.51 20.00 -0.87
N PRO A 148 -17.56 20.53 -0.08
CA PRO A 148 -16.21 20.99 -0.41
C PRO A 148 -15.16 19.91 -0.64
N LEU A 149 -15.53 18.64 -0.65
CA LEU A 149 -14.51 17.63 -0.92
C LEU A 149 -14.09 17.78 -2.36
N PRO A 150 -12.79 17.74 -2.64
CA PRO A 150 -12.41 17.87 -4.05
C PRO A 150 -12.78 16.60 -4.80
N CYS A 151 -13.31 16.79 -6.01
CA CYS A 151 -13.72 15.69 -6.86
C CYS A 151 -13.16 16.05 -8.23
N SER A 152 -12.01 15.46 -8.54
CA SER A 152 -11.30 15.74 -9.77
C SER A 152 -11.66 14.81 -10.92
N VAL A 153 -11.73 15.40 -12.11
CA VAL A 153 -12.08 14.65 -13.31
C VAL A 153 -10.89 14.57 -14.26
N TYR A 154 -10.34 13.37 -14.42
CA TYR A 154 -9.22 13.13 -15.32
C TYR A 154 -9.78 12.84 -16.73
N LEU A 155 -9.15 13.37 -17.76
CA LEU A 155 -9.63 13.15 -19.12
C LEU A 155 -8.62 12.39 -19.98
N ILE A 156 -9.09 11.37 -20.70
CA ILE A 156 -8.23 10.60 -21.59
C ILE A 156 -8.66 10.86 -23.04
N GLU A 157 -7.79 11.48 -23.82
CA GLU A 157 -8.12 11.75 -25.23
C GLU A 157 -7.57 10.67 -26.17
N HIS A 158 -6.31 10.27 -25.98
CA HIS A 158 -5.72 9.23 -26.84
C HIS A 158 -6.51 7.92 -26.72
N PRO A 159 -6.91 7.32 -27.85
CA PRO A 159 -7.67 6.06 -27.83
C PRO A 159 -6.92 4.93 -27.15
N SER A 160 -5.59 4.98 -27.23
CA SER A 160 -4.74 3.95 -26.62
C SER A 160 -5.06 3.63 -25.16
N LEU A 161 -4.96 4.64 -24.30
CA LEU A 161 -5.18 4.44 -22.87
C LEU A 161 -6.64 4.33 -22.47
N LYS A 162 -7.54 4.11 -23.43
CA LYS A 162 -8.92 3.99 -23.06
C LYS A 162 -9.75 2.96 -23.81
N TYR A 163 -9.31 2.59 -25.00
CA TYR A 163 -10.09 1.64 -25.80
C TYR A 163 -9.95 0.18 -25.38
N ALA A 164 -9.21 -0.09 -24.31
CA ALA A 164 -9.06 -1.48 -23.86
C ALA A 164 -9.45 -1.65 -22.40
N THR A 165 -10.15 -0.66 -21.81
CA THR A 165 -10.57 -0.74 -20.41
C THR A 165 -11.85 -1.54 -20.20
N THR A 166 -11.98 -2.09 -19.00
CA THR A 166 -13.14 -2.88 -18.62
C THR A 166 -14.44 -2.06 -18.80
N ARG A 167 -14.41 -0.80 -18.38
CA ARG A 167 -15.61 0.02 -18.48
C ARG A 167 -15.96 0.37 -19.92
N SER A 168 -15.05 0.05 -20.84
CA SER A 168 -15.27 0.37 -22.26
C SER A 168 -16.36 -0.44 -22.94
N ILE A 169 -16.84 -1.48 -22.29
CA ILE A 169 -17.91 -2.27 -22.88
C ILE A 169 -19.29 -1.57 -22.85
N ALA A 170 -19.48 -0.66 -21.90
CA ALA A 170 -20.77 0.05 -21.79
C ALA A 170 -20.96 1.17 -22.83
N LYS A 171 -22.20 1.63 -22.96
CA LYS A 171 -22.48 2.74 -23.86
C LYS A 171 -21.77 3.95 -23.23
N TYR A 172 -21.92 4.12 -21.91
CA TYR A 172 -21.29 5.23 -21.17
C TYR A 172 -20.32 4.69 -20.11
N PRO A 173 -19.01 4.81 -20.35
CA PRO A 173 -18.05 4.30 -19.37
C PRO A 173 -17.80 5.33 -18.26
N VAL A 174 -17.64 4.85 -17.04
CA VAL A 174 -17.34 5.73 -15.91
C VAL A 174 -16.32 5.11 -14.95
N GLY A 175 -15.12 5.69 -14.92
CA GLY A 175 -14.10 5.21 -14.00
C GLY A 175 -14.18 5.99 -12.69
N ILE A 176 -14.31 5.29 -11.57
CA ILE A 176 -14.35 5.94 -10.26
C ILE A 176 -13.06 5.53 -9.54
N GLU A 177 -12.24 6.53 -9.23
CA GLU A 177 -10.94 6.32 -8.59
C GLU A 177 -10.92 7.00 -7.22
N VAL A 178 -10.38 6.30 -6.20
CA VAL A 178 -10.26 6.91 -4.87
C VAL A 178 -8.94 6.51 -4.19
N GLY A 179 -8.18 7.52 -3.80
CA GLY A 179 -6.93 7.28 -3.12
C GLY A 179 -6.72 8.43 -2.15
N PRO A 180 -5.65 8.41 -1.35
CA PRO A 180 -4.61 7.39 -1.30
C PRO A 180 -4.98 6.22 -0.40
N GLN A 181 -4.71 5.01 -0.88
CA GLN A 181 -4.98 3.81 -0.08
C GLN A 181 -4.03 2.67 -0.46
N PRO A 182 -3.21 2.18 0.51
CA PRO A 182 -2.30 1.08 0.16
C PRO A 182 -3.13 -0.06 -0.41
N HIS A 183 -2.52 -0.87 -1.28
CA HIS A 183 -3.25 -2.01 -1.83
C HIS A 183 -3.46 -3.05 -0.73
N GLY A 184 -4.64 -3.66 -0.71
CA GLY A 184 -4.95 -4.65 0.32
C GLY A 184 -5.39 -3.99 1.62
N VAL A 185 -5.63 -2.69 1.61
CA VAL A 185 -6.09 -1.99 2.83
C VAL A 185 -7.49 -1.40 2.62
N LEU A 186 -8.35 -1.58 3.62
CA LEU A 186 -9.71 -1.02 3.60
C LEU A 186 -9.78 0.10 4.63
N ARG A 187 -9.71 1.35 4.19
CA ARG A 187 -9.83 2.50 5.10
C ARG A 187 -11.30 2.91 5.09
N ALA A 188 -11.87 3.13 6.28
CA ALA A 188 -13.27 3.53 6.38
C ALA A 188 -13.53 4.84 5.61
N ASP A 189 -12.64 5.80 5.76
CA ASP A 189 -12.83 7.09 5.07
C ASP A 189 -12.94 6.90 3.56
N ILE A 190 -12.10 6.02 3.02
CA ILE A 190 -12.13 5.76 1.58
C ILE A 190 -13.44 5.06 1.20
N LEU A 191 -13.87 4.10 2.01
CA LEU A 191 -15.13 3.39 1.74
C LEU A 191 -16.29 4.37 1.68
N ASP A 192 -16.25 5.37 2.57
CA ASP A 192 -17.34 6.33 2.60
C ASP A 192 -17.33 7.30 1.42
N GLN A 193 -16.16 7.83 1.08
CA GLN A 193 -16.10 8.78 -0.03
C GLN A 193 -16.61 8.16 -1.33
N MSE A 194 -15.92 7.13 -1.79
CA MSE A 194 -16.34 6.50 -3.03
C MSE A 194 -17.84 6.28 -3.07
O MSE A 194 -18.51 6.71 -4.01
CB MSE A 194 -15.64 5.15 -3.21
CG MSE A 194 -16.04 4.42 -4.47
SE MSE A 194 -15.19 2.71 -4.62
CE MSE A 194 -16.75 1.72 -5.14
N ARG A 195 -18.38 5.61 -2.04
CA ARG A 195 -19.80 5.29 -1.99
C ARG A 195 -20.68 6.51 -2.22
N ARG A 196 -20.32 7.66 -1.64
CA ARG A 196 -21.11 8.87 -1.87
C ARG A 196 -21.02 9.18 -3.37
N MSE A 197 -19.95 8.75 -4.01
CA MSE A 197 -19.83 9.01 -5.43
C MSE A 197 -20.83 8.13 -6.17
O MSE A 197 -21.47 8.57 -7.14
CB MSE A 197 -18.40 8.72 -5.91
CG MSE A 197 -17.37 9.56 -5.20
SE MSE A 197 -15.61 8.95 -5.62
CE MSE A 197 -15.57 9.70 -7.43
N LEU A 198 -21.00 6.90 -5.71
CA LEU A 198 -21.95 6.02 -6.38
C LEU A 198 -23.37 6.39 -5.99
N LYS A 199 -23.54 6.95 -4.80
CA LYS A 199 -24.87 7.34 -4.40
C LYS A 199 -25.36 8.47 -5.30
N HIS A 200 -24.54 9.50 -5.47
CA HIS A 200 -24.96 10.63 -6.30
C HIS A 200 -25.05 10.28 -7.79
N ALA A 201 -24.15 9.41 -8.27
CA ALA A 201 -24.19 9.01 -9.68
C ALA A 201 -25.47 8.22 -9.98
N LEU A 202 -25.89 7.36 -9.07
CA LEU A 202 -27.11 6.58 -9.30
C LEU A 202 -28.34 7.49 -9.23
N ASP A 203 -28.32 8.42 -8.28
CA ASP A 203 -29.40 9.39 -8.12
C ASP A 203 -29.52 10.24 -9.38
N PHE A 204 -28.38 10.58 -9.98
CA PHE A 204 -28.34 11.38 -11.21
C PHE A 204 -29.18 10.69 -12.27
N ILE A 205 -28.73 9.49 -12.65
CA ILE A 205 -29.41 8.71 -13.66
C ILE A 205 -30.88 8.44 -13.28
N GLN A 206 -31.16 8.26 -11.99
CA GLN A 206 -32.53 8.00 -11.58
C GLN A 206 -33.40 9.23 -11.83
N ARG A 207 -32.90 10.41 -11.45
CA ARG A 207 -33.65 11.64 -11.69
C ARG A 207 -33.80 11.80 -13.19
N PHE A 208 -32.67 11.69 -13.91
CA PHE A 208 -32.65 11.83 -15.36
C PHE A 208 -33.72 11.01 -16.08
N ASN A 209 -33.79 9.72 -15.74
CA ASN A 209 -34.79 8.82 -16.35
C ASN A 209 -36.21 9.37 -16.23
N GLU A 210 -36.56 9.78 -15.02
CA GLU A 210 -37.88 10.30 -14.71
C GLU A 210 -38.02 11.72 -15.21
N GLY A 211 -36.93 12.22 -15.78
CA GLY A 211 -36.91 13.56 -16.32
C GLY A 211 -36.29 14.64 -15.46
N LYS A 212 -35.61 15.56 -16.15
CA LYS A 212 -34.94 16.73 -15.58
C LYS A 212 -34.06 17.38 -16.66
N GLU A 213 -34.24 18.69 -16.88
CA GLU A 213 -33.44 19.39 -17.89
C GLU A 213 -32.22 20.06 -17.28
N PHE A 214 -31.10 20.04 -18.02
CA PHE A 214 -29.84 20.63 -17.57
C PHE A 214 -29.25 21.75 -18.43
N PRO A 215 -29.12 22.96 -17.85
CA PRO A 215 -28.57 24.13 -18.53
C PRO A 215 -27.08 23.97 -18.81
N PRO A 216 -26.48 24.93 -19.54
CA PRO A 216 -25.05 24.88 -19.86
C PRO A 216 -24.18 24.81 -18.61
N CYS A 217 -23.02 24.15 -18.72
CA CYS A 217 -22.10 24.00 -17.60
C CYS A 217 -20.64 23.89 -18.07
N ALA A 218 -19.71 24.05 -17.13
CA ALA A 218 -18.27 23.95 -17.42
C ALA A 218 -17.54 23.27 -16.25
N ILE A 219 -16.69 22.28 -16.56
CA ILE A 219 -15.96 21.60 -15.49
C ILE A 219 -14.48 21.81 -15.69
N ASP A 220 -13.72 21.69 -14.61
CA ASP A 220 -12.26 21.77 -14.66
C ASP A 220 -11.87 20.33 -14.97
N VAL A 221 -10.89 20.13 -15.85
CA VAL A 221 -10.42 18.80 -16.21
C VAL A 221 -8.91 18.80 -16.49
N TYR A 222 -8.29 17.63 -16.36
CA TYR A 222 -6.85 17.48 -16.58
C TYR A 222 -6.63 16.34 -17.54
N LYS A 223 -5.98 16.66 -18.66
CA LYS A 223 -5.70 15.73 -19.75
C LYS A 223 -4.24 15.35 -19.77
N ILE A 224 -3.96 14.09 -20.06
CA ILE A 224 -2.59 13.65 -20.06
C ILE A 224 -1.73 14.26 -21.17
N MSE A 225 -0.52 14.66 -20.80
CA MSE A 225 0.44 15.23 -21.72
C MSE A 225 1.51 14.19 -21.96
O MSE A 225 1.94 13.97 -23.09
CB MSE A 225 1.08 16.49 -21.13
CG MSE A 225 2.20 17.08 -21.97
SE MSE A 225 3.43 18.29 -21.02
CE MSE A 225 2.36 19.89 -20.99
N GLU A 226 1.94 13.51 -20.88
CA GLU A 226 2.95 12.48 -21.00
C GLU A 226 3.34 11.85 -19.66
N LYS A 227 3.69 10.57 -19.71
CA LYS A 227 4.10 9.81 -18.52
C LYS A 227 5.59 9.99 -18.30
N VAL A 228 5.97 10.38 -17.08
CA VAL A 228 7.38 10.55 -16.74
C VAL A 228 7.82 9.32 -15.97
N ASP A 229 8.91 8.69 -16.39
CA ASP A 229 9.40 7.51 -15.69
C ASP A 229 10.44 7.89 -14.65
N TYR A 230 10.65 6.99 -13.69
CA TYR A 230 11.68 7.18 -12.68
C TYR A 230 13.04 7.08 -13.40
N PRO A 231 14.04 7.85 -12.95
CA PRO A 231 15.37 7.78 -13.57
C PRO A 231 15.81 6.34 -13.25
N ARG A 232 16.62 5.71 -14.09
CA ARG A 232 17.03 4.34 -13.83
C ARG A 232 18.53 4.10 -13.99
N ASN A 233 19.02 3.05 -13.33
CA ASN A 233 20.44 2.71 -13.43
C ASN A 233 20.64 1.78 -14.62
N GLU A 234 21.89 1.52 -14.97
CA GLU A 234 22.21 0.65 -16.10
C GLU A 234 21.76 -0.79 -15.84
N SER A 235 20.66 -0.95 -15.10
CA SER A 235 20.13 -2.26 -14.80
C SER A 235 18.60 -2.29 -14.80
N GLY A 236 17.98 -1.13 -14.97
CA GLY A 236 16.53 -1.09 -15.00
C GLY A 236 15.81 -0.81 -13.69
N ASP A 237 16.54 -0.83 -12.58
CA ASP A 237 15.94 -0.53 -11.28
C ASP A 237 15.99 0.97 -11.04
N VAL A 238 14.91 1.53 -10.50
CA VAL A 238 14.86 2.98 -10.26
C VAL A 238 16.15 3.48 -9.60
N ALA A 239 16.57 4.71 -9.93
CA ALA A 239 17.79 5.29 -9.37
C ALA A 239 17.57 6.29 -8.22
N ALA A 240 16.58 7.19 -8.37
CA ALA A 240 16.27 8.20 -7.34
C ALA A 240 14.89 7.86 -6.79
N VAL A 241 14.18 8.86 -6.26
CA VAL A 241 12.83 8.66 -5.73
C VAL A 241 11.96 9.92 -5.81
N ILE A 242 10.67 9.78 -5.49
CA ILE A 242 9.72 10.91 -5.50
C ILE A 242 10.18 11.97 -4.49
N HIS A 243 10.29 13.21 -4.97
CA HIS A 243 10.73 14.32 -4.11
C HIS A 243 9.62 14.62 -3.10
N PRO A 244 9.98 15.06 -1.88
CA PRO A 244 8.92 15.35 -0.91
C PRO A 244 8.00 16.43 -1.44
N ASN A 245 8.57 17.38 -2.16
CA ASN A 245 7.78 18.49 -2.71
C ASN A 245 6.71 18.00 -3.70
N LEU A 246 6.89 16.81 -4.27
CA LEU A 246 5.92 16.25 -5.21
C LEU A 246 5.07 15.17 -4.52
N GLN A 247 5.74 14.24 -3.84
CA GLN A 247 5.05 13.16 -3.12
C GLN A 247 3.76 13.69 -2.45
N ASP A 248 2.64 13.04 -2.78
CA ASP A 248 1.31 13.37 -2.23
C ASP A 248 0.74 14.70 -2.72
N GLN A 249 1.37 15.28 -3.73
CA GLN A 249 0.88 16.57 -4.22
C GLN A 249 0.26 16.47 -5.59
N ASP A 250 -0.49 15.42 -5.81
CA ASP A 250 -1.19 15.21 -7.07
C ASP A 250 -2.09 16.41 -7.34
N TRP A 251 -2.28 16.73 -8.61
CA TRP A 251 -3.11 17.83 -9.12
C TRP A 251 -2.54 19.22 -8.95
N LYS A 252 -1.45 19.37 -8.18
CA LYS A 252 -0.90 20.71 -7.95
C LYS A 252 0.18 21.09 -8.96
N PRO A 253 0.01 22.24 -9.64
CA PRO A 253 0.91 22.78 -10.66
C PRO A 253 2.37 22.60 -10.32
N LEU A 254 3.10 22.05 -11.29
CA LEU A 254 4.52 21.80 -11.15
C LEU A 254 5.22 22.62 -12.24
N HIS A 255 6.26 23.34 -11.87
CA HIS A 255 7.02 24.17 -12.81
C HIS A 255 8.31 23.49 -13.30
N PRO A 256 8.78 23.86 -14.51
CA PRO A 256 10.00 23.29 -15.10
C PRO A 256 11.20 23.06 -14.17
N GLY A 257 11.37 23.93 -13.17
CA GLY A 257 12.49 23.79 -12.26
C GLY A 257 12.15 23.23 -10.89
N ASP A 258 10.87 22.93 -10.66
CA ASP A 258 10.47 22.39 -9.36
C ASP A 258 11.03 20.98 -9.16
N PRO A 259 11.33 20.61 -7.91
CA PRO A 259 11.87 19.26 -7.69
C PRO A 259 10.83 18.15 -7.83
N VAL A 260 11.21 17.09 -8.53
CA VAL A 260 10.32 15.94 -8.76
C VAL A 260 10.95 14.61 -8.29
N PHE A 261 12.27 14.53 -8.29
CA PHE A 261 12.97 13.33 -7.83
C PHE A 261 14.15 13.66 -6.96
N VAL A 262 14.48 12.77 -6.03
CA VAL A 262 15.65 12.96 -5.18
C VAL A 262 16.46 11.69 -5.14
N SER A 263 17.79 11.82 -5.15
CA SER A 263 18.67 10.66 -5.10
C SER A 263 19.05 10.36 -3.66
N LEU A 264 19.59 9.18 -3.41
CA LEU A 264 20.00 8.80 -2.06
C LEU A 264 21.12 9.75 -1.61
N ASP A 265 21.82 10.34 -2.56
CA ASP A 265 22.90 11.26 -2.21
C ASP A 265 22.35 12.66 -1.99
N GLY A 266 21.06 12.84 -2.28
CA GLY A 266 20.47 14.15 -2.10
C GLY A 266 20.42 15.01 -3.36
N LYS A 267 20.80 14.44 -4.50
CA LYS A 267 20.76 15.17 -5.77
C LYS A 267 19.31 15.30 -6.22
N VAL A 268 18.87 16.52 -6.47
CA VAL A 268 17.49 16.77 -6.91
C VAL A 268 17.41 16.88 -8.43
N ILE A 269 16.36 16.29 -9.01
CA ILE A 269 16.13 16.34 -10.45
C ILE A 269 14.86 17.15 -10.69
N PRO A 270 14.95 18.21 -11.52
CA PRO A 270 13.78 19.06 -11.82
C PRO A 270 12.85 18.52 -12.90
N LEU A 271 11.64 19.07 -12.94
CA LEU A 271 10.62 18.65 -13.91
C LEU A 271 11.14 18.65 -15.33
N GLY A 272 11.61 19.82 -15.78
CA GLY A 272 12.10 19.96 -17.13
C GLY A 272 10.94 20.44 -17.99
N GLY A 273 11.18 20.61 -19.28
CA GLY A 273 10.13 21.08 -20.17
C GLY A 273 10.00 22.58 -20.19
N ASP A 274 8.89 23.08 -20.73
CA ASP A 274 8.70 24.53 -20.81
C ASP A 274 7.39 25.06 -20.20
N CYS A 275 6.48 24.17 -19.82
CA CYS A 275 5.23 24.64 -19.23
C CYS A 275 4.88 23.98 -17.91
N THR A 276 4.02 24.64 -17.15
CA THR A 276 3.57 24.12 -15.87
C THR A 276 2.65 22.96 -16.17
N VAL A 277 2.76 21.88 -15.40
CA VAL A 277 1.90 20.72 -15.62
C VAL A 277 1.19 20.37 -14.33
N TYR A 278 0.28 19.40 -14.41
CA TYR A 278 -0.46 18.95 -13.24
C TYR A 278 -0.15 17.47 -13.15
N PRO A 279 0.55 17.05 -12.09
CA PRO A 279 0.93 15.64 -11.92
C PRO A 279 -0.14 14.78 -11.28
N VAL A 280 -0.49 13.68 -11.95
CA VAL A 280 -1.47 12.73 -11.41
C VAL A 280 -0.80 11.38 -11.22
N PHE A 281 -1.39 10.57 -10.36
CA PHE A 281 -0.88 9.24 -10.02
C PHE A 281 0.60 9.30 -9.67
N VAL A 282 0.89 10.04 -8.61
CA VAL A 282 2.25 10.19 -8.12
C VAL A 282 2.61 9.02 -7.19
N ASN A 283 3.64 8.27 -7.58
CA ASN A 283 4.15 7.15 -6.80
C ASN A 283 3.23 5.92 -6.83
N GLU A 284 2.16 5.95 -7.63
CA GLU A 284 1.26 4.80 -7.72
C GLU A 284 2.08 3.50 -7.77
N ALA A 285 1.85 2.58 -6.83
CA ALA A 285 2.62 1.33 -6.81
C ALA A 285 2.56 0.48 -8.09
N ALA A 286 1.35 0.22 -8.59
CA ALA A 286 1.19 -0.62 -9.77
C ALA A 286 1.90 -0.06 -11.00
N TYR A 287 2.23 1.22 -10.95
CA TYR A 287 2.86 1.88 -12.08
C TYR A 287 4.39 1.83 -12.16
N TYR A 288 5.05 1.25 -11.17
CA TYR A 288 6.49 1.14 -11.26
C TYR A 288 6.85 0.26 -12.48
N GLU A 289 6.15 -0.87 -12.65
CA GLU A 289 6.45 -1.77 -13.76
C GLU A 289 5.95 -1.21 -15.08
N LYS A 290 5.17 -0.13 -15.03
CA LYS A 290 4.65 0.50 -16.24
C LYS A 290 5.53 1.69 -16.63
N LYS A 291 6.57 1.93 -15.84
CA LYS A 291 7.52 3.03 -16.07
C LYS A 291 6.87 4.42 -15.98
N GLU A 292 5.97 4.57 -15.02
CA GLU A 292 5.28 5.83 -14.79
C GLU A 292 5.40 6.24 -13.32
N ALA A 293 6.28 7.21 -13.04
CA ALA A 293 6.45 7.72 -11.68
C ALA A 293 5.24 8.65 -11.43
N PHE A 294 4.74 9.24 -12.50
CA PHE A 294 3.56 10.11 -12.47
C PHE A 294 3.22 10.49 -13.92
N ALA A 295 2.09 11.13 -14.12
CA ALA A 295 1.69 11.56 -15.46
C ALA A 295 1.52 13.08 -15.51
N LYS A 296 2.34 13.73 -16.34
CA LYS A 296 2.24 15.18 -16.49
C LYS A 296 1.06 15.49 -17.39
N THR A 297 0.09 16.23 -16.85
CA THR A 297 -1.12 16.59 -17.59
C THR A 297 -1.20 18.09 -17.87
N THR A 298 -2.12 18.45 -18.76
CA THR A 298 -2.36 19.85 -19.14
C THR A 298 -3.78 20.15 -18.66
N LYS A 299 -4.02 21.36 -18.16
CA LYS A 299 -5.34 21.75 -17.67
C LYS A 299 -6.17 22.51 -18.69
N LEU A 300 -7.50 22.53 -18.49
CA LEU A 300 -8.41 23.24 -19.39
C LEU A 300 -9.85 22.96 -19.00
N THR A 301 -10.72 23.97 -19.03
CA THR A 301 -12.11 23.75 -18.67
C THR A 301 -12.82 23.07 -19.84
N LEU A 302 -13.79 22.22 -19.55
CA LEU A 302 -14.56 21.55 -20.60
C LEU A 302 -15.81 22.38 -20.74
N ASN A 303 -16.42 22.32 -21.93
CA ASN A 303 -17.62 23.07 -22.18
C ASN A 303 -18.66 22.19 -22.86
N ALA A 304 -19.86 22.13 -22.27
CA ALA A 304 -20.94 21.32 -22.82
C ALA A 304 -22.26 22.07 -22.85
N LYS A 305 -23.07 21.74 -23.85
CA LYS A 305 -24.37 22.37 -24.04
C LYS A 305 -25.39 21.74 -23.10
N SER A 306 -26.60 22.29 -23.10
CA SER A 306 -27.68 21.77 -22.25
C SER A 306 -27.97 20.34 -22.68
N ILE A 307 -28.68 19.59 -21.84
CA ILE A 307 -29.02 18.21 -22.13
C ILE A 307 -30.45 17.92 -21.68
N ARG A 308 -31.01 16.81 -22.15
CA ARG A 308 -32.35 16.41 -21.80
C ARG A 308 -32.68 15.03 -22.41
N SER A 309 -33.40 14.21 -21.64
CA SER A 309 -33.78 12.90 -22.10
C SER A 309 -34.83 12.98 -23.19
N THR A 310 -35.02 11.88 -23.92
CA THR A 310 -36.02 11.80 -24.99
C THR A 310 -37.31 11.18 -24.44
N CYS B 4 27.70 -3.03 36.41
CA CYS B 4 27.97 -2.92 34.94
C CYS B 4 28.09 -4.24 34.17
N VAL B 5 27.53 -4.27 32.97
CA VAL B 5 27.58 -5.45 32.12
C VAL B 5 28.70 -5.29 31.09
N ALA B 6 29.65 -6.22 31.07
CA ALA B 6 30.73 -6.16 30.10
C ALA B 6 30.38 -7.06 28.93
N GLU B 7 30.92 -6.76 27.75
CA GLU B 7 30.63 -7.57 26.57
C GLU B 7 31.75 -7.48 25.53
N GLU B 8 31.84 -8.52 24.70
CA GLU B 8 32.87 -8.56 23.68
C GLU B 8 32.66 -7.48 22.61
N PRO B 9 33.75 -7.10 21.92
CA PRO B 9 33.68 -6.08 20.86
C PRO B 9 32.75 -6.59 19.77
N ILE B 10 31.57 -5.99 19.62
CA ILE B 10 30.65 -6.42 18.57
C ILE B 10 31.41 -6.23 17.27
N LYS B 11 31.68 -7.31 16.55
CA LYS B 11 32.43 -7.22 15.31
C LYS B 11 31.65 -7.49 14.02
N LYS B 12 30.79 -8.50 14.05
CA LYS B 12 30.02 -8.89 12.88
C LYS B 12 28.65 -8.22 12.86
N ILE B 13 28.34 -7.55 11.75
CA ILE B 13 27.07 -6.84 11.57
C ILE B 13 26.48 -7.11 10.21
N ALA B 14 25.25 -7.60 10.15
CA ALA B 14 24.60 -7.83 8.87
C ALA B 14 23.33 -7.01 8.83
N ILE B 15 23.09 -6.27 7.74
CA ILE B 15 21.85 -5.51 7.58
C ILE B 15 21.06 -6.21 6.48
N PHE B 16 19.92 -6.78 6.86
CA PHE B 16 19.08 -7.52 5.93
C PHE B 16 18.00 -6.61 5.32
N GLY B 17 17.81 -6.73 4.01
CA GLY B 17 16.80 -5.98 3.30
C GLY B 17 16.01 -6.91 2.39
N GLY B 18 14.73 -6.61 2.20
CA GLY B 18 13.92 -7.45 1.32
C GLY B 18 13.56 -8.84 1.81
N THR B 19 13.37 -9.02 3.11
CA THR B 19 12.97 -10.33 3.66
C THR B 19 11.52 -10.54 3.20
N HIS B 20 10.89 -9.43 2.81
CA HIS B 20 9.53 -9.38 2.24
C HIS B 20 9.86 -8.45 1.06
N GLY B 21 9.83 -9.01 -0.14
CA GLY B 21 10.24 -8.31 -1.34
C GLY B 21 9.59 -7.02 -1.80
N ASN B 22 8.42 -6.70 -1.25
CA ASN B 22 7.71 -5.49 -1.63
C ASN B 22 7.81 -4.37 -0.60
N GLU B 23 8.64 -4.55 0.44
CA GLU B 23 8.84 -3.53 1.46
C GLU B 23 10.15 -2.88 0.95
N LEU B 24 9.94 -1.98 -0.01
CA LEU B 24 11.01 -1.36 -0.76
C LEU B 24 12.07 -0.55 -0.04
N THR B 25 11.77 0.03 1.10
CA THR B 25 12.77 0.84 1.79
C THR B 25 14.05 0.04 2.05
N GLY B 26 13.90 -1.10 2.73
CA GLY B 26 15.07 -1.93 3.01
C GLY B 26 15.67 -2.50 1.73
N VAL B 27 14.86 -2.60 0.68
CA VAL B 27 15.38 -3.10 -0.60
C VAL B 27 16.31 -2.05 -1.18
N PHE B 28 15.73 -0.89 -1.47
CA PHE B 28 16.46 0.21 -2.10
C PHE B 28 17.71 0.63 -1.31
N LEU B 29 17.66 0.49 0.01
CA LEU B 29 18.82 0.87 0.84
C LEU B 29 19.85 -0.24 0.85
N VAL B 30 19.43 -1.45 1.17
CA VAL B 30 20.36 -2.58 1.21
C VAL B 30 21.03 -2.81 -0.14
N THR B 31 20.24 -2.86 -1.21
CA THR B 31 20.79 -3.08 -2.56
C THR B 31 21.90 -2.09 -2.88
N HIS B 32 21.61 -0.81 -2.71
CA HIS B 32 22.59 0.27 -2.97
C HIS B 32 23.88 0.01 -2.20
N TRP B 33 23.74 -0.38 -0.94
CA TRP B 33 24.91 -0.62 -0.11
C TRP B 33 25.74 -1.84 -0.56
N LEU B 34 25.13 -2.76 -1.30
CA LEU B 34 25.88 -3.91 -1.79
C LEU B 34 26.93 -3.47 -2.78
N LYS B 35 26.66 -2.35 -3.45
CA LYS B 35 27.56 -1.78 -4.44
C LYS B 35 28.42 -0.64 -3.90
N ASN B 36 27.87 0.13 -2.96
CA ASN B 36 28.58 1.28 -2.38
C ASN B 36 28.02 1.60 -1.00
N GLY B 37 28.87 1.72 0.02
CA GLY B 37 28.31 1.99 1.33
C GLY B 37 29.09 2.73 2.40
N ALA B 38 29.54 3.94 2.09
CA ALA B 38 30.28 4.75 3.06
C ALA B 38 29.37 5.20 4.21
N GLU B 39 28.10 5.42 3.91
CA GLU B 39 27.16 5.84 4.94
C GLU B 39 27.20 4.88 6.14
N VAL B 40 27.23 3.58 5.88
CA VAL B 40 27.25 2.63 6.98
C VAL B 40 28.65 2.28 7.46
N HIS B 41 29.68 2.68 6.73
CA HIS B 41 31.02 2.37 7.20
C HIS B 41 31.31 3.02 8.58
N ARG B 42 31.87 2.23 9.50
CA ARG B 42 32.28 2.69 10.82
C ARG B 42 33.59 1.98 11.15
N ALA B 43 34.52 2.73 11.76
CA ALA B 43 35.81 2.15 12.13
C ALA B 43 35.60 1.00 13.12
N GLY B 44 36.22 -0.13 12.84
CA GLY B 44 36.12 -1.29 13.69
C GLY B 44 35.18 -2.38 13.22
N LEU B 45 34.08 -1.99 12.57
CA LEU B 45 33.08 -2.93 12.07
C LEU B 45 33.25 -3.33 10.60
N GLU B 46 32.47 -4.33 10.21
CA GLU B 46 32.45 -4.86 8.86
C GLU B 46 30.98 -4.94 8.40
N VAL B 47 30.25 -3.83 8.46
CA VAL B 47 28.84 -3.84 8.07
C VAL B 47 28.59 -4.73 6.86
N LYS B 48 27.69 -5.69 7.03
CA LYS B 48 27.35 -6.63 5.97
C LYS B 48 25.90 -6.54 5.47
N PRO B 49 25.61 -5.66 4.49
CA PRO B 49 24.24 -5.57 3.98
C PRO B 49 23.95 -6.91 3.30
N PHE B 50 22.69 -7.26 3.12
CA PHE B 50 22.32 -8.52 2.48
C PHE B 50 20.84 -8.54 2.09
N ILE B 51 20.55 -8.88 0.83
CA ILE B 51 19.14 -8.98 0.40
C ILE B 51 18.77 -10.42 0.71
N THR B 52 17.75 -10.59 1.55
CA THR B 52 17.39 -11.93 1.98
C THR B 52 16.47 -12.76 1.12
N ASN B 53 15.42 -12.15 0.57
CA ASN B 53 14.50 -12.92 -0.26
C ASN B 53 14.53 -12.37 -1.68
N PRO B 54 15.63 -12.64 -2.41
CA PRO B 54 15.72 -12.14 -3.79
C PRO B 54 14.58 -12.59 -4.68
N ARG B 55 14.06 -13.80 -4.46
CA ARG B 55 12.95 -14.31 -5.29
C ARG B 55 11.67 -13.50 -5.04
N ALA B 56 11.31 -13.29 -3.78
CA ALA B 56 10.10 -12.53 -3.48
C ALA B 56 10.29 -11.09 -3.95
N VAL B 57 11.50 -10.58 -3.80
CA VAL B 57 11.80 -9.22 -4.22
C VAL B 57 11.62 -9.12 -5.75
N GLU B 58 12.03 -10.15 -6.47
CA GLU B 58 11.93 -10.12 -7.92
C GLU B 58 10.48 -9.92 -8.36
N LYS B 59 9.53 -10.38 -7.55
CA LYS B 59 8.10 -10.24 -7.89
C LYS B 59 7.33 -9.25 -7.02
N CYS B 60 8.05 -8.32 -6.37
CA CYS B 60 7.49 -7.32 -5.46
C CYS B 60 6.31 -7.92 -4.68
N THR B 61 6.54 -9.11 -4.14
CA THR B 61 5.53 -9.83 -3.36
C THR B 61 6.12 -10.11 -1.98
N ARG B 62 5.26 -10.41 -1.00
CA ARG B 62 5.77 -10.68 0.36
C ARG B 62 6.57 -11.98 0.47
N TYR B 63 5.99 -13.09 0.02
CA TYR B 63 6.67 -14.38 0.05
C TYR B 63 6.19 -15.30 -1.07
N ILE B 64 7.04 -16.26 -1.42
CA ILE B 64 6.74 -17.21 -2.49
C ILE B 64 5.82 -18.34 -2.05
N ASP B 65 6.19 -19.04 -0.99
CA ASP B 65 5.36 -20.14 -0.49
C ASP B 65 4.99 -19.91 0.98
N CYS B 66 6.00 -19.62 1.79
CA CYS B 66 5.78 -19.36 3.21
C CYS B 66 6.49 -18.07 3.61
N ASP B 67 6.03 -17.46 4.70
CA ASP B 67 6.59 -16.21 5.22
C ASP B 67 8.04 -16.47 5.63
N LEU B 68 9.00 -15.83 4.96
CA LEU B 68 10.41 -16.04 5.30
C LEU B 68 10.71 -15.70 6.76
N ASN B 69 9.91 -14.80 7.33
CA ASN B 69 10.08 -14.39 8.72
C ASN B 69 9.39 -15.36 9.69
N ARG B 70 9.01 -16.53 9.17
CA ARG B 70 8.35 -17.54 10.00
C ARG B 70 9.04 -18.91 9.90
N VAL B 71 10.07 -19.03 9.09
CA VAL B 71 10.72 -20.32 8.93
C VAL B 71 12.13 -20.51 9.48
N PHE B 72 12.48 -19.76 10.53
CA PHE B 72 13.80 -19.91 11.11
C PHE B 72 13.79 -20.71 12.41
N ASP B 73 13.00 -21.78 12.39
CA ASP B 73 12.89 -22.67 13.54
C ASP B 73 13.85 -23.83 13.25
N LEU B 74 14.30 -24.52 14.30
CA LEU B 74 15.22 -25.64 14.15
C LEU B 74 14.67 -26.68 13.19
N GLU B 75 13.40 -27.03 13.38
CA GLU B 75 12.75 -28.00 12.51
C GLU B 75 12.97 -27.60 11.05
N ASN B 76 12.41 -26.46 10.66
CA ASN B 76 12.56 -25.99 9.28
C ASN B 76 14.01 -25.84 8.82
N LEU B 77 14.88 -25.40 9.72
CA LEU B 77 16.29 -25.20 9.40
C LEU B 77 17.07 -26.52 9.33
N SER B 78 16.41 -27.62 9.67
CA SER B 78 17.07 -28.91 9.62
C SER B 78 16.38 -29.84 8.62
N LYS B 79 15.34 -29.33 7.96
CA LYS B 79 14.61 -30.10 6.96
C LYS B 79 15.58 -30.54 5.86
N GLU B 80 15.28 -31.70 5.25
CA GLU B 80 16.12 -32.24 4.18
C GLU B 80 15.71 -31.73 2.80
N MSE B 81 16.71 -31.46 1.97
CA MSE B 81 16.51 -30.96 0.62
C MSE B 81 15.71 -31.95 -0.22
O MSE B 81 15.72 -33.16 0.05
CB MSE B 81 17.86 -30.67 -0.05
CG MSE B 81 17.79 -30.26 -1.52
SE MSE B 81 17.05 -28.50 -1.80
CE MSE B 81 18.56 -27.46 -1.22
N SER B 82 15.05 -31.44 -1.26
CA SER B 82 14.25 -32.26 -2.16
C SER B 82 13.76 -31.44 -3.36
N GLU B 83 13.26 -32.13 -4.39
CA GLU B 83 12.77 -31.44 -5.58
C GLU B 83 11.50 -30.68 -5.21
N ASP B 84 11.01 -30.93 -4.00
CA ASP B 84 9.80 -30.27 -3.52
C ASP B 84 10.00 -29.75 -2.09
N LEU B 85 10.15 -28.43 -1.99
CA LEU B 85 10.35 -27.79 -0.69
C LEU B 85 10.04 -26.30 -0.76
N PRO B 86 9.27 -25.78 0.21
CA PRO B 86 8.93 -24.35 0.21
C PRO B 86 10.21 -23.53 0.04
N TYR B 87 10.20 -22.65 -0.95
CA TYR B 87 11.38 -21.83 -1.21
C TYR B 87 11.94 -21.18 0.06
N GLU B 88 11.08 -20.45 0.78
CA GLU B 88 11.52 -19.77 1.99
C GLU B 88 12.21 -20.69 2.99
N VAL B 89 11.85 -21.98 3.00
CA VAL B 89 12.52 -22.88 3.93
C VAL B 89 13.96 -23.14 3.48
N ARG B 90 14.18 -23.37 2.19
CA ARG B 90 15.56 -23.60 1.72
C ARG B 90 16.36 -22.32 1.93
N ARG B 91 15.73 -21.17 1.68
CA ARG B 91 16.43 -19.90 1.84
C ARG B 91 16.80 -19.67 3.31
N ALA B 92 15.89 -20.00 4.22
CA ALA B 92 16.21 -19.82 5.63
C ALA B 92 17.38 -20.73 6.02
N GLN B 93 17.51 -21.85 5.33
CA GLN B 93 18.60 -22.77 5.67
C GLN B 93 19.94 -22.17 5.24
N GLU B 94 19.96 -21.51 4.08
CA GLU B 94 21.19 -20.88 3.62
C GLU B 94 21.54 -19.69 4.51
N ILE B 95 20.53 -18.94 4.91
CA ILE B 95 20.74 -17.77 5.76
C ILE B 95 21.23 -18.22 7.13
N ASN B 96 20.62 -19.26 7.67
CA ASN B 96 21.04 -19.75 8.98
C ASN B 96 22.45 -20.31 8.89
N HIS B 97 22.79 -20.87 7.73
CA HIS B 97 24.12 -21.42 7.54
C HIS B 97 25.10 -20.27 7.33
N LEU B 98 24.72 -19.29 6.52
CA LEU B 98 25.59 -18.16 6.24
C LEU B 98 25.82 -17.20 7.40
N PHE B 99 24.73 -16.71 7.98
CA PHE B 99 24.80 -15.73 9.04
C PHE B 99 24.68 -16.29 10.44
N GLY B 100 24.58 -17.60 10.53
CA GLY B 100 24.50 -18.25 11.82
C GLY B 100 25.71 -19.15 11.94
N PRO B 101 25.52 -20.43 12.30
CA PRO B 101 24.22 -21.08 12.56
C PRO B 101 23.56 -20.49 13.79
N LYS B 102 22.23 -20.44 13.79
CA LYS B 102 21.47 -19.92 14.92
C LYS B 102 21.90 -20.65 16.19
N ASN B 103 22.28 -19.89 17.21
CA ASN B 103 22.72 -20.42 18.50
C ASN B 103 24.18 -20.95 18.51
N SER B 104 25.00 -20.44 17.60
CA SER B 104 26.40 -20.81 17.52
C SER B 104 27.26 -19.57 17.68
N ASP B 105 28.54 -19.79 17.95
CA ASP B 105 29.46 -18.68 18.17
C ASP B 105 30.04 -18.06 16.91
N ASP B 106 29.83 -18.72 15.77
CA ASP B 106 30.30 -18.20 14.48
C ASP B 106 29.26 -17.24 13.91
N ALA B 107 28.18 -17.03 14.66
CA ALA B 107 27.12 -16.14 14.22
C ALA B 107 27.60 -14.69 14.27
N TYR B 108 26.95 -13.82 13.50
CA TYR B 108 27.32 -12.40 13.46
C TYR B 108 26.96 -11.81 14.82
N ASP B 109 27.52 -10.65 15.16
CA ASP B 109 27.20 -10.08 16.46
C ASP B 109 25.83 -9.37 16.43
N VAL B 110 25.60 -8.54 15.43
CA VAL B 110 24.33 -7.81 15.30
C VAL B 110 23.76 -7.90 13.90
N VAL B 111 22.45 -8.07 13.81
CA VAL B 111 21.81 -8.09 12.51
C VAL B 111 20.59 -7.19 12.63
N PHE B 112 20.38 -6.36 11.61
CA PHE B 112 19.22 -5.48 11.53
C PHE B 112 18.40 -6.05 10.38
N ASP B 113 17.12 -6.33 10.63
CA ASP B 113 16.22 -6.86 9.58
C ASP B 113 15.23 -5.70 9.36
N LEU B 114 15.30 -5.12 8.17
CA LEU B 114 14.51 -3.95 7.81
C LEU B 114 13.07 -4.26 7.34
N HIS B 115 12.11 -3.48 7.84
CA HIS B 115 10.71 -3.67 7.50
C HIS B 115 9.89 -2.38 7.35
N ASN B 116 8.84 -2.45 6.53
CA ASN B 116 7.93 -1.33 6.32
C ASN B 116 6.52 -1.78 6.72
N THR B 117 5.68 -0.82 7.08
CA THR B 117 4.29 -1.14 7.43
C THR B 117 3.33 -0.10 6.87
N THR B 118 2.13 -0.55 6.51
CA THR B 118 1.09 0.35 6.04
C THR B 118 0.45 0.99 7.29
N SER B 119 0.85 0.54 8.47
CA SER B 119 0.33 1.10 9.74
C SER B 119 1.04 2.43 10.05
N ASN B 120 0.35 3.32 10.75
CA ASN B 120 0.93 4.62 11.06
C ASN B 120 1.79 4.56 12.32
N MSE B 121 2.91 3.84 12.24
CA MSE B 121 3.76 3.67 13.41
C MSE B 121 5.02 4.51 13.47
O MSE B 121 5.66 4.56 14.53
CB MSE B 121 4.17 2.20 13.54
CG MSE B 121 3.02 1.26 13.81
SE MSE B 121 3.56 -0.58 13.59
CE MSE B 121 4.26 -0.92 15.36
N GLY B 122 5.39 5.16 12.37
CA GLY B 122 6.62 5.92 12.38
C GLY B 122 7.80 4.98 12.61
N CYS B 123 8.96 5.53 12.97
CA CYS B 123 10.16 4.70 13.25
C CYS B 123 9.86 3.79 14.43
N THR B 124 10.03 2.48 14.26
CA THR B 124 9.74 1.52 15.32
C THR B 124 10.85 0.49 15.55
N LEU B 125 11.36 0.42 16.79
CA LEU B 125 12.40 -0.51 17.17
C LEU B 125 11.76 -1.75 17.79
N ILE B 126 12.21 -2.94 17.39
CA ILE B 126 11.67 -4.19 17.91
C ILE B 126 12.70 -4.92 18.74
N LEU B 127 12.36 -5.14 20.00
CA LEU B 127 13.23 -5.78 20.97
C LEU B 127 12.74 -7.21 21.20
N GLY B 128 13.65 -8.16 21.37
CA GLY B 128 13.23 -9.54 21.58
C GLY B 128 13.43 -10.04 23.01
N ASP B 129 13.79 -9.16 23.93
CA ASP B 129 14.02 -9.55 25.34
C ASP B 129 14.11 -8.33 26.25
N SER B 130 13.28 -8.31 27.29
CA SER B 130 13.26 -7.19 28.22
C SER B 130 14.49 -7.11 29.10
N GLY B 131 15.27 -8.19 29.14
CA GLY B 131 16.47 -8.19 29.96
C GLY B 131 17.75 -7.99 29.13
N ASN B 132 17.63 -7.55 27.89
CA ASN B 132 18.83 -7.38 27.05
C ASN B 132 19.45 -6.00 27.27
N ASP B 133 20.42 -5.92 28.17
CA ASP B 133 21.07 -4.64 28.46
C ASP B 133 21.69 -3.98 27.24
N PHE B 134 22.39 -4.75 26.42
CA PHE B 134 23.04 -4.16 25.23
C PHE B 134 22.01 -3.50 24.31
N LEU B 135 21.01 -4.29 23.90
CA LEU B 135 19.97 -3.75 23.03
C LEU B 135 19.18 -2.62 23.66
N ILE B 136 18.93 -2.70 24.96
CA ILE B 136 18.19 -1.63 25.63
C ILE B 136 18.98 -0.33 25.54
N GLN B 137 20.26 -0.39 25.91
CA GLN B 137 21.11 0.80 25.83
C GLN B 137 21.01 1.43 24.43
N MSE B 138 21.29 0.64 23.40
CA MSE B 138 21.21 1.12 22.01
C MSE B 138 19.88 1.82 21.71
O MSE B 138 19.84 2.89 21.08
CB MSE B 138 21.34 -0.06 21.04
CG MSE B 138 21.09 0.31 19.57
SE MSE B 138 20.72 -1.29 18.54
CE MSE B 138 22.43 -2.19 18.79
N PHE B 139 18.78 1.20 22.11
CA PHE B 139 17.47 1.80 21.82
C PHE B 139 17.36 3.15 22.54
N HIS B 140 17.91 3.23 23.74
CA HIS B 140 17.88 4.50 24.48
C HIS B 140 18.74 5.50 23.70
N TYR B 141 19.88 5.04 23.20
CA TYR B 141 20.78 5.90 22.41
C TYR B 141 20.09 6.43 21.15
N ILE B 142 19.56 5.52 20.33
CA ILE B 142 18.90 5.93 19.09
C ILE B 142 17.78 6.92 19.38
N LYS B 143 16.94 6.61 20.36
CA LYS B 143 15.85 7.52 20.73
C LYS B 143 16.39 8.90 21.09
N THR B 144 17.48 8.91 21.86
CA THR B 144 18.11 10.15 22.30
C THR B 144 18.65 10.94 21.13
N CYS B 145 19.32 10.24 20.21
CA CYS B 145 19.92 10.94 19.07
C CYS B 145 18.93 11.51 18.08
N MSE B 146 17.93 10.71 17.70
CA MSE B 146 16.95 11.16 16.73
C MSE B 146 15.94 12.18 17.25
O MSE B 146 15.21 12.76 16.46
CB MSE B 146 16.23 9.95 16.11
CG MSE B 146 17.04 9.33 15.01
SE MSE B 146 16.34 7.70 14.26
CE MSE B 146 14.83 8.44 13.27
N ALA B 147 15.89 12.36 18.57
CA ALA B 147 14.95 13.30 19.18
C ALA B 147 15.04 14.67 18.46
N PRO B 148 13.93 15.42 18.37
CA PRO B 148 12.61 15.05 18.88
C PRO B 148 11.76 14.14 17.98
N LEU B 149 12.39 13.54 16.97
CA LEU B 149 11.64 12.62 16.10
C LEU B 149 11.47 11.32 16.88
N PRO B 150 10.21 10.96 17.23
CA PRO B 150 9.91 9.73 17.99
C PRO B 150 10.41 8.43 17.34
N CYS B 151 10.83 7.48 18.17
CA CYS B 151 11.33 6.17 17.70
C CYS B 151 10.83 5.16 18.74
N SER B 152 9.60 4.69 18.53
CA SER B 152 8.91 3.78 19.43
C SER B 152 9.49 2.39 19.53
N VAL B 153 9.39 1.78 20.71
CA VAL B 153 9.92 0.43 20.90
C VAL B 153 8.79 -0.57 21.17
N TYR B 154 8.75 -1.61 20.34
CA TYR B 154 7.74 -2.67 20.45
C TYR B 154 8.45 -3.94 20.96
N LEU B 155 8.05 -4.41 22.13
CA LEU B 155 8.63 -5.60 22.75
C LEU B 155 7.80 -6.85 22.43
N ILE B 156 8.33 -7.70 21.57
CA ILE B 156 7.69 -8.95 21.15
C ILE B 156 8.52 -10.01 21.87
N GLU B 157 8.04 -10.46 23.03
CA GLU B 157 8.80 -11.39 23.86
C GLU B 157 8.54 -12.92 23.77
N HIS B 158 7.28 -13.33 23.72
CA HIS B 158 6.94 -14.77 23.66
C HIS B 158 7.73 -15.56 22.58
N PRO B 159 8.19 -16.78 22.93
CA PRO B 159 8.96 -17.65 22.04
C PRO B 159 8.32 -17.94 20.68
N SER B 160 7.03 -18.26 20.68
CA SER B 160 6.33 -18.57 19.45
C SER B 160 6.12 -17.34 18.57
N LEU B 161 6.67 -16.20 19.00
CA LEU B 161 6.55 -14.95 18.26
C LEU B 161 7.91 -14.46 17.78
N LYS B 162 8.96 -15.21 18.09
CA LYS B 162 10.31 -14.82 17.71
C LYS B 162 11.19 -15.95 17.19
N TYR B 163 10.96 -17.17 17.69
CA TYR B 163 11.76 -18.32 17.31
C TYR B 163 11.88 -18.62 15.82
N ALA B 164 11.01 -18.05 14.99
CA ALA B 164 11.08 -18.34 13.57
C ALA B 164 11.39 -17.13 12.70
N THR B 165 11.69 -16.00 13.32
CA THR B 165 11.99 -14.78 12.57
C THR B 165 13.37 -14.79 11.91
N THR B 166 13.45 -14.10 10.78
CA THR B 166 14.70 -14.00 10.03
C THR B 166 15.84 -13.42 10.89
N ARG B 167 15.53 -12.46 11.74
CA ARG B 167 16.56 -11.83 12.55
C ARG B 167 17.02 -12.70 13.71
N SER B 168 16.15 -13.61 14.13
CA SER B 168 16.46 -14.50 15.26
C SER B 168 17.57 -15.49 14.99
N ILE B 169 18.66 -15.03 14.36
CA ILE B 169 19.83 -15.87 14.08
C ILE B 169 21.11 -15.30 14.72
N ALA B 170 21.17 -13.98 14.86
CA ALA B 170 22.35 -13.32 15.42
C ALA B 170 22.39 -13.36 16.94
N LYS B 171 23.46 -12.83 17.52
CA LYS B 171 23.55 -12.77 18.96
C LYS B 171 22.47 -11.79 19.42
N TYR B 172 22.46 -10.59 18.85
CA TYR B 172 21.47 -9.57 19.20
C TYR B 172 20.63 -9.17 17.98
N PRO B 173 19.51 -9.87 17.76
CA PRO B 173 18.64 -9.56 16.62
C PRO B 173 17.90 -8.23 16.85
N VAL B 174 17.89 -7.38 15.83
CA VAL B 174 17.19 -6.10 15.92
C VAL B 174 16.27 -5.96 14.73
N GLY B 175 15.05 -5.50 14.99
CA GLY B 175 14.14 -5.28 13.89
C GLY B 175 13.94 -3.78 13.75
N ILE B 176 13.98 -3.29 12.50
CA ILE B 176 13.77 -1.87 12.20
C ILE B 176 12.50 -1.79 11.37
N GLU B 177 11.55 -1.00 11.83
CA GLU B 177 10.25 -0.91 11.19
C GLU B 177 9.83 0.54 10.98
N VAL B 178 9.44 0.89 9.75
CA VAL B 178 9.03 2.26 9.51
C VAL B 178 7.77 2.26 8.65
N GLY B 179 6.79 3.06 9.08
CA GLY B 179 5.54 3.20 8.36
C GLY B 179 5.02 4.59 8.66
N PRO B 180 3.93 5.02 8.02
CA PRO B 180 3.17 4.27 7.01
C PRO B 180 3.69 4.40 5.57
N GLN B 181 3.71 3.27 4.86
CA GLN B 181 4.13 3.23 3.46
C GLN B 181 3.45 2.07 2.73
N PRO B 182 2.70 2.38 1.64
CA PRO B 182 2.03 1.31 0.88
C PRO B 182 3.10 0.30 0.41
N HIS B 183 2.86 -1.00 0.48
CA HIS B 183 3.89 -1.91 -0.01
C HIS B 183 4.07 -1.62 -1.50
N GLY B 184 5.27 -1.88 -2.00
CA GLY B 184 5.56 -1.62 -3.41
C GLY B 184 5.64 -0.13 -3.72
N VAL B 185 5.87 0.67 -2.69
CA VAL B 185 5.97 2.14 -2.82
C VAL B 185 7.21 2.69 -2.10
N LEU B 186 7.94 3.60 -2.75
CA LEU B 186 9.08 4.25 -2.13
C LEU B 186 8.75 5.73 -1.84
N ARG B 187 8.73 6.09 -0.56
CA ARG B 187 8.47 7.47 -0.12
C ARG B 187 9.78 7.99 0.43
N ALA B 188 10.50 8.79 -0.36
CA ALA B 188 11.79 9.34 0.06
C ALA B 188 11.88 9.62 1.56
N ASP B 189 10.75 9.93 2.20
CA ASP B 189 10.78 10.18 3.64
C ASP B 189 11.07 8.89 4.38
N ILE B 190 10.26 7.85 4.13
CA ILE B 190 10.49 6.58 4.83
C ILE B 190 11.99 6.31 4.67
N LEU B 191 12.56 6.78 3.56
CA LEU B 191 14.01 6.62 3.35
C LEU B 191 14.74 7.40 4.45
N ASP B 192 14.48 8.71 4.52
CA ASP B 192 15.10 9.58 5.52
C ASP B 192 14.97 9.05 6.95
N GLN B 193 13.78 8.59 7.31
CA GLN B 193 13.57 8.06 8.65
C GLN B 193 14.34 6.76 8.88
N MSE B 194 14.20 5.79 7.99
CA MSE B 194 14.91 4.55 8.21
C MSE B 194 16.42 4.81 8.22
O MSE B 194 17.15 4.14 8.94
CB MSE B 194 14.55 3.51 7.13
CG MSE B 194 15.15 2.16 7.48
SE MSE B 194 14.40 0.73 6.50
CE MSE B 194 12.65 0.68 7.29
N ARG B 195 16.87 5.77 7.42
CA ARG B 195 18.31 6.08 7.38
C ARG B 195 18.70 6.63 8.74
N ARG B 196 17.96 7.61 9.22
CA ARG B 196 18.36 8.17 10.51
C ARG B 196 18.46 7.13 11.61
N MSE B 197 17.74 6.01 11.47
CA MSE B 197 17.83 4.97 12.49
C MSE B 197 19.15 4.20 12.38
O MSE B 197 19.90 4.09 13.36
CB MSE B 197 16.66 3.98 12.35
CG MSE B 197 15.34 4.57 12.80
SE MSE B 197 13.75 3.60 12.27
CE MSE B 197 13.30 2.75 13.96
N LEU B 198 19.45 3.67 11.20
CA LEU B 198 20.69 2.91 11.05
C LEU B 198 21.92 3.73 11.43
N LYS B 199 21.87 5.03 11.17
CA LYS B 199 23.01 5.86 11.52
C LYS B 199 23.32 5.82 13.01
N HIS B 200 22.28 6.06 13.81
CA HIS B 200 22.44 6.05 15.27
C HIS B 200 22.57 4.64 15.81
N ALA B 201 22.16 3.63 15.02
CA ALA B 201 22.30 2.25 15.46
C ALA B 201 23.78 1.86 15.35
N LEU B 202 24.38 2.21 14.22
CA LEU B 202 25.81 1.90 13.99
C LEU B 202 26.69 2.86 14.80
N ASP B 203 26.22 4.09 15.01
CA ASP B 203 26.96 5.07 15.82
C ASP B 203 27.10 4.57 17.26
N PHE B 204 26.02 4.01 17.80
CA PHE B 204 26.05 3.49 19.18
C PHE B 204 27.04 2.33 19.34
N ILE B 205 27.03 1.41 18.39
CA ILE B 205 27.94 0.27 18.50
C ILE B 205 29.40 0.70 18.53
N GLN B 206 29.75 1.71 17.74
CA GLN B 206 31.12 2.22 17.72
C GLN B 206 31.46 2.87 19.05
N ARG B 207 30.60 3.78 19.49
CA ARG B 207 30.87 4.45 20.77
C ARG B 207 31.10 3.39 21.85
N PHE B 208 30.30 2.33 21.81
CA PHE B 208 30.41 1.23 22.78
C PHE B 208 31.77 0.53 22.72
N ASN B 209 32.07 -0.09 21.57
CA ASN B 209 33.36 -0.78 21.44
C ASN B 209 34.52 0.23 21.59
N GLU B 210 34.20 1.51 21.45
CA GLU B 210 35.20 2.57 21.55
C GLU B 210 35.62 2.93 22.99
N GLY B 211 34.71 2.78 23.94
CA GLY B 211 35.06 3.09 25.31
C GLY B 211 34.03 3.89 26.08
N LYS B 212 33.03 4.43 25.39
CA LYS B 212 32.00 5.22 26.06
C LYS B 212 31.42 4.42 27.23
N GLU B 213 31.19 5.07 28.37
CA GLU B 213 30.63 4.34 29.50
C GLU B 213 29.16 4.69 29.67
N PHE B 214 28.32 3.72 29.35
CA PHE B 214 26.88 3.87 29.40
C PHE B 214 26.27 3.53 30.76
N PRO B 215 25.89 4.56 31.54
CA PRO B 215 25.28 4.33 32.85
C PRO B 215 23.88 3.76 32.67
N PRO B 216 23.29 3.19 33.72
CA PRO B 216 21.95 2.62 33.64
C PRO B 216 20.99 3.64 32.99
N CYS B 217 20.29 3.22 31.93
CA CYS B 217 19.37 4.11 31.23
C CYS B 217 17.90 3.85 31.55
N ALA B 218 17.00 4.41 30.76
CA ALA B 218 15.59 4.18 30.98
C ALA B 218 14.92 4.33 29.62
N ILE B 219 13.86 3.56 29.40
CA ILE B 219 13.12 3.59 28.14
C ILE B 219 11.72 3.09 28.37
N ASP B 220 10.84 3.46 27.45
CA ASP B 220 9.45 3.04 27.52
C ASP B 220 9.18 2.26 26.26
N VAL B 221 8.60 1.07 26.41
CA VAL B 221 8.27 0.23 25.26
C VAL B 221 6.82 -0.21 25.39
N TYR B 222 6.32 -0.81 24.32
CA TYR B 222 4.96 -1.32 24.27
C TYR B 222 5.03 -2.83 24.09
N LYS B 223 4.58 -3.57 25.11
CA LYS B 223 4.63 -5.02 25.08
C LYS B 223 3.38 -5.68 24.57
N ILE B 224 3.56 -6.68 23.70
CA ILE B 224 2.42 -7.37 23.13
C ILE B 224 1.55 -7.97 24.22
N MSE B 225 0.24 -7.88 24.04
CA MSE B 225 -0.70 -8.45 25.01
C MSE B 225 -1.67 -9.39 24.29
O MSE B 225 -2.06 -10.41 24.85
CB MSE B 225 -1.47 -7.34 25.76
CG MSE B 225 -2.52 -7.86 26.75
SE MSE B 225 -3.72 -6.51 27.46
CE MSE B 225 -2.58 -5.70 28.76
N GLU B 226 -2.05 -9.06 23.05
CA GLU B 226 -2.97 -9.91 22.29
C GLU B 226 -3.47 -9.27 21.01
N LYS B 227 -3.37 -10.01 19.89
CA LYS B 227 -3.84 -9.49 18.60
C LYS B 227 -5.36 -9.53 18.56
N VAL B 228 -5.96 -8.61 17.81
CA VAL B 228 -7.40 -8.55 17.66
C VAL B 228 -7.74 -8.64 16.18
N ASP B 229 -8.58 -9.61 15.82
CA ASP B 229 -8.96 -9.78 14.42
C ASP B 229 -10.24 -9.04 14.13
N TYR B 230 -10.45 -8.70 12.85
CA TYR B 230 -11.67 -8.07 12.41
C TYR B 230 -12.80 -9.05 12.74
N PRO B 231 -14.04 -8.53 12.90
CA PRO B 231 -15.22 -9.34 13.17
C PRO B 231 -15.36 -10.14 11.88
N ARG B 232 -16.01 -11.29 11.90
CA ARG B 232 -16.14 -12.05 10.67
C ARG B 232 -17.58 -12.50 10.40
N ASN B 233 -17.87 -12.78 9.14
CA ASN B 233 -19.20 -13.26 8.75
C ASN B 233 -19.18 -14.78 8.74
N GLU B 234 -20.36 -15.39 8.71
CA GLU B 234 -20.46 -16.85 8.69
C GLU B 234 -19.59 -17.42 7.57
N SER B 235 -19.28 -16.57 6.59
CA SER B 235 -18.47 -16.98 5.46
C SER B 235 -16.98 -17.00 5.80
N GLY B 236 -16.56 -16.00 6.58
CA GLY B 236 -15.17 -15.91 6.98
C GLY B 236 -14.56 -14.61 6.48
N ASP B 237 -15.28 -13.91 5.59
CA ASP B 237 -14.80 -12.66 5.05
C ASP B 237 -14.95 -11.57 6.12
N VAL B 238 -14.18 -10.50 5.98
CA VAL B 238 -14.23 -9.37 6.91
C VAL B 238 -15.64 -8.78 6.99
N ALA B 239 -16.23 -8.81 8.19
CA ALA B 239 -17.57 -8.26 8.39
C ALA B 239 -17.56 -6.84 8.95
N ALA B 240 -16.37 -6.35 9.31
CA ALA B 240 -16.20 -5.01 9.86
C ALA B 240 -14.79 -4.51 9.57
N VAL B 241 -14.62 -3.20 9.41
CA VAL B 241 -13.31 -2.63 9.12
C VAL B 241 -12.87 -1.66 10.22
N ILE B 242 -11.59 -1.28 10.19
CA ILE B 242 -11.07 -0.35 11.19
C ILE B 242 -11.88 0.96 11.21
N HIS B 243 -12.35 1.34 12.40
CA HIS B 243 -13.16 2.54 12.59
C HIS B 243 -12.26 3.76 12.37
N PRO B 244 -12.78 4.81 11.70
CA PRO B 244 -11.96 6.00 11.45
C PRO B 244 -11.33 6.66 12.67
N ASN B 245 -11.86 6.36 13.86
CA ASN B 245 -11.32 6.96 15.09
C ASN B 245 -10.10 6.15 15.59
N LEU B 246 -9.90 4.95 15.04
CA LEU B 246 -8.76 4.10 15.41
C LEU B 246 -7.71 4.09 14.29
N GLN B 247 -8.17 4.22 13.05
CA GLN B 247 -7.26 4.23 11.89
C GLN B 247 -6.17 5.31 12.07
N ASP B 248 -4.92 4.95 11.77
CA ASP B 248 -3.77 5.85 11.87
C ASP B 248 -3.51 6.35 13.31
N GLN B 249 -4.14 5.72 14.30
CA GLN B 249 -3.95 6.15 15.70
C GLN B 249 -3.08 5.18 16.51
N ASP B 250 -2.11 4.58 15.85
CA ASP B 250 -1.19 3.65 16.51
C ASP B 250 -0.55 4.35 17.71
N TRP B 251 -0.18 3.52 18.69
CA TRP B 251 0.48 3.91 19.95
C TRP B 251 -0.37 4.75 20.91
N LYS B 252 -1.54 5.22 20.47
CA LYS B 252 -2.38 6.07 21.32
C LYS B 252 -3.28 5.35 22.34
N PRO B 253 -3.84 6.10 23.30
CA PRO B 253 -4.69 5.42 24.28
C PRO B 253 -6.03 4.97 23.72
N LEU B 254 -6.37 3.72 23.97
CA LEU B 254 -7.63 3.15 23.51
C LEU B 254 -8.26 2.43 24.72
N HIS B 255 -9.45 2.88 25.12
CA HIS B 255 -10.17 2.31 26.28
C HIS B 255 -11.28 1.35 25.83
N PRO B 256 -11.71 0.42 26.71
CA PRO B 256 -12.75 -0.57 26.44
C PRO B 256 -13.98 -0.13 25.61
N GLY B 257 -14.46 1.09 25.84
CA GLY B 257 -15.61 1.58 25.09
C GLY B 257 -15.30 2.40 23.86
N ASP B 258 -14.01 2.60 23.56
CA ASP B 258 -13.63 3.37 22.39
C ASP B 258 -13.98 2.59 21.12
N PRO B 259 -14.31 3.32 20.04
CA PRO B 259 -14.66 2.64 18.80
C PRO B 259 -13.45 1.96 18.15
N VAL B 260 -13.65 0.70 17.75
CA VAL B 260 -12.60 -0.10 17.13
C VAL B 260 -12.94 -0.48 15.67
N PHE B 261 -14.21 -0.84 15.41
CA PHE B 261 -14.62 -1.20 14.04
C PHE B 261 -15.94 -0.51 13.70
N VAL B 262 -16.12 -0.15 12.43
CA VAL B 262 -17.37 0.45 11.97
C VAL B 262 -17.90 -0.44 10.87
N SER B 263 -19.23 -0.53 10.77
CA SER B 263 -19.85 -1.35 9.74
C SER B 263 -20.43 -0.47 8.64
N LEU B 264 -20.76 -1.07 7.51
CA LEU B 264 -21.34 -0.35 6.38
C LEU B 264 -22.61 0.39 6.78
N ASP B 265 -23.39 -0.22 7.67
CA ASP B 265 -24.63 0.40 8.13
C ASP B 265 -24.22 1.51 9.09
N GLY B 266 -22.94 1.50 9.44
CA GLY B 266 -22.42 2.47 10.36
C GLY B 266 -22.47 2.06 11.82
N LYS B 267 -22.75 0.80 12.14
CA LYS B 267 -22.80 0.35 13.55
C LYS B 267 -21.36 0.28 14.10
N VAL B 268 -21.11 0.93 15.24
CA VAL B 268 -19.77 0.93 15.85
C VAL B 268 -19.57 -0.33 16.70
N ILE B 269 -18.31 -0.71 16.89
CA ILE B 269 -17.97 -1.87 17.70
C ILE B 269 -16.81 -1.44 18.57
N PRO B 270 -17.02 -1.37 19.89
CA PRO B 270 -15.92 -0.94 20.76
C PRO B 270 -14.90 -2.04 21.01
N LEU B 271 -13.80 -1.67 21.66
CA LEU B 271 -12.71 -2.60 21.99
C LEU B 271 -13.16 -3.74 22.89
N GLY B 272 -13.83 -3.39 23.98
CA GLY B 272 -14.27 -4.39 24.93
C GLY B 272 -13.27 -4.51 26.07
N GLY B 273 -13.58 -5.33 27.07
CA GLY B 273 -12.65 -5.48 28.18
C GLY B 273 -12.77 -4.36 29.22
N ASP B 274 -11.78 -4.23 30.10
CA ASP B 274 -11.83 -3.19 31.13
C ASP B 274 -10.50 -2.48 31.35
N CYS B 275 -9.58 -2.61 30.42
CA CYS B 275 -8.29 -1.96 30.58
C CYS B 275 -7.89 -1.10 29.38
N THR B 276 -7.07 -0.09 29.63
CA THR B 276 -6.57 0.80 28.58
C THR B 276 -5.48 0.04 27.84
N VAL B 277 -5.44 0.17 26.52
CA VAL B 277 -4.41 -0.51 25.71
C VAL B 277 -3.90 0.49 24.66
N TYR B 278 -2.78 0.16 24.03
CA TYR B 278 -2.19 1.02 23.01
C TYR B 278 -1.98 0.16 21.79
N PRO B 279 -2.91 0.23 20.81
CA PRO B 279 -2.80 -0.57 19.60
C PRO B 279 -1.56 -0.30 18.77
N VAL B 280 -1.10 -1.33 18.08
CA VAL B 280 0.02 -1.20 17.14
C VAL B 280 -0.31 -2.04 15.90
N PHE B 281 0.27 -1.64 14.77
CA PHE B 281 0.08 -2.28 13.47
C PHE B 281 -1.36 -2.19 12.96
N VAL B 282 -2.06 -1.18 13.45
CA VAL B 282 -3.46 -0.94 13.04
C VAL B 282 -3.61 -0.98 11.53
N ASN B 283 -4.47 -1.88 11.06
CA ASN B 283 -4.72 -1.95 9.61
C ASN B 283 -3.48 -2.19 8.74
N GLU B 284 -2.69 -3.21 9.08
CA GLU B 284 -1.50 -3.57 8.31
C GLU B 284 -1.92 -4.58 7.23
N ALA B 285 -1.85 -4.16 5.98
CA ALA B 285 -2.26 -5.02 4.86
C ALA B 285 -1.75 -6.47 4.90
N ALA B 286 -0.43 -6.63 5.11
CA ALA B 286 0.18 -7.95 5.14
C ALA B 286 -0.36 -8.88 6.22
N TYR B 287 -1.20 -8.33 7.11
CA TYR B 287 -1.76 -9.12 8.20
C TYR B 287 -3.20 -9.59 8.05
N TYR B 288 -3.98 -9.00 7.14
CA TYR B 288 -5.37 -9.46 6.97
C TYR B 288 -5.33 -11.00 6.89
N GLU B 289 -4.38 -11.51 6.13
CA GLU B 289 -4.21 -12.94 5.94
C GLU B 289 -4.10 -13.64 7.28
N LYS B 290 -3.31 -13.07 8.19
CA LYS B 290 -3.13 -13.64 9.52
C LYS B 290 -4.37 -13.31 10.35
N LYS B 291 -5.47 -13.03 9.66
CA LYS B 291 -6.73 -12.68 10.31
C LYS B 291 -6.46 -11.66 11.41
N GLU B 292 -6.22 -10.40 11.02
CA GLU B 292 -5.93 -9.38 12.02
C GLU B 292 -5.99 -7.93 11.54
N ALA B 293 -6.55 -7.07 12.39
CA ALA B 293 -6.68 -5.64 12.12
C ALA B 293 -5.63 -4.87 12.93
N PHE B 294 -5.66 -4.98 14.27
CA PHE B 294 -4.66 -4.34 15.13
C PHE B 294 -4.35 -5.26 16.33
N ALA B 295 -3.54 -4.78 17.25
CA ALA B 295 -3.19 -5.58 18.43
C ALA B 295 -3.02 -4.67 19.64
N LYS B 296 -3.41 -5.17 20.80
CA LYS B 296 -3.29 -4.41 22.03
C LYS B 296 -1.90 -4.60 22.61
N THR B 297 -1.37 -3.54 23.20
CA THR B 297 -0.08 -3.63 23.87
C THR B 297 -0.25 -3.06 25.26
N THR B 298 0.72 -3.38 26.12
CA THR B 298 0.76 -2.88 27.48
C THR B 298 2.14 -2.19 27.63
N LYS B 299 2.12 -0.91 27.98
CA LYS B 299 3.37 -0.16 28.11
C LYS B 299 4.15 -0.51 29.37
N LEU B 300 5.46 -0.53 29.23
CA LEU B 300 6.33 -0.82 30.37
C LEU B 300 7.62 -0.06 30.22
N THR B 301 8.61 -0.40 31.03
CA THR B 301 9.86 0.30 30.96
C THR B 301 11.04 -0.59 31.32
N LEU B 302 12.10 -0.47 30.55
CA LEU B 302 13.29 -1.27 30.79
C LEU B 302 14.48 -0.41 31.18
N ASN B 303 14.80 -0.42 32.47
CA ASN B 303 15.91 0.36 33.00
C ASN B 303 17.12 -0.53 33.18
N ALA B 304 17.61 -1.10 32.09
CA ALA B 304 18.77 -1.99 32.14
C ALA B 304 19.96 -1.40 32.90
N LYS B 305 20.95 -2.25 33.12
CA LYS B 305 22.15 -1.83 33.82
C LYS B 305 23.11 -1.16 32.86
N SER B 306 24.07 -0.43 33.45
CA SER B 306 25.13 0.23 32.68
C SER B 306 25.91 -0.87 31.95
N ILE B 307 26.52 -0.51 30.82
CA ILE B 307 27.33 -1.46 30.06
C ILE B 307 28.64 -0.76 29.65
N ARG B 308 29.65 -1.56 29.29
CA ARG B 308 30.94 -1.06 28.82
C ARG B 308 31.75 -2.26 28.33
N SER B 309 32.11 -2.21 27.04
CA SER B 309 32.86 -3.30 26.42
C SER B 309 34.10 -3.64 27.25
N THR B 310 34.67 -4.80 26.97
CA THR B 310 35.88 -5.28 27.65
C THR B 310 37.09 -4.53 27.07
ZN ZN C . -7.07 -0.35 -10.58
S SO4 D . -11.82 -1.79 -29.90
O1 SO4 D . -12.01 -1.03 -28.66
O2 SO4 D . -12.81 -2.89 -29.98
O3 SO4 D . -12.02 -0.89 -31.06
O4 SO4 D . -10.45 -2.35 -29.94
S SO4 E . -24.55 14.50 0.78
O1 SO4 E . -24.07 15.47 -0.22
O2 SO4 E . -25.84 13.92 0.33
O3 SO4 E . -23.57 13.42 0.94
O4 SO4 E . -24.75 15.18 2.08
S SO4 F . 1.09 -9.08 -4.71
O1 SO4 F . 1.15 -7.78 -5.41
O2 SO4 F . -0.16 -9.79 -5.03
O3 SO4 F . 2.24 -9.91 -5.13
O4 SO4 F . 1.14 -8.84 -3.26
ZN ZN G . 5.60 -7.31 6.85
S SO4 H . 5.76 -10.33 10.67
O1 SO4 H . 4.52 -10.69 11.38
O2 SO4 H . 6.18 -11.43 9.79
O3 SO4 H . 5.54 -9.10 9.87
O4 SO4 H . 6.81 -10.08 11.68
S SO4 I . 19.84 13.18 12.89
O1 SO4 I . 19.19 14.33 13.55
O2 SO4 I . 19.10 11.96 13.24
O3 SO4 I . 19.80 13.38 11.43
O4 SO4 I . 21.24 13.09 13.35
N CYS A 4 -29.51 22.47 -26.16
CA CYS A 4 -29.98 21.37 -25.28
C CYS A 4 -30.04 20.04 -26.03
N VAL A 5 -29.02 19.22 -25.81
CA VAL A 5 -28.93 17.92 -26.48
C VAL A 5 -29.91 16.91 -25.88
N ALA A 6 -30.58 16.17 -26.75
CA ALA A 6 -31.54 15.16 -26.32
C ALA A 6 -30.88 13.78 -26.31
N GLU A 7 -31.05 13.07 -25.19
CA GLU A 7 -30.48 11.74 -25.03
C GLU A 7 -31.51 10.66 -24.67
N GLU A 8 -31.15 9.41 -24.94
CA GLU A 8 -32.03 8.28 -24.64
C GLU A 8 -31.93 7.92 -23.16
N PRO A 9 -33.04 7.53 -22.52
CA PRO A 9 -32.92 7.19 -21.09
C PRO A 9 -31.97 6.00 -20.87
N ILE A 10 -31.37 5.98 -19.69
CA ILE A 10 -30.44 4.92 -19.30
C ILE A 10 -31.25 3.69 -18.91
N LYS A 11 -30.84 2.52 -19.38
CA LYS A 11 -31.59 1.31 -19.04
C LYS A 11 -30.95 0.39 -18.00
N LYS A 12 -29.75 -0.11 -18.30
CA LYS A 12 -29.07 -1.06 -17.41
C LYS A 12 -27.77 -0.48 -16.85
N ILE A 13 -27.55 -0.71 -15.55
CA ILE A 13 -26.39 -0.21 -14.83
C ILE A 13 -25.55 -1.35 -14.27
N ALA A 14 -24.23 -1.30 -14.52
CA ALA A 14 -23.34 -2.31 -14.00
C ALA A 14 -22.25 -1.63 -13.15
N ILE A 15 -22.15 -1.97 -11.87
CA ILE A 15 -21.09 -1.40 -11.03
C ILE A 15 -20.00 -2.47 -10.94
N PHE A 16 -18.80 -2.14 -11.40
CA PHE A 16 -17.68 -3.09 -11.39
C PHE A 16 -16.67 -2.84 -10.27
N GLY A 17 -16.41 -3.88 -9.47
CA GLY A 17 -15.43 -3.78 -8.40
C GLY A 17 -14.49 -4.96 -8.55
N GLY A 18 -13.25 -4.84 -8.11
CA GLY A 18 -12.32 -5.95 -8.22
C GLY A 18 -11.68 -6.15 -9.60
N THR A 19 -11.74 -5.13 -10.45
CA THR A 19 -11.11 -5.22 -11.77
C THR A 19 -9.61 -5.44 -11.50
N HIS A 20 -9.12 -4.80 -10.43
CA HIS A 20 -7.75 -5.04 -9.95
C HIS A 20 -7.99 -5.73 -8.61
N GLY A 21 -7.43 -6.92 -8.47
CA GLY A 21 -7.67 -7.74 -7.29
C GLY A 21 -7.40 -7.18 -5.92
N ASN A 22 -6.35 -6.37 -5.79
CA ASN A 22 -5.95 -5.79 -4.51
C ASN A 22 -6.52 -4.41 -4.19
N GLU A 23 -7.46 -3.90 -5.00
CA GLU A 23 -8.05 -2.59 -4.69
C GLU A 23 -9.36 -2.95 -3.97
N LEU A 24 -9.25 -3.06 -2.65
CA LEU A 24 -10.37 -3.54 -1.83
C LEU A 24 -11.63 -2.75 -1.65
N THR A 25 -11.62 -1.45 -1.89
CA THR A 25 -12.84 -0.68 -1.66
C THR A 25 -13.98 -1.18 -2.55
N GLY A 26 -13.70 -1.35 -3.84
CA GLY A 26 -14.72 -1.80 -4.75
C GLY A 26 -15.14 -3.26 -4.53
N VAL A 27 -14.22 -4.07 -4.04
CA VAL A 27 -14.52 -5.48 -3.78
C VAL A 27 -15.47 -5.55 -2.60
N PHE A 28 -14.97 -5.14 -1.44
CA PHE A 28 -15.74 -5.16 -0.20
C PHE A 28 -17.16 -4.62 -0.41
N LEU A 29 -17.29 -3.50 -1.12
CA LEU A 29 -18.63 -2.92 -1.34
C LEU A 29 -19.47 -3.70 -2.34
N VAL A 30 -18.95 -3.89 -3.55
CA VAL A 30 -19.72 -4.59 -4.56
C VAL A 30 -20.06 -6.00 -4.09
N THR A 31 -19.18 -6.60 -3.30
CA THR A 31 -19.44 -7.93 -2.78
C THR A 31 -20.61 -7.86 -1.80
N HIS A 32 -20.65 -6.78 -1.02
CA HIS A 32 -21.71 -6.55 -0.05
C HIS A 32 -23.04 -6.34 -0.80
N TRP A 33 -23.02 -5.46 -1.80
CA TRP A 33 -24.24 -5.13 -2.54
C TRP A 33 -24.85 -6.34 -3.21
N LEU A 34 -24.05 -7.40 -3.38
CA LEU A 34 -24.57 -8.62 -3.94
C LEU A 34 -25.42 -9.28 -2.87
N LYS A 35 -25.03 -9.08 -1.61
CA LYS A 35 -25.76 -9.65 -0.47
C LYS A 35 -27.01 -8.82 -0.17
N ASN A 36 -26.89 -7.51 -0.33
CA ASN A 36 -28.00 -6.62 -0.04
C ASN A 36 -27.77 -5.36 -0.84
N GLY A 37 -28.67 -5.08 -1.79
CA GLY A 37 -28.46 -3.92 -2.65
C GLY A 37 -29.35 -2.70 -2.52
N ALA A 38 -29.99 -2.51 -1.36
CA ALA A 38 -30.87 -1.37 -1.19
C ALA A 38 -30.15 -0.04 -1.45
N GLU A 39 -28.88 0.05 -1.09
CA GLU A 39 -28.14 1.29 -1.29
C GLU A 39 -28.05 1.71 -2.76
N VAL A 40 -27.91 0.74 -3.67
CA VAL A 40 -27.78 1.09 -5.08
C VAL A 40 -29.07 0.87 -5.87
N HIS A 41 -30.14 0.58 -5.14
CA HIS A 41 -31.45 0.41 -5.78
C HIS A 41 -31.92 1.78 -6.25
N ARG A 42 -32.45 1.82 -7.48
CA ARG A 42 -33.02 3.05 -8.02
C ARG A 42 -34.20 2.60 -8.87
N ALA A 43 -35.37 3.16 -8.60
CA ALA A 43 -36.56 2.79 -9.36
C ALA A 43 -36.29 2.88 -10.86
N GLY A 44 -36.80 1.92 -11.61
CA GLY A 44 -36.62 1.92 -13.05
C GLY A 44 -35.31 1.31 -13.51
N LEU A 45 -34.29 1.37 -12.66
CA LEU A 45 -32.99 0.80 -13.01
C LEU A 45 -32.84 -0.66 -12.58
N GLU A 46 -31.94 -1.35 -13.27
CA GLU A 46 -31.60 -2.74 -12.99
C GLU A 46 -30.10 -2.65 -12.71
N VAL A 47 -29.73 -2.32 -11.48
CA VAL A 47 -28.32 -2.19 -11.12
C VAL A 47 -27.69 -3.57 -11.01
N LYS A 48 -26.56 -3.75 -11.67
CA LYS A 48 -25.92 -5.06 -11.63
C LYS A 48 -24.52 -5.02 -11.04
N PRO A 49 -24.39 -5.13 -9.70
CA PRO A 49 -23.05 -5.11 -9.10
C PRO A 49 -22.37 -6.38 -9.64
N PHE A 50 -21.03 -6.38 -9.74
CA PHE A 50 -20.32 -7.54 -10.26
C PHE A 50 -18.84 -7.46 -9.92
N ILE A 51 -18.24 -8.58 -9.49
CA ILE A 51 -16.81 -8.62 -9.19
C ILE A 51 -16.14 -9.09 -10.49
N THR A 52 -15.33 -8.24 -11.10
CA THR A 52 -14.74 -8.57 -12.39
C THR A 52 -13.59 -9.58 -12.41
N ASN A 53 -12.69 -9.55 -11.43
CA ASN A 53 -11.59 -10.51 -11.44
C ASN A 53 -11.59 -11.29 -10.13
N PRO A 54 -12.56 -12.21 -9.96
CA PRO A 54 -12.62 -12.99 -8.72
C PRO A 54 -11.39 -13.85 -8.40
N ARG A 55 -10.69 -14.31 -9.43
CA ARG A 55 -9.49 -15.12 -9.16
C ARG A 55 -8.39 -14.25 -8.57
N ALA A 56 -8.19 -13.06 -9.10
CA ALA A 56 -7.17 -12.15 -8.53
C ALA A 56 -7.57 -11.78 -7.10
N VAL A 57 -8.85 -11.42 -6.90
CA VAL A 57 -9.37 -11.08 -5.58
C VAL A 57 -9.04 -12.23 -4.61
N GLU A 58 -9.21 -13.48 -5.07
CA GLU A 58 -8.91 -14.64 -4.21
C GLU A 58 -7.45 -14.71 -3.77
N LYS A 59 -6.56 -14.10 -4.54
CA LYS A 59 -5.13 -14.07 -4.20
C LYS A 59 -4.67 -12.67 -3.74
N CYS A 60 -5.62 -11.75 -3.64
CA CYS A 60 -5.35 -10.35 -3.28
C CYS A 60 -4.16 -9.87 -4.07
N THR A 61 -4.29 -10.01 -5.39
CA THR A 61 -3.25 -9.60 -6.34
C THR A 61 -3.91 -8.75 -7.43
N ARG A 62 -3.12 -7.94 -8.12
CA ARG A 62 -3.71 -7.08 -9.15
C ARG A 62 -4.27 -7.86 -10.32
N TYR A 63 -3.62 -8.97 -10.66
CA TYR A 63 -4.06 -9.82 -11.78
C TYR A 63 -3.50 -11.25 -11.69
N ILE A 64 -3.92 -12.08 -12.62
CA ILE A 64 -3.48 -13.47 -12.68
C ILE A 64 -2.38 -13.62 -13.74
N ASP A 65 -2.53 -12.98 -14.90
CA ASP A 65 -1.54 -13.06 -15.97
C ASP A 65 -1.27 -11.72 -16.65
N CYS A 66 -2.25 -10.81 -16.57
CA CYS A 66 -2.08 -9.48 -17.12
C CYS A 66 -3.23 -8.60 -16.67
N ASP A 67 -2.96 -7.31 -16.52
CA ASP A 67 -3.97 -6.34 -16.05
C ASP A 67 -5.28 -6.48 -16.83
N LEU A 68 -6.40 -6.64 -16.13
CA LEU A 68 -7.71 -6.80 -16.80
C LEU A 68 -8.19 -5.47 -17.38
N ASN A 69 -7.40 -4.42 -17.21
CA ASN A 69 -7.79 -3.10 -17.69
C ASN A 69 -7.26 -2.76 -19.09
N ARG A 70 -6.61 -3.72 -19.74
CA ARG A 70 -6.09 -3.51 -21.09
C ARG A 70 -6.44 -4.65 -22.06
N VAL A 71 -7.45 -5.45 -21.73
CA VAL A 71 -7.82 -6.61 -22.57
C VAL A 71 -9.21 -6.54 -23.21
N PHE A 72 -9.82 -5.36 -23.16
CA PHE A 72 -11.13 -5.18 -23.78
C PHE A 72 -11.07 -4.52 -25.17
N ASP A 73 -9.87 -4.44 -25.73
CA ASP A 73 -9.75 -3.91 -27.10
C ASP A 73 -10.22 -5.05 -28.03
N LEU A 74 -10.84 -4.71 -29.15
CA LEU A 74 -11.37 -5.68 -30.09
C LEU A 74 -10.49 -6.88 -30.38
N GLU A 75 -9.19 -6.64 -30.53
CA GLU A 75 -8.27 -7.71 -30.83
C GLU A 75 -8.36 -8.78 -29.75
N ASN A 76 -8.47 -8.37 -28.49
CA ASN A 76 -8.56 -9.34 -27.42
C ASN A 76 -9.96 -9.95 -27.24
N LEU A 77 -11.00 -9.14 -27.45
CA LEU A 77 -12.36 -9.68 -27.30
C LEU A 77 -12.70 -10.73 -28.35
N SER A 78 -12.12 -10.65 -29.56
CA SER A 78 -12.42 -11.66 -30.57
C SER A 78 -11.29 -12.69 -30.73
N LYS A 79 -10.34 -12.68 -29.80
CA LYS A 79 -9.20 -13.60 -29.85
C LYS A 79 -9.58 -15.04 -29.53
N GLU A 80 -9.21 -15.98 -30.39
CA GLU A 80 -9.53 -17.38 -30.10
C GLU A 80 -8.61 -17.80 -28.96
N MSE A 81 -9.05 -18.77 -28.17
CA MSE A 81 -8.23 -19.26 -27.05
C MSE A 81 -6.99 -20.02 -27.51
O MSE A 81 -7.02 -20.73 -28.50
CB MSE A 81 -9.09 -20.15 -26.14
CG MSE A 81 -10.22 -19.42 -25.45
SE MSE A 81 -9.58 -18.07 -24.21
CE MSE A 81 -9.97 -16.50 -25.30
N SER A 82 -5.89 -19.87 -26.78
CA SER A 82 -4.65 -20.60 -27.06
C SER A 82 -3.96 -20.92 -25.73
N GLU A 83 -3.07 -21.90 -25.74
CA GLU A 83 -2.39 -22.30 -24.53
C GLU A 83 -1.57 -21.24 -23.82
N ASP A 84 -1.16 -20.23 -24.56
CA ASP A 84 -0.33 -19.16 -23.98
C ASP A 84 -1.07 -17.85 -23.74
N LEU A 85 -2.37 -17.84 -24.02
CA LEU A 85 -3.14 -16.61 -23.85
C LEU A 85 -3.33 -16.34 -22.36
N PRO A 86 -3.28 -15.06 -21.94
CA PRO A 86 -3.47 -14.74 -20.51
C PRO A 86 -4.90 -15.04 -20.02
N TYR A 87 -5.01 -15.48 -18.77
CA TYR A 87 -6.31 -15.75 -18.16
C TYR A 87 -7.23 -14.54 -18.33
N GLU A 88 -6.72 -13.34 -18.03
CA GLU A 88 -7.56 -12.15 -18.12
C GLU A 88 -8.18 -11.94 -19.52
N VAL A 89 -7.54 -12.44 -20.58
CA VAL A 89 -8.11 -12.28 -21.91
C VAL A 89 -9.38 -13.14 -21.98
N ARG A 90 -9.33 -14.31 -21.36
CA ARG A 90 -10.50 -15.17 -21.32
C ARG A 90 -11.56 -14.52 -20.39
N ARG A 91 -11.10 -13.90 -19.29
CA ARG A 91 -12.08 -13.27 -18.39
C ARG A 91 -12.69 -12.04 -19.06
N ALA A 92 -11.91 -11.31 -19.83
CA ALA A 92 -12.43 -10.12 -20.50
C ALA A 92 -13.57 -10.55 -21.41
N GLN A 93 -13.45 -11.75 -21.99
CA GLN A 93 -14.51 -12.26 -22.85
C GLN A 93 -15.75 -12.68 -22.07
N GLU A 94 -15.55 -13.34 -20.94
CA GLU A 94 -16.71 -13.75 -20.13
C GLU A 94 -17.53 -12.52 -19.67
N ILE A 95 -16.85 -11.38 -19.48
CA ILE A 95 -17.52 -10.15 -19.03
C ILE A 95 -18.14 -9.43 -20.24
N ASN A 96 -17.44 -9.46 -21.37
CA ASN A 96 -17.96 -8.82 -22.57
C ASN A 96 -19.32 -9.42 -22.98
N HIS A 97 -19.55 -10.68 -22.62
CA HIS A 97 -20.80 -11.39 -22.95
C HIS A 97 -21.90 -11.06 -21.93
N LEU A 98 -21.56 -11.19 -20.65
CA LEU A 98 -22.54 -10.93 -19.61
C LEU A 98 -23.12 -9.52 -19.64
N PHE A 99 -22.23 -8.53 -19.79
CA PHE A 99 -22.63 -7.12 -19.76
C PHE A 99 -22.53 -6.38 -21.08
N GLY A 100 -22.31 -7.14 -22.15
CA GLY A 100 -22.19 -6.55 -23.48
C GLY A 100 -22.94 -7.46 -24.43
N PRO A 101 -22.35 -7.84 -25.57
CA PRO A 101 -21.00 -7.47 -26.01
C PRO A 101 -20.80 -5.99 -26.35
N LYS A 102 -19.54 -5.56 -26.27
CA LYS A 102 -19.14 -4.19 -26.59
C LYS A 102 -19.39 -3.91 -28.07
N ASN A 103 -19.80 -2.68 -28.36
CA ASN A 103 -20.10 -2.24 -29.73
C ASN A 103 -21.43 -2.76 -30.23
N SER A 104 -22.29 -3.14 -29.29
CA SER A 104 -23.62 -3.63 -29.62
C SER A 104 -24.62 -2.67 -28.98
N ASP A 105 -25.87 -2.70 -29.45
CA ASP A 105 -26.89 -1.82 -28.91
C ASP A 105 -27.52 -2.38 -27.62
N ASP A 106 -27.22 -3.64 -27.32
CA ASP A 106 -27.77 -4.26 -26.11
C ASP A 106 -26.81 -4.19 -24.93
N ALA A 107 -25.62 -3.65 -25.17
CA ALA A 107 -24.65 -3.53 -24.08
C ALA A 107 -25.20 -2.64 -22.97
N TYR A 108 -24.76 -2.86 -21.74
CA TYR A 108 -25.21 -2.06 -20.61
C TYR A 108 -25.01 -0.57 -20.92
N ASP A 109 -25.82 0.28 -20.28
CA ASP A 109 -25.73 1.73 -20.52
C ASP A 109 -24.72 2.45 -19.66
N VAL A 110 -24.64 2.04 -18.40
CA VAL A 110 -23.70 2.65 -17.46
C VAL A 110 -23.01 1.56 -16.67
N VAL A 111 -21.70 1.44 -16.87
CA VAL A 111 -20.88 0.46 -16.17
C VAL A 111 -19.76 1.15 -15.40
N PHE A 112 -20.04 1.62 -14.19
CA PHE A 112 -18.97 2.24 -13.40
C PHE A 112 -17.90 1.16 -13.18
N ASP A 113 -16.66 1.59 -12.97
CA ASP A 113 -15.57 0.65 -12.71
C ASP A 113 -14.78 1.30 -11.58
N LEU A 114 -14.76 0.61 -10.45
CA LEU A 114 -14.15 1.09 -9.21
C LEU A 114 -12.67 0.77 -9.08
N HIS A 115 -11.89 1.78 -8.69
CA HIS A 115 -10.45 1.64 -8.52
C HIS A 115 -9.89 2.46 -7.35
N ASN A 116 -8.80 1.96 -6.76
CA ASN A 116 -8.09 2.67 -5.69
C ASN A 116 -6.68 2.94 -6.18
N THR A 117 -6.04 3.96 -5.61
CA THR A 117 -4.66 4.28 -5.98
C THR A 117 -3.89 4.61 -4.73
N THR A 118 -2.59 4.34 -4.74
CA THR A 118 -1.75 4.67 -3.59
C THR A 118 -1.35 6.16 -3.70
N SER A 119 -1.74 6.80 -4.80
CA SER A 119 -1.47 8.23 -5.00
C SER A 119 -2.49 9.02 -4.16
N ASN A 120 -2.09 10.21 -3.69
CA ASN A 120 -2.98 11.05 -2.88
C ASN A 120 -3.84 11.95 -3.78
N MSE A 121 -4.80 11.31 -4.46
CA MSE A 121 -5.67 12.01 -5.41
C MSE A 121 -7.07 12.27 -4.91
O MSE A 121 -7.86 12.94 -5.58
CB MSE A 121 -5.78 11.18 -6.69
CG MSE A 121 -4.47 10.84 -7.32
SE MSE A 121 -4.71 9.37 -8.53
CE MSE A 121 -6.17 10.06 -9.60
N GLY A 122 -7.38 11.73 -3.73
CA GLY A 122 -8.72 11.89 -3.19
C GLY A 122 -9.67 11.25 -4.19
N CYS A 123 -10.85 11.83 -4.34
CA CYS A 123 -11.83 11.29 -5.28
C CYS A 123 -11.42 11.69 -6.70
N THR A 124 -11.68 10.80 -7.66
CA THR A 124 -11.30 11.07 -9.05
C THR A 124 -12.33 10.47 -10.01
N LEU A 125 -12.72 11.25 -11.03
CA LEU A 125 -13.67 10.82 -12.06
C LEU A 125 -12.86 10.82 -13.38
N ILE A 126 -12.89 9.70 -14.10
CA ILE A 126 -12.16 9.59 -15.36
C ILE A 126 -13.12 9.65 -16.53
N LEU A 127 -12.90 10.62 -17.41
CA LEU A 127 -13.75 10.85 -18.56
C LEU A 127 -13.07 10.34 -19.83
N GLY A 128 -13.83 9.67 -20.69
CA GLY A 128 -13.23 9.15 -21.90
C GLY A 128 -13.35 10.03 -23.12
N ASP A 129 -14.39 10.87 -23.15
CA ASP A 129 -14.64 11.75 -24.31
C ASP A 129 -14.96 13.17 -23.87
N SER A 130 -14.14 14.13 -24.33
CA SER A 130 -14.35 15.52 -23.96
C SER A 130 -15.53 16.22 -24.64
N GLY A 131 -16.36 15.46 -25.37
CA GLY A 131 -17.49 16.08 -26.03
C GLY A 131 -18.88 15.59 -25.63
N ASN A 132 -18.95 14.52 -24.82
CA ASN A 132 -20.26 13.98 -24.43
C ASN A 132 -20.89 14.75 -23.27
N ASP A 133 -22.09 15.27 -23.51
CA ASP A 133 -22.82 16.05 -22.52
C ASP A 133 -23.28 15.23 -21.32
N PHE A 134 -23.89 14.07 -21.59
CA PHE A 134 -24.39 13.24 -20.50
C PHE A 134 -23.30 12.98 -19.46
N LEU A 135 -22.09 12.67 -19.92
CA LEU A 135 -20.98 12.40 -19.01
C LEU A 135 -20.62 13.61 -18.18
N ILE A 136 -20.46 14.76 -18.84
CA ILE A 136 -20.12 15.99 -18.12
C ILE A 136 -21.25 16.38 -17.14
N GLN A 137 -22.50 16.27 -17.57
CA GLN A 137 -23.61 16.62 -16.69
C GLN A 137 -23.50 15.79 -15.42
N MSE A 138 -23.26 14.50 -15.58
CA MSE A 138 -23.13 13.63 -14.42
C MSE A 138 -21.95 14.06 -13.55
O MSE A 138 -22.08 14.16 -12.34
CB MSE A 138 -22.91 12.18 -14.84
CG MSE A 138 -22.78 11.22 -13.65
SE MSE A 138 -22.26 9.43 -14.19
CE MSE A 138 -23.80 8.96 -15.28
N PHE A 139 -20.81 14.32 -14.19
CA PHE A 139 -19.61 14.72 -13.44
C PHE A 139 -19.83 16.03 -12.69
N HIS A 140 -20.52 16.98 -13.33
CA HIS A 140 -20.81 18.26 -12.68
C HIS A 140 -21.72 17.99 -11.49
N TYR A 141 -22.73 17.14 -11.70
CA TYR A 141 -23.68 16.82 -10.64
C TYR A 141 -22.96 16.24 -9.43
N ILE A 142 -22.13 15.22 -9.67
CA ILE A 142 -21.38 14.58 -8.60
C ILE A 142 -20.50 15.60 -7.87
N LYS A 143 -19.77 16.43 -8.61
CA LYS A 143 -18.89 17.44 -7.98
C LYS A 143 -19.68 18.34 -7.04
N THR A 144 -20.87 18.75 -7.48
CA THR A 144 -21.75 19.61 -6.68
C THR A 144 -22.17 18.92 -5.38
N CYS A 145 -22.51 17.64 -5.51
CA CYS A 145 -22.93 16.86 -4.35
C CYS A 145 -21.79 16.75 -3.34
N MSE A 146 -20.61 16.37 -3.83
CA MSE A 146 -19.43 16.18 -2.96
C MSE A 146 -18.89 17.45 -2.29
O MSE A 146 -18.04 17.35 -1.42
CB MSE A 146 -18.27 15.55 -3.76
CG MSE A 146 -18.60 14.21 -4.42
SE MSE A 146 -19.08 12.82 -3.19
CE MSE A 146 -17.39 12.54 -2.28
N ALA A 147 -19.37 18.62 -2.69
CA ALA A 147 -18.89 19.86 -2.08
C ALA A 147 -18.98 19.72 -0.56
N PRO A 148 -17.99 20.25 0.17
CA PRO A 148 -16.78 20.97 -0.27
C PRO A 148 -15.62 20.15 -0.81
N LEU A 149 -15.53 18.88 -0.45
CA LEU A 149 -14.41 18.05 -0.92
C LEU A 149 -14.32 18.00 -2.45
N PRO A 150 -13.09 18.05 -2.99
CA PRO A 150 -12.96 18.00 -4.45
C PRO A 150 -13.23 16.59 -4.98
N CYS A 151 -13.62 16.52 -6.24
CA CYS A 151 -13.89 15.27 -6.91
C CYS A 151 -13.34 15.51 -8.31
N SER A 152 -12.04 15.30 -8.44
CA SER A 152 -11.29 15.52 -9.67
C SER A 152 -11.73 14.70 -10.86
N VAL A 153 -11.70 15.32 -12.04
CA VAL A 153 -12.09 14.67 -13.27
C VAL A 153 -10.91 14.59 -14.21
N TYR A 154 -10.37 13.38 -14.41
CA TYR A 154 -9.25 13.15 -15.31
C TYR A 154 -9.79 12.84 -16.71
N LEU A 155 -9.13 13.35 -17.76
CA LEU A 155 -9.60 13.11 -19.11
C LEU A 155 -8.57 12.37 -19.96
N ILE A 156 -9.02 11.34 -20.68
CA ILE A 156 -8.14 10.58 -21.56
C ILE A 156 -8.55 10.83 -23.01
N GLU A 157 -7.56 11.02 -23.89
CA GLU A 157 -7.85 11.25 -25.31
C GLU A 157 -7.05 10.30 -26.22
N HIS A 158 -5.93 9.80 -25.72
CA HIS A 158 -5.10 8.88 -26.49
C HIS A 158 -5.88 7.56 -26.75
N PRO A 159 -6.14 7.23 -28.02
CA PRO A 159 -6.87 6.02 -28.40
C PRO A 159 -6.13 4.74 -28.06
N SER A 160 -5.42 4.75 -26.94
CA SER A 160 -4.67 3.58 -26.50
C SER A 160 -4.84 3.31 -25.02
N LEU A 161 -5.18 4.34 -24.26
CA LEU A 161 -5.34 4.19 -22.82
C LEU A 161 -6.79 4.11 -22.38
N LYS A 162 -7.71 4.02 -23.33
CA LYS A 162 -9.10 3.93 -22.96
C LYS A 162 -9.92 2.85 -23.67
N TYR A 163 -9.53 2.53 -24.90
CA TYR A 163 -10.26 1.53 -25.68
C TYR A 163 -10.15 0.11 -25.13
N ALA A 164 -9.03 -0.22 -24.48
CA ALA A 164 -8.85 -1.56 -23.95
C ALA A 164 -9.22 -1.66 -22.47
N THR A 165 -9.87 -0.63 -21.94
CA THR A 165 -10.28 -0.63 -20.52
C THR A 165 -11.55 -1.43 -20.26
N THR A 166 -11.64 -1.97 -19.05
CA THR A 166 -12.77 -2.79 -18.65
C THR A 166 -14.10 -2.04 -18.77
N ARG A 167 -14.09 -0.74 -18.48
CA ARG A 167 -15.32 0.05 -18.55
C ARG A 167 -15.76 0.37 -19.96
N SER A 168 -14.86 0.24 -20.93
CA SER A 168 -15.18 0.55 -22.32
C SER A 168 -16.24 -0.32 -22.98
N ILE A 169 -16.72 -1.34 -22.29
CA ILE A 169 -17.77 -2.18 -22.86
C ILE A 169 -19.16 -1.53 -22.86
N ALA A 170 -19.42 -0.61 -21.92
CA ALA A 170 -20.73 0.05 -21.84
C ALA A 170 -20.87 1.27 -22.77
N LYS A 171 -22.11 1.65 -23.05
CA LYS A 171 -22.36 2.83 -23.86
C LYS A 171 -21.83 4.08 -23.11
N TYR A 172 -21.98 4.11 -21.79
CA TYR A 172 -21.50 5.24 -20.99
C TYR A 172 -20.49 4.80 -19.94
N PRO A 173 -19.23 4.60 -20.34
CA PRO A 173 -18.22 4.17 -19.36
C PRO A 173 -17.88 5.28 -18.37
N VAL A 174 -17.70 4.89 -17.11
CA VAL A 174 -17.30 5.81 -16.04
C VAL A 174 -16.29 5.10 -15.16
N GLY A 175 -15.21 5.79 -14.81
CA GLY A 175 -14.21 5.23 -13.92
C GLY A 175 -14.29 5.97 -12.59
N ILE A 176 -14.42 5.23 -11.50
CA ILE A 176 -14.46 5.83 -10.16
C ILE A 176 -13.18 5.42 -9.45
N GLU A 177 -12.40 6.42 -9.07
CA GLU A 177 -11.11 6.22 -8.44
C GLU A 177 -11.08 6.84 -7.05
N VAL A 178 -10.51 6.12 -6.07
CA VAL A 178 -10.39 6.66 -4.71
C VAL A 178 -9.10 6.23 -4.03
N GLY A 179 -8.37 7.22 -3.53
CA GLY A 179 -7.13 6.98 -2.82
C GLY A 179 -6.96 8.18 -1.94
N PRO A 180 -5.82 8.31 -1.23
CA PRO A 180 -4.71 7.37 -1.24
C PRO A 180 -5.01 6.15 -0.36
N GLN A 181 -4.76 4.96 -0.87
CA GLN A 181 -4.99 3.76 -0.08
C GLN A 181 -4.04 2.60 -0.43
N PRO A 182 -3.24 2.12 0.55
CA PRO A 182 -2.34 1.01 0.24
C PRO A 182 -3.17 -0.14 -0.31
N HIS A 183 -2.62 -0.89 -1.27
CA HIS A 183 -3.37 -2.02 -1.80
C HIS A 183 -3.46 -3.11 -0.73
N GLY A 184 -4.58 -3.81 -0.70
CA GLY A 184 -4.79 -4.86 0.29
C GLY A 184 -5.28 -4.33 1.64
N VAL A 185 -5.61 -3.05 1.70
CA VAL A 185 -6.12 -2.42 2.94
C VAL A 185 -7.48 -1.77 2.68
N LEU A 186 -8.34 -1.76 3.70
CA LEU A 186 -9.65 -1.10 3.64
C LEU A 186 -9.68 0.06 4.63
N ARG A 187 -9.71 1.31 4.15
CA ARG A 187 -9.79 2.48 5.03
C ARG A 187 -11.26 2.94 5.05
N ALA A 188 -11.78 3.28 6.22
CA ALA A 188 -13.15 3.73 6.33
C ALA A 188 -13.43 5.02 5.53
N ASP A 189 -12.60 6.04 5.70
CA ASP A 189 -12.86 7.30 4.98
C ASP A 189 -12.93 7.09 3.47
N ILE A 190 -12.00 6.31 2.93
CA ILE A 190 -11.97 6.05 1.48
C ILE A 190 -13.25 5.31 1.05
N LEU A 191 -13.64 4.29 1.83
CA LEU A 191 -14.84 3.52 1.52
C LEU A 191 -16.04 4.44 1.53
N ASP A 192 -16.23 5.14 2.64
CA ASP A 192 -17.36 6.05 2.76
C ASP A 192 -17.32 7.03 1.59
N GLN A 193 -16.11 7.42 1.17
CA GLN A 193 -16.03 8.35 0.06
C GLN A 193 -16.57 7.70 -1.21
N MSE A 194 -16.09 6.51 -1.52
CA MSE A 194 -16.53 5.81 -2.73
C MSE A 194 -18.05 5.56 -2.77
O MSE A 194 -18.69 5.79 -3.79
CB MSE A 194 -15.78 4.47 -2.90
CG MSE A 194 -16.03 3.83 -4.27
SE MSE A 194 -14.95 2.28 -4.64
CE MSE A 194 -16.12 0.93 -3.92
N ARG A 195 -18.62 5.09 -1.68
CA ARG A 195 -20.05 4.81 -1.71
C ARG A 195 -20.86 6.09 -2.00
N ARG A 196 -20.42 7.22 -1.44
CA ARG A 196 -21.12 8.50 -1.68
C ARG A 196 -21.01 8.89 -3.16
N MSE A 197 -19.93 8.52 -3.82
CA MSE A 197 -19.82 8.88 -5.23
C MSE A 197 -20.85 8.08 -6.00
O MSE A 197 -21.52 8.59 -6.90
CB MSE A 197 -18.40 8.60 -5.75
CG MSE A 197 -17.36 9.50 -5.13
SE MSE A 197 -15.60 8.91 -5.57
CE MSE A 197 -15.61 9.64 -7.39
N LEU A 198 -21.00 6.81 -5.65
CA LEU A 198 -21.97 5.98 -6.36
C LEU A 198 -23.38 6.36 -5.97
N LYS A 199 -23.56 6.90 -4.77
CA LYS A 199 -24.90 7.28 -4.36
C LYS A 199 -25.38 8.41 -5.26
N HIS A 200 -24.54 9.43 -5.45
CA HIS A 200 -24.96 10.55 -6.28
C HIS A 200 -25.06 10.21 -7.76
N ALA A 201 -24.10 9.42 -8.27
CA ALA A 201 -24.15 9.03 -9.68
C ALA A 201 -25.43 8.26 -10.00
N LEU A 202 -25.90 7.44 -9.06
CA LEU A 202 -27.11 6.68 -9.30
C LEU A 202 -28.35 7.60 -9.25
N ASP A 203 -28.33 8.56 -8.33
CA ASP A 203 -29.42 9.52 -8.21
C ASP A 203 -29.52 10.38 -9.48
N PHE A 204 -28.37 10.70 -10.07
CA PHE A 204 -28.34 11.51 -11.30
C PHE A 204 -29.06 10.78 -12.41
N ILE A 205 -28.72 9.50 -12.58
CA ILE A 205 -29.33 8.68 -13.60
C ILE A 205 -30.85 8.62 -13.43
N GLN A 206 -31.30 8.50 -12.19
CA GLN A 206 -32.74 8.41 -11.97
C GLN A 206 -33.42 9.73 -12.32
N ARG A 207 -32.85 10.85 -11.88
CA ARG A 207 -33.46 12.15 -12.18
C ARG A 207 -33.51 12.36 -13.69
N PHE A 208 -32.47 11.94 -14.40
CA PHE A 208 -32.44 12.09 -15.85
C PHE A 208 -33.62 11.33 -16.43
N ASN A 209 -33.70 10.05 -16.07
CA ASN A 209 -34.78 9.20 -16.55
C ASN A 209 -36.15 9.79 -16.26
N GLU A 210 -36.27 10.48 -15.13
CA GLU A 210 -37.53 11.09 -14.72
C GLU A 210 -37.79 12.39 -15.47
N GLY A 211 -37.03 12.62 -16.53
CA GLY A 211 -37.22 13.80 -17.36
C GLY A 211 -36.58 15.11 -16.93
N LYS A 212 -35.97 15.13 -15.74
CA LYS A 212 -35.33 16.34 -15.26
C LYS A 212 -34.45 16.92 -16.37
N GLU A 213 -34.70 18.18 -16.73
CA GLU A 213 -33.88 18.82 -17.76
C GLU A 213 -32.76 19.54 -17.03
N PHE A 214 -31.51 19.23 -17.43
CA PHE A 214 -30.34 19.84 -16.81
C PHE A 214 -29.87 21.03 -17.63
N PRO A 215 -29.58 22.16 -16.96
CA PRO A 215 -29.13 23.37 -17.64
C PRO A 215 -27.65 23.32 -18.03
N PRO A 216 -27.12 24.41 -18.60
CA PRO A 216 -25.72 24.53 -19.02
C PRO A 216 -24.76 24.50 -17.83
N CYS A 217 -23.55 24.00 -18.08
CA CYS A 217 -22.51 23.92 -17.06
C CYS A 217 -21.25 23.33 -17.64
N ALA A 218 -20.13 23.81 -17.12
CA ALA A 218 -18.81 23.36 -17.55
C ALA A 218 -18.09 22.77 -16.33
N ILE A 219 -16.95 22.14 -16.57
CA ILE A 219 -16.15 21.55 -15.51
C ILE A 219 -14.71 21.65 -15.96
N ASP A 220 -13.81 21.75 -14.99
CA ASP A 220 -12.40 21.77 -15.30
C ASP A 220 -11.98 20.29 -15.32
N VAL A 221 -11.09 19.93 -16.25
CA VAL A 221 -10.60 18.56 -16.34
C VAL A 221 -9.09 18.62 -16.55
N TYR A 222 -8.42 17.52 -16.21
CA TYR A 222 -6.98 17.43 -16.35
C TYR A 222 -6.70 16.48 -17.49
N LYS A 223 -6.04 17.01 -18.51
CA LYS A 223 -5.70 16.30 -19.72
C LYS A 223 -4.26 15.83 -19.72
N ILE A 224 -4.08 14.54 -19.99
CA ILE A 224 -2.75 13.97 -19.96
C ILE A 224 -1.87 14.29 -21.17
N MSE A 225 -0.61 14.60 -20.89
CA MSE A 225 0.37 14.91 -21.94
C MSE A 225 1.19 13.64 -22.16
O MSE A 225 1.30 13.15 -23.29
CB MSE A 225 1.30 16.04 -21.51
CG MSE A 225 0.65 17.40 -21.35
SE MSE A 225 1.93 18.76 -20.77
CE MSE A 225 2.68 19.18 -22.49
N GLU A 226 1.77 13.11 -21.09
CA GLU A 226 2.56 11.89 -21.16
C GLU A 226 2.98 11.39 -19.78
N LYS A 227 3.40 10.13 -19.73
CA LYS A 227 3.87 9.49 -18.50
C LYS A 227 5.36 9.70 -18.33
N VAL A 228 5.78 10.09 -17.12
CA VAL A 228 7.20 10.29 -16.84
C VAL A 228 7.68 9.10 -16.02
N ASP A 229 8.77 8.46 -16.46
CA ASP A 229 9.30 7.32 -15.71
C ASP A 229 10.35 7.80 -14.73
N TYR A 230 10.62 6.96 -13.72
CA TYR A 230 11.65 7.25 -12.75
C TYR A 230 13.00 7.20 -13.50
N PRO A 231 14.00 7.95 -13.01
CA PRO A 231 15.34 7.95 -13.62
C PRO A 231 15.84 6.52 -13.36
N ARG A 232 16.66 5.96 -14.25
CA ARG A 232 17.14 4.59 -14.04
C ARG A 232 18.64 4.41 -14.27
N ASN A 233 19.22 3.44 -13.56
CA ASN A 233 20.64 3.14 -13.69
C ASN A 233 20.86 2.33 -14.96
N GLU A 234 22.12 2.02 -15.27
CA GLU A 234 22.43 1.26 -16.47
C GLU A 234 22.15 -0.23 -16.26
N SER A 235 21.25 -0.53 -15.33
CA SER A 235 20.89 -1.90 -15.03
C SER A 235 19.39 -2.09 -15.01
N GLY A 236 18.64 -0.99 -15.09
CA GLY A 236 17.19 -1.10 -15.11
C GLY A 236 16.48 -0.84 -13.78
N ASP A 237 17.25 -0.62 -12.73
CA ASP A 237 16.66 -0.36 -11.41
C ASP A 237 16.46 1.15 -11.24
N VAL A 238 15.58 1.51 -10.32
CA VAL A 238 15.27 2.91 -10.06
C VAL A 238 16.46 3.68 -9.46
N ALA A 239 16.90 4.74 -10.15
CA ALA A 239 18.03 5.55 -9.71
C ALA A 239 17.64 6.73 -8.81
N ALA A 240 16.36 7.10 -8.83
CA ALA A 240 15.88 8.19 -7.99
C ALA A 240 14.42 7.95 -7.65
N VAL A 241 13.98 8.50 -6.52
CA VAL A 241 12.59 8.33 -6.09
C VAL A 241 11.86 9.67 -6.10
N ILE A 242 10.54 9.63 -5.91
CA ILE A 242 9.76 10.88 -5.88
C ILE A 242 10.25 11.81 -4.78
N HIS A 243 10.43 13.08 -5.12
CA HIS A 243 10.90 14.09 -4.16
C HIS A 243 9.81 14.40 -3.13
N PRO A 244 10.19 14.71 -1.88
CA PRO A 244 9.15 15.00 -0.89
C PRO A 244 8.22 16.15 -1.24
N ASN A 245 8.71 17.10 -2.03
CA ASN A 245 7.88 18.25 -2.43
C ASN A 245 6.81 17.84 -3.46
N LEU A 246 7.02 16.72 -4.15
CA LEU A 246 6.06 16.25 -5.15
C LEU A 246 5.18 15.15 -4.52
N GLN A 247 5.79 14.31 -3.69
CA GLN A 247 5.05 13.23 -3.01
C GLN A 247 3.75 13.76 -2.40
N ASP A 248 2.65 13.07 -2.69
CA ASP A 248 1.30 13.39 -2.18
C ASP A 248 0.75 14.71 -2.69
N GLN A 249 1.39 15.28 -3.71
CA GLN A 249 0.90 16.57 -4.21
C GLN A 249 0.27 16.47 -5.59
N ASP A 250 -0.47 15.40 -5.80
CA ASP A 250 -1.17 15.21 -7.07
C ASP A 250 -2.08 16.41 -7.31
N TRP A 251 -2.28 16.73 -8.57
CA TRP A 251 -3.13 17.84 -9.06
C TRP A 251 -2.55 19.23 -8.91
N LYS A 252 -1.55 19.39 -8.05
CA LYS A 252 -0.97 20.72 -7.83
C LYS A 252 0.10 21.04 -8.86
N PRO A 253 -0.17 22.06 -9.70
CA PRO A 253 0.71 22.51 -10.77
C PRO A 253 2.15 22.60 -10.35
N LEU A 254 3.02 22.09 -11.21
CA LEU A 254 4.45 22.10 -10.97
C LEU A 254 5.00 23.27 -11.76
N HIS A 255 6.26 23.59 -11.51
CA HIS A 255 6.89 24.67 -12.24
C HIS A 255 8.23 24.12 -12.71
N PRO A 256 8.81 24.67 -13.79
CA PRO A 256 10.09 24.20 -14.31
C PRO A 256 11.18 23.85 -13.29
N GLY A 257 11.53 24.79 -12.42
CA GLY A 257 12.56 24.50 -11.44
C GLY A 257 12.07 23.78 -10.18
N ASP A 258 10.95 23.08 -10.27
CA ASP A 258 10.40 22.38 -9.10
C ASP A 258 10.99 20.98 -8.99
N PRO A 259 11.29 20.54 -7.75
CA PRO A 259 11.85 19.18 -7.59
C PRO A 259 10.84 18.07 -7.82
N VAL A 260 11.26 17.02 -8.51
CA VAL A 260 10.38 15.89 -8.82
C VAL A 260 10.97 14.55 -8.34
N PHE A 261 12.29 14.42 -8.34
CA PHE A 261 12.94 13.19 -7.88
C PHE A 261 14.12 13.48 -6.99
N VAL A 262 14.57 12.45 -6.28
CA VAL A 262 15.75 12.56 -5.43
C VAL A 262 16.52 11.25 -5.43
N SER A 263 17.85 11.35 -5.48
CA SER A 263 18.66 10.15 -5.44
C SER A 263 18.99 9.87 -3.98
N LEU A 264 19.47 8.66 -3.69
CA LEU A 264 19.80 8.32 -2.31
C LEU A 264 20.98 9.12 -1.78
N ASP A 265 21.45 10.10 -2.56
CA ASP A 265 22.56 10.92 -2.09
C ASP A 265 22.25 12.40 -2.05
N GLY A 266 21.02 12.75 -2.43
CA GLY A 266 20.63 14.15 -2.40
C GLY A 266 20.53 14.88 -3.73
N LYS A 267 20.84 14.20 -4.83
CA LYS A 267 20.76 14.84 -6.17
C LYS A 267 19.29 15.11 -6.49
N VAL A 268 18.91 16.38 -6.64
CA VAL A 268 17.52 16.75 -6.95
C VAL A 268 17.29 17.01 -8.43
N ILE A 269 16.46 16.19 -9.06
CA ILE A 269 16.12 16.35 -10.48
C ILE A 269 14.87 17.20 -10.59
N PRO A 270 14.92 18.28 -11.40
CA PRO A 270 13.75 19.16 -11.56
C PRO A 270 12.78 18.71 -12.67
N LEU A 271 11.62 19.37 -12.72
CA LEU A 271 10.60 19.04 -13.71
C LEU A 271 11.06 19.13 -15.15
N GLY A 272 11.77 20.20 -15.48
CA GLY A 272 12.22 20.37 -16.84
C GLY A 272 11.06 20.77 -17.74
N GLY A 273 11.33 20.91 -19.04
CA GLY A 273 10.27 21.28 -19.97
C GLY A 273 10.05 22.77 -20.07
N ASP A 274 8.96 23.18 -20.71
CA ASP A 274 8.67 24.61 -20.88
C ASP A 274 7.27 25.02 -20.43
N CYS A 275 6.74 24.42 -19.38
CA CYS A 275 5.41 24.80 -18.91
C CYS A 275 5.03 24.26 -17.55
N THR A 276 3.90 24.76 -17.04
CA THR A 276 3.37 24.32 -15.75
C THR A 276 2.47 23.13 -16.05
N VAL A 277 2.73 22.00 -15.40
CA VAL A 277 1.91 20.82 -15.61
C VAL A 277 1.19 20.42 -14.34
N TYR A 278 0.28 19.46 -14.46
CA TYR A 278 -0.47 18.96 -13.31
C TYR A 278 -0.10 17.49 -13.20
N PRO A 279 0.38 17.05 -12.03
CA PRO A 279 0.75 15.64 -11.91
C PRO A 279 -0.38 14.76 -11.40
N VAL A 280 -0.47 13.55 -11.93
CA VAL A 280 -1.46 12.57 -11.48
C VAL A 280 -0.74 11.23 -11.31
N PHE A 281 -1.28 10.40 -10.43
CA PHE A 281 -0.69 9.09 -10.11
C PHE A 281 0.74 9.23 -9.67
N VAL A 282 0.97 10.18 -8.78
CA VAL A 282 2.30 10.41 -8.23
C VAL A 282 2.61 9.26 -7.28
N ASN A 283 3.53 8.39 -7.68
CA ASN A 283 3.93 7.26 -6.87
C ASN A 283 2.82 6.22 -6.65
N GLU A 284 2.28 5.70 -7.75
CA GLU A 284 1.25 4.67 -7.71
C GLU A 284 2.00 3.32 -7.78
N ALA A 285 1.88 2.50 -6.74
CA ALA A 285 2.60 1.22 -6.71
C ALA A 285 2.49 0.36 -7.99
N ALA A 286 1.28 0.19 -8.52
CA ALA A 286 1.08 -0.65 -9.69
C ALA A 286 1.76 -0.13 -10.94
N TYR A 287 2.26 1.10 -10.90
CA TYR A 287 2.89 1.72 -12.06
C TYR A 287 4.42 1.66 -12.15
N TYR A 288 5.08 1.15 -11.11
CA TYR A 288 6.53 1.05 -11.20
C TYR A 288 6.89 0.21 -12.45
N GLU A 289 6.18 -0.89 -12.67
CA GLU A 289 6.48 -1.74 -13.83
C GLU A 289 5.99 -1.08 -15.12
N LYS A 290 4.90 -0.32 -15.03
CA LYS A 290 4.36 0.37 -16.20
C LYS A 290 5.26 1.57 -16.54
N LYS A 291 6.40 1.66 -15.85
CA LYS A 291 7.37 2.75 -16.04
C LYS A 291 6.73 4.14 -15.95
N GLU A 292 6.02 4.36 -14.85
CA GLU A 292 5.35 5.62 -14.63
C GLU A 292 5.52 6.04 -13.16
N ALA A 293 6.31 7.09 -12.95
CA ALA A 293 6.50 7.64 -11.59
C ALA A 293 5.31 8.58 -11.36
N PHE A 294 4.82 9.18 -12.44
CA PHE A 294 3.64 10.05 -12.43
C PHE A 294 3.32 10.41 -13.88
N ALA A 295 2.20 11.07 -14.09
CA ALA A 295 1.80 11.50 -15.43
C ALA A 295 1.62 13.00 -15.45
N LYS A 296 2.12 13.64 -16.50
CA LYS A 296 1.97 15.08 -16.67
C LYS A 296 0.62 15.36 -17.31
N THR A 297 -0.06 16.40 -16.83
CA THR A 297 -1.37 16.78 -17.35
C THR A 297 -1.55 18.30 -17.45
N THR A 298 -2.45 18.74 -18.34
CA THR A 298 -2.78 20.17 -18.51
C THR A 298 -4.25 20.29 -18.13
N LYS A 299 -4.61 21.33 -17.41
CA LYS A 299 -5.99 21.50 -16.95
C LYS A 299 -6.77 22.50 -17.79
N LEU A 300 -7.75 22.01 -18.53
CA LEU A 300 -8.56 22.90 -19.35
C LEU A 300 -10.00 22.95 -18.89
N THR A 301 -10.82 23.67 -19.64
CA THR A 301 -12.23 23.85 -19.34
C THR A 301 -13.07 23.21 -20.44
N LEU A 302 -14.11 22.48 -20.05
CA LEU A 302 -15.01 21.87 -21.03
C LEU A 302 -16.44 22.29 -20.71
N ASN A 303 -17.24 22.51 -21.74
CA ASN A 303 -18.63 22.91 -21.52
C ASN A 303 -19.56 21.77 -21.93
N ALA A 304 -20.80 21.85 -21.45
CA ALA A 304 -21.83 20.88 -21.76
C ALA A 304 -23.13 21.64 -22.01
N LYS A 305 -23.90 21.22 -23.01
CA LYS A 305 -25.18 21.85 -23.31
C LYS A 305 -26.20 21.29 -22.32
N SER A 306 -27.40 21.83 -22.36
CA SER A 306 -28.48 21.34 -21.50
C SER A 306 -28.83 19.93 -22.03
N ILE A 307 -29.40 19.08 -21.19
CA ILE A 307 -29.78 17.74 -21.63
C ILE A 307 -31.13 17.32 -21.06
N ARG A 308 -31.80 16.40 -21.74
CA ARG A 308 -33.10 15.91 -21.31
C ARG A 308 -33.31 14.48 -21.82
N SER A 309 -34.07 13.68 -21.08
CA SER A 309 -34.34 12.31 -21.50
C SER A 309 -35.40 12.31 -22.58
N THR A 310 -35.23 11.46 -23.59
CA THR A 310 -36.20 11.36 -24.67
C THR A 310 -37.46 10.69 -24.14
N CYS B 4 27.96 -2.14 36.68
CA CYS B 4 28.20 -2.00 35.21
C CYS B 4 28.33 -3.40 34.58
N VAL B 5 27.68 -3.59 33.43
CA VAL B 5 27.68 -4.86 32.72
C VAL B 5 28.54 -4.82 31.46
N ALA B 6 29.78 -5.28 31.56
CA ALA B 6 30.65 -5.31 30.39
C ALA B 6 30.22 -6.46 29.49
N GLU B 7 30.46 -6.32 28.19
CA GLU B 7 30.10 -7.34 27.20
C GLU B 7 31.22 -7.39 26.16
N GLU B 8 31.39 -8.54 25.53
CA GLU B 8 32.40 -8.67 24.50
C GLU B 8 32.12 -7.72 23.33
N PRO B 9 33.19 -7.30 22.61
CA PRO B 9 33.19 -6.40 21.45
C PRO B 9 32.30 -6.85 20.28
N ILE B 10 31.98 -5.90 19.40
CA ILE B 10 31.15 -6.16 18.23
C ILE B 10 31.90 -5.93 16.93
N LYS B 11 31.66 -6.78 15.94
CA LYS B 11 32.35 -6.64 14.65
C LYS B 11 31.50 -7.17 13.49
N LYS B 12 30.94 -8.36 13.68
CA LYS B 12 30.13 -9.01 12.64
C LYS B 12 28.64 -8.69 12.77
N ILE B 13 28.16 -7.81 11.91
CA ILE B 13 26.75 -7.41 11.92
C ILE B 13 26.23 -7.39 10.49
N ALA B 14 24.96 -7.72 10.28
CA ALA B 14 24.39 -7.67 8.94
C ALA B 14 23.25 -6.66 8.90
N ILE B 15 22.84 -6.29 7.69
CA ILE B 15 21.70 -5.39 7.49
C ILE B 15 20.80 -6.11 6.51
N PHE B 16 19.72 -6.68 7.04
CA PHE B 16 18.77 -7.47 6.25
C PHE B 16 17.64 -6.65 5.64
N GLY B 17 17.57 -6.65 4.31
CA GLY B 17 16.51 -5.95 3.61
C GLY B 17 15.85 -6.91 2.64
N GLY B 18 14.52 -6.84 2.51
CA GLY B 18 13.84 -7.73 1.59
C GLY B 18 13.10 -8.90 2.21
N THR B 19 13.41 -9.21 3.47
CA THR B 19 12.76 -10.31 4.18
C THR B 19 11.38 -10.48 3.58
N HIS B 20 10.64 -9.38 3.44
CA HIS B 20 9.35 -9.43 2.75
C HIS B 20 9.64 -8.69 1.43
N GLY B 21 9.43 -9.39 0.32
CA GLY B 21 9.76 -8.86 -1.00
C GLY B 21 9.07 -7.61 -1.49
N ASN B 22 7.97 -7.25 -0.85
CA ASN B 22 7.28 -6.06 -1.27
C ASN B 22 7.52 -4.88 -0.35
N GLU B 23 8.49 -5.04 0.57
CA GLU B 23 8.87 -3.96 1.49
C GLU B 23 10.15 -3.36 0.87
N LEU B 24 9.97 -2.30 0.10
CA LEU B 24 11.04 -1.69 -0.68
C LEU B 24 12.06 -0.80 0.00
N THR B 25 11.73 -0.16 1.11
CA THR B 25 12.71 0.73 1.76
C THR B 25 14.01 -0.02 2.03
N GLY B 26 13.90 -1.18 2.67
CA GLY B 26 15.10 -1.97 2.96
C GLY B 26 15.74 -2.55 1.69
N VAL B 27 14.93 -2.86 0.69
CA VAL B 27 15.50 -3.38 -0.57
C VAL B 27 16.31 -2.30 -1.23
N PHE B 28 15.77 -1.07 -1.22
CA PHE B 28 16.45 0.05 -1.89
C PHE B 28 17.78 0.40 -1.23
N LEU B 29 17.78 0.45 0.10
CA LEU B 29 19.00 0.80 0.85
C LEU B 29 20.06 -0.27 0.72
N VAL B 30 19.67 -1.53 0.89
CA VAL B 30 20.62 -2.62 0.79
C VAL B 30 21.17 -2.76 -0.63
N THR B 31 20.30 -2.69 -1.64
CA THR B 31 20.76 -2.78 -3.01
C THR B 31 21.79 -1.69 -3.26
N HIS B 32 21.53 -0.53 -2.66
CA HIS B 32 22.42 0.62 -2.80
C HIS B 32 23.75 0.43 -2.04
N TRP B 33 23.65 -0.17 -0.85
CA TRP B 33 24.85 -0.37 -0.04
C TRP B 33 25.71 -1.55 -0.47
N LEU B 34 25.15 -2.49 -1.24
CA LEU B 34 25.93 -3.63 -1.73
C LEU B 34 26.92 -3.17 -2.78
N LYS B 35 26.61 -2.06 -3.43
CA LYS B 35 27.47 -1.47 -4.47
C LYS B 35 28.18 -0.23 -3.97
N ASN B 36 27.56 0.46 -3.00
CA ASN B 36 28.07 1.69 -2.44
C ASN B 36 27.86 1.65 -0.93
N GLY B 37 28.81 1.08 -0.20
CA GLY B 37 28.61 0.95 1.25
C GLY B 37 29.26 1.93 2.20
N ALA B 38 29.78 3.05 1.69
CA ALA B 38 30.43 4.00 2.59
C ALA B 38 29.50 4.46 3.70
N GLU B 39 28.20 4.56 3.42
CA GLU B 39 27.25 5.01 4.42
C GLU B 39 27.18 4.11 5.65
N VAL B 40 27.44 2.81 5.46
CA VAL B 40 27.37 1.89 6.60
C VAL B 40 28.73 1.50 7.16
N HIS B 41 29.72 2.34 6.90
CA HIS B 41 31.05 2.09 7.41
C HIS B 41 31.21 2.80 8.77
N ARG B 42 31.84 2.13 9.73
CA ARG B 42 32.12 2.67 11.06
C ARG B 42 33.48 2.15 11.53
N ALA B 43 34.40 3.06 11.81
CA ALA B 43 35.72 2.68 12.29
C ALA B 43 35.61 1.45 13.20
N GLY B 44 36.17 0.34 12.75
CA GLY B 44 36.18 -0.89 13.53
C GLY B 44 34.97 -1.82 13.49
N LEU B 45 34.39 -2.03 12.31
CA LEU B 45 33.23 -2.92 12.20
C LEU B 45 33.10 -3.60 10.84
N GLU B 46 32.60 -4.84 10.83
CA GLU B 46 32.38 -5.58 9.59
C GLU B 46 30.85 -5.45 9.36
N VAL B 47 30.44 -4.99 8.19
CA VAL B 47 29.02 -4.81 7.89
C VAL B 47 28.68 -5.46 6.55
N LYS B 48 27.75 -6.42 6.57
CA LYS B 48 27.39 -7.14 5.36
C LYS B 48 25.93 -6.97 4.96
N PRO B 49 25.67 -6.24 3.85
CA PRO B 49 24.27 -6.06 3.42
C PRO B 49 23.87 -7.41 2.81
N PHE B 50 22.60 -7.78 2.89
CA PHE B 50 22.18 -9.09 2.35
C PHE B 50 20.70 -9.18 2.05
N ILE B 51 20.33 -9.52 0.82
CA ILE B 51 18.91 -9.65 0.50
C ILE B 51 18.45 -11.06 0.87
N THR B 52 17.57 -11.15 1.85
CA THR B 52 17.11 -12.42 2.36
C THR B 52 16.14 -13.19 1.50
N ASN B 53 15.20 -12.51 0.84
CA ASN B 53 14.23 -13.21 -0.01
C ASN B 53 14.29 -12.64 -1.43
N PRO B 54 15.30 -13.05 -2.20
CA PRO B 54 15.48 -12.59 -3.59
C PRO B 54 14.31 -12.88 -4.51
N ARG B 55 13.83 -14.11 -4.52
CA ARG B 55 12.70 -14.44 -5.38
C ARG B 55 11.53 -13.50 -5.11
N ALA B 56 11.27 -13.19 -3.85
CA ALA B 56 10.18 -12.28 -3.51
C ALA B 56 10.51 -10.88 -4.01
N VAL B 57 11.76 -10.47 -3.83
CA VAL B 57 12.16 -9.14 -4.28
C VAL B 57 11.98 -8.97 -5.79
N GLU B 58 12.34 -9.99 -6.56
CA GLU B 58 12.23 -9.87 -8.00
C GLU B 58 10.76 -9.83 -8.43
N LYS B 59 9.88 -10.47 -7.67
CA LYS B 59 8.44 -10.51 -7.98
C LYS B 59 7.63 -9.46 -7.22
N CYS B 60 8.31 -8.73 -6.33
CA CYS B 60 7.71 -7.72 -5.47
C CYS B 60 6.48 -8.29 -4.77
N THR B 61 6.71 -9.36 -4.04
CA THR B 61 5.67 -10.07 -3.30
C THR B 61 6.22 -10.40 -1.91
N ARG B 62 5.33 -10.43 -0.92
CA ARG B 62 5.75 -10.71 0.46
C ARG B 62 6.52 -12.03 0.61
N TYR B 63 6.13 -13.06 -0.14
CA TYR B 63 6.80 -14.35 -0.10
C TYR B 63 6.40 -15.23 -1.29
N ILE B 64 7.23 -16.24 -1.58
CA ILE B 64 6.98 -17.16 -2.68
C ILE B 64 6.14 -18.32 -2.21
N ASP B 65 6.68 -19.16 -1.34
CA ASP B 65 5.91 -20.30 -0.82
C ASP B 65 5.34 -19.98 0.56
N CYS B 66 6.12 -19.29 1.39
CA CYS B 66 5.63 -18.93 2.71
C CYS B 66 6.46 -17.77 3.28
N ASP B 67 5.95 -17.15 4.34
CA ASP B 67 6.59 -16.03 4.99
C ASP B 67 8.02 -16.40 5.42
N LEU B 68 9.02 -15.78 4.80
CA LEU B 68 10.42 -16.08 5.13
C LEU B 68 10.78 -15.74 6.57
N ASN B 69 10.05 -14.81 7.18
CA ASN B 69 10.28 -14.38 8.55
C ASN B 69 9.53 -15.26 9.56
N ARG B 70 8.95 -16.35 9.07
CA ARG B 70 8.21 -17.28 9.93
C ARG B 70 8.61 -18.73 9.73
N VAL B 71 9.89 -18.97 9.42
CA VAL B 71 10.36 -20.32 9.21
C VAL B 71 11.80 -20.56 9.67
N PHE B 72 12.27 -19.75 10.61
CA PHE B 72 13.63 -19.94 11.10
C PHE B 72 13.68 -20.81 12.34
N ASP B 73 12.64 -21.61 12.52
CA ASP B 73 12.56 -22.54 13.65
C ASP B 73 13.81 -23.39 13.60
N LEU B 74 14.31 -23.80 14.77
CA LEU B 74 15.52 -24.62 14.85
C LEU B 74 15.43 -25.90 14.02
N GLU B 75 14.23 -26.20 13.51
CA GLU B 75 14.00 -27.38 12.71
C GLU B 75 14.19 -27.15 11.20
N ASN B 76 13.38 -26.27 10.60
CA ASN B 76 13.49 -26.00 9.17
C ASN B 76 14.95 -25.88 8.70
N LEU B 77 15.77 -25.22 9.50
CA LEU B 77 17.19 -25.03 9.17
C LEU B 77 17.98 -26.34 9.22
N SER B 78 17.66 -27.18 10.19
CA SER B 78 18.35 -28.46 10.36
C SER B 78 17.58 -29.56 9.65
N LYS B 79 16.90 -29.16 8.56
CA LYS B 79 16.08 -30.10 7.80
C LYS B 79 16.75 -30.59 6.51
N GLU B 80 16.75 -31.92 6.34
CA GLU B 80 17.33 -32.54 5.16
C GLU B 80 16.74 -31.96 3.88
N MSE B 81 17.60 -31.58 2.96
CA MSE B 81 17.20 -31.00 1.69
C MSE B 81 16.31 -31.93 0.85
O MSE B 81 16.60 -33.12 0.74
CB MSE B 81 18.44 -30.61 0.88
CG MSE B 81 18.15 -29.90 -0.42
SE MSE B 81 17.38 -28.16 -0.11
CE MSE B 81 18.97 -27.09 -0.30
N SER B 82 15.26 -31.38 0.28
CA SER B 82 14.34 -32.15 -0.56
C SER B 82 13.72 -31.22 -1.61
N GLU B 83 12.99 -31.81 -2.55
CA GLU B 83 12.34 -31.04 -3.62
C GLU B 83 11.10 -30.35 -3.06
N ASP B 84 10.27 -31.12 -2.37
CA ASP B 84 9.06 -30.60 -1.75
C ASP B 84 9.38 -29.39 -0.86
N LEU B 85 10.66 -29.21 -0.56
CA LEU B 85 11.11 -28.11 0.30
C LEU B 85 10.86 -26.74 -0.34
N PRO B 86 9.99 -25.92 0.28
CA PRO B 86 9.67 -24.59 -0.24
C PRO B 86 10.88 -23.66 -0.37
N TYR B 87 10.84 -22.77 -1.36
CA TYR B 87 11.93 -21.85 -1.58
C TYR B 87 12.41 -21.18 -0.28
N GLU B 88 11.49 -20.53 0.42
CA GLU B 88 11.84 -19.82 1.65
C GLU B 88 12.54 -20.71 2.68
N VAL B 89 12.12 -21.97 2.80
CA VAL B 89 12.79 -22.85 3.78
C VAL B 89 14.22 -23.11 3.30
N ARG B 90 14.38 -23.32 2.00
CA ARG B 90 15.71 -23.55 1.43
C ARG B 90 16.55 -22.28 1.58
N ARG B 91 15.95 -21.14 1.28
CA ARG B 91 16.67 -19.86 1.40
C ARG B 91 17.13 -19.60 2.83
N ALA B 92 16.29 -19.89 3.81
CA ALA B 92 16.68 -19.68 5.22
C ALA B 92 17.89 -20.55 5.54
N GLN B 93 17.99 -21.70 4.89
CA GLN B 93 19.13 -22.58 5.14
C GLN B 93 20.42 -21.86 4.78
N GLU B 94 20.44 -21.22 3.61
CA GLU B 94 21.64 -20.48 3.20
C GLU B 94 21.94 -19.33 4.15
N ILE B 95 20.91 -18.55 4.50
CA ILE B 95 21.10 -17.43 5.40
C ILE B 95 21.71 -17.91 6.70
N ASN B 96 21.07 -18.92 7.30
CA ASN B 96 21.55 -19.47 8.55
C ASN B 96 22.97 -19.97 8.40
N HIS B 97 23.26 -20.59 7.25
CA HIS B 97 24.59 -21.10 7.00
C HIS B 97 25.60 -19.95 6.85
N LEU B 98 25.12 -18.77 6.46
CA LEU B 98 26.02 -17.63 6.27
C LEU B 98 26.08 -16.68 7.47
N PHE B 99 24.97 -16.55 8.19
CA PHE B 99 24.93 -15.62 9.30
C PHE B 99 24.72 -16.24 10.66
N GLY B 100 24.60 -17.57 10.68
CA GLY B 100 24.42 -18.27 11.94
C GLY B 100 25.71 -19.00 12.25
N PRO B 101 25.64 -20.19 12.88
CA PRO B 101 24.43 -20.90 13.31
C PRO B 101 23.67 -20.29 14.48
N LYS B 102 22.34 -20.26 14.36
CA LYS B 102 21.46 -19.73 15.39
C LYS B 102 21.81 -20.43 16.70
N ASN B 103 22.01 -19.64 17.75
CA ASN B 103 22.38 -20.14 19.08
C ASN B 103 23.87 -20.50 19.21
N SER B 104 24.57 -20.52 18.07
CA SER B 104 26.00 -20.81 18.07
C SER B 104 26.82 -19.59 18.40
N ASP B 105 28.00 -19.82 18.97
CA ASP B 105 28.91 -18.74 19.33
C ASP B 105 29.53 -18.11 18.09
N ASP B 106 29.35 -18.75 16.93
CA ASP B 106 29.88 -18.24 15.68
C ASP B 106 28.86 -17.36 14.91
N ALA B 107 27.62 -17.35 15.37
CA ALA B 107 26.57 -16.56 14.69
C ALA B 107 26.92 -15.07 14.69
N TYR B 108 26.30 -14.33 13.77
CA TYR B 108 26.55 -12.89 13.73
C TYR B 108 26.10 -12.27 15.05
N ASP B 109 26.82 -11.26 15.51
CA ASP B 109 26.51 -10.60 16.76
C ASP B 109 25.15 -9.91 16.75
N VAL B 110 24.98 -8.96 15.82
CA VAL B 110 23.74 -8.21 15.69
C VAL B 110 23.23 -8.32 14.27
N VAL B 111 21.91 -8.40 14.11
CA VAL B 111 21.31 -8.42 12.77
C VAL B 111 20.24 -7.31 12.79
N PHE B 112 20.28 -6.43 11.78
CA PHE B 112 19.29 -5.34 11.62
C PHE B 112 18.45 -5.75 10.41
N ASP B 113 17.20 -6.15 10.64
CA ASP B 113 16.30 -6.54 9.53
C ASP B 113 15.34 -5.36 9.32
N LEU B 114 15.41 -4.76 8.13
CA LEU B 114 14.62 -3.58 7.77
C LEU B 114 13.21 -3.92 7.28
N HIS B 115 12.23 -3.18 7.80
CA HIS B 115 10.85 -3.46 7.48
C HIS B 115 9.91 -2.26 7.39
N ASN B 116 8.95 -2.35 6.46
CA ASN B 116 7.94 -1.30 6.31
C ASN B 116 6.58 -1.87 6.70
N THR B 117 5.67 -0.97 7.02
CA THR B 117 4.30 -1.36 7.38
C THR B 117 3.37 -0.30 6.82
N THR B 118 2.15 -0.70 6.46
CA THR B 118 1.15 0.25 5.98
C THR B 118 0.49 0.96 7.18
N SER B 119 0.81 0.53 8.41
CA SER B 119 0.24 1.16 9.61
C SER B 119 0.97 2.47 9.93
N ASN B 120 0.29 3.43 10.56
CA ASN B 120 0.89 4.73 10.87
C ASN B 120 1.77 4.70 12.12
N MSE B 121 2.74 3.78 12.11
CA MSE B 121 3.61 3.57 13.26
C MSE B 121 4.71 4.58 13.49
O MSE B 121 5.20 4.72 14.62
CB MSE B 121 4.25 2.17 13.17
CG MSE B 121 3.23 1.05 13.25
SE MSE B 121 2.66 0.76 15.06
CE MSE B 121 4.10 -0.43 15.59
N GLY B 122 5.09 5.30 12.44
CA GLY B 122 6.20 6.23 12.59
C GLY B 122 7.46 5.39 12.61
N CYS B 123 8.48 5.87 13.32
CA CYS B 123 9.75 5.17 13.46
C CYS B 123 9.66 4.22 14.66
N THR B 124 9.84 2.92 14.43
CA THR B 124 9.73 1.94 15.52
C THR B 124 10.87 0.93 15.53
N LEU B 125 11.29 0.54 16.73
CA LEU B 125 12.35 -0.44 16.95
C LEU B 125 11.67 -1.65 17.62
N ILE B 126 12.04 -2.86 17.22
CA ILE B 126 11.45 -4.07 17.78
C ILE B 126 12.41 -4.78 18.71
N LEU B 127 11.99 -4.95 19.96
CA LEU B 127 12.83 -5.61 20.97
C LEU B 127 12.22 -6.98 21.30
N GLY B 128 13.04 -8.01 21.45
CA GLY B 128 12.53 -9.34 21.78
C GLY B 128 12.94 -9.83 23.16
N ASP B 129 13.85 -9.11 23.80
CA ASP B 129 14.35 -9.50 25.13
C ASP B 129 14.24 -8.34 26.13
N SER B 130 13.30 -8.43 27.05
CA SER B 130 13.10 -7.35 28.02
C SER B 130 14.24 -7.21 29.03
N GLY B 131 15.18 -8.15 29.01
CA GLY B 131 16.32 -8.08 29.92
C GLY B 131 17.61 -7.78 29.18
N ASN B 132 17.56 -7.68 27.85
CA ASN B 132 18.77 -7.44 27.06
C ASN B 132 19.26 -6.02 27.26
N ASP B 133 20.21 -5.83 28.16
CA ASP B 133 20.73 -4.50 28.46
C ASP B 133 21.52 -3.87 27.31
N PHE B 134 22.18 -4.67 26.48
CA PHE B 134 22.95 -4.10 25.37
C PHE B 134 21.99 -3.40 24.39
N LEU B 135 20.89 -4.07 24.08
CA LEU B 135 19.90 -3.50 23.16
C LEU B 135 19.07 -2.39 23.77
N ILE B 136 18.92 -2.39 25.10
CA ILE B 136 18.16 -1.30 25.72
C ILE B 136 18.98 -0.02 25.59
N GLN B 137 20.29 -0.13 25.81
CA GLN B 137 21.17 1.03 25.68
C GLN B 137 21.27 1.50 24.21
N MSE B 138 21.30 0.55 23.26
CA MSE B 138 21.35 0.95 21.85
C MSE B 138 20.04 1.70 21.53
O MSE B 138 20.04 2.74 20.85
CB MSE B 138 21.43 -0.28 20.92
CG MSE B 138 21.43 0.10 19.42
SE MSE B 138 21.25 -1.41 18.23
CE MSE B 138 22.91 -2.31 18.67
N PHE B 139 18.92 1.12 21.96
CA PHE B 139 17.63 1.74 21.67
C PHE B 139 17.50 3.09 22.38
N HIS B 140 17.84 3.15 23.65
CA HIS B 140 17.79 4.42 24.36
C HIS B 140 18.65 5.43 23.60
N TYR B 141 19.85 5.01 23.21
CA TYR B 141 20.76 5.89 22.44
C TYR B 141 20.09 6.40 21.15
N ILE B 142 19.52 5.50 20.37
CA ILE B 142 18.88 5.90 19.10
C ILE B 142 17.74 6.87 19.36
N LYS B 143 16.85 6.50 20.28
CA LYS B 143 15.71 7.36 20.62
C LYS B 143 16.15 8.78 20.94
N THR B 144 17.23 8.89 21.72
CA THR B 144 17.75 10.19 22.14
C THR B 144 18.44 10.95 21.02
N CYS B 145 19.16 10.22 20.17
CA CYS B 145 19.88 10.89 19.08
C CYS B 145 19.02 11.54 18.00
N MSE B 146 18.07 10.78 17.47
CA MSE B 146 17.21 11.29 16.40
C MSE B 146 16.10 12.21 16.88
O MSE B 146 15.36 12.76 16.07
CB MSE B 146 16.62 10.13 15.60
CG MSE B 146 17.44 9.77 14.38
SE MSE B 146 16.85 8.16 13.51
CE MSE B 146 15.17 8.78 12.80
N ALA B 147 15.99 12.37 18.20
CA ALA B 147 14.95 13.22 18.79
C ALA B 147 15.10 14.66 18.29
N PRO B 148 14.03 15.47 18.35
CA PRO B 148 12.72 15.10 18.87
C PRO B 148 11.81 14.41 17.85
N LEU B 149 12.40 13.53 17.03
CA LEU B 149 11.64 12.78 16.03
C LEU B 149 11.02 11.58 16.75
N PRO B 150 9.71 11.33 16.54
CA PRO B 150 9.03 10.21 17.19
C PRO B 150 9.56 8.81 16.89
N CYS B 151 10.37 8.28 17.81
CA CYS B 151 10.94 6.94 17.69
C CYS B 151 10.39 6.11 18.83
N SER B 152 9.72 5.00 18.49
CA SER B 152 9.06 4.16 19.50
C SER B 152 9.51 2.71 19.47
N VAL B 153 9.47 2.03 20.62
CA VAL B 153 9.89 0.63 20.66
C VAL B 153 8.72 -0.30 20.98
N TYR B 154 8.71 -1.46 20.31
CA TYR B 154 7.66 -2.48 20.49
C TYR B 154 8.34 -3.76 20.99
N LEU B 155 7.92 -4.25 22.16
CA LEU B 155 8.49 -5.47 22.76
C LEU B 155 7.62 -6.68 22.44
N ILE B 156 8.17 -7.58 21.62
CA ILE B 156 7.52 -8.82 21.20
C ILE B 156 8.33 -9.89 21.90
N GLU B 157 7.90 -10.28 23.09
CA GLU B 157 8.66 -11.24 23.88
C GLU B 157 8.24 -12.72 23.87
N HIS B 158 6.97 -13.01 23.61
CA HIS B 158 6.49 -14.40 23.59
C HIS B 158 7.46 -15.37 22.88
N PRO B 159 7.83 -16.48 23.57
CA PRO B 159 8.75 -17.53 23.08
C PRO B 159 8.46 -18.09 21.69
N SER B 160 7.34 -18.79 21.55
CA SER B 160 6.97 -19.38 20.27
C SER B 160 6.58 -18.29 19.28
N LEU B 161 6.45 -17.07 19.78
CA LEU B 161 6.09 -15.92 18.96
C LEU B 161 7.24 -14.92 18.94
N LYS B 162 8.41 -15.35 18.48
CA LYS B 162 9.59 -14.49 18.45
C LYS B 162 10.85 -15.19 17.91
N TYR B 163 10.94 -16.50 18.11
CA TYR B 163 12.11 -17.25 17.67
C TYR B 163 12.15 -17.52 16.17
N ALA B 164 11.00 -17.76 15.57
CA ALA B 164 10.96 -18.09 14.15
C ALA B 164 11.34 -16.93 13.21
N THR B 165 11.68 -15.76 13.75
CA THR B 165 12.02 -14.64 12.86
C THR B 165 13.43 -14.75 12.30
N THR B 166 13.59 -14.22 11.10
CA THR B 166 14.86 -14.24 10.40
C THR B 166 15.98 -13.65 11.26
N ARG B 167 15.75 -12.48 11.82
CA ARG B 167 16.77 -11.78 12.62
C ARG B 167 17.25 -12.56 13.84
N SER B 168 16.55 -13.63 14.20
CA SER B 168 16.93 -14.41 15.39
C SER B 168 18.26 -15.14 15.18
N ILE B 169 18.67 -15.27 13.92
CA ILE B 169 19.96 -15.92 13.62
C ILE B 169 21.12 -15.33 14.43
N ALA B 170 21.03 -14.04 14.72
CA ALA B 170 22.08 -13.37 15.47
C ALA B 170 21.94 -13.57 16.97
N LYS B 171 22.98 -13.14 17.68
CA LYS B 171 22.98 -13.19 19.13
C LYS B 171 22.14 -11.99 19.60
N TYR B 172 22.24 -10.88 18.86
CA TYR B 172 21.47 -9.67 19.17
C TYR B 172 20.62 -9.29 17.96
N PRO B 173 19.37 -9.77 17.92
CA PRO B 173 18.48 -9.47 16.80
C PRO B 173 17.96 -8.03 16.95
N VAL B 174 17.85 -7.35 15.81
CA VAL B 174 17.32 -5.99 15.81
C VAL B 174 16.37 -5.83 14.64
N GLY B 175 15.13 -5.49 14.94
CA GLY B 175 14.18 -5.28 13.87
C GLY B 175 13.94 -3.78 13.76
N ILE B 176 13.99 -3.26 12.54
CA ILE B 176 13.74 -1.83 12.29
C ILE B 176 12.49 -1.74 11.41
N GLU B 177 11.50 -1.00 11.91
CA GLU B 177 10.22 -0.89 11.23
C GLU B 177 9.88 0.57 10.94
N VAL B 178 9.49 0.86 9.70
CA VAL B 178 9.15 2.25 9.39
C VAL B 178 7.88 2.25 8.53
N GLY B 179 6.92 3.05 8.96
CA GLY B 179 5.66 3.21 8.24
C GLY B 179 5.10 4.56 8.62
N PRO B 180 3.97 4.97 8.03
CA PRO B 180 3.20 4.23 7.03
C PRO B 180 3.70 4.37 5.59
N GLN B 181 3.73 3.25 4.86
CA GLN B 181 4.14 3.23 3.46
C GLN B 181 3.45 2.08 2.72
N PRO B 182 2.71 2.39 1.63
CA PRO B 182 2.04 1.32 0.86
C PRO B 182 3.12 0.31 0.39
N HIS B 183 2.86 -0.99 0.47
CA HIS B 183 3.87 -1.91 -0.01
C HIS B 183 4.03 -1.67 -1.51
N GLY B 184 5.25 -1.86 -2.02
CA GLY B 184 5.50 -1.66 -3.44
C GLY B 184 5.72 -0.19 -3.79
N VAL B 185 5.83 0.65 -2.76
CA VAL B 185 6.05 2.09 -2.93
C VAL B 185 7.31 2.56 -2.18
N LEU B 186 8.01 3.54 -2.75
CA LEU B 186 9.19 4.12 -2.08
C LEU B 186 8.95 5.62 -1.86
N ARG B 187 8.83 6.02 -0.58
CA ARG B 187 8.64 7.43 -0.20
C ARG B 187 9.98 7.96 0.29
N ALA B 188 10.29 9.22 -0.05
CA ALA B 188 11.54 9.82 0.37
C ALA B 188 11.57 10.05 1.86
N ASP B 189 10.44 10.44 2.45
CA ASP B 189 10.46 10.67 3.88
C ASP B 189 10.73 9.40 4.66
N ILE B 190 10.19 8.27 4.21
CA ILE B 190 10.41 6.99 4.91
C ILE B 190 11.86 6.53 4.73
N LEU B 191 12.42 6.77 3.55
CA LEU B 191 13.82 6.40 3.31
C LEU B 191 14.74 7.12 4.31
N ASP B 192 14.62 8.45 4.40
CA ASP B 192 15.47 9.21 5.33
C ASP B 192 15.28 8.78 6.78
N GLN B 193 14.04 8.47 7.16
CA GLN B 193 13.78 8.05 8.54
C GLN B 193 14.50 6.74 8.87
N MSE B 194 14.42 5.77 7.97
CA MSE B 194 15.08 4.50 8.24
C MSE B 194 16.61 4.63 8.18
O MSE B 194 17.33 4.02 8.98
CB MSE B 194 14.60 3.42 7.27
CG MSE B 194 15.09 2.05 7.65
SE MSE B 194 14.38 0.71 6.52
CE MSE B 194 12.58 0.65 7.20
N ARG B 195 17.11 5.40 7.22
CA ARG B 195 18.57 5.56 7.08
C ARG B 195 19.16 6.16 8.33
N ARG B 196 18.51 7.19 8.86
CA ARG B 196 19.01 7.84 10.08
C ARG B 196 19.02 6.81 11.18
N MSE B 197 18.24 5.76 11.03
CA MSE B 197 18.18 4.73 12.06
C MSE B 197 19.45 3.91 12.04
O MSE B 197 20.15 3.80 13.05
CB MSE B 197 16.96 3.81 11.85
CG MSE B 197 16.11 3.59 13.09
SE MSE B 197 15.16 5.16 13.77
CE MSE B 197 13.63 5.01 12.60
N LEU B 198 19.75 3.33 10.90
CA LEU B 198 20.93 2.50 10.80
C LEU B 198 22.19 3.29 11.15
N LYS B 199 22.16 4.60 10.91
CA LYS B 199 23.30 5.47 11.22
C LYS B 199 23.55 5.52 12.73
N HIS B 200 22.57 6.01 13.48
CA HIS B 200 22.74 6.09 14.93
C HIS B 200 22.92 4.73 15.57
N ALA B 201 22.22 3.71 15.06
CA ALA B 201 22.37 2.37 15.60
C ALA B 201 23.79 1.88 15.29
N LEU B 202 24.33 2.31 14.16
CA LEU B 202 25.71 1.92 13.78
C LEU B 202 26.77 2.76 14.50
N ASP B 203 26.54 4.06 14.69
CA ASP B 203 27.53 4.86 15.42
C ASP B 203 27.62 4.29 16.83
N PHE B 204 26.49 3.81 17.34
CA PHE B 204 26.45 3.20 18.67
C PHE B 204 27.45 2.07 18.78
N ILE B 205 27.29 1.07 17.91
CA ILE B 205 28.18 -0.08 17.92
C ILE B 205 29.66 0.35 17.89
N GLN B 206 29.98 1.33 17.06
CA GLN B 206 31.37 1.76 16.99
C GLN B 206 31.83 2.30 18.35
N ARG B 207 31.08 3.26 18.90
CA ARG B 207 31.44 3.86 20.20
C ARG B 207 31.51 2.80 21.31
N PHE B 208 30.51 1.94 21.38
CA PHE B 208 30.51 0.87 22.39
C PHE B 208 31.86 0.17 22.32
N ASN B 209 32.31 -0.13 21.11
CA ASN B 209 33.60 -0.81 20.95
C ASN B 209 34.78 0.09 21.33
N GLU B 210 34.65 1.40 21.09
CA GLU B 210 35.74 2.31 21.41
C GLU B 210 35.89 2.50 22.92
N GLY B 211 35.12 1.73 23.67
CA GLY B 211 35.22 1.81 25.12
C GLY B 211 34.29 2.81 25.75
N LYS B 212 33.35 3.35 24.98
CA LYS B 212 32.41 4.31 25.56
C LYS B 212 31.56 3.55 26.56
N GLU B 213 31.43 4.11 27.75
CA GLU B 213 30.62 3.49 28.80
C GLU B 213 29.36 4.34 28.93
N PHE B 214 28.22 3.70 29.06
CA PHE B 214 26.95 4.39 29.14
C PHE B 214 26.34 4.28 30.53
N PRO B 215 25.80 5.38 31.07
CA PRO B 215 25.21 5.34 32.40
C PRO B 215 23.95 4.48 32.42
N PRO B 216 23.27 4.39 33.57
CA PRO B 216 22.06 3.58 33.63
C PRO B 216 20.95 4.32 32.85
N CYS B 217 20.50 3.75 31.74
CA CYS B 217 19.43 4.38 30.95
C CYS B 217 18.15 3.60 31.10
N ALA B 218 17.07 4.07 30.49
CA ALA B 218 15.79 3.38 30.57
C ALA B 218 15.01 3.41 29.27
N ILE B 219 13.84 2.78 29.28
CA ILE B 219 12.95 2.77 28.12
C ILE B 219 11.55 2.36 28.54
N ASP B 220 10.62 3.24 28.23
CA ASP B 220 9.21 3.03 28.51
C ASP B 220 8.62 2.73 27.14
N VAL B 221 8.51 1.45 26.79
CA VAL B 221 7.96 1.07 25.49
C VAL B 221 6.57 0.47 25.72
N TYR B 222 6.03 -0.19 24.71
CA TYR B 222 4.70 -0.82 24.83
C TYR B 222 4.86 -2.31 24.50
N LYS B 223 4.37 -3.19 25.39
CA LYS B 223 4.44 -4.65 25.22
C LYS B 223 3.14 -5.27 24.73
N ILE B 224 3.26 -6.19 23.78
CA ILE B 224 2.12 -6.87 23.18
C ILE B 224 1.29 -7.64 24.20
N MSE B 225 -0.04 -7.56 24.04
CA MSE B 225 -0.94 -8.26 24.94
C MSE B 225 -1.59 -9.37 24.12
O MSE B 225 -1.59 -10.52 24.52
CB MSE B 225 -2.04 -7.31 25.49
CG MSE B 225 -3.01 -7.94 26.52
SE MSE B 225 -4.66 -6.89 26.92
CE MSE B 225 -3.88 -5.46 27.95
N GLU B 226 -2.12 -9.02 22.95
CA GLU B 226 -2.77 -9.99 22.08
C GLU B 226 -3.23 -9.38 20.77
N LYS B 227 -3.26 -10.21 19.73
CA LYS B 227 -3.71 -9.80 18.39
C LYS B 227 -5.23 -9.78 18.37
N VAL B 228 -5.80 -8.75 17.74
CA VAL B 228 -7.26 -8.65 17.63
C VAL B 228 -7.63 -8.84 16.16
N ASP B 229 -8.38 -9.89 15.88
CA ASP B 229 -8.77 -10.14 14.50
C ASP B 229 -9.97 -9.30 14.12
N TYR B 230 -10.27 -9.27 12.82
CA TYR B 230 -11.42 -8.56 12.31
C TYR B 230 -12.66 -9.39 12.58
N PRO B 231 -13.80 -8.74 12.84
CA PRO B 231 -15.03 -9.49 13.06
C PRO B 231 -15.22 -10.11 11.67
N ARG B 232 -15.59 -11.38 11.59
CA ARG B 232 -15.74 -11.99 10.27
C ARG B 232 -17.07 -12.70 10.15
N ASN B 233 -17.67 -12.64 8.96
CA ASN B 233 -18.95 -13.30 8.72
C ASN B 233 -18.76 -14.80 8.64
N GLU B 234 -19.85 -15.53 8.85
CA GLU B 234 -19.83 -16.99 8.79
C GLU B 234 -19.01 -17.44 7.58
N SER B 235 -19.05 -16.64 6.52
CA SER B 235 -18.31 -16.95 5.30
C SER B 235 -16.81 -16.93 5.53
N GLY B 236 -16.37 -16.05 6.43
CA GLY B 236 -14.96 -15.93 6.73
C GLY B 236 -14.39 -14.60 6.26
N ASP B 237 -15.17 -13.86 5.48
CA ASP B 237 -14.75 -12.57 4.98
C ASP B 237 -14.94 -11.50 6.05
N VAL B 238 -14.23 -10.39 5.93
CA VAL B 238 -14.32 -9.29 6.89
C VAL B 238 -15.74 -8.72 6.91
N ALA B 239 -16.29 -8.55 8.11
CA ALA B 239 -17.64 -8.01 8.28
C ALA B 239 -17.63 -6.56 8.77
N ALA B 240 -16.46 -6.07 9.18
CA ALA B 240 -16.32 -4.71 9.68
C ALA B 240 -14.88 -4.23 9.48
N VAL B 241 -14.70 -2.94 9.22
CA VAL B 241 -13.35 -2.40 9.00
C VAL B 241 -12.92 -1.50 10.14
N ILE B 242 -11.64 -1.13 10.15
CA ILE B 242 -11.11 -0.24 11.19
C ILE B 242 -11.90 1.07 11.22
N HIS B 243 -12.38 1.43 12.41
CA HIS B 243 -13.18 2.64 12.59
C HIS B 243 -12.27 3.85 12.37
N PRO B 244 -12.78 4.90 11.71
CA PRO B 244 -11.95 6.08 11.45
C PRO B 244 -11.30 6.72 12.68
N ASN B 245 -11.83 6.43 13.86
CA ASN B 245 -11.28 6.99 15.09
C ASN B 245 -10.07 6.18 15.59
N LEU B 246 -9.89 4.97 15.05
CA LEU B 246 -8.76 4.11 15.42
C LEU B 246 -7.70 4.09 14.29
N GLN B 247 -8.15 4.23 13.05
CA GLN B 247 -7.24 4.24 11.89
C GLN B 247 -6.16 5.31 12.07
N ASP B 248 -4.91 4.95 11.78
CA ASP B 248 -3.75 5.85 11.89
C ASP B 248 -3.46 6.33 13.31
N GLN B 249 -4.18 5.78 14.31
CA GLN B 249 -3.98 6.20 15.70
C GLN B 249 -3.15 5.20 16.52
N ASP B 250 -2.17 4.61 15.87
CA ASP B 250 -1.29 3.66 16.53
C ASP B 250 -0.55 4.38 17.67
N TRP B 251 -0.39 3.66 18.78
CA TRP B 251 0.30 4.08 20.01
C TRP B 251 -0.57 4.89 21.00
N LYS B 252 -1.67 5.49 20.52
CA LYS B 252 -2.52 6.30 21.41
C LYS B 252 -3.44 5.44 22.26
N PRO B 253 -3.52 5.72 23.57
CA PRO B 253 -4.37 4.92 24.46
C PRO B 253 -5.77 4.70 23.92
N LEU B 254 -6.26 3.48 24.10
CA LEU B 254 -7.60 3.09 23.66
C LEU B 254 -8.28 2.43 24.86
N HIS B 255 -9.48 2.89 25.20
CA HIS B 255 -10.25 2.34 26.34
C HIS B 255 -11.37 1.40 25.87
N PRO B 256 -11.85 0.51 26.75
CA PRO B 256 -12.92 -0.47 26.45
C PRO B 256 -14.11 -0.02 25.58
N GLY B 257 -14.60 1.20 25.78
CA GLY B 257 -15.73 1.68 25.00
C GLY B 257 -15.36 2.32 23.68
N ASP B 258 -14.12 2.77 23.55
CA ASP B 258 -13.66 3.42 22.33
C ASP B 258 -13.95 2.50 21.15
N PRO B 259 -14.47 3.06 20.06
CA PRO B 259 -14.80 2.26 18.88
C PRO B 259 -13.53 1.62 18.29
N VAL B 260 -13.71 0.42 17.74
CA VAL B 260 -12.59 -0.33 17.13
C VAL B 260 -12.82 -0.62 15.63
N PHE B 261 -13.91 -1.33 15.31
CA PHE B 261 -14.21 -1.67 13.91
C PHE B 261 -15.39 -0.87 13.38
N VAL B 262 -15.97 -1.34 12.28
CA VAL B 262 -17.15 -0.71 11.68
C VAL B 262 -17.61 -1.46 10.44
N SER B 263 -18.90 -1.81 10.42
CA SER B 263 -19.46 -2.51 9.27
C SER B 263 -20.00 -1.50 8.28
N LEU B 264 -20.30 -1.96 7.08
CA LEU B 264 -20.86 -1.05 6.09
C LEU B 264 -22.25 -0.61 6.50
N ASP B 265 -23.03 -1.52 7.08
CA ASP B 265 -24.39 -1.16 7.50
C ASP B 265 -24.37 -0.17 8.65
N GLY B 266 -23.17 0.34 8.97
CA GLY B 266 -23.02 1.33 10.01
C GLY B 266 -22.86 0.90 11.47
N LYS B 267 -22.79 -0.41 11.74
CA LYS B 267 -22.61 -0.87 13.12
C LYS B 267 -21.28 -0.32 13.65
N VAL B 268 -20.97 -0.63 14.90
CA VAL B 268 -19.74 -0.19 15.52
C VAL B 268 -19.40 -1.30 16.50
N ILE B 269 -18.11 -1.51 16.74
CA ILE B 269 -17.66 -2.54 17.67
C ILE B 269 -16.58 -1.96 18.57
N PRO B 270 -16.87 -1.84 19.87
CA PRO B 270 -15.86 -1.27 20.77
C PRO B 270 -14.77 -2.23 21.24
N LEU B 271 -13.69 -1.67 21.77
CA LEU B 271 -12.58 -2.47 22.25
C LEU B 271 -13.05 -3.57 23.19
N GLY B 272 -13.98 -3.23 24.08
CA GLY B 272 -14.45 -4.22 25.03
C GLY B 272 -13.36 -4.53 26.03
N GLY B 273 -13.74 -5.10 27.16
CA GLY B 273 -12.74 -5.42 28.19
C GLY B 273 -12.71 -4.37 29.28
N ASP B 274 -11.68 -4.40 30.12
CA ASP B 274 -11.57 -3.44 31.22
C ASP B 274 -10.14 -2.88 31.33
N CYS B 275 -9.31 -3.19 30.34
CA CYS B 275 -7.93 -2.73 30.35
C CYS B 275 -7.63 -1.83 29.17
N THR B 276 -7.03 -0.68 29.47
CA THR B 276 -6.64 0.28 28.43
C THR B 276 -5.42 -0.31 27.71
N VAL B 277 -5.44 -0.28 26.38
CA VAL B 277 -4.32 -0.80 25.60
C VAL B 277 -3.90 0.26 24.59
N TYR B 278 -2.70 0.10 24.04
CA TYR B 278 -2.19 1.04 23.05
C TYR B 278 -2.19 0.21 21.78
N PRO B 279 -2.88 0.69 20.74
CA PRO B 279 -2.96 -0.05 19.49
C PRO B 279 -1.78 0.20 18.55
N VAL B 280 -1.15 -0.88 18.11
CA VAL B 280 -0.07 -0.75 17.14
C VAL B 280 -0.49 -1.57 15.92
N PHE B 281 0.21 -1.37 14.81
CA PHE B 281 -0.11 -2.07 13.57
C PHE B 281 -1.60 -2.02 13.31
N VAL B 282 -2.12 -0.79 13.34
CA VAL B 282 -3.53 -0.56 13.06
C VAL B 282 -3.69 -0.62 11.55
N ASN B 283 -4.34 -1.67 11.08
CA ASN B 283 -4.59 -1.84 9.64
C ASN B 283 -3.35 -2.05 8.75
N GLU B 284 -2.60 -3.12 9.02
CA GLU B 284 -1.42 -3.49 8.21
C GLU B 284 -1.92 -4.48 7.17
N ALA B 285 -1.40 -4.36 5.95
CA ALA B 285 -1.81 -5.24 4.85
C ALA B 285 -1.55 -6.74 5.07
N ALA B 286 -0.34 -7.08 5.49
CA ALA B 286 0.01 -8.48 5.70
C ALA B 286 -0.65 -9.06 6.94
N TYR B 287 -1.49 -8.27 7.59
CA TYR B 287 -2.10 -8.76 8.81
C TYR B 287 -3.55 -9.21 8.71
N TYR B 288 -4.18 -9.00 7.56
CA TYR B 288 -5.55 -9.47 7.41
C TYR B 288 -5.52 -11.02 7.40
N GLU B 289 -4.55 -11.60 6.70
CA GLU B 289 -4.49 -13.06 6.64
C GLU B 289 -3.93 -13.66 7.92
N LYS B 290 -3.26 -12.83 8.73
CA LYS B 290 -2.71 -13.29 10.02
C LYS B 290 -3.79 -13.10 11.10
N LYS B 291 -4.93 -12.58 10.68
CA LYS B 291 -6.06 -12.34 11.57
C LYS B 291 -5.72 -11.32 12.66
N GLU B 292 -5.02 -10.26 12.27
CA GLU B 292 -4.64 -9.20 13.20
C GLU B 292 -5.01 -7.82 12.64
N ALA B 293 -6.18 -7.31 13.00
CA ALA B 293 -6.60 -5.99 12.57
C ALA B 293 -5.66 -4.99 13.26
N PHE B 294 -5.16 -5.39 14.44
CA PHE B 294 -4.19 -4.62 15.22
C PHE B 294 -3.76 -5.44 16.45
N ALA B 295 -2.74 -4.98 17.16
CA ALA B 295 -2.29 -5.67 18.36
C ALA B 295 -2.51 -4.70 19.52
N LYS B 296 -3.03 -5.21 20.64
CA LYS B 296 -3.24 -4.38 21.82
C LYS B 296 -1.94 -4.42 22.62
N THR B 297 -1.54 -3.31 23.21
CA THR B 297 -0.33 -3.28 24.01
C THR B 297 -0.54 -2.55 25.33
N THR B 298 0.36 -2.79 26.29
CA THR B 298 0.31 -2.11 27.57
C THR B 298 1.70 -1.43 27.69
N LYS B 299 1.79 -0.33 28.40
CA LYS B 299 3.08 0.35 28.49
C LYS B 299 3.95 -0.22 29.60
N LEU B 300 5.25 -0.28 29.35
CA LEU B 300 6.17 -0.78 30.36
C LEU B 300 7.46 -0.02 30.24
N THR B 301 8.34 -0.21 31.22
CA THR B 301 9.60 0.48 31.20
C THR B 301 10.73 -0.49 31.52
N LEU B 302 11.79 -0.44 30.72
CA LEU B 302 12.92 -1.31 30.97
C LEU B 302 14.08 -0.49 31.51
N ASN B 303 14.59 -0.89 32.67
CA ASN B 303 15.71 -0.21 33.30
C ASN B 303 16.97 -1.06 33.32
N ALA B 304 17.70 -1.09 32.20
CA ALA B 304 18.94 -1.85 32.16
C ALA B 304 20.02 -1.13 32.96
N LYS B 305 20.94 -1.90 33.51
CA LYS B 305 22.04 -1.31 34.28
C LYS B 305 23.05 -0.86 33.23
N SER B 306 24.06 -0.09 33.63
CA SER B 306 25.09 0.37 32.69
C SER B 306 25.81 -0.81 32.01
N ILE B 307 26.47 -0.50 30.89
CA ILE B 307 27.24 -1.49 30.14
C ILE B 307 28.50 -0.85 29.56
N ARG B 308 29.40 -1.71 29.09
CA ARG B 308 30.65 -1.27 28.45
C ARG B 308 31.24 -2.52 27.82
N SER B 309 32.15 -2.33 26.86
CA SER B 309 32.76 -3.47 26.20
C SER B 309 34.04 -3.85 26.92
N THR B 310 34.08 -5.08 27.42
CA THR B 310 35.24 -5.58 28.13
C THR B 310 36.46 -4.93 27.52
ZN ZN C . -6.74 2.41 -11.80
S SO4 D . -11.80 -0.61 -29.72
O1 SO4 D . -12.81 -0.03 -28.83
O2 SO4 D . -11.24 -1.84 -29.12
O3 SO4 D . -12.42 -0.95 -31.02
O4 SO4 D . -10.71 0.36 -29.94
S SO4 E . -23.48 13.38 0.95
O1 SO4 E . -23.07 14.36 1.98
O2 SO4 E . -24.79 13.78 0.41
O3 SO4 E . -22.46 13.33 -0.12
O4 SO4 E . -23.59 12.04 1.57
S SO4 F . 1.13 -9.34 -4.81
O1 SO4 F . 1.23 -8.02 -5.45
O2 SO4 F . -0.03 -10.07 -5.35
O3 SO4 F . 2.35 -10.12 -5.08
O4 SO4 F . 0.94 -9.16 -3.35
ZN ZN G . 9.05 -7.05 8.14
S SO4 H . 5.77 -10.35 10.67
O1 SO4 H . 4.52 -10.71 11.37
O2 SO4 H . 6.17 -11.44 9.75
O3 SO4 H . 5.58 -9.10 9.90
O4 SO4 H . 6.83 -10.14 11.67
S SO4 I . 19.09 13.51 13.96
O1 SO4 I . 18.69 14.60 13.05
O2 SO4 I . 18.30 13.62 15.21
O3 SO4 I . 18.86 12.21 13.33
O4 SO4 I . 20.52 13.66 14.28
N CYS A 4 -30.54 22.27 -29.18
CA CYS A 4 -29.81 21.73 -28.00
C CYS A 4 -29.37 20.29 -28.23
N VAL A 5 -29.02 19.59 -27.15
CA VAL A 5 -28.59 18.20 -27.21
C VAL A 5 -29.48 17.34 -26.31
N ALA A 6 -30.11 16.32 -26.90
CA ALA A 6 -30.99 15.43 -26.15
C ALA A 6 -30.60 13.96 -26.31
N GLU A 7 -30.86 13.16 -25.26
CA GLU A 7 -30.53 11.73 -25.28
C GLU A 7 -31.71 10.84 -24.86
N GLU A 8 -31.48 9.53 -24.84
CA GLU A 8 -32.50 8.56 -24.46
C GLU A 8 -32.31 8.13 -23.01
N PRO A 9 -33.40 7.75 -22.32
CA PRO A 9 -33.27 7.32 -20.92
C PRO A 9 -32.33 6.13 -20.71
N ILE A 10 -31.32 6.37 -19.88
CA ILE A 10 -30.35 5.34 -19.56
C ILE A 10 -31.13 4.24 -18.85
N LYS A 11 -30.68 3.01 -18.97
CA LYS A 11 -31.37 1.91 -18.31
C LYS A 11 -30.41 0.96 -17.60
N LYS A 12 -29.72 0.14 -18.38
CA LYS A 12 -28.80 -0.86 -17.85
C LYS A 12 -27.50 -0.25 -17.37
N ILE A 13 -27.26 -0.37 -16.07
CA ILE A 13 -26.07 0.18 -15.46
C ILE A 13 -25.42 -0.90 -14.61
N ALA A 14 -24.08 -1.05 -14.72
CA ALA A 14 -23.39 -2.02 -13.90
C ALA A 14 -22.41 -1.27 -12.99
N ILE A 15 -22.01 -1.92 -11.91
CA ILE A 15 -21.02 -1.38 -10.97
C ILE A 15 -20.02 -2.52 -10.83
N PHE A 16 -18.80 -2.29 -11.30
CA PHE A 16 -17.75 -3.31 -11.25
C PHE A 16 -16.79 -3.06 -10.07
N GLY A 17 -16.41 -4.16 -9.41
CA GLY A 17 -15.47 -4.08 -8.31
C GLY A 17 -14.47 -5.22 -8.48
N GLY A 18 -13.24 -5.01 -8.04
CA GLY A 18 -12.23 -6.05 -8.16
C GLY A 18 -11.61 -6.22 -9.56
N THR A 19 -11.69 -5.19 -10.41
CA THR A 19 -11.07 -5.28 -11.74
C THR A 19 -9.58 -5.49 -11.49
N HIS A 20 -9.09 -4.89 -10.40
CA HIS A 20 -7.72 -5.11 -9.93
C HIS A 20 -7.94 -5.85 -8.61
N GLY A 21 -7.39 -7.06 -8.51
CA GLY A 21 -7.62 -7.92 -7.37
C GLY A 21 -7.20 -7.41 -6.01
N ASN A 22 -6.20 -6.54 -5.97
CA ASN A 22 -5.73 -6.02 -4.69
C ASN A 22 -6.28 -4.64 -4.38
N GLU A 23 -7.19 -4.13 -5.21
CA GLU A 23 -7.77 -2.81 -4.95
C GLU A 23 -9.08 -3.02 -4.17
N LEU A 24 -9.11 -2.58 -2.91
CA LEU A 24 -10.28 -2.92 -2.08
C LEU A 24 -11.56 -2.08 -2.02
N THR A 25 -11.50 -0.80 -2.35
CA THR A 25 -12.72 -0.01 -2.23
C THR A 25 -13.82 -0.53 -3.13
N GLY A 26 -13.51 -0.75 -4.40
CA GLY A 26 -14.51 -1.26 -5.31
C GLY A 26 -15.05 -2.55 -4.76
N VAL A 27 -14.14 -3.46 -4.40
CA VAL A 27 -14.49 -4.79 -3.86
C VAL A 27 -15.47 -4.86 -2.70
N PHE A 28 -15.09 -4.27 -1.58
CA PHE A 28 -15.94 -4.32 -0.37
C PHE A 28 -17.37 -3.89 -0.68
N LEU A 29 -17.53 -2.80 -1.43
CA LEU A 29 -18.87 -2.32 -1.74
C LEU A 29 -19.69 -3.28 -2.61
N VAL A 30 -19.07 -3.83 -3.66
CA VAL A 30 -19.80 -4.72 -4.54
C VAL A 30 -20.15 -6.03 -3.85
N THR A 31 -19.20 -6.63 -3.14
CA THR A 31 -19.49 -7.88 -2.44
C THR A 31 -20.73 -7.68 -1.56
N HIS A 32 -20.72 -6.61 -0.77
CA HIS A 32 -21.85 -6.30 0.10
C HIS A 32 -23.16 -6.06 -0.68
N TRP A 33 -23.07 -5.32 -1.78
CA TRP A 33 -24.26 -5.00 -2.57
C TRP A 33 -24.83 -6.23 -3.24
N LEU A 34 -24.00 -7.23 -3.47
CA LEU A 34 -24.51 -8.47 -4.05
C LEU A 34 -25.31 -9.15 -2.95
N LYS A 35 -24.92 -8.89 -1.70
CA LYS A 35 -25.62 -9.47 -0.55
C LYS A 35 -26.99 -8.84 -0.39
N ASN A 36 -27.00 -7.53 -0.20
CA ASN A 36 -28.25 -6.79 0.00
C ASN A 36 -28.18 -5.61 -0.96
N GLY A 37 -28.96 -5.65 -2.03
CA GLY A 37 -28.91 -4.58 -3.03
C GLY A 37 -29.89 -3.42 -2.90
N ALA A 38 -30.09 -2.92 -1.67
CA ALA A 38 -31.01 -1.81 -1.47
C ALA A 38 -30.31 -0.47 -1.69
N GLU A 39 -29.07 -0.35 -1.24
CA GLU A 39 -28.34 0.91 -1.36
C GLU A 39 -28.12 1.49 -2.76
N VAL A 40 -27.96 0.65 -3.79
CA VAL A 40 -27.69 1.17 -5.15
C VAL A 40 -28.91 1.27 -6.05
N HIS A 41 -30.07 0.99 -5.49
CA HIS A 41 -31.30 1.08 -6.26
C HIS A 41 -31.75 2.53 -6.41
N ARG A 42 -32.44 2.80 -7.52
CA ARG A 42 -33.01 4.09 -7.84
C ARG A 42 -34.27 3.86 -8.66
N ALA A 43 -35.24 4.76 -8.51
CA ALA A 43 -36.49 4.66 -9.28
C ALA A 43 -36.18 4.50 -10.78
N GLY A 44 -36.94 3.65 -11.46
CA GLY A 44 -36.74 3.40 -12.89
C GLY A 44 -35.35 3.05 -13.40
N LEU A 45 -34.55 2.33 -12.61
CA LEU A 45 -33.21 1.97 -13.04
C LEU A 45 -32.81 0.53 -12.80
N GLU A 46 -32.01 -0.01 -13.70
CA GLU A 46 -31.52 -1.37 -13.56
C GLU A 46 -30.01 -1.23 -13.24
N VAL A 47 -29.66 -1.50 -11.99
CA VAL A 47 -28.26 -1.40 -11.53
C VAL A 47 -27.72 -2.79 -11.20
N LYS A 48 -26.60 -3.15 -11.82
CA LYS A 48 -26.02 -4.47 -11.62
C LYS A 48 -24.58 -4.45 -11.11
N PRO A 49 -24.38 -4.60 -9.79
CA PRO A 49 -23.02 -4.61 -9.25
C PRO A 49 -22.38 -5.92 -9.75
N PHE A 50 -21.06 -6.01 -9.82
CA PHE A 50 -20.42 -7.23 -10.29
C PHE A 50 -18.91 -7.21 -9.99
N ILE A 51 -18.36 -8.34 -9.55
CA ILE A 51 -16.92 -8.43 -9.26
C ILE A 51 -16.22 -8.92 -10.54
N THR A 52 -15.40 -8.09 -11.15
CA THR A 52 -14.78 -8.46 -12.42
C THR A 52 -13.66 -9.51 -12.42
N ASN A 53 -12.72 -9.43 -11.48
CA ASN A 53 -11.64 -10.42 -11.47
C ASN A 53 -11.66 -11.20 -10.17
N PRO A 54 -12.67 -12.08 -9.98
CA PRO A 54 -12.72 -12.84 -8.72
C PRO A 54 -11.51 -13.75 -8.42
N ARG A 55 -10.81 -14.21 -9.45
CA ARG A 55 -9.64 -15.05 -9.21
C ARG A 55 -8.51 -14.25 -8.58
N ALA A 56 -8.23 -13.05 -9.08
CA ALA A 56 -7.18 -12.20 -8.48
C ALA A 56 -7.53 -11.89 -7.02
N VAL A 57 -8.75 -11.41 -6.79
CA VAL A 57 -9.25 -11.12 -5.44
C VAL A 57 -8.84 -12.27 -4.50
N GLU A 58 -9.23 -13.49 -4.84
CA GLU A 58 -8.88 -14.65 -4.02
C GLU A 58 -7.39 -14.74 -3.68
N LYS A 59 -6.57 -13.91 -4.33
CA LYS A 59 -5.12 -13.88 -4.05
C LYS A 59 -4.70 -12.47 -3.60
N CYS A 60 -5.68 -11.58 -3.53
CA CYS A 60 -5.48 -10.17 -3.17
C CYS A 60 -4.28 -9.66 -3.93
N THR A 61 -4.32 -9.87 -5.24
CA THR A 61 -3.25 -9.44 -6.15
C THR A 61 -3.88 -8.69 -7.31
N ARG A 62 -3.15 -7.75 -7.88
CA ARG A 62 -3.71 -6.97 -8.98
C ARG A 62 -4.26 -7.84 -10.12
N TYR A 63 -3.45 -8.79 -10.60
CA TYR A 63 -3.87 -9.68 -11.69
C TYR A 63 -3.12 -11.02 -11.65
N ILE A 64 -3.41 -11.88 -12.63
CA ILE A 64 -2.75 -13.20 -12.72
C ILE A 64 -1.63 -13.22 -13.78
N ASP A 65 -1.99 -13.03 -15.05
CA ASP A 65 -1.01 -13.00 -16.16
C ASP A 65 -0.81 -11.57 -16.58
N CYS A 66 -1.82 -10.97 -17.21
CA CYS A 66 -1.73 -9.57 -17.60
C CYS A 66 -2.90 -8.77 -17.01
N ASP A 67 -3.06 -7.55 -17.50
CA ASP A 67 -4.09 -6.60 -17.05
C ASP A 67 -5.50 -6.87 -17.56
N LEU A 68 -6.47 -6.91 -16.65
CA LEU A 68 -7.86 -7.12 -17.06
C LEU A 68 -8.39 -5.78 -17.59
N ASN A 69 -7.85 -4.69 -17.06
CA ASN A 69 -8.27 -3.35 -17.47
C ASN A 69 -7.54 -2.89 -18.73
N ARG A 70 -6.76 -3.79 -19.33
CA ARG A 70 -6.02 -3.47 -20.56
C ARG A 70 -6.31 -4.44 -21.70
N VAL A 71 -7.29 -5.33 -21.53
CA VAL A 71 -7.56 -6.33 -22.56
C VAL A 71 -8.98 -6.31 -23.12
N PHE A 72 -9.57 -5.12 -23.19
CA PHE A 72 -10.92 -5.01 -23.74
C PHE A 72 -10.96 -4.37 -25.13
N ASP A 73 -9.82 -4.29 -25.78
CA ASP A 73 -9.77 -3.77 -27.15
C ASP A 73 -10.02 -4.95 -28.11
N LEU A 74 -10.55 -4.68 -29.30
CA LEU A 74 -10.87 -5.74 -30.27
C LEU A 74 -9.86 -6.89 -30.31
N GLU A 75 -8.64 -6.58 -30.74
CA GLU A 75 -7.58 -7.59 -30.84
C GLU A 75 -7.76 -8.61 -29.70
N ASN A 76 -8.10 -8.12 -28.51
CA ASN A 76 -8.25 -9.06 -27.42
C ASN A 76 -9.60 -9.79 -27.41
N LEU A 77 -10.69 -9.04 -27.25
CA LEU A 77 -12.02 -9.67 -27.21
C LEU A 77 -12.33 -10.58 -28.40
N SER A 78 -12.08 -10.11 -29.61
CA SER A 78 -12.38 -10.92 -30.79
C SER A 78 -11.17 -11.74 -31.13
N LYS A 79 -10.95 -12.81 -30.35
CA LYS A 79 -9.80 -13.68 -30.59
C LYS A 79 -10.08 -15.07 -30.04
N GLU A 80 -9.78 -16.10 -30.84
CA GLU A 80 -10.01 -17.47 -30.38
C GLU A 80 -8.91 -17.77 -29.38
N MSE A 81 -9.17 -18.69 -28.44
CA MSE A 81 -8.19 -19.04 -27.42
C MSE A 81 -6.97 -19.83 -27.88
O MSE A 81 -6.99 -20.49 -28.90
CB MSE A 81 -8.87 -19.85 -26.29
CG MSE A 81 -9.72 -19.00 -25.36
SE MSE A 81 -8.65 -17.52 -24.72
CE MSE A 81 -9.76 -16.09 -25.40
N SER A 82 -5.89 -19.74 -27.08
CA SER A 82 -4.65 -20.47 -27.32
C SER A 82 -4.00 -20.76 -25.95
N GLU A 83 -3.16 -21.79 -25.89
CA GLU A 83 -2.52 -22.20 -24.64
C GLU A 83 -1.72 -21.15 -23.90
N ASP A 84 -1.19 -20.19 -24.64
CA ASP A 84 -0.35 -19.14 -24.04
C ASP A 84 -1.09 -17.82 -23.81
N LEU A 85 -2.39 -17.82 -24.04
CA LEU A 85 -3.14 -16.57 -23.88
C LEU A 85 -3.55 -16.29 -22.44
N PRO A 86 -3.06 -15.18 -21.85
CA PRO A 86 -3.39 -14.81 -20.47
C PRO A 86 -4.90 -14.84 -20.15
N TYR A 87 -5.26 -15.49 -19.04
CA TYR A 87 -6.64 -15.60 -18.54
C TYR A 87 -7.54 -14.37 -18.77
N GLU A 88 -7.07 -13.19 -18.36
CA GLU A 88 -7.83 -11.91 -18.44
C GLU A 88 -8.66 -11.78 -19.72
N VAL A 89 -8.06 -12.08 -20.87
CA VAL A 89 -8.80 -12.02 -22.12
C VAL A 89 -10.01 -12.96 -21.98
N ARG A 90 -9.74 -14.20 -21.56
CA ARG A 90 -10.81 -15.18 -21.36
C ARG A 90 -11.80 -14.56 -20.35
N ARG A 91 -11.29 -14.10 -19.21
CA ARG A 91 -12.18 -13.51 -18.21
C ARG A 91 -12.89 -12.28 -18.79
N ALA A 92 -12.21 -11.56 -19.68
CA ALA A 92 -12.80 -10.37 -20.29
C ALA A 92 -13.94 -10.85 -21.18
N GLN A 93 -13.66 -11.87 -21.99
CA GLN A 93 -14.70 -12.38 -22.88
C GLN A 93 -15.88 -12.80 -22.04
N GLU A 94 -15.63 -13.44 -20.91
CA GLU A 94 -16.74 -13.83 -20.05
C GLU A 94 -17.51 -12.59 -19.57
N ILE A 95 -16.82 -11.46 -19.37
CA ILE A 95 -17.47 -10.23 -18.92
C ILE A 95 -18.21 -9.56 -20.08
N ASN A 96 -17.54 -9.43 -21.23
CA ASN A 96 -18.19 -8.83 -22.40
C ASN A 96 -19.48 -9.61 -22.76
N HIS A 97 -19.35 -10.92 -22.90
CA HIS A 97 -20.48 -11.78 -23.26
C HIS A 97 -21.67 -11.55 -22.33
N LEU A 98 -21.39 -10.98 -21.14
CA LEU A 98 -22.44 -10.70 -20.17
C LEU A 98 -22.92 -9.23 -20.18
N PHE A 99 -21.97 -8.29 -20.16
CA PHE A 99 -22.31 -6.86 -20.08
C PHE A 99 -22.23 -6.03 -21.36
N GLY A 100 -21.80 -6.67 -22.44
CA GLY A 100 -21.71 -6.00 -23.74
C GLY A 100 -22.77 -6.53 -24.69
N PRO A 101 -22.40 -6.91 -25.93
CA PRO A 101 -21.04 -6.85 -26.48
C PRO A 101 -20.60 -5.41 -26.68
N LYS A 102 -19.33 -5.16 -26.41
CA LYS A 102 -18.76 -3.84 -26.61
C LYS A 102 -19.04 -3.37 -28.04
N ASN A 103 -19.55 -2.15 -28.15
CA ASN A 103 -19.88 -1.53 -29.45
C ASN A 103 -21.16 -2.11 -30.07
N SER A 104 -22.07 -2.58 -29.22
CA SER A 104 -23.33 -3.16 -29.69
C SER A 104 -24.55 -2.51 -29.05
N ASP A 105 -25.74 -2.77 -29.61
CA ASP A 105 -26.97 -2.22 -29.06
C ASP A 105 -27.34 -2.84 -27.72
N ASP A 106 -26.94 -4.10 -27.52
CA ASP A 106 -27.25 -4.81 -26.28
C ASP A 106 -26.29 -4.47 -25.14
N ALA A 107 -25.35 -3.58 -25.39
CA ALA A 107 -24.38 -3.20 -24.36
C ALA A 107 -25.01 -2.46 -23.19
N TYR A 108 -24.55 -2.74 -21.98
CA TYR A 108 -25.05 -2.05 -20.80
C TYR A 108 -24.92 -0.55 -21.02
N ASP A 109 -25.90 0.22 -20.53
CA ASP A 109 -25.87 1.69 -20.72
C ASP A 109 -24.77 2.38 -19.93
N VAL A 110 -24.63 2.02 -18.66
CA VAL A 110 -23.61 2.64 -17.82
C VAL A 110 -22.94 1.57 -16.99
N VAL A 111 -21.62 1.64 -16.92
CA VAL A 111 -20.87 0.72 -16.09
C VAL A 111 -19.88 1.55 -15.31
N PHE A 112 -19.90 1.40 -13.99
CA PHE A 112 -18.93 2.08 -13.11
C PHE A 112 -17.91 1.00 -12.76
N ASP A 113 -16.62 1.29 -12.93
CA ASP A 113 -15.54 0.35 -12.63
C ASP A 113 -14.72 1.09 -11.57
N LEU A 114 -14.84 0.63 -10.34
CA LEU A 114 -14.22 1.24 -9.17
C LEU A 114 -12.76 0.84 -9.00
N HIS A 115 -11.92 1.82 -8.70
CA HIS A 115 -10.48 1.61 -8.51
C HIS A 115 -9.92 2.32 -7.27
N ASN A 116 -8.66 1.97 -6.96
CA ASN A 116 -7.91 2.57 -5.85
C ASN A 116 -6.46 2.82 -6.26
N THR A 117 -5.90 3.94 -5.79
CA THR A 117 -4.52 4.25 -6.10
C THR A 117 -3.79 4.58 -4.82
N THR A 118 -2.50 4.30 -4.78
CA THR A 118 -1.70 4.65 -3.60
C THR A 118 -1.30 6.13 -3.70
N SER A 119 -1.74 6.81 -4.77
CA SER A 119 -1.45 8.23 -4.97
C SER A 119 -2.49 9.09 -4.22
N ASN A 120 -2.08 10.28 -3.76
CA ASN A 120 -2.99 11.18 -3.05
C ASN A 120 -3.88 11.94 -4.02
N MSE A 121 -4.70 11.19 -4.75
CA MSE A 121 -5.60 11.74 -5.78
C MSE A 121 -6.95 12.19 -5.26
O MSE A 121 -7.67 12.93 -5.96
CB MSE A 121 -5.80 10.70 -6.88
CG MSE A 121 -4.56 10.36 -7.66
SE MSE A 121 -4.24 11.67 -9.05
CE MSE A 121 -5.48 10.96 -10.38
N GLY A 122 -7.31 11.75 -4.06
CA GLY A 122 -8.60 12.11 -3.52
C GLY A 122 -9.67 11.51 -4.43
N CYS A 123 -10.86 12.07 -4.39
CA CYS A 123 -11.97 11.58 -5.24
C CYS A 123 -11.68 11.94 -6.70
N THR A 124 -11.78 10.94 -7.57
CA THR A 124 -11.48 11.14 -8.99
C THR A 124 -12.51 10.47 -9.93
N LEU A 125 -12.83 11.15 -11.02
CA LEU A 125 -13.76 10.65 -12.05
C LEU A 125 -12.99 10.68 -13.37
N ILE A 126 -12.85 9.52 -14.01
CA ILE A 126 -12.12 9.40 -15.27
C ILE A 126 -13.06 9.67 -16.44
N LEU A 127 -12.64 10.56 -17.34
CA LEU A 127 -13.47 10.93 -18.46
C LEU A 127 -12.89 10.44 -19.78
N GLY A 128 -13.73 9.82 -20.61
CA GLY A 128 -13.24 9.32 -21.88
C GLY A 128 -13.37 10.28 -23.03
N ASP A 129 -14.57 10.82 -23.21
CA ASP A 129 -14.87 11.74 -24.31
C ASP A 129 -15.10 13.17 -23.83
N SER A 130 -14.27 14.10 -24.31
CA SER A 130 -14.39 15.48 -23.91
C SER A 130 -15.54 16.26 -24.57
N GLY A 131 -16.41 15.55 -25.29
CA GLY A 131 -17.53 16.23 -25.93
C GLY A 131 -18.91 15.69 -25.59
N ASN A 132 -18.98 14.62 -24.82
CA ASN A 132 -20.28 14.04 -24.48
C ASN A 132 -20.95 14.81 -23.34
N ASP A 133 -21.78 15.78 -23.71
CA ASP A 133 -22.51 16.62 -22.76
C ASP A 133 -22.91 15.79 -21.56
N PHE A 134 -23.53 14.65 -21.83
CA PHE A 134 -24.02 13.79 -20.77
C PHE A 134 -22.96 13.53 -19.69
N LEU A 135 -21.77 13.09 -20.11
CA LEU A 135 -20.71 12.79 -19.15
C LEU A 135 -20.28 14.03 -18.38
N ILE A 136 -20.27 15.17 -19.05
CA ILE A 136 -19.88 16.38 -18.35
C ILE A 136 -20.98 16.74 -17.36
N GLN A 137 -22.23 16.66 -17.82
CA GLN A 137 -23.36 16.97 -16.94
C GLN A 137 -23.26 16.10 -15.69
N MSE A 138 -22.93 14.83 -15.86
CA MSE A 138 -22.80 13.98 -14.68
C MSE A 138 -21.62 14.44 -13.84
O MSE A 138 -21.75 14.64 -12.63
CB MSE A 138 -22.61 12.49 -15.04
CG MSE A 138 -22.53 11.60 -13.78
SE MSE A 138 -22.11 9.75 -14.15
CE MSE A 138 -23.61 9.34 -15.32
N PHE A 139 -20.45 14.61 -14.46
CA PHE A 139 -19.25 15.03 -13.72
C PHE A 139 -19.53 16.34 -12.99
N HIS A 140 -20.54 17.08 -13.43
CA HIS A 140 -20.89 18.32 -12.76
C HIS A 140 -21.77 18.01 -11.55
N TYR A 141 -22.79 17.18 -11.74
CA TYR A 141 -23.69 16.85 -10.63
C TYR A 141 -22.93 16.23 -9.47
N ILE A 142 -22.01 15.32 -9.80
CA ILE A 142 -21.19 14.66 -8.80
C ILE A 142 -20.38 15.70 -8.00
N LYS A 143 -19.65 16.57 -8.70
CA LYS A 143 -18.84 17.59 -8.01
C LYS A 143 -19.70 18.42 -7.06
N THR A 144 -20.86 18.86 -7.55
CA THR A 144 -21.81 19.65 -6.76
C THR A 144 -22.16 18.98 -5.44
N CYS A 145 -22.54 17.71 -5.52
CA CYS A 145 -22.91 16.96 -4.33
C CYS A 145 -21.74 16.79 -3.36
N MSE A 146 -20.57 16.44 -3.89
CA MSE A 146 -19.38 16.23 -3.06
C MSE A 146 -18.88 17.47 -2.33
O MSE A 146 -18.15 17.35 -1.35
CB MSE A 146 -18.21 15.69 -3.90
CG MSE A 146 -18.50 14.43 -4.71
SE MSE A 146 -18.85 12.87 -3.65
CE MSE A 146 -17.27 12.89 -2.51
N ALA A 147 -19.25 18.67 -2.80
CA ALA A 147 -18.79 19.90 -2.15
C ALA A 147 -18.96 19.79 -0.64
N PRO A 148 -17.99 20.31 0.14
CA PRO A 148 -16.76 20.99 -0.26
C PRO A 148 -15.62 20.14 -0.80
N LEU A 149 -15.54 18.87 -0.44
CA LEU A 149 -14.44 18.01 -0.92
C LEU A 149 -14.34 17.98 -2.45
N PRO A 150 -13.11 18.04 -2.98
CA PRO A 150 -12.97 18.00 -4.43
C PRO A 150 -13.24 16.60 -4.97
N CYS A 151 -13.65 16.53 -6.23
CA CYS A 151 -13.92 15.28 -6.90
C CYS A 151 -13.36 15.52 -8.31
N SER A 152 -12.05 15.32 -8.43
CA SER A 152 -11.31 15.56 -9.65
C SER A 152 -11.72 14.73 -10.84
N VAL A 153 -11.66 15.35 -12.01
CA VAL A 153 -12.03 14.70 -13.26
C VAL A 153 -10.83 14.58 -14.18
N TYR A 154 -10.36 13.35 -14.39
CA TYR A 154 -9.23 13.08 -15.29
C TYR A 154 -9.78 12.71 -16.68
N LEU A 155 -9.26 13.36 -17.72
CA LEU A 155 -9.73 13.11 -19.08
C LEU A 155 -8.68 12.38 -19.92
N ILE A 156 -9.11 11.37 -20.68
CA ILE A 156 -8.21 10.62 -21.56
C ILE A 156 -8.59 10.87 -23.02
N GLU A 157 -7.67 11.40 -23.81
CA GLU A 157 -7.93 11.65 -25.23
C GLU A 157 -7.28 10.58 -26.12
N HIS A 158 -6.09 10.11 -25.74
CA HIS A 158 -5.41 9.07 -26.54
C HIS A 158 -6.27 7.81 -26.58
N PRO A 159 -6.47 7.22 -27.77
CA PRO A 159 -7.28 6.00 -27.91
C PRO A 159 -6.72 4.79 -27.18
N SER A 160 -5.42 4.56 -27.33
CA SER A 160 -4.79 3.41 -26.70
C SER A 160 -4.90 3.42 -25.17
N LEU A 161 -5.22 4.59 -24.61
CA LEU A 161 -5.33 4.72 -23.16
C LEU A 161 -6.75 4.52 -22.66
N LYS A 162 -7.68 4.17 -23.53
CA LYS A 162 -9.04 3.95 -23.08
C LYS A 162 -9.82 2.85 -23.77
N TYR A 163 -9.56 2.65 -25.05
CA TYR A 163 -10.30 1.65 -25.82
C TYR A 163 -10.02 0.19 -25.42
N ALA A 164 -9.38 -0.02 -24.27
CA ALA A 164 -9.10 -1.37 -23.82
C ALA A 164 -9.48 -1.61 -22.36
N THR A 165 -10.13 -0.65 -21.70
CA THR A 165 -10.53 -0.81 -20.30
C THR A 165 -11.83 -1.60 -20.11
N THR A 166 -12.00 -2.14 -18.91
CA THR A 166 -13.19 -2.90 -18.58
C THR A 166 -14.48 -2.07 -18.76
N ARG A 167 -14.46 -0.82 -18.33
CA ARG A 167 -15.65 0.02 -18.44
C ARG A 167 -16.01 0.35 -19.88
N SER A 168 -15.06 0.12 -20.79
CA SER A 168 -15.28 0.43 -22.20
C SER A 168 -16.35 -0.42 -22.90
N ILE A 169 -16.78 -1.50 -22.27
CA ILE A 169 -17.83 -2.30 -22.89
C ILE A 169 -19.20 -1.62 -22.92
N ALA A 170 -19.54 -0.86 -21.87
CA ALA A 170 -20.84 -0.19 -21.80
C ALA A 170 -21.09 0.94 -22.82
N LYS A 171 -22.31 1.45 -22.85
CA LYS A 171 -22.66 2.56 -23.71
C LYS A 171 -22.01 3.80 -23.06
N TYR A 172 -22.14 3.93 -21.73
CA TYR A 172 -21.56 5.06 -21.01
C TYR A 172 -20.55 4.57 -19.97
N PRO A 173 -19.26 4.60 -20.28
CA PRO A 173 -18.27 4.14 -19.30
C PRO A 173 -17.93 5.20 -18.26
N VAL A 174 -17.73 4.78 -17.01
CA VAL A 174 -17.34 5.71 -15.94
C VAL A 174 -16.28 5.12 -15.00
N GLY A 175 -15.08 5.70 -15.05
CA GLY A 175 -14.01 5.25 -14.16
C GLY A 175 -14.02 6.09 -12.88
N ILE A 176 -14.12 5.43 -11.73
CA ILE A 176 -14.09 6.14 -10.45
C ILE A 176 -12.83 5.69 -9.72
N GLU A 177 -11.97 6.66 -9.45
CA GLU A 177 -10.69 6.42 -8.77
C GLU A 177 -10.66 7.12 -7.41
N VAL A 178 -10.22 6.41 -6.37
CA VAL A 178 -10.13 7.03 -5.03
C VAL A 178 -8.85 6.60 -4.31
N GLY A 179 -8.05 7.59 -3.93
CA GLY A 179 -6.82 7.32 -3.21
C GLY A 179 -6.60 8.47 -2.24
N PRO A 180 -5.54 8.42 -1.42
CA PRO A 180 -4.55 7.37 -1.34
C PRO A 180 -4.95 6.22 -0.42
N GLN A 181 -4.71 5.00 -0.86
CA GLN A 181 -5.00 3.83 -0.04
C GLN A 181 -4.07 2.66 -0.39
N PRO A 182 -3.27 2.19 0.58
CA PRO A 182 -2.37 1.07 0.28
C PRO A 182 -3.21 -0.09 -0.24
N HIS A 183 -2.72 -0.78 -1.26
CA HIS A 183 -3.47 -1.93 -1.77
C HIS A 183 -3.49 -3.01 -0.68
N GLY A 184 -4.53 -3.85 -0.71
CA GLY A 184 -4.65 -4.90 0.29
C GLY A 184 -5.15 -4.41 1.64
N VAL A 185 -5.57 -3.14 1.70
CA VAL A 185 -6.10 -2.55 2.94
C VAL A 185 -7.46 -1.89 2.69
N LEU A 186 -8.31 -1.88 3.72
CA LEU A 186 -9.62 -1.22 3.66
C LEU A 186 -9.66 -0.04 4.64
N ARG A 187 -9.65 1.19 4.14
CA ARG A 187 -9.74 2.38 5.01
C ARG A 187 -11.21 2.80 5.07
N ALA A 188 -11.69 3.13 6.26
CA ALA A 188 -13.08 3.55 6.42
C ALA A 188 -13.40 4.84 5.64
N ASP A 189 -12.57 5.87 5.78
CA ASP A 189 -12.87 7.12 5.08
C ASP A 189 -12.94 6.93 3.56
N ILE A 190 -12.11 6.04 3.04
CA ILE A 190 -12.10 5.79 1.61
C ILE A 190 -13.42 5.08 1.22
N LEU A 191 -13.86 4.13 2.05
CA LEU A 191 -15.12 3.44 1.77
C LEU A 191 -16.24 4.47 1.69
N ASP A 192 -16.30 5.31 2.71
CA ASP A 192 -17.34 6.32 2.78
C ASP A 192 -17.40 7.16 1.51
N GLN A 193 -16.24 7.69 1.11
CA GLN A 193 -16.21 8.53 -0.07
C GLN A 193 -16.71 7.78 -1.30
N MSE A 194 -16.26 6.53 -1.44
CA MSE A 194 -16.68 5.72 -2.59
C MSE A 194 -18.19 5.52 -2.63
O MSE A 194 -18.85 5.86 -3.60
CB MSE A 194 -15.98 4.36 -2.58
CG MSE A 194 -16.18 3.55 -3.86
SE MSE A 194 -15.41 4.42 -5.41
CE MSE A 194 -13.70 3.49 -5.51
N ARG A 195 -18.75 4.92 -1.58
CA ARG A 195 -20.19 4.69 -1.60
C ARG A 195 -20.96 6.01 -1.81
N ARG A 196 -20.41 7.13 -1.36
CA ARG A 196 -21.06 8.44 -1.55
C ARG A 196 -21.03 8.87 -3.01
N MSE A 197 -19.89 8.69 -3.69
CA MSE A 197 -19.82 9.09 -5.08
C MSE A 197 -20.85 8.33 -5.89
O MSE A 197 -21.62 8.93 -6.65
CB MSE A 197 -18.41 8.83 -5.65
CG MSE A 197 -17.34 9.71 -5.04
SE MSE A 197 -15.62 9.05 -5.58
CE MSE A 197 -15.65 9.87 -7.37
N LEU A 198 -20.87 7.02 -5.73
CA LEU A 198 -21.82 6.20 -6.50
C LEU A 198 -23.24 6.66 -6.22
N LYS A 199 -23.52 7.00 -4.96
CA LYS A 199 -24.86 7.46 -4.61
C LYS A 199 -25.26 8.65 -5.48
N HIS A 200 -24.37 9.64 -5.60
CA HIS A 200 -24.71 10.82 -6.39
C HIS A 200 -24.69 10.61 -7.91
N ALA A 201 -23.84 9.71 -8.40
CA ALA A 201 -23.80 9.45 -9.83
C ALA A 201 -25.16 8.85 -10.22
N LEU A 202 -25.67 7.96 -9.37
CA LEU A 202 -26.95 7.31 -9.65
C LEU A 202 -28.12 8.31 -9.51
N ASP A 203 -27.97 9.28 -8.61
CA ASP A 203 -29.01 10.29 -8.44
C ASP A 203 -29.14 11.07 -9.75
N PHE A 204 -28.00 11.41 -10.33
CA PHE A 204 -28.01 12.14 -11.59
C PHE A 204 -28.77 11.40 -12.68
N ILE A 205 -28.40 10.14 -12.90
CA ILE A 205 -29.06 9.35 -13.94
C ILE A 205 -30.57 9.34 -13.74
N GLN A 206 -31.04 9.16 -12.51
CA GLN A 206 -32.48 9.16 -12.26
C GLN A 206 -33.08 10.55 -12.51
N ARG A 207 -32.34 11.60 -12.17
CA ARG A 207 -32.83 12.96 -12.39
C ARG A 207 -33.01 13.18 -13.89
N PHE A 208 -31.97 12.84 -14.66
CA PHE A 208 -31.98 12.97 -16.11
C PHE A 208 -33.07 12.13 -16.74
N ASN A 209 -33.44 11.01 -16.12
CA ASN A 209 -34.52 10.20 -16.66
C ASN A 209 -35.84 10.88 -16.27
N GLU A 210 -36.01 11.09 -14.96
CA GLU A 210 -37.21 11.77 -14.46
C GLU A 210 -37.60 12.97 -15.30
N GLY A 211 -36.66 13.47 -16.09
CA GLY A 211 -36.95 14.58 -16.97
C GLY A 211 -36.35 15.94 -16.59
N LYS A 212 -35.11 15.93 -16.12
CA LYS A 212 -34.47 17.19 -15.73
C LYS A 212 -33.69 17.80 -16.90
N GLU A 213 -33.83 19.11 -17.07
CA GLU A 213 -33.10 19.78 -18.14
C GLU A 213 -31.96 20.57 -17.52
N PHE A 214 -30.92 19.84 -17.08
CA PHE A 214 -29.76 20.47 -16.49
C PHE A 214 -29.29 21.57 -17.41
N PRO A 215 -28.93 22.74 -16.84
CA PRO A 215 -28.47 23.90 -17.61
C PRO A 215 -27.13 23.65 -18.31
N PRO A 216 -26.68 24.58 -19.17
CA PRO A 216 -25.39 24.36 -19.83
C PRO A 216 -24.23 24.36 -18.83
N CYS A 217 -24.23 23.42 -17.88
CA CYS A 217 -23.17 23.36 -16.89
C CYS A 217 -21.83 23.13 -17.54
N ALA A 218 -20.76 23.19 -16.75
CA ALA A 218 -19.42 22.96 -17.27
C ALA A 218 -18.42 22.98 -16.13
N ILE A 219 -17.28 22.33 -16.34
CA ILE A 219 -16.23 22.26 -15.32
C ILE A 219 -14.90 22.16 -16.01
N ASP A 220 -13.86 21.93 -15.22
CA ASP A 220 -12.51 21.76 -15.76
C ASP A 220 -12.13 20.28 -15.60
N VAL A 221 -11.27 19.80 -16.50
CA VAL A 221 -10.79 18.41 -16.48
C VAL A 221 -9.32 18.40 -16.85
N TYR A 222 -8.56 17.52 -16.21
CA TYR A 222 -7.13 17.39 -16.46
C TYR A 222 -6.96 16.33 -17.51
N LYS A 223 -6.31 16.72 -18.59
CA LYS A 223 -6.07 15.85 -19.73
C LYS A 223 -4.65 15.34 -19.74
N ILE A 224 -4.52 14.03 -19.85
CA ILE A 224 -3.19 13.45 -19.81
C ILE A 224 -2.33 13.90 -20.98
N MSE A 225 -1.08 14.25 -20.70
CA MSE A 225 -0.13 14.69 -21.73
C MSE A 225 0.80 13.53 -22.00
O MSE A 225 0.83 13.00 -23.11
CB MSE A 225 0.69 15.89 -21.25
CG MSE A 225 1.61 16.50 -22.32
SE MSE A 225 3.42 17.04 -21.78
CE MSE A 225 3.00 18.71 -20.89
N GLU A 226 1.59 13.16 -20.99
CA GLU A 226 2.53 12.05 -21.11
C GLU A 226 3.00 11.54 -19.75
N LYS A 227 3.46 10.29 -19.71
CA LYS A 227 3.95 9.65 -18.49
C LYS A 227 5.46 9.71 -18.41
N VAL A 228 5.98 10.18 -17.27
CA VAL A 228 7.43 10.26 -17.08
C VAL A 228 7.85 8.98 -16.38
N ASP A 229 9.10 8.55 -16.55
CA ASP A 229 9.56 7.35 -15.87
C ASP A 229 10.70 7.70 -14.91
N TYR A 230 11.17 6.69 -14.19
CA TYR A 230 12.28 6.87 -13.27
C TYR A 230 13.56 6.78 -14.07
N PRO A 231 14.49 7.74 -13.90
CA PRO A 231 15.73 7.62 -14.67
C PRO A 231 16.50 6.44 -14.07
N ARG A 232 15.97 5.24 -14.30
CA ARG A 232 16.52 3.98 -13.80
C ARG A 232 17.98 3.71 -14.06
N ASN A 233 18.53 2.74 -13.34
CA ASN A 233 19.92 2.36 -13.51
C ASN A 233 20.09 1.45 -14.73
N GLU A 234 21.34 1.26 -15.14
CA GLU A 234 21.65 0.42 -16.28
C GLU A 234 21.43 -1.05 -15.91
N SER A 235 20.30 -1.31 -15.28
CA SER A 235 19.94 -2.65 -14.85
C SER A 235 18.43 -2.79 -14.60
N GLY A 236 17.66 -1.75 -14.92
CA GLY A 236 16.23 -1.81 -14.74
C GLY A 236 15.63 -1.23 -13.47
N ASP A 237 16.41 -1.19 -12.39
CA ASP A 237 15.92 -0.63 -11.13
C ASP A 237 15.98 0.89 -11.11
N VAL A 238 15.24 1.52 -10.21
CA VAL A 238 15.24 2.97 -10.17
C VAL A 238 16.54 3.53 -9.59
N ALA A 239 16.88 4.75 -9.96
CA ALA A 239 18.10 5.40 -9.49
C ALA A 239 17.79 6.66 -8.69
N ALA A 240 16.50 6.95 -8.52
CA ALA A 240 16.04 8.12 -7.77
C ALA A 240 14.54 8.00 -7.57
N VAL A 241 14.09 8.30 -6.36
CA VAL A 241 12.66 8.19 -6.05
C VAL A 241 12.01 9.56 -6.14
N ILE A 242 10.69 9.60 -5.98
CA ILE A 242 9.96 10.88 -6.05
C ILE A 242 10.40 11.82 -4.93
N HIS A 243 10.65 13.08 -5.29
CA HIS A 243 11.07 14.10 -4.33
C HIS A 243 9.98 14.24 -3.28
N PRO A 244 10.36 14.36 -2.00
CA PRO A 244 9.34 14.50 -0.95
C PRO A 244 8.39 15.68 -1.07
N ASN A 245 8.77 16.71 -1.81
CA ASN A 245 7.90 17.88 -2.01
C ASN A 245 6.81 17.64 -3.07
N LEU A 246 7.00 16.63 -3.93
CA LEU A 246 6.01 16.29 -4.95
C LEU A 246 5.09 15.22 -4.37
N GLN A 247 5.64 14.45 -3.43
CA GLN A 247 4.88 13.38 -2.76
C GLN A 247 3.54 13.86 -2.21
N ASP A 248 2.49 13.10 -2.52
CA ASP A 248 1.12 13.40 -2.07
C ASP A 248 0.58 14.69 -2.66
N GLN A 249 1.32 15.30 -3.58
CA GLN A 249 0.88 16.57 -4.15
C GLN A 249 0.28 16.39 -5.54
N ASP A 250 -0.59 15.39 -5.66
CA ASP A 250 -1.27 15.15 -6.94
C ASP A 250 -2.25 16.30 -7.18
N TRP A 251 -2.39 16.67 -8.46
CA TRP A 251 -3.29 17.73 -8.96
C TRP A 251 -2.81 19.16 -8.87
N LYS A 252 -1.82 19.44 -8.03
CA LYS A 252 -1.36 20.81 -7.85
C LYS A 252 -0.23 21.22 -8.78
N PRO A 253 -0.19 22.50 -9.17
CA PRO A 253 0.80 23.08 -10.07
C PRO A 253 2.20 22.55 -9.88
N LEU A 254 2.95 22.54 -10.97
CA LEU A 254 4.32 22.06 -11.00
C LEU A 254 4.96 22.73 -12.23
N HIS A 255 5.90 23.64 -11.98
CA HIS A 255 6.61 24.34 -13.07
C HIS A 255 8.01 23.77 -13.27
N PRO A 256 8.63 23.99 -14.45
CA PRO A 256 9.97 23.50 -14.80
C PRO A 256 11.04 23.41 -13.71
N GLY A 257 11.23 24.48 -12.94
CA GLY A 257 12.26 24.43 -11.91
C GLY A 257 11.92 23.61 -10.67
N ASP A 258 10.65 23.25 -10.52
CA ASP A 258 10.22 22.48 -9.35
C ASP A 258 10.80 21.08 -9.28
N PRO A 259 11.36 20.70 -8.12
CA PRO A 259 11.94 19.36 -7.98
C PRO A 259 10.88 18.26 -8.06
N VAL A 260 11.23 17.13 -8.68
CA VAL A 260 10.31 16.00 -8.83
C VAL A 260 10.95 14.69 -8.35
N PHE A 261 12.27 14.59 -8.47
CA PHE A 261 12.98 13.39 -8.01
C PHE A 261 14.14 13.73 -7.10
N VAL A 262 14.52 12.77 -6.25
CA VAL A 262 15.68 12.95 -5.38
C VAL A 262 16.40 11.62 -5.25
N SER A 263 17.72 11.65 -5.21
CA SER A 263 18.47 10.41 -5.07
C SER A 263 18.96 10.24 -3.64
N LEU A 264 19.47 9.05 -3.35
CA LEU A 264 19.97 8.77 -2.01
C LEU A 264 21.22 9.59 -1.75
N ASP A 265 21.87 10.05 -2.81
CA ASP A 265 23.07 10.85 -2.63
C ASP A 265 22.68 12.30 -2.40
N GLY A 266 21.38 12.56 -2.46
CA GLY A 266 20.88 13.91 -2.25
C GLY A 266 20.67 14.75 -3.50
N LYS A 267 20.97 14.20 -4.67
CA LYS A 267 20.79 14.94 -5.93
C LYS A 267 19.31 15.17 -6.22
N VAL A 268 18.96 16.37 -6.71
CA VAL A 268 17.58 16.70 -7.04
C VAL A 268 17.41 16.87 -8.54
N ILE A 269 16.40 16.22 -9.12
CA ILE A 269 16.11 16.34 -10.55
C ILE A 269 14.76 17.05 -10.67
N PRO A 270 14.74 18.27 -11.25
CA PRO A 270 13.51 19.04 -11.41
C PRO A 270 12.60 18.60 -12.57
N LEU A 271 11.48 19.30 -12.74
CA LEU A 271 10.54 18.96 -13.79
C LEU A 271 11.15 19.04 -15.19
N GLY A 272 11.83 20.15 -15.47
CA GLY A 272 12.44 20.32 -16.79
C GLY A 272 11.41 20.87 -17.76
N GLY A 273 11.63 20.63 -19.06
CA GLY A 273 10.71 21.11 -20.08
C GLY A 273 10.41 22.59 -19.98
N ASP A 274 9.29 23.02 -20.55
CA ASP A 274 8.94 24.45 -20.51
C ASP A 274 7.44 24.71 -20.47
N CYS A 275 6.78 24.17 -19.46
CA CYS A 275 5.35 24.39 -19.30
C CYS A 275 4.83 23.96 -17.94
N THR A 276 3.65 24.48 -17.59
CA THR A 276 3.01 24.15 -16.33
C THR A 276 2.23 22.86 -16.52
N VAL A 277 2.34 21.95 -15.54
CA VAL A 277 1.62 20.69 -15.61
C VAL A 277 1.11 20.36 -14.22
N TYR A 278 -0.01 19.64 -14.15
CA TYR A 278 -0.59 19.24 -12.86
C TYR A 278 -0.35 17.74 -12.80
N PRO A 279 0.62 17.29 -11.98
CA PRO A 279 0.90 15.87 -11.89
C PRO A 279 -0.22 15.06 -11.30
N VAL A 280 -0.40 13.84 -11.83
CA VAL A 280 -1.41 12.91 -11.34
C VAL A 280 -0.76 11.54 -11.14
N PHE A 281 -1.42 10.69 -10.37
CA PHE A 281 -0.93 9.35 -10.04
C PHE A 281 0.55 9.39 -9.69
N VAL A 282 0.86 10.24 -8.71
CA VAL A 282 2.23 10.39 -8.23
C VAL A 282 2.61 9.24 -7.31
N ASN A 283 3.54 8.41 -7.77
CA ASN A 283 4.05 7.28 -6.99
C ASN A 283 3.07 6.13 -6.72
N GLU A 284 2.34 5.71 -7.76
CA GLU A 284 1.40 4.59 -7.65
C GLU A 284 2.25 3.34 -7.51
N ALA A 285 1.72 2.27 -6.93
CA ALA A 285 2.49 1.03 -6.77
C ALA A 285 2.68 0.30 -8.12
N ALA A 286 1.61 0.23 -8.93
CA ALA A 286 1.67 -0.43 -10.23
C ALA A 286 2.38 0.46 -11.25
N TYR A 287 2.11 1.74 -11.17
CA TYR A 287 2.72 2.67 -12.12
C TYR A 287 4.23 2.59 -12.23
N TYR A 288 4.85 1.69 -11.46
CA TYR A 288 6.29 1.49 -11.55
C TYR A 288 6.59 0.52 -12.72
N GLU A 289 5.80 -0.55 -12.83
CA GLU A 289 6.01 -1.51 -13.90
C GLU A 289 5.73 -0.81 -15.22
N LYS A 290 4.68 0.01 -15.21
CA LYS A 290 4.29 0.77 -16.39
C LYS A 290 5.35 1.83 -16.70
N LYS A 291 6.35 1.96 -15.83
CA LYS A 291 7.42 2.94 -16.00
C LYS A 291 6.87 4.37 -15.96
N GLU A 292 5.95 4.61 -15.03
CA GLU A 292 5.32 5.90 -14.86
C GLU A 292 5.41 6.37 -13.41
N ALA A 293 6.44 7.14 -13.08
CA ALA A 293 6.55 7.67 -11.71
C ALA A 293 5.34 8.59 -11.45
N PHE A 294 4.82 9.18 -12.52
CA PHE A 294 3.63 10.04 -12.47
C PHE A 294 3.26 10.42 -13.91
N ALA A 295 2.07 10.95 -14.10
CA ALA A 295 1.63 11.38 -15.42
C ALA A 295 1.47 12.89 -15.40
N LYS A 296 1.91 13.56 -16.46
CA LYS A 296 1.77 15.00 -16.57
C LYS A 296 0.45 15.31 -17.29
N THR A 297 -0.34 16.23 -16.74
CA THR A 297 -1.60 16.64 -17.35
C THR A 297 -1.68 18.16 -17.54
N THR A 298 -2.57 18.60 -18.42
CA THR A 298 -2.82 20.02 -18.68
C THR A 298 -4.28 20.24 -18.33
N LYS A 299 -4.63 21.43 -17.85
CA LYS A 299 -6.01 21.69 -17.45
C LYS A 299 -6.81 22.34 -18.55
N LEU A 300 -8.10 22.02 -18.62
CA LEU A 300 -8.96 22.62 -19.62
C LEU A 300 -10.40 22.66 -19.13
N THR A 301 -11.25 23.33 -19.91
CA THR A 301 -12.67 23.49 -19.58
C THR A 301 -13.60 22.83 -20.60
N LEU A 302 -14.52 22.00 -20.12
CA LEU A 302 -15.48 21.34 -21.00
C LEU A 302 -16.88 21.84 -20.66
N ASN A 303 -17.60 22.31 -21.67
CA ASN A 303 -18.96 22.79 -21.48
C ASN A 303 -19.93 21.70 -21.96
N ALA A 304 -21.05 21.54 -21.26
CA ALA A 304 -22.05 20.56 -21.65
C ALA A 304 -23.32 21.31 -22.05
N LYS A 305 -24.04 20.79 -23.05
CA LYS A 305 -25.28 21.38 -23.50
C LYS A 305 -26.39 20.84 -22.63
N SER A 306 -27.45 21.62 -22.46
CA SER A 306 -28.59 21.20 -21.64
C SER A 306 -28.99 19.79 -22.09
N ILE A 307 -29.39 18.95 -21.14
CA ILE A 307 -29.82 17.59 -21.47
C ILE A 307 -31.07 17.23 -20.70
N ARG A 308 -32.01 16.60 -21.38
CA ARG A 308 -33.26 16.19 -20.77
C ARG A 308 -33.79 15.08 -21.66
N SER A 309 -33.83 13.86 -21.12
CA SER A 309 -34.26 12.70 -21.86
C SER A 309 -35.68 12.77 -22.41
N THR A 310 -36.04 11.73 -23.16
CA THR A 310 -37.34 11.59 -23.79
C THR A 310 -38.44 11.37 -22.75
N CYS B 4 26.54 -3.37 36.79
CA CYS B 4 27.41 -3.03 35.63
C CYS B 4 27.72 -4.25 34.74
N VAL B 5 27.25 -4.21 33.48
CA VAL B 5 27.46 -5.28 32.53
C VAL B 5 28.67 -4.97 31.67
N ALA B 6 29.32 -6.02 31.16
CA ALA B 6 30.49 -5.88 30.30
C ALA B 6 30.38 -6.92 29.18
N GLU B 7 30.62 -6.48 27.94
CA GLU B 7 30.56 -7.36 26.78
C GLU B 7 31.72 -7.09 25.82
N GLU B 8 32.09 -8.10 25.04
CA GLU B 8 33.19 -7.96 24.09
C GLU B 8 32.77 -7.15 22.87
N PRO B 9 33.75 -6.70 22.07
CA PRO B 9 33.50 -5.91 20.86
C PRO B 9 32.47 -6.61 19.97
N ILE B 10 31.65 -5.82 19.30
CA ILE B 10 30.66 -6.39 18.39
C ILE B 10 31.43 -6.40 17.07
N LYS B 11 31.65 -7.56 16.47
CA LYS B 11 32.41 -7.62 15.25
C LYS B 11 31.63 -7.67 13.93
N LYS B 12 30.97 -8.78 13.67
CA LYS B 12 30.19 -9.02 12.45
C LYS B 12 28.76 -8.47 12.54
N ILE B 13 28.40 -7.62 11.58
CA ILE B 13 27.07 -6.99 11.53
C ILE B 13 26.42 -7.11 10.16
N ALA B 14 25.22 -7.65 10.10
CA ALA B 14 24.53 -7.73 8.82
C ALA B 14 23.33 -6.79 8.82
N ILE B 15 22.95 -6.33 7.64
CA ILE B 15 21.77 -5.47 7.50
C ILE B 15 21.05 -6.04 6.30
N PHE B 16 19.89 -6.65 6.59
CA PHE B 16 19.09 -7.29 5.57
C PHE B 16 17.96 -6.37 5.12
N GLY B 17 17.75 -6.31 3.81
CA GLY B 17 16.67 -5.50 3.25
C GLY B 17 15.87 -6.34 2.28
N GLY B 18 15.57 -7.58 2.67
CA GLY B 18 14.81 -8.43 1.78
C GLY B 18 13.88 -9.48 2.38
N THR B 19 13.53 -9.35 3.65
CA THR B 19 12.63 -10.32 4.27
C THR B 19 11.35 -10.37 3.47
N HIS B 20 10.51 -9.35 3.61
CA HIS B 20 9.27 -9.31 2.82
C HIS B 20 9.63 -8.44 1.60
N GLY B 21 9.60 -9.07 0.42
CA GLY B 21 10.00 -8.44 -0.82
C GLY B 21 9.22 -7.25 -1.32
N ASN B 22 8.07 -7.00 -0.73
CA ASN B 22 7.28 -5.88 -1.16
C ASN B 22 7.44 -4.67 -0.26
N GLU B 23 8.42 -4.71 0.64
CA GLU B 23 8.71 -3.60 1.55
C GLU B 23 10.05 -3.03 1.04
N LEU B 24 9.92 -2.20 0.00
CA LEU B 24 11.04 -1.63 -0.74
C LEU B 24 12.10 -0.79 -0.05
N THR B 25 11.78 -0.16 1.08
CA THR B 25 12.78 0.68 1.73
C THR B 25 14.06 -0.10 2.00
N GLY B 26 13.94 -1.22 2.70
CA GLY B 26 15.12 -2.03 2.99
C GLY B 26 15.72 -2.58 1.70
N VAL B 27 14.91 -2.62 0.64
CA VAL B 27 15.41 -3.08 -0.66
C VAL B 27 16.30 -2.00 -1.23
N PHE B 28 15.75 -0.78 -1.28
CA PHE B 28 16.47 0.35 -1.88
C PHE B 28 17.78 0.70 -1.17
N LEU B 29 17.78 0.58 0.16
CA LEU B 29 18.98 0.91 0.93
C LEU B 29 20.06 -0.16 0.82
N VAL B 30 19.69 -1.42 1.01
CA VAL B 30 20.66 -2.50 0.92
C VAL B 30 21.26 -2.61 -0.48
N THR B 31 20.44 -2.53 -1.52
CA THR B 31 20.94 -2.59 -2.89
C THR B 31 21.90 -1.42 -3.08
N HIS B 32 21.55 -0.30 -2.47
CA HIS B 32 22.39 0.89 -2.56
C HIS B 32 23.68 0.79 -1.75
N TRP B 33 23.59 0.19 -0.57
CA TRP B 33 24.75 0.05 0.32
C TRP B 33 25.71 -1.04 -0.11
N LEU B 34 25.23 -1.96 -0.95
CA LEU B 34 26.10 -3.01 -1.46
C LEU B 34 27.02 -2.33 -2.47
N LYS B 35 26.42 -1.46 -3.30
CA LYS B 35 27.13 -0.72 -4.34
C LYS B 35 27.91 0.48 -3.81
N ASN B 36 27.36 1.13 -2.79
CA ASN B 36 27.96 2.31 -2.19
C ASN B 36 27.89 2.19 -0.67
N GLY B 37 28.82 1.45 -0.10
CA GLY B 37 28.79 1.23 1.34
C GLY B 37 29.38 2.23 2.31
N ALA B 38 29.82 3.39 1.84
CA ALA B 38 30.42 4.36 2.75
C ALA B 38 29.48 4.79 3.88
N GLU B 39 28.17 4.82 3.60
CA GLU B 39 27.20 5.25 4.62
C GLU B 39 27.18 4.32 5.83
N VAL B 40 27.35 3.02 5.60
CA VAL B 40 27.32 2.08 6.72
C VAL B 40 28.70 1.69 7.21
N HIS B 41 29.69 2.48 6.82
CA HIS B 41 31.03 2.22 7.30
C HIS B 41 31.25 2.95 8.63
N ARG B 42 31.87 2.26 9.60
CA ARG B 42 32.23 2.83 10.88
C ARG B 42 33.61 2.29 11.21
N ALA B 43 34.36 3.05 11.97
CA ALA B 43 35.72 2.65 12.36
C ALA B 43 35.72 1.28 13.02
N GLY B 44 36.66 0.44 12.60
CA GLY B 44 36.80 -0.90 13.14
C GLY B 44 35.56 -1.76 13.27
N LEU B 45 34.91 -2.06 12.16
CA LEU B 45 33.68 -2.87 12.18
C LEU B 45 33.41 -3.59 10.87
N GLU B 46 32.81 -4.77 10.95
CA GLU B 46 32.47 -5.55 9.76
C GLU B 46 30.95 -5.44 9.58
N VAL B 47 30.53 -4.58 8.65
CA VAL B 47 29.11 -4.35 8.38
C VAL B 47 28.80 -4.75 6.95
N LYS B 48 27.91 -5.74 6.78
CA LYS B 48 27.55 -6.23 5.45
C LYS B 48 26.04 -6.21 5.23
N PRO B 49 25.60 -5.71 4.06
CA PRO B 49 24.17 -5.65 3.71
C PRO B 49 23.77 -7.08 3.32
N PHE B 50 22.71 -7.25 2.54
CA PHE B 50 22.26 -8.57 2.11
C PHE B 50 20.77 -8.49 1.76
N ILE B 51 20.41 -8.99 0.57
CA ILE B 51 19.00 -9.02 0.13
C ILE B 51 18.50 -10.40 0.52
N THR B 52 17.68 -10.46 1.57
CA THR B 52 17.21 -11.73 2.08
C THR B 52 16.26 -12.56 1.23
N ASN B 53 15.56 -11.93 0.29
CA ASN B 53 14.67 -12.68 -0.58
C ASN B 53 14.77 -12.09 -1.99
N PRO B 54 15.93 -12.30 -2.65
CA PRO B 54 16.12 -11.75 -4.00
C PRO B 54 15.06 -12.14 -5.01
N ARG B 55 14.48 -13.34 -4.88
CA ARG B 55 13.44 -13.78 -5.82
C ARG B 55 12.14 -12.99 -5.64
N ALA B 56 11.62 -12.93 -4.41
CA ALA B 56 10.38 -12.18 -4.19
C ALA B 56 10.64 -10.71 -4.45
N VAL B 57 11.90 -10.29 -4.32
CA VAL B 57 12.25 -8.91 -4.58
C VAL B 57 11.84 -8.55 -6.02
N GLU B 58 12.45 -9.21 -7.00
CA GLU B 58 12.11 -8.92 -8.40
C GLU B 58 10.61 -9.02 -8.69
N LYS B 59 9.90 -9.94 -8.04
CA LYS B 59 8.45 -10.09 -8.26
C LYS B 59 7.62 -9.11 -7.42
N CYS B 60 8.30 -8.36 -6.56
CA CYS B 60 7.67 -7.42 -5.62
C CYS B 60 6.51 -8.11 -4.91
N THR B 61 6.85 -9.09 -4.09
CA THR B 61 5.90 -9.89 -3.33
C THR B 61 6.48 -10.29 -1.98
N ARG B 62 5.61 -10.51 -0.99
CA ARG B 62 6.07 -10.88 0.36
C ARG B 62 7.00 -12.10 0.34
N TYR B 63 6.64 -13.13 -0.41
CA TYR B 63 7.48 -14.33 -0.51
C TYR B 63 7.15 -15.16 -1.77
N ILE B 64 7.87 -16.25 -1.98
CA ILE B 64 7.63 -17.10 -3.15
C ILE B 64 6.73 -18.27 -2.76
N ASP B 65 7.19 -19.10 -1.84
CA ASP B 65 6.39 -20.25 -1.40
C ASP B 65 5.85 -20.04 -0.01
N CYS B 66 6.70 -19.62 0.91
CA CYS B 66 6.32 -19.38 2.29
C CYS B 66 6.98 -18.11 2.83
N ASP B 67 6.51 -17.62 3.98
CA ASP B 67 7.05 -16.42 4.60
C ASP B 67 8.48 -16.68 5.08
N LEU B 68 9.45 -15.97 4.50
CA LEU B 68 10.86 -16.17 4.89
C LEU B 68 11.08 -15.85 6.37
N ASN B 69 10.25 -14.97 6.92
CA ASN B 69 10.33 -14.55 8.32
C ASN B 69 9.59 -15.48 9.29
N ARG B 70 9.03 -16.57 8.78
CA ARG B 70 8.32 -17.50 9.65
C ARG B 70 8.80 -18.94 9.52
N VAL B 71 10.10 -19.12 9.34
CA VAL B 71 10.66 -20.45 9.19
C VAL B 71 12.04 -20.62 9.80
N PHE B 72 12.40 -19.75 10.75
CA PHE B 72 13.71 -19.87 11.37
C PHE B 72 13.65 -20.60 12.70
N ASP B 73 12.65 -21.48 12.80
CA ASP B 73 12.46 -22.29 13.99
C ASP B 73 13.22 -23.60 13.76
N LEU B 74 13.38 -24.38 14.81
CA LEU B 74 14.10 -25.65 14.74
C LEU B 74 13.55 -26.63 13.72
N GLU B 75 12.27 -26.95 13.83
CA GLU B 75 11.67 -27.88 12.88
C GLU B 75 12.09 -27.53 11.45
N ASN B 76 12.00 -26.26 11.06
CA ASN B 76 12.37 -25.86 9.71
C ASN B 76 13.89 -25.79 9.48
N LEU B 77 14.63 -25.29 10.47
CA LEU B 77 16.09 -25.19 10.31
C LEU B 77 16.79 -26.54 10.29
N SER B 78 16.15 -27.56 10.85
CA SER B 78 16.74 -28.89 10.88
C SER B 78 15.97 -29.87 10.00
N LYS B 79 15.06 -29.34 9.19
CA LYS B 79 14.25 -30.17 8.29
C LYS B 79 15.08 -30.60 7.09
N GLU B 80 15.38 -31.90 7.01
CA GLU B 80 16.19 -32.44 5.91
C GLU B 80 15.70 -32.04 4.52
N MSE B 81 16.65 -31.77 3.63
CA MSE B 81 16.30 -31.38 2.27
C MSE B 81 15.49 -32.45 1.57
O MSE B 81 15.74 -33.64 1.72
CB MSE B 81 17.58 -31.10 1.46
CG MSE B 81 17.32 -30.74 0.01
SE MSE B 81 18.94 -30.57 -1.03
CE MSE B 81 19.15 -32.42 -1.57
N SER B 82 14.48 -32.01 0.82
CA SER B 82 13.61 -32.90 0.07
C SER B 82 13.17 -32.23 -1.23
N GLU B 83 12.06 -32.70 -1.79
CA GLU B 83 11.55 -32.15 -3.04
C GLU B 83 10.42 -31.15 -2.78
N ASP B 84 9.69 -31.37 -1.69
CA ASP B 84 8.60 -30.48 -1.30
C ASP B 84 9.11 -29.33 -0.45
N LEU B 85 10.40 -29.03 -0.58
CA LEU B 85 11.02 -27.96 0.20
C LEU B 85 10.78 -26.57 -0.39
N PRO B 86 10.11 -25.69 0.36
CA PRO B 86 9.84 -24.33 -0.12
C PRO B 86 11.11 -23.53 -0.41
N TYR B 87 11.06 -22.67 -1.42
CA TYR B 87 12.20 -21.83 -1.79
C TYR B 87 12.82 -21.15 -0.55
N GLU B 88 11.98 -20.57 0.29
CA GLU B 88 12.48 -19.86 1.47
C GLU B 88 13.29 -20.76 2.41
N VAL B 89 12.94 -22.05 2.47
CA VAL B 89 13.66 -22.97 3.34
C VAL B 89 15.13 -22.99 2.91
N ARG B 90 15.35 -23.40 1.66
CA ARG B 90 16.68 -23.45 1.06
C ARG B 90 17.44 -22.12 1.31
N ARG B 91 16.76 -20.99 1.10
CA ARG B 91 17.41 -19.68 1.34
C ARG B 91 17.64 -19.46 2.83
N ALA B 92 16.66 -19.80 3.65
CA ALA B 92 16.81 -19.65 5.10
C ALA B 92 18.01 -20.44 5.58
N GLN B 93 18.19 -21.65 5.06
CA GLN B 93 19.32 -22.46 5.48
C GLN B 93 20.59 -21.70 5.07
N GLU B 94 20.62 -21.26 3.82
CA GLU B 94 21.76 -20.49 3.31
C GLU B 94 22.10 -19.30 4.20
N ILE B 95 21.11 -18.47 4.49
CA ILE B 95 21.33 -17.31 5.35
C ILE B 95 21.89 -17.78 6.69
N ASN B 96 21.36 -18.90 7.17
CA ASN B 96 21.77 -19.46 8.44
C ASN B 96 23.24 -19.88 8.46
N HIS B 97 23.77 -20.25 7.31
CA HIS B 97 25.17 -20.68 7.22
C HIS B 97 26.11 -19.49 7.01
N LEU B 98 25.59 -18.43 6.38
CA LEU B 98 26.36 -17.22 6.09
C LEU B 98 26.46 -16.26 7.28
N PHE B 99 25.41 -16.19 8.09
CA PHE B 99 25.39 -15.27 9.22
C PHE B 99 25.17 -15.98 10.54
N GLY B 100 24.89 -17.29 10.45
CA GLY B 100 24.66 -18.09 11.64
C GLY B 100 25.69 -19.20 11.66
N PRO B 101 25.31 -20.46 11.97
CA PRO B 101 23.98 -20.98 12.31
C PRO B 101 23.49 -20.41 13.63
N LYS B 102 22.17 -20.30 13.78
CA LYS B 102 21.55 -19.79 15.00
C LYS B 102 22.13 -20.51 16.21
N ASN B 103 22.33 -19.78 17.31
CA ASN B 103 22.86 -20.32 18.56
C ASN B 103 24.31 -20.85 18.51
N SER B 104 25.13 -20.26 17.65
CA SER B 104 26.54 -20.61 17.49
C SER B 104 27.39 -19.36 17.69
N ASP B 105 28.69 -19.55 17.88
CA ASP B 105 29.60 -18.45 18.11
C ASP B 105 30.21 -17.86 16.88
N ASP B 106 30.01 -18.49 15.74
CA ASP B 106 30.51 -17.98 14.45
C ASP B 106 29.39 -17.17 13.79
N ALA B 107 28.21 -17.24 14.38
CA ALA B 107 27.06 -16.50 13.85
C ALA B 107 27.42 -15.03 13.91
N TYR B 108 26.61 -14.19 13.28
CA TYR B 108 26.88 -12.76 13.31
C TYR B 108 26.48 -12.21 14.67
N ASP B 109 27.10 -11.11 15.07
CA ASP B 109 26.80 -10.53 16.37
C ASP B 109 25.47 -9.77 16.38
N VAL B 110 25.22 -9.00 15.33
CA VAL B 110 23.99 -8.21 15.24
C VAL B 110 23.36 -8.37 13.87
N VAL B 111 22.05 -8.47 13.85
CA VAL B 111 21.31 -8.54 12.59
C VAL B 111 20.19 -7.49 12.67
N PHE B 112 20.25 -6.50 11.78
CA PHE B 112 19.22 -5.46 11.68
C PHE B 112 18.39 -5.92 10.48
N ASP B 113 17.13 -6.27 10.72
CA ASP B 113 16.25 -6.70 9.61
C ASP B 113 15.24 -5.56 9.41
N LEU B 114 15.28 -4.97 8.22
CA LEU B 114 14.45 -3.81 7.89
C LEU B 114 13.06 -4.15 7.36
N HIS B 115 12.06 -3.44 7.89
CA HIS B 115 10.67 -3.64 7.52
C HIS B 115 9.90 -2.34 7.36
N ASN B 116 8.82 -2.40 6.58
CA ASN B 116 7.93 -1.26 6.36
C ASN B 116 6.53 -1.68 6.78
N THR B 117 5.72 -0.70 7.17
CA THR B 117 4.33 -1.01 7.54
C THR B 117 3.38 0.00 6.93
N THR B 118 2.19 -0.47 6.54
CA THR B 118 1.15 0.40 6.02
C THR B 118 0.43 1.06 7.21
N SER B 119 0.79 0.65 8.44
CA SER B 119 0.19 1.23 9.65
C SER B 119 0.93 2.54 9.97
N ASN B 120 0.24 3.50 10.58
CA ASN B 120 0.84 4.81 10.90
C ASN B 120 1.71 4.75 12.15
N MSE B 121 2.70 3.87 12.13
CA MSE B 121 3.57 3.65 13.28
C MSE B 121 4.64 4.67 13.56
O MSE B 121 5.05 4.86 14.72
CB MSE B 121 4.22 2.26 13.17
CG MSE B 121 3.23 1.12 13.21
SE MSE B 121 2.73 0.64 15.02
CE MSE B 121 4.09 -0.71 15.31
N GLY B 122 5.12 5.35 12.52
CA GLY B 122 6.20 6.30 12.71
C GLY B 122 7.48 5.49 12.81
N CYS B 123 8.47 6.03 13.55
CA CYS B 123 9.76 5.40 13.77
C CYS B 123 9.59 4.33 14.86
N THR B 124 9.92 3.08 14.55
CA THR B 124 9.74 2.02 15.55
C THR B 124 10.85 0.98 15.56
N LEU B 125 11.28 0.59 16.76
CA LEU B 125 12.32 -0.40 16.99
C LEU B 125 11.66 -1.63 17.63
N ILE B 126 12.13 -2.82 17.26
CA ILE B 126 11.57 -4.07 17.79
C ILE B 126 12.61 -4.80 18.63
N LEU B 127 12.23 -5.09 19.87
CA LEU B 127 13.10 -5.77 20.83
C LEU B 127 12.54 -7.17 21.05
N GLY B 128 13.40 -8.16 21.24
CA GLY B 128 12.91 -9.52 21.48
C GLY B 128 13.28 -10.05 22.86
N ASP B 129 13.96 -9.24 23.66
CA ASP B 129 14.39 -9.67 25.01
C ASP B 129 14.47 -8.49 25.96
N SER B 130 13.52 -8.42 26.89
CA SER B 130 13.48 -7.33 27.85
C SER B 130 14.65 -7.37 28.81
N GLY B 131 15.41 -8.47 28.78
CA GLY B 131 16.57 -8.56 29.65
C GLY B 131 17.89 -8.32 28.94
N ASN B 132 17.85 -7.81 27.71
CA ASN B 132 19.09 -7.60 26.97
C ASN B 132 19.61 -6.18 27.18
N ASP B 133 20.58 -6.00 28.08
CA ASP B 133 21.11 -4.67 28.35
C ASP B 133 21.77 -4.00 27.14
N PHE B 134 22.49 -4.77 26.33
CA PHE B 134 23.16 -4.17 25.17
C PHE B 134 22.12 -3.53 24.24
N LEU B 135 21.12 -4.31 23.86
CA LEU B 135 20.06 -3.79 22.99
C LEU B 135 19.27 -2.66 23.61
N ILE B 136 18.99 -2.75 24.91
CA ILE B 136 18.21 -1.68 25.57
C ILE B 136 19.01 -0.38 25.50
N GLN B 137 20.30 -0.44 25.83
CA GLN B 137 21.14 0.76 25.76
C GLN B 137 21.08 1.39 24.36
N MSE B 138 21.32 0.57 23.34
CA MSE B 138 21.27 1.06 21.95
C MSE B 138 19.94 1.78 21.65
O MSE B 138 19.91 2.84 21.00
CB MSE B 138 21.39 -0.12 20.97
CG MSE B 138 21.21 0.28 19.49
SE MSE B 138 20.93 -1.29 18.41
CE MSE B 138 22.61 -2.21 18.79
N PHE B 139 18.83 1.18 22.07
CA PHE B 139 17.53 1.79 21.80
C PHE B 139 17.41 3.14 22.51
N HIS B 140 17.90 3.21 23.73
CA HIS B 140 17.87 4.47 24.47
C HIS B 140 18.73 5.49 23.70
N TYR B 141 19.89 5.03 23.22
CA TYR B 141 20.78 5.91 22.44
C TYR B 141 20.08 6.45 21.19
N ILE B 142 19.50 5.56 20.40
CA ILE B 142 18.83 5.99 19.16
C ILE B 142 17.73 7.02 19.46
N LYS B 143 16.93 6.74 20.50
CA LYS B 143 15.86 7.66 20.88
C LYS B 143 16.44 9.00 21.32
N THR B 144 17.56 8.95 22.06
CA THR B 144 18.20 10.18 22.51
C THR B 144 18.65 10.99 21.31
N CYS B 145 19.22 10.31 20.33
CA CYS B 145 19.74 11.02 19.16
C CYS B 145 18.67 11.57 18.23
N MSE B 146 17.45 11.04 18.30
CA MSE B 146 16.38 11.49 17.43
C MSE B 146 15.38 12.43 18.09
O MSE B 146 14.51 12.99 17.40
CB MSE B 146 15.65 10.27 16.84
CG MSE B 146 16.52 9.52 15.84
SE MSE B 146 15.76 7.92 15.17
CE MSE B 146 14.30 8.65 14.12
N ALA B 147 15.47 12.59 19.40
CA ALA B 147 14.55 13.45 20.12
C ALA B 147 14.51 14.85 19.47
N PRO B 148 13.33 15.50 19.46
CA PRO B 148 12.08 15.01 20.05
C PRO B 148 11.24 14.24 19.02
N LEU B 149 11.89 13.88 17.91
CA LEU B 149 11.26 13.14 16.82
C LEU B 149 10.72 11.79 17.31
N PRO B 150 9.61 11.32 16.72
CA PRO B 150 9.03 10.05 17.12
C PRO B 150 9.99 8.87 16.93
N CYS B 151 10.09 8.02 17.95
CA CYS B 151 10.96 6.86 17.92
C CYS B 151 10.48 5.83 18.95
N SER B 152 9.84 4.76 18.47
CA SER B 152 9.25 3.76 19.35
C SER B 152 9.98 2.44 19.52
N VAL B 153 9.47 1.64 20.47
CA VAL B 153 10.05 0.33 20.74
C VAL B 153 8.96 -0.71 20.97
N TYR B 154 9.07 -1.81 20.23
CA TYR B 154 8.13 -2.92 20.36
C TYR B 154 8.93 -4.05 21.02
N LEU B 155 8.47 -4.49 22.20
CA LEU B 155 9.14 -5.55 22.95
C LEU B 155 8.33 -6.82 22.77
N ILE B 156 8.95 -7.86 22.20
CA ILE B 156 8.30 -9.16 22.01
C ILE B 156 9.00 -10.08 22.99
N GLU B 157 8.75 -9.85 24.28
CA GLU B 157 9.39 -10.63 25.32
C GLU B 157 9.42 -12.12 25.07
N HIS B 158 8.25 -12.75 25.05
CA HIS B 158 8.16 -14.20 24.84
C HIS B 158 8.89 -14.75 23.62
N PRO B 159 9.80 -15.71 23.85
CA PRO B 159 10.60 -16.35 22.81
C PRO B 159 9.77 -17.19 21.85
N SER B 160 8.62 -17.67 22.32
CA SER B 160 7.72 -18.50 21.51
C SER B 160 7.18 -17.73 20.32
N LEU B 161 7.67 -16.51 20.14
CA LEU B 161 7.23 -15.66 19.04
C LEU B 161 8.45 -15.06 18.32
N LYS B 162 9.64 -15.35 18.84
CA LYS B 162 10.88 -14.84 18.28
C LYS B 162 11.72 -15.88 17.53
N TYR B 163 11.75 -17.11 18.06
CA TYR B 163 12.55 -18.19 17.46
C TYR B 163 12.30 -18.42 15.97
N ALA B 164 11.28 -17.79 15.40
CA ALA B 164 11.01 -18.00 13.99
C ALA B 164 11.37 -16.84 13.06
N THR B 165 11.41 -15.61 13.56
CA THR B 165 11.74 -14.47 12.70
C THR B 165 13.05 -14.65 11.95
N THR B 166 13.11 -14.07 10.75
CA THR B 166 14.29 -14.13 9.91
C THR B 166 15.57 -13.74 10.62
N ARG B 167 15.48 -12.75 11.50
CA ARG B 167 16.66 -12.27 12.21
C ARG B 167 17.07 -13.16 13.35
N SER B 168 16.21 -14.11 13.71
CA SER B 168 16.49 -15.02 14.82
C SER B 168 17.89 -15.59 14.74
N ILE B 169 18.55 -15.38 13.60
CA ILE B 169 19.93 -15.83 13.42
C ILE B 169 20.91 -14.73 13.83
N ALA B 170 20.69 -14.10 14.98
CA ALA B 170 21.59 -13.07 15.47
C ALA B 170 21.86 -13.17 16.97
N LYS B 171 23.12 -12.97 17.35
CA LYS B 171 23.45 -12.97 18.76
C LYS B 171 22.74 -11.74 19.36
N TYR B 172 22.55 -10.71 18.54
CA TYR B 172 21.87 -9.49 18.96
C TYR B 172 21.01 -8.95 17.82
N PRO B 173 19.85 -9.57 17.59
CA PRO B 173 18.92 -9.17 16.54
C PRO B 173 18.26 -7.83 16.89
N VAL B 174 17.73 -7.15 15.87
CA VAL B 174 17.03 -5.88 16.06
C VAL B 174 16.06 -5.61 14.92
N GLY B 175 14.77 -5.59 15.21
CA GLY B 175 13.83 -5.30 14.14
C GLY B 175 13.72 -3.79 13.94
N ILE B 176 13.88 -3.32 12.70
CA ILE B 176 13.75 -1.89 12.39
C ILE B 176 12.61 -1.71 11.40
N GLU B 177 11.49 -1.23 11.91
CA GLU B 177 10.26 -1.05 11.16
C GLU B 177 10.11 0.41 10.77
N VAL B 178 9.49 0.69 9.61
CA VAL B 178 9.29 2.08 9.23
C VAL B 178 8.03 2.17 8.35
N GLY B 179 7.06 2.94 8.84
CA GLY B 179 5.83 3.16 8.10
C GLY B 179 5.24 4.47 8.59
N PRO B 180 4.07 4.86 8.07
CA PRO B 180 3.28 4.13 7.06
C PRO B 180 3.77 4.31 5.62
N GLN B 181 3.76 3.20 4.86
CA GLN B 181 4.15 3.20 3.45
C GLN B 181 3.46 2.06 2.69
N PRO B 182 2.71 2.39 1.63
CA PRO B 182 2.04 1.33 0.85
C PRO B 182 3.11 0.32 0.38
N HIS B 183 2.86 -0.98 0.47
CA HIS B 183 3.88 -1.89 -0.01
C HIS B 183 4.04 -1.67 -1.51
N GLY B 184 5.25 -1.85 -2.02
CA GLY B 184 5.50 -1.65 -3.43
C GLY B 184 5.71 -0.19 -3.78
N VAL B 185 5.84 0.66 -2.77
CA VAL B 185 6.05 2.10 -2.95
C VAL B 185 7.31 2.60 -2.21
N LEU B 186 8.00 3.57 -2.79
CA LEU B 186 9.17 4.17 -2.14
C LEU B 186 8.89 5.66 -1.85
N ARG B 187 8.86 6.03 -0.56
CA ARG B 187 8.66 7.42 -0.13
C ARG B 187 9.99 7.93 0.37
N ALA B 188 10.40 9.12 -0.08
CA ALA B 188 11.67 9.68 0.35
C ALA B 188 11.69 9.94 1.85
N ASP B 189 10.55 10.36 2.40
CA ASP B 189 10.52 10.63 3.83
C ASP B 189 10.78 9.38 4.65
N ILE B 190 10.28 8.23 4.19
CA ILE B 190 10.48 6.96 4.90
C ILE B 190 11.92 6.49 4.72
N LEU B 191 12.49 6.71 3.55
CA LEU B 191 13.90 6.33 3.30
C LEU B 191 14.84 7.09 4.26
N ASP B 192 14.63 8.41 4.42
CA ASP B 192 15.48 9.20 5.31
C ASP B 192 15.30 8.78 6.79
N GLN B 193 14.07 8.45 7.16
CA GLN B 193 13.81 8.05 8.55
C GLN B 193 14.54 6.74 8.89
N MSE B 194 14.47 5.77 8.00
CA MSE B 194 15.13 4.51 8.28
C MSE B 194 16.66 4.63 8.24
O MSE B 194 17.35 4.08 9.09
CB MSE B 194 14.66 3.42 7.30
CG MSE B 194 15.02 2.03 7.76
SE MSE B 194 14.54 0.73 6.47
CE MSE B 194 12.73 0.35 7.01
N ARG B 195 17.19 5.34 7.25
CA ARG B 195 18.64 5.51 7.15
C ARG B 195 19.18 6.15 8.40
N ARG B 196 18.41 7.07 8.98
CA ARG B 196 18.85 7.75 10.20
C ARG B 196 18.85 6.80 11.38
N MSE B 197 17.68 6.27 11.71
CA MSE B 197 17.59 5.34 12.84
C MSE B 197 18.74 4.32 12.72
O MSE B 197 19.32 3.87 13.74
CB MSE B 197 16.22 4.65 12.82
CG MSE B 197 15.06 5.66 12.81
SE MSE B 197 13.28 4.93 12.88
CE MSE B 197 13.64 3.26 12.01
N LEU B 198 19.11 3.97 11.48
CA LEU B 198 20.21 3.02 11.29
C LEU B 198 21.57 3.68 11.46
N LYS B 199 21.68 4.92 10.98
CA LYS B 199 22.96 5.62 11.10
C LYS B 199 23.41 5.59 12.54
N HIS B 200 22.49 5.90 13.45
CA HIS B 200 22.81 5.93 14.88
C HIS B 200 23.03 4.56 15.49
N ALA B 201 22.29 3.55 15.02
CA ALA B 201 22.47 2.21 15.55
C ALA B 201 23.90 1.77 15.23
N LEU B 202 24.38 2.18 14.06
CA LEU B 202 25.74 1.84 13.64
C LEU B 202 26.82 2.66 14.36
N ASP B 203 26.61 3.96 14.57
CA ASP B 203 27.59 4.75 15.30
C ASP B 203 27.69 4.15 16.71
N PHE B 204 26.57 3.62 17.19
CA PHE B 204 26.53 3.00 18.52
C PHE B 204 27.52 1.85 18.63
N ILE B 205 27.36 0.85 17.78
CA ILE B 205 28.26 -0.29 17.83
C ILE B 205 29.73 0.17 17.81
N GLN B 206 30.01 1.23 17.05
CA GLN B 206 31.39 1.71 17.01
C GLN B 206 31.83 2.26 18.36
N ARG B 207 31.08 3.23 18.90
CA ARG B 207 31.43 3.83 20.20
C ARG B 207 31.52 2.79 21.30
N PHE B 208 30.49 1.93 21.39
CA PHE B 208 30.50 0.87 22.41
C PHE B 208 31.85 0.18 22.34
N ASN B 209 32.28 -0.17 21.14
CA ASN B 209 33.57 -0.83 20.97
C ASN B 209 34.76 0.06 21.33
N GLU B 210 34.64 1.36 21.09
CA GLU B 210 35.74 2.28 21.38
C GLU B 210 35.89 2.50 22.89
N GLY B 211 35.06 1.79 23.66
CA GLY B 211 35.16 1.90 25.09
C GLY B 211 34.26 2.95 25.71
N LYS B 212 33.26 3.43 24.96
CA LYS B 212 32.35 4.40 25.54
C LYS B 212 31.65 3.70 26.69
N GLU B 213 31.75 4.28 27.87
CA GLU B 213 31.11 3.70 29.04
C GLU B 213 29.71 4.29 29.14
N PHE B 214 28.71 3.43 29.00
CA PHE B 214 27.32 3.85 29.04
C PHE B 214 26.73 3.74 30.43
N PRO B 215 26.16 4.84 30.94
CA PRO B 215 25.56 4.85 32.27
C PRO B 215 24.27 4.05 32.22
N PRO B 216 23.62 3.81 33.38
CA PRO B 216 22.37 3.05 33.38
C PRO B 216 21.31 3.91 32.66
N CYS B 217 20.33 3.28 32.01
CA CYS B 217 19.27 4.03 31.32
C CYS B 217 17.90 3.36 31.52
N ALA B 218 16.84 4.00 31.04
CA ALA B 218 15.49 3.46 31.17
C ALA B 218 14.59 3.98 30.05
N ILE B 219 13.78 3.09 29.47
CA ILE B 219 12.86 3.50 28.41
C ILE B 219 11.57 2.72 28.46
N ASP B 220 10.61 3.18 27.68
CA ASP B 220 9.32 2.53 27.61
C ASP B 220 9.30 1.65 26.38
N VAL B 221 8.59 0.55 26.49
CA VAL B 221 8.40 -0.38 25.37
C VAL B 221 6.93 -0.74 25.36
N TYR B 222 6.49 -1.37 24.27
CA TYR B 222 5.08 -1.79 24.12
C TYR B 222 5.03 -3.28 23.83
N LYS B 223 4.97 -4.08 24.90
CA LYS B 223 4.99 -5.53 24.73
C LYS B 223 3.63 -6.08 24.39
N ILE B 224 3.62 -7.02 23.46
CA ILE B 224 2.38 -7.65 23.01
C ILE B 224 1.39 -7.84 24.16
N MSE B 225 0.11 -7.61 23.88
CA MSE B 225 -0.93 -7.77 24.91
C MSE B 225 -1.96 -8.78 24.43
O MSE B 225 -2.47 -9.57 25.23
CB MSE B 225 -1.59 -6.39 25.20
CG MSE B 225 -2.61 -6.39 26.33
SE MSE B 225 -3.12 -4.59 27.01
CE MSE B 225 -2.74 -4.89 28.87
N GLU B 226 -2.26 -8.77 23.13
CA GLU B 226 -3.22 -9.71 22.53
C GLU B 226 -3.69 -9.24 21.17
N LYS B 227 -3.35 -10.01 20.14
CA LYS B 227 -3.74 -9.71 18.75
C LYS B 227 -5.24 -9.89 18.58
N VAL B 228 -5.88 -8.94 17.91
CA VAL B 228 -7.32 -9.04 17.68
C VAL B 228 -7.59 -9.15 16.18
N ASP B 229 -8.37 -10.15 15.80
CA ASP B 229 -8.65 -10.35 14.39
C ASP B 229 -10.06 -9.96 14.00
N TYR B 230 -10.15 -9.09 12.99
CA TYR B 230 -11.43 -8.63 12.47
C TYR B 230 -12.53 -9.66 12.67
N PRO B 231 -13.75 -9.20 13.01
CA PRO B 231 -14.83 -10.17 13.17
C PRO B 231 -15.03 -10.60 11.71
N ARG B 232 -15.47 -11.82 11.47
CA ARG B 232 -15.62 -12.24 10.09
C ARG B 232 -16.92 -12.97 9.82
N ASN B 233 -17.18 -13.19 8.53
CA ASN B 233 -18.39 -13.90 8.09
C ASN B 233 -18.08 -15.36 7.80
N GLU B 234 -19.11 -16.15 7.49
CA GLU B 234 -18.92 -17.57 7.21
C GLU B 234 -17.83 -17.78 6.17
N SER B 235 -17.80 -16.90 5.17
CA SER B 235 -16.82 -16.98 4.08
C SER B 235 -15.41 -16.63 4.54
N GLY B 236 -15.28 -16.16 5.78
CA GLY B 236 -13.96 -15.79 6.27
C GLY B 236 -13.59 -14.34 6.00
N ASP B 237 -14.37 -13.66 5.16
CA ASP B 237 -14.09 -12.26 4.87
C ASP B 237 -14.44 -11.40 6.08
N VAL B 238 -14.25 -10.08 5.99
CA VAL B 238 -14.54 -9.19 7.14
C VAL B 238 -15.93 -8.53 7.05
N ALA B 239 -16.50 -8.18 8.20
CA ALA B 239 -17.82 -7.54 8.29
C ALA B 239 -17.80 -6.13 8.91
N ALA B 240 -16.62 -5.66 9.32
CA ALA B 240 -16.47 -4.34 9.93
C ALA B 240 -15.00 -3.92 9.89
N VAL B 241 -14.71 -2.85 9.15
CA VAL B 241 -13.32 -2.38 9.02
C VAL B 241 -12.89 -1.55 10.20
N ILE B 242 -11.59 -1.33 10.31
CA ILE B 242 -11.07 -0.51 11.42
C ILE B 242 -11.81 0.82 11.40
N HIS B 243 -12.25 1.25 12.57
CA HIS B 243 -13.00 2.50 12.75
C HIS B 243 -12.14 3.70 12.35
N PRO B 244 -12.72 4.78 11.83
CA PRO B 244 -11.91 5.94 11.44
C PRO B 244 -11.17 6.65 12.56
N ASN B 245 -11.76 6.70 13.75
CA ASN B 245 -11.11 7.37 14.88
C ASN B 245 -9.95 6.51 15.40
N LEU B 246 -9.91 5.25 14.96
CA LEU B 246 -8.83 4.35 15.35
C LEU B 246 -7.81 4.36 14.20
N GLN B 247 -8.30 4.54 12.98
CA GLN B 247 -7.40 4.58 11.81
C GLN B 247 -6.28 5.60 12.03
N ASP B 248 -5.07 5.18 11.71
CA ASP B 248 -3.84 5.98 11.84
C ASP B 248 -3.54 6.46 13.27
N GLN B 249 -4.18 5.85 14.28
CA GLN B 249 -3.95 6.26 15.66
C GLN B 249 -3.12 5.27 16.47
N ASP B 250 -2.15 4.65 15.81
CA ASP B 250 -1.26 3.71 16.50
C ASP B 250 -0.64 4.43 17.69
N TRP B 251 -0.27 3.65 18.70
CA TRP B 251 0.36 4.07 19.95
C TRP B 251 -0.49 4.89 20.91
N LYS B 252 -1.66 5.38 20.47
CA LYS B 252 -2.49 6.22 21.33
C LYS B 252 -3.41 5.46 22.28
N PRO B 253 -3.84 6.11 23.38
CA PRO B 253 -4.72 5.40 24.32
C PRO B 253 -6.07 5.03 23.74
N LEU B 254 -6.42 3.76 23.90
CA LEU B 254 -7.68 3.22 23.43
C LEU B 254 -8.36 2.60 24.65
N HIS B 255 -9.53 3.12 25.03
CA HIS B 255 -10.27 2.64 26.20
C HIS B 255 -11.38 1.65 25.84
N PRO B 256 -11.90 0.88 26.82
CA PRO B 256 -12.97 -0.09 26.59
C PRO B 256 -14.17 0.32 25.71
N GLY B 257 -14.63 1.57 25.85
CA GLY B 257 -15.77 1.99 25.05
C GLY B 257 -15.50 2.76 23.76
N ASP B 258 -14.23 3.10 23.51
CA ASP B 258 -13.87 3.86 22.32
C ASP B 258 -14.20 3.13 21.03
N PRO B 259 -14.33 3.87 19.93
CA PRO B 259 -14.66 3.25 18.65
C PRO B 259 -13.50 2.43 18.09
N VAL B 260 -13.81 1.19 17.72
CA VAL B 260 -12.82 0.25 17.21
C VAL B 260 -13.10 -0.20 15.76
N PHE B 261 -14.37 -0.53 15.45
CA PHE B 261 -14.73 -0.95 14.08
C PHE B 261 -16.03 -0.27 13.67
N VAL B 262 -16.14 0.08 12.37
CA VAL B 262 -17.37 0.68 11.86
C VAL B 262 -17.92 -0.23 10.77
N SER B 263 -19.24 -0.43 10.77
CA SER B 263 -19.86 -1.28 9.75
C SER B 263 -20.45 -0.40 8.65
N LEU B 264 -20.76 -1.00 7.52
CA LEU B 264 -21.34 -0.27 6.40
C LEU B 264 -22.64 0.43 6.79
N ASP B 265 -23.41 -0.21 7.66
CA ASP B 265 -24.66 0.38 8.13
C ASP B 265 -24.26 1.48 9.11
N GLY B 266 -22.98 1.49 9.46
CA GLY B 266 -22.47 2.46 10.38
C GLY B 266 -22.49 2.05 11.84
N LYS B 267 -22.74 0.77 12.15
CA LYS B 267 -22.76 0.32 13.54
C LYS B 267 -21.33 0.25 14.08
N VAL B 268 -21.07 0.86 15.24
CA VAL B 268 -19.73 0.87 15.84
C VAL B 268 -19.53 -0.27 16.81
N ILE B 269 -18.33 -0.86 16.79
CA ILE B 269 -17.99 -1.97 17.69
C ILE B 269 -16.87 -1.45 18.59
N PRO B 270 -17.11 -1.44 19.90
CA PRO B 270 -16.07 -0.95 20.82
C PRO B 270 -14.96 -1.94 21.12
N LEU B 271 -13.93 -1.48 21.82
CA LEU B 271 -12.78 -2.30 22.18
C LEU B 271 -13.19 -3.46 23.09
N GLY B 272 -14.03 -3.17 24.08
CA GLY B 272 -14.44 -4.20 25.01
C GLY B 272 -13.37 -4.40 26.07
N GLY B 273 -13.41 -5.53 26.77
CA GLY B 273 -12.40 -5.77 27.81
C GLY B 273 -12.53 -4.83 28.99
N ASP B 274 -11.56 -4.86 29.91
CA ASP B 274 -11.64 -4.01 31.10
C ASP B 274 -10.43 -3.08 31.35
N CYS B 275 -9.85 -2.52 30.29
CA CYS B 275 -8.72 -1.64 30.50
C CYS B 275 -8.35 -0.80 29.28
N THR B 276 -7.58 0.24 29.51
CA THR B 276 -7.11 1.12 28.44
C THR B 276 -5.90 0.44 27.80
N VAL B 277 -5.83 0.43 26.48
CA VAL B 277 -4.69 -0.19 25.79
C VAL B 277 -4.15 0.76 24.71
N TYR B 278 -2.99 0.41 24.16
CA TYR B 278 -2.33 1.21 23.15
C TYR B 278 -2.20 0.31 21.94
N PRO B 279 -2.96 0.59 20.86
CA PRO B 279 -2.90 -0.23 19.67
C PRO B 279 -1.67 0.02 18.80
N VAL B 280 -1.19 -1.06 18.17
CA VAL B 280 -0.08 -0.96 17.23
C VAL B 280 -0.49 -1.77 16.00
N PHE B 281 0.22 -1.54 14.89
CA PHE B 281 -0.07 -2.19 13.63
C PHE B 281 -1.57 -2.16 13.35
N VAL B 282 -2.11 -0.95 13.32
CA VAL B 282 -3.52 -0.75 13.03
C VAL B 282 -3.73 -0.85 11.53
N ASN B 283 -4.56 -1.80 11.12
CA ASN B 283 -4.85 -1.93 9.67
C ASN B 283 -3.60 -2.16 8.82
N GLU B 284 -2.83 -3.19 9.17
CA GLU B 284 -1.62 -3.56 8.41
C GLU B 284 -2.05 -4.54 7.31
N ALA B 285 -1.62 -4.27 6.08
CA ALA B 285 -1.98 -5.13 4.95
C ALA B 285 -1.61 -6.61 5.10
N ALA B 286 -0.33 -6.86 5.39
CA ALA B 286 0.18 -8.23 5.52
C ALA B 286 -0.42 -9.06 6.65
N TYR B 287 -1.19 -8.42 7.52
CA TYR B 287 -1.74 -9.13 8.67
C TYR B 287 -3.17 -9.65 8.60
N TYR B 288 -4.02 -9.08 7.75
CA TYR B 288 -5.39 -9.57 7.65
C TYR B 288 -5.39 -11.11 7.66
N GLU B 289 -4.47 -11.73 6.92
CA GLU B 289 -4.44 -13.20 6.90
C GLU B 289 -3.65 -13.79 8.07
N LYS B 290 -3.23 -12.92 8.98
CA LYS B 290 -2.51 -13.34 10.19
C LYS B 290 -3.41 -13.18 11.42
N LYS B 291 -4.66 -12.77 11.19
CA LYS B 291 -5.60 -12.58 12.29
C LYS B 291 -5.34 -11.32 13.10
N GLU B 292 -4.89 -10.26 12.43
CA GLU B 292 -4.61 -9.01 13.12
C GLU B 292 -5.23 -7.79 12.41
N ALA B 293 -6.04 -7.05 13.16
CA ALA B 293 -6.69 -5.83 12.67
C ALA B 293 -5.94 -4.70 13.38
N PHE B 294 -5.62 -4.94 14.64
CA PHE B 294 -4.87 -4.02 15.50
C PHE B 294 -4.60 -4.68 16.87
N ALA B 295 -3.34 -5.06 17.11
CA ALA B 295 -2.98 -5.69 18.37
C ALA B 295 -2.96 -4.58 19.42
N LYS B 296 -3.45 -4.91 20.60
CA LYS B 296 -3.53 -3.97 21.70
C LYS B 296 -2.22 -4.12 22.47
N THR B 297 -1.85 -3.11 23.26
CA THR B 297 -0.61 -3.19 24.03
C THR B 297 -0.68 -2.47 25.37
N THR B 298 0.26 -2.78 26.27
CA THR B 298 0.34 -2.08 27.57
C THR B 298 1.73 -1.46 27.61
N LYS B 299 1.89 -0.36 28.33
CA LYS B 299 3.20 0.29 28.38
C LYS B 299 4.04 -0.20 29.53
N LEU B 300 5.32 -0.44 29.26
CA LEU B 300 6.21 -0.88 30.32
C LEU B 300 7.57 -0.21 30.15
N THR B 301 8.15 0.17 31.27
CA THR B 301 9.45 0.81 31.24
C THR B 301 10.52 -0.22 31.59
N LEU B 302 11.55 -0.31 30.75
CA LEU B 302 12.63 -1.27 31.03
C LEU B 302 13.83 -0.52 31.53
N ASN B 303 14.64 -1.18 32.38
CA ASN B 303 15.85 -0.57 32.92
C ASN B 303 17.11 -1.34 32.52
N ALA B 304 18.11 -0.64 32.00
CA ALA B 304 19.35 -1.31 31.62
C ALA B 304 20.49 -0.88 32.55
N LYS B 305 21.37 -1.83 32.82
CA LYS B 305 22.53 -1.53 33.66
C LYS B 305 23.55 -0.79 32.79
N SER B 306 24.66 -0.43 33.40
CA SER B 306 25.73 0.23 32.66
C SER B 306 26.37 -0.89 31.83
N ILE B 307 26.88 -0.56 30.65
CA ILE B 307 27.56 -1.55 29.82
C ILE B 307 28.82 -0.93 29.22
N ARG B 308 29.76 -1.79 28.84
CA ARG B 308 30.99 -1.35 28.18
C ARG B 308 31.52 -2.56 27.43
N SER B 309 32.49 -2.32 26.55
CA SER B 309 33.11 -3.36 25.76
C SER B 309 34.37 -3.78 26.50
N THR B 310 34.52 -5.08 26.74
CA THR B 310 35.71 -5.52 27.46
C THR B 310 36.93 -5.19 26.62
ZN ZN C . -7.03 1.85 -12.95
S SO4 D . -12.52 -1.14 -29.63
O1 SO4 D . -12.74 -0.02 -28.71
O2 SO4 D . -13.62 -2.14 -29.51
O3 SO4 D . -12.50 -0.63 -31.03
O4 SO4 D . -11.24 -1.80 -29.33
S SO4 E . -23.63 12.95 1.14
O1 SO4 E . -23.61 14.14 2.02
O2 SO4 E . -25.00 12.75 0.62
O3 SO4 E . -22.68 13.15 0.03
O4 SO4 E . -23.22 11.75 1.91
S SO4 F . 1.35 -9.69 -5.24
O1 SO4 F . 1.52 -8.57 -4.30
O2 SO4 F . 0.15 -10.46 -4.86
O3 SO4 F . 1.19 -9.16 -6.61
O4 SO4 F . 2.52 -10.58 -5.20
ZN ZN G . 8.06 -6.95 6.66
S SO4 H . 5.78 -10.36 10.64
O1 SO4 H . 4.54 -10.70 11.35
O2 SO4 H . 6.17 -11.47 9.74
O3 SO4 H . 5.57 -9.13 9.85
O4 SO4 H . 6.84 -10.12 11.63
S SO4 I . 19.87 13.13 13.07
O1 SO4 I . 19.12 14.38 13.31
O2 SO4 I . 19.01 11.98 13.40
O3 SO4 I . 20.28 13.06 11.66
O4 SO4 I . 21.08 13.13 13.92
N CYS A 4 -29.21 22.93 -26.24
CA CYS A 4 -29.56 21.66 -25.56
C CYS A 4 -29.16 20.47 -26.44
N VAL A 5 -28.99 19.31 -25.81
CA VAL A 5 -28.60 18.11 -26.53
C VAL A 5 -29.61 16.99 -26.31
N ALA A 6 -29.94 16.27 -27.39
CA ALA A 6 -30.88 15.16 -27.33
C ALA A 6 -30.19 13.94 -26.76
N GLU A 7 -30.83 13.28 -25.79
CA GLU A 7 -30.26 12.11 -25.15
C GLU A 7 -31.26 10.99 -24.86
N GLU A 8 -30.81 9.74 -25.06
CA GLU A 8 -31.65 8.57 -24.81
C GLU A 8 -31.61 8.20 -23.32
N PRO A 9 -32.75 7.78 -22.76
CA PRO A 9 -32.70 7.42 -21.33
C PRO A 9 -31.81 6.20 -21.04
N ILE A 10 -31.37 6.10 -19.79
CA ILE A 10 -30.51 5.00 -19.34
C ILE A 10 -31.42 3.86 -18.87
N LYS A 11 -30.98 2.63 -19.03
CA LYS A 11 -31.78 1.49 -18.62
C LYS A 11 -31.04 0.44 -17.78
N LYS A 12 -29.79 0.14 -18.15
CA LYS A 12 -29.01 -0.89 -17.46
C LYS A 12 -27.70 -0.33 -16.97
N ILE A 13 -27.48 -0.42 -15.66
CA ILE A 13 -26.29 0.08 -15.01
C ILE A 13 -25.46 -1.09 -14.50
N ALA A 14 -24.13 -0.95 -14.57
CA ALA A 14 -23.23 -1.96 -14.09
C ALA A 14 -22.18 -1.28 -13.23
N ILE A 15 -22.06 -1.67 -11.95
CA ILE A 15 -21.02 -1.11 -11.09
C ILE A 15 -20.00 -2.23 -10.94
N PHE A 16 -18.76 -2.00 -11.39
CA PHE A 16 -17.73 -3.04 -11.28
C PHE A 16 -16.77 -2.80 -10.11
N GLY A 17 -16.32 -3.90 -9.49
CA GLY A 17 -15.37 -3.82 -8.40
C GLY A 17 -14.42 -4.99 -8.58
N GLY A 18 -13.19 -4.85 -8.09
CA GLY A 18 -12.23 -5.95 -8.22
C GLY A 18 -11.63 -6.13 -9.62
N THR A 19 -11.70 -5.09 -10.47
CA THR A 19 -11.09 -5.17 -11.79
C THR A 19 -9.60 -5.40 -11.53
N HIS A 20 -9.09 -4.75 -10.48
CA HIS A 20 -7.72 -4.98 -10.02
C HIS A 20 -7.93 -5.68 -8.69
N GLY A 21 -7.33 -6.86 -8.56
CA GLY A 21 -7.53 -7.69 -7.39
C GLY A 21 -7.37 -7.09 -6.01
N ASN A 22 -6.28 -6.36 -5.79
CA ASN A 22 -5.97 -5.76 -4.49
C ASN A 22 -6.57 -4.38 -4.20
N GLU A 23 -7.52 -3.91 -5.00
CA GLU A 23 -8.14 -2.61 -4.70
C GLU A 23 -9.43 -2.97 -3.95
N LEU A 24 -9.30 -3.12 -2.64
CA LEU A 24 -10.39 -3.60 -1.81
C LEU A 24 -11.67 -2.79 -1.62
N THR A 25 -11.62 -1.48 -1.80
CA THR A 25 -12.83 -0.70 -1.55
C THR A 25 -14.01 -1.21 -2.40
N GLY A 26 -13.75 -1.40 -3.69
CA GLY A 26 -14.81 -1.88 -4.57
C GLY A 26 -15.10 -3.35 -4.34
N VAL A 27 -14.07 -4.14 -4.05
CA VAL A 27 -14.27 -5.56 -3.81
C VAL A 27 -15.24 -5.73 -2.64
N PHE A 28 -15.05 -4.89 -1.63
CA PHE A 28 -15.86 -4.95 -0.40
C PHE A 28 -17.27 -4.37 -0.63
N LEU A 29 -17.35 -3.22 -1.29
CA LEU A 29 -18.67 -2.61 -1.54
C LEU A 29 -19.56 -3.45 -2.46
N VAL A 30 -18.99 -3.96 -3.55
CA VAL A 30 -19.80 -4.76 -4.46
C VAL A 30 -20.28 -6.03 -3.77
N THR A 31 -19.40 -6.67 -2.99
CA THR A 31 -19.80 -7.87 -2.28
C THR A 31 -20.94 -7.55 -1.31
N HIS A 32 -20.92 -6.34 -0.74
CA HIS A 32 -21.96 -5.90 0.18
C HIS A 32 -23.28 -5.58 -0.56
N TRP A 33 -23.16 -4.83 -1.66
CA TRP A 33 -24.34 -4.44 -2.43
C TRP A 33 -25.03 -5.62 -3.09
N LEU A 34 -24.26 -6.63 -3.48
CA LEU A 34 -24.90 -7.80 -4.09
C LEU A 34 -25.83 -8.44 -3.06
N LYS A 35 -25.54 -8.22 -1.77
CA LYS A 35 -26.35 -8.77 -0.69
C LYS A 35 -27.34 -7.76 -0.12
N ASN A 36 -26.95 -6.50 -0.16
CA ASN A 36 -27.74 -5.39 0.36
C ASN A 36 -27.66 -4.30 -0.70
N GLY A 37 -28.65 -4.23 -1.58
CA GLY A 37 -28.59 -3.25 -2.64
C GLY A 37 -29.32 -1.94 -2.52
N ALA A 38 -29.98 -1.68 -1.40
CA ALA A 38 -30.74 -0.43 -1.23
C ALA A 38 -29.95 0.84 -1.56
N GLU A 39 -28.78 1.02 -0.98
CA GLU A 39 -28.03 2.23 -1.27
C GLU A 39 -28.02 2.56 -2.75
N VAL A 40 -27.72 1.58 -3.60
CA VAL A 40 -27.64 1.80 -5.06
C VAL A 40 -28.92 1.56 -5.86
N HIS A 41 -30.02 1.34 -5.15
CA HIS A 41 -31.31 1.14 -5.79
C HIS A 41 -31.88 2.49 -6.22
N ARG A 42 -32.32 2.57 -7.47
CA ARG A 42 -32.98 3.76 -8.00
C ARG A 42 -34.16 3.25 -8.80
N ALA A 43 -35.34 3.25 -8.19
CA ALA A 43 -36.53 2.76 -8.86
C ALA A 43 -36.48 3.10 -10.35
N GLY A 44 -36.71 2.09 -11.19
CA GLY A 44 -36.69 2.28 -12.64
C GLY A 44 -35.43 1.81 -13.35
N LEU A 45 -34.34 1.67 -12.59
CA LEU A 45 -33.06 1.22 -13.15
C LEU A 45 -32.80 -0.24 -12.85
N GLU A 46 -31.99 -0.88 -13.70
CA GLU A 46 -31.61 -2.26 -13.46
C GLU A 46 -30.13 -2.13 -13.10
N VAL A 47 -29.87 -1.65 -11.88
CA VAL A 47 -28.50 -1.44 -11.39
C VAL A 47 -27.84 -2.76 -10.99
N LYS A 48 -26.74 -3.10 -11.66
CA LYS A 48 -26.06 -4.36 -11.39
C LYS A 48 -24.62 -4.24 -10.93
N PRO A 49 -24.38 -4.45 -9.62
CA PRO A 49 -23.01 -4.39 -9.07
C PRO A 49 -22.38 -5.73 -9.43
N PHE A 50 -21.14 -5.73 -9.92
CA PHE A 50 -20.53 -6.99 -10.33
C PHE A 50 -19.01 -6.96 -10.11
N ILE A 51 -18.44 -8.08 -9.62
CA ILE A 51 -16.99 -8.18 -9.39
C ILE A 51 -16.33 -8.69 -10.67
N THR A 52 -15.39 -7.93 -11.22
CA THR A 52 -14.78 -8.33 -12.48
C THR A 52 -13.69 -9.41 -12.44
N ASN A 53 -12.74 -9.32 -11.49
CA ASN A 53 -11.69 -10.33 -11.45
C ASN A 53 -11.76 -11.05 -10.10
N PRO A 54 -12.76 -11.94 -9.92
CA PRO A 54 -12.86 -12.65 -8.62
C PRO A 54 -11.69 -13.53 -8.21
N ARG A 55 -11.01 -14.16 -9.18
CA ARG A 55 -9.87 -15.01 -8.84
C ARG A 55 -8.71 -14.16 -8.32
N ALA A 56 -8.46 -13.01 -8.94
CA ALA A 56 -7.39 -12.10 -8.45
C ALA A 56 -7.81 -11.55 -7.07
N VAL A 57 -9.11 -11.37 -6.86
CA VAL A 57 -9.63 -10.88 -5.58
C VAL A 57 -9.37 -11.93 -4.49
N GLU A 58 -9.56 -13.20 -4.83
CA GLU A 58 -9.36 -14.28 -3.84
C GLU A 58 -7.90 -14.37 -3.41
N LYS A 59 -6.98 -13.85 -4.23
CA LYS A 59 -5.55 -13.87 -3.91
C LYS A 59 -5.07 -12.48 -3.46
N CYS A 60 -5.98 -11.51 -3.48
CA CYS A 60 -5.67 -10.11 -3.14
C CYS A 60 -4.42 -9.72 -3.91
N THR A 61 -4.52 -9.87 -5.23
CA THR A 61 -3.42 -9.56 -6.15
C THR A 61 -3.97 -8.79 -7.34
N ARG A 62 -3.25 -7.77 -7.80
CA ARG A 62 -3.75 -6.97 -8.92
C ARG A 62 -4.33 -7.82 -10.06
N TYR A 63 -3.52 -8.75 -10.57
CA TYR A 63 -3.95 -9.62 -11.67
C TYR A 63 -3.25 -10.98 -11.62
N ILE A 64 -3.80 -11.97 -12.32
CA ILE A 64 -3.21 -13.30 -12.37
C ILE A 64 -2.10 -13.31 -13.43
N ASP A 65 -2.46 -13.14 -14.69
CA ASP A 65 -1.49 -13.15 -15.81
C ASP A 65 -1.17 -11.76 -16.34
N CYS A 66 -2.19 -11.03 -16.80
CA CYS A 66 -1.95 -9.67 -17.28
C CYS A 66 -3.07 -8.76 -16.77
N ASP A 67 -2.86 -7.44 -16.91
CA ASP A 67 -3.82 -6.44 -16.44
C ASP A 67 -5.20 -6.60 -17.09
N LEU A 68 -6.22 -6.93 -16.29
CA LEU A 68 -7.58 -7.11 -16.84
C LEU A 68 -8.13 -5.81 -17.45
N ASN A 69 -7.69 -4.67 -16.90
CA ASN A 69 -8.16 -3.37 -17.37
C ASN A 69 -7.46 -2.86 -18.64
N ARG A 70 -6.66 -3.70 -19.27
CA ARG A 70 -5.95 -3.32 -20.50
C ARG A 70 -6.17 -4.32 -21.64
N VAL A 71 -7.12 -5.23 -21.49
CA VAL A 71 -7.32 -6.25 -22.52
C VAL A 71 -8.70 -6.22 -23.14
N PHE A 72 -9.35 -5.06 -23.08
CA PHE A 72 -10.68 -4.96 -23.66
C PHE A 72 -10.70 -4.35 -25.05
N ASP A 73 -9.61 -4.51 -25.78
CA ASP A 73 -9.54 -4.04 -27.18
C ASP A 73 -10.20 -5.11 -28.06
N LEU A 74 -10.61 -4.72 -29.27
CA LEU A 74 -11.26 -5.64 -30.20
C LEU A 74 -10.48 -6.92 -30.46
N GLU A 75 -9.18 -6.78 -30.73
CA GLU A 75 -8.36 -7.93 -31.02
C GLU A 75 -8.50 -8.97 -29.91
N ASN A 76 -8.32 -8.53 -28.66
CA ASN A 76 -8.42 -9.45 -27.54
C ASN A 76 -9.83 -10.01 -27.35
N LEU A 77 -10.85 -9.16 -27.47
CA LEU A 77 -12.22 -9.66 -27.31
C LEU A 77 -12.59 -10.67 -28.40
N SER A 78 -11.90 -10.63 -29.55
CA SER A 78 -12.21 -11.60 -30.60
C SER A 78 -11.10 -12.66 -30.75
N LYS A 79 -10.15 -12.66 -29.80
CA LYS A 79 -9.03 -13.60 -29.86
C LYS A 79 -9.40 -15.04 -29.50
N GLU A 80 -9.04 -15.99 -30.36
CA GLU A 80 -9.35 -17.39 -30.05
C GLU A 80 -8.49 -17.79 -28.86
N MSE A 81 -8.96 -18.74 -28.07
CA MSE A 81 -8.19 -19.19 -26.90
C MSE A 81 -6.96 -19.98 -27.35
O MSE A 81 -7.00 -20.70 -28.33
CB MSE A 81 -9.09 -20.08 -26.01
CG MSE A 81 -10.23 -19.32 -25.35
SE MSE A 81 -9.56 -17.99 -24.11
CE MSE A 81 -9.87 -16.41 -25.19
N SER A 82 -5.86 -19.83 -26.62
CA SER A 82 -4.62 -20.56 -26.88
C SER A 82 -4.00 -20.91 -25.53
N GLU A 83 -3.24 -22.00 -25.48
CA GLU A 83 -2.66 -22.48 -24.25
C GLU A 83 -1.89 -21.46 -23.39
N ASP A 84 -1.16 -20.58 -24.06
CA ASP A 84 -0.35 -19.60 -23.34
C ASP A 84 -0.97 -18.21 -23.29
N LEU A 85 -2.25 -18.13 -23.66
CA LEU A 85 -2.93 -16.85 -23.66
C LEU A 85 -3.25 -16.43 -22.22
N PRO A 86 -3.13 -15.13 -21.90
CA PRO A 86 -3.42 -14.69 -20.52
C PRO A 86 -4.86 -15.00 -20.06
N TYR A 87 -5.00 -15.48 -18.83
CA TYR A 87 -6.31 -15.75 -18.24
C TYR A 87 -7.23 -14.54 -18.40
N GLU A 88 -6.72 -13.35 -18.06
CA GLU A 88 -7.55 -12.15 -18.12
C GLU A 88 -8.20 -11.92 -19.49
N VAL A 89 -7.59 -12.43 -20.58
CA VAL A 89 -8.20 -12.25 -21.90
C VAL A 89 -9.49 -13.08 -21.96
N ARG A 90 -9.43 -14.30 -21.44
CA ARG A 90 -10.62 -15.14 -21.40
C ARG A 90 -11.70 -14.47 -20.49
N ARG A 91 -11.31 -14.07 -19.29
CA ARG A 91 -12.25 -13.44 -18.36
C ARG A 91 -12.90 -12.19 -18.96
N ALA A 92 -12.17 -11.53 -19.87
CA ALA A 92 -12.69 -10.32 -20.49
C ALA A 92 -13.81 -10.67 -21.46
N GLN A 93 -13.69 -11.81 -22.15
CA GLN A 93 -14.73 -12.23 -23.09
C GLN A 93 -16.01 -12.55 -22.32
N GLU A 94 -15.84 -13.14 -21.14
CA GLU A 94 -16.98 -13.48 -20.28
C GLU A 94 -17.69 -12.19 -19.80
N ILE A 95 -16.90 -11.23 -19.32
CA ILE A 95 -17.49 -9.96 -18.85
C ILE A 95 -18.21 -9.33 -20.03
N ASN A 96 -17.58 -9.38 -21.20
CA ASN A 96 -18.21 -8.84 -22.40
C ASN A 96 -19.47 -9.66 -22.78
N HIS A 97 -19.45 -10.97 -22.55
CA HIS A 97 -20.62 -11.79 -22.91
C HIS A 97 -21.83 -11.43 -22.06
N LEU A 98 -21.55 -10.90 -20.86
CA LEU A 98 -22.60 -10.50 -19.93
C LEU A 98 -23.00 -9.01 -20.02
N PHE A 99 -22.01 -8.11 -20.12
CA PHE A 99 -22.30 -6.67 -20.13
C PHE A 99 -22.28 -5.93 -21.45
N GLY A 100 -21.82 -6.63 -22.50
CA GLY A 100 -21.80 -6.06 -23.83
C GLY A 100 -22.91 -6.74 -24.63
N PRO A 101 -22.70 -7.07 -25.91
CA PRO A 101 -21.47 -6.83 -26.69
C PRO A 101 -21.04 -5.37 -26.74
N LYS A 102 -19.77 -5.14 -26.45
CA LYS A 102 -19.19 -3.80 -26.54
C LYS A 102 -19.53 -3.26 -27.93
N ASN A 103 -19.90 -1.99 -28.00
CA ASN A 103 -20.25 -1.34 -29.26
C ASN A 103 -21.68 -1.63 -29.72
N SER A 104 -22.20 -2.82 -29.39
CA SER A 104 -23.55 -3.17 -29.82
C SER A 104 -24.59 -2.33 -29.11
N ASP A 105 -25.81 -2.29 -29.64
CA ASP A 105 -26.87 -1.52 -29.01
C ASP A 105 -27.38 -2.24 -27.76
N ASP A 106 -27.00 -3.51 -27.59
CA ASP A 106 -27.44 -4.29 -26.44
C ASP A 106 -26.54 -4.09 -25.24
N ALA A 107 -25.34 -3.57 -25.46
CA ALA A 107 -24.40 -3.36 -24.37
C ALA A 107 -25.05 -2.66 -23.17
N TYR A 108 -24.51 -2.91 -21.98
CA TYR A 108 -25.04 -2.26 -20.79
C TYR A 108 -24.96 -0.74 -21.00
N ASP A 109 -25.93 0.01 -20.48
CA ASP A 109 -25.92 1.46 -20.66
C ASP A 109 -24.78 2.12 -19.92
N VAL A 110 -24.77 1.97 -18.60
CA VAL A 110 -23.72 2.57 -17.78
C VAL A 110 -22.97 1.48 -17.03
N VAL A 111 -21.65 1.65 -16.97
CA VAL A 111 -20.80 0.73 -16.22
C VAL A 111 -19.81 1.59 -15.45
N PHE A 112 -19.95 1.57 -14.12
CA PHE A 112 -19.00 2.30 -13.27
C PHE A 112 -17.91 1.29 -12.91
N ASP A 113 -16.65 1.63 -13.11
CA ASP A 113 -15.56 0.71 -12.77
C ASP A 113 -14.80 1.36 -11.61
N LEU A 114 -14.75 0.64 -10.51
CA LEU A 114 -14.16 1.11 -9.26
C LEU A 114 -12.67 0.77 -9.11
N HIS A 115 -11.90 1.77 -8.71
CA HIS A 115 -10.46 1.61 -8.52
C HIS A 115 -9.92 2.39 -7.32
N ASN A 116 -8.77 1.95 -6.82
CA ASN A 116 -8.05 2.61 -5.71
C ASN A 116 -6.61 2.87 -6.17
N THR A 117 -6.04 3.97 -5.67
CA THR A 117 -4.66 4.28 -6.02
C THR A 117 -3.89 4.57 -4.75
N THR A 118 -2.61 4.24 -4.75
CA THR A 118 -1.78 4.54 -3.59
C THR A 118 -1.35 6.02 -3.67
N SER A 119 -1.76 6.72 -4.73
CA SER A 119 -1.43 8.14 -4.92
C SER A 119 -2.44 9.02 -4.16
N ASN A 120 -2.03 10.22 -3.76
CA ASN A 120 -2.91 11.15 -3.03
C ASN A 120 -3.87 11.88 -3.97
N MSE A 121 -4.48 11.11 -4.86
CA MSE A 121 -5.42 11.61 -5.88
C MSE A 121 -6.66 12.28 -5.33
O MSE A 121 -7.05 13.37 -5.77
CB MSE A 121 -5.87 10.46 -6.79
CG MSE A 121 -4.78 9.85 -7.64
SE MSE A 121 -4.29 11.01 -9.10
CE MSE A 121 -5.39 10.27 -10.52
N GLY A 122 -7.28 11.64 -4.34
CA GLY A 122 -8.50 12.16 -3.77
C GLY A 122 -9.64 11.53 -4.55
N CYS A 123 -10.80 12.17 -4.55
CA CYS A 123 -11.97 11.66 -5.26
C CYS A 123 -11.84 12.02 -6.73
N THR A 124 -11.55 11.03 -7.57
CA THR A 124 -11.35 11.24 -9.00
C THR A 124 -12.30 10.36 -9.87
N LEU A 125 -12.90 10.98 -10.87
CA LEU A 125 -13.78 10.30 -11.81
C LEU A 125 -12.96 10.14 -13.10
N ILE A 126 -13.04 9.00 -13.76
CA ILE A 126 -12.28 8.81 -15.01
C ILE A 126 -13.17 9.23 -16.18
N LEU A 127 -12.67 10.17 -16.99
CA LEU A 127 -13.43 10.71 -18.12
C LEU A 127 -12.76 10.40 -19.46
N GLY A 128 -13.54 9.94 -20.43
CA GLY A 128 -12.96 9.60 -21.73
C GLY A 128 -13.43 10.40 -22.92
N ASP A 129 -14.73 10.70 -22.98
CA ASP A 129 -15.29 11.46 -24.11
C ASP A 129 -15.42 12.93 -23.77
N SER A 130 -14.48 13.71 -24.27
CA SER A 130 -14.44 15.14 -24.03
C SER A 130 -15.64 15.88 -24.62
N GLY A 131 -16.46 15.18 -25.39
CA GLY A 131 -17.62 15.81 -25.98
C GLY A 131 -18.96 15.27 -25.51
N ASN A 132 -18.90 14.27 -24.62
CA ASN A 132 -20.12 13.62 -24.11
C ASN A 132 -20.83 14.49 -23.08
N ASP A 133 -21.89 15.16 -23.51
CA ASP A 133 -22.65 16.04 -22.63
C ASP A 133 -23.30 15.28 -21.48
N PHE A 134 -23.72 14.04 -21.73
CA PHE A 134 -24.36 13.28 -20.66
C PHE A 134 -23.40 13.06 -19.49
N LEU A 135 -22.19 12.59 -19.78
CA LEU A 135 -21.21 12.35 -18.74
C LEU A 135 -20.68 13.62 -18.12
N ILE A 136 -20.52 14.67 -18.92
CA ILE A 136 -20.03 15.93 -18.37
C ILE A 136 -21.04 16.45 -17.34
N GLN A 137 -22.33 16.25 -17.61
CA GLN A 137 -23.36 16.71 -16.70
C GLN A 137 -23.36 15.85 -15.44
N MSE A 138 -23.13 14.55 -15.60
CA MSE A 138 -23.11 13.65 -14.45
C MSE A 138 -21.94 14.05 -13.54
O MSE A 138 -22.08 14.09 -12.33
CB MSE A 138 -22.92 12.20 -14.87
CG MSE A 138 -22.85 11.23 -13.68
SE MSE A 138 -22.29 9.44 -14.19
CE MSE A 138 -23.77 8.95 -15.35
N PHE A 139 -20.79 14.32 -14.15
CA PHE A 139 -19.59 14.68 -13.38
C PHE A 139 -19.72 16.06 -12.76
N HIS A 140 -20.26 17.01 -13.51
CA HIS A 140 -20.48 18.36 -12.97
C HIS A 140 -21.37 18.22 -11.74
N TYR A 141 -22.41 17.39 -11.83
CA TYR A 141 -23.35 17.20 -10.71
C TYR A 141 -22.69 16.63 -9.46
N ILE A 142 -22.03 15.48 -9.61
CA ILE A 142 -21.37 14.84 -8.49
C ILE A 142 -20.37 15.79 -7.84
N LYS A 143 -19.56 16.46 -8.66
CA LYS A 143 -18.55 17.40 -8.13
C LYS A 143 -19.15 18.49 -7.26
N THR A 144 -20.26 19.08 -7.68
CA THR A 144 -20.94 20.13 -6.92
C THR A 144 -21.46 19.54 -5.62
N CYS A 145 -21.92 18.29 -5.70
CA CYS A 145 -22.48 17.63 -4.54
C CYS A 145 -21.45 17.10 -3.55
N MSE A 146 -20.23 16.88 -4.02
CA MSE A 146 -19.16 16.37 -3.15
C MSE A 146 -18.56 17.49 -2.29
O MSE A 146 -18.09 17.24 -1.19
CB MSE A 146 -18.03 15.75 -3.97
CG MSE A 146 -18.41 14.54 -4.80
SE MSE A 146 -18.80 13.00 -3.73
CE MSE A 146 -17.25 13.01 -2.56
N ALA A 147 -18.58 18.72 -2.81
CA ALA A 147 -18.04 19.88 -2.09
C ALA A 147 -18.39 19.81 -0.60
N PRO A 148 -17.47 20.23 0.27
CA PRO A 148 -16.14 20.75 -0.04
C PRO A 148 -15.08 19.74 -0.45
N LEU A 149 -15.41 18.46 -0.45
CA LEU A 149 -14.39 17.51 -0.88
C LEU A 149 -14.25 17.65 -2.38
N PRO A 150 -13.02 17.86 -2.87
CA PRO A 150 -12.89 17.98 -4.31
C PRO A 150 -13.12 16.63 -4.98
N CYS A 151 -13.44 16.65 -6.27
CA CYS A 151 -13.65 15.46 -7.07
C CYS A 151 -13.15 15.84 -8.46
N SER A 152 -11.83 15.80 -8.62
CA SER A 152 -11.16 16.17 -9.85
C SER A 152 -11.73 15.47 -11.07
N VAL A 153 -11.10 15.72 -12.21
CA VAL A 153 -11.53 15.11 -13.46
C VAL A 153 -10.34 14.76 -14.35
N TYR A 154 -10.12 13.47 -14.52
CA TYR A 154 -9.05 12.97 -15.36
C TYR A 154 -9.67 12.64 -16.72
N LEU A 155 -9.23 13.36 -17.75
CA LEU A 155 -9.76 13.17 -19.10
C LEU A 155 -8.72 12.45 -19.97
N ILE A 156 -9.15 11.41 -20.69
CA ILE A 156 -8.24 10.67 -21.57
C ILE A 156 -8.63 10.90 -23.03
N GLU A 157 -7.71 11.42 -23.84
CA GLU A 157 -7.97 11.65 -25.25
C GLU A 157 -7.35 10.58 -26.14
N HIS A 158 -6.12 10.18 -25.85
CA HIS A 158 -5.45 9.14 -26.65
C HIS A 158 -6.29 7.85 -26.64
N PRO A 159 -6.53 7.24 -27.82
CA PRO A 159 -7.32 6.01 -27.90
C PRO A 159 -6.69 4.82 -27.16
N SER A 160 -5.38 4.66 -27.33
CA SER A 160 -4.67 3.57 -26.68
C SER A 160 -4.76 3.60 -25.16
N LEU A 161 -5.00 4.79 -24.61
CA LEU A 161 -5.07 4.96 -23.17
C LEU A 161 -6.35 4.45 -22.54
N LYS A 162 -7.38 4.24 -23.36
CA LYS A 162 -8.62 3.75 -22.79
C LYS A 162 -9.34 2.74 -23.66
N TYR A 163 -8.86 2.53 -24.88
CA TYR A 163 -9.51 1.59 -25.79
C TYR A 163 -9.65 0.16 -25.28
N ALA A 164 -8.70 -0.30 -24.48
CA ALA A 164 -8.74 -1.67 -23.99
C ALA A 164 -9.12 -1.74 -22.51
N THR A 165 -9.76 -0.69 -22.00
CA THR A 165 -10.17 -0.66 -20.58
C THR A 165 -11.48 -1.40 -20.30
N THR A 166 -11.58 -1.94 -19.09
CA THR A 166 -12.75 -2.70 -18.66
C THR A 166 -14.05 -1.91 -18.79
N ARG A 167 -13.98 -0.59 -18.59
CA ARG A 167 -15.17 0.23 -18.68
C ARG A 167 -15.61 0.52 -20.11
N SER A 168 -14.69 0.44 -21.07
CA SER A 168 -15.02 0.75 -22.45
C SER A 168 -16.06 -0.15 -23.13
N ILE A 169 -16.59 -1.13 -22.40
CA ILE A 169 -17.63 -1.99 -22.96
C ILE A 169 -19.05 -1.38 -22.85
N ALA A 170 -19.21 -0.38 -22.00
CA ALA A 170 -20.52 0.27 -21.81
C ALA A 170 -20.77 1.43 -22.76
N LYS A 171 -22.05 1.71 -23.02
CA LYS A 171 -22.40 2.85 -23.84
C LYS A 171 -21.83 4.10 -23.14
N TYR A 172 -21.90 4.12 -21.80
CA TYR A 172 -21.37 5.27 -21.04
C TYR A 172 -20.39 4.80 -19.97
N PRO A 173 -19.12 4.60 -20.34
CA PRO A 173 -18.12 4.16 -19.36
C PRO A 173 -17.82 5.23 -18.33
N VAL A 174 -17.67 4.81 -17.07
CA VAL A 174 -17.31 5.73 -15.98
C VAL A 174 -16.31 5.07 -15.05
N GLY A 175 -15.15 5.69 -14.89
CA GLY A 175 -14.16 5.16 -13.97
C GLY A 175 -14.27 5.91 -12.65
N ILE A 176 -14.34 5.17 -11.54
CA ILE A 176 -14.39 5.81 -10.22
C ILE A 176 -13.07 5.48 -9.55
N GLU A 177 -12.40 6.51 -9.08
CA GLU A 177 -11.08 6.36 -8.48
C GLU A 177 -11.03 7.07 -7.12
N VAL A 178 -10.47 6.39 -6.11
CA VAL A 178 -10.35 7.00 -4.79
C VAL A 178 -9.02 6.58 -4.13
N GLY A 179 -8.21 7.57 -3.77
CA GLY A 179 -6.95 7.30 -3.11
C GLY A 179 -6.74 8.43 -2.12
N PRO A 180 -5.68 8.40 -1.32
CA PRO A 180 -4.64 7.38 -1.27
C PRO A 180 -5.00 6.19 -0.38
N GLN A 181 -4.73 4.99 -0.86
CA GLN A 181 -5.00 3.78 -0.07
C GLN A 181 -4.05 2.63 -0.43
N PRO A 182 -3.23 2.16 0.53
CA PRO A 182 -2.33 1.06 0.20
C PRO A 182 -3.16 -0.09 -0.36
N HIS A 183 -2.59 -0.87 -1.27
CA HIS A 183 -3.33 -2.00 -1.80
C HIS A 183 -3.47 -3.08 -0.71
N GLY A 184 -4.60 -3.77 -0.71
CA GLY A 184 -4.84 -4.78 0.30
C GLY A 184 -5.31 -4.20 1.64
N VAL A 185 -5.58 -2.89 1.66
CA VAL A 185 -6.07 -2.23 2.88
C VAL A 185 -7.46 -1.64 2.66
N LEU A 186 -8.32 -1.75 3.67
CA LEU A 186 -9.66 -1.17 3.63
C LEU A 186 -9.76 -0.01 4.63
N ARG A 187 -9.66 1.23 4.16
CA ARG A 187 -9.79 2.40 5.05
C ARG A 187 -11.28 2.77 5.08
N ALA A 188 -11.82 3.00 6.26
CA ALA A 188 -13.21 3.38 6.41
C ALA A 188 -13.53 4.72 5.73
N ASP A 189 -12.57 5.65 5.77
CA ASP A 189 -12.82 6.96 5.16
C ASP A 189 -12.92 6.89 3.63
N ILE A 190 -12.04 6.08 3.03
CA ILE A 190 -12.04 5.94 1.57
C ILE A 190 -13.31 5.21 1.10
N LEU A 191 -13.73 4.20 1.86
CA LEU A 191 -14.93 3.44 1.51
C LEU A 191 -16.12 4.39 1.55
N ASP A 192 -16.19 5.20 2.60
CA ASP A 192 -17.31 6.12 2.72
C ASP A 192 -17.31 7.11 1.55
N GLN A 193 -16.12 7.54 1.14
CA GLN A 193 -16.06 8.49 0.03
C GLN A 193 -16.59 7.84 -1.25
N MSE A 194 -15.97 6.74 -1.65
CA MSE A 194 -16.40 6.07 -2.88
C MSE A 194 -17.92 5.89 -2.95
O MSE A 194 -18.54 6.21 -3.97
CB MSE A 194 -15.72 4.69 -3.00
CG MSE A 194 -16.06 3.95 -4.31
SE MSE A 194 -14.88 2.46 -4.70
CE MSE A 194 -15.96 1.02 -4.02
N ARG A 195 -18.54 5.43 -1.86
CA ARG A 195 -19.98 5.22 -1.89
C ARG A 195 -20.76 6.53 -2.08
N ARG A 196 -20.21 7.66 -1.63
CA ARG A 196 -20.89 8.94 -1.81
C ARG A 196 -20.86 9.38 -3.27
N MSE A 197 -19.67 9.45 -3.87
CA MSE A 197 -19.59 9.83 -5.27
C MSE A 197 -20.64 9.06 -6.07
O MSE A 197 -21.35 9.64 -6.90
CB MSE A 197 -18.20 9.53 -5.83
CG MSE A 197 -17.07 10.32 -5.17
SE MSE A 197 -15.34 9.71 -5.81
CE MSE A 197 -15.55 10.45 -7.60
N LEU A 198 -20.75 7.77 -5.81
CA LEU A 198 -21.72 6.92 -6.51
C LEU A 198 -23.13 7.35 -6.20
N LYS A 199 -23.39 7.76 -4.97
CA LYS A 199 -24.72 8.22 -4.62
C LYS A 199 -25.17 9.28 -5.60
N HIS A 200 -24.40 10.35 -5.70
CA HIS A 200 -24.75 11.45 -6.61
C HIS A 200 -24.80 10.99 -8.05
N ALA A 201 -23.92 10.06 -8.43
CA ALA A 201 -23.93 9.55 -9.80
C ALA A 201 -25.28 8.88 -10.06
N LEU A 202 -25.66 7.92 -9.20
CA LEU A 202 -26.91 7.21 -9.40
C LEU A 202 -28.14 8.11 -9.28
N ASP A 203 -28.14 9.06 -8.33
CA ASP A 203 -29.28 9.95 -8.23
C ASP A 203 -29.41 10.72 -9.54
N PHE A 204 -28.29 11.17 -10.09
CA PHE A 204 -28.30 11.91 -11.34
C PHE A 204 -28.97 11.08 -12.43
N ILE A 205 -28.68 9.78 -12.43
CA ILE A 205 -29.26 8.90 -13.41
C ILE A 205 -30.77 8.73 -13.25
N GLN A 206 -31.23 8.48 -12.03
CA GLN A 206 -32.67 8.31 -11.85
C GLN A 206 -33.40 9.59 -12.23
N ARG A 207 -32.91 10.73 -11.72
CA ARG A 207 -33.56 12.01 -12.05
C ARG A 207 -33.64 12.19 -13.54
N PHE A 208 -32.53 11.96 -14.24
CA PHE A 208 -32.51 12.09 -15.69
C PHE A 208 -33.69 11.35 -16.30
N ASN A 209 -33.74 10.05 -16.00
CA ASN A 209 -34.81 9.20 -16.50
C ASN A 209 -36.19 9.74 -16.18
N GLU A 210 -36.32 10.41 -15.04
CA GLU A 210 -37.60 10.97 -14.62
C GLU A 210 -37.91 12.30 -15.30
N GLY A 211 -37.09 12.66 -16.27
CA GLY A 211 -37.34 13.88 -17.03
C GLY A 211 -36.76 15.17 -16.47
N LYS A 212 -35.88 15.07 -15.49
CA LYS A 212 -35.27 16.27 -14.93
C LYS A 212 -34.54 17.01 -16.06
N GLU A 213 -34.72 18.33 -16.11
CA GLU A 213 -34.09 19.16 -17.13
C GLU A 213 -32.79 19.69 -16.53
N PHE A 214 -31.66 19.36 -17.17
CA PHE A 214 -30.35 19.82 -16.70
C PHE A 214 -29.84 20.95 -17.57
N PRO A 215 -29.68 22.15 -17.00
CA PRO A 215 -29.20 23.28 -17.78
C PRO A 215 -27.73 23.10 -18.18
N PRO A 216 -27.23 23.95 -19.08
CA PRO A 216 -25.83 23.84 -19.51
C PRO A 216 -24.90 24.00 -18.31
N CYS A 217 -23.70 23.44 -18.39
CA CYS A 217 -22.73 23.54 -17.30
C CYS A 217 -21.31 23.51 -17.82
N ALA A 218 -20.35 23.65 -16.90
CA ALA A 218 -18.92 23.63 -17.24
C ALA A 218 -18.11 23.06 -16.08
N ILE A 219 -17.04 22.32 -16.39
CA ILE A 219 -16.20 21.75 -15.34
C ILE A 219 -14.75 21.84 -15.76
N ASP A 220 -13.86 21.76 -14.78
CA ASP A 220 -12.42 21.75 -15.06
C ASP A 220 -12.04 20.28 -15.22
N VAL A 221 -11.08 20.01 -16.10
CA VAL A 221 -10.59 18.65 -16.32
C VAL A 221 -9.09 18.69 -16.56
N TYR A 222 -8.42 17.58 -16.27
CA TYR A 222 -6.98 17.46 -16.43
C TYR A 222 -6.79 16.35 -17.41
N LYS A 223 -6.41 16.74 -18.62
CA LYS A 223 -6.22 15.82 -19.74
C LYS A 223 -4.82 15.29 -19.74
N ILE A 224 -4.69 13.97 -19.79
CA ILE A 224 -3.36 13.38 -19.76
C ILE A 224 -2.52 13.75 -20.95
N MSE A 225 -1.27 14.13 -20.69
CA MSE A 225 -0.32 14.51 -21.72
C MSE A 225 0.58 13.31 -22.00
O MSE A 225 0.50 12.70 -23.07
CB MSE A 225 0.53 15.70 -21.25
CG MSE A 225 1.59 16.17 -22.21
SE MSE A 225 2.70 17.58 -21.46
CE MSE A 225 4.43 16.74 -21.60
N GLU A 226 1.45 12.99 -21.03
CA GLU A 226 2.36 11.86 -21.16
C GLU A 226 2.77 11.31 -19.79
N LYS A 227 3.34 10.11 -19.79
CA LYS A 227 3.82 9.47 -18.57
C LYS A 227 5.24 9.93 -18.32
N VAL A 228 5.62 9.99 -17.04
CA VAL A 228 6.97 10.37 -16.66
C VAL A 228 7.55 9.19 -15.90
N ASP A 229 8.54 8.51 -16.47
CA ASP A 229 9.12 7.39 -15.77
C ASP A 229 10.26 7.85 -14.85
N TYR A 230 10.61 6.99 -13.90
CA TYR A 230 11.71 7.29 -12.98
C TYR A 230 13.03 7.35 -13.74
N PRO A 231 14.01 8.13 -13.22
CA PRO A 231 15.34 8.27 -13.81
C PRO A 231 15.95 6.88 -13.59
N ARG A 232 16.63 6.33 -14.59
CA ARG A 232 17.21 5.00 -14.44
C ARG A 232 18.68 4.92 -14.85
N ASN A 233 19.47 4.15 -14.13
CA ASN A 233 20.87 4.03 -14.52
C ASN A 233 20.89 3.31 -15.88
N GLU A 234 22.04 2.76 -16.26
CA GLU A 234 22.12 2.07 -17.55
C GLU A 234 21.56 0.65 -17.50
N SER A 235 21.81 -0.06 -16.40
CA SER A 235 21.34 -1.43 -16.23
C SER A 235 19.82 -1.53 -16.28
N GLY A 236 19.13 -0.43 -16.01
CA GLY A 236 17.68 -0.46 -16.04
C GLY A 236 17.13 -0.21 -14.64
N ASP A 237 18.02 -0.17 -13.67
CA ASP A 237 17.65 0.07 -12.28
C ASP A 237 17.39 1.57 -12.06
N VAL A 238 16.44 1.87 -11.16
CA VAL A 238 16.03 3.24 -10.82
C VAL A 238 17.12 4.07 -10.12
N ALA A 239 17.23 5.35 -10.48
CA ALA A 239 18.25 6.20 -9.87
C ALA A 239 17.71 7.20 -8.82
N ALA A 240 16.39 7.41 -8.76
CA ALA A 240 15.85 8.30 -7.73
C ALA A 240 14.41 7.99 -7.38
N VAL A 241 13.84 8.77 -6.47
CA VAL A 241 12.46 8.55 -6.07
C VAL A 241 11.67 9.86 -6.04
N ILE A 242 10.35 9.74 -5.94
CA ILE A 242 9.50 10.93 -5.90
C ILE A 242 10.05 11.86 -4.80
N HIS A 243 10.29 13.12 -5.14
CA HIS A 243 10.82 14.08 -4.17
C HIS A 243 9.78 14.37 -3.09
N PRO A 244 10.22 14.62 -1.86
CA PRO A 244 9.22 14.88 -0.81
C PRO A 244 8.27 16.03 -1.10
N ASN A 245 8.70 16.98 -1.92
CA ASN A 245 7.86 18.13 -2.28
C ASN A 245 6.84 17.77 -3.38
N LEU A 246 7.08 16.68 -4.10
CA LEU A 246 6.16 16.24 -5.15
C LEU A 246 5.29 15.11 -4.58
N GLN A 247 5.85 14.34 -3.66
CA GLN A 247 5.11 13.24 -3.01
C GLN A 247 3.80 13.76 -2.41
N ASP A 248 2.70 13.06 -2.71
CA ASP A 248 1.35 13.38 -2.21
C ASP A 248 0.80 14.72 -2.68
N GLN A 249 1.37 15.27 -3.75
CA GLN A 249 0.88 16.57 -4.20
C GLN A 249 0.19 16.48 -5.57
N ASP A 250 -0.48 15.36 -5.79
CA ASP A 250 -1.21 15.17 -7.04
C ASP A 250 -2.13 16.38 -7.26
N TRP A 251 -2.30 16.73 -8.53
CA TRP A 251 -3.13 17.84 -9.01
C TRP A 251 -2.55 19.22 -8.75
N LYS A 252 -1.41 19.31 -8.05
CA LYS A 252 -0.83 20.63 -7.75
C LYS A 252 0.13 21.01 -8.87
N PRO A 253 -0.02 22.24 -9.40
CA PRO A 253 0.80 22.78 -10.49
C PRO A 253 2.30 22.67 -10.34
N LEU A 254 2.96 22.19 -11.39
CA LEU A 254 4.42 22.08 -11.40
C LEU A 254 4.95 23.16 -12.32
N HIS A 255 6.03 23.79 -11.87
CA HIS A 255 6.68 24.82 -12.64
C HIS A 255 8.09 24.31 -12.95
N PRO A 256 8.67 24.69 -14.10
CA PRO A 256 10.02 24.28 -14.55
C PRO A 256 11.16 24.30 -13.54
N GLY A 257 10.87 24.65 -12.29
CA GLY A 257 11.91 24.66 -11.28
C GLY A 257 11.60 23.78 -10.06
N ASP A 258 10.33 23.36 -9.93
CA ASP A 258 9.90 22.52 -8.81
C ASP A 258 10.58 21.17 -8.84
N PRO A 259 10.97 20.63 -7.68
CA PRO A 259 11.65 19.33 -7.60
C PRO A 259 10.76 18.19 -8.09
N VAL A 260 11.37 17.24 -8.79
CA VAL A 260 10.66 16.08 -9.32
C VAL A 260 11.05 14.88 -8.46
N PHE A 261 12.29 14.42 -8.62
CA PHE A 261 12.81 13.29 -7.84
C PHE A 261 13.91 13.78 -6.91
N VAL A 262 14.45 12.87 -6.11
CA VAL A 262 15.57 13.16 -5.23
C VAL A 262 16.41 11.89 -5.18
N SER A 263 17.73 12.04 -5.09
CA SER A 263 18.60 10.87 -5.04
C SER A 263 19.10 10.65 -3.61
N LEU A 264 19.59 9.44 -3.32
CA LEU A 264 20.08 9.14 -1.97
C LEU A 264 21.06 10.17 -1.43
N ASP A 265 21.78 10.84 -2.32
CA ASP A 265 22.74 11.86 -1.91
C ASP A 265 22.05 13.18 -1.59
N GLY A 266 20.75 13.25 -1.84
CA GLY A 266 20.03 14.46 -1.56
C GLY A 266 19.95 15.42 -2.75
N LYS A 267 20.62 15.09 -3.84
CA LYS A 267 20.58 15.92 -5.05
C LYS A 267 19.12 16.03 -5.47
N VAL A 268 18.66 17.25 -5.75
CA VAL A 268 17.27 17.48 -6.15
C VAL A 268 17.11 17.80 -7.61
N ILE A 269 16.14 17.14 -8.27
CA ILE A 269 15.93 17.38 -9.70
C ILE A 269 14.57 17.94 -10.04
N PRO A 270 14.53 19.15 -10.65
CA PRO A 270 13.29 19.80 -11.04
C PRO A 270 12.80 19.42 -12.43
N LEU A 271 11.50 19.61 -12.65
CA LEU A 271 10.88 19.29 -13.91
C LEU A 271 11.60 19.94 -15.09
N GLY A 272 11.95 21.21 -14.96
CA GLY A 272 12.61 21.87 -16.07
C GLY A 272 11.57 22.10 -17.16
N GLY A 273 12.02 22.37 -18.39
CA GLY A 273 11.08 22.61 -19.48
C GLY A 273 10.46 23.99 -19.32
N ASP A 274 9.36 24.25 -20.02
CA ASP A 274 8.71 25.56 -19.90
C ASP A 274 7.21 25.41 -20.03
N CYS A 275 6.73 24.20 -19.80
CA CYS A 275 5.32 23.88 -19.88
C CYS A 275 4.79 23.38 -18.54
N THR A 276 4.14 24.27 -17.82
CA THR A 276 3.56 23.94 -16.53
C THR A 276 2.69 22.71 -16.73
N VAL A 277 2.58 21.88 -15.69
CA VAL A 277 1.75 20.68 -15.77
C VAL A 277 1.15 20.33 -14.40
N TYR A 278 0.11 19.52 -14.40
CA TYR A 278 -0.54 19.09 -13.16
C TYR A 278 -0.28 17.60 -13.09
N PRO A 279 0.51 17.17 -12.08
CA PRO A 279 0.84 15.75 -11.93
C PRO A 279 -0.30 14.94 -11.38
N VAL A 280 -0.43 13.72 -11.88
CA VAL A 280 -1.46 12.78 -11.42
C VAL A 280 -0.78 11.42 -11.21
N PHE A 281 -1.39 10.60 -10.37
CA PHE A 281 -0.87 9.27 -10.04
C PHE A 281 0.60 9.33 -9.65
N VAL A 282 0.89 10.16 -8.66
CA VAL A 282 2.25 10.31 -8.16
C VAL A 282 2.58 9.13 -7.23
N ASN A 283 3.55 8.32 -7.64
CA ASN A 283 4.00 7.17 -6.88
C ASN A 283 2.93 6.08 -6.67
N GLU A 284 2.29 5.66 -7.76
CA GLU A 284 1.29 4.59 -7.70
C GLU A 284 2.07 3.28 -7.77
N ALA A 285 1.92 2.42 -6.76
CA ALA A 285 2.66 1.16 -6.74
C ALA A 285 2.63 0.34 -8.05
N ALA A 286 1.43 0.11 -8.58
CA ALA A 286 1.26 -0.67 -9.80
C ALA A 286 1.90 -0.03 -11.03
N TYR A 287 2.28 1.23 -10.91
CA TYR A 287 2.86 1.94 -12.05
C TYR A 287 4.38 1.91 -12.18
N TYR A 288 5.08 1.32 -11.21
CA TYR A 288 6.52 1.21 -11.36
C TYR A 288 6.82 0.35 -12.62
N GLU A 289 6.04 -0.71 -12.82
CA GLU A 289 6.25 -1.58 -13.97
C GLU A 289 5.54 -1.04 -15.22
N LYS A 290 4.82 0.06 -15.05
CA LYS A 290 4.14 0.71 -16.18
C LYS A 290 4.95 1.95 -16.59
N LYS A 291 6.17 2.04 -16.05
CA LYS A 291 7.09 3.14 -16.33
C LYS A 291 6.51 4.53 -16.14
N GLU A 292 5.71 4.69 -15.09
CA GLU A 292 5.10 5.97 -14.78
C GLU A 292 5.30 6.26 -13.29
N ALA A 293 6.30 7.09 -12.98
CA ALA A 293 6.53 7.49 -11.59
C ALA A 293 5.45 8.51 -11.25
N PHE A 294 4.88 9.12 -12.29
CA PHE A 294 3.79 10.09 -12.19
C PHE A 294 3.57 10.71 -13.58
N ALA A 295 2.34 10.62 -14.10
CA ALA A 295 2.05 11.18 -15.43
C ALA A 295 1.74 12.67 -15.35
N LYS A 296 1.93 13.37 -16.48
CA LYS A 296 1.66 14.80 -16.55
C LYS A 296 0.38 15.07 -17.37
N THR A 297 -0.44 16.02 -16.90
CA THR A 297 -1.65 16.41 -17.60
C THR A 297 -1.61 17.91 -17.97
N THR A 298 -2.66 18.37 -18.66
CA THR A 298 -2.81 19.77 -19.04
C THR A 298 -4.20 20.13 -18.51
N LYS A 299 -4.38 21.36 -18.06
CA LYS A 299 -5.68 21.75 -17.51
C LYS A 299 -6.55 22.50 -18.49
N LEU A 300 -7.81 22.12 -18.61
CA LEU A 300 -8.72 22.80 -19.51
C LEU A 300 -10.16 22.72 -19.01
N THR A 301 -11.02 23.56 -19.58
CA THR A 301 -12.43 23.59 -19.17
C THR A 301 -13.32 23.04 -20.28
N LEU A 302 -14.25 22.17 -19.93
CA LEU A 302 -15.18 21.62 -20.90
C LEU A 302 -16.55 22.19 -20.58
N ASN A 303 -17.32 22.52 -21.62
CA ASN A 303 -18.66 23.04 -21.40
C ASN A 303 -19.67 22.01 -21.87
N ALA A 304 -20.79 21.90 -21.17
CA ALA A 304 -21.85 20.98 -21.55
C ALA A 304 -23.12 21.78 -21.80
N LYS A 305 -23.80 21.49 -22.91
CA LYS A 305 -25.05 22.17 -23.23
C LYS A 305 -26.10 21.55 -22.33
N SER A 306 -27.28 22.16 -22.25
CA SER A 306 -28.36 21.61 -21.45
C SER A 306 -28.66 20.22 -22.03
N ILE A 307 -29.30 19.37 -21.24
CA ILE A 307 -29.64 18.03 -21.68
C ILE A 307 -30.94 17.56 -21.02
N ARG A 308 -31.57 16.55 -21.62
CA ARG A 308 -32.80 16.00 -21.09
C ARG A 308 -33.14 14.70 -21.82
N SER A 309 -33.85 13.80 -21.15
CA SER A 309 -34.21 12.55 -21.80
C SER A 309 -35.06 12.87 -23.03
N THR A 310 -34.94 12.02 -24.06
CA THR A 310 -35.70 12.19 -25.28
C THR A 310 -36.97 11.34 -25.22
N CYS B 4 27.51 -3.24 36.45
CA CYS B 4 27.84 -3.05 35.01
C CYS B 4 28.05 -4.33 34.20
N VAL B 5 27.59 -4.32 32.96
CA VAL B 5 27.72 -5.46 32.07
C VAL B 5 28.94 -5.28 31.18
N ALA B 6 29.92 -6.16 31.31
CA ALA B 6 31.11 -6.11 30.47
C ALA B 6 30.91 -7.15 29.38
N GLU B 7 30.70 -6.69 28.15
CA GLU B 7 30.51 -7.57 27.00
C GLU B 7 31.58 -7.30 25.95
N GLU B 8 31.94 -8.33 25.20
CA GLU B 8 32.95 -8.17 24.15
C GLU B 8 32.41 -7.23 23.08
N PRO B 9 33.29 -6.46 22.44
CA PRO B 9 32.84 -5.54 21.39
C PRO B 9 32.21 -6.32 20.23
N ILE B 10 31.39 -5.63 19.44
CA ILE B 10 30.73 -6.27 18.32
C ILE B 10 31.70 -6.38 17.15
N LYS B 11 31.69 -7.53 16.49
CA LYS B 11 32.61 -7.72 15.38
C LYS B 11 31.92 -8.03 14.06
N LYS B 12 30.68 -8.49 14.14
CA LYS B 12 29.98 -8.86 12.91
C LYS B 12 28.53 -8.40 12.92
N ILE B 13 28.25 -7.42 12.08
CA ILE B 13 26.92 -6.82 11.94
C ILE B 13 26.41 -7.12 10.54
N ALA B 14 25.12 -7.39 10.41
CA ALA B 14 24.54 -7.62 9.09
C ALA B 14 23.31 -6.73 8.91
N ILE B 15 23.10 -6.24 7.70
CA ILE B 15 21.90 -5.43 7.42
C ILE B 15 21.15 -6.19 6.34
N PHE B 16 19.95 -6.65 6.69
CA PHE B 16 19.12 -7.44 5.78
C PHE B 16 18.04 -6.56 5.14
N GLY B 17 17.88 -6.71 3.82
CA GLY B 17 16.87 -5.98 3.08
C GLY B 17 16.09 -6.98 2.25
N GLY B 18 14.82 -6.72 2.02
CA GLY B 18 14.02 -7.64 1.21
C GLY B 18 13.58 -8.93 1.86
N THR B 19 13.37 -8.94 3.17
CA THR B 19 12.91 -10.15 3.86
C THR B 19 11.39 -10.24 3.56
N HIS B 20 10.96 -9.22 2.82
CA HIS B 20 9.61 -9.04 2.25
C HIS B 20 9.95 -8.10 1.11
N GLY B 21 9.64 -8.51 -0.12
CA GLY B 21 10.01 -7.71 -1.27
C GLY B 21 9.21 -6.44 -1.53
N ASN B 22 7.98 -6.42 -1.05
CA ASN B 22 7.14 -5.25 -1.26
C ASN B 22 7.39 -4.14 -0.25
N GLU B 23 8.29 -4.39 0.71
CA GLU B 23 8.67 -3.43 1.74
C GLU B 23 9.99 -2.93 1.12
N LEU B 24 9.85 -1.97 0.22
CA LEU B 24 10.99 -1.53 -0.59
C LEU B 24 12.05 -0.64 0.03
N THR B 25 11.79 -0.04 1.19
CA THR B 25 12.80 0.84 1.78
C THR B 25 14.11 0.11 2.03
N GLY B 26 14.03 -1.06 2.67
CA GLY B 26 15.23 -1.84 2.94
C GLY B 26 15.76 -2.50 1.67
N VAL B 27 14.92 -2.62 0.65
CA VAL B 27 15.37 -3.20 -0.63
C VAL B 27 16.30 -2.19 -1.28
N PHE B 28 15.75 -1.00 -1.52
CA PHE B 28 16.48 0.07 -2.19
C PHE B 28 17.72 0.51 -1.40
N LEU B 29 17.64 0.44 -0.07
CA LEU B 29 18.79 0.84 0.75
C LEU B 29 19.83 -0.26 0.77
N VAL B 30 19.41 -1.49 1.03
CA VAL B 30 20.35 -2.60 1.06
C VAL B 30 20.97 -2.86 -0.31
N THR B 31 20.13 -2.92 -1.35
CA THR B 31 20.62 -3.16 -2.70
C THR B 31 21.69 -2.14 -3.07
N HIS B 32 21.47 -0.89 -2.65
CA HIS B 32 22.42 0.18 -2.92
C HIS B 32 23.75 -0.04 -2.19
N TRP B 33 23.66 -0.36 -0.90
CA TRP B 33 24.85 -0.56 -0.11
C TRP B 33 25.72 -1.74 -0.56
N LEU B 34 25.14 -2.69 -1.30
CA LEU B 34 25.94 -3.81 -1.81
C LEU B 34 27.01 -3.26 -2.72
N LYS B 35 26.67 -2.18 -3.42
CA LYS B 35 27.60 -1.53 -4.34
C LYS B 35 28.53 -0.60 -3.58
N ASN B 36 27.98 0.49 -3.07
CA ASN B 36 28.74 1.51 -2.32
C ASN B 36 28.35 1.44 -0.85
N GLY B 37 29.27 1.02 -0.01
CA GLY B 37 28.93 0.90 1.41
C GLY B 37 29.49 1.93 2.35
N ALA B 38 29.91 3.08 1.84
CA ALA B 38 30.51 4.08 2.72
C ALA B 38 29.56 4.54 3.83
N GLU B 39 28.26 4.61 3.53
CA GLU B 39 27.28 5.05 4.52
C GLU B 39 27.20 4.13 5.73
N VAL B 40 27.43 2.83 5.53
CA VAL B 40 27.33 1.88 6.64
C VAL B 40 28.67 1.51 7.25
N HIS B 41 29.69 2.29 6.92
CA HIS B 41 31.00 2.04 7.48
C HIS B 41 31.14 2.79 8.82
N ARG B 42 31.87 2.19 9.76
CA ARG B 42 32.14 2.77 11.08
C ARG B 42 33.48 2.25 11.58
N ALA B 43 34.38 3.16 11.93
CA ALA B 43 35.68 2.77 12.44
C ALA B 43 35.52 1.46 13.22
N GLY B 44 35.95 0.37 12.58
CA GLY B 44 35.88 -0.94 13.20
C GLY B 44 34.55 -1.69 13.13
N LEU B 45 34.34 -2.45 12.05
CA LEU B 45 33.13 -3.26 11.86
C LEU B 45 33.15 -4.09 10.57
N GLU B 46 32.53 -5.26 10.62
CA GLU B 46 32.43 -6.13 9.43
C GLU B 46 30.93 -6.15 9.09
N VAL B 47 30.48 -5.13 8.34
CA VAL B 47 29.06 -4.97 7.96
C VAL B 47 28.76 -5.59 6.60
N LYS B 48 27.76 -6.47 6.55
CA LYS B 48 27.41 -7.13 5.29
C LYS B 48 25.94 -6.98 4.91
N PRO B 49 25.66 -6.28 3.79
CA PRO B 49 24.27 -6.12 3.36
C PRO B 49 23.86 -7.46 2.76
N PHE B 50 22.58 -7.80 2.77
CA PHE B 50 22.15 -9.10 2.26
C PHE B 50 20.67 -9.20 1.93
N ILE B 51 20.32 -9.44 0.66
CA ILE B 51 18.90 -9.57 0.32
C ILE B 51 18.47 -10.99 0.68
N THR B 52 17.74 -11.10 1.78
CA THR B 52 17.29 -12.36 2.33
C THR B 52 16.35 -13.17 1.46
N ASN B 53 15.32 -12.54 0.88
CA ASN B 53 14.38 -13.25 0.02
C ASN B 53 14.47 -12.61 -1.37
N PRO B 54 15.56 -12.87 -2.09
CA PRO B 54 15.72 -12.28 -3.43
C PRO B 54 14.69 -12.72 -4.47
N ARG B 55 14.12 -13.91 -4.32
CA ARG B 55 13.10 -14.37 -5.26
C ARG B 55 11.84 -13.51 -5.14
N ALA B 56 11.39 -13.26 -3.92
CA ALA B 56 10.17 -12.47 -3.72
C ALA B 56 10.42 -11.02 -4.11
N VAL B 57 11.65 -10.55 -3.90
CA VAL B 57 11.97 -9.17 -4.25
C VAL B 57 11.84 -8.96 -5.76
N GLU B 58 12.34 -9.91 -6.54
CA GLU B 58 12.28 -9.75 -7.99
C GLU B 58 10.83 -9.72 -8.47
N LYS B 59 9.93 -10.38 -7.74
CA LYS B 59 8.51 -10.42 -8.10
C LYS B 59 7.69 -9.40 -7.32
N CYS B 60 8.35 -8.68 -6.42
CA CYS B 60 7.72 -7.69 -5.55
C CYS B 60 6.49 -8.29 -4.87
N THR B 61 6.75 -9.28 -4.04
CA THR B 61 5.71 -9.99 -3.31
C THR B 61 6.25 -10.33 -1.91
N ARG B 62 5.36 -10.37 -0.92
CA ARG B 62 5.77 -10.66 0.45
C ARG B 62 6.54 -11.99 0.58
N TYR B 63 6.03 -13.05 -0.05
CA TYR B 63 6.71 -14.35 -0.01
C TYR B 63 6.31 -15.24 -1.19
N ILE B 64 6.90 -16.43 -1.24
CA ILE B 64 6.63 -17.37 -2.32
C ILE B 64 5.74 -18.52 -1.89
N ASP B 65 6.09 -19.19 -0.80
CA ASP B 65 5.28 -20.29 -0.31
C ASP B 65 4.96 -20.09 1.17
N CYS B 66 5.99 -19.74 1.94
CA CYS B 66 5.82 -19.48 3.38
C CYS B 66 6.51 -18.16 3.75
N ASP B 67 6.09 -17.58 4.88
CA ASP B 67 6.63 -16.32 5.37
C ASP B 67 8.07 -16.53 5.82
N LEU B 68 9.03 -15.91 5.13
CA LEU B 68 10.44 -16.07 5.49
C LEU B 68 10.71 -15.70 6.95
N ASN B 69 9.90 -14.78 7.47
CA ASN B 69 10.04 -14.32 8.85
C ASN B 69 9.32 -15.23 9.86
N ARG B 70 8.90 -16.41 9.43
CA ARG B 70 8.20 -17.33 10.31
C ARG B 70 8.66 -18.78 10.25
N VAL B 71 9.86 -19.02 9.74
CA VAL B 71 10.34 -20.38 9.64
C VAL B 71 11.68 -20.61 10.34
N PHE B 72 12.27 -19.55 10.88
CA PHE B 72 13.56 -19.71 11.54
C PHE B 72 13.52 -20.44 12.87
N ASP B 73 12.50 -21.27 13.03
CA ASP B 73 12.35 -22.07 14.23
C ASP B 73 13.02 -23.40 13.91
N LEU B 74 13.98 -23.78 14.74
CA LEU B 74 14.75 -25.01 14.59
C LEU B 74 13.94 -26.14 13.93
N GLU B 75 12.67 -26.24 14.28
CA GLU B 75 11.82 -27.27 13.70
C GLU B 75 12.03 -27.33 12.18
N ASN B 76 12.18 -26.16 11.56
CA ASN B 76 12.38 -26.08 10.11
C ASN B 76 13.83 -25.85 9.72
N LEU B 77 14.65 -25.42 10.67
CA LEU B 77 16.06 -25.18 10.37
C LEU B 77 16.87 -26.47 10.21
N SER B 78 16.19 -27.57 9.89
CA SER B 78 16.89 -28.83 9.71
C SER B 78 16.12 -29.81 8.81
N LYS B 79 15.08 -29.31 8.15
CA LYS B 79 14.28 -30.14 7.26
C LYS B 79 15.15 -30.66 6.13
N GLU B 80 14.88 -31.89 5.68
CA GLU B 80 15.64 -32.51 4.61
C GLU B 80 15.64 -31.70 3.32
N MSE B 81 16.84 -31.37 2.84
CA MSE B 81 17.00 -30.57 1.63
C MSE B 81 16.62 -31.36 0.37
O MSE B 81 17.30 -32.31 -0.02
CB MSE B 81 18.44 -30.08 1.52
CG MSE B 81 18.79 -29.30 0.26
SE MSE B 81 17.81 -27.65 0.06
CE MSE B 81 16.89 -28.08 -1.59
N SER B 82 15.52 -30.96 -0.27
CA SER B 82 15.04 -31.61 -1.48
C SER B 82 14.37 -30.60 -2.40
N GLU B 83 13.81 -31.10 -3.49
CA GLU B 83 13.12 -30.26 -4.47
C GLU B 83 11.63 -30.26 -4.19
N ASP B 84 11.25 -30.08 -2.92
CA ASP B 84 9.85 -30.07 -2.54
C ASP B 84 9.51 -29.04 -1.44
N LEU B 85 10.36 -28.94 -0.42
CA LEU B 85 10.13 -27.99 0.68
C LEU B 85 9.77 -26.58 0.18
N PRO B 86 8.99 -25.82 0.99
CA PRO B 86 8.61 -24.47 0.58
C PRO B 86 9.88 -23.65 0.39
N TYR B 87 9.91 -22.79 -0.61
CA TYR B 87 11.10 -21.99 -0.87
C TYR B 87 11.66 -21.29 0.38
N GLU B 88 10.86 -20.46 1.01
CA GLU B 88 11.31 -19.74 2.19
C GLU B 88 11.93 -20.65 3.27
N VAL B 89 11.39 -21.84 3.46
CA VAL B 89 11.98 -22.73 4.46
C VAL B 89 13.41 -23.05 4.01
N ARG B 90 13.58 -23.37 2.73
CA ARG B 90 14.92 -23.67 2.25
C ARG B 90 15.79 -22.44 2.43
N ARG B 91 15.25 -21.26 2.12
CA ARG B 91 16.02 -20.03 2.26
C ARG B 91 16.48 -19.84 3.68
N ALA B 92 15.60 -20.14 4.63
CA ALA B 92 15.96 -19.99 6.04
C ALA B 92 17.22 -20.77 6.42
N GLN B 93 17.43 -21.93 5.79
CA GLN B 93 18.61 -22.74 6.12
C GLN B 93 19.86 -22.17 5.49
N GLU B 94 19.72 -21.62 4.28
CA GLU B 94 20.86 -21.04 3.59
C GLU B 94 21.34 -19.80 4.33
N ILE B 95 20.40 -18.94 4.71
CA ILE B 95 20.72 -17.72 5.43
C ILE B 95 21.31 -18.10 6.77
N ASN B 96 20.85 -19.23 7.31
CA ASN B 96 21.35 -19.67 8.59
C ASN B 96 22.81 -20.10 8.50
N HIS B 97 23.30 -20.30 7.28
CA HIS B 97 24.67 -20.71 7.05
C HIS B 97 25.63 -19.54 6.81
N LEU B 98 25.31 -18.69 5.83
CA LEU B 98 26.15 -17.55 5.47
C LEU B 98 26.38 -16.53 6.58
N PHE B 99 25.38 -16.37 7.44
CA PHE B 99 25.47 -15.40 8.51
C PHE B 99 25.30 -16.08 9.86
N GLY B 100 25.21 -17.42 9.83
CA GLY B 100 25.05 -18.20 11.04
C GLY B 100 26.23 -19.11 11.35
N PRO B 101 25.99 -20.36 11.82
CA PRO B 101 24.69 -20.99 12.08
C PRO B 101 24.00 -20.43 13.31
N LYS B 102 22.66 -20.50 13.34
CA LYS B 102 21.88 -20.02 14.49
C LYS B 102 22.25 -20.82 15.74
N ASN B 103 22.23 -20.17 16.90
CA ASN B 103 22.55 -20.79 18.20
C ASN B 103 24.05 -21.01 18.45
N SER B 104 24.85 -21.00 17.39
CA SER B 104 26.29 -21.20 17.55
C SER B 104 26.98 -19.90 17.94
N ASP B 105 28.05 -20.02 18.71
CA ASP B 105 28.80 -18.85 19.15
C ASP B 105 29.51 -18.16 17.97
N ASP B 106 29.39 -18.75 16.79
CA ASP B 106 29.98 -18.19 15.58
C ASP B 106 28.98 -17.32 14.81
N ALA B 107 27.73 -17.29 15.27
CA ALA B 107 26.69 -16.50 14.60
C ALA B 107 26.98 -15.00 14.68
N TYR B 108 26.29 -14.22 13.84
CA TYR B 108 26.48 -12.77 13.87
C TYR B 108 25.99 -12.21 15.21
N ASP B 109 26.69 -11.20 15.72
CA ASP B 109 26.34 -10.57 16.99
C ASP B 109 24.99 -9.86 16.94
N VAL B 110 24.93 -8.80 16.13
CA VAL B 110 23.70 -8.03 15.99
C VAL B 110 23.22 -8.10 14.55
N VAL B 111 21.95 -8.45 14.35
CA VAL B 111 21.40 -8.46 12.99
C VAL B 111 20.32 -7.37 12.95
N PHE B 112 20.39 -6.48 11.94
CA PHE B 112 19.40 -5.43 11.74
C PHE B 112 18.53 -5.86 10.57
N ASP B 113 17.22 -5.71 10.71
CA ASP B 113 16.30 -6.09 9.64
C ASP B 113 15.24 -4.99 9.45
N LEU B 114 15.26 -4.39 8.26
CA LEU B 114 14.38 -3.29 7.87
C LEU B 114 13.08 -3.76 7.24
N HIS B 115 11.97 -3.39 7.87
CA HIS B 115 10.64 -3.73 7.42
C HIS B 115 9.85 -2.45 7.26
N ASN B 116 8.80 -2.51 6.43
CA ASN B 116 7.90 -1.38 6.21
C ASN B 116 6.48 -1.81 6.58
N THR B 117 5.68 -0.85 7.03
CA THR B 117 4.29 -1.15 7.37
C THR B 117 3.38 -0.06 6.79
N THR B 118 2.14 -0.46 6.49
CA THR B 118 1.11 0.46 5.98
C THR B 118 0.34 1.12 7.14
N SER B 119 0.68 0.80 8.39
CA SER B 119 0.01 1.37 9.58
C SER B 119 0.71 2.68 10.00
N ASN B 120 -0.04 3.64 10.55
CA ASN B 120 0.55 4.93 10.99
C ASN B 120 1.20 4.74 12.35
N MSE B 121 2.50 4.47 12.37
CA MSE B 121 3.14 4.22 13.64
C MSE B 121 4.59 4.67 13.78
O MSE B 121 5.28 4.22 14.71
CB MSE B 121 3.08 2.74 13.94
CG MSE B 121 3.89 1.93 12.97
SE MSE B 121 3.13 0.19 12.78
CE MSE B 121 4.25 -0.74 14.05
N GLY B 122 5.04 5.54 12.89
CA GLY B 122 6.41 6.03 12.98
C GLY B 122 7.51 4.97 13.04
N CYS B 123 8.74 5.42 13.27
CA CYS B 123 9.89 4.52 13.37
C CYS B 123 9.66 3.59 14.55
N THR B 124 9.90 2.29 14.35
CA THR B 124 9.65 1.32 15.41
C THR B 124 10.73 0.27 15.67
N LEU B 125 11.48 0.39 16.77
CA LEU B 125 12.50 -0.58 17.12
C LEU B 125 11.79 -1.77 17.77
N ILE B 126 12.09 -2.97 17.30
CA ILE B 126 11.47 -4.18 17.82
C ILE B 126 12.38 -4.87 18.83
N LEU B 127 11.96 -4.87 20.08
CA LEU B 127 12.75 -5.50 21.14
C LEU B 127 12.20 -6.90 21.40
N GLY B 128 13.06 -7.88 21.63
CA GLY B 128 12.60 -9.25 21.89
C GLY B 128 12.85 -9.74 23.32
N ASP B 129 13.73 -9.06 24.05
CA ASP B 129 14.07 -9.47 25.42
C ASP B 129 14.07 -8.29 26.38
N SER B 130 13.13 -8.29 27.32
CA SER B 130 12.99 -7.19 28.28
C SER B 130 14.18 -7.00 29.23
N GLY B 131 15.08 -7.97 29.27
CA GLY B 131 16.25 -7.85 30.13
C GLY B 131 17.55 -7.63 29.36
N ASN B 132 17.46 -7.44 28.04
CA ASN B 132 18.67 -7.28 27.24
C ASN B 132 19.33 -5.91 27.42
N ASP B 133 20.29 -5.82 28.33
CA ASP B 133 20.97 -4.55 28.59
C ASP B 133 21.59 -3.94 27.34
N PHE B 134 22.29 -4.76 26.56
CA PHE B 134 22.93 -4.22 25.35
C PHE B 134 21.86 -3.65 24.43
N LEU B 135 20.92 -4.49 24.02
CA LEU B 135 19.86 -4.00 23.16
C LEU B 135 19.18 -2.76 23.69
N ILE B 136 18.80 -2.77 24.97
CA ILE B 136 18.14 -1.60 25.56
C ILE B 136 19.04 -0.37 25.40
N GLN B 137 20.31 -0.52 25.82
CA GLN B 137 21.27 0.59 25.70
C GLN B 137 21.24 1.22 24.31
N MSE B 138 21.19 0.37 23.29
CA MSE B 138 21.14 0.86 21.92
C MSE B 138 19.84 1.66 21.67
O MSE B 138 19.86 2.75 21.07
CB MSE B 138 21.17 -0.31 20.93
CG MSE B 138 21.13 0.14 19.46
SE MSE B 138 20.93 -1.38 18.30
CE MSE B 138 22.61 -2.28 18.72
N PHE B 139 18.72 1.10 22.10
CA PHE B 139 17.44 1.78 21.85
C PHE B 139 17.36 3.13 22.57
N HIS B 140 17.90 3.20 23.78
CA HIS B 140 17.90 4.48 24.50
C HIS B 140 18.75 5.48 23.71
N TYR B 141 19.88 5.01 23.19
CA TYR B 141 20.77 5.86 22.39
C TYR B 141 20.07 6.42 21.14
N ILE B 142 19.68 5.53 20.23
CA ILE B 142 19.01 5.95 19.00
C ILE B 142 17.90 6.94 19.33
N LYS B 143 17.09 6.60 20.34
CA LYS B 143 16.02 7.51 20.74
C LYS B 143 16.59 8.87 21.12
N THR B 144 17.68 8.85 21.89
CA THR B 144 18.32 10.10 22.31
C THR B 144 18.78 10.89 21.10
N CYS B 145 19.37 10.20 20.14
CA CYS B 145 19.88 10.91 18.96
C CYS B 145 18.82 11.44 18.03
N MSE B 146 17.64 10.82 18.05
CA MSE B 146 16.55 11.26 17.18
C MSE B 146 15.59 12.25 17.79
O MSE B 146 14.72 12.79 17.09
CB MSE B 146 15.79 10.04 16.67
CG MSE B 146 16.68 9.14 15.84
SE MSE B 146 15.76 7.71 14.95
CE MSE B 146 14.85 8.73 13.57
N ALA B 147 15.73 12.51 19.09
CA ALA B 147 14.85 13.46 19.78
C ALA B 147 14.80 14.77 18.98
N PRO B 148 13.61 15.39 18.86
CA PRO B 148 12.33 14.93 19.41
C PRO B 148 11.52 14.01 18.48
N LEU B 149 12.11 13.58 17.37
CA LEU B 149 11.41 12.68 16.46
C LEU B 149 11.23 11.33 17.17
N PRO B 150 9.97 10.88 17.33
CA PRO B 150 9.68 9.60 18.01
C PRO B 150 10.32 8.38 17.36
N CYS B 151 10.64 7.38 18.18
CA CYS B 151 11.23 6.11 17.72
C CYS B 151 10.78 5.08 18.76
N SER B 152 9.52 4.66 18.64
CA SER B 152 8.87 3.72 19.56
C SER B 152 9.45 2.35 19.62
N VAL B 153 9.43 1.74 20.82
CA VAL B 153 9.95 0.40 20.99
C VAL B 153 8.81 -0.60 21.25
N TYR B 154 8.71 -1.57 20.37
CA TYR B 154 7.69 -2.62 20.47
C TYR B 154 8.38 -3.88 21.03
N LEU B 155 7.99 -4.26 22.25
CA LEU B 155 8.55 -5.45 22.91
C LEU B 155 7.63 -6.63 22.61
N ILE B 156 8.13 -7.58 21.84
CA ILE B 156 7.40 -8.78 21.46
C ILE B 156 8.27 -9.90 21.98
N GLU B 157 7.97 -10.36 23.19
CA GLU B 157 8.82 -11.36 23.83
C GLU B 157 8.32 -12.82 23.94
N HIS B 158 7.02 -13.01 24.14
CA HIS B 158 6.47 -14.37 24.27
C HIS B 158 7.11 -15.41 23.35
N PRO B 159 7.39 -16.62 23.88
CA PRO B 159 8.00 -17.72 23.10
C PRO B 159 7.31 -18.06 21.80
N SER B 160 5.99 -18.19 21.84
CA SER B 160 5.22 -18.53 20.65
C SER B 160 5.27 -17.37 19.64
N LEU B 161 6.06 -16.35 19.96
CA LEU B 161 6.20 -15.19 19.09
C LEU B 161 7.65 -14.99 18.64
N LYS B 162 8.55 -14.88 19.60
CA LYS B 162 9.97 -14.69 19.31
C LYS B 162 10.72 -16.00 19.19
N TYR B 163 10.94 -16.46 17.96
CA TYR B 163 11.67 -17.69 17.75
C TYR B 163 11.91 -18.04 16.29
N ALA B 164 10.94 -17.77 15.43
CA ALA B 164 11.11 -18.12 14.03
C ALA B 164 11.43 -16.96 13.09
N THR B 165 11.78 -15.80 13.63
CA THR B 165 12.07 -14.66 12.75
C THR B 165 13.47 -14.72 12.14
N THR B 166 13.59 -14.13 10.96
CA THR B 166 14.85 -14.09 10.24
C THR B 166 15.98 -13.46 11.08
N ARG B 167 15.64 -12.46 11.86
CA ARG B 167 16.66 -11.78 12.67
C ARG B 167 17.16 -12.59 13.85
N SER B 168 16.39 -13.60 14.25
CA SER B 168 16.76 -14.44 15.39
C SER B 168 18.10 -15.14 15.20
N ILE B 169 18.55 -15.27 13.96
CA ILE B 169 19.85 -15.89 13.68
C ILE B 169 20.95 -15.31 14.56
N ALA B 170 20.89 -14.00 14.80
CA ALA B 170 21.91 -13.35 15.61
C ALA B 170 21.67 -13.60 17.09
N LYS B 171 22.69 -13.32 17.88
CA LYS B 171 22.60 -13.45 19.33
C LYS B 171 21.86 -12.16 19.75
N TYR B 172 21.97 -11.12 18.91
CA TYR B 172 21.31 -9.84 19.18
C TYR B 172 20.50 -9.39 17.96
N PRO B 173 19.32 -9.97 17.77
CA PRO B 173 18.50 -9.59 16.63
C PRO B 173 17.93 -8.19 16.86
N VAL B 174 17.82 -7.43 15.76
CA VAL B 174 17.24 -6.09 15.85
C VAL B 174 16.31 -5.90 14.68
N GLY B 175 15.09 -5.48 14.97
CA GLY B 175 14.16 -5.23 13.89
C GLY B 175 13.95 -3.73 13.78
N ILE B 176 13.99 -3.22 12.54
CA ILE B 176 13.77 -1.79 12.27
C ILE B 176 12.54 -1.72 11.38
N GLU B 177 11.51 -1.03 11.87
CA GLU B 177 10.24 -0.94 11.18
C GLU B 177 9.85 0.51 10.94
N VAL B 178 9.46 0.84 9.72
CA VAL B 178 9.08 2.23 9.46
C VAL B 178 7.82 2.23 8.60
N GLY B 179 6.84 3.03 9.01
CA GLY B 179 5.60 3.18 8.28
C GLY B 179 5.06 4.55 8.62
N PRO B 180 3.96 4.97 7.98
CA PRO B 180 3.21 4.22 6.97
C PRO B 180 3.75 4.31 5.53
N GLN B 181 3.67 3.20 4.81
CA GLN B 181 4.10 3.13 3.41
C GLN B 181 3.43 1.95 2.70
N PRO B 182 2.85 2.19 1.51
CA PRO B 182 2.18 1.11 0.74
C PRO B 182 3.21 0.03 0.34
N HIS B 183 2.84 -1.23 0.34
CA HIS B 183 3.84 -2.19 -0.08
C HIS B 183 3.93 -2.11 -1.61
N GLY B 184 4.95 -1.39 -2.08
CA GLY B 184 5.18 -1.21 -3.50
C GLY B 184 5.54 0.23 -3.86
N VAL B 185 5.62 1.10 -2.86
CA VAL B 185 5.98 2.52 -3.06
C VAL B 185 7.26 2.87 -2.29
N LEU B 186 8.12 3.70 -2.88
CA LEU B 186 9.34 4.17 -2.21
C LEU B 186 9.22 5.69 -1.97
N ARG B 187 8.77 6.09 -0.76
CA ARG B 187 8.64 7.51 -0.42
C ARG B 187 9.97 8.07 0.00
N ALA B 188 10.07 9.40 0.04
CA ALA B 188 11.29 10.07 0.45
C ALA B 188 11.32 10.27 1.95
N ASP B 189 10.16 10.54 2.55
CA ASP B 189 10.20 10.74 3.99
C ASP B 189 10.44 9.43 4.74
N ILE B 190 9.88 8.32 4.26
CA ILE B 190 10.08 7.02 4.94
C ILE B 190 11.57 6.65 4.89
N LEU B 191 12.14 6.78 3.70
CA LEU B 191 13.56 6.46 3.49
C LEU B 191 14.45 7.29 4.44
N ASP B 192 14.18 8.60 4.54
CA ASP B 192 14.97 9.47 5.43
C ASP B 192 14.91 8.99 6.88
N GLN B 193 13.72 8.55 7.31
CA GLN B 193 13.56 8.07 8.69
C GLN B 193 14.33 6.77 8.92
N MSE B 194 14.19 5.81 8.02
CA MSE B 194 14.90 4.56 8.23
C MSE B 194 16.40 4.81 8.23
O MSE B 194 17.14 4.13 8.96
CB MSE B 194 14.52 3.52 7.17
CG MSE B 194 15.11 2.17 7.48
SE MSE B 194 14.37 0.78 6.46
CE MSE B 194 12.65 0.60 7.34
N ARG B 195 16.86 5.76 7.44
CA ARG B 195 18.29 6.06 7.39
C ARG B 195 18.72 6.62 8.73
N ARG B 196 17.98 7.59 9.23
CA ARG B 196 18.38 8.16 10.51
C ARG B 196 18.50 7.13 11.61
N MSE B 197 17.71 6.06 11.53
CA MSE B 197 17.79 5.01 12.56
C MSE B 197 19.12 4.25 12.44
O MSE B 197 19.88 4.14 13.41
CB MSE B 197 16.64 4.01 12.41
CG MSE B 197 15.31 4.61 12.82
SE MSE B 197 13.75 3.60 12.29
CE MSE B 197 13.32 2.73 13.97
N LEU B 198 19.40 3.71 11.26
CA LEU B 198 20.63 2.93 11.09
C LEU B 198 21.87 3.75 11.43
N LYS B 199 21.83 5.05 11.17
CA LYS B 199 22.99 5.88 11.49
C LYS B 199 23.29 5.85 12.98
N HIS B 200 22.27 6.12 13.78
CA HIS B 200 22.44 6.13 15.24
C HIS B 200 22.66 4.74 15.80
N ALA B 201 22.07 3.72 15.17
CA ALA B 201 22.27 2.35 15.66
C ALA B 201 23.74 1.96 15.49
N LEU B 202 24.39 2.52 14.47
CA LEU B 202 25.82 2.25 14.20
C LEU B 202 26.73 3.06 15.11
N ASP B 203 26.47 4.36 15.20
CA ASP B 203 27.27 5.21 16.08
C ASP B 203 27.32 4.61 17.49
N PHE B 204 26.18 4.15 17.99
CA PHE B 204 26.14 3.53 19.31
C PHE B 204 27.12 2.36 19.37
N ILE B 205 27.02 1.48 18.37
CA ILE B 205 27.89 0.31 18.34
C ILE B 205 29.38 0.73 18.32
N GLN B 206 29.73 1.66 17.44
CA GLN B 206 31.12 2.12 17.36
C GLN B 206 31.54 2.73 18.69
N ARG B 207 30.71 3.62 19.23
CA ARG B 207 31.05 4.24 20.51
C ARG B 207 31.32 3.16 21.56
N PHE B 208 30.54 2.09 21.50
CA PHE B 208 30.72 0.98 22.45
C PHE B 208 32.04 0.24 22.17
N ASN B 209 32.24 -0.21 20.93
CA ASN B 209 33.47 -0.92 20.60
C ASN B 209 34.74 -0.14 20.94
N GLU B 210 34.68 1.18 20.80
CA GLU B 210 35.85 2.01 21.07
C GLU B 210 36.06 2.22 22.56
N GLY B 211 35.10 1.81 23.37
CA GLY B 211 35.27 1.94 24.80
C GLY B 211 34.35 2.88 25.55
N LYS B 212 33.42 3.52 24.86
CA LYS B 212 32.51 4.41 25.58
C LYS B 212 31.72 3.58 26.59
N GLU B 213 31.62 4.08 27.81
CA GLU B 213 30.89 3.37 28.84
C GLU B 213 29.50 3.99 28.99
N PHE B 214 28.50 3.14 29.10
CA PHE B 214 27.13 3.58 29.22
C PHE B 214 26.49 3.28 30.57
N PRO B 215 26.10 4.32 31.32
CA PRO B 215 25.48 4.17 32.62
C PRO B 215 24.07 3.63 32.46
N PRO B 216 23.50 3.08 33.54
CA PRO B 216 22.13 2.53 33.48
C PRO B 216 21.16 3.58 32.94
N CYS B 217 19.96 3.14 32.54
CA CYS B 217 18.93 4.05 32.02
C CYS B 217 17.56 3.37 31.99
N ALA B 218 16.59 4.09 31.42
CA ALA B 218 15.22 3.61 31.29
C ALA B 218 14.69 4.01 29.93
N ILE B 219 13.64 3.32 29.47
CA ILE B 219 12.99 3.61 28.19
C ILE B 219 11.58 3.08 28.26
N ASP B 220 10.62 3.84 27.76
CA ASP B 220 9.23 3.38 27.74
C ASP B 220 9.20 2.30 26.65
N VAL B 221 8.41 1.25 26.87
CA VAL B 221 8.29 0.17 25.89
C VAL B 221 6.83 -0.26 25.73
N TYR B 222 6.52 -0.83 24.57
CA TYR B 222 5.17 -1.33 24.28
C TYR B 222 5.27 -2.84 24.12
N LYS B 223 4.64 -3.58 25.04
CA LYS B 223 4.67 -5.04 25.01
C LYS B 223 3.41 -5.64 24.45
N ILE B 224 3.52 -6.42 23.37
CA ILE B 224 2.33 -6.99 22.78
C ILE B 224 1.71 -7.99 23.71
N MSE B 225 0.40 -7.87 23.88
CA MSE B 225 -0.30 -8.78 24.76
C MSE B 225 -0.95 -9.85 23.90
O MSE B 225 -0.70 -11.03 24.10
CB MSE B 225 -1.34 -8.01 25.58
CG MSE B 225 -2.16 -8.86 26.51
SE MSE B 225 -3.68 -7.85 27.03
CE MSE B 225 -2.90 -6.76 28.39
N GLU B 226 -1.78 -9.42 22.94
CA GLU B 226 -2.45 -10.34 22.01
C GLU B 226 -2.92 -9.60 20.77
N LYS B 227 -3.17 -10.35 19.70
CA LYS B 227 -3.65 -9.82 18.42
C LYS B 227 -5.17 -9.85 18.40
N VAL B 228 -5.78 -8.82 17.80
CA VAL B 228 -7.24 -8.77 17.69
C VAL B 228 -7.61 -8.96 16.23
N ASP B 229 -8.48 -9.92 15.96
CA ASP B 229 -8.87 -10.15 14.58
C ASP B 229 -10.06 -9.29 14.19
N TYR B 230 -10.33 -9.24 12.90
CA TYR B 230 -11.47 -8.51 12.36
C TYR B 230 -12.73 -9.32 12.63
N PRO B 231 -13.85 -8.63 12.90
CA PRO B 231 -15.10 -9.37 13.12
C PRO B 231 -15.30 -9.96 11.72
N ARG B 232 -15.64 -11.25 11.62
CA ARG B 232 -15.82 -11.82 10.30
C ARG B 232 -17.11 -12.62 10.18
N ASN B 233 -17.63 -12.68 8.96
CA ASN B 233 -18.87 -13.40 8.71
C ASN B 233 -18.65 -14.90 8.74
N GLU B 234 -19.74 -15.66 8.84
CA GLU B 234 -19.66 -17.11 8.89
C GLU B 234 -18.79 -17.59 7.72
N SER B 235 -18.88 -16.86 6.62
CA SER B 235 -18.11 -17.18 5.41
C SER B 235 -16.62 -17.00 5.62
N GLY B 236 -16.26 -16.10 6.52
CA GLY B 236 -14.86 -15.85 6.80
C GLY B 236 -14.37 -14.51 6.26
N ASP B 237 -15.24 -13.80 5.54
CA ASP B 237 -14.87 -12.50 4.99
C ASP B 237 -15.02 -11.43 6.06
N VAL B 238 -14.38 -10.28 5.84
CA VAL B 238 -14.43 -9.15 6.78
C VAL B 238 -15.85 -8.57 6.85
N ALA B 239 -16.38 -8.44 8.06
CA ALA B 239 -17.72 -7.89 8.27
C ALA B 239 -17.71 -6.44 8.76
N ALA B 240 -16.53 -5.95 9.15
CA ALA B 240 -16.39 -4.58 9.64
C ALA B 240 -14.93 -4.14 9.45
N VAL B 241 -14.72 -2.85 9.20
CA VAL B 241 -13.35 -2.34 9.00
C VAL B 241 -12.89 -1.48 10.17
N ILE B 242 -11.66 -1.01 10.10
CA ILE B 242 -11.11 -0.16 11.16
C ILE B 242 -11.89 1.16 11.21
N HIS B 243 -12.42 1.48 12.39
CA HIS B 243 -13.22 2.69 12.56
C HIS B 243 -12.31 3.90 12.36
N PRO B 244 -12.79 4.94 11.66
CA PRO B 244 -11.97 6.13 11.43
C PRO B 244 -11.35 6.77 12.66
N ASN B 245 -11.86 6.41 13.85
CA ASN B 245 -11.33 6.98 15.09
C ASN B 245 -10.09 6.20 15.57
N LEU B 246 -9.89 4.97 15.04
CA LEU B 246 -8.72 4.16 15.40
C LEU B 246 -7.69 4.19 14.25
N GLN B 247 -8.17 4.35 13.02
CA GLN B 247 -7.29 4.40 11.86
C GLN B 247 -6.17 5.42 12.05
N ASP B 248 -4.94 5.02 11.76
CA ASP B 248 -3.73 5.86 11.87
C ASP B 248 -3.40 6.26 13.31
N GLN B 249 -4.10 5.69 14.30
CA GLN B 249 -3.87 6.06 15.70
C GLN B 249 -3.02 5.08 16.53
N ASP B 250 -2.01 4.50 15.87
CA ASP B 250 -1.10 3.56 16.53
C ASP B 250 -0.35 4.22 17.69
N TRP B 251 -0.22 3.46 18.78
CA TRP B 251 0.48 3.83 20.02
C TRP B 251 -0.39 4.62 21.02
N LYS B 252 -1.45 5.27 20.54
CA LYS B 252 -2.30 6.07 21.43
C LYS B 252 -3.24 5.24 22.30
N PRO B 253 -3.46 5.66 23.56
CA PRO B 253 -4.35 4.88 24.44
C PRO B 253 -5.75 4.70 23.88
N LEU B 254 -6.25 3.48 24.01
CA LEU B 254 -7.58 3.11 23.54
C LEU B 254 -8.34 2.63 24.78
N HIS B 255 -9.48 3.23 25.07
CA HIS B 255 -10.28 2.88 26.24
C HIS B 255 -11.40 1.89 25.91
N PRO B 256 -12.04 1.29 26.94
CA PRO B 256 -13.11 0.33 26.71
C PRO B 256 -14.29 0.81 25.83
N GLY B 257 -14.66 2.08 25.97
CA GLY B 257 -15.78 2.57 25.17
C GLY B 257 -15.49 3.21 23.82
N ASP B 258 -14.23 3.41 23.48
CA ASP B 258 -13.88 4.04 22.19
C ASP B 258 -14.16 3.12 21.02
N PRO B 259 -14.60 3.69 19.89
CA PRO B 259 -14.93 2.95 18.67
C PRO B 259 -13.69 2.41 17.95
N VAL B 260 -13.68 1.10 17.68
CA VAL B 260 -12.54 0.49 17.00
C VAL B 260 -12.86 0.03 15.58
N PHE B 261 -14.04 -0.58 15.37
CA PHE B 261 -14.48 -1.05 14.04
C PHE B 261 -15.83 -0.40 13.72
N VAL B 262 -16.21 -0.45 12.45
CA VAL B 262 -17.51 0.06 12.01
C VAL B 262 -17.97 -0.72 10.79
N SER B 263 -19.25 -1.06 10.74
CA SER B 263 -19.80 -1.80 9.60
C SER B 263 -20.22 -0.82 8.51
N LEU B 264 -20.51 -1.34 7.32
CA LEU B 264 -20.94 -0.48 6.23
C LEU B 264 -22.26 0.22 6.55
N ASP B 265 -23.10 -0.44 7.35
CA ASP B 265 -24.38 0.16 7.72
C ASP B 265 -24.12 1.21 8.79
N GLY B 266 -22.86 1.33 9.18
CA GLY B 266 -22.47 2.29 10.18
C GLY B 266 -22.56 1.87 11.64
N LYS B 267 -22.70 0.57 11.93
CA LYS B 267 -22.77 0.11 13.33
C LYS B 267 -21.36 0.21 13.92
N VAL B 268 -21.23 0.88 15.07
CA VAL B 268 -19.91 1.04 15.69
C VAL B 268 -19.68 -0.01 16.76
N ILE B 269 -18.48 -0.59 16.75
CA ILE B 269 -18.12 -1.62 17.72
C ILE B 269 -17.01 -1.04 18.58
N PRO B 270 -17.26 -0.85 19.88
CA PRO B 270 -16.25 -0.29 20.78
C PRO B 270 -15.19 -1.29 21.22
N LEU B 271 -14.12 -0.78 21.82
CA LEU B 271 -13.03 -1.61 22.29
C LEU B 271 -13.45 -2.70 23.26
N GLY B 272 -14.26 -2.35 24.26
CA GLY B 272 -14.69 -3.35 25.22
C GLY B 272 -13.62 -3.67 26.27
N GLY B 273 -13.96 -4.52 27.25
CA GLY B 273 -12.99 -4.87 28.26
C GLY B 273 -12.89 -3.91 29.43
N ASP B 274 -11.87 -4.09 30.26
CA ASP B 274 -11.67 -3.26 31.44
C ASP B 274 -10.29 -2.57 31.46
N CYS B 275 -9.53 -2.74 30.38
CA CYS B 275 -8.21 -2.15 30.33
C CYS B 275 -8.03 -1.19 29.16
N THR B 276 -7.19 -0.18 29.37
CA THR B 276 -6.88 0.81 28.35
C THR B 276 -5.54 0.40 27.69
N VAL B 277 -5.62 -0.21 26.51
CA VAL B 277 -4.43 -0.67 25.79
C VAL B 277 -3.91 0.35 24.76
N TYR B 278 -2.79 0.03 24.15
CA TYR B 278 -2.18 0.88 23.13
C TYR B 278 -2.14 0.00 21.89
N PRO B 279 -2.85 0.41 20.82
CA PRO B 279 -2.88 -0.36 19.59
C PRO B 279 -1.69 -0.12 18.70
N VAL B 280 -1.17 -1.20 18.10
CA VAL B 280 -0.07 -1.07 17.14
C VAL B 280 -0.45 -1.90 15.91
N PHE B 281 0.26 -1.63 14.81
CA PHE B 281 0.03 -2.30 13.52
C PHE B 281 -1.43 -2.22 13.10
N VAL B 282 -2.06 -1.08 13.39
CA VAL B 282 -3.46 -0.87 13.03
C VAL B 282 -3.63 -0.92 11.51
N ASN B 283 -4.44 -1.86 11.05
CA ASN B 283 -4.70 -1.97 9.61
C ASN B 283 -3.46 -2.19 8.74
N GLU B 284 -2.62 -3.15 9.11
CA GLU B 284 -1.43 -3.51 8.32
C GLU B 284 -1.88 -4.50 7.26
N ALA B 285 -1.51 -4.24 6.00
CA ALA B 285 -1.92 -5.10 4.88
C ALA B 285 -1.57 -6.59 5.03
N ALA B 286 -0.27 -6.86 5.22
CA ALA B 286 0.22 -8.23 5.34
C ALA B 286 -0.40 -9.02 6.48
N TYR B 287 -1.16 -8.34 7.32
CA TYR B 287 -1.76 -8.96 8.51
C TYR B 287 -3.16 -9.54 8.39
N TYR B 288 -4.04 -8.95 7.58
CA TYR B 288 -5.38 -9.49 7.46
C TYR B 288 -5.32 -11.03 7.48
N GLU B 289 -4.35 -11.61 6.76
CA GLU B 289 -4.24 -13.05 6.74
C GLU B 289 -3.88 -13.61 8.12
N LYS B 290 -3.01 -12.91 8.84
CA LYS B 290 -2.64 -13.33 10.19
C LYS B 290 -3.82 -13.14 11.13
N LYS B 291 -4.93 -12.68 10.55
CA LYS B 291 -6.17 -12.44 11.28
C LYS B 291 -6.04 -11.35 12.33
N GLU B 292 -5.46 -10.22 11.95
CA GLU B 292 -5.33 -9.09 12.86
C GLU B 292 -5.69 -7.76 12.20
N ALA B 293 -6.36 -6.90 12.94
CA ALA B 293 -6.75 -5.58 12.47
C ALA B 293 -5.87 -4.57 13.24
N PHE B 294 -5.35 -5.01 14.38
CA PHE B 294 -4.43 -4.25 15.24
C PHE B 294 -4.04 -5.15 16.44
N ALA B 295 -2.83 -4.98 16.99
CA ALA B 295 -2.43 -5.79 18.15
C ALA B 295 -2.49 -4.94 19.40
N LYS B 296 -2.92 -5.53 20.52
CA LYS B 296 -2.97 -4.81 21.79
C LYS B 296 -1.62 -4.90 22.51
N THR B 297 -1.15 -3.77 23.03
CA THR B 297 0.11 -3.75 23.77
C THR B 297 -0.11 -3.17 25.15
N THR B 298 0.83 -3.46 26.05
CA THR B 298 0.83 -2.96 27.41
C THR B 298 2.19 -2.27 27.69
N LYS B 299 2.17 -0.94 27.74
CA LYS B 299 3.37 -0.13 27.97
C LYS B 299 3.99 -0.36 29.34
N LEU B 300 5.24 0.06 29.47
CA LEU B 300 5.97 -0.07 30.74
C LEU B 300 7.38 0.50 30.58
N THR B 301 8.14 0.51 31.66
CA THR B 301 9.50 1.03 31.63
C THR B 301 10.50 -0.12 31.68
N LEU B 302 11.61 0.00 30.96
CA LEU B 302 12.62 -1.04 31.01
C LEU B 302 13.98 -0.46 31.35
N ASN B 303 14.53 -0.89 32.48
CA ASN B 303 15.85 -0.43 32.89
C ASN B 303 16.91 -1.37 32.33
N ALA B 304 18.11 -0.83 32.13
CA ALA B 304 19.24 -1.60 31.65
C ALA B 304 20.38 -1.36 32.62
N LYS B 305 21.26 -2.34 32.72
CA LYS B 305 22.42 -2.19 33.58
C LYS B 305 23.44 -1.33 32.83
N SER B 306 24.53 -1.04 33.51
CA SER B 306 25.63 -0.28 32.94
C SER B 306 26.22 -1.23 31.91
N ILE B 307 26.72 -0.72 30.78
CA ILE B 307 27.38 -1.57 29.80
C ILE B 307 28.70 -0.91 29.43
N ARG B 308 29.68 -1.75 29.06
CA ARG B 308 30.99 -1.27 28.65
C ARG B 308 31.78 -2.45 28.13
N SER B 309 32.27 -2.32 26.90
CA SER B 309 33.05 -3.37 26.24
C SER B 309 34.18 -3.83 27.17
N THR B 310 34.52 -5.11 27.08
CA THR B 310 35.58 -5.69 27.92
C THR B 310 36.94 -5.39 27.31
ZN ZN C . -5.99 2.98 -9.79
S SO4 D . -11.56 -0.91 -29.24
O1 SO4 D . -11.99 0.09 -28.24
O2 SO4 D . -12.25 -0.64 -30.52
O3 SO4 D . -10.09 -0.82 -29.41
O4 SO4 D . -11.91 -2.26 -28.77
S SO4 E . -23.45 15.47 0.28
O1 SO4 E . -23.64 16.24 1.53
O2 SO4 E . -24.09 16.20 -0.85
O3 SO4 E . -22.00 15.31 0.01
O4 SO4 E . -24.07 14.15 0.44
S SO4 F . 1.15 -9.33 -4.79
O1 SO4 F . 1.23 -8.05 -5.51
O2 SO4 F . -0.01 -10.10 -5.24
O3 SO4 F . 2.37 -10.11 -5.05
O4 SO4 F . 1.02 -9.06 -3.34
ZN ZN G . 7.93 -8.47 9.73
S SO4 H . 5.64 -10.26 10.80
O1 SO4 H . 4.45 -10.71 11.55
O2 SO4 H . 6.13 -11.36 9.94
O3 SO4 H . 5.30 -9.09 9.96
O4 SO4 H . 6.69 -9.88 11.76
S SO4 I . 19.84 13.19 12.87
O1 SO4 I . 19.21 14.35 13.53
O2 SO4 I . 19.10 11.97 13.23
O3 SO4 I . 19.81 13.39 11.41
O4 SO4 I . 21.25 13.08 13.32
N CYS A 4 -29.81 22.33 -26.54
CA CYS A 4 -30.13 21.18 -25.65
C CYS A 4 -29.85 19.86 -26.34
N VAL A 5 -28.75 19.21 -25.94
CA VAL A 5 -28.36 17.93 -26.52
C VAL A 5 -29.44 16.88 -26.31
N ALA A 6 -29.73 16.13 -27.37
CA ALA A 6 -30.72 15.07 -27.32
C ALA A 6 -30.06 13.80 -26.82
N GLU A 7 -30.60 13.22 -25.75
CA GLU A 7 -30.05 12.01 -25.17
C GLU A 7 -31.06 10.90 -24.92
N GLU A 8 -30.64 9.66 -25.16
CA GLU A 8 -31.49 8.49 -24.97
C GLU A 8 -31.64 8.17 -23.49
N PRO A 9 -32.76 7.52 -23.11
CA PRO A 9 -32.98 7.17 -21.70
C PRO A 9 -32.00 6.09 -21.22
N ILE A 10 -31.12 6.47 -20.31
CA ILE A 10 -30.14 5.53 -19.78
C ILE A 10 -30.95 4.42 -19.12
N LYS A 11 -30.45 3.19 -19.17
CA LYS A 11 -31.16 2.10 -18.57
C LYS A 11 -30.24 1.09 -17.88
N LYS A 12 -29.49 0.35 -18.68
CA LYS A 12 -28.60 -0.67 -18.14
C LYS A 12 -27.29 -0.08 -17.66
N ILE A 13 -27.05 -0.25 -16.36
CA ILE A 13 -25.86 0.28 -15.72
C ILE A 13 -25.30 -0.69 -14.69
N ALA A 14 -24.03 -1.09 -14.81
CA ALA A 14 -23.46 -2.00 -13.82
C ALA A 14 -22.48 -1.24 -12.92
N ILE A 15 -22.03 -1.93 -11.88
CA ILE A 15 -21.04 -1.42 -10.93
C ILE A 15 -19.97 -2.52 -10.88
N PHE A 16 -18.78 -2.20 -11.37
CA PHE A 16 -17.67 -3.15 -11.41
C PHE A 16 -16.66 -2.93 -10.28
N GLY A 17 -16.46 -3.97 -9.46
CA GLY A 17 -15.49 -3.90 -8.39
C GLY A 17 -14.54 -5.07 -8.53
N GLY A 18 -13.28 -4.89 -8.14
CA GLY A 18 -12.32 -6.00 -8.24
C GLY A 18 -11.68 -6.17 -9.62
N THR A 19 -11.74 -5.15 -10.47
CA THR A 19 -11.09 -5.22 -11.78
C THR A 19 -9.60 -5.42 -11.49
N HIS A 20 -9.13 -4.78 -10.43
CA HIS A 20 -7.75 -5.00 -9.93
C HIS A 20 -8.02 -5.65 -8.58
N GLY A 21 -7.50 -6.86 -8.40
CA GLY A 21 -7.79 -7.66 -7.23
C GLY A 21 -7.50 -7.12 -5.85
N ASN A 22 -6.46 -6.28 -5.74
CA ASN A 22 -6.04 -5.70 -4.46
C ASN A 22 -6.58 -4.31 -4.14
N GLU A 23 -7.49 -3.77 -4.97
CA GLU A 23 -8.07 -2.46 -4.66
C GLU A 23 -9.36 -2.86 -3.93
N LEU A 24 -9.24 -3.02 -2.61
CA LEU A 24 -10.34 -3.55 -1.81
C LEU A 24 -11.64 -2.81 -1.62
N THR A 25 -11.66 -1.49 -1.80
CA THR A 25 -12.92 -0.78 -1.56
C THR A 25 -14.03 -1.27 -2.48
N GLY A 26 -13.72 -1.39 -3.76
CA GLY A 26 -14.73 -1.84 -4.71
C GLY A 26 -15.17 -3.27 -4.44
N VAL A 27 -14.23 -4.12 -4.09
CA VAL A 27 -14.56 -5.51 -3.80
C VAL A 27 -15.52 -5.56 -2.62
N PHE A 28 -15.14 -4.89 -1.53
CA PHE A 28 -15.94 -4.86 -0.30
C PHE A 28 -17.34 -4.33 -0.57
N LEU A 29 -17.45 -3.22 -1.29
CA LEU A 29 -18.77 -2.66 -1.58
C LEU A 29 -19.60 -3.56 -2.50
N VAL A 30 -19.01 -4.03 -3.58
CA VAL A 30 -19.76 -4.85 -4.51
C VAL A 30 -20.16 -6.17 -3.85
N THR A 31 -19.23 -6.81 -3.13
CA THR A 31 -19.58 -8.06 -2.47
C THR A 31 -20.73 -7.81 -1.49
N HIS A 32 -20.71 -6.66 -0.82
CA HIS A 32 -21.78 -6.30 0.12
C HIS A 32 -23.12 -6.05 -0.59
N TRP A 33 -23.06 -5.32 -1.70
CA TRP A 33 -24.28 -4.97 -2.44
C TRP A 33 -24.91 -6.17 -3.11
N LEU A 34 -24.11 -7.22 -3.33
CA LEU A 34 -24.65 -8.43 -3.91
C LEU A 34 -25.45 -9.12 -2.82
N LYS A 35 -25.12 -8.82 -1.57
CA LYS A 35 -25.83 -9.41 -0.43
C LYS A 35 -26.99 -8.53 0.00
N ASN A 36 -26.88 -7.23 -0.24
CA ASN A 36 -27.89 -6.29 0.19
C ASN A 36 -28.00 -5.18 -0.85
N GLY A 37 -28.72 -5.45 -1.94
CA GLY A 37 -28.82 -4.46 -3.02
C GLY A 37 -29.56 -3.18 -2.70
N ALA A 38 -30.15 -3.10 -1.51
CA ALA A 38 -30.91 -1.92 -1.11
C ALA A 38 -30.28 -0.60 -1.54
N GLU A 39 -29.00 -0.45 -1.23
CA GLU A 39 -28.28 0.77 -1.55
C GLU A 39 -28.12 1.10 -3.04
N VAL A 40 -28.03 0.08 -3.90
CA VAL A 40 -27.84 0.38 -5.32
C VAL A 40 -29.15 0.56 -6.04
N HIS A 41 -30.19 -0.11 -5.57
CA HIS A 41 -31.50 0.00 -6.21
C HIS A 41 -31.91 1.47 -6.34
N ARG A 42 -32.80 1.74 -7.29
CA ARG A 42 -33.31 3.10 -7.54
C ARG A 42 -34.52 2.90 -8.45
N ALA A 43 -35.40 3.90 -8.50
CA ALA A 43 -36.59 3.85 -9.35
C ALA A 43 -36.24 4.03 -10.83
N GLY A 44 -36.88 3.23 -11.70
CA GLY A 44 -36.65 3.30 -13.13
C GLY A 44 -35.31 2.77 -13.64
N LEU A 45 -34.41 2.37 -12.75
CA LEU A 45 -33.10 1.90 -13.19
C LEU A 45 -32.88 0.41 -13.13
N GLU A 46 -31.87 -0.02 -13.86
CA GLU A 46 -31.47 -1.40 -13.87
C GLU A 46 -29.95 -1.36 -13.56
N VAL A 47 -29.63 -1.59 -12.29
CA VAL A 47 -28.24 -1.58 -11.82
C VAL A 47 -27.71 -2.98 -12.05
N LYS A 48 -26.43 -3.19 -11.79
CA LYS A 48 -25.86 -4.52 -11.94
C LYS A 48 -24.43 -4.57 -11.45
N PRO A 49 -24.23 -4.66 -10.12
CA PRO A 49 -22.86 -4.73 -9.58
C PRO A 49 -22.28 -6.07 -10.03
N PHE A 50 -20.96 -6.23 -9.97
CA PHE A 50 -20.37 -7.50 -10.41
C PHE A 50 -18.86 -7.49 -10.17
N ILE A 51 -18.34 -8.51 -9.47
CA ILE A 51 -16.89 -8.60 -9.22
C ILE A 51 -16.22 -9.07 -10.52
N THR A 52 -15.34 -8.25 -11.09
CA THR A 52 -14.75 -8.60 -12.37
C THR A 52 -13.58 -9.59 -12.39
N ASN A 53 -12.70 -9.56 -11.39
CA ASN A 53 -11.59 -10.51 -11.40
C ASN A 53 -11.56 -11.30 -10.09
N PRO A 54 -12.46 -12.28 -9.93
CA PRO A 54 -12.52 -13.11 -8.71
C PRO A 54 -11.27 -13.90 -8.35
N ARG A 55 -10.55 -14.42 -9.35
CA ARG A 55 -9.35 -15.18 -9.05
C ARG A 55 -8.28 -14.26 -8.48
N ALA A 56 -8.31 -12.98 -8.89
CA ALA A 56 -7.36 -11.99 -8.35
C ALA A 56 -7.98 -11.43 -7.05
N VAL A 57 -9.30 -11.47 -6.94
CA VAL A 57 -9.98 -10.98 -5.74
C VAL A 57 -9.98 -12.10 -4.70
N GLU A 58 -9.33 -13.21 -5.05
CA GLU A 58 -9.26 -14.36 -4.16
C GLU A 58 -8.00 -14.34 -3.30
N LYS A 59 -6.95 -13.66 -3.75
CA LYS A 59 -5.69 -13.62 -2.98
C LYS A 59 -5.22 -12.21 -2.67
N CYS A 60 -5.97 -11.24 -3.18
CA CYS A 60 -5.68 -9.82 -3.01
C CYS A 60 -4.44 -9.54 -3.85
N THR A 61 -4.54 -9.92 -5.11
CA THR A 61 -3.47 -9.76 -6.10
C THR A 61 -3.97 -8.86 -7.25
N ARG A 62 -3.08 -8.09 -7.87
CA ARG A 62 -3.55 -7.21 -8.95
C ARG A 62 -4.22 -8.02 -10.05
N TYR A 63 -3.48 -8.99 -10.59
CA TYR A 63 -3.99 -9.82 -11.67
C TYR A 63 -3.45 -11.25 -11.62
N ILE A 64 -4.00 -12.10 -12.47
CA ILE A 64 -3.57 -13.49 -12.56
C ILE A 64 -2.42 -13.56 -13.58
N ASP A 65 -2.65 -13.07 -14.81
CA ASP A 65 -1.63 -13.12 -15.86
C ASP A 65 -1.30 -11.78 -16.52
N CYS A 66 -2.23 -10.83 -16.46
CA CYS A 66 -2.00 -9.50 -17.02
C CYS A 66 -3.15 -8.60 -16.60
N ASP A 67 -2.87 -7.32 -16.41
CA ASP A 67 -3.90 -6.36 -15.98
C ASP A 67 -5.19 -6.52 -16.77
N LEU A 68 -6.31 -6.80 -16.08
CA LEU A 68 -7.61 -6.98 -16.77
C LEU A 68 -8.07 -5.69 -17.44
N ASN A 69 -7.56 -4.55 -16.97
CA ASN A 69 -7.95 -3.26 -17.51
C ASN A 69 -7.21 -2.84 -18.78
N ARG A 70 -6.54 -3.79 -19.44
CA ARG A 70 -5.80 -3.51 -20.67
C ARG A 70 -6.02 -4.55 -21.77
N VAL A 71 -7.02 -5.39 -21.60
CA VAL A 71 -7.28 -6.45 -22.58
C VAL A 71 -8.56 -6.22 -23.31
N PHE A 72 -9.22 -5.10 -23.03
CA PHE A 72 -10.49 -4.86 -23.67
C PHE A 72 -10.48 -4.22 -25.05
N ASP A 73 -9.46 -4.55 -25.81
CA ASP A 73 -9.37 -4.08 -27.21
C ASP A 73 -10.01 -5.16 -28.13
N LEU A 74 -10.25 -4.82 -29.39
CA LEU A 74 -10.86 -5.76 -30.35
C LEU A 74 -10.14 -7.11 -30.44
N GLU A 75 -8.92 -7.07 -30.97
CA GLU A 75 -8.13 -8.28 -31.14
C GLU A 75 -8.30 -9.25 -29.96
N ASN A 76 -8.03 -8.76 -28.76
CA ASN A 76 -8.16 -9.59 -27.57
C ASN A 76 -9.59 -10.11 -27.41
N LEU A 77 -10.57 -9.21 -27.49
CA LEU A 77 -11.95 -9.66 -27.36
C LEU A 77 -12.35 -10.63 -28.48
N SER A 78 -11.64 -10.59 -29.60
CA SER A 78 -11.97 -11.53 -30.70
C SER A 78 -10.90 -12.63 -30.88
N LYS A 79 -10.24 -13.01 -29.80
CA LYS A 79 -9.16 -14.03 -29.87
C LYS A 79 -9.57 -15.45 -29.45
N GLU A 80 -9.13 -16.48 -30.19
CA GLU A 80 -9.47 -17.85 -29.78
C GLU A 80 -8.51 -18.16 -28.63
N MSE A 81 -8.86 -19.14 -27.80
CA MSE A 81 -7.98 -19.49 -26.67
C MSE A 81 -6.65 -20.04 -27.15
O MSE A 81 -6.50 -20.43 -28.30
CB MSE A 81 -8.66 -20.54 -25.78
CG MSE A 81 -9.94 -20.09 -25.11
SE MSE A 81 -9.77 -18.49 -24.05
CE MSE A 81 -10.72 -17.30 -25.28
N SER A 82 -5.67 -20.05 -26.23
CA SER A 82 -4.32 -20.56 -26.45
C SER A 82 -4.04 -21.20 -25.10
N GLU A 83 -3.09 -22.13 -25.00
CA GLU A 83 -2.85 -22.76 -23.70
C GLU A 83 -2.03 -21.91 -22.75
N ASP A 84 -1.49 -20.80 -23.27
CA ASP A 84 -0.67 -19.94 -22.44
C ASP A 84 -1.19 -18.51 -22.39
N LEU A 85 -2.41 -18.34 -22.89
CA LEU A 85 -3.09 -17.04 -22.92
C LEU A 85 -3.31 -16.48 -21.52
N PRO A 86 -3.19 -15.16 -21.35
CA PRO A 86 -3.40 -14.60 -20.01
C PRO A 86 -4.82 -14.92 -19.50
N TYR A 87 -4.94 -15.12 -18.18
CA TYR A 87 -6.24 -15.39 -17.55
C TYR A 87 -7.19 -14.20 -17.75
N GLU A 88 -6.62 -13.02 -17.97
CA GLU A 88 -7.50 -11.86 -18.13
C GLU A 88 -8.18 -11.75 -19.49
N VAL A 89 -7.57 -12.31 -20.55
CA VAL A 89 -8.19 -12.26 -21.88
C VAL A 89 -9.45 -13.13 -21.92
N ARG A 90 -9.39 -14.30 -21.29
CA ARG A 90 -10.56 -15.17 -21.23
C ARG A 90 -11.66 -14.45 -20.42
N ARG A 91 -11.29 -13.84 -19.30
CA ARG A 91 -12.29 -13.15 -18.48
C ARG A 91 -12.92 -11.96 -19.21
N ALA A 92 -12.10 -11.24 -19.97
CA ALA A 92 -12.60 -10.06 -20.69
C ALA A 92 -13.72 -10.46 -21.65
N GLN A 93 -13.68 -11.70 -22.15
CA GLN A 93 -14.73 -12.16 -23.05
C GLN A 93 -15.97 -12.52 -22.22
N GLU A 94 -15.77 -13.19 -21.10
CA GLU A 94 -16.90 -13.55 -20.23
C GLU A 94 -17.66 -12.29 -19.75
N ILE A 95 -16.90 -11.26 -19.34
CA ILE A 95 -17.51 -10.01 -18.86
C ILE A 95 -18.22 -9.38 -20.05
N ASN A 96 -17.57 -9.42 -21.22
CA ASN A 96 -18.18 -8.86 -22.42
C ASN A 96 -19.45 -9.67 -22.80
N HIS A 97 -19.48 -10.97 -22.51
CA HIS A 97 -20.64 -11.78 -22.87
C HIS A 97 -21.85 -11.42 -21.99
N LEU A 98 -21.55 -11.00 -20.76
CA LEU A 98 -22.60 -10.63 -19.82
C LEU A 98 -23.03 -9.15 -19.87
N PHE A 99 -22.07 -8.25 -20.06
CA PHE A 99 -22.36 -6.81 -20.05
C PHE A 99 -22.28 -6.07 -21.37
N GLY A 100 -21.76 -6.76 -22.39
CA GLY A 100 -21.69 -6.19 -23.71
C GLY A 100 -22.77 -6.84 -24.56
N PRO A 101 -22.50 -7.18 -25.83
CA PRO A 101 -21.22 -6.96 -26.52
C PRO A 101 -20.88 -5.49 -26.64
N LYS A 102 -19.61 -5.15 -26.41
CA LYS A 102 -19.13 -3.79 -26.57
C LYS A 102 -19.50 -3.32 -27.98
N ASN A 103 -19.80 -2.04 -28.10
CA ASN A 103 -20.17 -1.45 -29.40
C ASN A 103 -21.62 -1.73 -29.80
N SER A 104 -22.13 -2.90 -29.44
CA SER A 104 -23.51 -3.26 -29.81
C SER A 104 -24.53 -2.38 -29.12
N ASP A 105 -25.75 -2.35 -29.66
CA ASP A 105 -26.80 -1.56 -29.05
C ASP A 105 -27.34 -2.24 -27.79
N ASP A 106 -26.99 -3.50 -27.59
CA ASP A 106 -27.44 -4.25 -26.42
C ASP A 106 -26.51 -4.06 -25.24
N ALA A 107 -25.39 -3.39 -25.46
CA ALA A 107 -24.42 -3.17 -24.37
C ALA A 107 -24.99 -2.30 -23.26
N TYR A 108 -24.15 -1.98 -22.28
CA TYR A 108 -24.56 -1.14 -21.18
C TYR A 108 -24.35 0.33 -21.49
N ASP A 109 -25.32 1.13 -21.06
CA ASP A 109 -25.27 2.57 -21.26
C ASP A 109 -24.16 3.21 -20.45
N VAL A 110 -24.14 2.94 -19.15
CA VAL A 110 -23.12 3.48 -18.25
C VAL A 110 -22.58 2.46 -17.29
N VAL A 111 -21.27 2.23 -17.33
CA VAL A 111 -20.65 1.29 -16.38
C VAL A 111 -19.74 2.08 -15.46
N PHE A 112 -19.81 1.77 -14.17
CA PHE A 112 -18.96 2.38 -13.14
C PHE A 112 -17.94 1.31 -12.74
N ASP A 113 -16.66 1.54 -13.06
CA ASP A 113 -15.61 0.58 -12.70
C ASP A 113 -14.81 1.27 -11.60
N LEU A 114 -14.79 0.60 -10.44
CA LEU A 114 -14.18 1.13 -9.22
C LEU A 114 -12.69 0.80 -9.08
N HIS A 115 -11.92 1.81 -8.72
CA HIS A 115 -10.47 1.67 -8.54
C HIS A 115 -9.89 2.51 -7.39
N ASN A 116 -8.84 1.99 -6.75
CA ASN A 116 -8.13 2.71 -5.69
C ASN A 116 -6.72 3.00 -6.20
N THR A 117 -6.07 3.99 -5.61
CA THR A 117 -4.71 4.32 -5.99
C THR A 117 -3.91 4.64 -4.73
N THR A 118 -2.63 4.34 -4.74
CA THR A 118 -1.78 4.67 -3.60
C THR A 118 -1.37 6.15 -3.70
N SER A 119 -1.75 6.80 -4.80
CA SER A 119 -1.47 8.22 -5.01
C SER A 119 -2.48 9.01 -4.17
N ASN A 120 -2.09 10.20 -3.69
CA ASN A 120 -2.98 11.04 -2.89
C ASN A 120 -3.84 11.94 -3.78
N MSE A 121 -4.80 11.32 -4.46
CA MSE A 121 -5.66 12.01 -5.42
C MSE A 121 -7.06 12.27 -4.94
O MSE A 121 -7.84 12.93 -5.64
CB MSE A 121 -5.75 11.20 -6.72
CG MSE A 121 -4.44 11.02 -7.42
SE MSE A 121 -4.60 9.68 -8.78
CE MSE A 121 -6.21 10.28 -9.67
N GLY A 122 -7.38 11.77 -3.75
CA GLY A 122 -8.73 11.94 -3.23
C GLY A 122 -9.66 11.30 -4.24
N CYS A 123 -10.85 11.84 -4.38
CA CYS A 123 -11.81 11.30 -5.34
C CYS A 123 -11.38 11.71 -6.76
N THR A 124 -11.60 10.83 -7.73
CA THR A 124 -11.20 11.11 -9.10
C THR A 124 -12.22 10.53 -10.10
N LEU A 125 -12.70 11.36 -11.04
CA LEU A 125 -13.67 10.91 -12.04
C LEU A 125 -12.93 10.80 -13.39
N ILE A 126 -12.93 9.59 -13.95
CA ILE A 126 -12.27 9.32 -15.23
C ILE A 126 -13.27 9.47 -16.37
N LEU A 127 -13.01 10.42 -17.25
CA LEU A 127 -13.86 10.73 -18.38
C LEU A 127 -13.15 10.25 -19.64
N GLY A 128 -13.90 9.89 -20.67
CA GLY A 128 -13.24 9.43 -21.88
C GLY A 128 -13.26 10.40 -23.04
N ASP A 129 -14.34 11.18 -23.13
CA ASP A 129 -14.54 12.14 -24.22
C ASP A 129 -14.94 13.51 -23.72
N SER A 130 -14.26 14.55 -24.21
CA SER A 130 -14.56 15.92 -23.80
C SER A 130 -15.84 16.45 -24.45
N GLY A 131 -16.08 16.06 -25.69
CA GLY A 131 -17.27 16.52 -26.38
C GLY A 131 -18.57 15.89 -25.87
N ASN A 132 -18.47 14.93 -24.96
CA ASN A 132 -19.70 14.33 -24.49
C ASN A 132 -20.27 15.16 -23.34
N ASP A 133 -21.02 16.17 -23.74
CA ASP A 133 -21.65 17.08 -22.81
C ASP A 133 -22.37 16.30 -21.72
N PHE A 134 -22.84 15.09 -22.05
CA PHE A 134 -23.53 14.30 -21.06
C PHE A 134 -22.65 13.95 -19.86
N LEU A 135 -21.68 13.05 -20.06
CA LEU A 135 -20.80 12.66 -18.96
C LEU A 135 -20.30 13.84 -18.16
N ILE A 136 -20.20 15.01 -18.78
CA ILE A 136 -19.76 16.21 -18.08
C ILE A 136 -20.86 16.64 -17.10
N GLN A 137 -22.11 16.46 -17.51
CA GLN A 137 -23.24 16.82 -16.66
C GLN A 137 -23.31 15.86 -15.47
N MSE A 138 -23.16 14.57 -15.72
CA MSE A 138 -23.21 13.61 -14.61
C MSE A 138 -22.14 13.96 -13.60
O MSE A 138 -22.38 13.97 -12.40
CB MSE A 138 -22.95 12.17 -15.08
CG MSE A 138 -22.98 11.17 -13.92
SE MSE A 138 -22.22 9.42 -14.31
CE MSE A 138 -23.58 8.75 -15.54
N PHE A 139 -20.93 14.25 -14.08
CA PHE A 139 -19.82 14.56 -13.19
C PHE A 139 -20.01 15.90 -12.47
N HIS A 140 -20.57 16.89 -13.17
CA HIS A 140 -20.81 18.20 -12.57
C HIS A 140 -21.75 17.97 -11.39
N TYR A 141 -22.74 17.09 -11.57
CA TYR A 141 -23.69 16.82 -10.49
C TYR A 141 -22.97 16.25 -9.28
N ILE A 142 -22.20 15.19 -9.51
CA ILE A 142 -21.45 14.55 -8.43
C ILE A 142 -20.51 15.54 -7.75
N LYS A 143 -19.75 16.29 -8.55
CA LYS A 143 -18.79 17.26 -7.99
C LYS A 143 -19.40 18.34 -7.12
N THR A 144 -20.57 18.85 -7.53
CA THR A 144 -21.27 19.89 -6.77
C THR A 144 -21.88 19.30 -5.51
N CYS A 145 -22.45 18.10 -5.66
CA CYS A 145 -23.11 17.42 -4.56
C CYS A 145 -22.14 16.92 -3.50
N MSE A 146 -20.85 16.91 -3.82
CA MSE A 146 -19.86 16.43 -2.86
C MSE A 146 -18.99 17.55 -2.29
O MSE A 146 -18.16 17.30 -1.43
CB MSE A 146 -18.97 15.38 -3.49
CG MSE A 146 -19.67 14.06 -3.77
SE MSE A 146 -19.91 13.00 -2.17
CE MSE A 146 -18.05 12.40 -1.95
N ALA A 147 -19.19 18.78 -2.77
CA ALA A 147 -18.40 19.91 -2.26
C ALA A 147 -18.69 20.03 -0.76
N PRO A 148 -17.70 20.45 0.03
CA PRO A 148 -16.33 20.86 -0.28
C PRO A 148 -15.33 19.75 -0.57
N LEU A 149 -15.79 18.50 -0.61
CA LEU A 149 -14.83 17.44 -0.93
C LEU A 149 -14.68 17.51 -2.45
N PRO A 150 -13.49 17.84 -2.93
CA PRO A 150 -13.31 17.92 -4.38
C PRO A 150 -13.37 16.55 -5.07
N CYS A 151 -13.81 16.55 -6.34
CA CYS A 151 -13.89 15.37 -7.18
C CYS A 151 -13.19 15.80 -8.46
N SER A 152 -11.94 15.37 -8.61
CA SER A 152 -11.10 15.76 -9.74
C SER A 152 -11.23 14.92 -11.00
N VAL A 153 -11.48 15.60 -12.11
CA VAL A 153 -11.66 14.94 -13.40
C VAL A 153 -10.36 14.75 -14.18
N TYR A 154 -10.06 13.50 -14.50
CA TYR A 154 -8.89 13.13 -15.26
C TYR A 154 -9.40 12.80 -16.66
N LEU A 155 -8.90 13.49 -17.67
CA LEU A 155 -9.35 13.24 -19.03
C LEU A 155 -8.35 12.36 -19.77
N ILE A 156 -8.66 11.07 -19.88
CA ILE A 156 -7.79 10.16 -20.59
C ILE A 156 -8.38 10.07 -21.98
N GLU A 157 -7.92 10.97 -22.84
CA GLU A 157 -8.40 11.10 -24.22
C GLU A 157 -7.36 10.63 -25.25
N HIS A 158 -6.27 10.02 -24.79
CA HIS A 158 -5.24 9.53 -25.68
C HIS A 158 -5.76 8.30 -26.41
N PRO A 159 -5.46 8.18 -27.72
CA PRO A 159 -5.91 7.04 -28.53
C PRO A 159 -5.62 5.72 -27.87
N SER A 160 -4.39 5.26 -28.02
CA SER A 160 -3.98 4.00 -27.42
C SER A 160 -3.76 4.12 -25.93
N LEU A 161 -4.75 4.66 -25.21
CA LEU A 161 -4.64 4.80 -23.77
C LEU A 161 -5.94 4.39 -23.10
N LYS A 162 -7.04 4.43 -23.85
CA LYS A 162 -8.33 4.05 -23.33
C LYS A 162 -9.05 2.99 -24.14
N TYR A 163 -8.46 2.58 -25.26
CA TYR A 163 -9.12 1.62 -26.14
C TYR A 163 -9.14 0.14 -25.73
N ALA A 164 -8.71 -0.16 -24.51
CA ALA A 164 -8.74 -1.55 -24.02
C ALA A 164 -9.09 -1.62 -22.54
N THR A 165 -9.81 -0.62 -22.03
CA THR A 165 -10.22 -0.59 -20.60
C THR A 165 -11.44 -1.44 -20.28
N THR A 166 -11.44 -2.01 -19.07
CA THR A 166 -12.52 -2.89 -18.63
C THR A 166 -13.88 -2.20 -18.52
N ARG A 167 -13.90 -0.87 -18.66
CA ARG A 167 -15.13 -0.11 -18.59
C ARG A 167 -15.60 0.29 -19.98
N SER A 168 -14.73 0.14 -20.98
CA SER A 168 -15.07 0.54 -22.34
C SER A 168 -16.17 -0.29 -23.02
N ILE A 169 -16.72 -1.26 -22.29
CA ILE A 169 -17.82 -2.06 -22.82
C ILE A 169 -19.13 -1.26 -22.83
N ALA A 170 -19.21 -0.20 -22.00
CA ALA A 170 -20.42 0.62 -21.93
C ALA A 170 -20.47 1.71 -23.00
N LYS A 171 -21.66 2.26 -23.19
CA LYS A 171 -21.86 3.36 -24.11
C LYS A 171 -21.28 4.61 -23.42
N TYR A 172 -21.39 4.64 -22.09
CA TYR A 172 -20.86 5.72 -21.27
C TYR A 172 -20.04 5.14 -20.09
N PRO A 173 -18.76 4.83 -20.32
CA PRO A 173 -17.85 4.26 -19.33
C PRO A 173 -17.52 5.28 -18.23
N VAL A 174 -17.70 4.91 -16.96
CA VAL A 174 -17.41 5.83 -15.86
C VAL A 174 -16.47 5.28 -14.80
N GLY A 175 -15.17 5.41 -14.98
CA GLY A 175 -14.28 4.92 -13.94
C GLY A 175 -14.47 5.71 -12.65
N ILE A 176 -14.37 5.02 -11.51
CA ILE A 176 -14.46 5.67 -10.21
C ILE A 176 -13.14 5.34 -9.51
N GLU A 177 -12.51 6.39 -8.99
CA GLU A 177 -11.20 6.24 -8.38
C GLU A 177 -11.15 6.90 -7.01
N VAL A 178 -10.55 6.21 -6.03
CA VAL A 178 -10.41 6.78 -4.68
C VAL A 178 -9.09 6.36 -4.03
N GLY A 179 -8.34 7.37 -3.57
CA GLY A 179 -7.08 7.12 -2.91
C GLY A 179 -6.90 8.30 -1.97
N PRO A 180 -5.80 8.35 -1.22
CA PRO A 180 -4.69 7.40 -1.22
C PRO A 180 -5.02 6.17 -0.36
N GLN A 181 -4.73 4.98 -0.87
CA GLN A 181 -4.97 3.76 -0.10
C GLN A 181 -4.00 2.64 -0.47
N PRO A 182 -3.21 2.13 0.49
CA PRO A 182 -2.28 1.05 0.15
C PRO A 182 -3.10 -0.09 -0.44
N HIS A 183 -2.47 -0.94 -1.26
CA HIS A 183 -3.20 -2.07 -1.82
C HIS A 183 -3.44 -3.11 -0.73
N GLY A 184 -4.65 -3.69 -0.73
CA GLY A 184 -5.00 -4.67 0.28
C GLY A 184 -5.38 -4.04 1.61
N VAL A 185 -5.67 -2.74 1.63
CA VAL A 185 -6.08 -2.07 2.87
C VAL A 185 -7.50 -1.47 2.77
N LEU A 186 -8.39 -1.90 3.67
CA LEU A 186 -9.73 -1.33 3.70
C LEU A 186 -9.74 -0.19 4.74
N ARG A 187 -9.70 1.07 4.29
CA ARG A 187 -9.73 2.25 5.18
C ARG A 187 -11.15 2.82 5.06
N ALA A 188 -11.88 2.87 6.18
CA ALA A 188 -13.25 3.39 6.17
C ALA A 188 -13.38 4.74 5.44
N ASP A 189 -12.40 5.62 5.66
CA ASP A 189 -12.47 6.93 5.01
C ASP A 189 -12.66 6.77 3.52
N ILE A 190 -11.86 5.88 2.93
CA ILE A 190 -11.96 5.65 1.48
C ILE A 190 -13.38 5.14 1.13
N LEU A 191 -13.95 4.31 2.00
CA LEU A 191 -15.32 3.79 1.78
C LEU A 191 -16.35 4.90 1.63
N ASP A 192 -16.25 5.90 2.49
CA ASP A 192 -17.23 6.97 2.43
C ASP A 192 -17.17 7.78 1.14
N GLN A 193 -15.97 8.10 0.68
CA GLN A 193 -15.90 8.88 -0.55
C GLN A 193 -16.52 8.11 -1.70
N MSE A 194 -16.04 6.89 -1.93
CA MSE A 194 -16.56 6.07 -3.03
C MSE A 194 -18.07 5.83 -2.91
O MSE A 194 -18.78 5.72 -3.91
CB MSE A 194 -15.82 4.72 -3.10
CG MSE A 194 -16.16 3.91 -4.36
SE MSE A 194 -14.90 2.47 -4.70
CE MSE A 194 -15.87 1.00 -3.93
N ARG A 195 -18.58 5.73 -1.69
CA ARG A 195 -20.01 5.51 -1.54
C ARG A 195 -20.74 6.78 -1.97
N ARG A 196 -20.32 7.90 -1.42
CA ARG A 196 -20.95 9.17 -1.76
C ARG A 196 -20.78 9.43 -3.27
N MSE A 197 -19.78 8.81 -3.90
CA MSE A 197 -19.60 9.03 -5.32
C MSE A 197 -20.65 8.25 -6.09
O MSE A 197 -21.31 8.79 -6.98
CB MSE A 197 -18.20 8.62 -5.76
CG MSE A 197 -17.12 9.53 -5.21
SE MSE A 197 -15.41 9.02 -5.87
CE MSE A 197 -15.62 9.83 -7.64
N LEU A 198 -20.82 6.98 -5.74
CA LEU A 198 -21.80 6.18 -6.47
C LEU A 198 -23.19 6.71 -6.23
N LYS A 199 -23.48 7.17 -5.00
CA LYS A 199 -24.79 7.72 -4.70
C LYS A 199 -25.17 8.82 -5.69
N HIS A 200 -24.52 9.97 -5.58
CA HIS A 200 -24.82 11.11 -6.45
C HIS A 200 -24.83 10.71 -7.93
N ALA A 201 -23.93 9.80 -8.31
CA ALA A 201 -23.90 9.35 -9.69
C ALA A 201 -25.26 8.74 -10.03
N LEU A 202 -25.69 7.77 -9.24
CA LEU A 202 -26.98 7.12 -9.50
C LEU A 202 -28.11 8.13 -9.33
N ASP A 203 -27.97 9.02 -8.35
CA ASP A 203 -28.98 10.04 -8.14
C ASP A 203 -29.12 10.85 -9.43
N PHE A 204 -28.00 11.39 -9.92
CA PHE A 204 -28.04 12.17 -11.14
C PHE A 204 -28.65 11.34 -12.25
N ILE A 205 -28.55 10.02 -12.11
CA ILE A 205 -29.08 9.12 -13.10
C ILE A 205 -30.61 9.00 -12.96
N GLN A 206 -31.10 8.73 -11.75
CA GLN A 206 -32.54 8.62 -11.62
C GLN A 206 -33.24 9.93 -11.96
N ARG A 207 -32.60 11.07 -11.71
CA ARG A 207 -33.29 12.32 -12.03
C ARG A 207 -33.42 12.46 -13.54
N PHE A 208 -32.31 12.26 -14.25
CA PHE A 208 -32.31 12.36 -15.71
C PHE A 208 -33.38 11.46 -16.32
N ASN A 209 -33.55 10.28 -15.73
CA ASN A 209 -34.54 9.33 -16.24
C ASN A 209 -35.91 9.51 -15.59
N GLU A 210 -36.19 10.72 -15.13
CA GLU A 210 -37.47 11.00 -14.49
C GLU A 210 -38.07 12.31 -14.97
N GLY A 211 -37.29 13.12 -15.67
CA GLY A 211 -37.85 14.37 -16.17
C GLY A 211 -37.01 15.60 -15.97
N LYS A 212 -36.03 15.51 -15.09
CA LYS A 212 -35.18 16.66 -14.81
C LYS A 212 -34.46 17.20 -16.03
N GLU A 213 -34.38 18.53 -16.12
CA GLU A 213 -33.68 19.18 -17.20
C GLU A 213 -32.46 19.79 -16.53
N PHE A 214 -31.27 19.40 -17.00
CA PHE A 214 -30.03 19.90 -16.44
C PHE A 214 -29.49 21.03 -17.33
N PRO A 215 -29.41 22.26 -16.78
CA PRO A 215 -28.93 23.41 -17.53
C PRO A 215 -27.46 23.28 -17.95
N PRO A 216 -27.03 24.06 -18.95
CA PRO A 216 -25.64 23.99 -19.40
C PRO A 216 -24.68 24.21 -18.21
N CYS A 217 -23.46 23.66 -18.32
CA CYS A 217 -22.47 23.80 -17.26
C CYS A 217 -21.04 23.68 -17.81
N ALA A 218 -20.06 23.86 -16.93
CA ALA A 218 -18.64 23.77 -17.30
C ALA A 218 -17.83 23.14 -16.17
N ILE A 219 -16.97 22.18 -16.50
CA ILE A 219 -16.15 21.55 -15.48
C ILE A 219 -14.71 21.63 -15.92
N ASP A 220 -13.81 21.69 -14.95
CA ASP A 220 -12.38 21.69 -15.25
C ASP A 220 -11.96 20.22 -15.31
N VAL A 221 -11.06 19.89 -16.23
CA VAL A 221 -10.54 18.53 -16.36
C VAL A 221 -9.04 18.60 -16.60
N TYR A 222 -8.35 17.49 -16.34
CA TYR A 222 -6.90 17.42 -16.51
C TYR A 222 -6.57 16.30 -17.46
N LYS A 223 -6.50 16.66 -18.73
CA LYS A 223 -6.23 15.72 -19.82
C LYS A 223 -4.79 15.26 -19.76
N ILE A 224 -4.60 13.95 -19.83
CA ILE A 224 -3.26 13.42 -19.74
C ILE A 224 -2.45 13.67 -21.00
N MSE A 225 -1.16 13.97 -20.81
CA MSE A 225 -0.24 14.23 -21.91
C MSE A 225 0.62 13.00 -22.15
O MSE A 225 0.58 12.41 -23.24
CB MSE A 225 0.66 15.42 -21.56
CG MSE A 225 -0.06 16.74 -21.45
SE MSE A 225 0.92 17.97 -20.30
CE MSE A 225 2.58 18.06 -21.27
N GLU A 226 1.41 12.62 -21.14
CA GLU A 226 2.28 11.45 -21.24
C GLU A 226 2.72 10.95 -19.86
N LYS A 227 3.36 9.78 -19.82
CA LYS A 227 3.86 9.17 -18.59
C LYS A 227 5.34 9.46 -18.41
N VAL A 228 5.74 9.78 -17.19
CA VAL A 228 7.14 10.03 -16.88
C VAL A 228 7.61 8.90 -15.97
N ASP A 229 8.54 8.08 -16.44
CA ASP A 229 9.05 7.00 -15.61
C ASP A 229 10.13 7.57 -14.71
N TYR A 230 10.75 6.69 -13.93
CA TYR A 230 11.84 7.05 -13.04
C TYR A 230 13.16 6.99 -13.80
N PRO A 231 14.15 7.79 -13.39
CA PRO A 231 15.46 7.75 -14.06
C PRO A 231 15.96 6.36 -13.67
N ARG A 232 16.86 5.76 -14.45
CA ARG A 232 17.38 4.43 -14.12
C ARG A 232 18.90 4.36 -14.10
N ASN A 233 19.41 3.32 -13.44
CA ASN A 233 20.86 3.09 -13.37
C ASN A 233 21.22 2.19 -14.54
N GLU A 234 22.51 1.95 -14.77
CA GLU A 234 22.93 1.11 -15.89
C GLU A 234 22.55 -0.36 -15.72
N SER A 235 21.77 -0.66 -14.69
CA SER A 235 21.36 -2.04 -14.44
C SER A 235 19.85 -2.20 -14.49
N GLY A 236 19.13 -1.10 -14.68
CA GLY A 236 17.69 -1.17 -14.77
C GLY A 236 16.90 -1.01 -13.48
N ASP A 237 17.54 -0.51 -12.44
CA ASP A 237 16.85 -0.29 -11.18
C ASP A 237 16.56 1.21 -11.04
N VAL A 238 15.71 1.56 -10.09
CA VAL A 238 15.34 2.95 -9.88
C VAL A 238 16.50 3.80 -9.34
N ALA A 239 16.98 4.73 -10.17
CA ALA A 239 18.10 5.61 -9.82
C ALA A 239 17.71 6.75 -8.88
N ALA A 240 16.45 7.18 -8.96
CA ALA A 240 15.96 8.22 -8.08
C ALA A 240 14.49 7.98 -7.79
N VAL A 241 14.07 8.35 -6.58
CA VAL A 241 12.69 8.16 -6.16
C VAL A 241 12.01 9.52 -6.19
N ILE A 242 10.69 9.54 -6.06
CA ILE A 242 9.96 10.82 -6.09
C ILE A 242 10.49 11.72 -4.99
N HIS A 243 10.98 12.89 -5.37
CA HIS A 243 11.50 13.87 -4.41
C HIS A 243 10.39 14.02 -3.39
N PRO A 244 10.72 14.08 -2.08
CA PRO A 244 9.66 14.21 -1.08
C PRO A 244 8.74 15.40 -1.21
N ASN A 245 9.21 16.51 -1.80
CA ASN A 245 8.36 17.68 -1.99
C ASN A 245 7.30 17.47 -3.07
N LEU A 246 7.44 16.39 -3.84
CA LEU A 246 6.50 16.06 -4.89
C LEU A 246 5.47 15.03 -4.35
N GLN A 247 5.78 14.42 -3.22
CA GLN A 247 4.86 13.45 -2.62
C GLN A 247 3.51 14.07 -2.24
N ASP A 248 2.44 13.33 -2.55
CA ASP A 248 1.07 13.74 -2.22
C ASP A 248 0.61 15.02 -2.90
N GLN A 249 1.40 15.51 -3.83
CA GLN A 249 1.01 16.77 -4.47
C GLN A 249 0.21 16.57 -5.74
N ASP A 250 -0.44 15.41 -5.83
CA ASP A 250 -1.30 15.14 -6.96
C ASP A 250 -2.27 16.32 -7.02
N TRP A 251 -2.43 16.88 -8.22
CA TRP A 251 -3.31 18.02 -8.54
C TRP A 251 -2.71 19.39 -8.17
N LYS A 252 -1.39 19.44 -7.99
CA LYS A 252 -0.78 20.71 -7.63
C LYS A 252 0.26 21.19 -8.64
N PRO A 253 0.04 22.38 -9.22
CA PRO A 253 0.87 23.03 -10.22
C PRO A 253 2.35 22.75 -10.07
N LEU A 254 2.96 22.29 -11.16
CA LEU A 254 4.37 21.97 -11.18
C LEU A 254 4.98 22.69 -12.39
N HIS A 255 5.94 23.59 -12.12
CA HIS A 255 6.62 24.33 -13.17
C HIS A 255 8.02 23.74 -13.38
N PRO A 256 8.63 23.95 -14.57
CA PRO A 256 9.97 23.45 -14.95
C PRO A 256 11.07 23.29 -13.89
N GLY A 257 11.22 24.27 -13.01
CA GLY A 257 12.27 24.16 -12.00
C GLY A 257 11.88 23.48 -10.70
N ASP A 258 10.62 23.10 -10.56
CA ASP A 258 10.15 22.46 -9.33
C ASP A 258 10.78 21.08 -9.11
N PRO A 259 10.92 20.68 -7.84
CA PRO A 259 11.54 19.37 -7.60
C PRO A 259 10.61 18.22 -7.95
N VAL A 260 11.14 17.24 -8.69
CA VAL A 260 10.38 16.06 -9.10
C VAL A 260 11.00 14.81 -8.48
N PHE A 261 12.32 14.70 -8.58
CA PHE A 261 13.02 13.55 -7.98
C PHE A 261 14.14 14.00 -7.07
N VAL A 262 14.66 13.04 -6.31
CA VAL A 262 15.80 13.28 -5.43
C VAL A 262 16.46 11.93 -5.25
N SER A 263 17.80 11.89 -5.28
CA SER A 263 18.49 10.62 -5.11
C SER A 263 18.91 10.44 -3.66
N LEU A 264 19.62 9.33 -3.37
CA LEU A 264 20.05 9.06 -2.00
C LEU A 264 21.12 10.01 -1.47
N ASP A 265 21.69 10.85 -2.33
CA ASP A 265 22.70 11.78 -1.87
C ASP A 265 22.07 13.14 -1.60
N GLY A 266 20.77 13.25 -1.86
CA GLY A 266 20.09 14.51 -1.62
C GLY A 266 20.02 15.43 -2.83
N LYS A 267 20.66 15.04 -3.92
CA LYS A 267 20.63 15.84 -5.15
C LYS A 267 19.19 15.86 -5.66
N VAL A 268 18.76 16.99 -6.22
CA VAL A 268 17.39 17.13 -6.75
C VAL A 268 17.35 17.06 -8.28
N ILE A 269 16.22 16.59 -8.81
CA ILE A 269 16.00 16.51 -10.25
C ILE A 269 14.68 17.21 -10.56
N PRO A 270 14.72 18.38 -11.23
CA PRO A 270 13.52 19.14 -11.57
C PRO A 270 12.79 18.56 -12.80
N LEU A 271 11.52 18.95 -12.95
CA LEU A 271 10.68 18.49 -14.05
C LEU A 271 11.34 18.64 -15.43
N GLY A 272 11.67 19.90 -15.75
CA GLY A 272 12.28 20.20 -17.04
C GLY A 272 11.23 20.86 -17.90
N GLY A 273 11.61 21.23 -19.12
CA GLY A 273 10.67 21.86 -20.04
C GLY A 273 10.38 23.31 -19.73
N ASP A 274 9.28 23.83 -20.26
CA ASP A 274 8.91 25.23 -20.04
C ASP A 274 7.39 25.38 -19.89
N CYS A 275 6.73 24.29 -19.54
CA CYS A 275 5.28 24.30 -19.40
C CYS A 275 4.80 23.90 -18.01
N THR A 276 3.59 24.33 -17.68
CA THR A 276 2.96 24.03 -16.40
C THR A 276 2.12 22.78 -16.56
N VAL A 277 2.16 21.90 -15.56
CA VAL A 277 1.38 20.68 -15.59
C VAL A 277 0.91 20.35 -14.17
N TYR A 278 -0.18 19.62 -14.06
CA TYR A 278 -0.70 19.21 -12.75
C TYR A 278 -0.47 17.71 -12.75
N PRO A 279 0.47 17.24 -11.90
CA PRO A 279 0.78 15.81 -11.84
C PRO A 279 -0.34 14.95 -11.29
N VAL A 280 -0.43 13.72 -11.81
CA VAL A 280 -1.41 12.73 -11.35
C VAL A 280 -0.71 11.39 -11.23
N PHE A 281 -1.29 10.49 -10.42
CA PHE A 281 -0.74 9.17 -10.14
C PHE A 281 0.72 9.28 -9.72
N VAL A 282 0.97 10.19 -8.80
CA VAL A 282 2.30 10.40 -8.28
C VAL A 282 2.63 9.26 -7.31
N ASN A 283 3.60 8.42 -7.70
CA ASN A 283 4.03 7.32 -6.84
C ASN A 283 2.97 6.21 -6.69
N GLU A 284 2.24 5.93 -7.76
CA GLU A 284 1.23 4.88 -7.76
C GLU A 284 1.98 3.53 -7.84
N ALA A 285 1.82 2.69 -6.82
CA ALA A 285 2.54 1.41 -6.78
C ALA A 285 2.41 0.50 -8.02
N ALA A 286 1.18 0.34 -8.52
CA ALA A 286 0.97 -0.55 -9.66
C ALA A 286 1.71 -0.13 -10.91
N TYR A 287 2.25 1.08 -10.92
CA TYR A 287 2.95 1.62 -12.08
C TYR A 287 4.48 1.54 -12.07
N TYR A 288 5.05 1.05 -10.97
CA TYR A 288 6.50 0.90 -10.93
C TYR A 288 6.95 -0.08 -12.02
N GLU A 289 6.05 -0.91 -12.52
CA GLU A 289 6.40 -1.86 -13.57
C GLU A 289 5.87 -1.39 -14.92
N LYS A 290 5.03 -0.36 -14.89
CA LYS A 290 4.49 0.21 -16.11
C LYS A 290 5.34 1.43 -16.51
N LYS A 291 6.45 1.61 -15.78
CA LYS A 291 7.38 2.71 -16.02
C LYS A 291 6.72 4.09 -15.95
N GLU A 292 6.03 4.34 -14.83
CA GLU A 292 5.36 5.61 -14.63
C GLU A 292 5.50 6.03 -13.17
N ALA A 293 6.32 7.07 -12.94
CA ALA A 293 6.49 7.63 -11.60
C ALA A 293 5.30 8.57 -11.36
N PHE A 294 4.81 9.17 -12.44
CA PHE A 294 3.63 10.04 -12.42
C PHE A 294 3.28 10.44 -13.85
N ALA A 295 2.11 11.04 -14.03
CA ALA A 295 1.68 11.49 -15.35
C ALA A 295 1.58 13.02 -15.36
N LYS A 296 1.72 13.61 -16.55
CA LYS A 296 1.60 15.05 -16.72
C LYS A 296 0.23 15.36 -17.35
N THR A 297 -0.52 16.28 -16.75
CA THR A 297 -1.81 16.68 -17.30
C THR A 297 -1.88 18.21 -17.49
N THR A 298 -2.79 18.66 -18.35
CA THR A 298 -3.01 20.09 -18.59
C THR A 298 -4.46 20.33 -18.19
N LYS A 299 -4.77 21.51 -17.68
CA LYS A 299 -6.13 21.78 -17.24
C LYS A 299 -6.91 22.49 -18.33
N LEU A 300 -8.15 22.08 -18.54
CA LEU A 300 -8.99 22.71 -19.54
C LEU A 300 -10.45 22.62 -19.11
N THR A 301 -11.30 23.39 -19.80
CA THR A 301 -12.73 23.43 -19.52
C THR A 301 -13.54 22.66 -20.55
N LEU A 302 -14.63 22.05 -20.08
CA LEU A 302 -15.53 21.31 -20.96
C LEU A 302 -16.97 21.75 -20.67
N ASN A 303 -17.68 22.14 -21.72
CA ASN A 303 -19.08 22.58 -21.60
C ASN A 303 -20.05 21.42 -21.86
N ALA A 304 -21.26 21.52 -21.30
CA ALA A 304 -22.27 20.50 -21.47
C ALA A 304 -23.69 21.07 -21.67
N LYS A 305 -24.06 21.33 -22.92
CA LYS A 305 -25.38 21.86 -23.23
C LYS A 305 -26.42 21.06 -22.45
N SER A 306 -27.53 21.72 -22.09
CA SER A 306 -28.59 21.05 -21.34
C SER A 306 -28.89 19.70 -22.00
N ILE A 307 -29.40 18.75 -21.23
CA ILE A 307 -29.73 17.43 -21.75
C ILE A 307 -31.14 17.02 -21.37
N ARG A 308 -31.74 16.17 -22.19
CA ARG A 308 -33.10 15.69 -21.95
C ARG A 308 -33.18 14.17 -22.09
N SER A 309 -34.16 13.55 -21.44
CA SER A 309 -34.34 12.12 -21.51
C SER A 309 -35.27 11.67 -22.65
N THR A 310 -34.72 11.53 -23.86
CA THR A 310 -35.53 11.09 -24.99
C THR A 310 -35.96 9.66 -24.68
N CYS B 4 27.28 -3.77 36.22
CA CYS B 4 28.18 -3.59 35.04
C CYS B 4 28.22 -4.77 34.08
N VAL B 5 27.62 -4.60 32.90
CA VAL B 5 27.62 -5.66 31.91
C VAL B 5 28.79 -5.41 30.96
N ALA B 6 29.86 -6.17 31.12
CA ALA B 6 31.03 -6.03 30.25
C ALA B 6 30.92 -7.09 29.17
N GLU B 7 30.80 -6.64 27.93
CA GLU B 7 30.72 -7.52 26.76
C GLU B 7 31.84 -7.11 25.81
N GLU B 8 32.35 -8.05 25.02
CA GLU B 8 33.42 -7.74 24.09
C GLU B 8 32.90 -6.97 22.89
N PRO B 9 33.81 -6.43 22.06
CA PRO B 9 33.41 -5.68 20.87
C PRO B 9 32.42 -6.46 20.02
N ILE B 10 31.56 -5.74 19.33
CA ILE B 10 30.57 -6.33 18.46
C ILE B 10 31.10 -6.01 17.06
N LYS B 11 31.67 -6.99 16.38
CA LYS B 11 32.24 -6.76 15.05
C LYS B 11 31.42 -7.33 13.89
N LYS B 12 30.70 -8.43 14.11
CA LYS B 12 29.91 -9.05 13.05
C LYS B 12 28.48 -8.55 13.02
N ILE B 13 28.25 -7.58 12.14
CA ILE B 13 26.94 -6.95 11.98
C ILE B 13 26.49 -7.15 10.53
N ALA B 14 25.19 -7.33 10.32
CA ALA B 14 24.69 -7.45 8.96
C ALA B 14 23.44 -6.59 8.84
N ILE B 15 23.11 -6.18 7.62
CA ILE B 15 21.89 -5.40 7.38
C ILE B 15 21.09 -6.18 6.36
N PHE B 16 19.91 -6.65 6.78
CA PHE B 16 19.04 -7.45 5.93
C PHE B 16 17.93 -6.59 5.33
N GLY B 17 17.78 -6.67 4.01
CA GLY B 17 16.75 -5.95 3.30
C GLY B 17 16.00 -6.92 2.40
N GLY B 18 14.70 -6.70 2.21
CA GLY B 18 13.94 -7.58 1.34
C GLY B 18 13.51 -8.94 1.89
N THR B 19 13.37 -9.07 3.20
CA THR B 19 12.92 -10.33 3.78
C THR B 19 11.49 -10.54 3.27
N HIS B 20 10.81 -9.43 2.97
CA HIS B 20 9.48 -9.44 2.35
C HIS B 20 9.76 -8.61 1.10
N GLY B 21 9.61 -9.23 -0.06
CA GLY B 21 9.95 -8.61 -1.34
C GLY B 21 9.34 -7.30 -1.74
N ASN B 22 8.15 -7.00 -1.20
CA ASN B 22 7.45 -5.79 -1.56
C ASN B 22 7.59 -4.63 -0.55
N GLU B 23 8.53 -4.75 0.39
CA GLU B 23 8.75 -3.68 1.37
C GLU B 23 10.04 -2.98 0.91
N LEU B 24 9.84 -2.13 -0.10
CA LEU B 24 10.88 -1.43 -0.82
C LEU B 24 12.00 -0.71 -0.10
N THR B 25 11.69 0.03 0.96
CA THR B 25 12.74 0.76 1.68
C THR B 25 13.98 -0.11 1.94
N GLY B 26 13.79 -1.21 2.66
CA GLY B 26 14.93 -2.07 2.96
C GLY B 26 15.66 -2.58 1.72
N VAL B 27 14.90 -3.03 0.71
CA VAL B 27 15.53 -3.53 -0.52
C VAL B 27 16.33 -2.44 -1.22
N PHE B 28 15.75 -1.24 -1.29
CA PHE B 28 16.41 -0.14 -1.99
C PHE B 28 17.72 0.27 -1.33
N LEU B 29 17.69 0.47 -0.02
CA LEU B 29 18.87 0.89 0.74
C LEU B 29 19.98 -0.16 0.67
N VAL B 30 19.60 -1.42 0.78
CA VAL B 30 20.59 -2.50 0.73
C VAL B 30 21.18 -2.61 -0.67
N THR B 31 20.36 -2.40 -1.70
CA THR B 31 20.85 -2.45 -3.07
C THR B 31 21.98 -1.45 -3.19
N HIS B 32 21.73 -0.25 -2.67
CA HIS B 32 22.70 0.84 -2.69
C HIS B 32 23.94 0.54 -1.82
N TRP B 33 23.68 0.34 -0.52
CA TRP B 33 24.74 0.08 0.47
C TRP B 33 25.66 -1.07 0.09
N LEU B 34 25.26 -1.83 -0.91
CA LEU B 34 26.07 -2.93 -1.39
C LEU B 34 27.02 -2.33 -2.44
N LYS B 35 26.46 -1.52 -3.34
CA LYS B 35 27.20 -0.84 -4.41
C LYS B 35 28.11 0.25 -3.88
N ASN B 36 27.54 1.06 -2.98
CA ASN B 36 28.23 2.18 -2.36
C ASN B 36 27.85 2.12 -0.88
N GLY B 37 28.72 1.54 -0.07
CA GLY B 37 28.40 1.40 1.33
C GLY B 37 29.13 2.27 2.33
N ALA B 38 29.72 3.37 1.87
CA ALA B 38 30.43 4.26 2.79
C ALA B 38 29.50 4.75 3.90
N GLU B 39 28.21 4.82 3.61
CA GLU B 39 27.24 5.29 4.61
C GLU B 39 27.19 4.35 5.81
N VAL B 40 27.30 3.04 5.57
CA VAL B 40 27.26 2.11 6.68
C VAL B 40 28.64 1.62 7.09
N HIS B 41 29.66 2.35 6.64
CA HIS B 41 31.01 2.01 7.05
C HIS B 41 31.30 2.61 8.43
N ARG B 42 31.88 1.82 9.32
CA ARG B 42 32.33 2.26 10.63
C ARG B 42 33.66 1.50 10.88
N ALA B 43 34.62 2.17 11.50
CA ALA B 43 35.91 1.52 11.77
C ALA B 43 35.71 0.37 12.77
N GLY B 44 36.51 -0.68 12.60
CA GLY B 44 36.43 -1.83 13.49
C GLY B 44 35.21 -2.70 13.33
N LEU B 45 34.32 -2.33 12.43
CA LEU B 45 33.10 -3.11 12.23
C LEU B 45 33.04 -3.78 10.86
N GLU B 46 32.59 -5.04 10.83
CA GLU B 46 32.43 -5.78 9.59
C GLU B 46 30.92 -5.84 9.35
N VAL B 47 30.42 -4.97 8.47
CA VAL B 47 29.00 -4.89 8.15
C VAL B 47 28.68 -5.70 6.90
N LYS B 48 27.57 -6.42 6.92
CA LYS B 48 27.22 -7.23 5.76
C LYS B 48 25.78 -7.03 5.28
N PRO B 49 25.55 -6.03 4.39
CA PRO B 49 24.18 -5.82 3.89
C PRO B 49 23.85 -7.09 3.09
N PHE B 50 22.65 -7.62 3.24
CA PHE B 50 22.28 -8.85 2.54
C PHE B 50 20.79 -8.88 2.21
N ILE B 51 20.42 -9.38 1.02
CA ILE B 51 19.01 -9.49 0.65
C ILE B 51 18.54 -10.91 0.93
N THR B 52 17.71 -11.04 1.95
CA THR B 52 17.23 -12.31 2.43
C THR B 52 16.33 -13.10 1.49
N ASN B 53 15.32 -12.46 0.89
CA ASN B 53 14.41 -13.16 -0.02
C ASN B 53 14.44 -12.51 -1.40
N PRO B 54 15.53 -12.75 -2.16
CA PRO B 54 15.63 -12.13 -3.49
C PRO B 54 14.62 -12.62 -4.50
N ARG B 55 14.05 -13.81 -4.29
CA ARG B 55 13.04 -14.32 -5.23
C ARG B 55 11.72 -13.57 -5.07
N ALA B 56 11.29 -13.40 -3.82
CA ALA B 56 10.02 -12.70 -3.54
C ALA B 56 10.13 -11.23 -3.93
N VAL B 57 11.35 -10.69 -3.85
CA VAL B 57 11.57 -9.29 -4.21
C VAL B 57 11.44 -9.09 -5.72
N GLU B 58 12.35 -9.69 -6.47
CA GLU B 58 12.33 -9.51 -7.92
C GLU B 58 10.92 -9.77 -8.44
N LYS B 59 10.14 -10.56 -7.69
CA LYS B 59 8.77 -10.87 -8.06
C LYS B 59 7.75 -9.85 -7.54
N CYS B 60 8.22 -8.89 -6.74
CA CYS B 60 7.37 -7.84 -6.17
C CYS B 60 6.28 -8.35 -5.25
N THR B 61 6.58 -9.40 -4.49
CA THR B 61 5.60 -9.99 -3.60
C THR B 61 6.20 -10.18 -2.19
N ARG B 62 5.35 -10.37 -1.20
CA ARG B 62 5.85 -10.54 0.16
C ARG B 62 6.66 -11.83 0.30
N TYR B 63 6.15 -12.92 -0.29
CA TYR B 63 6.84 -14.20 -0.24
C TYR B 63 6.46 -15.10 -1.44
N ILE B 64 6.99 -16.32 -1.43
CA ILE B 64 6.73 -17.28 -2.51
C ILE B 64 5.99 -18.49 -1.97
N ASP B 65 6.62 -19.23 -1.07
CA ASP B 65 5.99 -20.42 -0.50
C ASP B 65 5.34 -20.05 0.84
N CYS B 66 6.08 -19.35 1.69
CA CYS B 66 5.54 -18.94 2.98
C CYS B 66 6.28 -17.72 3.53
N ASP B 67 6.14 -17.47 4.82
CA ASP B 67 6.77 -16.30 5.44
C ASP B 67 8.17 -16.55 6.02
N LEU B 68 9.19 -16.02 5.37
CA LEU B 68 10.58 -16.16 5.81
C LEU B 68 10.74 -15.72 7.26
N ASN B 69 9.90 -14.77 7.68
CA ASN B 69 9.95 -14.27 9.05
C ASN B 69 9.28 -15.18 10.09
N ARG B 70 9.17 -16.46 9.76
CA ARG B 70 8.55 -17.42 10.68
C ARG B 70 9.06 -18.85 10.49
N VAL B 71 10.11 -19.02 9.69
CA VAL B 71 10.64 -20.35 9.44
C VAL B 71 12.05 -20.57 9.98
N PHE B 72 12.51 -19.67 10.84
CA PHE B 72 13.85 -19.83 11.39
C PHE B 72 13.86 -20.58 12.70
N ASP B 73 12.90 -21.48 12.84
CA ASP B 73 12.79 -22.32 14.02
C ASP B 73 13.56 -23.60 13.72
N LEU B 74 13.97 -24.30 14.76
CA LEU B 74 14.74 -25.54 14.62
C LEU B 74 14.12 -26.50 13.61
N GLU B 75 12.85 -26.82 13.81
CA GLU B 75 12.15 -27.73 12.91
C GLU B 75 12.53 -27.44 11.46
N ASN B 76 12.15 -26.24 10.97
CA ASN B 76 12.45 -25.87 9.59
C ASN B 76 13.95 -25.80 9.31
N LEU B 77 14.72 -25.28 10.27
CA LEU B 77 16.16 -25.16 10.09
C LEU B 77 16.90 -26.50 10.10
N SER B 78 16.16 -27.59 10.26
CA SER B 78 16.81 -28.90 10.29
C SER B 78 16.27 -29.89 9.26
N LYS B 79 15.11 -29.58 8.67
CA LYS B 79 14.50 -30.46 7.68
C LYS B 79 15.50 -30.85 6.59
N GLU B 80 15.46 -32.11 6.19
CA GLU B 80 16.35 -32.63 5.17
C GLU B 80 16.08 -31.95 3.83
N MSE B 81 17.14 -31.59 3.14
CA MSE B 81 17.03 -30.92 1.85
C MSE B 81 16.29 -31.79 0.83
O MSE B 81 16.89 -32.47 0.00
CB MSE B 81 18.43 -30.59 1.31
CG MSE B 81 18.45 -29.80 0.02
SE MSE B 81 17.61 -28.09 0.19
CE MSE B 81 15.85 -28.56 -0.43
N SER B 82 14.96 -31.76 0.90
CA SER B 82 14.14 -32.55 -0.03
C SER B 82 13.94 -31.78 -1.35
N GLU B 83 12.78 -31.94 -1.96
CA GLU B 83 12.51 -31.26 -3.23
C GLU B 83 11.28 -30.35 -3.19
N ASP B 84 10.17 -30.89 -2.71
CA ASP B 84 8.91 -30.14 -2.61
C ASP B 84 9.06 -28.97 -1.63
N LEU B 85 10.06 -29.07 -0.77
CA LEU B 85 10.36 -28.06 0.26
C LEU B 85 9.97 -26.62 -0.08
N PRO B 86 9.23 -25.94 0.82
CA PRO B 86 8.83 -24.55 0.55
C PRO B 86 10.09 -23.73 0.37
N TYR B 87 10.10 -22.86 -0.63
CA TYR B 87 11.27 -22.04 -0.90
C TYR B 87 11.78 -21.31 0.35
N GLU B 88 10.89 -20.59 1.01
CA GLU B 88 11.27 -19.83 2.20
C GLU B 88 11.99 -20.72 3.23
N VAL B 89 11.62 -22.00 3.30
CA VAL B 89 12.31 -22.87 4.23
C VAL B 89 13.72 -23.13 3.67
N ARG B 90 13.83 -23.27 2.35
CA ARG B 90 15.14 -23.51 1.75
C ARG B 90 16.07 -22.31 2.02
N ARG B 91 15.61 -21.10 1.70
CA ARG B 91 16.43 -19.91 1.92
C ARG B 91 16.73 -19.70 3.41
N ALA B 92 15.78 -20.03 4.27
CA ALA B 92 16.00 -19.87 5.71
C ALA B 92 17.20 -20.69 6.18
N GLN B 93 17.15 -21.99 5.94
CA GLN B 93 18.25 -22.86 6.36
C GLN B 93 19.55 -22.31 5.79
N GLU B 94 19.50 -21.83 4.55
CA GLU B 94 20.70 -21.26 3.96
C GLU B 94 21.15 -20.12 4.85
N ILE B 95 20.34 -19.06 4.92
CA ILE B 95 20.63 -17.90 5.74
C ILE B 95 21.14 -18.35 7.10
N ASN B 96 20.56 -19.43 7.62
CA ASN B 96 20.96 -19.94 8.92
C ASN B 96 22.43 -20.34 8.92
N HIS B 97 22.85 -21.09 7.91
CA HIS B 97 24.25 -21.52 7.84
C HIS B 97 25.09 -20.30 7.57
N LEU B 98 24.63 -19.43 6.66
CA LEU B 98 25.37 -18.24 6.32
C LEU B 98 25.68 -17.27 7.45
N PHE B 99 24.64 -16.74 8.09
CA PHE B 99 24.81 -15.74 9.13
C PHE B 99 24.74 -16.26 10.54
N GLY B 100 24.45 -17.55 10.67
CA GLY B 100 24.41 -18.17 11.98
C GLY B 100 25.59 -19.11 12.07
N PRO B 101 25.37 -20.40 12.32
CA PRO B 101 24.08 -21.07 12.53
C PRO B 101 23.38 -20.52 13.78
N LYS B 102 22.05 -20.50 13.75
CA LYS B 102 21.28 -20.00 14.89
C LYS B 102 21.64 -20.83 16.13
N ASN B 103 21.79 -20.16 17.28
CA ASN B 103 22.12 -20.81 18.55
C ASN B 103 23.60 -21.23 18.69
N SER B 104 24.41 -20.96 17.67
CA SER B 104 25.84 -21.30 17.73
C SER B 104 26.67 -20.07 18.08
N ASP B 105 27.84 -20.31 18.68
CA ASP B 105 28.76 -19.24 19.06
C ASP B 105 29.34 -18.63 17.78
N ASP B 106 29.09 -19.30 16.66
CA ASP B 106 29.57 -18.84 15.37
C ASP B 106 28.59 -17.95 14.62
N ALA B 107 27.38 -17.80 15.16
CA ALA B 107 26.35 -16.98 14.52
C ALA B 107 26.71 -15.51 14.55
N TYR B 108 26.17 -14.75 13.59
CA TYR B 108 26.43 -13.32 13.56
C TYR B 108 26.01 -12.68 14.86
N ASP B 109 26.70 -11.59 15.19
CA ASP B 109 26.46 -10.86 16.42
C ASP B 109 25.21 -9.98 16.38
N VAL B 110 24.91 -9.39 15.22
CA VAL B 110 23.74 -8.52 15.09
C VAL B 110 23.13 -8.65 13.70
N VAL B 111 21.83 -8.42 13.62
CA VAL B 111 21.11 -8.45 12.35
C VAL B 111 20.09 -7.29 12.33
N PHE B 112 20.33 -6.31 11.45
CA PHE B 112 19.39 -5.20 11.29
C PHE B 112 18.48 -5.62 10.15
N ASP B 113 17.30 -6.13 10.49
CA ASP B 113 16.33 -6.57 9.47
C ASP B 113 15.29 -5.47 9.33
N LEU B 114 15.32 -4.84 8.15
CA LEU B 114 14.45 -3.71 7.83
C LEU B 114 13.12 -4.12 7.22
N HIS B 115 12.04 -3.60 7.79
CA HIS B 115 10.69 -3.88 7.34
C HIS B 115 9.93 -2.57 7.15
N ASN B 116 8.82 -2.65 6.42
CA ASN B 116 7.95 -1.50 6.20
C ASN B 116 6.53 -1.96 6.56
N THR B 117 5.70 -1.02 6.96
CA THR B 117 4.31 -1.34 7.32
C THR B 117 3.37 -0.26 6.79
N THR B 118 2.13 -0.66 6.46
CA THR B 118 1.11 0.29 6.03
C THR B 118 0.50 0.94 7.29
N SER B 119 0.89 0.47 8.47
CA SER B 119 0.38 1.06 9.73
C SER B 119 1.05 2.40 10.02
N ASN B 120 0.34 3.30 10.71
CA ASN B 120 0.90 4.62 11.00
C ASN B 120 1.72 4.63 12.28
N MSE B 121 2.82 3.88 12.27
CA MSE B 121 3.63 3.77 13.48
C MSE B 121 4.93 4.55 13.50
O MSE B 121 5.72 4.41 14.45
CB MSE B 121 3.92 2.30 13.77
CG MSE B 121 2.72 1.50 14.21
SE MSE B 121 3.07 -0.34 13.99
CE MSE B 121 4.22 -0.62 15.51
N GLY B 122 5.17 5.36 12.48
CA GLY B 122 6.42 6.12 12.44
C GLY B 122 7.59 5.17 12.59
N CYS B 123 8.69 5.68 13.16
CA CYS B 123 9.89 4.87 13.40
C CYS B 123 9.69 3.96 14.60
N THR B 124 9.80 2.65 14.41
CA THR B 124 9.62 1.70 15.50
C THR B 124 10.79 0.72 15.59
N LEU B 125 11.24 0.46 16.82
CA LEU B 125 12.33 -0.46 17.11
C LEU B 125 11.69 -1.70 17.75
N ILE B 126 12.11 -2.89 17.32
CA ILE B 126 11.56 -4.14 17.84
C ILE B 126 12.56 -4.85 18.72
N LEU B 127 12.16 -5.09 19.97
CA LEU B 127 13.00 -5.72 20.98
C LEU B 127 12.44 -7.09 21.32
N GLY B 128 13.23 -8.17 21.16
CA GLY B 128 12.73 -9.50 21.48
C GLY B 128 13.13 -10.01 22.86
N ASP B 129 13.99 -9.27 23.56
CA ASP B 129 14.45 -9.69 24.89
C ASP B 129 14.54 -8.53 25.87
N SER B 130 13.57 -8.45 26.77
CA SER B 130 13.54 -7.38 27.75
C SER B 130 14.69 -7.48 28.72
N GLY B 131 15.48 -8.54 28.61
CA GLY B 131 16.62 -8.69 29.51
C GLY B 131 17.96 -8.41 28.85
N ASN B 132 17.96 -7.95 27.60
CA ASN B 132 19.23 -7.70 26.92
C ASN B 132 19.67 -6.26 27.13
N ASP B 133 20.63 -6.04 28.03
CA ASP B 133 21.09 -4.68 28.30
C ASP B 133 21.78 -4.02 27.09
N PHE B 134 22.50 -4.78 26.28
CA PHE B 134 23.19 -4.18 25.14
C PHE B 134 22.15 -3.53 24.22
N LEU B 135 21.15 -4.30 23.83
CA LEU B 135 20.10 -3.78 22.96
C LEU B 135 19.30 -2.65 23.58
N ILE B 136 19.06 -2.72 24.89
CA ILE B 136 18.30 -1.66 25.57
C ILE B 136 19.06 -0.34 25.48
N GLN B 137 20.34 -0.37 25.83
CA GLN B 137 21.16 0.85 25.76
C GLN B 137 21.11 1.47 24.35
N MSE B 138 21.37 0.66 23.33
CA MSE B 138 21.33 1.13 21.94
C MSE B 138 19.99 1.83 21.62
O MSE B 138 19.94 2.89 20.96
CB MSE B 138 21.49 -0.04 20.97
CG MSE B 138 21.21 0.32 19.50
SE MSE B 138 20.84 -1.28 18.48
CE MSE B 138 22.54 -2.21 18.79
N PHE B 139 18.89 1.20 22.03
CA PHE B 139 17.58 1.79 21.72
C PHE B 139 17.44 3.13 22.44
N HIS B 140 17.93 3.20 23.66
CA HIS B 140 17.89 4.47 24.39
C HIS B 140 18.74 5.47 23.61
N TYR B 141 19.94 5.05 23.20
CA TYR B 141 20.84 5.91 22.42
C TYR B 141 20.18 6.37 21.10
N ILE B 142 19.40 5.50 20.48
CA ILE B 142 18.75 5.86 19.21
C ILE B 142 17.64 6.87 19.44
N LYS B 143 16.74 6.54 20.37
CA LYS B 143 15.62 7.44 20.68
C LYS B 143 16.10 8.85 20.97
N THR B 144 17.18 8.93 21.75
CA THR B 144 17.74 10.22 22.15
C THR B 144 18.44 10.93 21.00
N CYS B 145 19.18 10.17 20.19
CA CYS B 145 19.89 10.81 19.09
C CYS B 145 18.97 11.56 18.12
N MSE B 146 17.67 11.24 18.16
CA MSE B 146 16.72 11.87 17.27
C MSE B 146 15.54 12.56 17.96
O MSE B 146 14.61 13.02 17.28
CB MSE B 146 16.17 10.84 16.27
CG MSE B 146 17.20 10.44 15.21
SE MSE B 146 16.68 8.95 14.11
CE MSE B 146 15.22 9.77 13.11
N ALA B 147 15.56 12.65 19.29
CA ALA B 147 14.47 13.31 20.00
C ALA B 147 14.40 14.78 19.55
N PRO B 148 13.24 15.44 19.70
CA PRO B 148 11.99 14.93 20.28
C PRO B 148 11.16 14.23 19.22
N LEU B 149 11.81 13.93 18.11
CA LEU B 149 11.21 13.27 16.96
C LEU B 149 10.69 11.87 17.33
N PRO B 150 9.76 11.35 16.53
CA PRO B 150 9.18 10.03 16.75
C PRO B 150 10.14 8.83 16.68
N CYS B 151 10.26 8.11 17.79
CA CYS B 151 11.11 6.92 17.87
C CYS B 151 10.48 6.04 18.94
N SER B 152 9.84 4.96 18.51
CA SER B 152 9.11 4.09 19.42
C SER B 152 9.64 2.68 19.59
N VAL B 153 9.27 2.03 20.69
CA VAL B 153 9.73 0.67 20.92
C VAL B 153 8.60 -0.34 21.17
N TYR B 154 8.64 -1.44 20.42
CA TYR B 154 7.65 -2.51 20.51
C TYR B 154 8.36 -3.79 20.98
N LEU B 155 7.94 -4.33 22.14
CA LEU B 155 8.53 -5.53 22.72
C LEU B 155 7.70 -6.78 22.40
N ILE B 156 8.28 -7.65 21.58
CA ILE B 156 7.65 -8.91 21.17
C ILE B 156 8.47 -9.97 21.88
N GLU B 157 8.00 -10.40 23.05
CA GLU B 157 8.76 -11.34 23.87
C GLU B 157 8.48 -12.86 23.82
N HIS B 158 7.21 -13.26 23.79
CA HIS B 158 6.86 -14.69 23.76
C HIS B 158 7.65 -15.51 22.71
N PRO B 159 8.11 -16.72 23.10
CA PRO B 159 8.88 -17.62 22.22
C PRO B 159 8.23 -17.93 20.87
N SER B 160 6.94 -18.21 20.87
CA SER B 160 6.23 -18.53 19.64
C SER B 160 6.03 -17.30 18.74
N LEU B 161 6.60 -16.17 19.13
CA LEU B 161 6.49 -14.93 18.37
C LEU B 161 7.85 -14.46 17.89
N LYS B 162 8.90 -15.17 18.28
CA LYS B 162 10.27 -14.80 17.90
C LYS B 162 11.12 -15.96 17.41
N TYR B 163 10.88 -17.15 17.96
CA TYR B 163 11.66 -18.34 17.62
C TYR B 163 11.75 -18.66 16.14
N ALA B 164 11.09 -17.89 15.29
CA ALA B 164 11.15 -18.20 13.88
C ALA B 164 11.45 -17.01 12.97
N THR B 165 11.70 -15.84 13.55
CA THR B 165 12.00 -14.66 12.72
C THR B 165 13.38 -14.72 12.10
N THR B 166 13.50 -14.11 10.93
CA THR B 166 14.77 -14.07 10.20
C THR B 166 15.90 -13.47 11.05
N ARG B 167 15.58 -12.47 11.85
CA ARG B 167 16.61 -11.82 12.66
C ARG B 167 17.11 -12.63 13.84
N SER B 168 16.32 -13.60 14.27
CA SER B 168 16.67 -14.44 15.42
C SER B 168 17.99 -15.21 15.25
N ILE B 169 18.52 -15.22 14.02
CA ILE B 169 19.80 -15.89 13.75
C ILE B 169 20.94 -15.32 14.59
N ALA B 170 20.97 -14.00 14.75
CA ALA B 170 22.05 -13.36 15.49
C ALA B 170 21.93 -13.53 17.00
N LYS B 171 22.97 -13.09 17.69
CA LYS B 171 23.00 -13.11 19.14
C LYS B 171 22.17 -11.91 19.61
N TYR B 172 22.26 -10.81 18.85
CA TYR B 172 21.51 -9.59 19.16
C TYR B 172 20.62 -9.25 17.96
N PRO B 173 19.36 -9.71 17.98
CA PRO B 173 18.44 -9.43 16.88
C PRO B 173 18.03 -7.96 16.95
N VAL B 174 17.81 -7.35 15.79
CA VAL B 174 17.40 -5.95 15.76
C VAL B 174 16.40 -5.77 14.64
N GLY B 175 15.11 -5.69 14.99
CA GLY B 175 14.11 -5.49 13.95
C GLY B 175 13.79 -4.00 13.84
N ILE B 176 13.85 -3.46 12.63
CA ILE B 176 13.53 -2.04 12.39
C ILE B 176 12.28 -1.94 11.52
N GLU B 177 11.42 -1.01 11.88
CA GLU B 177 10.14 -0.86 11.19
C GLU B 177 9.81 0.60 10.94
N VAL B 178 9.42 0.94 9.72
CA VAL B 178 9.07 2.34 9.46
C VAL B 178 7.85 2.37 8.56
N GLY B 179 6.82 3.08 9.02
CA GLY B 179 5.59 3.24 8.27
C GLY B 179 5.05 4.62 8.62
N PRO B 180 3.94 5.03 8.01
CA PRO B 180 3.18 4.27 7.01
C PRO B 180 3.69 4.40 5.57
N GLN B 181 3.71 3.27 4.86
CA GLN B 181 4.13 3.23 3.46
C GLN B 181 3.45 2.07 2.72
N PRO B 182 2.71 2.37 1.63
CA PRO B 182 2.04 1.30 0.87
C PRO B 182 3.11 0.28 0.41
N HIS B 183 2.85 -1.02 0.48
CA HIS B 183 3.88 -1.94 0.01
C HIS B 183 4.06 -1.69 -1.49
N GLY B 184 5.22 -2.06 -2.03
CA GLY B 184 5.48 -1.83 -3.43
C GLY B 184 5.61 -0.35 -3.75
N VAL B 185 5.91 0.45 -2.73
CA VAL B 185 6.07 1.91 -2.86
C VAL B 185 7.31 2.41 -2.10
N LEU B 186 8.07 3.32 -2.72
CA LEU B 186 9.24 3.91 -2.07
C LEU B 186 8.89 5.36 -1.74
N ARG B 187 9.01 5.72 -0.46
CA ARG B 187 8.75 7.08 0.03
C ARG B 187 10.07 7.66 0.55
N ALA B 188 10.47 8.81 0.01
CA ALA B 188 11.72 9.43 0.44
C ALA B 188 11.70 9.77 1.93
N ASP B 189 10.52 10.10 2.45
CA ASP B 189 10.39 10.46 3.88
C ASP B 189 10.30 9.26 4.82
N ILE B 190 10.55 8.06 4.30
CA ILE B 190 10.52 6.84 5.13
C ILE B 190 11.94 6.27 4.99
N LEU B 191 12.53 6.51 3.83
CA LEU B 191 13.89 6.09 3.49
C LEU B 191 14.91 6.89 4.33
N ASP B 192 14.63 8.18 4.50
CA ASP B 192 15.52 9.03 5.29
C ASP B 192 15.33 8.72 6.78
N GLN B 193 14.11 8.32 7.17
CA GLN B 193 13.85 7.98 8.57
C GLN B 193 14.54 6.66 8.93
N MSE B 194 14.47 5.68 8.04
CA MSE B 194 15.09 4.39 8.30
C MSE B 194 16.63 4.54 8.27
O MSE B 194 17.33 4.04 9.14
CB MSE B 194 14.60 3.33 7.28
CG MSE B 194 14.74 1.90 7.78
SE MSE B 194 13.71 0.56 6.78
CE MSE B 194 11.94 1.26 7.01
N ARG B 195 17.16 5.26 7.26
CA ARG B 195 18.60 5.45 7.16
C ARG B 195 19.15 6.12 8.40
N ARG B 196 18.39 7.06 8.96
CA ARG B 196 18.84 7.75 10.17
C ARG B 196 18.92 6.82 11.36
N MSE B 197 17.79 6.17 11.69
CA MSE B 197 17.82 5.26 12.83
C MSE B 197 19.00 4.29 12.69
O MSE B 197 19.67 3.95 13.68
CB MSE B 197 16.51 4.47 12.92
CG MSE B 197 15.32 5.31 13.35
SE MSE B 197 14.10 4.26 14.41
CE MSE B 197 13.13 3.45 12.95
N LEU B 198 19.26 3.87 11.46
CA LEU B 198 20.37 2.93 11.23
C LEU B 198 21.72 3.60 11.37
N LYS B 199 21.80 4.87 10.99
CA LYS B 199 23.07 5.59 11.09
C LYS B 199 23.51 5.57 12.54
N HIS B 200 22.57 5.81 13.45
CA HIS B 200 22.90 5.83 14.87
C HIS B 200 23.10 4.45 15.48
N ALA B 201 22.42 3.44 14.95
CA ALA B 201 22.58 2.09 15.47
C ALA B 201 24.05 1.66 15.35
N LEU B 202 24.62 1.84 14.16
CA LEU B 202 26.02 1.46 13.95
C LEU B 202 26.94 2.38 14.76
N ASP B 203 26.61 3.67 14.79
CA ASP B 203 27.39 4.65 15.56
C ASP B 203 27.45 4.19 17.02
N PHE B 204 26.31 3.76 17.55
CA PHE B 204 26.27 3.26 18.92
C PHE B 204 27.27 2.12 19.07
N ILE B 205 27.25 1.19 18.13
CA ILE B 205 28.17 0.06 18.20
C ILE B 205 29.63 0.53 18.13
N GLN B 206 29.90 1.54 17.31
CA GLN B 206 31.27 2.03 17.21
C GLN B 206 31.69 2.64 18.53
N ARG B 207 30.84 3.50 19.10
CA ARG B 207 31.18 4.13 20.38
C ARG B 207 31.40 3.06 21.45
N PHE B 208 30.57 2.03 21.44
CA PHE B 208 30.73 0.93 22.40
C PHE B 208 32.04 0.19 22.15
N ASN B 209 32.28 -0.23 20.91
CA ASN B 209 33.51 -0.95 20.60
C ASN B 209 34.77 -0.14 20.94
N GLU B 210 34.69 1.18 20.82
CA GLU B 210 35.85 2.02 21.11
C GLU B 210 36.04 2.22 22.60
N GLY B 211 35.11 1.68 23.39
CA GLY B 211 35.24 1.78 24.83
C GLY B 211 34.34 2.78 25.54
N LYS B 212 33.42 3.42 24.81
CA LYS B 212 32.53 4.36 25.48
C LYS B 212 31.75 3.59 26.54
N GLU B 213 31.71 4.13 27.74
CA GLU B 213 30.98 3.49 28.82
C GLU B 213 29.64 4.20 28.95
N PHE B 214 28.57 3.42 28.90
CA PHE B 214 27.22 3.95 28.98
C PHE B 214 26.65 3.80 30.38
N PRO B 215 26.10 4.89 30.95
CA PRO B 215 25.52 4.86 32.28
C PRO B 215 24.24 4.05 32.23
N PRO B 216 23.58 3.84 33.38
CA PRO B 216 22.32 3.08 33.38
C PRO B 216 21.26 3.91 32.65
N CYS B 217 20.34 3.27 31.94
CA CYS B 217 19.28 4.00 31.23
C CYS B 217 17.89 3.40 31.47
N ALA B 218 16.85 4.06 30.96
CA ALA B 218 15.48 3.58 31.12
C ALA B 218 14.59 4.04 29.96
N ILE B 219 13.86 3.10 29.36
CA ILE B 219 12.98 3.46 28.24
C ILE B 219 11.62 2.81 28.37
N ASP B 220 10.67 3.36 27.63
CA ASP B 220 9.32 2.84 27.60
C ASP B 220 9.25 1.96 26.37
N VAL B 221 8.55 0.84 26.51
CA VAL B 221 8.34 -0.09 25.39
C VAL B 221 6.89 -0.51 25.43
N TYR B 222 6.43 -1.13 24.34
CA TYR B 222 5.06 -1.61 24.22
C TYR B 222 5.11 -3.10 23.94
N LYS B 223 4.80 -3.92 24.94
CA LYS B 223 4.87 -5.36 24.76
C LYS B 223 3.52 -5.88 24.35
N ILE B 224 3.47 -6.50 23.18
CA ILE B 224 2.20 -7.02 22.68
C ILE B 224 1.58 -8.01 23.62
N MSE B 225 0.27 -7.94 23.75
CA MSE B 225 -0.46 -8.86 24.62
C MSE B 225 -1.34 -9.76 23.79
O MSE B 225 -1.18 -10.98 23.82
CB MSE B 225 -1.33 -8.11 25.62
CG MSE B 225 -0.71 -6.89 26.20
SE MSE B 225 -1.57 -6.52 27.80
CE MSE B 225 -2.83 -5.16 27.21
N GLU B 226 -2.28 -9.16 23.08
CA GLU B 226 -3.19 -9.94 22.25
C GLU B 226 -3.42 -9.28 20.91
N LYS B 227 -3.49 -10.12 19.89
CA LYS B 227 -3.73 -9.67 18.52
C LYS B 227 -5.22 -9.90 18.30
N VAL B 228 -5.98 -8.82 18.16
CA VAL B 228 -7.43 -8.91 17.96
C VAL B 228 -7.69 -9.15 16.48
N ASP B 229 -8.83 -9.74 16.15
CA ASP B 229 -9.13 -9.97 14.75
C ASP B 229 -10.25 -9.10 14.23
N TYR B 230 -10.44 -9.16 12.90
CA TYR B 230 -11.51 -8.45 12.23
C TYR B 230 -12.82 -9.20 12.42
N PRO B 231 -13.89 -8.53 12.87
CA PRO B 231 -15.12 -9.29 13.01
C PRO B 231 -15.34 -9.82 11.59
N ARG B 232 -15.61 -11.12 11.45
CA ARG B 232 -15.82 -11.68 10.11
C ARG B 232 -17.07 -12.55 10.07
N ASN B 233 -17.73 -12.54 8.92
CA ASN B 233 -18.96 -13.32 8.74
C ASN B 233 -18.71 -14.81 8.72
N GLU B 234 -19.77 -15.59 8.94
CA GLU B 234 -19.67 -17.05 8.96
C GLU B 234 -18.79 -17.56 7.82
N SER B 235 -18.90 -16.91 6.67
CA SER B 235 -18.11 -17.29 5.50
C SER B 235 -16.65 -16.85 5.62
N GLY B 236 -16.42 -15.75 6.33
CA GLY B 236 -15.07 -15.25 6.51
C GLY B 236 -14.74 -13.98 5.74
N ASP B 237 -15.76 -13.30 5.24
CA ASP B 237 -15.56 -12.05 4.51
C ASP B 237 -15.60 -10.95 5.56
N VAL B 238 -15.58 -9.70 5.14
CA VAL B 238 -15.60 -8.58 6.06
C VAL B 238 -17.01 -8.06 6.44
N ALA B 239 -17.16 -7.71 7.72
CA ALA B 239 -18.43 -7.20 8.24
C ALA B 239 -18.25 -5.78 8.78
N ALA B 240 -17.01 -5.31 8.82
CA ALA B 240 -16.73 -3.97 9.35
C ALA B 240 -15.27 -3.53 9.06
N VAL B 241 -15.07 -2.21 9.02
CA VAL B 241 -13.75 -1.64 8.73
C VAL B 241 -13.29 -0.70 9.85
N ILE B 242 -11.99 -0.73 10.11
CA ILE B 242 -11.37 0.10 11.15
C ILE B 242 -12.04 1.48 11.20
N HIS B 243 -12.74 1.76 12.30
CA HIS B 243 -13.44 3.03 12.42
C HIS B 243 -12.42 4.15 12.29
N PRO B 244 -12.80 5.23 11.61
CA PRO B 244 -11.92 6.38 11.40
C PRO B 244 -11.25 6.93 12.66
N ASN B 245 -11.76 6.58 13.82
CA ASN B 245 -11.20 7.06 15.08
C ASN B 245 -10.01 6.21 15.57
N LEU B 246 -9.86 5.00 15.03
CA LEU B 246 -8.73 4.13 15.41
C LEU B 246 -7.66 4.08 14.30
N GLN B 247 -8.10 4.24 13.06
CA GLN B 247 -7.19 4.25 11.89
C GLN B 247 -6.10 5.33 12.06
N ASP B 248 -4.86 4.96 11.79
CA ASP B 248 -3.70 5.88 11.88
C ASP B 248 -3.36 6.32 13.31
N GLN B 249 -4.28 6.11 14.25
CA GLN B 249 -4.08 6.53 15.64
C GLN B 249 -3.23 5.56 16.47
N ASP B 250 -2.35 4.83 15.79
CA ASP B 250 -1.47 3.91 16.49
C ASP B 250 -0.82 4.67 17.65
N TRP B 251 -0.54 3.95 18.73
CA TRP B 251 0.11 4.44 19.96
C TRP B 251 -0.78 5.20 20.96
N LYS B 252 -1.87 5.82 20.51
CA LYS B 252 -2.71 6.56 21.46
C LYS B 252 -3.60 5.63 22.26
N PRO B 253 -3.56 5.73 23.60
CA PRO B 253 -4.36 4.87 24.47
C PRO B 253 -5.82 4.78 24.06
N LEU B 254 -6.35 3.57 24.11
CA LEU B 254 -7.75 3.31 23.79
C LEU B 254 -8.43 2.90 25.08
N HIS B 255 -9.61 3.46 25.33
CA HIS B 255 -10.35 3.13 26.54
C HIS B 255 -11.62 2.40 26.11
N PRO B 256 -12.23 1.62 27.02
CA PRO B 256 -13.46 0.87 26.75
C PRO B 256 -14.55 1.65 26.00
N GLY B 257 -14.30 2.92 25.74
CA GLY B 257 -15.29 3.75 25.04
C GLY B 257 -15.01 4.16 23.59
N ASP B 258 -13.74 4.26 23.21
CA ASP B 258 -13.40 4.65 21.86
C ASP B 258 -13.70 3.52 20.90
N PRO B 259 -14.39 3.81 19.79
CA PRO B 259 -14.74 2.78 18.81
C PRO B 259 -13.53 2.10 18.18
N VAL B 260 -13.73 0.85 17.75
CA VAL B 260 -12.68 0.04 17.14
C VAL B 260 -13.00 -0.42 15.70
N PHE B 261 -14.25 -0.83 15.44
CA PHE B 261 -14.65 -1.25 14.08
C PHE B 261 -16.00 -0.60 13.74
N VAL B 262 -16.32 -0.54 12.45
CA VAL B 262 -17.60 -0.02 12.00
C VAL B 262 -18.01 -0.74 10.73
N SER B 263 -19.28 -1.15 10.64
CA SER B 263 -19.75 -1.86 9.46
C SER B 263 -20.23 -0.88 8.40
N LEU B 264 -20.63 -1.43 7.25
CA LEU B 264 -21.15 -0.61 6.18
C LEU B 264 -22.53 -0.13 6.58
N ASP B 265 -23.28 -1.00 7.25
CA ASP B 265 -24.63 -0.65 7.68
C ASP B 265 -24.53 0.22 8.92
N GLY B 266 -23.30 0.65 9.23
CA GLY B 266 -23.04 1.52 10.37
C GLY B 266 -22.90 0.98 11.77
N LYS B 267 -22.91 -0.34 11.97
CA LYS B 267 -22.74 -0.90 13.32
C LYS B 267 -21.36 -0.55 13.85
N VAL B 268 -21.30 0.19 14.95
CA VAL B 268 -20.02 0.58 15.53
C VAL B 268 -19.67 -0.33 16.70
N ILE B 269 -18.51 -0.99 16.61
CA ILE B 269 -18.06 -1.92 17.64
C ILE B 269 -16.95 -1.28 18.47
N PRO B 270 -17.30 -0.79 19.68
CA PRO B 270 -16.31 -0.15 20.54
C PRO B 270 -15.34 -1.13 21.20
N LEU B 271 -14.26 -0.60 21.76
CA LEU B 271 -13.29 -1.43 22.43
C LEU B 271 -13.96 -2.26 23.52
N GLY B 272 -14.21 -1.64 24.65
CA GLY B 272 -14.82 -2.35 25.74
C GLY B 272 -13.80 -2.82 26.78
N GLY B 273 -14.16 -2.71 28.04
CA GLY B 273 -13.27 -3.15 29.10
C GLY B 273 -13.28 -2.32 30.37
N ASP B 274 -12.08 -2.06 30.88
CA ASP B 274 -11.90 -1.29 32.11
C ASP B 274 -10.46 -0.83 32.30
N CYS B 275 -9.61 -1.18 31.33
CA CYS B 275 -8.18 -0.86 31.38
C CYS B 275 -7.72 -0.15 30.11
N THR B 276 -6.47 0.28 30.09
CA THR B 276 -5.93 0.96 28.91
C THR B 276 -5.22 -0.04 27.98
N VAL B 277 -5.28 0.25 26.68
CA VAL B 277 -4.67 -0.56 25.63
C VAL B 277 -4.00 0.40 24.65
N TYR B 278 -2.88 -0.01 24.10
CA TYR B 278 -2.15 0.81 23.14
C TYR B 278 -2.16 0.00 21.86
N PRO B 279 -2.83 0.51 20.82
CA PRO B 279 -2.90 -0.21 19.55
C PRO B 279 -1.70 0.02 18.66
N VAL B 280 -1.16 -1.06 18.12
CA VAL B 280 -0.06 -0.97 17.19
C VAL B 280 -0.47 -1.80 15.96
N PHE B 281 0.22 -1.55 14.85
CA PHE B 281 -0.06 -2.22 13.59
C PHE B 281 -1.55 -2.16 13.28
N VAL B 282 -2.09 -0.94 13.33
CA VAL B 282 -3.50 -0.73 13.02
C VAL B 282 -3.67 -0.81 11.51
N ASN B 283 -4.40 -1.81 11.06
CA ASN B 283 -4.66 -1.97 9.62
C ASN B 283 -3.43 -2.19 8.73
N GLU B 284 -2.64 -3.21 9.05
CA GLU B 284 -1.46 -3.57 8.23
C GLU B 284 -1.97 -4.55 7.17
N ALA B 285 -1.73 -4.22 5.90
CA ALA B 285 -2.18 -5.06 4.80
C ALA B 285 -1.79 -6.54 4.90
N ALA B 286 -0.55 -6.81 5.28
CA ALA B 286 -0.05 -8.18 5.38
C ALA B 286 -0.71 -9.00 6.47
N TYR B 287 -1.37 -8.32 7.41
CA TYR B 287 -1.98 -9.00 8.53
C TYR B 287 -3.46 -9.35 8.39
N TYR B 288 -4.06 -9.06 7.24
CA TYR B 288 -5.47 -9.43 7.08
C TYR B 288 -5.55 -10.98 7.10
N GLU B 289 -4.58 -11.64 6.46
CA GLU B 289 -4.62 -13.10 6.41
C GLU B 289 -4.20 -13.73 7.74
N LYS B 290 -3.34 -13.04 8.49
CA LYS B 290 -2.89 -13.57 9.78
C LYS B 290 -3.92 -13.27 10.87
N LYS B 291 -5.03 -12.66 10.46
CA LYS B 291 -6.11 -12.31 11.37
C LYS B 291 -5.60 -11.43 12.49
N GLU B 292 -5.17 -10.22 12.13
CA GLU B 292 -4.66 -9.27 13.09
C GLU B 292 -5.00 -7.82 12.67
N ALA B 293 -6.25 -7.40 12.88
CA ALA B 293 -6.66 -6.04 12.54
C ALA B 293 -5.71 -5.09 13.27
N PHE B 294 -5.31 -5.47 14.49
CA PHE B 294 -4.34 -4.73 15.30
C PHE B 294 -4.02 -5.51 16.59
N ALA B 295 -3.45 -4.80 17.56
CA ALA B 295 -3.11 -5.41 18.85
C ALA B 295 -3.19 -4.36 19.94
N LYS B 296 -3.64 -4.79 21.10
CA LYS B 296 -3.79 -3.92 22.23
C LYS B 296 -2.55 -4.15 23.07
N THR B 297 -1.70 -3.14 23.19
CA THR B 297 -0.49 -3.30 23.98
C THR B 297 -0.62 -2.58 25.31
N THR B 298 0.29 -2.89 26.23
CA THR B 298 0.31 -2.21 27.52
C THR B 298 1.74 -1.63 27.59
N LYS B 299 1.93 -0.55 28.32
CA LYS B 299 3.26 0.06 28.38
C LYS B 299 4.12 -0.45 29.53
N LEU B 300 5.42 -0.47 29.30
CA LEU B 300 6.34 -0.89 30.34
C LEU B 300 7.69 -0.21 30.19
N THR B 301 8.20 0.26 31.32
CA THR B 301 9.49 0.94 31.34
C THR B 301 10.57 -0.11 31.65
N LEU B 302 11.63 -0.16 30.85
CA LEU B 302 12.70 -1.13 31.09
C LEU B 302 13.96 -0.42 31.53
N ASN B 303 14.76 -1.08 32.37
CA ASN B 303 16.03 -0.51 32.86
C ASN B 303 17.24 -1.29 32.34
N ALA B 304 18.27 -0.58 31.90
CA ALA B 304 19.48 -1.26 31.45
C ALA B 304 20.62 -0.92 32.38
N LYS B 305 21.43 -1.92 32.68
CA LYS B 305 22.57 -1.71 33.54
C LYS B 305 23.56 -0.81 32.76
N SER B 306 24.36 -0.06 33.49
CA SER B 306 25.36 0.79 32.87
C SER B 306 26.36 -0.18 32.20
N ILE B 307 26.08 -0.65 30.98
CA ILE B 307 27.02 -1.59 30.33
C ILE B 307 28.30 -0.87 29.91
N ARG B 308 29.22 -1.65 29.37
CA ARG B 308 30.50 -1.13 28.92
C ARG B 308 31.33 -2.24 28.30
N SER B 309 32.18 -1.87 27.35
CA SER B 309 33.05 -2.83 26.67
C SER B 309 34.14 -3.36 27.60
N THR B 310 34.48 -4.64 27.41
CA THR B 310 35.53 -5.30 28.18
C THR B 310 36.87 -4.73 27.72
ZN ZN C . -7.52 3.76 -13.13
S SO4 D . -11.36 -1.21 -29.58
O1 SO4 D . -12.16 -0.33 -28.70
O2 SO4 D . -11.63 -2.62 -29.26
O3 SO4 D . -11.73 -0.94 -30.99
O4 SO4 D . -9.93 -0.92 -29.39
S SO4 E . -23.55 13.11 1.07
O1 SO4 E . -23.44 14.34 1.90
O2 SO4 E . -24.94 12.97 0.58
O3 SO4 E . -22.61 13.20 -0.06
O4 SO4 E . -23.20 11.93 1.90
S SO4 F . 1.24 -9.63 -4.81
O1 SO4 F . 0.00 -8.85 -4.92
O2 SO4 F . 1.07 -10.68 -3.78
O3 SO4 F . 1.57 -10.27 -6.10
O4 SO4 F . 2.35 -8.73 -4.41
ZN ZN G . 7.92 -6.92 7.06
S SO4 H . 5.59 -10.71 10.12
O1 SO4 H . 4.18 -11.10 10.00
O2 SO4 H . 6.43 -11.69 9.41
O3 SO4 H . 5.77 -9.36 9.53
O4 SO4 H . 5.95 -10.66 11.54
S SO4 I . 20.13 13.05 12.70
O1 SO4 I . 19.54 14.38 12.82
O2 SO4 I . 19.22 12.06 13.30
O3 SO4 I . 20.34 12.73 11.28
O4 SO4 I . 21.43 13.04 13.39
N CYS A 4 -29.25 23.06 -26.21
CA CYS A 4 -29.58 21.74 -25.61
C CYS A 4 -29.19 20.62 -26.57
N VAL A 5 -29.02 19.42 -26.04
CA VAL A 5 -28.65 18.27 -26.85
C VAL A 5 -29.61 17.11 -26.59
N ALA A 6 -30.02 16.43 -27.66
CA ALA A 6 -30.93 15.29 -27.56
C ALA A 6 -30.23 14.18 -26.78
N GLU A 7 -30.96 13.52 -25.89
CA GLU A 7 -30.37 12.46 -25.09
C GLU A 7 -31.25 11.22 -24.90
N GLU A 8 -30.67 10.05 -25.11
CA GLU A 8 -31.39 8.78 -24.95
C GLU A 8 -31.39 8.37 -23.48
N PRO A 9 -32.55 7.94 -22.94
CA PRO A 9 -32.56 7.54 -21.53
C PRO A 9 -31.71 6.31 -21.20
N ILE A 10 -31.27 6.24 -19.95
CA ILE A 10 -30.44 5.15 -19.45
C ILE A 10 -31.33 3.97 -19.08
N LYS A 11 -30.86 2.76 -19.34
CA LYS A 11 -31.65 1.59 -18.99
C LYS A 11 -30.97 0.67 -17.98
N LYS A 12 -29.75 0.24 -18.30
CA LYS A 12 -29.00 -0.67 -17.44
C LYS A 12 -27.66 -0.08 -17.03
N ILE A 13 -27.40 -0.14 -15.73
CA ILE A 13 -26.18 0.40 -15.16
C ILE A 13 -25.33 -0.76 -14.67
N ALA A 14 -24.00 -0.56 -14.71
CA ALA A 14 -23.07 -1.56 -14.23
C ALA A 14 -22.08 -0.88 -13.28
N ILE A 15 -21.96 -1.43 -12.07
CA ILE A 15 -20.98 -0.90 -11.11
C ILE A 15 -20.02 -2.06 -10.91
N PHE A 16 -18.78 -1.92 -11.37
CA PHE A 16 -17.80 -3.01 -11.20
C PHE A 16 -16.84 -2.76 -10.02
N GLY A 17 -16.28 -3.85 -9.51
CA GLY A 17 -15.32 -3.77 -8.42
C GLY A 17 -14.39 -4.96 -8.58
N GLY A 18 -13.15 -4.84 -8.11
CA GLY A 18 -12.23 -5.95 -8.22
C GLY A 18 -11.62 -6.17 -9.61
N THR A 19 -11.64 -5.14 -10.46
CA THR A 19 -11.01 -5.26 -11.78
C THR A 19 -9.53 -5.56 -11.47
N HIS A 20 -9.08 -5.02 -10.33
CA HIS A 20 -7.74 -5.28 -9.78
C HIS A 20 -8.09 -5.87 -8.40
N GLY A 21 -7.68 -7.12 -8.21
CA GLY A 21 -8.04 -7.89 -7.02
C GLY A 21 -7.59 -7.42 -5.66
N ASN A 22 -6.61 -6.52 -5.63
CA ASN A 22 -6.05 -6.01 -4.39
C ASN A 22 -6.51 -4.58 -4.10
N GLU A 23 -7.57 -4.13 -4.77
CA GLU A 23 -8.08 -2.78 -4.51
C GLU A 23 -9.43 -3.08 -3.85
N LEU A 24 -9.34 -3.40 -2.55
CA LEU A 24 -10.46 -3.84 -1.75
C LEU A 24 -11.74 -3.04 -1.62
N THR A 25 -11.67 -1.71 -1.68
CA THR A 25 -12.88 -0.94 -1.48
C THR A 25 -14.01 -1.35 -2.42
N GLY A 26 -13.71 -1.43 -3.72
CA GLY A 26 -14.74 -1.81 -4.68
C GLY A 26 -15.17 -3.27 -4.51
N VAL A 27 -14.27 -4.09 -4.00
CA VAL A 27 -14.59 -5.50 -3.79
C VAL A 27 -15.51 -5.60 -2.59
N PHE A 28 -15.01 -5.17 -1.44
CA PHE A 28 -15.76 -5.18 -0.19
C PHE A 28 -17.19 -4.67 -0.40
N LEU A 29 -17.35 -3.57 -1.14
CA LEU A 29 -18.70 -3.03 -1.37
C LEU A 29 -19.52 -3.86 -2.35
N VAL A 30 -19.01 -4.05 -3.55
CA VAL A 30 -19.76 -4.80 -4.53
C VAL A 30 -20.10 -6.18 -3.96
N THR A 31 -19.18 -6.78 -3.22
CA THR A 31 -19.45 -8.07 -2.61
C THR A 31 -20.63 -7.93 -1.64
N HIS A 32 -20.68 -6.81 -0.93
CA HIS A 32 -21.77 -6.54 0.01
C HIS A 32 -23.08 -6.33 -0.79
N TRP A 33 -22.99 -5.52 -1.85
CA TRP A 33 -24.17 -5.21 -2.66
C TRP A 33 -24.75 -6.40 -3.38
N LEU A 34 -23.97 -7.47 -3.52
CA LEU A 34 -24.48 -8.67 -4.16
C LEU A 34 -25.43 -9.39 -3.22
N LYS A 35 -25.18 -9.24 -1.91
CA LYS A 35 -25.98 -9.88 -0.87
C LYS A 35 -27.08 -8.94 -0.39
N ASN A 36 -26.77 -7.66 -0.35
CA ASN A 36 -27.69 -6.64 0.11
C ASN A 36 -27.58 -5.53 -0.90
N GLY A 37 -28.70 -5.05 -1.44
CA GLY A 37 -28.57 -3.99 -2.45
C GLY A 37 -29.45 -2.76 -2.39
N ALA A 38 -30.09 -2.51 -1.25
CA ALA A 38 -30.96 -1.34 -1.15
C ALA A 38 -30.22 -0.03 -1.39
N GLU A 39 -28.97 0.04 -0.97
CA GLU A 39 -28.20 1.27 -1.13
C GLU A 39 -28.09 1.71 -2.58
N VAL A 40 -27.97 0.76 -3.50
CA VAL A 40 -27.83 1.10 -4.93
C VAL A 40 -29.01 0.66 -5.77
N HIS A 41 -30.19 1.05 -5.27
CA HIS A 41 -31.46 0.79 -5.95
C HIS A 41 -32.19 2.11 -6.12
N ARG A 42 -32.33 2.58 -7.36
CA ARG A 42 -33.08 3.80 -7.63
C ARG A 42 -34.34 3.40 -8.41
N ALA A 43 -35.40 4.20 -8.28
CA ALA A 43 -36.62 3.89 -9.02
C ALA A 43 -36.34 4.05 -10.52
N GLY A 44 -36.92 3.17 -11.34
CA GLY A 44 -36.71 3.22 -12.78
C GLY A 44 -35.44 2.64 -13.37
N LEU A 45 -34.46 2.27 -12.54
CA LEU A 45 -33.19 1.75 -13.07
C LEU A 45 -32.89 0.30 -12.78
N GLU A 46 -32.06 -0.30 -13.61
CA GLU A 46 -31.62 -1.67 -13.41
C GLU A 46 -30.14 -1.51 -12.99
N VAL A 47 -29.83 -1.89 -11.75
CA VAL A 47 -28.47 -1.75 -11.22
C VAL A 47 -27.91 -3.07 -10.71
N LYS A 48 -26.86 -3.55 -11.38
CA LYS A 48 -26.23 -4.81 -11.00
C LYS A 48 -24.79 -4.61 -10.58
N PRO A 49 -24.41 -5.14 -9.40
CA PRO A 49 -23.04 -5.07 -8.86
C PRO A 49 -22.34 -6.30 -9.44
N PHE A 50 -21.02 -6.22 -9.69
CA PHE A 50 -20.31 -7.37 -10.27
C PHE A 50 -18.82 -7.33 -9.91
N ILE A 51 -18.25 -8.48 -9.54
CA ILE A 51 -16.82 -8.57 -9.22
C ILE A 51 -16.14 -9.04 -10.52
N THR A 52 -15.33 -8.18 -11.13
CA THR A 52 -14.72 -8.51 -12.40
C THR A 52 -13.58 -9.52 -12.42
N ASN A 53 -12.70 -9.50 -11.42
CA ASN A 53 -11.60 -10.47 -11.42
C ASN A 53 -11.62 -11.24 -10.10
N PRO A 54 -12.60 -12.14 -9.92
CA PRO A 54 -12.68 -12.92 -8.66
C PRO A 54 -11.46 -13.76 -8.31
N ARG A 55 -10.77 -14.30 -9.31
CA ARG A 55 -9.58 -15.11 -9.02
C ARG A 55 -8.47 -14.23 -8.44
N ALA A 56 -8.28 -13.04 -9.02
CA ALA A 56 -7.26 -12.12 -8.49
C ALA A 56 -7.70 -11.62 -7.10
N VAL A 57 -9.01 -11.46 -6.90
CA VAL A 57 -9.54 -11.02 -5.60
C VAL A 57 -9.24 -12.10 -4.55
N GLU A 58 -9.37 -13.37 -4.93
CA GLU A 58 -9.11 -14.46 -3.97
C GLU A 58 -7.61 -14.64 -3.66
N LYS A 59 -6.75 -14.14 -4.55
CA LYS A 59 -5.31 -14.22 -4.35
C LYS A 59 -4.71 -12.89 -3.88
N CYS A 60 -5.57 -11.89 -3.74
CA CYS A 60 -5.15 -10.54 -3.34
C CYS A 60 -4.00 -10.09 -4.21
N THR A 61 -4.24 -10.06 -5.52
CA THR A 61 -3.23 -9.63 -6.48
C THR A 61 -3.89 -8.74 -7.53
N ARG A 62 -3.10 -7.95 -8.24
CA ARG A 62 -3.68 -7.05 -9.22
C ARG A 62 -4.24 -7.80 -10.43
N TYR A 63 -3.55 -8.86 -10.82
CA TYR A 63 -3.96 -9.70 -11.94
C TYR A 63 -3.23 -11.03 -11.88
N ILE A 64 -3.84 -12.06 -12.44
CA ILE A 64 -3.21 -13.39 -12.45
C ILE A 64 -2.08 -13.38 -13.50
N ASP A 65 -2.43 -13.19 -14.77
CA ASP A 65 -1.44 -13.17 -15.87
C ASP A 65 -1.15 -11.78 -16.39
N CYS A 66 -2.18 -11.05 -16.82
CA CYS A 66 -1.96 -9.68 -17.30
C CYS A 66 -3.07 -8.77 -16.77
N ASP A 67 -2.86 -7.46 -16.90
CA ASP A 67 -3.81 -6.46 -16.41
C ASP A 67 -5.20 -6.61 -17.08
N LEU A 68 -6.23 -6.93 -16.29
CA LEU A 68 -7.59 -7.09 -16.86
C LEU A 68 -8.08 -5.78 -17.48
N ASN A 69 -7.54 -4.66 -17.00
CA ASN A 69 -7.96 -3.35 -17.52
C ASN A 69 -7.23 -2.93 -18.80
N ARG A 70 -6.64 -3.90 -19.50
CA ARG A 70 -5.94 -3.63 -20.76
C ARG A 70 -6.32 -4.61 -21.86
N VAL A 71 -7.28 -5.50 -21.60
CA VAL A 71 -7.65 -6.52 -22.58
C VAL A 71 -9.06 -6.43 -23.13
N PHE A 72 -9.63 -5.21 -23.14
CA PHE A 72 -10.96 -5.03 -23.70
C PHE A 72 -10.95 -4.36 -25.07
N ASP A 73 -9.83 -4.49 -25.77
CA ASP A 73 -9.74 -3.96 -27.15
C ASP A 73 -10.22 -5.09 -28.08
N LEU A 74 -10.70 -4.72 -29.27
CA LEU A 74 -11.22 -5.68 -30.23
C LEU A 74 -10.34 -6.91 -30.46
N GLU A 75 -9.08 -6.67 -30.82
CA GLU A 75 -8.17 -7.76 -31.10
C GLU A 75 -8.25 -8.76 -29.96
N ASN A 76 -7.86 -8.35 -28.75
CA ASN A 76 -7.91 -9.26 -27.62
C ASN A 76 -9.29 -9.89 -27.51
N LEU A 77 -10.30 -9.04 -27.39
CA LEU A 77 -11.69 -9.48 -27.23
C LEU A 77 -12.28 -10.32 -28.33
N SER A 78 -11.43 -10.90 -29.18
CA SER A 78 -11.90 -11.76 -30.27
C SER A 78 -10.89 -12.91 -30.40
N LYS A 79 -9.77 -12.75 -29.70
CA LYS A 79 -8.70 -13.75 -29.77
C LYS A 79 -9.11 -15.19 -29.57
N GLU A 80 -8.39 -16.09 -30.23
CA GLU A 80 -8.66 -17.51 -30.10
C GLU A 80 -8.09 -17.97 -28.77
N MSE A 81 -8.94 -18.43 -27.88
CA MSE A 81 -8.46 -18.90 -26.58
C MSE A 81 -7.33 -19.91 -26.76
O MSE A 81 -7.57 -21.12 -26.74
CB MSE A 81 -9.62 -19.55 -25.83
CG MSE A 81 -10.66 -18.55 -25.37
SE MSE A 81 -9.95 -17.51 -23.89
CE MSE A 81 -9.60 -15.83 -24.77
N SER A 82 -6.10 -19.42 -26.98
CA SER A 82 -4.94 -20.29 -27.14
C SER A 82 -4.35 -20.59 -25.76
N GLU A 83 -3.59 -21.67 -25.67
CA GLU A 83 -3.00 -22.14 -24.42
C GLU A 83 -2.09 -21.18 -23.68
N ASP A 84 -1.35 -20.38 -24.43
CA ASP A 84 -0.42 -19.42 -23.81
C ASP A 84 -1.07 -18.06 -23.63
N LEU A 85 -2.35 -17.96 -23.96
CA LEU A 85 -3.04 -16.68 -23.84
C LEU A 85 -3.35 -16.39 -22.37
N PRO A 86 -3.15 -15.13 -21.93
CA PRO A 86 -3.43 -14.76 -20.53
C PRO A 86 -4.88 -15.04 -20.08
N TYR A 87 -5.03 -15.53 -18.86
CA TYR A 87 -6.34 -15.79 -18.28
C TYR A 87 -7.25 -14.56 -18.42
N GLU A 88 -6.72 -13.38 -18.07
CA GLU A 88 -7.54 -12.18 -18.13
C GLU A 88 -8.20 -11.94 -19.49
N VAL A 89 -7.58 -12.44 -20.57
CA VAL A 89 -8.20 -12.27 -21.90
C VAL A 89 -9.45 -13.15 -21.94
N ARG A 90 -9.38 -14.31 -21.30
CA ARG A 90 -10.54 -15.20 -21.22
C ARG A 90 -11.57 -14.53 -20.28
N ARG A 91 -11.09 -13.89 -19.22
CA ARG A 91 -12.04 -13.24 -18.31
C ARG A 91 -12.71 -12.06 -19.00
N ALA A 92 -11.97 -11.35 -19.82
CA ALA A 92 -12.54 -10.20 -20.51
C ALA A 92 -13.70 -10.66 -21.38
N GLN A 93 -13.59 -11.88 -21.93
CA GLN A 93 -14.65 -12.41 -22.77
C GLN A 93 -15.91 -12.74 -21.96
N GLU A 94 -15.73 -13.37 -20.80
CA GLU A 94 -16.88 -13.69 -19.95
C GLU A 94 -17.70 -12.46 -19.55
N ILE A 95 -17.00 -11.38 -19.16
CA ILE A 95 -17.67 -10.14 -18.73
C ILE A 95 -18.42 -9.54 -19.92
N ASN A 96 -17.74 -9.41 -21.05
CA ASN A 96 -18.40 -8.86 -22.23
C ASN A 96 -19.59 -9.77 -22.60
N HIS A 97 -19.56 -11.04 -22.23
CA HIS A 97 -20.70 -11.89 -22.60
C HIS A 97 -21.95 -11.43 -21.84
N LEU A 98 -21.72 -10.75 -20.72
CA LEU A 98 -22.81 -10.24 -19.88
C LEU A 98 -23.13 -8.75 -20.10
N PHE A 99 -22.11 -7.91 -19.99
CA PHE A 99 -22.29 -6.46 -20.09
C PHE A 99 -22.04 -5.84 -21.45
N GLY A 100 -21.59 -6.67 -22.38
CA GLY A 100 -21.38 -6.23 -23.74
C GLY A 100 -22.53 -6.77 -24.58
N PRO A 101 -22.30 -7.10 -25.86
CA PRO A 101 -21.00 -6.97 -26.52
C PRO A 101 -20.61 -5.51 -26.65
N LYS A 102 -19.33 -5.23 -26.43
CA LYS A 102 -18.81 -3.88 -26.58
C LYS A 102 -19.16 -3.34 -27.99
N ASN A 103 -19.91 -2.25 -27.99
CA ASN A 103 -20.36 -1.58 -29.21
C ASN A 103 -21.60 -2.20 -29.84
N SER A 104 -22.48 -2.75 -29.01
CA SER A 104 -23.72 -3.37 -29.47
C SER A 104 -24.95 -2.77 -28.79
N ASP A 105 -26.10 -2.83 -29.48
CA ASP A 105 -27.34 -2.31 -28.91
C ASP A 105 -27.62 -2.95 -27.55
N ASP A 106 -27.16 -4.19 -27.36
CA ASP A 106 -27.42 -4.94 -26.12
C ASP A 106 -26.51 -4.61 -24.94
N ALA A 107 -25.37 -3.97 -25.21
CA ALA A 107 -24.44 -3.63 -24.14
C ALA A 107 -25.08 -2.74 -23.08
N TYR A 108 -24.55 -2.80 -21.86
CA TYR A 108 -25.07 -1.97 -20.78
C TYR A 108 -24.87 -0.49 -21.11
N ASP A 109 -25.76 0.36 -20.60
CA ASP A 109 -25.68 1.80 -20.87
C ASP A 109 -24.63 2.52 -20.04
N VAL A 110 -24.36 2.00 -18.86
CA VAL A 110 -23.37 2.63 -18.00
C VAL A 110 -22.61 1.56 -17.26
N VAL A 111 -21.31 1.80 -17.12
CA VAL A 111 -20.45 0.91 -16.36
C VAL A 111 -19.58 1.81 -15.49
N PHE A 112 -19.76 1.70 -14.18
CA PHE A 112 -18.95 2.44 -13.21
C PHE A 112 -17.89 1.42 -12.77
N ASP A 113 -16.64 1.65 -13.14
CA ASP A 113 -15.57 0.71 -12.74
C ASP A 113 -14.82 1.37 -11.59
N LEU A 114 -14.76 0.65 -10.47
CA LEU A 114 -14.18 1.15 -9.24
C LEU A 114 -12.69 0.82 -9.08
N HIS A 115 -11.92 1.84 -8.68
CA HIS A 115 -10.48 1.68 -8.49
C HIS A 115 -9.93 2.50 -7.33
N ASN A 116 -8.84 2.01 -6.73
CA ASN A 116 -8.13 2.71 -5.66
C ASN A 116 -6.74 3.04 -6.17
N THR A 117 -6.12 4.07 -5.59
CA THR A 117 -4.77 4.43 -5.97
C THR A 117 -3.98 4.76 -4.70
N THR A 118 -2.72 4.35 -4.68
CA THR A 118 -1.85 4.65 -3.54
C THR A 118 -1.40 6.13 -3.65
N SER A 119 -1.79 6.80 -4.73
CA SER A 119 -1.46 8.21 -4.95
C SER A 119 -2.49 9.08 -4.21
N ASN A 120 -2.08 10.28 -3.76
CA ASN A 120 -2.99 11.18 -3.05
C ASN A 120 -3.86 11.97 -4.01
N MSE A 121 -4.70 11.23 -4.74
CA MSE A 121 -5.57 11.80 -5.77
C MSE A 121 -6.94 12.23 -5.27
O MSE A 121 -7.67 12.96 -5.95
CB MSE A 121 -5.77 10.79 -6.90
CG MSE A 121 -4.54 10.53 -7.74
SE MSE A 121 -4.23 11.94 -9.04
CE MSE A 121 -5.59 11.40 -10.34
N GLY A 122 -7.30 11.78 -4.06
CA GLY A 122 -8.61 12.12 -3.52
C GLY A 122 -9.66 11.55 -4.45
N CYS A 123 -10.87 12.10 -4.40
CA CYS A 123 -11.95 11.62 -5.26
C CYS A 123 -11.64 11.97 -6.70
N THR A 124 -11.75 10.98 -7.60
CA THR A 124 -11.42 11.18 -9.01
C THR A 124 -12.49 10.59 -9.95
N LEU A 125 -12.73 11.29 -11.06
CA LEU A 125 -13.68 10.85 -12.09
C LEU A 125 -12.90 10.83 -13.41
N ILE A 126 -12.84 9.67 -14.04
CA ILE A 126 -12.11 9.52 -15.31
C ILE A 126 -13.07 9.67 -16.48
N LEU A 127 -12.76 10.62 -17.35
CA LEU A 127 -13.62 10.92 -18.48
C LEU A 127 -12.97 10.40 -19.76
N GLY A 128 -13.75 9.73 -20.60
CA GLY A 128 -13.19 9.21 -21.83
C GLY A 128 -13.23 10.15 -23.01
N ASP A 129 -14.28 10.96 -23.10
CA ASP A 129 -14.45 11.88 -24.22
C ASP A 129 -14.87 13.27 -23.81
N SER A 130 -14.11 14.27 -24.25
CA SER A 130 -14.39 15.65 -23.89
C SER A 130 -15.66 16.25 -24.53
N GLY A 131 -16.39 15.46 -25.31
CA GLY A 131 -17.59 16.00 -25.93
C GLY A 131 -18.91 15.40 -25.46
N ASN A 132 -18.85 14.38 -24.62
CA ASN A 132 -20.07 13.70 -24.14
C ASN A 132 -20.81 14.54 -23.09
N ASP A 133 -21.84 15.25 -23.55
CA ASP A 133 -22.64 16.10 -22.68
C ASP A 133 -23.22 15.33 -21.51
N PHE A 134 -23.70 14.12 -21.76
CA PHE A 134 -24.31 13.34 -20.68
C PHE A 134 -23.36 13.15 -19.50
N LEU A 135 -22.12 12.74 -19.78
CA LEU A 135 -21.15 12.52 -18.71
C LEU A 135 -20.59 13.81 -18.16
N ILE A 136 -20.32 14.78 -19.03
CA ILE A 136 -19.78 16.03 -18.52
C ILE A 136 -20.77 16.58 -17.50
N GLN A 137 -22.05 16.32 -17.72
CA GLN A 137 -23.09 16.78 -16.80
C GLN A 137 -23.17 15.87 -15.58
N MSE A 138 -23.07 14.55 -15.78
CA MSE A 138 -23.12 13.65 -14.64
C MSE A 138 -22.03 14.03 -13.66
O MSE A 138 -22.24 14.08 -12.45
CB MSE A 138 -22.89 12.20 -15.06
CG MSE A 138 -22.90 11.23 -13.85
SE MSE A 138 -22.23 9.44 -14.27
CE MSE A 138 -23.62 8.87 -15.50
N PHE A 139 -20.83 14.31 -14.19
CA PHE A 139 -19.70 14.64 -13.33
C PHE A 139 -19.90 15.96 -12.59
N HIS A 140 -20.54 16.94 -13.25
CA HIS A 140 -20.81 18.23 -12.61
C HIS A 140 -21.72 17.97 -11.43
N TYR A 141 -22.72 17.11 -11.63
CA TYR A 141 -23.68 16.79 -10.57
C TYR A 141 -22.97 16.20 -9.35
N ILE A 142 -22.11 15.22 -9.61
CA ILE A 142 -21.35 14.58 -8.54
C ILE A 142 -20.45 15.59 -7.83
N LYS A 143 -19.71 16.40 -8.58
CA LYS A 143 -18.82 17.40 -7.97
C LYS A 143 -19.57 18.33 -7.02
N THR A 144 -20.74 18.77 -7.44
CA THR A 144 -21.59 19.67 -6.65
C THR A 144 -22.05 19.00 -5.37
N CYS A 145 -22.44 17.73 -5.48
CA CYS A 145 -22.91 16.98 -4.33
C CYS A 145 -21.81 16.66 -3.34
N MSE A 146 -20.57 16.61 -3.82
CA MSE A 146 -19.42 16.30 -2.95
C MSE A 146 -18.74 17.51 -2.34
O MSE A 146 -18.07 17.39 -1.32
CB MSE A 146 -18.36 15.50 -3.74
CG MSE A 146 -18.83 14.15 -4.27
SE MSE A 146 -19.31 12.88 -2.88
CE MSE A 146 -17.54 12.42 -2.17
N ALA A 147 -18.88 18.68 -2.96
CA ALA A 147 -18.27 19.90 -2.45
C ALA A 147 -18.58 20.07 -0.96
N PRO A 148 -17.64 20.59 -0.18
CA PRO A 148 -16.28 21.03 -0.51
C PRO A 148 -15.21 19.95 -0.69
N LEU A 149 -15.59 18.68 -0.73
CA LEU A 149 -14.55 17.68 -0.94
C LEU A 149 -14.06 17.83 -2.36
N PRO A 150 -12.75 17.68 -2.58
CA PRO A 150 -12.27 17.81 -3.97
C PRO A 150 -12.70 16.60 -4.77
N CYS A 151 -13.03 16.84 -6.03
CA CYS A 151 -13.48 15.80 -6.94
C CYS A 151 -13.01 16.30 -8.31
N SER A 152 -11.83 15.83 -8.71
CA SER A 152 -11.21 16.26 -9.97
C SER A 152 -11.40 15.25 -11.09
N VAL A 153 -11.32 15.76 -12.31
CA VAL A 153 -11.50 14.95 -13.50
C VAL A 153 -10.22 14.74 -14.29
N TYR A 154 -9.96 13.48 -14.64
CA TYR A 154 -8.80 13.09 -15.42
C TYR A 154 -9.25 12.58 -16.79
N LEU A 155 -9.34 13.48 -17.76
CA LEU A 155 -9.77 13.11 -19.10
C LEU A 155 -8.67 12.40 -19.89
N ILE A 156 -9.05 11.33 -20.60
CA ILE A 156 -8.11 10.59 -21.43
C ILE A 156 -8.56 10.73 -22.90
N GLU A 157 -7.77 11.42 -23.71
CA GLU A 157 -8.11 11.59 -25.12
C GLU A 157 -7.42 10.55 -26.02
N HIS A 158 -6.23 10.11 -25.64
CA HIS A 158 -5.50 9.11 -26.42
C HIS A 158 -6.32 7.80 -26.47
N PRO A 159 -6.62 7.29 -27.68
CA PRO A 159 -7.42 6.07 -27.80
C PRO A 159 -6.76 4.87 -27.09
N SER A 160 -5.44 4.81 -27.18
CA SER A 160 -4.68 3.72 -26.58
C SER A 160 -4.96 3.45 -25.11
N LEU A 161 -5.16 4.51 -24.32
CA LEU A 161 -5.40 4.35 -22.90
C LEU A 161 -6.86 4.28 -22.49
N LYS A 162 -7.76 4.00 -23.43
CA LYS A 162 -9.15 3.90 -23.07
C LYS A 162 -9.96 2.91 -23.89
N TYR A 163 -9.47 2.55 -25.07
CA TYR A 163 -10.21 1.64 -25.93
C TYR A 163 -10.11 0.15 -25.57
N ALA A 164 -9.78 -0.16 -24.32
CA ALA A 164 -9.70 -1.55 -23.90
C ALA A 164 -9.93 -1.76 -22.41
N THR A 165 -10.48 -0.75 -21.72
CA THR A 165 -10.77 -0.86 -20.27
C THR A 165 -12.04 -1.68 -20.04
N THR A 166 -12.17 -2.22 -18.83
CA THR A 166 -13.36 -2.99 -18.50
C THR A 166 -14.63 -2.16 -18.80
N ARG A 167 -14.68 -0.93 -18.30
CA ARG A 167 -15.85 -0.10 -18.51
C ARG A 167 -16.03 0.28 -19.96
N SER A 168 -15.11 -0.12 -20.83
CA SER A 168 -15.21 0.24 -22.25
C SER A 168 -16.36 -0.46 -22.97
N ILE A 169 -16.92 -1.49 -22.36
CA ILE A 169 -18.05 -2.18 -23.00
C ILE A 169 -19.37 -1.38 -22.86
N ALA A 170 -19.33 -0.28 -22.10
CA ALA A 170 -20.53 0.55 -21.91
C ALA A 170 -20.63 1.70 -22.91
N LYS A 171 -21.86 2.10 -23.20
CA LYS A 171 -22.07 3.26 -24.07
C LYS A 171 -21.53 4.49 -23.32
N TYR A 172 -21.61 4.47 -21.99
CA TYR A 172 -21.12 5.58 -21.16
C TYR A 172 -20.10 5.04 -20.12
N PRO A 173 -18.81 5.02 -20.48
CA PRO A 173 -17.76 4.53 -19.56
C PRO A 173 -17.48 5.52 -18.45
N VAL A 174 -17.53 5.04 -17.20
CA VAL A 174 -17.23 5.87 -16.04
C VAL A 174 -16.26 5.13 -15.14
N GLY A 175 -15.15 5.79 -14.83
CA GLY A 175 -14.16 5.22 -13.93
C GLY A 175 -14.22 5.98 -12.61
N ILE A 176 -14.38 5.24 -11.50
CA ILE A 176 -14.41 5.86 -10.18
C ILE A 176 -13.11 5.46 -9.50
N GLU A 177 -12.33 6.48 -9.13
CA GLU A 177 -11.02 6.30 -8.53
C GLU A 177 -10.96 7.01 -7.18
N VAL A 178 -10.44 6.32 -6.16
CA VAL A 178 -10.30 6.93 -4.82
C VAL A 178 -8.97 6.53 -4.17
N GLY A 179 -8.19 7.54 -3.79
CA GLY A 179 -6.92 7.29 -3.12
C GLY A 179 -6.70 8.44 -2.17
N PRO A 180 -5.63 8.41 -1.37
CA PRO A 180 -4.60 7.37 -1.30
C PRO A 180 -4.98 6.20 -0.39
N GLN A 181 -4.73 4.99 -0.84
CA GLN A 181 -5.00 3.80 -0.04
C GLN A 181 -4.07 2.64 -0.40
N PRO A 182 -3.27 2.16 0.58
CA PRO A 182 -2.36 1.05 0.26
C PRO A 182 -3.20 -0.10 -0.28
N HIS A 183 -2.67 -0.83 -1.25
CA HIS A 183 -3.42 -1.97 -1.78
C HIS A 183 -3.48 -3.05 -0.71
N GLY A 184 -4.55 -3.84 -0.70
CA GLY A 184 -4.71 -4.88 0.28
C GLY A 184 -5.23 -4.39 1.63
N VAL A 185 -5.60 -3.11 1.70
CA VAL A 185 -6.13 -2.53 2.94
C VAL A 185 -7.48 -1.84 2.68
N LEU A 186 -8.33 -1.80 3.70
CA LEU A 186 -9.63 -1.12 3.64
C LEU A 186 -9.64 0.05 4.64
N ARG A 187 -9.74 1.29 4.14
CA ARG A 187 -9.81 2.47 5.02
C ARG A 187 -11.27 2.93 5.05
N ALA A 188 -11.76 3.32 6.21
CA ALA A 188 -13.14 3.79 6.31
C ALA A 188 -13.41 5.06 5.48
N ASP A 189 -12.60 6.10 5.67
CA ASP A 189 -12.84 7.33 4.93
C ASP A 189 -12.92 7.11 3.43
N ILE A 190 -12.01 6.28 2.90
CA ILE A 190 -11.99 5.99 1.46
C ILE A 190 -13.33 5.34 1.05
N LEU A 191 -13.80 4.38 1.85
CA LEU A 191 -15.06 3.68 1.59
C LEU A 191 -16.20 4.70 1.55
N ASP A 192 -16.11 5.70 2.42
CA ASP A 192 -17.16 6.71 2.47
C ASP A 192 -17.13 7.63 1.25
N GLN A 193 -15.94 8.07 0.85
CA GLN A 193 -15.87 8.98 -0.29
C GLN A 193 -16.37 8.37 -1.58
N MSE A 194 -16.15 7.07 -1.75
CA MSE A 194 -16.59 6.39 -2.98
C MSE A 194 -18.07 5.98 -2.97
O MSE A 194 -18.76 6.14 -3.98
CB MSE A 194 -15.74 5.14 -3.23
CG MSE A 194 -16.22 4.31 -4.43
SE MSE A 194 -15.11 2.77 -4.65
CE MSE A 194 -15.90 1.71 -3.29
N ARG A 195 -18.57 5.44 -1.85
CA ARG A 195 -19.96 5.02 -1.84
C ARG A 195 -20.83 6.26 -2.07
N ARG A 196 -20.39 7.41 -1.57
CA ARG A 196 -21.14 8.66 -1.77
C ARG A 196 -21.02 9.06 -3.24
N MSE A 197 -19.89 8.75 -3.87
CA MSE A 197 -19.76 9.11 -5.28
C MSE A 197 -20.77 8.30 -6.06
O MSE A 197 -21.48 8.83 -6.93
CB MSE A 197 -18.34 8.84 -5.78
CG MSE A 197 -17.30 9.77 -5.18
SE MSE A 197 -15.54 9.25 -5.76
CE MSE A 197 -15.62 10.21 -7.45
N LEU A 198 -20.88 7.01 -5.75
CA LEU A 198 -21.83 6.17 -6.47
C LEU A 198 -23.25 6.62 -6.19
N LYS A 199 -23.55 6.94 -4.92
CA LYS A 199 -24.88 7.37 -4.59
C LYS A 199 -25.30 8.51 -5.52
N HIS A 200 -24.54 9.61 -5.50
CA HIS A 200 -24.88 10.75 -6.33
C HIS A 200 -24.88 10.41 -7.82
N ALA A 201 -23.93 9.57 -8.26
CA ALA A 201 -23.89 9.18 -9.66
C ALA A 201 -25.21 8.47 -10.01
N LEU A 202 -25.77 7.73 -9.06
CA LEU A 202 -27.03 7.04 -9.33
C LEU A 202 -28.23 7.99 -9.25
N ASP A 203 -28.18 8.97 -8.34
CA ASP A 203 -29.29 9.92 -8.24
C ASP A 203 -29.41 10.68 -9.56
N PHE A 204 -28.28 11.10 -10.11
CA PHE A 204 -28.29 11.85 -11.38
C PHE A 204 -28.97 11.05 -12.48
N ILE A 205 -28.65 9.75 -12.55
CA ILE A 205 -29.24 8.92 -13.58
C ILE A 205 -30.76 8.76 -13.40
N GLN A 206 -31.21 8.58 -12.17
CA GLN A 206 -32.64 8.42 -11.96
C GLN A 206 -33.37 9.71 -12.34
N ARG A 207 -32.86 10.85 -11.87
CA ARG A 207 -33.50 12.13 -12.17
C ARG A 207 -33.57 12.33 -13.67
N PHE A 208 -32.50 11.97 -14.37
CA PHE A 208 -32.48 12.10 -15.83
C PHE A 208 -33.67 11.34 -16.40
N ASN A 209 -33.75 10.06 -16.02
CA ASN A 209 -34.82 9.20 -16.49
C ASN A 209 -36.21 9.70 -16.12
N GLU A 210 -36.33 10.40 -15.00
CA GLU A 210 -37.62 10.91 -14.55
C GLU A 210 -37.98 12.20 -15.26
N GLY A 211 -37.14 12.60 -16.22
CA GLY A 211 -37.43 13.81 -16.98
C GLY A 211 -36.83 15.10 -16.49
N LYS A 212 -35.95 15.03 -15.49
CA LYS A 212 -35.32 16.24 -14.99
C LYS A 212 -34.58 16.90 -16.15
N GLU A 213 -34.84 18.19 -16.35
CA GLU A 213 -34.21 18.95 -17.41
C GLU A 213 -32.96 19.58 -16.79
N PHE A 214 -31.79 19.26 -17.36
CA PHE A 214 -30.54 19.81 -16.85
C PHE A 214 -30.13 20.99 -17.71
N PRO A 215 -29.72 22.10 -17.08
CA PRO A 215 -29.31 23.27 -17.85
C PRO A 215 -27.85 23.13 -18.29
N PRO A 216 -27.30 24.16 -18.95
CA PRO A 216 -25.90 24.10 -19.40
C PRO A 216 -24.99 24.07 -18.18
N CYS A 217 -23.80 23.48 -18.34
CA CYS A 217 -22.84 23.42 -17.26
C CYS A 217 -21.43 23.36 -17.79
N ALA A 218 -20.46 23.45 -16.89
CA ALA A 218 -19.04 23.39 -17.26
C ALA A 218 -18.26 22.76 -16.12
N ILE A 219 -17.21 22.01 -16.46
CA ILE A 219 -16.37 21.38 -15.45
C ILE A 219 -14.92 21.57 -15.83
N ASP A 220 -14.05 21.57 -14.83
CA ASP A 220 -12.61 21.65 -15.06
C ASP A 220 -12.15 20.19 -15.13
N VAL A 221 -11.23 19.87 -16.05
CA VAL A 221 -10.70 18.52 -16.17
C VAL A 221 -9.21 18.61 -16.44
N TYR A 222 -8.52 17.48 -16.30
CA TYR A 222 -7.08 17.42 -16.52
C TYR A 222 -6.81 16.32 -17.52
N LYS A 223 -6.16 16.70 -18.61
CA LYS A 223 -5.85 15.80 -19.72
C LYS A 223 -4.39 15.45 -19.72
N ILE A 224 -4.10 14.19 -20.02
CA ILE A 224 -2.73 13.74 -19.99
C ILE A 224 -1.84 14.27 -21.12
N MSE A 225 -0.65 14.71 -20.74
CA MSE A 225 0.34 15.24 -21.68
C MSE A 225 1.33 14.13 -21.95
O MSE A 225 1.68 13.86 -23.10
CB MSE A 225 1.12 16.43 -21.09
CG MSE A 225 0.33 17.71 -20.87
SE MSE A 225 1.37 19.02 -19.84
CE MSE A 225 2.80 19.37 -21.10
N GLU A 226 1.80 13.48 -20.89
CA GLU A 226 2.75 12.38 -21.03
C GLU A 226 3.22 11.84 -19.70
N LYS A 227 3.56 10.56 -19.69
CA LYS A 227 4.05 9.89 -18.49
C LYS A 227 5.51 10.28 -18.25
N VAL A 228 5.99 9.97 -17.06
CA VAL A 228 7.38 10.24 -16.70
C VAL A 228 7.89 9.01 -15.96
N ASP A 229 8.94 8.38 -16.47
CA ASP A 229 9.50 7.21 -15.81
C ASP A 229 10.51 7.65 -14.76
N TYR A 230 11.05 6.67 -14.05
CA TYR A 230 12.06 6.90 -13.04
C TYR A 230 13.46 6.88 -13.62
N PRO A 231 14.26 7.93 -13.39
CA PRO A 231 15.62 7.86 -13.94
C PRO A 231 16.12 6.53 -13.37
N ARG A 232 16.32 5.54 -14.24
CA ARG A 232 16.74 4.21 -13.81
C ARG A 232 18.17 3.88 -14.13
N ASN A 233 18.73 2.91 -13.38
CA ASN A 233 20.09 2.50 -13.62
C ASN A 233 20.14 1.58 -14.83
N GLU A 234 21.33 1.37 -15.37
CA GLU A 234 21.50 0.53 -16.54
C GLU A 234 20.69 -0.76 -16.38
N SER A 235 20.79 -1.35 -15.20
CA SER A 235 20.08 -2.59 -14.90
C SER A 235 18.57 -2.43 -14.81
N GLY A 236 18.07 -1.24 -15.17
CA GLY A 236 16.64 -1.00 -15.13
C GLY A 236 15.99 -0.83 -13.77
N ASP A 237 16.80 -0.70 -12.72
CA ASP A 237 16.25 -0.50 -11.38
C ASP A 237 16.15 0.99 -11.10
N VAL A 238 15.17 1.37 -10.28
CA VAL A 238 14.98 2.78 -9.93
C VAL A 238 16.28 3.38 -9.40
N ALA A 239 16.67 4.55 -9.91
CA ALA A 239 17.91 5.19 -9.47
C ALA A 239 17.63 6.49 -8.69
N ALA A 240 16.35 6.86 -8.63
CA ALA A 240 15.91 8.05 -7.93
C ALA A 240 14.45 7.87 -7.57
N VAL A 241 14.03 8.44 -6.45
CA VAL A 241 12.65 8.31 -6.03
C VAL A 241 11.93 9.66 -6.09
N ILE A 242 10.61 9.64 -5.93
CA ILE A 242 9.83 10.89 -5.96
C ILE A 242 10.30 11.83 -4.85
N HIS A 243 10.55 13.08 -5.21
CA HIS A 243 11.02 14.09 -4.25
C HIS A 243 9.93 14.31 -3.20
N PRO A 244 10.33 14.48 -1.93
CA PRO A 244 9.32 14.68 -0.89
C PRO A 244 8.36 15.84 -1.10
N ASN A 245 8.77 16.83 -1.89
CA ASN A 245 7.91 17.99 -2.18
C ASN A 245 6.89 17.70 -3.29
N LEU A 246 7.12 16.63 -4.05
CA LEU A 246 6.20 16.23 -5.12
C LEU A 246 5.31 15.10 -4.56
N GLN A 247 5.84 14.36 -3.60
CA GLN A 247 5.09 13.28 -2.96
C GLN A 247 3.77 13.80 -2.39
N ASP A 248 2.69 13.06 -2.65
CA ASP A 248 1.34 13.39 -2.17
C ASP A 248 0.79 14.71 -2.69
N GLN A 249 1.42 15.25 -3.73
CA GLN A 249 0.93 16.54 -4.24
C GLN A 249 0.34 16.43 -5.64
N ASP A 250 -0.51 15.43 -5.82
CA ASP A 250 -1.19 15.24 -7.09
C ASP A 250 -2.09 16.43 -7.37
N TRP A 251 -2.31 16.70 -8.65
CA TRP A 251 -3.16 17.78 -9.17
C TRP A 251 -2.60 19.19 -9.02
N LYS A 252 -1.56 19.37 -8.21
CA LYS A 252 -1.03 20.71 -7.99
C LYS A 252 0.02 21.09 -9.03
N PRO A 253 -0.07 22.31 -9.58
CA PRO A 253 0.83 22.84 -10.60
C PRO A 253 2.28 22.61 -10.25
N LEU A 254 3.02 22.10 -11.23
CA LEU A 254 4.45 21.82 -11.09
C LEU A 254 5.14 22.60 -12.20
N HIS A 255 6.15 23.39 -11.83
CA HIS A 255 6.89 24.19 -12.79
C HIS A 255 8.20 23.52 -13.26
N PRO A 256 8.68 23.88 -14.48
CA PRO A 256 9.91 23.32 -15.06
C PRO A 256 11.11 23.09 -14.13
N GLY A 257 11.29 23.96 -13.15
CA GLY A 257 12.42 23.82 -12.23
C GLY A 257 12.09 23.26 -10.87
N ASP A 258 10.83 22.96 -10.62
CA ASP A 258 10.43 22.42 -9.31
C ASP A 258 11.01 21.02 -9.10
N PRO A 259 11.27 20.66 -7.83
CA PRO A 259 11.83 19.31 -7.64
C PRO A 259 10.83 18.19 -7.85
N VAL A 260 11.24 17.20 -8.65
CA VAL A 260 10.39 16.03 -8.96
C VAL A 260 11.06 14.76 -8.43
N PHE A 261 12.37 14.63 -8.62
CA PHE A 261 13.09 13.46 -8.10
C PHE A 261 14.24 13.83 -7.19
N VAL A 262 14.79 12.82 -6.54
CA VAL A 262 15.95 12.97 -5.68
C VAL A 262 16.57 11.59 -5.50
N SER A 263 17.89 11.51 -5.54
CA SER A 263 18.52 10.22 -5.34
C SER A 263 18.87 10.07 -3.86
N LEU A 264 19.44 8.93 -3.49
CA LEU A 264 19.79 8.69 -2.09
C LEU A 264 20.82 9.70 -1.61
N ASP A 265 21.73 10.10 -2.50
CA ASP A 265 22.77 11.05 -2.13
C ASP A 265 22.31 12.48 -2.09
N GLY A 266 21.07 12.72 -2.53
CA GLY A 266 20.54 14.07 -2.52
C GLY A 266 20.52 14.78 -3.87
N LYS A 267 20.76 14.05 -4.95
CA LYS A 267 20.73 14.65 -6.30
C LYS A 267 19.28 14.97 -6.66
N VAL A 268 18.92 16.26 -6.68
CA VAL A 268 17.55 16.65 -7.02
C VAL A 268 17.40 16.84 -8.53
N ILE A 269 16.43 16.17 -9.12
CA ILE A 269 16.16 16.29 -10.55
C ILE A 269 14.88 17.09 -10.76
N PRO A 270 14.94 18.17 -11.55
CA PRO A 270 13.78 19.04 -11.83
C PRO A 270 12.81 18.51 -12.89
N LEU A 271 11.62 19.11 -12.93
CA LEU A 271 10.59 18.71 -13.88
C LEU A 271 11.10 18.69 -15.32
N GLY A 272 11.61 19.84 -15.76
CA GLY A 272 12.10 19.96 -17.13
C GLY A 272 10.94 20.42 -17.98
N GLY A 273 11.19 20.62 -19.28
CA GLY A 273 10.14 21.05 -20.18
C GLY A 273 9.97 22.55 -20.20
N ASP A 274 8.88 23.03 -20.80
CA ASP A 274 8.63 24.46 -20.89
C ASP A 274 7.29 24.94 -20.34
N CYS A 275 6.44 24.01 -19.91
CA CYS A 275 5.15 24.42 -19.36
C CYS A 275 4.83 23.76 -18.03
N THR A 276 4.01 24.45 -17.25
CA THR A 276 3.60 23.92 -15.95
C THR A 276 2.67 22.75 -16.18
N VAL A 277 3.04 21.57 -15.66
CA VAL A 277 2.19 20.40 -15.82
C VAL A 277 1.51 20.11 -14.49
N TYR A 278 0.44 19.33 -14.54
CA TYR A 278 -0.32 18.95 -13.35
C TYR A 278 -0.18 17.46 -13.17
N PRO A 279 0.92 17.01 -12.52
CA PRO A 279 1.22 15.60 -12.28
C PRO A 279 0.23 14.85 -11.40
N VAL A 280 -0.39 13.82 -11.98
CA VAL A 280 -1.33 12.99 -11.23
C VAL A 280 -0.72 11.61 -11.06
N PHE A 281 -1.41 10.77 -10.29
CA PHE A 281 -0.94 9.42 -10.00
C PHE A 281 0.53 9.39 -9.62
N VAL A 282 0.88 10.20 -8.62
CA VAL A 282 2.25 10.27 -8.12
C VAL A 282 2.51 9.04 -7.24
N ASN A 283 3.63 8.38 -7.48
CA ASN A 283 4.02 7.17 -6.77
C ASN A 283 2.84 6.21 -6.59
N GLU A 284 2.23 5.85 -7.71
CA GLU A 284 1.11 4.94 -7.75
C GLU A 284 1.77 3.53 -7.75
N ALA A 285 1.50 2.71 -6.74
CA ALA A 285 2.14 1.38 -6.68
C ALA A 285 1.87 0.45 -7.87
N ALA A 286 0.71 0.60 -8.51
CA ALA A 286 0.37 -0.27 -9.63
C ALA A 286 1.33 -0.16 -10.81
N TYR A 287 2.05 0.96 -10.90
CA TYR A 287 2.95 1.22 -12.01
C TYR A 287 4.46 1.05 -11.83
N TYR A 288 4.87 0.48 -10.70
CA TYR A 288 6.29 0.27 -10.49
C TYR A 288 6.81 -0.67 -11.57
N GLU A 289 5.88 -1.38 -12.21
CA GLU A 289 6.16 -2.34 -13.29
C GLU A 289 6.02 -1.70 -14.68
N LYS A 290 4.96 -0.90 -14.88
CA LYS A 290 4.76 -0.28 -16.18
C LYS A 290 5.84 0.77 -16.37
N LYS A 291 6.82 0.73 -15.47
CA LYS A 291 7.94 1.67 -15.51
C LYS A 291 7.41 3.09 -15.47
N GLU A 292 7.17 3.61 -14.27
CA GLU A 292 6.65 4.98 -14.18
C GLU A 292 6.61 5.62 -12.80
N ALA A 293 6.78 6.94 -12.80
CA ALA A 293 6.74 7.72 -11.56
C ALA A 293 5.43 8.52 -11.44
N PHE A 294 5.02 9.17 -12.51
CA PHE A 294 3.76 9.92 -12.55
C PHE A 294 3.43 10.27 -14.00
N ALA A 295 2.36 11.04 -14.20
CA ALA A 295 1.94 11.46 -15.53
C ALA A 295 1.68 12.96 -15.55
N LYS A 296 2.39 13.67 -16.43
CA LYS A 296 2.22 15.11 -16.57
C LYS A 296 0.96 15.39 -17.40
N THR A 297 0.11 16.26 -16.89
CA THR A 297 -1.13 16.62 -17.57
C THR A 297 -1.27 18.14 -17.73
N THR A 298 -2.21 18.56 -18.57
CA THR A 298 -2.49 19.97 -18.79
C THR A 298 -3.95 20.19 -18.39
N LYS A 299 -4.26 21.40 -17.92
CA LYS A 299 -5.61 21.72 -17.44
C LYS A 299 -6.55 22.28 -18.49
N LEU A 300 -7.86 22.09 -18.27
CA LEU A 300 -8.85 22.61 -19.21
C LEU A 300 -10.27 22.49 -18.69
N THR A 301 -11.18 23.24 -19.32
CA THR A 301 -12.58 23.20 -18.89
C THR A 301 -13.50 22.83 -20.05
N LEU A 302 -14.36 21.84 -19.79
CA LEU A 302 -15.32 21.39 -20.79
C LEU A 302 -16.63 22.10 -20.44
N ASN A 303 -17.20 22.79 -21.42
CA ASN A 303 -18.45 23.49 -21.19
C ASN A 303 -19.48 22.89 -22.11
N ALA A 304 -20.27 21.94 -21.61
CA ALA A 304 -21.30 21.30 -22.43
C ALA A 304 -22.63 22.05 -22.36
N LYS A 305 -23.55 21.69 -23.25
CA LYS A 305 -24.88 22.31 -23.31
C LYS A 305 -25.83 21.62 -22.34
N SER A 306 -26.98 22.23 -22.13
CA SER A 306 -28.00 21.64 -21.26
C SER A 306 -28.44 20.31 -21.90
N ILE A 307 -29.13 19.47 -21.13
CA ILE A 307 -29.58 18.18 -21.62
C ILE A 307 -30.87 17.72 -20.95
N ARG A 308 -31.53 16.73 -21.55
CA ARG A 308 -32.77 16.17 -21.02
C ARG A 308 -33.16 14.94 -21.82
N SER A 309 -33.73 13.94 -21.15
CA SER A 309 -34.14 12.73 -21.84
C SER A 309 -35.08 13.03 -23.00
N THR A 310 -35.00 12.22 -24.05
CA THR A 310 -35.84 12.40 -25.23
C THR A 310 -37.16 11.62 -25.06
N CYS B 4 27.91 -2.99 36.30
CA CYS B 4 28.15 -2.87 34.82
C CYS B 4 28.25 -4.20 34.06
N VAL B 5 27.55 -4.28 32.93
CA VAL B 5 27.57 -5.48 32.09
C VAL B 5 28.66 -5.29 31.05
N ALA B 6 29.66 -6.18 31.03
CA ALA B 6 30.71 -6.09 30.04
C ALA B 6 30.40 -7.04 28.89
N GLU B 7 30.91 -6.73 27.70
CA GLU B 7 30.67 -7.57 26.52
C GLU B 7 31.82 -7.38 25.52
N GLU B 8 32.01 -8.38 24.68
CA GLU B 8 33.07 -8.33 23.68
C GLU B 8 32.80 -7.27 22.61
N PRO B 9 33.86 -6.68 22.03
CA PRO B 9 33.71 -5.67 21.00
C PRO B 9 32.92 -6.29 19.85
N ILE B 10 31.72 -5.77 19.59
CA ILE B 10 30.87 -6.26 18.51
C ILE B 10 31.58 -5.91 17.19
N LYS B 11 31.69 -6.87 16.29
CA LYS B 11 32.37 -6.64 15.01
C LYS B 11 31.51 -7.00 13.80
N LYS B 12 31.00 -8.23 13.78
CA LYS B 12 30.18 -8.73 12.69
C LYS B 12 28.75 -8.19 12.74
N ILE B 13 28.39 -7.41 11.72
CA ILE B 13 27.08 -6.77 11.63
C ILE B 13 26.40 -7.15 10.30
N ALA B 14 25.12 -7.49 10.36
CA ALA B 14 24.39 -7.81 9.13
C ALA B 14 23.20 -6.87 8.98
N ILE B 15 22.99 -6.33 7.77
CA ILE B 15 21.82 -5.49 7.52
C ILE B 15 21.05 -6.24 6.44
N PHE B 16 19.89 -6.74 6.83
CA PHE B 16 19.04 -7.53 5.94
C PHE B 16 17.92 -6.65 5.35
N GLY B 17 17.75 -6.74 4.03
CA GLY B 17 16.70 -6.02 3.35
C GLY B 17 15.95 -6.98 2.45
N GLY B 18 14.63 -6.85 2.36
CA GLY B 18 13.87 -7.75 1.51
C GLY B 18 13.30 -9.01 2.14
N THR B 19 13.38 -9.13 3.46
CA THR B 19 12.81 -10.32 4.11
C THR B 19 11.40 -10.49 3.57
N HIS B 20 10.68 -9.38 3.42
CA HIS B 20 9.36 -9.43 2.76
C HIS B 20 9.61 -8.61 1.49
N GLY B 21 9.57 -9.30 0.35
CA GLY B 21 9.89 -8.72 -0.95
C GLY B 21 9.19 -7.49 -1.44
N ASN B 22 8.02 -7.21 -0.88
CA ASN B 22 7.29 -6.04 -1.31
C ASN B 22 7.51 -4.84 -0.39
N GLU B 23 8.52 -4.95 0.50
CA GLU B 23 8.85 -3.85 1.40
C GLU B 23 10.19 -3.26 0.89
N LEU B 24 10.04 -2.32 -0.05
CA LEU B 24 11.14 -1.70 -0.77
C LEU B 24 12.12 -0.80 -0.04
N THR B 25 11.74 -0.19 1.09
CA THR B 25 12.68 0.70 1.78
C THR B 25 14.00 0.00 2.03
N GLY B 26 13.94 -1.18 2.62
CA GLY B 26 15.18 -1.93 2.89
C GLY B 26 15.76 -2.59 1.64
N VAL B 27 14.91 -2.98 0.69
CA VAL B 27 15.42 -3.59 -0.55
C VAL B 27 16.23 -2.56 -1.33
N PHE B 28 15.74 -1.33 -1.34
CA PHE B 28 16.41 -0.27 -2.10
C PHE B 28 17.68 0.20 -1.40
N LEU B 29 17.59 0.37 -0.08
CA LEU B 29 18.73 0.84 0.72
C LEU B 29 19.81 -0.24 0.82
N VAL B 30 19.41 -1.44 1.23
CA VAL B 30 20.37 -2.53 1.34
C VAL B 30 21.13 -2.77 0.04
N THR B 31 20.39 -2.84 -1.07
CA THR B 31 21.00 -3.06 -2.38
C THR B 31 22.13 -2.07 -2.65
N HIS B 32 21.75 -0.79 -2.73
CA HIS B 32 22.70 0.30 -2.96
C HIS B 32 23.95 0.11 -2.09
N TRP B 33 23.72 -0.16 -0.81
CA TRP B 33 24.82 -0.34 0.14
C TRP B 33 25.70 -1.52 -0.23
N LEU B 34 25.20 -2.40 -1.10
CA LEU B 34 25.99 -3.55 -1.57
C LEU B 34 26.89 -3.10 -2.71
N LYS B 35 26.54 -1.97 -3.32
CA LYS B 35 27.30 -1.41 -4.43
C LYS B 35 28.13 -0.21 -3.95
N ASN B 36 27.60 0.48 -2.94
CA ASN B 36 28.22 1.67 -2.35
C ASN B 36 28.14 1.55 -0.83
N GLY B 37 29.13 0.90 -0.22
CA GLY B 37 29.07 0.70 1.22
C GLY B 37 29.50 1.81 2.16
N ALA B 38 29.85 2.98 1.63
CA ALA B 38 30.32 4.05 2.50
C ALA B 38 29.37 4.45 3.62
N GLU B 39 28.09 4.58 3.33
CA GLU B 39 27.14 5.02 4.35
C GLU B 39 27.10 4.10 5.56
N VAL B 40 27.34 2.81 5.37
CA VAL B 40 27.29 1.90 6.51
C VAL B 40 28.66 1.40 6.95
N HIS B 41 29.69 2.14 6.56
CA HIS B 41 31.03 1.76 7.00
C HIS B 41 31.26 2.35 8.39
N ARG B 42 31.88 1.55 9.27
CA ARG B 42 32.26 2.00 10.61
C ARG B 42 33.63 1.32 10.88
N ALA B 43 34.57 2.06 11.43
CA ALA B 43 35.89 1.49 11.74
C ALA B 43 35.73 0.36 12.75
N GLY B 44 36.51 -0.70 12.58
CA GLY B 44 36.46 -1.82 13.50
C GLY B 44 35.27 -2.73 13.31
N LEU B 45 34.29 -2.28 12.54
CA LEU B 45 33.08 -3.07 12.33
C LEU B 45 33.02 -3.69 10.93
N GLU B 46 32.66 -4.97 10.88
CA GLU B 46 32.49 -5.66 9.61
C GLU B 46 30.98 -5.58 9.40
N VAL B 47 30.55 -4.62 8.59
CA VAL B 47 29.12 -4.41 8.32
C VAL B 47 28.77 -4.93 6.94
N LYS B 48 27.82 -5.87 6.89
CA LYS B 48 27.42 -6.50 5.64
C LYS B 48 25.92 -6.43 5.30
N PRO B 49 25.57 -5.92 4.11
CA PRO B 49 24.18 -5.82 3.64
C PRO B 49 23.86 -7.19 3.00
N PHE B 50 22.58 -7.55 2.87
CA PHE B 50 22.24 -8.86 2.31
C PHE B 50 20.74 -9.00 2.00
N ILE B 51 20.39 -9.39 0.77
CA ILE B 51 18.97 -9.56 0.43
C ILE B 51 18.50 -10.97 0.84
N THR B 52 17.46 -11.01 1.66
CA THR B 52 16.96 -12.24 2.24
C THR B 52 15.85 -12.99 1.52
N ASN B 53 15.22 -12.37 0.53
CA ASN B 53 14.18 -13.07 -0.20
C ASN B 53 14.21 -12.58 -1.66
N PRO B 54 15.22 -13.05 -2.41
CA PRO B 54 15.42 -12.70 -3.82
C PRO B 54 14.18 -12.96 -4.66
N ARG B 55 13.67 -14.18 -4.61
CA ARG B 55 12.48 -14.50 -5.37
C ARG B 55 11.38 -13.50 -4.99
N ALA B 56 11.46 -12.96 -3.78
CA ALA B 56 10.46 -12.00 -3.35
C ALA B 56 10.78 -10.63 -3.92
N VAL B 57 12.05 -10.25 -3.89
CA VAL B 57 12.45 -8.95 -4.44
C VAL B 57 12.15 -8.90 -5.94
N GLU B 58 12.21 -10.05 -6.59
CA GLU B 58 11.97 -10.10 -8.02
C GLU B 58 10.46 -10.10 -8.30
N LYS B 59 9.67 -10.52 -7.32
CA LYS B 59 8.21 -10.55 -7.49
C LYS B 59 7.47 -9.54 -6.61
N CYS B 60 8.14 -8.45 -6.22
CA CYS B 60 7.57 -7.42 -5.35
C CYS B 60 6.34 -7.95 -4.61
N THR B 61 6.50 -9.13 -4.03
CA THR B 61 5.44 -9.80 -3.29
C THR B 61 5.97 -10.04 -1.87
N ARG B 62 5.07 -10.33 -0.93
CA ARG B 62 5.51 -10.55 0.44
C ARG B 62 6.28 -11.88 0.59
N TYR B 63 5.80 -12.94 -0.06
CA TYR B 63 6.46 -14.23 -0.02
C TYR B 63 5.95 -15.20 -1.10
N ILE B 64 6.86 -16.02 -1.64
CA ILE B 64 6.52 -16.99 -2.67
C ILE B 64 6.00 -18.28 -2.07
N ASP B 65 6.61 -18.72 -0.98
CA ASP B 65 6.19 -19.96 -0.32
C ASP B 65 5.38 -19.68 0.95
N CYS B 66 6.03 -19.04 1.91
CA CYS B 66 5.36 -18.68 3.16
C CYS B 66 6.09 -17.55 3.90
N ASP B 67 5.83 -17.41 5.20
CA ASP B 67 6.44 -16.35 6.00
C ASP B 67 7.91 -16.55 6.34
N LEU B 68 8.81 -16.07 5.48
CA LEU B 68 10.25 -16.21 5.74
C LEU B 68 10.57 -15.69 7.14
N ASN B 69 9.73 -14.80 7.63
CA ASN B 69 9.93 -14.23 8.96
C ASN B 69 9.45 -15.12 10.12
N ARG B 70 9.07 -16.36 9.83
CA ARG B 70 8.61 -17.28 10.87
C ARG B 70 8.96 -18.75 10.62
N VAL B 71 10.08 -18.99 9.95
CA VAL B 71 10.48 -20.36 9.66
C VAL B 71 11.82 -20.69 10.30
N PHE B 72 12.59 -19.66 10.63
CA PHE B 72 13.90 -19.90 11.22
C PHE B 72 13.89 -20.70 12.52
N ASP B 73 12.73 -21.27 12.83
CA ASP B 73 12.62 -22.09 14.02
C ASP B 73 13.47 -23.34 13.73
N LEU B 74 14.17 -23.81 14.75
CA LEU B 74 15.04 -24.97 14.61
C LEU B 74 14.39 -26.14 13.88
N GLU B 75 13.17 -26.49 14.28
CA GLU B 75 12.46 -27.60 13.64
C GLU B 75 12.45 -27.45 12.12
N ASN B 76 12.45 -26.20 11.66
CA ASN B 76 12.41 -25.89 10.24
C ASN B 76 13.82 -25.76 9.66
N LEU B 77 14.76 -25.26 10.47
CA LEU B 77 16.14 -25.10 10.02
C LEU B 77 16.90 -26.42 9.93
N SER B 78 17.20 -27.02 11.09
CA SER B 78 17.92 -28.28 11.13
C SER B 78 17.25 -29.26 10.18
N LYS B 79 17.65 -29.24 8.91
CA LYS B 79 17.06 -30.10 7.90
C LYS B 79 17.95 -30.30 6.68
N GLU B 80 17.81 -31.45 6.03
CA GLU B 80 18.60 -31.79 4.86
C GLU B 80 18.57 -30.72 3.77
N MSE B 81 19.39 -30.93 2.75
CA MSE B 81 19.51 -30.01 1.62
C MSE B 81 18.62 -30.46 0.46
O MSE B 81 19.01 -30.36 -0.71
CB MSE B 81 20.96 -29.95 1.15
CG MSE B 81 21.29 -28.84 0.17
SE MSE B 81 21.18 -27.08 0.97
CE MSE B 81 22.43 -27.31 2.42
N SER B 82 17.43 -30.94 0.79
CA SER B 82 16.48 -31.40 -0.21
C SER B 82 16.12 -30.26 -1.17
N GLU B 83 15.10 -30.49 -2.00
CA GLU B 83 14.67 -29.47 -2.95
C GLU B 83 13.16 -29.34 -2.93
N ASP B 84 12.49 -30.40 -2.48
CA ASP B 84 11.05 -30.41 -2.41
C ASP B 84 10.55 -29.36 -1.40
N LEU B 85 11.31 -29.18 -0.33
CA LEU B 85 10.97 -28.23 0.73
C LEU B 85 10.55 -26.83 0.23
N PRO B 86 9.86 -26.07 1.09
CA PRO B 86 9.42 -24.73 0.70
C PRO B 86 10.65 -23.90 0.42
N TYR B 87 10.62 -23.11 -0.64
CA TYR B 87 11.74 -22.26 -1.01
C TYR B 87 12.14 -21.41 0.20
N GLU B 88 11.14 -20.88 0.91
CA GLU B 88 11.38 -20.05 2.08
C GLU B 88 12.20 -20.83 3.09
N VAL B 89 12.01 -22.15 3.12
CA VAL B 89 12.78 -22.97 4.03
C VAL B 89 14.17 -23.18 3.43
N ARG B 90 14.24 -23.30 2.11
CA ARG B 90 15.51 -23.50 1.42
C ARG B 90 16.39 -22.25 1.57
N ARG B 91 15.85 -21.10 1.21
CA ARG B 91 16.62 -19.85 1.32
C ARG B 91 17.12 -19.59 2.74
N ALA B 92 16.30 -19.87 3.75
CA ALA B 92 16.74 -19.66 5.13
C ALA B 92 18.00 -20.49 5.40
N GLN B 93 18.16 -21.58 4.65
CA GLN B 93 19.33 -22.42 4.84
C GLN B 93 20.58 -21.68 4.40
N GLU B 94 20.54 -21.06 3.22
CA GLU B 94 21.71 -20.32 2.75
C GLU B 94 22.00 -19.11 3.62
N ILE B 95 20.94 -18.49 4.14
CA ILE B 95 21.11 -17.34 5.02
C ILE B 95 21.80 -17.84 6.28
N ASN B 96 21.15 -18.75 6.99
CA ASN B 96 21.70 -19.32 8.22
C ASN B 96 23.06 -19.95 7.97
N HIS B 97 23.37 -20.21 6.70
CA HIS B 97 24.64 -20.80 6.32
C HIS B 97 25.72 -19.71 6.27
N LEU B 98 25.30 -18.45 6.30
CA LEU B 98 26.22 -17.32 6.24
C LEU B 98 26.25 -16.44 7.48
N PHE B 99 25.13 -16.35 8.19
CA PHE B 99 25.05 -15.48 9.34
C PHE B 99 24.82 -16.17 10.66
N GLY B 100 24.58 -17.49 10.60
CA GLY B 100 24.38 -18.25 11.81
C GLY B 100 25.56 -19.17 11.99
N PRO B 101 25.35 -20.41 12.45
CA PRO B 101 24.06 -21.01 12.81
C PRO B 101 23.48 -20.41 14.09
N LYS B 102 22.15 -20.31 14.13
CA LYS B 102 21.42 -19.77 15.29
C LYS B 102 21.87 -20.49 16.55
N ASN B 103 22.01 -19.74 17.64
CA ASN B 103 22.43 -20.26 18.96
C ASN B 103 23.93 -20.57 19.07
N SER B 104 24.65 -20.54 17.95
CA SER B 104 26.08 -20.78 17.97
C SER B 104 26.84 -19.52 18.37
N ASP B 105 28.00 -19.72 19.00
CA ASP B 105 28.80 -18.60 19.45
C ASP B 105 29.59 -17.90 18.33
N ASP B 106 29.50 -18.41 17.11
CA ASP B 106 30.20 -17.79 16.00
C ASP B 106 29.24 -17.01 15.09
N ALA B 107 27.97 -16.96 15.45
CA ALA B 107 26.98 -16.24 14.66
C ALA B 107 27.33 -14.77 14.62
N TYR B 108 26.87 -14.06 13.59
CA TYR B 108 27.14 -12.63 13.48
C TYR B 108 26.78 -11.94 14.79
N ASP B 109 27.44 -10.83 15.08
CA ASP B 109 27.17 -10.15 16.33
C ASP B 109 25.81 -9.43 16.29
N VAL B 110 25.61 -8.58 15.29
CA VAL B 110 24.35 -7.84 15.16
C VAL B 110 23.74 -8.01 13.78
N VAL B 111 22.43 -8.24 13.76
CA VAL B 111 21.73 -8.34 12.49
C VAL B 111 20.48 -7.47 12.60
N PHE B 112 20.34 -6.52 11.68
CA PHE B 112 19.17 -5.65 11.61
C PHE B 112 18.40 -6.23 10.42
N ASP B 113 17.13 -6.56 10.61
CA ASP B 113 16.31 -7.08 9.50
C ASP B 113 15.33 -5.95 9.19
N LEU B 114 15.44 -5.40 7.99
CA LEU B 114 14.64 -4.25 7.58
C LEU B 114 13.18 -4.53 7.16
N HIS B 115 12.25 -3.81 7.79
CA HIS B 115 10.82 -3.96 7.52
C HIS B 115 10.10 -2.63 7.31
N ASN B 116 8.93 -2.70 6.66
CA ASN B 116 8.10 -1.52 6.43
C ASN B 116 6.64 -1.95 6.64
N THR B 117 5.83 -1.07 7.21
CA THR B 117 4.41 -1.40 7.41
C THR B 117 3.50 -0.34 6.81
N THR B 118 2.25 -0.71 6.55
CA THR B 118 1.25 0.22 6.02
C THR B 118 0.42 0.93 7.14
N SER B 119 0.69 0.62 8.42
CA SER B 119 -0.02 1.25 9.55
C SER B 119 0.67 2.57 9.93
N ASN B 120 -0.10 3.57 10.38
CA ASN B 120 0.46 4.89 10.74
C ASN B 120 1.07 4.88 12.15
N MSE B 121 2.37 4.62 12.23
CA MSE B 121 2.99 4.55 13.55
C MSE B 121 4.40 5.11 13.70
O MSE B 121 4.94 5.13 14.82
CB MSE B 121 2.96 3.10 14.05
CG MSE B 121 3.60 2.08 13.11
SE MSE B 121 3.11 0.22 13.57
CE MSE B 121 4.64 -0.24 14.69
N GLY B 122 4.99 5.56 12.59
CA GLY B 122 6.33 6.11 12.67
C GLY B 122 7.44 5.08 12.90
N CYS B 123 8.65 5.56 13.13
CA CYS B 123 9.80 4.70 13.37
C CYS B 123 9.58 3.77 14.56
N THR B 124 9.77 2.47 14.36
CA THR B 124 9.57 1.50 15.43
C THR B 124 10.77 0.56 15.60
N LEU B 125 11.23 0.39 16.83
CA LEU B 125 12.36 -0.48 17.17
C LEU B 125 11.73 -1.74 17.80
N ILE B 126 12.13 -2.91 17.33
CA ILE B 126 11.59 -4.18 17.85
C ILE B 126 12.60 -4.88 18.73
N LEU B 127 12.20 -5.09 19.99
CA LEU B 127 13.04 -5.72 21.00
C LEU B 127 12.48 -7.10 21.34
N GLY B 128 13.30 -8.15 21.26
CA GLY B 128 12.80 -9.49 21.58
C GLY B 128 13.13 -9.98 22.99
N ASP B 129 13.92 -9.21 23.73
CA ASP B 129 14.32 -9.62 25.09
C ASP B 129 14.40 -8.43 26.04
N SER B 130 13.49 -8.38 27.00
CA SER B 130 13.45 -7.28 27.96
C SER B 130 14.65 -7.30 28.88
N GLY B 131 15.39 -8.41 28.88
CA GLY B 131 16.57 -8.49 29.72
C GLY B 131 17.87 -8.24 28.99
N ASN B 132 17.81 -7.73 27.76
CA ASN B 132 19.04 -7.50 27.00
C ASN B 132 19.54 -6.08 27.23
N ASP B 133 20.49 -5.90 28.15
CA ASP B 133 21.01 -4.57 28.45
C ASP B 133 21.67 -3.89 27.26
N PHE B 134 22.38 -4.65 26.43
CA PHE B 134 23.06 -4.05 25.28
C PHE B 134 22.05 -3.42 24.33
N LEU B 135 20.96 -4.13 24.05
CA LEU B 135 19.92 -3.61 23.16
C LEU B 135 19.09 -2.49 23.77
N ILE B 136 18.86 -2.54 25.08
CA ILE B 136 18.07 -1.46 25.70
C ILE B 136 18.89 -0.17 25.62
N GLN B 137 20.18 -0.26 25.90
CA GLN B 137 21.05 0.92 25.80
C GLN B 137 21.05 1.47 24.35
N MSE B 138 21.21 0.57 23.38
CA MSE B 138 21.22 1.01 21.97
C MSE B 138 19.91 1.77 21.66
O MSE B 138 19.91 2.82 21.01
CB MSE B 138 21.30 -0.19 21.02
CG MSE B 138 21.22 0.21 19.53
SE MSE B 138 20.97 -1.33 18.39
CE MSE B 138 22.64 -2.25 18.79
N PHE B 139 18.79 1.18 22.07
CA PHE B 139 17.50 1.81 21.78
C PHE B 139 17.39 3.15 22.49
N HIS B 140 17.87 3.21 23.73
CA HIS B 140 17.84 4.47 24.47
C HIS B 140 18.70 5.49 23.72
N TYR B 141 19.86 5.05 23.25
CA TYR B 141 20.76 5.94 22.48
C TYR B 141 20.07 6.48 21.22
N ILE B 142 19.47 5.58 20.43
CA ILE B 142 18.80 6.01 19.21
C ILE B 142 17.69 7.02 19.47
N LYS B 143 16.80 6.69 20.41
CA LYS B 143 15.70 7.58 20.74
C LYS B 143 16.21 8.96 21.16
N THR B 144 17.22 8.96 22.02
CA THR B 144 17.81 10.19 22.52
C THR B 144 18.43 11.02 21.42
N CYS B 145 19.13 10.36 20.48
CA CYS B 145 19.78 11.10 19.40
C CYS B 145 18.82 11.57 18.32
N MSE B 146 17.60 11.04 18.36
CA MSE B 146 16.59 11.40 17.38
C MSE B 146 15.51 12.33 17.92
O MSE B 146 14.70 12.87 17.16
CB MSE B 146 15.90 10.13 16.85
CG MSE B 146 16.87 9.15 16.20
SE MSE B 146 16.39 8.80 14.37
CE MSE B 146 15.89 10.58 13.91
N ALA B 147 15.49 12.50 19.24
CA ALA B 147 14.49 13.35 19.88
C ALA B 147 14.50 14.77 19.29
N PRO B 148 13.35 15.46 19.32
CA PRO B 148 12.08 14.96 19.86
C PRO B 148 11.27 14.13 18.86
N LEU B 149 11.91 13.74 17.76
CA LEU B 149 11.26 12.93 16.73
C LEU B 149 10.78 11.62 17.34
N PRO B 150 9.64 11.11 16.86
CA PRO B 150 9.13 9.84 17.39
C PRO B 150 10.00 8.62 17.09
N CYS B 151 10.13 7.75 18.07
CA CYS B 151 10.88 6.51 17.93
C CYS B 151 10.43 5.52 19.02
N SER B 152 9.49 4.65 18.67
CA SER B 152 8.92 3.70 19.61
C SER B 152 9.59 2.35 19.67
N VAL B 153 9.40 1.67 20.80
CA VAL B 153 9.98 0.35 20.98
C VAL B 153 8.86 -0.67 21.25
N TYR B 154 8.75 -1.63 20.34
CA TYR B 154 7.74 -2.68 20.45
C TYR B 154 8.44 -3.94 20.97
N LEU B 155 8.02 -4.40 22.15
CA LEU B 155 8.60 -5.60 22.78
C LEU B 155 7.76 -6.83 22.46
N ILE B 156 8.30 -7.67 21.59
CA ILE B 156 7.66 -8.92 21.16
C ILE B 156 8.49 -9.98 21.90
N GLU B 157 8.02 -10.38 23.07
CA GLU B 157 8.77 -11.31 23.90
C GLU B 157 8.50 -12.83 23.85
N HIS B 158 7.23 -13.24 23.82
CA HIS B 158 6.87 -14.67 23.77
C HIS B 158 7.67 -15.49 22.74
N PRO B 159 8.14 -16.70 23.14
CA PRO B 159 8.92 -17.59 22.27
C PRO B 159 8.29 -17.91 20.92
N SER B 160 6.99 -18.20 20.91
CA SER B 160 6.28 -18.52 19.67
C SER B 160 6.09 -17.32 18.76
N LEU B 161 6.65 -16.18 19.16
CA LEU B 161 6.54 -14.95 18.39
C LEU B 161 7.91 -14.46 17.91
N LYS B 162 8.97 -15.16 18.32
CA LYS B 162 10.32 -14.78 17.96
C LYS B 162 11.19 -15.93 17.46
N TYR B 163 10.97 -17.12 18.02
CA TYR B 163 11.76 -18.29 17.67
C TYR B 163 11.85 -18.61 16.19
N ALA B 164 11.15 -17.85 15.35
CA ALA B 164 11.20 -18.15 13.95
C ALA B 164 11.47 -16.96 13.02
N THR B 165 11.69 -15.77 13.57
CA THR B 165 11.94 -14.61 12.71
C THR B 165 13.28 -14.70 12.01
N THR B 166 13.36 -14.09 10.84
CA THR B 166 14.58 -14.08 10.04
C THR B 166 15.77 -13.54 10.84
N ARG B 167 15.53 -12.56 11.70
CA ARG B 167 16.61 -11.96 12.47
C ARG B 167 17.09 -12.80 13.63
N SER B 168 16.18 -13.61 14.18
CA SER B 168 16.50 -14.45 15.35
C SER B 168 17.69 -15.39 15.19
N ILE B 169 18.56 -15.11 14.22
CA ILE B 169 19.77 -15.90 14.00
C ILE B 169 20.98 -15.33 14.75
N ALA B 170 20.90 -14.05 15.16
CA ALA B 170 22.04 -13.42 15.84
C ALA B 170 21.95 -13.31 17.36
N LYS B 171 23.07 -12.89 17.95
CA LYS B 171 23.16 -12.70 19.39
C LYS B 171 22.33 -11.48 19.81
N TYR B 172 22.35 -10.45 18.96
CA TYR B 172 21.58 -9.22 19.23
C TYR B 172 20.77 -8.88 17.98
N PRO B 173 19.70 -9.64 17.73
CA PRO B 173 18.83 -9.42 16.57
C PRO B 173 17.91 -8.24 16.84
N VAL B 174 17.92 -7.27 15.94
CA VAL B 174 17.06 -6.09 16.11
C VAL B 174 16.16 -5.94 14.91
N GLY B 175 15.01 -5.31 15.12
CA GLY B 175 14.12 -5.09 14.01
C GLY B 175 13.89 -3.59 13.88
N ILE B 176 14.03 -3.08 12.66
CA ILE B 176 13.80 -1.66 12.38
C ILE B 176 12.62 -1.58 11.41
N GLU B 177 11.50 -1.11 11.93
CA GLU B 177 10.24 -1.04 11.21
C GLU B 177 9.78 0.40 11.00
N VAL B 178 9.36 0.75 9.79
CA VAL B 178 8.92 2.12 9.57
C VAL B 178 7.73 2.13 8.62
N GLY B 179 6.76 3.00 8.92
CA GLY B 179 5.57 3.16 8.11
C GLY B 179 5.03 4.57 8.30
N PRO B 180 3.91 4.95 7.66
CA PRO B 180 3.10 4.12 6.74
C PRO B 180 3.76 3.86 5.40
N GLN B 181 3.06 4.27 4.35
CA GLN B 181 3.50 4.05 2.98
C GLN B 181 2.92 2.72 2.56
N PRO B 182 2.37 2.66 1.35
CA PRO B 182 1.77 1.44 0.81
C PRO B 182 2.96 0.55 0.52
N HIS B 183 2.76 -0.76 0.40
CA HIS B 183 3.89 -1.60 0.05
C HIS B 183 4.11 -1.44 -1.46
N GLY B 184 5.24 -1.94 -1.96
CA GLY B 184 5.51 -1.82 -3.38
C GLY B 184 5.86 -0.40 -3.77
N VAL B 185 5.87 0.49 -2.78
CA VAL B 185 6.18 1.91 -3.01
C VAL B 185 7.38 2.36 -2.16
N LEU B 186 8.10 3.35 -2.67
CA LEU B 186 9.24 3.93 -1.98
C LEU B 186 8.91 5.41 -1.73
N ARG B 187 8.86 5.81 -0.45
CA ARG B 187 8.59 7.19 -0.05
C ARG B 187 9.90 7.79 0.47
N ALA B 188 10.38 8.85 -0.16
CA ALA B 188 11.63 9.46 0.28
C ALA B 188 11.62 9.79 1.78
N ASP B 189 10.53 10.37 2.26
CA ASP B 189 10.45 10.71 3.67
C ASP B 189 10.70 9.51 4.59
N ILE B 190 10.01 8.40 4.35
CA ILE B 190 10.15 7.17 5.18
C ILE B 190 11.58 6.66 5.09
N LEU B 191 12.14 6.70 3.89
CA LEU B 191 13.51 6.24 3.64
C LEU B 191 14.44 7.00 4.57
N ASP B 192 14.27 8.34 4.60
CA ASP B 192 15.11 9.18 5.45
C ASP B 192 15.03 8.74 6.92
N GLN B 193 13.82 8.43 7.38
CA GLN B 193 13.65 7.99 8.77
C GLN B 193 14.42 6.70 9.05
N MSE B 194 14.37 5.76 8.12
CA MSE B 194 15.07 4.51 8.34
C MSE B 194 16.59 4.67 8.28
O MSE B 194 17.31 4.14 9.12
CB MSE B 194 14.60 3.44 7.33
CG MSE B 194 15.16 2.08 7.67
SE MSE B 194 14.34 0.75 6.61
CE MSE B 194 12.59 0.74 7.42
N ARG B 195 17.09 5.40 7.28
CA ARG B 195 18.53 5.59 7.16
C ARG B 195 19.07 6.24 8.41
N ARG B 196 18.30 7.17 8.98
CA ARG B 196 18.76 7.85 10.21
C ARG B 196 18.87 6.88 11.36
N MSE B 197 17.79 6.17 11.66
CA MSE B 197 17.84 5.22 12.77
C MSE B 197 19.05 4.30 12.61
O MSE B 197 19.75 3.99 13.58
CB MSE B 197 16.58 4.38 12.83
CG MSE B 197 15.32 5.17 13.11
SE MSE B 197 14.07 4.03 13.98
CE MSE B 197 13.22 3.34 12.42
N LEU B 198 19.28 3.82 11.38
CA LEU B 198 20.39 2.91 11.16
C LEU B 198 21.73 3.61 11.31
N LYS B 199 21.76 4.90 11.01
CA LYS B 199 23.00 5.65 11.14
C LYS B 199 23.43 5.62 12.59
N HIS B 200 22.48 5.90 13.48
CA HIS B 200 22.78 5.92 14.92
C HIS B 200 23.04 4.55 15.51
N ALA B 201 22.39 3.51 14.98
CA ALA B 201 22.62 2.16 15.50
C ALA B 201 24.08 1.76 15.29
N LEU B 202 24.55 1.87 14.05
CA LEU B 202 25.95 1.52 13.77
C LEU B 202 26.91 2.41 14.55
N ASP B 203 26.56 3.69 14.71
CA ASP B 203 27.38 4.62 15.48
C ASP B 203 27.45 4.13 16.93
N PHE B 204 26.32 3.64 17.44
CA PHE B 204 26.28 3.11 18.81
C PHE B 204 27.30 1.98 18.96
N ILE B 205 27.29 1.05 18.03
CA ILE B 205 28.21 -0.07 18.11
C ILE B 205 29.69 0.41 18.06
N GLN B 206 29.96 1.39 17.20
CA GLN B 206 31.35 1.87 17.12
C GLN B 206 31.77 2.49 18.45
N ARG B 207 30.91 3.33 19.04
CA ARG B 207 31.26 3.95 20.33
C ARG B 207 31.31 2.93 21.46
N PHE B 208 30.28 2.06 21.53
CA PHE B 208 30.24 1.03 22.57
C PHE B 208 31.58 0.32 22.65
N ASN B 209 32.15 0.01 21.49
CA ASN B 209 33.45 -0.65 21.47
C ASN B 209 34.52 0.38 21.82
N GLU B 210 34.29 1.62 21.39
CA GLU B 210 35.24 2.71 21.64
C GLU B 210 35.50 3.02 23.12
N GLY B 211 34.74 2.38 24.00
CA GLY B 211 34.94 2.59 25.42
C GLY B 211 33.98 3.52 26.11
N LYS B 212 32.98 4.02 25.39
CA LYS B 212 32.01 4.92 26.01
C LYS B 212 31.37 4.20 27.20
N GLU B 213 31.31 4.86 28.35
CA GLU B 213 30.72 4.20 29.52
C GLU B 213 29.25 4.61 29.62
N PHE B 214 28.37 3.63 29.38
CA PHE B 214 26.94 3.85 29.42
C PHE B 214 26.32 3.60 30.78
N PRO B 215 25.86 4.66 31.46
CA PRO B 215 25.25 4.51 32.78
C PRO B 215 23.89 3.85 32.63
N PRO B 216 23.32 3.36 33.73
CA PRO B 216 22.01 2.70 33.70
C PRO B 216 20.98 3.66 33.06
N CYS B 217 20.29 3.21 32.02
CA CYS B 217 19.28 4.05 31.36
C CYS B 217 17.89 3.46 31.54
N ALA B 218 16.89 4.12 30.94
CA ALA B 218 15.51 3.65 31.03
C ALA B 218 14.78 4.00 29.75
N ILE B 219 13.97 3.05 29.24
CA ILE B 219 13.19 3.31 28.04
C ILE B 219 11.77 2.86 28.24
N ASP B 220 10.87 3.47 27.46
CA ASP B 220 9.46 3.16 27.47
C ASP B 220 9.24 2.25 26.27
N VAL B 221 8.52 1.15 26.47
CA VAL B 221 8.21 0.22 25.39
C VAL B 221 6.74 -0.14 25.53
N TYR B 222 6.18 -0.69 24.46
CA TYR B 222 4.77 -1.11 24.43
C TYR B 222 4.68 -2.63 24.22
N LYS B 223 4.36 -3.35 25.29
CA LYS B 223 4.24 -4.80 25.25
C LYS B 223 2.90 -5.30 24.74
N ILE B 224 2.97 -6.17 23.74
CA ILE B 224 1.78 -6.75 23.12
C ILE B 224 0.97 -7.46 24.19
N MSE B 225 -0.35 -7.34 24.08
CA MSE B 225 -1.26 -7.96 25.05
C MSE B 225 -1.91 -9.12 24.30
O MSE B 225 -1.89 -10.25 24.77
CB MSE B 225 -2.33 -6.95 25.50
CG MSE B 225 -3.23 -7.41 26.67
SE MSE B 225 -4.78 -6.24 27.04
CE MSE B 225 -4.02 -5.06 28.36
N GLU B 226 -2.44 -8.82 23.12
CA GLU B 226 -3.11 -9.82 22.31
C GLU B 226 -3.57 -9.23 20.98
N LYS B 227 -3.71 -10.10 19.98
CA LYS B 227 -4.16 -9.69 18.65
C LYS B 227 -5.67 -9.45 18.67
N VAL B 228 -6.13 -8.58 17.79
CA VAL B 228 -7.57 -8.31 17.66
C VAL B 228 -7.90 -8.54 16.19
N ASP B 229 -8.74 -9.54 15.92
CA ASP B 229 -9.08 -9.85 14.54
C ASP B 229 -10.21 -8.98 14.00
N TYR B 230 -10.55 -9.21 12.73
CA TYR B 230 -11.63 -8.50 12.07
C TYR B 230 -12.97 -9.21 12.19
N PRO B 231 -14.00 -8.52 12.74
CA PRO B 231 -15.30 -9.20 12.82
C PRO B 231 -15.47 -9.74 11.39
N ARG B 232 -15.96 -10.97 11.23
CA ARG B 232 -16.09 -11.53 9.90
C ARG B 232 -17.39 -12.30 9.66
N ASN B 233 -17.37 -13.12 8.61
CA ASN B 233 -18.52 -13.93 8.25
C ASN B 233 -18.16 -15.41 8.28
N GLU B 234 -19.18 -16.26 8.35
CA GLU B 234 -19.00 -17.71 8.37
C GLU B 234 -17.96 -18.13 7.34
N SER B 235 -18.03 -17.48 6.18
CA SER B 235 -17.14 -17.75 5.05
C SER B 235 -15.70 -17.26 5.25
N GLY B 236 -15.51 -16.22 6.04
CA GLY B 236 -14.18 -15.71 6.27
C GLY B 236 -13.90 -14.26 5.90
N ASP B 237 -14.79 -13.64 5.12
CA ASP B 237 -14.59 -12.24 4.74
C ASP B 237 -15.03 -11.32 5.88
N VAL B 238 -14.29 -10.22 6.08
CA VAL B 238 -14.59 -9.26 7.14
C VAL B 238 -15.99 -8.64 7.04
N ALA B 239 -16.51 -8.15 8.17
CA ALA B 239 -17.83 -7.52 8.24
C ALA B 239 -17.81 -6.12 8.86
N ALA B 240 -16.63 -5.64 9.25
CA ALA B 240 -16.48 -4.32 9.85
C ALA B 240 -15.01 -3.89 9.83
N VAL B 241 -14.71 -2.79 9.12
CA VAL B 241 -13.33 -2.31 9.01
C VAL B 241 -12.90 -1.48 10.20
N ILE B 242 -11.63 -1.10 10.22
CA ILE B 242 -11.10 -0.28 11.30
C ILE B 242 -11.87 1.04 11.32
N HIS B 243 -12.41 1.40 12.47
CA HIS B 243 -13.19 2.63 12.63
C HIS B 243 -12.27 3.82 12.37
N PRO B 244 -12.76 4.87 11.71
CA PRO B 244 -11.92 6.03 11.43
C PRO B 244 -11.26 6.68 12.65
N ASN B 245 -11.83 6.44 13.84
CA ASN B 245 -11.27 7.02 15.07
C ASN B 245 -10.07 6.19 15.56
N LEU B 246 -9.90 4.98 15.03
CA LEU B 246 -8.77 4.12 15.41
C LEU B 246 -7.72 4.10 14.28
N GLN B 247 -8.18 4.25 13.05
CA GLN B 247 -7.28 4.27 11.88
C GLN B 247 -6.20 5.35 12.08
N ASP B 248 -4.95 5.00 11.78
CA ASP B 248 -3.80 5.91 11.91
C ASP B 248 -3.58 6.38 13.35
N GLN B 249 -4.09 5.64 14.34
CA GLN B 249 -3.92 6.06 15.74
C GLN B 249 -3.05 5.10 16.57
N ASP B 250 -2.08 4.49 15.90
CA ASP B 250 -1.16 3.57 16.55
C ASP B 250 -0.43 4.25 17.71
N TRP B 251 -0.29 3.53 18.81
CA TRP B 251 0.39 3.95 20.04
C TRP B 251 -0.49 4.73 21.04
N LYS B 252 -1.55 5.38 20.55
CA LYS B 252 -2.41 6.19 21.42
C LYS B 252 -3.37 5.34 22.25
N PRO B 253 -3.52 5.67 23.56
CA PRO B 253 -4.41 4.90 24.43
C PRO B 253 -5.81 4.72 23.88
N LEU B 254 -6.31 3.49 24.01
CA LEU B 254 -7.66 3.11 23.57
C LEU B 254 -8.35 2.60 24.83
N HIS B 255 -9.53 3.14 25.13
CA HIS B 255 -10.29 2.75 26.32
C HIS B 255 -11.41 1.77 25.96
N PRO B 256 -12.17 1.27 26.96
CA PRO B 256 -13.27 0.33 26.75
C PRO B 256 -14.37 0.74 25.76
N GLY B 257 -14.91 1.94 25.93
CA GLY B 257 -15.96 2.38 25.03
C GLY B 257 -15.39 3.09 23.80
N ASP B 258 -14.18 2.69 23.41
CA ASP B 258 -13.53 3.30 22.27
C ASP B 258 -13.91 2.57 20.98
N PRO B 259 -14.09 3.32 19.90
CA PRO B 259 -14.46 2.71 18.62
C PRO B 259 -13.29 1.91 18.05
N VAL B 260 -13.58 0.67 17.66
CA VAL B 260 -12.57 -0.24 17.11
C VAL B 260 -12.91 -0.71 15.68
N PHE B 261 -14.14 -1.20 15.46
CA PHE B 261 -14.54 -1.64 14.11
C PHE B 261 -15.84 -0.97 13.70
N VAL B 262 -16.11 -0.96 12.38
CA VAL B 262 -17.35 -0.41 11.85
C VAL B 262 -17.76 -1.21 10.62
N SER B 263 -19.04 -1.55 10.54
CA SER B 263 -19.53 -2.32 9.40
C SER B 263 -20.06 -1.38 8.32
N LEU B 264 -20.32 -1.93 7.15
CA LEU B 264 -20.87 -1.09 6.09
C LEU B 264 -22.28 -0.65 6.49
N ASP B 265 -23.04 -1.56 7.10
CA ASP B 265 -24.40 -1.21 7.51
C ASP B 265 -24.37 -0.22 8.66
N GLY B 266 -23.17 0.23 9.02
CA GLY B 266 -23.02 1.23 10.08
C GLY B 266 -22.84 0.80 11.53
N LYS B 267 -22.78 -0.50 11.81
CA LYS B 267 -22.58 -0.98 13.19
C LYS B 267 -21.28 -0.39 13.72
N VAL B 268 -21.01 -0.63 15.00
CA VAL B 268 -19.79 -0.15 15.64
C VAL B 268 -19.41 -1.18 16.69
N ILE B 269 -18.18 -1.67 16.60
CA ILE B 269 -17.69 -2.67 17.56
C ILE B 269 -16.61 -2.04 18.43
N PRO B 270 -16.86 -1.92 19.75
CA PRO B 270 -15.85 -1.31 20.61
C PRO B 270 -14.78 -2.25 21.19
N LEU B 271 -13.75 -1.65 21.78
CA LEU B 271 -12.66 -2.41 22.37
C LEU B 271 -13.17 -3.36 23.45
N GLY B 272 -14.18 -2.93 24.20
CA GLY B 272 -14.69 -3.79 25.25
C GLY B 272 -13.64 -4.00 26.33
N GLY B 273 -14.06 -4.50 27.48
CA GLY B 273 -13.11 -4.71 28.56
C GLY B 273 -12.98 -3.46 29.39
N ASP B 274 -12.24 -3.51 30.50
CA ASP B 274 -12.09 -2.35 31.36
C ASP B 274 -10.66 -1.83 31.42
N CYS B 275 -9.83 -2.25 30.47
CA CYS B 275 -8.45 -1.82 30.48
C CYS B 275 -8.10 -0.99 29.25
N THR B 276 -7.46 0.14 29.48
CA THR B 276 -7.02 1.01 28.39
C THR B 276 -5.79 0.33 27.79
N VAL B 277 -5.75 0.19 26.46
CA VAL B 277 -4.61 -0.45 25.79
C VAL B 277 -4.02 0.49 24.74
N TYR B 278 -2.90 0.08 24.16
CA TYR B 278 -2.23 0.88 23.14
C TYR B 278 -2.12 -0.02 21.92
N PRO B 279 -2.84 0.33 20.84
CA PRO B 279 -2.82 -0.47 19.62
C PRO B 279 -1.59 -0.24 18.77
N VAL B 280 -1.10 -1.32 18.15
CA VAL B 280 0.01 -1.20 17.22
C VAL B 280 -0.38 -2.00 15.97
N PHE B 281 0.21 -1.61 14.85
CA PHE B 281 -0.06 -2.21 13.55
C PHE B 281 -1.54 -2.11 13.22
N VAL B 282 -2.06 -0.90 13.33
CA VAL B 282 -3.47 -0.65 13.02
C VAL B 282 -3.59 -0.67 11.49
N ASN B 283 -4.20 -1.73 11.00
CA ASN B 283 -4.42 -1.92 9.55
C ASN B 283 -3.19 -2.18 8.67
N GLU B 284 -2.35 -3.11 9.08
CA GLU B 284 -1.19 -3.50 8.27
C GLU B 284 -1.72 -4.50 7.24
N ALA B 285 -1.46 -4.24 5.96
CA ALA B 285 -1.96 -5.11 4.89
C ALA B 285 -1.60 -6.60 5.04
N ALA B 286 -0.33 -6.87 5.31
CA ALA B 286 0.17 -8.24 5.44
C ALA B 286 -0.43 -8.99 6.63
N TYR B 287 -1.24 -8.30 7.41
CA TYR B 287 -1.82 -8.90 8.61
C TYR B 287 -3.20 -9.53 8.55
N TYR B 288 -4.12 -8.95 7.78
CA TYR B 288 -5.46 -9.54 7.68
C TYR B 288 -5.28 -11.07 7.65
N GLU B 289 -4.27 -11.53 6.91
CA GLU B 289 -4.00 -12.96 6.80
C GLU B 289 -3.75 -13.53 8.19
N LYS B 290 -2.97 -12.82 9.00
CA LYS B 290 -2.67 -13.24 10.38
C LYS B 290 -3.85 -12.95 11.31
N LYS B 291 -4.98 -12.62 10.71
CA LYS B 291 -6.20 -12.33 11.45
C LYS B 291 -5.98 -11.28 12.54
N GLU B 292 -5.23 -10.23 12.19
CA GLU B 292 -4.97 -9.14 13.12
C GLU B 292 -5.29 -7.78 12.47
N ALA B 293 -6.34 -7.13 12.95
CA ALA B 293 -6.73 -5.81 12.46
C ALA B 293 -5.76 -4.84 13.13
N PHE B 294 -5.41 -5.14 14.39
CA PHE B 294 -4.43 -4.39 15.19
C PHE B 294 -4.09 -5.22 16.44
N ALA B 295 -3.00 -4.89 17.13
CA ALA B 295 -2.63 -5.61 18.35
C ALA B 295 -2.72 -4.62 19.50
N LYS B 296 -3.27 -5.06 20.62
CA LYS B 296 -3.39 -4.21 21.79
C LYS B 296 -2.09 -4.33 22.58
N THR B 297 -1.68 -3.25 23.26
CA THR B 297 -0.44 -3.29 24.03
C THR B 297 -0.56 -2.54 25.36
N THR B 298 0.36 -2.82 26.28
CA THR B 298 0.40 -2.12 27.56
C THR B 298 1.79 -1.46 27.64
N LYS B 299 1.86 -0.27 28.22
CA LYS B 299 3.14 0.42 28.29
C LYS B 299 3.90 0.08 29.55
N LEU B 300 5.16 -0.31 29.38
CA LEU B 300 5.99 -0.65 30.54
C LEU B 300 7.36 -0.03 30.37
N THR B 301 7.98 0.34 31.49
CA THR B 301 9.30 0.95 31.43
C THR B 301 10.37 -0.11 31.72
N LEU B 302 11.40 -0.16 30.88
CA LEU B 302 12.48 -1.12 31.11
C LEU B 302 13.72 -0.41 31.57
N ASN B 303 14.47 -1.04 32.48
CA ASN B 303 15.71 -0.46 32.97
C ASN B 303 16.91 -1.32 32.55
N ALA B 304 17.97 -0.68 32.08
CA ALA B 304 19.17 -1.40 31.68
C ALA B 304 20.34 -1.05 32.58
N LYS B 305 21.19 -2.04 32.83
CA LYS B 305 22.38 -1.81 33.65
C LYS B 305 23.41 -1.02 32.86
N SER B 306 24.46 -0.63 33.54
CA SER B 306 25.59 0.06 32.93
C SER B 306 26.19 -0.99 31.99
N ILE B 307 26.74 -0.56 30.86
CA ILE B 307 27.39 -1.50 29.94
C ILE B 307 28.66 -0.89 29.36
N ARG B 308 29.57 -1.75 28.93
CA ARG B 308 30.81 -1.32 28.28
C ARG B 308 31.40 -2.56 27.62
N SER B 309 32.34 -2.33 26.71
CA SER B 309 33.00 -3.41 26.00
C SER B 309 34.27 -3.76 26.76
N THR B 310 34.52 -5.04 26.95
CA THR B 310 35.71 -5.49 27.66
C THR B 310 36.91 -4.73 27.12
ZN ZN C . -6.72 0.18 -10.27
S SO4 D . -12.27 -1.14 -29.56
O1 SO4 D . -12.60 -0.01 -28.67
O2 SO4 D . -13.29 -2.21 -29.43
O3 SO4 D . -12.25 -0.68 -30.97
O4 SO4 D . -10.94 -1.69 -29.21
S SO4 E . -23.51 13.34 0.98
O1 SO4 E . -23.11 14.31 2.02
O2 SO4 E . -24.81 13.74 0.41
O3 SO4 E . -22.49 13.32 -0.09
O4 SO4 E . -23.63 11.99 1.56
S SO4 F . 0.96 -8.87 -4.67
O1 SO4 F . 1.10 -7.53 -5.27
O2 SO4 F . -0.34 -9.46 -5.04
O3 SO4 F . 2.04 -9.74 -5.16
O4 SO4 F . 1.03 -8.74 -3.20
ZN ZN G . 8.09 -6.96 6.78
S SO4 H . 5.63 -10.14 10.93
O1 SO4 H . 4.35 -10.55 11.55
O2 SO4 H . 6.11 -11.21 10.02
O3 SO4 H . 5.44 -8.90 10.15
O4 SO4 H . 6.62 -9.90 12.00
S SO4 I . 19.87 13.14 13.05
O1 SO4 I . 19.13 14.39 13.34
O2 SO4 I . 19.01 11.98 13.38
O3 SO4 I . 20.24 13.09 11.63
O4 SO4 I . 21.09 13.12 13.88
N CYS A 4 -30.83 22.25 -26.75
CA CYS A 4 -30.78 21.20 -25.69
C CYS A 4 -30.47 19.82 -26.29
N VAL A 5 -29.42 19.20 -25.77
CA VAL A 5 -29.00 17.88 -26.23
C VAL A 5 -29.98 16.79 -25.85
N ALA A 6 -30.44 16.04 -26.84
CA ALA A 6 -31.39 14.95 -26.62
C ALA A 6 -30.64 13.73 -26.11
N GLU A 7 -31.35 12.84 -25.41
CA GLU A 7 -30.73 11.64 -24.86
C GLU A 7 -31.74 10.52 -24.55
N GLU A 8 -31.33 9.29 -24.81
CA GLU A 8 -32.15 8.11 -24.55
C GLU A 8 -32.07 7.75 -23.07
N PRO A 9 -33.15 7.20 -22.50
CA PRO A 9 -33.11 6.83 -21.09
C PRO A 9 -32.12 5.70 -20.79
N ILE A 10 -31.65 5.66 -19.55
CA ILE A 10 -30.72 4.64 -19.09
C ILE A 10 -31.49 3.55 -18.34
N LYS A 11 -31.32 2.30 -18.73
CA LYS A 11 -32.03 1.22 -18.04
C LYS A 11 -31.09 0.18 -17.42
N LYS A 12 -29.90 0.01 -17.98
CA LYS A 12 -28.96 -1.00 -17.48
C LYS A 12 -27.65 -0.40 -17.03
N ILE A 13 -27.35 -0.56 -15.75
CA ILE A 13 -26.13 -0.04 -15.16
C ILE A 13 -25.42 -1.14 -14.39
N ALA A 14 -24.11 -1.28 -14.61
CA ALA A 14 -23.33 -2.27 -13.88
C ALA A 14 -22.37 -1.50 -12.97
N ILE A 15 -22.04 -2.10 -11.83
CA ILE A 15 -21.07 -1.54 -10.88
C ILE A 15 -20.02 -2.65 -10.74
N PHE A 16 -18.85 -2.38 -11.31
CA PHE A 16 -17.74 -3.34 -11.29
C PHE A 16 -16.78 -3.08 -10.12
N GLY A 17 -16.46 -4.15 -9.39
CA GLY A 17 -15.52 -4.05 -8.29
C GLY A 17 -14.51 -5.18 -8.47
N GLY A 18 -13.25 -4.94 -8.09
CA GLY A 18 -12.23 -5.97 -8.21
C GLY A 18 -11.63 -6.18 -9.60
N THR A 19 -11.65 -5.15 -10.45
CA THR A 19 -11.01 -5.27 -11.77
C THR A 19 -9.54 -5.59 -11.47
N HIS A 20 -9.05 -5.00 -10.37
CA HIS A 20 -7.70 -5.28 -9.85
C HIS A 20 -8.06 -5.84 -8.46
N GLY A 21 -7.66 -7.10 -8.24
CA GLY A 21 -8.04 -7.83 -7.05
C GLY A 21 -7.58 -7.37 -5.68
N ASN A 22 -6.63 -6.43 -5.65
CA ASN A 22 -6.08 -5.93 -4.40
C ASN A 22 -6.51 -4.50 -4.08
N GLU A 23 -7.51 -4.00 -4.79
CA GLU A 23 -8.03 -2.64 -4.51
C GLU A 23 -9.37 -2.96 -3.84
N LEU A 24 -9.27 -3.24 -2.54
CA LEU A 24 -10.40 -3.70 -1.74
C LEU A 24 -11.69 -2.92 -1.61
N THR A 25 -11.65 -1.58 -1.71
CA THR A 25 -12.87 -0.82 -1.52
C THR A 25 -14.01 -1.31 -2.41
N GLY A 26 -13.73 -1.44 -3.70
CA GLY A 26 -14.76 -1.91 -4.62
C GLY A 26 -15.08 -3.36 -4.34
N VAL A 27 -14.06 -4.16 -4.06
CA VAL A 27 -14.28 -5.57 -3.77
C VAL A 27 -15.25 -5.69 -2.60
N PHE A 28 -15.12 -4.77 -1.64
CA PHE A 28 -15.95 -4.77 -0.43
C PHE A 28 -17.36 -4.20 -0.70
N LEU A 29 -17.42 -3.06 -1.36
CA LEU A 29 -18.73 -2.47 -1.65
C LEU A 29 -19.59 -3.36 -2.54
N VAL A 30 -19.02 -3.87 -3.62
CA VAL A 30 -19.80 -4.73 -4.51
C VAL A 30 -20.29 -5.96 -3.75
N THR A 31 -19.41 -6.59 -2.98
CA THR A 31 -19.80 -7.76 -2.21
C THR A 31 -20.95 -7.42 -1.25
N HIS A 32 -20.88 -6.25 -0.64
CA HIS A 32 -21.92 -5.80 0.28
C HIS A 32 -23.25 -5.55 -0.46
N TRP A 33 -23.16 -4.90 -1.62
CA TRP A 33 -24.35 -4.59 -2.40
C TRP A 33 -24.98 -5.79 -3.05
N LEU A 34 -24.17 -6.81 -3.34
CA LEU A 34 -24.74 -8.02 -3.92
C LEU A 34 -25.55 -8.75 -2.86
N LYS A 35 -25.16 -8.59 -1.60
CA LYS A 35 -25.89 -9.23 -0.50
C LYS A 35 -27.02 -8.33 0.01
N ASN A 36 -26.90 -7.04 -0.25
CA ASN A 36 -27.88 -6.06 0.22
C ASN A 36 -27.98 -4.97 -0.85
N GLY A 37 -28.69 -5.27 -1.94
CA GLY A 37 -28.79 -4.31 -3.04
C GLY A 37 -29.47 -2.97 -2.76
N ALA A 38 -30.14 -2.88 -1.61
CA ALA A 38 -30.87 -1.67 -1.26
C ALA A 38 -30.17 -0.36 -1.61
N GLU A 39 -28.91 -0.22 -1.19
CA GLU A 39 -28.16 1.00 -1.44
C GLU A 39 -28.03 1.41 -2.91
N VAL A 40 -27.93 0.44 -3.82
CA VAL A 40 -27.76 0.80 -5.24
C VAL A 40 -29.05 0.77 -6.02
N HIS A 41 -30.10 0.20 -5.43
CA HIS A 41 -31.40 0.16 -6.08
C HIS A 41 -31.87 1.58 -6.38
N ARG A 42 -32.57 1.74 -7.50
CA ARG A 42 -33.12 3.05 -7.90
C ARG A 42 -34.32 2.79 -8.80
N ALA A 43 -35.30 3.69 -8.75
CA ALA A 43 -36.49 3.59 -9.58
C ALA A 43 -36.14 3.79 -11.06
N GLY A 44 -36.74 2.98 -11.93
CA GLY A 44 -36.48 3.06 -13.37
C GLY A 44 -35.16 2.49 -13.87
N LEU A 45 -34.30 2.04 -12.95
CA LEU A 45 -33.00 1.51 -13.33
C LEU A 45 -32.74 0.07 -12.93
N GLU A 46 -31.97 -0.64 -13.75
CA GLU A 46 -31.58 -2.00 -13.44
C GLU A 46 -30.11 -1.82 -13.03
N VAL A 47 -29.74 -2.35 -11.86
CA VAL A 47 -28.36 -2.19 -11.38
C VAL A 47 -27.75 -3.55 -11.04
N LYS A 48 -26.59 -3.83 -11.62
CA LYS A 48 -25.96 -5.12 -11.37
C LYS A 48 -24.55 -5.07 -10.78
N PRO A 49 -24.41 -5.31 -9.46
CA PRO A 49 -23.07 -5.29 -8.85
C PRO A 49 -22.38 -6.55 -9.41
N PHE A 50 -21.07 -6.50 -9.63
CA PHE A 50 -20.36 -7.65 -10.19
C PHE A 50 -18.86 -7.55 -9.89
N ILE A 51 -18.25 -8.67 -9.49
CA ILE A 51 -16.80 -8.72 -9.23
C ILE A 51 -16.15 -9.12 -10.56
N THR A 52 -15.39 -8.20 -11.16
CA THR A 52 -14.81 -8.47 -12.46
C THR A 52 -13.67 -9.50 -12.51
N ASN A 53 -12.77 -9.47 -11.54
CA ASN A 53 -11.67 -10.43 -11.55
C ASN A 53 -11.69 -11.20 -10.24
N PRO A 54 -12.80 -11.90 -9.94
CA PRO A 54 -12.85 -12.65 -8.66
C PRO A 54 -11.71 -13.65 -8.46
N ARG A 55 -11.09 -14.09 -9.55
CA ARG A 55 -9.98 -15.02 -9.43
C ARG A 55 -8.72 -14.32 -8.91
N ALA A 56 -8.51 -13.07 -9.30
CA ALA A 56 -7.35 -12.30 -8.82
C ALA A 56 -7.67 -11.79 -7.39
N VAL A 57 -8.96 -11.59 -7.10
CA VAL A 57 -9.41 -11.13 -5.78
C VAL A 57 -9.12 -12.22 -4.72
N GLU A 58 -9.23 -13.48 -5.12
CA GLU A 58 -8.98 -14.58 -4.17
C GLU A 58 -7.50 -14.69 -3.75
N LYS A 59 -6.62 -14.06 -4.53
CA LYS A 59 -5.18 -14.07 -4.23
C LYS A 59 -4.68 -12.68 -3.77
N CYS A 60 -5.60 -11.74 -3.65
CA CYS A 60 -5.31 -10.35 -3.28
C CYS A 60 -4.12 -9.86 -4.08
N THR A 61 -4.25 -9.97 -5.40
CA THR A 61 -3.21 -9.53 -6.33
C THR A 61 -3.87 -8.67 -7.41
N ARG A 62 -3.07 -7.93 -8.16
CA ARG A 62 -3.63 -7.05 -9.17
C ARG A 62 -4.23 -7.83 -10.35
N TYR A 63 -3.51 -8.86 -10.78
CA TYR A 63 -3.95 -9.70 -11.89
C TYR A 63 -3.23 -11.05 -11.83
N ILE A 64 -3.85 -12.07 -12.41
CA ILE A 64 -3.24 -13.39 -12.43
C ILE A 64 -2.11 -13.39 -13.47
N ASP A 65 -2.46 -13.19 -14.75
CA ASP A 65 -1.47 -13.18 -15.84
C ASP A 65 -1.16 -11.79 -16.37
N CYS A 66 -2.19 -11.06 -16.82
CA CYS A 66 -1.96 -9.69 -17.29
C CYS A 66 -3.06 -8.77 -16.78
N ASP A 67 -2.86 -7.46 -16.93
CA ASP A 67 -3.80 -6.45 -16.46
C ASP A 67 -5.19 -6.61 -17.11
N LEU A 68 -6.22 -6.94 -16.30
CA LEU A 68 -7.57 -7.11 -16.85
C LEU A 68 -8.13 -5.81 -17.45
N ASN A 69 -7.70 -4.68 -16.89
CA ASN A 69 -8.18 -3.37 -17.35
C ASN A 69 -7.49 -2.86 -18.63
N ARG A 70 -6.68 -3.70 -19.26
CA ARG A 70 -5.99 -3.32 -20.50
C ARG A 70 -6.20 -4.32 -21.63
N VAL A 71 -7.18 -5.21 -21.50
CA VAL A 71 -7.38 -6.23 -22.53
C VAL A 71 -8.78 -6.26 -23.13
N PHE A 72 -9.46 -5.11 -23.11
CA PHE A 72 -10.79 -5.06 -23.69
C PHE A 72 -10.82 -4.48 -25.10
N ASP A 73 -9.67 -4.50 -25.76
CA ASP A 73 -9.61 -4.05 -27.16
C ASP A 73 -10.25 -5.13 -28.04
N LEU A 74 -10.71 -4.75 -29.24
CA LEU A 74 -11.36 -5.67 -30.15
C LEU A 74 -10.56 -6.95 -30.44
N GLU A 75 -9.27 -6.80 -30.65
CA GLU A 75 -8.44 -7.95 -30.97
C GLU A 75 -8.55 -8.99 -29.87
N ASN A 76 -8.49 -8.54 -28.62
CA ASN A 76 -8.58 -9.47 -27.49
C ASN A 76 -9.99 -10.04 -27.27
N LEU A 77 -11.02 -9.20 -27.47
CA LEU A 77 -12.38 -9.69 -27.29
C LEU A 77 -12.76 -10.74 -28.33
N SER A 78 -12.16 -10.71 -29.52
CA SER A 78 -12.47 -11.71 -30.53
C SER A 78 -11.34 -12.74 -30.70
N LYS A 79 -10.37 -12.73 -29.78
CA LYS A 79 -9.24 -13.64 -29.86
C LYS A 79 -9.60 -15.09 -29.53
N GLU A 80 -9.10 -16.03 -30.35
CA GLU A 80 -9.41 -17.43 -30.06
C GLU A 80 -8.53 -17.83 -28.88
N MSE A 81 -9.01 -18.76 -28.05
CA MSE A 81 -8.22 -19.20 -26.90
C MSE A 81 -6.98 -19.96 -27.35
O MSE A 81 -6.99 -20.64 -28.36
CB MSE A 81 -9.09 -20.10 -26.00
CG MSE A 81 -10.24 -19.36 -25.33
SE MSE A 81 -9.56 -18.00 -24.12
CE MSE A 81 -9.89 -16.43 -25.22
N SER A 82 -5.89 -19.83 -26.60
CA SER A 82 -4.64 -20.56 -26.87
C SER A 82 -4.02 -20.90 -25.52
N GLU A 83 -3.27 -22.00 -25.49
CA GLU A 83 -2.67 -22.49 -24.24
C GLU A 83 -1.93 -21.48 -23.39
N ASP A 84 -1.17 -20.60 -24.04
CA ASP A 84 -0.36 -19.63 -23.29
C ASP A 84 -0.98 -18.23 -23.26
N LEU A 85 -2.26 -18.14 -23.61
CA LEU A 85 -2.94 -16.85 -23.61
C LEU A 85 -3.23 -16.44 -22.18
N PRO A 86 -3.09 -15.14 -21.86
CA PRO A 86 -3.35 -14.69 -20.48
C PRO A 86 -4.80 -14.99 -20.01
N TYR A 87 -4.94 -15.44 -18.77
CA TYR A 87 -6.24 -15.72 -18.19
C TYR A 87 -7.17 -14.50 -18.34
N GLU A 88 -6.65 -13.31 -18.04
CA GLU A 88 -7.49 -12.12 -18.12
C GLU A 88 -8.14 -11.91 -19.49
N VAL A 89 -7.52 -12.43 -20.56
CA VAL A 89 -8.11 -12.27 -21.89
C VAL A 89 -9.38 -13.13 -21.96
N ARG A 90 -9.32 -14.32 -21.37
CA ARG A 90 -10.48 -15.19 -21.32
C ARG A 90 -11.50 -14.59 -20.33
N ARG A 91 -11.03 -13.96 -19.26
CA ARG A 91 -11.97 -13.37 -18.30
C ARG A 91 -12.67 -12.15 -18.92
N ALA A 92 -11.96 -11.42 -19.76
CA ALA A 92 -12.56 -10.25 -20.39
C ALA A 92 -13.73 -10.72 -21.26
N GLN A 93 -13.52 -11.83 -21.98
CA GLN A 93 -14.58 -12.36 -22.82
C GLN A 93 -15.79 -12.77 -22.00
N GLU A 94 -15.57 -13.42 -20.87
CA GLU A 94 -16.70 -13.81 -20.03
C GLU A 94 -17.50 -12.58 -19.55
N ILE A 95 -16.82 -11.47 -19.31
CA ILE A 95 -17.49 -10.24 -18.85
C ILE A 95 -18.26 -9.59 -20.01
N ASN A 96 -17.62 -9.46 -21.17
CA ASN A 96 -18.31 -8.89 -22.32
C ASN A 96 -19.56 -9.72 -22.69
N HIS A 97 -19.46 -11.04 -22.61
CA HIS A 97 -20.61 -11.88 -22.96
C HIS A 97 -21.81 -11.56 -22.09
N LEU A 98 -21.55 -10.93 -20.94
CA LEU A 98 -22.59 -10.56 -20.01
C LEU A 98 -23.01 -9.07 -20.04
N PHE A 99 -22.05 -8.17 -20.15
CA PHE A 99 -22.35 -6.72 -20.10
C PHE A 99 -22.33 -5.92 -21.40
N GLY A 100 -21.98 -6.60 -22.49
CA GLY A 100 -21.96 -5.97 -23.81
C GLY A 100 -23.05 -6.65 -24.64
N PRO A 101 -22.78 -7.03 -25.90
CA PRO A 101 -21.51 -6.88 -26.62
C PRO A 101 -21.00 -5.46 -26.73
N LYS A 102 -19.72 -5.28 -26.45
CA LYS A 102 -19.08 -3.99 -26.57
C LYS A 102 -19.29 -3.46 -27.99
N ASN A 103 -19.73 -2.21 -28.08
CA ASN A 103 -19.99 -1.53 -29.35
C ASN A 103 -21.29 -1.97 -30.03
N SER A 104 -22.24 -2.47 -29.24
CA SER A 104 -23.52 -2.91 -29.79
C SER A 104 -24.71 -2.29 -29.08
N ASP A 105 -25.85 -2.21 -29.77
CA ASP A 105 -27.06 -1.66 -29.16
C ASP A 105 -27.37 -2.34 -27.83
N ASP A 106 -26.93 -3.59 -27.69
CA ASP A 106 -27.19 -4.36 -26.48
C ASP A 106 -26.25 -4.04 -25.32
N ALA A 107 -25.36 -3.06 -25.48
CA ALA A 107 -24.43 -2.73 -24.40
C ALA A 107 -25.08 -2.05 -23.20
N TYR A 108 -24.58 -2.34 -22.00
CA TYR A 108 -25.11 -1.69 -20.81
C TYR A 108 -24.98 -0.20 -21.03
N ASP A 109 -25.96 0.56 -20.56
CA ASP A 109 -25.93 2.02 -20.74
C ASP A 109 -24.69 2.65 -20.12
N VAL A 110 -24.39 2.27 -18.89
CA VAL A 110 -23.24 2.85 -18.20
C VAL A 110 -22.59 1.82 -17.30
N VAL A 111 -21.28 1.90 -17.19
CA VAL A 111 -20.54 1.01 -16.30
C VAL A 111 -19.77 1.87 -15.31
N PHE A 112 -19.85 1.52 -14.03
CA PHE A 112 -19.08 2.19 -12.96
C PHE A 112 -18.02 1.18 -12.52
N ASP A 113 -16.77 1.40 -12.96
CA ASP A 113 -15.68 0.48 -12.60
C ASP A 113 -14.95 1.15 -11.44
N LEU A 114 -14.98 0.48 -10.30
CA LEU A 114 -14.42 1.00 -9.05
C LEU A 114 -12.94 0.68 -8.81
N HIS A 115 -12.12 1.73 -8.68
CA HIS A 115 -10.67 1.62 -8.44
C HIS A 115 -10.22 2.47 -7.24
N ASN A 116 -8.99 2.24 -6.80
CA ASN A 116 -8.36 3.00 -5.74
C ASN A 116 -6.87 3.05 -6.13
N THR A 117 -6.13 4.01 -5.57
CA THR A 117 -4.71 4.10 -5.87
C THR A 117 -3.98 4.41 -4.58
N THR A 118 -2.68 4.18 -4.59
CA THR A 118 -1.85 4.49 -3.42
C THR A 118 -1.48 6.00 -3.49
N SER A 119 -1.73 6.63 -4.64
CA SER A 119 -1.44 8.05 -4.83
C SER A 119 -2.47 8.92 -4.10
N ASN A 120 -2.06 10.12 -3.67
CA ASN A 120 -2.95 11.06 -2.96
C ASN A 120 -3.93 11.75 -3.92
N MSE A 121 -4.60 10.94 -4.74
CA MSE A 121 -5.55 11.43 -5.75
C MSE A 121 -6.80 12.09 -5.24
O MSE A 121 -7.22 13.14 -5.77
CB MSE A 121 -5.95 10.26 -6.68
CG MSE A 121 -4.83 9.72 -7.54
SE MSE A 121 -4.37 10.95 -8.95
CE MSE A 121 -5.48 10.26 -10.39
N GLY A 122 -7.39 11.52 -4.21
CA GLY A 122 -8.62 12.07 -3.67
C GLY A 122 -9.77 11.51 -4.49
N CYS A 123 -10.92 12.16 -4.43
CA CYS A 123 -12.10 11.71 -5.17
C CYS A 123 -11.92 12.06 -6.64
N THR A 124 -11.68 11.04 -7.48
CA THR A 124 -11.45 11.25 -8.91
C THR A 124 -12.37 10.40 -9.81
N LEU A 125 -12.92 11.03 -10.84
CA LEU A 125 -13.80 10.36 -11.81
C LEU A 125 -12.97 10.21 -13.10
N ILE A 126 -13.22 9.16 -13.87
CA ILE A 126 -12.48 8.95 -15.12
C ILE A 126 -13.43 9.21 -16.29
N LEU A 127 -13.07 10.17 -17.14
CA LEU A 127 -13.86 10.59 -18.29
C LEU A 127 -13.11 10.19 -19.57
N GLY A 128 -13.82 9.68 -20.57
CA GLY A 128 -13.13 9.25 -21.78
C GLY A 128 -13.57 9.91 -23.07
N ASP A 129 -14.58 10.77 -22.98
CA ASP A 129 -15.11 11.47 -24.17
C ASP A 129 -15.27 12.96 -23.84
N SER A 130 -14.33 13.76 -24.32
CA SER A 130 -14.34 15.20 -24.08
C SER A 130 -15.54 15.93 -24.69
N GLY A 131 -16.32 15.25 -25.50
CA GLY A 131 -17.48 15.90 -26.10
C GLY A 131 -18.80 15.34 -25.57
N ASN A 132 -18.70 14.39 -24.65
CA ASN A 132 -19.87 13.73 -24.08
C ASN A 132 -20.60 14.65 -23.10
N ASP A 133 -21.86 14.96 -23.40
CA ASP A 133 -22.65 15.84 -22.55
C ASP A 133 -23.36 15.11 -21.42
N PHE A 134 -23.76 13.86 -21.63
CA PHE A 134 -24.44 13.13 -20.57
C PHE A 134 -23.45 12.91 -19.43
N LEU A 135 -22.26 12.43 -19.76
CA LEU A 135 -21.23 12.17 -18.75
C LEU A 135 -20.74 13.40 -18.02
N ILE A 136 -20.60 14.52 -18.74
CA ILE A 136 -20.15 15.77 -18.12
C ILE A 136 -21.23 16.25 -17.13
N GLN A 137 -22.50 16.09 -17.49
CA GLN A 137 -23.56 16.52 -16.60
C GLN A 137 -23.51 15.71 -15.32
N MSE A 138 -23.35 14.40 -15.46
CA MSE A 138 -23.29 13.54 -14.29
C MSE A 138 -22.12 13.92 -13.39
O MSE A 138 -22.22 13.92 -12.17
CB MSE A 138 -23.14 12.07 -14.68
CG MSE A 138 -23.29 11.11 -13.50
SE MSE A 138 -22.95 9.26 -13.94
CE MSE A 138 -24.21 9.07 -15.39
N PHE A 139 -20.98 14.22 -14.00
CA PHE A 139 -19.78 14.56 -13.24
C PHE A 139 -19.96 15.88 -12.51
N HIS A 140 -20.57 16.88 -13.16
CA HIS A 140 -20.81 18.18 -12.53
C HIS A 140 -21.75 17.95 -11.36
N TYR A 141 -22.71 17.06 -11.54
CA TYR A 141 -23.69 16.75 -10.49
C TYR A 141 -23.00 16.12 -9.28
N ILE A 142 -22.08 15.21 -9.56
CA ILE A 142 -21.33 14.54 -8.50
C ILE A 142 -20.44 15.55 -7.77
N LYS A 143 -19.70 16.37 -8.52
CA LYS A 143 -18.80 17.37 -7.92
C LYS A 143 -19.53 18.28 -6.93
N THR A 144 -20.73 18.71 -7.31
CA THR A 144 -21.56 19.59 -6.49
C THR A 144 -22.08 18.87 -5.25
N CYS A 145 -22.36 17.58 -5.41
CA CYS A 145 -22.87 16.78 -4.30
C CYS A 145 -21.78 16.46 -3.28
N MSE A 146 -20.53 16.48 -3.73
CA MSE A 146 -19.39 16.16 -2.87
C MSE A 146 -18.71 17.35 -2.21
O MSE A 146 -17.93 17.17 -1.29
CB MSE A 146 -18.33 15.39 -3.67
CG MSE A 146 -18.79 14.05 -4.25
SE MSE A 146 -19.31 12.76 -2.92
CE MSE A 146 -17.58 12.38 -2.08
N ALA A 147 -18.97 18.57 -2.69
CA ALA A 147 -18.35 19.75 -2.09
C ALA A 147 -18.61 19.76 -0.58
N PRO A 148 -17.64 20.22 0.22
CA PRO A 148 -16.32 20.76 -0.14
C PRO A 148 -15.24 19.75 -0.50
N LEU A 149 -15.54 18.46 -0.49
CA LEU A 149 -14.49 17.52 -0.88
C LEU A 149 -14.27 17.68 -2.37
N PRO A 150 -13.00 17.86 -2.78
CA PRO A 150 -12.81 18.01 -4.22
C PRO A 150 -13.03 16.67 -4.93
N CYS A 151 -13.51 16.73 -6.16
CA CYS A 151 -13.75 15.54 -6.97
C CYS A 151 -13.18 15.87 -8.34
N SER A 152 -11.90 15.52 -8.52
CA SER A 152 -11.14 15.80 -9.73
C SER A 152 -11.52 14.94 -10.91
N VAL A 153 -11.44 15.53 -12.10
CA VAL A 153 -11.78 14.83 -13.34
C VAL A 153 -10.54 14.58 -14.18
N TYR A 154 -10.30 13.31 -14.49
CA TYR A 154 -9.19 12.92 -15.32
C TYR A 154 -9.77 12.62 -16.72
N LEU A 155 -9.29 13.33 -17.73
CA LEU A 155 -9.76 13.16 -19.09
C LEU A 155 -8.74 12.43 -19.95
N ILE A 156 -9.18 11.39 -20.65
CA ILE A 156 -8.29 10.61 -21.53
C ILE A 156 -8.66 10.88 -22.99
N GLU A 157 -7.73 11.41 -23.77
CA GLU A 157 -7.99 11.68 -25.19
C GLU A 157 -7.38 10.60 -26.10
N HIS A 158 -6.16 10.17 -25.82
CA HIS A 158 -5.52 9.14 -26.66
C HIS A 158 -6.35 7.84 -26.62
N PRO A 159 -6.72 7.30 -27.79
CA PRO A 159 -7.51 6.07 -27.84
C PRO A 159 -6.81 4.88 -27.19
N SER A 160 -5.49 4.85 -27.33
CA SER A 160 -4.68 3.77 -26.77
C SER A 160 -4.98 3.42 -25.32
N LEU A 161 -4.74 4.38 -24.43
CA LEU A 161 -4.95 4.16 -23.00
C LEU A 161 -6.38 4.22 -22.53
N LYS A 162 -7.32 3.94 -23.44
CA LYS A 162 -8.70 3.96 -23.03
C LYS A 162 -9.61 2.95 -23.73
N TYR A 163 -9.28 2.57 -24.94
CA TYR A 163 -10.13 1.63 -25.67
C TYR A 163 -10.00 0.18 -25.19
N ALA A 164 -8.93 -0.13 -24.45
CA ALA A 164 -8.75 -1.50 -23.96
C ALA A 164 -9.15 -1.63 -22.49
N THR A 165 -9.82 -0.61 -21.95
CA THR A 165 -10.25 -0.63 -20.54
C THR A 165 -11.53 -1.42 -20.29
N THR A 166 -11.64 -1.96 -19.08
CA THR A 166 -12.79 -2.77 -18.69
C THR A 166 -14.11 -2.00 -18.80
N ARG A 167 -14.07 -0.70 -18.52
CA ARG A 167 -15.29 0.11 -18.59
C ARG A 167 -15.70 0.43 -20.02
N SER A 168 -14.83 0.14 -20.99
CA SER A 168 -15.12 0.44 -22.39
C SER A 168 -16.25 -0.37 -23.01
N ILE A 169 -16.77 -1.35 -22.29
CA ILE A 169 -17.90 -2.12 -22.82
C ILE A 169 -19.22 -1.33 -22.80
N ALA A 170 -19.31 -0.28 -21.97
CA ALA A 170 -20.52 0.53 -21.88
C ALA A 170 -20.60 1.62 -22.95
N LYS A 171 -21.80 2.11 -23.16
CA LYS A 171 -22.00 3.23 -24.08
C LYS A 171 -21.37 4.46 -23.41
N TYR A 172 -21.52 4.55 -22.10
CA TYR A 172 -20.96 5.65 -21.29
C TYR A 172 -20.02 5.09 -20.21
N PRO A 173 -18.71 5.07 -20.47
CA PRO A 173 -17.71 4.56 -19.52
C PRO A 173 -17.54 5.52 -18.36
N VAL A 174 -17.47 4.97 -17.15
CA VAL A 174 -17.27 5.78 -15.95
C VAL A 174 -16.28 5.14 -14.99
N GLY A 175 -15.06 5.65 -14.99
CA GLY A 175 -14.05 5.13 -14.06
C GLY A 175 -14.11 5.93 -12.76
N ILE A 176 -14.17 5.23 -11.63
CA ILE A 176 -14.17 5.90 -10.34
C ILE A 176 -12.82 5.54 -9.72
N GLU A 177 -12.04 6.57 -9.40
CA GLU A 177 -10.71 6.41 -8.83
C GLU A 177 -10.59 7.20 -7.52
N VAL A 178 -10.18 6.53 -6.45
CA VAL A 178 -10.03 7.22 -5.16
C VAL A 178 -8.80 6.67 -4.40
N GLY A 179 -8.20 7.53 -3.60
CA GLY A 179 -7.05 7.14 -2.80
C GLY A 179 -6.92 8.23 -1.77
N PRO A 180 -5.90 8.19 -0.90
CA PRO A 180 -4.84 7.18 -0.83
C PRO A 180 -5.20 5.92 -0.03
N GLN A 181 -4.72 4.78 -0.51
CA GLN A 181 -4.93 3.51 0.17
C GLN A 181 -3.91 2.48 -0.33
N PRO A 182 -3.25 1.76 0.61
CA PRO A 182 -2.28 0.74 0.20
C PRO A 182 -3.13 -0.30 -0.53
N HIS A 183 -2.68 -0.75 -1.70
CA HIS A 183 -3.46 -1.75 -2.41
C HIS A 183 -3.55 -3.02 -1.58
N GLY A 184 -4.46 -3.01 -0.62
CA GLY A 184 -4.69 -4.13 0.29
C GLY A 184 -5.27 -3.68 1.64
N VAL A 185 -5.67 -2.41 1.73
CA VAL A 185 -6.27 -1.88 2.97
C VAL A 185 -7.70 -1.39 2.71
N LEU A 186 -8.56 -1.49 3.72
CA LEU A 186 -9.95 -1.03 3.65
C LEU A 186 -10.20 0.21 4.54
N ARG A 187 -9.44 1.29 4.34
CA ARG A 187 -9.65 2.49 5.16
C ARG A 187 -11.13 2.77 5.18
N ALA A 188 -11.67 2.93 6.39
CA ALA A 188 -13.08 3.19 6.55
C ALA A 188 -13.47 4.51 5.86
N ASP A 189 -12.55 5.48 5.86
CA ASP A 189 -12.85 6.78 5.24
C ASP A 189 -12.94 6.67 3.71
N ILE A 190 -12.13 5.79 3.15
CA ILE A 190 -12.14 5.61 1.69
C ILE A 190 -13.45 4.92 1.27
N LEU A 191 -13.90 3.95 2.07
CA LEU A 191 -15.15 3.26 1.75
C LEU A 191 -16.31 4.23 1.72
N ASP A 192 -16.33 5.14 2.69
CA ASP A 192 -17.42 6.11 2.75
C ASP A 192 -17.40 7.04 1.54
N GLN A 193 -16.21 7.48 1.15
CA GLN A 193 -16.13 8.38 0.00
C GLN A 193 -16.61 7.71 -1.27
N MSE A 194 -16.08 6.52 -1.56
CA MSE A 194 -16.46 5.80 -2.79
C MSE A 194 -17.98 5.49 -2.79
O MSE A 194 -18.63 5.61 -3.82
CB MSE A 194 -15.61 4.51 -2.95
CG MSE A 194 -15.34 4.09 -4.43
SE MSE A 194 -13.72 2.98 -4.86
CE MSE A 194 -14.64 1.30 -5.06
N ARG A 195 -18.56 5.12 -1.66
CA ARG A 195 -19.99 4.83 -1.66
C ARG A 195 -20.83 6.11 -1.85
N ARG A 196 -20.38 7.23 -1.29
CA ARG A 196 -21.10 8.51 -1.44
C ARG A 196 -21.19 8.91 -2.91
N MSE A 197 -20.05 9.14 -3.55
CA MSE A 197 -20.03 9.55 -4.96
C MSE A 197 -20.93 8.67 -5.82
O MSE A 197 -21.61 9.17 -6.72
CB MSE A 197 -18.59 9.54 -5.47
CG MSE A 197 -17.74 10.56 -4.75
SE MSE A 197 -15.91 10.12 -4.62
CE MSE A 197 -15.46 10.67 -6.43
N LEU A 198 -20.93 7.37 -5.56
CA LEU A 198 -21.78 6.47 -6.34
C LEU A 198 -23.23 6.74 -5.98
N LYS A 199 -23.50 6.92 -4.69
CA LYS A 199 -24.87 7.19 -4.27
C LYS A 199 -25.43 8.31 -5.13
N HIS A 200 -24.60 9.30 -5.45
CA HIS A 200 -25.08 10.41 -6.26
C HIS A 200 -25.22 10.08 -7.74
N ALA A 201 -24.24 9.39 -8.32
CA ALA A 201 -24.33 9.03 -9.74
C ALA A 201 -25.60 8.24 -10.03
N LEU A 202 -25.95 7.32 -9.13
CA LEU A 202 -27.16 6.53 -9.33
C LEU A 202 -28.40 7.43 -9.26
N ASP A 203 -28.38 8.39 -8.34
CA ASP A 203 -29.47 9.37 -8.18
C ASP A 203 -29.59 10.26 -9.41
N PHE A 204 -28.45 10.57 -10.03
CA PHE A 204 -28.44 11.42 -11.23
C PHE A 204 -29.18 10.73 -12.36
N ILE A 205 -28.76 9.49 -12.63
CA ILE A 205 -29.38 8.70 -13.68
C ILE A 205 -30.86 8.42 -13.42
N GLN A 206 -31.26 8.34 -12.15
CA GLN A 206 -32.68 8.10 -11.87
C GLN A 206 -33.44 9.36 -12.22
N ARG A 207 -33.01 10.49 -11.64
CA ARG A 207 -33.68 11.77 -11.92
C ARG A 207 -33.72 11.96 -13.42
N PHE A 208 -32.60 11.72 -14.09
CA PHE A 208 -32.54 11.87 -15.54
C PHE A 208 -33.61 11.00 -16.14
N ASN A 209 -33.88 9.87 -15.49
CA ASN A 209 -34.91 8.96 -15.96
C ASN A 209 -36.29 9.29 -15.39
N GLU A 210 -36.40 10.40 -14.66
CA GLU A 210 -37.70 10.79 -14.11
C GLU A 210 -38.26 11.95 -14.89
N GLY A 211 -37.37 12.76 -15.47
CA GLY A 211 -37.86 13.88 -16.26
C GLY A 211 -37.20 15.22 -16.01
N LYS A 212 -36.05 15.24 -15.34
CA LYS A 212 -35.37 16.50 -15.06
C LYS A 212 -34.57 16.98 -16.27
N GLU A 213 -34.64 18.28 -16.54
CA GLU A 213 -33.88 18.86 -17.64
C GLU A 213 -32.68 19.58 -17.00
N PHE A 214 -31.48 19.25 -17.46
CA PHE A 214 -30.26 19.85 -16.93
C PHE A 214 -29.73 20.95 -17.85
N PRO A 215 -29.71 22.20 -17.38
CA PRO A 215 -29.22 23.28 -18.25
C PRO A 215 -27.74 23.07 -18.57
N PRO A 216 -27.16 23.95 -19.41
CA PRO A 216 -25.74 23.82 -19.75
C PRO A 216 -24.89 23.99 -18.50
N CYS A 217 -23.69 23.41 -18.50
CA CYS A 217 -22.79 23.53 -17.34
C CYS A 217 -21.33 23.60 -17.74
N ALA A 218 -20.47 23.91 -16.75
CA ALA A 218 -19.02 24.01 -16.96
C ALA A 218 -18.29 23.21 -15.89
N ILE A 219 -17.15 22.63 -16.27
CA ILE A 219 -16.33 21.85 -15.33
C ILE A 219 -14.89 21.92 -15.78
N ASP A 220 -13.97 21.72 -14.84
CA ASP A 220 -12.55 21.70 -15.16
C ASP A 220 -12.14 20.23 -15.23
N VAL A 221 -11.22 19.89 -16.13
CA VAL A 221 -10.71 18.53 -16.26
C VAL A 221 -9.21 18.60 -16.53
N TYR A 222 -8.52 17.50 -16.25
CA TYR A 222 -7.08 17.42 -16.45
C TYR A 222 -6.89 16.32 -17.46
N LYS A 223 -6.35 16.72 -18.62
CA LYS A 223 -6.12 15.84 -19.75
C LYS A 223 -4.74 15.25 -19.74
N ILE A 224 -4.67 13.94 -19.79
CA ILE A 224 -3.38 13.29 -19.75
C ILE A 224 -2.53 13.61 -20.96
N MSE A 225 -1.32 14.11 -20.71
CA MSE A 225 -0.38 14.46 -21.77
C MSE A 225 0.52 13.25 -22.02
O MSE A 225 0.42 12.61 -23.06
CB MSE A 225 0.49 15.64 -21.34
CG MSE A 225 1.39 16.17 -22.43
SE MSE A 225 2.96 17.10 -21.77
CE MSE A 225 4.32 16.16 -22.74
N GLU A 226 1.38 12.95 -21.05
CA GLU A 226 2.30 11.81 -21.14
C GLU A 226 2.75 11.33 -19.76
N LYS A 227 3.47 10.21 -19.76
CA LYS A 227 3.99 9.62 -18.54
C LYS A 227 5.43 10.05 -18.31
N VAL A 228 5.87 9.93 -17.06
CA VAL A 228 7.25 10.27 -16.69
C VAL A 228 7.79 9.07 -15.92
N ASP A 229 8.86 8.45 -16.42
CA ASP A 229 9.44 7.32 -15.71
C ASP A 229 10.45 7.79 -14.67
N TYR A 230 10.66 6.96 -13.67
CA TYR A 230 11.65 7.23 -12.64
C TYR A 230 13.01 7.15 -13.36
N PRO A 231 14.01 7.91 -12.90
CA PRO A 231 15.34 7.85 -13.52
C PRO A 231 15.79 6.40 -13.22
N ARG A 232 16.57 5.79 -14.11
CA ARG A 232 16.99 4.41 -13.87
C ARG A 232 18.48 4.18 -14.11
N ASN A 233 19.03 3.18 -13.41
CA ASN A 233 20.43 2.83 -13.58
C ASN A 233 20.58 2.03 -14.86
N GLU A 234 21.76 2.08 -15.46
CA GLU A 234 22.05 1.37 -16.70
C GLU A 234 21.44 -0.02 -16.65
N SER A 235 21.64 -0.70 -15.53
CA SER A 235 21.10 -2.04 -15.33
C SER A 235 19.59 -2.01 -15.58
N GLY A 236 18.91 -1.04 -14.97
CA GLY A 236 17.48 -0.94 -15.16
C GLY A 236 16.66 -0.63 -13.92
N ASP A 237 17.30 -0.67 -12.75
CA ASP A 237 16.61 -0.38 -11.50
C ASP A 237 16.44 1.12 -11.32
N VAL A 238 15.56 1.51 -10.41
CA VAL A 238 15.29 2.91 -10.13
C VAL A 238 16.49 3.62 -9.53
N ALA A 239 16.90 4.73 -10.14
CA ALA A 239 18.06 5.51 -9.69
C ALA A 239 17.68 6.71 -8.80
N ALA A 240 16.39 7.04 -8.76
CA ALA A 240 15.90 8.13 -7.95
C ALA A 240 14.42 7.92 -7.68
N VAL A 241 13.95 8.39 -6.53
CA VAL A 241 12.55 8.23 -6.15
C VAL A 241 11.85 9.59 -6.16
N ILE A 242 10.54 9.58 -5.96
CA ILE A 242 9.77 10.85 -5.94
C ILE A 242 10.28 11.77 -4.84
N HIS A 243 10.47 13.05 -5.19
CA HIS A 243 10.94 14.06 -4.23
C HIS A 243 9.86 14.33 -3.18
N PRO A 244 10.26 14.57 -1.92
CA PRO A 244 9.25 14.82 -0.89
C PRO A 244 8.30 16.00 -1.14
N ASN A 245 8.73 16.96 -1.95
CA ASN A 245 7.88 18.12 -2.26
C ASN A 245 6.80 17.78 -3.29
N LEU A 246 6.98 16.70 -4.04
CA LEU A 246 6.00 16.27 -5.03
C LEU A 246 5.09 15.20 -4.40
N GLN A 247 5.71 14.35 -3.57
CA GLN A 247 4.97 13.28 -2.88
C GLN A 247 3.65 13.79 -2.30
N ASP A 248 2.57 13.08 -2.62
CA ASP A 248 1.21 13.39 -2.13
C ASP A 248 0.65 14.70 -2.69
N GLN A 249 1.34 15.28 -3.67
CA GLN A 249 0.87 16.54 -4.22
C GLN A 249 0.30 16.41 -5.62
N ASP A 250 -0.60 15.45 -5.78
CA ASP A 250 -1.26 15.24 -7.06
C ASP A 250 -2.19 16.42 -7.33
N TRP A 251 -2.35 16.73 -8.61
CA TRP A 251 -3.21 17.81 -9.13
C TRP A 251 -2.69 19.21 -8.87
N LYS A 252 -1.58 19.36 -8.15
CA LYS A 252 -1.09 20.71 -7.85
C LYS A 252 0.01 21.20 -8.77
N PRO A 253 -0.11 22.45 -9.26
CA PRO A 253 0.81 23.11 -10.16
C PRO A 253 2.25 22.75 -9.92
N LEU A 254 2.92 22.31 -10.99
CA LEU A 254 4.32 21.92 -10.94
C LEU A 254 5.01 22.62 -12.12
N HIS A 255 6.05 23.40 -11.80
CA HIS A 255 6.81 24.15 -12.82
C HIS A 255 8.13 23.49 -13.26
N PRO A 256 8.62 23.84 -14.48
CA PRO A 256 9.87 23.30 -15.04
C PRO A 256 11.08 23.11 -14.12
N GLY A 257 11.28 24.04 -13.18
CA GLY A 257 12.41 23.93 -12.28
C GLY A 257 12.11 23.31 -10.93
N ASP A 258 10.85 22.98 -10.69
CA ASP A 258 10.47 22.39 -9.41
C ASP A 258 10.99 20.96 -9.27
N PRO A 259 11.49 20.60 -8.09
CA PRO A 259 12.02 19.26 -7.86
C PRO A 259 10.94 18.17 -7.97
N VAL A 260 11.30 17.06 -8.60
CA VAL A 260 10.35 15.95 -8.79
C VAL A 260 10.95 14.60 -8.35
N PHE A 261 12.27 14.47 -8.43
CA PHE A 261 12.93 13.22 -8.02
C PHE A 261 14.11 13.49 -7.10
N VAL A 262 14.51 12.45 -6.36
CA VAL A 262 15.68 12.56 -5.49
C VAL A 262 16.51 11.28 -5.52
N SER A 263 17.84 11.46 -5.58
CA SER A 263 18.73 10.31 -5.59
C SER A 263 18.97 9.90 -4.13
N LEU A 264 19.43 8.67 -3.91
CA LEU A 264 19.66 8.23 -2.55
C LEU A 264 20.91 8.88 -1.98
N ASP A 265 21.38 9.94 -2.63
CA ASP A 265 22.55 10.64 -2.13
C ASP A 265 22.28 12.13 -2.01
N GLY A 266 21.10 12.56 -2.42
CA GLY A 266 20.76 13.96 -2.32
C GLY A 266 20.62 14.76 -3.62
N LYS A 267 20.93 14.17 -4.76
CA LYS A 267 20.82 14.87 -6.05
C LYS A 267 19.34 15.07 -6.43
N VAL A 268 18.94 16.32 -6.63
CA VAL A 268 17.56 16.65 -7.01
C VAL A 268 17.44 16.79 -8.53
N ILE A 269 16.40 16.20 -9.11
CA ILE A 269 16.14 16.29 -10.53
C ILE A 269 14.84 17.06 -10.75
N PRO A 270 14.91 18.18 -11.51
CA PRO A 270 13.74 19.04 -11.79
C PRO A 270 12.78 18.49 -12.87
N LEU A 271 11.59 19.08 -12.92
CA LEU A 271 10.57 18.66 -13.88
C LEU A 271 11.10 18.66 -15.31
N GLY A 272 11.60 19.82 -15.74
CA GLY A 272 12.10 19.94 -17.10
C GLY A 272 10.95 20.40 -17.97
N GLY A 273 11.20 20.53 -19.27
CA GLY A 273 10.15 20.96 -20.18
C GLY A 273 10.01 22.47 -20.21
N ASP A 274 8.93 22.97 -20.81
CA ASP A 274 8.72 24.40 -20.91
C ASP A 274 7.34 24.86 -20.42
N CYS A 275 6.53 23.93 -19.95
CA CYS A 275 5.21 24.32 -19.47
C CYS A 275 4.82 23.71 -18.13
N THR A 276 4.04 24.46 -17.37
CA THR A 276 3.57 23.99 -16.08
C THR A 276 2.66 22.81 -16.37
N VAL A 277 2.61 21.84 -15.46
CA VAL A 277 1.74 20.69 -15.62
C VAL A 277 1.18 20.33 -14.24
N TYR A 278 0.06 19.62 -14.21
CA TYR A 278 -0.56 19.20 -12.95
C TYR A 278 -0.32 17.71 -12.88
N PRO A 279 0.62 17.28 -12.02
CA PRO A 279 0.92 15.85 -11.90
C PRO A 279 -0.21 15.03 -11.31
N VAL A 280 -0.39 13.83 -11.85
CA VAL A 280 -1.41 12.89 -11.37
C VAL A 280 -0.75 11.52 -11.17
N PHE A 281 -1.41 10.67 -10.38
CA PHE A 281 -0.91 9.33 -10.06
C PHE A 281 0.56 9.36 -9.66
N VAL A 282 0.87 10.19 -8.67
CA VAL A 282 2.22 10.32 -8.17
C VAL A 282 2.53 9.13 -7.24
N ASN A 283 3.50 8.32 -7.64
CA ASN A 283 3.93 7.16 -6.86
C ASN A 283 2.87 6.06 -6.65
N GLU A 284 2.28 5.58 -7.76
CA GLU A 284 1.31 4.50 -7.70
C GLU A 284 2.12 3.21 -7.72
N ALA A 285 1.93 2.34 -6.73
CA ALA A 285 2.70 1.08 -6.69
C ALA A 285 2.65 0.29 -8.00
N ALA A 286 1.45 0.07 -8.54
CA ALA A 286 1.26 -0.71 -9.76
C ALA A 286 1.96 -0.12 -10.96
N TYR A 287 2.25 1.17 -10.92
CA TYR A 287 2.88 1.84 -12.06
C TYR A 287 4.40 1.80 -12.14
N TYR A 288 5.06 1.20 -11.15
CA TYR A 288 6.51 1.09 -11.24
C TYR A 288 6.87 0.22 -12.47
N GLU A 289 6.19 -0.91 -12.63
CA GLU A 289 6.49 -1.80 -13.75
C GLU A 289 6.03 -1.22 -15.08
N LYS A 290 5.17 -0.21 -15.02
CA LYS A 290 4.68 0.43 -16.24
C LYS A 290 5.60 1.60 -16.61
N LYS A 291 6.66 1.78 -15.82
CA LYS A 291 7.64 2.85 -16.04
C LYS A 291 7.01 4.24 -15.90
N GLU A 292 6.15 4.38 -14.89
CA GLU A 292 5.48 5.63 -14.64
C GLU A 292 5.67 6.04 -13.17
N ALA A 293 6.31 7.20 -12.97
CA ALA A 293 6.50 7.76 -11.63
C ALA A 293 5.28 8.66 -11.38
N PHE A 294 4.79 9.27 -12.45
CA PHE A 294 3.58 10.11 -12.42
C PHE A 294 3.24 10.46 -13.87
N ALA A 295 2.06 11.02 -14.07
CA ALA A 295 1.65 11.45 -15.40
C ALA A 295 1.51 12.97 -15.41
N LYS A 296 1.83 13.58 -16.55
CA LYS A 296 1.69 15.02 -16.69
C LYS A 296 0.35 15.31 -17.35
N THR A 297 -0.41 16.24 -16.77
CA THR A 297 -1.70 16.65 -17.33
C THR A 297 -1.77 18.18 -17.52
N THR A 298 -2.63 18.62 -18.43
CA THR A 298 -2.84 20.05 -18.69
C THR A 298 -4.28 20.30 -18.26
N LYS A 299 -4.56 21.48 -17.73
CA LYS A 299 -5.91 21.79 -17.26
C LYS A 299 -6.73 22.51 -18.30
N LEU A 300 -7.98 22.08 -18.47
CA LEU A 300 -8.86 22.72 -19.43
C LEU A 300 -10.29 22.71 -18.92
N THR A 301 -11.15 23.50 -19.56
CA THR A 301 -12.56 23.58 -19.16
C THR A 301 -13.47 22.99 -20.24
N LEU A 302 -14.36 22.09 -19.83
CA LEU A 302 -15.30 21.50 -20.77
C LEU A 302 -16.69 22.06 -20.47
N ASN A 303 -17.38 22.54 -21.51
CA ASN A 303 -18.72 23.07 -21.33
C ASN A 303 -19.72 22.11 -21.97
N ALA A 304 -20.76 21.74 -21.23
CA ALA A 304 -21.78 20.85 -21.77
C ALA A 304 -23.04 21.67 -22.06
N LYS A 305 -23.80 21.26 -23.07
CA LYS A 305 -25.05 21.94 -23.41
C LYS A 305 -26.09 21.41 -22.42
N SER A 306 -27.29 21.97 -22.48
CA SER A 306 -28.37 21.51 -21.61
C SER A 306 -28.74 20.11 -22.11
N ILE A 307 -29.30 19.29 -21.22
CA ILE A 307 -29.71 17.94 -21.60
C ILE A 307 -30.99 17.51 -20.90
N ARG A 308 -31.65 16.53 -21.49
CA ARG A 308 -32.89 15.99 -20.94
C ARG A 308 -33.27 14.73 -21.72
N SER A 309 -33.92 13.80 -21.07
CA SER A 309 -34.32 12.57 -21.75
C SER A 309 -35.21 12.92 -22.93
N THR A 310 -35.15 12.11 -23.99
CA THR A 310 -35.97 12.32 -25.17
C THR A 310 -37.43 11.91 -24.90
N CYS B 4 27.88 -2.78 36.41
CA CYS B 4 28.09 -2.62 34.93
C CYS B 4 28.27 -3.95 34.17
N VAL B 5 27.53 -4.09 33.07
CA VAL B 5 27.59 -5.28 32.24
C VAL B 5 28.65 -5.11 31.16
N ALA B 6 29.77 -5.82 31.29
CA ALA B 6 30.82 -5.74 30.27
C ALA B 6 30.70 -6.93 29.31
N GLU B 7 30.54 -6.62 28.03
CA GLU B 7 30.42 -7.63 26.98
C GLU B 7 31.51 -7.42 25.92
N GLU B 8 31.79 -8.44 25.14
CA GLU B 8 32.80 -8.35 24.10
C GLU B 8 32.37 -7.33 23.03
N PRO B 9 33.34 -6.63 22.42
CA PRO B 9 33.05 -5.64 21.37
C PRO B 9 32.44 -6.32 20.14
N ILE B 10 31.39 -5.72 19.58
CA ILE B 10 30.75 -6.27 18.41
C ILE B 10 31.73 -6.29 17.23
N LYS B 11 31.73 -7.36 16.46
CA LYS B 11 32.65 -7.45 15.35
C LYS B 11 31.98 -7.72 14.01
N LYS B 12 30.83 -8.39 14.05
CA LYS B 12 30.12 -8.75 12.82
C LYS B 12 28.66 -8.30 12.85
N ILE B 13 28.32 -7.36 11.97
CA ILE B 13 26.99 -6.79 11.85
C ILE B 13 26.43 -7.12 10.47
N ALA B 14 25.13 -7.40 10.40
CA ALA B 14 24.51 -7.66 9.10
C ALA B 14 23.29 -6.77 8.92
N ILE B 15 23.07 -6.29 7.70
CA ILE B 15 21.88 -5.47 7.42
C ILE B 15 21.13 -6.23 6.33
N PHE B 16 19.94 -6.72 6.70
CA PHE B 16 19.11 -7.50 5.80
C PHE B 16 18.03 -6.62 5.17
N GLY B 17 17.85 -6.77 3.86
CA GLY B 17 16.83 -6.04 3.14
C GLY B 17 16.00 -7.02 2.32
N GLY B 18 14.71 -6.77 2.20
CA GLY B 18 13.87 -7.65 1.42
C GLY B 18 13.45 -8.96 2.08
N THR B 19 13.23 -8.94 3.39
CA THR B 19 12.77 -10.15 4.08
C THR B 19 11.25 -10.24 3.82
N HIS B 20 10.73 -9.15 3.25
CA HIS B 20 9.33 -9.08 2.80
C HIS B 20 9.25 -8.15 1.60
N GLY B 21 9.03 -8.75 0.43
CA GLY B 21 8.95 -8.03 -0.84
C GLY B 21 8.50 -6.58 -0.90
N ASN B 22 7.24 -6.40 -1.28
CA ASN B 22 6.64 -5.09 -1.43
C ASN B 22 7.09 -4.03 -0.41
N GLU B 23 7.80 -4.46 0.64
CA GLU B 23 8.37 -3.57 1.65
C GLU B 23 9.70 -3.27 0.98
N LEU B 24 9.79 -2.11 0.33
CA LEU B 24 10.96 -1.81 -0.50
C LEU B 24 12.05 -0.90 0.04
N THR B 25 11.84 -0.24 1.17
CA THR B 25 12.88 0.67 1.67
C THR B 25 14.19 -0.06 1.93
N GLY B 26 14.10 -1.19 2.65
CA GLY B 26 15.31 -1.96 2.93
C GLY B 26 15.85 -2.62 1.66
N VAL B 27 15.04 -2.66 0.61
CA VAL B 27 15.50 -3.23 -0.67
C VAL B 27 16.36 -2.17 -1.35
N PHE B 28 15.81 -0.97 -1.44
CA PHE B 28 16.48 0.14 -2.12
C PHE B 28 17.72 0.62 -1.34
N LEU B 29 17.67 0.51 -0.02
CA LEU B 29 18.82 0.94 0.80
C LEU B 29 19.92 -0.11 0.78
N VAL B 30 19.55 -1.37 0.96
CA VAL B 30 20.54 -2.45 0.94
C VAL B 30 21.20 -2.60 -0.43
N THR B 31 20.39 -2.54 -1.49
CA THR B 31 20.92 -2.65 -2.84
C THR B 31 21.89 -1.51 -3.09
N HIS B 32 21.53 -0.32 -2.61
CA HIS B 32 22.39 0.84 -2.76
C HIS B 32 23.73 0.67 -2.03
N TRP B 33 23.73 -0.07 -0.93
CA TRP B 33 24.96 -0.25 -0.17
C TRP B 33 25.86 -1.36 -0.71
N LEU B 34 25.25 -2.46 -1.19
CA LEU B 34 26.03 -3.58 -1.73
C LEU B 34 26.95 -3.09 -2.83
N LYS B 35 26.59 -1.97 -3.46
CA LYS B 35 27.39 -1.39 -4.53
C LYS B 35 28.37 -0.36 -3.98
N ASN B 36 27.90 0.43 -3.02
CA ASN B 36 28.67 1.48 -2.36
C ASN B 36 28.21 1.51 -0.90
N GLY B 37 28.97 0.86 -0.04
CA GLY B 37 28.56 0.80 1.35
C GLY B 37 29.18 1.78 2.31
N ALA B 38 29.80 2.83 1.78
CA ALA B 38 30.46 3.81 2.64
C ALA B 38 29.53 4.33 3.72
N GLU B 39 28.24 4.42 3.41
CA GLU B 39 27.28 4.93 4.39
C GLU B 39 27.15 4.05 5.63
N VAL B 40 27.39 2.74 5.49
CA VAL B 40 27.25 1.85 6.65
C VAL B 40 28.53 1.25 7.19
N HIS B 41 29.66 1.69 6.64
CA HIS B 41 30.95 1.23 7.11
C HIS B 41 31.17 1.89 8.47
N ARG B 42 31.82 1.18 9.38
CA ARG B 42 32.17 1.76 10.69
C ARG B 42 33.57 1.23 11.05
N ALA B 43 34.34 2.06 11.76
CA ALA B 43 35.69 1.68 12.18
C ALA B 43 35.64 0.30 12.83
N GLY B 44 36.67 -0.50 12.60
CA GLY B 44 36.75 -1.83 13.18
C GLY B 44 35.45 -2.60 13.22
N LEU B 45 34.53 -2.29 12.30
CA LEU B 45 33.25 -2.98 12.27
C LEU B 45 32.94 -3.54 10.89
N GLU B 46 32.74 -4.85 10.79
CA GLU B 46 32.39 -5.44 9.50
C GLU B 46 30.90 -5.13 9.32
N VAL B 47 30.47 -4.95 8.08
CA VAL B 47 29.06 -4.68 7.79
C VAL B 47 28.75 -5.25 6.42
N LYS B 48 27.85 -6.23 6.38
CA LYS B 48 27.49 -6.90 5.13
C LYS B 48 26.01 -6.77 4.83
N PRO B 49 25.66 -6.24 3.65
CA PRO B 49 24.25 -6.09 3.28
C PRO B 49 23.85 -7.46 2.71
N PHE B 50 22.56 -7.80 2.72
CA PHE B 50 22.16 -9.12 2.24
C PHE B 50 20.67 -9.27 1.92
N ILE B 51 20.32 -9.44 0.64
CA ILE B 51 18.91 -9.61 0.32
C ILE B 51 18.49 -11.04 0.66
N THR B 52 17.77 -11.18 1.77
CA THR B 52 17.35 -12.45 2.30
C THR B 52 16.43 -13.26 1.40
N ASN B 53 15.35 -12.65 0.89
CA ASN B 53 14.41 -13.34 0.02
C ASN B 53 14.47 -12.69 -1.37
N PRO B 54 15.52 -12.97 -2.14
CA PRO B 54 15.69 -12.40 -3.48
C PRO B 54 14.61 -12.73 -4.50
N ARG B 55 14.04 -13.93 -4.43
CA ARG B 55 12.99 -14.30 -5.38
C ARG B 55 11.73 -13.44 -5.19
N ALA B 56 11.34 -13.21 -3.94
CA ALA B 56 10.16 -12.40 -3.66
C ALA B 56 10.42 -10.95 -4.08
N VAL B 57 11.65 -10.50 -3.89
CA VAL B 57 11.99 -9.13 -4.26
C VAL B 57 11.86 -8.94 -5.78
N GLU B 58 12.35 -9.90 -6.55
CA GLU B 58 12.30 -9.75 -8.00
C GLU B 58 10.85 -9.72 -8.49
N LYS B 59 9.95 -10.41 -7.78
CA LYS B 59 8.54 -10.45 -8.15
C LYS B 59 7.72 -9.45 -7.35
N CYS B 60 8.38 -8.79 -6.40
CA CYS B 60 7.75 -7.83 -5.50
C CYS B 60 6.51 -8.43 -4.87
N THR B 61 6.74 -9.36 -3.97
CA THR B 61 5.68 -10.07 -3.26
C THR B 61 6.22 -10.42 -1.87
N ARG B 62 5.33 -10.43 -0.88
CA ARG B 62 5.71 -10.71 0.49
C ARG B 62 6.47 -12.06 0.62
N TYR B 63 6.00 -13.08 -0.09
CA TYR B 63 6.65 -14.40 -0.07
C TYR B 63 6.15 -15.31 -1.20
N ILE B 64 7.09 -15.97 -1.86
CA ILE B 64 6.80 -16.89 -2.97
C ILE B 64 6.12 -18.16 -2.47
N ASP B 65 6.90 -19.04 -1.84
CA ASP B 65 6.36 -20.31 -1.34
C ASP B 65 5.94 -20.20 0.12
N CYS B 66 6.85 -19.75 0.97
CA CYS B 66 6.57 -19.60 2.38
C CYS B 66 7.15 -18.28 2.88
N ASP B 67 7.17 -18.11 4.19
CA ASP B 67 7.67 -16.90 4.79
C ASP B 67 9.00 -17.11 5.54
N LEU B 68 9.88 -16.13 5.43
CA LEU B 68 11.20 -16.17 6.07
C LEU B 68 11.04 -15.68 7.52
N ASN B 69 10.15 -14.72 7.73
CA ASN B 69 9.92 -14.18 9.08
C ASN B 69 9.31 -15.22 10.04
N ARG B 70 9.15 -16.45 9.57
CA ARG B 70 8.58 -17.53 10.40
C ARG B 70 9.10 -18.93 10.08
N VAL B 71 10.36 -19.04 9.62
CA VAL B 71 10.90 -20.35 9.30
C VAL B 71 12.32 -20.57 9.77
N PHE B 72 12.86 -19.62 10.54
CA PHE B 72 14.21 -19.77 11.06
C PHE B 72 14.13 -20.42 12.43
N ASP B 73 14.14 -21.74 12.44
CA ASP B 73 14.07 -22.51 13.67
C ASP B 73 14.16 -23.98 13.29
N LEU B 74 14.77 -24.79 14.17
CA LEU B 74 14.95 -26.22 13.94
C LEU B 74 13.80 -26.89 13.20
N GLU B 75 12.59 -26.35 13.36
CA GLU B 75 11.40 -26.89 12.68
C GLU B 75 11.45 -26.64 11.16
N ASN B 76 12.55 -26.07 10.69
CA ASN B 76 12.70 -25.79 9.26
C ASN B 76 14.15 -25.74 8.78
N LEU B 77 15.06 -25.27 9.64
CA LEU B 77 16.46 -25.14 9.29
C LEU B 77 17.21 -26.47 9.28
N SER B 78 16.77 -27.40 10.12
CA SER B 78 17.43 -28.69 10.17
C SER B 78 16.73 -29.70 9.27
N LYS B 79 15.69 -29.24 8.59
CA LYS B 79 14.90 -30.08 7.68
C LYS B 79 15.76 -30.58 6.51
N GLU B 80 15.39 -31.73 5.96
CA GLU B 80 16.12 -32.34 4.85
C GLU B 80 15.59 -31.90 3.49
N MSE B 81 16.50 -31.73 2.53
CA MSE B 81 16.15 -31.32 1.18
C MSE B 81 15.20 -32.29 0.49
O MSE B 81 15.41 -33.51 0.52
CB MSE B 81 17.42 -31.16 0.34
CG MSE B 81 17.20 -30.76 -1.12
SE MSE B 81 16.63 -28.92 -1.35
CE MSE B 81 18.37 -28.08 -1.36
N SER B 82 14.17 -31.75 -0.15
CA SER B 82 13.17 -32.55 -0.86
C SER B 82 12.45 -31.73 -1.93
N GLU B 83 11.36 -32.28 -2.46
CA GLU B 83 10.59 -31.62 -3.51
C GLU B 83 9.49 -30.72 -2.93
N ASP B 84 8.89 -31.15 -1.82
CA ASP B 84 7.84 -30.37 -1.17
C ASP B 84 8.45 -29.28 -0.30
N LEU B 85 9.72 -28.97 -0.54
CA LEU B 85 10.43 -27.96 0.26
C LEU B 85 10.25 -26.52 -0.24
N PRO B 86 9.68 -25.65 0.60
CA PRO B 86 9.47 -24.25 0.22
C PRO B 86 10.79 -23.56 -0.09
N TYR B 87 10.80 -22.71 -1.10
CA TYR B 87 12.02 -21.99 -1.47
C TYR B 87 12.67 -21.29 -0.25
N GLU B 88 11.84 -20.66 0.57
CA GLU B 88 12.34 -19.92 1.74
C GLU B 88 13.09 -20.81 2.72
N VAL B 89 12.73 -22.08 2.81
CA VAL B 89 13.43 -22.97 3.73
C VAL B 89 14.87 -23.08 3.24
N ARG B 90 15.00 -23.39 1.96
CA ARG B 90 16.29 -23.51 1.29
C ARG B 90 17.07 -22.19 1.40
N ARG B 91 16.42 -21.07 1.10
CA ARG B 91 17.08 -19.78 1.19
C ARG B 91 17.58 -19.51 2.61
N ALA B 92 16.72 -19.73 3.61
CA ALA B 92 17.12 -19.54 5.01
C ALA B 92 18.40 -20.33 5.26
N GLN B 93 18.48 -21.51 4.66
CA GLN B 93 19.67 -22.35 4.85
C GLN B 93 20.89 -21.58 4.38
N GLU B 94 20.77 -20.91 3.24
CA GLU B 94 21.88 -20.13 2.73
C GLU B 94 22.19 -18.94 3.62
N ILE B 95 21.15 -18.40 4.28
CA ILE B 95 21.37 -17.28 5.18
C ILE B 95 22.04 -17.80 6.45
N ASN B 96 21.35 -18.70 7.14
CA ASN B 96 21.84 -19.29 8.38
C ASN B 96 23.28 -19.77 8.29
N HIS B 97 23.76 -20.02 7.08
CA HIS B 97 25.13 -20.47 6.88
C HIS B 97 26.11 -19.29 6.95
N LEU B 98 25.71 -18.18 6.32
CA LEU B 98 26.52 -16.98 6.27
C LEU B 98 26.51 -16.14 7.55
N PHE B 99 25.37 -16.08 8.24
CA PHE B 99 25.27 -15.26 9.43
C PHE B 99 25.00 -16.04 10.70
N GLY B 100 24.70 -17.33 10.54
CA GLY B 100 24.44 -18.19 11.69
C GLY B 100 25.47 -19.30 11.63
N PRO B 101 25.11 -20.55 11.97
CA PRO B 101 23.81 -21.07 12.39
C PRO B 101 23.38 -20.46 13.71
N LYS B 102 22.06 -20.34 13.91
CA LYS B 102 21.48 -19.79 15.13
C LYS B 102 21.95 -20.62 16.33
N ASN B 103 22.13 -19.95 17.47
CA ASN B 103 22.56 -20.59 18.72
C ASN B 103 24.03 -21.05 18.75
N SER B 104 24.90 -20.34 18.02
CA SER B 104 26.32 -20.62 17.97
C SER B 104 27.14 -19.37 18.29
N ASP B 105 28.31 -19.59 18.89
CA ASP B 105 29.19 -18.49 19.26
C ASP B 105 29.78 -17.74 18.05
N ASP B 106 29.79 -18.35 16.87
CA ASP B 106 30.35 -17.67 15.71
C ASP B 106 29.27 -16.95 14.87
N ALA B 107 28.02 -17.02 15.28
CA ALA B 107 26.94 -16.35 14.55
C ALA B 107 27.25 -14.87 14.49
N TYR B 108 26.67 -14.15 13.53
CA TYR B 108 26.91 -12.72 13.45
C TYR B 108 26.52 -12.08 14.78
N ASP B 109 27.23 -11.03 15.16
CA ASP B 109 26.93 -10.39 16.43
C ASP B 109 25.53 -9.77 16.47
N VAL B 110 25.26 -8.85 15.54
CA VAL B 110 23.97 -8.18 15.48
C VAL B 110 23.43 -8.21 14.05
N VAL B 111 22.13 -8.39 13.90
CA VAL B 111 21.53 -8.34 12.57
C VAL B 111 20.49 -7.20 12.63
N PHE B 112 20.38 -6.44 11.54
CA PHE B 112 19.41 -5.36 11.40
C PHE B 112 18.48 -5.81 10.29
N ASP B 113 17.25 -6.19 10.63
CA ASP B 113 16.27 -6.63 9.62
C ASP B 113 15.30 -5.47 9.40
N LEU B 114 15.26 -5.00 8.16
CA LEU B 114 14.47 -3.84 7.76
C LEU B 114 13.01 -4.17 7.38
N HIS B 115 12.08 -3.36 7.86
CA HIS B 115 10.66 -3.57 7.58
C HIS B 115 9.83 -2.28 7.48
N ASN B 116 8.81 -2.33 6.63
CA ASN B 116 7.89 -1.19 6.46
C ASN B 116 6.53 -1.64 6.93
N THR B 117 5.62 -0.68 7.08
CA THR B 117 4.25 -1.00 7.46
C THR B 117 3.28 0.02 6.88
N THR B 118 2.08 -0.45 6.50
CA THR B 118 1.04 0.44 6.01
C THR B 118 0.35 1.09 7.23
N SER B 119 0.74 0.69 8.45
CA SER B 119 0.17 1.26 9.67
C SER B 119 0.93 2.56 10.00
N ASN B 120 0.23 3.54 10.60
CA ASN B 120 0.86 4.83 10.93
C ASN B 120 1.75 4.73 12.17
N MSE B 121 2.82 3.94 12.05
CA MSE B 121 3.70 3.72 13.19
C MSE B 121 4.85 4.68 13.37
O MSE B 121 5.22 5.02 14.51
CB MSE B 121 4.27 2.29 13.12
CG MSE B 121 3.22 1.20 13.27
SE MSE B 121 2.69 0.97 15.12
CE MSE B 121 4.10 -0.26 15.63
N GLY B 122 5.43 5.13 12.26
CA GLY B 122 6.60 5.99 12.35
C GLY B 122 7.80 5.10 12.64
N CYS B 123 8.91 5.70 13.07
CA CYS B 123 10.14 4.97 13.41
C CYS B 123 9.86 4.01 14.56
N THR B 124 10.05 2.70 14.33
CA THR B 124 9.80 1.70 15.36
C THR B 124 10.96 0.70 15.46
N LEU B 125 11.38 0.40 16.69
CA LEU B 125 12.44 -0.56 16.96
C LEU B 125 11.76 -1.75 17.64
N ILE B 126 12.11 -2.96 17.23
CA ILE B 126 11.51 -4.15 17.80
C ILE B 126 12.46 -4.84 18.76
N LEU B 127 12.03 -4.94 20.03
CA LEU B 127 12.83 -5.56 21.07
C LEU B 127 12.28 -6.96 21.34
N GLY B 128 13.15 -7.94 21.58
CA GLY B 128 12.67 -9.30 21.86
C GLY B 128 13.03 -9.80 23.26
N ASP B 129 13.81 -9.03 23.99
CA ASP B 129 14.24 -9.43 25.34
C ASP B 129 14.18 -8.27 26.33
N SER B 130 13.22 -8.30 27.23
CA SER B 130 13.03 -7.23 28.21
C SER B 130 14.18 -7.05 29.20
N GLY B 131 15.08 -8.02 29.27
CA GLY B 131 16.22 -7.91 30.17
C GLY B 131 17.53 -7.66 29.42
N ASN B 132 17.45 -7.40 28.12
CA ASN B 132 18.68 -7.20 27.34
C ASN B 132 19.31 -5.82 27.52
N ASP B 133 20.21 -5.69 28.50
CA ASP B 133 20.85 -4.41 28.76
C ASP B 133 21.49 -3.83 27.49
N PHE B 134 22.16 -4.67 26.70
CA PHE B 134 22.82 -4.18 25.50
C PHE B 134 21.76 -3.59 24.56
N LEU B 135 20.89 -4.45 24.02
CA LEU B 135 19.86 -3.95 23.13
C LEU B 135 19.14 -2.74 23.68
N ILE B 136 18.79 -2.76 24.99
CA ILE B 136 18.10 -1.62 25.59
C ILE B 136 19.00 -0.38 25.46
N GLN B 137 20.25 -0.51 25.86
CA GLN B 137 21.20 0.61 25.74
C GLN B 137 21.13 1.27 24.37
N MSE B 138 21.24 0.44 23.33
CA MSE B 138 21.17 0.95 21.97
C MSE B 138 19.86 1.71 21.70
O MSE B 138 19.85 2.79 21.09
CB MSE B 138 21.24 -0.22 20.97
CG MSE B 138 21.11 0.22 19.50
SE MSE B 138 20.85 -1.34 18.39
CE MSE B 138 22.55 -2.24 18.75
N PHE B 139 18.75 1.13 22.12
CA PHE B 139 17.46 1.79 21.85
C PHE B 139 17.36 3.13 22.56
N HIS B 140 17.94 3.23 23.75
CA HIS B 140 17.93 4.51 24.47
C HIS B 140 18.79 5.50 23.68
N TYR B 141 19.92 5.02 23.18
CA TYR B 141 20.82 5.87 22.38
C TYR B 141 20.11 6.41 21.12
N ILE B 142 19.62 5.51 20.28
CA ILE B 142 18.94 5.93 19.05
C ILE B 142 17.84 6.94 19.39
N LYS B 143 17.07 6.65 20.43
CA LYS B 143 16.03 7.58 20.85
C LYS B 143 16.64 8.91 21.28
N THR B 144 17.83 8.85 21.84
CA THR B 144 18.51 10.08 22.26
C THR B 144 18.92 10.88 21.03
N CYS B 145 19.42 10.18 20.02
CA CYS B 145 19.90 10.89 18.84
C CYS B 145 18.81 11.39 17.91
N MSE B 146 17.58 10.93 18.11
CA MSE B 146 16.47 11.36 17.27
C MSE B 146 15.49 12.32 17.90
O MSE B 146 14.60 12.86 17.23
CB MSE B 146 15.74 10.13 16.72
CG MSE B 146 16.63 9.27 15.86
SE MSE B 146 15.77 7.80 15.01
CE MSE B 146 14.85 8.75 13.58
N ALA B 147 15.63 12.55 19.22
CA ALA B 147 14.74 13.45 19.92
C ALA B 147 14.68 14.83 19.22
N PRO B 148 13.49 15.46 19.18
CA PRO B 148 12.23 14.97 19.75
C PRO B 148 11.40 14.18 18.72
N LEU B 149 12.05 13.79 17.62
CA LEU B 149 11.39 13.03 16.57
C LEU B 149 10.86 11.71 17.13
N PRO B 150 9.68 11.29 16.67
CA PRO B 150 9.12 10.03 17.18
C PRO B 150 9.99 8.80 16.92
N CYS B 151 10.16 8.00 17.96
CA CYS B 151 10.96 6.78 17.88
C CYS B 151 10.45 5.82 18.96
N SER B 152 9.72 4.80 18.54
CA SER B 152 9.10 3.87 19.48
C SER B 152 9.70 2.49 19.58
N VAL B 153 9.43 1.82 20.70
CA VAL B 153 9.94 0.46 20.91
C VAL B 153 8.78 -0.51 21.14
N TYR B 154 8.77 -1.59 20.35
CA TYR B 154 7.73 -2.62 20.44
C TYR B 154 8.37 -3.88 21.04
N LEU B 155 7.89 -4.29 22.21
CA LEU B 155 8.41 -5.49 22.89
C LEU B 155 7.62 -6.72 22.46
N ILE B 156 8.35 -7.77 22.11
CA ILE B 156 7.77 -9.04 21.66
C ILE B 156 8.69 -10.12 22.23
N GLU B 157 8.31 -10.72 23.36
CA GLU B 157 9.14 -11.72 24.02
C GLU B 157 8.88 -13.23 23.78
N HIS B 158 7.62 -13.65 23.88
CA HIS B 158 7.26 -15.07 23.70
C HIS B 158 7.97 -15.76 22.51
N PRO B 159 8.49 -16.99 22.73
CA PRO B 159 9.20 -17.79 21.72
C PRO B 159 8.49 -17.96 20.38
N SER B 160 7.22 -18.40 20.42
CA SER B 160 6.47 -18.62 19.18
C SER B 160 6.25 -17.34 18.39
N LEU B 161 6.76 -16.22 18.92
CA LEU B 161 6.60 -14.92 18.26
C LEU B 161 7.97 -14.38 17.81
N LYS B 162 9.03 -15.11 18.13
CA LYS B 162 10.38 -14.69 17.79
C LYS B 162 11.28 -15.80 17.25
N TYR B 163 11.09 -17.01 17.78
CA TYR B 163 11.91 -18.16 17.39
C TYR B 163 12.04 -18.43 15.90
N ALA B 164 11.03 -18.03 15.12
CA ALA B 164 11.08 -18.31 13.70
C ALA B 164 11.43 -17.10 12.84
N THR B 165 11.76 -15.97 13.46
CA THR B 165 12.10 -14.78 12.71
C THR B 165 13.51 -14.80 12.14
N THR B 166 13.66 -14.18 10.97
CA THR B 166 14.94 -14.10 10.29
C THR B 166 16.02 -13.41 11.13
N ARG B 167 15.62 -12.44 11.96
CA ARG B 167 16.58 -11.71 12.77
C ARG B 167 17.05 -12.45 14.02
N SER B 168 16.31 -13.48 14.41
CA SER B 168 16.66 -14.24 15.62
C SER B 168 17.86 -15.17 15.47
N ILE B 169 18.66 -14.96 14.42
CA ILE B 169 19.86 -15.78 14.21
C ILE B 169 21.12 -15.18 14.87
N ALA B 170 21.23 -13.86 14.87
CA ALA B 170 22.39 -13.19 15.45
C ALA B 170 22.42 -13.29 16.96
N LYS B 171 23.44 -12.68 17.56
CA LYS B 171 23.53 -12.65 19.01
C LYS B 171 22.48 -11.64 19.50
N TYR B 172 22.47 -10.44 18.90
CA TYR B 172 21.51 -9.39 19.27
C TYR B 172 20.60 -9.09 18.08
N PRO B 173 19.38 -9.61 18.09
CA PRO B 173 18.45 -9.37 16.98
C PRO B 173 17.89 -7.96 17.08
N VAL B 174 17.85 -7.27 15.94
CA VAL B 174 17.30 -5.92 15.90
C VAL B 174 16.33 -5.80 14.73
N GLY B 175 15.04 -5.75 15.01
CA GLY B 175 14.13 -5.57 13.91
C GLY B 175 14.10 -4.06 13.70
N ILE B 176 13.95 -3.60 12.46
CA ILE B 176 13.87 -2.17 12.14
C ILE B 176 12.51 -1.99 11.43
N GLU B 177 11.81 -0.89 11.74
CA GLU B 177 10.47 -0.72 11.19
C GLU B 177 10.04 0.72 10.98
N VAL B 178 9.46 1.03 9.82
CA VAL B 178 9.00 2.40 9.58
C VAL B 178 7.72 2.38 8.75
N GLY B 179 6.72 3.12 9.21
CA GLY B 179 5.45 3.24 8.51
C GLY B 179 4.95 4.66 8.73
N PRO B 180 3.90 5.10 8.02
CA PRO B 180 3.16 4.32 7.02
C PRO B 180 3.67 4.44 5.57
N GLN B 181 3.73 3.31 4.88
CA GLN B 181 4.15 3.27 3.47
C GLN B 181 3.43 2.14 2.74
N PRO B 182 2.69 2.45 1.66
CA PRO B 182 2.00 1.39 0.91
C PRO B 182 3.06 0.38 0.42
N HIS B 183 2.77 -0.92 0.47
CA HIS B 183 3.76 -1.85 -0.03
C HIS B 183 3.86 -1.67 -1.54
N GLY B 184 5.11 -1.61 -2.04
CA GLY B 184 5.33 -1.44 -3.46
C GLY B 184 5.68 0.00 -3.80
N VAL B 185 5.67 0.86 -2.78
CA VAL B 185 5.99 2.29 -2.93
C VAL B 185 7.28 2.64 -2.18
N LEU B 186 8.06 3.56 -2.73
CA LEU B 186 9.29 4.03 -2.08
C LEU B 186 9.17 5.55 -1.85
N ARG B 187 8.82 5.95 -0.61
CA ARG B 187 8.70 7.38 -0.26
C ARG B 187 10.04 7.89 0.24
N ALA B 188 10.31 9.18 0.01
CA ALA B 188 11.56 9.77 0.46
C ALA B 188 11.58 9.99 1.97
N ASP B 189 10.42 10.31 2.55
CA ASP B 189 10.41 10.53 3.99
C ASP B 189 10.53 9.25 4.81
N ILE B 190 10.13 8.11 4.25
CA ILE B 190 10.25 6.85 5.01
C ILE B 190 11.70 6.40 4.90
N LEU B 191 12.26 6.53 3.70
CA LEU B 191 13.65 6.17 3.44
C LEU B 191 14.56 7.02 4.35
N ASP B 192 14.19 8.29 4.53
CA ASP B 192 14.97 9.16 5.41
C ASP B 192 14.86 8.66 6.85
N GLN B 193 13.65 8.77 7.40
CA GLN B 193 13.42 8.33 8.78
C GLN B 193 14.23 7.12 9.20
N MSE B 194 14.20 6.07 8.39
CA MSE B 194 14.97 4.90 8.77
C MSE B 194 16.47 5.09 8.74
O MSE B 194 17.13 4.87 9.75
CB MSE B 194 14.59 3.71 7.92
CG MSE B 194 15.60 2.59 8.03
SE MSE B 194 14.65 1.01 8.39
CE MSE B 194 13.06 1.38 7.29
N ARG B 195 17.01 5.49 7.58
CA ARG B 195 18.46 5.70 7.49
C ARG B 195 18.88 6.42 8.78
N ARG B 196 18.12 7.43 9.17
CA ARG B 196 18.50 8.11 10.41
C ARG B 196 18.60 7.16 11.59
N MSE B 197 17.70 6.17 11.66
CA MSE B 197 17.75 5.19 12.75
C MSE B 197 19.03 4.33 12.64
O MSE B 197 19.73 4.11 13.64
CB MSE B 197 16.51 4.29 12.70
CG MSE B 197 15.22 5.07 12.55
SE MSE B 197 13.66 3.96 12.59
CE MSE B 197 14.32 2.51 11.57
N LEU B 198 19.31 3.82 11.43
CA LEU B 198 20.49 2.97 11.26
C LEU B 198 21.76 3.75 11.55
N LYS B 199 21.79 5.01 11.12
CA LYS B 199 22.99 5.81 11.34
C LYS B 199 23.30 5.88 12.83
N HIS B 200 22.26 6.03 13.65
CA HIS B 200 22.46 6.10 15.10
C HIS B 200 22.73 4.74 15.72
N ALA B 201 22.26 3.66 15.10
CA ALA B 201 22.50 2.33 15.64
C ALA B 201 23.96 1.91 15.43
N LEU B 202 24.44 2.00 14.19
CA LEU B 202 25.84 1.63 13.92
C LEU B 202 26.81 2.53 14.69
N ASP B 203 26.38 3.77 14.96
CA ASP B 203 27.20 4.73 15.73
C ASP B 203 27.28 4.30 17.20
N PHE B 204 26.16 3.86 17.75
CA PHE B 204 26.14 3.41 19.14
C PHE B 204 27.12 2.25 19.39
N ILE B 205 27.10 1.27 18.49
CA ILE B 205 27.99 0.12 18.65
C ILE B 205 29.46 0.56 18.59
N GLN B 206 29.73 1.59 17.81
CA GLN B 206 31.10 2.10 17.68
C GLN B 206 31.51 2.78 18.96
N ARG B 207 30.70 3.72 19.43
CA ARG B 207 31.04 4.40 20.68
C ARG B 207 31.29 3.33 21.73
N PHE B 208 30.48 2.27 21.68
CA PHE B 208 30.61 1.13 22.61
C PHE B 208 31.95 0.42 22.38
N ASN B 209 32.16 -0.06 21.15
CA ASN B 209 33.41 -0.77 20.85
C ASN B 209 34.67 0.02 21.19
N GLU B 210 34.67 1.31 20.88
CA GLU B 210 35.83 2.15 21.17
C GLU B 210 36.02 2.18 22.67
N GLY B 211 35.14 1.49 23.38
CA GLY B 211 35.24 1.42 24.82
C GLY B 211 34.44 2.43 25.60
N LYS B 212 33.80 3.39 24.94
CA LYS B 212 33.04 4.36 25.71
C LYS B 212 32.02 3.61 26.56
N GLU B 213 31.86 4.05 27.80
CA GLU B 213 30.93 3.41 28.71
C GLU B 213 29.63 4.21 28.76
N PHE B 214 28.52 3.49 28.77
CA PHE B 214 27.21 4.12 28.78
C PHE B 214 26.59 4.17 30.16
N PRO B 215 26.18 5.36 30.61
CA PRO B 215 25.57 5.50 31.93
C PRO B 215 24.25 4.74 32.00
N PRO B 216 23.88 4.23 33.19
CA PRO B 216 22.62 3.50 33.29
C PRO B 216 21.45 4.29 32.68
N CYS B 217 20.38 3.61 32.27
CA CYS B 217 19.21 4.28 31.70
C CYS B 217 18.03 3.33 31.50
N ALA B 218 16.91 3.88 31.04
CA ALA B 218 15.72 3.09 30.80
C ALA B 218 15.04 3.63 29.55
N ILE B 219 14.10 2.85 29.01
CA ILE B 219 13.34 3.25 27.82
C ILE B 219 11.90 2.80 27.99
N ASP B 220 10.96 3.62 27.52
CA ASP B 220 9.56 3.23 27.56
C ASP B 220 9.38 2.26 26.40
N VAL B 221 8.50 1.27 26.59
CA VAL B 221 8.22 0.29 25.54
C VAL B 221 6.76 -0.13 25.60
N TYR B 222 6.29 -0.74 24.51
CA TYR B 222 4.92 -1.24 24.41
C TYR B 222 5.00 -2.74 24.14
N LYS B 223 4.53 -3.56 25.09
CA LYS B 223 4.56 -5.02 24.98
C LYS B 223 3.24 -5.58 24.50
N ILE B 224 3.24 -6.24 23.34
CA ILE B 224 2.03 -6.81 22.78
C ILE B 224 1.45 -7.92 23.64
N MSE B 225 0.22 -7.70 24.12
CA MSE B 225 -0.47 -8.68 24.95
C MSE B 225 -0.86 -9.79 24.00
O MSE B 225 -0.42 -10.93 24.16
CB MSE B 225 -1.74 -8.07 25.59
CG MSE B 225 -2.52 -9.03 26.51
SE MSE B 225 -4.48 -8.79 26.65
CE MSE B 225 -4.58 -7.52 28.09
N GLU B 226 -1.68 -9.44 22.99
CA GLU B 226 -2.16 -10.40 21.99
C GLU B 226 -2.69 -9.66 20.76
N LYS B 227 -3.05 -10.42 19.74
CA LYS B 227 -3.60 -9.90 18.47
C LYS B 227 -5.11 -9.68 18.61
N VAL B 228 -5.68 -9.00 17.63
CA VAL B 228 -7.13 -8.75 17.58
C VAL B 228 -7.57 -8.87 16.13
N ASP B 229 -8.38 -9.87 15.84
CA ASP B 229 -8.84 -10.06 14.47
C ASP B 229 -10.06 -9.22 14.14
N TYR B 230 -10.28 -9.02 12.85
CA TYR B 230 -11.44 -8.30 12.35
C TYR B 230 -12.68 -9.16 12.64
N PRO B 231 -13.84 -8.51 12.88
CA PRO B 231 -15.08 -9.25 13.13
C PRO B 231 -15.30 -9.96 11.78
N ARG B 232 -15.81 -11.19 11.81
CA ARG B 232 -16.02 -11.88 10.54
C ARG B 232 -17.40 -12.53 10.44
N ASN B 233 -17.82 -12.78 9.21
CA ASN B 233 -19.12 -13.42 8.96
C ASN B 233 -18.90 -14.89 8.68
N GLU B 234 -19.97 -15.67 8.70
CA GLU B 234 -19.91 -17.10 8.44
C GLU B 234 -18.95 -17.40 7.29
N SER B 235 -19.08 -16.62 6.23
CA SER B 235 -18.22 -16.79 5.05
C SER B 235 -16.74 -16.79 5.43
N GLY B 236 -16.42 -15.97 6.43
CA GLY B 236 -15.04 -15.86 6.87
C GLY B 236 -14.42 -14.56 6.40
N ASP B 237 -15.14 -13.85 5.53
CA ASP B 237 -14.67 -12.57 5.01
C ASP B 237 -14.84 -11.50 6.09
N VAL B 238 -14.16 -10.37 5.92
CA VAL B 238 -14.24 -9.27 6.88
C VAL B 238 -15.66 -8.68 6.95
N ALA B 239 -16.23 -8.68 8.16
CA ALA B 239 -17.57 -8.14 8.38
C ALA B 239 -17.56 -6.69 8.86
N ALA B 240 -16.40 -6.22 9.32
CA ALA B 240 -16.26 -4.86 9.83
C ALA B 240 -14.83 -4.37 9.59
N VAL B 241 -14.66 -3.07 9.36
CA VAL B 241 -13.33 -2.51 9.13
C VAL B 241 -12.91 -1.56 10.25
N ILE B 242 -11.63 -1.23 10.29
CA ILE B 242 -11.09 -0.32 11.32
C ILE B 242 -11.84 1.01 11.31
N HIS B 243 -12.18 1.51 12.49
CA HIS B 243 -12.94 2.76 12.66
C HIS B 243 -12.09 3.96 12.24
N PRO B 244 -12.70 4.94 11.57
CA PRO B 244 -11.92 6.10 11.13
C PRO B 244 -11.13 6.77 12.24
N ASN B 245 -11.59 6.63 13.49
CA ASN B 245 -10.89 7.23 14.62
C ASN B 245 -9.64 6.43 15.01
N LEU B 246 -9.73 5.11 15.01
CA LEU B 246 -8.57 4.28 15.36
C LEU B 246 -7.57 4.31 14.19
N GLN B 247 -8.11 4.50 12.99
CA GLN B 247 -7.27 4.56 11.77
C GLN B 247 -6.10 5.54 11.90
N ASP B 248 -4.88 5.03 11.77
CA ASP B 248 -3.65 5.83 11.85
C ASP B 248 -3.27 6.21 13.29
N GLN B 249 -4.01 5.72 14.29
CA GLN B 249 -3.72 6.10 15.68
C GLN B 249 -2.90 5.09 16.50
N ASP B 250 -1.91 4.49 15.85
CA ASP B 250 -1.02 3.53 16.50
C ASP B 250 -0.31 4.19 17.69
N TRP B 251 -0.26 3.47 18.80
CA TRP B 251 0.40 3.86 20.06
C TRP B 251 -0.46 4.65 21.05
N LYS B 252 -1.52 5.32 20.57
CA LYS B 252 -2.36 6.11 21.47
C LYS B 252 -3.29 5.27 22.34
N PRO B 253 -3.54 5.70 23.60
CA PRO B 253 -4.41 4.91 24.47
C PRO B 253 -5.79 4.67 23.90
N LEU B 254 -6.28 3.45 24.11
CA LEU B 254 -7.61 3.04 23.65
C LEU B 254 -8.27 2.38 24.86
N HIS B 255 -9.45 2.86 25.23
CA HIS B 255 -10.22 2.33 26.37
C HIS B 255 -11.34 1.39 25.91
N PRO B 256 -11.82 0.50 26.81
CA PRO B 256 -12.90 -0.47 26.52
C PRO B 256 -14.11 0.01 25.70
N GLY B 257 -14.60 1.22 25.98
CA GLY B 257 -15.73 1.73 25.24
C GLY B 257 -15.40 2.48 23.96
N ASP B 258 -14.12 2.54 23.61
CA ASP B 258 -13.73 3.26 22.40
C ASP B 258 -14.03 2.37 21.18
N PRO B 259 -14.65 2.96 20.15
CA PRO B 259 -14.95 2.17 18.95
C PRO B 259 -13.67 1.80 18.21
N VAL B 260 -13.66 0.60 17.63
CA VAL B 260 -12.49 0.10 16.88
C VAL B 260 -12.83 -0.42 15.49
N PHE B 261 -13.99 -1.08 15.33
CA PHE B 261 -14.40 -1.58 14.01
C PHE B 261 -15.71 -0.90 13.62
N VAL B 262 -16.07 -1.02 12.34
CA VAL B 262 -17.31 -0.46 11.82
C VAL B 262 -17.72 -1.26 10.58
N SER B 263 -19.01 -1.58 10.47
CA SER B 263 -19.49 -2.32 9.33
C SER B 263 -20.05 -1.36 8.30
N LEU B 264 -20.30 -1.86 7.09
CA LEU B 264 -20.87 -0.98 6.07
C LEU B 264 -22.31 -0.65 6.42
N ASP B 265 -22.90 -1.44 7.30
CA ASP B 265 -24.29 -1.20 7.70
C ASP B 265 -24.34 -0.20 8.85
N GLY B 266 -23.17 0.16 9.37
CA GLY B 266 -23.11 1.15 10.44
C GLY B 266 -22.85 0.65 11.84
N LYS B 267 -22.91 -0.67 12.07
CA LYS B 267 -22.66 -1.21 13.39
C LYS B 267 -21.24 -0.88 13.82
N VAL B 268 -21.11 -0.28 15.00
CA VAL B 268 -19.80 0.06 15.54
C VAL B 268 -19.47 -0.96 16.62
N ILE B 269 -18.23 -1.43 16.64
CA ILE B 269 -17.79 -2.42 17.64
C ILE B 269 -16.70 -1.82 18.51
N PRO B 270 -17.00 -1.64 19.81
CA PRO B 270 -15.98 -1.06 20.69
C PRO B 270 -14.88 -2.04 21.11
N LEU B 271 -13.82 -1.50 21.68
CA LEU B 271 -12.68 -2.31 22.12
C LEU B 271 -13.11 -3.48 23.00
N GLY B 272 -13.91 -3.18 24.03
CA GLY B 272 -14.35 -4.23 24.93
C GLY B 272 -13.26 -4.50 25.97
N GLY B 273 -13.31 -5.66 26.63
CA GLY B 273 -12.28 -5.95 27.62
C GLY B 273 -12.33 -5.04 28.84
N ASP B 274 -11.33 -5.12 29.72
CA ASP B 274 -11.36 -4.27 30.91
C ASP B 274 -10.09 -3.49 31.26
N CYS B 275 -9.53 -2.77 30.30
CA CYS B 275 -8.34 -1.97 30.58
C CYS B 275 -7.91 -1.11 29.39
N THR B 276 -7.01 -0.17 29.66
CA THR B 276 -6.48 0.71 28.61
C THR B 276 -5.40 -0.09 27.87
N VAL B 277 -5.35 0.06 26.54
CA VAL B 277 -4.36 -0.64 25.73
C VAL B 277 -3.80 0.35 24.70
N TYR B 278 -2.72 -0.04 24.04
CA TYR B 278 -2.10 0.82 23.04
C TYR B 278 -1.92 -0.05 21.81
N PRO B 279 -2.81 0.09 20.80
CA PRO B 279 -2.69 -0.72 19.60
C PRO B 279 -1.46 -0.41 18.77
N VAL B 280 -0.94 -1.44 18.11
CA VAL B 280 0.18 -1.29 17.19
C VAL B 280 -0.15 -2.11 15.95
N PHE B 281 0.21 -1.56 14.79
CA PHE B 281 -0.03 -2.17 13.48
C PHE B 281 -1.50 -2.10 13.08
N VAL B 282 -2.11 -0.96 13.36
CA VAL B 282 -3.51 -0.73 13.01
C VAL B 282 -3.66 -0.79 11.49
N ASN B 283 -4.37 -1.81 11.02
CA ASN B 283 -4.62 -1.98 9.58
C ASN B 283 -3.37 -2.17 8.70
N GLU B 284 -2.60 -3.21 9.00
CA GLU B 284 -1.41 -3.56 8.20
C GLU B 284 -1.91 -4.55 7.14
N ALA B 285 -1.76 -4.18 5.88
CA ALA B 285 -2.23 -5.01 4.77
C ALA B 285 -1.86 -6.50 4.85
N ALA B 286 -0.61 -6.78 5.25
CA ALA B 286 -0.13 -8.15 5.34
C ALA B 286 -0.79 -8.98 6.41
N TYR B 287 -1.34 -8.31 7.42
CA TYR B 287 -1.95 -9.00 8.54
C TYR B 287 -3.42 -9.36 8.39
N TYR B 288 -4.02 -9.05 7.24
CA TYR B 288 -5.42 -9.44 7.08
C TYR B 288 -5.50 -10.97 7.11
N GLU B 289 -4.52 -11.64 6.51
CA GLU B 289 -4.56 -13.10 6.50
C GLU B 289 -4.11 -13.70 7.82
N LYS B 290 -3.27 -12.99 8.57
CA LYS B 290 -2.81 -13.48 9.87
C LYS B 290 -3.88 -13.23 10.95
N LYS B 291 -4.98 -12.61 10.53
CA LYS B 291 -6.09 -12.30 11.40
C LYS B 291 -5.69 -11.35 12.52
N GLU B 292 -5.06 -10.23 12.16
CA GLU B 292 -4.64 -9.25 13.13
C GLU B 292 -5.00 -7.83 12.66
N ALA B 293 -6.20 -7.36 13.01
CA ALA B 293 -6.64 -6.01 12.65
C ALA B 293 -5.66 -5.04 13.31
N PHE B 294 -5.16 -5.42 14.48
CA PHE B 294 -4.16 -4.64 15.22
C PHE B 294 -3.60 -5.52 16.36
N ALA B 295 -2.54 -5.05 17.01
CA ALA B 295 -1.95 -5.78 18.13
C ALA B 295 -2.23 -5.02 19.42
N LYS B 296 -2.62 -5.75 20.47
CA LYS B 296 -2.87 -5.14 21.78
C LYS B 296 -1.59 -5.26 22.61
N THR B 297 -1.07 -4.13 23.08
CA THR B 297 0.13 -4.17 23.91
C THR B 297 -0.06 -3.27 25.11
N THR B 298 0.75 -3.53 26.14
CA THR B 298 0.78 -2.75 27.36
C THR B 298 2.11 -1.98 27.40
N LYS B 299 2.12 -0.81 28.01
CA LYS B 299 3.33 0.01 28.09
C LYS B 299 4.01 -0.12 29.45
N LEU B 300 5.31 -0.31 29.44
CA LEU B 300 6.07 -0.41 30.71
C LEU B 300 7.44 0.20 30.50
N THR B 301 8.00 0.76 31.58
CA THR B 301 9.32 1.37 31.50
C THR B 301 10.33 0.26 31.82
N LEU B 302 11.32 0.08 30.94
CA LEU B 302 12.34 -0.95 31.18
C LEU B 302 13.63 -0.29 31.58
N ASN B 303 14.34 -0.86 32.55
CA ASN B 303 15.61 -0.28 32.98
C ASN B 303 16.78 -1.11 32.46
N ALA B 304 17.96 -0.49 32.35
CA ALA B 304 19.17 -1.18 31.93
C ALA B 304 20.37 -0.70 32.76
N LYS B 305 21.23 -1.64 33.14
CA LYS B 305 22.43 -1.29 33.89
C LYS B 305 23.41 -0.64 32.90
N SER B 306 24.39 0.10 33.41
CA SER B 306 25.38 0.69 32.51
C SER B 306 26.10 -0.49 31.84
N ILE B 307 26.70 -0.24 30.67
CA ILE B 307 27.46 -1.30 29.99
C ILE B 307 28.74 -0.73 29.39
N ARG B 308 29.61 -1.63 28.95
CA ARG B 308 30.87 -1.28 28.31
C ARG B 308 31.40 -2.56 27.70
N SER B 309 32.27 -2.44 26.70
CA SER B 309 32.86 -3.60 26.06
C SER B 309 34.10 -3.94 26.87
N THR B 310 34.61 -5.15 26.67
CA THR B 310 35.80 -5.58 27.40
C THR B 310 36.98 -4.66 27.03
ZN ZN C . -7.02 -0.15 -10.46
S SO4 D . -12.36 -1.32 -29.62
O1 SO4 D . -12.72 -0.29 -28.63
O2 SO4 D . -13.39 -2.37 -29.66
O3 SO4 D . -12.26 -0.70 -30.95
O4 SO4 D . -11.06 -1.93 -29.25
S SO4 E . -23.49 13.36 0.95
O1 SO4 E . -23.06 14.30 2.01
O2 SO4 E . -24.79 13.82 0.40
O3 SO4 E . -22.48 13.31 -0.11
O4 SO4 E . -23.67 12.01 1.54
S SO4 F . 1.13 -9.33 -4.78
O1 SO4 F . 1.22 -8.02 -5.46
O2 SO4 F . -0.02 -10.09 -5.30
O3 SO4 F . 2.36 -10.09 -5.04
O4 SO4 F . 0.94 -9.11 -3.34
ZN ZN G . 5.58 -7.59 7.87
S SO4 H . 5.81 -10.48 10.59
O1 SO4 H . 4.59 -10.80 11.37
O2 SO4 H . 6.13 -11.60 9.66
O3 SO4 H . 5.61 -9.24 9.83
O4 SO4 H . 6.93 -10.30 11.53
S SO4 I . 20.13 12.97 12.38
O1 SO4 I . 19.76 13.54 11.07
O2 SO4 I . 19.55 13.80 13.46
O3 SO4 I . 19.58 11.60 12.50
O4 SO4 I . 21.60 12.93 12.52
N CYS A 4 -29.61 22.09 -26.58
CA CYS A 4 -30.06 21.07 -25.59
C CYS A 4 -30.03 19.66 -26.17
N VAL A 5 -29.23 18.79 -25.56
CA VAL A 5 -29.10 17.41 -26.00
C VAL A 5 -30.17 16.53 -25.34
N ALA A 6 -31.12 16.07 -26.15
CA ALA A 6 -32.20 15.21 -25.65
C ALA A 6 -31.97 13.78 -26.14
N GLU A 7 -32.15 12.82 -25.23
CA GLU A 7 -31.93 11.40 -25.57
C GLU A 7 -32.77 10.45 -24.72
N GLU A 8 -32.82 9.18 -25.15
CA GLU A 8 -33.57 8.17 -24.43
C GLU A 8 -32.92 7.88 -23.08
N PRO A 9 -33.73 7.51 -22.08
CA PRO A 9 -33.23 7.20 -20.73
C PRO A 9 -32.16 6.09 -20.65
N ILE A 10 -31.80 5.75 -19.41
CA ILE A 10 -30.80 4.73 -19.11
C ILE A 10 -31.49 3.60 -18.33
N LYS A 11 -31.51 2.40 -18.89
CA LYS A 11 -32.17 1.30 -18.19
C LYS A 11 -31.18 0.26 -17.68
N LYS A 12 -29.89 0.44 -17.95
CA LYS A 12 -28.92 -0.55 -17.50
C LYS A 12 -27.57 0.04 -17.16
N ILE A 13 -27.16 -0.21 -15.92
CA ILE A 13 -25.90 0.26 -15.42
C ILE A 13 -25.28 -0.91 -14.67
N ALA A 14 -23.95 -1.04 -14.73
CA ALA A 14 -23.26 -2.08 -14.00
C ALA A 14 -22.31 -1.33 -13.06
N ILE A 15 -21.97 -1.95 -11.94
CA ILE A 15 -21.00 -1.40 -10.99
C ILE A 15 -19.99 -2.52 -10.87
N PHE A 16 -18.75 -2.27 -11.32
CA PHE A 16 -17.70 -3.25 -11.28
C PHE A 16 -16.73 -3.01 -10.12
N GLY A 17 -16.39 -4.07 -9.39
CA GLY A 17 -15.43 -3.97 -8.31
C GLY A 17 -14.39 -5.06 -8.56
N GLY A 18 -13.22 -4.96 -7.95
CA GLY A 18 -12.19 -5.98 -8.14
C GLY A 18 -11.63 -6.20 -9.55
N THR A 19 -11.64 -5.17 -10.40
CA THR A 19 -11.05 -5.29 -11.74
C THR A 19 -9.53 -5.48 -11.51
N HIS A 20 -9.02 -4.80 -10.48
CA HIS A 20 -7.63 -5.01 -9.98
C HIS A 20 -8.04 -5.54 -8.62
N GLY A 21 -7.65 -6.79 -8.34
CA GLY A 21 -8.11 -7.50 -7.14
C GLY A 21 -7.55 -7.31 -5.75
N ASN A 22 -6.72 -6.29 -5.58
CA ASN A 22 -6.14 -6.01 -4.28
C ASN A 22 -6.40 -4.53 -4.06
N GLU A 23 -7.54 -4.11 -4.58
CA GLU A 23 -8.04 -2.73 -4.47
C GLU A 23 -9.34 -3.04 -3.74
N LEU A 24 -9.22 -3.23 -2.43
CA LEU A 24 -10.35 -3.69 -1.65
C LEU A 24 -11.62 -2.88 -1.54
N THR A 25 -11.58 -1.58 -1.80
CA THR A 25 -12.80 -0.80 -1.64
C THR A 25 -13.91 -1.29 -2.57
N GLY A 26 -13.62 -1.30 -3.86
CA GLY A 26 -14.62 -1.75 -4.81
C GLY A 26 -15.07 -3.16 -4.46
N VAL A 27 -14.10 -4.01 -4.12
CA VAL A 27 -14.43 -5.38 -3.76
C VAL A 27 -15.44 -5.36 -2.62
N PHE A 28 -15.14 -4.55 -1.60
CA PHE A 28 -15.99 -4.44 -0.41
C PHE A 28 -17.39 -3.90 -0.74
N LEU A 29 -17.44 -2.77 -1.45
CA LEU A 29 -18.76 -2.22 -1.78
C LEU A 29 -19.60 -3.16 -2.65
N VAL A 30 -19.01 -3.70 -3.71
CA VAL A 30 -19.78 -4.60 -4.56
C VAL A 30 -20.30 -5.75 -3.69
N THR A 31 -19.40 -6.44 -3.00
CA THR A 31 -19.77 -7.57 -2.15
C THR A 31 -20.95 -7.23 -1.23
N HIS A 32 -20.87 -6.08 -0.59
CA HIS A 32 -21.94 -5.62 0.29
C HIS A 32 -23.25 -5.35 -0.47
N TRP A 33 -23.12 -4.68 -1.62
CA TRP A 33 -24.29 -4.34 -2.43
C TRP A 33 -24.99 -5.55 -3.01
N LEU A 34 -24.23 -6.62 -3.27
CA LEU A 34 -24.86 -7.84 -3.76
C LEU A 34 -25.66 -8.43 -2.60
N LYS A 35 -25.01 -8.63 -1.45
CA LYS A 35 -25.70 -9.18 -0.29
C LYS A 35 -26.96 -8.39 0.05
N ASN A 36 -26.87 -7.07 -0.13
CA ASN A 36 -27.96 -6.17 0.24
C ASN A 36 -28.11 -5.13 -0.86
N GLY A 37 -28.86 -5.48 -1.91
CA GLY A 37 -29.00 -4.54 -3.02
C GLY A 37 -29.68 -3.23 -2.67
N ALA A 38 -30.10 -3.09 -1.42
CA ALA A 38 -30.78 -1.90 -0.97
C ALA A 38 -30.17 -0.61 -1.49
N GLU A 39 -28.92 -0.38 -1.12
CA GLU A 39 -28.19 0.82 -1.47
C GLU A 39 -28.03 1.09 -2.98
N VAL A 40 -28.03 0.04 -3.80
CA VAL A 40 -27.84 0.26 -5.24
C VAL A 40 -29.14 0.46 -6.00
N HIS A 41 -30.22 -0.12 -5.50
CA HIS A 41 -31.52 0.05 -6.18
C HIS A 41 -31.70 1.48 -6.64
N ARG A 42 -32.43 1.66 -7.75
CA ARG A 42 -32.74 2.98 -8.28
C ARG A 42 -34.03 2.77 -9.09
N ALA A 43 -35.13 3.35 -8.61
CA ALA A 43 -36.40 3.20 -9.33
C ALA A 43 -36.17 3.64 -10.78
N GLY A 44 -36.63 2.81 -11.73
CA GLY A 44 -36.46 3.09 -13.15
C GLY A 44 -35.30 2.41 -13.86
N LEU A 45 -34.30 1.94 -13.12
CA LEU A 45 -33.16 1.31 -13.80
C LEU A 45 -32.71 0.02 -13.13
N GLU A 46 -32.04 -0.84 -13.90
CA GLU A 46 -31.54 -2.09 -13.36
C GLU A 46 -30.11 -1.78 -12.90
N VAL A 47 -29.70 -2.35 -11.77
CA VAL A 47 -28.36 -2.10 -11.25
C VAL A 47 -27.76 -3.43 -10.80
N LYS A 48 -26.71 -3.84 -11.49
CA LYS A 48 -26.07 -5.12 -11.21
C LYS A 48 -24.64 -5.01 -10.69
N PRO A 49 -24.40 -5.36 -9.41
CA PRO A 49 -23.05 -5.30 -8.84
C PRO A 49 -22.36 -6.58 -9.38
N PHE A 50 -21.06 -6.52 -9.64
CA PHE A 50 -20.35 -7.67 -10.18
C PHE A 50 -18.88 -7.59 -9.80
N ILE A 51 -18.29 -8.72 -9.39
CA ILE A 51 -16.86 -8.80 -9.05
C ILE A 51 -16.20 -9.24 -10.38
N THR A 52 -15.29 -8.45 -10.91
CA THR A 52 -14.73 -8.77 -12.22
C THR A 52 -13.51 -9.70 -12.31
N ASN A 53 -12.65 -9.72 -11.29
CA ASN A 53 -11.51 -10.63 -11.35
C ASN A 53 -11.49 -11.42 -10.04
N PRO A 54 -12.50 -12.28 -9.82
CA PRO A 54 -12.56 -13.07 -8.57
C PRO A 54 -11.33 -13.88 -8.19
N ARG A 55 -10.61 -14.40 -9.18
CA ARG A 55 -9.40 -15.18 -8.90
C ARG A 55 -8.34 -14.27 -8.28
N ALA A 56 -8.11 -13.10 -8.88
CA ALA A 56 -7.14 -12.15 -8.29
C ALA A 56 -7.66 -11.86 -6.86
N VAL A 57 -8.76 -11.13 -6.74
CA VAL A 57 -9.37 -10.82 -5.44
C VAL A 57 -9.14 -11.98 -4.44
N GLU A 58 -9.56 -13.20 -4.79
CA GLU A 58 -9.37 -14.33 -3.88
C GLU A 58 -7.91 -14.49 -3.48
N LYS A 59 -7.00 -14.16 -4.39
CA LYS A 59 -5.56 -14.23 -4.10
C LYS A 59 -5.07 -12.86 -3.61
N CYS A 60 -5.96 -11.86 -3.63
CA CYS A 60 -5.63 -10.47 -3.27
C CYS A 60 -4.36 -10.16 -4.04
N THR A 61 -4.53 -9.95 -5.34
CA THR A 61 -3.43 -9.65 -6.25
C THR A 61 -3.98 -8.72 -7.35
N ARG A 62 -3.13 -8.10 -8.14
CA ARG A 62 -3.67 -7.18 -9.16
C ARG A 62 -4.26 -7.95 -10.34
N TYR A 63 -3.53 -8.97 -10.78
CA TYR A 63 -3.96 -9.82 -11.88
C TYR A 63 -3.29 -11.18 -11.79
N ILE A 64 -3.71 -12.09 -12.64
CA ILE A 64 -3.16 -13.45 -12.67
C ILE A 64 -2.06 -13.51 -13.76
N ASP A 65 -2.42 -13.33 -15.02
CA ASP A 65 -1.44 -13.37 -16.12
C ASP A 65 -1.18 -12.00 -16.72
N CYS A 66 -2.22 -11.15 -16.77
CA CYS A 66 -2.02 -9.77 -17.25
C CYS A 66 -3.09 -8.84 -16.71
N ASP A 67 -2.78 -7.54 -16.66
CA ASP A 67 -3.69 -6.51 -16.15
C ASP A 67 -5.07 -6.65 -16.82
N LEU A 68 -6.08 -7.11 -16.07
CA LEU A 68 -7.43 -7.29 -16.66
C LEU A 68 -7.94 -6.01 -17.30
N ASN A 69 -7.43 -4.86 -16.82
CA ASN A 69 -7.90 -3.56 -17.31
C ASN A 69 -7.22 -3.10 -18.60
N ARG A 70 -6.64 -4.03 -19.35
CA ARG A 70 -5.98 -3.70 -20.63
C ARG A 70 -6.42 -4.57 -21.80
N VAL A 71 -7.39 -5.46 -21.60
CA VAL A 71 -7.81 -6.36 -22.68
C VAL A 71 -9.28 -6.39 -23.11
N PHE A 72 -9.90 -5.21 -23.15
CA PHE A 72 -11.28 -5.11 -23.62
C PHE A 72 -11.36 -4.42 -25.00
N ASP A 73 -10.27 -4.47 -25.75
CA ASP A 73 -10.27 -3.94 -27.12
C ASP A 73 -10.95 -5.05 -27.93
N LEU A 74 -11.27 -4.74 -29.19
CA LEU A 74 -11.96 -5.69 -30.04
C LEU A 74 -11.16 -6.89 -30.50
N GLU A 75 -9.83 -6.75 -30.58
CA GLU A 75 -9.01 -7.86 -31.04
C GLU A 75 -8.96 -8.95 -29.99
N ASN A 76 -8.57 -8.61 -28.76
CA ASN A 76 -8.48 -9.60 -27.70
C ASN A 76 -9.85 -10.17 -27.34
N LEU A 77 -10.88 -9.33 -27.42
CA LEU A 77 -12.23 -9.82 -27.15
C LEU A 77 -12.68 -10.71 -28.30
N SER A 78 -12.02 -10.61 -29.45
CA SER A 78 -12.43 -11.46 -30.57
C SER A 78 -11.55 -12.70 -30.78
N LYS A 79 -10.31 -12.68 -30.27
CA LYS A 79 -9.39 -13.81 -30.48
C LYS A 79 -9.95 -15.14 -30.08
N GLU A 80 -9.36 -16.22 -30.58
CA GLU A 80 -9.83 -17.55 -30.20
C GLU A 80 -8.98 -17.91 -29.02
N MSE A 81 -9.42 -18.88 -28.24
CA MSE A 81 -8.63 -19.28 -27.11
C MSE A 81 -7.34 -19.94 -27.61
O MSE A 81 -7.30 -20.46 -28.71
CB MSE A 81 -9.43 -20.26 -26.26
CG MSE A 81 -8.83 -20.45 -24.90
SE MSE A 81 -8.68 -18.78 -23.95
CE MSE A 81 -10.57 -18.44 -23.73
N SER A 82 -6.27 -19.87 -26.80
CA SER A 82 -4.98 -20.50 -27.11
C SER A 82 -4.28 -20.74 -25.77
N GLU A 83 -3.52 -21.83 -25.70
CA GLU A 83 -2.85 -22.22 -24.47
C GLU A 83 -2.08 -21.22 -23.67
N ASP A 84 -1.22 -20.46 -24.34
CA ASP A 84 -0.38 -19.47 -23.67
C ASP A 84 -1.04 -18.10 -23.50
N LEU A 85 -2.29 -17.98 -23.91
CA LEU A 85 -2.98 -16.69 -23.81
C LEU A 85 -3.12 -16.34 -22.33
N PRO A 86 -3.17 -15.04 -21.97
CA PRO A 86 -3.31 -14.75 -20.53
C PRO A 86 -4.74 -15.11 -20.07
N TYR A 87 -4.86 -15.69 -18.88
CA TYR A 87 -6.16 -16.00 -18.33
C TYR A 87 -7.09 -14.77 -18.42
N GLU A 88 -6.54 -13.56 -18.23
CA GLU A 88 -7.43 -12.40 -18.25
C GLU A 88 -8.07 -12.02 -19.58
N VAL A 89 -7.59 -12.58 -20.70
CA VAL A 89 -8.24 -12.26 -21.98
C VAL A 89 -9.59 -13.00 -22.05
N ARG A 90 -9.62 -14.23 -21.54
CA ARG A 90 -10.86 -15.02 -21.53
C ARG A 90 -11.97 -14.30 -20.73
N ARG A 91 -11.64 -13.84 -19.53
CA ARG A 91 -12.62 -13.13 -18.66
C ARG A 91 -13.31 -11.97 -19.39
N ALA A 92 -12.48 -11.11 -19.98
CA ALA A 92 -12.92 -9.92 -20.69
C ALA A 92 -13.95 -10.28 -21.75
N GLN A 93 -13.80 -11.44 -22.38
CA GLN A 93 -14.79 -11.87 -23.37
C GLN A 93 -16.02 -12.31 -22.56
N GLU A 94 -15.79 -12.97 -21.44
CA GLU A 94 -16.86 -13.41 -20.52
C GLU A 94 -17.59 -12.16 -19.99
N ILE A 95 -16.82 -11.11 -19.66
CA ILE A 95 -17.42 -9.87 -19.16
C ILE A 95 -18.05 -9.17 -20.36
N ASN A 96 -17.36 -9.22 -21.49
CA ASN A 96 -17.88 -8.61 -22.71
C ASN A 96 -19.20 -9.23 -23.19
N HIS A 97 -19.43 -10.49 -22.84
CA HIS A 97 -20.64 -11.24 -23.22
C HIS A 97 -21.75 -10.95 -22.20
N LEU A 98 -21.43 -11.07 -20.91
CA LEU A 98 -22.43 -10.82 -19.87
C LEU A 98 -22.97 -9.39 -19.88
N PHE A 99 -22.06 -8.43 -20.05
CA PHE A 99 -22.41 -7.00 -19.99
C PHE A 99 -22.28 -6.22 -21.28
N GLY A 100 -21.69 -6.84 -22.31
CA GLY A 100 -21.55 -6.22 -23.62
C GLY A 100 -22.57 -6.82 -24.59
N PRO A 101 -22.17 -7.13 -25.83
CA PRO A 101 -20.83 -6.95 -26.38
C PRO A 101 -20.53 -5.47 -26.56
N LYS A 102 -19.26 -5.12 -26.41
CA LYS A 102 -18.78 -3.77 -26.60
C LYS A 102 -19.12 -3.27 -28.01
N ASN A 103 -20.14 -2.41 -28.07
CA ASN A 103 -20.63 -1.80 -29.31
C ASN A 103 -21.91 -2.40 -29.87
N SER A 104 -22.66 -3.11 -29.03
CA SER A 104 -23.92 -3.71 -29.43
C SER A 104 -25.08 -3.01 -28.72
N ASP A 105 -26.25 -3.08 -29.33
CA ASP A 105 -27.44 -2.48 -28.72
C ASP A 105 -27.69 -3.17 -27.39
N ASP A 106 -27.19 -4.39 -27.23
CA ASP A 106 -27.42 -5.20 -26.03
C ASP A 106 -26.57 -4.87 -24.79
N ALA A 107 -25.46 -4.19 -25.01
CA ALA A 107 -24.58 -3.82 -23.90
C ALA A 107 -25.25 -2.91 -22.87
N TYR A 108 -24.51 -2.54 -21.84
CA TYR A 108 -25.02 -1.64 -20.83
C TYR A 108 -24.71 -0.20 -21.21
N ASP A 109 -25.60 0.70 -20.83
CA ASP A 109 -25.41 2.13 -21.13
C ASP A 109 -24.22 2.76 -20.42
N VAL A 110 -24.23 2.67 -19.09
CA VAL A 110 -23.17 3.27 -18.26
C VAL A 110 -22.48 2.25 -17.38
N VAL A 111 -21.16 2.25 -17.41
CA VAL A 111 -20.42 1.37 -16.51
C VAL A 111 -19.58 2.25 -15.60
N PHE A 112 -19.69 1.96 -14.30
CA PHE A 112 -18.91 2.62 -13.26
C PHE A 112 -17.92 1.58 -12.78
N ASP A 113 -16.64 1.72 -13.11
CA ASP A 113 -15.64 0.75 -12.68
C ASP A 113 -14.94 1.37 -11.46
N LEU A 114 -14.80 0.58 -10.40
CA LEU A 114 -14.26 1.08 -9.14
C LEU A 114 -12.77 0.80 -8.89
N HIS A 115 -12.03 1.85 -8.55
CA HIS A 115 -10.57 1.76 -8.30
C HIS A 115 -10.05 2.59 -7.10
N ASN A 116 -8.88 2.20 -6.60
CA ASN A 116 -8.17 2.93 -5.53
C ASN A 116 -6.83 3.32 -6.17
N THR A 117 -6.10 4.24 -5.56
CA THR A 117 -4.80 4.65 -6.10
C THR A 117 -3.84 5.04 -4.97
N THR A 118 -2.80 4.22 -4.72
CA THR A 118 -1.86 4.57 -3.64
C THR A 118 -1.35 6.03 -3.74
N SER A 119 -1.70 6.72 -4.83
CA SER A 119 -1.34 8.15 -5.01
C SER A 119 -2.42 8.95 -4.27
N ASN A 120 -2.09 10.16 -3.77
CA ASN A 120 -3.10 10.99 -3.06
C ASN A 120 -4.02 11.70 -4.04
N MSE A 121 -4.96 10.93 -4.61
CA MSE A 121 -5.87 11.50 -5.61
C MSE A 121 -7.23 11.86 -5.08
O MSE A 121 -7.95 12.66 -5.69
CB MSE A 121 -6.02 10.54 -6.80
CG MSE A 121 -4.78 10.36 -7.68
SE MSE A 121 -4.38 11.85 -8.89
CE MSE A 121 -5.78 11.58 -10.22
N GLY A 122 -7.58 11.28 -3.93
CA GLY A 122 -8.88 11.53 -3.33
C GLY A 122 -9.96 11.01 -4.26
N CYS A 123 -11.07 11.72 -4.32
CA CYS A 123 -12.20 11.36 -5.19
C CYS A 123 -11.85 11.81 -6.61
N THR A 124 -11.77 10.86 -7.54
CA THR A 124 -11.39 11.18 -8.92
C THR A 124 -12.23 10.41 -9.97
N LEU A 125 -12.97 11.13 -10.80
CA LEU A 125 -13.79 10.51 -11.85
C LEU A 125 -12.93 10.42 -13.13
N ILE A 126 -13.19 9.42 -13.96
CA ILE A 126 -12.44 9.22 -15.22
C ILE A 126 -13.44 9.39 -16.39
N LEU A 127 -13.13 10.33 -17.27
CA LEU A 127 -13.95 10.70 -18.41
C LEU A 127 -13.26 10.25 -19.70
N GLY A 128 -13.97 9.53 -20.55
CA GLY A 128 -13.36 9.04 -21.79
C GLY A 128 -13.81 9.72 -23.06
N ASP A 129 -14.81 10.61 -22.97
CA ASP A 129 -15.31 11.33 -24.15
C ASP A 129 -15.45 12.81 -23.81
N SER A 130 -14.51 13.60 -24.29
CA SER A 130 -14.48 15.03 -24.06
C SER A 130 -15.68 15.77 -24.66
N GLY A 131 -16.43 15.10 -25.54
CA GLY A 131 -17.58 15.75 -26.12
C GLY A 131 -18.90 15.19 -25.61
N ASN A 132 -18.81 14.31 -24.62
CA ASN A 132 -20.00 13.64 -24.05
C ASN A 132 -20.72 14.56 -23.07
N ASP A 133 -21.89 15.04 -23.46
CA ASP A 133 -22.67 15.93 -22.60
C ASP A 133 -23.35 15.19 -21.46
N PHE A 134 -23.74 13.95 -21.68
CA PHE A 134 -24.40 13.21 -20.61
C PHE A 134 -23.42 13.02 -19.45
N LEU A 135 -22.19 12.61 -19.75
CA LEU A 135 -21.20 12.40 -18.69
C LEU A 135 -20.67 13.69 -18.11
N ILE A 136 -20.43 14.70 -18.94
CA ILE A 136 -19.95 15.96 -18.39
C ILE A 136 -20.97 16.47 -17.37
N GLN A 137 -22.24 16.20 -17.65
CA GLN A 137 -23.30 16.64 -16.75
C GLN A 137 -23.38 15.72 -15.53
N MSE A 138 -23.27 14.40 -15.75
CA MSE A 138 -23.33 13.48 -14.62
C MSE A 138 -22.26 13.83 -13.60
O MSE A 138 -22.51 13.81 -12.39
CB MSE A 138 -23.11 12.02 -15.05
CG MSE A 138 -23.32 11.02 -13.89
SE MSE A 138 -22.48 9.29 -14.17
CE MSE A 138 -23.75 8.50 -15.42
N PHE A 139 -21.06 14.14 -14.06
CA PHE A 139 -19.99 14.45 -13.12
C PHE A 139 -20.22 15.74 -12.36
N HIS A 140 -20.58 16.82 -13.07
CA HIS A 140 -20.85 18.13 -12.45
C HIS A 140 -21.80 17.90 -11.28
N TYR A 141 -22.76 17.01 -11.48
CA TYR A 141 -23.75 16.72 -10.43
C TYR A 141 -23.06 16.04 -9.24
N ILE A 142 -22.19 15.08 -9.54
CA ILE A 142 -21.47 14.39 -8.48
C ILE A 142 -20.59 15.41 -7.76
N LYS A 143 -19.89 16.24 -8.53
CA LYS A 143 -19.00 17.24 -7.92
C LYS A 143 -19.76 18.29 -7.10
N THR A 144 -20.93 18.69 -7.58
CA THR A 144 -21.77 19.66 -6.87
C THR A 144 -22.25 19.06 -5.55
N CYS A 145 -22.64 17.81 -5.61
CA CYS A 145 -23.12 17.12 -4.40
C CYS A 145 -21.99 16.92 -3.39
N MSE A 146 -20.81 16.58 -3.87
CA MSE A 146 -19.67 16.35 -2.97
C MSE A 146 -19.04 17.62 -2.38
O MSE A 146 -18.52 17.59 -1.27
CB MSE A 146 -18.56 15.56 -3.67
CG MSE A 146 -18.98 14.18 -4.19
SE MSE A 146 -19.38 12.88 -2.80
CE MSE A 146 -17.58 12.48 -2.13
N ALA A 147 -19.05 18.71 -3.14
CA ALA A 147 -18.46 19.99 -2.69
C ALA A 147 -18.78 20.29 -1.23
N PRO A 148 -17.82 20.84 -0.48
CA PRO A 148 -16.45 21.22 -0.86
C PRO A 148 -15.40 20.11 -0.85
N LEU A 149 -15.81 18.84 -0.83
CA LEU A 149 -14.78 17.79 -0.88
C LEU A 149 -14.30 17.85 -2.34
N PRO A 150 -12.99 17.78 -2.56
CA PRO A 150 -12.52 17.83 -3.94
C PRO A 150 -12.82 16.56 -4.75
N CYS A 151 -13.44 16.75 -5.92
CA CYS A 151 -13.80 15.68 -6.83
C CYS A 151 -13.18 16.19 -8.15
N SER A 152 -12.17 15.48 -8.63
CA SER A 152 -11.43 15.93 -9.80
C SER A 152 -11.42 15.00 -11.01
N VAL A 153 -11.78 15.57 -12.14
CA VAL A 153 -11.89 14.85 -13.40
C VAL A 153 -10.58 14.73 -14.17
N TYR A 154 -10.21 13.48 -14.47
CA TYR A 154 -9.01 13.17 -15.24
C TYR A 154 -9.49 12.90 -16.67
N LEU A 155 -8.83 13.48 -17.66
CA LEU A 155 -9.25 13.25 -19.03
C LEU A 155 -8.23 12.38 -19.74
N ILE A 156 -8.64 11.20 -20.15
CA ILE A 156 -7.75 10.30 -20.86
C ILE A 156 -8.40 10.03 -22.21
N GLU A 157 -8.02 10.82 -23.21
CA GLU A 157 -8.56 10.68 -24.56
C GLU A 157 -7.76 9.75 -25.48
N HIS A 158 -6.43 9.71 -25.31
CA HIS A 158 -5.59 8.85 -26.14
C HIS A 158 -6.33 7.54 -26.42
N PRO A 159 -6.41 7.11 -27.70
CA PRO A 159 -7.12 5.87 -28.02
C PRO A 159 -6.62 4.68 -27.22
N SER A 160 -5.33 4.43 -27.32
CA SER A 160 -4.71 3.30 -26.63
C SER A 160 -4.86 3.39 -25.11
N LEU A 161 -5.18 4.58 -24.60
CA LEU A 161 -5.31 4.77 -23.17
C LEU A 161 -6.72 4.51 -22.63
N LYS A 162 -7.68 4.30 -23.52
CA LYS A 162 -9.02 4.02 -23.03
C LYS A 162 -9.75 2.87 -23.68
N TYR A 163 -9.51 2.66 -24.97
CA TYR A 163 -10.21 1.61 -25.70
C TYR A 163 -10.02 0.20 -25.14
N ALA A 164 -8.95 -0.01 -24.37
CA ALA A 164 -8.69 -1.34 -23.82
C ALA A 164 -9.16 -1.49 -22.38
N THR A 165 -9.98 -0.56 -21.88
CA THR A 165 -10.47 -0.65 -20.49
C THR A 165 -11.79 -1.41 -20.31
N THR A 166 -11.95 -1.92 -19.10
CA THR A 166 -13.15 -2.63 -18.72
C THR A 166 -14.38 -1.71 -18.91
N ARG A 167 -14.39 -0.60 -18.19
CA ARG A 167 -15.52 0.34 -18.28
C ARG A 167 -15.97 0.57 -19.71
N SER A 168 -14.99 0.88 -20.55
CA SER A 168 -15.18 1.20 -21.96
C SER A 168 -16.33 0.51 -22.66
N ILE A 169 -16.41 -0.82 -22.54
CA ILE A 169 -17.48 -1.57 -23.18
C ILE A 169 -18.81 -0.82 -23.10
N ALA A 170 -18.99 0.03 -22.09
CA ALA A 170 -20.22 0.79 -21.93
C ALA A 170 -20.38 1.85 -23.00
N LYS A 171 -21.59 2.36 -23.13
CA LYS A 171 -21.88 3.44 -24.06
C LYS A 171 -21.32 4.71 -23.38
N TYR A 172 -21.36 4.74 -22.05
CA TYR A 172 -20.83 5.87 -21.27
C TYR A 172 -19.75 5.39 -20.25
N PRO A 173 -18.46 5.41 -20.64
CA PRO A 173 -17.33 4.99 -19.77
C PRO A 173 -16.96 5.96 -18.63
N VAL A 174 -17.17 5.49 -17.39
CA VAL A 174 -16.86 6.28 -16.21
C VAL A 174 -15.97 5.50 -15.26
N GLY A 175 -14.89 6.15 -14.87
CA GLY A 175 -13.98 5.57 -13.89
C GLY A 175 -14.26 6.32 -12.60
N ILE A 176 -14.26 5.60 -11.47
CA ILE A 176 -14.47 6.19 -10.16
C ILE A 176 -13.36 5.58 -9.30
N GLU A 177 -12.31 6.36 -9.07
CA GLU A 177 -11.16 5.87 -8.31
C GLU A 177 -10.79 6.79 -7.17
N VAL A 178 -10.54 6.22 -5.99
CA VAL A 178 -10.20 7.03 -4.82
C VAL A 178 -8.88 6.57 -4.17
N GLY A 179 -8.04 7.54 -3.82
CA GLY A 179 -6.78 7.25 -3.15
C GLY A 179 -6.55 8.39 -2.18
N PRO A 180 -5.59 8.29 -1.25
CA PRO A 180 -4.67 7.19 -1.02
C PRO A 180 -5.18 6.10 -0.08
N GLN A 181 -4.81 4.89 -0.41
CA GLN A 181 -5.13 3.72 0.38
C GLN A 181 -4.12 2.66 -0.03
N PRO A 182 -3.54 1.93 0.94
CA PRO A 182 -2.56 0.91 0.56
C PRO A 182 -3.32 -0.27 -0.05
N HIS A 183 -2.84 -0.81 -1.15
CA HIS A 183 -3.52 -1.96 -1.75
C HIS A 183 -3.53 -3.08 -0.70
N GLY A 184 -4.61 -3.85 -0.67
CA GLY A 184 -4.72 -4.92 0.31
C GLY A 184 -5.24 -4.43 1.65
N VAL A 185 -5.53 -3.13 1.77
CA VAL A 185 -6.07 -2.54 3.00
C VAL A 185 -7.46 -1.94 2.76
N LEU A 186 -8.32 -2.00 3.77
CA LEU A 186 -9.65 -1.40 3.71
C LEU A 186 -9.71 -0.23 4.72
N ARG A 187 -9.76 1.02 4.25
CA ARG A 187 -9.87 2.19 5.15
C ARG A 187 -11.31 2.70 5.02
N ALA A 188 -11.99 2.96 6.12
CA ALA A 188 -13.35 3.47 6.01
C ALA A 188 -13.35 4.87 5.36
N ASP A 189 -12.35 5.69 5.69
CA ASP A 189 -12.36 7.05 5.12
C ASP A 189 -12.27 7.09 3.60
N ILE A 190 -11.95 5.96 2.98
CA ILE A 190 -11.89 5.91 1.51
C ILE A 190 -13.22 5.30 1.00
N LEU A 191 -13.82 4.45 1.84
CA LEU A 191 -15.10 3.79 1.56
C LEU A 191 -16.20 4.84 1.53
N ASP A 192 -16.13 5.77 2.48
CA ASP A 192 -17.17 6.79 2.51
C ASP A 192 -17.12 7.65 1.26
N GLN A 193 -15.91 7.98 0.80
CA GLN A 193 -15.83 8.82 -0.38
C GLN A 193 -16.34 8.13 -1.64
N MSE A 194 -15.96 6.87 -1.83
CA MSE A 194 -16.38 6.12 -3.02
C MSE A 194 -17.91 5.82 -3.02
O MSE A 194 -18.56 5.93 -4.06
CB MSE A 194 -15.57 4.81 -3.15
CG MSE A 194 -15.56 4.20 -4.59
SE MSE A 194 -13.96 3.14 -5.13
CE MSE A 194 -14.78 1.42 -5.07
N ARG A 195 -18.48 5.46 -1.87
CA ARG A 195 -19.91 5.15 -1.86
C ARG A 195 -20.76 6.40 -2.11
N ARG A 196 -20.33 7.55 -1.59
CA ARG A 196 -21.08 8.81 -1.80
C ARG A 196 -20.99 9.23 -3.28
N MSE A 197 -19.82 9.08 -3.89
CA MSE A 197 -19.72 9.45 -5.29
C MSE A 197 -20.73 8.64 -6.08
O MSE A 197 -21.43 9.17 -6.95
CB MSE A 197 -18.31 9.19 -5.83
CG MSE A 197 -17.24 10.06 -5.16
SE MSE A 197 -15.49 9.51 -5.80
CE MSE A 197 -15.63 10.51 -7.47
N LEU A 198 -20.83 7.35 -5.77
CA LEU A 198 -21.76 6.48 -6.47
C LEU A 198 -23.20 6.80 -6.12
N LYS A 199 -23.47 7.01 -4.83
CA LYS A 199 -24.83 7.33 -4.43
C LYS A 199 -25.33 8.50 -5.29
N HIS A 200 -24.45 9.47 -5.57
CA HIS A 200 -24.90 10.60 -6.37
C HIS A 200 -24.99 10.34 -7.88
N ALA A 201 -24.19 9.40 -8.39
CA ALA A 201 -24.26 9.08 -9.82
C ALA A 201 -25.56 8.34 -10.16
N LEU A 202 -25.92 7.35 -9.36
CA LEU A 202 -27.15 6.62 -9.61
C LEU A 202 -28.33 7.58 -9.42
N ASP A 203 -28.22 8.45 -8.42
CA ASP A 203 -29.23 9.47 -8.14
C ASP A 203 -29.43 10.37 -9.37
N PHE A 204 -28.32 10.80 -9.98
CA PHE A 204 -28.38 11.67 -11.17
C PHE A 204 -29.05 10.92 -12.31
N ILE A 205 -28.70 9.63 -12.44
CA ILE A 205 -29.29 8.82 -13.49
C ILE A 205 -30.81 8.70 -13.32
N GLN A 206 -31.28 8.53 -12.09
CA GLN A 206 -32.72 8.40 -11.91
C GLN A 206 -33.40 9.73 -12.26
N ARG A 207 -32.82 10.86 -11.87
CA ARG A 207 -33.44 12.14 -12.18
C ARG A 207 -33.52 12.33 -13.69
N PHE A 208 -32.47 11.95 -14.40
CA PHE A 208 -32.46 12.08 -15.86
C PHE A 208 -33.61 11.26 -16.43
N ASN A 209 -33.71 10.03 -15.91
CA ASN A 209 -34.76 9.10 -16.35
C ASN A 209 -36.18 9.61 -16.18
N GLU A 210 -36.47 10.19 -15.03
CA GLU A 210 -37.81 10.70 -14.74
C GLU A 210 -38.17 11.87 -15.62
N GLY A 211 -37.16 12.46 -16.27
CA GLY A 211 -37.40 13.59 -17.17
C GLY A 211 -36.75 14.90 -16.83
N LYS A 212 -36.07 14.98 -15.67
CA LYS A 212 -35.42 16.22 -15.27
C LYS A 212 -34.56 16.78 -16.40
N GLU A 213 -34.78 18.04 -16.77
CA GLU A 213 -33.97 18.66 -17.80
C GLU A 213 -32.87 19.39 -17.05
N PHE A 214 -31.62 19.06 -17.34
CA PHE A 214 -30.48 19.68 -16.66
C PHE A 214 -30.04 20.95 -17.38
N PRO A 215 -29.51 21.93 -16.65
CA PRO A 215 -29.06 23.17 -17.29
C PRO A 215 -27.64 23.06 -17.82
N PRO A 216 -27.27 23.95 -18.75
CA PRO A 216 -25.92 23.89 -19.28
C PRO A 216 -24.91 24.08 -18.15
N CYS A 217 -23.73 23.46 -18.28
CA CYS A 217 -22.69 23.58 -17.27
C CYS A 217 -21.33 23.35 -17.90
N ALA A 218 -20.30 23.28 -17.05
CA ALA A 218 -18.93 23.04 -17.52
C ALA A 218 -18.10 22.48 -16.37
N ILE A 219 -16.86 22.09 -16.66
CA ILE A 219 -15.95 21.55 -15.65
C ILE A 219 -14.52 21.67 -16.20
N ASP A 220 -13.56 21.78 -15.28
CA ASP A 220 -12.16 21.84 -15.69
C ASP A 220 -11.63 20.39 -15.62
N VAL A 221 -10.73 20.02 -16.53
CA VAL A 221 -10.14 18.67 -16.54
C VAL A 221 -8.62 18.71 -16.77
N TYR A 222 -7.96 17.56 -16.60
CA TYR A 222 -6.52 17.44 -16.76
C TYR A 222 -6.22 16.27 -17.68
N LYS A 223 -5.69 16.59 -18.85
CA LYS A 223 -5.36 15.65 -19.94
C LYS A 223 -4.02 14.98 -19.79
N ILE A 224 -4.05 13.65 -19.81
CA ILE A 224 -2.86 12.83 -19.63
C ILE A 224 -1.83 12.91 -20.76
N MSE A 225 -1.31 14.11 -20.96
CA MSE A 225 -0.33 14.38 -22.02
C MSE A 225 0.72 13.29 -22.15
O MSE A 225 0.86 12.70 -23.22
CB MSE A 225 0.33 15.73 -21.76
CG MSE A 225 -0.68 16.75 -21.30
SE MSE A 225 -0.09 18.53 -21.48
CE MSE A 225 1.36 18.57 -20.20
N GLU A 226 1.46 13.02 -21.08
CA GLU A 226 2.48 11.98 -21.11
C GLU A 226 2.95 11.52 -19.75
N LYS A 227 3.40 10.27 -19.70
CA LYS A 227 3.93 9.67 -18.47
C LYS A 227 5.35 10.17 -18.25
N VAL A 228 5.84 9.93 -17.04
CA VAL A 228 7.20 10.29 -16.67
C VAL A 228 7.77 9.08 -15.93
N ASP A 229 8.90 8.56 -16.39
CA ASP A 229 9.49 7.41 -15.71
C ASP A 229 10.45 7.88 -14.63
N TYR A 230 10.68 7.00 -13.65
CA TYR A 230 11.65 7.25 -12.61
C TYR A 230 13.00 7.15 -13.35
N PRO A 231 14.05 7.82 -12.84
CA PRO A 231 15.38 7.73 -13.48
C PRO A 231 15.76 6.27 -13.14
N ARG A 232 16.54 5.60 -13.99
CA ARG A 232 16.90 4.21 -13.68
C ARG A 232 18.36 3.89 -13.87
N ASN A 233 18.79 2.76 -13.31
CA ASN A 233 20.18 2.36 -13.48
C ASN A 233 20.28 1.49 -14.71
N GLU A 234 21.51 1.31 -15.19
CA GLU A 234 21.75 0.49 -16.38
C GLU A 234 20.86 -0.74 -16.34
N SER A 235 20.84 -1.39 -15.18
CA SER A 235 20.05 -2.60 -14.99
C SER A 235 18.54 -2.35 -14.91
N GLY A 236 18.11 -1.12 -15.24
CA GLY A 236 16.71 -0.80 -15.22
C GLY A 236 16.03 -0.72 -13.87
N ASP A 237 16.80 -0.64 -12.80
CA ASP A 237 16.23 -0.54 -11.47
C ASP A 237 16.10 0.94 -11.08
N VAL A 238 15.05 1.25 -10.33
CA VAL A 238 14.80 2.61 -9.88
C VAL A 238 16.12 3.18 -9.34
N ALA A 239 16.47 4.42 -9.70
CA ALA A 239 17.72 5.00 -9.22
C ALA A 239 17.48 6.31 -8.45
N ALA A 240 16.22 6.72 -8.35
CA ALA A 240 15.86 7.94 -7.66
C ALA A 240 14.40 7.87 -7.20
N VAL A 241 14.00 8.74 -6.30
CA VAL A 241 12.62 8.69 -5.81
C VAL A 241 11.85 10.00 -5.88
N ILE A 242 10.53 9.89 -5.94
CA ILE A 242 9.67 11.07 -5.98
C ILE A 242 10.11 11.98 -4.85
N HIS A 243 10.28 13.25 -5.17
CA HIS A 243 10.71 14.25 -4.20
C HIS A 243 9.69 14.41 -3.09
N PRO A 244 10.14 14.55 -1.84
CA PRO A 244 9.16 14.70 -0.75
C PRO A 244 8.11 15.80 -0.91
N ASN A 245 8.41 16.79 -1.75
CA ASN A 245 7.47 17.90 -2.01
C ASN A 245 6.41 17.58 -3.09
N LEU A 246 6.75 16.72 -4.05
CA LEU A 246 5.81 16.33 -5.10
C LEU A 246 4.94 15.21 -4.52
N GLN A 247 5.56 14.37 -3.70
CA GLN A 247 4.84 13.27 -3.04
C GLN A 247 3.55 13.78 -2.37
N ASP A 248 2.45 13.07 -2.63
CA ASP A 248 1.11 13.38 -2.08
C ASP A 248 0.49 14.65 -2.61
N GLN A 249 1.16 15.30 -3.57
CA GLN A 249 0.65 16.56 -4.09
C GLN A 249 0.07 16.44 -5.48
N ASP A 250 -0.53 15.29 -5.77
CA ASP A 250 -1.18 15.07 -7.05
C ASP A 250 -1.97 16.33 -7.39
N TRP A 251 -2.05 16.65 -8.68
CA TRP A 251 -2.77 17.80 -9.23
C TRP A 251 -2.07 19.13 -8.97
N LYS A 252 -1.63 19.34 -7.74
CA LYS A 252 -1.00 20.61 -7.35
C LYS A 252 -0.06 21.16 -8.42
N PRO A 253 -0.31 22.40 -8.87
CA PRO A 253 0.50 23.05 -9.91
C PRO A 253 1.98 22.75 -9.80
N LEU A 254 2.60 22.40 -10.93
CA LEU A 254 4.01 22.07 -10.99
C LEU A 254 4.68 22.76 -12.18
N HIS A 255 5.68 23.61 -11.92
CA HIS A 255 6.39 24.33 -12.99
C HIS A 255 7.78 23.77 -13.29
N PRO A 256 8.31 24.01 -14.51
CA PRO A 256 9.63 23.52 -14.94
C PRO A 256 10.77 23.38 -13.94
N GLY A 257 11.03 24.41 -13.14
CA GLY A 257 12.13 24.29 -12.17
C GLY A 257 11.82 23.55 -10.88
N ASP A 258 10.61 23.00 -10.75
CA ASP A 258 10.22 22.31 -9.52
C ASP A 258 10.88 20.95 -9.29
N PRO A 259 10.97 20.54 -8.02
CA PRO A 259 11.60 19.24 -7.75
C PRO A 259 10.75 18.05 -8.15
N VAL A 260 11.34 17.15 -8.92
CA VAL A 260 10.62 15.94 -9.36
C VAL A 260 11.08 14.82 -8.45
N PHE A 261 12.31 14.36 -8.66
CA PHE A 261 12.89 13.29 -7.85
C PHE A 261 13.93 13.89 -6.92
N VAL A 262 14.52 13.03 -6.11
CA VAL A 262 15.61 13.42 -5.21
C VAL A 262 16.31 12.09 -4.99
N SER A 263 17.64 12.04 -5.18
CA SER A 263 18.35 10.77 -5.01
C SER A 263 18.86 10.59 -3.58
N LEU A 264 19.52 9.46 -3.31
CA LEU A 264 20.03 9.19 -1.98
C LEU A 264 21.01 10.22 -1.44
N ASP A 265 21.79 10.84 -2.32
CA ASP A 265 22.76 11.84 -1.87
C ASP A 265 22.04 13.15 -1.58
N GLY A 266 20.75 13.20 -1.83
CA GLY A 266 20.01 14.41 -1.57
C GLY A 266 19.99 15.40 -2.73
N LYS A 267 20.60 15.04 -3.85
CA LYS A 267 20.61 15.91 -5.03
C LYS A 267 19.19 15.90 -5.60
N VAL A 268 18.76 17.03 -6.14
CA VAL A 268 17.41 17.14 -6.71
C VAL A 268 17.41 17.09 -8.24
N ILE A 269 16.34 16.55 -8.80
CA ILE A 269 16.17 16.50 -10.24
C ILE A 269 14.96 17.36 -10.54
N PRO A 270 15.02 18.20 -11.59
CA PRO A 270 13.87 19.07 -11.92
C PRO A 270 13.03 18.48 -13.06
N LEU A 271 11.80 18.96 -13.18
CA LEU A 271 10.86 18.50 -14.21
C LEU A 271 11.45 18.58 -15.63
N GLY A 272 11.75 19.82 -16.03
CA GLY A 272 12.28 20.10 -17.34
C GLY A 272 11.18 20.80 -18.12
N GLY A 273 11.51 21.23 -19.35
CA GLY A 273 10.52 21.90 -20.18
C GLY A 273 10.25 23.33 -19.76
N ASP A 274 9.24 23.95 -20.37
CA ASP A 274 8.90 25.34 -20.04
C ASP A 274 7.39 25.50 -19.83
N CYS A 275 6.73 24.42 -19.43
CA CYS A 275 5.29 24.48 -19.23
C CYS A 275 4.82 24.06 -17.85
N THR A 276 3.65 24.57 -17.47
CA THR A 276 3.04 24.24 -16.19
C THR A 276 2.38 22.87 -16.38
N VAL A 277 2.97 21.83 -15.81
CA VAL A 277 2.35 20.50 -15.94
C VAL A 277 1.82 20.10 -14.58
N TYR A 278 0.61 19.52 -14.57
CA TYR A 278 -0.07 19.05 -13.37
C TYR A 278 0.23 17.56 -13.26
N PRO A 279 0.64 17.10 -12.06
CA PRO A 279 0.95 15.67 -11.92
C PRO A 279 -0.24 14.85 -11.46
N VAL A 280 -0.32 13.62 -11.95
CA VAL A 280 -1.36 12.68 -11.53
C VAL A 280 -0.71 11.31 -11.35
N PHE A 281 -1.24 10.55 -10.40
CA PHE A 281 -0.74 9.22 -10.04
C PHE A 281 0.72 9.27 -9.64
N VAL A 282 1.02 10.17 -8.71
CA VAL A 282 2.36 10.31 -8.18
C VAL A 282 2.54 9.10 -7.24
N ASN A 283 3.56 8.29 -7.50
CA ASN A 283 3.87 7.11 -6.70
C ASN A 283 2.72 6.08 -6.53
N GLU A 284 2.27 5.49 -7.64
CA GLU A 284 1.25 4.45 -7.59
C GLU A 284 2.07 3.16 -7.61
N ALA A 285 1.79 2.22 -6.72
CA ALA A 285 2.58 0.98 -6.69
C ALA A 285 2.61 0.21 -8.03
N ALA A 286 1.45 0.05 -8.65
CA ALA A 286 1.33 -0.68 -9.91
C ALA A 286 2.00 0.02 -11.09
N TYR A 287 2.31 1.29 -10.93
CA TYR A 287 2.90 2.03 -12.04
C TYR A 287 4.41 2.00 -12.18
N TYR A 288 5.12 1.38 -11.24
CA TYR A 288 6.57 1.28 -11.42
C TYR A 288 6.84 0.40 -12.67
N GLU A 289 6.06 -0.67 -12.83
CA GLU A 289 6.25 -1.57 -13.97
C GLU A 289 5.41 -1.14 -15.17
N LYS A 290 4.91 0.10 -15.11
CA LYS A 290 4.13 0.69 -16.20
C LYS A 290 4.85 1.98 -16.64
N LYS A 291 6.10 2.14 -16.17
CA LYS A 291 6.92 3.29 -16.53
C LYS A 291 6.30 4.66 -16.26
N GLU A 292 5.61 4.79 -15.13
CA GLU A 292 5.00 6.05 -14.77
C GLU A 292 5.21 6.33 -13.28
N ALA A 293 6.08 7.29 -12.99
CA ALA A 293 6.34 7.70 -11.61
C ALA A 293 5.22 8.69 -11.29
N PHE A 294 4.72 9.35 -12.34
CA PHE A 294 3.63 10.30 -12.25
C PHE A 294 3.43 10.91 -13.65
N ALA A 295 2.21 10.85 -14.18
CA ALA A 295 1.97 11.44 -15.51
C ALA A 295 1.79 12.95 -15.41
N LYS A 296 1.79 13.62 -16.56
CA LYS A 296 1.60 15.07 -16.65
C LYS A 296 0.25 15.43 -17.29
N THR A 297 -0.39 16.49 -16.78
CA THR A 297 -1.67 16.98 -17.34
C THR A 297 -1.69 18.52 -17.36
N THR A 298 -2.56 19.12 -18.19
CA THR A 298 -2.75 20.59 -18.23
C THR A 298 -4.25 20.82 -17.96
N LYS A 299 -4.57 21.68 -17.01
CA LYS A 299 -5.99 21.89 -16.69
C LYS A 299 -6.70 22.67 -17.78
N LEU A 300 -7.85 22.15 -18.20
CA LEU A 300 -8.61 22.82 -19.25
C LEU A 300 -10.10 22.74 -18.97
N THR A 301 -10.83 23.72 -19.52
CA THR A 301 -12.28 23.80 -19.35
C THR A 301 -13.03 23.06 -20.46
N LEU A 302 -14.08 22.34 -20.08
CA LEU A 302 -14.92 21.63 -21.05
C LEU A 302 -16.33 22.15 -20.92
N ASN A 303 -17.06 22.16 -22.03
CA ASN A 303 -18.44 22.62 -22.03
C ASN A 303 -19.41 21.49 -22.38
N ALA A 304 -20.68 21.71 -22.07
CA ALA A 304 -21.76 20.78 -22.32
C ALA A 304 -23.05 21.58 -22.38
N LYS A 305 -24.00 21.14 -23.21
CA LYS A 305 -25.29 21.80 -23.34
C LYS A 305 -26.22 21.25 -22.27
N SER A 306 -27.47 21.70 -22.27
CA SER A 306 -28.46 21.20 -21.33
C SER A 306 -28.89 19.83 -21.88
N ILE A 307 -29.51 19.01 -21.04
CA ILE A 307 -29.96 17.68 -21.48
C ILE A 307 -31.25 17.24 -20.79
N ARG A 308 -31.96 16.31 -21.41
CA ARG A 308 -33.21 15.77 -20.86
C ARG A 308 -33.44 14.35 -21.42
N SER A 309 -34.42 13.65 -20.88
CA SER A 309 -34.73 12.32 -21.37
C SER A 309 -35.91 12.48 -22.30
N THR A 310 -36.33 11.38 -22.95
CA THR A 310 -37.45 11.42 -23.87
C THR A 310 -38.66 10.68 -23.31
N CYS B 4 28.05 -2.38 36.46
CA CYS B 4 28.28 -2.18 34.99
C CYS B 4 28.51 -3.52 34.28
N VAL B 5 27.65 -3.82 33.30
CA VAL B 5 27.70 -5.06 32.53
C VAL B 5 28.64 -4.94 31.34
N ALA B 6 29.79 -5.62 31.39
CA ALA B 6 30.74 -5.59 30.27
C ALA B 6 30.53 -6.77 29.30
N GLU B 7 30.62 -6.46 28.01
CA GLU B 7 30.45 -7.46 26.94
C GLU B 7 31.57 -7.24 25.91
N GLU B 8 31.85 -8.27 25.11
CA GLU B 8 32.90 -8.15 24.09
C GLU B 8 32.45 -7.18 22.99
N PRO B 9 33.40 -6.45 22.37
CA PRO B 9 33.07 -5.51 21.31
C PRO B 9 32.49 -6.23 20.09
N ILE B 10 31.35 -5.74 19.61
CA ILE B 10 30.68 -6.33 18.44
C ILE B 10 31.65 -6.35 17.27
N LYS B 11 31.68 -7.45 16.54
CA LYS B 11 32.60 -7.54 15.43
C LYS B 11 31.92 -7.85 14.10
N LYS B 12 30.70 -8.37 14.16
CA LYS B 12 30.00 -8.75 12.94
C LYS B 12 28.57 -8.21 12.93
N ILE B 13 28.35 -7.21 12.09
CA ILE B 13 27.06 -6.52 11.93
C ILE B 13 26.27 -7.07 10.75
N ALA B 14 24.94 -7.01 10.84
CA ALA B 14 24.10 -7.47 9.76
C ALA B 14 22.90 -6.57 9.47
N ILE B 15 22.76 -6.15 8.21
CA ILE B 15 21.62 -5.35 7.76
C ILE B 15 21.05 -6.08 6.56
N PHE B 16 19.88 -6.69 6.76
CA PHE B 16 19.21 -7.48 5.72
C PHE B 16 18.19 -6.63 4.96
N GLY B 17 17.89 -7.03 3.73
CA GLY B 17 16.92 -6.33 2.92
C GLY B 17 15.96 -7.33 2.31
N GLY B 18 14.75 -6.88 1.99
CA GLY B 18 13.78 -7.76 1.37
C GLY B 18 13.37 -9.02 2.12
N THR B 19 13.36 -9.00 3.46
CA THR B 19 12.91 -10.20 4.18
C THR B 19 11.49 -10.43 3.70
N HIS B 20 10.72 -9.34 3.56
CA HIS B 20 9.39 -9.42 2.94
C HIS B 20 9.68 -8.72 1.59
N GLY B 21 9.27 -9.32 0.48
CA GLY B 21 9.64 -8.80 -0.83
C GLY B 21 9.08 -7.51 -1.39
N ASN B 22 8.05 -6.97 -0.77
CA ASN B 22 7.47 -5.73 -1.30
C ASN B 22 7.55 -4.53 -0.34
N GLU B 23 8.44 -4.61 0.68
CA GLU B 23 8.64 -3.52 1.65
C GLU B 23 9.88 -2.78 1.09
N LEU B 24 9.60 -1.67 0.40
CA LEU B 24 10.64 -1.02 -0.38
C LEU B 24 11.71 -0.12 0.18
N THR B 25 11.76 0.10 1.48
CA THR B 25 12.83 0.97 1.95
C THR B 25 14.12 0.18 2.12
N GLY B 26 14.02 -1.02 2.70
CA GLY B 26 15.20 -1.85 2.90
C GLY B 26 15.68 -2.60 1.64
N VAL B 27 14.76 -3.08 0.81
CA VAL B 27 15.18 -3.77 -0.41
C VAL B 27 16.06 -2.81 -1.18
N PHE B 28 15.64 -1.53 -1.20
CA PHE B 28 16.34 -0.49 -1.95
C PHE B 28 17.71 -0.15 -1.35
N LEU B 29 17.74 0.04 -0.04
CA LEU B 29 19.00 0.40 0.64
C LEU B 29 20.01 -0.72 0.44
N VAL B 30 19.68 -1.88 0.96
CA VAL B 30 20.54 -3.03 0.85
C VAL B 30 21.00 -3.23 -0.59
N THR B 31 20.10 -3.06 -1.55
CA THR B 31 20.50 -3.20 -2.94
C THR B 31 21.56 -2.16 -3.25
N HIS B 32 21.36 -0.97 -2.69
CA HIS B 32 22.31 0.13 -2.90
C HIS B 32 23.63 -0.06 -2.13
N TRP B 33 23.51 -0.28 -0.82
CA TRP B 33 24.70 -0.44 0.01
C TRP B 33 25.63 -1.58 -0.41
N LEU B 34 25.16 -2.46 -1.32
CA LEU B 34 26.01 -3.53 -1.83
C LEU B 34 26.90 -2.96 -2.92
N LYS B 35 26.51 -1.80 -3.44
CA LYS B 35 27.25 -1.11 -4.51
C LYS B 35 28.22 -0.08 -3.97
N ASN B 36 27.73 0.74 -3.05
CA ASN B 36 28.50 1.82 -2.41
C ASN B 36 28.30 1.64 -0.91
N GLY B 37 29.29 1.07 -0.23
CA GLY B 37 29.13 0.83 1.20
C GLY B 37 29.57 1.91 2.14
N ALA B 38 29.97 3.07 1.61
CA ALA B 38 30.47 4.12 2.48
C ALA B 38 29.56 4.38 3.67
N GLU B 39 28.28 4.62 3.38
CA GLU B 39 27.31 4.92 4.41
C GLU B 39 27.28 3.91 5.54
N VAL B 40 27.44 2.64 5.23
CA VAL B 40 27.38 1.63 6.27
C VAL B 40 28.76 1.21 6.73
N HIS B 41 29.76 1.97 6.33
CA HIS B 41 31.11 1.64 6.79
C HIS B 41 31.27 2.06 8.24
N ARG B 42 31.96 1.25 9.04
CA ARG B 42 32.28 1.61 10.43
C ARG B 42 33.61 0.93 10.80
N ALA B 43 34.63 1.73 11.09
CA ALA B 43 35.94 1.16 11.45
C ALA B 43 35.79 0.12 12.54
N GLY B 44 36.45 -1.02 12.36
CA GLY B 44 36.40 -2.08 13.34
C GLY B 44 35.17 -2.96 13.20
N LEU B 45 34.31 -2.63 12.25
CA LEU B 45 33.10 -3.42 12.04
C LEU B 45 33.07 -4.16 10.70
N GLU B 46 32.58 -5.39 10.72
CA GLU B 46 32.44 -6.18 9.50
C GLU B 46 30.95 -6.10 9.17
N VAL B 47 30.50 -4.95 8.67
CA VAL B 47 29.09 -4.69 8.33
C VAL B 47 28.69 -5.27 6.98
N LYS B 48 27.72 -6.18 6.99
CA LYS B 48 27.30 -6.83 5.76
C LYS B 48 25.83 -6.67 5.35
N PRO B 49 25.56 -5.76 4.38
CA PRO B 49 24.19 -5.53 3.88
C PRO B 49 23.88 -6.75 3.01
N PHE B 50 22.78 -7.43 3.28
CA PHE B 50 22.41 -8.62 2.52
C PHE B 50 20.91 -8.62 2.15
N ILE B 51 20.58 -9.05 0.92
CA ILE B 51 19.17 -9.12 0.52
C ILE B 51 18.71 -10.54 0.80
N THR B 52 17.73 -10.66 1.68
CA THR B 52 17.29 -11.97 2.11
C THR B 52 16.39 -12.82 1.26
N ASN B 53 15.37 -12.24 0.64
CA ASN B 53 14.47 -13.02 -0.19
C ASN B 53 14.57 -12.46 -1.61
N PRO B 54 15.69 -12.73 -2.29
CA PRO B 54 15.85 -12.20 -3.64
C PRO B 54 14.80 -12.61 -4.65
N ARG B 55 14.13 -13.75 -4.44
CA ARG B 55 13.07 -14.16 -5.37
C ARG B 55 11.79 -13.37 -5.11
N ALA B 56 11.51 -13.03 -3.86
CA ALA B 56 10.30 -12.26 -3.56
C ALA B 56 10.47 -10.84 -4.09
N VAL B 57 11.64 -10.26 -3.83
CA VAL B 57 11.90 -8.91 -4.31
C VAL B 57 11.84 -8.89 -5.84
N GLU B 58 12.10 -10.04 -6.45
CA GLU B 58 12.09 -10.10 -7.91
C GLU B 58 10.69 -9.86 -8.42
N LYS B 59 9.69 -10.43 -7.76
CA LYS B 59 8.29 -10.28 -8.16
C LYS B 59 7.59 -9.18 -7.37
N CYS B 60 8.39 -8.33 -6.73
CA CYS B 60 7.95 -7.23 -5.88
C CYS B 60 6.74 -7.62 -5.03
N THR B 61 6.74 -8.85 -4.55
CA THR B 61 5.69 -9.36 -3.70
C THR B 61 6.29 -9.77 -2.34
N ARG B 62 5.44 -10.05 -1.35
CA ARG B 62 5.95 -10.40 -0.03
C ARG B 62 6.84 -11.66 0.01
N TYR B 63 6.42 -12.74 -0.63
CA TYR B 63 7.20 -13.97 -0.69
C TYR B 63 6.80 -14.85 -1.91
N ILE B 64 7.59 -15.88 -2.21
CA ILE B 64 7.31 -16.77 -3.34
C ILE B 64 6.44 -17.94 -2.86
N ASP B 65 6.95 -18.72 -1.92
CA ASP B 65 6.21 -19.87 -1.38
C ASP B 65 5.53 -19.56 -0.06
N CYS B 66 6.33 -19.21 0.95
CA CYS B 66 5.77 -18.88 2.26
C CYS B 66 6.61 -17.77 2.91
N ASP B 67 6.06 -17.12 3.94
CA ASP B 67 6.72 -16.02 4.64
C ASP B 67 8.06 -16.41 5.26
N LEU B 68 9.12 -15.75 4.80
CA LEU B 68 10.48 -16.01 5.27
C LEU B 68 10.69 -15.65 6.75
N ASN B 69 9.87 -14.75 7.27
CA ASN B 69 9.99 -14.32 8.67
C ASN B 69 9.35 -15.29 9.67
N ARG B 70 8.97 -16.47 9.19
CA ARG B 70 8.35 -17.46 10.08
C ARG B 70 8.93 -18.87 9.86
N VAL B 71 10.01 -18.98 9.09
CA VAL B 71 10.56 -20.31 8.85
C VAL B 71 11.99 -20.57 9.29
N PHE B 72 12.45 -19.85 10.31
CA PHE B 72 13.81 -20.05 10.80
C PHE B 72 13.89 -20.98 12.01
N ASP B 73 12.89 -21.84 12.16
CA ASP B 73 12.87 -22.80 13.27
C ASP B 73 13.99 -23.81 13.01
N LEU B 74 14.35 -24.59 14.03
CA LEU B 74 15.40 -25.58 13.88
C LEU B 74 14.98 -26.68 12.91
N GLU B 75 13.71 -27.07 12.98
CA GLU B 75 13.17 -28.09 12.08
C GLU B 75 13.51 -27.70 10.65
N ASN B 76 13.01 -26.54 10.22
CA ASN B 76 13.26 -26.05 8.88
C ASN B 76 14.75 -25.87 8.56
N LEU B 77 15.52 -25.34 9.50
CA LEU B 77 16.94 -25.12 9.29
C LEU B 77 17.75 -26.43 9.22
N SER B 78 17.15 -27.46 8.63
CA SER B 78 17.81 -28.75 8.46
C SER B 78 17.03 -29.60 7.46
N LYS B 79 15.71 -29.49 7.51
CA LYS B 79 14.83 -30.22 6.59
C LYS B 79 15.60 -30.56 5.32
N GLU B 80 15.60 -31.85 4.96
CA GLU B 80 16.32 -32.29 3.77
C GLU B 80 15.80 -31.57 2.53
N MSE B 81 16.68 -30.83 1.89
CA MSE B 81 16.33 -30.08 0.69
C MSE B 81 16.01 -31.00 -0.48
O MSE B 81 16.67 -32.00 -0.68
CB MSE B 81 17.46 -29.15 0.29
CG MSE B 81 17.27 -28.51 -1.07
SE MSE B 81 18.81 -27.51 -1.59
CE MSE B 81 19.73 -28.86 -2.60
N SER B 82 14.99 -30.62 -1.25
CA SER B 82 14.58 -31.42 -2.39
C SER B 82 13.94 -30.53 -3.45
N GLU B 83 12.81 -30.97 -3.99
CA GLU B 83 12.09 -30.20 -5.00
C GLU B 83 10.71 -29.84 -4.48
N ASP B 84 10.34 -30.44 -3.37
CA ASP B 84 9.05 -30.20 -2.74
C ASP B 84 9.18 -29.08 -1.69
N LEU B 85 10.38 -28.91 -1.14
CA LEU B 85 10.60 -27.89 -0.11
C LEU B 85 10.39 -26.45 -0.62
N PRO B 86 9.55 -25.68 0.09
CA PRO B 86 9.28 -24.30 -0.29
C PRO B 86 10.55 -23.47 -0.43
N TYR B 87 10.58 -22.57 -1.40
CA TYR B 87 11.74 -21.75 -1.63
C TYR B 87 12.33 -21.13 -0.34
N GLU B 88 11.45 -20.58 0.50
CA GLU B 88 11.91 -19.91 1.72
C GLU B 88 12.40 -20.83 2.83
N VAL B 89 11.97 -22.10 2.83
CA VAL B 89 12.48 -23.01 3.85
C VAL B 89 13.96 -23.22 3.53
N ARG B 90 14.26 -23.43 2.25
CA ARG B 90 15.65 -23.61 1.85
C ARG B 90 16.40 -22.31 2.13
N ARG B 91 15.79 -21.19 1.75
CA ARG B 91 16.44 -19.90 1.98
C ARG B 91 16.82 -19.70 3.43
N ALA B 92 15.92 -20.04 4.35
CA ALA B 92 16.23 -19.88 5.76
C ALA B 92 17.46 -20.71 6.16
N GLN B 93 17.65 -21.86 5.52
CA GLN B 93 18.81 -22.70 5.87
C GLN B 93 20.08 -22.08 5.34
N GLU B 94 20.03 -21.57 4.11
CA GLU B 94 21.19 -20.93 3.51
C GLU B 94 21.55 -19.69 4.34
N ILE B 95 20.51 -19.00 4.82
CA ILE B 95 20.69 -17.81 5.61
C ILE B 95 21.22 -18.20 6.98
N ASN B 96 20.66 -19.27 7.54
CA ASN B 96 21.10 -19.70 8.86
C ASN B 96 22.56 -20.15 8.81
N HIS B 97 22.92 -20.88 7.76
CA HIS B 97 24.29 -21.35 7.63
C HIS B 97 25.20 -20.17 7.31
N LEU B 98 24.72 -19.24 6.50
CA LEU B 98 25.55 -18.11 6.13
C LEU B 98 25.82 -17.07 7.22
N PHE B 99 24.81 -16.77 8.03
CA PHE B 99 24.93 -15.73 9.04
C PHE B 99 24.88 -16.17 10.49
N GLY B 100 24.45 -17.41 10.70
CA GLY B 100 24.41 -17.96 12.04
C GLY B 100 25.78 -18.57 12.28
N PRO B 101 25.86 -19.86 12.68
CA PRO B 101 24.71 -20.74 12.89
C PRO B 101 23.86 -20.34 14.10
N LYS B 102 22.56 -20.19 13.88
CA LYS B 102 21.62 -19.84 14.94
C LYS B 102 21.85 -20.79 16.12
N ASN B 103 22.08 -20.22 17.30
CA ASN B 103 22.35 -20.97 18.54
C ASN B 103 23.81 -21.45 18.67
N SER B 104 24.73 -20.72 18.03
CA SER B 104 26.15 -21.05 18.10
C SER B 104 26.98 -19.80 18.24
N ASP B 105 28.11 -19.93 18.92
CA ASP B 105 29.04 -18.83 19.12
C ASP B 105 29.54 -18.37 17.74
N ASP B 106 29.25 -19.18 16.73
CA ASP B 106 29.68 -18.87 15.37
C ASP B 106 28.69 -17.96 14.64
N ALA B 107 27.70 -17.43 15.34
CA ALA B 107 26.67 -16.55 14.72
C ALA B 107 27.07 -15.09 14.64
N TYR B 108 26.45 -14.36 13.72
CA TYR B 108 26.74 -12.94 13.62
C TYR B 108 26.40 -12.22 14.92
N ASP B 109 27.11 -11.13 15.18
CA ASP B 109 26.89 -10.40 16.42
C ASP B 109 25.58 -9.60 16.41
N VAL B 110 25.33 -8.87 15.32
CA VAL B 110 24.10 -8.07 15.23
C VAL B 110 23.46 -8.31 13.88
N VAL B 111 22.16 -8.55 13.88
CA VAL B 111 21.42 -8.71 12.63
C VAL B 111 20.20 -7.80 12.78
N PHE B 112 20.20 -6.65 12.07
CA PHE B 112 19.07 -5.73 12.09
C PHE B 112 18.06 -6.39 11.15
N ASP B 113 16.89 -5.79 11.05
CA ASP B 113 15.81 -6.25 10.16
C ASP B 113 14.98 -5.00 9.80
N LEU B 114 15.12 -4.55 8.55
CA LEU B 114 14.49 -3.35 7.99
C LEU B 114 13.19 -3.61 7.24
N HIS B 115 12.06 -3.41 7.93
CA HIS B 115 10.73 -3.64 7.41
C HIS B 115 9.89 -2.38 7.32
N ASN B 116 8.91 -2.41 6.41
CA ASN B 116 7.95 -1.30 6.29
C ASN B 116 6.59 -1.88 6.69
N THR B 117 5.69 -1.00 7.06
CA THR B 117 4.34 -1.44 7.39
C THR B 117 3.40 -0.40 6.80
N THR B 118 2.25 -0.85 6.29
CA THR B 118 1.27 0.10 5.81
C THR B 118 0.66 0.71 7.09
N SER B 119 0.95 0.09 8.23
CA SER B 119 0.46 0.64 9.49
C SER B 119 1.27 1.91 9.76
N ASN B 120 0.68 2.88 10.46
CA ASN B 120 1.40 4.12 10.70
C ASN B 120 2.17 4.07 11.99
N MSE B 121 2.99 3.03 12.14
CA MSE B 121 3.72 2.83 13.38
C MSE B 121 4.89 3.73 13.65
O MSE B 121 5.37 3.79 14.78
CB MSE B 121 4.20 1.39 13.46
CG MSE B 121 4.52 0.90 14.88
SE MSE B 121 4.98 -0.99 15.02
CE MSE B 121 3.27 -1.76 15.34
N GLY B 122 5.36 4.46 12.64
CA GLY B 122 6.52 5.30 12.87
C GLY B 122 7.80 4.46 12.86
N CYS B 123 8.91 5.05 13.33
CA CYS B 123 10.23 4.39 13.38
C CYS B 123 10.29 3.45 14.57
N THR B 124 10.01 2.18 14.31
CA THR B 124 9.94 1.16 15.36
C THR B 124 11.14 0.19 15.42
N LEU B 125 11.75 0.04 16.60
CA LEU B 125 12.85 -0.91 16.77
C LEU B 125 12.20 -2.07 17.53
N ILE B 126 12.57 -3.31 17.21
CA ILE B 126 11.99 -4.46 17.90
C ILE B 126 13.05 -5.12 18.75
N LEU B 127 12.66 -5.40 19.99
CA LEU B 127 13.48 -5.97 21.04
C LEU B 127 12.93 -7.32 21.45
N GLY B 128 13.55 -8.39 20.96
CA GLY B 128 13.05 -9.72 21.31
C GLY B 128 13.59 -10.24 22.64
N ASP B 129 13.95 -9.31 23.54
CA ASP B 129 14.50 -9.70 24.84
C ASP B 129 14.39 -8.55 25.85
N SER B 130 13.45 -8.65 26.80
CA SER B 130 13.30 -7.59 27.78
C SER B 130 14.42 -7.60 28.82
N GLY B 131 15.34 -8.54 28.68
CA GLY B 131 16.45 -8.58 29.62
C GLY B 131 17.77 -8.27 28.91
N ASN B 132 17.69 -7.77 27.67
CA ASN B 132 18.91 -7.48 26.92
C ASN B 132 19.44 -6.08 27.20
N ASP B 133 20.42 -5.98 28.10
CA ASP B 133 20.97 -4.67 28.45
C ASP B 133 21.64 -3.96 27.28
N PHE B 134 22.34 -4.71 26.43
CA PHE B 134 23.04 -4.08 25.29
C PHE B 134 22.04 -3.42 24.33
N LEU B 135 20.95 -4.12 24.04
CA LEU B 135 19.93 -3.58 23.14
C LEU B 135 19.04 -2.54 23.79
N ILE B 136 18.70 -2.71 25.06
CA ILE B 136 17.86 -1.70 25.69
C ILE B 136 18.67 -0.38 25.69
N GLN B 137 20.01 -0.47 25.76
CA GLN B 137 20.80 0.77 25.70
C GLN B 137 21.14 1.20 24.24
N MSE B 138 21.22 0.24 23.31
CA MSE B 138 21.47 0.65 21.92
C MSE B 138 20.21 1.36 21.42
O MSE B 138 20.26 2.18 20.47
CB MSE B 138 21.72 -0.54 20.97
CG MSE B 138 21.86 -0.03 19.50
SE MSE B 138 22.33 -1.29 18.17
CE MSE B 138 23.86 -2.05 19.02
N PHE B 139 19.07 1.01 21.98
CA PHE B 139 17.85 1.66 21.53
C PHE B 139 17.75 3.05 22.14
N HIS B 140 18.33 3.24 23.33
CA HIS B 140 18.31 4.55 23.99
C HIS B 140 19.15 5.55 23.20
N TYR B 141 20.27 5.06 22.71
CA TYR B 141 21.17 5.89 21.90
C TYR B 141 20.44 6.50 20.70
N ILE B 142 19.65 5.67 20.03
CA ILE B 142 18.89 6.11 18.87
C ILE B 142 17.74 7.05 19.27
N LYS B 143 16.92 6.61 20.22
CA LYS B 143 15.81 7.45 20.67
C LYS B 143 16.26 8.86 21.06
N THR B 144 17.29 8.92 21.91
CA THR B 144 17.83 10.18 22.38
C THR B 144 18.42 10.97 21.24
N CYS B 145 19.11 10.29 20.34
CA CYS B 145 19.72 11.01 19.22
C CYS B 145 18.71 11.60 18.26
N MSE B 146 17.50 11.03 18.28
CA MSE B 146 16.44 11.49 17.38
C MSE B 146 15.41 12.40 18.01
O MSE B 146 14.55 12.95 17.31
CB MSE B 146 15.73 10.28 16.76
CG MSE B 146 16.67 9.45 15.90
SE MSE B 146 15.85 8.00 15.03
CE MSE B 146 14.93 8.95 13.62
N ALA B 147 15.48 12.58 19.33
CA ALA B 147 14.52 13.42 20.02
C ALA B 147 14.51 14.83 19.41
N PRO B 148 13.34 15.50 19.39
CA PRO B 148 12.08 15.00 19.97
C PRO B 148 11.24 14.27 18.92
N LEU B 149 11.92 13.85 17.85
CA LEU B 149 11.28 13.13 16.75
C LEU B 149 10.74 11.77 17.21
N PRO B 150 9.67 11.30 16.57
CA PRO B 150 9.09 10.01 16.95
C PRO B 150 10.07 8.82 16.82
N CYS B 151 10.23 8.10 17.92
CA CYS B 151 11.09 6.90 17.96
C CYS B 151 10.43 6.05 19.04
N SER B 152 9.72 5.00 18.64
CA SER B 152 8.98 4.18 19.61
C SER B 152 9.40 2.74 19.69
N VAL B 153 9.28 2.13 20.88
CA VAL B 153 9.68 0.73 21.03
C VAL B 153 8.53 -0.24 21.29
N TYR B 154 8.51 -1.32 20.52
CA TYR B 154 7.49 -2.36 20.62
C TYR B 154 8.19 -3.65 21.11
N LEU B 155 7.72 -4.19 22.23
CA LEU B 155 8.30 -5.43 22.79
C LEU B 155 7.48 -6.62 22.31
N ILE B 156 8.17 -7.70 21.99
CA ILE B 156 7.58 -8.94 21.50
C ILE B 156 8.46 -10.05 22.06
N GLU B 157 8.06 -10.60 23.20
CA GLU B 157 8.88 -11.61 23.89
C GLU B 157 8.61 -13.13 23.68
N HIS B 158 7.35 -13.54 23.66
CA HIS B 158 6.99 -14.95 23.50
C HIS B 158 7.78 -15.69 22.40
N PRO B 159 8.19 -16.95 22.65
CA PRO B 159 8.95 -17.75 21.70
C PRO B 159 8.29 -18.00 20.34
N SER B 160 7.03 -18.44 20.35
CA SER B 160 6.31 -18.72 19.11
C SER B 160 6.10 -17.50 18.23
N LEU B 161 6.38 -16.31 18.76
CA LEU B 161 6.21 -15.08 18.00
C LEU B 161 7.56 -14.38 17.82
N LYS B 162 8.64 -15.15 17.93
CA LYS B 162 9.99 -14.59 17.81
C LYS B 162 11.04 -15.59 17.35
N TYR B 163 10.72 -16.88 17.46
CA TYR B 163 11.67 -17.93 17.12
C TYR B 163 11.96 -18.23 15.64
N ALA B 164 10.94 -18.20 14.79
CA ALA B 164 11.13 -18.50 13.38
C ALA B 164 11.33 -17.26 12.51
N THR B 165 11.83 -16.20 13.11
CA THR B 165 12.05 -14.93 12.42
C THR B 165 13.48 -14.72 11.91
N THR B 166 13.61 -13.90 10.87
CA THR B 166 14.93 -13.61 10.29
C THR B 166 15.90 -13.08 11.34
N ARG B 167 15.40 -12.28 12.28
CA ARG B 167 16.28 -11.72 13.30
C ARG B 167 16.56 -12.75 14.38
N SER B 168 16.56 -14.03 14.01
CA SER B 168 16.81 -15.07 15.02
C SER B 168 18.18 -15.72 14.95
N ILE B 169 18.81 -15.72 13.77
CA ILE B 169 20.16 -16.32 13.69
C ILE B 169 21.22 -15.39 14.30
N ALA B 170 20.81 -14.18 14.71
CA ALA B 170 21.74 -13.23 15.31
C ALA B 170 21.93 -13.43 16.80
N LYS B 171 23.12 -13.08 17.26
CA LYS B 171 23.39 -13.12 18.67
C LYS B 171 22.48 -12.01 19.25
N TYR B 172 22.52 -10.83 18.63
CA TYR B 172 21.68 -9.68 19.05
C TYR B 172 20.68 -9.34 17.92
N PRO B 173 19.38 -9.55 18.16
CA PRO B 173 18.33 -9.26 17.16
C PRO B 173 17.85 -7.81 17.22
N VAL B 174 17.80 -7.16 16.05
CA VAL B 174 17.34 -5.77 15.97
C VAL B 174 16.30 -5.62 14.86
N GLY B 175 15.03 -5.56 15.22
CA GLY B 175 14.04 -5.38 14.16
C GLY B 175 13.76 -3.89 13.95
N ILE B 176 13.86 -3.42 12.70
CA ILE B 176 13.57 -2.01 12.38
C ILE B 176 12.29 -2.02 11.56
N GLU B 177 11.38 -1.12 11.89
CA GLU B 177 10.07 -1.14 11.26
C GLU B 177 9.47 0.27 11.29
N VAL B 178 9.31 0.87 10.11
CA VAL B 178 8.78 2.24 9.99
C VAL B 178 7.51 2.22 9.15
N GLY B 179 6.55 3.04 9.55
CA GLY B 179 5.29 3.17 8.83
C GLY B 179 4.92 4.63 8.84
N PRO B 180 3.99 5.07 7.98
CA PRO B 180 3.28 4.20 7.01
C PRO B 180 3.83 4.18 5.58
N GLN B 181 3.59 3.07 4.88
CA GLN B 181 3.99 2.92 3.48
C GLN B 181 3.30 1.74 2.83
N PRO B 182 2.48 1.99 1.79
CA PRO B 182 1.77 0.93 1.06
C PRO B 182 2.81 -0.10 0.59
N HIS B 183 2.38 -1.17 -0.06
CA HIS B 183 3.37 -2.08 -0.61
C HIS B 183 3.73 -1.58 -2.02
N GLY B 184 5.02 -1.60 -2.36
CA GLY B 184 5.45 -1.17 -3.68
C GLY B 184 5.58 0.35 -3.91
N VAL B 185 5.75 1.12 -2.84
CA VAL B 185 5.91 2.57 -2.92
C VAL B 185 7.23 3.01 -2.22
N LEU B 186 8.15 3.65 -2.95
CA LEU B 186 9.37 4.15 -2.29
C LEU B 186 9.19 5.65 -1.97
N ARG B 187 8.86 5.97 -0.70
CA ARG B 187 8.69 7.36 -0.26
C ARG B 187 10.01 7.91 0.24
N ALA B 188 10.27 9.18 -0.04
CA ALA B 188 11.52 9.79 0.43
C ALA B 188 11.41 10.13 1.90
N ASP B 189 10.24 10.54 2.37
CA ASP B 189 10.18 10.87 3.80
C ASP B 189 10.42 9.61 4.64
N ILE B 190 9.82 8.47 4.25
CA ILE B 190 10.01 7.21 5.00
C ILE B 190 11.49 6.87 4.94
N LEU B 191 12.08 7.11 3.76
CA LEU B 191 13.50 6.84 3.53
C LEU B 191 14.38 7.61 4.53
N ASP B 192 14.14 8.92 4.65
CA ASP B 192 14.90 9.76 5.59
C ASP B 192 14.89 9.19 7.01
N GLN B 193 13.86 8.41 7.30
CA GLN B 193 13.76 7.83 8.63
C GLN B 193 14.52 6.50 8.78
N MSE B 194 14.38 5.56 7.83
CA MSE B 194 15.10 4.29 7.97
C MSE B 194 16.63 4.51 8.05
O MSE B 194 17.32 3.89 8.86
CB MSE B 194 14.77 3.32 6.81
CG MSE B 194 15.29 1.89 7.11
SE MSE B 194 14.78 0.46 5.91
CE MSE B 194 13.00 -0.02 6.53
N ARG B 195 17.15 5.41 7.23
CA ARG B 195 18.59 5.70 7.24
C ARG B 195 19.05 6.34 8.53
N ARG B 196 18.19 7.18 9.13
CA ARG B 196 18.61 7.82 10.39
C ARG B 196 18.60 6.87 11.57
N MSE B 197 17.59 6.00 11.67
CA MSE B 197 17.56 5.03 12.77
C MSE B 197 18.83 4.17 12.67
O MSE B 197 19.48 3.84 13.69
CB MSE B 197 16.30 4.11 12.66
CG MSE B 197 16.06 3.19 13.88
SE MSE B 197 14.25 2.37 13.97
CE MSE B 197 13.45 3.39 12.52
N LEU B 198 19.20 3.81 11.43
CA LEU B 198 20.38 2.98 11.25
C LEU B 198 21.66 3.77 11.46
N LYS B 199 21.65 5.03 11.03
CA LYS B 199 22.86 5.82 11.21
C LYS B 199 23.21 5.89 12.69
N HIS B 200 22.18 6.13 13.51
CA HIS B 200 22.43 6.22 14.96
C HIS B 200 22.84 4.89 15.61
N ALA B 201 22.20 3.78 15.21
CA ALA B 201 22.57 2.47 15.80
C ALA B 201 24.04 2.24 15.49
N LEU B 202 24.41 2.33 14.21
CA LEU B 202 25.82 2.14 13.84
C LEU B 202 26.67 3.15 14.61
N ASP B 203 26.08 4.30 14.94
CA ASP B 203 26.76 5.32 15.74
C ASP B 203 26.96 4.87 17.19
N PHE B 204 26.00 4.11 17.71
CA PHE B 204 26.09 3.59 19.07
C PHE B 204 27.10 2.46 19.15
N ILE B 205 26.97 1.51 18.24
CA ILE B 205 27.88 0.37 18.23
C ILE B 205 29.34 0.81 18.30
N GLN B 206 29.73 1.77 17.46
CA GLN B 206 31.12 2.25 17.48
C GLN B 206 31.47 2.90 18.81
N ARG B 207 30.58 3.75 19.31
CA ARG B 207 30.86 4.39 20.60
C ARG B 207 31.16 3.35 21.68
N PHE B 208 30.41 2.25 21.66
CA PHE B 208 30.62 1.17 22.62
C PHE B 208 31.99 0.51 22.41
N ASN B 209 32.28 0.09 21.18
CA ASN B 209 33.59 -0.55 20.93
C ASN B 209 34.78 0.34 21.31
N GLU B 210 34.60 1.65 21.22
CA GLU B 210 35.70 2.56 21.54
C GLU B 210 35.84 2.87 23.03
N GLY B 211 34.97 2.25 23.84
CA GLY B 211 35.08 2.45 25.27
C GLY B 211 34.10 3.39 25.93
N LYS B 212 33.05 3.80 25.22
CA LYS B 212 32.08 4.70 25.87
C LYS B 212 31.43 3.92 27.01
N GLU B 213 31.39 4.50 28.19
CA GLU B 213 30.77 3.82 29.32
C GLU B 213 29.34 4.36 29.43
N PHE B 214 28.38 3.45 29.54
CA PHE B 214 26.95 3.78 29.61
C PHE B 214 26.32 3.55 30.97
N PRO B 215 25.81 4.61 31.61
CA PRO B 215 25.17 4.56 32.94
C PRO B 215 23.80 3.91 32.89
N PRO B 216 23.17 3.70 34.07
CA PRO B 216 21.84 3.08 34.12
C PRO B 216 20.90 3.89 33.25
N CYS B 217 19.75 3.29 32.89
CA CYS B 217 18.79 3.98 32.05
C CYS B 217 17.41 3.32 32.16
N ALA B 218 16.52 3.65 31.24
CA ALA B 218 15.18 3.07 31.23
C ALA B 218 14.39 3.68 30.09
N ILE B 219 14.01 2.83 29.13
CA ILE B 219 13.24 3.30 27.96
C ILE B 219 11.80 2.90 28.12
N ASP B 220 10.89 3.75 27.63
CA ASP B 220 9.48 3.40 27.66
C ASP B 220 9.34 2.34 26.58
N VAL B 221 8.48 1.35 26.81
CA VAL B 221 8.26 0.29 25.83
C VAL B 221 6.78 -0.07 25.78
N TYR B 222 6.37 -0.68 24.67
CA TYR B 222 4.99 -1.15 24.49
C TYR B 222 5.10 -2.66 24.27
N LYS B 223 4.52 -3.45 25.18
CA LYS B 223 4.58 -4.91 25.08
C LYS B 223 3.25 -5.50 24.64
N ILE B 224 3.30 -6.37 23.64
CA ILE B 224 2.10 -6.99 23.10
C ILE B 224 1.46 -7.93 24.09
N MSE B 225 0.13 -8.01 24.07
CA MSE B 225 -0.60 -8.91 24.96
C MSE B 225 -1.41 -9.83 24.06
O MSE B 225 -1.43 -11.02 24.27
CB MSE B 225 -1.52 -8.14 25.92
CG MSE B 225 -2.02 -8.95 27.20
SE MSE B 225 -3.52 -10.25 27.19
CE MSE B 225 -5.00 -9.06 27.46
N GLU B 226 -2.05 -9.26 23.04
CA GLU B 226 -2.85 -10.08 22.13
C GLU B 226 -3.26 -9.35 20.87
N LYS B 227 -3.81 -10.10 19.93
CA LYS B 227 -4.28 -9.56 18.65
C LYS B 227 -5.79 -9.33 18.74
N VAL B 228 -6.29 -8.40 17.94
CA VAL B 228 -7.73 -8.14 17.86
C VAL B 228 -8.08 -8.38 16.39
N ASP B 229 -9.01 -9.29 16.13
CA ASP B 229 -9.37 -9.55 14.74
C ASP B 229 -10.53 -8.67 14.26
N TYR B 230 -10.66 -8.59 12.95
CA TYR B 230 -11.74 -7.88 12.29
C TYR B 230 -13.02 -8.69 12.49
N PRO B 231 -14.16 -8.02 12.73
CA PRO B 231 -15.40 -8.80 12.89
C PRO B 231 -15.52 -9.52 11.55
N ARG B 232 -16.04 -10.74 11.52
CA ARG B 232 -16.14 -11.48 10.26
C ARG B 232 -17.48 -12.19 10.04
N ASN B 233 -17.72 -12.59 8.80
CA ASN B 233 -18.96 -13.29 8.47
C ASN B 233 -18.75 -14.80 8.55
N GLU B 234 -19.82 -15.54 8.79
CA GLU B 234 -19.74 -17.00 8.89
C GLU B 234 -18.90 -17.50 7.72
N SER B 235 -18.96 -16.77 6.60
CA SER B 235 -18.21 -17.12 5.39
C SER B 235 -16.70 -17.01 5.60
N GLY B 236 -16.29 -16.14 6.50
CA GLY B 236 -14.88 -15.95 6.78
C GLY B 236 -14.35 -14.62 6.27
N ASP B 237 -15.16 -13.90 5.50
CA ASP B 237 -14.74 -12.60 4.97
C ASP B 237 -14.92 -11.54 6.04
N VAL B 238 -14.16 -10.45 5.92
CA VAL B 238 -14.23 -9.33 6.86
C VAL B 238 -15.64 -8.75 6.92
N ALA B 239 -16.25 -8.80 8.10
CA ALA B 239 -17.61 -8.26 8.29
C ALA B 239 -17.60 -6.85 8.86
N ALA B 240 -16.41 -6.32 9.12
CA ALA B 240 -16.24 -4.98 9.67
C ALA B 240 -14.79 -4.53 9.48
N VAL B 241 -14.58 -3.23 9.32
CA VAL B 241 -13.23 -2.70 9.12
C VAL B 241 -12.84 -1.76 10.25
N ILE B 242 -11.55 -1.50 10.40
CA ILE B 242 -11.09 -0.59 11.46
C ILE B 242 -11.83 0.74 11.38
N HIS B 243 -12.18 1.28 12.54
CA HIS B 243 -12.93 2.54 12.67
C HIS B 243 -12.07 3.75 12.26
N PRO B 244 -12.68 4.77 11.63
CA PRO B 244 -11.89 5.94 11.21
C PRO B 244 -11.18 6.74 12.30
N ASN B 245 -11.74 6.79 13.51
CA ASN B 245 -11.10 7.53 14.60
C ASN B 245 -9.88 6.75 15.10
N LEU B 246 -9.90 5.43 14.88
CA LEU B 246 -8.79 4.56 15.29
C LEU B 246 -7.75 4.54 14.14
N GLN B 247 -8.23 4.59 12.92
CA GLN B 247 -7.33 4.58 11.74
C GLN B 247 -6.13 5.52 11.85
N ASP B 248 -4.92 4.96 11.80
CA ASP B 248 -3.66 5.72 11.86
C ASP B 248 -3.31 6.18 13.29
N GLN B 249 -4.17 5.88 14.26
CA GLN B 249 -3.92 6.32 15.64
C GLN B 249 -3.11 5.31 16.45
N ASP B 250 -2.14 4.67 15.79
CA ASP B 250 -1.29 3.75 16.51
C ASP B 250 -0.67 4.55 17.64
N TRP B 251 -0.42 3.85 18.75
CA TRP B 251 0.18 4.37 19.98
C TRP B 251 -0.75 5.25 20.81
N LYS B 252 -1.87 5.68 20.24
CA LYS B 252 -2.78 6.55 20.96
C LYS B 252 -3.68 5.78 21.93
N PRO B 253 -3.83 6.27 23.17
CA PRO B 253 -4.67 5.56 24.12
C PRO B 253 -6.03 5.25 23.51
N LEU B 254 -6.50 4.03 23.70
CA LEU B 254 -7.78 3.56 23.20
C LEU B 254 -8.55 3.07 24.43
N HIS B 255 -9.69 3.69 24.71
CA HIS B 255 -10.50 3.35 25.89
C HIS B 255 -11.69 2.43 25.65
N PRO B 256 -11.98 1.54 26.62
CA PRO B 256 -13.10 0.58 26.53
C PRO B 256 -14.30 0.99 25.64
N GLY B 257 -14.80 2.21 25.83
CA GLY B 257 -15.93 2.64 25.03
C GLY B 257 -15.55 3.38 23.75
N ASP B 258 -14.27 3.35 23.40
CA ASP B 258 -13.75 4.04 22.21
C ASP B 258 -14.08 3.23 20.97
N PRO B 259 -13.98 3.87 19.79
CA PRO B 259 -14.28 3.17 18.54
C PRO B 259 -13.17 2.24 18.07
N VAL B 260 -13.58 1.05 17.59
CA VAL B 260 -12.68 0.00 17.13
C VAL B 260 -13.02 -0.53 15.71
N PHE B 261 -14.30 -0.74 15.40
CA PHE B 261 -14.70 -1.20 14.05
C PHE B 261 -16.02 -0.55 13.66
N VAL B 262 -16.12 -0.11 12.40
CA VAL B 262 -17.39 0.44 11.91
C VAL B 262 -17.88 -0.49 10.83
N SER B 263 -19.19 -0.74 10.79
CA SER B 263 -19.76 -1.63 9.77
C SER B 263 -20.25 -0.86 8.55
N LEU B 264 -20.45 -1.56 7.44
CA LEU B 264 -20.95 -0.89 6.25
C LEU B 264 -22.44 -0.57 6.44
N ASP B 265 -23.09 -1.31 7.34
CA ASP B 265 -24.51 -1.08 7.57
C ASP B 265 -24.73 0.13 8.47
N GLY B 266 -24.66 -0.08 9.78
CA GLY B 266 -24.83 1.03 10.69
C GLY B 266 -24.45 0.66 12.11
N LYS B 267 -23.21 0.93 12.49
CA LYS B 267 -22.79 0.61 13.84
C LYS B 267 -21.32 0.93 14.07
N VAL B 268 -21.00 1.28 15.31
CA VAL B 268 -19.64 1.63 15.73
C VAL B 268 -19.36 0.77 16.94
N ILE B 269 -18.66 -0.33 16.70
CA ILE B 269 -18.31 -1.31 17.74
C ILE B 269 -17.15 -0.76 18.56
N PRO B 270 -17.30 -0.70 19.89
CA PRO B 270 -16.25 -0.20 20.77
C PRO B 270 -15.29 -1.24 21.32
N LEU B 271 -14.21 -0.76 21.93
CA LEU B 271 -13.19 -1.61 22.51
C LEU B 271 -13.73 -2.62 23.52
N GLY B 272 -14.41 -2.15 24.55
CA GLY B 272 -14.92 -3.07 25.54
C GLY B 272 -13.90 -3.31 26.66
N GLY B 273 -13.80 -4.56 27.11
CA GLY B 273 -12.83 -4.87 28.16
C GLY B 273 -12.98 -4.08 29.44
N ASP B 274 -11.86 -3.85 30.12
CA ASP B 274 -11.83 -3.13 31.39
C ASP B 274 -10.60 -2.23 31.59
N CYS B 275 -10.22 -1.47 30.57
CA CYS B 275 -9.03 -0.62 30.75
C CYS B 275 -8.62 0.03 29.43
N THR B 276 -7.93 1.16 29.54
CA THR B 276 -7.43 1.90 28.40
C THR B 276 -6.29 1.09 27.78
N VAL B 277 -6.14 1.16 26.45
CA VAL B 277 -5.06 0.43 25.78
C VAL B 277 -4.45 1.32 24.71
N TYR B 278 -3.28 0.92 24.22
CA TYR B 278 -2.50 1.63 23.21
C TYR B 278 -2.39 0.71 22.01
N PRO B 279 -3.06 1.05 20.90
CA PRO B 279 -2.99 0.16 19.74
C PRO B 279 -1.69 0.16 18.96
N VAL B 280 -1.42 -1.01 18.37
CA VAL B 280 -0.25 -1.23 17.54
C VAL B 280 -0.61 -2.07 16.29
N PHE B 281 0.27 -2.00 15.29
CA PHE B 281 0.07 -2.66 14.01
C PHE B 281 -1.38 -2.59 13.57
N VAL B 282 -1.93 -1.38 13.63
CA VAL B 282 -3.31 -1.14 13.16
C VAL B 282 -3.22 -1.17 11.66
N ASN B 283 -4.29 -1.67 11.04
CA ASN B 283 -4.44 -1.78 9.57
C ASN B 283 -3.18 -1.99 8.71
N GLU B 284 -2.54 -3.15 8.89
CA GLU B 284 -1.37 -3.54 8.09
C GLU B 284 -1.88 -4.56 7.07
N ALA B 285 -1.52 -4.36 5.81
CA ALA B 285 -1.97 -5.23 4.73
C ALA B 285 -1.75 -6.74 4.96
N ALA B 286 -0.58 -7.10 5.48
CA ALA B 286 -0.28 -8.50 5.70
C ALA B 286 -0.96 -9.07 6.91
N TYR B 287 -1.68 -8.25 7.66
CA TYR B 287 -2.26 -8.77 8.87
C TYR B 287 -3.73 -9.15 8.88
N TYR B 288 -4.42 -8.98 7.75
CA TYR B 288 -5.84 -9.35 7.67
C TYR B 288 -5.96 -10.90 7.70
N GLU B 289 -5.18 -11.58 6.86
CA GLU B 289 -5.24 -13.03 6.81
C GLU B 289 -4.39 -13.67 7.89
N LYS B 290 -3.96 -12.85 8.85
CA LYS B 290 -3.17 -13.32 9.99
C LYS B 290 -3.96 -13.09 11.28
N LYS B 291 -5.22 -12.70 11.12
CA LYS B 291 -6.10 -12.50 12.27
C LYS B 291 -5.76 -11.27 13.10
N GLU B 292 -5.01 -10.33 12.52
CA GLU B 292 -4.60 -9.13 13.22
C GLU B 292 -5.08 -7.84 12.53
N ALA B 293 -6.09 -7.20 13.12
CA ALA B 293 -6.63 -5.93 12.64
C ALA B 293 -5.74 -4.86 13.31
N PHE B 294 -5.31 -5.17 14.53
CA PHE B 294 -4.39 -4.36 15.34
C PHE B 294 -4.05 -5.13 16.63
N ALA B 295 -2.84 -4.97 17.17
CA ALA B 295 -2.49 -5.68 18.40
C ALA B 295 -2.65 -4.77 19.60
N LYS B 296 -2.97 -5.35 20.75
CA LYS B 296 -3.12 -4.59 21.98
C LYS B 296 -1.86 -4.69 22.83
N THR B 297 -1.24 -3.54 23.12
CA THR B 297 -0.05 -3.53 23.96
C THR B 297 -0.42 -2.82 25.26
N THR B 298 0.47 -2.93 26.25
CA THR B 298 0.30 -2.21 27.51
C THR B 298 1.61 -1.43 27.63
N LYS B 299 1.61 -0.34 28.38
CA LYS B 299 2.83 0.47 28.49
C LYS B 299 3.68 0.13 29.70
N LEU B 300 5.00 0.19 29.56
CA LEU B 300 5.86 -0.10 30.71
C LEU B 300 7.29 0.41 30.50
N THR B 301 8.11 0.24 31.52
CA THR B 301 9.48 0.71 31.41
C THR B 301 10.49 -0.42 31.65
N LEU B 302 11.56 -0.45 30.87
CA LEU B 302 12.57 -1.49 31.06
C LEU B 302 13.80 -0.81 31.62
N ASN B 303 14.22 -1.22 32.83
CA ASN B 303 15.42 -0.65 33.43
C ASN B 303 16.64 -0.98 32.58
N ALA B 304 17.60 -0.06 32.53
CA ALA B 304 18.85 -0.29 31.80
C ALA B 304 20.09 -0.22 32.70
N LYS B 305 20.87 -1.30 32.75
CA LYS B 305 22.10 -1.35 33.54
C LYS B 305 23.24 -0.61 32.86
N SER B 306 24.26 -0.33 33.66
CA SER B 306 25.45 0.29 33.14
C SER B 306 26.01 -0.80 32.23
N ILE B 307 26.53 -0.43 31.07
CA ILE B 307 27.13 -1.41 30.17
C ILE B 307 28.40 -0.80 29.57
N ARG B 308 29.34 -1.66 29.20
CA ARG B 308 30.60 -1.21 28.59
C ARG B 308 31.29 -2.39 27.96
N SER B 309 32.20 -2.10 27.04
CA SER B 309 32.96 -3.14 26.33
C SER B 309 34.12 -3.57 27.24
N THR B 310 34.64 -4.77 27.00
CA THR B 310 35.77 -5.31 27.77
C THR B 310 37.06 -4.59 27.38
ZN ZN C . -8.09 -0.52 -8.67
S SO4 D . -11.83 -1.42 -29.67
O1 SO4 D . -11.95 -0.38 -28.62
O2 SO4 D . -12.85 -2.46 -29.48
O3 SO4 D . -12.03 -0.80 -31.00
O4 SO4 D . -10.49 -2.03 -29.61
S SO4 E . -23.65 12.94 1.13
O1 SO4 E . -23.66 14.14 1.99
O2 SO4 E . -25.02 12.70 0.62
O3 SO4 E . -22.70 13.15 0.02
O4 SO4 E . -23.21 11.76 1.92
S SO4 F . 0.93 -8.82 -4.55
O1 SO4 F . 0.89 -7.49 -5.19
O2 SO4 F . -0.41 -9.45 -4.64
O3 SO4 F . 1.92 -9.67 -5.23
O4 SO4 F . 1.28 -8.65 -3.13
ZN ZN G . 7.35 -6.87 9.55
S SO4 H . 5.75 -10.19 10.03
O1 SO4 H . 4.93 -9.52 9.00
O2 SO4 H . 6.29 -11.47 9.52
O3 SO4 H . 6.86 -9.30 10.41
O4 SO4 H . 4.92 -10.45 11.23
S SO4 I . 20.17 12.77 12.04
O1 SO4 I . 19.64 13.57 10.91
O2 SO4 I . 19.57 13.24 13.31
O3 SO4 I . 19.81 11.36 11.85
O4 SO4 I . 21.64 12.91 12.11
N CYS A 4 -29.89 22.85 -25.39
CA CYS A 4 -31.09 22.40 -26.16
C CYS A 4 -30.77 21.02 -26.72
N VAL A 5 -30.74 20.03 -25.83
CA VAL A 5 -30.43 18.65 -26.22
C VAL A 5 -31.24 17.60 -25.46
N ALA A 6 -31.65 16.55 -26.17
CA ALA A 6 -32.43 15.45 -25.58
C ALA A 6 -31.79 14.10 -25.93
N GLU A 7 -31.76 13.20 -24.95
CA GLU A 7 -31.18 11.88 -25.16
C GLU A 7 -32.09 10.75 -24.68
N GLU A 8 -31.67 9.51 -24.93
CA GLU A 8 -32.45 8.34 -24.53
C GLU A 8 -32.17 7.96 -23.08
N PRO A 9 -33.22 7.63 -22.30
CA PRO A 9 -32.97 7.25 -20.91
C PRO A 9 -31.98 6.09 -20.73
N ILE A 10 -31.72 5.76 -19.48
CA ILE A 10 -30.79 4.70 -19.07
C ILE A 10 -31.56 3.63 -18.31
N LYS A 11 -31.24 2.36 -18.51
CA LYS A 11 -31.94 1.29 -17.79
C LYS A 11 -31.04 0.21 -17.17
N LYS A 12 -29.94 -0.14 -17.83
CA LYS A 12 -29.06 -1.21 -17.33
C LYS A 12 -27.71 -0.68 -16.85
N ILE A 13 -27.49 -0.77 -15.54
CA ILE A 13 -26.28 -0.27 -14.88
C ILE A 13 -25.51 -1.35 -14.12
N ALA A 14 -24.22 -1.50 -14.41
CA ALA A 14 -23.41 -2.46 -13.69
C ALA A 14 -22.53 -1.73 -12.66
N ILE A 15 -22.14 -2.45 -11.62
CA ILE A 15 -21.22 -1.94 -10.58
C ILE A 15 -20.16 -3.05 -10.43
N PHE A 16 -19.05 -2.85 -11.13
CA PHE A 16 -17.93 -3.77 -11.18
C PHE A 16 -17.01 -3.62 -9.97
N GLY A 17 -16.61 -4.76 -9.41
CA GLY A 17 -15.71 -4.75 -8.27
C GLY A 17 -14.51 -5.65 -8.53
N GLY A 18 -13.39 -5.34 -7.89
CA GLY A 18 -12.18 -6.12 -8.06
C GLY A 18 -11.69 -6.23 -9.51
N THR A 19 -11.76 -5.16 -10.31
CA THR A 19 -11.23 -5.23 -11.68
C THR A 19 -9.73 -5.45 -11.45
N HIS A 20 -9.16 -4.71 -10.48
CA HIS A 20 -7.76 -4.97 -10.06
C HIS A 20 -7.96 -5.68 -8.74
N GLY A 21 -7.34 -6.86 -8.63
CA GLY A 21 -7.53 -7.73 -7.47
C GLY A 21 -7.27 -7.24 -6.05
N ASN A 22 -6.30 -6.35 -5.89
CA ASN A 22 -5.94 -5.87 -4.56
C ASN A 22 -6.45 -4.47 -4.22
N GLU A 23 -7.34 -3.90 -5.03
CA GLU A 23 -7.88 -2.57 -4.72
C GLU A 23 -9.19 -2.87 -4.00
N LEU A 24 -9.15 -2.78 -2.68
CA LEU A 24 -10.29 -3.25 -1.89
C LEU A 24 -11.59 -2.51 -1.67
N THR A 25 -11.70 -1.23 -1.99
CA THR A 25 -12.96 -0.58 -1.68
C THR A 25 -14.08 -1.12 -2.58
N GLY A 26 -13.81 -1.22 -3.86
CA GLY A 26 -14.80 -1.75 -4.78
C GLY A 26 -15.04 -3.24 -4.54
N VAL A 27 -14.04 -3.93 -4.03
CA VAL A 27 -14.20 -5.36 -3.76
C VAL A 27 -15.23 -5.54 -2.64
N PHE A 28 -15.00 -4.82 -1.55
CA PHE A 28 -15.85 -4.90 -0.36
C PHE A 28 -17.28 -4.38 -0.62
N LEU A 29 -17.39 -3.27 -1.36
CA LEU A 29 -18.73 -2.73 -1.66
C LEU A 29 -19.58 -3.65 -2.54
N VAL A 30 -18.97 -4.32 -3.51
CA VAL A 30 -19.74 -5.19 -4.38
C VAL A 30 -20.21 -6.39 -3.59
N THR A 31 -19.30 -6.93 -2.80
CA THR A 31 -19.60 -8.07 -1.96
C THR A 31 -20.83 -7.72 -1.09
N HIS A 32 -20.81 -6.52 -0.52
CA HIS A 32 -21.91 -6.04 0.32
C HIS A 32 -23.23 -5.84 -0.46
N TRP A 33 -23.12 -5.36 -1.70
CA TRP A 33 -24.30 -5.10 -2.52
C TRP A 33 -24.83 -6.31 -3.25
N LEU A 34 -23.94 -7.25 -3.60
CA LEU A 34 -24.42 -8.46 -4.25
C LEU A 34 -25.37 -9.21 -3.35
N LYS A 35 -25.23 -8.97 -2.03
CA LYS A 35 -26.07 -9.63 -1.03
C LYS A 35 -27.16 -8.70 -0.47
N ASN A 36 -26.87 -7.41 -0.46
CA ASN A 36 -27.80 -6.43 0.10
C ASN A 36 -27.89 -5.28 -0.88
N GLY A 37 -28.66 -5.44 -1.95
CA GLY A 37 -28.73 -4.39 -2.98
C GLY A 37 -29.54 -3.12 -2.78
N ALA A 38 -30.38 -3.09 -1.74
CA ALA A 38 -31.22 -1.92 -1.49
C ALA A 38 -30.47 -0.61 -1.66
N GLU A 39 -29.31 -0.52 -1.03
CA GLU A 39 -28.51 0.70 -1.10
C GLU A 39 -28.29 1.23 -2.52
N VAL A 40 -28.18 0.35 -3.50
CA VAL A 40 -27.94 0.79 -4.89
C VAL A 40 -29.13 0.50 -5.81
N HIS A 41 -30.28 0.26 -5.21
CA HIS A 41 -31.50 0.03 -5.99
C HIS A 41 -31.93 1.42 -6.43
N ARG A 42 -32.54 1.51 -7.60
CA ARG A 42 -33.06 2.76 -8.11
C ARG A 42 -34.19 2.32 -9.03
N ALA A 43 -35.38 2.82 -8.77
CA ALA A 43 -36.54 2.44 -9.58
C ALA A 43 -36.22 2.58 -11.06
N GLY A 44 -36.80 1.70 -11.87
CA GLY A 44 -36.60 1.75 -13.31
C GLY A 44 -35.20 1.47 -13.80
N LEU A 45 -34.31 1.10 -12.87
CA LEU A 45 -32.91 0.77 -13.18
C LEU A 45 -32.47 -0.62 -12.74
N GLU A 46 -32.03 -1.44 -13.69
CA GLU A 46 -31.55 -2.75 -13.32
C GLU A 46 -30.08 -2.51 -13.04
N VAL A 47 -29.70 -2.61 -11.77
CA VAL A 47 -28.30 -2.40 -11.35
C VAL A 47 -27.69 -3.79 -11.35
N LYS A 48 -26.40 -3.90 -11.65
CA LYS A 48 -25.81 -5.23 -11.63
C LYS A 48 -24.42 -5.26 -10.97
N PRO A 49 -24.36 -5.37 -9.62
CA PRO A 49 -23.03 -5.42 -8.99
C PRO A 49 -22.35 -6.67 -9.59
N PHE A 50 -21.03 -6.68 -9.68
CA PHE A 50 -20.35 -7.84 -10.27
C PHE A 50 -18.83 -7.79 -10.11
N ILE A 51 -18.25 -8.79 -9.44
CA ILE A 51 -16.80 -8.83 -9.29
C ILE A 51 -16.21 -9.26 -10.65
N THR A 52 -15.55 -8.30 -11.31
CA THR A 52 -15.00 -8.53 -12.63
C THR A 52 -13.79 -9.43 -12.72
N ASN A 53 -12.89 -9.33 -11.75
CA ASN A 53 -11.70 -10.15 -11.79
C ASN A 53 -11.62 -10.95 -10.49
N PRO A 54 -12.76 -11.53 -10.02
CA PRO A 54 -12.82 -12.32 -8.76
C PRO A 54 -11.69 -13.31 -8.54
N ARG A 55 -11.09 -13.81 -9.61
CA ARG A 55 -9.96 -14.72 -9.47
C ARG A 55 -8.88 -13.91 -8.78
N ALA A 56 -8.46 -12.80 -9.39
CA ALA A 56 -7.42 -11.96 -8.76
C ALA A 56 -7.84 -11.58 -7.32
N VAL A 57 -9.14 -11.39 -7.09
CA VAL A 57 -9.64 -11.03 -5.76
C VAL A 57 -9.29 -12.14 -4.75
N GLU A 58 -9.32 -13.40 -5.19
CA GLU A 58 -8.99 -14.48 -4.26
C GLU A 58 -7.62 -14.19 -3.67
N LYS A 59 -6.59 -14.30 -4.53
CA LYS A 59 -5.17 -14.08 -4.18
C LYS A 59 -4.78 -12.68 -3.65
N CYS A 60 -5.73 -11.75 -3.64
CA CYS A 60 -5.47 -10.37 -3.22
C CYS A 60 -4.23 -9.84 -3.93
N THR A 61 -4.23 -10.01 -5.26
CA THR A 61 -3.12 -9.56 -6.12
C THR A 61 -3.73 -8.77 -7.28
N ARG A 62 -3.12 -7.68 -7.69
CA ARG A 62 -3.69 -6.89 -8.79
C ARG A 62 -4.27 -7.77 -9.91
N TYR A 63 -3.49 -8.72 -10.41
CA TYR A 63 -3.95 -9.61 -11.49
C TYR A 63 -3.34 -11.02 -11.47
N ILE A 64 -4.09 -11.98 -11.99
CA ILE A 64 -3.64 -13.38 -12.08
C ILE A 64 -2.51 -13.45 -13.09
N ASP A 65 -2.78 -13.09 -14.34
CA ASP A 65 -1.80 -13.15 -15.42
C ASP A 65 -1.63 -11.86 -16.21
N CYS A 66 -2.73 -11.14 -16.40
CA CYS A 66 -2.69 -9.85 -17.08
C CYS A 66 -3.72 -8.88 -16.50
N ASP A 67 -3.48 -7.59 -16.63
CA ASP A 67 -4.37 -6.57 -16.08
C ASP A 67 -5.66 -6.49 -16.87
N LEU A 68 -6.72 -7.06 -16.33
CA LEU A 68 -8.01 -7.04 -17.03
C LEU A 68 -8.20 -5.71 -17.80
N ASN A 69 -7.81 -4.61 -17.16
CA ASN A 69 -7.95 -3.25 -17.70
C ASN A 69 -7.10 -2.94 -18.95
N ARG A 70 -6.61 -3.97 -19.63
CA ARG A 70 -5.82 -3.76 -20.85
C ARG A 70 -6.11 -4.81 -21.92
N VAL A 71 -7.27 -5.47 -21.83
CA VAL A 71 -7.60 -6.53 -22.81
C VAL A 71 -9.05 -6.58 -23.31
N PHE A 72 -9.72 -5.41 -23.29
CA PHE A 72 -11.08 -5.32 -23.82
C PHE A 72 -11.06 -4.70 -25.23
N ASP A 73 -9.87 -4.32 -25.70
CA ASP A 73 -9.77 -3.80 -27.08
C ASP A 73 -10.48 -4.85 -27.96
N LEU A 74 -11.19 -4.41 -28.99
CA LEU A 74 -11.94 -5.34 -29.84
C LEU A 74 -11.17 -6.54 -30.32
N GLU A 75 -9.85 -6.42 -30.42
CA GLU A 75 -9.01 -7.51 -30.90
C GLU A 75 -9.02 -8.62 -29.86
N ASN A 76 -8.70 -8.29 -28.62
CA ASN A 76 -8.67 -9.31 -27.57
C ASN A 76 -10.04 -9.95 -27.35
N LEU A 77 -11.11 -9.16 -27.46
CA LEU A 77 -12.45 -9.73 -27.29
C LEU A 77 -12.82 -10.67 -28.45
N SER A 78 -11.94 -10.79 -29.44
CA SER A 78 -12.26 -11.68 -30.54
C SER A 78 -11.35 -12.92 -30.55
N LYS A 79 -10.26 -12.88 -29.80
CA LYS A 79 -9.29 -13.98 -29.80
C LYS A 79 -9.75 -15.39 -29.49
N GLU A 80 -9.20 -16.36 -30.23
CA GLU A 80 -9.51 -17.77 -29.98
C GLU A 80 -8.60 -18.12 -28.82
N MSE A 81 -9.09 -18.92 -27.88
CA MSE A 81 -8.23 -19.31 -26.75
C MSE A 81 -7.03 -20.09 -27.31
O MSE A 81 -7.19 -20.92 -28.19
CB MSE A 81 -9.00 -20.22 -25.78
CG MSE A 81 -10.19 -19.58 -25.11
SE MSE A 81 -9.65 -17.99 -24.14
CE MSE A 81 -10.26 -16.69 -25.45
N SER A 82 -5.83 -19.81 -26.80
CA SER A 82 -4.65 -20.58 -27.23
C SER A 82 -3.89 -20.94 -25.95
N GLU A 83 -2.75 -21.61 -26.07
CA GLU A 83 -2.03 -21.97 -24.87
C GLU A 83 -1.23 -20.81 -24.26
N ASP A 84 -1.08 -19.72 -24.99
CA ASP A 84 -0.28 -18.59 -24.47
C ASP A 84 -1.13 -17.34 -24.23
N LEU A 85 -2.43 -17.53 -24.14
CA LEU A 85 -3.30 -16.39 -23.90
C LEU A 85 -3.50 -16.28 -22.39
N PRO A 86 -2.92 -15.25 -21.75
CA PRO A 86 -3.11 -15.14 -20.29
C PRO A 86 -4.58 -15.30 -19.93
N TYR A 87 -4.85 -15.89 -18.76
CA TYR A 87 -6.20 -16.07 -18.26
C TYR A 87 -7.06 -14.79 -18.44
N GLU A 88 -6.48 -13.61 -18.25
CA GLU A 88 -7.31 -12.41 -18.34
C GLU A 88 -7.77 -11.98 -19.73
N VAL A 89 -7.48 -12.75 -20.77
CA VAL A 89 -8.01 -12.39 -22.07
C VAL A 89 -9.38 -13.08 -22.13
N ARG A 90 -9.47 -14.28 -21.54
CA ARG A 90 -10.74 -15.00 -21.49
C ARG A 90 -11.73 -14.15 -20.65
N ARG A 91 -11.22 -13.50 -19.60
CA ARG A 91 -12.13 -12.71 -18.74
C ARG A 91 -12.81 -11.56 -19.48
N ALA A 92 -12.03 -10.65 -20.07
CA ALA A 92 -12.61 -9.51 -20.78
C ALA A 92 -13.71 -10.04 -21.67
N GLN A 93 -13.38 -11.00 -22.55
CA GLN A 93 -14.42 -11.60 -23.39
C GLN A 93 -15.52 -12.19 -22.47
N GLU A 94 -15.18 -12.68 -21.27
CA GLU A 94 -16.22 -13.26 -20.38
C GLU A 94 -17.25 -12.23 -19.88
N ILE A 95 -16.76 -11.08 -19.41
CA ILE A 95 -17.64 -10.04 -18.89
C ILE A 95 -18.32 -9.38 -20.08
N ASN A 96 -17.62 -9.39 -21.21
CA ASN A 96 -18.20 -8.82 -22.43
C ASN A 96 -19.45 -9.65 -22.79
N HIS A 97 -19.42 -10.96 -22.55
CA HIS A 97 -20.58 -11.77 -22.91
C HIS A 97 -21.80 -11.34 -22.08
N LEU A 98 -21.55 -10.99 -20.81
CA LEU A 98 -22.63 -10.54 -19.94
C LEU A 98 -23.04 -9.09 -20.23
N PHE A 99 -22.17 -8.17 -19.84
CA PHE A 99 -22.40 -6.73 -19.93
C PHE A 99 -22.19 -6.06 -21.28
N GLY A 100 -21.74 -6.85 -22.25
CA GLY A 100 -21.56 -6.35 -23.60
C GLY A 100 -22.65 -7.04 -24.45
N PRO A 101 -22.32 -7.44 -25.69
CA PRO A 101 -20.99 -7.23 -26.26
C PRO A 101 -20.75 -5.75 -26.49
N LYS A 102 -19.49 -5.35 -26.35
CA LYS A 102 -19.07 -3.99 -26.59
C LYS A 102 -19.51 -3.55 -28.00
N ASN A 103 -20.12 -2.37 -28.07
CA ASN A 103 -20.59 -1.79 -29.33
C ASN A 103 -21.92 -2.33 -29.85
N SER A 104 -22.74 -2.87 -28.96
CA SER A 104 -24.05 -3.41 -29.33
C SER A 104 -25.17 -2.67 -28.59
N ASP A 105 -26.30 -2.48 -29.28
CA ASP A 105 -27.43 -1.80 -28.64
C ASP A 105 -27.83 -2.53 -27.37
N ASP A 106 -27.36 -3.77 -27.23
CA ASP A 106 -27.68 -4.62 -26.08
C ASP A 106 -26.71 -4.41 -24.92
N ALA A 107 -25.52 -3.92 -25.25
CA ALA A 107 -24.51 -3.70 -24.22
C ALA A 107 -25.09 -2.89 -23.06
N TYR A 108 -24.58 -3.13 -21.85
CA TYR A 108 -25.06 -2.40 -20.70
C TYR A 108 -24.97 -0.90 -21.01
N ASP A 109 -25.89 -0.09 -20.47
CA ASP A 109 -25.87 1.34 -20.73
C ASP A 109 -24.67 2.06 -20.13
N VAL A 110 -24.56 2.04 -18.80
CA VAL A 110 -23.45 2.72 -18.12
C VAL A 110 -22.60 1.75 -17.34
N VAL A 111 -21.29 1.97 -17.37
CA VAL A 111 -20.39 1.16 -16.56
C VAL A 111 -19.46 2.08 -15.78
N PHE A 112 -19.55 1.98 -14.47
CA PHE A 112 -18.70 2.75 -13.58
C PHE A 112 -17.55 1.86 -13.15
N ASP A 113 -16.32 2.20 -13.48
CA ASP A 113 -15.24 1.35 -13.01
C ASP A 113 -14.78 1.90 -11.64
N LEU A 114 -14.62 1.01 -10.67
CA LEU A 114 -14.29 1.37 -9.28
C LEU A 114 -12.89 0.94 -8.82
N HIS A 115 -11.88 1.76 -9.09
CA HIS A 115 -10.50 1.45 -8.74
C HIS A 115 -10.04 2.04 -7.39
N ASN A 116 -8.88 1.56 -6.91
CA ASN A 116 -8.27 2.09 -5.70
C ASN A 116 -6.81 2.40 -6.07
N THR A 117 -6.23 3.42 -5.44
CA THR A 117 -4.84 3.76 -5.70
C THR A 117 -4.15 4.24 -4.45
N THR A 118 -2.85 4.00 -4.42
CA THR A 118 -2.04 4.46 -3.31
C THR A 118 -1.87 5.98 -3.42
N SER A 119 -1.69 6.47 -4.65
CA SER A 119 -1.49 7.91 -4.89
C SER A 119 -2.53 8.75 -4.15
N ASN A 120 -2.17 9.98 -3.75
CA ASN A 120 -3.09 10.88 -3.01
C ASN A 120 -3.90 11.86 -3.88
N MSE A 121 -4.55 11.29 -4.89
CA MSE A 121 -5.35 12.05 -5.87
C MSE A 121 -6.77 12.39 -5.41
O MSE A 121 -7.55 12.98 -6.18
CB MSE A 121 -5.43 11.24 -7.17
CG MSE A 121 -4.07 10.78 -7.72
SE MSE A 121 -4.14 9.56 -9.24
CE MSE A 121 -5.88 10.09 -9.98
N GLY A 122 -7.14 12.05 -4.18
CA GLY A 122 -8.51 12.32 -3.76
C GLY A 122 -9.46 11.52 -4.63
N CYS A 123 -10.76 11.74 -4.51
CA CYS A 123 -11.73 11.00 -5.33
C CYS A 123 -11.58 11.56 -6.75
N THR A 124 -11.33 10.69 -7.72
CA THR A 124 -11.10 11.09 -9.12
C THR A 124 -12.11 10.53 -10.14
N LEU A 125 -12.68 11.39 -10.98
CA LEU A 125 -13.61 10.93 -12.03
C LEU A 125 -12.75 10.89 -13.30
N ILE A 126 -12.85 9.81 -14.07
CA ILE A 126 -12.07 9.66 -15.30
C ILE A 126 -12.94 9.81 -16.54
N LEU A 127 -12.56 10.72 -17.42
CA LEU A 127 -13.36 10.99 -18.61
C LEU A 127 -12.60 10.68 -19.87
N GLY A 128 -13.18 9.86 -20.74
CA GLY A 128 -12.50 9.51 -21.98
C GLY A 128 -13.12 10.01 -23.26
N ASP A 129 -13.97 11.05 -23.17
CA ASP A 129 -14.66 11.62 -24.34
C ASP A 129 -14.97 13.09 -24.07
N SER A 130 -14.04 13.98 -24.37
CA SER A 130 -14.22 15.40 -24.10
C SER A 130 -15.46 16.07 -24.71
N GLY A 131 -16.17 15.36 -25.59
CA GLY A 131 -17.37 15.96 -26.17
C GLY A 131 -18.64 15.35 -25.61
N ASN A 132 -18.49 14.53 -24.57
CA ASN A 132 -19.62 13.83 -23.97
C ASN A 132 -20.42 14.73 -23.03
N ASP A 133 -21.65 15.05 -23.41
CA ASP A 133 -22.48 15.93 -22.60
C ASP A 133 -23.24 15.21 -21.48
N PHE A 134 -23.64 13.97 -21.72
CA PHE A 134 -24.36 13.25 -20.66
C PHE A 134 -23.40 13.03 -19.49
N LEU A 135 -22.17 12.61 -19.79
CA LEU A 135 -21.19 12.35 -18.73
C LEU A 135 -20.69 13.61 -18.05
N ILE A 136 -20.52 14.69 -18.82
CA ILE A 136 -20.06 15.95 -18.21
C ILE A 136 -21.14 16.40 -17.22
N GLN A 137 -22.41 16.27 -17.63
CA GLN A 137 -23.50 16.68 -16.75
C GLN A 137 -23.47 15.79 -15.51
N MSE A 138 -23.26 14.49 -15.71
CA MSE A 138 -23.22 13.58 -14.58
C MSE A 138 -22.12 13.98 -13.60
O MSE A 138 -22.32 14.03 -12.40
CB MSE A 138 -22.96 12.15 -15.01
CG MSE A 138 -22.92 11.17 -13.83
SE MSE A 138 -22.20 9.42 -14.29
CE MSE A 138 -23.58 8.83 -15.54
N PHE A 139 -20.92 14.25 -14.13
CA PHE A 139 -19.80 14.60 -13.26
C PHE A 139 -20.01 15.91 -12.51
N HIS A 140 -20.57 16.91 -13.17
CA HIS A 140 -20.84 18.21 -12.54
C HIS A 140 -21.78 17.95 -11.37
N TYR A 141 -22.74 17.07 -11.56
CA TYR A 141 -23.71 16.76 -10.50
C TYR A 141 -23.02 16.12 -9.31
N ILE A 142 -22.19 15.11 -9.60
CA ILE A 142 -21.45 14.43 -8.54
C ILE A 142 -20.57 15.45 -7.80
N LYS A 143 -19.87 16.28 -8.57
CA LYS A 143 -18.98 17.29 -7.96
C LYS A 143 -19.77 18.32 -7.14
N THR A 144 -20.91 18.75 -7.67
CA THR A 144 -21.76 19.72 -6.97
C THR A 144 -22.19 19.17 -5.63
N CYS A 145 -22.69 17.93 -5.64
CA CYS A 145 -23.13 17.30 -4.42
C CYS A 145 -21.98 17.06 -3.45
N MSE A 146 -20.81 16.74 -3.98
CA MSE A 146 -19.63 16.49 -3.14
C MSE A 146 -19.04 17.75 -2.51
O MSE A 146 -18.48 17.70 -1.43
CB MSE A 146 -18.52 15.81 -3.94
CG MSE A 146 -18.85 14.41 -4.39
SE MSE A 146 -19.19 13.26 -2.88
CE MSE A 146 -17.36 12.89 -2.31
N ALA A 147 -19.15 18.87 -3.22
CA ALA A 147 -18.60 20.15 -2.76
C ALA A 147 -18.86 20.39 -1.27
N PRO A 148 -17.94 21.06 -0.58
CA PRO A 148 -16.67 21.62 -1.04
C PRO A 148 -15.51 20.64 -1.11
N LEU A 149 -15.75 19.37 -0.82
CA LEU A 149 -14.69 18.36 -0.90
C LEU A 149 -14.21 18.20 -2.35
N PRO A 150 -12.91 17.97 -2.56
CA PRO A 150 -12.43 17.82 -3.93
C PRO A 150 -12.94 16.58 -4.68
N CYS A 151 -13.24 16.78 -5.95
CA CYS A 151 -13.70 15.75 -6.86
C CYS A 151 -13.10 16.21 -8.19
N SER A 152 -12.02 15.54 -8.58
CA SER A 152 -11.29 15.91 -9.77
C SER A 152 -11.57 14.97 -10.92
N VAL A 153 -11.62 15.55 -12.12
CA VAL A 153 -11.90 14.77 -13.32
C VAL A 153 -10.66 14.59 -14.18
N TYR A 154 -10.33 13.33 -14.46
CA TYR A 154 -9.20 12.98 -15.30
C TYR A 154 -9.75 12.62 -16.68
N LEU A 155 -9.31 13.35 -17.71
CA LEU A 155 -9.78 13.13 -19.07
C LEU A 155 -8.72 12.44 -19.93
N ILE A 156 -9.12 11.39 -20.66
CA ILE A 156 -8.20 10.67 -21.55
C ILE A 156 -8.61 10.93 -23.01
N GLU A 157 -7.69 11.48 -23.79
CA GLU A 157 -7.99 11.73 -25.21
C GLU A 157 -7.37 10.66 -26.13
N HIS A 158 -6.14 10.22 -25.85
CA HIS A 158 -5.50 9.20 -26.69
C HIS A 158 -6.35 7.92 -26.66
N PRO A 159 -6.51 7.26 -27.83
CA PRO A 159 -7.31 6.03 -27.92
C PRO A 159 -6.72 4.83 -27.18
N SER A 160 -5.43 4.60 -27.39
CA SER A 160 -4.75 3.46 -26.75
C SER A 160 -4.80 3.54 -25.24
N LEU A 161 -4.99 4.74 -24.71
CA LEU A 161 -5.00 4.96 -23.27
C LEU A 161 -6.15 4.32 -22.53
N LYS A 162 -7.28 4.12 -23.20
CA LYS A 162 -8.41 3.51 -22.52
C LYS A 162 -9.30 2.70 -23.44
N TYR A 163 -8.87 2.50 -24.68
CA TYR A 163 -9.69 1.75 -25.65
C TYR A 163 -9.95 0.29 -25.28
N ALA A 164 -9.24 -0.22 -24.27
CA ALA A 164 -9.44 -1.61 -23.89
C ALA A 164 -9.95 -1.75 -22.45
N THR A 165 -10.36 -0.65 -21.83
CA THR A 165 -10.84 -0.70 -20.44
C THR A 165 -12.12 -1.50 -20.23
N THR A 166 -12.22 -2.04 -19.03
CA THR A 166 -13.40 -2.76 -18.59
C THR A 166 -14.61 -1.85 -18.93
N ARG A 167 -14.76 -0.80 -18.14
CA ARG A 167 -15.88 0.12 -18.30
C ARG A 167 -16.25 0.34 -19.77
N SER A 168 -15.24 0.58 -20.59
CA SER A 168 -15.42 0.85 -22.02
C SER A 168 -16.51 0.07 -22.73
N ILE A 169 -16.67 -1.22 -22.45
CA ILE A 169 -17.73 -1.96 -23.13
C ILE A 169 -19.10 -1.25 -23.02
N ALA A 170 -19.27 -0.36 -22.04
CA ALA A 170 -20.54 0.35 -21.85
C ALA A 170 -20.79 1.52 -22.79
N LYS A 171 -22.05 1.78 -23.10
CA LYS A 171 -22.39 2.94 -23.90
C LYS A 171 -21.93 4.18 -23.09
N TYR A 172 -21.99 4.11 -21.76
CA TYR A 172 -21.56 5.26 -20.94
C TYR A 172 -20.55 4.85 -19.87
N PRO A 173 -19.30 4.63 -20.27
CA PRO A 173 -18.31 4.24 -19.26
C PRO A 173 -17.75 5.43 -18.49
N VAL A 174 -17.48 5.19 -17.21
CA VAL A 174 -16.92 6.19 -16.32
C VAL A 174 -16.04 5.49 -15.30
N GLY A 175 -14.88 6.08 -15.03
CA GLY A 175 -13.98 5.53 -14.02
C GLY A 175 -14.17 6.32 -12.73
N ILE A 176 -13.95 5.64 -11.61
CA ILE A 176 -14.04 6.26 -10.30
C ILE A 176 -12.97 5.59 -9.43
N GLU A 177 -11.76 6.14 -9.47
CA GLU A 177 -10.63 5.63 -8.70
C GLU A 177 -10.49 6.48 -7.41
N VAL A 178 -10.21 5.84 -6.28
CA VAL A 178 -10.04 6.61 -5.04
C VAL A 178 -8.95 6.05 -4.11
N GLY A 179 -8.12 6.97 -3.64
CA GLY A 179 -7.06 6.65 -2.72
C GLY A 179 -7.14 7.85 -1.79
N PRO A 180 -6.20 8.02 -0.86
CA PRO A 180 -5.06 7.19 -0.52
C PRO A 180 -5.45 5.98 0.35
N GLN A 181 -4.93 4.83 -0.06
CA GLN A 181 -5.15 3.58 0.63
C GLN A 181 -4.13 2.59 0.07
N PRO A 182 -3.51 1.78 0.95
CA PRO A 182 -2.53 0.79 0.52
C PRO A 182 -3.28 -0.38 -0.12
N HIS A 183 -2.87 -0.80 -1.30
CA HIS A 183 -3.55 -1.94 -1.91
C HIS A 183 -3.25 -3.13 -1.03
N GLY A 184 -4.31 -3.80 -0.58
CA GLY A 184 -4.15 -4.92 0.31
C GLY A 184 -4.76 -4.57 1.67
N VAL A 185 -5.49 -3.45 1.74
CA VAL A 185 -6.15 -3.06 2.99
C VAL A 185 -7.46 -2.33 2.70
N LEU A 186 -8.34 -2.31 3.69
CA LEU A 186 -9.63 -1.60 3.64
C LEU A 186 -9.61 -0.41 4.62
N ARG A 187 -9.59 0.83 4.12
CA ARG A 187 -9.64 2.00 5.01
C ARG A 187 -11.12 2.35 5.09
N ALA A 188 -11.59 2.78 6.26
CA ALA A 188 -12.98 3.13 6.43
C ALA A 188 -13.33 4.46 5.75
N ASP A 189 -12.41 5.42 5.82
CA ASP A 189 -12.65 6.75 5.23
C ASP A 189 -12.76 6.68 3.71
N ILE A 190 -11.90 5.87 3.08
CA ILE A 190 -11.93 5.73 1.63
C ILE A 190 -13.27 5.10 1.23
N LEU A 191 -13.77 4.16 2.03
CA LEU A 191 -15.05 3.52 1.74
C LEU A 191 -16.12 4.59 1.68
N ASP A 192 -16.14 5.42 2.72
CA ASP A 192 -17.13 6.46 2.78
C ASP A 192 -17.09 7.32 1.51
N GLN A 193 -15.89 7.64 1.06
CA GLN A 193 -15.80 8.48 -0.12
C GLN A 193 -16.30 7.77 -1.38
N MSE A 194 -16.07 6.47 -1.49
CA MSE A 194 -16.55 5.76 -2.69
C MSE A 194 -18.09 5.62 -2.67
O MSE A 194 -18.73 5.55 -3.72
CB MSE A 194 -15.89 4.37 -2.81
CG MSE A 194 -16.07 3.75 -4.23
SE MSE A 194 -14.92 2.25 -4.67
CE MSE A 194 -16.21 0.98 -5.34
N ARG A 195 -18.69 5.61 -1.49
CA ARG A 195 -20.14 5.47 -1.46
C ARG A 195 -20.87 6.78 -1.80
N ARG A 196 -20.30 7.91 -1.42
CA ARG A 196 -20.93 9.19 -1.75
C ARG A 196 -20.87 9.40 -3.27
N MSE A 197 -19.77 9.00 -3.90
CA MSE A 197 -19.66 9.19 -5.33
C MSE A 197 -20.71 8.37 -6.08
O MSE A 197 -21.42 8.89 -6.96
CB MSE A 197 -18.26 8.82 -5.83
CG MSE A 197 -17.19 9.69 -5.20
SE MSE A 197 -15.48 9.11 -5.81
CE MSE A 197 -15.64 9.94 -7.58
N LEU A 198 -20.83 7.09 -5.75
CA LEU A 198 -21.78 6.24 -6.46
C LEU A 198 -23.21 6.68 -6.20
N LYS A 199 -23.50 7.11 -4.97
CA LYS A 199 -24.84 7.58 -4.66
C LYS A 199 -25.23 8.69 -5.65
N HIS A 200 -24.57 9.83 -5.54
CA HIS A 200 -24.87 10.97 -6.41
C HIS A 200 -24.83 10.63 -7.90
N ALA A 201 -23.93 9.74 -8.30
CA ALA A 201 -23.87 9.34 -9.70
C ALA A 201 -25.22 8.73 -10.07
N LEU A 202 -25.71 7.80 -9.24
CA LEU A 202 -26.98 7.16 -9.55
C LEU A 202 -28.14 8.16 -9.42
N ASP A 203 -28.00 9.12 -8.50
CA ASP A 203 -29.04 10.13 -8.34
C ASP A 203 -29.18 10.90 -9.65
N PHE A 204 -28.04 11.30 -10.22
CA PHE A 204 -28.08 12.04 -11.48
C PHE A 204 -28.82 11.30 -12.57
N ILE A 205 -28.46 10.03 -12.81
CA ILE A 205 -29.13 9.27 -13.84
C ILE A 205 -30.64 9.17 -13.57
N GLN A 206 -31.03 9.08 -12.30
CA GLN A 206 -32.45 9.01 -12.00
C GLN A 206 -33.17 10.32 -12.36
N ARG A 207 -32.55 11.46 -12.06
CA ARG A 207 -33.20 12.72 -12.38
C ARG A 207 -33.33 12.83 -13.89
N PHE A 208 -32.46 12.12 -14.62
CA PHE A 208 -32.50 12.13 -16.08
C PHE A 208 -33.66 11.27 -16.54
N ASN A 209 -33.70 10.05 -16.01
CA ASN A 209 -34.74 9.10 -16.35
C ASN A 209 -36.17 9.61 -16.16
N GLU A 210 -36.44 10.20 -15.00
CA GLU A 210 -37.76 10.73 -14.68
C GLU A 210 -38.14 11.89 -15.58
N GLY A 211 -37.15 12.71 -15.95
CA GLY A 211 -37.47 13.84 -16.83
C GLY A 211 -36.87 15.19 -16.49
N LYS A 212 -35.95 15.26 -15.52
CA LYS A 212 -35.36 16.55 -15.21
C LYS A 212 -34.50 17.00 -16.38
N GLU A 213 -34.62 18.28 -16.74
CA GLU A 213 -33.78 18.80 -17.82
C GLU A 213 -32.68 19.58 -17.14
N PHE A 214 -31.44 19.11 -17.29
CA PHE A 214 -30.27 19.76 -16.67
C PHE A 214 -29.78 20.95 -17.49
N PRO A 215 -29.55 22.10 -16.83
CA PRO A 215 -29.09 23.30 -17.53
C PRO A 215 -27.66 23.13 -18.05
N PRO A 216 -27.31 23.86 -19.12
CA PRO A 216 -25.95 23.73 -19.64
C PRO A 216 -24.98 24.00 -18.51
N CYS A 217 -23.86 23.27 -18.47
CA CYS A 217 -22.86 23.46 -17.42
C CYS A 217 -21.45 23.38 -18.00
N ALA A 218 -20.47 23.33 -17.10
CA ALA A 218 -19.07 23.22 -17.52
C ALA A 218 -18.21 22.77 -16.34
N ILE A 219 -17.30 21.85 -16.60
CA ILE A 219 -16.41 21.35 -15.56
C ILE A 219 -14.97 21.50 -16.00
N ASP A 220 -14.08 21.68 -15.03
CA ASP A 220 -12.67 21.73 -15.35
C ASP A 220 -12.26 20.25 -15.20
N VAL A 221 -11.32 19.79 -16.02
CA VAL A 221 -10.85 18.40 -15.92
C VAL A 221 -9.35 18.46 -16.15
N TYR A 222 -8.69 17.30 -16.11
CA TYR A 222 -7.24 17.23 -16.32
C TYR A 222 -7.04 16.28 -17.46
N LYS A 223 -6.33 16.76 -18.47
CA LYS A 223 -6.08 16.03 -19.71
C LYS A 223 -4.72 15.37 -19.74
N ILE A 224 -4.73 14.04 -19.80
CA ILE A 224 -3.47 13.30 -19.80
C ILE A 224 -2.66 13.47 -21.07
N MSE A 225 -1.34 13.51 -20.92
CA MSE A 225 -0.47 13.67 -22.09
C MSE A 225 0.49 12.52 -22.27
O MSE A 225 0.59 11.91 -23.33
CB MSE A 225 0.36 14.92 -21.96
CG MSE A 225 -0.39 16.15 -21.60
SE MSE A 225 0.89 17.48 -21.97
CE MSE A 225 2.21 17.00 -20.65
N GLU A 226 1.27 12.24 -21.22
CA GLU A 226 2.26 11.18 -21.26
C GLU A 226 2.69 10.77 -19.85
N LYS A 227 3.39 9.64 -19.78
CA LYS A 227 3.90 9.09 -18.53
C LYS A 227 5.39 9.40 -18.39
N VAL A 228 5.80 9.88 -17.20
CA VAL A 228 7.21 10.17 -16.96
C VAL A 228 7.77 8.99 -16.18
N ASP A 229 8.98 8.56 -16.51
CA ASP A 229 9.58 7.45 -15.78
C ASP A 229 10.50 7.94 -14.68
N TYR A 230 10.77 7.07 -13.73
CA TYR A 230 11.73 7.35 -12.67
C TYR A 230 13.08 7.37 -13.42
N PRO A 231 14.13 7.93 -12.79
CA PRO A 231 15.49 7.99 -13.36
C PRO A 231 15.99 6.54 -13.22
N ARG A 232 16.91 6.10 -14.10
CA ARG A 232 17.43 4.73 -14.04
C ARG A 232 18.96 4.59 -14.11
N ASN A 233 19.49 3.58 -13.42
CA ASN A 233 20.93 3.29 -13.40
C ASN A 233 21.27 2.29 -14.50
N GLU A 234 22.57 2.07 -14.74
CA GLU A 234 22.98 1.14 -15.78
C GLU A 234 22.50 -0.27 -15.49
N SER A 235 21.96 -0.46 -14.28
CA SER A 235 21.44 -1.75 -13.88
C SER A 235 20.05 -1.90 -14.47
N GLY A 236 19.15 -0.99 -14.11
CA GLY A 236 17.80 -1.05 -14.65
C GLY A 236 16.69 -0.63 -13.70
N ASP A 237 16.80 -0.99 -12.42
CA ASP A 237 15.79 -0.62 -11.43
C ASP A 237 15.82 0.90 -11.17
N VAL A 238 14.80 1.43 -10.51
CA VAL A 238 14.77 2.87 -10.27
C VAL A 238 16.08 3.37 -9.64
N ALA A 239 16.47 4.61 -9.97
CA ALA A 239 17.68 5.20 -9.44
C ALA A 239 17.39 6.27 -8.36
N ALA A 240 16.27 6.98 -8.48
CA ALA A 240 15.92 8.02 -7.50
C ALA A 240 14.44 7.92 -7.08
N VAL A 241 14.10 8.55 -5.96
CA VAL A 241 12.72 8.52 -5.51
C VAL A 241 12.04 9.85 -5.82
N ILE A 242 10.78 9.98 -5.42
CA ILE A 242 10.03 11.21 -5.64
C ILE A 242 10.35 12.22 -4.54
N HIS A 243 10.56 13.45 -4.98
CA HIS A 243 10.89 14.56 -4.11
C HIS A 243 9.72 14.75 -3.14
N PRO A 244 10.00 15.16 -1.90
CA PRO A 244 8.92 15.37 -0.94
C PRO A 244 7.98 16.44 -1.45
N ASN A 245 8.53 17.45 -2.11
CA ASN A 245 7.74 18.56 -2.64
C ASN A 245 6.60 18.11 -3.58
N LEU A 246 6.64 16.86 -4.02
CA LEU A 246 5.57 16.35 -4.90
C LEU A 246 4.73 15.29 -4.15
N GLN A 247 5.44 14.46 -3.39
CA GLN A 247 4.85 13.36 -2.62
C GLN A 247 3.51 13.67 -1.92
N ASP A 248 2.43 13.19 -2.54
CA ASP A 248 1.05 13.35 -2.05
C ASP A 248 0.42 14.64 -2.55
N GLN A 249 1.11 15.31 -3.46
CA GLN A 249 0.64 16.58 -3.99
C GLN A 249 -0.01 16.46 -5.36
N ASP A 250 -0.52 15.26 -5.63
CA ASP A 250 -1.25 15.06 -6.89
C ASP A 250 -2.21 16.25 -6.98
N TRP A 251 -2.32 16.83 -8.17
CA TRP A 251 -3.21 17.98 -8.51
C TRP A 251 -2.61 19.38 -8.39
N LYS A 252 -1.30 19.48 -8.18
CA LYS A 252 -0.71 20.82 -8.07
C LYS A 252 0.13 21.08 -9.31
N PRO A 253 0.58 22.33 -9.53
CA PRO A 253 1.40 22.68 -10.70
C PRO A 253 2.92 22.48 -10.58
N LEU A 254 3.51 21.91 -11.62
CA LEU A 254 4.94 21.67 -11.60
C LEU A 254 5.54 22.52 -12.72
N HIS A 255 6.71 23.07 -12.45
CA HIS A 255 7.42 23.90 -13.42
C HIS A 255 8.78 23.27 -13.78
N PRO A 256 9.31 23.65 -14.94
CA PRO A 256 10.59 23.17 -15.46
C PRO A 256 11.66 22.92 -14.39
N GLY A 257 11.82 23.87 -13.47
CA GLY A 257 12.81 23.76 -12.41
C GLY A 257 12.36 23.16 -11.10
N ASP A 258 11.08 22.87 -10.96
CA ASP A 258 10.63 22.28 -9.70
C ASP A 258 11.16 20.86 -9.55
N PRO A 259 11.84 20.57 -8.41
CA PRO A 259 12.41 19.26 -8.11
C PRO A 259 11.30 18.20 -8.06
N VAL A 260 11.53 17.06 -8.69
CA VAL A 260 10.50 16.02 -8.72
C VAL A 260 11.06 14.64 -8.34
N PHE A 261 12.37 14.48 -8.46
CA PHE A 261 13.03 13.21 -8.08
C PHE A 261 14.21 13.48 -7.17
N VAL A 262 14.61 12.45 -6.42
CA VAL A 262 15.79 12.54 -5.57
C VAL A 262 16.46 11.19 -5.48
N SER A 263 17.77 11.15 -5.64
CA SER A 263 18.45 9.86 -5.52
C SER A 263 18.88 9.74 -4.07
N LEU A 264 19.45 8.61 -3.70
CA LEU A 264 19.87 8.42 -2.32
C LEU A 264 21.10 9.24 -1.94
N ASP A 265 21.75 9.86 -2.92
CA ASP A 265 22.94 10.66 -2.60
C ASP A 265 22.59 12.13 -2.47
N GLY A 266 21.33 12.44 -2.78
CA GLY A 266 20.90 13.82 -2.72
C GLY A 266 20.78 14.50 -4.08
N LYS A 267 20.95 13.75 -5.17
CA LYS A 267 20.84 14.32 -6.53
C LYS A 267 19.41 14.77 -6.75
N VAL A 268 19.23 16.05 -7.10
CA VAL A 268 17.90 16.59 -7.33
C VAL A 268 17.65 16.72 -8.83
N ILE A 269 16.55 16.16 -9.33
CA ILE A 269 16.21 16.25 -10.73
C ILE A 269 14.83 16.92 -10.84
N PRO A 270 14.78 18.12 -11.46
CA PRO A 270 13.52 18.86 -11.62
C PRO A 270 12.67 18.39 -12.82
N LEU A 271 11.47 18.95 -12.94
CA LEU A 271 10.56 18.57 -14.01
C LEU A 271 11.21 18.61 -15.40
N GLY A 272 11.68 19.79 -15.77
CA GLY A 272 12.30 19.98 -17.07
C GLY A 272 11.25 20.54 -18.00
N GLY A 273 11.47 20.44 -19.30
CA GLY A 273 10.51 20.94 -20.27
C GLY A 273 10.28 22.43 -20.11
N ASP A 274 9.18 22.94 -20.65
CA ASP A 274 8.91 24.37 -20.54
C ASP A 274 7.43 24.71 -20.46
N CYS A 275 6.77 24.24 -19.40
CA CYS A 275 5.37 24.56 -19.20
C CYS A 275 4.83 24.06 -17.87
N THR A 276 3.75 24.69 -17.41
CA THR A 276 3.09 24.30 -16.18
C THR A 276 2.44 22.95 -16.50
N VAL A 277 2.28 22.11 -15.47
CA VAL A 277 1.63 20.81 -15.63
C VAL A 277 1.02 20.41 -14.28
N TYR A 278 0.04 19.53 -14.30
CA TYR A 278 -0.61 19.05 -13.06
C TYR A 278 -0.37 17.56 -13.02
N PRO A 279 0.40 17.06 -12.03
CA PRO A 279 0.70 15.63 -11.93
C PRO A 279 -0.40 14.75 -11.39
N VAL A 280 -0.46 13.51 -11.90
CA VAL A 280 -1.41 12.49 -11.43
C VAL A 280 -0.65 11.18 -11.34
N PHE A 281 -1.14 10.30 -10.46
CA PHE A 281 -0.53 8.99 -10.18
C PHE A 281 0.89 9.17 -9.69
N VAL A 282 1.08 10.20 -8.87
CA VAL A 282 2.38 10.43 -8.28
C VAL A 282 2.59 9.23 -7.34
N ASN A 283 3.54 8.38 -7.68
CA ASN A 283 3.89 7.21 -6.88
C ASN A 283 2.73 6.22 -6.61
N GLU A 284 2.35 5.47 -7.66
CA GLU A 284 1.33 4.41 -7.56
C GLU A 284 2.18 3.16 -7.46
N ALA A 285 1.72 2.14 -6.74
CA ALA A 285 2.52 0.90 -6.62
C ALA A 285 2.47 0.05 -7.90
N ALA A 286 1.32 0.06 -8.57
CA ALA A 286 1.15 -0.73 -9.78
C ALA A 286 1.85 -0.17 -11.00
N TYR A 287 2.30 1.08 -10.92
CA TYR A 287 2.94 1.72 -12.06
C TYR A 287 4.47 1.67 -12.17
N TYR A 288 5.16 1.27 -11.11
CA TYR A 288 6.61 1.16 -11.26
C TYR A 288 6.91 0.24 -12.47
N GLU A 289 6.18 -0.87 -12.56
CA GLU A 289 6.40 -1.84 -13.64
C GLU A 289 5.75 -1.39 -14.95
N LYS A 290 5.08 -0.25 -14.92
CA LYS A 290 4.48 0.30 -16.12
C LYS A 290 5.27 1.56 -16.52
N LYS A 291 6.44 1.72 -15.88
CA LYS A 291 7.35 2.84 -16.13
C LYS A 291 6.69 4.22 -15.99
N GLU A 292 6.00 4.41 -14.88
CA GLU A 292 5.32 5.66 -14.63
C GLU A 292 5.51 6.10 -13.16
N ALA A 293 6.15 7.26 -12.99
CA ALA A 293 6.36 7.87 -11.67
C ALA A 293 5.12 8.75 -11.45
N PHE A 294 4.68 9.41 -12.51
CA PHE A 294 3.45 10.22 -12.50
C PHE A 294 3.09 10.56 -13.95
N ALA A 295 1.92 11.15 -14.11
CA ALA A 295 1.47 11.58 -15.43
C ALA A 295 1.42 13.10 -15.43
N LYS A 296 1.43 13.70 -16.63
CA LYS A 296 1.36 15.15 -16.78
C LYS A 296 0.00 15.57 -17.36
N THR A 297 -0.79 16.33 -16.61
CA THR A 297 -2.05 16.78 -17.17
C THR A 297 -2.02 18.29 -17.39
N THR A 298 -2.93 18.77 -18.24
CA THR A 298 -3.09 20.20 -18.53
C THR A 298 -4.53 20.46 -18.19
N LYS A 299 -4.84 21.68 -17.81
CA LYS A 299 -6.21 22.01 -17.43
C LYS A 299 -7.08 22.18 -18.67
N LEU A 300 -8.38 22.02 -18.50
CA LEU A 300 -9.31 22.21 -19.61
C LEU A 300 -10.76 22.23 -19.17
N THR A 301 -11.56 22.98 -19.93
CA THR A 301 -12.99 23.17 -19.68
C THR A 301 -13.91 22.42 -20.65
N LEU A 302 -14.90 21.73 -20.10
CA LEU A 302 -15.88 21.01 -20.91
C LEU A 302 -17.28 21.53 -20.56
N ASN A 303 -17.86 22.25 -21.52
CA ASN A 303 -19.19 22.85 -21.36
C ASN A 303 -20.32 21.98 -21.93
N ALA A 304 -21.07 21.32 -21.06
CA ALA A 304 -22.17 20.51 -21.55
C ALA A 304 -23.36 21.42 -21.85
N LYS A 305 -24.16 21.04 -22.84
CA LYS A 305 -25.34 21.81 -23.21
C LYS A 305 -26.38 21.30 -22.22
N SER A 306 -27.61 21.78 -22.34
CA SER A 306 -28.68 21.30 -21.47
C SER A 306 -28.99 19.89 -21.98
N ILE A 307 -29.57 19.05 -21.12
CA ILE A 307 -29.92 17.69 -21.54
C ILE A 307 -31.24 17.29 -20.93
N ARG A 308 -31.93 16.36 -21.58
CA ARG A 308 -33.21 15.87 -21.12
C ARG A 308 -33.41 14.45 -21.68
N SER A 309 -34.15 13.61 -20.96
CA SER A 309 -34.40 12.25 -21.43
C SER A 309 -35.51 12.34 -22.46
N THR A 310 -35.60 11.31 -23.31
CA THR A 310 -36.64 11.29 -24.32
C THR A 310 -37.93 10.96 -23.60
N CYS B 4 27.80 -2.88 36.38
CA CYS B 4 28.05 -2.65 34.91
C CYS B 4 28.34 -3.92 34.10
N VAL B 5 27.51 -4.19 33.09
CA VAL B 5 27.68 -5.36 32.23
C VAL B 5 28.82 -5.13 31.24
N ALA B 6 29.81 -6.02 31.23
CA ALA B 6 30.91 -5.91 30.27
C ALA B 6 30.76 -7.03 29.25
N GLU B 7 30.60 -6.65 27.98
CA GLU B 7 30.45 -7.60 26.88
C GLU B 7 31.58 -7.39 25.86
N GLU B 8 31.88 -8.41 25.07
CA GLU B 8 32.94 -8.29 24.10
C GLU B 8 32.57 -7.35 22.96
N PRO B 9 33.57 -6.88 22.19
CA PRO B 9 33.39 -5.98 21.06
C PRO B 9 32.38 -6.62 20.09
N ILE B 10 31.67 -5.80 19.35
CA ILE B 10 30.71 -6.31 18.39
C ILE B 10 31.48 -6.65 17.12
N LYS B 11 31.39 -7.89 16.67
CA LYS B 11 32.12 -8.30 15.48
C LYS B 11 31.30 -8.38 14.21
N LYS B 12 30.53 -9.45 14.07
CA LYS B 12 29.73 -9.69 12.88
C LYS B 12 28.39 -8.92 12.88
N ILE B 13 28.19 -8.09 11.86
CA ILE B 13 26.98 -7.25 11.72
C ILE B 13 26.42 -7.33 10.30
N ALA B 14 25.13 -7.67 10.16
CA ALA B 14 24.52 -7.69 8.84
C ALA B 14 23.35 -6.71 8.82
N ILE B 15 22.93 -6.31 7.63
CA ILE B 15 21.75 -5.44 7.49
C ILE B 15 20.84 -6.19 6.53
N PHE B 16 19.71 -6.64 7.08
CA PHE B 16 18.74 -7.43 6.31
C PHE B 16 17.58 -6.61 5.78
N GLY B 17 17.50 -6.50 4.45
CA GLY B 17 16.39 -5.82 3.83
C GLY B 17 15.74 -6.83 2.90
N GLY B 18 14.47 -6.62 2.57
CA GLY B 18 13.81 -7.55 1.68
C GLY B 18 13.38 -8.88 2.24
N THR B 19 13.31 -9.00 3.56
CA THR B 19 12.85 -10.25 4.16
C THR B 19 11.45 -10.46 3.63
N HIS B 20 10.69 -9.36 3.50
CA HIS B 20 9.36 -9.41 2.84
C HIS B 20 9.71 -8.68 1.53
N GLY B 21 9.36 -9.27 0.38
CA GLY B 21 9.75 -8.72 -0.91
C GLY B 21 9.20 -7.44 -1.46
N ASN B 22 8.04 -7.04 -0.97
CA ASN B 22 7.41 -5.83 -1.45
C ASN B 22 7.55 -4.65 -0.48
N GLU B 23 8.41 -4.81 0.54
CA GLU B 23 8.66 -3.73 1.53
C GLU B 23 9.94 -3.08 0.99
N LEU B 24 9.75 -1.93 0.35
CA LEU B 24 10.86 -1.36 -0.40
C LEU B 24 11.88 -0.43 0.21
N THR B 25 11.71 0.01 1.46
CA THR B 25 12.73 0.92 1.97
C THR B 25 14.07 0.23 2.15
N GLY B 26 14.04 -1.00 2.69
CA GLY B 26 15.29 -1.74 2.89
C GLY B 26 15.81 -2.45 1.64
N VAL B 27 14.94 -2.80 0.70
CA VAL B 27 15.41 -3.44 -0.54
C VAL B 27 16.30 -2.43 -1.23
N PHE B 28 15.78 -1.22 -1.34
CA PHE B 28 16.48 -0.13 -2.06
C PHE B 28 17.79 0.25 -1.38
N LEU B 29 17.74 0.46 -0.06
CA LEU B 29 18.93 0.87 0.71
C LEU B 29 20.05 -0.18 0.62
N VAL B 30 19.68 -1.44 0.68
CA VAL B 30 20.66 -2.52 0.61
C VAL B 30 21.16 -2.72 -0.82
N THR B 31 20.29 -2.49 -1.81
CA THR B 31 20.72 -2.63 -3.19
C THR B 31 21.84 -1.62 -3.39
N HIS B 32 21.64 -0.44 -2.81
CA HIS B 32 22.62 0.66 -2.90
C HIS B 32 23.92 0.39 -2.13
N TRP B 33 23.78 -0.12 -0.90
CA TRP B 33 24.96 -0.38 -0.08
C TRP B 33 25.80 -1.56 -0.56
N LEU B 34 25.18 -2.60 -1.10
CA LEU B 34 25.91 -3.76 -1.60
C LEU B 34 26.92 -3.38 -2.66
N LYS B 35 26.72 -2.22 -3.29
CA LYS B 35 27.61 -1.72 -4.33
C LYS B 35 28.30 -0.43 -3.90
N ASN B 36 27.76 0.21 -2.86
CA ASN B 36 28.28 1.49 -2.34
C ASN B 36 28.25 1.43 -0.81
N GLY B 37 29.12 0.61 -0.23
CA GLY B 37 29.14 0.42 1.21
C GLY B 37 29.44 1.60 2.12
N ALA B 38 29.87 2.72 1.52
CA ALA B 38 30.26 3.86 2.33
C ALA B 38 29.38 4.11 3.53
N GLU B 39 28.11 4.40 3.25
CA GLU B 39 27.16 4.72 4.29
C GLU B 39 27.13 3.81 5.51
N VAL B 40 27.40 2.52 5.35
CA VAL B 40 27.31 1.66 6.54
C VAL B 40 28.61 1.06 7.06
N HIS B 41 29.72 1.46 6.45
CA HIS B 41 31.01 0.99 6.93
C HIS B 41 31.22 1.70 8.27
N ARG B 42 31.88 1.03 9.21
CA ARG B 42 32.22 1.67 10.48
C ARG B 42 33.61 1.14 10.87
N ALA B 43 34.38 1.94 11.59
CA ALA B 43 35.72 1.55 12.04
C ALA B 43 35.67 0.17 12.68
N GLY B 44 36.60 -0.69 12.27
CA GLY B 44 36.70 -2.03 12.83
C GLY B 44 35.41 -2.82 12.92
N LEU B 45 34.48 -2.58 12.02
CA LEU B 45 33.21 -3.31 12.02
C LEU B 45 33.00 -4.10 10.73
N GLU B 46 32.62 -5.36 10.87
CA GLU B 46 32.33 -6.19 9.70
C GLU B 46 30.84 -5.97 9.45
N VAL B 47 30.51 -5.14 8.45
CA VAL B 47 29.12 -4.80 8.09
C VAL B 47 28.82 -5.27 6.68
N LYS B 48 27.89 -6.22 6.56
CA LYS B 48 27.53 -6.80 5.26
C LYS B 48 26.08 -6.58 4.91
N PRO B 49 25.82 -5.98 3.72
CA PRO B 49 24.45 -5.74 3.25
C PRO B 49 24.05 -7.07 2.60
N PHE B 50 22.76 -7.25 2.32
CA PHE B 50 22.31 -8.52 1.76
C PHE B 50 20.84 -8.35 1.42
N ILE B 51 20.44 -8.85 0.25
CA ILE B 51 19.03 -8.82 -0.20
C ILE B 51 18.51 -10.18 0.28
N THR B 52 17.75 -10.17 1.36
CA THR B 52 17.27 -11.42 1.94
C THR B 52 16.45 -12.33 1.05
N ASN B 53 15.62 -11.76 0.17
CA ASN B 53 14.82 -12.58 -0.74
C ASN B 53 14.78 -11.99 -2.16
N PRO B 54 15.82 -12.23 -2.98
CA PRO B 54 15.87 -11.70 -4.35
C PRO B 54 14.63 -11.99 -5.17
N ARG B 55 14.21 -13.25 -5.22
CA ARG B 55 13.01 -13.62 -5.98
C ARG B 55 11.78 -12.84 -5.49
N ALA B 56 11.70 -12.60 -4.17
CA ALA B 56 10.56 -11.84 -3.63
C ALA B 56 10.69 -10.39 -4.09
N VAL B 57 11.90 -9.85 -4.05
CA VAL B 57 12.14 -8.47 -4.48
C VAL B 57 12.01 -8.36 -6.01
N GLU B 58 12.72 -9.23 -6.71
CA GLU B 58 12.68 -9.21 -8.17
C GLU B 58 11.27 -9.13 -8.75
N LYS B 59 10.27 -9.73 -8.08
CA LYS B 59 8.89 -9.65 -8.55
C LYS B 59 8.04 -8.69 -7.69
N CYS B 60 8.69 -7.98 -6.78
CA CYS B 60 8.02 -7.05 -5.86
C CYS B 60 6.76 -7.69 -5.31
N THR B 61 6.98 -8.73 -4.53
CA THR B 61 5.93 -9.51 -3.92
C THR B 61 6.38 -9.85 -2.49
N ARG B 62 5.45 -9.96 -1.55
CA ARG B 62 5.82 -10.26 -0.16
C ARG B 62 6.64 -11.55 0.00
N TYR B 63 6.08 -12.68 -0.44
CA TYR B 63 6.78 -13.97 -0.35
C TYR B 63 6.41 -14.89 -1.54
N ILE B 64 7.14 -16.00 -1.69
CA ILE B 64 6.93 -16.97 -2.76
C ILE B 64 6.17 -18.20 -2.26
N ASP B 65 6.85 -19.09 -1.54
CA ASP B 65 6.18 -20.28 -1.02
C ASP B 65 5.49 -19.96 0.31
N CYS B 66 6.21 -19.26 1.19
CA CYS B 66 5.62 -18.84 2.45
C CYS B 66 6.49 -17.77 3.09
N ASP B 67 5.92 -17.03 4.03
CA ASP B 67 6.60 -15.94 4.73
C ASP B 67 7.97 -16.35 5.25
N LEU B 68 9.02 -15.76 4.68
CA LEU B 68 10.39 -16.05 5.07
C LEU B 68 10.72 -15.71 6.51
N ASN B 69 9.95 -14.78 7.10
CA ASN B 69 10.17 -14.35 8.49
C ASN B 69 9.57 -15.35 9.49
N ARG B 70 9.26 -16.55 9.02
CA ARG B 70 8.69 -17.56 9.90
C ARG B 70 9.32 -18.95 9.71
N VAL B 71 10.26 -19.07 8.77
CA VAL B 71 10.84 -20.39 8.53
C VAL B 71 12.22 -20.64 9.12
N PHE B 72 12.56 -19.90 10.18
CA PHE B 72 13.86 -20.09 10.82
C PHE B 72 13.80 -20.93 12.09
N ASP B 73 12.63 -21.50 12.38
CA ASP B 73 12.51 -22.36 13.56
C ASP B 73 13.52 -23.49 13.38
N LEU B 74 14.12 -23.97 14.47
CA LEU B 74 15.12 -25.04 14.39
C LEU B 74 14.61 -26.23 13.57
N GLU B 75 13.34 -26.59 13.73
CA GLU B 75 12.78 -27.70 12.97
C GLU B 75 12.90 -27.42 11.47
N ASN B 76 12.40 -26.27 11.02
CA ASN B 76 12.49 -25.93 9.58
C ASN B 76 13.91 -25.84 9.05
N LEU B 77 14.83 -25.31 9.85
CA LEU B 77 16.24 -25.17 9.43
C LEU B 77 16.98 -26.50 9.43
N SER B 78 16.60 -27.41 10.31
CA SER B 78 17.28 -28.69 10.38
C SER B 78 16.60 -29.71 9.47
N LYS B 79 15.52 -29.27 8.82
CA LYS B 79 14.73 -30.10 7.90
C LYS B 79 15.62 -30.70 6.80
N GLU B 80 15.35 -31.95 6.45
CA GLU B 80 16.10 -32.64 5.41
C GLU B 80 16.13 -31.85 4.12
N MSE B 81 17.23 -31.12 3.91
CA MSE B 81 17.38 -30.29 2.73
C MSE B 81 17.10 -31.05 1.45
O MSE B 81 17.89 -31.89 1.02
CB MSE B 81 18.79 -29.69 2.70
CG MSE B 81 19.06 -28.79 1.52
SE MSE B 81 17.73 -27.42 1.28
CE MSE B 81 17.07 -27.97 -0.45
N SER B 82 15.95 -30.75 0.84
CA SER B 82 15.53 -31.36 -0.41
C SER B 82 15.01 -30.28 -1.35
N GLU B 83 15.27 -30.45 -2.64
CA GLU B 83 14.84 -29.47 -3.62
C GLU B 83 13.33 -29.26 -3.55
N ASP B 84 12.62 -30.27 -3.07
CA ASP B 84 11.19 -30.16 -2.95
C ASP B 84 10.84 -29.13 -1.87
N LEU B 85 11.77 -28.92 -0.93
CA LEU B 85 11.58 -27.95 0.16
C LEU B 85 11.07 -26.59 -0.33
N PRO B 86 10.57 -25.76 0.59
CA PRO B 86 10.07 -24.43 0.20
C PRO B 86 11.21 -23.54 -0.30
N TYR B 87 10.93 -22.68 -1.27
CA TYR B 87 11.96 -21.78 -1.77
C TYR B 87 12.55 -21.07 -0.55
N GLU B 88 11.65 -20.53 0.28
CA GLU B 88 12.08 -19.80 1.47
C GLU B 88 12.78 -20.68 2.51
N VAL B 89 12.30 -21.91 2.72
CA VAL B 89 12.96 -22.78 3.70
C VAL B 89 14.39 -23.06 3.26
N ARG B 90 14.56 -23.28 1.96
CA ARG B 90 15.88 -23.52 1.39
C ARG B 90 16.73 -22.26 1.58
N ARG B 91 16.12 -21.09 1.36
CA ARG B 91 16.83 -19.82 1.53
C ARG B 91 17.21 -19.57 3.01
N ALA B 92 16.33 -19.91 3.93
CA ALA B 92 16.65 -19.71 5.35
C ALA B 92 17.86 -20.55 5.76
N GLN B 93 17.94 -21.79 5.30
CA GLN B 93 19.08 -22.61 5.69
C GLN B 93 20.36 -21.96 5.19
N GLU B 94 20.31 -21.36 4.00
CA GLU B 94 21.47 -20.67 3.45
C GLU B 94 21.85 -19.48 4.34
N ILE B 95 20.85 -18.71 4.78
CA ILE B 95 21.11 -17.55 5.62
C ILE B 95 21.69 -17.98 6.97
N ASN B 96 21.20 -19.12 7.47
CA ASN B 96 21.66 -19.62 8.75
C ASN B 96 23.13 -20.01 8.67
N HIS B 97 23.53 -20.57 7.53
CA HIS B 97 24.91 -20.98 7.31
C HIS B 97 25.83 -19.76 7.11
N LEU B 98 25.30 -18.71 6.49
CA LEU B 98 26.10 -17.51 6.23
C LEU B 98 26.17 -16.54 7.41
N PHE B 99 25.09 -16.47 8.19
CA PHE B 99 25.04 -15.53 9.30
C PHE B 99 24.88 -16.14 10.66
N GLY B 100 24.50 -17.42 10.69
CA GLY B 100 24.34 -18.12 11.95
C GLY B 100 25.46 -19.13 12.02
N PRO B 101 25.18 -20.39 12.39
CA PRO B 101 23.88 -20.97 12.75
C PRO B 101 23.36 -20.41 14.08
N LYS B 102 22.05 -20.15 14.14
CA LYS B 102 21.40 -19.64 15.34
C LYS B 102 21.81 -20.55 16.49
N ASN B 103 22.07 -19.97 17.67
CA ASN B 103 22.48 -20.73 18.86
C ASN B 103 23.97 -21.16 18.84
N SER B 104 24.82 -20.36 18.21
CA SER B 104 26.25 -20.64 18.14
C SER B 104 27.11 -19.40 18.30
N ASP B 105 28.30 -19.62 18.87
CA ASP B 105 29.26 -18.55 19.07
C ASP B 105 29.75 -18.09 17.68
N ASP B 106 29.42 -18.87 16.66
CA ASP B 106 29.80 -18.56 15.28
C ASP B 106 28.80 -17.66 14.55
N ALA B 107 27.56 -17.61 15.01
CA ALA B 107 26.53 -16.79 14.36
C ALA B 107 26.88 -15.31 14.44
N TYR B 108 26.26 -14.52 13.58
CA TYR B 108 26.49 -13.08 13.60
C TYR B 108 26.04 -12.50 14.93
N ASP B 109 26.73 -11.46 15.38
CA ASP B 109 26.44 -10.79 16.64
C ASP B 109 25.12 -10.02 16.62
N VAL B 110 24.92 -9.23 15.57
CA VAL B 110 23.70 -8.44 15.45
C VAL B 110 23.09 -8.61 14.09
N VAL B 111 21.78 -8.60 14.04
CA VAL B 111 21.05 -8.66 12.77
C VAL B 111 19.99 -7.57 12.90
N PHE B 112 20.11 -6.53 12.07
CA PHE B 112 19.13 -5.43 12.00
C PHE B 112 18.31 -5.84 10.79
N ASP B 113 17.04 -6.19 10.99
CA ASP B 113 16.19 -6.55 9.84
C ASP B 113 15.41 -5.27 9.55
N LEU B 114 15.19 -5.00 8.26
CA LEU B 114 14.51 -3.79 7.82
C LEU B 114 13.16 -4.13 7.19
N HIS B 115 12.10 -3.58 7.78
CA HIS B 115 10.75 -3.83 7.33
C HIS B 115 9.93 -2.56 7.17
N ASN B 116 8.89 -2.65 6.32
CA ASN B 116 7.93 -1.56 6.14
C ASN B 116 6.54 -2.14 6.44
N THR B 117 5.61 -1.25 6.71
CA THR B 117 4.22 -1.62 7.01
C THR B 117 3.40 -0.48 6.43
N THR B 118 2.14 -0.73 6.12
CA THR B 118 1.27 0.31 5.60
C THR B 118 0.69 1.16 6.75
N SER B 119 0.78 0.65 7.98
CA SER B 119 0.24 1.36 9.15
C SER B 119 1.16 2.50 9.62
N ASN B 120 0.56 3.55 10.21
CA ASN B 120 1.28 4.74 10.69
C ASN B 120 2.21 4.41 11.86
N MSE B 121 3.23 3.59 11.64
CA MSE B 121 4.12 3.19 12.73
C MSE B 121 5.20 4.13 13.18
O MSE B 121 5.66 4.06 14.34
CB MSE B 121 4.80 1.83 12.44
CG MSE B 121 3.80 0.68 12.37
SE MSE B 121 2.26 1.11 13.47
CE MSE B 121 2.89 0.46 15.14
N GLY B 122 5.65 5.00 12.26
CA GLY B 122 6.74 5.89 12.57
C GLY B 122 8.01 5.06 12.75
N CYS B 123 9.08 5.70 13.19
CA CYS B 123 10.36 5.03 13.48
C CYS B 123 10.06 3.96 14.51
N THR B 124 10.32 2.69 14.20
CA THR B 124 10.01 1.60 15.12
C THR B 124 11.20 0.65 15.29
N LEU B 125 11.49 0.29 16.54
CA LEU B 125 12.56 -0.65 16.89
C LEU B 125 11.85 -1.81 17.59
N ILE B 126 12.19 -3.03 17.21
CA ILE B 126 11.56 -4.21 17.81
C ILE B 126 12.54 -4.91 18.73
N LEU B 127 12.14 -5.07 19.99
CA LEU B 127 12.97 -5.67 21.01
C LEU B 127 12.43 -7.07 21.35
N GLY B 128 13.25 -8.11 21.27
CA GLY B 128 12.76 -9.45 21.58
C GLY B 128 13.17 -9.94 22.97
N ASP B 129 13.91 -9.12 23.72
CA ASP B 129 14.38 -9.54 25.06
C ASP B 129 14.63 -8.36 26.00
N SER B 130 13.74 -8.19 26.97
CA SER B 130 13.87 -7.08 27.92
C SER B 130 15.07 -7.26 28.82
N GLY B 131 15.65 -8.46 28.82
CA GLY B 131 16.81 -8.67 29.68
C GLY B 131 18.15 -8.20 29.11
N ASN B 132 18.26 -8.10 27.78
CA ASN B 132 19.51 -7.70 27.15
C ASN B 132 19.81 -6.22 27.35
N ASP B 133 20.60 -5.88 28.37
CA ASP B 133 20.91 -4.47 28.62
C ASP B 133 21.59 -3.80 27.42
N PHE B 134 22.28 -4.58 26.58
CA PHE B 134 22.97 -3.98 25.43
C PHE B 134 22.00 -3.35 24.43
N LEU B 135 20.96 -4.08 24.06
CA LEU B 135 19.97 -3.57 23.12
C LEU B 135 19.04 -2.55 23.77
N ILE B 136 18.70 -2.76 25.04
CA ILE B 136 17.83 -1.79 25.68
C ILE B 136 18.61 -0.47 25.70
N GLN B 137 19.95 -0.54 25.83
CA GLN B 137 20.73 0.70 25.77
C GLN B 137 20.97 1.09 24.28
N MSE B 138 20.93 0.11 23.38
CA MSE B 138 21.10 0.46 21.97
C MSE B 138 19.90 1.35 21.59
O MSE B 138 20.03 2.34 20.85
CB MSE B 138 21.09 -0.76 21.01
CG MSE B 138 21.42 -0.32 19.55
SE MSE B 138 21.24 -1.62 18.08
CE MSE B 138 22.89 -2.61 18.35
N PHE B 139 18.73 0.99 22.10
CA PHE B 139 17.54 1.77 21.75
C PHE B 139 17.41 3.10 22.51
N HIS B 140 17.69 3.11 23.81
CA HIS B 140 17.62 4.38 24.56
C HIS B 140 18.45 5.47 23.86
N TYR B 141 19.63 5.12 23.35
CA TYR B 141 20.47 6.10 22.63
C TYR B 141 19.79 6.55 21.33
N ILE B 142 18.88 5.73 20.81
CA ILE B 142 18.21 6.13 19.56
C ILE B 142 17.15 7.22 19.72
N LYS B 143 16.33 7.06 20.76
CA LYS B 143 15.28 8.03 21.06
C LYS B 143 15.98 9.30 21.53
N THR B 144 17.02 9.13 22.33
CA THR B 144 17.77 10.25 22.85
C THR B 144 18.31 11.15 21.76
N CYS B 145 19.02 10.62 20.76
CA CYS B 145 19.55 11.55 19.76
C CYS B 145 18.59 11.93 18.64
N MSE B 146 17.45 11.26 18.55
CA MSE B 146 16.46 11.59 17.53
C MSE B 146 15.36 12.47 18.11
O MSE B 146 14.50 12.97 17.38
CB MSE B 146 15.83 10.33 16.93
CG MSE B 146 16.73 9.63 15.93
SE MSE B 146 15.94 8.14 15.13
CE MSE B 146 14.68 9.04 13.98
N ALA B 147 15.38 12.63 19.43
CA ALA B 147 14.38 13.42 20.12
C ALA B 147 14.39 14.84 19.53
N PRO B 148 13.24 15.54 19.58
CA PRO B 148 11.98 15.05 20.16
C PRO B 148 11.14 14.34 19.11
N LEU B 149 11.83 13.93 18.05
CA LEU B 149 11.22 13.24 16.92
C LEU B 149 10.67 11.85 17.31
N PRO B 150 9.72 11.34 16.53
CA PRO B 150 9.07 10.04 16.74
C PRO B 150 10.02 8.85 16.73
N CYS B 151 9.98 8.06 17.79
CA CYS B 151 10.83 6.88 17.91
C CYS B 151 10.37 5.97 19.04
N SER B 152 9.70 4.85 18.71
CA SER B 152 9.17 3.95 19.74
C SER B 152 9.80 2.58 19.79
N VAL B 153 9.45 1.79 20.81
CA VAL B 153 10.00 0.45 20.92
C VAL B 153 8.91 -0.59 21.19
N TYR B 154 8.88 -1.62 20.35
CA TYR B 154 7.93 -2.73 20.47
C TYR B 154 8.69 -3.90 21.10
N LEU B 155 8.19 -4.41 22.23
CA LEU B 155 8.84 -5.54 22.90
C LEU B 155 8.00 -6.77 22.65
N ILE B 156 8.55 -7.71 21.91
CA ILE B 156 7.89 -8.98 21.57
C ILE B 156 8.68 -9.96 22.45
N GLU B 157 8.26 -10.08 23.70
CA GLU B 157 8.94 -10.89 24.69
C GLU B 157 8.96 -12.41 24.48
N HIS B 158 7.79 -13.03 24.48
CA HIS B 158 7.65 -14.48 24.32
C HIS B 158 8.29 -15.09 23.05
N PRO B 159 9.26 -15.99 23.23
CA PRO B 159 9.98 -16.68 22.15
C PRO B 159 9.08 -17.39 21.13
N SER B 160 7.81 -17.56 21.47
CA SER B 160 6.86 -18.23 20.58
C SER B 160 6.58 -17.39 19.34
N LEU B 161 6.89 -16.10 19.41
CA LEU B 161 6.66 -15.19 18.30
C LEU B 161 8.00 -14.69 17.73
N LYS B 162 9.09 -15.23 18.26
CA LYS B 162 10.43 -14.83 17.84
C LYS B 162 11.31 -15.92 17.24
N TYR B 163 11.16 -17.15 17.72
CA TYR B 163 12.00 -18.26 17.27
C TYR B 163 12.03 -18.56 15.77
N ALA B 164 11.07 -18.03 15.01
CA ALA B 164 11.07 -18.33 13.58
C ALA B 164 11.38 -17.14 12.67
N THR B 165 11.85 -16.04 13.24
CA THR B 165 12.16 -14.85 12.44
C THR B 165 13.50 -14.88 11.72
N THR B 166 13.59 -14.09 10.66
CA THR B 166 14.82 -14.01 9.88
C THR B 166 15.98 -13.47 10.72
N ARG B 167 15.69 -12.59 11.66
CA ARG B 167 16.75 -12.00 12.46
C ARG B 167 17.13 -12.84 13.68
N SER B 168 16.18 -13.62 14.18
CA SER B 168 16.40 -14.46 15.37
C SER B 168 17.72 -15.23 15.40
N ILE B 169 18.37 -15.40 14.25
CA ILE B 169 19.66 -16.09 14.27
C ILE B 169 20.67 -15.22 15.06
N ALA B 170 20.48 -13.91 15.05
CA ALA B 170 21.42 -13.03 15.73
C ALA B 170 21.51 -13.23 17.24
N LYS B 171 22.72 -13.02 17.75
CA LYS B 171 22.96 -13.08 19.16
C LYS B 171 22.16 -11.86 19.68
N TYR B 172 22.21 -10.78 18.92
CA TYR B 172 21.47 -9.54 19.24
C TYR B 172 20.60 -9.24 18.03
N PRO B 173 19.32 -9.57 18.10
CA PRO B 173 18.45 -9.30 16.95
C PRO B 173 17.81 -7.92 17.08
N VAL B 174 17.81 -7.18 15.97
CA VAL B 174 17.20 -5.87 15.93
C VAL B 174 16.28 -5.81 14.73
N GLY B 175 15.03 -5.48 14.98
CA GLY B 175 14.12 -5.34 13.86
C GLY B 175 13.85 -3.85 13.75
N ILE B 176 13.96 -3.30 12.55
CA ILE B 176 13.69 -1.88 12.31
C ILE B 176 12.47 -1.82 11.39
N GLU B 177 11.45 -1.12 11.83
CA GLU B 177 10.18 -1.07 11.13
C GLU B 177 9.67 0.37 11.04
N VAL B 178 9.34 0.83 9.85
CA VAL B 178 8.86 2.21 9.73
C VAL B 178 7.60 2.21 8.86
N GLY B 179 6.63 3.01 9.29
CA GLY B 179 5.38 3.17 8.55
C GLY B 179 4.95 4.62 8.74
N PRO B 180 3.96 5.11 8.00
CA PRO B 180 3.22 4.33 6.98
C PRO B 180 3.73 4.46 5.53
N GLN B 181 3.81 3.34 4.83
CA GLN B 181 4.21 3.30 3.42
C GLN B 181 3.48 2.15 2.73
N PRO B 182 2.79 2.44 1.60
CA PRO B 182 2.08 1.36 0.88
C PRO B 182 3.12 0.31 0.44
N HIS B 183 2.83 -0.98 0.49
CA HIS B 183 3.86 -1.90 0.01
C HIS B 183 3.99 -1.68 -1.50
N GLY B 184 5.13 -2.05 -2.07
CA GLY B 184 5.35 -1.86 -3.49
C GLY B 184 5.78 -0.45 -3.86
N VAL B 185 5.79 0.45 -2.87
CA VAL B 185 6.18 1.85 -3.09
C VAL B 185 7.40 2.22 -2.26
N LEU B 186 8.17 3.20 -2.75
CA LEU B 186 9.35 3.71 -2.05
C LEU B 186 9.10 5.18 -1.76
N ARG B 187 8.93 5.53 -0.48
CA ARG B 187 8.74 6.93 -0.08
C ARG B 187 10.07 7.50 0.37
N ALA B 188 10.47 8.65 -0.16
CA ALA B 188 11.74 9.25 0.21
C ALA B 188 11.81 9.66 1.70
N ASP B 189 10.67 10.06 2.26
CA ASP B 189 10.64 10.46 3.67
C ASP B 189 10.80 9.29 4.64
N ILE B 190 10.35 8.10 4.25
CA ILE B 190 10.46 6.91 5.12
C ILE B 190 11.90 6.37 4.97
N LEU B 191 12.45 6.57 3.78
CA LEU B 191 13.83 6.16 3.46
C LEU B 191 14.83 6.99 4.31
N ASP B 192 14.50 8.28 4.48
CA ASP B 192 15.35 9.17 5.30
C ASP B 192 15.33 8.73 6.77
N GLN B 193 14.15 8.37 7.25
CA GLN B 193 14.00 7.96 8.65
C GLN B 193 14.70 6.62 8.93
N MSE B 194 14.51 5.65 8.05
CA MSE B 194 15.16 4.37 8.27
C MSE B 194 16.68 4.54 8.20
O MSE B 194 17.42 3.95 9.00
CB MSE B 194 14.69 3.33 7.24
CG MSE B 194 15.10 1.93 7.65
SE MSE B 194 14.55 0.66 6.38
CE MSE B 194 12.75 0.32 6.99
N ARG B 195 17.17 5.34 7.25
CA ARG B 195 18.62 5.55 7.15
C ARG B 195 19.17 6.13 8.42
N ARG B 196 18.42 7.03 9.06
CA ARG B 196 18.91 7.63 10.32
C ARG B 196 18.85 6.64 11.48
N MSE B 197 17.64 6.28 11.95
CA MSE B 197 17.56 5.33 13.07
C MSE B 197 18.73 4.35 12.97
O MSE B 197 19.35 3.94 13.99
CB MSE B 197 16.21 4.58 13.05
CG MSE B 197 15.39 4.70 14.36
SE MSE B 197 13.77 3.58 14.45
CE MSE B 197 13.31 3.61 12.58
N LEU B 198 19.08 3.97 11.73
CA LEU B 198 20.19 3.04 11.52
C LEU B 198 21.55 3.66 11.79
N LYS B 199 21.89 4.68 10.99
CA LYS B 199 23.17 5.39 11.11
C LYS B 199 23.62 5.45 12.56
N HIS B 200 22.66 5.74 13.45
CA HIS B 200 23.00 5.82 14.87
C HIS B 200 23.06 4.43 15.48
N ALA B 201 22.17 3.54 15.04
CA ALA B 201 22.19 2.18 15.54
C ALA B 201 23.56 1.56 15.18
N LEU B 202 24.35 2.27 14.39
CA LEU B 202 25.70 1.83 14.03
C LEU B 202 26.77 2.67 14.74
N ASP B 203 26.60 4.00 14.79
CA ASP B 203 27.56 4.83 15.51
C ASP B 203 27.59 4.29 16.96
N PHE B 204 26.45 3.78 17.42
CA PHE B 204 26.39 3.20 18.77
C PHE B 204 27.37 2.02 18.81
N ILE B 205 27.24 1.14 17.82
CA ILE B 205 28.10 -0.02 17.76
C ILE B 205 29.60 0.34 17.73
N GLN B 206 29.98 1.30 16.89
CA GLN B 206 31.40 1.64 16.85
C GLN B 206 31.86 2.14 18.21
N ARG B 207 31.17 3.14 18.77
CA ARG B 207 31.56 3.70 20.08
C ARG B 207 31.64 2.60 21.13
N PHE B 208 30.68 1.68 21.12
CA PHE B 208 30.71 0.56 22.07
C PHE B 208 32.02 -0.19 21.86
N ASN B 209 32.40 -0.37 20.60
CA ASN B 209 33.65 -1.07 20.32
C ASN B 209 34.88 -0.24 20.67
N GLU B 210 34.76 1.08 20.59
CA GLU B 210 35.90 1.94 20.88
C GLU B 210 36.12 2.19 22.36
N GLY B 211 35.15 1.81 23.19
CA GLY B 211 35.35 1.98 24.62
C GLY B 211 34.43 2.92 25.36
N LYS B 212 33.54 3.62 24.68
CA LYS B 212 32.64 4.52 25.39
C LYS B 212 31.87 3.69 26.41
N GLU B 213 31.56 4.29 27.54
CA GLU B 213 30.82 3.59 28.57
C GLU B 213 29.52 4.38 28.83
N PHE B 214 28.42 3.66 28.95
CA PHE B 214 27.11 4.27 29.15
C PHE B 214 26.62 3.93 30.53
N PRO B 215 26.04 4.91 31.24
CA PRO B 215 25.53 4.63 32.58
C PRO B 215 24.18 3.94 32.46
N PRO B 216 23.61 3.48 33.58
CA PRO B 216 22.31 2.80 33.53
C PRO B 216 21.30 3.72 32.81
N CYS B 217 20.18 3.16 32.34
CA CYS B 217 19.15 3.94 31.65
C CYS B 217 17.79 3.26 31.71
N ALA B 218 16.79 3.95 31.18
CA ALA B 218 15.42 3.44 31.12
C ALA B 218 14.82 3.85 29.79
N ILE B 219 13.82 3.09 29.32
CA ILE B 219 13.12 3.39 28.06
C ILE B 219 11.71 2.89 28.21
N ASP B 220 10.78 3.60 27.58
CA ASP B 220 9.38 3.19 27.57
C ASP B 220 9.23 2.37 26.30
N VAL B 221 8.53 1.24 26.40
CA VAL B 221 8.26 0.40 25.24
C VAL B 221 6.85 -0.09 25.42
N TYR B 222 6.34 -0.71 24.36
CA TYR B 222 5.00 -1.27 24.35
C TYR B 222 5.17 -2.78 24.19
N LYS B 223 4.55 -3.54 25.10
CA LYS B 223 4.67 -4.99 25.11
C LYS B 223 3.48 -5.71 24.53
N ILE B 224 3.73 -6.68 23.66
CA ILE B 224 2.63 -7.39 23.04
C ILE B 224 1.78 -8.11 24.07
N MSE B 225 0.46 -8.06 23.90
CA MSE B 225 -0.44 -8.73 24.83
C MSE B 225 -1.45 -9.60 24.07
O MSE B 225 -1.72 -10.72 24.49
CB MSE B 225 -1.16 -7.72 25.75
CG MSE B 225 -2.26 -8.31 26.65
SE MSE B 225 -3.94 -8.64 25.75
CE MSE B 225 -5.16 -7.72 26.97
N GLU B 226 -2.01 -9.11 22.97
CA GLU B 226 -2.95 -9.92 22.19
C GLU B 226 -3.51 -9.23 20.96
N LYS B 227 -3.88 -10.04 19.98
CA LYS B 227 -4.43 -9.56 18.72
C LYS B 227 -5.94 -9.36 18.84
N VAL B 228 -6.46 -8.50 17.98
CA VAL B 228 -7.90 -8.24 17.90
C VAL B 228 -8.18 -8.13 16.41
N ASP B 229 -8.52 -9.26 15.76
CA ASP B 229 -8.77 -9.17 14.32
C ASP B 229 -10.17 -8.66 14.07
N TYR B 230 -10.46 -8.35 12.81
CA TYR B 230 -11.79 -7.92 12.43
C TYR B 230 -12.65 -9.15 12.71
N PRO B 231 -13.97 -8.96 12.84
CA PRO B 231 -14.95 -10.03 13.09
C PRO B 231 -14.97 -10.74 11.73
N ARG B 232 -15.38 -11.99 11.66
CA ARG B 232 -15.36 -12.69 10.38
C ARG B 232 -16.72 -13.22 9.95
N ASN B 233 -16.94 -13.27 8.64
CA ASN B 233 -18.21 -13.82 8.13
C ASN B 233 -17.99 -15.29 7.84
N GLU B 234 -19.07 -15.99 7.50
CA GLU B 234 -18.99 -17.42 7.23
C GLU B 234 -17.89 -17.72 6.21
N SER B 235 -17.82 -16.90 5.16
CA SER B 235 -16.82 -17.06 4.12
C SER B 235 -15.41 -16.72 4.61
N GLY B 236 -15.30 -16.41 5.90
CA GLY B 236 -14.01 -16.06 6.45
C GLY B 236 -13.52 -14.67 6.10
N ASP B 237 -14.27 -13.95 5.25
CA ASP B 237 -13.86 -12.60 4.88
C ASP B 237 -14.19 -11.62 6.01
N VAL B 238 -13.80 -10.36 5.85
CA VAL B 238 -14.06 -9.35 6.88
C VAL B 238 -15.49 -8.82 6.81
N ALA B 239 -16.04 -8.48 7.97
CA ALA B 239 -17.39 -7.94 8.10
C ALA B 239 -17.43 -6.42 8.20
N ALA B 240 -16.57 -5.83 9.03
CA ALA B 240 -16.54 -4.39 9.21
C ALA B 240 -15.13 -3.83 8.99
N VAL B 241 -15.02 -2.50 9.04
CA VAL B 241 -13.72 -1.87 8.81
C VAL B 241 -13.27 -1.03 9.99
N ILE B 242 -11.97 -0.76 9.99
CA ILE B 242 -11.35 0.04 11.05
C ILE B 242 -12.04 1.38 11.18
N HIS B 243 -12.76 1.56 12.29
CA HIS B 243 -13.49 2.79 12.53
C HIS B 243 -12.49 3.91 12.33
N PRO B 244 -12.87 4.93 11.55
CA PRO B 244 -11.95 6.06 11.31
C PRO B 244 -11.42 6.79 12.53
N ASN B 245 -11.66 6.25 13.73
CA ASN B 245 -11.15 6.86 14.96
C ASN B 245 -9.96 6.04 15.52
N LEU B 246 -9.80 4.80 15.04
CA LEU B 246 -8.67 3.95 15.47
C LEU B 246 -7.61 3.92 14.36
N GLN B 247 -8.07 3.99 13.11
CA GLN B 247 -7.16 4.02 11.95
C GLN B 247 -6.22 5.24 12.14
N ASP B 248 -4.92 5.05 11.97
CA ASP B 248 -3.91 6.13 12.13
C ASP B 248 -3.84 6.79 13.52
N GLN B 249 -4.17 6.04 14.56
CA GLN B 249 -4.09 6.61 15.91
C GLN B 249 -3.35 5.62 16.84
N ASP B 250 -2.60 4.71 16.23
CA ASP B 250 -1.84 3.71 16.99
C ASP B 250 -1.10 4.35 18.16
N TRP B 251 -0.39 3.52 18.91
CA TRP B 251 0.38 3.94 20.09
C TRP B 251 -0.42 4.89 20.99
N LYS B 252 -1.65 5.24 20.58
CA LYS B 252 -2.46 6.19 21.35
C LYS B 252 -3.48 5.52 22.26
N PRO B 253 -3.81 6.17 23.39
CA PRO B 253 -4.77 5.63 24.36
C PRO B 253 -6.05 5.17 23.70
N LEU B 254 -6.45 3.93 24.02
CA LEU B 254 -7.67 3.33 23.49
C LEU B 254 -8.29 2.56 24.67
N HIS B 255 -9.48 2.97 25.10
CA HIS B 255 -10.17 2.33 26.23
C HIS B 255 -11.32 1.38 25.79
N PRO B 256 -11.73 0.44 26.67
CA PRO B 256 -12.80 -0.54 26.39
C PRO B 256 -14.01 -0.13 25.51
N GLY B 257 -14.47 1.12 25.64
CA GLY B 257 -15.59 1.57 24.85
C GLY B 257 -15.25 2.23 23.52
N ASP B 258 -14.10 2.90 23.47
CA ASP B 258 -13.68 3.60 22.25
C ASP B 258 -14.01 2.72 21.05
N PRO B 259 -14.53 3.34 19.99
CA PRO B 259 -14.87 2.56 18.81
C PRO B 259 -13.63 2.02 18.12
N VAL B 260 -13.68 0.74 17.76
CA VAL B 260 -12.57 0.07 17.08
C VAL B 260 -12.95 -0.31 15.64
N PHE B 261 -14.26 -0.49 15.39
CA PHE B 261 -14.72 -0.84 14.02
C PHE B 261 -16.02 -0.11 13.69
N VAL B 262 -16.41 -0.22 12.41
CA VAL B 262 -17.65 0.33 11.90
C VAL B 262 -18.05 -0.44 10.64
N SER B 263 -19.11 -1.24 10.71
CA SER B 263 -19.52 -2.03 9.55
C SER B 263 -20.07 -1.18 8.41
N LEU B 264 -20.24 -1.78 7.24
CA LEU B 264 -20.79 -1.00 6.14
C LEU B 264 -22.21 -0.63 6.49
N ASP B 265 -22.86 -1.47 7.30
CA ASP B 265 -24.24 -1.20 7.69
C ASP B 265 -24.29 -0.17 8.82
N GLY B 266 -23.11 0.18 9.33
CA GLY B 266 -23.03 1.19 10.38
C GLY B 266 -22.84 0.74 11.82
N LYS B 267 -22.90 -0.57 12.08
CA LYS B 267 -22.69 -1.07 13.45
C LYS B 267 -21.28 -0.72 13.90
N VAL B 268 -21.15 -0.08 15.06
CA VAL B 268 -19.83 0.28 15.58
C VAL B 268 -19.51 -0.70 16.70
N ILE B 269 -18.31 -1.29 16.62
CA ILE B 269 -17.87 -2.27 17.62
C ILE B 269 -16.79 -1.66 18.52
N PRO B 270 -16.99 -1.75 19.84
CA PRO B 270 -15.98 -1.18 20.74
C PRO B 270 -14.86 -2.14 21.13
N LEU B 271 -13.79 -1.60 21.68
CA LEU B 271 -12.63 -2.40 22.10
C LEU B 271 -13.07 -3.57 22.98
N GLY B 272 -13.84 -3.27 24.02
CA GLY B 272 -14.27 -4.32 24.94
C GLY B 272 -13.23 -4.51 26.03
N GLY B 273 -13.52 -5.38 26.99
CA GLY B 273 -12.56 -5.60 28.07
C GLY B 273 -12.60 -4.54 29.17
N ASP B 274 -11.58 -4.50 30.02
CA ASP B 274 -11.56 -3.53 31.12
C ASP B 274 -10.21 -2.83 31.38
N CYS B 275 -9.26 -2.96 30.46
CA CYS B 275 -7.97 -2.33 30.69
C CYS B 275 -7.46 -1.56 29.47
N THR B 276 -6.86 -0.40 29.74
CA THR B 276 -6.30 0.46 28.69
C THR B 276 -5.25 -0.31 27.89
N VAL B 277 -5.22 -0.07 26.58
CA VAL B 277 -4.27 -0.70 25.68
C VAL B 277 -3.83 0.35 24.66
N TYR B 278 -2.68 0.12 24.05
CA TYR B 278 -2.14 1.05 23.06
C TYR B 278 -1.99 0.18 21.83
N PRO B 279 -2.90 0.35 20.85
CA PRO B 279 -2.87 -0.45 19.62
C PRO B 279 -1.61 -0.25 18.80
N VAL B 280 -1.16 -1.33 18.19
CA VAL B 280 -0.02 -1.27 17.28
C VAL B 280 -0.39 -2.09 16.04
N PHE B 281 0.34 -1.84 14.96
CA PHE B 281 0.11 -2.47 13.67
C PHE B 281 -1.37 -2.54 13.33
N VAL B 282 -2.02 -1.38 13.40
CA VAL B 282 -3.46 -1.24 13.06
C VAL B 282 -3.60 -1.24 11.54
N ASN B 283 -4.53 -2.06 11.05
CA ASN B 283 -4.78 -2.14 9.59
C ASN B 283 -3.52 -2.22 8.72
N GLU B 284 -2.74 -3.30 8.89
CA GLU B 284 -1.54 -3.55 8.09
C GLU B 284 -1.95 -4.57 7.04
N ALA B 285 -1.56 -4.33 5.80
CA ALA B 285 -1.92 -5.21 4.69
C ALA B 285 -1.65 -6.71 4.90
N ALA B 286 -0.45 -7.03 5.38
CA ALA B 286 -0.08 -8.44 5.57
C ALA B 286 -0.79 -9.11 6.72
N TYR B 287 -1.40 -8.33 7.59
CA TYR B 287 -2.03 -8.92 8.75
C TYR B 287 -3.49 -9.32 8.65
N TYR B 288 -4.11 -9.09 7.49
CA TYR B 288 -5.50 -9.50 7.34
C TYR B 288 -5.49 -11.06 7.36
N GLU B 289 -4.48 -11.67 6.76
CA GLU B 289 -4.44 -13.13 6.73
C GLU B 289 -3.71 -13.74 7.92
N LYS B 290 -3.24 -12.88 8.83
CA LYS B 290 -2.56 -13.36 10.04
C LYS B 290 -3.51 -13.30 11.25
N LYS B 291 -4.67 -12.68 11.06
CA LYS B 291 -5.68 -12.54 12.12
C LYS B 291 -5.39 -11.36 13.03
N GLU B 292 -4.86 -10.28 12.47
CA GLU B 292 -4.56 -9.10 13.28
C GLU B 292 -5.00 -7.78 12.64
N ALA B 293 -6.03 -7.17 13.22
CA ALA B 293 -6.56 -5.87 12.77
C ALA B 293 -5.71 -4.85 13.57
N PHE B 294 -5.00 -5.37 14.55
CA PHE B 294 -4.08 -4.59 15.39
C PHE B 294 -3.72 -5.38 16.63
N ALA B 295 -2.61 -5.02 17.26
CA ALA B 295 -2.19 -5.69 18.50
C ALA B 295 -2.50 -4.71 19.62
N LYS B 296 -2.98 -5.24 20.75
CA LYS B 296 -3.26 -4.41 21.91
C LYS B 296 -2.04 -4.48 22.82
N THR B 297 -1.40 -3.34 23.08
CA THR B 297 -0.23 -3.34 23.97
C THR B 297 -0.59 -2.65 25.28
N THR B 298 0.31 -2.77 26.25
CA THR B 298 0.16 -2.09 27.53
C THR B 298 1.53 -1.38 27.62
N LYS B 299 1.71 -0.44 28.53
CA LYS B 299 3.00 0.25 28.57
C LYS B 299 3.94 -0.27 29.64
N LEU B 300 5.24 -0.23 29.37
CA LEU B 300 6.20 -0.68 30.37
C LEU B 300 7.53 0.02 30.22
N THR B 301 8.03 0.51 31.35
CA THR B 301 9.30 1.20 31.37
C THR B 301 10.33 0.17 31.78
N LEU B 302 11.26 -0.16 30.88
CA LEU B 302 12.29 -1.13 31.25
C LEU B 302 13.36 -0.29 31.89
N ASN B 303 14.46 -0.94 32.28
CA ASN B 303 15.61 -0.27 32.88
C ASN B 303 16.87 -1.08 32.58
N ALA B 304 17.94 -0.41 32.15
CA ALA B 304 19.20 -1.12 31.89
C ALA B 304 20.32 -0.61 32.79
N LYS B 305 21.20 -1.52 33.19
CA LYS B 305 22.35 -1.13 34.01
C LYS B 305 23.38 -0.55 33.05
N SER B 306 24.42 0.05 33.59
CA SER B 306 25.50 0.57 32.75
C SER B 306 26.10 -0.66 32.03
N ILE B 307 26.74 -0.44 30.89
CA ILE B 307 27.40 -1.51 30.14
C ILE B 307 28.69 -0.98 29.51
N ARG B 308 29.52 -1.90 29.02
CA ARG B 308 30.76 -1.56 28.35
C ARG B 308 31.33 -2.82 27.72
N SER B 309 32.14 -2.65 26.68
CA SER B 309 32.75 -3.75 25.97
C SER B 309 34.00 -4.16 26.71
N THR B 310 34.62 -5.26 26.27
CA THR B 310 35.84 -5.72 26.91
C THR B 310 37.07 -5.17 26.22
ZN ZN C . -8.34 -0.56 -10.22
S SO4 D . -10.76 -0.26 -29.68
O1 SO4 D . -11.71 -0.54 -28.59
O2 SO4 D . -9.65 -1.22 -29.62
O3 SO4 D . -11.47 -0.43 -30.97
O4 SO4 D . -10.26 1.12 -29.57
S SO4 E . -23.90 13.16 1.07
O1 SO4 E . -24.13 14.44 1.77
O2 SO4 E . -25.19 12.67 0.53
O3 SO4 E . -22.92 13.36 -0.01
O4 SO4 E . -23.36 12.15 2.02
S SO4 F . 0.95 -8.75 -4.31
O1 SO4 F . 0.52 -7.52 -5.00
O2 SO4 F . 0.22 -9.91 -4.84
O3 SO4 F . 2.39 -8.94 -4.54
O4 SO4 F . 0.69 -8.62 -2.85
ZN ZN G . 7.16 -6.43 7.69
S SO4 H . 5.79 -10.36 10.63
O1 SO4 H . 4.56 -10.70 11.36
O2 SO4 H . 6.18 -11.47 9.74
O3 SO4 H . 5.56 -9.13 9.82
O4 SO4 H . 6.86 -10.09 11.60
S SO4 I . 19.97 14.74 14.19
O1 SO4 I . 19.30 15.75 13.36
O2 SO4 I . 19.06 14.30 15.27
O3 SO4 I . 20.35 13.59 13.34
O4 SO4 I . 21.20 15.29 14.79
N CYS A 4 -33.78 18.62 -31.14
CA CYS A 4 -33.35 18.99 -29.77
C CYS A 4 -32.96 17.76 -28.96
N VAL A 5 -32.29 17.98 -27.84
CA VAL A 5 -31.83 16.90 -26.96
C VAL A 5 -33.00 16.07 -26.43
N ALA A 6 -33.21 14.91 -27.04
CA ALA A 6 -34.28 14.00 -26.66
C ALA A 6 -33.73 12.59 -26.54
N GLU A 7 -32.72 12.43 -25.69
CA GLU A 7 -32.07 11.15 -25.49
C GLU A 7 -32.91 10.21 -24.64
N GLU A 8 -32.96 8.95 -25.02
CA GLU A 8 -33.72 7.94 -24.31
C GLU A 8 -33.11 7.70 -22.93
N PRO A 9 -33.93 7.24 -21.97
CA PRO A 9 -33.45 6.97 -20.61
C PRO A 9 -32.46 5.80 -20.48
N ILE A 10 -31.85 5.71 -19.30
CA ILE A 10 -30.86 4.68 -18.98
C ILE A 10 -31.55 3.56 -18.20
N LYS A 11 -31.34 2.32 -18.61
CA LYS A 11 -31.96 1.20 -17.91
C LYS A 11 -30.95 0.17 -17.39
N LYS A 12 -29.87 -0.05 -18.13
CA LYS A 12 -28.87 -1.05 -17.75
C LYS A 12 -27.69 -0.40 -17.07
N ILE A 13 -27.44 -0.81 -15.82
CA ILE A 13 -26.35 -0.25 -15.01
C ILE A 13 -25.54 -1.35 -14.34
N ALA A 14 -24.22 -1.36 -14.57
CA ALA A 14 -23.36 -2.31 -13.93
C ALA A 14 -22.39 -1.57 -13.02
N ILE A 15 -22.06 -2.17 -11.88
CA ILE A 15 -21.07 -1.64 -10.94
C ILE A 15 -20.09 -2.81 -10.80
N PHE A 16 -18.86 -2.58 -11.26
CA PHE A 16 -17.80 -3.57 -11.24
C PHE A 16 -16.87 -3.35 -10.05
N GLY A 17 -16.53 -4.44 -9.35
CA GLY A 17 -15.62 -4.36 -8.23
C GLY A 17 -14.46 -5.32 -8.47
N GLY A 18 -13.27 -4.93 -7.99
CA GLY A 18 -12.08 -5.76 -8.15
C GLY A 18 -11.65 -6.09 -9.58
N THR A 19 -11.20 -5.10 -10.35
CA THR A 19 -10.71 -5.36 -11.71
C THR A 19 -9.29 -5.88 -11.47
N HIS A 20 -8.60 -5.22 -10.55
CA HIS A 20 -7.27 -5.64 -10.13
C HIS A 20 -7.64 -6.23 -8.78
N GLY A 21 -7.18 -7.45 -8.52
CA GLY A 21 -7.57 -8.16 -7.32
C GLY A 21 -7.14 -7.61 -5.97
N ASN A 22 -6.25 -6.60 -5.95
CA ASN A 22 -5.79 -6.05 -4.69
C ASN A 22 -6.36 -4.68 -4.35
N GLU A 23 -7.24 -4.13 -5.19
CA GLU A 23 -7.82 -2.82 -4.88
C GLU A 23 -9.13 -3.05 -4.12
N LEU A 24 -9.10 -2.76 -2.82
CA LEU A 24 -10.23 -3.19 -2.00
C LEU A 24 -11.56 -2.46 -1.78
N THR A 25 -11.67 -1.18 -2.07
CA THR A 25 -12.95 -0.55 -1.78
C THR A 25 -14.06 -1.08 -2.68
N GLY A 26 -13.79 -1.17 -3.98
CA GLY A 26 -14.79 -1.69 -4.91
C GLY A 26 -15.00 -3.19 -4.75
N VAL A 27 -14.13 -3.84 -3.99
CA VAL A 27 -14.29 -5.28 -3.78
C VAL A 27 -15.30 -5.49 -2.67
N PHE A 28 -15.08 -4.79 -1.57
CA PHE A 28 -15.92 -4.90 -0.37
C PHE A 28 -17.34 -4.36 -0.61
N LEU A 29 -17.43 -3.20 -1.26
CA LEU A 29 -18.75 -2.62 -1.50
C LEU A 29 -19.60 -3.51 -2.40
N VAL A 30 -18.96 -4.28 -3.27
CA VAL A 30 -19.72 -5.11 -4.18
C VAL A 30 -20.00 -6.49 -3.63
N THR A 31 -19.05 -7.02 -2.89
CA THR A 31 -19.26 -8.31 -2.27
C THR A 31 -20.46 -8.19 -1.33
N HIS A 32 -20.72 -6.96 -0.89
CA HIS A 32 -21.87 -6.66 -0.02
C HIS A 32 -23.13 -6.39 -0.86
N TRP A 33 -23.01 -5.52 -1.85
CA TRP A 33 -24.19 -5.16 -2.67
C TRP A 33 -24.78 -6.37 -3.35
N LEU A 34 -24.00 -7.43 -3.44
CA LEU A 34 -24.53 -8.67 -4.00
C LEU A 34 -25.37 -9.30 -2.90
N LYS A 35 -24.96 -9.08 -1.65
CA LYS A 35 -25.68 -9.63 -0.50
C LYS A 35 -27.01 -8.92 -0.35
N ASN A 36 -26.92 -7.61 -0.20
CA ASN A 36 -28.08 -6.76 0.01
C ASN A 36 -27.83 -5.51 -0.78
N GLY A 37 -28.75 -5.15 -1.68
CA GLY A 37 -28.49 -3.98 -2.51
C GLY A 37 -29.41 -2.77 -2.43
N ALA A 38 -30.09 -2.60 -1.30
CA ALA A 38 -31.00 -1.47 -1.16
C ALA A 38 -30.26 -0.16 -1.45
N GLU A 39 -29.00 -0.09 -1.04
CA GLU A 39 -28.21 1.11 -1.24
C GLU A 39 -28.06 1.54 -2.70
N VAL A 40 -28.00 0.59 -3.63
CA VAL A 40 -27.82 0.98 -5.04
C VAL A 40 -29.05 0.74 -5.91
N HIS A 41 -30.14 0.33 -5.27
CA HIS A 41 -31.39 0.14 -6.00
C HIS A 41 -31.89 1.53 -6.38
N ARG A 42 -32.50 1.65 -7.55
CA ARG A 42 -33.07 2.92 -8.00
C ARG A 42 -34.24 2.56 -8.92
N ALA A 43 -35.33 3.31 -8.79
CA ALA A 43 -36.51 3.08 -9.61
C ALA A 43 -36.22 3.23 -11.11
N GLY A 44 -36.77 2.30 -11.90
CA GLY A 44 -36.57 2.35 -13.35
C GLY A 44 -35.20 1.94 -13.85
N LEU A 45 -34.31 1.57 -12.93
CA LEU A 45 -32.95 1.16 -13.28
C LEU A 45 -32.65 -0.28 -12.90
N GLU A 46 -31.97 -1.00 -13.79
CA GLU A 46 -31.57 -2.37 -13.48
C GLU A 46 -30.11 -2.15 -13.06
N VAL A 47 -29.78 -2.47 -11.81
CA VAL A 47 -28.42 -2.23 -11.32
C VAL A 47 -27.79 -3.56 -10.85
N LYS A 48 -26.69 -3.94 -11.49
CA LYS A 48 -26.03 -5.19 -11.15
C LYS A 48 -24.60 -5.09 -10.62
N PRO A 49 -24.38 -5.45 -9.33
CA PRO A 49 -23.04 -5.40 -8.73
C PRO A 49 -22.38 -6.66 -9.29
N PHE A 50 -21.06 -6.66 -9.50
CA PHE A 50 -20.44 -7.85 -10.08
C PHE A 50 -18.92 -7.83 -9.94
N ILE A 51 -18.34 -8.91 -9.40
CA ILE A 51 -16.87 -9.00 -9.25
C ILE A 51 -16.26 -9.37 -10.61
N THR A 52 -15.37 -8.51 -11.10
CA THR A 52 -14.80 -8.72 -12.41
C THR A 52 -13.52 -9.52 -12.47
N ASN A 53 -12.87 -9.75 -11.34
CA ASN A 53 -11.67 -10.55 -11.39
C ASN A 53 -11.53 -11.42 -10.16
N PRO A 54 -12.46 -12.38 -9.99
CA PRO A 54 -12.40 -13.27 -8.81
C PRO A 54 -11.13 -14.06 -8.70
N ARG A 55 -10.54 -14.47 -9.83
CA ARG A 55 -9.31 -15.22 -9.67
C ARG A 55 -8.22 -14.25 -9.23
N ALA A 56 -8.34 -12.98 -9.63
CA ALA A 56 -7.35 -11.99 -9.24
C ALA A 56 -7.45 -11.72 -7.74
N VAL A 57 -8.69 -11.44 -7.31
CA VAL A 57 -9.07 -11.15 -5.92
C VAL A 57 -8.80 -12.31 -4.94
N GLU A 58 -9.24 -13.51 -5.28
CA GLU A 58 -9.03 -14.66 -4.38
C GLU A 58 -7.56 -15.06 -4.36
N LYS A 59 -6.70 -14.13 -4.77
CA LYS A 59 -5.26 -14.33 -4.77
C LYS A 59 -4.54 -13.14 -4.12
N CYS A 60 -5.28 -12.03 -3.94
CA CYS A 60 -4.75 -10.80 -3.33
C CYS A 60 -3.66 -10.13 -4.16
N THR A 61 -3.72 -10.36 -5.48
CA THR A 61 -2.77 -9.74 -6.41
C THR A 61 -3.51 -8.83 -7.41
N ARG A 62 -2.79 -8.19 -8.30
CA ARG A 62 -3.44 -7.27 -9.23
C ARG A 62 -4.10 -7.98 -10.42
N TYR A 63 -3.56 -9.13 -10.78
CA TYR A 63 -4.11 -9.91 -11.90
C TYR A 63 -3.70 -11.38 -11.78
N ILE A 64 -4.04 -12.16 -12.80
CA ILE A 64 -3.68 -13.58 -12.81
C ILE A 64 -2.50 -13.75 -13.80
N ASP A 65 -2.54 -13.02 -14.92
CA ASP A 65 -1.46 -13.13 -15.93
C ASP A 65 -1.16 -11.80 -16.61
N CYS A 66 -2.04 -10.82 -16.41
CA CYS A 66 -1.89 -9.47 -16.96
C CYS A 66 -3.16 -8.70 -16.61
N ASP A 67 -3.12 -7.37 -16.69
CA ASP A 67 -4.29 -6.54 -16.29
C ASP A 67 -5.61 -6.80 -17.01
N LEU A 68 -6.70 -6.78 -16.26
CA LEU A 68 -8.04 -6.99 -16.86
C LEU A 68 -8.47 -5.67 -17.50
N ASN A 69 -7.83 -4.59 -17.09
CA ASN A 69 -8.15 -3.24 -17.57
C ASN A 69 -7.39 -2.87 -18.85
N ARG A 70 -6.69 -3.85 -19.44
CA ARG A 70 -5.95 -3.63 -20.69
C ARG A 70 -6.32 -4.61 -21.81
N VAL A 71 -7.38 -5.40 -21.65
CA VAL A 71 -7.72 -6.40 -22.68
C VAL A 71 -9.15 -6.44 -23.21
N PHE A 72 -9.81 -5.28 -23.24
CA PHE A 72 -11.16 -5.20 -23.82
C PHE A 72 -11.14 -4.59 -25.22
N ASP A 73 -9.94 -4.35 -25.74
CA ASP A 73 -9.82 -3.84 -27.12
C ASP A 73 -10.45 -4.95 -27.99
N LEU A 74 -11.12 -4.57 -29.08
CA LEU A 74 -11.78 -5.55 -29.93
C LEU A 74 -10.94 -6.72 -30.37
N GLU A 75 -9.62 -6.53 -30.47
CA GLU A 75 -8.76 -7.60 -30.90
C GLU A 75 -8.79 -8.72 -29.87
N ASN A 76 -8.49 -8.37 -28.61
CA ASN A 76 -8.48 -9.39 -27.57
C ASN A 76 -9.86 -10.02 -27.34
N LEU A 77 -10.91 -9.21 -27.37
CA LEU A 77 -12.25 -9.79 -27.17
C LEU A 77 -12.65 -10.70 -28.32
N SER A 78 -11.87 -10.71 -29.40
CA SER A 78 -12.22 -11.60 -30.51
C SER A 78 -11.39 -12.89 -30.53
N LYS A 79 -10.21 -12.84 -29.92
CA LYS A 79 -9.28 -13.98 -29.94
C LYS A 79 -9.82 -15.36 -29.60
N GLU A 80 -9.33 -16.40 -30.29
CA GLU A 80 -9.77 -17.75 -29.95
C GLU A 80 -8.80 -18.10 -28.83
N MSE A 81 -9.20 -18.97 -27.93
CA MSE A 81 -8.32 -19.36 -26.82
C MSE A 81 -7.09 -20.14 -27.34
O MSE A 81 -7.18 -20.86 -28.31
CB MSE A 81 -9.09 -20.24 -25.83
CG MSE A 81 -10.22 -19.53 -25.11
SE MSE A 81 -9.56 -18.01 -24.11
CE MSE A 81 -10.06 -16.60 -25.38
N SER A 82 -5.94 -19.96 -26.69
CA SER A 82 -4.73 -20.70 -27.05
C SER A 82 -4.00 -21.00 -25.74
N GLU A 83 -3.09 -21.98 -25.76
CA GLU A 83 -2.39 -22.37 -24.54
C GLU A 83 -1.57 -21.31 -23.83
N ASP A 84 -1.13 -20.31 -24.57
CA ASP A 84 -0.29 -19.26 -23.98
C ASP A 84 -1.01 -17.96 -23.68
N LEU A 85 -2.32 -17.93 -23.88
CA LEU A 85 -3.05 -16.70 -23.65
C LEU A 85 -3.27 -16.44 -22.16
N PRO A 86 -2.76 -15.30 -21.64
CA PRO A 86 -2.96 -15.00 -20.21
C PRO A 86 -4.43 -15.03 -19.81
N TYR A 87 -4.76 -15.84 -18.79
CA TYR A 87 -6.13 -15.98 -18.27
C TYR A 87 -7.04 -14.74 -18.43
N GLU A 88 -6.53 -13.54 -18.15
CA GLU A 88 -7.44 -12.41 -18.22
C GLU A 88 -8.11 -12.10 -19.56
N VAL A 89 -7.60 -12.63 -20.67
CA VAL A 89 -8.30 -12.39 -21.95
C VAL A 89 -9.58 -13.21 -21.94
N ARG A 90 -9.50 -14.44 -21.43
CA ARG A 90 -10.72 -15.26 -21.32
C ARG A 90 -11.70 -14.51 -20.39
N ARG A 91 -11.25 -14.18 -19.19
CA ARG A 91 -12.12 -13.51 -18.22
C ARG A 91 -12.67 -12.23 -18.85
N ALA A 92 -11.85 -11.50 -19.60
CA ALA A 92 -12.34 -10.29 -20.25
C ALA A 92 -13.44 -10.75 -21.20
N GLN A 93 -13.14 -11.79 -21.98
CA GLN A 93 -14.14 -12.29 -22.91
C GLN A 93 -15.40 -12.67 -22.14
N GLU A 94 -15.25 -13.27 -20.97
CA GLU A 94 -16.44 -13.60 -20.21
C GLU A 94 -17.11 -12.26 -19.82
N ILE A 95 -16.30 -11.24 -19.57
CA ILE A 95 -16.89 -9.94 -19.22
C ILE A 95 -17.68 -9.34 -20.38
N ASN A 96 -17.20 -9.52 -21.61
CA ASN A 96 -17.90 -8.98 -22.77
C ASN A 96 -19.27 -9.66 -23.00
N HIS A 97 -19.37 -10.94 -22.69
CA HIS A 97 -20.60 -11.68 -22.92
C HIS A 97 -21.76 -11.22 -22.01
N LEU A 98 -21.49 -11.07 -20.72
CA LEU A 98 -22.53 -10.64 -19.79
C LEU A 98 -22.97 -9.18 -19.91
N PHE A 99 -22.01 -8.28 -20.00
CA PHE A 99 -22.31 -6.84 -20.02
C PHE A 99 -22.06 -6.09 -21.32
N GLY A 100 -21.51 -6.80 -22.31
CA GLY A 100 -21.26 -6.22 -23.63
C GLY A 100 -22.26 -6.80 -24.63
N PRO A 101 -21.81 -7.12 -25.85
CA PRO A 101 -20.43 -6.96 -26.29
C PRO A 101 -20.18 -5.49 -26.55
N LYS A 102 -18.93 -5.07 -26.45
CA LYS A 102 -18.56 -3.70 -26.72
C LYS A 102 -19.00 -3.32 -28.14
N ASN A 103 -20.04 -2.50 -28.20
CA ASN A 103 -20.62 -1.99 -29.44
C ASN A 103 -21.92 -2.61 -29.94
N SER A 104 -22.61 -3.32 -29.03
CA SER A 104 -23.88 -3.94 -29.34
C SER A 104 -25.00 -3.14 -28.66
N ASP A 105 -26.17 -3.05 -29.31
CA ASP A 105 -27.27 -2.33 -28.70
C ASP A 105 -27.66 -3.00 -27.40
N ASP A 106 -27.21 -4.24 -27.21
CA ASP A 106 -27.55 -5.02 -26.02
C ASP A 106 -26.60 -4.76 -24.83
N ALA A 107 -25.47 -4.14 -25.12
CA ALA A 107 -24.50 -3.83 -24.07
C ALA A 107 -25.15 -2.98 -22.99
N TYR A 108 -24.60 -3.03 -21.78
CA TYR A 108 -25.15 -2.23 -20.70
C TYR A 108 -25.03 -0.74 -21.04
N ASP A 109 -25.92 0.10 -20.48
CA ASP A 109 -25.87 1.54 -20.76
C ASP A 109 -24.72 2.22 -20.02
N VAL A 110 -24.57 1.90 -18.74
CA VAL A 110 -23.51 2.51 -17.94
C VAL A 110 -22.71 1.42 -17.27
N VAL A 111 -21.39 1.62 -17.22
CA VAL A 111 -20.48 0.72 -16.53
C VAL A 111 -19.58 1.62 -15.70
N PHE A 112 -19.92 1.81 -14.43
CA PHE A 112 -19.05 2.61 -13.54
C PHE A 112 -17.88 1.71 -13.18
N ASP A 113 -16.65 2.18 -13.34
CA ASP A 113 -15.51 1.33 -12.96
C ASP A 113 -14.93 1.78 -11.61
N LEU A 114 -14.66 0.82 -10.73
CA LEU A 114 -14.22 1.12 -9.36
C LEU A 114 -12.92 0.45 -8.93
N HIS A 115 -11.84 1.23 -8.92
CA HIS A 115 -10.51 0.75 -8.50
C HIS A 115 -10.01 1.74 -7.41
N ASN A 116 -8.91 1.44 -6.72
CA ASN A 116 -8.38 2.43 -5.77
C ASN A 116 -7.02 2.85 -6.30
N THR A 117 -6.34 3.71 -5.53
CA THR A 117 -4.99 4.17 -5.84
C THR A 117 -4.25 4.47 -4.56
N THR A 118 -2.99 4.05 -4.50
CA THR A 118 -2.15 4.32 -3.33
C THR A 118 -1.82 5.83 -3.30
N SER A 119 -1.90 6.47 -4.47
CA SER A 119 -1.58 7.90 -4.65
C SER A 119 -2.56 8.89 -3.98
N ASN A 120 -2.08 10.11 -3.66
CA ASN A 120 -2.93 11.14 -3.04
C ASN A 120 -3.76 11.84 -4.11
N MSE A 121 -4.74 11.12 -4.66
CA MSE A 121 -5.57 11.69 -5.73
C MSE A 121 -6.99 12.03 -5.33
O MSE A 121 -7.76 12.57 -6.14
CB MSE A 121 -5.59 10.72 -6.93
CG MSE A 121 -4.24 10.61 -7.67
SE MSE A 121 -4.22 9.39 -9.19
CE MSE A 121 -5.83 10.03 -10.09
N GLY A 122 -7.34 11.77 -4.07
CA GLY A 122 -8.69 12.06 -3.62
C GLY A 122 -9.67 11.32 -4.52
N CYS A 123 -10.95 11.73 -4.49
CA CYS A 123 -11.98 11.12 -5.33
C CYS A 123 -11.72 11.63 -6.73
N THR A 124 -11.43 10.72 -7.67
CA THR A 124 -11.10 11.09 -9.06
C THR A 124 -12.15 10.63 -10.09
N LEU A 125 -12.47 11.49 -11.06
CA LEU A 125 -13.40 11.13 -12.13
C LEU A 125 -12.56 11.08 -13.41
N ILE A 126 -12.64 9.96 -14.13
CA ILE A 126 -11.87 9.79 -15.36
C ILE A 126 -12.78 9.89 -16.58
N LEU A 127 -12.50 10.84 -17.45
CA LEU A 127 -13.35 11.05 -18.60
C LEU A 127 -12.74 10.54 -19.89
N GLY A 128 -13.47 9.71 -20.61
CA GLY A 128 -12.94 9.18 -21.85
C GLY A 128 -13.24 10.04 -23.06
N ASP A 129 -14.21 10.96 -22.90
CA ASP A 129 -14.63 11.82 -24.01
C ASP A 129 -14.53 13.34 -23.77
N SER A 130 -13.75 13.98 -24.63
CA SER A 130 -13.52 15.42 -24.58
C SER A 130 -14.82 16.19 -24.90
N GLY A 131 -15.74 15.57 -25.65
CA GLY A 131 -16.97 16.28 -25.96
C GLY A 131 -18.23 15.58 -25.47
N ASN A 132 -18.15 14.89 -24.35
CA ASN A 132 -19.30 14.16 -23.85
C ASN A 132 -20.20 14.98 -22.92
N ASP A 133 -21.11 15.76 -23.51
CA ASP A 133 -22.02 16.58 -22.74
C ASP A 133 -22.73 15.78 -21.65
N PHE A 134 -23.21 14.59 -21.98
CA PHE A 134 -23.91 13.81 -20.97
C PHE A 134 -23.05 13.52 -19.73
N LEU A 135 -21.81 13.05 -19.93
CA LEU A 135 -20.95 12.75 -18.79
C LEU A 135 -20.38 14.02 -18.20
N ILE A 136 -20.19 15.04 -19.01
CA ILE A 136 -19.67 16.26 -18.43
C ILE A 136 -20.70 16.75 -17.44
N GLN A 137 -21.98 16.60 -17.79
CA GLN A 137 -23.07 17.02 -16.91
C GLN A 137 -23.07 16.16 -15.65
N MSE A 138 -22.85 14.86 -15.81
CA MSE A 138 -22.83 13.99 -14.63
C MSE A 138 -21.66 14.37 -13.71
O MSE A 138 -21.84 14.47 -12.51
CB MSE A 138 -22.69 12.50 -15.00
CG MSE A 138 -22.59 11.59 -13.75
SE MSE A 138 -22.14 9.75 -14.14
CE MSE A 138 -23.55 9.40 -15.45
N PHE A 139 -20.49 14.57 -14.30
CA PHE A 139 -19.30 14.89 -13.50
C PHE A 139 -19.39 16.30 -12.89
N HIS A 140 -19.73 17.29 -13.69
CA HIS A 140 -19.90 18.66 -13.19
C HIS A 140 -20.75 18.62 -11.92
N TYR A 141 -21.87 17.89 -11.97
CA TYR A 141 -22.76 17.76 -10.82
C TYR A 141 -21.98 17.12 -9.69
N ILE A 142 -21.36 16.00 -9.99
CA ILE A 142 -20.58 15.32 -8.98
C ILE A 142 -19.58 16.27 -8.34
N LYS A 143 -19.09 17.24 -9.10
CA LYS A 143 -18.13 18.18 -8.51
C LYS A 143 -18.81 19.21 -7.62
N THR A 144 -19.92 19.79 -8.07
CA THR A 144 -20.65 20.77 -7.26
C THR A 144 -21.31 20.06 -6.10
N CYS A 145 -22.24 19.17 -6.42
CA CYS A 145 -22.92 18.40 -5.38
C CYS A 145 -21.94 17.94 -4.32
N MSE A 146 -20.73 17.57 -4.75
CA MSE A 146 -19.65 17.08 -3.90
C MSE A 146 -19.00 18.15 -3.00
O MSE A 146 -18.67 17.86 -1.85
CB MSE A 146 -18.55 16.43 -4.76
CG MSE A 146 -17.71 15.30 -4.08
SE MSE A 146 -17.75 13.51 -5.00
CE MSE A 146 -16.08 13.51 -5.93
N ALA A 147 -18.79 19.35 -3.54
CA ALA A 147 -18.16 20.44 -2.79
C ALA A 147 -18.60 20.43 -1.33
N PRO A 148 -17.69 20.71 -0.40
CA PRO A 148 -16.27 21.05 -0.58
C PRO A 148 -15.26 19.91 -0.67
N LEU A 149 -15.69 18.65 -0.64
CA LEU A 149 -14.69 17.60 -0.76
C LEU A 149 -14.23 17.69 -2.21
N PRO A 150 -12.91 17.65 -2.45
CA PRO A 150 -12.45 17.74 -3.84
C PRO A 150 -12.84 16.57 -4.74
N CYS A 151 -13.02 16.88 -6.02
CA CYS A 151 -13.40 15.93 -7.05
C CYS A 151 -12.73 16.48 -8.32
N SER A 152 -11.73 15.77 -8.83
CA SER A 152 -10.99 16.23 -9.99
C SER A 152 -11.10 15.30 -11.21
N VAL A 153 -11.18 15.92 -12.37
CA VAL A 153 -11.33 15.18 -13.61
C VAL A 153 -10.08 14.92 -14.45
N TYR A 154 -9.80 13.64 -14.59
CA TYR A 154 -8.70 13.15 -15.39
C TYR A 154 -9.36 12.68 -16.68
N LEU A 155 -9.15 13.41 -17.75
CA LEU A 155 -9.73 13.08 -19.04
C LEU A 155 -8.67 12.40 -19.91
N ILE A 156 -9.01 11.25 -20.50
CA ILE A 156 -8.08 10.56 -21.40
C ILE A 156 -8.41 11.11 -22.80
N GLU A 157 -8.02 12.37 -23.04
CA GLU A 157 -8.31 13.03 -24.31
C GLU A 157 -8.22 12.04 -25.47
N HIS A 158 -7.01 11.83 -25.98
CA HIS A 158 -6.76 10.93 -27.09
C HIS A 158 -7.13 9.49 -26.74
N PRO A 159 -7.68 8.74 -27.72
CA PRO A 159 -8.06 7.34 -27.52
C PRO A 159 -6.80 6.49 -27.38
N SER A 160 -5.82 7.06 -26.71
CA SER A 160 -4.53 6.41 -26.49
C SER A 160 -4.64 5.20 -25.58
N LEU A 161 -5.14 5.39 -24.36
CA LEU A 161 -5.28 4.31 -23.40
C LEU A 161 -6.66 4.16 -22.80
N LYS A 162 -7.70 4.26 -23.63
CA LYS A 162 -9.02 4.10 -23.07
C LYS A 162 -9.84 3.00 -23.75
N TYR A 163 -9.47 2.69 -24.98
CA TYR A 163 -10.20 1.67 -25.74
C TYR A 163 -9.85 0.24 -25.35
N ALA A 164 -9.23 0.05 -24.18
CA ALA A 164 -8.86 -1.28 -23.72
C ALA A 164 -9.35 -1.63 -22.32
N THR A 165 -9.65 -0.64 -21.49
CA THR A 165 -10.07 -0.92 -20.11
C THR A 165 -11.46 -1.54 -19.96
N THR A 166 -11.76 -2.04 -18.77
CA THR A 166 -13.04 -2.73 -18.55
C THR A 166 -14.31 -1.88 -18.67
N ARG A 167 -14.26 -0.61 -18.30
CA ARG A 167 -15.47 0.20 -18.36
C ARG A 167 -15.88 0.45 -19.81
N SER A 168 -14.89 0.47 -20.69
CA SER A 168 -15.05 0.76 -22.12
C SER A 168 -16.15 0.04 -22.87
N ILE A 169 -16.55 -1.15 -22.43
CA ILE A 169 -17.62 -1.85 -23.13
C ILE A 169 -18.94 -1.05 -23.05
N ALA A 170 -19.05 -0.14 -22.09
CA ALA A 170 -20.27 0.67 -21.93
C ALA A 170 -20.41 1.72 -23.02
N LYS A 171 -21.62 2.25 -23.15
CA LYS A 171 -21.88 3.32 -24.10
C LYS A 171 -21.29 4.58 -23.44
N TYR A 172 -21.43 4.68 -22.12
CA TYR A 172 -20.91 5.82 -21.35
C TYR A 172 -19.81 5.36 -20.34
N PRO A 173 -18.53 5.31 -20.76
CA PRO A 173 -17.49 4.89 -19.82
C PRO A 173 -17.39 5.94 -18.72
N VAL A 174 -16.94 5.53 -17.53
CA VAL A 174 -16.78 6.38 -16.35
C VAL A 174 -15.91 5.63 -15.35
N GLY A 175 -14.90 6.32 -14.84
CA GLY A 175 -14.05 5.72 -13.82
C GLY A 175 -14.51 6.36 -12.52
N ILE A 176 -14.28 5.67 -11.40
CA ILE A 176 -14.60 6.17 -10.08
C ILE A 176 -13.46 5.60 -9.25
N GLU A 177 -12.48 6.45 -8.95
CA GLU A 177 -11.30 5.98 -8.22
C GLU A 177 -10.90 6.96 -7.15
N VAL A 178 -10.70 6.42 -5.95
CA VAL A 178 -10.34 7.27 -4.82
C VAL A 178 -8.88 7.03 -4.45
N GLY A 179 -8.24 8.10 -3.96
CA GLY A 179 -6.86 8.05 -3.51
C GLY A 179 -6.74 8.97 -2.30
N PRO A 180 -5.87 8.65 -1.33
CA PRO A 180 -4.95 7.51 -1.25
C PRO A 180 -5.31 6.43 -0.23
N GLN A 181 -5.01 5.19 -0.57
CA GLN A 181 -5.23 4.05 0.31
C GLN A 181 -4.15 3.02 -0.07
N PRO A 182 -3.63 2.22 0.90
CA PRO A 182 -2.62 1.24 0.47
C PRO A 182 -3.33 0.03 -0.13
N HIS A 183 -2.72 -0.60 -1.13
CA HIS A 183 -3.37 -1.80 -1.69
C HIS A 183 -3.38 -2.86 -0.58
N GLY A 184 -4.23 -3.87 -0.75
CA GLY A 184 -4.33 -4.93 0.24
C GLY A 184 -4.84 -4.42 1.59
N VAL A 185 -5.40 -3.21 1.60
CA VAL A 185 -5.94 -2.62 2.82
C VAL A 185 -7.32 -1.98 2.55
N LEU A 186 -8.19 -1.96 3.57
CA LEU A 186 -9.51 -1.30 3.44
C LEU A 186 -9.61 -0.15 4.46
N ARG A 187 -10.08 1.03 4.04
CA ARG A 187 -10.26 2.18 4.95
C ARG A 187 -11.72 2.72 4.88
N ALA A 188 -12.28 3.13 6.02
CA ALA A 188 -13.64 3.66 6.04
C ALA A 188 -13.76 5.10 5.50
N ASP A 189 -12.67 5.89 5.53
CA ASP A 189 -12.78 7.27 5.05
C ASP A 189 -12.70 7.38 3.53
N ILE A 190 -11.96 6.47 2.91
CA ILE A 190 -11.83 6.45 1.43
C ILE A 190 -13.11 5.85 0.84
N LEU A 191 -13.46 4.66 1.32
CA LEU A 191 -14.66 3.96 0.87
C LEU A 191 -15.72 5.01 0.93
N ASP A 192 -16.04 5.44 2.16
CA ASP A 192 -17.05 6.48 2.38
C ASP A 192 -17.03 7.51 1.25
N GLN A 193 -15.84 7.90 0.80
CA GLN A 193 -15.78 8.90 -0.28
C GLN A 193 -16.29 8.31 -1.59
N MSE A 194 -16.04 7.01 -1.78
CA MSE A 194 -16.50 6.31 -2.99
C MSE A 194 -18.01 6.08 -2.88
O MSE A 194 -18.73 6.19 -3.88
CB MSE A 194 -15.79 4.96 -3.13
CG MSE A 194 -16.20 4.14 -4.39
SE MSE A 194 -15.07 2.55 -4.64
CE MSE A 194 -16.39 1.36 -5.39
N ARG A 195 -18.52 5.73 -1.70
CA ARG A 195 -19.96 5.52 -1.60
C ARG A 195 -20.60 6.87 -1.91
N ARG A 196 -19.89 7.95 -1.59
CA ARG A 196 -20.42 9.30 -1.87
C ARG A 196 -20.29 9.61 -3.35
N MSE A 197 -19.40 8.91 -4.04
CA MSE A 197 -19.24 9.15 -5.47
C MSE A 197 -20.46 8.53 -6.16
O MSE A 197 -21.16 9.20 -6.94
CB MSE A 197 -17.94 8.48 -5.99
CG MSE A 197 -16.65 8.98 -5.32
SE MSE A 197 -14.98 8.64 -6.28
CE MSE A 197 -15.47 9.62 -7.91
N LEU A 198 -20.74 7.28 -5.81
CA LEU A 198 -21.84 6.55 -6.44
C LEU A 198 -23.23 7.06 -6.04
N LYS A 199 -23.35 7.75 -4.91
CA LYS A 199 -24.66 8.26 -4.55
C LYS A 199 -25.16 9.33 -5.52
N HIS A 200 -24.32 10.33 -5.81
CA HIS A 200 -24.73 11.41 -6.70
C HIS A 200 -24.90 10.90 -8.12
N ALA A 201 -24.03 9.96 -8.53
CA ALA A 201 -24.15 9.40 -9.86
C ALA A 201 -25.46 8.61 -9.98
N LEU A 202 -25.71 7.70 -9.05
CA LEU A 202 -26.95 6.92 -9.13
C LEU A 202 -28.19 7.80 -9.07
N ASP A 203 -28.16 8.83 -8.23
CA ASP A 203 -29.30 9.75 -8.17
C ASP A 203 -29.38 10.52 -9.50
N PHE A 204 -28.22 10.79 -10.10
CA PHE A 204 -28.16 11.53 -11.38
C PHE A 204 -28.95 10.81 -12.46
N ILE A 205 -28.66 9.52 -12.63
CA ILE A 205 -29.35 8.77 -13.65
C ILE A 205 -30.87 8.84 -13.46
N GLN A 206 -31.33 8.65 -12.24
CA GLN A 206 -32.77 8.68 -11.99
C GLN A 206 -33.38 10.08 -12.19
N ARG A 207 -32.58 11.13 -12.11
CA ARG A 207 -33.16 12.45 -12.33
C ARG A 207 -33.25 12.73 -13.82
N PHE A 208 -32.18 12.43 -14.54
CA PHE A 208 -32.14 12.62 -15.99
C PHE A 208 -33.23 11.77 -16.64
N ASN A 209 -33.41 10.54 -16.14
CA ASN A 209 -34.45 9.67 -16.69
C ASN A 209 -35.81 10.29 -16.51
N GLU A 210 -36.08 10.79 -15.30
CA GLU A 210 -37.34 11.43 -15.00
C GLU A 210 -37.66 12.46 -16.07
N GLY A 211 -36.69 13.29 -16.39
CA GLY A 211 -36.91 14.28 -17.44
C GLY A 211 -36.32 15.67 -17.21
N LYS A 212 -35.75 15.90 -16.02
CA LYS A 212 -35.17 17.20 -15.73
C LYS A 212 -34.17 17.67 -16.78
N GLU A 213 -34.19 18.97 -17.07
CA GLU A 213 -33.28 19.52 -18.06
C GLU A 213 -32.06 20.15 -17.41
N PHE A 214 -30.96 20.15 -18.15
CA PHE A 214 -29.70 20.69 -17.67
C PHE A 214 -29.08 21.82 -18.50
N PRO A 215 -29.06 23.03 -17.92
CA PRO A 215 -28.49 24.20 -18.59
C PRO A 215 -27.00 24.03 -18.84
N PRO A 216 -26.39 24.96 -19.58
CA PRO A 216 -24.96 24.91 -19.88
C PRO A 216 -24.08 24.85 -18.62
N CYS A 217 -22.94 24.17 -18.73
CA CYS A 217 -22.00 24.03 -17.61
C CYS A 217 -20.55 23.90 -18.10
N ALA A 218 -19.58 24.10 -17.21
CA ALA A 218 -18.16 24.02 -17.54
C ALA A 218 -17.32 23.34 -16.45
N ILE A 219 -16.30 22.58 -16.86
CA ILE A 219 -15.42 21.91 -15.89
C ILE A 219 -13.96 21.98 -16.28
N ASP A 220 -13.10 21.90 -15.27
CA ASP A 220 -11.66 21.91 -15.44
C ASP A 220 -11.14 20.46 -15.42
N VAL A 221 -10.55 20.00 -16.52
CA VAL A 221 -10.00 18.65 -16.56
C VAL A 221 -8.47 18.68 -16.69
N TYR A 222 -7.86 17.53 -16.47
CA TYR A 222 -6.42 17.39 -16.55
C TYR A 222 -6.12 16.36 -17.62
N LYS A 223 -5.60 16.84 -18.74
CA LYS A 223 -5.25 16.08 -19.92
C LYS A 223 -3.96 15.32 -19.79
N ILE A 224 -4.07 14.01 -19.89
CA ILE A 224 -2.94 13.12 -19.74
C ILE A 224 -1.79 13.22 -20.75
N MSE A 225 -1.16 14.40 -20.82
CA MSE A 225 -0.05 14.61 -21.75
C MSE A 225 0.64 13.29 -22.02
O MSE A 225 0.37 12.63 -23.02
CB MSE A 225 1.00 15.56 -21.16
CG MSE A 225 0.82 17.05 -21.49
SE MSE A 225 2.38 18.10 -20.90
CE MSE A 225 1.71 18.80 -19.23
N GLU A 226 1.54 12.91 -21.09
CA GLU A 226 2.28 11.66 -21.18
C GLU A 226 2.81 11.26 -19.80
N LYS A 227 3.46 10.12 -19.75
CA LYS A 227 4.05 9.60 -18.51
C LYS A 227 5.47 10.10 -18.31
N VAL A 228 5.97 9.89 -17.10
CA VAL A 228 7.34 10.27 -16.75
C VAL A 228 7.88 9.20 -15.82
N ASP A 229 8.47 8.13 -16.37
CA ASP A 229 9.00 7.09 -15.51
C ASP A 229 10.06 7.72 -14.63
N TYR A 230 10.57 6.93 -13.69
CA TYR A 230 11.64 7.35 -12.81
C TYR A 230 12.94 7.28 -13.62
N PRO A 231 13.99 8.00 -13.18
CA PRO A 231 15.31 8.00 -13.83
C PRO A 231 15.81 6.57 -13.45
N ARG A 232 16.58 5.91 -14.31
CA ARG A 232 17.01 4.55 -13.97
C ARG A 232 18.46 4.23 -14.32
N ASN A 233 18.92 3.08 -13.81
CA ASN A 233 20.27 2.60 -14.10
C ASN A 233 20.11 1.51 -15.19
N GLU A 234 21.16 1.30 -15.99
CA GLU A 234 21.09 0.32 -17.08
C GLU A 234 20.30 -0.94 -16.71
N SER A 235 20.54 -1.48 -15.52
CA SER A 235 19.85 -2.68 -15.07
C SER A 235 18.34 -2.49 -14.89
N GLY A 236 17.84 -1.33 -15.31
CA GLY A 236 16.42 -1.05 -15.20
C GLY A 236 15.91 -0.86 -13.79
N ASP A 237 16.82 -0.68 -12.86
CA ASP A 237 16.45 -0.46 -11.46
C ASP A 237 16.26 1.03 -11.21
N VAL A 238 15.33 1.37 -10.34
CA VAL A 238 15.05 2.76 -10.00
C VAL A 238 16.30 3.42 -9.41
N ALA A 239 16.68 4.60 -9.92
CA ALA A 239 17.87 5.29 -9.45
C ALA A 239 17.56 6.56 -8.63
N ALA A 240 16.28 6.86 -8.44
CA ALA A 240 15.85 8.02 -7.69
C ALA A 240 14.39 7.88 -7.30
N VAL A 241 13.93 8.67 -6.35
CA VAL A 241 12.54 8.57 -5.93
C VAL A 241 11.80 9.89 -6.00
N ILE A 242 10.47 9.81 -6.00
CA ILE A 242 9.64 11.02 -6.03
C ILE A 242 10.10 11.91 -4.88
N HIS A 243 10.16 13.21 -5.12
CA HIS A 243 10.59 14.17 -4.10
C HIS A 243 9.55 14.36 -3.00
N PRO A 244 10.01 14.58 -1.76
CA PRO A 244 9.04 14.76 -0.67
C PRO A 244 7.97 15.85 -0.83
N ASN A 245 8.24 16.80 -1.71
CA ASN A 245 7.30 17.91 -1.98
C ASN A 245 6.25 17.56 -3.06
N LEU A 246 6.63 16.71 -4.02
CA LEU A 246 5.71 16.30 -5.09
C LEU A 246 4.85 15.14 -4.55
N GLN A 247 5.52 14.12 -3.98
CA GLN A 247 4.77 12.99 -3.41
C GLN A 247 3.57 13.56 -2.63
N ASP A 248 2.38 13.10 -3.01
CA ASP A 248 1.07 13.50 -2.41
C ASP A 248 0.49 14.83 -2.85
N GLN A 249 1.13 15.49 -3.79
CA GLN A 249 0.64 16.79 -4.24
C GLN A 249 -0.02 16.72 -5.62
N ASP A 250 -0.47 15.52 -5.97
CA ASP A 250 -1.17 15.32 -7.23
C ASP A 250 -2.20 16.43 -7.46
N TRP A 251 -2.36 16.80 -8.72
CA TRP A 251 -3.29 17.85 -9.18
C TRP A 251 -2.71 19.24 -8.99
N LYS A 252 -1.76 19.39 -8.07
CA LYS A 252 -1.19 20.70 -7.79
C LYS A 252 -0.33 21.12 -8.96
N PRO A 253 -0.30 22.42 -9.27
CA PRO A 253 0.49 22.94 -10.39
C PRO A 253 1.97 22.71 -10.15
N LEU A 254 2.66 22.25 -11.18
CA LEU A 254 4.10 21.99 -11.12
C LEU A 254 4.80 22.87 -12.15
N HIS A 255 5.83 23.59 -11.70
CA HIS A 255 6.59 24.50 -12.57
C HIS A 255 8.01 23.99 -12.82
N PRO A 256 8.57 24.24 -14.03
CA PRO A 256 9.94 23.82 -14.43
C PRO A 256 11.03 23.77 -13.35
N GLY A 257 11.00 24.65 -12.36
CA GLY A 257 12.04 24.60 -11.34
C GLY A 257 11.72 23.79 -10.09
N ASP A 258 10.49 23.28 -9.98
CA ASP A 258 10.06 22.49 -8.82
C ASP A 258 10.70 21.10 -8.86
N PRO A 259 11.20 20.61 -7.72
CA PRO A 259 11.84 19.27 -7.71
C PRO A 259 10.85 18.12 -7.92
N VAL A 260 11.30 17.06 -8.60
CA VAL A 260 10.45 15.89 -8.86
C VAL A 260 11.07 14.57 -8.35
N PHE A 261 12.39 14.43 -8.47
CA PHE A 261 13.06 13.22 -7.97
C PHE A 261 14.24 13.59 -7.08
N VAL A 262 14.42 12.85 -5.98
CA VAL A 262 15.58 13.13 -5.14
C VAL A 262 16.46 11.88 -5.17
N SER A 263 17.77 12.06 -5.07
CA SER A 263 18.69 10.94 -5.08
C SER A 263 19.05 10.57 -3.63
N LEU A 264 19.44 9.32 -3.39
CA LEU A 264 19.79 8.90 -2.05
C LEU A 264 20.89 9.82 -1.54
N ASP A 265 21.74 10.25 -2.46
CA ASP A 265 22.84 11.13 -2.08
C ASP A 265 22.40 12.58 -2.01
N GLY A 266 21.11 12.83 -2.26
CA GLY A 266 20.61 14.19 -2.19
C GLY A 266 20.51 14.96 -3.50
N LYS A 267 20.90 14.35 -4.62
CA LYS A 267 20.80 15.03 -5.92
C LYS A 267 19.33 15.24 -6.26
N VAL A 268 18.92 16.50 -6.41
CA VAL A 268 17.53 16.84 -6.73
C VAL A 268 17.33 17.08 -8.22
N ILE A 269 16.39 16.36 -8.82
CA ILE A 269 16.06 16.54 -10.22
C ILE A 269 14.88 17.49 -10.26
N PRO A 270 14.91 18.50 -11.13
CA PRO A 270 13.76 19.41 -11.17
C PRO A 270 12.84 19.11 -12.34
N LEU A 271 11.58 19.55 -12.27
CA LEU A 271 10.63 19.30 -13.34
C LEU A 271 11.16 19.59 -14.73
N GLY A 272 11.75 20.76 -14.92
CA GLY A 272 12.26 21.10 -16.24
C GLY A 272 11.13 21.39 -17.24
N GLY A 273 11.52 21.66 -18.50
CA GLY A 273 10.52 21.92 -19.54
C GLY A 273 10.13 23.37 -19.71
N ASP A 274 9.07 23.60 -20.49
CA ASP A 274 8.61 24.97 -20.76
C ASP A 274 7.25 25.38 -20.16
N CYS A 275 6.44 24.43 -19.68
CA CYS A 275 5.16 24.85 -19.11
C CYS A 275 4.76 24.21 -17.80
N THR A 276 3.80 24.85 -17.13
CA THR A 276 3.29 24.33 -15.88
C THR A 276 2.60 23.03 -16.22
N VAL A 277 2.86 21.99 -15.43
CA VAL A 277 2.22 20.71 -15.67
C VAL A 277 1.58 20.24 -14.36
N TYR A 278 0.49 19.49 -14.47
CA TYR A 278 -0.23 18.96 -13.32
C TYR A 278 0.05 17.48 -13.23
N PRO A 279 0.40 16.97 -12.03
CA PRO A 279 0.70 15.54 -11.91
C PRO A 279 -0.46 14.68 -11.45
N VAL A 280 -0.49 13.44 -11.92
CA VAL A 280 -1.49 12.45 -11.48
C VAL A 280 -0.75 11.11 -11.35
N PHE A 281 -1.22 10.29 -10.43
CA PHE A 281 -0.62 9.00 -10.12
C PHE A 281 0.82 9.16 -9.67
N VAL A 282 1.06 10.22 -8.90
CA VAL A 282 2.39 10.42 -8.36
C VAL A 282 2.57 9.25 -7.39
N ASN A 283 3.55 8.39 -7.65
CA ASN A 283 3.83 7.25 -6.78
C ASN A 283 2.65 6.28 -6.57
N GLU A 284 2.19 5.66 -7.66
CA GLU A 284 1.12 4.66 -7.58
C GLU A 284 1.88 3.32 -7.64
N ALA A 285 1.66 2.42 -6.67
CA ALA A 285 2.40 1.16 -6.65
C ALA A 285 2.28 0.25 -7.90
N ALA A 286 1.12 0.26 -8.55
CA ALA A 286 0.93 -0.61 -9.70
C ALA A 286 1.70 -0.17 -10.93
N TYR A 287 2.25 1.05 -10.90
CA TYR A 287 2.96 1.60 -12.05
C TYR A 287 4.49 1.51 -12.11
N TYR A 288 5.14 1.12 -11.02
CA TYR A 288 6.58 1.00 -11.10
C TYR A 288 6.92 0.06 -12.29
N GLU A 289 6.20 -1.04 -12.41
CA GLU A 289 6.46 -2.00 -13.48
C GLU A 289 5.94 -1.51 -14.84
N LYS A 290 5.05 -0.53 -14.82
CA LYS A 290 4.52 0.02 -16.05
C LYS A 290 5.42 1.19 -16.44
N LYS A 291 6.54 1.31 -15.72
CA LYS A 291 7.52 2.37 -15.94
C LYS A 291 6.93 3.77 -15.82
N GLU A 292 6.46 4.11 -14.62
CA GLU A 292 5.88 5.42 -14.43
C GLU A 292 6.15 5.96 -13.01
N ALA A 293 6.37 7.26 -12.93
CA ALA A 293 6.56 7.96 -11.65
C ALA A 293 5.26 8.75 -11.43
N PHE A 294 4.80 9.42 -12.48
CA PHE A 294 3.54 10.17 -12.46
C PHE A 294 3.22 10.48 -13.92
N ALA A 295 2.05 11.07 -14.12
CA ALA A 295 1.64 11.48 -15.46
C ALA A 295 1.57 12.99 -15.46
N LYS A 296 1.97 13.60 -16.57
CA LYS A 296 1.89 15.05 -16.71
C LYS A 296 0.52 15.35 -17.31
N THR A 297 -0.12 16.39 -16.78
CA THR A 297 -1.44 16.81 -17.26
C THR A 297 -1.55 18.34 -17.37
N THR A 298 -2.38 18.82 -18.31
CA THR A 298 -2.64 20.26 -18.47
C THR A 298 -4.13 20.40 -18.21
N LYS A 299 -4.53 21.51 -17.60
CA LYS A 299 -5.94 21.71 -17.23
C LYS A 299 -6.72 22.48 -18.28
N LEU A 300 -7.95 22.07 -18.53
CA LEU A 300 -8.79 22.77 -19.50
C LEU A 300 -10.24 22.70 -19.08
N THR A 301 -11.06 23.56 -19.71
CA THR A 301 -12.49 23.63 -19.41
C THR A 301 -13.31 22.89 -20.47
N LEU A 302 -14.36 22.20 -20.03
CA LEU A 302 -15.24 21.50 -20.94
C LEU A 302 -16.66 21.98 -20.69
N ASN A 303 -17.37 22.34 -21.76
CA ASN A 303 -18.76 22.77 -21.62
C ASN A 303 -19.63 21.59 -22.07
N ALA A 304 -20.85 21.54 -21.56
CA ALA A 304 -21.80 20.50 -21.92
C ALA A 304 -23.08 21.15 -22.43
N LYS A 305 -23.67 20.57 -23.46
CA LYS A 305 -24.90 21.09 -24.01
C LYS A 305 -26.01 20.74 -23.03
N SER A 306 -27.18 21.36 -23.21
CA SER A 306 -28.32 21.11 -22.35
C SER A 306 -28.89 19.72 -22.60
N ILE A 307 -28.92 18.87 -21.59
CA ILE A 307 -29.47 17.53 -21.81
C ILE A 307 -30.85 17.35 -21.18
N ARG A 308 -31.61 16.40 -21.72
CA ARG A 308 -32.94 16.10 -21.23
C ARG A 308 -33.36 14.70 -21.71
N SER A 309 -34.23 14.06 -20.95
CA SER A 309 -34.72 12.74 -21.34
C SER A 309 -35.87 12.94 -22.32
N THR A 310 -36.40 11.83 -22.83
CA THR A 310 -37.50 11.86 -23.80
C THR A 310 -38.90 11.95 -23.19
N CYS B 4 27.81 -2.92 36.37
CA CYS B 4 28.05 -2.65 34.92
C CYS B 4 28.37 -3.89 34.07
N VAL B 5 27.47 -4.22 33.13
CA VAL B 5 27.65 -5.37 32.24
C VAL B 5 28.82 -5.11 31.31
N ALA B 6 29.68 -6.11 31.12
CA ALA B 6 30.81 -5.97 30.20
C ALA B 6 30.65 -7.02 29.10
N GLU B 7 30.66 -6.56 27.85
CA GLU B 7 30.51 -7.44 26.68
C GLU B 7 31.70 -7.21 25.73
N GLU B 8 32.03 -8.21 24.94
CA GLU B 8 33.15 -8.08 24.00
C GLU B 8 32.74 -7.17 22.84
N PRO B 9 33.72 -6.63 22.11
CA PRO B 9 33.47 -5.76 20.97
C PRO B 9 32.54 -6.45 19.97
N ILE B 10 31.78 -5.66 19.22
CA ILE B 10 30.89 -6.22 18.22
C ILE B 10 31.71 -6.41 16.95
N LYS B 11 31.72 -7.61 16.40
CA LYS B 11 32.51 -7.84 15.22
C LYS B 11 31.73 -7.98 13.92
N LYS B 12 30.79 -8.91 13.89
CA LYS B 12 29.98 -9.20 12.71
C LYS B 12 28.56 -8.64 12.81
N ILE B 13 28.27 -7.65 11.96
CA ILE B 13 26.97 -6.98 11.90
C ILE B 13 26.43 -7.17 10.49
N ALA B 14 25.13 -7.42 10.35
CA ALA B 14 24.54 -7.54 9.02
C ALA B 14 23.35 -6.60 8.90
N ILE B 15 23.03 -6.19 7.67
CA ILE B 15 21.85 -5.36 7.42
C ILE B 15 21.07 -6.15 6.38
N PHE B 16 19.91 -6.67 6.81
CA PHE B 16 19.05 -7.50 5.97
C PHE B 16 17.94 -6.64 5.35
N GLY B 17 17.81 -6.73 4.03
CA GLY B 17 16.76 -6.04 3.32
C GLY B 17 15.93 -7.10 2.61
N GLY B 18 14.76 -6.70 2.12
CA GLY B 18 13.93 -7.66 1.40
C GLY B 18 13.54 -8.96 2.09
N THR B 19 13.40 -8.96 3.41
CA THR B 19 12.97 -10.18 4.09
C THR B 19 11.55 -10.42 3.62
N HIS B 20 10.76 -9.33 3.51
CA HIS B 20 9.41 -9.44 2.91
C HIS B 20 9.66 -8.73 1.57
N GLY B 21 9.28 -9.37 0.46
CA GLY B 21 9.59 -8.86 -0.87
C GLY B 21 9.03 -7.59 -1.43
N ASN B 22 8.01 -7.02 -0.80
CA ASN B 22 7.44 -5.80 -1.34
C ASN B 22 7.55 -4.60 -0.38
N GLU B 23 8.41 -4.72 0.64
CA GLU B 23 8.64 -3.63 1.61
C GLU B 23 9.90 -2.94 1.06
N LEU B 24 9.68 -1.82 0.37
CA LEU B 24 10.75 -1.25 -0.41
C LEU B 24 11.87 -0.42 0.16
N THR B 25 11.73 0.10 1.38
CA THR B 25 12.82 0.93 1.88
C THR B 25 14.12 0.14 2.08
N GLY B 26 14.02 -1.04 2.67
CA GLY B 26 15.22 -1.86 2.89
C GLY B 26 15.77 -2.53 1.63
N VAL B 27 14.91 -3.08 0.77
CA VAL B 27 15.43 -3.71 -0.47
C VAL B 27 16.24 -2.66 -1.21
N PHE B 28 15.71 -1.43 -1.21
CA PHE B 28 16.37 -0.34 -1.93
C PHE B 28 17.72 0.01 -1.33
N LEU B 29 17.73 0.24 -0.01
CA LEU B 29 18.95 0.61 0.72
C LEU B 29 19.99 -0.48 0.61
N VAL B 30 19.61 -1.67 1.06
CA VAL B 30 20.52 -2.80 1.01
C VAL B 30 21.12 -2.92 -0.39
N THR B 31 20.29 -2.86 -1.43
CA THR B 31 20.78 -2.97 -2.80
C THR B 31 21.84 -1.91 -3.12
N HIS B 32 21.61 -0.67 -2.67
CA HIS B 32 22.56 0.42 -2.90
C HIS B 32 23.90 0.14 -2.19
N TRP B 33 23.80 -0.34 -0.96
CA TRP B 33 25.01 -0.62 -0.20
C TRP B 33 25.76 -1.85 -0.73
N LEU B 34 25.08 -2.71 -1.49
CA LEU B 34 25.80 -3.85 -2.06
C LEU B 34 26.48 -3.39 -3.33
N LYS B 35 26.99 -2.16 -3.27
CA LYS B 35 27.73 -1.53 -4.36
C LYS B 35 28.30 -0.18 -3.95
N ASN B 36 27.77 0.38 -2.87
CA ASN B 36 28.21 1.69 -2.36
C ASN B 36 28.40 1.57 -0.85
N GLY B 37 29.45 0.84 -0.46
CA GLY B 37 29.73 0.63 0.95
C GLY B 37 30.46 1.74 1.66
N ALA B 38 29.72 2.76 2.10
CA ALA B 38 30.34 3.86 2.83
C ALA B 38 29.44 4.49 3.89
N GLU B 39 28.16 4.69 3.57
CA GLU B 39 27.25 5.31 4.53
C GLU B 39 27.09 4.48 5.81
N VAL B 40 27.38 3.18 5.74
CA VAL B 40 27.23 2.35 6.94
C VAL B 40 28.53 1.82 7.51
N HIS B 41 29.59 1.81 6.70
CA HIS B 41 30.87 1.34 7.20
C HIS B 41 31.30 2.30 8.30
N ARG B 42 31.55 1.77 9.50
CA ARG B 42 32.06 2.57 10.62
C ARG B 42 33.51 2.15 10.85
N ALA B 43 34.26 3.01 11.52
CA ALA B 43 35.66 2.70 11.82
C ALA B 43 35.71 1.55 12.83
N GLY B 44 36.34 0.45 12.44
CA GLY B 44 36.48 -0.68 13.34
C GLY B 44 35.51 -1.83 13.20
N LEU B 45 34.36 -1.58 12.56
CA LEU B 45 33.32 -2.60 12.39
C LEU B 45 33.22 -3.18 10.98
N GLU B 46 32.66 -4.37 10.88
CA GLU B 46 32.43 -5.03 9.59
C GLU B 46 30.90 -4.95 9.41
N VAL B 47 30.42 -4.66 8.21
CA VAL B 47 28.98 -4.56 7.98
C VAL B 47 28.59 -5.37 6.74
N LYS B 48 27.69 -6.33 6.93
CA LYS B 48 27.28 -7.18 5.81
C LYS B 48 25.84 -6.92 5.36
N PRO B 49 25.60 -5.85 4.55
CA PRO B 49 24.24 -5.60 4.08
C PRO B 49 23.99 -6.82 3.19
N PHE B 50 22.75 -7.31 3.16
CA PHE B 50 22.44 -8.49 2.36
C PHE B 50 20.95 -8.53 2.03
N ILE B 51 20.60 -8.87 0.78
CA ILE B 51 19.18 -8.98 0.42
C ILE B 51 18.83 -10.42 0.73
N THR B 52 17.76 -10.62 1.50
CA THR B 52 17.44 -11.96 1.93
C THR B 52 16.50 -12.82 1.12
N ASN B 53 15.43 -12.24 0.57
CA ASN B 53 14.51 -13.05 -0.22
C ASN B 53 14.58 -12.48 -1.63
N PRO B 54 15.71 -12.73 -2.32
CA PRO B 54 15.82 -12.19 -3.68
C PRO B 54 14.75 -12.67 -4.63
N ARG B 55 14.15 -13.84 -4.37
CA ARG B 55 13.09 -14.33 -5.26
C ARG B 55 11.81 -13.51 -5.06
N ALA B 56 11.48 -13.18 -3.81
CA ALA B 56 10.27 -12.39 -3.56
C ALA B 56 10.52 -10.96 -4.04
N VAL B 57 11.73 -10.47 -3.84
CA VAL B 57 12.04 -9.12 -4.28
C VAL B 57 11.87 -9.00 -5.80
N GLU B 58 12.16 -10.09 -6.52
CA GLU B 58 12.05 -10.03 -7.97
C GLU B 58 10.58 -9.89 -8.39
N LYS B 59 9.66 -10.40 -7.57
CA LYS B 59 8.23 -10.31 -7.89
C LYS B 59 7.47 -9.25 -7.07
N CYS B 60 8.22 -8.30 -6.50
CA CYS B 60 7.68 -7.24 -5.64
C CYS B 60 6.49 -7.75 -4.83
N THR B 61 6.68 -8.90 -4.21
CA THR B 61 5.65 -9.51 -3.38
C THR B 61 6.26 -9.97 -2.05
N ARG B 62 5.43 -10.10 -1.02
CA ARG B 62 5.94 -10.50 0.29
C ARG B 62 6.77 -11.80 0.29
N TYR B 63 6.24 -12.87 -0.29
CA TYR B 63 6.97 -14.14 -0.38
C TYR B 63 6.51 -14.93 -1.62
N ILE B 64 7.41 -15.75 -2.19
CA ILE B 64 7.11 -16.57 -3.37
C ILE B 64 6.23 -17.73 -2.91
N ASP B 65 6.75 -18.52 -1.98
CA ASP B 65 6.02 -19.68 -1.44
C ASP B 65 5.56 -19.45 -0.02
N CYS B 66 6.50 -19.31 0.91
CA CYS B 66 6.11 -19.05 2.28
C CYS B 66 6.89 -17.85 2.83
N ASP B 67 6.46 -17.32 3.96
CA ASP B 67 7.09 -16.16 4.59
C ASP B 67 8.53 -16.46 5.04
N LEU B 68 9.49 -15.71 4.49
CA LEU B 68 10.91 -15.90 4.84
C LEU B 68 11.25 -15.35 6.24
N ASN B 69 10.22 -15.00 7.01
CA ASN B 69 10.35 -14.47 8.36
C ASN B 69 9.68 -15.44 9.36
N ARG B 70 9.25 -16.60 8.87
CA ARG B 70 8.64 -17.57 9.78
C ARG B 70 9.33 -18.94 9.70
N VAL B 71 10.38 -19.05 8.90
CA VAL B 71 11.04 -20.35 8.78
C VAL B 71 12.40 -20.53 9.43
N PHE B 72 12.68 -19.77 10.50
CA PHE B 72 13.95 -19.90 11.17
C PHE B 72 13.84 -20.60 12.52
N ASP B 73 12.86 -21.50 12.62
CA ASP B 73 12.65 -22.27 13.83
C ASP B 73 13.47 -23.54 13.63
N LEU B 74 13.75 -24.26 14.72
CA LEU B 74 14.54 -25.48 14.64
C LEU B 74 13.95 -26.52 13.70
N GLU B 75 12.68 -26.85 13.90
CA GLU B 75 12.06 -27.84 13.02
C GLU B 75 12.36 -27.50 11.56
N ASN B 76 12.10 -26.26 11.14
CA ASN B 76 12.35 -25.87 9.75
C ASN B 76 13.83 -25.80 9.41
N LEU B 77 14.65 -25.31 10.34
CA LEU B 77 16.09 -25.19 10.09
C LEU B 77 16.84 -26.53 10.06
N SER B 78 16.11 -27.62 10.16
CA SER B 78 16.77 -28.93 10.12
C SER B 78 16.12 -29.95 9.19
N LYS B 79 15.87 -29.53 7.95
CA LYS B 79 15.29 -30.41 6.95
C LYS B 79 16.24 -30.53 5.75
N GLU B 80 16.24 -31.70 5.12
CA GLU B 80 17.13 -31.97 3.99
C GLU B 80 16.78 -31.22 2.71
N MSE B 81 16.53 -31.99 1.65
CA MSE B 81 16.18 -31.43 0.35
C MSE B 81 15.10 -32.30 -0.29
O MSE B 81 15.13 -33.54 -0.15
CB MSE B 81 17.40 -31.38 -0.56
CG MSE B 81 18.65 -30.74 0.05
SE MSE B 81 19.78 -31.96 1.06
CE MSE B 81 21.11 -32.33 -0.28
N SER B 82 14.16 -31.68 -0.99
CA SER B 82 13.08 -32.40 -1.65
C SER B 82 12.33 -31.48 -2.61
N GLU B 83 11.07 -31.80 -2.87
CA GLU B 83 10.25 -31.00 -3.77
C GLU B 83 9.05 -30.38 -3.04
N ASP B 84 8.74 -30.91 -1.85
CA ASP B 84 7.63 -30.38 -1.06
C ASP B 84 8.02 -29.18 -0.20
N LEU B 85 9.33 -28.98 -0.03
CA LEU B 85 9.87 -27.88 0.75
C LEU B 85 9.58 -26.49 0.18
N PRO B 86 8.82 -25.67 0.92
CA PRO B 86 8.51 -24.31 0.43
C PRO B 86 9.82 -23.54 0.27
N TYR B 87 9.93 -22.74 -0.79
CA TYR B 87 11.15 -22.00 -1.05
C TYR B 87 11.77 -21.34 0.19
N GLU B 88 11.10 -20.31 0.68
CA GLU B 88 11.60 -19.57 1.83
C GLU B 88 12.06 -20.47 2.97
N VAL B 89 11.41 -21.62 3.14
CA VAL B 89 11.82 -22.51 4.22
C VAL B 89 13.24 -22.99 3.90
N ARG B 90 13.49 -23.33 2.63
CA ARG B 90 14.82 -23.77 2.24
C ARG B 90 15.76 -22.57 2.25
N ARG B 91 15.19 -21.37 2.19
CA ARG B 91 15.99 -20.15 2.20
C ARG B 91 16.48 -19.88 3.59
N ALA B 92 15.64 -20.16 4.57
CA ALA B 92 16.06 -19.95 5.95
C ALA B 92 17.33 -20.75 6.24
N GLN B 93 17.55 -21.84 5.50
CA GLN B 93 18.75 -22.66 5.74
C GLN B 93 19.96 -22.12 5.01
N GLU B 94 19.74 -21.50 3.84
CA GLU B 94 20.85 -20.94 3.11
C GLU B 94 21.32 -19.67 3.79
N ILE B 95 20.46 -19.12 4.64
CA ILE B 95 20.71 -17.90 5.38
C ILE B 95 21.27 -18.26 6.76
N ASN B 96 20.76 -19.35 7.33
CA ASN B 96 21.23 -19.75 8.65
C ASN B 96 22.69 -20.16 8.61
N HIS B 97 23.11 -20.76 7.50
CA HIS B 97 24.49 -21.18 7.36
C HIS B 97 25.42 -19.97 7.19
N LEU B 98 24.95 -18.94 6.51
CA LEU B 98 25.81 -17.77 6.30
C LEU B 98 25.91 -16.84 7.51
N PHE B 99 24.81 -16.64 8.23
CA PHE B 99 24.80 -15.70 9.33
C PHE B 99 24.63 -16.27 10.71
N GLY B 100 24.37 -17.58 10.78
CA GLY B 100 24.23 -18.22 12.07
C GLY B 100 25.39 -19.21 12.19
N PRO B 101 25.13 -20.45 12.61
CA PRO B 101 23.84 -21.03 12.96
C PRO B 101 23.28 -20.42 14.26
N LYS B 102 21.96 -20.24 14.30
CA LYS B 102 21.27 -19.68 15.45
C LYS B 102 21.70 -20.43 16.72
N ASN B 103 21.83 -19.69 17.82
CA ASN B 103 22.23 -20.24 19.13
C ASN B 103 23.71 -20.63 19.20
N SER B 104 24.35 -20.81 18.05
CA SER B 104 25.77 -21.14 18.02
C SER B 104 26.60 -19.97 18.52
N ASP B 105 27.88 -20.23 18.74
CA ASP B 105 28.82 -19.21 19.22
C ASP B 105 29.36 -18.42 18.02
N ASP B 106 29.20 -18.99 16.84
CA ASP B 106 29.66 -18.33 15.63
C ASP B 106 28.54 -17.43 15.06
N ALA B 107 27.54 -17.12 15.88
CA ALA B 107 26.41 -16.29 15.44
C ALA B 107 26.80 -14.83 15.20
N TYR B 108 25.98 -14.08 14.46
CA TYR B 108 26.29 -12.67 14.21
C TYR B 108 26.04 -11.76 15.41
N ASP B 109 27.02 -10.93 15.73
CA ASP B 109 26.87 -10.04 16.88
C ASP B 109 25.61 -9.17 16.70
N VAL B 110 25.50 -8.46 15.56
CA VAL B 110 24.33 -7.63 15.30
C VAL B 110 23.78 -7.88 13.90
N VAL B 111 22.47 -7.91 13.81
CA VAL B 111 21.85 -8.10 12.51
C VAL B 111 20.53 -7.35 12.60
N PHE B 112 20.36 -6.38 11.70
CA PHE B 112 19.14 -5.60 11.63
C PHE B 112 18.34 -6.21 10.48
N ASP B 113 17.04 -6.40 10.68
CA ASP B 113 16.16 -6.93 9.62
C ASP B 113 15.24 -5.74 9.35
N LEU B 114 15.19 -5.31 8.08
CA LEU B 114 14.43 -4.13 7.70
C LEU B 114 13.08 -4.41 7.03
N HIS B 115 12.00 -3.80 7.56
CA HIS B 115 10.63 -3.94 7.02
C HIS B 115 9.96 -2.55 6.99
N ASN B 116 8.74 -2.47 6.44
CA ASN B 116 7.96 -1.21 6.43
C ASN B 116 6.65 -1.48 7.17
N THR B 117 5.57 -0.83 6.70
CA THR B 117 4.22 -1.01 7.25
C THR B 117 3.22 0.05 6.79
N THR B 118 2.01 -0.40 6.44
CA THR B 118 0.94 0.52 6.08
C THR B 118 0.37 1.10 7.40
N SER B 119 0.80 0.56 8.54
CA SER B 119 0.34 1.07 9.85
C SER B 119 1.06 2.39 10.11
N ASN B 120 0.37 3.34 10.75
CA ASN B 120 0.97 4.65 11.00
C ASN B 120 1.94 4.65 12.16
N MSE B 121 3.07 3.98 12.02
CA MSE B 121 3.99 3.88 13.15
C MSE B 121 5.41 4.42 13.05
O MSE B 121 6.28 4.06 13.88
CB MSE B 121 4.05 2.43 13.62
CG MSE B 121 2.76 1.96 14.25
SE MSE B 121 2.93 0.18 14.90
CE MSE B 121 4.87 0.09 15.00
N GLY B 122 5.66 5.31 12.10
CA GLY B 122 7.01 5.84 11.95
C GLY B 122 8.08 4.78 12.17
N CYS B 123 9.23 5.22 12.69
CA CYS B 123 10.35 4.29 12.95
C CYS B 123 10.05 3.34 14.11
N THR B 124 10.42 2.07 13.96
CA THR B 124 10.14 1.04 14.97
C THR B 124 11.31 0.09 15.30
N LEU B 125 11.72 0.04 16.57
CA LEU B 125 12.78 -0.88 16.99
C LEU B 125 12.11 -2.04 17.77
N ILE B 126 12.15 -3.22 17.18
CA ILE B 126 11.54 -4.39 17.81
C ILE B 126 12.55 -5.04 18.74
N LEU B 127 12.13 -5.20 20.00
CA LEU B 127 12.98 -5.74 21.06
C LEU B 127 12.49 -7.14 21.49
N GLY B 128 13.18 -8.21 21.12
CA GLY B 128 12.73 -9.54 21.51
C GLY B 128 13.13 -10.00 22.91
N ASP B 129 14.00 -9.24 23.58
CA ASP B 129 14.47 -9.65 24.92
C ASP B 129 14.51 -8.48 25.91
N SER B 130 13.55 -8.46 26.83
CA SER B 130 13.46 -7.38 27.80
C SER B 130 14.57 -7.38 28.84
N GLY B 131 15.42 -8.40 28.81
CA GLY B 131 16.53 -8.45 29.77
C GLY B 131 17.89 -8.13 29.15
N ASN B 132 17.94 -7.90 27.84
CA ASN B 132 19.24 -7.64 27.19
C ASN B 132 19.67 -6.20 27.38
N ASP B 133 20.49 -5.94 28.41
CA ASP B 133 20.95 -4.57 28.68
C ASP B 133 21.53 -3.90 27.44
N PHE B 134 22.24 -4.66 26.62
CA PHE B 134 22.88 -4.07 25.44
C PHE B 134 21.82 -3.54 24.47
N LEU B 135 20.74 -4.29 24.29
CA LEU B 135 19.68 -3.84 23.40
C LEU B 135 18.98 -2.58 23.90
N ILE B 136 18.73 -2.50 25.20
CA ILE B 136 18.07 -1.29 25.74
C ILE B 136 19.02 -0.11 25.53
N GLN B 137 20.30 -0.36 25.79
CA GLN B 137 21.33 0.67 25.61
C GLN B 137 21.38 1.17 24.16
N MSE B 138 21.20 0.25 23.22
CA MSE B 138 21.20 0.65 21.81
C MSE B 138 19.94 1.49 21.53
O MSE B 138 19.99 2.54 20.87
CB MSE B 138 21.17 -0.58 20.87
CG MSE B 138 21.36 -0.16 19.38
SE MSE B 138 21.25 -1.59 18.07
CE MSE B 138 22.80 -2.60 18.62
N PHE B 139 18.80 1.01 22.03
CA PHE B 139 17.55 1.74 21.77
C PHE B 139 17.46 3.08 22.49
N HIS B 140 17.79 3.14 23.76
CA HIS B 140 17.78 4.43 24.47
C HIS B 140 18.61 5.44 23.68
N TYR B 141 19.81 5.04 23.28
CA TYR B 141 20.69 5.93 22.48
C TYR B 141 19.99 6.43 21.20
N ILE B 142 19.61 5.50 20.34
CA ILE B 142 18.96 5.85 19.07
C ILE B 142 17.81 6.84 19.34
N LYS B 143 16.98 6.52 20.32
CA LYS B 143 15.87 7.42 20.65
C LYS B 143 16.34 8.79 21.12
N THR B 144 17.36 8.79 21.98
CA THR B 144 17.89 10.03 22.53
C THR B 144 18.38 10.95 21.43
N CYS B 145 19.01 10.37 20.42
CA CYS B 145 19.53 11.21 19.33
C CYS B 145 18.42 11.75 18.44
N MSE B 146 17.37 10.96 18.23
CA MSE B 146 16.26 11.40 17.39
C MSE B 146 15.39 12.44 18.07
O MSE B 146 14.52 13.05 17.41
CB MSE B 146 15.40 10.20 16.99
CG MSE B 146 16.13 9.21 16.14
SE MSE B 146 15.03 7.71 15.79
CE MSE B 146 13.75 8.54 14.58
N ALA B 147 15.61 12.64 19.36
CA ALA B 147 14.84 13.61 20.12
C ALA B 147 14.67 14.91 19.31
N PRO B 148 13.45 15.49 19.28
CA PRO B 148 12.25 15.00 19.97
C PRO B 148 11.36 14.08 19.11
N LEU B 149 11.86 13.70 17.94
CA LEU B 149 11.13 12.82 17.01
C LEU B 149 10.82 11.46 17.63
N PRO B 150 9.70 10.85 17.22
CA PRO B 150 9.36 9.53 17.78
C PRO B 150 10.18 8.37 17.25
N CYS B 151 10.37 7.37 18.09
CA CYS B 151 11.08 6.13 17.77
C CYS B 151 10.65 5.22 18.92
N SER B 152 9.45 4.65 18.80
CA SER B 152 8.85 3.84 19.85
C SER B 152 9.30 2.40 19.75
N VAL B 153 9.50 1.76 20.90
CA VAL B 153 9.97 0.38 20.92
C VAL B 153 8.83 -0.60 21.19
N TYR B 154 8.76 -1.64 20.36
CA TYR B 154 7.75 -2.68 20.48
C TYR B 154 8.45 -3.93 21.04
N LEU B 155 8.00 -4.39 22.21
CA LEU B 155 8.58 -5.57 22.86
C LEU B 155 7.73 -6.79 22.52
N ILE B 156 8.28 -7.67 21.69
CA ILE B 156 7.64 -8.91 21.26
C ILE B 156 8.48 -9.97 21.96
N GLU B 157 8.04 -10.38 23.14
CA GLU B 157 8.82 -11.31 23.96
C GLU B 157 8.62 -12.84 23.87
N HIS B 158 7.37 -13.30 23.87
CA HIS B 158 7.08 -14.75 23.81
C HIS B 158 7.85 -15.53 22.72
N PRO B 159 8.46 -16.66 23.07
CA PRO B 159 9.23 -17.51 22.16
C PRO B 159 8.53 -17.88 20.85
N SER B 160 7.24 -18.22 20.93
CA SER B 160 6.47 -18.60 19.76
C SER B 160 6.24 -17.43 18.80
N LEU B 161 6.74 -16.25 19.17
CA LEU B 161 6.58 -15.05 18.37
C LEU B 161 7.93 -14.57 17.82
N LYS B 162 9.00 -15.20 18.27
CA LYS B 162 10.35 -14.82 17.85
C LYS B 162 11.22 -15.94 17.29
N TYR B 163 11.04 -17.15 17.82
CA TYR B 163 11.86 -18.30 17.40
C TYR B 163 11.93 -18.58 15.90
N ALA B 164 11.04 -17.99 15.12
CA ALA B 164 11.07 -18.29 13.70
C ALA B 164 11.43 -17.09 12.81
N THR B 165 11.86 -15.98 13.41
CA THR B 165 12.20 -14.81 12.62
C THR B 165 13.59 -14.85 12.01
N THR B 166 13.72 -14.24 10.84
CA THR B 166 14.98 -14.19 10.11
C THR B 166 16.14 -13.67 10.97
N ARG B 167 15.91 -12.58 11.68
CA ARG B 167 16.97 -12.00 12.49
C ARG B 167 17.23 -12.79 13.77
N SER B 168 16.51 -13.90 13.94
CA SER B 168 16.67 -14.72 15.15
C SER B 168 17.97 -15.49 15.17
N ILE B 169 18.63 -15.60 14.02
CA ILE B 169 19.93 -16.28 14.00
C ILE B 169 21.02 -15.37 14.58
N ALA B 170 20.62 -14.15 15.00
CA ALA B 170 21.58 -13.20 15.55
C ALA B 170 21.74 -13.29 17.08
N LYS B 171 22.95 -13.00 17.51
CA LYS B 171 23.23 -12.96 18.94
C LYS B 171 22.41 -11.76 19.47
N TYR B 172 22.41 -10.65 18.72
CA TYR B 172 21.65 -9.44 19.12
C TYR B 172 20.74 -9.03 17.96
N PRO B 173 19.51 -9.54 17.94
CA PRO B 173 18.55 -9.21 16.88
C PRO B 173 17.84 -7.89 17.19
N VAL B 174 17.55 -7.12 16.15
CA VAL B 174 16.86 -5.84 16.29
C VAL B 174 15.89 -5.68 15.16
N GLY B 175 14.83 -4.91 15.41
CA GLY B 175 13.87 -4.64 14.36
C GLY B 175 13.97 -3.16 14.07
N ILE B 176 13.81 -2.79 12.80
CA ILE B 176 13.84 -1.40 12.32
C ILE B 176 12.91 -1.37 11.11
N GLU B 177 11.67 -0.96 11.35
CA GLU B 177 10.61 -0.92 10.32
C GLU B 177 9.89 0.41 10.52
N VAL B 178 9.47 1.05 9.42
CA VAL B 178 8.86 2.37 9.57
C VAL B 178 7.58 2.58 8.74
N GLY B 179 6.52 3.03 9.40
CA GLY B 179 5.26 3.29 8.69
C GLY B 179 4.90 4.77 8.78
N PRO B 180 4.02 5.28 7.90
CA PRO B 180 3.40 4.47 6.85
C PRO B 180 3.92 4.59 5.40
N GLN B 181 4.03 3.44 4.75
CA GLN B 181 4.46 3.39 3.34
C GLN B 181 3.73 2.24 2.62
N PRO B 182 3.04 2.54 1.51
CA PRO B 182 2.33 1.48 0.76
C PRO B 182 3.32 0.38 0.32
N HIS B 183 3.00 -0.90 0.49
CA HIS B 183 3.95 -1.89 0.01
C HIS B 183 4.04 -1.67 -1.50
N GLY B 184 5.17 -2.05 -2.09
CA GLY B 184 5.36 -1.87 -3.52
C GLY B 184 5.77 -0.44 -3.88
N VAL B 185 5.81 0.44 -2.89
CA VAL B 185 6.20 1.85 -3.12
C VAL B 185 7.41 2.24 -2.27
N LEU B 186 8.18 3.20 -2.78
CA LEU B 186 9.35 3.73 -2.08
C LEU B 186 9.08 5.20 -1.81
N ARG B 187 8.88 5.56 -0.55
CA ARG B 187 8.65 6.96 -0.16
C ARG B 187 9.98 7.55 0.28
N ALA B 188 10.29 8.77 -0.17
CA ALA B 188 11.54 9.40 0.22
C ALA B 188 11.62 9.59 1.73
N ASP B 189 10.63 10.25 2.31
CA ASP B 189 10.73 10.45 3.75
C ASP B 189 10.87 9.16 4.55
N ILE B 190 10.22 8.08 4.13
CA ILE B 190 10.36 6.81 4.86
C ILE B 190 11.83 6.40 4.75
N LEU B 191 12.38 6.57 3.54
CA LEU B 191 13.80 6.24 3.31
C LEU B 191 14.67 7.14 4.21
N ASP B 192 14.29 8.42 4.33
CA ASP B 192 15.04 9.36 5.15
C ASP B 192 15.12 8.83 6.60
N GLN B 193 13.98 8.46 7.16
CA GLN B 193 13.94 7.96 8.54
C GLN B 193 14.70 6.64 8.75
N MSE B 194 14.57 5.70 7.83
CA MSE B 194 15.27 4.42 8.03
C MSE B 194 16.80 4.59 8.08
O MSE B 194 17.46 4.07 8.99
CB MSE B 194 14.89 3.41 6.93
CG MSE B 194 15.29 2.00 7.35
SE MSE B 194 14.57 0.62 6.28
CE MSE B 194 12.80 0.42 7.03
N ARG B 195 17.38 5.29 7.11
CA ARG B 195 18.83 5.47 7.09
C ARG B 195 19.32 6.16 8.35
N ARG B 196 18.48 7.00 8.94
CA ARG B 196 18.89 7.69 10.17
C ARG B 196 18.88 6.74 11.35
N MSE B 197 17.90 5.84 11.41
CA MSE B 197 17.87 4.92 12.55
C MSE B 197 19.05 3.98 12.39
O MSE B 197 19.62 3.50 13.38
CB MSE B 197 16.56 4.09 12.57
CG MSE B 197 16.41 3.19 13.80
SE MSE B 197 14.54 2.74 14.12
CE MSE B 197 13.88 3.22 12.35
N LEU B 198 19.41 3.69 11.15
CA LEU B 198 20.51 2.77 10.94
C LEU B 198 21.85 3.44 11.18
N LYS B 199 21.88 4.76 11.01
CA LYS B 199 23.11 5.52 11.22
C LYS B 199 23.43 5.53 12.70
N HIS B 200 22.46 5.93 13.52
CA HIS B 200 22.69 6.00 14.97
C HIS B 200 22.95 4.63 15.60
N ALA B 201 22.29 3.58 15.13
CA ALA B 201 22.55 2.25 15.71
C ALA B 201 24.02 1.93 15.47
N LEU B 202 24.50 2.18 14.25
CA LEU B 202 25.92 1.92 13.95
C LEU B 202 26.79 2.88 14.76
N ASP B 203 26.29 4.10 14.99
CA ASP B 203 27.02 5.08 15.82
C ASP B 203 27.14 4.55 17.25
N PHE B 204 26.03 4.09 17.82
CA PHE B 204 26.06 3.53 19.18
C PHE B 204 27.07 2.39 19.24
N ILE B 205 27.06 1.54 18.23
CA ILE B 205 27.99 0.42 18.21
C ILE B 205 29.46 0.87 18.21
N GLN B 206 29.82 1.79 17.32
CA GLN B 206 31.24 2.23 17.31
C GLN B 206 31.59 3.03 18.56
N ARG B 207 30.57 3.56 19.23
CA ARG B 207 30.83 4.32 20.47
C ARG B 207 31.04 3.33 21.63
N PHE B 208 30.20 2.29 21.68
CA PHE B 208 30.30 1.27 22.72
C PHE B 208 31.65 0.59 22.71
N ASN B 209 32.15 0.22 21.53
CA ASN B 209 33.47 -0.40 21.48
C ASN B 209 34.48 0.64 21.88
N GLU B 210 34.22 1.87 21.51
CA GLU B 210 35.13 2.99 21.80
C GLU B 210 35.39 3.33 23.26
N GLY B 211 34.67 2.69 24.18
CA GLY B 211 34.90 2.95 25.58
C GLY B 211 33.89 3.90 26.21
N LYS B 212 32.94 4.40 25.42
CA LYS B 212 31.94 5.30 25.99
C LYS B 212 31.02 4.55 26.94
N GLU B 213 31.53 4.08 28.07
CA GLU B 213 30.70 3.37 29.05
C GLU B 213 29.34 4.07 29.11
N PHE B 214 28.31 3.28 29.36
CA PHE B 214 26.95 3.79 29.41
C PHE B 214 26.32 3.71 30.78
N PRO B 215 25.85 4.87 31.30
CA PRO B 215 25.22 4.96 32.60
C PRO B 215 23.88 4.21 32.59
N PRO B 216 23.22 4.11 33.75
CA PRO B 216 21.93 3.41 33.77
C PRO B 216 20.92 4.26 32.99
N CYS B 217 20.42 3.75 31.86
CA CYS B 217 19.44 4.49 31.08
C CYS B 217 18.09 3.80 31.23
N ALA B 218 17.02 4.45 30.77
CA ALA B 218 15.70 3.84 30.86
C ALA B 218 14.91 4.14 29.59
N ILE B 219 14.01 3.23 29.22
CA ILE B 219 13.15 3.42 28.03
C ILE B 219 11.81 2.78 28.30
N ASP B 220 10.83 3.16 27.50
CA ASP B 220 9.51 2.58 27.59
C ASP B 220 9.41 1.60 26.46
N VAL B 221 8.62 0.56 26.69
CA VAL B 221 8.35 -0.42 25.63
C VAL B 221 6.86 -0.74 25.76
N TYR B 222 6.17 -0.65 24.64
CA TYR B 222 4.75 -1.01 24.63
C TYR B 222 4.84 -2.52 24.38
N LYS B 223 4.41 -3.32 25.36
CA LYS B 223 4.48 -4.78 25.28
C LYS B 223 3.24 -5.45 24.73
N ILE B 224 3.46 -6.44 23.86
CA ILE B 224 2.38 -7.17 23.22
C ILE B 224 1.48 -7.87 24.21
N MSE B 225 0.16 -7.78 24.00
CA MSE B 225 -0.80 -8.43 24.89
C MSE B 225 -1.49 -9.50 24.05
O MSE B 225 -1.46 -10.67 24.40
CB MSE B 225 -1.85 -7.45 25.45
CG MSE B 225 -2.84 -8.07 26.44
SE MSE B 225 -4.61 -7.22 26.48
CE MSE B 225 -4.24 -5.75 27.69
N GLU B 226 -2.11 -9.10 22.94
CA GLU B 226 -2.79 -10.04 22.06
C GLU B 226 -3.18 -9.42 20.72
N LYS B 227 -3.37 -10.28 19.72
CA LYS B 227 -3.79 -9.87 18.38
C LYS B 227 -5.32 -9.78 18.39
N VAL B 228 -5.86 -8.79 17.69
CA VAL B 228 -7.32 -8.65 17.60
C VAL B 228 -7.71 -8.81 16.14
N ASP B 229 -8.62 -9.74 15.88
CA ASP B 229 -9.04 -9.96 14.49
C ASP B 229 -10.21 -9.05 14.17
N TYR B 230 -10.44 -8.88 12.87
CA TYR B 230 -11.57 -8.13 12.36
C TYR B 230 -12.81 -8.99 12.60
N PRO B 231 -13.99 -8.36 12.72
CA PRO B 231 -15.24 -9.10 12.93
C PRO B 231 -15.40 -9.79 11.57
N ARG B 232 -15.99 -10.97 11.53
CA ARG B 232 -16.14 -11.66 10.24
C ARG B 232 -17.56 -12.18 10.01
N ASN B 233 -17.98 -12.25 8.75
CA ASN B 233 -19.33 -12.76 8.42
C ASN B 233 -19.32 -14.28 8.52
N GLU B 234 -20.44 -14.93 8.22
CA GLU B 234 -20.48 -16.40 8.29
C GLU B 234 -19.43 -17.01 7.37
N SER B 235 -19.36 -16.48 6.15
CA SER B 235 -18.41 -16.98 5.16
C SER B 235 -16.97 -16.87 5.67
N GLY B 236 -16.78 -16.04 6.67
CA GLY B 236 -15.45 -15.86 7.24
C GLY B 236 -14.88 -14.53 6.79
N ASP B 237 -15.42 -14.00 5.69
CA ASP B 237 -14.97 -12.74 5.14
C ASP B 237 -15.08 -11.64 6.20
N VAL B 238 -14.29 -10.59 6.04
CA VAL B 238 -14.29 -9.46 6.98
C VAL B 238 -15.68 -8.79 7.07
N ALA B 239 -16.23 -8.81 8.28
CA ALA B 239 -17.55 -8.22 8.55
C ALA B 239 -17.55 -6.70 8.67
N ALA B 240 -16.61 -6.16 9.44
CA ALA B 240 -16.52 -4.72 9.63
C ALA B 240 -15.06 -4.33 9.40
N VAL B 241 -14.77 -3.02 9.45
CA VAL B 241 -13.41 -2.56 9.23
C VAL B 241 -12.94 -1.60 10.32
N ILE B 242 -11.62 -1.46 10.44
CA ILE B 242 -11.05 -0.57 11.45
C ILE B 242 -11.78 0.77 11.40
N HIS B 243 -12.23 1.23 12.57
CA HIS B 243 -12.99 2.48 12.71
C HIS B 243 -12.12 3.67 12.33
N PRO B 244 -12.71 4.76 11.79
CA PRO B 244 -11.88 5.91 11.40
C PRO B 244 -11.15 6.64 12.51
N ASN B 245 -11.70 6.64 13.73
CA ASN B 245 -11.06 7.33 14.84
C ASN B 245 -9.92 6.48 15.40
N LEU B 246 -9.82 5.23 14.95
CA LEU B 246 -8.74 4.32 15.37
C LEU B 246 -7.68 4.26 14.26
N GLN B 247 -8.13 4.37 13.01
CA GLN B 247 -7.22 4.34 11.85
C GLN B 247 -6.10 5.39 11.99
N ASP B 248 -4.85 4.95 11.85
CA ASP B 248 -3.67 5.84 11.94
C ASP B 248 -3.31 6.29 13.36
N GLN B 249 -4.24 6.13 14.31
CA GLN B 249 -4.00 6.59 15.68
C GLN B 249 -3.19 5.62 16.52
N ASP B 250 -2.34 4.85 15.84
CA ASP B 250 -1.48 3.92 16.53
C ASP B 250 -0.82 4.70 17.67
N TRP B 251 -0.47 3.96 18.73
CA TRP B 251 0.20 4.46 19.94
C TRP B 251 -0.70 5.30 20.84
N LYS B 252 -1.88 5.70 20.37
CA LYS B 252 -2.74 6.55 21.20
C LYS B 252 -3.63 5.74 22.13
N PRO B 253 -3.87 6.25 23.35
CA PRO B 253 -4.72 5.52 24.30
C PRO B 253 -6.08 5.21 23.72
N LEU B 254 -6.45 3.93 23.78
CA LEU B 254 -7.73 3.45 23.28
C LEU B 254 -8.45 2.91 24.53
N HIS B 255 -9.61 3.49 24.85
CA HIS B 255 -10.37 3.09 26.04
C HIS B 255 -11.56 2.17 25.78
N PRO B 256 -11.89 1.29 26.74
CA PRO B 256 -13.00 0.33 26.64
C PRO B 256 -14.22 0.80 25.80
N GLY B 257 -14.65 2.03 25.99
CA GLY B 257 -15.81 2.48 25.22
C GLY B 257 -15.53 3.05 23.83
N ASP B 258 -14.26 3.29 23.50
CA ASP B 258 -13.88 3.84 22.20
C ASP B 258 -14.16 2.86 21.05
N PRO B 259 -14.28 3.39 19.84
CA PRO B 259 -14.55 2.56 18.67
C PRO B 259 -13.35 1.77 18.14
N VAL B 260 -13.63 0.53 17.73
CA VAL B 260 -12.62 -0.40 17.20
C VAL B 260 -12.93 -0.86 15.75
N PHE B 261 -14.16 -1.29 15.50
CA PHE B 261 -14.54 -1.71 14.13
C PHE B 261 -15.85 -1.07 13.70
N VAL B 262 -16.07 -0.99 12.38
CA VAL B 262 -17.31 -0.44 11.84
C VAL B 262 -17.71 -1.27 10.63
N SER B 263 -18.98 -1.66 10.57
CA SER B 263 -19.44 -2.45 9.45
C SER B 263 -19.99 -1.54 8.36
N LEU B 264 -20.22 -2.11 7.18
CA LEU B 264 -20.79 -1.30 6.12
C LEU B 264 -22.19 -0.92 6.56
N ASP B 265 -22.93 -1.89 7.12
CA ASP B 265 -24.29 -1.60 7.58
C ASP B 265 -24.30 -0.53 8.67
N GLY B 266 -23.12 -0.22 9.21
CA GLY B 266 -23.05 0.82 10.23
C GLY B 266 -22.80 0.45 11.68
N LYS B 267 -22.88 -0.84 12.01
CA LYS B 267 -22.66 -1.28 13.39
C LYS B 267 -21.27 -0.83 13.84
N VAL B 268 -21.19 -0.22 15.03
CA VAL B 268 -19.90 0.25 15.55
C VAL B 268 -19.53 -0.65 16.74
N ILE B 269 -18.40 -1.36 16.62
CA ILE B 269 -17.91 -2.25 17.67
C ILE B 269 -16.88 -1.51 18.52
N PRO B 270 -17.22 -1.27 19.79
CA PRO B 270 -16.30 -0.56 20.69
C PRO B 270 -15.25 -1.47 21.33
N LEU B 271 -14.16 -0.89 21.82
CA LEU B 271 -13.07 -1.66 22.42
C LEU B 271 -13.47 -2.77 23.37
N GLY B 272 -14.34 -2.49 24.32
CA GLY B 272 -14.73 -3.53 25.26
C GLY B 272 -13.62 -3.84 26.26
N GLY B 273 -13.48 -5.10 26.64
CA GLY B 273 -12.44 -5.47 27.60
C GLY B 273 -12.53 -4.71 28.92
N ASP B 274 -11.51 -4.83 29.77
CA ASP B 274 -11.52 -4.16 31.07
C ASP B 274 -10.42 -3.11 31.32
N CYS B 275 -9.99 -2.39 30.29
CA CYS B 275 -8.94 -1.41 30.53
C CYS B 275 -8.60 -0.58 29.30
N THR B 276 -7.82 0.47 29.51
CA THR B 276 -7.37 1.36 28.45
C THR B 276 -6.11 0.76 27.85
N VAL B 277 -5.95 0.85 26.53
CA VAL B 277 -4.75 0.31 25.89
C VAL B 277 -4.25 1.22 24.77
N TYR B 278 -3.08 0.86 24.26
CA TYR B 278 -2.39 1.60 23.22
C TYR B 278 -2.27 0.70 22.01
N PRO B 279 -3.00 1.02 20.94
CA PRO B 279 -2.93 0.17 19.75
C PRO B 279 -1.74 0.45 18.85
N VAL B 280 -1.28 -0.61 18.19
CA VAL B 280 -0.19 -0.54 17.22
C VAL B 280 -0.66 -1.40 16.03
N PHE B 281 0.06 -1.31 14.91
CA PHE B 281 -0.29 -2.06 13.71
C PHE B 281 -1.78 -1.89 13.38
N VAL B 282 -2.19 -0.63 13.33
CA VAL B 282 -3.55 -0.32 12.96
C VAL B 282 -3.55 -0.37 11.42
N ASN B 283 -4.11 -1.46 10.89
CA ASN B 283 -4.23 -1.68 9.45
C ASN B 283 -2.96 -1.99 8.61
N GLU B 284 -2.27 -3.06 8.95
CA GLU B 284 -1.09 -3.53 8.20
C GLU B 284 -1.57 -4.58 7.19
N ALA B 285 -1.52 -4.25 5.91
CA ALA B 285 -1.99 -5.14 4.84
C ALA B 285 -1.68 -6.64 4.99
N ALA B 286 -0.44 -6.95 5.37
CA ALA B 286 -0.02 -8.34 5.50
C ALA B 286 -0.70 -9.07 6.64
N TYR B 287 -1.46 -8.34 7.44
CA TYR B 287 -2.06 -8.95 8.61
C TYR B 287 -3.53 -9.35 8.55
N TYR B 288 -4.22 -9.05 7.46
CA TYR B 288 -5.61 -9.50 7.39
C TYR B 288 -5.57 -11.05 7.40
N GLU B 289 -4.55 -11.63 6.79
CA GLU B 289 -4.48 -13.09 6.75
C GLU B 289 -3.79 -13.68 7.99
N LYS B 290 -3.45 -12.79 8.94
CA LYS B 290 -2.86 -13.22 10.21
C LYS B 290 -3.83 -12.91 11.36
N LYS B 291 -5.10 -12.67 11.01
CA LYS B 291 -6.14 -12.41 12.00
C LYS B 291 -5.78 -11.27 12.94
N GLU B 292 -5.01 -10.30 12.44
CA GLU B 292 -4.61 -9.16 13.24
C GLU B 292 -5.04 -7.83 12.59
N ALA B 293 -6.13 -7.24 13.11
CA ALA B 293 -6.62 -5.95 12.65
C ALA B 293 -5.70 -4.92 13.29
N PHE B 294 -5.24 -5.25 14.51
CA PHE B 294 -4.26 -4.46 15.27
C PHE B 294 -3.85 -5.28 16.51
N ALA B 295 -2.70 -4.96 17.11
CA ALA B 295 -2.26 -5.68 18.31
C ALA B 295 -2.47 -4.77 19.51
N LYS B 296 -2.91 -5.35 20.64
CA LYS B 296 -3.09 -4.58 21.86
C LYS B 296 -1.78 -4.63 22.65
N THR B 297 -1.34 -3.49 23.17
CA THR B 297 -0.13 -3.45 23.98
C THR B 297 -0.37 -2.67 25.26
N THR B 298 0.39 -3.00 26.32
CA THR B 298 0.30 -2.23 27.55
C THR B 298 1.55 -1.36 27.52
N LYS B 299 1.66 -0.38 28.38
CA LYS B 299 2.83 0.50 28.35
C LYS B 299 3.64 0.41 29.65
N LEU B 300 4.96 0.23 29.52
CA LEU B 300 5.81 0.13 30.72
C LEU B 300 7.25 0.60 30.48
N THR B 301 7.93 0.96 31.58
CA THR B 301 9.29 1.45 31.50
C THR B 301 10.25 0.31 31.83
N LEU B 302 11.28 0.15 30.99
CA LEU B 302 12.26 -0.91 31.22
C LEU B 302 13.59 -0.31 31.62
N ASN B 303 14.30 -0.97 32.54
CA ASN B 303 15.63 -0.50 32.94
C ASN B 303 16.67 -1.36 32.24
N ALA B 304 17.92 -0.92 32.34
CA ALA B 304 19.07 -1.63 31.79
C ALA B 304 20.28 -1.31 32.65
N LYS B 305 21.17 -2.27 32.76
CA LYS B 305 22.39 -2.06 33.52
C LYS B 305 23.39 -1.30 32.66
N SER B 306 24.38 -0.70 33.31
CA SER B 306 25.45 0.00 32.63
C SER B 306 26.18 -1.08 31.81
N ILE B 307 26.75 -0.71 30.67
CA ILE B 307 27.52 -1.66 29.86
C ILE B 307 28.79 -0.98 29.31
N ARG B 308 29.73 -1.80 28.88
CA ARG B 308 30.98 -1.33 28.26
C ARG B 308 31.57 -2.56 27.59
N SER B 309 32.60 -2.38 26.76
CA SER B 309 33.24 -3.48 26.06
C SER B 309 34.18 -4.19 27.06
N THR B 310 34.78 -5.30 26.65
CA THR B 310 35.68 -6.05 27.56
C THR B 310 37.18 -6.01 27.25
ZN ZN C . -7.49 -1.86 -10.46
S SO4 D . -11.73 -0.99 -29.48
O1 SO4 D . -12.12 0.19 -28.68
O2 SO4 D . -12.35 -2.19 -28.91
O3 SO4 D . -12.18 -0.79 -30.87
O4 SO4 D . -10.26 -1.14 -29.45
S SO4 E . -23.35 15.48 0.24
O1 SO4 E . -24.02 16.17 -0.88
O2 SO4 E . -21.90 15.35 -0.02
O3 SO4 E . -23.57 16.26 1.48
O4 SO4 E . -23.94 14.14 0.43
S SO4 F . 1.34 -9.55 -4.72
O1 SO4 F . 0.16 -8.70 -4.96
O2 SO4 F . 0.94 -10.71 -3.90
O3 SO4 F . 1.89 -10.03 -6.00
O4 SO4 F . 2.36 -8.77 -4.01
ZN ZN G . 7.19 -7.78 8.67
S SO4 H . 5.75 -12.42 11.06
O1 SO4 H . 5.15 -11.14 11.50
O2 SO4 H . 6.26 -12.30 9.68
O3 SO4 H . 6.85 -12.78 11.98
O4 SO4 H . 4.72 -13.48 11.11
S SO4 I . 19.95 13.08 12.93
O1 SO4 I . 19.24 14.38 12.92
O2 SO4 I . 19.02 12.02 13.38
O3 SO4 I . 20.43 12.78 11.57
O4 SO4 I . 21.10 13.17 13.85
N CYS A 4 -29.64 22.28 -26.40
CA CYS A 4 -30.03 21.17 -25.47
C CYS A 4 -30.01 19.81 -26.16
N VAL A 5 -29.11 18.95 -25.72
CA VAL A 5 -28.97 17.62 -26.28
C VAL A 5 -30.00 16.65 -25.71
N ALA A 6 -30.65 15.90 -26.59
CA ALA A 6 -31.66 14.91 -26.18
C ALA A 6 -30.95 13.68 -25.63
N GLU A 7 -31.71 12.70 -25.18
CA GLU A 7 -31.11 11.48 -24.64
C GLU A 7 -32.09 10.35 -24.37
N GLU A 8 -31.63 9.12 -24.59
CA GLU A 8 -32.43 7.92 -24.36
C GLU A 8 -32.32 7.52 -22.89
N PRO A 9 -33.43 7.09 -22.27
CA PRO A 9 -33.36 6.70 -20.86
C PRO A 9 -32.45 5.50 -20.58
N ILE A 10 -31.70 5.60 -19.49
CA ILE A 10 -30.77 4.57 -19.04
C ILE A 10 -31.54 3.47 -18.30
N LYS A 11 -31.31 2.21 -18.64
CA LYS A 11 -32.01 1.12 -17.96
C LYS A 11 -31.08 0.12 -17.25
N LYS A 12 -29.98 -0.25 -17.90
CA LYS A 12 -29.06 -1.25 -17.33
C LYS A 12 -27.72 -0.68 -16.90
N ILE A 13 -27.49 -0.70 -15.58
CA ILE A 13 -26.27 -0.17 -14.98
C ILE A 13 -25.50 -1.23 -14.19
N ALA A 14 -24.21 -1.39 -14.51
CA ALA A 14 -23.41 -2.35 -13.78
C ALA A 14 -22.42 -1.57 -12.89
N ILE A 15 -22.15 -2.11 -11.70
CA ILE A 15 -21.16 -1.54 -10.76
C ILE A 15 -20.19 -2.68 -10.44
N PHE A 16 -19.03 -2.65 -11.07
CA PHE A 16 -18.03 -3.68 -10.89
C PHE A 16 -16.98 -3.29 -9.87
N GLY A 17 -16.93 -4.03 -8.78
CA GLY A 17 -15.93 -3.78 -7.75
C GLY A 17 -15.16 -5.08 -7.57
N GLY A 18 -13.98 -5.16 -8.19
CA GLY A 18 -13.13 -6.35 -8.11
C GLY A 18 -12.32 -6.69 -9.37
N THR A 19 -11.92 -5.67 -10.13
CA THR A 19 -11.10 -5.88 -11.33
C THR A 19 -9.64 -5.97 -10.84
N HIS A 20 -9.08 -4.89 -10.28
CA HIS A 20 -7.73 -5.08 -9.71
C HIS A 20 -8.12 -5.67 -8.35
N GLY A 21 -7.72 -6.92 -8.16
CA GLY A 21 -8.13 -7.71 -7.01
C GLY A 21 -7.74 -7.25 -5.63
N ASN A 22 -6.79 -6.31 -5.58
CA ASN A 22 -6.27 -5.77 -4.34
C ASN A 22 -6.64 -4.29 -4.12
N GLU A 23 -7.47 -3.73 -5.01
CA GLU A 23 -7.92 -2.34 -4.80
C GLU A 23 -9.22 -2.57 -4.05
N LEU A 24 -9.14 -2.46 -2.74
CA LEU A 24 -10.28 -2.83 -1.90
C LEU A 24 -11.59 -2.03 -1.92
N THR A 25 -11.53 -0.70 -1.81
CA THR A 25 -12.77 0.06 -1.80
C THR A 25 -13.76 -0.46 -2.85
N GLY A 26 -13.27 -0.72 -4.06
CA GLY A 26 -14.13 -1.22 -5.11
C GLY A 26 -14.79 -2.44 -4.53
N VAL A 27 -14.01 -3.52 -4.37
CA VAL A 27 -14.47 -4.80 -3.82
C VAL A 27 -15.50 -4.74 -2.69
N PHE A 28 -15.18 -3.98 -1.65
CA PHE A 28 -16.07 -3.87 -0.50
C PHE A 28 -17.45 -3.33 -0.89
N LEU A 29 -17.49 -2.18 -1.53
CA LEU A 29 -18.79 -1.59 -1.89
C LEU A 29 -19.63 -2.47 -2.81
N VAL A 30 -18.99 -3.19 -3.73
CA VAL A 30 -19.78 -4.01 -4.65
C VAL A 30 -20.20 -5.34 -4.04
N THR A 31 -19.44 -5.83 -3.06
CA THR A 31 -19.76 -7.09 -2.40
C THR A 31 -20.96 -6.81 -1.50
N HIS A 32 -20.87 -5.73 -0.76
CA HIS A 32 -21.97 -5.35 0.13
C HIS A 32 -23.23 -4.96 -0.68
N TRP A 33 -23.06 -4.27 -1.81
CA TRP A 33 -24.23 -3.88 -2.62
C TRP A 33 -24.90 -5.09 -3.27
N LEU A 34 -24.24 -6.25 -3.15
CA LEU A 34 -24.82 -7.48 -3.68
C LEU A 34 -25.69 -8.10 -2.59
N LYS A 35 -25.14 -8.22 -1.39
CA LYS A 35 -25.89 -8.80 -0.27
C LYS A 35 -27.07 -7.94 0.18
N ASN A 36 -26.91 -6.63 0.00
CA ASN A 36 -27.89 -5.64 0.42
C ASN A 36 -27.97 -4.59 -0.68
N GLY A 37 -28.92 -4.75 -1.60
CA GLY A 37 -28.97 -3.82 -2.72
C GLY A 37 -29.57 -2.43 -2.55
N ALA A 38 -30.18 -2.13 -1.41
CA ALA A 38 -30.82 -0.82 -1.22
C ALA A 38 -29.97 0.43 -1.46
N GLU A 39 -28.74 0.47 -0.96
CA GLU A 39 -27.97 1.69 -1.18
C GLU A 39 -27.91 2.07 -2.66
N VAL A 40 -27.75 1.08 -3.52
CA VAL A 40 -27.65 1.35 -4.98
C VAL A 40 -28.84 0.93 -5.83
N HIS A 41 -29.88 1.76 -5.79
CA HIS A 41 -31.08 1.56 -6.56
C HIS A 41 -31.70 2.92 -6.81
N ARG A 42 -32.28 3.02 -8.00
CA ARG A 42 -32.96 4.22 -8.44
C ARG A 42 -34.12 3.73 -9.28
N ALA A 43 -35.34 4.07 -8.88
CA ALA A 43 -36.52 3.64 -9.63
C ALA A 43 -36.23 3.68 -11.14
N GLY A 44 -36.77 2.71 -11.88
CA GLY A 44 -36.55 2.64 -13.32
C GLY A 44 -35.21 2.10 -13.82
N LEU A 45 -34.38 1.58 -12.91
CA LEU A 45 -33.05 1.07 -13.29
C LEU A 45 -32.71 -0.33 -12.75
N GLU A 46 -32.08 -1.15 -13.59
CA GLU A 46 -31.64 -2.47 -13.15
C GLU A 46 -30.15 -2.28 -12.87
N VAL A 47 -29.75 -2.52 -11.62
CA VAL A 47 -28.34 -2.33 -11.23
C VAL A 47 -27.72 -3.68 -10.94
N LYS A 48 -26.57 -3.97 -11.56
CA LYS A 48 -25.94 -5.26 -11.35
C LYS A 48 -24.53 -5.21 -10.75
N PRO A 49 -24.40 -5.51 -9.44
CA PRO A 49 -23.04 -5.48 -8.87
C PRO A 49 -22.40 -6.77 -9.39
N PHE A 50 -21.07 -6.82 -9.49
CA PHE A 50 -20.39 -8.01 -10.01
C PHE A 50 -18.96 -7.86 -9.58
N ILE A 51 -18.26 -9.00 -9.42
CA ILE A 51 -16.83 -9.04 -9.09
C ILE A 51 -16.18 -9.39 -10.44
N THR A 52 -15.24 -8.58 -10.91
CA THR A 52 -14.68 -8.80 -12.24
C THR A 52 -13.40 -9.64 -12.38
N ASN A 53 -12.68 -9.87 -11.29
CA ASN A 53 -11.49 -10.72 -11.37
C ASN A 53 -11.43 -11.51 -10.07
N PRO A 54 -12.40 -12.41 -9.84
CA PRO A 54 -12.44 -13.22 -8.62
C PRO A 54 -11.18 -14.01 -8.26
N ARG A 55 -10.44 -14.47 -9.26
CA ARG A 55 -9.21 -15.21 -8.99
C ARG A 55 -8.14 -14.30 -8.42
N ALA A 56 -8.14 -13.04 -8.85
CA ALA A 56 -7.17 -12.05 -8.32
C ALA A 56 -7.65 -11.54 -6.95
N VAL A 57 -8.95 -11.27 -6.82
CA VAL A 57 -9.53 -10.80 -5.54
C VAL A 57 -9.31 -11.88 -4.47
N GLU A 58 -9.61 -13.12 -4.81
CA GLU A 58 -9.47 -14.22 -3.83
C GLU A 58 -8.03 -14.33 -3.36
N LYS A 59 -7.11 -13.71 -4.11
CA LYS A 59 -5.68 -13.76 -3.74
C LYS A 59 -5.19 -12.39 -3.26
N CYS A 60 -6.03 -11.37 -3.47
CA CYS A 60 -5.72 -9.98 -3.12
C CYS A 60 -4.48 -9.61 -3.92
N THR A 61 -4.58 -9.90 -5.22
CA THR A 61 -3.50 -9.63 -6.19
C THR A 61 -4.11 -8.72 -7.27
N ARG A 62 -3.29 -8.03 -8.04
CA ARG A 62 -3.86 -7.13 -9.04
C ARG A 62 -4.39 -7.90 -10.25
N TYR A 63 -3.72 -8.99 -10.58
CA TYR A 63 -4.10 -9.83 -11.72
C TYR A 63 -3.53 -11.25 -11.66
N ILE A 64 -4.02 -12.10 -12.54
CA ILE A 64 -3.58 -13.49 -12.63
C ILE A 64 -2.43 -13.59 -13.65
N ASP A 65 -2.69 -13.24 -14.91
CA ASP A 65 -1.66 -13.30 -15.96
C ASP A 65 -1.33 -11.97 -16.61
N CYS A 66 -2.32 -11.06 -16.66
CA CYS A 66 -2.07 -9.72 -17.19
C CYS A 66 -3.16 -8.77 -16.70
N ASP A 67 -2.90 -7.46 -16.77
CA ASP A 67 -3.84 -6.44 -16.30
C ASP A 67 -5.21 -6.54 -17.00
N LEU A 68 -6.28 -6.83 -16.23
CA LEU A 68 -7.62 -6.97 -16.84
C LEU A 68 -8.11 -5.64 -17.42
N ASN A 69 -7.42 -4.55 -17.09
CA ASN A 69 -7.82 -3.22 -17.56
C ASN A 69 -7.36 -2.84 -18.98
N ARG A 70 -6.71 -3.77 -19.68
CA ARG A 70 -6.27 -3.49 -21.05
C ARG A 70 -6.76 -4.51 -22.12
N VAL A 71 -7.55 -5.49 -21.71
CA VAL A 71 -7.99 -6.54 -22.65
C VAL A 71 -9.41 -6.55 -23.23
N PHE A 72 -10.09 -5.39 -23.23
CA PHE A 72 -11.41 -5.30 -23.85
C PHE A 72 -11.35 -4.65 -25.25
N ASP A 73 -10.14 -4.45 -25.76
CA ASP A 73 -10.01 -3.91 -27.14
C ASP A 73 -10.66 -4.95 -28.04
N LEU A 74 -11.20 -4.49 -29.17
CA LEU A 74 -11.89 -5.34 -30.11
C LEU A 74 -11.26 -6.68 -30.41
N GLU A 75 -9.94 -6.71 -30.56
CA GLU A 75 -9.26 -7.95 -30.89
C GLU A 75 -9.52 -8.97 -29.79
N ASN A 76 -9.01 -8.66 -28.60
CA ASN A 76 -9.13 -9.55 -27.46
C ASN A 76 -10.50 -10.10 -27.16
N LEU A 77 -11.56 -9.34 -27.44
CA LEU A 77 -12.91 -9.84 -27.18
C LEU A 77 -13.39 -10.92 -28.13
N SER A 78 -13.00 -10.81 -29.40
CA SER A 78 -13.38 -11.74 -30.45
C SER A 78 -12.26 -12.76 -30.75
N LYS A 79 -11.24 -12.78 -29.90
CA LYS A 79 -10.07 -13.64 -30.03
C LYS A 79 -10.22 -15.11 -29.65
N GLU A 80 -9.71 -16.02 -30.49
CA GLU A 80 -9.80 -17.45 -30.15
C GLU A 80 -8.75 -17.73 -29.08
N MSE A 81 -9.08 -18.58 -28.12
CA MSE A 81 -8.15 -18.94 -27.04
C MSE A 81 -6.97 -19.74 -27.59
O MSE A 81 -7.09 -20.33 -28.67
CB MSE A 81 -8.87 -19.80 -25.99
CG MSE A 81 -10.11 -19.14 -25.38
SE MSE A 81 -9.54 -17.88 -24.03
CE MSE A 81 -9.80 -16.24 -25.03
N SER A 82 -5.85 -19.77 -26.87
CA SER A 82 -4.67 -20.57 -27.23
C SER A 82 -4.01 -20.98 -25.91
N GLU A 83 -3.18 -22.01 -25.94
CA GLU A 83 -2.57 -22.48 -24.71
C GLU A 83 -1.93 -21.40 -23.84
N ASP A 84 -1.12 -20.56 -24.46
CA ASP A 84 -0.36 -19.51 -23.74
C ASP A 84 -1.05 -18.18 -23.50
N LEU A 85 -2.34 -18.09 -23.79
CA LEU A 85 -3.04 -16.82 -23.60
C LEU A 85 -3.23 -16.50 -22.13
N PRO A 86 -2.82 -15.29 -21.68
CA PRO A 86 -3.01 -14.97 -20.26
C PRO A 86 -4.46 -15.21 -19.84
N TYR A 87 -4.66 -15.60 -18.58
CA TYR A 87 -5.99 -15.84 -18.06
C TYR A 87 -6.93 -14.62 -18.21
N GLU A 88 -6.39 -13.40 -18.13
CA GLU A 88 -7.31 -12.27 -18.21
C GLU A 88 -8.01 -11.99 -19.54
N VAL A 89 -7.53 -12.54 -20.66
CA VAL A 89 -8.23 -12.32 -21.94
C VAL A 89 -9.51 -13.16 -21.92
N ARG A 90 -9.41 -14.39 -21.40
CA ARG A 90 -10.62 -15.21 -21.30
C ARG A 90 -11.60 -14.49 -20.35
N ARG A 91 -11.10 -13.87 -19.28
CA ARG A 91 -12.02 -13.19 -18.36
C ARG A 91 -12.67 -11.97 -19.01
N ALA A 92 -11.88 -11.17 -19.74
CA ALA A 92 -12.44 -9.97 -20.38
C ALA A 92 -13.52 -10.42 -21.34
N GLN A 93 -13.16 -11.29 -22.28
CA GLN A 93 -14.12 -11.80 -23.23
C GLN A 93 -15.37 -12.32 -22.51
N GLU A 94 -15.19 -12.94 -21.35
CA GLU A 94 -16.35 -13.48 -20.61
C GLU A 94 -17.13 -12.36 -19.94
N ILE A 95 -16.47 -11.23 -19.69
CA ILE A 95 -17.11 -10.09 -19.05
C ILE A 95 -17.91 -9.41 -20.17
N ASN A 96 -17.41 -9.54 -21.39
CA ASN A 96 -18.11 -8.97 -22.55
C ASN A 96 -19.39 -9.76 -22.86
N HIS A 97 -19.49 -11.01 -22.39
CA HIS A 97 -20.70 -11.77 -22.71
C HIS A 97 -21.88 -11.42 -21.79
N LEU A 98 -21.58 -11.26 -20.51
CA LEU A 98 -22.61 -10.92 -19.54
C LEU A 98 -23.14 -9.50 -19.65
N PHE A 99 -22.22 -8.54 -19.77
CA PHE A 99 -22.58 -7.13 -19.78
C PHE A 99 -22.39 -6.47 -21.14
N GLY A 100 -21.90 -7.25 -22.10
CA GLY A 100 -21.70 -6.76 -23.45
C GLY A 100 -22.71 -7.49 -24.35
N PRO A 101 -22.37 -7.74 -25.61
CA PRO A 101 -21.07 -7.36 -26.20
C PRO A 101 -20.93 -5.86 -26.44
N LYS A 102 -19.70 -5.39 -26.28
CA LYS A 102 -19.33 -3.99 -26.51
C LYS A 102 -19.76 -3.60 -27.92
N ASN A 103 -20.03 -2.31 -28.10
CA ASN A 103 -20.43 -1.76 -29.39
C ASN A 103 -21.85 -2.10 -29.79
N SER A 104 -22.40 -3.17 -29.20
CA SER A 104 -23.77 -3.59 -29.52
C SER A 104 -24.81 -2.71 -28.85
N ASP A 105 -26.04 -2.75 -29.37
CA ASP A 105 -27.11 -1.95 -28.81
C ASP A 105 -27.66 -2.54 -27.51
N ASP A 106 -27.30 -3.79 -27.23
CA ASP A 106 -27.76 -4.47 -26.02
C ASP A 106 -26.80 -4.27 -24.84
N ALA A 107 -25.62 -3.75 -25.12
CA ALA A 107 -24.64 -3.54 -24.05
C ALA A 107 -25.20 -2.60 -22.98
N TYR A 108 -24.72 -2.74 -21.74
CA TYR A 108 -25.18 -1.87 -20.68
C TYR A 108 -24.94 -0.41 -21.04
N ASP A 109 -25.82 0.47 -20.56
CA ASP A 109 -25.70 1.91 -20.85
C ASP A 109 -24.57 2.63 -20.14
N VAL A 110 -24.25 2.17 -18.94
CA VAL A 110 -23.20 2.82 -18.16
C VAL A 110 -22.53 1.78 -17.31
N VAL A 111 -21.21 1.85 -17.26
CA VAL A 111 -20.47 0.94 -16.39
C VAL A 111 -19.75 1.82 -15.38
N PHE A 112 -19.88 1.47 -14.10
CA PHE A 112 -19.17 2.17 -13.01
C PHE A 112 -18.09 1.19 -12.54
N ASP A 113 -16.82 1.49 -12.77
CA ASP A 113 -15.77 0.59 -12.29
C ASP A 113 -15.13 1.36 -11.12
N LEU A 114 -15.10 0.72 -9.96
CA LEU A 114 -14.60 1.34 -8.72
C LEU A 114 -13.09 1.16 -8.48
N HIS A 115 -12.30 2.22 -8.71
CA HIS A 115 -10.84 2.13 -8.57
C HIS A 115 -10.23 2.70 -7.28
N ASN A 116 -9.00 2.23 -7.01
CA ASN A 116 -8.21 2.67 -5.86
C ASN A 116 -6.77 2.91 -6.28
N THR A 117 -6.12 3.89 -5.65
CA THR A 117 -4.72 4.17 -5.92
C THR A 117 -4.03 4.45 -4.60
N THR A 118 -2.74 4.17 -4.57
CA THR A 118 -1.93 4.46 -3.39
C THR A 118 -1.56 5.96 -3.43
N SER A 119 -1.66 6.58 -4.60
CA SER A 119 -1.32 7.99 -4.78
C SER A 119 -2.41 8.88 -4.17
N ASN A 120 -2.05 10.08 -3.69
CA ASN A 120 -3.04 11.00 -3.11
C ASN A 120 -3.96 11.48 -4.22
N MSE A 121 -4.98 10.69 -4.53
CA MSE A 121 -5.86 11.06 -5.63
C MSE A 121 -7.27 11.38 -5.27
O MSE A 121 -8.14 11.39 -6.14
CB MSE A 121 -5.88 9.95 -6.68
CG MSE A 121 -4.82 10.14 -7.73
SE MSE A 121 -4.98 11.92 -8.47
CE MSE A 121 -5.91 11.49 -10.12
N GLY A 122 -7.48 11.61 -3.96
CA GLY A 122 -8.80 11.93 -3.46
C GLY A 122 -9.86 11.21 -4.27
N CYS A 123 -10.97 11.91 -4.49
CA CYS A 123 -12.09 11.39 -5.26
C CYS A 123 -11.93 11.79 -6.72
N THR A 124 -11.63 10.81 -7.58
CA THR A 124 -11.38 11.02 -9.01
C THR A 124 -12.51 10.42 -9.89
N LEU A 125 -12.79 11.10 -11.01
CA LEU A 125 -13.79 10.65 -11.98
C LEU A 125 -13.09 10.65 -13.35
N ILE A 126 -12.96 9.48 -13.97
CA ILE A 126 -12.29 9.36 -15.26
C ILE A 126 -13.30 9.48 -16.40
N LEU A 127 -13.04 10.44 -17.28
CA LEU A 127 -13.90 10.76 -18.42
C LEU A 127 -13.17 10.34 -19.69
N GLY A 128 -13.89 9.82 -20.67
CA GLY A 128 -13.21 9.40 -21.88
C GLY A 128 -13.22 10.39 -23.03
N ASP A 129 -14.33 11.11 -23.17
CA ASP A 129 -14.50 12.08 -24.26
C ASP A 129 -14.84 13.48 -23.78
N SER A 130 -14.11 14.47 -24.31
CA SER A 130 -14.33 15.86 -23.91
C SER A 130 -15.58 16.49 -24.50
N GLY A 131 -16.17 15.86 -25.52
CA GLY A 131 -17.38 16.43 -26.13
C GLY A 131 -18.71 15.81 -25.73
N ASN A 132 -18.71 14.80 -24.85
CA ASN A 132 -20.00 14.20 -24.49
C ASN A 132 -20.61 15.01 -23.35
N ASP A 133 -21.30 16.08 -23.73
CA ASP A 133 -21.95 16.95 -22.77
C ASP A 133 -22.53 16.13 -21.64
N PHE A 134 -23.10 14.98 -21.98
CA PHE A 134 -23.69 14.14 -20.96
C PHE A 134 -22.71 13.83 -19.84
N LEU A 135 -21.54 13.28 -20.18
CA LEU A 135 -20.58 12.95 -19.13
C LEU A 135 -19.92 14.17 -18.51
N ILE A 136 -19.86 15.28 -19.22
CA ILE A 136 -19.26 16.43 -18.58
C ILE A 136 -20.35 16.97 -17.68
N GLN A 137 -21.56 17.03 -18.22
CA GLN A 137 -22.71 17.51 -17.45
C GLN A 137 -22.94 16.53 -16.34
N MSE A 138 -22.51 15.28 -16.52
CA MSE A 138 -22.70 14.28 -15.46
C MSE A 138 -21.80 14.56 -14.27
O MSE A 138 -22.27 14.67 -13.13
CB MSE A 138 -22.41 12.86 -15.90
CG MSE A 138 -22.57 11.89 -14.71
SE MSE A 138 -21.66 10.16 -14.78
CE MSE A 138 -22.98 9.29 -15.90
N PHE A 139 -20.50 14.60 -14.54
CA PHE A 139 -19.51 14.82 -13.51
C PHE A 139 -19.76 16.13 -12.75
N HIS A 140 -20.46 17.06 -13.40
CA HIS A 140 -20.79 18.32 -12.75
C HIS A 140 -21.70 18.01 -11.56
N TYR A 141 -22.80 17.29 -11.79
CA TYR A 141 -23.73 16.99 -10.70
C TYR A 141 -22.99 16.34 -9.53
N ILE A 142 -22.27 15.26 -9.84
CA ILE A 142 -21.48 14.55 -8.83
C ILE A 142 -20.68 15.56 -8.01
N LYS A 143 -19.87 16.37 -8.69
CA LYS A 143 -19.05 17.37 -7.99
C LYS A 143 -19.95 18.36 -7.25
N THR A 144 -21.03 18.79 -7.89
CA THR A 144 -21.96 19.73 -7.27
C THR A 144 -22.29 19.29 -5.86
N CYS A 145 -22.86 18.10 -5.76
CA CYS A 145 -23.26 17.55 -4.48
C CYS A 145 -22.04 17.24 -3.62
N MSE A 146 -20.90 17.03 -4.25
CA MSE A 146 -19.66 16.73 -3.54
C MSE A 146 -19.17 17.90 -2.67
O MSE A 146 -19.16 17.80 -1.44
CB MSE A 146 -18.53 16.37 -4.51
CG MSE A 146 -18.65 14.99 -5.17
SE MSE A 146 -18.58 13.46 -4.01
CE MSE A 146 -16.74 13.63 -3.46
N ALA A 147 -18.73 18.97 -3.33
CA ALA A 147 -18.21 20.18 -2.70
C ALA A 147 -18.66 20.32 -1.25
N PRO A 148 -17.74 20.64 -0.34
CA PRO A 148 -16.30 20.87 -0.51
C PRO A 148 -15.36 19.66 -0.62
N LEU A 149 -15.87 18.43 -0.55
CA LEU A 149 -14.97 17.29 -0.71
C LEU A 149 -14.55 17.46 -2.16
N PRO A 150 -13.25 17.68 -2.43
CA PRO A 150 -12.89 17.85 -3.84
C PRO A 150 -13.10 16.57 -4.66
N CYS A 151 -13.62 16.76 -5.87
CA CYS A 151 -13.87 15.66 -6.81
C CYS A 151 -13.23 16.17 -8.10
N SER A 152 -12.22 15.44 -8.58
CA SER A 152 -11.46 15.88 -9.73
C SER A 152 -11.47 14.94 -10.93
N VAL A 153 -11.67 15.54 -12.10
CA VAL A 153 -11.77 14.77 -13.33
C VAL A 153 -10.48 14.60 -14.12
N TYR A 154 -10.23 13.36 -14.52
CA TYR A 154 -9.07 13.01 -15.32
C TYR A 154 -9.63 12.63 -16.69
N LEU A 155 -9.19 13.31 -17.73
CA LEU A 155 -9.67 13.03 -19.09
C LEU A 155 -8.62 12.32 -19.95
N ILE A 156 -9.06 11.29 -20.68
CA ILE A 156 -8.17 10.57 -21.59
C ILE A 156 -8.76 10.77 -22.99
N GLU A 157 -8.23 11.71 -23.76
CA GLU A 157 -8.76 11.97 -25.10
C GLU A 157 -8.39 10.88 -26.11
N HIS A 158 -7.12 10.48 -26.13
CA HIS A 158 -6.65 9.45 -27.06
C HIS A 158 -7.20 8.05 -26.75
N PRO A 159 -7.68 7.33 -27.78
CA PRO A 159 -8.24 5.99 -27.62
C PRO A 159 -7.26 4.99 -27.00
N SER A 160 -5.97 5.18 -27.26
CA SER A 160 -4.96 4.28 -26.73
C SER A 160 -5.16 3.90 -25.27
N LEU A 161 -5.44 4.91 -24.45
CA LEU A 161 -5.61 4.70 -23.01
C LEU A 161 -7.04 4.50 -22.55
N LYS A 162 -7.97 4.21 -23.45
CA LYS A 162 -9.34 3.99 -22.99
C LYS A 162 -10.10 2.80 -23.57
N TYR A 163 -10.00 2.61 -24.87
CA TYR A 163 -10.69 1.51 -25.56
C TYR A 163 -10.32 0.13 -24.98
N ALA A 164 -9.22 0.05 -24.24
CA ALA A 164 -8.78 -1.22 -23.66
C ALA A 164 -9.30 -1.51 -22.26
N THR A 165 -9.82 -0.52 -21.55
CA THR A 165 -10.29 -0.73 -20.17
C THR A 165 -11.52 -1.60 -20.02
N THR A 166 -11.80 -2.00 -18.80
CA THR A 166 -12.95 -2.85 -18.53
C THR A 166 -14.29 -2.18 -18.77
N ARG A 167 -14.44 -0.94 -18.31
CA ARG A 167 -15.72 -0.25 -18.47
C ARG A 167 -15.98 0.09 -19.93
N SER A 168 -15.02 -0.20 -20.81
CA SER A 168 -15.14 0.14 -22.23
C SER A 168 -16.30 -0.50 -22.98
N ILE A 169 -16.85 -1.58 -22.46
CA ILE A 169 -17.99 -2.20 -23.14
C ILE A 169 -19.26 -1.36 -22.93
N ALA A 170 -19.12 -0.24 -22.21
CA ALA A 170 -20.23 0.65 -21.93
C ALA A 170 -20.48 1.76 -22.93
N LYS A 171 -21.75 2.05 -23.20
CA LYS A 171 -22.08 3.17 -24.07
C LYS A 171 -21.46 4.41 -23.41
N TYR A 172 -21.66 4.54 -22.09
CA TYR A 172 -21.09 5.63 -21.28
C TYR A 172 -20.18 4.99 -20.22
N PRO A 173 -18.86 5.17 -20.34
CA PRO A 173 -17.96 4.56 -19.35
C PRO A 173 -17.79 5.46 -18.13
N VAL A 174 -17.66 4.85 -16.96
CA VAL A 174 -17.42 5.64 -15.76
C VAL A 174 -16.39 5.00 -14.82
N GLY A 175 -15.17 5.52 -14.84
CA GLY A 175 -14.17 5.01 -13.92
C GLY A 175 -14.32 5.82 -12.63
N ILE A 176 -14.32 5.14 -11.49
CA ILE A 176 -14.39 5.83 -10.20
C ILE A 176 -13.01 5.59 -9.62
N GLU A 177 -12.39 6.64 -9.10
CA GLU A 177 -11.03 6.51 -8.58
C GLU A 177 -10.84 7.41 -7.38
N VAL A 178 -10.43 6.80 -6.27
CA VAL A 178 -10.20 7.56 -5.04
C VAL A 178 -8.79 7.23 -4.56
N GLY A 179 -8.12 8.24 -3.98
CA GLY A 179 -6.80 8.09 -3.42
C GLY A 179 -6.78 8.93 -2.16
N PRO A 180 -5.94 8.62 -1.16
CA PRO A 180 -4.98 7.51 -1.13
C PRO A 180 -5.34 6.36 -0.19
N GLN A 181 -4.96 5.15 -0.57
CA GLN A 181 -5.19 3.96 0.25
C GLN A 181 -4.12 2.93 -0.13
N PRO A 182 -3.57 2.16 0.84
CA PRO A 182 -2.56 1.18 0.43
C PRO A 182 -3.27 -0.01 -0.21
N HIS A 183 -2.66 -0.65 -1.20
CA HIS A 183 -3.32 -1.83 -1.77
C HIS A 183 -3.43 -2.86 -0.65
N GLY A 184 -4.42 -3.74 -0.75
CA GLY A 184 -4.63 -4.74 0.28
C GLY A 184 -5.12 -4.16 1.61
N VAL A 185 -5.51 -2.89 1.60
CA VAL A 185 -6.01 -2.22 2.82
C VAL A 185 -7.42 -1.66 2.61
N LEU A 186 -8.27 -1.80 3.64
CA LEU A 186 -9.63 -1.24 3.62
C LEU A 186 -9.70 -0.12 4.69
N ARG A 187 -9.78 1.14 4.26
CA ARG A 187 -9.90 2.28 5.19
C ARG A 187 -11.35 2.82 5.05
N ALA A 188 -12.08 2.94 6.15
CA ALA A 188 -13.45 3.44 6.11
C ALA A 188 -13.58 4.82 5.44
N ASP A 189 -12.55 5.65 5.57
CA ASP A 189 -12.65 6.99 4.98
C ASP A 189 -12.89 6.92 3.47
N ILE A 190 -11.96 6.28 2.78
CA ILE A 190 -12.03 6.13 1.32
C ILE A 190 -13.32 5.42 0.87
N LEU A 191 -13.75 4.42 1.66
CA LEU A 191 -14.95 3.65 1.36
C LEU A 191 -16.14 4.61 1.43
N ASP A 192 -16.10 5.52 2.40
CA ASP A 192 -17.21 6.46 2.51
C ASP A 192 -17.10 7.46 1.37
N GLN A 193 -15.89 7.74 0.89
CA GLN A 193 -15.76 8.70 -0.20
C GLN A 193 -16.26 8.16 -1.54
N MSE A 194 -15.62 7.11 -2.00
CA MSE A 194 -15.99 6.50 -3.27
C MSE A 194 -17.52 6.42 -3.38
O MSE A 194 -18.09 6.86 -4.38
CB MSE A 194 -15.34 5.10 -3.38
CG MSE A 194 -14.76 4.78 -4.81
SE MSE A 194 -13.22 3.52 -4.92
CE MSE A 194 -14.23 1.93 -5.04
N ARG A 195 -18.15 5.89 -2.32
CA ARG A 195 -19.61 5.68 -2.27
C ARG A 195 -20.44 6.95 -2.37
N ARG A 196 -19.98 8.04 -1.77
CA ARG A 196 -20.75 9.28 -1.88
C ARG A 196 -20.78 9.66 -3.37
N MSE A 197 -19.63 9.58 -4.02
CA MSE A 197 -19.57 9.89 -5.45
C MSE A 197 -20.60 9.08 -6.24
O MSE A 197 -21.30 9.63 -7.09
CB MSE A 197 -18.18 9.60 -5.99
CG MSE A 197 -17.07 10.35 -5.26
SE MSE A 197 -15.34 9.72 -5.91
CE MSE A 197 -15.46 10.69 -7.57
N LEU A 198 -20.69 7.77 -5.99
CA LEU A 198 -21.63 6.94 -6.75
C LEU A 198 -23.06 7.37 -6.46
N LYS A 199 -23.33 7.74 -5.20
CA LYS A 199 -24.67 8.19 -4.84
C LYS A 199 -25.06 9.42 -5.63
N HIS A 200 -24.08 10.27 -5.93
CA HIS A 200 -24.36 11.50 -6.68
C HIS A 200 -24.19 11.29 -8.17
N ALA A 201 -23.60 10.17 -8.55
CA ALA A 201 -23.40 9.84 -9.96
C ALA A 201 -24.71 9.26 -10.45
N LEU A 202 -25.38 8.54 -9.54
CA LEU A 202 -26.64 7.86 -9.87
C LEU A 202 -27.82 8.84 -9.80
N ASP A 203 -27.83 9.73 -8.81
CA ASP A 203 -28.93 10.67 -8.74
C ASP A 203 -29.04 11.48 -10.02
N PHE A 204 -27.90 11.77 -10.62
CA PHE A 204 -27.91 12.52 -11.85
C PHE A 204 -28.70 11.76 -12.92
N ILE A 205 -28.25 10.55 -13.25
CA ILE A 205 -28.93 9.75 -14.25
C ILE A 205 -30.44 9.73 -13.94
N GLN A 206 -30.82 9.51 -12.67
CA GLN A 206 -32.23 9.51 -12.34
C GLN A 206 -32.85 10.83 -12.79
N ARG A 207 -32.64 11.88 -11.99
CA ARG A 207 -33.17 13.20 -12.29
C ARG A 207 -33.12 13.47 -13.81
N PHE A 208 -32.05 13.04 -14.45
CA PHE A 208 -31.94 13.27 -15.88
C PHE A 208 -32.89 12.34 -16.63
N ASN A 209 -33.16 11.16 -16.10
CA ASN A 209 -34.09 10.26 -16.75
C ASN A 209 -35.49 10.81 -16.51
N GLU A 210 -35.72 11.34 -15.31
CA GLU A 210 -37.01 11.93 -14.95
C GLU A 210 -37.29 13.17 -15.79
N GLY A 211 -36.63 13.25 -16.93
CA GLY A 211 -36.84 14.36 -17.83
C GLY A 211 -36.28 15.72 -17.45
N LYS A 212 -35.75 15.89 -16.23
CA LYS A 212 -35.23 17.20 -15.84
C LYS A 212 -34.16 17.71 -16.81
N GLU A 213 -34.11 19.03 -16.98
CA GLU A 213 -33.15 19.63 -17.89
C GLU A 213 -32.04 20.43 -17.22
N PHE A 214 -30.92 19.77 -16.95
CA PHE A 214 -29.77 20.42 -16.33
C PHE A 214 -29.29 21.52 -17.26
N PRO A 215 -28.78 22.62 -16.70
CA PRO A 215 -28.29 23.77 -17.48
C PRO A 215 -26.85 23.60 -17.98
N PRO A 216 -26.47 24.34 -19.04
CA PRO A 216 -25.10 24.20 -19.55
C PRO A 216 -24.02 24.48 -18.47
N CYS A 217 -22.94 23.70 -18.48
CA CYS A 217 -21.85 23.88 -17.53
C CYS A 217 -20.51 23.81 -18.27
N ALA A 218 -19.42 23.73 -17.50
CA ALA A 218 -18.07 23.67 -18.03
C ALA A 218 -17.15 23.05 -16.97
N ILE A 219 -17.32 21.77 -16.65
CA ILE A 219 -16.46 21.20 -15.63
C ILE A 219 -15.01 21.30 -16.04
N ASP A 220 -14.15 21.67 -15.10
CA ASP A 220 -12.73 21.71 -15.39
C ASP A 220 -12.28 20.24 -15.27
N VAL A 221 -11.37 19.82 -16.14
CA VAL A 221 -10.85 18.45 -16.10
C VAL A 221 -9.35 18.51 -16.31
N TYR A 222 -8.70 17.36 -16.21
CA TYR A 222 -7.25 17.27 -16.39
C TYR A 222 -7.05 16.18 -17.40
N LYS A 223 -6.51 16.57 -18.54
CA LYS A 223 -6.27 15.69 -19.67
C LYS A 223 -4.82 15.31 -19.69
N ILE A 224 -4.54 14.02 -19.81
CA ILE A 224 -3.16 13.59 -19.77
C ILE A 224 -2.33 13.99 -21.00
N MSE A 225 -1.08 14.36 -20.75
CA MSE A 225 -0.16 14.77 -21.82
C MSE A 225 0.92 13.74 -22.03
O MSE A 225 1.19 13.32 -23.16
CB MSE A 225 0.52 16.10 -21.49
CG MSE A 225 -0.38 17.28 -21.35
SE MSE A 225 0.68 18.91 -21.38
CE MSE A 225 0.53 19.47 -19.51
N GLU A 226 1.57 13.32 -20.94
CA GLU A 226 2.62 12.32 -21.04
C GLU A 226 3.15 11.83 -19.70
N LYS A 227 3.44 10.53 -19.66
CA LYS A 227 3.98 9.91 -18.45
C LYS A 227 5.44 10.32 -18.25
N VAL A 228 5.92 10.15 -17.01
CA VAL A 228 7.31 10.46 -16.69
C VAL A 228 7.83 9.23 -15.96
N ASP A 229 8.98 8.70 -16.40
CA ASP A 229 9.54 7.54 -15.73
C ASP A 229 10.48 7.97 -14.60
N TYR A 230 10.68 7.06 -13.65
CA TYR A 230 11.63 7.30 -12.58
C TYR A 230 12.99 7.20 -13.30
N PRO A 231 14.03 7.91 -12.81
CA PRO A 231 15.35 7.83 -13.44
C PRO A 231 15.76 6.38 -13.15
N ARG A 232 16.54 5.74 -14.02
CA ARG A 232 16.92 4.34 -13.78
C ARG A 232 18.39 4.05 -14.01
N ASN A 233 18.87 2.98 -13.38
CA ASN A 233 20.27 2.59 -13.55
C ASN A 233 20.38 1.67 -14.76
N GLU A 234 21.61 1.50 -15.25
CA GLU A 234 21.87 0.66 -16.42
C GLU A 234 21.02 -0.61 -16.37
N SER A 235 21.06 -1.29 -15.23
CA SER A 235 20.31 -2.51 -15.04
C SER A 235 18.80 -2.29 -14.94
N GLY A 236 18.35 -1.11 -15.35
CA GLY A 236 16.93 -0.81 -15.34
C GLY A 236 16.26 -0.67 -13.99
N ASP A 237 17.05 -0.62 -12.92
CA ASP A 237 16.47 -0.45 -11.58
C ASP A 237 16.31 1.03 -11.27
N VAL A 238 15.33 1.33 -10.44
CA VAL A 238 15.03 2.69 -10.02
C VAL A 238 16.30 3.32 -9.43
N ALA A 239 16.70 4.50 -9.92
CA ALA A 239 17.92 5.15 -9.43
C ALA A 239 17.63 6.43 -8.62
N ALA A 240 16.34 6.74 -8.46
CA ALA A 240 15.91 7.92 -7.72
C ALA A 240 14.46 7.76 -7.33
N VAL A 241 14.04 8.46 -6.29
CA VAL A 241 12.65 8.35 -5.86
C VAL A 241 11.95 9.69 -6.00
N ILE A 242 10.61 9.66 -5.98
CA ILE A 242 9.86 10.91 -6.07
C ILE A 242 10.38 11.82 -4.98
N HIS A 243 10.92 12.98 -5.39
CA HIS A 243 11.44 13.96 -4.43
C HIS A 243 10.31 14.10 -3.42
N PRO A 244 10.64 14.18 -2.12
CA PRO A 244 9.58 14.31 -1.12
C PRO A 244 8.63 15.48 -1.23
N ASN A 245 9.03 16.58 -1.87
CA ASN A 245 8.12 17.73 -2.02
C ASN A 245 7.09 17.55 -3.16
N LEU A 246 7.28 16.52 -3.98
CA LEU A 246 6.36 16.23 -5.07
C LEU A 246 5.39 15.15 -4.55
N GLN A 247 5.80 14.50 -3.46
CA GLN A 247 4.96 13.48 -2.83
C GLN A 247 3.63 14.06 -2.36
N ASP A 248 2.54 13.33 -2.66
CA ASP A 248 1.18 13.73 -2.26
C ASP A 248 0.66 15.00 -2.88
N GLN A 249 1.39 15.56 -3.83
CA GLN A 249 0.93 16.81 -4.40
C GLN A 249 0.20 16.59 -5.71
N ASP A 250 -0.36 15.40 -5.86
CA ASP A 250 -1.15 15.09 -7.06
C ASP A 250 -2.06 16.28 -7.28
N TRP A 251 -2.15 16.70 -8.55
CA TRP A 251 -2.98 17.83 -9.02
C TRP A 251 -2.30 19.19 -8.96
N LYS A 252 -1.45 19.41 -7.96
CA LYS A 252 -0.81 20.72 -7.81
C LYS A 252 0.05 21.00 -9.02
N PRO A 253 0.01 22.24 -9.55
CA PRO A 253 0.80 22.58 -10.73
C PRO A 253 2.28 22.51 -10.39
N LEU A 254 3.04 21.91 -11.29
CA LEU A 254 4.49 21.76 -11.13
C LEU A 254 5.12 22.78 -12.05
N HIS A 255 6.06 23.54 -11.50
CA HIS A 255 6.75 24.56 -12.28
C HIS A 255 8.12 24.03 -12.73
N PRO A 256 8.74 24.65 -13.74
CA PRO A 256 10.05 24.21 -14.25
C PRO A 256 11.14 23.86 -13.22
N GLY A 257 11.50 24.79 -12.34
CA GLY A 257 12.54 24.48 -11.37
C GLY A 257 12.04 23.84 -10.07
N ASP A 258 10.90 23.16 -10.11
CA ASP A 258 10.35 22.55 -8.90
C ASP A 258 10.99 21.18 -8.67
N PRO A 259 10.88 20.63 -7.46
CA PRO A 259 11.48 19.31 -7.23
C PRO A 259 10.57 18.20 -7.74
N VAL A 260 11.17 17.21 -8.40
CA VAL A 260 10.43 16.10 -8.98
C VAL A 260 11.00 14.74 -8.49
N PHE A 261 12.31 14.69 -8.29
CA PHE A 261 12.96 13.48 -7.77
C PHE A 261 14.10 13.88 -6.86
N VAL A 262 14.44 13.00 -5.92
CA VAL A 262 15.57 13.25 -5.03
C VAL A 262 16.38 11.96 -5.06
N SER A 263 17.70 12.06 -4.98
CA SER A 263 18.52 10.86 -5.01
C SER A 263 19.10 10.63 -3.61
N LEU A 264 19.54 9.41 -3.31
CA LEU A 264 20.08 9.10 -1.99
C LEU A 264 21.05 10.16 -1.45
N ASP A 265 21.78 10.79 -2.35
CA ASP A 265 22.73 11.83 -1.96
C ASP A 265 22.03 13.12 -1.62
N GLY A 266 20.73 13.17 -1.84
CA GLY A 266 19.99 14.38 -1.52
C GLY A 266 19.97 15.40 -2.65
N LYS A 267 20.57 15.06 -3.79
CA LYS A 267 20.58 15.95 -4.96
C LYS A 267 19.15 15.99 -5.51
N VAL A 268 18.69 17.17 -5.93
CA VAL A 268 17.34 17.33 -6.46
C VAL A 268 17.27 17.32 -7.98
N ILE A 269 16.11 16.92 -8.51
CA ILE A 269 15.91 16.91 -9.94
C ILE A 269 14.57 17.56 -10.26
N PRO A 270 14.61 18.79 -10.84
CA PRO A 270 13.40 19.53 -11.20
C PRO A 270 12.70 19.03 -12.46
N LEU A 271 11.45 19.44 -12.60
CA LEU A 271 10.65 19.06 -13.75
C LEU A 271 11.31 19.48 -15.04
N GLY A 272 11.75 20.73 -15.12
CA GLY A 272 12.35 21.19 -16.36
C GLY A 272 11.23 21.47 -17.35
N GLY A 273 11.58 21.69 -18.61
CA GLY A 273 10.55 21.95 -19.62
C GLY A 273 10.18 23.42 -19.75
N ASP A 274 9.13 23.70 -20.51
CA ASP A 274 8.71 25.09 -20.73
C ASP A 274 7.29 25.44 -20.27
N CYS A 275 6.90 25.04 -19.06
CA CYS A 275 5.55 25.36 -18.60
C CYS A 275 5.17 24.71 -17.28
N THR A 276 3.97 25.03 -16.82
CA THR A 276 3.44 24.47 -15.57
C THR A 276 2.51 23.30 -15.87
N VAL A 277 2.83 22.13 -15.35
CA VAL A 277 2.01 20.93 -15.58
C VAL A 277 1.25 20.47 -14.33
N TYR A 278 0.44 19.42 -14.49
CA TYR A 278 -0.33 18.87 -13.40
C TYR A 278 -0.01 17.39 -13.30
N PRO A 279 0.46 16.93 -12.13
CA PRO A 279 0.80 15.52 -11.97
C PRO A 279 -0.36 14.70 -11.46
N VAL A 280 -0.52 13.49 -11.99
CA VAL A 280 -1.55 12.57 -11.51
C VAL A 280 -0.87 11.22 -11.32
N PHE A 281 -1.38 10.46 -10.35
CA PHE A 281 -0.85 9.15 -10.02
C PHE A 281 0.62 9.21 -9.63
N VAL A 282 0.93 10.17 -8.78
CA VAL A 282 2.29 10.32 -8.29
C VAL A 282 2.49 9.14 -7.33
N ASN A 283 3.50 8.32 -7.57
CA ASN A 283 3.80 7.18 -6.72
C ASN A 283 2.65 6.15 -6.53
N GLU A 284 2.16 5.60 -7.63
CA GLU A 284 1.13 4.56 -7.58
C GLU A 284 1.93 3.25 -7.62
N ALA A 285 1.67 2.33 -6.68
CA ALA A 285 2.46 1.08 -6.65
C ALA A 285 2.38 0.22 -7.92
N ALA A 286 1.21 0.17 -8.56
CA ALA A 286 1.04 -0.66 -9.74
C ALA A 286 1.76 -0.15 -10.97
N TYR A 287 2.24 1.09 -10.92
CA TYR A 287 2.91 1.70 -12.07
C TYR A 287 4.43 1.62 -12.18
N TYR A 288 5.12 1.26 -11.09
CA TYR A 288 6.55 1.12 -11.22
C TYR A 288 6.83 0.16 -12.40
N GLU A 289 6.08 -0.94 -12.47
CA GLU A 289 6.28 -1.93 -13.53
C GLU A 289 5.87 -1.43 -14.92
N LYS A 290 4.99 -0.43 -14.97
CA LYS A 290 4.62 0.12 -16.28
C LYS A 290 5.58 1.27 -16.56
N LYS A 291 6.64 1.33 -15.75
CA LYS A 291 7.69 2.36 -15.87
C LYS A 291 7.14 3.77 -15.77
N GLU A 292 6.45 4.04 -14.66
CA GLU A 292 5.88 5.36 -14.47
C GLU A 292 6.09 5.87 -13.04
N ALA A 293 6.47 7.14 -12.94
CA ALA A 293 6.62 7.81 -11.64
C ALA A 293 5.35 8.65 -11.42
N PHE A 294 4.86 9.28 -12.48
CA PHE A 294 3.63 10.06 -12.47
C PHE A 294 3.28 10.41 -13.91
N ALA A 295 2.08 10.97 -14.11
CA ALA A 295 1.65 11.39 -15.43
C ALA A 295 1.49 12.90 -15.40
N LYS A 296 1.64 13.54 -16.56
CA LYS A 296 1.45 14.98 -16.66
C LYS A 296 0.13 15.24 -17.38
N THR A 297 -0.72 16.09 -16.80
CA THR A 297 -1.99 16.47 -17.41
C THR A 297 -1.97 17.99 -17.65
N THR A 298 -2.87 18.47 -18.51
CA THR A 298 -2.98 19.91 -18.76
C THR A 298 -4.33 20.31 -18.21
N LYS A 299 -4.48 21.59 -17.90
CA LYS A 299 -5.75 22.03 -17.34
C LYS A 299 -6.55 22.82 -18.35
N LEU A 300 -7.19 22.12 -19.28
CA LEU A 300 -8.03 22.79 -20.26
C LEU A 300 -9.33 23.05 -19.52
N THR A 301 -10.37 23.46 -20.25
CA THR A 301 -11.67 23.76 -19.66
C THR A 301 -12.72 23.33 -20.69
N LEU A 302 -13.55 22.34 -20.35
CA LEU A 302 -14.59 21.92 -21.29
C LEU A 302 -15.84 22.74 -21.08
N ASN A 303 -16.83 22.52 -21.92
CA ASN A 303 -18.08 23.23 -21.81
C ASN A 303 -19.19 22.29 -22.24
N ALA A 304 -20.14 22.06 -21.33
CA ALA A 304 -21.28 21.19 -21.59
C ALA A 304 -22.53 21.98 -22.00
N LYS A 305 -23.16 21.59 -23.10
CA LYS A 305 -24.38 22.25 -23.54
C LYS A 305 -25.51 21.70 -22.68
N SER A 306 -26.64 22.41 -22.67
CA SER A 306 -27.82 21.99 -21.91
C SER A 306 -28.19 20.59 -22.44
N ILE A 307 -28.97 19.84 -21.67
CA ILE A 307 -29.40 18.49 -22.09
C ILE A 307 -30.65 18.00 -21.37
N ARG A 308 -31.28 16.96 -21.91
CA ARG A 308 -32.48 16.37 -21.32
C ARG A 308 -32.82 15.05 -22.03
N SER A 309 -33.57 14.18 -21.36
CA SER A 309 -33.93 12.92 -21.97
C SER A 309 -35.14 13.05 -22.88
N THR A 310 -35.18 12.24 -23.93
CA THR A 310 -36.32 12.25 -24.86
C THR A 310 -37.49 11.50 -24.23
N CYS B 4 27.95 -2.86 36.36
CA CYS B 4 28.17 -2.69 34.88
C CYS B 4 28.38 -3.97 34.08
N VAL B 5 27.53 -4.20 33.07
CA VAL B 5 27.62 -5.38 32.22
C VAL B 5 28.70 -5.17 31.15
N ALA B 6 29.75 -5.99 31.18
CA ALA B 6 30.79 -5.89 30.16
C ALA B 6 30.48 -6.89 29.04
N GLU B 7 30.79 -6.51 27.81
CA GLU B 7 30.54 -7.38 26.65
C GLU B 7 31.69 -7.23 25.67
N GLU B 8 31.90 -8.26 24.85
CA GLU B 8 32.98 -8.24 23.86
C GLU B 8 32.70 -7.21 22.76
N PRO B 9 33.75 -6.59 22.20
CA PRO B 9 33.65 -5.60 21.13
C PRO B 9 32.97 -6.23 19.93
N ILE B 10 31.80 -5.70 19.54
CA ILE B 10 31.03 -6.20 18.40
C ILE B 10 31.87 -6.09 17.13
N LYS B 11 31.79 -7.08 16.25
CA LYS B 11 32.58 -7.03 15.03
C LYS B 11 31.76 -7.13 13.74
N LYS B 12 31.14 -8.29 13.51
CA LYS B 12 30.36 -8.52 12.30
C LYS B 12 28.90 -8.05 12.41
N ILE B 13 28.43 -7.34 11.37
CA ILE B 13 27.08 -6.76 11.32
C ILE B 13 26.32 -7.16 10.06
N ALA B 14 25.13 -7.74 10.20
CA ALA B 14 24.35 -8.08 9.01
C ALA B 14 23.15 -7.15 8.91
N ILE B 15 23.01 -6.45 7.77
CA ILE B 15 21.84 -5.58 7.56
C ILE B 15 21.10 -6.28 6.44
N PHE B 16 19.93 -6.82 6.78
CA PHE B 16 19.11 -7.58 5.83
C PHE B 16 18.07 -6.68 5.16
N GLY B 17 17.89 -6.86 3.86
CA GLY B 17 16.91 -6.13 3.11
C GLY B 17 15.98 -7.13 2.45
N GLY B 18 14.81 -6.67 2.03
CA GLY B 18 13.87 -7.56 1.38
C GLY B 18 13.59 -8.89 2.04
N THR B 19 13.40 -8.91 3.35
CA THR B 19 13.06 -10.17 4.01
C THR B 19 11.67 -10.52 3.50
N HIS B 20 10.81 -9.50 3.33
CA HIS B 20 9.49 -9.71 2.69
C HIS B 20 9.74 -8.96 1.36
N GLY B 21 9.34 -9.55 0.23
CA GLY B 21 9.65 -8.98 -1.08
C GLY B 21 9.12 -7.64 -1.58
N ASN B 22 8.04 -7.16 -1.01
CA ASN B 22 7.50 -5.89 -1.50
C ASN B 22 7.68 -4.72 -0.51
N GLU B 23 8.61 -4.88 0.46
CA GLU B 23 8.92 -3.83 1.44
C GLU B 23 10.14 -3.11 0.86
N LEU B 24 9.84 -2.00 0.17
CA LEU B 24 10.86 -1.36 -0.62
C LEU B 24 12.02 -0.56 -0.07
N THR B 25 11.86 0.08 1.08
CA THR B 25 12.99 0.86 1.58
C THR B 25 14.23 0.01 1.85
N GLY B 26 14.04 -1.08 2.61
CA GLY B 26 15.17 -1.95 2.90
C GLY B 26 15.68 -2.64 1.63
N VAL B 27 14.79 -3.11 0.78
CA VAL B 27 15.24 -3.74 -0.47
C VAL B 27 16.09 -2.71 -1.17
N PHE B 28 15.61 -1.45 -1.13
CA PHE B 28 16.30 -0.36 -1.81
C PHE B 28 17.71 -0.12 -1.29
N LEU B 29 17.80 0.09 0.02
CA LEU B 29 19.09 0.37 0.66
C LEU B 29 20.06 -0.78 0.41
N VAL B 30 19.72 -1.93 0.98
CA VAL B 30 20.54 -3.11 0.85
C VAL B 30 20.96 -3.33 -0.61
N THR B 31 20.04 -3.13 -1.55
CA THR B 31 20.40 -3.29 -2.94
C THR B 31 21.46 -2.26 -3.26
N HIS B 32 21.28 -1.06 -2.73
CA HIS B 32 22.22 0.02 -2.98
C HIS B 32 23.60 -0.25 -2.33
N TRP B 33 23.60 -0.38 -1.00
CA TRP B 33 24.86 -0.58 -0.27
C TRP B 33 25.74 -1.74 -0.76
N LEU B 34 25.16 -2.74 -1.42
CA LEU B 34 25.99 -3.84 -1.94
C LEU B 34 27.02 -3.32 -2.90
N LYS B 35 26.66 -2.26 -3.61
CA LYS B 35 27.53 -1.64 -4.61
C LYS B 35 28.38 -0.47 -4.08
N ASN B 36 27.90 0.18 -3.01
CA ASN B 36 28.59 1.34 -2.41
C ASN B 36 28.40 1.29 -0.90
N GLY B 37 29.38 0.75 -0.19
CA GLY B 37 29.24 0.60 1.26
C GLY B 37 29.71 1.65 2.24
N ALA B 38 30.40 2.68 1.76
CA ALA B 38 30.94 3.72 2.66
C ALA B 38 29.94 4.10 3.74
N GLU B 39 28.66 4.11 3.38
CA GLU B 39 27.61 4.47 4.35
C GLU B 39 27.48 3.48 5.50
N VAL B 40 27.59 2.19 5.21
CA VAL B 40 27.43 1.18 6.27
C VAL B 40 28.72 0.88 7.02
N HIS B 41 29.82 1.36 6.46
CA HIS B 41 31.11 1.14 7.09
C HIS B 41 31.26 2.01 8.33
N ARG B 42 31.77 1.42 9.41
CA ARG B 42 32.08 2.17 10.63
C ARG B 42 33.52 1.80 10.96
N ALA B 43 34.24 2.72 11.59
CA ALA B 43 35.62 2.45 11.96
C ALA B 43 35.63 1.34 13.00
N GLY B 44 36.28 0.23 12.65
CA GLY B 44 36.38 -0.91 13.55
C GLY B 44 35.38 -2.02 13.36
N LEU B 45 34.29 -1.74 12.64
CA LEU B 45 33.24 -2.73 12.41
C LEU B 45 33.17 -3.27 10.99
N GLU B 46 32.70 -4.50 10.85
CA GLU B 46 32.51 -5.12 9.54
C GLU B 46 30.98 -5.16 9.41
N VAL B 47 30.44 -4.28 8.58
CA VAL B 47 29.00 -4.20 8.40
C VAL B 47 28.59 -4.73 7.04
N LYS B 48 27.80 -5.80 7.04
CA LYS B 48 27.36 -6.43 5.81
C LYS B 48 25.87 -6.39 5.45
N PRO B 49 25.52 -5.73 4.33
CA PRO B 49 24.13 -5.63 3.86
C PRO B 49 23.84 -6.97 3.16
N PHE B 50 22.61 -7.44 3.18
CA PHE B 50 22.26 -8.72 2.53
C PHE B 50 20.78 -8.76 2.16
N ILE B 51 20.45 -9.26 0.96
CA ILE B 51 19.04 -9.38 0.55
C ILE B 51 18.60 -10.83 0.77
N THR B 52 17.87 -11.02 1.87
CA THR B 52 17.43 -12.31 2.33
C THR B 52 16.51 -13.12 1.45
N ASN B 53 15.46 -12.50 0.90
CA ASN B 53 14.51 -13.22 0.03
C ASN B 53 14.59 -12.60 -1.37
N PRO B 54 15.70 -12.86 -2.08
CA PRO B 54 15.79 -12.26 -3.43
C PRO B 54 14.74 -12.74 -4.42
N ARG B 55 14.13 -13.90 -4.16
CA ARG B 55 13.09 -14.42 -5.06
C ARG B 55 11.79 -13.61 -4.97
N ALA B 56 11.32 -13.36 -3.75
CA ALA B 56 10.09 -12.61 -3.55
C ALA B 56 10.34 -11.17 -3.99
N VAL B 57 11.57 -10.71 -3.84
CA VAL B 57 11.91 -9.35 -4.23
C VAL B 57 11.69 -9.17 -5.74
N GLU B 58 12.28 -10.06 -6.54
CA GLU B 58 12.16 -9.90 -7.99
C GLU B 58 10.70 -9.90 -8.38
N LYS B 59 9.86 -10.59 -7.62
CA LYS B 59 8.43 -10.64 -7.91
C LYS B 59 7.71 -9.45 -7.30
N CYS B 60 8.30 -8.92 -6.23
CA CYS B 60 7.78 -7.78 -5.49
C CYS B 60 6.47 -8.17 -4.81
N THR B 61 6.59 -9.07 -3.85
CA THR B 61 5.46 -9.57 -3.09
C THR B 61 5.97 -9.91 -1.69
N ARG B 62 5.05 -10.16 -0.75
CA ARG B 62 5.45 -10.48 0.63
C ARG B 62 6.20 -11.82 0.74
N TYR B 63 5.90 -12.75 -0.16
CA TYR B 63 6.56 -14.05 -0.23
C TYR B 63 6.04 -14.81 -1.46
N ILE B 64 6.64 -15.96 -1.75
CA ILE B 64 6.26 -16.79 -2.90
C ILE B 64 5.43 -18.00 -2.44
N ASP B 65 6.06 -19.01 -1.86
CA ASP B 65 5.32 -20.19 -1.35
C ASP B 65 5.41 -20.26 0.16
N CYS B 66 6.02 -19.24 0.75
CA CYS B 66 6.18 -19.19 2.19
C CYS B 66 6.92 -17.92 2.60
N ASP B 67 6.61 -17.40 3.78
CA ASP B 67 7.24 -16.18 4.25
C ASP B 67 8.56 -16.52 4.97
N LEU B 68 9.60 -15.76 4.66
CA LEU B 68 10.93 -15.97 5.25
C LEU B 68 10.92 -15.67 6.75
N ASN B 69 10.08 -14.72 7.15
CA ASN B 69 9.98 -14.36 8.57
C ASN B 69 9.03 -15.31 9.30
N ARG B 70 9.30 -16.59 9.16
CA ARG B 70 8.51 -17.63 9.83
C ARG B 70 9.27 -18.96 9.82
N VAL B 71 10.30 -19.07 9.00
CA VAL B 71 11.03 -20.33 8.91
C VAL B 71 12.40 -20.46 9.57
N PHE B 72 12.60 -19.76 10.68
CA PHE B 72 13.89 -19.88 11.37
C PHE B 72 13.74 -20.54 12.72
N ASP B 73 12.61 -21.20 12.93
CA ASP B 73 12.36 -21.90 14.17
C ASP B 73 12.85 -23.32 13.97
N LEU B 74 13.92 -23.67 14.69
CA LEU B 74 14.55 -24.98 14.61
C LEU B 74 13.56 -26.07 14.21
N GLU B 75 12.34 -25.95 14.70
CA GLU B 75 11.27 -26.87 14.39
C GLU B 75 11.26 -27.16 12.90
N ASN B 76 11.20 -26.09 12.11
CA ASN B 76 11.16 -26.20 10.67
C ASN B 76 12.54 -26.05 10.02
N LEU B 77 13.57 -25.82 10.83
CA LEU B 77 14.92 -25.68 10.29
C LEU B 77 15.54 -27.05 10.01
N SER B 78 15.21 -28.03 10.84
CA SER B 78 15.78 -29.36 10.66
C SER B 78 15.10 -30.19 9.57
N LYS B 79 15.29 -29.79 8.33
CA LYS B 79 14.73 -30.52 7.19
C LYS B 79 15.83 -30.80 6.18
N GLU B 80 15.97 -32.06 5.80
CA GLU B 80 16.99 -32.47 4.84
C GLU B 80 16.74 -31.70 3.55
N MSE B 81 17.65 -30.79 3.22
CA MSE B 81 17.52 -29.98 2.01
C MSE B 81 17.25 -30.86 0.79
O MSE B 81 18.15 -31.51 0.26
CB MSE B 81 18.81 -29.17 1.78
CG MSE B 81 18.87 -28.40 0.47
SE MSE B 81 17.55 -26.99 0.32
CE MSE B 81 16.35 -27.88 -0.90
N SER B 82 16.00 -30.88 0.36
CA SER B 82 15.60 -31.67 -0.80
C SER B 82 14.54 -30.95 -1.62
N GLU B 83 14.02 -31.63 -2.64
CA GLU B 83 13.00 -31.05 -3.51
C GLU B 83 11.64 -31.16 -2.84
N ASP B 84 11.65 -31.27 -1.51
CA ASP B 84 10.41 -31.38 -0.75
C ASP B 84 10.35 -30.36 0.39
N LEU B 85 11.09 -29.27 0.26
CA LEU B 85 11.11 -28.23 1.30
C LEU B 85 10.52 -26.91 0.79
N PRO B 86 9.73 -26.22 1.63
CA PRO B 86 9.18 -24.95 1.15
C PRO B 86 10.38 -24.10 0.80
N TYR B 87 10.26 -23.29 -0.25
CA TYR B 87 11.37 -22.45 -0.69
C TYR B 87 11.95 -21.56 0.42
N GLU B 88 11.10 -20.81 1.10
CA GLU B 88 11.59 -19.93 2.18
C GLU B 88 12.28 -20.79 3.23
N VAL B 89 11.96 -22.08 3.26
CA VAL B 89 12.63 -22.96 4.21
C VAL B 89 14.02 -23.23 3.61
N ARG B 90 14.10 -23.36 2.28
CA ARG B 90 15.39 -23.60 1.63
C ARG B 90 16.27 -22.38 1.85
N ARG B 91 15.71 -21.21 1.55
CA ARG B 91 16.44 -19.95 1.70
C ARG B 91 16.86 -19.68 3.16
N ALA B 92 16.00 -20.02 4.11
CA ALA B 92 16.37 -19.82 5.52
C ALA B 92 17.60 -20.63 5.92
N GLN B 93 17.72 -21.85 5.43
CA GLN B 93 18.88 -22.66 5.82
C GLN B 93 20.15 -22.04 5.22
N GLU B 94 20.00 -21.39 4.08
CA GLU B 94 21.12 -20.73 3.45
C GLU B 94 21.61 -19.55 4.30
N ILE B 95 20.67 -18.77 4.83
CA ILE B 95 21.02 -17.62 5.66
C ILE B 95 21.54 -18.07 7.01
N ASN B 96 20.99 -19.18 7.51
CA ASN B 96 21.40 -19.69 8.80
C ASN B 96 22.82 -20.24 8.72
N HIS B 97 23.05 -21.10 7.73
CA HIS B 97 24.35 -21.71 7.55
C HIS B 97 25.37 -20.63 7.19
N LEU B 98 24.89 -19.42 7.00
CA LEU B 98 25.75 -18.30 6.64
C LEU B 98 25.83 -17.21 7.71
N PHE B 99 24.70 -16.89 8.32
CA PHE B 99 24.67 -15.82 9.30
C PHE B 99 24.52 -16.29 10.73
N GLY B 100 24.39 -17.60 10.90
CA GLY B 100 24.27 -18.19 12.21
C GLY B 100 25.39 -19.20 12.36
N PRO B 101 25.09 -20.49 12.52
CA PRO B 101 23.76 -21.11 12.57
C PRO B 101 23.01 -20.54 13.77
N LYS B 102 21.69 -20.55 13.73
CA LYS B 102 20.89 -20.03 14.84
C LYS B 102 21.24 -20.81 16.09
N ASN B 103 21.23 -20.14 17.25
CA ASN B 103 21.54 -20.79 18.52
C ASN B 103 23.02 -21.19 18.61
N SER B 104 23.72 -21.19 17.48
CA SER B 104 25.13 -21.55 17.49
C SER B 104 25.97 -20.64 18.38
N ASP B 105 27.27 -20.61 18.18
CA ASP B 105 28.13 -19.79 19.03
C ASP B 105 28.86 -18.63 18.39
N ASP B 106 29.19 -18.77 17.11
CA ASP B 106 29.88 -17.70 16.39
C ASP B 106 28.89 -16.95 15.48
N ALA B 107 27.69 -16.72 15.97
CA ALA B 107 26.72 -16.03 15.14
C ALA B 107 27.09 -14.54 14.99
N TYR B 108 26.58 -13.89 13.95
CA TYR B 108 26.86 -12.47 13.74
C TYR B 108 26.57 -11.67 15.01
N ASP B 109 27.43 -10.71 15.33
CA ASP B 109 27.22 -9.94 16.53
C ASP B 109 25.86 -9.21 16.43
N VAL B 110 25.63 -8.51 15.32
CA VAL B 110 24.37 -7.79 15.14
C VAL B 110 23.73 -8.05 13.78
N VAL B 111 22.42 -8.27 13.79
CA VAL B 111 21.69 -8.47 12.55
C VAL B 111 20.44 -7.58 12.69
N PHE B 112 20.31 -6.62 11.77
CA PHE B 112 19.15 -5.73 11.73
C PHE B 112 18.27 -6.31 10.61
N ASP B 113 16.96 -6.42 10.87
CA ASP B 113 16.02 -6.91 9.85
C ASP B 113 15.20 -5.65 9.49
N LEU B 114 15.20 -5.29 8.21
CA LEU B 114 14.53 -4.06 7.76
C LEU B 114 13.08 -4.28 7.29
N HIS B 115 12.14 -3.53 7.88
CA HIS B 115 10.73 -3.64 7.55
C HIS B 115 9.99 -2.31 7.38
N ASN B 116 8.96 -2.34 6.54
CA ASN B 116 8.13 -1.14 6.32
C ASN B 116 6.65 -1.49 6.40
N THR B 117 5.92 -0.95 7.38
CA THR B 117 4.50 -1.30 7.42
C THR B 117 3.65 -0.24 6.74
N THR B 118 2.47 -0.67 6.28
CA THR B 118 1.51 0.22 5.65
C THR B 118 0.77 1.03 6.74
N SER B 119 0.89 0.60 8.00
CA SER B 119 0.24 1.27 9.14
C SER B 119 1.07 2.50 9.56
N ASN B 120 0.45 3.44 10.28
CA ASN B 120 1.13 4.67 10.72
C ASN B 120 2.01 4.49 11.95
N MSE B 121 3.01 3.61 11.87
CA MSE B 121 3.83 3.33 13.04
C MSE B 121 5.03 4.17 13.34
O MSE B 121 5.62 4.03 14.42
CB MSE B 121 4.30 1.86 13.01
CG MSE B 121 3.24 0.87 13.48
SE MSE B 121 2.85 1.19 15.37
CE MSE B 121 4.12 -0.07 16.15
N GLY B 122 5.41 5.04 12.40
CA GLY B 122 6.61 5.84 12.62
C GLY B 122 7.82 4.92 12.70
N CYS B 123 8.94 5.48 13.14
CA CYS B 123 10.19 4.71 13.32
C CYS B 123 9.98 3.78 14.49
N THR B 124 10.15 2.48 14.25
CA THR B 124 9.92 1.48 15.30
C THR B 124 11.11 0.51 15.39
N LEU B 125 11.56 0.24 16.62
CA LEU B 125 12.63 -0.72 16.86
C LEU B 125 11.91 -1.85 17.58
N ILE B 126 12.18 -3.09 17.18
CA ILE B 126 11.50 -4.23 17.79
C ILE B 126 12.43 -4.91 18.77
N LEU B 127 12.01 -4.93 20.04
CA LEU B 127 12.82 -5.53 21.09
C LEU B 127 12.24 -6.93 21.39
N GLY B 128 13.09 -7.93 21.60
CA GLY B 128 12.60 -9.27 21.91
C GLY B 128 12.96 -9.78 23.30
N ASP B 129 13.76 -9.01 24.03
CA ASP B 129 14.21 -9.42 25.38
C ASP B 129 14.16 -8.25 26.36
N SER B 130 13.18 -8.27 27.26
CA SER B 130 13.01 -7.19 28.22
C SER B 130 14.14 -7.02 29.25
N GLY B 131 14.98 -8.05 29.37
CA GLY B 131 16.10 -7.97 30.29
C GLY B 131 17.43 -7.68 29.60
N ASN B 132 17.42 -7.40 28.29
CA ASN B 132 18.69 -7.19 27.60
C ASN B 132 19.21 -5.77 27.73
N ASP B 133 19.97 -5.53 28.81
CA ASP B 133 20.53 -4.21 29.09
C ASP B 133 21.12 -3.55 27.85
N PHE B 134 21.82 -4.31 27.02
CA PHE B 134 22.48 -3.72 25.86
C PHE B 134 21.55 -3.28 24.74
N LEU B 135 20.41 -3.94 24.62
CA LEU B 135 19.44 -3.60 23.57
C LEU B 135 18.60 -2.43 24.05
N ILE B 136 18.34 -2.38 25.35
CA ILE B 136 17.60 -1.25 25.90
C ILE B 136 18.54 -0.03 25.76
N GLN B 137 19.86 -0.25 25.92
CA GLN B 137 20.80 0.87 25.75
C GLN B 137 21.07 1.18 24.24
N MSE B 138 21.13 0.15 23.38
CA MSE B 138 21.36 0.44 21.96
C MSE B 138 20.23 1.34 21.49
O MSE B 138 20.46 2.43 20.93
CB MSE B 138 21.30 -0.82 21.06
CG MSE B 138 21.64 -0.45 19.57
SE MSE B 138 21.14 -1.67 18.10
CE MSE B 138 22.72 -2.82 18.09
N PHE B 139 19.01 0.88 21.68
CA PHE B 139 17.89 1.68 21.21
C PHE B 139 17.82 2.99 21.94
N HIS B 140 18.26 3.02 23.20
CA HIS B 140 18.25 4.26 23.99
C HIS B 140 19.04 5.32 23.22
N TYR B 141 20.20 4.89 22.75
CA TYR B 141 21.09 5.75 21.97
C TYR B 141 20.39 6.25 20.69
N ILE B 142 19.86 5.32 19.91
CA ILE B 142 19.16 5.65 18.67
C ILE B 142 18.04 6.62 19.01
N LYS B 143 17.29 6.32 20.07
CA LYS B 143 16.22 7.21 20.48
C LYS B 143 16.75 8.60 20.89
N THR B 144 17.63 8.64 21.89
CA THR B 144 18.16 9.92 22.37
C THR B 144 18.54 10.83 21.24
N CYS B 145 19.16 10.27 20.20
CA CYS B 145 19.59 11.12 19.10
C CYS B 145 18.41 11.71 18.30
N MSE B 146 17.37 10.92 18.12
CA MSE B 146 16.21 11.39 17.37
C MSE B 146 15.34 12.42 18.08
O MSE B 146 14.46 13.02 17.46
CB MSE B 146 15.36 10.19 16.95
CG MSE B 146 16.12 9.23 16.07
SE MSE B 146 15.09 7.69 15.60
CE MSE B 146 13.73 8.53 14.51
N ALA B 147 15.60 12.63 19.37
CA ALA B 147 14.84 13.60 20.14
C ALA B 147 14.67 14.90 19.34
N PRO B 148 13.45 15.49 19.33
CA PRO B 148 12.26 14.99 20.03
C PRO B 148 11.36 14.08 19.20
N LEU B 149 11.83 13.72 18.00
CA LEU B 149 11.11 12.87 17.07
C LEU B 149 10.77 11.50 17.66
N PRO B 150 9.65 10.89 17.22
CA PRO B 150 9.29 9.57 17.76
C PRO B 150 10.14 8.41 17.26
N CYS B 151 10.26 7.40 18.12
CA CYS B 151 10.97 6.16 17.83
C CYS B 151 10.58 5.26 19.01
N SER B 152 9.39 4.68 18.93
CA SER B 152 8.86 3.85 20.01
C SER B 152 9.32 2.43 19.78
N VAL B 153 9.60 1.73 20.89
CA VAL B 153 10.09 0.36 20.78
C VAL B 153 8.97 -0.65 21.04
N TYR B 154 8.97 -1.72 20.25
CA TYR B 154 7.98 -2.80 20.40
C TYR B 154 8.72 -3.89 21.18
N LEU B 155 8.09 -4.39 22.25
CA LEU B 155 8.69 -5.44 23.06
C LEU B 155 7.89 -6.69 22.80
N ILE B 156 8.53 -7.69 22.21
CA ILE B 156 7.91 -8.98 21.88
C ILE B 156 8.77 -9.98 22.64
N GLU B 157 8.29 -10.49 23.77
CA GLU B 157 9.08 -11.39 24.59
C GLU B 157 9.02 -12.91 24.32
N HIS B 158 7.85 -13.48 24.60
CA HIS B 158 7.63 -14.92 24.45
C HIS B 158 8.24 -15.57 23.19
N PRO B 159 8.96 -16.69 23.37
CA PRO B 159 9.61 -17.44 22.29
C PRO B 159 8.63 -17.79 21.18
N SER B 160 7.40 -18.13 21.55
CA SER B 160 6.37 -18.48 20.58
C SER B 160 6.13 -17.31 19.64
N LEU B 161 6.48 -16.11 20.11
CA LEU B 161 6.33 -14.89 19.34
C LEU B 161 7.71 -14.30 19.06
N LYS B 162 8.59 -15.11 18.46
CA LYS B 162 9.95 -14.68 18.15
C LYS B 162 10.82 -15.83 17.65
N TYR B 163 10.51 -17.04 18.12
CA TYR B 163 11.29 -18.22 17.78
C TYR B 163 11.44 -18.57 16.31
N ALA B 164 10.94 -17.72 15.41
CA ALA B 164 11.07 -18.04 14.00
C ALA B 164 11.21 -16.79 13.13
N THR B 165 12.38 -16.17 13.17
CA THR B 165 12.61 -14.97 12.37
C THR B 165 14.03 -14.88 11.82
N THR B 166 14.25 -13.89 10.96
CA THR B 166 15.56 -13.69 10.37
C THR B 166 16.55 -13.04 11.32
N ARG B 167 16.07 -12.17 12.20
CA ARG B 167 16.94 -11.48 13.14
C ARG B 167 17.24 -12.34 14.37
N SER B 168 16.61 -13.52 14.45
CA SER B 168 16.79 -14.40 15.59
C SER B 168 18.07 -15.23 15.59
N ILE B 169 18.77 -15.32 14.46
CA ILE B 169 20.03 -16.07 14.50
C ILE B 169 21.13 -15.24 15.16
N ALA B 170 20.85 -13.96 15.42
CA ALA B 170 21.85 -13.07 16.03
C ALA B 170 21.80 -13.03 17.55
N LYS B 171 22.93 -12.66 18.15
CA LYS B 171 23.05 -12.53 19.60
C LYS B 171 22.26 -11.28 20.05
N TYR B 172 22.16 -10.29 19.16
CA TYR B 172 21.43 -9.06 19.46
C TYR B 172 20.51 -8.79 18.28
N PRO B 173 19.27 -9.31 18.32
CA PRO B 173 18.33 -9.11 17.22
C PRO B 173 17.65 -7.74 17.35
N VAL B 174 17.59 -7.03 16.24
CA VAL B 174 16.95 -5.72 16.22
C VAL B 174 16.01 -5.63 15.04
N GLY B 175 14.91 -4.93 15.24
CA GLY B 175 14.00 -4.74 14.12
C GLY B 175 13.96 -3.25 13.92
N ILE B 176 14.04 -2.80 12.67
CA ILE B 176 13.98 -1.37 12.33
C ILE B 176 12.81 -1.22 11.33
N GLU B 177 11.62 -1.01 11.88
CA GLU B 177 10.37 -0.94 11.14
C GLU B 177 9.87 0.48 11.00
N VAL B 178 9.36 0.85 9.81
CA VAL B 178 8.87 2.22 9.68
C VAL B 178 7.62 2.22 8.81
N GLY B 179 6.62 2.98 9.26
CA GLY B 179 5.37 3.15 8.54
C GLY B 179 4.95 4.58 8.75
N PRO B 180 3.96 5.08 7.99
CA PRO B 180 3.24 4.32 6.97
C PRO B 180 3.75 4.46 5.53
N GLN B 181 3.83 3.34 4.81
CA GLN B 181 4.24 3.30 3.41
C GLN B 181 3.50 2.16 2.72
N PRO B 182 2.82 2.43 1.59
CA PRO B 182 2.11 1.35 0.86
C PRO B 182 3.15 0.30 0.42
N HIS B 183 2.84 -1.00 0.48
CA HIS B 183 3.86 -1.93 0.02
C HIS B 183 4.00 -1.70 -1.49
N GLY B 184 5.12 -2.14 -2.06
CA GLY B 184 5.32 -1.96 -3.50
C GLY B 184 5.77 -0.57 -3.91
N VAL B 185 5.90 0.34 -2.95
CA VAL B 185 6.34 1.72 -3.25
C VAL B 185 7.47 2.17 -2.33
N LEU B 186 8.22 3.16 -2.80
CA LEU B 186 9.34 3.73 -2.04
C LEU B 186 9.01 5.20 -1.79
N ARG B 187 8.93 5.59 -0.51
CA ARG B 187 8.68 6.97 -0.13
C ARG B 187 9.99 7.60 0.31
N ALA B 188 10.26 8.82 -0.12
CA ALA B 188 11.50 9.48 0.26
C ALA B 188 11.48 9.97 1.71
N ASP B 189 10.33 10.38 2.22
CA ASP B 189 10.32 10.84 3.62
C ASP B 189 10.60 9.66 4.55
N ILE B 190 9.94 8.52 4.31
CA ILE B 190 10.13 7.30 5.14
C ILE B 190 11.58 6.85 4.93
N LEU B 191 12.09 7.14 3.73
CA LEU B 191 13.46 6.78 3.37
C LEU B 191 14.45 7.45 4.33
N ASP B 192 14.38 8.78 4.45
CA ASP B 192 15.29 9.52 5.36
C ASP B 192 15.18 8.97 6.79
N GLN B 193 13.96 8.63 7.19
CA GLN B 193 13.75 8.12 8.55
C GLN B 193 14.43 6.77 8.77
N MSE B 194 14.30 5.83 7.84
CA MSE B 194 14.95 4.55 8.08
C MSE B 194 16.47 4.68 8.15
O MSE B 194 17.10 4.07 9.01
CB MSE B 194 14.56 3.50 7.01
CG MSE B 194 15.15 2.15 7.39
SE MSE B 194 14.50 0.68 6.42
CE MSE B 194 12.72 0.54 7.15
N ARG B 195 17.07 5.46 7.24
CA ARG B 195 18.52 5.63 7.24
C ARG B 195 19.00 6.31 8.51
N ARG B 196 18.21 7.23 9.04
CA ARG B 196 18.64 7.90 10.28
C ARG B 196 18.71 6.90 11.41
N MSE B 197 17.82 5.91 11.41
CA MSE B 197 17.86 4.90 12.47
C MSE B 197 19.16 4.13 12.39
O MSE B 197 19.88 3.98 13.38
CB MSE B 197 16.67 3.91 12.33
CG MSE B 197 15.36 4.51 12.82
SE MSE B 197 13.72 3.61 12.30
CE MSE B 197 13.27 2.71 13.97
N LEU B 198 19.48 3.63 11.20
CA LEU B 198 20.69 2.86 11.05
C LEU B 198 21.93 3.69 11.39
N LYS B 199 21.86 4.99 11.14
CA LYS B 199 23.01 5.84 11.46
C LYS B 199 23.32 5.79 12.95
N HIS B 200 22.29 6.06 13.75
CA HIS B 200 22.47 6.06 15.21
C HIS B 200 22.76 4.67 15.75
N ALA B 201 22.25 3.62 15.10
CA ALA B 201 22.54 2.26 15.57
C ALA B 201 24.02 1.96 15.29
N LEU B 202 24.42 2.09 14.03
CA LEU B 202 25.83 1.84 13.69
C LEU B 202 26.77 2.78 14.46
N ASP B 203 26.27 3.96 14.83
CA ASP B 203 27.05 4.92 15.64
C ASP B 203 27.15 4.43 17.10
N PHE B 204 26.05 3.93 17.64
CA PHE B 204 26.07 3.43 19.01
C PHE B 204 27.09 2.29 19.11
N ILE B 205 27.06 1.42 18.11
CA ILE B 205 27.98 0.29 18.13
C ILE B 205 29.47 0.69 18.07
N GLN B 206 29.83 1.58 17.15
CA GLN B 206 31.25 1.95 17.09
C GLN B 206 31.73 2.55 18.40
N ARG B 207 30.90 3.40 19.02
CA ARG B 207 31.30 4.02 20.29
C ARG B 207 31.46 2.97 21.39
N PHE B 208 30.49 2.06 21.50
CA PHE B 208 30.59 1.00 22.50
C PHE B 208 31.94 0.30 22.36
N ASN B 209 32.31 -0.02 21.12
CA ASN B 209 33.60 -0.68 20.90
C ASN B 209 34.79 0.19 21.31
N GLU B 210 34.69 1.49 21.08
CA GLU B 210 35.80 2.39 21.42
C GLU B 210 35.89 2.63 22.92
N GLY B 211 35.09 1.88 23.67
CA GLY B 211 35.14 2.00 25.11
C GLY B 211 34.23 3.04 25.72
N LYS B 212 33.22 3.51 24.98
CA LYS B 212 32.31 4.48 25.58
C LYS B 212 31.64 3.76 26.74
N GLU B 213 31.71 4.36 27.91
CA GLU B 213 31.09 3.75 29.07
C GLU B 213 29.68 4.34 29.19
N PHE B 214 28.69 3.46 29.09
CA PHE B 214 27.28 3.85 29.15
C PHE B 214 26.73 3.67 30.55
N PRO B 215 26.11 4.73 31.12
CA PRO B 215 25.53 4.68 32.46
C PRO B 215 24.19 3.98 32.38
N PRO B 216 23.60 3.63 33.54
CA PRO B 216 22.29 2.97 33.53
C PRO B 216 21.33 3.83 32.69
N CYS B 217 20.29 3.20 32.12
CA CYS B 217 19.31 3.93 31.32
C CYS B 217 17.90 3.34 31.51
N ALA B 218 16.91 4.03 30.95
CA ALA B 218 15.52 3.57 31.00
C ALA B 218 14.88 3.93 29.67
N ILE B 219 13.92 3.11 29.22
CA ILE B 219 13.18 3.37 27.97
C ILE B 219 11.79 2.82 28.14
N ASP B 220 10.81 3.52 27.58
CA ASP B 220 9.44 3.04 27.62
C ASP B 220 9.29 2.11 26.42
N VAL B 221 8.62 0.98 26.63
CA VAL B 221 8.34 0.05 25.53
C VAL B 221 6.89 -0.42 25.67
N TYR B 222 6.24 -0.60 24.53
CA TYR B 222 4.86 -1.07 24.49
C TYR B 222 4.93 -2.59 24.29
N LYS B 223 4.42 -3.35 25.27
CA LYS B 223 4.42 -4.80 25.25
C LYS B 223 3.14 -5.43 24.73
N ILE B 224 3.31 -6.42 23.85
CA ILE B 224 2.20 -7.11 23.22
C ILE B 224 1.27 -7.79 24.23
N MSE B 225 -0.03 -7.62 24.05
CA MSE B 225 -1.02 -8.26 24.93
C MSE B 225 -1.56 -9.41 24.09
O MSE B 225 -1.31 -10.56 24.39
CB MSE B 225 -2.18 -7.31 25.34
CG MSE B 225 -3.11 -7.87 26.48
SE MSE B 225 -4.88 -7.00 26.88
CE MSE B 225 -4.29 -5.49 27.92
N GLU B 226 -2.27 -9.08 23.01
CA GLU B 226 -2.82 -10.10 22.11
C GLU B 226 -3.27 -9.48 20.80
N LYS B 227 -3.34 -10.31 19.76
CA LYS B 227 -3.78 -9.91 18.42
C LYS B 227 -5.31 -9.76 18.42
N VAL B 228 -5.81 -8.85 17.60
CA VAL B 228 -7.26 -8.64 17.49
C VAL B 228 -7.66 -8.73 16.01
N ASP B 229 -8.45 -9.75 15.68
CA ASP B 229 -8.87 -9.90 14.29
C ASP B 229 -10.20 -9.22 14.06
N TYR B 230 -10.39 -8.73 12.83
CA TYR B 230 -11.66 -8.14 12.46
C TYR B 230 -12.75 -9.15 12.80
N PRO B 231 -13.98 -8.67 12.98
CA PRO B 231 -15.15 -9.49 13.27
C PRO B 231 -15.31 -10.27 11.96
N ARG B 232 -16.09 -11.34 11.92
CA ARG B 232 -16.22 -12.05 10.67
C ARG B 232 -17.67 -12.45 10.38
N ASN B 233 -17.99 -12.64 9.11
CA ASN B 233 -19.34 -13.06 8.70
C ASN B 233 -19.35 -14.58 8.80
N GLU B 234 -20.53 -15.18 8.85
CA GLU B 234 -20.63 -16.65 8.94
C GLU B 234 -19.71 -17.25 7.88
N SER B 235 -19.54 -16.54 6.76
CA SER B 235 -18.68 -17.00 5.68
C SER B 235 -17.35 -17.39 6.27
N GLY B 236 -16.67 -16.40 6.84
CA GLY B 236 -15.38 -16.64 7.45
C GLY B 236 -14.42 -15.53 7.12
N ASP B 237 -14.93 -14.46 6.49
CA ASP B 237 -14.08 -13.33 6.11
C ASP B 237 -14.47 -12.01 6.77
N VAL B 238 -13.55 -11.04 6.72
CA VAL B 238 -13.74 -9.71 7.31
C VAL B 238 -15.16 -9.16 7.18
N ALA B 239 -15.85 -9.08 8.32
CA ALA B 239 -17.20 -8.56 8.38
C ALA B 239 -17.27 -7.18 9.02
N ALA B 240 -16.15 -6.44 9.08
CA ALA B 240 -16.12 -5.11 9.68
C ALA B 240 -14.91 -4.27 9.23
N VAL B 241 -14.99 -2.95 9.38
CA VAL B 241 -13.88 -2.10 8.98
C VAL B 241 -13.39 -1.12 10.04
N ILE B 242 -12.12 -0.75 9.93
CA ILE B 242 -11.48 0.16 10.87
C ILE B 242 -12.22 1.48 10.99
N HIS B 243 -12.70 1.76 12.21
CA HIS B 243 -13.45 2.98 12.45
C HIS B 243 -12.45 4.11 12.26
N PRO B 244 -12.76 5.04 11.36
CA PRO B 244 -11.87 6.18 11.08
C PRO B 244 -11.27 6.91 12.27
N ASN B 245 -11.90 6.83 13.46
CA ASN B 245 -11.38 7.49 14.67
C ASN B 245 -10.13 6.76 15.16
N LEU B 246 -10.02 5.46 14.83
CA LEU B 246 -8.85 4.69 15.22
C LEU B 246 -7.86 4.80 14.05
N GLN B 247 -8.35 4.69 12.83
CA GLN B 247 -7.46 4.78 11.65
C GLN B 247 -6.25 5.72 11.81
N ASP B 248 -5.04 5.14 11.76
CA ASP B 248 -3.76 5.87 11.88
C ASP B 248 -3.37 6.25 13.32
N GLN B 249 -4.25 5.96 14.28
CA GLN B 249 -3.96 6.35 15.67
C GLN B 249 -3.15 5.32 16.47
N ASP B 250 -2.20 4.69 15.81
CA ASP B 250 -1.34 3.76 16.51
C ASP B 250 -0.73 4.55 17.67
N TRP B 251 -0.47 3.82 18.77
CA TRP B 251 0.14 4.34 20.01
C TRP B 251 -0.74 5.11 20.99
N LYS B 252 -1.85 5.69 20.53
CA LYS B 252 -2.69 6.48 21.43
C LYS B 252 -3.63 5.61 22.24
N PRO B 253 -3.70 5.84 23.57
CA PRO B 253 -4.56 5.05 24.46
C PRO B 253 -5.91 4.76 23.89
N LEU B 254 -6.34 3.52 24.03
CA LEU B 254 -7.64 3.05 23.55
C LEU B 254 -8.29 2.44 24.79
N HIS B 255 -9.46 2.94 25.16
CA HIS B 255 -10.20 2.47 26.34
C HIS B 255 -11.34 1.52 25.96
N PRO B 256 -11.81 0.69 26.91
CA PRO B 256 -12.90 -0.27 26.69
C PRO B 256 -14.11 0.17 25.83
N GLY B 257 -14.61 1.38 26.05
CA GLY B 257 -15.75 1.82 25.26
C GLY B 257 -15.40 2.56 23.98
N ASP B 258 -14.12 2.57 23.61
CA ASP B 258 -13.73 3.26 22.39
C ASP B 258 -14.06 2.42 21.16
N PRO B 259 -14.69 3.04 20.15
CA PRO B 259 -15.03 2.28 18.96
C PRO B 259 -13.76 1.98 18.13
N VAL B 260 -13.64 0.75 17.65
CA VAL B 260 -12.48 0.39 16.85
C VAL B 260 -12.80 0.15 15.38
N PHE B 261 -13.75 -0.75 15.11
CA PHE B 261 -14.21 -1.11 13.74
C PHE B 261 -15.54 -0.43 13.46
N VAL B 262 -16.12 -0.78 12.32
CA VAL B 262 -17.43 -0.28 11.91
C VAL B 262 -17.88 -1.08 10.71
N SER B 263 -19.14 -1.51 10.71
CA SER B 263 -19.67 -2.27 9.58
C SER B 263 -19.91 -1.31 8.44
N LEU B 264 -20.18 -1.83 7.25
CA LEU B 264 -20.44 -0.93 6.14
C LEU B 264 -21.75 -0.20 6.40
N ASP B 265 -22.67 -0.87 7.10
CA ASP B 265 -23.97 -0.26 7.42
C ASP B 265 -23.83 0.79 8.53
N GLY B 266 -22.70 0.76 9.23
CA GLY B 266 -22.48 1.71 10.30
C GLY B 266 -22.66 1.26 11.75
N LYS B 267 -22.68 -0.05 12.01
CA LYS B 267 -22.80 -0.55 13.39
C LYS B 267 -21.40 -0.39 13.99
N VAL B 268 -21.26 0.44 15.01
CA VAL B 268 -19.94 0.65 15.61
C VAL B 268 -19.68 -0.37 16.70
N ILE B 269 -18.50 -1.01 16.64
CA ILE B 269 -18.11 -2.01 17.64
C ILE B 269 -17.06 -1.39 18.53
N PRO B 270 -17.10 -1.72 19.83
CA PRO B 270 -16.13 -1.16 20.78
C PRO B 270 -14.94 -2.09 21.01
N LEU B 271 -13.88 -1.56 21.63
CA LEU B 271 -12.69 -2.33 21.94
C LEU B 271 -13.06 -3.53 22.80
N GLY B 272 -13.76 -3.26 23.91
CA GLY B 272 -14.14 -4.32 24.82
C GLY B 272 -13.02 -4.53 25.84
N GLY B 273 -12.85 -5.76 26.32
CA GLY B 273 -11.77 -6.02 27.28
C GLY B 273 -11.88 -5.30 28.61
N ASP B 274 -10.87 -5.44 29.48
CA ASP B 274 -10.94 -4.80 30.77
C ASP B 274 -9.85 -3.81 31.15
N CYS B 275 -9.33 -3.05 30.18
CA CYS B 275 -8.31 -2.06 30.51
C CYS B 275 -7.92 -1.25 29.28
N THR B 276 -7.37 -0.07 29.52
CA THR B 276 -6.90 0.82 28.45
C THR B 276 -5.72 0.11 27.77
N VAL B 277 -5.72 0.03 26.44
CA VAL B 277 -4.62 -0.62 25.72
C VAL B 277 -4.01 0.36 24.70
N TYR B 278 -2.83 0.01 24.19
CA TYR B 278 -2.16 0.84 23.21
C TYR B 278 -2.00 -0.08 22.03
N PRO B 279 -2.75 0.18 20.96
CA PRO B 279 -2.62 -0.72 19.82
C PRO B 279 -1.45 -0.44 18.90
N VAL B 280 -0.95 -1.49 18.27
CA VAL B 280 0.12 -1.34 17.26
C VAL B 280 -0.35 -2.12 16.02
N PHE B 281 0.31 -1.80 14.90
CA PHE B 281 0.02 -2.38 13.60
C PHE B 281 -1.47 -2.37 13.27
N VAL B 282 -2.03 -1.17 13.21
CA VAL B 282 -3.44 -1.01 12.86
C VAL B 282 -3.59 -1.01 11.35
N ASN B 283 -4.34 -1.98 10.84
CA ASN B 283 -4.59 -2.02 9.38
C ASN B 283 -3.39 -2.41 8.49
N GLU B 284 -2.44 -3.21 9.00
CA GLU B 284 -1.29 -3.65 8.17
C GLU B 284 -1.79 -4.65 7.12
N ALA B 285 -1.78 -4.22 5.86
CA ALA B 285 -2.24 -5.04 4.74
C ALA B 285 -1.94 -6.54 4.85
N ALA B 286 -0.73 -6.87 5.30
CA ALA B 286 -0.33 -8.27 5.40
C ALA B 286 -1.02 -9.02 6.53
N TYR B 287 -1.42 -8.29 7.56
CA TYR B 287 -2.01 -8.91 8.73
C TYR B 287 -3.47 -9.34 8.63
N TYR B 288 -4.14 -9.05 7.52
CA TYR B 288 -5.52 -9.48 7.42
C TYR B 288 -5.50 -11.04 7.42
N GLU B 289 -4.51 -11.62 6.76
CA GLU B 289 -4.45 -13.09 6.71
C GLU B 289 -3.77 -13.67 7.95
N LYS B 290 -3.40 -12.78 8.88
CA LYS B 290 -2.80 -13.19 10.15
C LYS B 290 -3.80 -12.91 11.29
N LYS B 291 -5.05 -12.63 10.91
CA LYS B 291 -6.11 -12.37 11.88
C LYS B 291 -5.75 -11.27 12.86
N GLU B 292 -5.01 -10.26 12.39
CA GLU B 292 -4.61 -9.16 13.24
C GLU B 292 -5.00 -7.80 12.63
N ALA B 293 -6.10 -7.23 13.11
CA ALA B 293 -6.56 -5.91 12.66
C ALA B 293 -5.70 -4.91 13.46
N PHE B 294 -5.05 -5.43 14.50
CA PHE B 294 -4.12 -4.66 15.33
C PHE B 294 -3.70 -5.50 16.55
N ALA B 295 -2.71 -5.01 17.28
CA ALA B 295 -2.24 -5.70 18.47
C ALA B 295 -2.47 -4.75 19.65
N LYS B 296 -2.93 -5.29 20.76
CA LYS B 296 -3.12 -4.49 21.97
C LYS B 296 -1.81 -4.54 22.74
N THR B 297 -1.39 -3.40 23.29
CA THR B 297 -0.16 -3.38 24.08
C THR B 297 -0.34 -2.59 25.36
N THR B 298 0.53 -2.85 26.35
CA THR B 298 0.54 -2.09 27.60
C THR B 298 1.92 -1.43 27.63
N LYS B 299 1.99 -0.24 28.22
CA LYS B 299 3.25 0.48 28.24
C LYS B 299 3.96 0.40 29.58
N LEU B 300 5.20 -0.07 29.57
CA LEU B 300 5.97 -0.15 30.82
C LEU B 300 7.33 0.49 30.59
N THR B 301 8.11 0.62 31.64
CA THR B 301 9.42 1.23 31.53
C THR B 301 10.47 0.14 31.77
N LEU B 302 11.51 0.09 30.93
CA LEU B 302 12.57 -0.91 31.13
C LEU B 302 13.87 -0.25 31.49
N ASN B 303 14.64 -0.90 32.37
CA ASN B 303 15.94 -0.38 32.79
C ASN B 303 17.14 -1.18 32.25
N ALA B 304 18.24 -0.49 32.03
CA ALA B 304 19.45 -1.15 31.56
C ALA B 304 20.61 -0.77 32.47
N LYS B 305 21.49 -1.73 32.70
CA LYS B 305 22.65 -1.51 33.53
C LYS B 305 23.65 -0.66 32.75
N SER B 306 24.85 -0.56 33.31
CA SER B 306 25.94 0.15 32.68
C SER B 306 26.59 -0.86 31.75
N ILE B 307 26.99 -0.41 30.55
CA ILE B 307 27.68 -1.29 29.60
C ILE B 307 28.93 -0.58 29.07
N ARG B 308 29.96 -1.38 28.79
CA ARG B 308 31.20 -0.88 28.22
C ARG B 308 31.76 -2.06 27.47
N SER B 309 32.88 -1.85 26.81
CA SER B 309 33.55 -2.91 26.06
C SER B 309 34.61 -3.51 26.99
N THR B 310 35.62 -4.18 26.43
CA THR B 310 36.67 -4.80 27.25
C THR B 310 38.15 -4.61 26.82
ZN ZN C . -8.85 0.75 -11.36
S SO4 D . -12.23 -1.07 -29.60
O1 SO4 D . -12.63 0.03 -28.71
O2 SO4 D . -13.10 -2.24 -29.37
O3 SO4 D . -12.40 -0.63 -31.01
O4 SO4 D . -10.82 -1.43 -29.35
S SO4 E . -23.61 13.01 1.12
O1 SO4 E . -23.57 14.21 1.97
O2 SO4 E . -24.99 12.81 0.62
O3 SO4 E . -22.68 13.17 -0.01
O4 SO4 E . -23.20 11.82 1.90
S SO4 F . 0.81 -8.64 -4.50
O1 SO4 F . 0.90 -7.31 -5.12
O2 SO4 F . -0.55 -9.16 -4.63
O3 SO4 F . 1.76 -9.55 -5.18
O4 SO4 F . 1.15 -8.53 -3.07
ZN ZN G . 6.04 -5.51 6.41
S SO4 H . 5.74 -10.12 10.75
O1 SO4 H . 4.45 -10.42 11.38
O2 SO4 H . 6.15 -11.24 9.88
O3 SO4 H . 5.65 -8.87 9.96
O4 SO4 H . 6.74 -9.94 11.83
S SO4 I . 19.83 13.19 12.92
O1 SO4 I . 19.15 14.33 13.57
O2 SO4 I . 19.10 11.95 13.25
O3 SO4 I . 19.83 13.39 11.46
O4 SO4 I . 21.21 13.12 13.40
#